data_8UXF
#
_entry.id   8UXF
#
_cell.length_a   1.00
_cell.length_b   1.00
_cell.length_c   1.00
_cell.angle_alpha   90.00
_cell.angle_beta   90.00
_cell.angle_gamma   90.00
#
_symmetry.space_group_name_H-M   'P 1'
#
loop_
_entity.id
_entity.type
_entity.pdbx_description
1 polymer 'Ryanodine receptor 2'
2 polymer 'Peptidyl-prolyl cis-trans isomerase FKBP1B'
3 non-polymer 'ZINC ION'
4 non-polymer "ADENOSINE-5'-TRIPHOSPHATE"
#
loop_
_entity_poly.entity_id
_entity_poly.type
_entity_poly.pdbx_seq_one_letter_code
_entity_poly.pdbx_strand_id
1 'polypeptide(L)'
;MADGGEGEDEIQFLRTDDEVVLQCTATIHKEQQKLCLAAEGFGNRLCFLESTSNSKNVPPDLSICTFVLEQSLSVRALQE
MLANTVEKSEGQVDVEKWKFMMKTAQGGGHRTLLYGHAILLRHSYSGMYLCCLSTSRSSTDKLAFDVGLQEDTTGEACWW
TIHPASKQRSEGEKVRVGDDLILVSVSSERYLHLSYGNGSLHVDAAFQQTLWSVAPISSGSEAAQGYLIGGDVLRLLHGH
MDECLTVPSGEHGEEQRRTVHYEGGAVSVHARSLWRLETLRVAWSGSHIRWGQPFRLRHVTTGKYLSLMEDKNLLLMDKE
KADVKSTAFTFRSSKEKLDVGVRKEVDGMGTSEIKYGDSVCYIQHVDTGLWLTYQSVDVKSVRMGSIQRKAIMHHEGHMD
DGISLSRSQHEESRTARVIWSTVFLFNRFIRGLDALSKKAKASTVDLPIESVSLSLQDLIGYFHPPDEHLEHEDKQNRLR
ALKNRQNLFQEEGMINLVLECIDRLHVYSSAAHFADVAGREAGESWKSILNSLYELLAALIRGNRKNCAQFSGSLDWLIS
RLERLEASSGILEVLHCVLVESPEALNIIKEGHIKSIISLLDKHGRNHKVLDVLCSLCVCHGVAVRSNQHLICDNLLPGR
DLLLQTRLVNHVSSMRPNIFLGVSEGSAQYKKWYYELMVDHTEPFVTAEATHLRVGWASTEGYSPYPGGGEEWGGNGVGD
DLFSYGFDGLHLWSGCIARTVSSPNQHLLRTDDVISCCLDLSAPSISFRINGQPVQGMFENFNIDGLFFPVVSFSAGIKV
RFLLGGRHGEFKFLPPPGYAPCYEAVLPKEKLKVEHSREYKQERTYTRDLLGPTVSLTQAAFTPIPVDTSQIVLPPHLER
IREKLAENIHELWVMNKIELGWQYGPVRDDNKRQHPCLVEFSKLPEQERNYNLQMSLETLKTLLALGCHVGISDEHAEDK
VKKMKLPKNYQLTSGYKPAPMDLSFIKLTPSQEAMVDKLAENAHNVWARDRIRQGWTYGIQQDVKNRRNPRLVPYTLLDD
RTKKSNKDSLREAVRTLLGYGYNLEAPDQDHAARAEVCSGTGERFRIFRAEKTYAVKAGRWYFEFETVTAGDMRVGWSRP
GCQPDQELGSDERAFAFDGFKAQRWHQGNEHYGRSWQAGDVVGCMVDMNEHTMMFTLNGEILLDDSGSELAFKDFDVGDG
FIPVCSLGVAQVGRMNFGKDVSTLKYFTICGLQEGYEPFAVNTNRDITMWLSKRLPQFLQVPSNHEHIEVTRIDGTIDSS
PCLKVTQKSFGSQNSNTDIMFYRLSMPIECAEVFSKTVAGGLPGAGLFGPKNDLEDYDADSDFEVLMKTAHGHLVPDRVD
KDKEATKPEFNNHKDYAQEKPSRLKQRFLLRRTKPDYSTSHSARLTEDVLADDRDDYDFLMQTSTYYYSVRIFPGQEPAN
VWVGWITSDFHQYDTGFDLDRVRTVTVTLGDEKGKVHESIKRSNCYMVCAGESMSPGQGRNNNGLEIGCVVDAASGLLTF
IANGKELSTYYQVEPSTKLFPAVFAQATSPNVFQFELGRIKNVMPLSAGLFKSEHKNPVPQCPPRLHVQFLSHVLWSRMP
NQFLKVDVSRISERQGWLVQCLDPLQFMSLHIPEENRSVDILELTEQEELLKFHYHTLRLYSAVCALGNHRVAHALCSHV
DEPQLLYAIENKYMPGLLRAGYYDLLIDIHLSSYATARLMMNNEYIVPMTEETKSITLFPDENKKHGLPGIGLSTSLRPR
MQFSSPSFVSISNECYQYSPEFPLDILKSKTIQMLTEAVKEGSLHARDPVGGTTEFLFVPLIKLFYTLLIMGIFHNEDLK
HILQLIEPSVFKEAATPEEESDTLEKELSVDDAKLQGAGEEEAKGGKRPKEGLLQMKLPEPVKLQMCLLLQYLCDCQVRH
RIEAIVAFSDDFVAKLQDNQRFRYNEVMQALNMSAALTARKTKEFRSPPQEQINMLLNFKDDKSECPCPEEIRDQLLDFH
EDLMTHCGIELDEDGSLDGNSDLTIRGRLLSLVEKVTYLKKKQAEKPVESDSKKSSTLQQLISETMVRWAQESVIEDPEL
VRAMFVLLHRQYDGIGGLVRALPKTYTINGVSVEDTINLLASLGQIRSLLSVRMGKEEEKLMIRGLGDIMNNKVFYQHPN
LMRALGMHETVMEVMVNVLGGGESKEITFPKMVANCCRFLCYFCRISRQNQKAMFDHLSYLLENSSVGLASPAMRGSTPL
DVAAASVMDNNELALALREPDLEKVVRYLAGCGLQSCQMLVSKGYPDIGWNPVEGERYLDFLRFAVFCNGESVEENANVV
VRLLIRRPECFGPALRGEGGNGLLAAMEEAIKIAEDPSRDGPSPNSGSSKTLDTEEEEDDTIHMGNAIMTFYSALIDLLG
RCAPEMHLIHAGKGEAIRIRSILRSLIPLGDLVGVISIAFQMPTIAKDGNVVEPDMSAGFCPDHKAAMVLFLDRVYGIEV
QDFLLHLLEVGFLPDLRAAASLDTAALSATDMALALNRYLCTAVLPLLTRCAPLFAGTEHHASLIDSLLHTVYRLSKGCS
LTKAQRDSIEVCLLSICGQLRPSMMQHLLRRLVFDVPLLNEHAKMPLKLLTNHYERCWKYYCLPGGWGNFGAASEEELHL
SRKLFWGIFDALSQKKYEQELFKLALPCLSAVAGALPPDYMESNYVSMMEKQSSMDSEGNFNPQPVDTSNITIPEKLEYF
INKYAEHSHDKWSMDKLANGWIYGEIYSDSSKVQPLMKPYKLLSEKEKEIYRWPIKESLKTMLAWGWRIERTREGDSMAL
YNRTRRISQTSQVSVDAAHGYSPRAIDMSNVTLSRDLHAMAEMMAENYHNIWAKKKKMELESKGGGNHPLLVPYDTLTAK
EKAKDREKAQDILKFLQINGYAVSRGFKDLELDTPSIEKRFAYSFLQQLIRYVDEAHQYILEFDGGSRGKGEHFPYEQEI
KFFAKVVLPLIDQYFKNHRLYFLSAASRPLCSGGHASNKEKEMVTSLFCKLGVLVRHRISLFGNDATSIVNCLHILGQTL
DARTVMKTGLESVKSALRAFLDNAAEDLEKTMENLKQGQFTHTRNQPKGVTQIINYTTVALLPMLSSLFEHIGQHQFGED
LILEDVQVSCYRILTSLYALGTSKSIYVERQRSALGECLAAFAGAFPVAFLETHLDKHNIYSIYNTKSSRERAALSLPTN
VEDVCPNIPSLEKLMEEIVELAESGIRYTQMPHVMEVILPMLCSYMSRWWEHGPENNPERAEMCCTALNSEHMNTLLGNI
LKIIYNNLGIDEGAWMKRLAVFSQPIINKVKPQLLKTHFLPLMEKLKKKAATVVSEEDHLKAEARGDMSEAELLILDEFT
TLARDLYAFYPLLIRFVDYNRAKWLKEPNPEAEELFRMVAEVFIYWSKSHNFKREEQNFVVQNEINNMSFLITDTKSKMS
KAAVSDQERKKMKRKGDRYSMQTSLIVAALKRLLPIGLNICAPGDQELIALAKNRFSLKDTEDEVRDIIRSNIHLQGKLE
DPAIRWQMALYKDLPNRTDDTSDPEKTVERVLDIANVLFHLEQKSKRVGRRHYCLVEHPQRSKKAVWHKLLSKQRKRAVV
ACFRMAPLYNLPRHRAVNLFLQGYEKSWIETEEHYFEDKLIEDLAKPGAEPPEEDEGTKRVDPLHQLILLFSRTALTEKC
KLEEDFLYMAYADIMAKSCHDEEDDDGEEEVKSFEEKEMEKQKLLYQQARLHDRGAAEMVLQTISASKGETGPMVAATLK
LGIAILNGGNSTVQQKMLDYLKEKKDVGFFQSLAGLMQSCSVLDLNAFERQNKAEGLGMVTEEGSGEKVLQDDEFTCDLF
RFLQLLCEGHNSDFQNYLRTQTGNNTTVNIIISTVDYLLRVQESISDFYWYYSGKDVIDEQGQRNFSKAIQVAKQVFNTL
TEYIQGPCTGNQQSLAHSRLWDAVVGFLHVFAHMQMKLSQDSSQIELLKELMDLQKDMVVMLLSMLEGNVVNGTIGKQMV
DMLVESSNNVEMILKFFDMFLKLKDLTSSDTFKEYDPDGKGVISKRDFHKAMESHKHYTQSETEFLLSCAETDENETLDY
EEFVKRFHEPAKDIGFNVAVLLTNLSEHMPNDTRLQTFLELAESVLNYFQPFLGRIEIMGSAKRIERVYFEISESSRTQW
EKPQVKESKRQFIFDVVNEGGEKEKMELFVNFCEDTIFEMQLAAQISESDLNERSANKEESEKERPEEQGPRMAFFSILT
VRSALFALRYNILTLMRMLSLKSLKKQMKKVKKMTVKDMVTAFFSSYWSIFMTLLHFVASVFRGFFRIICSLLLGGSLVE
GAKKIKVAELLANMPDPTQDEVRGDGEEGERKPLEAALPSEDLTDLKELTEESDLLSDIFGLDLKREGGQYKLIPHNPNA
GLSDLMSNPVPMPEVQEKFQEQKAKEEEKEEKEETKSEPEKAEGEDGEKEEKAKEDKGKQKLRQLHTHRYGEPEVPESAF
WKKIIAYQQKLLNYFARNFYNMRMLALFVAFAINFILLFYKVSTSSVVEGKELPTRSSSENAKVTSLDSSSHRIIAVHYV
LEESSGYMEPTLRILAILHTVISFFCIIGYYCLKVPLVIFKREKEVARKLEFDGLYITEQPSEDDIKGQWDRLVINTQSF
PNNYWDKFVKRKVMDKYGEFYGRDRISELLGMDKAALDFSDAREKKKPKKDSSLSAVLNSIDVKYQMWKLGVVFTDNSFL
YLAWYMTMSVLGHYNNFFFAAHLLDIAMGFKTLRTILSSVTHNGKQLVLTVGLLAVVVYLYTVVAFNFFRKFYNKSEDGD
TPDMKCDDMLTCYMFHMYVGVRAGGGIGDEIEDPAGDEYEIYRIIFDITFFFFVIVILLAIIQGLIIDAFGELRDQQEQV
KEDMETKCFICGIGNDYFDTVPHGFETHTLQEHNLANYLFFLMYLINKDETEHTGQESYVWKMYQERCWEFFPAGDCFRK
QYEDQLN
;
A,B,C,D
2 'polypeptide(L)'
;MGVEIETISPGDGRTFPKKGQTCVVHYTGMLQNGKKFDSSRDRNKPFKFRIGKQEVIKGFEEGAAQMSLGQRAKLTCTPD
VAYGATGHPGVIPPNATLIFDVELLNLE
;
E,F,G,H
#
loop_
_chem_comp.id
_chem_comp.type
_chem_comp.name
_chem_comp.formula
ATP non-polymer ADENOSINE-5'-TRIPHOSPHATE 'C10 H16 N5 O13 P3'
ZN non-polymer 'ZINC ION' 'Zn 2'
#
# COMPACT_ATOMS: atom_id res chain seq x y z
N GLU A 10 -5.30 2.36 -29.52
CA GLU A 10 -5.90 1.15 -28.95
C GLU A 10 -6.21 0.14 -30.04
N ILE A 11 -6.49 0.64 -31.24
CA ILE A 11 -6.80 -0.19 -32.40
C ILE A 11 -5.62 -0.10 -33.37
N GLN A 12 -5.25 -1.23 -33.95
CA GLN A 12 -4.08 -1.33 -34.80
C GLN A 12 -4.49 -1.37 -36.27
N PHE A 13 -3.80 -0.59 -37.09
CA PHE A 13 -4.06 -0.51 -38.52
C PHE A 13 -2.89 -1.08 -39.29
N LEU A 14 -3.18 -1.84 -40.34
CA LEU A 14 -2.14 -2.33 -41.22
C LEU A 14 -1.54 -1.16 -41.99
N ARG A 15 -0.22 -1.00 -41.92
CA ARG A 15 0.47 0.10 -42.55
C ARG A 15 1.49 -0.44 -43.55
N THR A 16 1.99 0.45 -44.40
CA THR A 16 3.02 0.06 -45.34
C THR A 16 4.31 -0.29 -44.61
N ASP A 17 5.14 -1.09 -45.25
CA ASP A 17 6.38 -1.62 -44.70
C ASP A 17 6.16 -2.49 -43.47
N ASP A 18 4.99 -3.12 -43.37
CA ASP A 18 4.71 -4.05 -42.29
C ASP A 18 4.71 -5.47 -42.83
N GLU A 19 5.37 -6.37 -42.09
CA GLU A 19 5.51 -7.75 -42.53
C GLU A 19 4.33 -8.57 -42.02
N VAL A 20 3.60 -9.17 -42.95
CA VAL A 20 2.36 -9.87 -42.64
C VAL A 20 2.31 -11.18 -43.40
N VAL A 21 1.37 -12.04 -43.01
CA VAL A 21 1.07 -13.28 -43.71
C VAL A 21 -0.41 -13.30 -44.05
N LEU A 22 -0.76 -13.96 -45.14
CA LEU A 22 -2.15 -14.07 -45.56
C LEU A 22 -2.65 -15.47 -45.20
N GLN A 23 -3.71 -15.53 -44.40
CA GLN A 23 -4.25 -16.80 -43.94
C GLN A 23 -5.61 -17.07 -44.57
N CYS A 24 -5.91 -18.35 -44.73
CA CYS A 24 -7.20 -18.80 -45.21
C CYS A 24 -7.62 -20.03 -44.40
N THR A 25 -8.94 -20.22 -44.27
CA THR A 25 -9.50 -21.30 -43.50
C THR A 25 -10.00 -22.40 -44.42
N ALA A 26 -9.75 -23.65 -44.03
CA ALA A 26 -10.19 -24.81 -44.78
C ALA A 26 -11.21 -25.59 -43.96
N THR A 27 -12.22 -26.11 -44.65
CA THR A 27 -13.29 -26.87 -44.03
C THR A 27 -13.33 -28.31 -44.53
N ILE A 28 -12.17 -28.93 -44.68
CA ILE A 28 -12.11 -30.29 -45.20
C ILE A 28 -12.63 -31.26 -44.15
N HIS A 29 -13.55 -32.14 -44.55
CA HIS A 29 -14.22 -33.12 -43.70
C HIS A 29 -14.63 -32.55 -42.34
N LYS A 30 -15.22 -31.35 -42.34
CA LYS A 30 -15.84 -30.76 -41.15
C LYS A 30 -14.84 -30.47 -40.05
N GLU A 31 -13.70 -29.87 -40.40
CA GLU A 31 -12.77 -29.33 -39.42
C GLU A 31 -12.20 -28.01 -39.95
N GLN A 32 -11.77 -27.16 -39.03
CA GLN A 32 -11.21 -25.87 -39.38
C GLN A 32 -9.69 -26.00 -39.48
N GLN A 33 -9.15 -25.75 -40.66
CA GLN A 33 -7.73 -25.89 -40.93
C GLN A 33 -7.19 -24.54 -41.42
N LYS A 34 -6.39 -23.89 -40.58
CA LYS A 34 -5.79 -22.61 -40.95
C LYS A 34 -4.62 -22.86 -41.90
N LEU A 35 -4.57 -22.13 -43.01
CA LEU A 35 -3.54 -22.28 -44.01
C LEU A 35 -2.95 -20.91 -44.35
N CYS A 36 -1.68 -20.90 -44.69
CA CYS A 36 -0.98 -19.66 -45.04
C CYS A 36 -0.44 -19.75 -46.46
N LEU A 37 -0.44 -18.62 -47.14
CA LEU A 37 0.08 -18.54 -48.50
C LEU A 37 1.59 -18.60 -48.46
N ALA A 38 2.17 -19.57 -49.17
CA ALA A 38 3.61 -19.79 -49.15
C ALA A 38 4.14 -19.89 -50.57
N ALA A 39 5.39 -19.48 -50.73
CA ALA A 39 6.09 -19.54 -52.01
C ALA A 39 7.57 -19.34 -51.75
N GLU A 40 8.40 -20.07 -52.47
CA GLU A 40 9.85 -19.96 -52.35
C GLU A 40 10.39 -19.44 -53.67
N GLY A 41 11.26 -18.43 -53.60
CA GLY A 41 11.67 -17.73 -54.81
C GLY A 41 12.44 -18.61 -55.78
N PHE A 42 13.48 -19.28 -55.29
CA PHE A 42 14.27 -20.11 -56.18
C PHE A 42 13.60 -21.44 -56.45
N GLY A 43 13.66 -21.89 -57.69
CA GLY A 43 12.95 -23.10 -58.06
C GLY A 43 11.52 -22.76 -58.41
N ASN A 44 10.58 -23.40 -57.72
CA ASN A 44 9.17 -23.24 -58.04
C ASN A 44 8.70 -21.82 -57.74
N ARG A 45 8.33 -21.09 -58.78
CA ARG A 45 7.75 -19.76 -58.63
C ARG A 45 6.28 -19.81 -58.21
N LEU A 46 5.67 -20.98 -58.21
CA LEU A 46 4.26 -21.09 -57.86
C LEU A 46 4.06 -20.89 -56.36
N CYS A 47 2.80 -20.76 -55.97
CA CYS A 47 2.42 -20.54 -54.59
C CYS A 47 1.69 -21.77 -54.07
N PHE A 48 2.05 -22.20 -52.87
CA PHE A 48 1.39 -23.33 -52.22
C PHE A 48 0.97 -22.93 -50.82
N LEU A 49 0.27 -23.83 -50.15
CA LEU A 49 -0.33 -23.55 -48.85
C LEU A 49 0.46 -24.25 -47.75
N GLU A 50 0.78 -23.50 -46.70
CA GLU A 50 1.45 -24.03 -45.53
C GLU A 50 0.48 -24.11 -44.36
N SER A 51 0.43 -25.27 -43.72
CA SER A 51 -0.53 -25.51 -42.64
C SER A 51 0.01 -24.95 -41.34
N THR A 52 -0.78 -24.11 -40.68
CA THR A 52 -0.43 -23.57 -39.37
C THR A 52 -1.37 -24.03 -38.27
N SER A 53 -2.40 -24.80 -38.62
CA SER A 53 -3.29 -25.36 -37.61
C SER A 53 -2.62 -26.45 -36.80
N ASN A 54 -1.88 -27.33 -37.46
CA ASN A 54 -1.12 -28.38 -36.78
C ASN A 54 0.25 -27.89 -36.32
N SER A 55 0.30 -26.76 -35.62
CA SER A 55 1.58 -26.23 -35.16
C SER A 55 2.17 -27.09 -34.06
N LYS A 56 1.33 -27.78 -33.30
CA LYS A 56 1.83 -28.62 -32.23
C LYS A 56 2.52 -29.88 -32.75
N ASN A 57 2.10 -30.39 -33.91
CA ASN A 57 2.69 -31.61 -34.42
C ASN A 57 3.76 -31.35 -35.47
N VAL A 58 3.51 -30.39 -36.36
CA VAL A 58 4.41 -30.07 -37.45
C VAL A 58 4.70 -28.58 -37.45
N PRO A 59 5.94 -28.16 -37.30
CA PRO A 59 6.26 -26.73 -37.31
C PRO A 59 5.93 -26.11 -38.66
N PRO A 60 5.36 -24.92 -38.68
CA PRO A 60 5.13 -24.23 -39.95
C PRO A 60 6.35 -23.46 -40.40
N ASP A 61 6.51 -23.35 -41.71
CA ASP A 61 7.64 -22.62 -42.30
C ASP A 61 7.18 -21.22 -42.73
N LEU A 62 7.04 -20.35 -41.74
CA LEU A 62 6.56 -18.99 -42.00
C LEU A 62 7.57 -18.13 -42.73
N SER A 63 8.85 -18.55 -42.79
CA SER A 63 9.88 -17.76 -43.43
C SER A 63 9.57 -17.52 -44.90
N ILE A 64 8.93 -18.49 -45.56
CA ILE A 64 8.52 -18.33 -46.95
C ILE A 64 7.06 -17.93 -47.06
N CYS A 65 6.39 -17.68 -45.94
CA CYS A 65 5.01 -17.22 -45.93
C CYS A 65 4.88 -15.74 -45.63
N THR A 66 5.91 -15.11 -45.06
CA THR A 66 5.84 -13.70 -44.71
C THR A 66 5.91 -12.83 -45.96
N PHE A 67 5.08 -11.78 -45.99
CA PHE A 67 5.09 -10.78 -47.04
C PHE A 67 5.15 -9.40 -46.41
N VAL A 68 5.57 -8.42 -47.20
CA VAL A 68 5.69 -7.03 -46.74
C VAL A 68 4.90 -6.12 -47.66
N LEU A 69 4.26 -5.11 -47.08
CA LEU A 69 3.43 -4.16 -47.81
C LEU A 69 4.29 -2.96 -48.21
N GLU A 70 4.61 -2.85 -49.50
CA GLU A 70 5.41 -1.71 -49.95
C GLU A 70 4.56 -0.46 -50.14
N GLN A 71 3.60 -0.53 -51.05
CA GLN A 71 2.84 0.65 -51.45
C GLN A 71 1.34 0.35 -51.40
N SER A 72 0.57 1.38 -51.03
CA SER A 72 -0.89 1.31 -51.00
C SER A 72 -1.43 2.53 -51.74
N LEU A 73 -1.57 2.41 -53.06
CA LEU A 73 -2.04 3.52 -53.87
C LEU A 73 -3.52 3.35 -54.22
N SER A 74 -4.17 4.47 -54.49
CA SER A 74 -5.55 4.44 -54.96
C SER A 74 -5.61 3.87 -56.37
N VAL A 75 -6.80 3.42 -56.76
CA VAL A 75 -6.99 2.87 -58.10
C VAL A 75 -6.71 3.94 -59.16
N ARG A 76 -7.19 5.16 -58.92
CA ARG A 76 -6.96 6.25 -59.87
C ARG A 76 -5.47 6.54 -60.01
N ALA A 77 -4.76 6.62 -58.87
CA ALA A 77 -3.33 6.88 -58.91
C ALA A 77 -2.57 5.77 -59.61
N LEU A 78 -2.95 4.52 -59.34
CA LEU A 78 -2.31 3.39 -60.00
C LEU A 78 -2.55 3.39 -61.51
N GLN A 79 -3.77 3.68 -61.94
CA GLN A 79 -4.03 3.79 -63.38
C GLN A 79 -3.23 4.92 -64.01
N GLU A 80 -3.13 6.06 -63.34
CA GLU A 80 -2.33 7.16 -63.87
C GLU A 80 -0.86 6.75 -63.98
N MET A 81 -0.33 6.08 -62.96
CA MET A 81 1.06 5.66 -62.98
C MET A 81 1.31 4.66 -64.09
N LEU A 82 0.39 3.71 -64.28
CA LEU A 82 0.53 2.73 -65.35
C LEU A 82 0.46 3.40 -66.71
N ALA A 83 -0.40 4.42 -66.85
CA ALA A 83 -0.44 5.18 -68.09
C ALA A 83 0.87 5.89 -68.34
N ASN A 84 1.48 6.43 -67.28
CA ASN A 84 2.79 7.07 -67.38
C ASN A 84 3.89 6.05 -67.56
N HIS A 110 5.00 5.63 -44.39
CA HIS A 110 4.16 4.78 -43.55
C HIS A 110 2.70 5.12 -43.69
N ARG A 111 2.16 4.92 -44.89
CA ARG A 111 0.75 5.15 -45.13
C ARG A 111 -0.08 4.01 -44.54
N THR A 112 -1.32 4.34 -44.19
CA THR A 112 -2.25 3.37 -43.62
C THR A 112 -3.14 2.82 -44.72
N LEU A 113 -3.24 1.50 -44.81
CA LEU A 113 -4.05 0.88 -45.84
C LEU A 113 -5.52 1.24 -45.65
N LEU A 114 -6.16 1.62 -46.74
CA LEU A 114 -7.58 1.92 -46.76
C LEU A 114 -8.27 1.00 -47.76
N TYR A 115 -9.47 0.55 -47.42
CA TYR A 115 -10.20 -0.38 -48.27
C TYR A 115 -10.43 0.23 -49.64
N GLY A 116 -10.13 -0.54 -50.68
CA GLY A 116 -10.27 -0.09 -52.04
C GLY A 116 -8.99 0.35 -52.71
N HIS A 117 -7.88 0.42 -51.98
CA HIS A 117 -6.60 0.77 -52.56
C HIS A 117 -5.95 -0.48 -53.19
N ALA A 118 -4.89 -0.25 -53.96
CA ALA A 118 -4.12 -1.31 -54.57
C ALA A 118 -2.81 -1.46 -53.81
N ILE A 119 -2.51 -2.68 -53.38
CA ILE A 119 -1.34 -2.95 -52.56
C ILE A 119 -0.35 -3.78 -53.34
N LEU A 120 0.93 -3.59 -53.03
CA LEU A 120 2.02 -4.35 -53.63
C LEU A 120 2.66 -5.19 -52.55
N LEU A 121 2.67 -6.50 -52.75
CA LEU A 121 3.21 -7.45 -51.79
C LEU A 121 4.57 -7.95 -52.28
N ARG A 122 5.59 -7.80 -51.44
CA ARG A 122 6.91 -8.33 -51.74
C ARG A 122 7.20 -9.50 -50.80
N HIS A 123 7.63 -10.61 -51.38
CA HIS A 123 7.99 -11.79 -50.61
C HIS A 123 9.28 -11.50 -49.86
N SER A 124 9.26 -11.68 -48.54
CA SER A 124 10.39 -11.26 -47.72
C SER A 124 11.65 -12.04 -48.07
N TYR A 125 11.53 -13.35 -48.22
CA TYR A 125 12.71 -14.18 -48.45
C TYR A 125 13.30 -13.94 -49.83
N SER A 126 12.45 -13.92 -50.86
CA SER A 126 12.93 -13.85 -52.23
C SER A 126 13.09 -12.43 -52.74
N GLY A 127 12.34 -11.48 -52.20
CA GLY A 127 12.37 -10.14 -52.74
C GLY A 127 11.61 -9.99 -54.04
N MET A 128 10.72 -10.93 -54.34
CA MET A 128 9.90 -10.87 -55.53
C MET A 128 8.44 -10.71 -55.12
N TYR A 129 7.61 -10.25 -56.06
CA TYR A 129 6.28 -9.79 -55.75
C TYR A 129 5.20 -10.77 -56.22
N LEU A 130 4.13 -10.83 -55.44
CA LEU A 130 3.00 -11.67 -55.79
C LEU A 130 2.32 -11.17 -57.07
N CYS A 131 1.87 -12.11 -57.90
CA CYS A 131 1.31 -11.73 -59.19
C CYS A 131 0.41 -12.85 -59.69
N CYS A 132 -0.38 -12.52 -60.71
CA CYS A 132 -1.13 -13.53 -61.46
C CYS A 132 -0.31 -13.93 -62.68
N LEU A 133 0.05 -15.21 -62.75
CA LEU A 133 0.98 -15.67 -63.78
C LEU A 133 0.37 -15.72 -65.17
N SER A 134 -0.96 -15.67 -65.29
CA SER A 134 -1.67 -15.70 -66.56
C SER A 134 -1.50 -17.04 -67.28
N THR A 135 -0.75 -17.95 -66.67
CA THR A 135 -0.62 -19.31 -67.17
C THR A 135 -1.20 -20.26 -66.14
N SER A 136 -2.14 -21.11 -66.57
CA SER A 136 -2.88 -21.97 -65.67
C SER A 136 -2.33 -23.38 -65.69
N ARG A 137 -2.40 -24.04 -64.53
CA ARG A 137 -2.04 -25.44 -64.38
C ARG A 137 -3.20 -26.37 -64.70
N SER A 138 -4.36 -25.80 -65.07
CA SER A 138 -5.55 -26.58 -65.42
C SER A 138 -5.99 -27.48 -64.27
N SER A 139 -6.25 -26.86 -63.12
CA SER A 139 -6.76 -27.58 -61.94
C SER A 139 -8.27 -27.70 -62.05
N THR A 140 -8.71 -28.34 -63.14
CA THR A 140 -10.12 -28.59 -63.43
C THR A 140 -10.92 -27.30 -63.56
N ASP A 141 -10.25 -26.15 -63.57
CA ASP A 141 -10.92 -24.87 -63.74
C ASP A 141 -10.27 -24.13 -64.89
N LYS A 142 -10.96 -24.10 -66.03
CA LYS A 142 -10.38 -23.48 -67.23
C LYS A 142 -10.25 -21.98 -67.08
N LEU A 143 -11.16 -21.35 -66.33
CA LEU A 143 -11.13 -19.90 -66.18
C LEU A 143 -10.02 -19.46 -65.23
N ALA A 144 -9.63 -20.32 -64.30
CA ALA A 144 -8.71 -19.92 -63.25
C ALA A 144 -7.30 -19.69 -63.78
N PHE A 145 -6.55 -18.85 -63.06
CA PHE A 145 -5.15 -18.59 -63.32
C PHE A 145 -4.33 -19.04 -62.12
N ASP A 146 -3.00 -19.02 -62.30
CA ASP A 146 -2.08 -19.44 -61.25
C ASP A 146 -1.43 -18.22 -60.61
N VAL A 147 -1.30 -18.26 -59.30
CA VAL A 147 -0.71 -17.17 -58.54
C VAL A 147 0.73 -17.53 -58.19
N GLY A 148 1.66 -16.67 -58.56
CA GLY A 148 3.07 -16.92 -58.31
C GLY A 148 3.83 -15.67 -57.93
N LEU A 149 5.15 -15.71 -58.11
CA LEU A 149 6.03 -14.60 -57.77
C LEU A 149 6.70 -14.07 -59.02
N GLN A 150 6.86 -12.75 -59.09
CA GLN A 150 7.42 -12.09 -60.26
C GLN A 150 8.48 -11.08 -59.82
N GLU A 151 9.48 -10.88 -60.67
CA GLU A 151 10.59 -10.00 -60.31
C GLU A 151 10.22 -8.53 -60.47
N ASP A 152 9.78 -8.14 -61.65
CA ASP A 152 9.57 -6.73 -61.94
C ASP A 152 8.30 -6.20 -61.27
N THR A 153 8.30 -4.90 -60.99
CA THR A 153 7.12 -4.26 -60.42
C THR A 153 6.16 -3.75 -61.50
N THR A 154 6.67 -3.50 -62.70
CA THR A 154 5.86 -2.92 -63.76
C THR A 154 4.78 -3.90 -64.20
N GLY A 155 3.64 -3.34 -64.60
CA GLY A 155 2.50 -4.11 -65.01
C GLY A 155 1.40 -4.12 -63.95
N GLU A 156 0.21 -4.51 -64.39
CA GLU A 156 -0.96 -4.57 -63.53
C GLU A 156 -1.15 -5.93 -62.89
N ALA A 157 -0.24 -6.88 -63.15
CA ALA A 157 -0.36 -8.20 -62.55
C ALA A 157 0.08 -8.20 -61.09
N CYS A 158 1.05 -7.36 -60.74
CA CYS A 158 1.63 -7.40 -59.40
C CYS A 158 0.69 -6.77 -58.38
N TRP A 159 -0.18 -5.87 -58.82
CA TRP A 159 -1.01 -5.10 -57.90
C TRP A 159 -2.31 -5.83 -57.58
N TRP A 160 -2.74 -5.71 -56.33
CA TRP A 160 -3.97 -6.35 -55.85
C TRP A 160 -4.79 -5.32 -55.11
N THR A 161 -6.09 -5.30 -55.35
CA THR A 161 -6.99 -4.43 -54.61
C THR A 161 -7.53 -5.14 -53.38
N ILE A 162 -7.72 -4.39 -52.31
CA ILE A 162 -8.24 -4.91 -51.05
C ILE A 162 -9.67 -4.41 -50.88
N HIS A 163 -10.57 -5.32 -50.58
CA HIS A 163 -11.98 -4.97 -50.43
C HIS A 163 -12.53 -5.49 -49.12
N PRO A 164 -13.51 -4.82 -48.53
CA PRO A 164 -14.09 -5.30 -47.27
C PRO A 164 -14.84 -6.62 -47.48
N ALA A 165 -14.52 -7.60 -46.65
CA ALA A 165 -15.24 -8.86 -46.64
C ALA A 165 -16.38 -8.87 -45.63
N SER A 166 -16.52 -7.82 -44.84
CA SER A 166 -17.57 -7.70 -43.84
C SER A 166 -18.37 -6.43 -44.08
N LYS A 167 -19.68 -6.52 -43.92
CA LYS A 167 -20.54 -5.37 -44.17
C LYS A 167 -20.35 -4.26 -43.14
N GLN A 168 -19.68 -4.55 -42.02
CA GLN A 168 -19.34 -3.50 -41.07
C GLN A 168 -18.42 -2.47 -41.71
N ARG A 169 -17.42 -2.94 -42.44
CA ARG A 169 -16.48 -2.05 -43.09
C ARG A 169 -17.05 -1.50 -44.39
N SER A 170 -16.47 -0.42 -44.88
CA SER A 170 -16.87 0.20 -46.13
C SER A 170 -15.64 0.75 -46.82
N GLU A 171 -15.80 1.10 -48.09
CA GLU A 171 -14.69 1.61 -48.89
C GLU A 171 -14.13 2.89 -48.27
N GLY A 172 -12.81 2.94 -48.15
CA GLY A 172 -12.15 4.12 -47.62
C GLY A 172 -11.77 3.99 -46.16
N GLU A 173 -12.41 3.05 -45.45
CA GLU A 173 -12.09 2.86 -44.03
C GLU A 173 -10.70 2.27 -43.87
N LYS A 174 -10.08 2.59 -42.73
CA LYS A 174 -8.80 1.99 -42.40
C LYS A 174 -8.96 0.51 -42.10
N VAL A 175 -7.99 -0.28 -42.53
CA VAL A 175 -8.06 -1.73 -42.39
C VAL A 175 -7.53 -2.12 -41.02
N ARG A 176 -8.37 -2.76 -40.21
CA ARG A 176 -7.93 -3.27 -38.93
C ARG A 176 -7.06 -4.51 -39.13
N VAL A 177 -6.23 -4.79 -38.13
CA VAL A 177 -5.35 -5.95 -38.21
C VAL A 177 -6.17 -7.24 -38.18
N GLY A 178 -7.23 -7.27 -37.39
CA GLY A 178 -8.07 -8.45 -37.32
C GLY A 178 -9.26 -8.40 -38.25
N ASP A 179 -8.99 -8.25 -39.55
CA ASP A 179 -10.04 -8.19 -40.56
C ASP A 179 -9.89 -9.32 -41.54
N ASP A 180 -11.01 -9.70 -42.15
CA ASP A 180 -11.02 -10.60 -43.28
C ASP A 180 -10.98 -9.77 -44.56
N LEU A 181 -10.03 -10.07 -45.43
CA LEU A 181 -9.80 -9.27 -46.63
C LEU A 181 -10.03 -10.14 -47.86
N ILE A 182 -10.76 -9.59 -48.82
CA ILE A 182 -10.95 -10.22 -50.12
C ILE A 182 -10.12 -9.45 -51.14
N LEU A 183 -9.30 -10.17 -51.91
CA LEU A 183 -8.36 -9.57 -52.82
C LEU A 183 -8.76 -9.85 -54.27
N VAL A 184 -8.67 -8.82 -55.10
CA VAL A 184 -9.03 -8.92 -56.52
C VAL A 184 -7.82 -8.53 -57.35
N SER A 185 -7.48 -9.36 -58.32
CA SER A 185 -6.35 -9.06 -59.19
C SER A 185 -6.70 -7.90 -60.12
N VAL A 186 -5.79 -6.93 -60.22
CA VAL A 186 -6.00 -5.80 -61.12
C VAL A 186 -5.97 -6.27 -62.56
N SER A 187 -5.12 -7.26 -62.86
CA SER A 187 -4.93 -7.67 -64.25
C SER A 187 -6.14 -8.44 -64.78
N SER A 188 -6.68 -9.37 -63.99
CA SER A 188 -7.67 -10.31 -64.48
C SER A 188 -9.00 -10.27 -63.74
N GLU A 189 -9.13 -9.42 -62.71
CA GLU A 189 -10.36 -9.36 -61.91
C GLU A 189 -10.74 -10.73 -61.37
N ARG A 190 -9.75 -11.50 -60.93
CA ARG A 190 -9.96 -12.81 -60.36
C ARG A 190 -9.57 -12.78 -58.90
N TYR A 191 -10.46 -13.26 -58.04
CA TYR A 191 -10.22 -13.28 -56.61
C TYR A 191 -9.12 -14.26 -56.25
N LEU A 192 -8.38 -13.95 -55.18
CA LEU A 192 -7.49 -14.93 -54.60
C LEU A 192 -8.32 -16.06 -54.01
N HIS A 193 -8.28 -17.21 -54.67
CA HIS A 193 -9.25 -18.27 -54.42
C HIS A 193 -8.56 -19.49 -53.84
N LEU A 194 -9.18 -20.09 -52.82
CA LEU A 194 -8.74 -21.36 -52.28
C LEU A 194 -9.55 -22.48 -52.94
N SER A 195 -8.86 -23.41 -53.59
CA SER A 195 -9.51 -24.43 -54.41
C SER A 195 -9.67 -25.71 -53.58
N TYR A 196 -10.88 -25.98 -53.13
CA TYR A 196 -11.22 -27.25 -52.49
C TYR A 196 -11.37 -28.38 -53.50
N GLY A 197 -11.74 -28.06 -54.74
CA GLY A 197 -12.17 -29.08 -55.67
C GLY A 197 -11.13 -30.14 -55.97
N ASN A 198 -9.88 -29.71 -56.19
CA ASN A 198 -8.83 -30.67 -56.46
C ASN A 198 -8.48 -31.44 -55.19
N GLY A 199 -7.91 -32.63 -55.36
CA GLY A 199 -7.62 -33.48 -54.21
C GLY A 199 -6.74 -32.80 -53.18
N SER A 200 -5.75 -32.03 -53.64
CA SER A 200 -4.90 -31.22 -52.78
C SER A 200 -5.44 -29.80 -52.78
N LEU A 201 -5.19 -29.08 -51.69
CA LEU A 201 -5.59 -27.69 -51.61
C LEU A 201 -4.68 -26.82 -52.48
N HIS A 202 -5.30 -25.93 -53.26
CA HIS A 202 -4.58 -25.03 -54.14
C HIS A 202 -4.97 -23.59 -53.86
N VAL A 203 -4.08 -22.69 -54.26
CA VAL A 203 -4.36 -21.26 -54.29
C VAL A 203 -4.28 -20.83 -55.75
N ASP A 204 -5.27 -20.06 -56.19
CA ASP A 204 -5.39 -19.67 -57.59
C ASP A 204 -6.23 -18.40 -57.69
N ALA A 205 -6.25 -17.83 -58.89
CA ALA A 205 -7.06 -16.65 -59.19
C ALA A 205 -8.30 -17.08 -59.92
N ALA A 206 -9.45 -16.97 -59.26
CA ALA A 206 -10.71 -17.46 -59.80
C ALA A 206 -11.81 -16.44 -59.53
N PHE A 207 -12.91 -16.59 -60.26
CA PHE A 207 -14.03 -15.66 -60.10
C PHE A 207 -14.76 -15.88 -58.78
N GLN A 208 -14.64 -17.06 -58.20
CA GLN A 208 -15.13 -17.28 -56.86
C GLN A 208 -14.21 -16.61 -55.85
N GLN A 209 -14.77 -16.20 -54.72
CA GLN A 209 -14.07 -15.39 -53.74
C GLN A 209 -13.79 -16.20 -52.48
N THR A 210 -12.63 -15.95 -51.88
CA THR A 210 -12.21 -16.59 -50.65
C THR A 210 -11.71 -15.54 -49.68
N LEU A 211 -12.17 -15.61 -48.43
CA LEU A 211 -11.85 -14.61 -47.43
C LEU A 211 -10.47 -14.89 -46.85
N TRP A 212 -9.60 -13.87 -46.89
CA TRP A 212 -8.25 -13.98 -46.35
C TRP A 212 -8.10 -13.08 -45.13
N SER A 213 -7.42 -13.59 -44.11
CA SER A 213 -7.13 -12.84 -42.90
C SER A 213 -5.65 -12.50 -42.86
N VAL A 214 -5.35 -11.24 -42.59
CA VAL A 214 -3.97 -10.76 -42.56
C VAL A 214 -3.51 -10.68 -41.11
N ALA A 215 -2.38 -11.32 -40.81
CA ALA A 215 -1.84 -11.35 -39.48
C ALA A 215 -0.52 -10.61 -39.41
N PRO A 216 -0.36 -9.68 -38.47
CA PRO A 216 0.88 -8.90 -38.39
C PRO A 216 2.04 -9.71 -37.82
N ILE A 217 3.00 -10.06 -38.67
CA ILE A 217 4.16 -10.80 -38.19
C ILE A 217 5.09 -9.90 -37.40
N SER A 218 5.41 -8.73 -37.95
CA SER A 218 6.31 -7.80 -37.30
C SER A 218 6.19 -6.44 -37.96
N SER A 219 6.72 -5.43 -37.26
CA SER A 219 6.83 -4.08 -37.79
C SER A 219 8.29 -3.68 -37.79
N GLY A 220 8.81 -3.28 -38.96
CA GLY A 220 10.23 -3.02 -39.08
C GLY A 220 10.70 -1.83 -38.26
N SER A 221 9.86 -0.79 -38.17
CA SER A 221 10.28 0.43 -37.49
C SER A 221 10.50 0.18 -36.00
N GLU A 222 9.64 -0.60 -35.37
CA GLU A 222 9.73 -0.84 -33.93
C GLU A 222 10.88 -1.74 -33.54
N ALA A 223 11.55 -2.37 -34.50
CA ALA A 223 12.66 -3.27 -34.19
C ALA A 223 13.83 -2.49 -33.61
N ALA A 224 14.50 -3.09 -32.63
CA ALA A 224 15.65 -2.50 -31.96
C ALA A 224 16.91 -3.22 -32.39
N GLN A 225 17.92 -2.46 -32.79
CA GLN A 225 19.17 -3.05 -33.26
C GLN A 225 19.88 -3.77 -32.11
N GLY A 226 20.49 -4.90 -32.44
CA GLY A 226 21.25 -5.66 -31.47
C GLY A 226 20.43 -6.54 -30.55
N TYR A 227 19.12 -6.62 -30.77
CA TYR A 227 18.25 -7.42 -29.91
C TYR A 227 17.60 -8.53 -30.72
N LEU A 228 17.45 -9.69 -30.09
CA LEU A 228 16.98 -10.88 -30.76
C LEU A 228 15.48 -10.79 -31.00
N ILE A 229 15.06 -10.98 -32.24
CA ILE A 229 13.64 -11.05 -32.59
C ILE A 229 13.37 -12.41 -33.21
N GLY A 230 12.09 -12.76 -33.28
CA GLY A 230 11.73 -14.04 -33.83
C GLY A 230 12.09 -14.16 -35.30
N GLY A 231 12.50 -15.37 -35.68
CA GLY A 231 12.85 -15.61 -37.07
C GLY A 231 14.23 -15.14 -37.47
N ASP A 232 15.17 -15.06 -36.54
CA ASP A 232 16.53 -14.65 -36.82
C ASP A 232 17.40 -15.89 -37.03
N VAL A 233 18.21 -15.87 -38.09
CA VAL A 233 19.24 -16.88 -38.27
C VAL A 233 20.47 -16.45 -37.48
N LEU A 234 20.89 -17.29 -36.55
CA LEU A 234 21.91 -16.91 -35.59
C LEU A 234 22.83 -18.09 -35.29
N ARG A 235 23.94 -17.78 -34.62
CA ARG A 235 24.92 -18.78 -34.22
C ARG A 235 24.97 -18.84 -32.70
N LEU A 236 25.06 -20.05 -32.17
CA LEU A 236 25.11 -20.26 -30.72
C LEU A 236 26.56 -20.45 -30.31
N LEU A 237 27.21 -19.36 -29.91
CA LEU A 237 28.61 -19.39 -29.51
C LEU A 237 28.75 -19.77 -28.05
N HIS A 238 29.72 -20.62 -27.75
CA HIS A 238 29.92 -21.13 -26.40
C HIS A 238 31.35 -20.89 -25.96
N GLY A 239 31.52 -20.35 -24.75
CA GLY A 239 32.82 -20.24 -24.14
C GLY A 239 33.70 -19.13 -24.68
N HIS A 240 34.88 -18.96 -24.08
CA HIS A 240 35.82 -17.97 -24.57
C HIS A 240 36.37 -18.35 -25.94
N MET A 241 36.56 -19.65 -26.17
CA MET A 241 37.01 -20.13 -27.48
C MET A 241 35.96 -19.93 -28.56
N ASP A 242 34.73 -19.58 -28.18
CA ASP A 242 33.64 -19.30 -29.12
C ASP A 242 33.33 -20.49 -30.01
N GLU A 243 33.38 -21.69 -29.44
CA GLU A 243 32.91 -22.87 -30.16
C GLU A 243 31.42 -22.76 -30.39
N CYS A 244 30.99 -22.97 -31.64
CA CYS A 244 29.60 -22.79 -32.01
C CYS A 244 28.90 -24.14 -32.12
N LEU A 245 27.65 -24.17 -31.67
CA LEU A 245 26.86 -25.40 -31.74
C LEU A 245 26.56 -25.74 -33.19
N THR A 246 27.07 -26.88 -33.65
CA THR A 246 26.94 -27.26 -35.05
C THR A 246 26.68 -28.75 -35.13
N VAL A 247 26.45 -29.23 -36.35
CA VAL A 247 26.24 -30.64 -36.63
C VAL A 247 27.48 -31.18 -37.33
N PRO A 248 27.64 -32.49 -37.48
CA PRO A 248 28.79 -33.00 -38.23
C PRO A 248 28.80 -32.50 -39.66
N SER A 249 30.00 -32.39 -40.22
CA SER A 249 30.18 -31.82 -41.54
C SER A 249 29.61 -32.74 -42.62
N GLY A 250 29.81 -32.34 -43.87
CA GLY A 250 29.26 -33.06 -44.99
C GLY A 250 29.94 -34.39 -45.27
N GLU A 251 29.76 -35.36 -44.36
CA GLU A 251 30.23 -36.72 -44.57
C GLU A 251 29.32 -37.51 -45.51
N HIS A 252 28.42 -36.83 -46.22
CA HIS A 252 27.48 -37.44 -47.15
C HIS A 252 26.48 -38.32 -46.41
N GLY A 253 26.53 -38.31 -45.08
CA GLY A 253 25.60 -39.10 -44.29
C GLY A 253 24.50 -38.27 -43.66
N GLU A 254 23.31 -38.34 -44.22
CA GLU A 254 22.17 -37.60 -43.66
C GLU A 254 21.79 -38.11 -42.28
N GLU A 255 22.18 -39.33 -41.94
CA GLU A 255 21.94 -39.86 -40.60
C GLU A 255 23.06 -39.50 -39.63
N GLN A 256 24.29 -39.35 -40.12
CA GLN A 256 25.38 -38.92 -39.24
C GLN A 256 25.31 -37.42 -38.98
N ARG A 257 24.74 -36.66 -39.90
CA ARG A 257 24.57 -35.22 -39.70
C ARG A 257 23.47 -34.89 -38.70
N ARG A 258 22.84 -35.89 -38.10
CA ARG A 258 21.72 -35.67 -37.20
C ARG A 258 22.13 -35.38 -35.77
N THR A 259 23.39 -35.62 -35.41
CA THR A 259 23.85 -35.34 -34.06
C THR A 259 24.25 -33.88 -33.92
N VAL A 260 24.51 -33.48 -32.67
CA VAL A 260 24.82 -32.10 -32.33
C VAL A 260 26.04 -32.08 -31.42
N HIS A 261 26.98 -31.16 -31.72
CA HIS A 261 28.19 -31.06 -30.93
C HIS A 261 28.72 -29.63 -31.01
N TYR A 262 29.65 -29.32 -30.11
CA TYR A 262 30.32 -28.02 -30.10
C TYR A 262 31.62 -28.15 -30.88
N GLU A 263 31.84 -27.21 -31.81
CA GLU A 263 33.04 -27.20 -32.62
C GLU A 263 33.53 -25.77 -32.79
N GLY A 264 34.84 -25.61 -32.93
CA GLY A 264 35.44 -24.31 -33.11
C GLY A 264 36.32 -24.29 -34.35
N GLY A 265 36.54 -23.08 -34.85
CA GLY A 265 37.36 -22.91 -36.04
C GLY A 265 36.63 -22.24 -37.19
N ALA A 266 36.76 -22.79 -38.39
CA ALA A 266 36.11 -22.24 -39.57
C ALA A 266 34.62 -22.52 -39.60
N VAL A 267 34.13 -23.44 -38.77
CA VAL A 267 32.71 -23.71 -38.69
C VAL A 267 31.92 -22.49 -38.23
N SER A 268 32.56 -21.58 -37.50
CA SER A 268 31.90 -20.35 -37.10
C SER A 268 31.65 -19.42 -38.27
N VAL A 269 32.25 -19.68 -39.42
CA VAL A 269 32.05 -18.86 -40.61
C VAL A 269 31.29 -19.69 -41.64
N HIS A 270 31.32 -21.01 -41.47
CA HIS A 270 30.64 -21.93 -42.37
C HIS A 270 29.13 -21.85 -42.13
N ALA A 271 28.38 -22.45 -43.04
CA ALA A 271 26.92 -22.41 -43.01
C ALA A 271 26.30 -23.56 -42.22
N ARG A 272 27.11 -24.50 -41.73
CA ARG A 272 26.60 -25.63 -40.98
C ARG A 272 26.39 -25.30 -39.51
N SER A 273 26.64 -24.05 -39.11
CA SER A 273 26.44 -23.62 -37.73
C SER A 273 25.35 -22.58 -37.61
N LEU A 274 24.48 -22.48 -38.61
CA LEU A 274 23.43 -21.47 -38.64
C LEU A 274 22.13 -22.09 -38.14
N TRP A 275 21.51 -21.47 -37.15
CA TRP A 275 20.24 -21.91 -36.60
C TRP A 275 19.20 -20.80 -36.73
N ARG A 276 17.96 -21.21 -36.99
CA ARG A 276 16.84 -20.28 -37.09
C ARG A 276 15.95 -20.45 -35.88
N LEU A 277 15.69 -19.35 -35.17
CA LEU A 277 14.85 -19.38 -33.99
C LEU A 277 13.41 -19.09 -34.41
N GLU A 278 12.53 -20.05 -34.17
CA GLU A 278 11.13 -19.96 -34.58
C GLU A 278 10.24 -20.03 -33.36
N THR A 279 9.37 -19.03 -33.21
CA THR A 279 8.43 -19.00 -32.09
C THR A 279 7.26 -19.93 -32.36
N LEU A 280 6.56 -20.28 -31.28
CA LEU A 280 5.42 -21.18 -31.38
C LEU A 280 4.13 -20.48 -31.76
N ARG A 281 4.14 -19.17 -31.92
CA ARG A 281 2.95 -18.40 -32.29
C ARG A 281 3.05 -17.97 -33.74
N VAL A 282 1.91 -17.97 -34.42
CA VAL A 282 1.90 -17.53 -35.83
C VAL A 282 1.87 -16.02 -35.90
N ALA A 283 0.89 -15.39 -35.28
CA ALA A 283 0.79 -13.94 -35.24
C ALA A 283 1.86 -13.37 -34.32
N TRP A 284 2.45 -12.25 -34.74
CA TRP A 284 3.50 -11.58 -33.98
C TRP A 284 4.67 -12.54 -33.69
N SER A 285 5.02 -13.34 -34.69
CA SER A 285 6.15 -14.24 -34.59
C SER A 285 7.48 -13.53 -34.78
N GLY A 286 7.46 -12.30 -35.28
CA GLY A 286 8.64 -11.49 -35.44
C GLY A 286 8.91 -10.52 -34.31
N SER A 287 8.25 -10.68 -33.18
CA SER A 287 8.42 -9.75 -32.07
C SER A 287 9.73 -10.02 -31.34
N HIS A 288 10.00 -9.20 -30.34
CA HIS A 288 11.21 -9.35 -29.53
C HIS A 288 11.09 -10.59 -28.67
N ILE A 289 12.15 -11.41 -28.66
CA ILE A 289 12.14 -12.62 -27.85
C ILE A 289 12.40 -12.25 -26.39
N ARG A 290 11.60 -12.82 -25.50
CA ARG A 290 11.71 -12.56 -24.07
C ARG A 290 12.20 -13.81 -23.36
N TRP A 291 12.74 -13.62 -22.16
CA TRP A 291 13.11 -14.76 -21.34
C TRP A 291 11.87 -15.57 -20.98
N GLY A 292 12.00 -16.89 -21.04
CA GLY A 292 10.88 -17.74 -20.73
C GLY A 292 9.92 -17.95 -21.87
N GLN A 293 10.32 -17.61 -23.10
CA GLN A 293 9.45 -17.75 -24.25
C GLN A 293 9.85 -18.99 -25.04
N PRO A 294 8.98 -19.98 -25.17
CA PRO A 294 9.35 -21.19 -25.90
C PRO A 294 9.59 -20.90 -27.37
N PHE A 295 10.49 -21.66 -27.97
CA PHE A 295 10.80 -21.52 -29.39
C PHE A 295 11.42 -22.82 -29.89
N ARG A 296 11.49 -22.95 -31.21
CA ARG A 296 12.09 -24.09 -31.87
C ARG A 296 13.34 -23.65 -32.61
N LEU A 297 14.43 -24.39 -32.46
CA LEU A 297 15.66 -24.13 -33.19
C LEU A 297 15.71 -25.03 -34.41
N ARG A 298 15.82 -24.42 -35.60
CA ARG A 298 15.82 -25.14 -36.85
C ARG A 298 17.18 -24.99 -37.51
N HIS A 299 17.76 -26.11 -37.93
CA HIS A 299 19.05 -26.08 -38.60
C HIS A 299 18.83 -25.74 -40.06
N VAL A 300 19.43 -24.63 -40.52
CA VAL A 300 19.02 -24.04 -41.78
C VAL A 300 19.36 -24.94 -42.96
N THR A 301 20.60 -25.42 -43.04
CA THR A 301 21.01 -26.14 -44.24
C THR A 301 20.43 -27.55 -44.31
N THR A 302 20.16 -28.17 -43.17
CA THR A 302 19.56 -29.50 -43.16
C THR A 302 18.05 -29.47 -43.01
N GLY A 303 17.48 -28.38 -42.52
CA GLY A 303 16.04 -28.29 -42.38
C GLY A 303 15.46 -29.15 -41.29
N LYS A 304 16.24 -29.47 -40.27
CA LYS A 304 15.79 -30.32 -39.17
C LYS A 304 15.84 -29.55 -37.87
N TYR A 305 14.95 -29.92 -36.95
CA TYR A 305 14.75 -29.18 -35.72
C TYR A 305 15.44 -29.85 -34.55
N LEU A 306 16.03 -29.04 -33.67
CA LEU A 306 16.66 -29.56 -32.48
C LEU A 306 15.63 -30.18 -31.55
N SER A 307 15.99 -31.29 -30.92
CA SER A 307 15.07 -32.03 -30.06
C SER A 307 15.81 -32.88 -29.05
N LEU A 308 15.10 -33.29 -28.01
CA LEU A 308 15.64 -34.14 -26.96
C LEU A 308 15.06 -35.54 -27.09
N MET A 309 15.93 -36.55 -27.00
CA MET A 309 15.49 -37.93 -27.06
C MET A 309 14.92 -38.39 -25.73
N GLU A 310 14.13 -39.46 -25.78
CA GLU A 310 13.69 -40.11 -24.55
C GLU A 310 14.87 -40.71 -23.81
N ASP A 311 15.95 -41.02 -24.52
CA ASP A 311 17.17 -41.50 -23.89
C ASP A 311 18.06 -40.33 -23.50
N LYS A 312 17.47 -39.14 -23.42
CA LYS A 312 18.13 -37.95 -22.87
C LYS A 312 19.33 -37.55 -23.71
N ASN A 313 19.15 -37.55 -25.04
CA ASN A 313 20.21 -37.19 -25.96
C ASN A 313 19.66 -36.18 -26.97
N LEU A 314 20.51 -35.25 -27.39
CA LEU A 314 20.10 -34.25 -28.37
C LEU A 314 20.22 -34.83 -29.77
N LEU A 315 19.11 -34.89 -30.50
CA LEU A 315 19.09 -35.43 -31.85
C LEU A 315 18.13 -34.63 -32.73
N LEU A 316 18.56 -34.35 -33.95
CA LEU A 316 17.74 -33.64 -34.90
C LEU A 316 16.72 -34.59 -35.54
N MET A 317 15.45 -34.19 -35.56
CA MET A 317 14.49 -34.92 -36.37
C MET A 317 13.88 -34.00 -37.42
N ASP A 318 12.89 -34.57 -38.11
CA ASP A 318 12.28 -33.99 -39.29
C ASP A 318 11.07 -33.12 -38.93
N LYS A 319 10.63 -32.36 -39.92
CA LYS A 319 9.47 -31.48 -39.77
C LYS A 319 8.22 -32.26 -39.38
N GLU A 320 8.06 -33.46 -39.96
CA GLU A 320 6.85 -34.24 -39.72
C GLU A 320 6.77 -34.74 -38.30
N LYS A 321 7.91 -35.04 -37.67
CA LYS A 321 7.91 -35.63 -36.35
C LYS A 321 8.60 -34.73 -35.32
N ALA A 322 8.63 -33.43 -35.60
CA ALA A 322 9.10 -32.43 -34.64
C ALA A 322 7.91 -31.97 -33.79
N ASP A 323 7.74 -32.59 -32.63
CA ASP A 323 6.67 -32.24 -31.72
C ASP A 323 7.12 -31.12 -30.78
N VAL A 324 6.14 -30.34 -30.30
CA VAL A 324 6.44 -29.26 -29.37
C VAL A 324 7.02 -29.82 -28.07
N LYS A 325 6.47 -30.93 -27.59
CA LYS A 325 6.97 -31.53 -26.36
C LYS A 325 8.46 -31.84 -26.46
N SER A 326 8.91 -32.25 -27.65
CA SER A 326 10.31 -32.63 -27.81
C SER A 326 11.17 -31.46 -28.27
N THR A 327 10.61 -30.56 -29.09
CA THR A 327 11.41 -29.56 -29.78
C THR A 327 11.23 -28.15 -29.24
N ALA A 328 10.79 -28.00 -27.99
CA ALA A 328 10.60 -26.68 -27.41
C ALA A 328 11.75 -26.36 -26.46
N PHE A 329 12.36 -25.19 -26.63
CA PHE A 329 13.46 -24.74 -25.81
C PHE A 329 13.20 -23.32 -25.32
N THR A 330 13.98 -22.90 -24.33
CA THR A 330 13.80 -21.62 -23.68
C THR A 330 15.15 -20.99 -23.40
N PHE A 331 15.19 -19.66 -23.43
CA PHE A 331 16.36 -18.89 -23.05
C PHE A 331 16.13 -18.36 -21.65
N ARG A 332 17.04 -18.66 -20.72
CA ARG A 332 16.92 -18.22 -19.34
C ARG A 332 18.15 -17.42 -18.93
N SER A 333 17.90 -16.34 -18.17
CA SER A 333 18.98 -15.43 -17.80
C SER A 333 19.98 -16.09 -16.87
N SER A 334 19.51 -16.92 -15.95
CA SER A 334 20.38 -17.50 -14.94
C SER A 334 19.99 -18.95 -14.67
N LYS A 335 20.89 -19.67 -14.02
CA LYS A 335 20.67 -21.05 -13.63
C LYS A 335 19.66 -21.20 -12.49
N GLU A 336 19.07 -20.10 -12.03
CA GLU A 336 18.15 -20.17 -10.89
C GLU A 336 16.95 -21.05 -11.22
N LYS A 337 16.50 -21.79 -10.22
CA LYS A 337 15.41 -22.75 -10.38
C LYS A 337 14.03 -22.11 -10.29
N LEU A 338 13.94 -20.81 -10.04
CA LEU A 338 12.65 -20.15 -10.01
C LEU A 338 11.97 -20.26 -11.37
N ASP A 339 10.70 -20.66 -11.36
CA ASP A 339 9.97 -20.84 -12.61
C ASP A 339 9.52 -19.49 -13.16
N VAL A 340 9.54 -19.37 -14.49
CA VAL A 340 9.06 -18.16 -15.13
C VAL A 340 7.54 -18.04 -15.06
N GLY A 341 6.84 -19.11 -14.68
CA GLY A 341 5.39 -19.06 -14.62
C GLY A 341 4.78 -18.91 -16.00
N VAL A 342 3.68 -18.18 -16.07
CA VAL A 342 2.98 -17.92 -17.33
C VAL A 342 2.90 -16.41 -17.51
N ARG A 343 3.21 -15.95 -18.72
CA ARG A 343 3.16 -14.53 -19.05
C ARG A 343 2.16 -14.30 -20.18
N LYS A 344 1.37 -13.24 -20.03
CA LYS A 344 0.41 -12.86 -21.06
C LYS A 344 1.16 -12.44 -22.32
N GLU A 345 0.92 -13.16 -23.41
CA GLU A 345 1.59 -12.84 -24.68
C GLU A 345 1.11 -11.50 -25.19
N VAL A 346 2.03 -10.54 -25.27
CA VAL A 346 1.69 -9.20 -25.74
C VAL A 346 1.49 -9.23 -27.24
N ASP A 347 0.44 -8.55 -27.72
CA ASP A 347 0.14 -8.48 -29.14
C ASP A 347 0.84 -7.25 -29.72
N GLY A 348 2.16 -7.35 -29.80
CA GLY A 348 2.98 -6.27 -30.33
C GLY A 348 4.41 -6.73 -30.45
N MET A 349 5.27 -5.79 -30.81
CA MET A 349 6.69 -6.11 -30.96
C MET A 349 7.35 -6.41 -29.62
N GLY A 350 6.76 -5.97 -28.52
CA GLY A 350 7.30 -6.27 -27.21
C GLY A 350 8.47 -5.40 -26.83
N THR A 351 9.07 -5.74 -25.70
CA THR A 351 10.20 -5.01 -25.16
C THR A 351 11.49 -5.80 -25.40
N SER A 352 12.55 -5.08 -25.73
CA SER A 352 13.83 -5.72 -25.98
C SER A 352 14.41 -6.28 -24.68
N GLU A 353 14.72 -7.56 -24.68
CA GLU A 353 15.25 -8.21 -23.47
C GLU A 353 16.51 -9.03 -23.69
N ILE A 354 16.76 -9.54 -24.89
CA ILE A 354 17.94 -10.34 -25.17
C ILE A 354 18.78 -9.59 -26.20
N LYS A 355 20.04 -9.34 -25.86
CA LYS A 355 20.93 -8.55 -26.68
C LYS A 355 22.01 -9.43 -27.29
N TYR A 356 22.27 -9.23 -28.59
CA TYR A 356 23.31 -9.99 -29.26
C TYR A 356 24.68 -9.69 -28.66
N GLY A 357 25.43 -10.74 -28.35
CA GLY A 357 26.77 -10.60 -27.82
C GLY A 357 26.81 -10.21 -26.35
N ASP A 358 26.13 -9.13 -25.98
CA ASP A 358 26.19 -8.66 -24.61
C ASP A 358 25.54 -9.64 -23.64
N SER A 359 24.33 -10.09 -23.96
CA SER A 359 23.60 -10.97 -23.06
C SER A 359 24.19 -12.37 -23.07
N VAL A 360 24.13 -13.01 -21.92
CA VAL A 360 24.55 -14.41 -21.75
C VAL A 360 23.31 -15.23 -21.43
N CYS A 361 23.07 -16.27 -22.21
CA CYS A 361 21.84 -17.04 -22.13
C CYS A 361 22.15 -18.50 -21.80
N TYR A 362 21.16 -19.16 -21.20
CA TYR A 362 21.24 -20.58 -20.87
C TYR A 362 20.03 -21.27 -21.49
N ILE A 363 20.27 -22.36 -22.21
CA ILE A 363 19.21 -23.07 -22.89
C ILE A 363 18.63 -24.12 -21.95
N GLN A 364 17.31 -24.17 -21.86
CA GLN A 364 16.63 -25.15 -21.03
C GLN A 364 15.45 -25.74 -21.79
N HIS A 365 15.32 -27.06 -21.75
CA HIS A 365 14.17 -27.71 -22.34
C HIS A 365 12.91 -27.33 -21.57
N VAL A 366 11.83 -27.09 -22.31
CA VAL A 366 10.61 -26.59 -21.68
C VAL A 366 10.00 -27.64 -20.75
N ASP A 367 9.92 -28.89 -21.20
CA ASP A 367 9.24 -29.91 -20.41
C ASP A 367 10.15 -30.50 -19.34
N THR A 368 11.27 -31.07 -19.75
CA THR A 368 12.17 -31.73 -18.80
C THR A 368 12.90 -30.75 -17.89
N GLY A 369 12.96 -29.48 -18.27
CA GLY A 369 13.69 -28.51 -17.46
C GLY A 369 15.18 -28.73 -17.42
N LEU A 370 15.72 -29.62 -18.25
CA LEU A 370 17.13 -29.90 -18.23
C LEU A 370 17.89 -28.76 -18.89
N TRP A 371 19.17 -28.64 -18.57
CA TRP A 371 20.01 -27.58 -19.13
C TRP A 371 21.00 -28.14 -20.14
N LEU A 372 21.11 -27.47 -21.28
CA LEU A 372 22.06 -27.88 -22.30
C LEU A 372 23.48 -27.61 -21.84
N THR A 373 24.34 -28.61 -22.01
CA THR A 373 25.71 -28.52 -21.52
C THR A 373 26.61 -29.38 -22.39
N TYR A 374 27.92 -29.19 -22.22
CA TYR A 374 28.91 -29.98 -22.93
C TYR A 374 29.35 -31.17 -22.08
N GLN A 375 29.48 -32.32 -22.72
CA GLN A 375 29.84 -33.53 -21.99
C GLN A 375 31.28 -33.49 -21.51
N SER A 376 32.12 -32.64 -22.12
CA SER A 376 33.52 -32.42 -21.77
C SER A 376 34.38 -33.66 -21.95
N VAL A 377 33.96 -34.60 -22.81
CA VAL A 377 34.73 -35.81 -23.09
C VAL A 377 35.47 -35.63 -24.41
N ASP A 378 36.73 -36.01 -24.43
CA ASP A 378 37.55 -35.88 -25.64
C ASP A 378 38.01 -37.24 -26.15
N SER A 386 37.65 -30.40 -34.47
CA SER A 386 38.63 -29.84 -33.56
C SER A 386 38.39 -30.31 -32.13
N ILE A 387 37.78 -29.43 -31.32
CA ILE A 387 37.48 -29.80 -29.94
C ILE A 387 36.49 -30.95 -29.90
N GLN A 388 35.44 -30.89 -30.71
CA GLN A 388 34.49 -31.99 -30.91
C GLN A 388 33.93 -32.49 -29.59
N ARG A 389 33.62 -31.56 -28.69
CA ARG A 389 32.98 -31.94 -27.43
C ARG A 389 31.48 -32.10 -27.65
N LYS A 390 30.95 -33.22 -27.15
CA LYS A 390 29.56 -33.57 -27.41
C LYS A 390 28.63 -32.69 -26.57
N ALA A 391 27.46 -32.41 -27.14
CA ALA A 391 26.42 -31.64 -26.46
C ALA A 391 25.44 -32.62 -25.83
N ILE A 392 25.39 -32.64 -24.49
CA ILE A 392 24.53 -33.54 -23.75
C ILE A 392 23.60 -32.70 -22.90
N MET A 393 22.46 -33.29 -22.52
CA MET A 393 21.35 -32.56 -21.97
C MET A 393 21.15 -33.01 -20.53
N HIS A 394 21.46 -32.14 -19.57
CA HIS A 394 21.72 -32.54 -18.19
C HIS A 394 20.77 -31.84 -17.22
N HIS A 395 20.55 -32.50 -16.08
CA HIS A 395 19.70 -31.94 -15.03
C HIS A 395 20.28 -30.67 -14.44
N GLU A 396 21.56 -30.67 -14.12
CA GLU A 396 22.21 -29.52 -13.50
C GLU A 396 23.21 -28.86 -14.43
N GLY A 397 24.07 -29.63 -15.08
CA GLY A 397 25.01 -29.08 -16.02
C GLY A 397 26.18 -28.41 -15.33
N HIS A 398 27.10 -27.92 -16.15
CA HIS A 398 28.29 -27.25 -15.65
C HIS A 398 27.96 -25.79 -15.34
N MET A 399 28.88 -25.14 -14.62
CA MET A 399 28.67 -23.74 -14.26
C MET A 399 28.86 -22.84 -15.47
N ASP A 400 29.75 -23.21 -16.39
CA ASP A 400 30.02 -22.39 -17.58
C ASP A 400 29.26 -22.92 -18.79
N ASP A 401 27.93 -22.86 -18.68
CA ASP A 401 27.04 -23.28 -19.76
C ASP A 401 26.41 -22.10 -20.49
N GLY A 402 26.84 -20.88 -20.18
CA GLY A 402 26.26 -19.72 -20.84
C GLY A 402 26.73 -19.63 -22.27
N ILE A 403 25.86 -19.12 -23.15
CA ILE A 403 26.18 -18.96 -24.56
C ILE A 403 26.06 -17.49 -24.92
N SER A 404 26.56 -17.16 -26.10
CA SER A 404 26.40 -15.83 -26.68
C SER A 404 25.70 -15.97 -28.04
N LEU A 405 25.00 -14.91 -28.42
CA LEU A 405 24.18 -14.91 -29.62
C LEU A 405 24.78 -13.95 -30.63
N SER A 406 25.01 -14.44 -31.85
CA SER A 406 25.54 -13.64 -32.94
C SER A 406 24.61 -13.74 -34.13
N ARG A 407 24.16 -12.59 -34.62
CA ARG A 407 23.25 -12.57 -35.75
C ARG A 407 24.02 -12.81 -37.05
N SER A 408 23.35 -13.40 -38.02
CA SER A 408 23.95 -13.74 -39.30
C SER A 408 23.52 -12.73 -40.36
N GLN A 409 24.41 -12.48 -41.32
CA GLN A 409 24.10 -11.55 -42.39
C GLN A 409 22.98 -12.09 -43.26
N HIS A 410 22.24 -11.17 -43.88
CA HIS A 410 21.14 -11.57 -44.74
C HIS A 410 21.62 -12.39 -45.93
N GLU A 411 22.73 -12.01 -46.54
CA GLU A 411 23.28 -12.77 -47.65
C GLU A 411 23.64 -14.18 -47.21
N GLU A 412 24.28 -14.30 -46.04
CA GLU A 412 24.67 -15.61 -45.53
C GLU A 412 23.46 -16.49 -45.23
N SER A 413 22.41 -15.93 -44.63
CA SER A 413 21.21 -16.71 -44.36
C SER A 413 20.54 -17.16 -45.65
N ARG A 414 20.45 -16.25 -46.62
CA ARG A 414 19.84 -16.58 -47.90
C ARG A 414 20.61 -17.70 -48.58
N THR A 415 21.94 -17.62 -48.57
CA THR A 415 22.74 -18.68 -49.19
C THR A 415 22.54 -20.03 -48.51
N ALA A 416 22.45 -20.05 -47.18
CA ALA A 416 22.20 -21.31 -46.50
C ALA A 416 20.85 -21.92 -46.87
N ARG A 417 19.80 -21.11 -46.91
CA ARG A 417 18.52 -21.68 -47.31
C ARG A 417 18.53 -22.11 -48.77
N VAL A 418 19.27 -21.40 -49.61
CA VAL A 418 19.43 -21.81 -51.00
C VAL A 418 20.09 -23.18 -51.07
N ILE A 419 21.12 -23.37 -50.26
CA ILE A 419 21.81 -24.66 -50.20
C ILE A 419 20.84 -25.76 -49.80
N TRP A 420 20.04 -25.52 -48.78
CA TRP A 420 19.08 -26.54 -48.35
C TRP A 420 18.09 -26.88 -49.45
N SER A 421 17.45 -25.86 -50.03
CA SER A 421 16.46 -26.10 -51.06
C SER A 421 17.04 -26.73 -52.31
N THR A 422 18.30 -26.44 -52.64
CA THR A 422 18.91 -27.04 -53.81
C THR A 422 19.30 -28.49 -53.56
N VAL A 423 19.86 -28.77 -52.38
CA VAL A 423 20.26 -30.15 -52.09
C VAL A 423 19.03 -31.04 -52.00
N PHE A 424 17.92 -30.52 -51.50
CA PHE A 424 16.68 -31.30 -51.47
C PHE A 424 16.27 -31.72 -52.88
N LEU A 425 16.18 -30.76 -53.79
CA LEU A 425 15.74 -31.04 -55.15
C LEU A 425 16.71 -31.96 -55.87
N PHE A 426 18.01 -31.74 -55.69
CA PHE A 426 18.99 -32.57 -56.38
C PHE A 426 19.05 -33.98 -55.82
N ASN A 427 18.81 -34.16 -54.52
CA ASN A 427 18.66 -35.50 -53.96
C ASN A 427 17.44 -36.21 -54.52
N ARG A 428 16.32 -35.49 -54.67
CA ARG A 428 15.17 -36.09 -55.32
C ARG A 428 15.49 -36.51 -56.76
N PHE A 429 16.20 -35.65 -57.50
CA PHE A 429 16.62 -35.97 -58.86
C PHE A 429 17.49 -37.21 -58.89
N ILE A 430 18.46 -37.30 -57.99
CA ILE A 430 19.37 -38.44 -57.94
C ILE A 430 18.62 -39.71 -57.62
N ARG A 431 17.69 -39.66 -56.66
CA ARG A 431 16.90 -40.84 -56.32
C ARG A 431 16.05 -41.30 -57.50
N GLY A 432 15.43 -40.35 -58.20
CA GLY A 432 14.65 -40.71 -59.37
C GLY A 432 15.50 -41.35 -60.46
N LEU A 433 16.68 -40.78 -60.71
CA LEU A 433 17.57 -41.36 -61.71
C LEU A 433 18.03 -42.75 -61.30
N ASP A 434 18.31 -42.94 -60.02
CA ASP A 434 18.72 -44.26 -59.54
C ASP A 434 17.59 -45.28 -59.71
N ALA A 435 16.35 -44.87 -59.43
CA ALA A 435 15.23 -45.77 -59.64
C ALA A 435 15.09 -46.14 -61.11
N LEU A 436 15.20 -45.15 -61.99
CA LEU A 436 15.12 -45.44 -63.42
C LEU A 436 16.23 -46.38 -63.86
N SER A 437 17.42 -46.21 -63.28
CA SER A 437 18.52 -47.12 -63.56
C SER A 437 18.25 -48.52 -63.06
N LYS A 438 17.68 -48.67 -61.86
CA LYS A 438 17.27 -49.97 -61.35
C LYS A 438 15.97 -50.46 -61.96
N LYS A 439 15.49 -49.78 -63.00
CA LYS A 439 14.44 -50.26 -63.90
C LYS A 439 13.05 -50.22 -63.27
N ALA A 440 12.78 -49.26 -62.38
CA ALA A 440 11.42 -49.05 -61.93
C ALA A 440 10.57 -48.48 -63.06
N LYS A 441 9.26 -48.56 -62.90
CA LYS A 441 8.34 -48.05 -63.91
C LYS A 441 8.55 -46.55 -64.10
N ALA A 442 8.50 -46.12 -65.37
CA ALA A 442 8.69 -44.70 -65.67
C ALA A 442 7.57 -43.86 -65.08
N SER A 443 6.38 -44.43 -64.90
CA SER A 443 5.26 -43.66 -64.36
C SER A 443 5.40 -43.41 -62.87
N THR A 444 5.85 -44.42 -62.12
CA THR A 444 5.93 -44.28 -60.67
C THR A 444 7.10 -43.40 -60.24
N VAL A 445 8.11 -43.28 -61.11
CA VAL A 445 9.27 -42.45 -60.77
C VAL A 445 8.92 -40.99 -60.98
N ASP A 446 9.21 -40.18 -59.96
CA ASP A 446 9.01 -38.73 -60.02
C ASP A 446 10.33 -38.08 -60.39
N LEU A 447 10.39 -37.53 -61.60
CA LEU A 447 11.62 -36.94 -62.10
C LEU A 447 11.41 -35.44 -62.28
N PRO A 448 11.87 -34.60 -61.36
CA PRO A 448 11.55 -33.16 -61.39
C PRO A 448 12.34 -32.40 -62.46
N ILE A 449 12.01 -32.67 -63.72
CA ILE A 449 12.76 -32.08 -64.83
C ILE A 449 12.61 -30.57 -64.85
N GLU A 450 11.37 -30.08 -64.80
CA GLU A 450 11.14 -28.64 -64.90
C GLU A 450 11.72 -27.91 -63.70
N SER A 451 11.52 -28.46 -62.50
CA SER A 451 12.06 -27.82 -61.31
C SER A 451 13.58 -27.79 -61.34
N VAL A 452 14.20 -28.89 -61.78
CA VAL A 452 15.65 -28.93 -61.88
C VAL A 452 16.15 -27.90 -62.88
N SER A 453 15.51 -27.78 -64.04
CA SER A 453 15.94 -26.78 -65.02
C SER A 453 15.79 -25.37 -64.47
N LEU A 454 14.68 -25.06 -63.82
CA LEU A 454 14.47 -23.73 -63.27
C LEU A 454 15.48 -23.41 -62.18
N SER A 455 15.74 -24.37 -61.29
CA SER A 455 16.72 -24.17 -60.23
C SER A 455 18.14 -24.07 -60.77
N LEU A 456 18.46 -24.76 -61.86
CA LEU A 456 19.76 -24.67 -62.48
C LEU A 456 19.97 -23.33 -63.17
N GLN A 457 18.91 -22.76 -63.74
CA GLN A 457 19.00 -21.40 -64.26
C GLN A 457 19.09 -20.34 -63.16
N ASP A 458 18.28 -20.46 -62.11
CA ASP A 458 18.36 -19.52 -61.01
C ASP A 458 19.72 -19.59 -60.32
N LEU A 459 20.27 -20.80 -60.19
CA LEU A 459 21.58 -20.94 -59.56
C LEU A 459 22.68 -20.29 -60.39
N ILE A 460 22.64 -20.43 -61.70
CA ILE A 460 23.60 -19.75 -62.56
C ILE A 460 23.46 -18.25 -62.44
N GLY A 461 22.23 -17.74 -62.42
CA GLY A 461 22.04 -16.32 -62.20
C GLY A 461 22.56 -15.88 -60.85
N TYR A 462 22.43 -16.75 -59.83
CA TYR A 462 22.89 -16.43 -58.49
C TYR A 462 24.41 -16.33 -58.44
N PHE A 463 25.09 -17.21 -59.17
CA PHE A 463 26.55 -17.21 -59.23
C PHE A 463 27.09 -16.45 -60.44
N HIS A 464 26.25 -15.64 -61.07
CA HIS A 464 26.70 -14.86 -62.22
C HIS A 464 27.79 -13.87 -61.80
N PRO A 465 28.87 -13.77 -62.56
CA PRO A 465 29.94 -12.84 -62.20
C PRO A 465 29.51 -11.40 -62.42
N PRO A 466 30.09 -10.45 -61.69
CA PRO A 466 29.72 -9.05 -61.87
C PRO A 466 30.09 -8.54 -63.25
N ASP A 467 29.31 -7.58 -63.74
CA ASP A 467 29.60 -6.98 -65.03
C ASP A 467 30.69 -5.94 -64.91
N GLU A 468 31.36 -5.66 -66.03
CA GLU A 468 32.53 -4.80 -66.02
C GLU A 468 32.19 -3.31 -65.97
N HIS A 469 31.09 -2.90 -66.59
CA HIS A 469 30.81 -1.47 -66.68
C HIS A 469 30.37 -0.88 -65.36
N LEU A 470 30.11 -1.71 -64.35
CA LEU A 470 29.68 -1.21 -63.05
C LEU A 470 30.80 -0.41 -62.38
N GLU A 471 30.41 0.37 -61.38
CA GLU A 471 31.38 1.14 -60.62
C GLU A 471 32.28 0.21 -59.82
N HIS A 472 33.45 0.74 -59.45
CA HIS A 472 34.46 -0.09 -58.80
C HIS A 472 33.98 -0.62 -57.46
N GLU A 473 33.37 0.22 -56.63
CA GLU A 473 32.92 -0.22 -55.31
C GLU A 473 31.81 -1.26 -55.42
N ASP A 474 30.85 -1.02 -56.31
CA ASP A 474 29.78 -1.99 -56.50
C ASP A 474 30.33 -3.31 -57.03
N LYS A 475 31.27 -3.25 -57.96
CA LYS A 475 31.88 -4.46 -58.49
C LYS A 475 32.59 -5.24 -57.39
N GLN A 476 33.31 -4.52 -56.52
CA GLN A 476 33.97 -5.19 -55.41
C GLN A 476 32.98 -5.84 -54.47
N ASN A 477 31.87 -5.16 -54.18
CA ASN A 477 30.86 -5.74 -53.30
C ASN A 477 30.28 -7.02 -53.91
N ARG A 478 29.96 -6.97 -55.21
CA ARG A 478 29.41 -8.15 -55.87
C ARG A 478 30.42 -9.30 -55.89
N LEU A 479 31.69 -8.99 -56.14
CA LEU A 479 32.72 -10.03 -56.12
C LEU A 479 32.84 -10.66 -54.74
N ARG A 480 32.78 -9.84 -53.69
CA ARG A 480 32.86 -10.37 -52.33
C ARG A 480 31.68 -11.27 -52.03
N ALA A 481 30.47 -10.86 -52.43
CA ALA A 481 29.31 -11.70 -52.23
C ALA A 481 29.43 -13.02 -52.98
N LEU A 482 29.92 -12.96 -54.23
CA LEU A 482 30.09 -14.17 -55.02
C LEU A 482 31.09 -15.11 -54.39
N LYS A 483 32.21 -14.58 -53.89
CA LYS A 483 33.20 -15.41 -53.25
C LYS A 483 32.64 -16.06 -51.99
N ASN A 484 31.87 -15.31 -51.20
CA ASN A 484 31.26 -15.88 -50.01
C ASN A 484 30.30 -17.01 -50.37
N ARG A 485 29.49 -16.80 -51.43
CA ARG A 485 28.57 -17.84 -51.86
C ARG A 485 29.32 -19.10 -52.30
N GLN A 486 30.39 -18.92 -53.06
CA GLN A 486 31.17 -20.07 -53.51
C GLN A 486 31.76 -20.82 -52.32
N ASN A 487 32.30 -20.10 -51.35
CA ASN A 487 32.88 -20.75 -50.18
C ASN A 487 31.83 -21.52 -49.41
N LEU A 488 30.65 -20.93 -49.19
CA LEU A 488 29.60 -21.63 -48.46
C LEU A 488 29.16 -22.89 -49.19
N PHE A 489 28.98 -22.78 -50.52
CA PHE A 489 28.56 -23.96 -51.29
C PHE A 489 29.60 -25.07 -51.21
N GLN A 490 30.88 -24.73 -51.34
CA GLN A 490 31.88 -25.78 -51.31
C GLN A 490 32.02 -26.39 -49.92
N GLU A 491 31.92 -25.58 -48.87
CA GLU A 491 31.93 -26.12 -47.52
C GLU A 491 30.74 -27.01 -47.24
N GLU A 492 29.58 -26.75 -47.85
CA GLU A 492 28.46 -27.66 -47.77
C GLU A 492 28.56 -28.78 -48.79
N GLY A 493 29.60 -28.78 -49.60
CA GLY A 493 29.83 -29.88 -50.52
C GLY A 493 28.84 -29.96 -51.66
N MET A 494 28.49 -28.83 -52.26
CA MET A 494 27.58 -28.82 -53.40
C MET A 494 28.29 -29.15 -54.71
N ILE A 495 29.62 -29.15 -54.73
CA ILE A 495 30.34 -29.58 -55.91
C ILE A 495 30.14 -31.07 -56.18
N ASN A 496 30.26 -31.90 -55.16
CA ASN A 496 30.08 -33.33 -55.33
C ASN A 496 28.66 -33.69 -55.74
N LEU A 497 27.67 -32.90 -55.30
CA LEU A 497 26.30 -33.14 -55.72
C LEU A 497 26.15 -32.95 -57.23
N VAL A 498 26.71 -31.85 -57.74
CA VAL A 498 26.66 -31.59 -59.17
C VAL A 498 27.43 -32.67 -59.93
N LEU A 499 28.56 -33.11 -59.38
CA LEU A 499 29.32 -34.18 -60.01
C LEU A 499 28.52 -35.47 -60.06
N GLU A 500 27.79 -35.79 -58.99
CA GLU A 500 26.96 -36.99 -58.99
C GLU A 500 25.86 -36.89 -60.03
N CYS A 501 25.21 -35.73 -60.15
CA CYS A 501 24.19 -35.56 -61.17
C CYS A 501 24.77 -35.74 -62.56
N ILE A 502 25.94 -35.16 -62.81
CA ILE A 502 26.58 -35.29 -64.12
C ILE A 502 26.93 -36.74 -64.40
N ASP A 503 27.48 -37.44 -63.42
CA ASP A 503 27.86 -38.84 -63.60
C ASP A 503 26.64 -39.70 -63.88
N ARG A 504 25.54 -39.47 -63.16
CA ARG A 504 24.35 -40.27 -63.36
C ARG A 504 23.64 -39.91 -64.66
N LEU A 505 23.92 -38.72 -65.21
CA LEU A 505 23.33 -38.39 -66.49
C LEU A 505 24.16 -38.88 -67.67
N HIS A 506 25.47 -39.09 -67.49
CA HIS A 506 26.26 -39.62 -68.59
C HIS A 506 26.13 -41.13 -68.76
N VAL A 507 25.36 -41.82 -67.92
CA VAL A 507 25.16 -43.24 -68.16
C VAL A 507 24.37 -43.45 -69.44
N TYR A 508 23.55 -42.47 -69.83
CA TYR A 508 22.81 -42.55 -71.08
C TYR A 508 23.61 -41.93 -72.20
N SER A 509 23.73 -42.65 -73.32
CA SER A 509 24.59 -42.21 -74.41
C SER A 509 24.04 -40.97 -75.10
N SER A 510 22.73 -40.90 -75.30
CA SER A 510 22.15 -39.84 -76.11
C SER A 510 20.77 -39.49 -75.59
N ALA A 511 20.23 -38.40 -76.13
CA ALA A 511 18.89 -37.95 -75.76
C ALA A 511 17.84 -38.99 -76.09
N ALA A 512 17.99 -39.68 -77.23
CA ALA A 512 17.07 -40.76 -77.56
C ALA A 512 17.13 -41.90 -76.55
N HIS A 513 18.33 -42.27 -76.11
CA HIS A 513 18.45 -43.31 -75.08
C HIS A 513 17.79 -42.87 -73.78
N PHE A 514 17.99 -41.60 -73.40
CA PHE A 514 17.37 -41.12 -72.17
C PHE A 514 15.86 -41.05 -72.31
N ALA A 515 15.36 -40.74 -73.51
CA ALA A 515 13.92 -40.72 -73.73
C ALA A 515 13.33 -42.12 -73.79
N ASP A 516 14.14 -43.12 -74.11
CA ASP A 516 13.67 -44.50 -74.04
C ASP A 516 13.61 -44.99 -72.60
N VAL A 517 14.64 -44.70 -71.80
CA VAL A 517 14.63 -45.16 -70.42
C VAL A 517 13.64 -44.35 -69.59
N ALA A 518 13.84 -43.03 -69.54
CA ALA A 518 12.90 -42.12 -68.89
C ALA A 518 11.87 -41.63 -69.90
N GLY A 519 11.14 -40.56 -69.56
CA GLY A 519 10.10 -40.06 -70.43
C GLY A 519 10.63 -39.24 -71.57
N ARG A 520 9.73 -38.92 -72.50
CA ARG A 520 10.08 -38.15 -73.69
C ARG A 520 10.54 -36.74 -73.33
N GLU A 521 9.87 -36.09 -72.38
CA GLU A 521 10.28 -34.77 -71.96
C GLU A 521 11.66 -34.81 -71.30
N ALA A 522 11.94 -35.85 -70.53
CA ALA A 522 13.26 -36.01 -69.94
C ALA A 522 14.31 -36.17 -71.03
N GLY A 523 14.01 -36.96 -72.06
CA GLY A 523 14.92 -37.06 -73.19
C GLY A 523 15.13 -35.73 -73.89
N GLU A 524 14.08 -34.92 -74.00
CA GLU A 524 14.22 -33.60 -74.61
C GLU A 524 15.12 -32.70 -73.80
N SER A 525 14.99 -32.72 -72.47
CA SER A 525 15.71 -31.81 -71.60
C SER A 525 17.07 -32.33 -71.16
N TRP A 526 17.43 -33.56 -71.56
CA TRP A 526 18.70 -34.15 -71.12
C TRP A 526 19.90 -33.29 -71.49
N LYS A 527 19.98 -32.84 -72.74
CA LYS A 527 21.08 -32.02 -73.19
C LYS A 527 21.16 -30.68 -72.46
N SER A 528 20.01 -30.02 -72.28
CA SER A 528 19.99 -28.74 -71.61
C SER A 528 20.43 -28.89 -70.15
N ILE A 529 19.97 -29.95 -69.49
CA ILE A 529 20.35 -30.16 -68.09
C ILE A 529 21.85 -30.45 -67.99
N LEU A 530 22.39 -31.25 -68.92
CA LEU A 530 23.83 -31.47 -68.90
C LEU A 530 24.62 -30.19 -69.11
N ASN A 531 24.21 -29.34 -70.06
CA ASN A 531 24.93 -28.08 -70.26
C ASN A 531 24.82 -27.19 -69.03
N SER A 532 23.64 -27.13 -68.42
CA SER A 532 23.43 -26.26 -67.27
C SER A 532 24.25 -26.73 -66.07
N LEU A 533 24.37 -28.04 -65.89
CA LEU A 533 25.16 -28.56 -64.78
C LEU A 533 26.63 -28.18 -64.93
N TYR A 534 27.17 -28.31 -66.14
CA TYR A 534 28.56 -27.93 -66.37
C TYR A 534 28.76 -26.44 -66.19
N GLU A 535 27.81 -25.64 -66.67
CA GLU A 535 27.91 -24.20 -66.48
C GLU A 535 27.87 -23.84 -64.99
N LEU A 536 27.01 -24.51 -64.22
CA LEU A 536 26.96 -24.27 -62.78
C LEU A 536 28.26 -24.65 -62.11
N LEU A 537 28.85 -25.77 -62.50
CA LEU A 537 30.14 -26.18 -61.92
C LEU A 537 31.22 -25.14 -62.22
N ALA A 538 31.25 -24.67 -63.47
CA ALA A 538 32.23 -23.66 -63.83
C ALA A 538 32.02 -22.38 -63.04
N ALA A 539 30.77 -21.97 -62.85
CA ALA A 539 30.47 -20.79 -62.05
C ALA A 539 30.83 -20.97 -60.58
N LEU A 540 30.67 -22.17 -60.04
CA LEU A 540 31.03 -22.46 -58.67
C LEU A 540 32.52 -22.45 -58.43
N ILE A 541 33.33 -22.91 -59.38
CA ILE A 541 34.76 -22.99 -59.16
C ILE A 541 35.54 -21.84 -59.78
N ARG A 542 34.92 -20.98 -60.59
CA ARG A 542 35.66 -19.94 -61.28
C ARG A 542 36.16 -18.88 -60.32
N GLY A 543 37.45 -18.56 -60.42
CA GLY A 543 38.04 -17.48 -59.66
C GLY A 543 38.34 -17.81 -58.22
N ASN A 544 38.10 -19.05 -57.78
CA ASN A 544 38.29 -19.44 -56.39
C ASN A 544 39.45 -20.42 -56.31
N ARG A 545 40.55 -19.98 -55.71
CA ARG A 545 41.73 -20.82 -55.59
C ARG A 545 41.46 -22.06 -54.76
N LYS A 546 40.75 -21.93 -53.64
CA LYS A 546 40.46 -23.07 -52.81
C LYS A 546 39.59 -24.09 -53.53
N ASN A 547 38.56 -23.64 -54.24
CA ASN A 547 37.69 -24.57 -54.96
C ASN A 547 38.45 -25.26 -56.09
N CYS A 548 39.26 -24.50 -56.83
CA CYS A 548 40.04 -25.11 -57.91
C CYS A 548 41.09 -26.07 -57.38
N ALA A 549 41.62 -25.84 -56.18
CA ALA A 549 42.51 -26.79 -55.56
C ALA A 549 41.79 -28.04 -55.08
N GLN A 550 40.56 -27.91 -54.58
CA GLN A 550 39.77 -29.05 -54.20
C GLN A 550 39.30 -29.89 -55.38
N PHE A 551 39.18 -29.28 -56.56
CA PHE A 551 38.74 -30.02 -57.74
C PHE A 551 39.86 -30.84 -58.37
N SER A 552 41.07 -30.81 -57.81
CA SER A 552 42.17 -31.56 -58.37
C SER A 552 41.88 -33.06 -58.37
N GLY A 553 41.34 -33.57 -57.27
CA GLY A 553 41.06 -35.00 -57.19
C GLY A 553 40.06 -35.45 -58.26
N SER A 554 39.14 -34.57 -58.62
CA SER A 554 38.13 -34.89 -59.63
C SER A 554 38.57 -34.56 -61.05
N LEU A 555 39.70 -33.86 -61.21
CA LEU A 555 40.18 -33.56 -62.56
C LEU A 555 40.33 -34.81 -63.41
N ASP A 556 40.89 -35.89 -62.84
CA ASP A 556 41.09 -37.11 -63.61
C ASP A 556 39.78 -37.66 -64.13
N TRP A 557 38.74 -37.67 -63.29
CA TRP A 557 37.42 -38.11 -63.72
C TRP A 557 36.83 -37.18 -64.77
N LEU A 558 37.23 -35.90 -64.77
CA LEU A 558 36.63 -34.93 -65.67
C LEU A 558 37.11 -35.13 -67.10
N ILE A 559 38.40 -35.42 -67.29
CA ILE A 559 39.00 -35.47 -68.61
C ILE A 559 38.68 -36.81 -69.25
N SER A 560 38.11 -37.72 -68.47
CA SER A 560 37.72 -39.03 -68.98
C SER A 560 36.56 -38.97 -69.96
N ARG A 561 35.76 -37.90 -69.92
CA ARG A 561 34.63 -37.74 -70.82
C ARG A 561 34.80 -36.56 -71.77
N LEU A 562 36.04 -36.12 -71.99
CA LEU A 562 36.26 -34.97 -72.86
C LEU A 562 35.86 -35.26 -74.30
N GLU A 563 35.96 -36.52 -74.73
CA GLU A 563 35.71 -36.84 -76.13
C GLU A 563 34.24 -36.79 -76.49
N ARG A 564 33.35 -36.95 -75.50
CA ARG A 564 31.92 -36.95 -75.77
C ARG A 564 31.46 -35.59 -76.28
N LEU A 565 30.64 -35.62 -77.34
CA LEU A 565 30.22 -34.39 -78.00
C LEU A 565 29.24 -33.57 -77.17
N GLU A 566 28.50 -34.20 -76.26
CA GLU A 566 27.51 -33.49 -75.46
C GLU A 566 28.11 -32.81 -74.23
N ALA A 567 29.41 -32.99 -73.98
CA ALA A 567 30.03 -32.43 -72.80
C ALA A 567 31.39 -31.80 -73.06
N SER A 568 31.86 -31.78 -74.31
CA SER A 568 33.21 -31.32 -74.59
C SER A 568 33.41 -29.86 -74.22
N SER A 569 32.46 -28.99 -74.61
CA SER A 569 32.62 -27.56 -74.34
C SER A 569 32.60 -27.26 -72.85
N GLY A 570 31.65 -27.84 -72.11
CA GLY A 570 31.58 -27.60 -70.68
C GLY A 570 32.80 -28.15 -69.95
N ILE A 571 33.22 -29.36 -70.32
CA ILE A 571 34.41 -29.93 -69.69
C ILE A 571 35.63 -29.06 -69.98
N LEU A 572 35.74 -28.56 -71.22
CA LEU A 572 36.86 -27.71 -71.56
C LEU A 572 36.84 -26.41 -70.76
N GLU A 573 35.67 -25.81 -70.58
CA GLU A 573 35.58 -24.60 -69.79
C GLU A 573 35.97 -24.83 -68.34
N VAL A 574 35.47 -25.93 -67.74
CA VAL A 574 35.82 -26.24 -66.37
C VAL A 574 37.32 -26.49 -66.24
N LEU A 575 37.89 -27.24 -67.18
CA LEU A 575 39.32 -27.50 -67.17
C LEU A 575 40.12 -26.22 -67.29
N HIS A 576 39.70 -25.31 -68.17
CA HIS A 576 40.38 -24.03 -68.30
C HIS A 576 40.34 -23.23 -67.02
N CYS A 577 39.18 -23.15 -66.36
CA CYS A 577 39.11 -22.43 -65.10
C CYS A 577 40.02 -23.04 -64.05
N VAL A 578 40.00 -24.36 -63.92
CA VAL A 578 40.83 -25.02 -62.91
C VAL A 578 42.31 -24.81 -63.19
N LEU A 579 42.72 -24.97 -64.45
CA LEU A 579 44.14 -24.82 -64.78
C LEU A 579 44.60 -23.39 -64.60
N VAL A 580 43.74 -22.42 -64.91
CA VAL A 580 44.11 -21.02 -64.73
C VAL A 580 44.28 -20.71 -63.25
N GLU A 581 43.39 -21.22 -62.41
CA GLU A 581 43.37 -20.76 -61.02
C GLU A 581 44.26 -21.56 -60.08
N SER A 582 44.33 -22.89 -60.22
CA SER A 582 45.00 -23.72 -59.23
C SER A 582 46.33 -24.23 -59.76
N PRO A 583 47.46 -23.85 -59.15
CA PRO A 583 48.75 -24.44 -59.53
C PRO A 583 48.83 -25.94 -59.27
N GLU A 584 48.07 -26.45 -58.30
CA GLU A 584 48.13 -27.88 -57.98
C GLU A 584 47.57 -28.74 -59.11
N ALA A 585 46.73 -28.17 -59.97
CA ALA A 585 46.18 -28.93 -61.08
C ALA A 585 47.26 -29.36 -62.05
N LEU A 586 48.20 -28.46 -62.36
CA LEU A 586 49.25 -28.79 -63.32
C LEU A 586 50.16 -29.89 -62.79
N ASN A 587 50.32 -29.97 -61.48
CA ASN A 587 51.13 -31.02 -60.88
C ASN A 587 50.51 -32.40 -61.05
N ILE A 588 49.21 -32.48 -61.32
CA ILE A 588 48.59 -33.79 -61.49
C ILE A 588 48.15 -34.05 -62.92
N ILE A 589 48.14 -33.04 -63.78
CA ILE A 589 47.92 -33.30 -65.21
C ILE A 589 49.13 -34.06 -65.74
N LYS A 590 48.88 -35.18 -66.42
CA LYS A 590 49.95 -36.07 -66.84
C LYS A 590 50.01 -36.17 -68.36
N GLU A 591 50.90 -37.03 -68.84
CA GLU A 591 51.10 -37.19 -70.28
C GLU A 591 49.84 -37.72 -70.96
N GLY A 592 49.16 -38.67 -70.32
CA GLY A 592 47.91 -39.16 -70.89
C GLY A 592 46.85 -38.10 -71.02
N HIS A 593 46.69 -37.24 -70.01
CA HIS A 593 45.76 -36.14 -70.10
C HIS A 593 46.13 -35.15 -71.18
N ILE A 594 47.42 -34.79 -71.29
CA ILE A 594 47.85 -33.90 -72.36
C ILE A 594 47.61 -34.49 -73.73
N LYS A 595 47.91 -35.78 -73.93
CA LYS A 595 47.63 -36.44 -75.20
C LYS A 595 46.15 -36.51 -75.51
N SER A 596 45.30 -36.73 -74.51
CA SER A 596 43.86 -36.69 -74.74
C SER A 596 43.40 -35.30 -75.18
N ILE A 597 43.92 -34.26 -74.53
CA ILE A 597 43.56 -32.90 -74.92
C ILE A 597 44.03 -32.61 -76.33
N ILE A 598 45.21 -33.11 -76.69
CA ILE A 598 45.71 -32.89 -78.05
C ILE A 598 44.86 -33.63 -79.06
N SER A 599 44.50 -34.89 -78.78
CA SER A 599 43.67 -35.65 -79.71
C SER A 599 42.30 -35.04 -79.85
N LEU A 600 41.86 -34.30 -78.83
CA LEU A 600 40.64 -33.52 -78.96
C LEU A 600 40.70 -32.61 -80.17
N LEU A 601 41.83 -31.95 -80.39
CA LEU A 601 42.02 -31.10 -81.57
C LEU A 601 41.91 -31.89 -82.86
N ASP A 602 42.52 -33.07 -82.93
CA ASP A 602 42.51 -33.88 -84.13
C ASP A 602 41.13 -34.41 -84.47
N LYS A 603 40.35 -34.79 -83.46
CA LYS A 603 39.03 -35.36 -83.71
C LYS A 603 37.96 -34.30 -83.93
N HIS A 604 38.00 -33.20 -83.17
CA HIS A 604 36.96 -32.19 -83.22
C HIS A 604 37.33 -30.97 -84.06
N GLY A 605 38.46 -30.99 -84.74
CA GLY A 605 38.86 -29.89 -85.58
C GLY A 605 39.53 -28.76 -84.82
N ARG A 606 39.78 -27.68 -85.54
CA ARG A 606 40.47 -26.54 -84.96
C ARG A 606 39.56 -25.80 -84.00
N ASN A 607 40.02 -25.63 -82.76
CA ASN A 607 39.29 -24.91 -81.74
C ASN A 607 40.29 -24.18 -80.87
N HIS A 608 40.24 -22.84 -80.89
CA HIS A 608 41.24 -22.05 -80.18
C HIS A 608 41.12 -22.19 -78.67
N LYS A 609 40.00 -22.68 -78.16
CA LYS A 609 39.88 -22.94 -76.73
C LYS A 609 40.79 -24.06 -76.28
N VAL A 610 40.98 -25.09 -77.10
CA VAL A 610 41.94 -26.13 -76.78
C VAL A 610 43.35 -25.55 -76.73
N LEU A 611 43.68 -24.65 -77.66
CA LEU A 611 44.97 -23.98 -77.62
C LEU A 611 45.13 -23.15 -76.36
N ASP A 612 44.06 -22.48 -75.93
CA ASP A 612 44.12 -21.71 -74.69
C ASP A 612 44.37 -22.61 -73.49
N VAL A 613 43.70 -23.77 -73.45
CA VAL A 613 43.91 -24.71 -72.36
C VAL A 613 45.35 -25.20 -72.36
N LEU A 614 45.89 -25.52 -73.54
CA LEU A 614 47.27 -25.94 -73.65
C LEU A 614 48.25 -24.85 -73.23
N CYS A 615 47.97 -23.60 -73.55
CA CYS A 615 48.79 -22.49 -73.08
C CYS A 615 48.77 -22.37 -71.57
N SER A 616 47.59 -22.47 -70.96
CA SER A 616 47.50 -22.46 -69.50
C SER A 616 48.21 -23.66 -68.88
N LEU A 617 48.32 -24.77 -69.60
CA LEU A 617 49.05 -25.92 -69.09
C LEU A 617 50.53 -25.64 -68.92
N CYS A 618 51.08 -24.68 -69.68
CA CYS A 618 52.51 -24.44 -69.68
C CYS A 618 52.93 -23.56 -68.50
N VAL A 619 52.37 -22.36 -68.42
CA VAL A 619 52.78 -21.37 -67.42
C VAL A 619 51.56 -21.00 -66.59
N CYS A 620 51.72 -21.04 -65.26
CA CYS A 620 50.68 -20.63 -64.33
C CYS A 620 51.28 -19.66 -63.31
N HIS A 621 50.73 -18.45 -63.26
CA HIS A 621 51.13 -17.44 -62.29
C HIS A 621 52.62 -17.12 -62.40
N GLY A 622 53.15 -17.16 -63.61
CA GLY A 622 54.53 -16.84 -63.88
C GLY A 622 55.49 -17.99 -63.70
N VAL A 623 55.00 -19.15 -63.29
CA VAL A 623 55.86 -20.32 -63.13
C VAL A 623 55.62 -21.27 -64.30
N ALA A 624 56.70 -21.71 -64.93
CA ALA A 624 56.64 -22.54 -66.12
C ALA A 624 56.84 -24.00 -65.73
N VAL A 625 55.99 -24.87 -66.28
CA VAL A 625 56.08 -26.30 -66.04
C VAL A 625 56.80 -26.90 -67.24
N ARG A 626 58.09 -27.21 -67.05
CA ARG A 626 58.91 -27.64 -68.17
C ARG A 626 58.49 -29.00 -68.70
N SER A 627 58.03 -29.89 -67.82
CA SER A 627 57.54 -31.18 -68.28
C SER A 627 56.34 -31.02 -69.19
N ASN A 628 55.39 -30.16 -68.80
CA ASN A 628 54.23 -29.91 -69.67
C ASN A 628 54.66 -29.28 -70.98
N GLN A 629 55.60 -28.32 -70.93
CA GLN A 629 56.07 -27.70 -72.15
C GLN A 629 56.67 -28.73 -73.09
N HIS A 630 57.53 -29.60 -72.58
CA HIS A 630 58.16 -30.62 -73.40
C HIS A 630 57.14 -31.58 -73.97
N LEU A 631 56.19 -32.03 -73.14
CA LEU A 631 55.18 -32.97 -73.64
C LEU A 631 54.33 -32.34 -74.73
N ILE A 632 53.87 -31.11 -74.54
CA ILE A 632 53.06 -30.45 -75.55
C ILE A 632 53.84 -30.30 -76.84
N CYS A 633 55.09 -29.84 -76.75
CA CYS A 633 55.90 -29.70 -77.96
C CYS A 633 56.06 -31.02 -78.68
N ASP A 634 56.56 -32.04 -77.98
CA ASP A 634 56.87 -33.32 -78.61
C ASP A 634 55.65 -34.09 -79.07
N ASN A 635 54.47 -33.79 -78.54
CA ASN A 635 53.27 -34.50 -78.96
C ASN A 635 52.45 -33.75 -80.00
N LEU A 636 52.65 -32.45 -80.13
CA LEU A 636 51.85 -31.69 -81.09
C LEU A 636 52.66 -31.20 -82.29
N LEU A 637 53.82 -30.58 -82.06
CA LEU A 637 54.55 -29.93 -83.14
C LEU A 637 55.04 -30.85 -84.25
N PRO A 638 55.69 -31.99 -83.95
CA PRO A 638 56.35 -32.74 -85.03
C PRO A 638 55.40 -33.27 -86.09
N GLY A 639 54.12 -33.45 -85.77
CA GLY A 639 53.19 -34.00 -86.74
C GLY A 639 53.01 -33.10 -87.95
N ARG A 640 52.94 -31.79 -87.73
CA ARG A 640 52.67 -30.82 -88.79
C ARG A 640 51.40 -31.18 -89.56
N ASP A 641 50.38 -31.61 -88.82
CA ASP A 641 49.11 -32.00 -89.43
C ASP A 641 47.90 -31.30 -88.83
N LEU A 642 48.03 -30.62 -87.69
CA LEU A 642 46.89 -29.93 -87.08
C LEU A 642 47.05 -28.42 -87.16
N LEU A 643 48.15 -27.87 -86.68
CA LEU A 643 48.36 -26.43 -86.77
C LEU A 643 48.68 -26.01 -88.20
N LEU A 644 48.26 -24.80 -88.54
CA LEU A 644 48.56 -24.27 -89.86
C LEU A 644 50.05 -24.03 -90.01
N GLN A 645 50.57 -24.31 -91.19
CA GLN A 645 52.00 -24.22 -91.48
C GLN A 645 52.29 -23.01 -92.35
N THR A 646 53.40 -22.34 -92.05
CA THR A 646 53.78 -21.13 -92.74
C THR A 646 55.14 -21.29 -93.40
N ARG A 647 55.31 -20.66 -94.55
CA ARG A 647 56.54 -20.76 -95.31
C ARG A 647 56.59 -19.63 -96.33
N LEU A 648 57.80 -19.16 -96.62
CA LEU A 648 58.01 -18.14 -97.65
C LEU A 648 58.19 -18.81 -99.00
N VAL A 649 57.44 -18.34 -99.99
CA VAL A 649 57.48 -18.88 -101.34
C VAL A 649 57.81 -17.74 -102.30
N ASN A 650 58.77 -17.98 -103.19
CA ASN A 650 59.10 -16.99 -104.20
C ASN A 650 57.94 -16.82 -105.18
N HIS A 651 57.69 -15.58 -105.58
CA HIS A 651 56.68 -15.32 -106.58
C HIS A 651 57.11 -15.90 -107.92
N VAL A 652 56.16 -16.49 -108.63
CA VAL A 652 56.43 -17.13 -109.91
C VAL A 652 55.50 -16.53 -110.96
N SER A 653 56.07 -16.09 -112.08
CA SER A 653 55.31 -15.53 -113.18
C SER A 653 55.49 -16.40 -114.42
N SER A 654 54.57 -16.24 -115.37
CA SER A 654 54.58 -17.02 -116.60
C SER A 654 54.37 -16.10 -117.79
N MET A 655 55.11 -16.36 -118.87
CA MET A 655 54.99 -15.58 -120.10
C MET A 655 54.80 -16.54 -121.27
N ARG A 656 53.93 -16.15 -122.20
CA ARG A 656 53.55 -16.98 -123.32
C ARG A 656 53.50 -16.16 -124.60
N PRO A 657 53.74 -16.80 -125.75
CA PRO A 657 53.55 -16.11 -127.03
C PRO A 657 52.07 -15.94 -127.35
N ASN A 658 51.82 -15.27 -128.47
CA ASN A 658 50.45 -15.01 -128.91
C ASN A 658 49.77 -16.25 -129.48
N ILE A 659 50.53 -17.22 -129.99
CA ILE A 659 49.94 -18.29 -130.77
C ILE A 659 49.04 -19.15 -129.91
N PHE A 660 48.02 -19.75 -130.53
CA PHE A 660 47.12 -20.68 -129.88
C PHE A 660 47.02 -21.91 -130.78
N LEU A 661 47.54 -23.03 -130.31
CA LEU A 661 47.57 -24.26 -131.10
C LEU A 661 46.50 -25.21 -130.58
N GLY A 662 45.64 -25.68 -131.47
CA GLY A 662 44.59 -26.61 -131.12
C GLY A 662 44.38 -27.63 -132.23
N VAL A 663 43.71 -28.71 -131.86
CA VAL A 663 43.40 -29.80 -132.78
C VAL A 663 41.91 -30.07 -132.72
N SER A 664 41.28 -30.21 -133.87
CA SER A 664 39.86 -30.52 -133.97
C SER A 664 39.59 -31.18 -135.30
N GLU A 665 38.52 -31.97 -135.35
CA GLU A 665 38.18 -32.66 -136.59
C GLU A 665 37.71 -31.66 -137.63
N GLY A 666 38.22 -31.81 -138.85
CA GLY A 666 37.88 -30.89 -139.92
C GLY A 666 38.34 -29.47 -139.68
N SER A 667 39.55 -29.30 -139.15
CA SER A 667 40.11 -27.99 -138.89
C SER A 667 41.46 -27.86 -139.58
N ALA A 668 41.75 -26.67 -140.06
CA ALA A 668 42.98 -26.41 -140.81
C ALA A 668 44.09 -25.91 -139.88
N GLN A 669 44.44 -26.76 -138.92
CA GLN A 669 45.53 -26.47 -137.99
C GLN A 669 46.52 -27.63 -137.97
N TYR A 670 47.79 -27.30 -138.12
CA TYR A 670 48.83 -28.31 -138.18
C TYR A 670 49.10 -28.89 -136.80
N LYS A 671 49.26 -30.21 -136.73
CA LYS A 671 49.28 -30.90 -135.45
C LYS A 671 50.67 -30.99 -134.82
N LYS A 672 51.72 -30.60 -135.52
CA LYS A 672 53.08 -30.68 -135.00
C LYS A 672 53.68 -29.28 -134.91
N TRP A 673 54.30 -28.99 -133.77
CA TRP A 673 54.86 -27.67 -133.52
C TRP A 673 56.17 -27.82 -132.76
N TYR A 674 57.01 -26.79 -132.86
CA TYR A 674 58.36 -26.86 -132.33
C TYR A 674 58.87 -25.45 -132.04
N TYR A 675 59.51 -25.28 -130.89
CA TYR A 675 60.14 -24.01 -130.53
C TYR A 675 61.27 -24.29 -129.56
N GLU A 676 62.11 -23.28 -129.35
CA GLU A 676 63.29 -23.43 -128.52
C GLU A 676 63.38 -22.27 -127.53
N LEU A 677 63.98 -22.56 -126.38
CA LEU A 677 64.25 -21.57 -125.35
C LEU A 677 65.68 -21.76 -124.87
N MET A 678 66.46 -20.69 -124.84
CA MET A 678 67.83 -20.74 -124.36
C MET A 678 67.99 -19.77 -123.20
N VAL A 679 68.71 -20.19 -122.18
CA VAL A 679 68.88 -19.42 -120.95
C VAL A 679 70.17 -18.63 -121.07
N ASP A 680 70.05 -17.30 -121.16
CA ASP A 680 71.24 -16.45 -121.21
C ASP A 680 71.91 -16.39 -119.84
N HIS A 681 71.12 -16.32 -118.77
CA HIS A 681 71.66 -16.24 -117.43
C HIS A 681 70.61 -16.70 -116.43
N THR A 682 71.07 -17.36 -115.37
CA THR A 682 70.18 -17.83 -114.31
C THR A 682 70.97 -17.94 -113.02
N GLU A 683 70.48 -17.29 -111.97
CA GLU A 683 71.13 -17.38 -110.67
C GLU A 683 70.45 -18.46 -109.83
N PRO A 684 71.17 -19.51 -109.44
CA PRO A 684 70.51 -20.63 -108.73
C PRO A 684 69.84 -20.22 -107.43
N PHE A 685 70.42 -19.27 -106.71
CA PHE A 685 69.93 -18.89 -105.38
C PHE A 685 69.96 -17.37 -105.26
N VAL A 686 68.86 -16.72 -105.62
CA VAL A 686 68.73 -15.28 -105.37
C VAL A 686 68.20 -15.01 -103.97
N THR A 687 67.52 -15.98 -103.37
CA THR A 687 67.03 -15.87 -102.00
C THR A 687 67.34 -17.19 -101.30
N ALA A 688 66.74 -17.38 -100.13
CA ALA A 688 66.95 -18.63 -99.40
C ALA A 688 66.36 -19.82 -100.14
N GLU A 689 65.39 -19.61 -101.01
CA GLU A 689 64.77 -20.67 -101.78
C GLU A 689 65.35 -20.75 -103.18
N ALA A 690 65.20 -21.92 -103.79
CA ALA A 690 65.78 -22.14 -105.11
C ALA A 690 65.05 -21.35 -106.18
N THR A 691 65.80 -20.90 -107.16
CA THR A 691 65.21 -20.20 -108.30
C THR A 691 64.37 -21.18 -109.12
N HIS A 692 63.19 -20.71 -109.54
CA HIS A 692 62.24 -21.52 -110.29
C HIS A 692 62.38 -21.18 -111.76
N LEU A 693 62.51 -22.20 -112.60
CA LEU A 693 62.60 -22.02 -114.04
C LEU A 693 62.14 -23.29 -114.72
N ARG A 694 60.96 -23.25 -115.33
CA ARG A 694 60.38 -24.39 -116.02
C ARG A 694 59.88 -23.97 -117.39
N VAL A 695 60.02 -24.86 -118.36
CA VAL A 695 59.60 -24.60 -119.73
C VAL A 695 58.78 -25.79 -120.22
N GLY A 696 57.86 -25.52 -121.12
CA GLY A 696 57.03 -26.56 -121.69
C GLY A 696 55.79 -25.96 -122.33
N TRP A 697 54.77 -26.80 -122.45
CA TRP A 697 53.51 -26.43 -123.06
C TRP A 697 52.40 -26.40 -122.02
N ALA A 698 51.46 -25.50 -122.23
CA ALA A 698 50.26 -25.41 -121.39
C ALA A 698 49.04 -25.23 -122.29
N SER A 699 47.90 -25.69 -121.80
CA SER A 699 46.66 -25.64 -122.54
C SER A 699 45.66 -24.73 -121.84
N THR A 700 44.55 -24.49 -122.51
CA THR A 700 43.47 -23.66 -122.00
C THR A 700 42.23 -24.52 -121.77
N GLU A 701 41.38 -24.07 -120.85
CA GLU A 701 40.13 -24.74 -120.56
C GLU A 701 39.10 -24.34 -121.61
N GLY A 702 38.63 -25.33 -122.37
CA GLY A 702 37.69 -25.03 -123.44
C GLY A 702 38.36 -24.21 -124.52
N TYR A 703 37.64 -23.21 -125.02
CA TYR A 703 38.18 -22.34 -126.05
C TYR A 703 38.46 -20.92 -125.57
N SER A 704 38.37 -20.67 -124.27
CA SER A 704 38.73 -19.36 -123.73
C SER A 704 40.22 -19.14 -123.86
N PRO A 705 40.66 -17.93 -124.23
CA PRO A 705 42.10 -17.66 -124.34
C PRO A 705 42.78 -17.63 -122.98
N TYR A 706 41.99 -17.66 -121.93
CA TYR A 706 42.49 -17.62 -120.57
C TYR A 706 43.09 -18.96 -120.19
N PRO A 707 44.35 -19.00 -119.73
CA PRO A 707 44.93 -20.26 -119.29
C PRO A 707 44.12 -20.87 -118.15
N GLY A 708 43.95 -22.19 -118.19
CA GLY A 708 43.04 -22.83 -117.27
C GLY A 708 43.71 -23.67 -116.20
N GLY A 709 43.00 -23.87 -115.09
CA GLY A 709 43.42 -24.80 -114.06
C GLY A 709 44.41 -24.27 -113.06
N GLY A 710 44.85 -23.03 -113.18
CA GLY A 710 45.86 -22.49 -112.30
C GLY A 710 45.46 -21.13 -111.76
N GLU A 711 46.12 -20.76 -110.66
CA GLU A 711 45.88 -19.46 -110.04
C GLU A 711 46.53 -18.36 -110.85
N GLU A 712 45.92 -17.17 -110.79
CA GLU A 712 46.45 -16.02 -111.50
C GLU A 712 47.81 -15.61 -110.96
N TRP A 713 47.96 -15.61 -109.63
CA TRP A 713 49.18 -15.23 -108.95
C TRP A 713 49.48 -16.21 -107.83
N GLY A 714 50.75 -16.31 -107.48
CA GLY A 714 51.19 -17.21 -106.44
C GLY A 714 52.55 -17.78 -106.81
N GLY A 715 52.86 -18.93 -106.21
CA GLY A 715 54.11 -19.60 -106.47
C GLY A 715 53.98 -20.75 -107.44
N ASN A 716 52.87 -20.79 -108.17
CA ASN A 716 52.60 -21.89 -109.09
C ASN A 716 53.13 -21.58 -110.48
N GLY A 717 53.65 -22.60 -111.16
CA GLY A 717 54.18 -22.42 -112.49
C GLY A 717 53.81 -23.54 -113.44
N VAL A 718 54.61 -23.72 -114.48
CA VAL A 718 54.37 -24.74 -115.49
C VAL A 718 54.49 -26.13 -114.87
N GLY A 719 53.37 -26.86 -114.80
CA GLY A 719 53.34 -28.23 -114.35
C GLY A 719 52.59 -28.43 -113.04
N ASP A 720 52.36 -27.34 -112.29
CA ASP A 720 51.69 -27.49 -111.01
C ASP A 720 50.25 -27.95 -111.18
N ASP A 721 49.57 -27.47 -112.20
CA ASP A 721 48.23 -27.95 -112.50
C ASP A 721 48.27 -29.04 -113.56
N LEU A 722 47.11 -29.63 -113.84
CA LEU A 722 46.99 -30.68 -114.83
C LEU A 722 46.74 -30.14 -116.22
N PHE A 723 46.76 -28.81 -116.39
CA PHE A 723 46.59 -28.18 -117.68
C PHE A 723 47.92 -27.75 -118.29
N SER A 724 49.03 -28.05 -117.63
CA SER A 724 50.33 -27.56 -118.07
C SER A 724 51.35 -28.68 -117.96
N TYR A 725 52.43 -28.58 -118.73
CA TYR A 725 53.41 -29.64 -118.85
C TYR A 725 54.80 -29.00 -118.91
N GLY A 726 55.68 -29.38 -117.98
CA GLY A 726 56.91 -28.64 -117.79
C GLY A 726 58.13 -29.54 -117.73
N PHE A 727 59.29 -28.89 -117.70
CA PHE A 727 60.58 -29.55 -117.67
C PHE A 727 61.60 -28.59 -117.08
N ASP A 728 62.21 -28.96 -115.96
CA ASP A 728 63.16 -28.10 -115.28
C ASP A 728 64.61 -28.53 -115.46
N GLY A 729 64.88 -29.49 -116.34
CA GLY A 729 66.22 -30.01 -116.57
C GLY A 729 66.49 -31.32 -115.87
N LEU A 730 65.70 -31.64 -114.86
CA LEU A 730 65.84 -32.90 -114.13
C LEU A 730 64.54 -33.67 -113.98
N HIS A 731 63.39 -33.01 -114.02
CA HIS A 731 62.12 -33.66 -113.77
C HIS A 731 61.11 -33.25 -114.84
N LEU A 732 60.13 -34.12 -115.05
CA LEU A 732 58.97 -33.80 -115.86
C LEU A 732 57.82 -33.44 -114.95
N TRP A 733 57.29 -32.23 -115.11
CA TRP A 733 56.33 -31.67 -114.16
C TRP A 733 54.94 -31.69 -114.77
N SER A 734 53.99 -32.25 -114.02
CA SER A 734 52.60 -32.27 -114.45
C SER A 734 51.73 -32.57 -113.24
N GLY A 735 50.77 -31.70 -112.98
CA GLY A 735 49.88 -31.90 -111.86
C GLY A 735 50.51 -31.73 -110.50
N CYS A 736 51.63 -31.00 -110.43
CA CYS A 736 52.38 -30.70 -109.22
C CYS A 736 53.15 -31.92 -108.70
N ILE A 737 53.21 -33.00 -109.47
CA ILE A 737 54.06 -34.14 -109.16
C ILE A 737 55.18 -34.19 -110.17
N ALA A 738 56.41 -34.29 -109.67
CA ALA A 738 57.60 -34.30 -110.52
C ALA A 738 58.21 -35.70 -110.52
N ARG A 739 58.59 -36.17 -111.70
CA ARG A 739 59.28 -37.45 -111.85
C ARG A 739 60.61 -37.23 -112.57
N THR A 740 61.65 -37.81 -111.99
CA THR A 740 63.01 -37.67 -112.53
C THR A 740 63.11 -38.37 -113.87
N VAL A 741 63.67 -37.67 -114.85
CA VAL A 741 63.83 -38.19 -116.20
C VAL A 741 65.31 -38.21 -116.54
N SER A 742 65.76 -39.28 -117.17
CA SER A 742 67.17 -39.43 -117.50
C SER A 742 67.55 -38.52 -118.66
N SER A 743 68.83 -38.16 -118.71
CA SER A 743 69.38 -37.32 -119.77
C SER A 743 70.89 -37.35 -119.67
N PRO A 744 71.61 -37.24 -120.78
CA PRO A 744 73.06 -37.18 -120.71
C PRO A 744 73.52 -35.95 -119.95
N ASN A 745 74.34 -36.17 -118.93
CA ASN A 745 74.86 -35.09 -118.09
C ASN A 745 73.71 -34.30 -117.47
N GLN A 746 72.93 -35.00 -116.63
CA GLN A 746 71.81 -34.38 -115.95
C GLN A 746 72.25 -33.16 -115.15
N HIS A 747 71.51 -32.07 -115.29
CA HIS A 747 71.76 -30.88 -114.48
C HIS A 747 70.53 -29.99 -114.53
N LEU A 748 70.34 -29.19 -113.48
CA LEU A 748 69.34 -28.16 -113.50
C LEU A 748 69.68 -27.13 -114.57
N LEU A 749 68.66 -26.43 -115.05
CA LEU A 749 68.84 -25.50 -116.16
C LEU A 749 69.86 -24.42 -115.81
N ARG A 750 70.98 -24.43 -116.51
CA ARG A 750 72.10 -23.53 -116.25
C ARG A 750 72.14 -22.43 -117.31
N THR A 751 73.16 -21.60 -117.21
CA THR A 751 73.43 -20.61 -118.24
C THR A 751 73.86 -21.30 -119.53
N ASP A 752 73.38 -20.77 -120.66
CA ASP A 752 73.72 -21.27 -121.98
C ASP A 752 73.24 -22.71 -122.18
N ASP A 753 71.97 -22.93 -121.87
CA ASP A 753 71.31 -24.20 -122.12
C ASP A 753 70.18 -23.97 -123.11
N VAL A 754 70.20 -24.73 -124.21
CA VAL A 754 69.19 -24.61 -125.25
C VAL A 754 68.20 -25.75 -125.07
N ILE A 755 66.93 -25.40 -124.93
CA ILE A 755 65.86 -26.36 -124.69
C ILE A 755 64.94 -26.34 -125.90
N SER A 756 64.70 -27.51 -126.48
CA SER A 756 63.81 -27.63 -127.62
C SER A 756 62.58 -28.42 -127.21
N CYS A 757 61.41 -27.83 -127.38
CA CYS A 757 60.15 -28.42 -126.99
C CYS A 757 59.38 -28.85 -128.23
N CYS A 758 58.87 -30.07 -128.21
CA CYS A 758 58.13 -30.63 -129.34
C CYS A 758 56.74 -31.02 -128.88
N LEU A 759 55.73 -30.59 -129.64
CA LEU A 759 54.34 -30.92 -129.35
C LEU A 759 53.72 -31.57 -130.57
N ASP A 760 53.18 -32.77 -130.40
CA ASP A 760 52.51 -33.49 -131.47
C ASP A 760 51.07 -33.75 -131.06
N LEU A 761 50.14 -33.17 -131.81
CA LEU A 761 48.73 -33.28 -131.46
C LEU A 761 48.02 -34.41 -132.16
N SER A 762 48.60 -34.98 -133.22
CA SER A 762 47.98 -36.11 -133.88
C SER A 762 47.86 -37.29 -132.92
N ALA A 763 48.94 -37.63 -132.24
CA ALA A 763 48.92 -38.52 -131.10
C ALA A 763 49.47 -37.74 -129.92
N PRO A 764 48.69 -37.51 -128.87
CA PRO A 764 49.13 -36.62 -127.78
C PRO A 764 50.51 -37.00 -127.25
N SER A 765 51.48 -36.12 -127.46
CA SER A 765 52.85 -36.43 -127.08
C SER A 765 53.63 -35.14 -126.99
N ILE A 766 54.23 -34.87 -125.83
CA ILE A 766 55.10 -33.72 -125.63
C ILE A 766 56.48 -34.27 -125.27
N SER A 767 57.48 -33.89 -126.06
CA SER A 767 58.83 -34.39 -125.88
C SER A 767 59.80 -33.23 -125.83
N PHE A 768 60.93 -33.44 -125.15
CA PHE A 768 61.94 -32.41 -124.96
C PHE A 768 63.30 -32.92 -125.41
N ARG A 769 64.16 -31.98 -125.78
CA ARG A 769 65.55 -32.28 -126.11
C ARG A 769 66.41 -31.17 -125.52
N ILE A 770 67.33 -31.53 -124.64
CA ILE A 770 68.22 -30.58 -123.99
C ILE A 770 69.54 -30.56 -124.74
N ASN A 771 69.96 -29.36 -125.17
CA ASN A 771 71.23 -29.14 -125.85
C ASN A 771 71.41 -30.07 -127.06
N GLY A 772 70.30 -30.47 -127.67
CA GLY A 772 70.34 -31.37 -128.81
C GLY A 772 70.23 -32.84 -128.47
N GLN A 773 70.48 -33.22 -127.23
CA GLN A 773 70.30 -34.63 -126.93
C GLN A 773 68.88 -34.90 -126.47
N PRO A 774 68.32 -36.06 -126.86
CA PRO A 774 66.95 -36.36 -126.47
C PRO A 774 66.83 -36.59 -124.97
N VAL A 775 65.67 -36.27 -124.43
CA VAL A 775 65.34 -36.52 -123.03
C VAL A 775 64.47 -37.75 -122.96
N GLN A 776 64.94 -38.77 -122.23
CA GLN A 776 64.28 -40.08 -122.22
C GLN A 776 63.01 -40.05 -121.38
N GLY A 777 62.03 -39.30 -121.86
CA GLY A 777 60.74 -39.20 -121.22
C GLY A 777 59.81 -38.27 -121.97
N MET A 778 58.50 -38.53 -121.92
CA MET A 778 57.54 -37.71 -122.63
C MET A 778 56.18 -37.80 -121.96
N PHE A 779 55.38 -36.75 -122.17
CA PHE A 779 53.99 -36.74 -121.75
C PHE A 779 53.14 -37.30 -122.87
N GLU A 780 52.16 -38.13 -122.52
CA GLU A 780 51.35 -38.78 -123.53
C GLU A 780 49.90 -38.83 -123.10
N ASN A 781 49.01 -38.89 -124.09
CA ASN A 781 47.60 -39.14 -123.87
C ASN A 781 46.97 -38.15 -122.91
N PHE A 782 47.15 -36.87 -123.19
CA PHE A 782 46.52 -35.83 -122.39
C PHE A 782 45.27 -35.32 -123.08
N ASN A 783 44.56 -34.42 -122.42
CA ASN A 783 43.34 -33.86 -122.98
C ASN A 783 43.68 -32.90 -124.12
N ILE A 784 42.97 -33.03 -125.23
CA ILE A 784 43.23 -32.24 -126.42
C ILE A 784 42.05 -31.36 -126.79
N ASP A 785 41.07 -31.21 -125.90
CA ASP A 785 39.91 -30.38 -126.16
C ASP A 785 40.16 -28.95 -125.67
N GLY A 786 41.21 -28.36 -126.21
CA GLY A 786 41.59 -27.01 -125.83
C GLY A 786 42.68 -26.50 -126.74
N LEU A 787 43.15 -25.30 -126.44
CA LEU A 787 44.19 -24.64 -127.21
C LEU A 787 45.49 -24.65 -126.43
N PHE A 788 46.56 -25.09 -127.09
CA PHE A 788 47.88 -25.17 -126.48
C PHE A 788 48.74 -24.00 -126.90
N PHE A 789 49.67 -23.63 -126.03
CA PHE A 789 50.58 -22.52 -126.31
C PHE A 789 51.88 -22.75 -125.56
N PRO A 790 52.99 -22.26 -126.08
CA PRO A 790 54.25 -22.31 -125.33
C PRO A 790 54.16 -21.45 -124.08
N VAL A 791 54.92 -21.84 -123.06
CA VAL A 791 54.89 -21.13 -121.78
C VAL A 791 56.20 -21.40 -121.05
N VAL A 792 56.68 -20.39 -120.33
CA VAL A 792 57.80 -20.52 -119.42
C VAL A 792 57.39 -19.91 -118.08
N SER A 793 57.69 -20.61 -117.00
CA SER A 793 57.44 -20.12 -115.65
C SER A 793 58.77 -19.86 -114.98
N PHE A 794 58.85 -18.79 -114.19
CA PHE A 794 60.12 -18.40 -113.63
C PHE A 794 59.89 -17.57 -112.37
N SER A 795 60.95 -17.47 -111.58
CA SER A 795 61.05 -16.54 -110.47
C SER A 795 62.18 -15.56 -110.78
N ALA A 796 62.52 -14.73 -109.79
CA ALA A 796 63.54 -13.72 -110.00
C ALA A 796 64.90 -14.36 -110.26
N GLY A 797 65.67 -13.73 -111.13
CA GLY A 797 67.02 -14.18 -111.43
C GLY A 797 67.17 -15.00 -112.69
N ILE A 798 66.50 -14.63 -113.78
CA ILE A 798 66.61 -15.36 -115.03
C ILE A 798 66.90 -14.38 -116.16
N LYS A 799 67.34 -14.93 -117.28
CA LYS A 799 67.44 -14.20 -118.55
C LYS A 799 67.29 -15.22 -119.66
N VAL A 800 66.10 -15.33 -120.21
CA VAL A 800 65.79 -16.36 -121.20
C VAL A 800 65.28 -15.69 -122.47
N ARG A 801 65.38 -16.42 -123.57
CA ARG A 801 65.01 -15.91 -124.89
C ARG A 801 64.27 -16.99 -125.67
N PHE A 802 63.07 -16.65 -126.15
CA PHE A 802 62.30 -17.54 -127.02
C PHE A 802 62.93 -17.53 -128.40
N LEU A 803 63.22 -18.72 -128.91
CA LEU A 803 63.60 -18.89 -130.31
C LEU A 803 62.39 -19.49 -131.01
N LEU A 804 61.54 -18.63 -131.57
CA LEU A 804 60.27 -19.06 -132.15
C LEU A 804 60.39 -19.41 -133.62
N GLY A 805 61.55 -19.23 -134.22
CA GLY A 805 61.73 -19.62 -135.61
C GLY A 805 61.44 -18.48 -136.57
N GLY A 806 62.00 -18.59 -137.76
CA GLY A 806 61.73 -17.61 -138.79
C GLY A 806 62.35 -16.27 -138.48
N ARG A 807 61.58 -15.21 -138.71
CA ARG A 807 62.08 -13.86 -138.46
C ARG A 807 62.19 -13.58 -136.97
N HIS A 808 61.33 -14.17 -136.15
CA HIS A 808 61.34 -13.88 -134.72
C HIS A 808 62.58 -14.45 -134.06
N GLY A 809 62.98 -15.66 -134.41
CA GLY A 809 64.16 -16.26 -133.85
C GLY A 809 64.75 -17.27 -134.80
N GLU A 810 65.96 -17.72 -134.49
CA GLU A 810 66.65 -18.72 -135.28
C GLU A 810 66.88 -19.97 -134.44
N PHE A 811 66.58 -21.13 -135.01
CA PHE A 811 66.74 -22.38 -134.27
C PHE A 811 68.20 -22.78 -134.24
N LYS A 812 68.71 -23.09 -133.06
CA LYS A 812 70.07 -23.57 -132.94
C LYS A 812 70.20 -25.01 -133.42
N PHE A 813 69.13 -25.79 -133.29
CA PHE A 813 69.09 -27.14 -133.78
C PHE A 813 67.96 -27.30 -134.78
N LEU A 814 68.18 -28.17 -135.75
CA LEU A 814 67.18 -28.41 -136.78
C LEU A 814 65.95 -29.07 -136.16
N PRO A 815 64.75 -28.59 -136.48
CA PRO A 815 63.53 -29.21 -135.95
C PRO A 815 63.41 -30.64 -136.41
N PRO A 816 62.80 -31.50 -135.61
CA PRO A 816 62.57 -32.87 -136.05
C PRO A 816 61.65 -32.89 -137.25
N PRO A 817 61.76 -33.91 -138.11
CA PRO A 817 60.97 -33.93 -139.34
C PRO A 817 59.48 -33.84 -139.05
N GLY A 818 58.78 -33.10 -139.89
CA GLY A 818 57.35 -32.92 -139.72
C GLY A 818 56.98 -31.72 -138.88
N TYR A 819 57.70 -31.51 -137.79
CA TYR A 819 57.39 -30.42 -136.88
C TYR A 819 57.61 -29.07 -137.56
N ALA A 820 56.69 -28.15 -137.31
CA ALA A 820 56.74 -26.83 -137.91
C ALA A 820 57.08 -25.78 -136.86
N PRO A 821 57.80 -24.72 -137.24
CA PRO A 821 58.12 -23.67 -136.27
C PRO A 821 56.85 -22.99 -135.78
N CYS A 822 56.90 -22.52 -134.53
CA CYS A 822 55.71 -21.97 -133.90
C CYS A 822 55.26 -20.65 -134.47
N TYR A 823 56.14 -19.90 -135.15
CA TYR A 823 55.71 -18.63 -135.70
C TYR A 823 54.71 -18.79 -136.83
N GLU A 824 54.68 -19.95 -137.46
CA GLU A 824 53.81 -20.22 -138.60
C GLU A 824 52.34 -20.31 -138.21
N ALA A 825 52.03 -20.27 -136.91
CA ALA A 825 50.65 -20.33 -136.45
C ALA A 825 50.05 -18.97 -136.14
N VAL A 826 50.80 -17.89 -136.33
CA VAL A 826 50.25 -16.56 -136.10
C VAL A 826 49.19 -16.27 -137.15
N LEU A 827 48.06 -15.73 -136.71
CA LEU A 827 47.02 -15.35 -137.64
C LEU A 827 47.53 -14.25 -138.57
N PRO A 828 47.10 -14.25 -139.83
CA PRO A 828 47.73 -13.37 -140.83
C PRO A 828 47.54 -11.89 -140.60
N LYS A 829 46.86 -11.47 -139.53
CA LYS A 829 46.60 -10.06 -139.29
C LYS A 829 47.29 -9.50 -138.06
N GLU A 830 47.53 -10.32 -137.05
CA GLU A 830 48.14 -9.85 -135.81
C GLU A 830 49.65 -10.01 -135.88
N LYS A 831 50.32 -9.60 -134.80
CA LYS A 831 51.76 -9.68 -134.68
C LYS A 831 52.12 -10.57 -133.50
N LEU A 832 53.11 -11.44 -133.71
CA LEU A 832 53.56 -12.31 -132.63
C LEU A 832 54.29 -11.49 -131.58
N LYS A 833 53.92 -11.67 -130.32
CA LYS A 833 54.60 -11.02 -129.21
C LYS A 833 54.49 -11.89 -127.98
N VAL A 834 55.42 -11.69 -127.05
CA VAL A 834 55.46 -12.44 -125.80
C VAL A 834 54.96 -11.53 -124.69
N GLU A 835 53.85 -11.92 -124.07
CA GLU A 835 53.24 -11.13 -123.01
C GLU A 835 52.97 -12.04 -121.81
N HIS A 836 52.43 -11.43 -120.74
CA HIS A 836 52.12 -12.19 -119.55
C HIS A 836 51.00 -13.17 -119.81
N SER A 837 51.13 -14.38 -119.25
CA SER A 837 50.06 -15.36 -119.37
C SER A 837 48.80 -14.87 -118.66
N ARG A 838 48.94 -14.25 -117.50
CA ARG A 838 47.81 -13.73 -116.76
C ARG A 838 47.57 -12.26 -117.11
N GLU A 839 46.38 -11.78 -116.77
CA GLU A 839 45.95 -10.47 -117.23
C GLU A 839 46.65 -9.34 -116.48
N TYR A 840 46.85 -9.50 -115.17
CA TYR A 840 47.29 -8.41 -114.32
C TYR A 840 48.80 -8.45 -114.12
N LYS A 841 49.45 -7.30 -114.27
CA LYS A 841 50.89 -7.18 -114.14
C LYS A 841 51.24 -6.08 -113.15
N GLN A 842 52.51 -5.70 -113.08
CA GLN A 842 52.97 -4.65 -112.17
C GLN A 842 52.84 -3.30 -112.87
N GLU A 843 52.01 -2.42 -112.32
CA GLU A 843 51.80 -1.08 -112.85
C GLU A 843 51.11 -0.24 -111.78
N ARG A 844 50.96 1.05 -112.06
CA ARG A 844 50.31 1.94 -111.11
C ARG A 844 48.85 1.56 -110.91
N THR A 845 48.39 1.66 -109.66
CA THR A 845 47.09 1.10 -109.30
C THR A 845 45.95 1.80 -110.02
N TYR A 846 45.98 3.13 -110.09
CA TYR A 846 44.89 3.84 -110.74
C TYR A 846 44.94 3.70 -112.25
N THR A 847 46.09 3.33 -112.82
CA THR A 847 46.18 3.03 -114.24
C THR A 847 45.96 1.56 -114.53
N ARG A 848 45.82 0.73 -113.50
CA ARG A 848 45.57 -0.69 -113.71
C ARG A 848 44.26 -0.89 -114.46
N ASP A 849 44.31 -1.69 -115.51
CA ASP A 849 43.12 -2.01 -116.29
C ASP A 849 42.43 -3.21 -115.67
N LEU A 850 41.20 -3.02 -115.20
CA LEU A 850 40.41 -4.13 -114.69
C LEU A 850 39.67 -4.76 -115.86
N LEU A 851 39.78 -6.08 -115.98
CA LEU A 851 39.22 -6.81 -117.10
C LEU A 851 38.11 -7.74 -116.61
N GLY A 852 36.98 -7.71 -117.32
CA GLY A 852 35.90 -8.63 -117.05
C GLY A 852 36.12 -9.93 -117.80
N PRO A 853 35.11 -10.78 -117.84
CA PRO A 853 35.23 -12.03 -118.60
C PRO A 853 35.47 -11.76 -120.07
N THR A 854 36.26 -12.62 -120.69
CA THR A 854 36.60 -12.47 -122.09
C THR A 854 35.74 -13.39 -122.96
N VAL A 855 35.52 -12.97 -124.20
CA VAL A 855 34.73 -13.74 -125.14
C VAL A 855 35.50 -15.00 -125.53
N SER A 856 34.77 -16.08 -125.77
CA SER A 856 35.39 -17.34 -126.13
C SER A 856 36.12 -17.21 -127.46
N LEU A 857 37.31 -17.79 -127.53
CA LEU A 857 38.15 -17.71 -128.73
C LEU A 857 37.86 -18.89 -129.65
N THR A 858 36.62 -18.93 -130.16
CA THR A 858 36.20 -20.00 -131.05
C THR A 858 36.74 -19.84 -132.47
N GLN A 859 37.15 -18.63 -132.84
CA GLN A 859 37.65 -18.41 -134.20
C GLN A 859 39.08 -18.87 -134.37
N ALA A 860 39.74 -19.30 -133.29
CA ALA A 860 41.10 -19.80 -133.40
C ALA A 860 41.16 -21.04 -134.29
N ALA A 861 40.19 -21.94 -134.13
CA ALA A 861 40.11 -23.14 -134.95
C ALA A 861 39.13 -22.88 -136.09
N PHE A 862 39.65 -22.81 -137.30
CA PHE A 862 38.83 -22.52 -138.49
C PHE A 862 38.31 -23.84 -139.05
N THR A 863 37.05 -24.16 -138.71
CA THR A 863 36.37 -25.29 -139.30
C THR A 863 35.33 -24.76 -140.27
N PRO A 864 35.52 -24.93 -141.59
CA PRO A 864 34.55 -24.41 -142.55
C PRO A 864 33.23 -25.14 -142.43
N ILE A 865 32.19 -24.42 -142.00
CA ILE A 865 30.88 -24.99 -141.77
C ILE A 865 30.20 -25.17 -143.13
N PRO A 866 29.76 -26.37 -143.47
CA PRO A 866 29.06 -26.57 -144.73
C PRO A 866 27.64 -26.02 -144.70
N VAL A 867 27.24 -25.43 -145.82
CA VAL A 867 25.84 -25.06 -146.01
C VAL A 867 25.12 -26.21 -146.71
N ASP A 868 24.30 -26.94 -145.95
CA ASP A 868 23.69 -28.15 -146.46
C ASP A 868 22.75 -27.84 -147.62
N THR A 869 22.93 -28.58 -148.72
CA THR A 869 22.13 -28.37 -149.93
C THR A 869 21.73 -29.66 -150.63
N SER A 870 22.04 -30.83 -150.07
CA SER A 870 21.73 -32.08 -150.76
C SER A 870 20.23 -32.27 -150.92
N GLN A 871 19.45 -31.94 -149.89
CA GLN A 871 18.01 -32.18 -149.93
C GLN A 871 17.30 -31.19 -150.86
N ILE A 872 18.02 -30.17 -151.34
CA ILE A 872 17.40 -29.20 -152.23
C ILE A 872 17.02 -29.88 -153.54
N VAL A 873 15.78 -29.66 -153.97
CA VAL A 873 15.27 -30.19 -155.23
C VAL A 873 15.20 -29.05 -156.23
N LEU A 874 15.53 -29.35 -157.48
CA LEU A 874 15.65 -28.29 -158.47
C LEU A 874 14.33 -28.11 -159.22
N PRO A 875 13.77 -26.90 -159.24
CA PRO A 875 12.52 -26.67 -159.97
C PRO A 875 12.70 -26.88 -161.46
N PRO A 876 11.62 -27.22 -162.17
CA PRO A 876 11.75 -27.56 -163.60
C PRO A 876 12.37 -26.47 -164.46
N HIS A 877 12.06 -25.20 -164.21
CA HIS A 877 12.61 -24.14 -165.04
C HIS A 877 14.11 -23.95 -164.78
N LEU A 878 14.54 -24.05 -163.52
CA LEU A 878 15.97 -24.07 -163.25
C LEU A 878 16.63 -25.29 -163.89
N GLU A 879 15.93 -26.42 -163.92
CA GLU A 879 16.45 -27.60 -164.61
C GLU A 879 16.60 -27.34 -166.10
N ARG A 880 15.69 -26.56 -166.66
CA ARG A 880 15.78 -26.22 -168.08
C ARG A 880 16.95 -25.28 -168.34
N ILE A 881 17.23 -24.38 -167.39
CA ILE A 881 18.07 -23.22 -167.66
C ILE A 881 19.52 -23.44 -167.21
N ARG A 882 19.76 -24.34 -166.25
CA ARG A 882 21.07 -24.35 -165.60
C ARG A 882 22.17 -24.85 -166.52
N GLU A 883 21.86 -25.70 -167.50
CA GLU A 883 22.89 -26.11 -168.45
C GLU A 883 23.40 -24.92 -169.25
N LYS A 884 22.50 -24.12 -169.80
CA LYS A 884 22.93 -22.99 -170.61
C LYS A 884 23.58 -21.93 -169.75
N LEU A 885 23.13 -21.75 -168.51
CA LEU A 885 23.94 -20.98 -167.57
C LEU A 885 25.34 -21.54 -167.45
N ALA A 886 25.47 -22.86 -167.39
CA ALA A 886 26.80 -23.45 -167.20
C ALA A 886 27.74 -23.05 -168.32
N GLU A 887 27.35 -23.31 -169.58
CA GLU A 887 28.33 -23.02 -170.63
C GLU A 887 28.42 -21.52 -170.92
N ASN A 888 27.35 -20.77 -170.66
CA ASN A 888 27.42 -19.32 -170.87
C ASN A 888 28.39 -18.67 -169.89
N ILE A 889 28.33 -19.07 -168.62
CA ILE A 889 29.26 -18.52 -167.65
C ILE A 889 30.65 -19.09 -167.87
N HIS A 890 30.75 -20.29 -168.45
CA HIS A 890 32.08 -20.80 -168.82
C HIS A 890 32.72 -19.94 -169.91
N GLU A 891 31.94 -19.57 -170.93
CA GLU A 891 32.45 -18.67 -171.95
C GLU A 891 32.80 -17.30 -171.37
N LEU A 892 31.96 -16.78 -170.47
CA LEU A 892 32.31 -15.61 -169.67
C LEU A 892 33.61 -15.80 -168.90
N TRP A 893 33.82 -17.00 -168.39
CA TRP A 893 34.84 -17.27 -167.40
C TRP A 893 36.19 -17.27 -168.12
N VAL A 894 36.18 -17.86 -169.32
CA VAL A 894 37.36 -17.82 -170.19
C VAL A 894 37.55 -16.43 -170.77
N MET A 895 36.49 -15.63 -170.90
CA MET A 895 36.70 -14.21 -171.21
C MET A 895 37.44 -13.51 -170.08
N ASN A 896 37.16 -13.89 -168.83
CA ASN A 896 37.93 -13.37 -167.72
C ASN A 896 39.40 -13.76 -167.83
N LYS A 897 39.69 -15.01 -168.20
CA LYS A 897 41.10 -15.36 -168.36
C LYS A 897 41.71 -14.69 -169.59
N ILE A 898 40.90 -14.35 -170.59
CA ILE A 898 41.40 -13.54 -171.69
C ILE A 898 41.80 -12.16 -171.21
N GLU A 899 40.98 -11.55 -170.37
CA GLU A 899 41.35 -10.28 -169.75
C GLU A 899 42.64 -10.42 -168.96
N LEU A 900 42.80 -11.52 -168.25
CA LEU A 900 44.05 -11.83 -167.57
C LEU A 900 45.20 -12.10 -168.53
N GLY A 901 44.91 -12.38 -169.80
CA GLY A 901 45.92 -12.57 -170.81
C GLY A 901 46.23 -14.00 -171.20
N TRP A 902 45.50 -14.97 -170.66
CA TRP A 902 45.76 -16.37 -170.99
C TRP A 902 45.39 -16.66 -172.44
N GLN A 903 46.09 -17.62 -173.03
CA GLN A 903 45.80 -18.12 -174.37
C GLN A 903 45.67 -19.63 -174.31
N TYR A 904 44.98 -20.19 -175.31
CA TYR A 904 44.75 -21.63 -175.32
C TYR A 904 46.03 -22.36 -175.70
N GLY A 905 46.27 -23.47 -175.01
CA GLY A 905 47.41 -24.32 -175.31
C GLY A 905 47.24 -25.71 -174.74
N PRO A 906 47.89 -26.69 -175.37
CA PRO A 906 47.82 -28.06 -174.83
C PRO A 906 48.42 -28.19 -173.45
N VAL A 907 49.34 -27.29 -173.09
CA VAL A 907 50.00 -27.35 -171.79
C VAL A 907 49.10 -26.75 -170.72
N ARG A 908 49.34 -27.13 -169.47
CA ARG A 908 48.54 -26.69 -168.34
C ARG A 908 49.16 -25.52 -167.59
N ASP A 909 50.44 -25.24 -167.81
CA ASP A 909 51.14 -24.25 -166.98
C ASP A 909 50.71 -22.84 -167.32
N ASP A 910 50.19 -22.13 -166.32
CA ASP A 910 49.73 -20.77 -166.52
C ASP A 910 50.89 -19.78 -166.65
N ASN A 911 52.05 -20.13 -166.10
CA ASN A 911 53.19 -19.22 -166.15
C ASN A 911 53.63 -18.95 -167.59
N LYS A 912 53.49 -19.95 -168.46
CA LYS A 912 53.79 -19.74 -169.88
C LYS A 912 52.56 -19.24 -170.63
N ARG A 913 51.57 -18.72 -169.91
CA ARG A 913 50.47 -17.94 -170.49
C ARG A 913 49.46 -18.83 -171.22
N GLN A 914 49.68 -20.14 -171.20
CA GLN A 914 48.85 -21.08 -171.94
C GLN A 914 48.06 -21.96 -170.99
N HIS A 915 46.78 -22.17 -171.30
CA HIS A 915 45.91 -23.02 -170.50
C HIS A 915 44.77 -23.50 -171.38
N PRO A 916 44.45 -24.80 -171.35
CA PRO A 916 43.41 -25.33 -172.24
C PRO A 916 41.98 -25.11 -171.75
N CYS A 917 41.79 -24.43 -170.62
CA CYS A 917 40.45 -24.10 -170.16
C CYS A 917 39.75 -23.11 -171.07
N LEU A 918 40.49 -22.44 -171.94
CA LEU A 918 39.94 -21.45 -172.86
C LEU A 918 38.87 -22.01 -173.77
N VAL A 919 39.08 -23.19 -174.33
CA VAL A 919 38.23 -23.73 -175.40
C VAL A 919 36.87 -24.13 -174.83
N GLU A 920 35.93 -24.42 -175.72
CA GLU A 920 34.56 -24.73 -175.34
C GLU A 920 34.52 -25.95 -174.41
N PHE A 921 33.33 -26.15 -173.81
CA PHE A 921 33.16 -27.19 -172.80
C PHE A 921 33.43 -28.58 -173.38
N SER A 922 33.01 -28.81 -174.62
CA SER A 922 33.20 -30.13 -175.23
C SER A 922 34.68 -30.46 -175.40
N LYS A 923 35.47 -29.51 -175.89
CA LYS A 923 36.90 -29.75 -176.07
C LYS A 923 37.68 -29.42 -174.80
N LEU A 924 37.02 -28.83 -173.82
CA LEU A 924 37.59 -28.71 -172.49
C LEU A 924 37.81 -30.11 -171.91
N PRO A 925 38.86 -30.29 -171.11
CA PRO A 925 38.96 -31.49 -170.28
C PRO A 925 37.64 -31.74 -169.57
N GLU A 926 37.04 -32.92 -169.84
CA GLU A 926 35.66 -33.17 -169.41
C GLU A 926 35.55 -33.21 -167.89
N GLN A 927 36.66 -33.49 -167.20
CA GLN A 927 36.62 -33.40 -165.74
C GLN A 927 36.51 -31.95 -165.27
N GLU A 928 37.21 -31.02 -165.93
CA GLU A 928 36.95 -29.61 -165.65
C GLU A 928 35.54 -29.23 -166.07
N ARG A 929 35.02 -29.85 -167.14
CA ARG A 929 33.68 -29.54 -167.59
C ARG A 929 32.64 -29.90 -166.54
N ASN A 930 32.71 -31.14 -166.02
CA ASN A 930 31.72 -31.53 -165.01
C ASN A 930 31.97 -30.81 -163.70
N TYR A 931 33.23 -30.49 -163.39
CA TYR A 931 33.50 -29.63 -162.24
C TYR A 931 32.75 -28.32 -162.34
N ASN A 932 32.86 -27.65 -163.49
CA ASN A 932 32.16 -26.38 -163.69
C ASN A 932 30.65 -26.57 -163.65
N LEU A 933 30.16 -27.65 -164.26
CA LEU A 933 28.72 -27.89 -164.28
C LEU A 933 28.18 -28.07 -162.86
N GLN A 934 28.80 -28.97 -162.10
CA GLN A 934 28.30 -29.26 -160.76
C GLN A 934 28.53 -28.10 -159.81
N MET A 935 29.54 -27.26 -160.05
CA MET A 935 29.68 -26.08 -159.20
C MET A 935 28.60 -25.06 -159.54
N SER A 936 28.20 -24.99 -160.82
CA SER A 936 27.06 -24.15 -161.18
C SER A 936 25.79 -24.62 -160.47
N LEU A 937 25.53 -25.93 -160.53
CA LEU A 937 24.38 -26.49 -159.83
C LEU A 937 24.47 -26.25 -158.33
N GLU A 938 25.66 -26.40 -157.75
CA GLU A 938 25.83 -26.18 -156.32
C GLU A 938 25.56 -24.72 -155.96
N THR A 939 26.02 -23.79 -156.80
CA THR A 939 25.81 -22.38 -156.54
C THR A 939 24.32 -22.05 -156.58
N LEU A 940 23.62 -22.53 -157.60
CA LEU A 940 22.18 -22.22 -157.67
C LEU A 940 21.40 -22.93 -156.58
N LYS A 941 21.81 -24.13 -156.20
CA LYS A 941 21.15 -24.81 -155.09
C LYS A 941 21.41 -24.10 -153.77
N THR A 942 22.59 -23.50 -153.63
CA THR A 942 22.85 -22.67 -152.46
C THR A 942 21.96 -21.44 -152.46
N LEU A 943 21.78 -20.83 -153.63
CA LEU A 943 20.81 -19.74 -153.76
C LEU A 943 19.43 -20.18 -153.28
N LEU A 944 19.00 -21.37 -153.71
CA LEU A 944 17.71 -21.89 -153.29
C LEU A 944 17.67 -22.14 -151.79
N ALA A 945 18.74 -22.70 -151.23
CA ALA A 945 18.77 -23.11 -149.84
C ALA A 945 18.90 -21.94 -148.87
N LEU A 946 19.43 -20.82 -149.31
CA LEU A 946 19.55 -19.65 -148.45
C LEU A 946 18.26 -18.85 -148.37
N GLY A 947 17.13 -19.43 -148.80
CA GLY A 947 15.84 -18.79 -148.61
C GLY A 947 15.54 -17.70 -149.61
N CYS A 948 16.32 -17.60 -150.68
CA CYS A 948 16.11 -16.58 -151.70
C CYS A 948 15.32 -17.18 -152.85
N HIS A 949 14.04 -16.86 -152.93
CA HIS A 949 13.22 -17.35 -154.02
C HIS A 949 13.61 -16.66 -155.33
N VAL A 950 13.43 -17.39 -156.43
CA VAL A 950 13.71 -16.85 -157.76
C VAL A 950 12.54 -17.22 -158.67
N GLY A 951 12.13 -16.26 -159.50
CA GLY A 951 11.06 -16.48 -160.43
C GLY A 951 11.50 -16.22 -161.85
N ILE A 952 10.55 -16.35 -162.78
CA ILE A 952 10.80 -16.07 -164.18
C ILE A 952 10.19 -14.70 -164.49
N SER A 953 11.02 -13.78 -164.99
CA SER A 953 10.53 -12.45 -165.36
C SER A 953 9.50 -12.55 -166.49
N ASP A 954 9.93 -13.03 -167.66
CA ASP A 954 9.05 -13.16 -168.80
C ASP A 954 9.67 -14.13 -169.81
N GLU A 955 8.84 -14.60 -170.73
CA GLU A 955 9.33 -15.48 -171.79
C GLU A 955 10.25 -14.73 -172.74
N HIS A 956 10.13 -13.39 -172.77
CA HIS A 956 11.00 -12.60 -173.63
C HIS A 956 12.45 -12.73 -173.24
N ALA A 957 12.73 -12.88 -171.94
CA ALA A 957 14.10 -13.04 -171.46
C ALA A 957 14.77 -14.29 -172.00
N GLU A 958 14.01 -15.37 -172.20
CA GLU A 958 14.52 -16.56 -172.86
C GLU A 958 14.51 -16.46 -174.37
N ASP A 959 13.54 -15.74 -174.94
CA ASP A 959 13.48 -15.61 -176.39
C ASP A 959 14.66 -14.79 -176.92
N LYS A 960 15.04 -13.73 -176.22
CA LYS A 960 16.10 -12.84 -176.67
C LYS A 960 17.47 -13.44 -176.39
N VAL A 961 18.39 -13.26 -177.33
CA VAL A 961 19.74 -13.80 -177.25
C VAL A 961 20.74 -12.68 -177.47
N LYS A 962 20.38 -11.47 -177.02
CA LYS A 962 21.16 -10.27 -177.31
C LYS A 962 22.63 -10.45 -176.96
N LYS A 963 23.49 -9.83 -177.76
CA LYS A 963 24.91 -10.15 -177.79
C LYS A 963 25.72 -8.86 -177.94
N MET A 964 26.83 -8.75 -177.21
CA MET A 964 27.81 -7.72 -177.56
C MET A 964 28.73 -8.23 -178.66
N LYS A 965 29.07 -7.34 -179.59
CA LYS A 965 30.07 -7.66 -180.59
C LYS A 965 31.46 -7.59 -179.96
N LEU A 966 32.24 -8.65 -180.17
CA LEU A 966 33.59 -8.76 -179.63
C LEU A 966 34.51 -9.28 -180.73
N PRO A 967 35.66 -8.64 -180.96
CA PRO A 967 36.55 -9.08 -182.05
C PRO A 967 36.99 -10.52 -181.87
N LYS A 968 36.99 -11.26 -182.97
CA LYS A 968 37.28 -12.70 -182.91
C LYS A 968 38.72 -12.95 -182.47
N ASN A 969 39.66 -12.13 -182.93
CA ASN A 969 41.06 -12.31 -182.56
C ASN A 969 41.23 -12.18 -181.05
N TYR A 970 40.58 -11.18 -180.46
CA TYR A 970 40.62 -11.00 -179.01
C TYR A 970 39.79 -12.03 -178.27
N GLN A 971 38.81 -12.64 -178.92
CA GLN A 971 38.00 -13.67 -178.30
C GLN A 971 38.69 -15.03 -178.36
N LEU A 972 38.02 -16.05 -177.86
CA LEU A 972 38.59 -17.37 -177.74
C LEU A 972 38.54 -18.09 -179.08
N THR A 973 39.11 -19.30 -179.13
CA THR A 973 39.11 -20.08 -180.36
C THR A 973 37.75 -20.72 -180.63
N SER A 974 36.97 -20.99 -179.58
CA SER A 974 35.72 -21.71 -179.75
C SER A 974 34.70 -20.85 -180.52
N GLY A 975 33.88 -21.53 -181.32
CA GLY A 975 32.91 -20.82 -182.15
C GLY A 975 31.82 -20.14 -181.34
N TYR A 976 31.32 -20.80 -180.30
CA TYR A 976 30.23 -20.24 -179.51
C TYR A 976 30.69 -18.96 -178.81
N LYS A 977 30.14 -17.83 -179.27
CA LYS A 977 30.67 -16.53 -178.89
C LYS A 977 30.14 -16.14 -177.51
N PRO A 978 31.01 -15.76 -176.57
CA PRO A 978 30.64 -15.75 -175.14
C PRO A 978 29.60 -14.72 -174.70
N ALA A 979 29.82 -13.46 -175.05
CA ALA A 979 29.27 -12.33 -174.31
C ALA A 979 27.76 -12.44 -174.08
N PRO A 980 27.30 -12.27 -172.86
CA PRO A 980 25.87 -12.35 -172.57
C PRO A 980 25.22 -11.03 -172.87
N MET A 981 23.97 -10.87 -172.47
CA MET A 981 23.36 -9.55 -172.39
C MET A 981 24.18 -8.63 -171.50
N ASP A 982 24.20 -7.35 -171.85
CA ASP A 982 25.17 -6.42 -171.26
C ASP A 982 24.96 -6.26 -169.76
N LEU A 983 26.04 -5.91 -169.06
CA LEU A 983 26.00 -5.64 -167.64
C LEU A 983 25.36 -4.31 -167.30
N SER A 984 25.41 -3.34 -168.21
CA SER A 984 24.91 -2.00 -167.92
C SER A 984 23.40 -1.99 -167.75
N PHE A 985 22.68 -2.75 -168.60
CA PHE A 985 21.23 -2.77 -168.53
C PHE A 985 20.76 -3.32 -167.20
N ILE A 986 21.41 -4.37 -166.71
CA ILE A 986 20.97 -5.03 -165.48
C ILE A 986 21.33 -4.16 -164.29
N LYS A 987 20.49 -4.19 -163.26
CA LYS A 987 20.77 -3.47 -162.02
C LYS A 987 20.74 -4.44 -160.86
N LEU A 988 21.69 -4.28 -159.95
CA LEU A 988 21.87 -5.18 -158.82
C LEU A 988 21.53 -4.44 -157.52
N THR A 989 20.52 -4.95 -156.80
CA THR A 989 20.04 -4.26 -155.61
C THR A 989 20.98 -4.50 -154.43
N PRO A 990 20.93 -3.65 -153.41
CA PRO A 990 21.75 -3.91 -152.20
C PRO A 990 21.48 -5.26 -151.56
N SER A 991 20.21 -5.69 -151.54
CA SER A 991 19.91 -7.03 -151.05
C SER A 991 20.55 -8.08 -151.94
N GLN A 992 20.53 -7.85 -153.26
CA GLN A 992 21.17 -8.79 -154.17
C GLN A 992 22.68 -8.84 -153.96
N GLU A 993 23.29 -7.73 -153.54
CA GLU A 993 24.73 -7.74 -153.27
C GLU A 993 25.04 -8.45 -151.97
N ALA A 994 24.21 -8.22 -150.95
CA ALA A 994 24.33 -8.99 -149.71
C ALA A 994 24.19 -10.47 -150.00
N MET A 995 23.36 -10.81 -151.00
CA MET A 995 23.22 -12.21 -151.40
C MET A 995 24.55 -12.77 -151.91
N VAL A 996 25.18 -12.08 -152.86
CA VAL A 996 26.42 -12.60 -153.41
C VAL A 996 27.53 -12.59 -152.37
N ASP A 997 27.40 -11.76 -151.33
CA ASP A 997 28.31 -11.87 -150.20
C ASP A 997 28.24 -13.26 -149.56
N LYS A 998 27.03 -13.73 -149.24
CA LYS A 998 26.90 -15.08 -148.69
C LYS A 998 27.29 -16.13 -149.71
N LEU A 999 27.10 -15.84 -150.99
CA LEU A 999 27.53 -16.76 -152.04
C LEU A 999 29.05 -16.94 -152.01
N ALA A 1000 29.78 -15.83 -151.91
CA ALA A 1000 31.23 -15.90 -151.82
C ALA A 1000 31.65 -16.62 -150.54
N GLU A 1001 30.94 -16.34 -149.44
CA GLU A 1001 31.19 -17.05 -148.19
C GLU A 1001 31.11 -18.56 -148.39
N ASN A 1002 30.01 -19.01 -149.00
CA ASN A 1002 29.79 -20.45 -149.17
C ASN A 1002 30.81 -21.04 -150.13
N ALA A 1003 31.18 -20.30 -151.18
CA ALA A 1003 32.17 -20.81 -152.13
C ALA A 1003 33.52 -20.99 -151.45
N HIS A 1004 33.92 -20.01 -150.63
CA HIS A 1004 35.17 -20.14 -149.89
C HIS A 1004 35.12 -21.31 -148.94
N ASN A 1005 33.98 -21.50 -148.27
CA ASN A 1005 33.83 -22.64 -147.37
C ASN A 1005 33.96 -23.95 -148.14
N VAL A 1006 33.37 -24.02 -149.32
CA VAL A 1006 33.45 -25.24 -150.13
C VAL A 1006 34.89 -25.53 -150.51
N TRP A 1007 35.60 -24.51 -150.97
CA TRP A 1007 37.00 -24.71 -151.35
C TRP A 1007 37.83 -25.19 -150.16
N ALA A 1008 37.62 -24.55 -149.00
CA ALA A 1008 38.38 -24.92 -147.81
C ALA A 1008 38.07 -26.34 -147.37
N ARG A 1009 36.79 -26.72 -147.37
CA ARG A 1009 36.41 -28.05 -146.93
C ARG A 1009 36.97 -29.12 -147.87
N ASP A 1010 36.97 -28.83 -149.19
CA ASP A 1010 37.54 -29.78 -150.13
C ASP A 1010 39.03 -29.96 -149.88
N ARG A 1011 39.77 -28.87 -149.69
CA ARG A 1011 41.20 -29.04 -149.46
C ARG A 1011 41.47 -29.66 -148.09
N ILE A 1012 40.56 -29.49 -147.13
CA ILE A 1012 40.78 -30.14 -145.85
C ILE A 1012 40.61 -31.65 -145.96
N ARG A 1013 39.59 -32.13 -146.68
CA ARG A 1013 39.57 -33.57 -146.96
C ARG A 1013 40.76 -33.99 -147.82
N GLN A 1014 41.24 -33.10 -148.68
CA GLN A 1014 42.47 -33.40 -149.41
C GLN A 1014 43.69 -33.43 -148.52
N GLY A 1015 43.59 -32.92 -147.29
CA GLY A 1015 44.69 -32.97 -146.35
C GLY A 1015 45.46 -31.68 -146.19
N TRP A 1016 45.11 -30.64 -146.94
CA TRP A 1016 45.82 -29.38 -146.82
C TRP A 1016 45.52 -28.71 -145.49
N THR A 1017 46.48 -27.93 -145.01
CA THR A 1017 46.38 -27.29 -143.71
C THR A 1017 46.87 -25.85 -143.83
N TYR A 1018 46.30 -24.97 -143.01
CA TYR A 1018 46.71 -23.57 -143.04
C TYR A 1018 48.17 -23.41 -142.64
N GLY A 1019 48.85 -22.50 -143.33
CA GLY A 1019 50.20 -22.11 -142.98
C GLY A 1019 50.52 -20.74 -143.54
N ILE A 1020 51.26 -19.92 -142.78
CA ILE A 1020 51.51 -18.55 -143.21
C ILE A 1020 52.24 -18.53 -144.55
N GLN A 1021 53.23 -19.41 -144.71
CA GLN A 1021 53.96 -19.52 -145.96
C GLN A 1021 53.36 -20.65 -146.79
N GLN A 1022 53.10 -20.36 -148.06
CA GLN A 1022 52.52 -21.36 -148.96
C GLN A 1022 53.53 -22.47 -149.24
N ASP A 1023 53.08 -23.72 -149.11
CA ASP A 1023 53.92 -24.88 -149.37
C ASP A 1023 53.06 -25.97 -150.00
N VAL A 1024 53.22 -26.15 -151.30
CA VAL A 1024 52.52 -27.23 -151.99
C VAL A 1024 53.07 -28.59 -151.53
N LYS A 1025 54.37 -28.66 -151.27
CA LYS A 1025 54.98 -29.92 -150.87
C LYS A 1025 54.38 -30.43 -149.56
N ASN A 1026 54.22 -29.54 -148.59
CA ASN A 1026 53.64 -29.91 -147.31
C ASN A 1026 52.14 -29.64 -147.25
N ARG A 1027 51.55 -29.23 -148.35
CA ARG A 1027 50.12 -28.94 -148.44
C ARG A 1027 49.71 -27.90 -147.38
N ARG A 1028 50.45 -26.80 -147.37
CA ARG A 1028 50.17 -25.69 -146.47
C ARG A 1028 49.84 -24.45 -147.29
N ASN A 1029 48.67 -23.86 -147.00
CA ASN A 1029 48.15 -22.75 -147.79
C ASN A 1029 47.62 -21.68 -146.83
N PRO A 1030 48.10 -20.44 -146.96
CA PRO A 1030 47.58 -19.36 -146.10
C PRO A 1030 46.14 -18.97 -146.42
N ARG A 1031 45.56 -19.48 -147.50
CA ARG A 1031 44.20 -19.10 -147.84
C ARG A 1031 43.16 -19.96 -147.12
N LEU A 1032 43.58 -20.96 -146.34
CA LEU A 1032 42.68 -21.77 -145.54
C LEU A 1032 42.36 -21.04 -144.24
N VAL A 1033 41.65 -19.93 -144.38
CA VAL A 1033 41.30 -19.08 -143.25
C VAL A 1033 39.80 -18.74 -143.34
N PRO A 1034 39.16 -18.33 -142.25
CA PRO A 1034 37.77 -17.89 -142.36
C PRO A 1034 37.64 -16.70 -143.29
N TYR A 1035 36.48 -16.64 -143.97
CA TYR A 1035 36.30 -15.65 -145.02
C TYR A 1035 36.38 -14.23 -144.49
N THR A 1036 35.86 -14.00 -143.28
CA THR A 1036 35.97 -12.69 -142.67
C THR A 1036 37.43 -12.28 -142.49
N LEU A 1037 38.31 -13.26 -142.32
CA LEU A 1037 39.74 -13.03 -142.19
C LEU A 1037 40.49 -13.19 -143.51
N LEU A 1038 39.79 -13.45 -144.60
CA LEU A 1038 40.45 -13.68 -145.88
C LEU A 1038 41.02 -12.39 -146.42
N ASP A 1039 42.03 -12.52 -147.29
CA ASP A 1039 42.67 -11.34 -147.88
C ASP A 1039 41.72 -10.64 -148.84
N ASP A 1040 41.84 -9.30 -148.88
CA ASP A 1040 40.90 -8.50 -149.64
C ASP A 1040 41.00 -8.77 -151.13
N ARG A 1041 42.20 -9.10 -151.61
CA ARG A 1041 42.36 -9.39 -153.04
C ARG A 1041 41.53 -10.60 -153.45
N THR A 1042 41.68 -11.70 -152.73
CA THR A 1042 40.92 -12.90 -153.05
C THR A 1042 39.43 -12.67 -152.82
N LYS A 1043 39.08 -11.96 -151.75
CA LYS A 1043 37.69 -11.66 -151.47
C LYS A 1043 37.06 -10.90 -152.63
N LYS A 1044 37.73 -9.86 -153.11
CA LYS A 1044 37.17 -9.09 -154.20
C LYS A 1044 37.13 -9.90 -155.49
N SER A 1045 38.14 -10.74 -155.75
CA SER A 1045 38.16 -11.51 -156.99
C SER A 1045 36.99 -12.49 -157.05
N ASN A 1046 36.84 -13.31 -156.01
CA ASN A 1046 35.75 -14.28 -156.04
C ASN A 1046 34.40 -13.59 -155.88
N LYS A 1047 34.37 -12.47 -155.16
CA LYS A 1047 33.14 -11.70 -155.06
C LYS A 1047 32.68 -11.21 -156.42
N ASP A 1048 33.60 -10.67 -157.23
CA ASP A 1048 33.19 -10.19 -158.53
C ASP A 1048 32.83 -11.33 -159.47
N SER A 1049 33.54 -12.46 -159.37
CA SER A 1049 33.17 -13.59 -160.23
C SER A 1049 31.76 -14.09 -159.94
N LEU A 1050 31.45 -14.35 -158.66
CA LEU A 1050 30.10 -14.81 -158.33
C LEU A 1050 29.07 -13.70 -158.54
N ARG A 1051 29.48 -12.44 -158.39
CA ARG A 1051 28.58 -11.33 -158.66
C ARG A 1051 28.18 -11.32 -160.12
N GLU A 1052 29.15 -11.51 -161.02
CA GLU A 1052 28.85 -11.53 -162.43
C GLU A 1052 28.05 -12.77 -162.80
N ALA A 1053 28.26 -13.87 -162.07
CA ALA A 1053 27.39 -15.03 -162.24
C ALA A 1053 25.94 -14.70 -161.90
N VAL A 1054 25.72 -14.01 -160.78
CA VAL A 1054 24.37 -13.60 -160.40
C VAL A 1054 23.82 -12.60 -161.43
N ARG A 1055 24.69 -11.75 -161.95
CA ARG A 1055 24.34 -10.82 -163.01
C ARG A 1055 23.80 -11.54 -164.23
N THR A 1056 24.48 -12.59 -164.66
CA THR A 1056 24.01 -13.39 -165.78
C THR A 1056 22.71 -14.10 -165.45
N LEU A 1057 22.58 -14.58 -164.21
CA LEU A 1057 21.32 -15.21 -163.79
C LEU A 1057 20.16 -14.24 -163.95
N LEU A 1058 20.35 -12.98 -163.52
CA LEU A 1058 19.34 -11.97 -163.74
C LEU A 1058 19.14 -11.65 -165.22
N GLY A 1059 20.23 -11.64 -165.99
CA GLY A 1059 20.11 -11.33 -167.41
C GLY A 1059 19.28 -12.36 -168.15
N TYR A 1060 19.35 -13.61 -167.74
CA TYR A 1060 18.46 -14.59 -168.33
C TYR A 1060 17.03 -14.43 -167.86
N GLY A 1061 16.73 -13.32 -167.18
CA GLY A 1061 15.39 -13.07 -166.70
C GLY A 1061 14.97 -13.98 -165.56
N TYR A 1062 15.84 -14.21 -164.60
CA TYR A 1062 15.51 -14.95 -163.40
C TYR A 1062 15.70 -14.03 -162.20
N ASN A 1063 14.64 -13.30 -161.88
CA ASN A 1063 14.65 -12.37 -160.77
C ASN A 1063 14.58 -13.13 -159.44
N LEU A 1064 15.65 -13.05 -158.67
CA LEU A 1064 15.71 -13.69 -157.36
C LEU A 1064 15.42 -12.66 -156.27
N GLU A 1065 14.43 -12.97 -155.46
CA GLU A 1065 13.98 -12.08 -154.39
C GLU A 1065 14.70 -12.44 -153.10
N ALA A 1066 15.64 -11.60 -152.70
CA ALA A 1066 16.41 -11.86 -151.49
C ALA A 1066 15.54 -11.60 -150.26
N PRO A 1067 15.46 -12.55 -149.34
CA PRO A 1067 14.71 -12.29 -148.11
C PRO A 1067 15.36 -11.19 -147.29
N ASP A 1068 14.53 -10.47 -146.54
CA ASP A 1068 15.05 -9.39 -145.70
C ASP A 1068 15.97 -9.96 -144.63
N GLN A 1069 16.96 -9.15 -144.24
CA GLN A 1069 17.91 -9.58 -143.23
C GLN A 1069 17.20 -9.85 -141.91
N ASP A 1070 17.50 -10.99 -141.30
CA ASP A 1070 16.88 -11.40 -140.06
C ASP A 1070 17.70 -10.86 -138.90
N HIS A 1071 17.05 -10.08 -138.03
CA HIS A 1071 17.73 -9.42 -136.92
C HIS A 1071 18.01 -10.46 -135.83
N ALA A 1072 19.25 -10.95 -135.77
CA ALA A 1072 19.68 -11.89 -134.75
C ALA A 1072 20.90 -11.33 -134.05
N ALA A 1073 20.80 -11.15 -132.74
CA ALA A 1073 21.89 -10.61 -131.93
C ALA A 1073 22.27 -11.62 -130.86
N ARG A 1074 23.55 -11.95 -130.80
CA ARG A 1074 24.06 -12.88 -129.80
C ARG A 1074 24.33 -12.19 -128.46
N ALA A 1075 24.32 -10.85 -128.43
CA ALA A 1075 24.34 -10.06 -127.19
C ALA A 1075 25.60 -10.29 -126.38
N GLU A 1076 26.71 -10.66 -127.03
CA GLU A 1076 28.04 -10.66 -126.42
C GLU A 1076 28.14 -11.72 -125.32
N VAL A 1077 27.03 -12.44 -125.09
CA VAL A 1077 26.92 -13.36 -123.97
C VAL A 1077 27.89 -14.54 -124.05
N CYS A 1078 28.45 -14.82 -125.22
CA CYS A 1078 29.32 -15.99 -125.40
C CYS A 1078 30.67 -15.76 -124.73
N SER A 1079 30.65 -15.74 -123.40
CA SER A 1079 31.88 -15.58 -122.63
C SER A 1079 32.52 -16.93 -122.39
N GLY A 1080 33.85 -16.93 -122.27
CA GLY A 1080 34.55 -18.14 -121.89
C GLY A 1080 34.09 -18.64 -120.53
N THR A 1081 33.70 -19.92 -120.49
CA THR A 1081 33.14 -20.54 -119.29
C THR A 1081 31.86 -19.83 -118.86
N GLY A 1082 31.32 -20.22 -117.71
CA GLY A 1082 30.09 -19.62 -117.22
C GLY A 1082 30.25 -18.26 -116.56
N GLU A 1083 31.49 -17.77 -116.45
CA GLU A 1083 31.75 -16.49 -115.82
C GLU A 1083 31.08 -15.36 -116.61
N ARG A 1084 30.10 -14.69 -116.00
CA ARG A 1084 29.34 -13.66 -116.68
C ARG A 1084 29.82 -12.26 -116.34
N PHE A 1085 30.40 -12.07 -115.15
CA PHE A 1085 30.87 -10.76 -114.72
C PHE A 1085 31.81 -10.95 -113.55
N ARG A 1086 32.81 -10.09 -113.45
CA ARG A 1086 33.78 -10.12 -112.37
C ARG A 1086 33.64 -8.86 -111.55
N ILE A 1087 33.55 -9.01 -110.23
CA ILE A 1087 33.33 -7.89 -109.32
C ILE A 1087 34.64 -7.52 -108.66
N PHE A 1088 35.00 -6.24 -108.71
CA PHE A 1088 36.19 -5.71 -108.09
C PHE A 1088 35.78 -4.78 -106.97
N ARG A 1089 36.30 -5.03 -105.76
CA ARG A 1089 35.94 -4.26 -104.59
C ARG A 1089 37.18 -4.05 -103.72
N ALA A 1090 37.13 -3.01 -102.90
CA ALA A 1090 38.18 -2.75 -101.94
C ALA A 1090 38.07 -3.72 -100.76
N GLU A 1091 39.09 -3.72 -99.92
CA GLU A 1091 39.09 -4.60 -98.76
C GLU A 1091 38.00 -4.18 -97.78
N LYS A 1092 37.47 -5.16 -97.06
CA LYS A 1092 36.41 -4.91 -96.09
C LYS A 1092 36.86 -4.03 -94.94
N THR A 1093 38.16 -3.96 -94.64
CA THR A 1093 38.66 -3.15 -93.54
C THR A 1093 38.64 -1.67 -93.85
N TYR A 1094 38.65 -1.28 -95.12
CA TYR A 1094 38.58 0.12 -95.47
C TYR A 1094 37.16 0.66 -95.49
N ALA A 1095 36.21 -0.05 -94.88
CA ALA A 1095 34.83 0.40 -94.87
C ALA A 1095 34.70 1.72 -94.14
N VAL A 1096 33.92 2.64 -94.72
CA VAL A 1096 33.68 3.94 -94.13
C VAL A 1096 32.33 3.92 -93.42
N LYS A 1097 32.29 4.44 -92.21
CA LYS A 1097 31.06 4.48 -91.44
C LYS A 1097 30.49 5.87 -91.24
N ALA A 1098 31.22 6.92 -91.62
CA ALA A 1098 30.73 8.28 -91.53
C ALA A 1098 31.59 9.18 -92.42
N GLY A 1099 31.00 10.27 -92.86
CA GLY A 1099 31.71 11.29 -93.60
C GLY A 1099 31.33 11.31 -95.07
N ARG A 1100 32.03 12.18 -95.80
CA ARG A 1100 31.84 12.38 -97.23
C ARG A 1100 32.99 11.69 -97.95
N TRP A 1101 32.67 10.86 -98.95
CA TRP A 1101 33.70 10.12 -99.66
C TRP A 1101 33.43 10.15 -101.16
N TYR A 1102 34.51 10.03 -101.94
CA TYR A 1102 34.46 10.20 -103.38
C TYR A 1102 35.52 9.34 -104.04
N PHE A 1103 35.16 8.73 -105.17
CA PHE A 1103 36.12 8.05 -106.02
C PHE A 1103 35.61 8.05 -107.45
N GLU A 1104 36.51 7.83 -108.40
CA GLU A 1104 36.19 7.88 -109.82
C GLU A 1104 36.36 6.51 -110.45
N PHE A 1105 35.48 6.20 -111.40
CA PHE A 1105 35.55 4.98 -112.18
C PHE A 1105 35.59 5.35 -113.65
N GLU A 1106 36.63 4.93 -114.35
CA GLU A 1106 36.84 5.28 -115.74
C GLU A 1106 36.43 4.11 -116.64
N THR A 1107 35.69 4.42 -117.69
CA THR A 1107 35.18 3.41 -118.61
C THR A 1107 36.06 3.41 -119.86
N VAL A 1108 36.97 2.44 -119.94
CA VAL A 1108 37.78 2.29 -121.14
C VAL A 1108 36.90 1.93 -122.32
N THR A 1109 35.98 1.00 -122.12
CA THR A 1109 34.98 0.65 -123.12
C THR A 1109 33.61 1.06 -122.62
N ALA A 1110 32.61 0.92 -123.50
CA ALA A 1110 31.23 1.16 -123.14
C ALA A 1110 30.47 -0.15 -123.22
N GLY A 1111 29.85 -0.54 -122.11
CA GLY A 1111 29.20 -1.84 -122.07
C GLY A 1111 28.63 -2.13 -120.70
N ASP A 1112 28.40 -3.42 -120.44
CA ASP A 1112 27.73 -3.86 -119.23
C ASP A 1112 28.67 -3.74 -118.04
N MET A 1113 28.60 -2.58 -117.39
CA MET A 1113 29.32 -2.34 -116.14
C MET A 1113 28.37 -1.75 -115.12
N ARG A 1114 28.65 -2.00 -113.84
CA ARG A 1114 27.95 -1.37 -112.74
C ARG A 1114 28.96 -0.91 -111.71
N VAL A 1115 28.79 0.32 -111.23
CA VAL A 1115 29.69 0.90 -110.24
C VAL A 1115 28.85 1.48 -109.12
N GLY A 1116 29.45 1.54 -107.93
CA GLY A 1116 28.73 2.06 -106.78
C GLY A 1116 29.39 1.62 -105.49
N TRP A 1117 28.57 1.48 -104.45
CA TRP A 1117 29.03 1.11 -103.13
C TRP A 1117 28.39 -0.20 -102.71
N SER A 1118 29.14 -1.01 -101.98
CA SER A 1118 28.68 -2.32 -101.54
C SER A 1118 28.97 -2.51 -100.06
N ARG A 1119 28.15 -3.30 -99.43
CA ARG A 1119 28.39 -3.65 -98.05
C ARG A 1119 29.38 -4.81 -97.96
N PRO A 1120 30.05 -4.96 -96.81
CA PRO A 1120 31.02 -6.04 -96.64
C PRO A 1120 30.50 -7.43 -97.01
N GLY A 1121 29.19 -7.62 -96.98
CA GLY A 1121 28.60 -8.90 -97.28
C GLY A 1121 28.24 -9.17 -98.73
N CYS A 1122 28.71 -8.34 -99.65
CA CYS A 1122 28.34 -8.52 -101.05
C CYS A 1122 28.90 -9.84 -101.59
N GLN A 1123 28.06 -10.56 -102.32
CA GLN A 1123 28.43 -11.86 -102.85
C GLN A 1123 29.05 -11.72 -104.23
N PRO A 1124 30.23 -12.28 -104.46
CA PRO A 1124 30.88 -12.14 -105.77
C PRO A 1124 30.07 -12.73 -106.91
N ASP A 1125 29.34 -13.82 -106.67
CA ASP A 1125 28.62 -14.47 -107.75
C ASP A 1125 27.34 -13.73 -108.14
N GLN A 1126 26.75 -12.98 -107.21
CA GLN A 1126 25.51 -12.27 -107.50
C GLN A 1126 25.81 -10.92 -108.15
N GLU A 1127 24.92 -10.50 -109.03
CA GLU A 1127 25.07 -9.23 -109.71
C GLU A 1127 24.81 -8.07 -108.74
N LEU A 1128 25.53 -6.97 -108.95
CA LEU A 1128 25.38 -5.81 -108.09
C LEU A 1128 23.98 -5.22 -108.25
N GLY A 1129 23.34 -4.89 -107.13
CA GLY A 1129 22.05 -4.26 -107.11
C GLY A 1129 20.88 -5.23 -107.13
N SER A 1130 21.13 -6.51 -107.42
CA SER A 1130 20.06 -7.50 -107.38
C SER A 1130 19.49 -7.62 -105.98
N ASP A 1131 20.34 -7.62 -104.97
CA ASP A 1131 19.96 -7.69 -103.58
C ASP A 1131 20.31 -6.38 -102.87
N GLU A 1132 20.15 -6.35 -101.56
CA GLU A 1132 20.32 -5.14 -100.77
C GLU A 1132 21.78 -4.84 -100.42
N ARG A 1133 22.70 -5.74 -100.73
CA ARG A 1133 24.07 -5.56 -100.24
C ARG A 1133 24.80 -4.45 -100.99
N ALA A 1134 24.36 -4.11 -102.19
CA ALA A 1134 25.09 -3.17 -103.02
C ALA A 1134 24.16 -2.10 -103.57
N PHE A 1135 24.73 -0.91 -103.77
CA PHE A 1135 24.05 0.20 -104.44
C PHE A 1135 24.87 0.56 -105.66
N ALA A 1136 24.31 0.34 -106.85
CA ALA A 1136 25.09 0.45 -108.07
C ALA A 1136 24.36 1.32 -109.08
N PHE A 1137 25.10 1.75 -110.10
CA PHE A 1137 24.58 2.55 -111.19
C PHE A 1137 25.00 1.89 -112.50
N ASP A 1138 24.02 1.41 -113.26
CA ASP A 1138 24.28 0.76 -114.55
C ASP A 1138 24.02 1.77 -115.66
N GLY A 1139 25.09 2.42 -116.13
CA GLY A 1139 24.92 3.41 -117.17
C GLY A 1139 24.68 2.82 -118.53
N PHE A 1140 24.99 1.54 -118.71
CA PHE A 1140 24.76 0.89 -120.00
C PHE A 1140 23.27 0.89 -120.34
N LYS A 1141 22.42 0.65 -119.35
CA LYS A 1141 20.98 0.80 -119.49
C LYS A 1141 20.45 2.09 -118.87
N ALA A 1142 21.33 2.99 -118.41
CA ALA A 1142 20.92 4.18 -117.67
C ALA A 1142 20.00 3.78 -116.52
N GLN A 1143 20.46 2.84 -115.71
CA GLN A 1143 19.63 2.12 -114.75
C GLN A 1143 20.33 2.13 -113.40
N ARG A 1144 19.59 2.45 -112.34
CA ARG A 1144 20.12 2.34 -110.99
C ARG A 1144 19.61 1.06 -110.34
N TRP A 1145 20.44 0.46 -109.50
CA TRP A 1145 20.21 -0.89 -109.01
C TRP A 1145 20.32 -0.95 -107.50
N HIS A 1146 19.20 -1.28 -106.84
CA HIS A 1146 19.23 -1.68 -105.43
C HIS A 1146 17.93 -2.44 -105.17
N GLN A 1147 18.04 -3.75 -104.96
CA GLN A 1147 16.88 -4.63 -104.79
C GLN A 1147 15.92 -4.48 -105.96
N GLY A 1148 16.47 -4.31 -107.16
CA GLY A 1148 15.67 -4.02 -108.33
C GLY A 1148 16.30 -2.94 -109.17
N ASN A 1149 15.68 -2.60 -110.29
CA ASN A 1149 16.23 -1.62 -111.23
C ASN A 1149 15.26 -0.47 -111.42
N GLU A 1150 15.77 0.75 -111.31
CA GLU A 1150 14.98 1.95 -111.57
C GLU A 1150 15.74 2.86 -112.53
N HIS A 1151 15.03 3.67 -113.30
CA HIS A 1151 15.65 4.51 -114.32
C HIS A 1151 16.29 5.71 -113.64
N TYR A 1152 17.59 5.90 -113.90
CA TYR A 1152 18.36 6.97 -113.28
C TYR A 1152 19.50 7.36 -114.20
N GLY A 1153 19.59 8.64 -114.53
CA GLY A 1153 20.70 9.13 -115.31
C GLY A 1153 20.61 8.73 -116.77
N ARG A 1154 21.69 9.03 -117.49
CA ARG A 1154 21.80 8.71 -118.89
C ARG A 1154 22.91 7.68 -119.11
N SER A 1155 23.17 7.34 -120.36
CA SER A 1155 24.16 6.34 -120.69
C SER A 1155 25.53 6.99 -120.93
N TRP A 1156 26.58 6.23 -120.66
CA TRP A 1156 27.94 6.67 -120.90
C TRP A 1156 28.46 6.19 -122.23
N GLN A 1157 29.57 6.77 -122.65
CA GLN A 1157 30.35 6.33 -123.80
C GLN A 1157 31.75 5.97 -123.35
N ALA A 1158 32.55 5.48 -124.31
CA ALA A 1158 33.92 5.12 -123.99
C ALA A 1158 34.71 6.35 -123.57
N GLY A 1159 35.47 6.21 -122.48
CA GLY A 1159 36.28 7.27 -121.94
C GLY A 1159 35.60 8.09 -120.87
N ASP A 1160 34.31 7.87 -120.63
CA ASP A 1160 33.60 8.63 -119.61
C ASP A 1160 34.11 8.28 -118.23
N VAL A 1161 34.12 9.28 -117.35
CA VAL A 1161 34.55 9.13 -115.97
C VAL A 1161 33.34 9.31 -115.07
N VAL A 1162 33.08 8.33 -114.22
CA VAL A 1162 31.94 8.36 -113.31
C VAL A 1162 32.44 8.66 -111.92
N GLY A 1163 31.91 9.72 -111.31
CA GLY A 1163 32.25 10.08 -109.95
C GLY A 1163 31.19 9.56 -109.00
N CYS A 1164 31.63 8.75 -108.04
CA CYS A 1164 30.75 8.12 -107.06
C CYS A 1164 30.92 8.85 -105.73
N MET A 1165 29.83 9.43 -105.24
CA MET A 1165 29.83 10.20 -104.00
C MET A 1165 28.86 9.58 -103.02
N VAL A 1166 29.30 9.42 -101.78
CA VAL A 1166 28.44 8.98 -100.69
C VAL A 1166 28.58 9.97 -99.55
N ASP A 1167 27.45 10.43 -99.02
CA ASP A 1167 27.40 11.20 -97.79
C ASP A 1167 26.68 10.32 -96.78
N MET A 1168 27.41 9.79 -95.82
CA MET A 1168 26.85 8.78 -94.95
C MET A 1168 26.45 9.37 -93.59
N ASN A 1169 26.38 10.70 -93.52
CA ASN A 1169 25.77 11.42 -92.41
C ASN A 1169 24.26 11.53 -92.57
N GLU A 1170 23.79 12.06 -93.71
CA GLU A 1170 22.37 12.06 -94.04
C GLU A 1170 22.00 10.94 -94.99
N HIS A 1171 22.92 10.03 -95.26
CA HIS A 1171 22.63 8.77 -95.95
C HIS A 1171 22.14 9.01 -97.38
N THR A 1172 22.95 9.70 -98.17
CA THR A 1172 22.65 9.95 -99.57
C THR A 1172 23.82 9.53 -100.45
N MET A 1173 23.50 9.19 -101.70
CA MET A 1173 24.50 8.83 -102.70
C MET A 1173 24.22 9.62 -103.96
N MET A 1174 25.28 10.06 -104.63
CA MET A 1174 25.17 10.84 -105.85
C MET A 1174 26.21 10.36 -106.86
N PHE A 1175 25.87 10.48 -108.14
CA PHE A 1175 26.74 10.09 -109.22
C PHE A 1175 26.88 11.23 -110.22
N THR A 1176 28.07 11.34 -110.81
CA THR A 1176 28.35 12.35 -111.83
C THR A 1176 28.99 11.67 -113.02
N LEU A 1177 28.52 12.00 -114.22
CA LEU A 1177 29.09 11.50 -115.45
C LEU A 1177 29.83 12.63 -116.14
N ASN A 1178 31.16 12.54 -116.18
CA ASN A 1178 32.01 13.55 -116.80
C ASN A 1178 31.80 14.94 -116.20
N GLY A 1179 31.51 14.98 -114.90
CA GLY A 1179 31.39 16.24 -114.19
C GLY A 1179 29.96 16.63 -113.86
N GLU A 1180 29.04 16.46 -114.80
CA GLU A 1180 27.66 16.84 -114.56
C GLU A 1180 26.98 15.83 -113.64
N ILE A 1181 26.11 16.33 -112.77
CA ILE A 1181 25.42 15.49 -111.81
C ILE A 1181 24.28 14.77 -112.51
N LEU A 1182 24.22 13.45 -112.33
CA LEU A 1182 23.15 12.63 -112.89
C LEU A 1182 21.86 12.84 -112.12
N LEU A 1183 20.74 12.69 -112.81
CA LEU A 1183 19.43 12.89 -112.24
C LEU A 1183 18.54 11.69 -112.52
N ASP A 1184 17.64 11.40 -111.58
CA ASP A 1184 16.65 10.36 -111.78
C ASP A 1184 15.49 10.93 -112.59
N ASP A 1185 14.37 10.21 -112.62
CA ASP A 1185 13.20 10.69 -113.36
C ASP A 1185 12.71 12.02 -112.81
N SER A 1186 12.66 12.16 -111.49
CA SER A 1186 12.39 13.45 -110.89
C SER A 1186 13.66 14.30 -110.87
N GLY A 1187 13.53 15.51 -110.37
CA GLY A 1187 14.64 16.44 -110.35
C GLY A 1187 15.64 16.18 -109.25
N SER A 1188 15.36 15.21 -108.39
CA SER A 1188 16.23 14.92 -107.26
C SER A 1188 17.59 14.42 -107.75
N GLU A 1189 18.64 14.82 -107.04
CA GLU A 1189 20.00 14.42 -107.36
C GLU A 1189 20.44 13.19 -106.58
N LEU A 1190 19.58 12.65 -105.71
CA LEU A 1190 19.95 11.55 -104.84
C LEU A 1190 19.64 10.23 -105.55
N ALA A 1191 20.68 9.45 -105.82
CA ALA A 1191 20.47 8.11 -106.39
C ALA A 1191 19.72 7.23 -105.40
N PHE A 1192 20.09 7.29 -104.13
CA PHE A 1192 19.43 6.54 -103.06
C PHE A 1192 19.24 7.49 -101.88
N LYS A 1193 17.98 7.81 -101.59
CA LYS A 1193 17.69 8.92 -100.69
C LYS A 1193 18.02 8.59 -99.25
N ASP A 1194 17.66 7.39 -98.78
CA ASP A 1194 17.85 7.05 -97.38
C ASP A 1194 18.19 5.58 -97.25
N PHE A 1195 19.17 5.28 -96.41
CA PHE A 1195 19.60 3.92 -96.14
C PHE A 1195 20.30 3.87 -94.79
N ASP A 1196 20.35 2.67 -94.22
CA ASP A 1196 20.91 2.52 -92.88
C ASP A 1196 22.43 2.48 -92.91
N VAL A 1197 23.04 2.82 -91.78
CA VAL A 1197 24.49 2.79 -91.65
C VAL A 1197 25.01 1.37 -91.83
N GLY A 1198 24.43 0.42 -91.11
CA GLY A 1198 24.88 -0.96 -91.20
C GLY A 1198 26.33 -1.09 -90.79
N ASP A 1199 27.08 -1.89 -91.53
CA ASP A 1199 28.48 -2.15 -91.26
C ASP A 1199 29.42 -1.25 -92.07
N GLY A 1200 28.89 -0.39 -92.92
CA GLY A 1200 29.70 0.51 -93.72
C GLY A 1200 29.53 0.24 -95.20
N PHE A 1201 30.33 0.96 -95.99
CA PHE A 1201 30.29 0.85 -97.44
C PHE A 1201 31.70 0.91 -98.00
N ILE A 1202 31.93 0.17 -99.07
CA ILE A 1202 33.21 0.15 -99.75
C ILE A 1202 32.99 0.31 -101.25
N PRO A 1203 33.93 0.93 -101.96
CA PRO A 1203 33.80 1.05 -103.42
C PRO A 1203 33.75 -0.33 -104.07
N VAL A 1204 32.96 -0.42 -105.15
CA VAL A 1204 32.75 -1.69 -105.83
C VAL A 1204 32.43 -1.42 -107.30
N CYS A 1205 32.80 -2.36 -108.16
CA CYS A 1205 32.46 -2.27 -109.57
C CYS A 1205 32.34 -3.67 -110.14
N SER A 1206 31.41 -3.86 -111.06
CA SER A 1206 31.22 -5.12 -111.76
C SER A 1206 31.45 -4.90 -113.24
N LEU A 1207 32.25 -5.75 -113.85
CA LEU A 1207 32.62 -5.64 -115.26
C LEU A 1207 32.04 -6.81 -116.03
N GLY A 1208 31.37 -6.51 -117.13
CA GLY A 1208 30.73 -7.52 -117.94
C GLY A 1208 31.69 -8.20 -118.90
N VAL A 1209 31.11 -8.92 -119.86
CA VAL A 1209 31.92 -9.66 -120.82
C VAL A 1209 32.67 -8.68 -121.70
N ALA A 1210 33.99 -8.89 -121.83
CA ALA A 1210 34.84 -8.08 -122.70
C ALA A 1210 34.73 -6.60 -122.37
N GLN A 1211 34.70 -6.29 -121.08
CA GLN A 1211 34.60 -4.92 -120.60
C GLN A 1211 35.85 -4.56 -119.82
N VAL A 1212 36.39 -3.38 -120.08
CA VAL A 1212 37.60 -2.90 -119.43
C VAL A 1212 37.29 -1.58 -118.74
N GLY A 1213 37.68 -1.46 -117.48
CA GLY A 1213 37.47 -0.23 -116.74
C GLY A 1213 38.62 0.03 -115.80
N ARG A 1214 38.74 1.30 -115.41
CA ARG A 1214 39.75 1.73 -114.46
C ARG A 1214 39.07 2.42 -113.28
N MET A 1215 39.66 2.24 -112.10
CA MET A 1215 39.03 2.65 -110.86
C MET A 1215 40.05 3.41 -110.03
N ASN A 1216 39.70 4.65 -109.65
CA ASN A 1216 40.63 5.56 -109.00
C ASN A 1216 40.10 5.92 -107.62
N PHE A 1217 40.88 5.59 -106.60
CA PHE A 1217 40.55 5.94 -105.22
C PHE A 1217 41.02 7.33 -104.85
N GLY A 1218 41.71 8.02 -105.74
CA GLY A 1218 42.20 9.35 -105.48
C GLY A 1218 43.27 9.41 -104.40
N LYS A 1219 44.20 8.46 -104.42
CA LYS A 1219 45.37 8.56 -103.54
C LYS A 1219 46.16 9.81 -103.85
N ASP A 1220 46.35 10.11 -105.13
CA ASP A 1220 46.86 11.39 -105.58
C ASP A 1220 45.69 12.21 -106.11
N VAL A 1221 45.46 13.36 -105.49
CA VAL A 1221 44.31 14.19 -105.85
C VAL A 1221 44.41 14.68 -107.28
N SER A 1222 45.62 14.96 -107.76
CA SER A 1222 45.78 15.48 -109.11
C SER A 1222 45.26 14.51 -110.16
N THR A 1223 45.28 13.21 -109.86
CA THR A 1223 44.84 12.22 -110.84
C THR A 1223 43.34 12.20 -111.03
N LEU A 1224 42.57 12.85 -110.16
CA LEU A 1224 41.12 12.87 -110.29
C LEU A 1224 40.73 13.95 -111.28
N LYS A 1225 40.02 13.55 -112.35
CA LYS A 1225 39.74 14.48 -113.44
C LYS A 1225 38.64 15.47 -113.08
N TYR A 1226 37.59 15.01 -112.41
CA TYR A 1226 36.38 15.82 -112.24
C TYR A 1226 36.10 16.13 -110.77
N PHE A 1227 37.04 15.83 -109.87
CA PHE A 1227 36.85 16.14 -108.47
C PHE A 1227 36.66 17.64 -108.24
N THR A 1228 37.49 18.45 -108.88
CA THR A 1228 37.43 19.90 -108.70
C THR A 1228 36.14 20.47 -109.24
N ILE A 1229 35.74 20.07 -110.45
CA ILE A 1229 34.51 20.61 -111.03
C ILE A 1229 33.30 20.15 -110.24
N CYS A 1230 33.33 18.93 -109.70
CA CYS A 1230 32.26 18.49 -108.83
C CYS A 1230 32.79 17.50 -107.81
N GLY A 1231 32.97 17.98 -106.58
CA GLY A 1231 33.31 17.12 -105.47
C GLY A 1231 34.24 17.78 -104.47
N LEU A 1232 35.01 18.76 -104.92
CA LEU A 1232 35.92 19.46 -104.02
C LEU A 1232 35.19 20.50 -103.18
N GLN A 1233 34.39 21.35 -103.82
CA GLN A 1233 33.70 22.40 -103.09
C GLN A 1233 32.59 21.82 -102.22
N GLU A 1234 31.98 20.72 -102.66
CA GLU A 1234 30.89 20.12 -101.90
C GLU A 1234 31.35 19.50 -100.60
N GLY A 1235 32.66 19.36 -100.38
CA GLY A 1235 33.18 18.82 -99.15
C GLY A 1235 33.46 17.33 -99.18
N TYR A 1236 33.18 16.65 -100.29
CA TYR A 1236 33.46 15.22 -100.37
C TYR A 1236 34.97 14.98 -100.40
N GLU A 1237 35.39 13.90 -99.75
CA GLU A 1237 36.80 13.58 -99.65
C GLU A 1237 37.15 12.41 -100.56
N PRO A 1238 38.35 12.39 -101.13
CA PRO A 1238 38.81 11.20 -101.85
C PRO A 1238 38.89 10.01 -100.90
N PHE A 1239 38.63 8.82 -101.44
CA PHE A 1239 38.58 7.63 -100.61
C PHE A 1239 39.95 7.28 -100.05
N ALA A 1240 41.01 7.79 -100.66
CA ALA A 1240 42.37 7.48 -100.23
C ALA A 1240 43.12 8.75 -99.85
N VAL A 1241 42.46 9.63 -99.08
CA VAL A 1241 43.03 10.94 -98.81
C VAL A 1241 44.25 10.82 -97.90
N ASN A 1242 44.21 9.90 -96.94
CA ASN A 1242 45.22 9.81 -95.90
C ASN A 1242 45.71 8.37 -95.79
N THR A 1243 46.06 7.78 -96.93
CA THR A 1243 46.61 6.43 -96.97
C THR A 1243 48.03 6.49 -97.53
N ASN A 1244 48.99 6.00 -96.76
CA ASN A 1244 50.37 5.97 -97.24
C ASN A 1244 50.62 4.85 -98.24
N ARG A 1245 49.97 3.70 -98.06
CA ARG A 1245 50.15 2.56 -98.92
C ARG A 1245 48.86 2.26 -99.68
N ASP A 1246 49.01 1.62 -100.84
CA ASP A 1246 47.89 1.44 -101.75
C ASP A 1246 46.82 0.53 -101.15
N ILE A 1247 45.57 0.79 -101.51
CA ILE A 1247 44.46 -0.01 -101.03
C ILE A 1247 44.47 -1.38 -101.71
N THR A 1248 44.19 -2.41 -100.94
CA THR A 1248 44.16 -3.78 -101.43
C THR A 1248 42.91 -3.99 -102.28
N MET A 1249 43.09 -4.61 -103.43
CA MET A 1249 42.00 -4.92 -104.34
C MET A 1249 41.58 -6.37 -104.13
N TRP A 1250 40.28 -6.59 -104.00
CA TRP A 1250 39.73 -7.94 -103.91
C TRP A 1250 38.76 -8.16 -105.06
N LEU A 1251 38.92 -9.30 -105.74
CA LEU A 1251 38.11 -9.64 -106.91
C LEU A 1251 37.45 -11.00 -106.74
N SER A 1252 36.44 -11.25 -107.56
CA SER A 1252 35.74 -12.51 -107.52
C SER A 1252 36.64 -13.63 -108.00
N LYS A 1253 36.77 -14.68 -107.20
CA LYS A 1253 37.65 -15.78 -107.55
C LYS A 1253 37.10 -16.54 -108.74
N ARG A 1254 37.98 -16.84 -109.70
CA ARG A 1254 37.61 -17.55 -110.91
C ARG A 1254 37.51 -19.05 -110.71
N LEU A 1255 38.39 -19.62 -109.92
CA LEU A 1255 38.46 -21.06 -109.76
C LEU A 1255 37.63 -21.49 -108.56
N PRO A 1256 36.62 -22.33 -108.76
CA PRO A 1256 35.80 -22.78 -107.63
C PRO A 1256 36.59 -23.62 -106.64
N GLN A 1257 36.21 -23.53 -105.37
CA GLN A 1257 36.86 -24.28 -104.31
C GLN A 1257 35.80 -25.03 -103.49
N PHE A 1258 36.27 -25.99 -102.72
CA PHE A 1258 35.41 -26.80 -101.87
C PHE A 1258 35.28 -26.12 -100.52
N LEU A 1259 34.07 -25.74 -100.14
CA LEU A 1259 33.79 -25.16 -98.84
C LEU A 1259 32.60 -25.87 -98.20
N GLN A 1260 32.58 -25.83 -96.87
CA GLN A 1260 31.56 -26.57 -96.13
C GLN A 1260 30.16 -26.07 -96.47
N VAL A 1261 29.22 -27.01 -96.56
CA VAL A 1261 27.84 -26.68 -96.91
C VAL A 1261 27.25 -25.80 -95.81
N PRO A 1262 26.78 -24.61 -96.14
CA PRO A 1262 26.21 -23.73 -95.11
C PRO A 1262 24.92 -24.29 -94.55
N SER A 1263 24.67 -23.99 -93.28
CA SER A 1263 23.42 -24.40 -92.66
C SER A 1263 22.23 -23.66 -93.24
N ASN A 1264 22.45 -22.44 -93.75
CA ASN A 1264 21.39 -21.64 -94.34
C ASN A 1264 21.30 -21.80 -95.85
N HIS A 1265 21.95 -22.81 -96.43
CA HIS A 1265 21.89 -23.01 -97.87
C HIS A 1265 20.47 -23.26 -98.32
N GLU A 1266 20.13 -22.72 -99.49
CA GLU A 1266 18.79 -22.79 -100.02
C GLU A 1266 18.51 -24.08 -100.79
N HIS A 1267 19.53 -24.89 -101.06
CA HIS A 1267 19.32 -26.07 -101.90
C HIS A 1267 19.82 -27.35 -101.25
N ILE A 1268 20.89 -27.27 -100.47
CA ILE A 1268 21.52 -28.46 -99.90
C ILE A 1268 21.22 -28.52 -98.41
N GLU A 1269 20.87 -29.72 -97.94
CA GLU A 1269 20.74 -30.01 -96.52
C GLU A 1269 21.54 -31.26 -96.21
N VAL A 1270 22.34 -31.20 -95.15
CA VAL A 1270 23.18 -32.32 -94.73
C VAL A 1270 22.76 -32.73 -93.34
N THR A 1271 22.42 -34.01 -93.17
CA THR A 1271 22.03 -34.56 -91.88
C THR A 1271 23.05 -35.60 -91.46
N ARG A 1272 23.56 -35.47 -90.24
CA ARG A 1272 24.59 -36.36 -89.74
C ARG A 1272 23.92 -37.43 -88.88
N ILE A 1273 23.55 -38.54 -89.52
CA ILE A 1273 22.91 -39.63 -88.79
C ILE A 1273 23.96 -40.39 -87.99
N ASP A 1274 23.72 -40.52 -86.70
CA ASP A 1274 24.64 -41.23 -85.82
C ASP A 1274 24.51 -42.74 -86.02
N GLY A 1275 25.64 -43.43 -85.88
CA GLY A 1275 25.67 -44.87 -86.06
C GLY A 1275 25.23 -45.60 -84.81
N THR A 1276 24.29 -46.52 -84.98
CA THR A 1276 23.79 -47.33 -83.87
C THR A 1276 24.65 -48.58 -83.74
N ILE A 1277 24.19 -49.53 -82.93
CA ILE A 1277 24.91 -50.78 -82.76
C ILE A 1277 24.89 -51.60 -84.06
N ASP A 1278 23.78 -51.52 -84.80
CA ASP A 1278 23.61 -52.28 -86.02
C ASP A 1278 23.76 -51.45 -87.28
N SER A 1279 23.92 -50.13 -87.16
CA SER A 1279 24.01 -49.25 -88.30
C SER A 1279 25.27 -48.39 -88.19
N SER A 1280 25.97 -48.23 -89.31
CA SER A 1280 27.16 -47.39 -89.33
C SER A 1280 26.76 -45.92 -89.37
N PRO A 1281 27.66 -45.02 -88.95
CA PRO A 1281 27.37 -43.59 -89.08
C PRO A 1281 27.16 -43.21 -90.53
N CYS A 1282 26.24 -42.28 -90.76
CA CYS A 1282 25.85 -41.90 -92.11
C CYS A 1282 25.79 -40.38 -92.23
N LEU A 1283 26.08 -39.90 -93.43
CA LEU A 1283 25.91 -38.49 -93.80
C LEU A 1283 24.99 -38.43 -95.01
N LYS A 1284 23.84 -37.80 -94.85
CA LYS A 1284 22.80 -37.79 -95.86
C LYS A 1284 22.71 -36.41 -96.51
N VAL A 1285 22.70 -36.38 -97.84
CA VAL A 1285 22.59 -35.15 -98.60
C VAL A 1285 21.23 -35.15 -99.29
N THR A 1286 20.45 -34.11 -99.04
CA THR A 1286 19.11 -33.99 -99.60
C THR A 1286 18.85 -32.55 -100.01
N GLN A 1287 17.93 -32.36 -100.94
CA GLN A 1287 17.54 -31.02 -101.40
C GLN A 1287 16.25 -30.62 -100.69
N LYS A 1288 16.31 -29.52 -99.96
CA LYS A 1288 15.13 -29.01 -99.28
C LYS A 1288 14.18 -28.33 -100.24
N SER A 1289 14.70 -27.80 -101.35
CA SER A 1289 13.92 -27.00 -102.28
C SER A 1289 13.51 -27.77 -103.53
N PHE A 1290 13.66 -29.09 -103.53
CA PHE A 1290 13.35 -29.87 -104.72
C PHE A 1290 11.85 -29.80 -105.02
N GLY A 1291 11.53 -29.78 -106.30
CA GLY A 1291 10.15 -29.71 -106.75
C GLY A 1291 9.59 -28.31 -106.84
N SER A 1292 9.89 -27.48 -105.84
CA SER A 1292 9.40 -26.12 -105.83
C SER A 1292 10.12 -25.26 -106.88
N GLN A 1293 9.56 -24.09 -107.13
CA GLN A 1293 10.17 -23.16 -108.07
C GLN A 1293 11.50 -22.65 -107.50
N ASN A 1294 12.35 -22.16 -108.41
CA ASN A 1294 13.66 -21.60 -108.11
C ASN A 1294 14.66 -22.71 -107.81
N SER A 1295 14.18 -23.94 -107.75
CA SER A 1295 15.07 -25.08 -107.55
C SER A 1295 16.01 -25.22 -108.74
N ASN A 1296 17.27 -25.53 -108.44
CA ASN A 1296 18.32 -25.62 -109.46
C ASN A 1296 18.59 -27.09 -109.76
N THR A 1297 18.39 -27.48 -111.02
CA THR A 1297 18.65 -28.84 -111.47
C THR A 1297 19.98 -28.86 -112.22
N ASP A 1298 21.08 -28.79 -111.48
CA ASP A 1298 22.42 -28.90 -112.05
C ASP A 1298 23.24 -29.87 -111.22
N ILE A 1299 24.21 -30.51 -111.87
CA ILE A 1299 25.08 -31.44 -111.17
C ILE A 1299 25.87 -30.68 -110.10
N MET A 1300 25.88 -31.22 -108.90
CA MET A 1300 26.56 -30.58 -107.79
C MET A 1300 27.59 -31.52 -107.20
N PHE A 1301 28.80 -31.00 -106.97
CA PHE A 1301 29.96 -31.81 -106.62
C PHE A 1301 30.16 -31.79 -105.11
N TYR A 1302 30.18 -32.97 -104.50
CA TYR A 1302 30.33 -33.12 -103.06
C TYR A 1302 31.60 -33.90 -102.77
N ARG A 1303 32.27 -33.53 -101.68
CA ARG A 1303 33.44 -34.25 -101.21
C ARG A 1303 33.48 -34.22 -99.68
N LEU A 1304 34.28 -35.12 -99.12
CA LEU A 1304 34.49 -35.18 -97.69
C LEU A 1304 35.72 -34.37 -97.31
N SER A 1305 35.73 -33.88 -96.07
CA SER A 1305 36.76 -32.94 -95.65
C SER A 1305 38.14 -33.59 -95.59
N MET A 1306 38.23 -34.81 -95.10
CA MET A 1306 39.59 -35.26 -94.89
C MET A 1306 40.00 -36.30 -95.92
N PRO A 1307 41.27 -36.29 -96.35
CA PRO A 1307 41.71 -37.22 -97.38
C PRO A 1307 42.38 -38.47 -96.85
N ILE A 1308 42.41 -39.52 -97.66
CA ILE A 1308 43.20 -40.72 -97.36
C ILE A 1308 44.52 -40.60 -98.11
N GLU A 1309 45.62 -40.74 -97.38
CA GLU A 1309 46.95 -40.58 -97.94
C GLU A 1309 47.57 -41.95 -98.21
N CYS A 1310 48.03 -42.17 -99.43
CA CYS A 1310 48.68 -43.42 -99.77
C CYS A 1310 50.09 -43.46 -99.22
N ALA A 1311 50.67 -44.65 -99.20
CA ALA A 1311 52.00 -44.84 -98.64
C ALA A 1311 53.05 -44.17 -99.54
N GLU A 1312 54.16 -43.79 -98.92
CA GLU A 1312 55.26 -43.15 -99.63
C GLU A 1312 55.99 -44.09 -100.58
N VAL A 1313 56.22 -45.34 -100.16
CA VAL A 1313 56.89 -46.34 -100.98
C VAL A 1313 55.96 -47.52 -101.12
N PHE A 1314 55.59 -47.84 -102.36
CA PHE A 1314 54.68 -48.95 -102.60
C PHE A 1314 55.41 -50.28 -102.44
N SER A 1315 54.77 -51.21 -101.73
CA SER A 1315 55.36 -52.50 -101.48
C SER A 1315 55.46 -53.30 -102.78
N LYS A 1316 56.52 -54.10 -102.88
CA LYS A 1316 56.73 -54.95 -104.04
C LYS A 1316 56.26 -56.37 -103.78
N ARG A 1414 33.20 -63.90 -89.46
CA ARG A 1414 34.16 -63.36 -88.50
C ARG A 1414 35.38 -62.82 -89.23
N ASP A 1415 35.75 -61.58 -88.95
CA ASP A 1415 36.90 -60.96 -89.60
C ASP A 1415 38.14 -61.20 -88.75
N ASP A 1416 39.26 -61.43 -89.43
CA ASP A 1416 40.51 -61.68 -88.72
C ASP A 1416 41.04 -60.40 -88.07
N TYR A 1417 41.17 -60.44 -86.75
CA TYR A 1417 41.66 -59.27 -86.03
C TYR A 1417 43.10 -58.93 -86.37
N ASP A 1418 43.95 -59.94 -86.60
CA ASP A 1418 45.33 -59.68 -86.99
C ASP A 1418 45.40 -59.10 -88.40
N PHE A 1419 44.57 -59.59 -89.30
CA PHE A 1419 44.50 -59.02 -90.64
C PHE A 1419 44.03 -57.58 -90.58
N LEU A 1420 43.05 -57.30 -89.74
CA LEU A 1420 42.60 -55.92 -89.58
C LEU A 1420 43.67 -55.03 -89.00
N MET A 1421 44.58 -55.55 -88.17
CA MET A 1421 45.66 -54.74 -87.63
C MET A 1421 46.83 -54.56 -88.58
N GLN A 1422 47.08 -55.52 -89.46
CA GLN A 1422 48.17 -55.42 -90.43
C GLN A 1422 47.73 -54.84 -91.77
N THR A 1423 46.45 -54.61 -91.97
CA THR A 1423 45.94 -54.19 -93.26
C THR A 1423 46.01 -52.67 -93.41
N SER A 1424 46.00 -52.21 -94.66
CA SER A 1424 45.96 -50.80 -94.99
C SER A 1424 44.83 -50.46 -95.95
N THR A 1425 43.81 -51.29 -96.03
CA THR A 1425 42.70 -51.07 -96.96
C THR A 1425 41.53 -50.45 -96.22
N TYR A 1426 40.99 -49.37 -96.77
CA TYR A 1426 39.91 -48.61 -96.14
C TYR A 1426 38.69 -48.60 -97.04
N TYR A 1427 37.52 -48.43 -96.43
CA TYR A 1427 36.26 -48.62 -97.13
C TYR A 1427 35.27 -47.53 -96.74
N TYR A 1428 34.52 -47.04 -97.73
CA TYR A 1428 33.32 -46.28 -97.48
C TYR A 1428 32.33 -46.63 -98.59
N SER A 1429 31.04 -46.44 -98.30
CA SER A 1429 30.00 -46.78 -99.24
C SER A 1429 29.00 -45.65 -99.35
N VAL A 1430 28.33 -45.58 -100.50
CA VAL A 1430 27.34 -44.56 -100.78
C VAL A 1430 26.03 -45.22 -101.15
N ARG A 1431 24.94 -44.79 -100.51
CA ARG A 1431 23.61 -45.31 -100.77
C ARG A 1431 22.85 -44.31 -101.61
N ILE A 1432 22.47 -44.70 -102.82
CA ILE A 1432 21.60 -43.87 -103.65
C ILE A 1432 20.16 -44.26 -103.38
N PHE A 1433 19.42 -43.35 -102.78
CA PHE A 1433 18.07 -43.65 -102.35
C PHE A 1433 17.17 -43.96 -103.53
N PRO A 1434 16.28 -44.94 -103.39
CA PRO A 1434 15.39 -45.30 -104.50
C PRO A 1434 14.58 -44.10 -104.95
N GLY A 1435 14.48 -43.91 -106.26
CA GLY A 1435 13.88 -42.74 -106.84
C GLY A 1435 14.86 -41.72 -107.37
N GLN A 1436 16.14 -41.83 -107.01
CA GLN A 1436 17.19 -40.97 -107.55
C GLN A 1436 17.85 -41.68 -108.71
N GLU A 1437 17.96 -41.00 -109.84
CA GLU A 1437 18.51 -41.63 -111.03
C GLU A 1437 19.97 -41.99 -110.83
N PRO A 1438 20.36 -43.26 -110.97
CA PRO A 1438 21.77 -43.62 -110.80
C PRO A 1438 22.67 -43.08 -111.89
N ALA A 1439 22.14 -42.83 -113.09
CA ALA A 1439 22.97 -42.30 -114.16
C ALA A 1439 23.44 -40.89 -113.85
N ASN A 1440 22.75 -40.19 -112.95
CA ASN A 1440 23.11 -38.83 -112.56
C ASN A 1440 24.03 -38.80 -111.36
N VAL A 1441 24.44 -39.95 -110.85
CA VAL A 1441 25.24 -40.03 -109.63
C VAL A 1441 26.56 -40.71 -109.96
N TRP A 1442 27.67 -40.09 -109.56
CA TRP A 1442 28.99 -40.65 -109.72
C TRP A 1442 29.63 -40.80 -108.35
N VAL A 1443 30.34 -41.90 -108.13
CA VAL A 1443 30.98 -42.19 -106.85
C VAL A 1443 32.43 -42.55 -107.08
N GLY A 1444 33.29 -42.10 -106.19
CA GLY A 1444 34.70 -42.44 -106.25
C GLY A 1444 35.53 -41.48 -105.42
N TRP A 1445 36.79 -41.33 -105.82
CA TRP A 1445 37.76 -40.50 -105.14
C TRP A 1445 38.23 -39.38 -106.05
N ILE A 1446 38.57 -38.24 -105.45
CA ILE A 1446 39.18 -37.14 -106.17
C ILE A 1446 40.36 -36.61 -105.37
N THR A 1447 41.25 -35.90 -106.04
CA THR A 1447 42.40 -35.29 -105.38
C THR A 1447 42.12 -33.81 -105.13
N SER A 1448 43.15 -33.11 -104.65
CA SER A 1448 42.97 -31.70 -104.31
C SER A 1448 42.93 -30.82 -105.54
N ASP A 1449 43.44 -31.29 -106.67
CA ASP A 1449 43.52 -30.47 -107.87
C ASP A 1449 42.17 -30.27 -108.55
N PHE A 1450 41.14 -30.98 -108.13
CA PHE A 1450 39.85 -30.94 -108.80
C PHE A 1450 39.20 -29.58 -108.58
N HIS A 1451 39.19 -28.76 -109.62
CA HIS A 1451 38.53 -27.45 -109.61
C HIS A 1451 37.68 -27.29 -110.86
N GLN A 1452 37.14 -28.38 -111.38
CA GLN A 1452 36.42 -28.39 -112.64
C GLN A 1452 34.93 -28.35 -112.36
N TYR A 1453 34.30 -27.22 -112.68
CA TYR A 1453 32.86 -27.04 -112.54
C TYR A 1453 32.26 -26.99 -113.93
N ASP A 1454 31.64 -28.10 -114.35
CA ASP A 1454 30.96 -28.19 -115.63
C ASP A 1454 29.53 -28.60 -115.39
N THR A 1455 28.59 -27.89 -116.02
CA THR A 1455 27.18 -28.25 -115.90
C THR A 1455 26.92 -29.64 -116.46
N GLY A 1456 27.71 -30.06 -117.44
CA GLY A 1456 27.64 -31.42 -117.94
C GLY A 1456 28.92 -32.17 -117.68
N PHE A 1457 28.87 -33.15 -116.79
CA PHE A 1457 30.05 -33.90 -116.38
C PHE A 1457 29.98 -35.31 -116.93
N ASP A 1458 31.08 -35.74 -117.56
CA ASP A 1458 31.21 -37.09 -118.07
C ASP A 1458 32.58 -37.62 -117.68
N LEU A 1459 32.67 -38.94 -117.48
CA LEU A 1459 33.94 -39.52 -117.07
C LEU A 1459 35.00 -39.39 -118.15
N ASP A 1460 34.60 -39.18 -119.41
CA ASP A 1460 35.60 -39.07 -120.47
C ASP A 1460 36.27 -37.71 -120.44
N ARG A 1461 35.66 -36.73 -119.80
CA ARG A 1461 36.14 -35.36 -119.83
C ARG A 1461 37.09 -35.03 -118.68
N VAL A 1462 37.43 -36.01 -117.85
CA VAL A 1462 38.33 -35.75 -116.72
C VAL A 1462 39.73 -35.46 -117.25
N ARG A 1463 40.49 -34.69 -116.49
CA ARG A 1463 41.84 -34.35 -116.90
C ARG A 1463 42.80 -35.48 -116.56
N THR A 1464 43.50 -35.97 -117.56
CA THR A 1464 44.43 -37.08 -117.38
C THR A 1464 45.73 -36.76 -118.09
N VAL A 1465 46.79 -37.45 -117.67
CA VAL A 1465 48.10 -37.37 -118.32
C VAL A 1465 48.84 -38.67 -118.05
N THR A 1466 49.65 -39.07 -119.02
CA THR A 1466 50.41 -40.32 -118.93
C THR A 1466 51.90 -39.99 -119.11
N VAL A 1467 52.63 -39.99 -118.00
CA VAL A 1467 54.07 -39.77 -118.07
C VAL A 1467 54.76 -41.11 -118.33
N THR A 1468 55.50 -41.19 -119.42
CA THR A 1468 56.16 -42.43 -119.83
C THR A 1468 57.67 -42.21 -119.80
N LEU A 1469 58.31 -42.65 -118.73
CA LEU A 1469 59.76 -42.59 -118.63
C LEU A 1469 60.35 -43.84 -119.26
N GLY A 1470 61.32 -43.64 -120.16
CA GLY A 1470 61.91 -44.75 -120.88
C GLY A 1470 63.42 -44.78 -120.71
N ASP A 1471 64.00 -45.89 -121.14
CA ASP A 1471 65.44 -46.08 -121.06
C ASP A 1471 66.17 -45.25 -122.10
N GLU A 1472 67.51 -45.37 -122.15
CA GLU A 1472 68.30 -44.62 -123.11
C GLU A 1472 67.93 -45.01 -124.55
N LYS A 1473 67.71 -46.31 -124.79
CA LYS A 1473 67.32 -46.75 -126.12
C LYS A 1473 65.97 -46.18 -126.53
N GLY A 1474 65.09 -45.92 -125.56
CA GLY A 1474 63.77 -45.39 -125.83
C GLY A 1474 62.64 -46.32 -125.46
N LYS A 1475 62.94 -47.53 -125.02
CA LYS A 1475 61.89 -48.46 -124.60
C LYS A 1475 61.26 -47.96 -123.30
N VAL A 1476 59.93 -47.87 -123.29
CA VAL A 1476 59.20 -47.34 -122.14
C VAL A 1476 59.14 -48.44 -121.09
N HIS A 1477 60.02 -48.34 -120.08
CA HIS A 1477 60.02 -49.35 -119.03
C HIS A 1477 58.87 -49.13 -118.04
N GLU A 1478 58.32 -47.92 -117.99
CA GLU A 1478 57.21 -47.65 -117.10
C GLU A 1478 56.38 -46.49 -117.64
N SER A 1479 55.06 -46.63 -117.52
CA SER A 1479 54.11 -45.58 -117.91
C SER A 1479 53.22 -45.31 -116.71
N ILE A 1480 52.94 -44.04 -116.45
CA ILE A 1480 52.25 -43.62 -115.24
C ILE A 1480 51.05 -42.78 -115.64
N LYS A 1481 49.85 -43.26 -115.33
CA LYS A 1481 48.64 -42.48 -115.54
C LYS A 1481 48.36 -41.63 -114.32
N ARG A 1482 48.18 -40.33 -114.52
CA ARG A 1482 47.93 -39.40 -113.44
C ARG A 1482 46.69 -38.59 -113.75
N SER A 1483 45.76 -38.54 -112.80
CA SER A 1483 44.50 -37.83 -112.98
C SER A 1483 44.03 -37.30 -111.63
N ASN A 1484 43.09 -36.36 -111.67
CA ASN A 1484 42.56 -35.78 -110.45
C ASN A 1484 41.24 -36.42 -110.03
N CYS A 1485 40.58 -37.15 -110.92
CA CYS A 1485 39.30 -37.77 -110.61
C CYS A 1485 39.37 -39.26 -110.89
N TYR A 1486 38.98 -40.06 -109.90
CA TYR A 1486 38.90 -41.52 -110.03
C TYR A 1486 37.52 -41.91 -109.52
N MET A 1487 36.54 -41.92 -110.42
CA MET A 1487 35.15 -42.08 -110.03
C MET A 1487 34.44 -42.97 -111.04
N VAL A 1488 33.32 -43.55 -110.61
CA VAL A 1488 32.52 -44.43 -111.45
C VAL A 1488 31.07 -43.98 -111.41
N CYS A 1489 30.33 -44.42 -112.42
CA CYS A 1489 28.92 -44.05 -112.54
C CYS A 1489 28.04 -45.18 -112.03
N ALA A 1490 26.99 -44.81 -111.30
CA ALA A 1490 26.06 -45.81 -110.79
C ALA A 1490 25.16 -46.36 -111.87
N GLY A 1491 24.87 -45.57 -112.91
CA GLY A 1491 24.03 -46.07 -114.00
C GLY A 1491 24.64 -47.27 -114.68
N GLU A 1492 25.95 -47.21 -114.97
CA GLU A 1492 26.62 -48.37 -115.55
C GLU A 1492 26.87 -49.45 -114.50
N SER A 1493 27.01 -49.06 -113.24
CA SER A 1493 27.20 -50.05 -112.17
C SER A 1493 25.95 -50.89 -112.00
N MET A 1494 24.79 -50.36 -112.42
CA MET A 1494 23.53 -51.10 -112.35
C MET A 1494 23.55 -52.23 -113.38
N SER A 1495 24.35 -53.26 -113.07
CA SER A 1495 24.45 -54.40 -113.98
C SER A 1495 23.25 -55.35 -113.87
N PRO A 1496 22.92 -55.89 -112.70
CA PRO A 1496 21.83 -56.90 -112.67
C PRO A 1496 20.48 -56.35 -113.11
N GLY A 1497 20.20 -55.09 -112.81
CA GLY A 1497 18.91 -54.53 -113.18
C GLY A 1497 17.82 -54.90 -112.20
N GLN A 1498 16.96 -53.93 -111.91
CA GLN A 1498 15.84 -54.02 -110.97
C GLN A 1498 16.27 -54.32 -109.54
N GLY A 1499 17.57 -54.33 -109.26
CA GLY A 1499 18.07 -54.55 -107.92
C GLY A 1499 18.21 -53.31 -107.07
N ARG A 1500 17.83 -52.14 -107.60
CA ARG A 1500 17.94 -50.90 -106.85
C ARG A 1500 16.58 -50.32 -106.44
N ASN A 1501 15.53 -50.58 -107.21
CA ASN A 1501 14.21 -50.08 -106.85
C ASN A 1501 13.73 -50.64 -105.52
N ASN A 1502 14.02 -51.91 -105.24
CA ASN A 1502 13.65 -52.48 -103.95
C ASN A 1502 14.47 -51.88 -102.81
N ASN A 1503 15.79 -51.79 -103.00
CA ASN A 1503 16.67 -51.20 -102.00
C ASN A 1503 17.73 -50.38 -102.71
N GLY A 1504 18.03 -49.20 -102.15
CA GLY A 1504 18.93 -48.28 -102.81
C GLY A 1504 20.28 -48.92 -103.10
N LEU A 1505 20.82 -48.64 -104.27
CA LEU A 1505 22.07 -49.24 -104.70
C LEU A 1505 23.22 -48.73 -103.83
N GLU A 1506 24.19 -49.60 -103.58
CA GLU A 1506 25.33 -49.29 -102.72
C GLU A 1506 26.62 -49.57 -103.46
N ILE A 1507 27.33 -48.52 -103.86
CA ILE A 1507 28.69 -48.66 -104.36
C ILE A 1507 29.63 -48.69 -103.17
N GLY A 1508 30.53 -49.67 -103.17
CA GLY A 1508 31.53 -49.75 -102.14
C GLY A 1508 32.91 -49.40 -102.68
N CYS A 1509 33.55 -48.41 -102.08
CA CYS A 1509 34.86 -47.95 -102.49
C CYS A 1509 35.91 -48.44 -101.51
N VAL A 1510 36.87 -49.21 -101.99
CA VAL A 1510 37.97 -49.70 -101.18
C VAL A 1510 39.28 -49.17 -101.76
N VAL A 1511 40.12 -48.60 -100.89
CA VAL A 1511 41.40 -48.04 -101.28
C VAL A 1511 42.49 -48.80 -100.55
N ASP A 1512 43.50 -49.25 -101.29
CA ASP A 1512 44.65 -49.94 -100.73
C ASP A 1512 45.78 -48.93 -100.62
N ALA A 1513 45.94 -48.34 -99.45
CA ALA A 1513 46.96 -47.31 -99.24
C ALA A 1513 48.37 -47.85 -99.37
N ALA A 1514 48.57 -49.16 -99.25
CA ALA A 1514 49.89 -49.74 -99.39
C ALA A 1514 50.28 -49.98 -100.83
N SER A 1515 49.30 -50.20 -101.72
CA SER A 1515 49.56 -50.44 -103.13
C SER A 1515 48.98 -49.40 -104.06
N GLY A 1516 48.12 -48.52 -103.58
CA GLY A 1516 47.53 -47.52 -104.44
C GLY A 1516 46.51 -48.05 -105.42
N LEU A 1517 45.88 -49.17 -105.11
CA LEU A 1517 44.91 -49.79 -106.00
C LEU A 1517 43.51 -49.38 -105.58
N LEU A 1518 42.77 -48.75 -106.48
CA LEU A 1518 41.42 -48.29 -106.22
C LEU A 1518 40.44 -49.19 -106.97
N THR A 1519 39.70 -50.01 -106.23
CA THR A 1519 38.69 -50.87 -106.82
C THR A 1519 37.33 -50.58 -106.20
N PHE A 1520 36.28 -50.85 -106.97
CA PHE A 1520 34.92 -50.53 -106.56
C PHE A 1520 34.08 -51.80 -106.57
N ILE A 1521 33.22 -51.95 -105.56
CA ILE A 1521 32.28 -53.05 -105.48
C ILE A 1521 30.89 -52.47 -105.41
N ALA A 1522 29.95 -53.07 -106.15
CA ALA A 1522 28.58 -52.61 -106.20
C ALA A 1522 27.66 -53.80 -106.00
N ASN A 1523 26.75 -53.68 -105.03
CA ASN A 1523 25.79 -54.74 -104.70
C ASN A 1523 26.50 -56.06 -104.40
N GLY A 1524 27.64 -55.99 -103.72
CA GLY A 1524 28.33 -57.19 -103.29
C GLY A 1524 29.17 -57.86 -104.35
N LYS A 1525 29.35 -57.25 -105.52
CA LYS A 1525 30.17 -57.81 -106.57
C LYS A 1525 31.12 -56.75 -107.11
N GLU A 1526 32.36 -57.16 -107.37
CA GLU A 1526 33.39 -56.22 -107.78
C GLU A 1526 33.14 -55.73 -109.21
N LEU A 1527 33.26 -54.43 -109.41
CA LEU A 1527 33.15 -53.87 -110.75
C LEU A 1527 34.47 -54.03 -111.50
N SER A 1528 34.38 -53.97 -112.82
CA SER A 1528 35.56 -54.16 -113.65
C SER A 1528 36.51 -52.98 -113.58
N THR A 1529 35.99 -51.76 -113.45
CA THR A 1529 36.84 -50.59 -113.44
C THR A 1529 37.71 -50.54 -112.19
N TYR A 1530 38.99 -50.26 -112.38
CA TYR A 1530 39.93 -50.14 -111.29
C TYR A 1530 40.95 -49.05 -111.63
N TYR A 1531 41.42 -48.35 -110.62
CA TYR A 1531 42.37 -47.26 -110.78
C TYR A 1531 43.60 -47.54 -109.95
N GLN A 1532 44.77 -47.31 -110.54
CA GLN A 1532 46.04 -47.44 -109.81
C GLN A 1532 46.67 -46.05 -109.71
N VAL A 1533 46.90 -45.59 -108.48
CA VAL A 1533 47.45 -44.26 -108.26
C VAL A 1533 48.90 -44.36 -107.85
N GLU A 1534 49.62 -43.26 -107.97
CA GLU A 1534 51.03 -43.17 -107.63
C GLU A 1534 51.20 -42.88 -106.14
N PRO A 1535 52.37 -43.18 -105.58
CA PRO A 1535 52.55 -43.04 -104.12
C PRO A 1535 52.37 -41.60 -103.65
N SER A 1536 51.98 -41.46 -102.40
CA SER A 1536 51.78 -40.21 -101.67
C SER A 1536 50.56 -39.45 -102.18
N THR A 1537 49.71 -40.07 -102.99
CA THR A 1537 48.51 -39.40 -103.46
C THR A 1537 47.50 -39.25 -102.32
N LYS A 1538 46.94 -38.05 -102.20
CA LYS A 1538 45.93 -37.75 -101.19
C LYS A 1538 44.57 -37.78 -101.86
N LEU A 1539 43.73 -38.74 -101.48
CA LEU A 1539 42.44 -38.97 -102.13
C LEU A 1539 41.31 -38.54 -101.21
N PHE A 1540 40.42 -37.72 -101.72
CA PHE A 1540 39.23 -37.28 -101.00
C PHE A 1540 38.02 -38.08 -101.46
N PRO A 1541 37.24 -38.66 -100.56
CA PRO A 1541 35.96 -39.25 -100.97
C PRO A 1541 35.09 -38.19 -101.61
N ALA A 1542 34.42 -38.55 -102.70
CA ALA A 1542 33.66 -37.57 -103.44
C ALA A 1542 32.49 -38.24 -104.14
N VAL A 1543 31.37 -37.52 -104.21
CA VAL A 1543 30.19 -37.97 -104.94
C VAL A 1543 29.65 -36.80 -105.75
N PHE A 1544 29.52 -36.99 -107.06
CA PHE A 1544 28.90 -36.01 -107.93
C PHE A 1544 27.52 -36.49 -108.31
N ALA A 1545 26.51 -35.64 -108.12
CA ALA A 1545 25.14 -36.06 -108.32
C ALA A 1545 24.28 -34.91 -108.81
N GLN A 1546 23.40 -35.22 -109.74
CA GLN A 1546 22.32 -34.33 -110.14
C GLN A 1546 21.02 -34.88 -109.56
N ALA A 1547 20.33 -34.07 -108.78
CA ALA A 1547 19.20 -34.56 -107.99
C ALA A 1547 17.97 -34.74 -108.84
N THR A 1548 17.39 -35.94 -108.80
CA THR A 1548 16.09 -36.22 -109.36
C THR A 1548 15.08 -36.56 -108.28
N SER A 1549 15.37 -36.24 -107.03
CA SER A 1549 14.53 -36.62 -105.90
C SER A 1549 14.83 -35.67 -104.76
N PRO A 1550 13.90 -35.55 -103.80
CA PRO A 1550 14.23 -34.76 -102.60
C PRO A 1550 15.43 -35.30 -101.86
N ASN A 1551 15.59 -36.62 -101.82
CA ASN A 1551 16.75 -37.26 -101.21
C ASN A 1551 17.68 -37.74 -102.33
N VAL A 1552 18.95 -37.42 -102.21
CA VAL A 1552 19.90 -37.67 -103.30
C VAL A 1552 20.71 -38.92 -103.01
N PHE A 1553 21.50 -38.89 -101.94
CA PHE A 1553 22.35 -40.02 -101.60
C PHE A 1553 22.72 -39.94 -100.13
N GLN A 1554 23.58 -40.86 -99.70
CA GLN A 1554 23.95 -40.95 -98.29
C GLN A 1554 25.37 -41.51 -98.18
N PHE A 1555 26.24 -40.75 -97.54
CA PHE A 1555 27.58 -41.25 -97.21
C PHE A 1555 27.47 -42.26 -96.07
N GLU A 1556 27.91 -43.48 -96.31
CA GLU A 1556 27.94 -44.51 -95.28
C GLU A 1556 29.39 -44.84 -94.95
N LEU A 1557 29.73 -44.76 -93.66
CA LEU A 1557 31.11 -44.89 -93.21
C LEU A 1557 31.33 -46.20 -92.47
N GLY A 1558 30.72 -47.28 -92.95
CA GLY A 1558 30.90 -48.59 -92.37
C GLY A 1558 32.11 -49.30 -92.92
N ARG A 1559 32.18 -50.60 -92.64
CA ARG A 1559 33.27 -51.43 -93.13
C ARG A 1559 32.71 -52.77 -93.56
N ILE A 1560 33.47 -53.46 -94.41
CA ILE A 1560 33.16 -54.81 -94.83
C ILE A 1560 34.26 -55.74 -94.31
N LYS A 1561 34.11 -57.02 -94.59
CA LYS A 1561 35.05 -58.01 -94.08
C LYS A 1561 36.45 -57.76 -94.62
N ASN A 1562 37.45 -57.91 -93.75
CA ASN A 1562 38.87 -57.79 -94.06
C ASN A 1562 39.28 -56.39 -94.48
N VAL A 1563 38.48 -55.37 -94.18
CA VAL A 1563 38.81 -54.01 -94.55
C VAL A 1563 38.57 -53.10 -93.34
N MET A 1564 39.42 -52.07 -93.22
CA MET A 1564 39.45 -51.08 -92.16
C MET A 1564 38.37 -50.04 -92.42
N PRO A 1565 37.75 -49.47 -91.39
CA PRO A 1565 36.84 -48.35 -91.62
C PRO A 1565 37.60 -47.10 -92.06
N LEU A 1566 36.86 -46.20 -92.72
CA LEU A 1566 37.46 -44.98 -93.27
C LEU A 1566 38.06 -44.08 -92.20
N SER A 1567 37.44 -43.98 -91.03
CA SER A 1567 37.99 -43.17 -89.95
C SER A 1567 39.35 -43.67 -89.49
N ALA A 1568 39.60 -44.98 -89.54
CA ALA A 1568 40.89 -45.52 -89.16
C ALA A 1568 42.02 -45.04 -90.06
N GLY A 1569 41.72 -44.63 -91.28
CA GLY A 1569 42.73 -44.09 -92.16
C GLY A 1569 42.75 -42.58 -92.14
N LEU A 1570 41.58 -41.97 -91.94
CA LEU A 1570 41.51 -40.52 -91.88
C LEU A 1570 42.22 -39.98 -90.65
N PHE A 1571 41.95 -40.56 -89.48
CA PHE A 1571 42.50 -40.06 -88.23
C PHE A 1571 43.64 -40.95 -87.75
N LYS A 1572 44.65 -40.33 -87.16
CA LYS A 1572 45.82 -41.02 -86.65
C LYS A 1572 45.56 -41.72 -85.32
N SER A 1573 44.72 -41.14 -84.47
CA SER A 1573 44.44 -41.74 -83.17
C SER A 1573 43.63 -43.02 -83.31
N GLU A 1574 42.83 -43.14 -84.38
CA GLU A 1574 41.97 -44.30 -84.61
C GLU A 1574 42.61 -45.31 -85.57
N HIS A 1575 43.93 -45.31 -85.65
CA HIS A 1575 44.60 -46.15 -86.65
C HIS A 1575 44.33 -47.63 -86.41
N LYS A 1576 44.12 -48.02 -85.17
CA LYS A 1576 43.89 -49.44 -84.86
C LYS A 1576 42.53 -49.64 -84.20
N ASN A 1577 41.51 -48.94 -84.69
CA ASN A 1577 40.16 -49.03 -84.12
C ASN A 1577 39.20 -49.56 -85.17
N PRO A 1578 38.84 -50.84 -85.13
CA PRO A 1578 37.93 -51.37 -86.14
C PRO A 1578 36.54 -50.78 -86.10
N VAL A 1579 36.14 -50.17 -84.99
CA VAL A 1579 34.79 -49.61 -84.91
C VAL A 1579 34.70 -48.39 -85.82
N PRO A 1580 33.76 -48.34 -86.76
CA PRO A 1580 33.63 -47.15 -87.60
C PRO A 1580 33.22 -45.94 -86.78
N GLN A 1581 33.70 -44.77 -87.21
CA GLN A 1581 33.47 -43.53 -86.48
C GLN A 1581 33.29 -42.39 -87.47
N CYS A 1582 32.55 -41.37 -87.04
CA CYS A 1582 32.36 -40.15 -87.81
C CYS A 1582 32.59 -38.96 -86.89
N PRO A 1583 33.84 -38.60 -86.63
CA PRO A 1583 34.13 -37.48 -85.73
C PRO A 1583 33.63 -36.17 -86.30
N PRO A 1584 33.41 -35.17 -85.45
CA PRO A 1584 32.84 -33.91 -85.94
C PRO A 1584 33.68 -33.20 -86.96
N ARG A 1585 34.98 -33.49 -87.04
CA ARG A 1585 35.83 -32.84 -88.04
C ARG A 1585 35.37 -33.19 -89.45
N LEU A 1586 35.00 -34.44 -89.68
CA LEU A 1586 34.52 -34.86 -90.97
C LEU A 1586 33.18 -34.20 -91.28
N HIS A 1587 33.07 -33.61 -92.47
CA HIS A 1587 31.82 -32.99 -92.89
C HIS A 1587 31.80 -32.89 -94.39
N VAL A 1588 30.59 -32.78 -94.96
CA VAL A 1588 30.44 -32.73 -96.40
C VAL A 1588 30.73 -31.33 -96.91
N GLN A 1589 31.51 -31.26 -97.98
CA GLN A 1589 31.84 -30.00 -98.64
C GLN A 1589 31.38 -30.05 -100.08
N PHE A 1590 31.12 -28.88 -100.65
CA PHE A 1590 30.65 -28.80 -102.03
C PHE A 1590 31.41 -27.70 -102.77
N LEU A 1591 31.51 -27.87 -104.08
CA LEU A 1591 32.18 -26.91 -104.93
C LEU A 1591 31.32 -25.65 -105.06
N SER A 1592 31.92 -24.49 -104.84
CA SER A 1592 31.18 -23.25 -104.84
C SER A 1592 32.01 -22.14 -105.48
N HIS A 1593 31.32 -21.10 -105.95
CA HIS A 1593 31.94 -19.95 -106.58
C HIS A 1593 31.89 -18.69 -105.73
N VAL A 1594 31.28 -18.75 -104.55
CA VAL A 1594 31.17 -17.55 -103.72
C VAL A 1594 32.41 -17.41 -102.85
N LEU A 1595 33.48 -16.88 -103.44
CA LEU A 1595 34.75 -16.68 -102.75
C LEU A 1595 35.46 -15.50 -103.39
N TRP A 1596 36.23 -14.78 -102.60
CA TRP A 1596 36.98 -13.64 -103.09
C TRP A 1596 38.46 -13.98 -103.20
N SER A 1597 39.16 -13.21 -104.02
CA SER A 1597 40.60 -13.37 -104.22
C SER A 1597 41.28 -12.02 -104.05
N ARG A 1598 42.45 -12.05 -103.42
CA ARG A 1598 43.17 -10.84 -103.05
C ARG A 1598 44.23 -10.53 -104.10
N MET A 1599 44.08 -9.41 -104.78
CA MET A 1599 45.11 -8.97 -105.72
C MET A 1599 46.39 -8.65 -104.97
N PRO A 1600 47.54 -9.18 -105.39
CA PRO A 1600 48.80 -8.83 -104.72
C PRO A 1600 49.07 -7.35 -104.81
N ASN A 1601 49.65 -6.81 -103.72
CA ASN A 1601 50.00 -5.40 -103.71
C ASN A 1601 51.13 -5.11 -104.67
N GLN A 1602 52.04 -6.05 -104.86
CA GLN A 1602 53.19 -5.89 -105.73
C GLN A 1602 53.38 -7.15 -106.57
N PHE A 1603 53.75 -6.95 -107.84
CA PHE A 1603 53.98 -8.04 -108.76
C PHE A 1603 55.44 -8.10 -109.15
N LEU A 1604 55.85 -9.24 -109.70
CA LEU A 1604 57.19 -9.37 -110.25
C LEU A 1604 57.36 -8.44 -111.44
N LYS A 1605 58.48 -7.74 -111.47
CA LYS A 1605 58.79 -6.84 -112.57
C LYS A 1605 59.54 -7.60 -113.66
N VAL A 1606 58.87 -7.82 -114.79
CA VAL A 1606 59.43 -8.61 -115.88
C VAL A 1606 59.53 -7.70 -117.11
N ASP A 1607 60.70 -7.69 -117.73
CA ASP A 1607 60.94 -6.90 -118.93
C ASP A 1607 60.99 -7.82 -120.14
N VAL A 1608 60.19 -7.52 -121.15
CA VAL A 1608 60.13 -8.31 -122.37
C VAL A 1608 60.40 -7.38 -123.55
N SER A 1609 61.25 -7.84 -124.47
CA SER A 1609 61.59 -7.06 -125.65
C SER A 1609 62.25 -7.97 -126.67
N ARG A 1610 62.05 -7.65 -127.95
CA ARG A 1610 62.69 -8.39 -129.03
C ARG A 1610 64.07 -7.81 -129.28
N ILE A 1611 65.11 -8.57 -128.96
CA ILE A 1611 66.48 -8.08 -129.14
C ILE A 1611 66.78 -7.84 -130.62
N SER A 1612 66.50 -8.85 -131.44
CA SER A 1612 66.73 -8.75 -132.88
C SER A 1612 66.00 -9.91 -133.55
N GLU A 1613 66.13 -9.96 -134.87
CA GLU A 1613 65.51 -11.05 -135.62
C GLU A 1613 66.14 -12.39 -135.24
N ARG A 1614 67.46 -12.44 -135.11
CA ARG A 1614 68.12 -13.69 -134.78
C ARG A 1614 67.98 -14.03 -133.30
N GLN A 1615 68.04 -13.01 -132.44
CA GLN A 1615 68.15 -13.27 -131.01
C GLN A 1615 66.82 -13.55 -130.33
N GLY A 1616 65.70 -13.38 -131.02
CA GLY A 1616 64.42 -13.70 -130.43
C GLY A 1616 63.96 -12.67 -129.42
N TRP A 1617 63.01 -13.10 -128.58
CA TRP A 1617 62.42 -12.25 -127.57
C TRP A 1617 63.05 -12.52 -126.22
N LEU A 1618 63.47 -11.46 -125.54
CA LEU A 1618 64.16 -11.55 -124.26
C LEU A 1618 63.17 -11.37 -123.12
N VAL A 1619 63.15 -12.32 -122.20
CA VAL A 1619 62.37 -12.22 -120.97
C VAL A 1619 63.35 -12.14 -119.81
N GLN A 1620 63.21 -11.10 -119.00
CA GLN A 1620 64.19 -10.80 -117.96
C GLN A 1620 63.49 -10.46 -116.66
N CYS A 1621 63.99 -11.00 -115.56
CA CYS A 1621 63.44 -10.75 -114.22
C CYS A 1621 64.57 -10.92 -113.22
N LEU A 1622 64.97 -9.83 -112.58
CA LEU A 1622 66.13 -9.85 -111.69
C LEU A 1622 65.84 -9.34 -110.29
N ASP A 1623 64.61 -8.92 -109.99
CA ASP A 1623 64.30 -8.37 -108.68
C ASP A 1623 63.54 -9.38 -107.85
N PRO A 1624 64.04 -9.77 -106.69
CA PRO A 1624 63.38 -10.82 -105.91
C PRO A 1624 62.11 -10.34 -105.25
N LEU A 1625 61.08 -11.19 -105.33
CA LEU A 1625 59.82 -10.99 -104.65
C LEU A 1625 59.45 -12.28 -103.94
N GLN A 1626 58.77 -12.14 -102.82
CA GLN A 1626 58.57 -13.30 -101.96
C GLN A 1626 57.41 -13.04 -101.02
N PHE A 1627 56.58 -14.06 -100.78
CA PHE A 1627 55.41 -13.93 -99.94
C PHE A 1627 55.33 -15.12 -98.98
N MET A 1628 54.62 -14.91 -97.88
CA MET A 1628 54.44 -15.95 -96.87
C MET A 1628 53.16 -16.74 -97.18
N SER A 1629 53.30 -18.06 -97.23
CA SER A 1629 52.19 -18.93 -97.57
C SER A 1629 51.76 -19.72 -96.35
N LEU A 1630 50.46 -19.72 -96.07
CA LEU A 1630 49.88 -20.48 -94.98
C LEU A 1630 49.25 -21.73 -95.56
N HIS A 1631 49.65 -22.90 -95.06
CA HIS A 1631 49.25 -24.18 -95.61
C HIS A 1631 48.24 -24.84 -94.68
N ILE A 1632 47.06 -25.14 -95.20
CA ILE A 1632 46.05 -25.89 -94.45
C ILE A 1632 46.36 -27.37 -94.62
N PRO A 1633 46.67 -28.09 -93.53
CA PRO A 1633 47.15 -29.47 -93.69
C PRO A 1633 46.10 -30.43 -94.21
N GLU A 1634 44.89 -30.40 -93.65
CA GLU A 1634 43.89 -31.40 -94.00
C GLU A 1634 43.46 -31.30 -95.45
N GLU A 1635 43.29 -30.09 -95.97
CA GLU A 1635 42.78 -29.89 -97.31
C GLU A 1635 43.88 -29.81 -98.37
N ASN A 1636 45.14 -29.97 -97.98
CA ASN A 1636 46.26 -29.94 -98.93
C ASN A 1636 46.25 -28.64 -99.74
N ARG A 1637 45.87 -27.56 -99.09
CA ARG A 1637 45.74 -26.26 -99.73
C ARG A 1637 46.74 -25.28 -99.13
N SER A 1638 46.85 -24.13 -99.77
CA SER A 1638 47.76 -23.09 -99.30
C SER A 1638 47.22 -21.74 -99.75
N VAL A 1639 47.23 -20.78 -98.82
CA VAL A 1639 46.78 -19.43 -99.10
C VAL A 1639 47.82 -18.46 -98.60
N ASP A 1640 47.87 -17.29 -99.23
CA ASP A 1640 48.73 -16.21 -98.78
C ASP A 1640 48.26 -15.74 -97.41
N ILE A 1641 49.21 -15.51 -96.51
CA ILE A 1641 48.85 -15.18 -95.14
C ILE A 1641 48.14 -13.83 -95.06
N LEU A 1642 48.36 -12.95 -96.03
CA LEU A 1642 47.65 -11.68 -96.06
C LEU A 1642 46.19 -11.83 -96.41
N GLU A 1643 45.76 -13.01 -96.86
CA GLU A 1643 44.35 -13.28 -97.11
C GLU A 1643 43.59 -13.60 -95.84
N LEU A 1644 44.28 -13.71 -94.71
CA LEU A 1644 43.65 -13.94 -93.42
C LEU A 1644 43.04 -12.67 -92.86
N THR A 1645 43.23 -11.53 -93.52
CA THR A 1645 42.58 -10.30 -93.14
C THR A 1645 41.07 -10.40 -93.20
N GLU A 1646 40.54 -11.22 -94.10
CA GLU A 1646 39.10 -11.41 -94.23
C GLU A 1646 38.61 -12.78 -93.81
N GLN A 1647 39.50 -13.70 -93.44
CA GLN A 1647 39.14 -15.03 -92.95
C GLN A 1647 39.34 -15.03 -91.44
N GLU A 1648 38.24 -14.84 -90.70
CA GLU A 1648 38.35 -14.57 -89.27
C GLU A 1648 38.71 -15.81 -88.47
N GLU A 1649 38.11 -16.96 -88.79
CA GLU A 1649 38.35 -18.15 -87.99
C GLU A 1649 39.80 -18.61 -88.09
N LEU A 1650 40.34 -18.64 -89.31
CA LEU A 1650 41.74 -19.00 -89.47
C LEU A 1650 42.66 -17.99 -88.79
N LEU A 1651 42.31 -16.70 -88.86
CA LEU A 1651 43.13 -15.69 -88.21
C LEU A 1651 43.16 -15.92 -86.69
N LYS A 1652 42.00 -16.18 -86.09
CA LYS A 1652 41.94 -16.43 -84.66
C LYS A 1652 42.74 -17.67 -84.28
N PHE A 1653 42.55 -18.77 -85.05
CA PHE A 1653 43.27 -19.99 -84.72
C PHE A 1653 44.77 -19.82 -84.85
N HIS A 1654 45.22 -19.11 -85.89
CA HIS A 1654 46.65 -18.88 -86.05
C HIS A 1654 47.22 -17.94 -85.00
N TYR A 1655 46.46 -16.93 -84.58
CA TYR A 1655 46.94 -16.08 -83.49
C TYR A 1655 47.10 -16.87 -82.21
N HIS A 1656 46.14 -17.73 -81.89
CA HIS A 1656 46.30 -18.57 -80.71
C HIS A 1656 47.40 -19.61 -80.88
N THR A 1657 47.65 -20.09 -82.09
CA THR A 1657 48.80 -20.95 -82.33
C THR A 1657 50.10 -20.23 -82.07
N LEU A 1658 50.18 -18.95 -82.48
CA LEU A 1658 51.37 -18.17 -82.19
C LEU A 1658 51.54 -17.97 -80.70
N ARG A 1659 50.44 -17.74 -79.99
CA ARG A 1659 50.52 -17.63 -78.53
C ARG A 1659 51.00 -18.93 -77.90
N LEU A 1660 50.54 -20.07 -78.41
CA LEU A 1660 51.01 -21.35 -77.90
C LEU A 1660 52.50 -21.53 -78.18
N TYR A 1661 52.95 -21.11 -79.36
CA TYR A 1661 54.38 -21.17 -79.67
C TYR A 1661 55.17 -20.33 -78.69
N SER A 1662 54.70 -19.13 -78.39
CA SER A 1662 55.38 -18.26 -77.44
C SER A 1662 55.32 -18.80 -76.02
N ALA A 1663 54.31 -19.60 -75.69
CA ALA A 1663 54.17 -20.15 -74.35
C ALA A 1663 54.98 -21.41 -74.12
N VAL A 1664 55.14 -22.26 -75.14
CA VAL A 1664 55.87 -23.51 -74.93
C VAL A 1664 57.35 -23.24 -74.72
N CYS A 1665 57.88 -22.16 -75.26
CA CYS A 1665 59.28 -21.80 -75.14
C CYS A 1665 59.47 -20.64 -74.16
N ALA A 1666 58.61 -20.55 -73.16
CA ALA A 1666 58.62 -19.44 -72.22
C ALA A 1666 59.56 -19.73 -71.06
N LEU A 1667 60.21 -18.66 -70.58
CA LEU A 1667 61.06 -18.71 -69.40
C LEU A 1667 62.24 -19.66 -69.60
N GLY A 1668 62.96 -19.47 -70.69
CA GLY A 1668 64.24 -20.14 -70.88
C GLY A 1668 64.18 -21.59 -71.31
N ASN A 1669 63.12 -22.01 -72.00
CA ASN A 1669 63.07 -23.36 -72.55
C ASN A 1669 63.82 -23.37 -73.87
N HIS A 1670 65.14 -23.46 -73.77
CA HIS A 1670 65.98 -23.29 -74.95
C HIS A 1670 65.83 -24.44 -75.92
N ARG A 1671 65.60 -25.65 -75.41
CA ARG A 1671 65.39 -26.78 -76.31
C ARG A 1671 64.12 -26.60 -77.13
N VAL A 1672 63.04 -26.14 -76.50
CA VAL A 1672 61.80 -25.89 -77.22
C VAL A 1672 61.99 -24.73 -78.19
N ALA A 1673 62.79 -23.72 -77.82
CA ALA A 1673 63.06 -22.63 -78.75
C ALA A 1673 63.80 -23.13 -79.99
N HIS A 1674 64.80 -24.00 -79.79
CA HIS A 1674 65.51 -24.59 -80.91
C HIS A 1674 64.57 -25.40 -81.79
N ALA A 1675 63.67 -26.17 -81.18
CA ALA A 1675 62.70 -26.93 -81.96
C ALA A 1675 61.79 -26.00 -82.76
N LEU A 1676 61.33 -24.92 -82.14
CA LEU A 1676 60.44 -23.97 -82.81
C LEU A 1676 61.12 -23.21 -83.93
N CYS A 1677 62.45 -23.08 -83.88
CA CYS A 1677 63.15 -22.45 -85.01
C CYS A 1677 62.94 -23.22 -86.30
N SER A 1678 62.62 -24.52 -86.22
CA SER A 1678 62.31 -25.27 -87.44
C SER A 1678 60.96 -24.86 -88.01
N HIS A 1679 59.97 -24.63 -87.16
CA HIS A 1679 58.63 -24.31 -87.64
C HIS A 1679 58.51 -22.86 -88.07
N VAL A 1680 59.01 -21.94 -87.25
CA VAL A 1680 59.02 -20.51 -87.57
C VAL A 1680 60.47 -20.13 -87.81
N ASP A 1681 60.78 -19.75 -89.05
CA ASP A 1681 62.16 -19.54 -89.46
C ASP A 1681 62.55 -18.07 -89.37
N GLU A 1682 63.86 -17.84 -89.46
CA GLU A 1682 64.37 -16.48 -89.55
C GLU A 1682 63.79 -15.68 -90.71
N PRO A 1683 63.75 -16.17 -91.95
CA PRO A 1683 63.19 -15.35 -93.03
C PRO A 1683 61.72 -15.01 -92.80
N GLN A 1684 60.93 -15.96 -92.33
CA GLN A 1684 59.54 -15.68 -92.03
C GLN A 1684 59.38 -14.67 -90.90
N LEU A 1685 60.19 -14.77 -89.84
CA LEU A 1685 60.12 -13.78 -88.78
C LEU A 1685 60.45 -12.39 -89.31
N LEU A 1686 61.52 -12.27 -90.09
CA LEU A 1686 61.89 -10.95 -90.60
C LEU A 1686 60.83 -10.39 -91.54
N TYR A 1687 60.27 -11.24 -92.41
CA TYR A 1687 59.23 -10.78 -93.32
C TYR A 1687 57.99 -10.34 -92.56
N ALA A 1688 57.60 -11.09 -91.52
CA ALA A 1688 56.46 -10.70 -90.71
C ALA A 1688 56.72 -9.39 -89.97
N ILE A 1689 57.95 -9.19 -89.50
CA ILE A 1689 58.28 -7.94 -88.84
C ILE A 1689 58.16 -6.76 -89.80
N GLU A 1690 58.69 -6.89 -91.02
CA GLU A 1690 58.78 -5.76 -91.92
C GLU A 1690 57.56 -5.53 -92.79
N ASN A 1691 56.69 -6.52 -92.96
CA ASN A 1691 55.57 -6.37 -93.88
C ASN A 1691 54.56 -5.37 -93.32
N LYS A 1692 54.06 -4.51 -94.20
CA LYS A 1692 53.14 -3.45 -93.80
C LYS A 1692 51.67 -3.83 -93.95
N TYR A 1693 51.36 -4.89 -94.68
CA TYR A 1693 49.98 -5.31 -94.88
C TYR A 1693 49.57 -6.44 -93.95
N MET A 1694 50.44 -6.82 -93.02
CA MET A 1694 50.15 -7.93 -92.13
C MET A 1694 48.99 -7.56 -91.21
N PRO A 1695 48.10 -8.50 -90.91
CA PRO A 1695 47.06 -8.25 -89.92
C PRO A 1695 47.66 -7.94 -88.56
N GLY A 1696 46.96 -7.11 -87.79
CA GLY A 1696 47.51 -6.65 -86.53
C GLY A 1696 47.75 -7.77 -85.54
N LEU A 1697 46.81 -8.72 -85.45
CA LEU A 1697 46.97 -9.83 -84.51
C LEU A 1697 48.19 -10.66 -84.85
N LEU A 1698 48.37 -10.99 -86.13
CA LEU A 1698 49.52 -11.77 -86.54
C LEU A 1698 50.81 -10.99 -86.36
N ARG A 1699 50.77 -9.69 -86.60
CA ARG A 1699 51.94 -8.85 -86.36
C ARG A 1699 52.36 -8.91 -84.90
N ALA A 1700 51.41 -8.70 -83.99
CA ALA A 1700 51.72 -8.77 -82.57
C ALA A 1700 52.16 -10.16 -82.13
N GLY A 1701 51.60 -11.20 -82.73
CA GLY A 1701 52.03 -12.55 -82.42
C GLY A 1701 53.45 -12.83 -82.86
N TYR A 1702 53.81 -12.40 -84.06
CA TYR A 1702 55.13 -12.70 -84.59
C TYR A 1702 56.21 -11.89 -83.89
N TYR A 1703 55.91 -10.64 -83.53
CA TYR A 1703 56.87 -9.87 -82.75
C TYR A 1703 57.16 -10.56 -81.42
N ASP A 1704 56.13 -11.00 -80.72
CA ASP A 1704 56.31 -11.68 -79.45
C ASP A 1704 57.03 -13.01 -79.64
N LEU A 1705 56.73 -13.73 -80.72
CA LEU A 1705 57.44 -14.97 -80.99
C LEU A 1705 58.93 -14.75 -81.21
N LEU A 1706 59.28 -13.73 -82.00
CA LEU A 1706 60.69 -13.40 -82.18
C LEU A 1706 61.35 -13.08 -80.85
N ILE A 1707 60.71 -12.24 -80.04
CA ILE A 1707 61.29 -11.85 -78.77
C ILE A 1707 61.48 -13.06 -77.86
N ASP A 1708 60.48 -13.94 -77.79
CA ASP A 1708 60.54 -15.08 -76.89
C ASP A 1708 61.60 -16.08 -77.34
N ILE A 1709 61.65 -16.38 -78.65
CA ILE A 1709 62.62 -17.35 -79.13
C ILE A 1709 64.04 -16.84 -79.05
N HIS A 1710 64.29 -15.57 -79.32
CA HIS A 1710 65.69 -15.20 -79.48
C HIS A 1710 66.23 -14.24 -78.44
N LEU A 1711 65.39 -13.40 -77.83
CA LEU A 1711 65.89 -12.29 -77.04
C LEU A 1711 65.44 -12.29 -75.58
N SER A 1712 64.34 -12.97 -75.25
CA SER A 1712 63.78 -12.85 -73.92
C SER A 1712 64.72 -13.36 -72.85
N SER A 1713 65.47 -14.42 -73.14
CA SER A 1713 66.35 -15.01 -72.14
C SER A 1713 67.42 -14.02 -71.71
N TYR A 1714 68.14 -13.42 -72.66
CA TYR A 1714 69.17 -12.46 -72.31
C TYR A 1714 68.58 -11.19 -71.73
N ALA A 1715 67.41 -10.77 -72.23
CA ALA A 1715 66.78 -9.59 -71.67
C ALA A 1715 66.47 -9.78 -70.19
N THR A 1716 65.91 -10.94 -69.83
CA THR A 1716 65.66 -11.24 -68.43
C THR A 1716 66.96 -11.37 -67.64
N ALA A 1717 67.99 -11.96 -68.25
CA ALA A 1717 69.26 -12.11 -67.55
C ALA A 1717 69.84 -10.74 -67.17
N ARG A 1718 69.75 -9.77 -68.08
CA ARG A 1718 70.23 -8.43 -67.75
C ARG A 1718 69.29 -7.68 -66.81
N LEU A 1719 67.99 -7.87 -66.91
CA LEU A 1719 67.07 -7.20 -65.99
C LEU A 1719 67.18 -7.72 -64.57
N MET A 1720 67.46 -9.01 -64.36
CA MET A 1720 67.63 -9.52 -63.01
C MET A 1720 68.87 -8.96 -62.32
N MET A 1721 69.84 -8.48 -63.07
CA MET A 1721 71.09 -8.00 -62.51
C MET A 1721 71.28 -6.52 -62.76
N ASN A 1722 70.18 -5.79 -62.93
CA ASN A 1722 70.23 -4.37 -63.22
C ASN A 1722 70.49 -3.52 -61.99
N ASN A 1723 70.02 -3.95 -60.83
CA ASN A 1723 70.11 -3.15 -59.61
C ASN A 1723 71.35 -3.45 -58.79
N GLU A 1724 72.25 -4.27 -59.31
CA GLU A 1724 73.51 -4.58 -58.64
C GLU A 1724 74.67 -4.01 -59.46
N TYR A 1725 75.60 -3.37 -58.77
CA TYR A 1725 76.71 -2.65 -59.41
C TYR A 1725 78.02 -3.22 -58.90
N ILE A 1726 78.53 -4.23 -59.59
CA ILE A 1726 79.84 -4.80 -59.28
C ILE A 1726 80.83 -4.22 -60.29
N VAL A 1727 81.46 -3.11 -59.92
CA VAL A 1727 82.35 -2.38 -60.83
C VAL A 1727 83.79 -2.78 -60.50
N PRO A 1728 84.55 -3.32 -61.44
CA PRO A 1728 85.96 -3.60 -61.19
C PRO A 1728 86.74 -2.32 -61.04
N MET A 1729 87.89 -2.41 -60.38
CA MET A 1729 88.77 -1.25 -60.22
C MET A 1729 89.91 -1.37 -61.22
N THR A 1730 89.74 -0.73 -62.37
CA THR A 1730 90.72 -0.73 -63.44
C THR A 1730 90.98 0.71 -63.89
N GLU A 1731 91.90 0.85 -64.85
CA GLU A 1731 92.20 2.17 -65.38
C GLU A 1731 90.99 2.78 -66.08
N GLU A 1732 90.23 1.94 -66.80
CA GLU A 1732 89.00 2.43 -67.42
C GLU A 1732 88.03 2.94 -66.38
N THR A 1733 87.91 2.23 -65.25
CA THR A 1733 87.05 2.69 -64.18
C THR A 1733 87.55 4.01 -63.61
N LYS A 1734 88.87 4.14 -63.44
CA LYS A 1734 89.43 5.39 -62.91
C LYS A 1734 89.16 6.55 -63.86
N SER A 1735 89.14 6.29 -65.17
CA SER A 1735 88.99 7.38 -66.13
C SER A 1735 87.60 7.98 -66.12
N ILE A 1736 86.61 7.29 -65.52
CA ILE A 1736 85.24 7.76 -65.57
C ILE A 1736 85.08 9.04 -64.76
N THR A 1737 84.28 9.97 -65.27
CA THR A 1737 83.97 11.21 -64.59
C THR A 1737 82.47 11.47 -64.67
N LEU A 1738 81.96 12.27 -63.73
CA LEU A 1738 80.55 12.62 -63.73
C LEU A 1738 80.17 13.37 -65.00
N PHE A 1739 80.99 14.32 -65.41
CA PHE A 1739 80.59 15.15 -66.54
C PHE A 1739 81.59 15.01 -67.68
N PRO A 1740 81.11 14.95 -68.93
CA PRO A 1740 82.03 14.73 -70.05
C PRO A 1740 83.09 15.79 -70.22
N ASP A 1741 82.75 17.05 -69.93
CA ASP A 1741 83.70 18.15 -70.15
C ASP A 1741 83.68 19.14 -69.00
N GLU A 1742 84.37 20.27 -69.18
CA GLU A 1742 84.41 21.28 -68.14
C GLU A 1742 83.03 21.86 -67.87
N ASN A 1743 82.28 22.18 -68.93
CA ASN A 1743 80.91 22.62 -68.77
C ASN A 1743 80.08 21.51 -68.14
N LYS A 1744 79.26 21.86 -67.15
CA LYS A 1744 78.44 20.89 -66.46
C LYS A 1744 77.22 20.54 -67.33
N LYS A 1745 77.53 19.98 -68.49
CA LYS A 1745 76.52 19.52 -69.44
C LYS A 1745 76.35 18.01 -69.30
N HIS A 1746 75.11 17.58 -69.10
CA HIS A 1746 74.81 16.16 -69.08
C HIS A 1746 75.06 15.56 -70.46
N GLY A 1747 75.75 14.43 -70.49
CA GLY A 1747 75.87 13.68 -71.71
C GLY A 1747 74.59 12.93 -72.01
N LEU A 1748 74.50 12.41 -73.23
CA LEU A 1748 73.33 11.65 -73.61
C LEU A 1748 73.27 10.36 -72.79
N PRO A 1749 72.11 9.99 -72.26
CA PRO A 1749 72.03 8.77 -71.45
C PRO A 1749 72.44 7.54 -72.25
N GLY A 1750 73.15 6.63 -71.59
CA GLY A 1750 73.60 5.43 -72.25
C GLY A 1750 74.96 5.59 -72.91
N ILE A 1751 75.13 6.67 -73.67
CA ILE A 1751 76.40 6.91 -74.35
C ILE A 1751 77.47 7.24 -73.33
N GLY A 1752 78.58 6.54 -73.41
CA GLY A 1752 79.67 6.73 -72.48
C GLY A 1752 80.44 5.44 -72.32
N LEU A 1753 81.28 5.40 -71.28
CA LEU A 1753 82.08 4.22 -70.96
C LEU A 1753 81.57 3.66 -69.63
N SER A 1754 81.07 2.43 -69.67
CA SER A 1754 80.60 1.74 -68.49
C SER A 1754 81.47 0.51 -68.25
N THR A 1755 81.99 0.38 -67.04
CA THR A 1755 82.90 -0.70 -66.70
C THR A 1755 82.29 -1.71 -65.73
N SER A 1756 81.07 -1.50 -65.27
CA SER A 1756 80.45 -2.42 -64.34
C SER A 1756 80.26 -3.79 -64.98
N LEU A 1757 80.49 -4.84 -64.19
CA LEU A 1757 80.35 -6.20 -64.69
C LEU A 1757 78.91 -6.48 -65.10
N ARG A 1758 78.76 -7.10 -66.26
CA ARG A 1758 77.46 -7.32 -66.87
C ARG A 1758 77.41 -8.75 -67.38
N PRO A 1759 76.23 -9.38 -67.37
CA PRO A 1759 76.14 -10.77 -67.81
C PRO A 1759 76.59 -10.96 -69.25
N ARG A 1760 77.23 -12.10 -69.49
CA ARG A 1760 77.78 -12.43 -70.79
C ARG A 1760 76.69 -12.94 -71.72
N MET A 1761 76.74 -12.52 -72.98
CA MET A 1761 75.75 -12.87 -73.98
C MET A 1761 76.31 -13.97 -74.87
N GLN A 1762 75.60 -15.11 -74.93
CA GLN A 1762 76.04 -16.24 -75.72
C GLN A 1762 74.84 -16.86 -76.42
N PHE A 1763 75.04 -17.28 -77.67
CA PHE A 1763 73.98 -17.85 -78.48
C PHE A 1763 74.48 -19.12 -79.16
N SER A 1764 73.54 -19.95 -79.59
CA SER A 1764 73.85 -21.24 -80.20
C SER A 1764 73.20 -21.32 -81.57
N SER A 1765 73.91 -21.92 -82.52
CA SER A 1765 73.40 -22.04 -83.88
C SER A 1765 72.38 -23.17 -83.96
N PRO A 1766 71.15 -22.89 -84.41
CA PRO A 1766 70.11 -23.92 -84.42
C PRO A 1766 70.17 -24.83 -85.63
N SER A 1767 71.07 -25.80 -85.59
CA SER A 1767 71.18 -26.79 -86.66
C SER A 1767 70.51 -28.10 -86.23
N PHE A 1768 69.91 -28.79 -87.19
CA PHE A 1768 69.23 -30.04 -86.92
C PHE A 1768 69.90 -31.25 -87.54
N VAL A 1769 71.03 -31.07 -88.22
CA VAL A 1769 71.77 -32.23 -88.71
C VAL A 1769 72.82 -32.68 -87.72
N SER A 1770 73.26 -31.78 -86.84
CA SER A 1770 74.24 -32.15 -85.83
C SER A 1770 73.59 -33.00 -84.76
N ILE A 1771 74.34 -34.00 -84.27
CA ILE A 1771 73.83 -34.89 -83.23
C ILE A 1771 74.26 -34.47 -81.84
N SER A 1772 75.13 -33.47 -81.72
CA SER A 1772 75.54 -33.00 -80.40
C SER A 1772 74.39 -32.30 -79.69
N ASN A 1773 74.33 -32.47 -78.37
CA ASN A 1773 73.27 -31.90 -77.56
C ASN A 1773 73.73 -30.68 -76.75
N GLU A 1774 74.98 -30.24 -76.92
CA GLU A 1774 75.45 -29.08 -76.17
C GLU A 1774 74.81 -27.79 -76.66
N CYS A 1775 74.14 -27.82 -77.80
CA CYS A 1775 73.46 -26.64 -78.35
C CYS A 1775 72.22 -26.26 -77.56
N TYR A 1776 71.70 -27.15 -76.72
CA TYR A 1776 70.41 -26.90 -76.09
C TYR A 1776 70.53 -25.91 -74.94
N GLN A 1777 71.74 -25.61 -74.49
CA GLN A 1777 71.94 -24.44 -73.67
C GLN A 1777 72.19 -23.24 -74.57
N TYR A 1778 71.79 -22.05 -74.10
CA TYR A 1778 71.84 -20.79 -74.84
C TYR A 1778 70.74 -20.76 -75.88
N SER A 1779 70.17 -19.59 -76.09
CA SER A 1779 69.08 -19.38 -77.03
C SER A 1779 69.61 -19.34 -78.46
N PRO A 1780 68.76 -19.62 -79.44
CA PRO A 1780 69.20 -19.64 -80.84
C PRO A 1780 69.71 -18.28 -81.32
N GLU A 1781 70.67 -18.33 -82.24
CA GLU A 1781 71.30 -17.13 -82.77
C GLU A 1781 70.37 -16.39 -83.73
N PHE A 1782 70.52 -15.06 -83.76
CA PHE A 1782 69.79 -14.19 -84.67
C PHE A 1782 70.68 -13.05 -85.10
N PRO A 1783 70.46 -12.51 -86.31
CA PRO A 1783 71.27 -11.38 -86.77
C PRO A 1783 70.91 -10.06 -86.10
N LEU A 1784 71.51 -9.82 -84.94
CA LEU A 1784 71.24 -8.61 -84.17
C LEU A 1784 71.53 -7.33 -84.95
N ASP A 1785 72.53 -7.32 -85.82
CA ASP A 1785 72.82 -6.10 -86.59
C ASP A 1785 71.69 -5.76 -87.56
N ILE A 1786 71.22 -6.75 -88.31
CA ILE A 1786 70.10 -6.52 -89.21
C ILE A 1786 68.86 -6.13 -88.41
N LEU A 1787 68.65 -6.78 -87.26
CA LEU A 1787 67.51 -6.44 -86.42
C LEU A 1787 67.58 -4.98 -85.97
N LYS A 1788 68.77 -4.54 -85.54
CA LYS A 1788 68.95 -3.14 -85.14
C LYS A 1788 68.62 -2.20 -86.29
N SER A 1789 69.22 -2.44 -87.46
CA SER A 1789 69.02 -1.54 -88.58
C SER A 1789 67.56 -1.46 -88.98
N LYS A 1790 66.88 -2.60 -89.08
CA LYS A 1790 65.48 -2.57 -89.48
C LYS A 1790 64.59 -1.97 -88.40
N THR A 1791 64.89 -2.21 -87.12
CA THR A 1791 64.09 -1.61 -86.06
C THR A 1791 64.20 -0.09 -86.11
N ILE A 1792 65.41 0.42 -86.28
CA ILE A 1792 65.60 1.87 -86.39
C ILE A 1792 64.87 2.41 -87.61
N GLN A 1793 64.97 1.71 -88.74
CA GLN A 1793 64.31 2.17 -89.96
C GLN A 1793 62.80 2.23 -89.78
N MET A 1794 62.21 1.19 -89.20
CA MET A 1794 60.76 1.16 -89.05
C MET A 1794 60.28 2.16 -87.99
N LEU A 1795 61.04 2.38 -86.93
CA LEU A 1795 60.67 3.45 -86.00
C LEU A 1795 60.73 4.81 -86.67
N THR A 1796 61.78 5.06 -87.46
CA THR A 1796 61.87 6.34 -88.14
C THR A 1796 60.71 6.53 -89.11
N GLU A 1797 60.34 5.49 -89.84
CA GLU A 1797 59.20 5.58 -90.74
C GLU A 1797 57.90 5.81 -89.97
N ALA A 1798 57.72 5.09 -88.85
CA ALA A 1798 56.46 5.15 -88.13
C ALA A 1798 56.26 6.51 -87.48
N VAL A 1799 57.33 7.13 -86.99
CA VAL A 1799 57.19 8.45 -86.37
C VAL A 1799 56.70 9.47 -87.39
N LYS A 1800 57.26 9.44 -88.60
CA LYS A 1800 56.82 10.36 -89.64
C LYS A 1800 55.40 10.04 -90.10
N GLU A 1801 55.08 8.75 -90.26
CA GLU A 1801 53.78 8.39 -90.79
C GLU A 1801 52.66 8.68 -89.80
N GLY A 1802 52.85 8.34 -88.53
CA GLY A 1802 51.80 8.53 -87.55
C GLY A 1802 51.55 10.00 -87.22
N SER A 1803 52.56 10.84 -87.42
CA SER A 1803 52.41 12.27 -87.16
C SER A 1803 51.37 12.91 -88.07
N LEU A 1804 51.17 12.37 -89.27
CA LEU A 1804 50.16 12.86 -90.19
C LEU A 1804 48.76 12.34 -89.86
N HIS A 1805 48.65 11.42 -88.91
CA HIS A 1805 47.37 10.81 -88.53
C HIS A 1805 46.68 10.18 -89.74
N ALA A 1806 47.44 9.34 -90.43
CA ALA A 1806 46.90 8.63 -91.58
C ALA A 1806 45.82 7.66 -91.14
N ARG A 1807 44.88 7.39 -92.04
CA ARG A 1807 43.75 6.52 -91.76
C ARG A 1807 44.11 5.06 -91.92
N ASP A 1808 45.31 4.76 -92.41
CA ASP A 1808 45.74 3.38 -92.68
C ASP A 1808 47.06 3.10 -91.96
N PRO A 1809 47.03 2.92 -90.64
CA PRO A 1809 48.24 2.51 -89.94
C PRO A 1809 48.53 1.04 -90.19
N VAL A 1810 49.80 0.67 -90.00
CA VAL A 1810 50.18 -0.73 -90.15
C VAL A 1810 49.50 -1.54 -89.07
N GLY A 1811 48.80 -2.60 -89.48
CA GLY A 1811 48.01 -3.40 -88.57
C GLY A 1811 46.61 -2.90 -88.33
N GLY A 1812 46.25 -1.74 -88.85
CA GLY A 1812 44.92 -1.20 -88.74
C GLY A 1812 44.69 -0.25 -87.59
N THR A 1813 45.52 -0.30 -86.55
CA THR A 1813 45.38 0.59 -85.41
C THR A 1813 46.75 1.13 -85.03
N THR A 1814 46.74 2.29 -84.37
CA THR A 1814 47.97 2.85 -83.85
C THR A 1814 48.62 1.93 -82.82
N GLU A 1815 47.80 1.26 -82.00
CA GLU A 1815 48.34 0.30 -81.06
C GLU A 1815 49.05 -0.85 -81.79
N PHE A 1816 48.41 -1.41 -82.81
CA PHE A 1816 49.04 -2.50 -83.55
C PHE A 1816 50.31 -2.03 -84.24
N LEU A 1817 50.35 -0.77 -84.66
CA LEU A 1817 51.55 -0.24 -85.31
C LEU A 1817 52.69 -0.07 -84.32
N PHE A 1818 52.40 0.47 -83.13
CA PHE A 1818 53.47 0.91 -82.25
C PHE A 1818 53.84 -0.08 -81.15
N VAL A 1819 52.87 -0.75 -80.54
CA VAL A 1819 53.17 -1.60 -79.39
C VAL A 1819 54.18 -2.69 -79.72
N PRO A 1820 54.02 -3.49 -80.78
CA PRO A 1820 55.05 -4.49 -81.08
C PRO A 1820 56.40 -3.87 -81.40
N LEU A 1821 56.41 -2.78 -82.16
CA LEU A 1821 57.67 -2.16 -82.55
C LEU A 1821 58.41 -1.60 -81.35
N ILE A 1822 57.72 -0.85 -80.50
CA ILE A 1822 58.36 -0.30 -79.31
C ILE A 1822 58.74 -1.38 -78.31
N LYS A 1823 57.95 -2.45 -78.21
CA LYS A 1823 58.35 -3.59 -77.38
C LYS A 1823 59.64 -4.23 -77.85
N LEU A 1824 59.78 -4.45 -79.16
CA LEU A 1824 61.03 -4.99 -79.69
C LEU A 1824 62.19 -4.04 -79.47
N PHE A 1825 61.97 -2.75 -79.68
CA PHE A 1825 63.04 -1.78 -79.46
C PHE A 1825 63.45 -1.73 -77.99
N TYR A 1826 62.49 -1.80 -77.08
CA TYR A 1826 62.81 -1.82 -75.66
C TYR A 1826 63.59 -3.08 -75.29
N THR A 1827 63.21 -4.23 -75.85
CA THR A 1827 63.98 -5.44 -75.61
C THR A 1827 65.42 -5.30 -76.09
N LEU A 1828 65.61 -4.74 -77.29
CA LEU A 1828 66.96 -4.55 -77.79
C LEU A 1828 67.74 -3.57 -76.92
N LEU A 1829 67.10 -2.51 -76.45
CA LEU A 1829 67.78 -1.56 -75.58
C LEU A 1829 68.20 -2.21 -74.27
N ILE A 1830 67.32 -3.04 -73.71
CA ILE A 1830 67.64 -3.74 -72.47
C ILE A 1830 68.83 -4.66 -72.69
N MET A 1831 68.83 -5.37 -73.82
CA MET A 1831 69.97 -6.24 -74.13
C MET A 1831 71.22 -5.43 -74.36
N GLY A 1832 71.08 -4.15 -74.70
CA GLY A 1832 72.21 -3.26 -74.85
C GLY A 1832 72.96 -3.37 -76.15
N ILE A 1833 72.32 -3.86 -77.22
CA ILE A 1833 73.02 -4.01 -78.49
C ILE A 1833 73.29 -2.66 -79.13
N PHE A 1834 72.42 -1.69 -78.89
CA PHE A 1834 72.58 -0.37 -79.49
C PHE A 1834 73.83 0.31 -78.95
N HIS A 1835 74.62 0.91 -79.85
CA HIS A 1835 75.88 1.52 -79.47
C HIS A 1835 76.05 2.87 -80.16
N ASN A 1836 76.39 3.88 -79.38
CA ASN A 1836 76.87 5.17 -79.89
C ASN A 1836 75.90 5.83 -80.85
N GLU A 1837 76.21 5.79 -82.15
CA GLU A 1837 75.45 6.56 -83.13
C GLU A 1837 74.02 6.07 -83.24
N ASP A 1838 73.80 4.76 -83.13
CA ASP A 1838 72.44 4.23 -83.15
C ASP A 1838 71.64 4.76 -81.97
N LEU A 1839 72.26 4.79 -80.79
CA LEU A 1839 71.59 5.32 -79.61
C LEU A 1839 71.30 6.80 -79.78
N LYS A 1840 72.24 7.54 -80.38
CA LYS A 1840 72.02 8.96 -80.62
C LYS A 1840 70.82 9.18 -81.53
N HIS A 1841 70.76 8.46 -82.65
CA HIS A 1841 69.63 8.59 -83.56
C HIS A 1841 68.31 8.19 -82.91
N ILE A 1842 68.29 7.11 -82.15
CA ILE A 1842 67.03 6.68 -81.57
C ILE A 1842 66.60 7.56 -80.40
N LEU A 1843 67.54 8.24 -79.75
CA LEU A 1843 67.20 9.24 -78.74
C LEU A 1843 66.67 10.51 -79.39
N GLN A 1844 67.25 10.90 -80.53
CA GLN A 1844 66.67 11.99 -81.31
C GLN A 1844 65.26 11.66 -81.75
N LEU A 1845 65.00 10.40 -82.08
CA LEU A 1845 63.64 9.99 -82.42
C LEU A 1845 62.70 10.17 -81.24
N ILE A 1846 63.15 9.81 -80.03
CA ILE A 1846 62.30 9.93 -78.85
C ILE A 1846 62.01 11.40 -78.54
N GLU A 1847 63.07 12.22 -78.53
CA GLU A 1847 62.93 13.65 -78.25
C GLU A 1847 64.02 14.39 -79.00
N PRO A 1848 63.67 15.12 -80.07
CA PRO A 1848 64.73 15.78 -80.86
C PRO A 1848 65.41 16.91 -80.12
N SER A 1849 64.65 17.81 -79.52
CA SER A 1849 65.22 19.02 -78.93
C SER A 1849 66.11 18.69 -77.73
N VAL A 1850 65.59 17.91 -76.79
CA VAL A 1850 66.30 17.68 -75.53
C VAL A 1850 67.60 16.93 -75.78
N PHE A 1851 67.54 15.86 -76.57
CA PHE A 1851 68.70 15.02 -76.84
C PHE A 1851 69.47 15.48 -78.07
N LYS A 1852 69.29 16.72 -78.50
CA LYS A 1852 70.07 17.24 -79.62
C LYS A 1852 71.53 17.36 -79.23
N GLU A 1853 72.42 16.93 -80.12
CA GLU A 1853 73.84 16.92 -79.86
C GLU A 1853 74.47 18.24 -80.28
N ALA A 1854 75.36 18.76 -79.44
CA ALA A 1854 76.04 20.01 -79.73
C ALA A 1854 77.37 19.75 -80.43
N PRO A 1889 57.42 21.71 -87.00
CA PRO A 1889 58.77 21.15 -86.89
C PRO A 1889 58.78 19.63 -86.74
N LYS A 1890 59.81 19.10 -86.11
CA LYS A 1890 59.93 17.67 -85.87
C LYS A 1890 59.46 17.37 -84.45
N GLU A 1891 58.58 16.38 -84.32
CA GLU A 1891 58.02 16.00 -83.03
C GLU A 1891 58.43 14.57 -82.72
N GLY A 1892 58.97 14.35 -81.53
CA GLY A 1892 59.41 13.04 -81.12
C GLY A 1892 58.26 12.18 -80.64
N LEU A 1893 58.61 10.98 -80.16
CA LEU A 1893 57.60 10.05 -79.69
C LEU A 1893 56.86 10.56 -78.46
N LEU A 1894 57.51 11.38 -77.64
CA LEU A 1894 56.89 11.82 -76.39
C LEU A 1894 55.71 12.75 -76.63
N GLN A 1895 55.64 13.42 -77.78
CA GLN A 1895 54.56 14.34 -78.07
C GLN A 1895 53.96 14.02 -79.43
N MET A 1896 53.05 13.04 -79.44
CA MET A 1896 52.31 12.68 -80.65
C MET A 1896 50.87 12.26 -80.37
N LYS A 1897 50.37 12.44 -79.14
CA LYS A 1897 49.03 12.02 -78.77
C LYS A 1897 48.84 10.52 -79.01
N LEU A 1898 49.59 9.75 -78.25
CA LEU A 1898 49.78 8.31 -78.18
C LEU A 1898 48.65 7.65 -77.42
N PRO A 1899 48.33 6.40 -77.75
CA PRO A 1899 47.42 5.61 -76.92
C PRO A 1899 48.08 5.21 -75.60
N GLU A 1900 47.24 4.77 -74.68
CA GLU A 1900 47.73 4.38 -73.35
C GLU A 1900 48.71 3.21 -73.37
N PRO A 1901 48.48 2.12 -74.11
CA PRO A 1901 49.49 1.06 -74.15
C PRO A 1901 50.84 1.53 -74.66
N VAL A 1902 50.84 2.45 -75.64
CA VAL A 1902 52.09 2.99 -76.13
C VAL A 1902 52.74 3.89 -75.09
N LYS A 1903 51.92 4.66 -74.37
CA LYS A 1903 52.44 5.49 -73.29
C LYS A 1903 53.12 4.66 -72.21
N LEU A 1904 52.57 3.51 -71.88
CA LEU A 1904 53.18 2.65 -70.88
C LEU A 1904 54.58 2.20 -71.28
N GLN A 1905 54.75 1.79 -72.53
CA GLN A 1905 56.08 1.39 -73.00
C GLN A 1905 57.04 2.56 -73.09
N MET A 1906 56.54 3.76 -73.45
CA MET A 1906 57.42 4.91 -73.41
C MET A 1906 57.87 5.21 -71.99
N CYS A 1907 56.98 5.01 -71.01
CA CYS A 1907 57.37 5.13 -69.61
C CYS A 1907 58.46 4.12 -69.26
N LEU A 1908 58.34 2.90 -69.79
CA LEU A 1908 59.38 1.90 -69.56
C LEU A 1908 60.73 2.35 -70.13
N LEU A 1909 60.72 2.91 -71.33
CA LEU A 1909 61.96 3.39 -71.93
C LEU A 1909 62.58 4.51 -71.10
N LEU A 1910 61.76 5.45 -70.63
CA LEU A 1910 62.26 6.51 -69.78
C LEU A 1910 62.82 5.97 -68.48
N GLN A 1911 62.18 4.96 -67.90
CA GLN A 1911 62.71 4.29 -66.72
C GLN A 1911 64.08 3.70 -66.98
N TYR A 1912 64.26 3.05 -68.13
CA TYR A 1912 65.57 2.48 -68.45
C TYR A 1912 66.63 3.58 -68.58
N LEU A 1913 66.27 4.71 -69.21
CA LEU A 1913 67.24 5.80 -69.32
C LEU A 1913 67.64 6.33 -67.96
N CYS A 1914 66.66 6.46 -67.05
CA CYS A 1914 66.98 6.90 -65.70
C CYS A 1914 67.92 5.90 -65.01
N ASP A 1915 67.68 4.60 -65.22
CA ASP A 1915 68.57 3.59 -64.65
C ASP A 1915 69.98 3.73 -65.19
N CYS A 1916 70.11 4.01 -66.49
CA CYS A 1916 71.43 4.22 -67.08
C CYS A 1916 72.14 5.39 -66.41
N GLN A 1917 71.41 6.49 -66.18
CA GLN A 1917 72.01 7.63 -65.49
C GLN A 1917 72.47 7.25 -64.08
N VAL A 1918 71.65 6.48 -63.36
CA VAL A 1918 72.03 6.07 -62.00
C VAL A 1918 73.31 5.23 -62.04
N ARG A 1919 73.40 4.31 -62.99
CA ARG A 1919 74.60 3.50 -63.12
C ARG A 1919 75.83 4.33 -63.42
N HIS A 1920 75.70 5.32 -64.30
CA HIS A 1920 76.83 6.21 -64.58
C HIS A 1920 77.26 6.95 -63.33
N ARG A 1921 76.29 7.44 -62.55
CA ARG A 1921 76.64 8.14 -61.31
C ARG A 1921 77.39 7.22 -60.35
N ILE A 1922 76.94 5.98 -60.21
CA ILE A 1922 77.61 5.05 -59.31
C ILE A 1922 79.03 4.78 -59.77
N GLU A 1923 79.22 4.56 -61.08
CA GLU A 1923 80.56 4.33 -61.60
C GLU A 1923 81.47 5.52 -61.42
N ALA A 1924 80.94 6.74 -61.47
CA ALA A 1924 81.77 7.91 -61.21
C ALA A 1924 82.13 8.03 -59.73
N ILE A 1925 81.19 7.70 -58.85
CA ILE A 1925 81.49 7.71 -57.42
C ILE A 1925 82.61 6.74 -57.10
N VAL A 1926 82.55 5.52 -57.65
CA VAL A 1926 83.62 4.56 -57.43
C VAL A 1926 84.95 5.01 -57.99
N ALA A 1927 84.95 5.72 -59.12
CA ALA A 1927 86.16 6.31 -59.66
C ALA A 1927 86.78 7.35 -58.74
N PHE A 1928 85.96 8.22 -58.16
CA PHE A 1928 86.48 9.19 -57.21
C PHE A 1928 87.03 8.50 -55.96
N SER A 1929 86.32 7.48 -55.48
CA SER A 1929 86.70 6.83 -54.24
C SER A 1929 88.11 6.29 -54.25
N ASP A 1930 88.60 5.83 -55.41
CA ASP A 1930 89.91 5.20 -55.43
C ASP A 1930 91.01 6.16 -55.02
N ASP A 1931 91.04 7.37 -55.58
CA ASP A 1931 92.11 8.27 -55.21
C ASP A 1931 91.81 8.97 -53.88
N PHE A 1932 90.53 9.18 -53.57
CA PHE A 1932 90.21 9.78 -52.27
C PHE A 1932 90.68 8.90 -51.13
N VAL A 1933 90.39 7.60 -51.20
CA VAL A 1933 90.83 6.66 -50.18
C VAL A 1933 92.33 6.51 -50.14
N ALA A 1934 93.01 6.54 -51.29
CA ALA A 1934 94.47 6.48 -51.28
C ALA A 1934 95.07 7.67 -50.54
N LYS A 1935 94.57 8.88 -50.83
CA LYS A 1935 95.07 10.05 -50.11
C LYS A 1935 94.76 9.97 -48.63
N LEU A 1936 93.57 9.51 -48.27
CA LEU A 1936 93.22 9.37 -46.86
C LEU A 1936 94.11 8.35 -46.16
N GLN A 1937 94.44 7.25 -46.84
CA GLN A 1937 95.32 6.24 -46.26
C GLN A 1937 96.74 6.75 -46.08
N ASP A 1938 97.24 7.52 -47.05
CA ASP A 1938 98.55 8.15 -46.86
C ASP A 1938 98.54 9.13 -45.70
N ASN A 1939 97.45 9.89 -45.55
CA ASN A 1939 97.33 10.75 -44.38
C ASN A 1939 97.37 9.96 -43.09
N GLN A 1940 96.67 8.81 -43.05
CA GLN A 1940 96.70 8.00 -41.85
C GLN A 1940 98.10 7.47 -41.59
N ARG A 1941 98.82 7.05 -42.64
CA ARG A 1941 100.23 6.71 -42.51
C ARG A 1941 101.03 7.81 -41.84
N PHE A 1942 100.89 9.05 -42.30
CA PHE A 1942 101.63 10.17 -41.71
C PHE A 1942 101.22 10.45 -40.27
N ARG A 1943 99.91 10.43 -40.00
CA ARG A 1943 99.42 10.81 -38.68
C ARG A 1943 99.79 9.77 -37.63
N TYR A 1944 99.70 8.49 -37.99
CA TYR A 1944 100.11 7.45 -37.05
C TYR A 1944 101.58 7.54 -36.71
N ASN A 1945 102.42 7.84 -37.70
CA ASN A 1945 103.83 8.04 -37.43
C ASN A 1945 104.08 9.25 -36.54
N GLU A 1946 103.33 10.34 -36.75
CA GLU A 1946 103.44 11.49 -35.87
C GLU A 1946 103.06 11.12 -34.44
N VAL A 1947 101.99 10.36 -34.28
CA VAL A 1947 101.55 9.96 -32.95
C VAL A 1947 102.58 9.05 -32.29
N MET A 1948 103.20 8.16 -33.07
CA MET A 1948 104.23 7.30 -32.51
C MET A 1948 105.46 8.11 -32.09
N GLN A 1949 105.80 9.13 -32.86
CA GLN A 1949 106.91 10.01 -32.48
C GLN A 1949 106.56 10.84 -31.25
N ALA A 1950 105.28 11.14 -31.06
CA ALA A 1950 104.83 12.06 -30.03
C ALA A 1950 104.25 11.36 -28.79
N LEU A 1951 104.29 10.02 -28.78
CA LEU A 1951 103.69 9.29 -27.65
C LEU A 1951 104.42 9.55 -26.34
N ASN A 1952 105.66 10.07 -26.40
CA ASN A 1952 106.48 10.12 -25.20
C ASN A 1952 106.13 11.26 -24.25
N MET A 1953 105.35 12.26 -24.69
CA MET A 1953 104.96 13.32 -23.75
C MET A 1953 104.04 12.80 -22.66
N SER A 1954 103.02 12.03 -23.03
CA SER A 1954 102.03 11.60 -22.05
C SER A 1954 101.37 10.31 -22.50
N ALA A 1955 101.18 9.39 -21.55
CA ALA A 1955 100.44 8.17 -21.83
C ALA A 1955 98.94 8.41 -21.92
N ALA A 1956 98.42 9.35 -21.12
CA ALA A 1956 97.00 9.68 -21.19
C ALA A 1956 96.65 10.30 -22.53
N LEU A 1957 97.53 11.16 -23.07
CA LEU A 1957 97.28 11.74 -24.39
C LEU A 1957 97.25 10.67 -25.46
N THR A 1958 98.17 9.71 -25.38
CA THR A 1958 98.23 8.63 -26.36
C THR A 1958 96.93 7.85 -26.45
N ALA A 1959 96.16 7.77 -25.36
CA ALA A 1959 94.87 7.09 -25.43
C ALA A 1959 93.89 7.77 -26.39
N ARG A 1960 93.68 9.07 -26.25
CA ARG A 1960 92.76 9.74 -27.17
C ARG A 1960 93.38 9.87 -28.56
N LYS A 1961 94.70 9.83 -28.67
CA LYS A 1961 95.30 9.82 -30.00
C LYS A 1961 95.12 8.47 -30.68
N THR A 1962 95.09 7.38 -29.91
CA THR A 1962 95.00 6.06 -30.50
C THR A 1962 93.57 5.54 -30.54
N LYS A 1963 92.59 6.29 -30.03
CA LYS A 1963 91.20 5.93 -30.25
C LYS A 1963 90.92 5.63 -31.72
N GLU A 1964 91.39 6.50 -32.61
CA GLU A 1964 91.18 6.31 -34.05
C GLU A 1964 91.84 5.03 -34.53
N PHE A 1965 93.13 4.85 -34.23
CA PHE A 1965 93.86 3.72 -34.76
C PHE A 1965 93.44 2.39 -34.16
N ARG A 1966 92.76 2.40 -33.02
CA ARG A 1966 92.24 1.16 -32.44
C ARG A 1966 90.75 0.97 -32.68
N SER A 1967 90.06 1.95 -33.24
CA SER A 1967 88.66 1.79 -33.59
C SER A 1967 88.53 0.78 -34.73
N PRO A 1968 87.36 0.15 -34.86
CA PRO A 1968 87.15 -0.75 -35.99
C PRO A 1968 87.25 0.01 -37.30
N PRO A 1969 87.58 -0.69 -38.39
CA PRO A 1969 87.79 0.03 -39.66
C PRO A 1969 86.58 0.81 -40.12
N GLN A 1970 85.37 0.33 -39.86
CA GLN A 1970 84.18 1.10 -40.20
C GLN A 1970 84.11 2.39 -39.40
N GLU A 1971 84.38 2.31 -38.09
CA GLU A 1971 84.36 3.50 -37.25
C GLU A 1971 85.44 4.50 -37.63
N GLN A 1972 86.61 4.01 -38.04
CA GLN A 1972 87.69 4.91 -38.43
C GLN A 1972 87.26 5.79 -39.59
N ILE A 1973 86.65 5.18 -40.61
CA ILE A 1973 86.29 5.97 -41.78
C ILE A 1973 85.03 6.78 -41.49
N ASN A 1974 84.18 6.30 -40.58
CA ASN A 1974 83.05 7.12 -40.15
C ASN A 1974 83.52 8.40 -39.49
N MET A 1975 84.53 8.32 -38.62
CA MET A 1975 85.02 9.53 -37.97
C MET A 1975 85.86 10.37 -38.92
N LEU A 1976 86.48 9.74 -39.92
CA LEU A 1976 87.18 10.53 -40.94
C LEU A 1976 86.24 11.24 -41.88
N LEU A 1977 84.98 10.79 -42.01
CA LEU A 1977 84.03 11.39 -42.94
C LEU A 1977 83.02 12.29 -42.23
N ASN A 1978 83.45 13.02 -41.20
CA ASN A 1978 82.56 13.91 -40.47
C ASN A 1978 82.83 15.38 -40.75
N PHE A 1979 83.55 15.72 -41.81
CA PHE A 1979 83.82 17.12 -42.06
C PHE A 1979 82.66 17.83 -42.73
N LYS A 1980 81.54 17.14 -42.94
CA LYS A 1980 80.31 17.84 -43.28
C LYS A 1980 79.86 18.65 -42.08
N ASP A 1981 79.03 19.67 -42.35
CA ASP A 1981 78.62 20.63 -41.33
C ASP A 1981 79.83 21.41 -40.85
N ASP A 1982 79.70 22.08 -39.70
CA ASP A 1982 80.78 22.93 -39.20
C ASP A 1982 81.30 22.49 -37.84
N LYS A 1983 80.84 21.36 -37.31
CA LYS A 1983 81.42 20.84 -36.08
C LYS A 1983 82.90 20.49 -36.28
N SER A 1984 83.22 19.81 -37.38
CA SER A 1984 84.57 19.72 -37.92
C SER A 1984 85.60 19.28 -36.87
N GLU A 1985 85.26 18.26 -36.10
CA GLU A 1985 86.21 17.66 -35.17
C GLU A 1985 86.95 16.48 -35.78
N CYS A 1986 86.69 16.14 -37.03
CA CYS A 1986 87.40 15.07 -37.70
C CYS A 1986 88.85 15.49 -37.95
N PRO A 1987 89.78 14.53 -37.97
CA PRO A 1987 91.19 14.85 -38.24
C PRO A 1987 91.54 15.00 -39.71
N CYS A 1988 90.56 15.09 -40.60
CA CYS A 1988 90.85 15.21 -42.02
C CYS A 1988 91.39 16.60 -42.35
N PRO A 1989 92.42 16.71 -43.18
CA PRO A 1989 92.98 18.02 -43.52
C PRO A 1989 92.09 18.76 -44.50
N GLU A 1990 92.40 20.05 -44.67
CA GLU A 1990 91.55 20.92 -45.46
C GLU A 1990 91.51 20.52 -46.93
N GLU A 1991 92.65 20.12 -47.50
CA GLU A 1991 92.66 19.78 -48.92
C GLU A 1991 91.86 18.50 -49.18
N ILE A 1992 92.01 17.50 -48.32
CA ILE A 1992 91.25 16.26 -48.49
C ILE A 1992 89.77 16.53 -48.26
N ARG A 1993 89.45 17.43 -47.33
CA ARG A 1993 88.06 17.85 -47.18
C ARG A 1993 87.54 18.51 -48.45
N ASP A 1994 88.35 19.37 -49.06
CA ASP A 1994 87.91 20.12 -50.23
C ASP A 1994 87.67 19.20 -51.42
N GLN A 1995 88.50 18.16 -51.57
CA GLN A 1995 88.27 17.23 -52.67
C GLN A 1995 86.87 16.63 -52.61
N LEU A 1996 86.48 16.10 -51.45
CA LEU A 1996 85.15 15.53 -51.32
C LEU A 1996 84.06 16.59 -51.33
N LEU A 1997 84.30 17.76 -50.77
CA LEU A 1997 83.31 18.83 -50.81
C LEU A 1997 83.08 19.36 -52.22
N ASP A 1998 84.02 19.15 -53.14
CA ASP A 1998 83.81 19.48 -54.55
C ASP A 1998 83.14 18.35 -55.30
N PHE A 1999 83.58 17.11 -55.07
CA PHE A 1999 82.95 15.98 -55.74
C PHE A 1999 81.49 15.86 -55.34
N HIS A 2000 81.17 16.11 -54.08
CA HIS A 2000 79.79 16.04 -53.63
C HIS A 2000 78.92 17.10 -54.26
N GLU A 2001 79.42 18.32 -54.42
CA GLU A 2001 78.67 19.34 -55.16
C GLU A 2001 78.46 18.95 -56.61
N ASP A 2002 79.48 18.37 -57.25
CA ASP A 2002 79.31 17.89 -58.61
C ASP A 2002 78.26 16.79 -58.69
N LEU A 2003 78.26 15.87 -57.73
CA LEU A 2003 77.27 14.81 -57.71
C LEU A 2003 75.87 15.38 -57.52
N MET A 2004 75.73 16.36 -56.63
CA MET A 2004 74.43 16.96 -56.41
C MET A 2004 73.92 17.69 -57.65
N THR A 2005 74.79 18.45 -58.31
CA THR A 2005 74.35 19.15 -59.50
C THR A 2005 74.12 18.21 -60.68
N HIS A 2006 74.74 17.03 -60.68
CA HIS A 2006 74.40 16.00 -61.66
C HIS A 2006 73.09 15.32 -61.35
N CYS A 2007 72.75 15.17 -60.06
CA CYS A 2007 71.45 14.63 -59.66
C CYS A 2007 70.34 15.65 -59.77
N GLY A 2008 70.67 16.93 -59.96
CA GLY A 2008 69.67 17.96 -60.10
C GLY A 2008 69.16 18.55 -58.81
N ILE A 2009 69.73 18.15 -57.67
CA ILE A 2009 69.26 18.67 -56.38
C ILE A 2009 69.58 20.15 -56.27
N GLU A 2010 70.74 20.57 -56.76
CA GLU A 2010 71.19 21.94 -56.62
C GLU A 2010 70.36 22.89 -57.50
N LYS A 2053 62.62 27.85 -72.69
CA LYS A 2053 63.20 26.94 -73.66
C LYS A 2053 62.90 25.48 -73.32
N LYS A 2054 63.53 24.56 -74.04
CA LYS A 2054 63.32 23.14 -73.83
C LYS A 2054 63.79 22.72 -72.44
N SER A 2055 63.45 21.49 -72.06
CA SER A 2055 63.81 20.98 -70.75
C SER A 2055 65.33 20.91 -70.59
N SER A 2056 66.03 20.50 -71.63
CA SER A 2056 67.49 20.38 -71.72
C SER A 2056 68.01 19.31 -70.77
N THR A 2057 67.15 18.58 -70.07
CA THR A 2057 67.57 17.53 -69.15
C THR A 2057 66.52 16.44 -69.15
N LEU A 2058 66.97 15.18 -69.02
CA LEU A 2058 66.03 14.07 -69.00
C LEU A 2058 65.07 14.19 -67.83
N GLN A 2059 65.57 14.62 -66.68
CA GLN A 2059 64.72 14.77 -65.50
C GLN A 2059 63.60 15.79 -65.75
N GLN A 2060 63.96 16.96 -66.26
CA GLN A 2060 62.96 17.99 -66.54
C GLN A 2060 61.98 17.51 -67.61
N LEU A 2061 62.49 16.84 -68.64
CA LEU A 2061 61.62 16.35 -69.70
C LEU A 2061 60.59 15.36 -69.17
N ILE A 2062 61.02 14.42 -68.32
CA ILE A 2062 60.08 13.46 -67.76
C ILE A 2062 59.09 14.15 -66.84
N SER A 2063 59.58 15.05 -65.98
CA SER A 2063 58.69 15.77 -65.07
C SER A 2063 57.63 16.57 -65.80
N GLU A 2064 57.99 17.17 -66.94
CA GLU A 2064 56.99 17.86 -67.75
C GLU A 2064 56.04 16.89 -68.44
N THR A 2065 56.56 15.81 -69.01
CA THR A 2065 55.73 14.92 -69.81
C THR A 2065 54.69 14.20 -68.97
N MET A 2066 55.06 13.72 -67.79
CA MET A 2066 54.11 12.99 -66.95
C MET A 2066 52.93 13.89 -66.57
N VAL A 2067 53.24 15.09 -66.08
CA VAL A 2067 52.19 16.02 -65.67
C VAL A 2067 51.35 16.42 -66.87
N ARG A 2068 51.98 16.64 -68.02
CA ARG A 2068 51.24 17.04 -69.20
C ARG A 2068 50.25 15.95 -69.62
N TRP A 2069 50.69 14.70 -69.64
CA TRP A 2069 49.79 13.60 -69.98
C TRP A 2069 48.63 13.53 -69.00
N ALA A 2070 48.94 13.56 -67.70
CA ALA A 2070 47.90 13.39 -66.69
C ALA A 2070 46.88 14.51 -66.76
N GLN A 2071 47.32 15.74 -66.97
CA GLN A 2071 46.38 16.85 -67.04
C GLN A 2071 45.71 16.92 -68.40
N GLU A 2072 46.28 16.29 -69.41
CA GLU A 2072 45.63 16.24 -70.72
C GLU A 2072 44.45 15.29 -70.72
N SER A 2073 44.60 14.11 -70.13
CA SER A 2073 43.50 13.16 -70.18
C SER A 2073 43.45 12.34 -68.90
N VAL A 2074 42.24 11.86 -68.58
CA VAL A 2074 42.07 10.91 -67.49
C VAL A 2074 42.52 9.54 -67.95
N ILE A 2075 43.46 8.96 -67.24
CA ILE A 2075 44.06 7.68 -67.61
C ILE A 2075 43.21 6.56 -67.04
N GLU A 2076 42.73 5.68 -67.91
CA GLU A 2076 41.90 4.54 -67.50
C GLU A 2076 42.72 3.33 -67.06
N ASP A 2077 44.03 3.36 -67.24
CA ASP A 2077 44.85 2.20 -66.92
C ASP A 2077 45.58 2.41 -65.60
N PRO A 2078 45.22 1.68 -64.55
CA PRO A 2078 45.95 1.84 -63.28
C PRO A 2078 47.43 1.56 -63.39
N GLU A 2079 47.84 0.62 -64.25
CA GLU A 2079 49.26 0.40 -64.47
C GLU A 2079 49.94 1.62 -65.06
N LEU A 2080 49.28 2.28 -66.03
CA LEU A 2080 49.87 3.49 -66.59
C LEU A 2080 49.98 4.59 -65.54
N VAL A 2081 48.93 4.77 -64.73
CA VAL A 2081 48.98 5.79 -63.68
C VAL A 2081 50.13 5.50 -62.73
N ARG A 2082 50.25 4.24 -62.31
CA ARG A 2082 51.31 3.86 -61.38
C ARG A 2082 52.68 4.11 -61.98
N ALA A 2083 52.89 3.72 -63.24
CA ALA A 2083 54.18 3.93 -63.86
C ALA A 2083 54.51 5.41 -63.98
N MET A 2084 53.53 6.22 -64.38
CA MET A 2084 53.74 7.66 -64.51
C MET A 2084 54.18 8.27 -63.18
N PHE A 2085 53.48 7.92 -62.10
CA PHE A 2085 53.77 8.57 -60.84
C PHE A 2085 55.05 8.02 -60.20
N VAL A 2086 55.37 6.75 -60.45
CA VAL A 2086 56.66 6.24 -60.03
C VAL A 2086 57.78 6.98 -60.72
N LEU A 2087 57.64 7.20 -62.04
CA LEU A 2087 58.67 7.92 -62.77
C LEU A 2087 58.81 9.36 -62.28
N LEU A 2088 57.69 10.02 -62.03
CA LEU A 2088 57.74 11.38 -61.51
C LEU A 2088 58.43 11.44 -60.15
N HIS A 2089 58.11 10.49 -59.27
CA HIS A 2089 58.74 10.45 -57.97
C HIS A 2089 60.24 10.21 -58.09
N ARG A 2090 60.64 9.35 -59.04
CA ARG A 2090 62.08 9.16 -59.25
C ARG A 2090 62.75 10.44 -59.70
N GLN A 2091 62.10 11.20 -60.59
CA GLN A 2091 62.70 12.45 -61.02
C GLN A 2091 62.83 13.44 -59.87
N TYR A 2092 61.85 13.48 -58.98
CA TYR A 2092 61.90 14.42 -57.87
C TYR A 2092 62.66 13.90 -56.66
N ASP A 2093 63.13 12.66 -56.71
CA ASP A 2093 63.82 12.06 -55.57
C ASP A 2093 65.14 11.44 -56.02
N GLY A 2094 65.95 12.23 -56.74
CA GLY A 2094 67.19 11.69 -57.28
C GLY A 2094 68.14 11.17 -56.22
N ILE A 2095 68.09 11.75 -55.02
CA ILE A 2095 68.93 11.28 -53.93
C ILE A 2095 68.56 9.85 -53.53
N GLY A 2096 67.27 9.52 -53.49
CA GLY A 2096 66.86 8.18 -53.12
C GLY A 2096 67.41 7.11 -54.05
N GLY A 2097 67.61 7.45 -55.33
CA GLY A 2097 68.23 6.51 -56.23
C GLY A 2097 69.63 6.11 -55.77
N LEU A 2098 70.46 7.08 -55.40
CA LEU A 2098 71.77 6.78 -54.87
C LEU A 2098 71.66 6.07 -53.52
N VAL A 2099 70.69 6.47 -52.69
CA VAL A 2099 70.50 5.84 -51.39
C VAL A 2099 70.22 4.36 -51.53
N ARG A 2100 69.43 3.96 -52.52
CA ARG A 2100 69.18 2.55 -52.81
C ARG A 2100 70.33 1.88 -53.53
N ALA A 2101 71.04 2.61 -54.40
CA ALA A 2101 72.04 1.98 -55.25
C ALA A 2101 73.31 1.65 -54.47
N LEU A 2102 73.76 2.57 -53.62
CA LEU A 2102 75.06 2.42 -52.97
C LEU A 2102 75.16 1.15 -52.12
N PRO A 2103 74.17 0.76 -51.32
CA PRO A 2103 74.30 -0.49 -50.57
C PRO A 2103 74.48 -1.72 -51.45
N LYS A 2104 74.04 -1.67 -52.70
CA LYS A 2104 74.23 -2.78 -53.63
C LYS A 2104 75.39 -2.53 -54.58
N THR A 2105 76.32 -1.66 -54.20
CA THR A 2105 77.51 -1.37 -55.00
C THR A 2105 78.72 -2.01 -54.35
N TYR A 2106 79.48 -2.77 -55.14
CA TYR A 2106 80.67 -3.44 -54.65
C TYR A 2106 81.79 -3.24 -55.65
N THR A 2107 83.01 -3.09 -55.13
CA THR A 2107 84.20 -2.95 -55.97
C THR A 2107 85.10 -4.16 -55.74
N ILE A 2108 85.76 -4.59 -56.81
CA ILE A 2108 86.64 -5.75 -56.76
C ILE A 2108 87.94 -5.42 -57.50
N ASN A 2109 88.98 -6.18 -57.18
CA ASN A 2109 90.24 -6.03 -57.88
C ASN A 2109 90.13 -6.62 -59.29
N GLY A 2110 91.10 -6.26 -60.13
CA GLY A 2110 91.10 -6.75 -61.50
C GLY A 2110 91.37 -8.23 -61.59
N VAL A 2111 92.06 -8.78 -60.58
CA VAL A 2111 92.43 -10.20 -60.63
C VAL A 2111 91.23 -11.09 -60.40
N SER A 2112 90.19 -10.58 -59.73
CA SER A 2112 89.03 -11.38 -59.37
C SER A 2112 87.89 -11.26 -60.38
N VAL A 2113 88.14 -10.63 -61.52
CA VAL A 2113 87.05 -10.33 -62.45
C VAL A 2113 86.44 -11.62 -63.01
N GLU A 2114 87.27 -12.56 -63.44
CA GLU A 2114 86.75 -13.77 -64.05
C GLU A 2114 86.02 -14.63 -63.03
N ASP A 2115 86.55 -14.72 -61.80
CA ASP A 2115 85.86 -15.46 -60.75
C ASP A 2115 84.52 -14.83 -60.41
N THR A 2116 84.48 -13.49 -60.35
CA THR A 2116 83.22 -12.81 -60.10
C THR A 2116 82.23 -13.05 -61.22
N ILE A 2117 82.71 -13.07 -62.46
CA ILE A 2117 81.81 -13.33 -63.59
C ILE A 2117 81.23 -14.73 -63.51
N ASN A 2118 82.06 -15.72 -63.17
CA ASN A 2118 81.55 -17.08 -63.02
C ASN A 2118 80.55 -17.18 -61.89
N LEU A 2119 80.84 -16.53 -60.76
CA LEU A 2119 79.92 -16.55 -59.63
C LEU A 2119 78.60 -15.90 -60.00
N LEU A 2120 78.63 -14.77 -60.70
CA LEU A 2120 77.41 -14.12 -61.15
C LEU A 2120 76.64 -14.96 -62.16
N ALA A 2121 77.32 -15.68 -63.04
CA ALA A 2121 76.62 -16.59 -63.94
C ALA A 2121 75.91 -17.71 -63.19
N SER A 2122 76.58 -18.31 -62.20
CA SER A 2122 75.95 -19.35 -61.41
C SER A 2122 74.75 -18.79 -60.64
N LEU A 2123 74.92 -17.61 -60.05
CA LEU A 2123 73.82 -16.96 -59.34
C LEU A 2123 72.67 -16.64 -60.28
N GLY A 2124 72.97 -16.24 -61.51
CA GLY A 2124 71.91 -16.02 -62.48
C GLY A 2124 71.15 -17.27 -62.83
N GLN A 2125 71.85 -18.39 -63.01
CA GLN A 2125 71.15 -19.65 -63.23
C GLN A 2125 70.24 -19.99 -62.06
N ILE A 2126 70.77 -19.84 -60.84
CA ILE A 2126 69.96 -20.15 -59.66
C ILE A 2126 68.74 -19.24 -59.58
N ARG A 2127 68.93 -17.94 -59.83
CA ARG A 2127 67.82 -16.99 -59.83
C ARG A 2127 66.78 -17.30 -60.89
N SER A 2128 67.21 -17.65 -62.10
CA SER A 2128 66.29 -18.01 -63.16
C SER A 2128 65.53 -19.30 -62.89
N LEU A 2129 66.12 -20.22 -62.11
CA LEU A 2129 65.40 -21.42 -61.74
C LEU A 2129 64.22 -21.14 -60.81
N LEU A 2130 64.12 -19.93 -60.25
CA LEU A 2130 63.00 -19.60 -59.39
C LEU A 2130 61.68 -19.58 -60.15
N SER A 2131 61.72 -19.24 -61.44
CA SER A 2131 60.51 -19.07 -62.22
C SER A 2131 60.00 -20.37 -62.84
N VAL A 2132 60.61 -21.50 -62.53
CA VAL A 2132 60.18 -22.78 -63.07
C VAL A 2132 59.87 -23.72 -61.93
N ARG A 2133 58.95 -24.65 -62.18
CA ARG A 2133 58.61 -25.66 -61.18
C ARG A 2133 59.76 -26.66 -61.03
N MET A 2134 59.99 -27.09 -59.80
CA MET A 2134 61.11 -27.99 -59.54
C MET A 2134 60.86 -29.37 -60.13
N GLY A 2135 61.89 -29.91 -60.77
CA GLY A 2135 61.87 -31.25 -61.30
C GLY A 2135 63.23 -31.91 -61.20
N LYS A 2136 63.33 -33.08 -61.82
CA LYS A 2136 64.56 -33.84 -61.74
C LYS A 2136 65.75 -33.07 -62.29
N GLU A 2137 65.58 -32.42 -63.44
CA GLU A 2137 66.68 -31.67 -64.06
C GLU A 2137 66.98 -30.37 -63.32
N GLU A 2138 65.95 -29.68 -62.83
CA GLU A 2138 66.18 -28.51 -62.00
C GLU A 2138 66.95 -28.87 -60.74
N GLU A 2139 66.73 -30.07 -60.20
CA GLU A 2139 67.55 -30.55 -59.10
C GLU A 2139 69.04 -30.53 -59.48
N LYS A 2140 69.38 -31.08 -60.64
CA LYS A 2140 70.77 -31.13 -61.07
C LYS A 2140 71.33 -29.74 -61.28
N LEU A 2141 70.55 -28.85 -61.91
CA LEU A 2141 71.03 -27.50 -62.15
C LEU A 2141 71.30 -26.77 -60.84
N MET A 2142 70.37 -26.88 -59.89
CA MET A 2142 70.52 -26.25 -58.59
C MET A 2142 71.78 -26.76 -57.89
N ILE A 2143 71.97 -28.08 -57.88
CA ILE A 2143 73.13 -28.65 -57.18
C ILE A 2143 74.44 -28.23 -57.84
N ARG A 2144 74.52 -28.31 -59.17
CA ARG A 2144 75.77 -27.95 -59.82
C ARG A 2144 76.09 -26.48 -59.63
N GLY A 2145 75.08 -25.60 -59.68
CA GLY A 2145 75.32 -24.20 -59.39
C GLY A 2145 75.78 -23.93 -57.98
N LEU A 2146 75.15 -24.56 -56.99
CA LEU A 2146 75.57 -24.37 -55.61
C LEU A 2146 76.99 -24.87 -55.40
N GLY A 2147 77.33 -26.01 -56.00
CA GLY A 2147 78.68 -26.51 -55.92
C GLY A 2147 79.70 -25.59 -56.55
N ASP A 2148 79.38 -25.03 -57.72
CA ASP A 2148 80.29 -24.07 -58.33
C ASP A 2148 80.48 -22.85 -57.45
N ILE A 2149 79.42 -22.36 -56.83
CA ILE A 2149 79.55 -21.21 -55.95
C ILE A 2149 80.45 -21.53 -54.77
N MET A 2150 80.23 -22.68 -54.12
CA MET A 2150 81.08 -23.01 -52.99
C MET A 2150 82.52 -23.21 -53.43
N ASN A 2151 82.75 -23.71 -54.64
CA ASN A 2151 84.12 -23.91 -55.09
C ASN A 2151 84.80 -22.61 -55.44
N ASN A 2152 84.04 -21.59 -55.83
CA ASN A 2152 84.63 -20.32 -56.20
C ASN A 2152 85.24 -19.63 -54.99
N LYS A 2153 86.39 -18.98 -55.20
CA LYS A 2153 87.11 -18.35 -54.10
C LYS A 2153 86.45 -17.06 -53.65
N VAL A 2154 85.77 -16.36 -54.56
CA VAL A 2154 85.13 -15.09 -54.20
C VAL A 2154 84.07 -15.30 -53.13
N PHE A 2155 83.39 -16.46 -53.15
CA PHE A 2155 82.37 -16.74 -52.15
C PHE A 2155 82.94 -16.63 -50.75
N TYR A 2156 84.18 -17.08 -50.56
CA TYR A 2156 84.82 -16.97 -49.25
C TYR A 2156 85.44 -15.61 -49.04
N GLN A 2157 86.10 -15.06 -50.07
CA GLN A 2157 86.90 -13.86 -49.88
C GLN A 2157 86.03 -12.62 -49.68
N HIS A 2158 84.84 -12.60 -50.27
CA HIS A 2158 83.98 -11.41 -50.26
C HIS A 2158 82.60 -11.80 -49.75
N PRO A 2159 82.45 -11.99 -48.43
CA PRO A 2159 81.12 -12.31 -47.90
C PRO A 2159 80.14 -11.16 -48.03
N ASN A 2160 80.63 -9.92 -48.01
CA ASN A 2160 79.73 -8.77 -48.14
C ASN A 2160 79.07 -8.73 -49.51
N LEU A 2161 79.81 -9.06 -50.57
CA LEU A 2161 79.20 -9.10 -51.89
C LEU A 2161 78.15 -10.20 -51.98
N MET A 2162 78.42 -11.36 -51.37
CA MET A 2162 77.44 -12.42 -51.33
C MET A 2162 76.17 -11.97 -50.60
N ARG A 2163 76.34 -11.27 -49.48
CA ARG A 2163 75.18 -10.79 -48.74
C ARG A 2163 74.40 -9.74 -49.53
N ALA A 2164 75.11 -8.85 -50.23
CA ALA A 2164 74.44 -7.84 -51.04
C ALA A 2164 73.69 -8.44 -52.21
N LEU A 2165 74.22 -9.49 -52.83
CA LEU A 2165 73.51 -10.16 -53.90
C LEU A 2165 72.34 -10.98 -53.41
N GLY A 2166 72.25 -11.20 -52.09
CA GLY A 2166 71.14 -11.92 -51.52
C GLY A 2166 71.05 -13.37 -51.96
N MET A 2167 72.18 -14.06 -51.99
CA MET A 2167 72.15 -15.47 -52.35
C MET A 2167 71.41 -16.27 -51.31
N HIS A 2168 71.57 -15.92 -50.03
CA HIS A 2168 70.86 -16.65 -48.99
C HIS A 2168 69.37 -16.54 -49.17
N GLU A 2169 68.87 -15.37 -49.56
CA GLU A 2169 67.45 -15.20 -49.84
C GLU A 2169 66.99 -16.12 -50.97
N THR A 2170 67.76 -16.19 -52.05
CA THR A 2170 67.37 -17.00 -53.19
C THR A 2170 67.33 -18.48 -52.83
N VAL A 2171 68.37 -18.97 -52.18
CA VAL A 2171 68.39 -20.37 -51.75
C VAL A 2171 67.27 -20.61 -50.74
N MET A 2172 67.02 -19.64 -49.89
CA MET A 2172 66.01 -19.77 -48.86
C MET A 2172 64.64 -20.00 -49.47
N GLU A 2173 64.25 -19.15 -50.43
CA GLU A 2173 62.94 -19.30 -51.06
C GLU A 2173 62.89 -20.48 -52.02
N VAL A 2174 64.01 -20.86 -52.63
CA VAL A 2174 64.02 -22.08 -53.44
C VAL A 2174 63.70 -23.28 -52.58
N MET A 2175 64.30 -23.37 -51.39
CA MET A 2175 63.96 -24.46 -50.48
C MET A 2175 62.55 -24.30 -49.93
N VAL A 2176 62.07 -23.06 -49.79
CA VAL A 2176 60.71 -22.82 -49.32
C VAL A 2176 59.70 -23.45 -50.27
N ASN A 2177 59.93 -23.27 -51.57
CA ASN A 2177 59.01 -23.84 -52.55
C ASN A 2177 58.92 -25.35 -52.40
N VAL A 2178 60.07 -26.02 -52.31
CA VAL A 2178 60.08 -27.48 -52.21
C VAL A 2178 59.42 -27.93 -50.91
N LEU A 2179 59.72 -27.23 -49.81
CA LEU A 2179 59.16 -27.61 -48.51
C LEU A 2179 57.65 -27.45 -48.51
N GLY A 2180 57.15 -26.36 -49.08
CA GLY A 2180 55.71 -26.16 -49.13
C GLY A 2180 55.03 -27.11 -50.10
N GLY A 2181 55.80 -27.64 -51.06
CA GLY A 2181 55.24 -28.64 -51.96
C GLY A 2181 55.24 -30.02 -51.31
N GLY A 2182 54.04 -30.47 -50.94
CA GLY A 2182 53.87 -31.83 -50.44
C GLY A 2182 54.43 -32.10 -49.08
N GLU A 2183 53.83 -31.53 -48.03
CA GLU A 2183 54.26 -31.78 -46.67
C GLU A 2183 53.69 -33.08 -46.11
N SER A 2184 52.38 -33.29 -46.30
CA SER A 2184 51.74 -34.48 -45.77
C SER A 2184 52.23 -35.75 -46.45
N LYS A 2185 52.47 -35.68 -47.75
CA LYS A 2185 52.90 -36.81 -48.56
C LYS A 2185 54.40 -37.09 -48.45
N GLU A 2186 55.04 -36.57 -47.40
CA GLU A 2186 56.48 -36.69 -47.18
C GLU A 2186 57.22 -35.79 -48.16
N ILE A 2187 58.31 -35.17 -47.70
CA ILE A 2187 58.97 -34.15 -48.49
C ILE A 2187 59.57 -34.77 -49.75
N THR A 2188 59.30 -34.13 -50.89
CA THR A 2188 59.90 -34.53 -52.15
C THR A 2188 61.19 -33.75 -52.39
N PHE A 2189 62.05 -34.31 -53.22
CA PHE A 2189 63.39 -33.79 -53.51
C PHE A 2189 64.18 -33.56 -52.22
N PRO A 2190 64.36 -34.61 -51.39
CA PRO A 2190 65.10 -34.43 -50.14
C PRO A 2190 66.54 -34.04 -50.34
N LYS A 2191 67.17 -34.50 -51.42
CA LYS A 2191 68.52 -34.10 -51.76
C LYS A 2191 68.65 -32.60 -51.98
N MET A 2192 67.61 -31.96 -52.51
CA MET A 2192 67.58 -30.51 -52.59
C MET A 2192 67.57 -29.84 -51.22
N VAL A 2193 66.69 -30.27 -50.32
CA VAL A 2193 66.69 -29.65 -49.00
C VAL A 2193 68.04 -29.84 -48.34
N ALA A 2194 68.65 -31.01 -48.52
CA ALA A 2194 69.97 -31.25 -47.97
C ALA A 2194 71.01 -30.29 -48.54
N ASN A 2195 71.05 -30.13 -49.86
CA ASN A 2195 72.05 -29.26 -50.47
C ASN A 2195 71.84 -27.80 -50.07
N CYS A 2196 70.59 -27.35 -50.07
CA CYS A 2196 70.29 -25.97 -49.69
C CYS A 2196 70.69 -25.72 -48.24
N CYS A 2197 70.40 -26.68 -47.36
CA CYS A 2197 70.77 -26.51 -45.95
C CYS A 2197 72.28 -26.51 -45.76
N ARG A 2198 73.00 -27.37 -46.49
CA ARG A 2198 74.45 -27.33 -46.40
C ARG A 2198 75.01 -26.00 -46.86
N PHE A 2199 74.48 -25.48 -47.96
CA PHE A 2199 74.92 -24.17 -48.44
C PHE A 2199 74.64 -23.09 -47.40
N LEU A 2200 73.46 -23.13 -46.79
CA LEU A 2200 73.14 -22.12 -45.80
C LEU A 2200 74.01 -22.23 -44.56
N CYS A 2201 74.34 -23.45 -44.13
CA CYS A 2201 75.23 -23.61 -42.99
C CYS A 2201 76.62 -23.08 -43.30
N TYR A 2202 77.13 -23.35 -44.51
CA TYR A 2202 78.41 -22.77 -44.90
C TYR A 2202 78.35 -21.26 -44.91
N PHE A 2203 77.25 -20.70 -45.43
CA PHE A 2203 77.08 -19.25 -45.46
C PHE A 2203 77.11 -18.67 -44.06
N CYS A 2204 76.46 -19.34 -43.11
CA CYS A 2204 76.52 -18.90 -41.71
C CYS A 2204 77.93 -18.96 -41.18
N ARG A 2205 78.67 -20.02 -41.50
CA ARG A 2205 80.01 -20.18 -40.94
C ARG A 2205 81.00 -19.18 -41.54
N ILE A 2206 80.75 -18.68 -42.74
CA ILE A 2206 81.73 -17.82 -43.41
C ILE A 2206 82.02 -16.57 -42.56
N SER A 2207 80.98 -15.86 -42.15
CA SER A 2207 81.20 -14.60 -41.46
C SER A 2207 80.14 -14.40 -40.39
N ARG A 2208 80.47 -13.55 -39.42
CA ARG A 2208 79.55 -13.27 -38.32
C ARG A 2208 78.33 -12.52 -38.80
N GLN A 2209 78.51 -11.55 -39.71
CA GLN A 2209 77.38 -10.79 -40.22
C GLN A 2209 76.44 -11.66 -41.05
N ASN A 2210 77.00 -12.63 -41.79
CA ASN A 2210 76.17 -13.57 -42.51
C ASN A 2210 75.31 -14.38 -41.55
N GLN A 2211 75.87 -14.75 -40.40
CA GLN A 2211 75.10 -15.47 -39.40
C GLN A 2211 73.95 -14.62 -38.89
N LYS A 2212 74.19 -13.33 -38.66
CA LYS A 2212 73.12 -12.43 -38.27
C LYS A 2212 72.05 -12.31 -39.34
N ALA A 2213 72.45 -12.23 -40.61
CA ALA A 2213 71.48 -12.16 -41.69
C ALA A 2213 70.63 -13.42 -41.74
N MET A 2214 71.24 -14.59 -41.56
CA MET A 2214 70.49 -15.83 -41.57
C MET A 2214 69.60 -15.95 -40.34
N PHE A 2215 69.99 -15.30 -39.24
CA PHE A 2215 69.20 -15.37 -38.01
C PHE A 2215 67.80 -14.80 -38.19
N ASP A 2216 67.61 -13.90 -39.14
CA ASP A 2216 66.30 -13.26 -39.32
C ASP A 2216 65.24 -14.22 -39.81
N HIS A 2217 65.61 -15.42 -40.23
CA HIS A 2217 64.68 -16.40 -40.75
C HIS A 2217 64.53 -17.58 -39.81
N LEU A 2218 64.83 -17.37 -38.53
CA LEU A 2218 64.77 -18.46 -37.57
C LEU A 2218 63.34 -18.91 -37.34
N SER A 2219 62.38 -18.00 -37.50
CA SER A 2219 60.98 -18.34 -37.26
C SER A 2219 60.48 -19.39 -38.24
N TYR A 2220 60.67 -19.16 -39.53
CA TYR A 2220 60.19 -20.11 -40.52
C TYR A 2220 60.99 -21.41 -40.47
N LEU A 2221 62.31 -21.30 -40.23
CA LEU A 2221 63.14 -22.49 -40.16
C LEU A 2221 62.69 -23.41 -39.05
N LEU A 2222 62.27 -22.84 -37.92
CA LEU A 2222 61.75 -23.64 -36.84
C LEU A 2222 60.36 -24.18 -37.14
N GLU A 2223 59.58 -23.48 -37.98
CA GLU A 2223 58.31 -24.04 -38.44
C GLU A 2223 58.54 -25.29 -39.28
N ASN A 2224 59.46 -25.22 -40.22
CA ASN A 2224 59.80 -26.37 -41.07
C ASN A 2224 61.02 -27.10 -40.49
N SER A 2225 60.88 -27.52 -39.24
CA SER A 2225 61.98 -28.16 -38.52
C SER A 2225 61.89 -29.67 -38.53
N SER A 2226 60.73 -30.24 -38.85
CA SER A 2226 60.55 -31.68 -38.88
C SER A 2226 60.60 -32.25 -40.29
N VAL A 2227 61.42 -31.68 -41.16
CA VAL A 2227 61.45 -32.10 -42.55
C VAL A 2227 62.10 -33.47 -42.69
N GLY A 2228 63.35 -33.57 -42.26
CA GLY A 2228 64.08 -34.82 -42.45
C GLY A 2228 64.84 -35.28 -41.24
N LEU A 2229 64.31 -35.00 -40.04
CA LEU A 2229 65.00 -35.39 -38.82
C LEU A 2229 65.13 -36.90 -38.71
N ALA A 2230 64.07 -37.63 -39.04
CA ALA A 2230 64.10 -39.08 -38.91
C ALA A 2230 65.04 -39.71 -39.93
N SER A 2231 65.16 -39.10 -41.11
CA SER A 2231 66.00 -39.67 -42.15
C SER A 2231 67.47 -39.50 -41.78
N PRO A 2232 68.25 -40.58 -41.73
CA PRO A 2232 69.69 -40.44 -41.45
C PRO A 2232 70.44 -39.94 -42.66
N ALA A 2233 71.74 -39.66 -42.48
CA ALA A 2233 72.62 -39.20 -43.54
C ALA A 2233 72.23 -37.82 -44.03
N MET A 2234 71.12 -37.29 -43.53
CA MET A 2234 70.74 -35.90 -43.73
C MET A 2234 71.08 -35.07 -42.54
N ARG A 2235 71.74 -35.72 -41.60
CA ARG A 2235 72.20 -35.05 -40.39
C ARG A 2235 73.13 -33.90 -40.77
N GLY A 2236 72.88 -32.73 -40.21
CA GLY A 2236 73.62 -31.55 -40.59
C GLY A 2236 73.13 -30.90 -41.87
N SER A 2237 72.06 -31.41 -42.47
CA SER A 2237 71.55 -30.89 -43.73
C SER A 2237 70.04 -30.68 -43.66
N THR A 2238 69.55 -30.13 -42.55
CA THR A 2238 68.14 -29.89 -42.32
C THR A 2238 67.92 -28.44 -41.91
N PRO A 2239 66.70 -27.92 -42.08
CA PRO A 2239 66.43 -26.55 -41.62
C PRO A 2239 66.68 -26.36 -40.13
N LEU A 2240 66.49 -27.40 -39.33
CA LEU A 2240 66.85 -27.30 -37.92
C LEU A 2240 68.35 -27.10 -37.75
N ASP A 2241 69.16 -27.79 -38.56
CA ASP A 2241 70.60 -27.58 -38.51
C ASP A 2241 70.96 -26.17 -38.96
N VAL A 2242 70.25 -25.65 -39.96
CA VAL A 2242 70.49 -24.27 -40.39
C VAL A 2242 70.18 -23.31 -39.25
N ALA A 2243 69.08 -23.54 -38.55
CA ALA A 2243 68.72 -22.69 -37.42
C ALA A 2243 69.77 -22.77 -36.32
N ALA A 2244 70.27 -23.98 -36.05
CA ALA A 2244 71.32 -24.14 -35.04
C ALA A 2244 72.59 -23.39 -35.44
N ALA A 2245 72.97 -23.48 -36.71
CA ALA A 2245 74.12 -22.72 -37.19
C ALA A 2245 73.89 -21.22 -37.14
N SER A 2246 72.63 -20.79 -37.21
CA SER A 2246 72.33 -19.36 -37.14
C SER A 2246 72.62 -18.79 -35.76
N VAL A 2247 72.72 -19.65 -34.74
CA VAL A 2247 72.97 -19.18 -33.38
C VAL A 2247 74.19 -19.81 -32.75
N MET A 2248 74.92 -20.65 -33.49
CA MET A 2248 76.09 -21.32 -32.93
C MET A 2248 77.15 -20.30 -32.53
N ASP A 2249 77.57 -20.34 -31.27
CA ASP A 2249 78.70 -19.58 -30.75
C ASP A 2249 78.59 -18.08 -31.01
N ASN A 2250 77.41 -17.50 -30.78
CA ASN A 2250 77.20 -16.07 -30.95
C ASN A 2250 76.40 -15.58 -29.76
N ASN A 2251 77.05 -14.85 -28.85
CA ASN A 2251 76.35 -14.31 -27.69
C ASN A 2251 75.30 -13.29 -28.10
N GLU A 2252 75.62 -12.45 -29.09
CA GLU A 2252 74.68 -11.43 -29.53
C GLU A 2252 73.38 -12.04 -30.02
N LEU A 2253 73.47 -13.11 -30.82
CA LEU A 2253 72.29 -13.77 -31.33
C LEU A 2253 71.60 -14.64 -30.28
N ALA A 2254 72.38 -15.27 -29.40
CA ALA A 2254 71.77 -16.08 -28.34
C ALA A 2254 70.93 -15.21 -27.41
N LEU A 2255 71.43 -14.03 -27.05
CA LEU A 2255 70.67 -13.12 -26.21
C LEU A 2255 69.46 -12.54 -26.94
N ALA A 2256 69.54 -12.34 -28.25
CA ALA A 2256 68.41 -11.83 -29.01
C ALA A 2256 67.37 -12.88 -29.27
N LEU A 2257 67.74 -14.15 -29.17
CA LEU A 2257 66.79 -15.24 -29.35
C LEU A 2257 65.65 -15.13 -28.34
N ARG A 2258 64.42 -15.26 -28.83
CA ARG A 2258 63.24 -14.96 -28.03
C ARG A 2258 62.76 -16.19 -27.26
N GLU A 2259 61.61 -16.04 -26.61
CA GLU A 2259 60.93 -17.14 -25.93
C GLU A 2259 60.07 -17.99 -26.85
N PRO A 2260 59.21 -17.41 -27.70
CA PRO A 2260 58.29 -18.26 -28.49
C PRO A 2260 58.98 -19.29 -29.37
N ASP A 2261 60.14 -18.94 -29.94
CA ASP A 2261 60.85 -19.90 -30.77
C ASP A 2261 61.35 -21.08 -29.93
N LEU A 2262 61.80 -20.81 -28.70
CA LEU A 2262 62.12 -21.89 -27.79
C LEU A 2262 60.89 -22.73 -27.45
N GLU A 2263 59.75 -22.07 -27.25
CA GLU A 2263 58.53 -22.80 -26.94
C GLU A 2263 58.12 -23.72 -28.08
N LYS A 2264 58.35 -23.29 -29.31
CA LYS A 2264 58.07 -24.13 -30.47
C LYS A 2264 58.87 -25.42 -30.42
N VAL A 2265 60.18 -25.31 -30.15
CA VAL A 2265 61.03 -26.48 -30.09
C VAL A 2265 60.63 -27.37 -28.92
N VAL A 2266 60.24 -26.76 -27.80
CA VAL A 2266 59.80 -27.53 -26.64
C VAL A 2266 58.54 -28.31 -26.98
N ARG A 2267 57.60 -27.68 -27.69
CA ARG A 2267 56.39 -28.39 -28.10
C ARG A 2267 56.72 -29.54 -29.05
N TYR A 2268 57.63 -29.31 -29.99
CA TYR A 2268 58.03 -30.38 -30.89
C TYR A 2268 58.64 -31.55 -30.12
N LEU A 2269 59.49 -31.25 -29.15
CA LEU A 2269 60.09 -32.30 -28.33
C LEU A 2269 59.06 -33.04 -27.51
N ALA A 2270 58.07 -32.33 -26.96
CA ALA A 2270 56.98 -33.00 -26.24
C ALA A 2270 56.20 -33.92 -27.16
N GLY A 2271 55.92 -33.46 -28.38
CA GLY A 2271 55.25 -34.33 -29.33
C GLY A 2271 56.06 -35.57 -29.66
N CYS A 2272 57.36 -35.40 -29.84
CA CYS A 2272 58.24 -36.54 -30.08
C CYS A 2272 58.31 -37.49 -28.89
N GLY A 2273 58.18 -36.98 -27.68
CA GLY A 2273 58.18 -37.84 -26.50
C GLY A 2273 56.86 -38.55 -26.30
N LEU A 2274 55.77 -37.94 -26.77
CA LEU A 2274 54.46 -38.54 -26.58
C LEU A 2274 54.12 -39.55 -27.67
N GLN A 2275 54.50 -39.27 -28.91
CA GLN A 2275 54.06 -40.04 -30.06
C GLN A 2275 55.24 -40.77 -30.69
N SER A 2276 54.93 -41.89 -31.35
CA SER A 2276 55.94 -42.68 -32.01
C SER A 2276 56.34 -42.05 -33.34
N CYS A 2277 57.20 -42.74 -34.08
CA CYS A 2277 57.68 -42.25 -35.37
C CYS A 2277 56.93 -42.95 -36.50
N GLN A 2278 56.11 -42.17 -37.22
CA GLN A 2278 55.26 -42.74 -38.26
C GLN A 2278 56.09 -43.35 -39.38
N MET A 2279 57.10 -42.63 -39.86
CA MET A 2279 57.91 -43.15 -40.96
C MET A 2279 58.65 -44.41 -40.56
N LEU A 2280 59.13 -44.49 -39.32
CA LEU A 2280 59.84 -45.67 -38.86
C LEU A 2280 58.92 -46.87 -38.66
N VAL A 2281 57.74 -46.66 -38.08
CA VAL A 2281 56.82 -47.80 -37.95
C VAL A 2281 56.32 -48.23 -39.32
N SER A 2282 56.24 -47.31 -40.28
CA SER A 2282 55.90 -47.70 -41.65
C SER A 2282 56.97 -48.59 -42.26
N LYS A 2283 58.25 -48.32 -41.98
CA LYS A 2283 59.32 -49.20 -42.42
C LYS A 2283 59.41 -50.46 -41.58
N GLY A 2284 58.73 -50.52 -40.44
CA GLY A 2284 58.62 -51.74 -39.68
C GLY A 2284 59.31 -51.76 -38.34
N TYR A 2285 59.86 -50.63 -37.89
CA TYR A 2285 60.52 -50.61 -36.59
C TYR A 2285 59.51 -50.87 -35.48
N PRO A 2286 59.95 -51.50 -34.40
CA PRO A 2286 59.01 -51.79 -33.29
C PRO A 2286 58.39 -50.51 -32.75
N ASP A 2287 57.11 -50.59 -32.41
CA ASP A 2287 56.33 -49.41 -32.06
C ASP A 2287 56.46 -49.13 -30.57
N ILE A 2288 57.51 -48.40 -30.22
CA ILE A 2288 57.62 -47.81 -28.90
C ILE A 2288 56.79 -46.54 -28.91
N GLY A 2289 56.47 -46.00 -27.73
CA GLY A 2289 55.54 -44.88 -27.67
C GLY A 2289 56.13 -43.53 -28.00
N TRP A 2290 57.45 -43.45 -28.14
CA TRP A 2290 58.15 -42.17 -28.22
C TRP A 2290 59.19 -42.19 -29.33
N ASN A 2291 59.72 -41.02 -29.63
CA ASN A 2291 60.56 -40.82 -30.81
C ASN A 2291 61.95 -40.32 -30.43
N PRO A 2292 62.85 -41.23 -30.06
CA PRO A 2292 64.21 -40.79 -29.69
C PRO A 2292 64.95 -40.10 -30.81
N VAL A 2293 64.75 -40.56 -32.06
CA VAL A 2293 65.53 -40.06 -33.17
C VAL A 2293 65.27 -38.58 -33.39
N GLU A 2294 64.00 -38.19 -33.40
CA GLU A 2294 63.68 -36.77 -33.56
C GLU A 2294 63.90 -36.01 -32.27
N GLY A 2295 63.73 -36.66 -31.12
CA GLY A 2295 63.94 -35.98 -29.86
C GLY A 2295 65.37 -35.50 -29.69
N GLU A 2296 66.34 -36.34 -30.06
CA GLU A 2296 67.74 -35.92 -29.95
C GLU A 2296 68.05 -34.73 -30.85
N ARG A 2297 67.54 -34.75 -32.09
CA ARG A 2297 67.77 -33.62 -32.98
C ARG A 2297 67.16 -32.34 -32.44
N TYR A 2298 65.96 -32.43 -31.87
CA TYR A 2298 65.36 -31.25 -31.25
C TYR A 2298 66.14 -30.81 -30.02
N LEU A 2299 66.76 -31.74 -29.30
CA LEU A 2299 67.51 -31.39 -28.11
C LEU A 2299 68.81 -30.67 -28.46
N ASP A 2300 69.40 -31.01 -29.61
CA ASP A 2300 70.67 -30.38 -30.00
C ASP A 2300 70.51 -28.88 -30.20
N PHE A 2301 69.40 -28.46 -30.81
CA PHE A 2301 69.17 -27.03 -31.01
C PHE A 2301 69.04 -26.30 -29.69
N LEU A 2302 68.33 -26.90 -28.73
CA LEU A 2302 68.23 -26.29 -27.41
C LEU A 2302 69.60 -26.21 -26.74
N ARG A 2303 70.43 -27.24 -26.92
CA ARG A 2303 71.80 -27.18 -26.41
C ARG A 2303 72.53 -25.97 -26.97
N PHE A 2304 72.51 -25.80 -28.28
CA PHE A 2304 73.17 -24.65 -28.90
C PHE A 2304 72.59 -23.33 -28.47
N ALA A 2305 71.29 -23.28 -28.17
CA ALA A 2305 70.68 -22.03 -27.73
C ALA A 2305 71.06 -21.67 -26.30
N VAL A 2306 71.19 -22.67 -25.42
CA VAL A 2306 71.40 -22.36 -24.01
C VAL A 2306 72.88 -22.23 -23.68
N PHE A 2307 73.76 -22.93 -24.40
CA PHE A 2307 75.18 -22.95 -24.05
C PHE A 2307 75.95 -22.33 -25.20
N CYS A 2308 76.86 -21.41 -24.88
CA CYS A 2308 77.54 -20.64 -25.90
C CYS A 2308 78.93 -20.23 -25.42
N ASN A 2309 79.96 -20.63 -26.16
CA ASN A 2309 81.34 -20.21 -25.93
C ASN A 2309 81.82 -20.54 -24.52
N GLY A 2310 81.49 -21.73 -24.04
CA GLY A 2310 82.00 -22.22 -22.79
C GLY A 2310 81.16 -21.86 -21.57
N GLU A 2311 80.44 -20.75 -21.62
CA GLU A 2311 79.60 -20.35 -20.50
C GLU A 2311 78.13 -20.52 -20.87
N SER A 2312 77.28 -20.60 -19.86
CA SER A 2312 75.86 -20.90 -20.04
C SER A 2312 75.06 -19.60 -20.04
N VAL A 2313 74.31 -19.38 -21.10
CA VAL A 2313 73.46 -18.21 -21.21
C VAL A 2313 72.30 -18.37 -20.23
N GLU A 2314 72.31 -17.58 -19.16
CA GLU A 2314 71.32 -17.74 -18.10
C GLU A 2314 69.91 -17.46 -18.61
N GLU A 2315 69.74 -16.43 -19.43
CA GLU A 2315 68.42 -16.04 -19.88
C GLU A 2315 67.76 -17.17 -20.68
N ASN A 2316 68.52 -17.80 -21.57
CA ASN A 2316 68.00 -18.88 -22.38
C ASN A 2316 68.01 -20.22 -21.66
N ALA A 2317 68.74 -20.34 -20.55
CA ALA A 2317 68.74 -21.59 -19.80
C ALA A 2317 67.56 -21.66 -18.84
N ASN A 2318 67.29 -20.56 -18.15
CA ASN A 2318 66.18 -20.54 -17.21
C ASN A 2318 64.83 -20.70 -17.89
N VAL A 2319 64.69 -20.18 -19.12
CA VAL A 2319 63.45 -20.35 -19.86
C VAL A 2319 63.28 -21.80 -20.29
N VAL A 2320 64.36 -22.41 -20.79
CA VAL A 2320 64.29 -23.78 -21.28
C VAL A 2320 63.98 -24.74 -20.15
N VAL A 2321 64.61 -24.54 -18.99
CA VAL A 2321 64.36 -25.43 -17.86
C VAL A 2321 62.90 -25.35 -17.43
N ARG A 2322 62.35 -24.13 -17.34
CA ARG A 2322 60.95 -23.99 -16.97
C ARG A 2322 60.02 -24.60 -18.01
N LEU A 2323 60.32 -24.44 -19.30
CA LEU A 2323 59.47 -25.07 -20.31
C LEU A 2323 59.51 -26.59 -20.19
N LEU A 2324 60.70 -27.16 -19.99
CA LEU A 2324 60.82 -28.60 -19.87
C LEU A 2324 60.13 -29.14 -18.62
N ILE A 2325 60.14 -28.40 -17.51
CA ILE A 2325 59.42 -28.89 -16.35
C ILE A 2325 57.92 -28.63 -16.46
N ARG A 2326 57.51 -27.63 -17.25
CA ARG A 2326 56.09 -27.47 -17.54
C ARG A 2326 55.56 -28.65 -18.34
N ARG A 2327 56.34 -29.11 -19.31
CA ARG A 2327 55.98 -30.30 -20.10
C ARG A 2327 56.91 -31.44 -19.76
N PRO A 2328 56.63 -32.23 -18.71
CA PRO A 2328 57.56 -33.27 -18.29
C PRO A 2328 57.67 -34.44 -19.25
N GLU A 2329 56.78 -34.54 -20.25
CA GLU A 2329 56.86 -35.63 -21.21
C GLU A 2329 58.12 -35.52 -22.06
N CYS A 2330 58.73 -34.34 -22.10
CA CYS A 2330 59.97 -34.13 -22.86
C CYS A 2330 61.14 -34.91 -22.30
N PHE A 2331 61.05 -35.42 -21.08
CA PHE A 2331 62.16 -36.07 -20.42
C PHE A 2331 62.30 -37.54 -20.77
N GLY A 2332 61.37 -38.09 -21.56
CA GLY A 2332 61.42 -39.47 -21.93
C GLY A 2332 60.65 -40.35 -20.96
N PRO A 2333 60.25 -41.53 -21.40
CA PRO A 2333 59.43 -42.40 -20.54
C PRO A 2333 60.10 -42.77 -19.24
N ALA A 2334 61.43 -42.90 -19.22
CA ALA A 2334 62.11 -43.24 -17.99
C ALA A 2334 61.95 -42.15 -16.94
N LEU A 2335 62.01 -40.88 -17.36
CA LEU A 2335 61.98 -39.76 -16.43
C LEU A 2335 60.64 -39.03 -16.44
N ARG A 2336 59.59 -39.62 -17.01
CA ARG A 2336 58.28 -39.00 -16.91
C ARG A 2336 57.84 -38.86 -15.45
N GLY A 2337 58.08 -39.89 -14.63
CA GLY A 2337 57.78 -39.82 -13.23
C GLY A 2337 56.61 -40.64 -12.75
N GLU A 2338 55.72 -41.05 -13.65
CA GLU A 2338 54.59 -41.90 -13.27
C GLU A 2338 55.04 -43.37 -13.34
N GLY A 2339 55.87 -43.74 -12.38
CA GLY A 2339 56.40 -45.08 -12.34
C GLY A 2339 57.54 -45.33 -13.31
N GLY A 2340 58.22 -44.27 -13.75
CA GLY A 2340 59.36 -44.45 -14.61
C GLY A 2340 60.48 -45.21 -13.90
N ASN A 2341 61.14 -46.10 -14.65
CA ASN A 2341 62.17 -46.94 -14.06
C ASN A 2341 63.38 -46.12 -13.60
N GLY A 2342 63.80 -45.15 -14.40
CA GLY A 2342 64.95 -44.35 -14.06
C GLY A 2342 65.99 -44.30 -15.16
N LEU A 2343 66.98 -43.42 -15.02
CA LEU A 2343 67.98 -43.25 -16.07
C LEU A 2343 68.86 -44.50 -16.19
N LEU A 2344 69.31 -45.04 -15.06
CA LEU A 2344 70.17 -46.22 -15.10
C LEU A 2344 69.43 -47.43 -15.66
N ALA A 2345 68.19 -47.64 -15.23
CA ALA A 2345 67.38 -48.71 -15.80
C ALA A 2345 67.11 -48.50 -17.28
N ALA A 2346 66.93 -47.25 -17.69
CA ALA A 2346 66.74 -46.96 -19.11
C ALA A 2346 67.99 -47.33 -19.90
N MET A 2347 69.15 -46.99 -19.39
CA MET A 2347 70.40 -47.38 -20.04
C MET A 2347 70.57 -48.87 -20.12
N GLU A 2348 70.25 -49.61 -19.07
CA GLU A 2348 70.33 -51.07 -19.11
C GLU A 2348 69.33 -51.69 -20.07
N GLU A 2349 68.10 -51.18 -20.10
CA GLU A 2349 67.13 -51.65 -21.08
C GLU A 2349 67.59 -51.34 -22.49
N ALA A 2350 68.27 -50.21 -22.67
CA ALA A 2350 68.83 -49.88 -23.98
C ALA A 2350 69.93 -50.85 -24.37
N ILE A 2351 70.79 -51.24 -23.42
CA ILE A 2351 71.77 -52.28 -23.69
C ILE A 2351 71.08 -53.56 -24.16
N LYS A 2352 70.04 -53.97 -23.44
CA LYS A 2352 69.35 -55.20 -23.80
C LYS A 2352 68.70 -55.09 -25.18
N ILE A 2353 68.10 -53.93 -25.48
CA ILE A 2353 67.46 -53.74 -26.78
C ILE A 2353 68.49 -53.78 -27.90
N ALA A 2354 69.60 -53.06 -27.72
CA ALA A 2354 70.66 -53.05 -28.72
C ALA A 2354 71.29 -54.42 -28.90
N GLU A 2355 71.30 -55.25 -27.87
CA GLU A 2355 71.75 -56.63 -28.00
C GLU A 2355 70.75 -57.52 -28.73
N ASP A 2356 69.47 -57.36 -28.43
CA ASP A 2356 68.44 -58.14 -29.11
C ASP A 2356 68.31 -57.70 -30.56
N PRO A 2357 68.27 -58.61 -31.52
CA PRO A 2357 68.13 -58.21 -32.93
C PRO A 2357 66.72 -57.76 -33.27
N SER A 2358 65.72 -58.38 -32.64
CA SER A 2358 64.34 -58.12 -33.02
C SER A 2358 63.93 -56.69 -32.73
N ARG A 2359 64.17 -56.23 -31.50
CA ARG A 2359 63.74 -54.88 -31.11
C ARG A 2359 64.68 -53.82 -31.67
N ASP A 2360 65.90 -54.22 -32.04
CA ASP A 2360 66.86 -53.26 -32.57
C ASP A 2360 66.49 -52.81 -33.97
N GLY A 2361 66.13 -53.75 -34.84
CA GLY A 2361 65.94 -53.45 -36.24
C GLY A 2361 64.50 -53.53 -36.69
N PRO A 2362 64.25 -53.12 -37.93
CA PRO A 2362 62.86 -53.18 -38.45
C PRO A 2362 62.31 -54.59 -38.50
N SER A 2363 63.12 -55.57 -38.84
CA SER A 2363 62.70 -56.97 -38.98
C SER A 2363 61.46 -57.09 -39.88
N PRO A 2364 61.60 -56.90 -41.20
CA PRO A 2364 60.47 -56.96 -42.13
C PRO A 2364 59.85 -58.35 -42.22
N GLU A 2377 71.25 -47.06 -48.28
CA GLU A 2377 70.21 -47.95 -47.77
C GLU A 2377 70.60 -48.55 -46.43
N GLU A 2378 71.90 -48.87 -46.30
CA GLU A 2378 72.39 -49.41 -45.03
C GLU A 2378 72.31 -48.36 -43.93
N ASP A 2379 72.49 -47.08 -44.28
CA ASP A 2379 72.41 -46.02 -43.30
C ASP A 2379 71.00 -45.91 -42.71
N ASP A 2380 70.00 -46.39 -43.45
CA ASP A 2380 68.62 -46.31 -42.98
C ASP A 2380 68.41 -47.15 -41.73
N THR A 2381 69.30 -48.11 -41.45
CA THR A 2381 69.17 -48.95 -40.27
C THR A 2381 69.36 -48.11 -39.02
N ILE A 2382 68.31 -47.98 -38.23
CA ILE A 2382 68.34 -47.21 -36.99
C ILE A 2382 68.44 -48.22 -35.85
N HIS A 2383 69.57 -48.21 -35.15
CA HIS A 2383 69.71 -49.05 -33.97
C HIS A 2383 68.99 -48.39 -32.80
N MET A 2384 67.82 -48.90 -32.46
CA MET A 2384 66.95 -48.20 -31.51
C MET A 2384 67.57 -48.10 -30.13
N GLY A 2385 68.37 -49.10 -29.73
CA GLY A 2385 69.06 -48.99 -28.46
C GLY A 2385 69.99 -47.81 -28.42
N ASN A 2386 70.79 -47.64 -29.48
CA ASN A 2386 71.68 -46.48 -29.54
C ASN A 2386 70.88 -45.20 -29.65
N ALA A 2387 69.73 -45.24 -30.33
CA ALA A 2387 68.89 -44.05 -30.42
C ALA A 2387 68.41 -43.61 -29.05
N ILE A 2388 67.93 -44.55 -28.24
CA ILE A 2388 67.49 -44.23 -26.89
C ILE A 2388 68.65 -43.71 -26.06
N MET A 2389 69.81 -44.38 -26.15
CA MET A 2389 70.98 -43.94 -25.41
C MET A 2389 71.34 -42.52 -25.78
N THR A 2390 71.35 -42.20 -27.07
CA THR A 2390 71.71 -40.88 -27.52
C THR A 2390 70.69 -39.84 -27.06
N PHE A 2391 69.40 -40.20 -27.09
CA PHE A 2391 68.38 -39.28 -26.61
C PHE A 2391 68.62 -38.91 -25.15
N TYR A 2392 68.79 -39.93 -24.31
CA TYR A 2392 68.96 -39.64 -22.88
C TYR A 2392 70.25 -38.89 -22.61
N SER A 2393 71.32 -39.26 -23.33
CA SER A 2393 72.59 -38.55 -23.16
C SER A 2393 72.46 -37.09 -23.58
N ALA A 2394 71.76 -36.82 -24.69
CA ALA A 2394 71.57 -35.46 -25.13
C ALA A 2394 70.74 -34.67 -24.15
N LEU A 2395 69.70 -35.29 -23.59
CA LEU A 2395 68.88 -34.61 -22.59
C LEU A 2395 69.72 -34.24 -21.37
N ILE A 2396 70.51 -35.20 -20.87
CA ILE A 2396 71.33 -34.93 -19.70
C ILE A 2396 72.36 -33.86 -20.00
N ASP A 2397 72.96 -33.89 -21.19
CA ASP A 2397 73.93 -32.86 -21.56
C ASP A 2397 73.27 -31.50 -21.62
N LEU A 2398 72.08 -31.42 -22.20
CA LEU A 2398 71.39 -30.14 -22.28
C LEU A 2398 71.09 -29.59 -20.89
N LEU A 2399 70.63 -30.46 -19.99
CA LEU A 2399 70.33 -30.00 -18.64
C LEU A 2399 71.60 -29.54 -17.92
N GLY A 2400 72.69 -30.30 -18.07
CA GLY A 2400 73.94 -29.90 -17.45
C GLY A 2400 74.45 -28.57 -17.97
N ARG A 2401 74.27 -28.32 -19.27
CA ARG A 2401 74.66 -27.04 -19.83
C ARG A 2401 73.73 -25.93 -19.33
N CYS A 2402 72.46 -26.26 -19.11
CA CYS A 2402 71.51 -25.31 -18.55
C CYS A 2402 71.79 -25.01 -17.09
N ALA A 2403 72.59 -25.84 -16.42
CA ALA A 2403 72.92 -25.57 -15.02
C ALA A 2403 73.63 -24.23 -14.88
N PRO A 2404 73.38 -23.50 -13.80
CA PRO A 2404 73.98 -22.16 -13.65
C PRO A 2404 75.48 -22.25 -13.42
N GLU A 2405 76.16 -21.16 -13.75
CA GLU A 2405 77.60 -21.09 -13.57
C GLU A 2405 77.95 -21.03 -12.10
N MET A 2406 79.17 -21.46 -11.77
CA MET A 2406 79.58 -21.59 -10.38
C MET A 2406 79.66 -20.24 -9.68
N HIS A 2407 80.12 -19.20 -10.38
CA HIS A 2407 80.31 -17.91 -9.74
C HIS A 2407 78.99 -17.30 -9.31
N LEU A 2408 77.93 -17.49 -10.09
CA LEU A 2408 76.62 -16.98 -9.68
C LEU A 2408 76.14 -17.66 -8.41
N ILE A 2409 76.33 -18.97 -8.30
CA ILE A 2409 75.93 -19.67 -7.09
C ILE A 2409 76.75 -19.19 -5.90
N HIS A 2410 78.05 -18.97 -6.10
CA HIS A 2410 78.88 -18.45 -5.03
C HIS A 2410 78.40 -17.06 -4.60
N ALA A 2411 78.03 -16.22 -5.56
CA ALA A 2411 77.47 -14.91 -5.22
C ALA A 2411 76.15 -15.06 -4.48
N GLY A 2412 75.42 -16.14 -4.72
CA GLY A 2412 74.20 -16.41 -4.00
C GLY A 2412 72.92 -16.01 -4.69
N LYS A 2413 72.88 -16.00 -6.01
CA LYS A 2413 71.67 -15.63 -6.72
C LYS A 2413 70.58 -16.67 -6.51
N GLY A 2414 69.45 -16.21 -5.97
CA GLY A 2414 68.38 -17.13 -5.62
C GLY A 2414 67.85 -17.91 -6.81
N GLU A 2415 67.75 -17.24 -7.96
CA GLU A 2415 67.26 -17.92 -9.16
C GLU A 2415 68.22 -19.03 -9.58
N ALA A 2416 69.52 -18.76 -9.53
CA ALA A 2416 70.50 -19.78 -9.88
C ALA A 2416 70.43 -20.96 -8.91
N ILE A 2417 70.31 -20.67 -7.61
CA ILE A 2417 70.22 -21.74 -6.62
C ILE A 2417 68.97 -22.57 -6.88
N ARG A 2418 67.86 -21.91 -7.19
CA ARG A 2418 66.61 -22.61 -7.44
C ARG A 2418 66.69 -23.49 -8.68
N ILE A 2419 67.34 -22.99 -9.73
CA ILE A 2419 67.49 -23.79 -10.94
C ILE A 2419 68.34 -25.03 -10.66
N ARG A 2420 69.43 -24.84 -9.91
CA ARG A 2420 70.26 -25.99 -9.56
C ARG A 2420 69.47 -27.00 -8.73
N SER A 2421 68.66 -26.52 -7.80
CA SER A 2421 67.85 -27.42 -6.99
C SER A 2421 66.87 -28.19 -7.86
N ILE A 2422 66.25 -27.52 -8.84
CA ILE A 2422 65.33 -28.21 -9.74
C ILE A 2422 66.04 -29.30 -10.51
N LEU A 2423 67.23 -28.99 -11.03
CA LEU A 2423 67.98 -29.99 -11.80
C LEU A 2423 68.37 -31.18 -10.92
N ARG A 2424 68.79 -30.90 -9.69
CA ARG A 2424 69.14 -31.98 -8.77
C ARG A 2424 67.92 -32.85 -8.46
N SER A 2425 66.75 -32.23 -8.29
CA SER A 2425 65.54 -33.02 -8.08
C SER A 2425 65.23 -33.88 -9.30
N LEU A 2426 65.40 -33.33 -10.50
CA LEU A 2426 65.09 -34.09 -11.70
C LEU A 2426 65.98 -35.31 -11.86
N ILE A 2427 67.29 -35.15 -11.65
CA ILE A 2427 68.23 -36.23 -11.88
C ILE A 2427 68.91 -36.60 -10.57
N PRO A 2428 68.70 -37.82 -10.06
CA PRO A 2428 69.45 -38.26 -8.87
C PRO A 2428 70.91 -38.51 -9.20
N LEU A 2429 71.75 -38.41 -8.17
CA LEU A 2429 73.18 -38.64 -8.36
C LEU A 2429 73.48 -40.11 -8.54
N GLY A 2430 72.72 -40.99 -7.88
CA GLY A 2430 72.96 -42.40 -7.99
C GLY A 2430 72.83 -42.92 -9.40
N ASP A 2431 71.85 -42.41 -10.15
CA ASP A 2431 71.69 -42.79 -11.54
C ASP A 2431 72.89 -42.40 -12.39
N LEU A 2432 73.41 -41.18 -12.21
CA LEU A 2432 74.61 -40.79 -12.93
C LEU A 2432 75.80 -41.68 -12.59
N VAL A 2433 75.97 -41.98 -11.29
CA VAL A 2433 77.09 -42.83 -10.90
C VAL A 2433 76.95 -44.21 -11.53
N GLY A 2434 75.74 -44.78 -11.53
CA GLY A 2434 75.54 -46.08 -12.13
C GLY A 2434 75.81 -46.09 -13.62
N VAL A 2435 75.29 -45.09 -14.33
CA VAL A 2435 75.49 -45.02 -15.77
C VAL A 2435 76.97 -44.88 -16.09
N ILE A 2436 77.69 -44.12 -15.28
CA ILE A 2436 79.14 -44.05 -15.44
C ILE A 2436 79.76 -45.42 -15.18
N SER A 2437 79.26 -46.14 -14.17
CA SER A 2437 79.84 -47.43 -13.81
C SER A 2437 79.62 -48.48 -14.88
N ILE A 2438 78.60 -48.32 -15.72
CA ILE A 2438 78.40 -49.26 -16.82
C ILE A 2438 79.66 -49.31 -17.68
N ALA A 2439 80.06 -50.51 -18.06
CA ALA A 2439 81.29 -50.73 -18.81
C ALA A 2439 81.02 -51.00 -20.27
N PHE A 2440 82.00 -50.68 -21.12
CA PHE A 2440 81.91 -50.91 -22.55
C PHE A 2440 82.23 -52.37 -22.89
N GLN A 2441 82.14 -52.68 -24.18
CA GLN A 2441 82.56 -53.96 -24.72
C GLN A 2441 83.80 -53.71 -25.58
N MET A 2442 84.94 -54.24 -25.13
CA MET A 2442 86.20 -53.87 -25.75
C MET A 2442 86.44 -54.74 -26.98
N PRO A 2443 87.05 -54.19 -28.03
CA PRO A 2443 87.36 -55.02 -29.20
C PRO A 2443 88.43 -56.05 -28.88
N THR A 2444 88.39 -57.16 -29.62
CA THR A 2444 89.32 -58.27 -29.41
C THR A 2444 89.91 -58.71 -30.73
N ILE A 2445 91.11 -59.30 -30.66
CA ILE A 2445 91.74 -59.87 -31.83
C ILE A 2445 91.31 -61.32 -31.99
N ALA A 2446 91.17 -61.76 -33.24
CA ALA A 2446 90.64 -63.09 -33.50
C ALA A 2446 91.77 -64.09 -33.65
N LYS A 2447 91.39 -65.32 -34.04
CA LYS A 2447 92.37 -66.38 -34.25
C LYS A 2447 93.34 -66.03 -35.36
N ASP A 2448 92.85 -65.45 -36.45
CA ASP A 2448 93.66 -65.12 -37.61
C ASP A 2448 94.43 -63.82 -37.44
N GLY A 2449 94.24 -63.12 -36.32
CA GLY A 2449 94.85 -61.82 -36.12
C GLY A 2449 94.02 -60.65 -36.59
N ASN A 2450 92.91 -60.89 -37.28
CA ASN A 2450 92.04 -59.81 -37.68
C ASN A 2450 91.14 -59.43 -36.52
N VAL A 2451 91.30 -58.21 -36.02
CA VAL A 2451 90.54 -57.78 -34.85
C VAL A 2451 89.07 -57.65 -35.21
N VAL A 2452 88.21 -58.23 -34.39
CA VAL A 2452 86.77 -58.11 -34.54
C VAL A 2452 86.34 -56.86 -33.78
N GLU A 2453 85.54 -56.02 -34.43
CA GLU A 2453 85.24 -54.71 -33.88
C GLU A 2453 83.75 -54.55 -33.69
N PRO A 2454 83.29 -54.23 -32.48
CA PRO A 2454 81.89 -53.88 -32.29
C PRO A 2454 81.53 -52.64 -33.11
N ASP A 2455 80.32 -52.64 -33.66
CA ASP A 2455 79.88 -51.51 -34.46
C ASP A 2455 79.59 -50.31 -33.57
N MET A 2456 80.09 -49.14 -33.96
CA MET A 2456 79.86 -47.94 -33.16
C MET A 2456 78.42 -47.47 -33.26
N SER A 2457 77.79 -47.62 -34.44
CA SER A 2457 76.44 -47.08 -34.62
C SER A 2457 75.44 -47.77 -33.70
N ALA A 2458 75.80 -48.92 -33.17
CA ALA A 2458 75.00 -49.61 -32.18
C ALA A 2458 75.77 -49.71 -30.88
N GLY A 2459 75.04 -49.89 -29.78
CA GLY A 2459 75.64 -50.13 -28.49
C GLY A 2459 75.97 -48.86 -27.73
N PHE A 2460 76.67 -49.07 -26.61
CA PHE A 2460 76.96 -47.98 -25.69
C PHE A 2460 78.30 -47.35 -26.02
N CYS A 2461 78.33 -46.02 -26.10
CA CYS A 2461 79.53 -45.31 -26.52
C CYS A 2461 80.03 -44.39 -25.42
N PRO A 2462 81.33 -44.10 -25.39
CA PRO A 2462 81.88 -43.20 -24.36
C PRO A 2462 81.31 -41.80 -24.43
N ASP A 2463 80.81 -41.38 -25.59
CA ASP A 2463 80.18 -40.07 -25.69
C ASP A 2463 78.97 -39.99 -24.78
N HIS A 2464 78.32 -41.13 -24.54
CA HIS A 2464 77.20 -41.16 -23.61
C HIS A 2464 77.66 -40.84 -22.19
N LYS A 2465 78.79 -41.39 -21.77
CA LYS A 2465 79.32 -41.09 -20.44
C LYS A 2465 79.86 -39.68 -20.36
N ALA A 2466 80.26 -39.11 -21.50
CA ALA A 2466 80.74 -37.73 -21.49
C ALA A 2466 79.67 -36.77 -20.98
N ALA A 2467 78.42 -36.94 -21.44
CA ALA A 2467 77.33 -36.12 -20.94
C ALA A 2467 77.07 -36.37 -19.46
N MET A 2468 77.20 -37.62 -19.01
CA MET A 2468 77.01 -37.90 -17.59
C MET A 2468 78.03 -37.14 -16.76
N VAL A 2469 79.29 -37.15 -17.18
CA VAL A 2469 80.33 -36.44 -16.46
C VAL A 2469 80.08 -34.94 -16.49
N LEU A 2470 79.64 -34.41 -17.64
CA LEU A 2470 79.35 -32.99 -17.73
C LEU A 2470 78.26 -32.60 -16.74
N PHE A 2471 77.18 -33.36 -16.69
CA PHE A 2471 76.12 -33.07 -15.73
C PHE A 2471 76.61 -33.17 -14.30
N LEU A 2472 77.36 -34.22 -13.98
CA LEU A 2472 77.81 -34.42 -12.62
C LEU A 2472 78.76 -33.32 -12.17
N ASP A 2473 79.56 -32.77 -13.08
CA ASP A 2473 80.43 -31.65 -12.77
C ASP A 2473 79.71 -30.33 -12.68
N ARG A 2474 78.71 -30.08 -13.53
CA ARG A 2474 78.09 -28.77 -13.58
C ARG A 2474 76.86 -28.63 -12.67
N VAL A 2475 76.35 -29.73 -12.13
CA VAL A 2475 75.14 -29.64 -11.30
C VAL A 2475 75.46 -30.09 -9.88
N TYR A 2476 75.81 -31.36 -9.73
CA TYR A 2476 76.03 -31.90 -8.38
C TYR A 2476 77.36 -31.41 -7.82
N GLY A 2477 78.40 -31.43 -8.63
CA GLY A 2477 79.70 -30.96 -8.19
C GLY A 2477 80.42 -31.96 -7.33
N ILE A 2478 81.74 -32.08 -7.51
CA ILE A 2478 82.55 -32.94 -6.68
C ILE A 2478 83.34 -32.10 -5.69
N GLU A 2479 82.87 -32.03 -4.44
CA GLU A 2479 83.54 -31.24 -3.41
C GLU A 2479 83.89 -32.07 -2.19
N VAL A 2480 83.77 -33.39 -2.25
CA VAL A 2480 84.04 -34.26 -1.11
C VAL A 2480 85.04 -35.33 -1.54
N GLN A 2481 86.07 -35.51 -0.74
CA GLN A 2481 87.07 -36.53 -1.04
C GLN A 2481 86.47 -37.93 -1.05
N ASP A 2482 85.51 -38.21 -0.16
CA ASP A 2482 84.88 -39.52 -0.16
C ASP A 2482 84.14 -39.78 -1.47
N PHE A 2483 83.38 -38.80 -1.95
CA PHE A 2483 82.69 -38.95 -3.22
C PHE A 2483 83.67 -39.10 -4.37
N LEU A 2484 84.75 -38.31 -4.34
CA LEU A 2484 85.77 -38.42 -5.38
C LEU A 2484 86.35 -39.83 -5.43
N LEU A 2485 86.74 -40.36 -4.28
CA LEU A 2485 87.32 -41.69 -4.24
C LEU A 2485 86.33 -42.76 -4.65
N HIS A 2486 85.07 -42.64 -4.23
CA HIS A 2486 84.06 -43.61 -4.64
C HIS A 2486 83.87 -43.60 -6.15
N LEU A 2487 83.76 -42.41 -6.74
CA LEU A 2487 83.64 -42.33 -8.20
C LEU A 2487 84.85 -42.92 -8.89
N LEU A 2488 86.04 -42.59 -8.41
CA LEU A 2488 87.26 -43.11 -9.02
C LEU A 2488 87.30 -44.62 -8.98
N GLU A 2489 86.88 -45.20 -7.86
CA GLU A 2489 86.87 -46.65 -7.74
C GLU A 2489 85.82 -47.30 -8.63
N VAL A 2490 84.62 -46.71 -8.73
CA VAL A 2490 83.53 -47.42 -9.40
C VAL A 2490 83.50 -47.19 -10.90
N GLY A 2491 83.71 -45.96 -11.38
CA GLY A 2491 83.45 -45.70 -12.78
C GLY A 2491 84.61 -45.21 -13.61
N PHE A 2492 85.55 -44.49 -13.00
CA PHE A 2492 86.59 -43.83 -13.78
C PHE A 2492 87.75 -44.77 -14.05
N LEU A 2493 88.20 -45.48 -13.02
CA LEU A 2493 89.36 -46.36 -13.14
C LEU A 2493 89.18 -47.48 -14.16
N PRO A 2494 88.02 -48.18 -14.21
CA PRO A 2494 87.89 -49.25 -15.21
C PRO A 2494 88.08 -48.77 -16.64
N ASP A 2495 87.56 -47.59 -16.98
CA ASP A 2495 87.75 -47.07 -18.32
C ASP A 2495 89.20 -46.74 -18.61
N LEU A 2496 89.90 -46.19 -17.61
CA LEU A 2496 91.32 -45.91 -17.79
C LEU A 2496 92.10 -47.21 -18.01
N ARG A 2497 91.76 -48.25 -17.25
CA ARG A 2497 92.42 -49.54 -17.45
C ARG A 2497 92.12 -50.10 -18.83
N ALA A 2498 90.88 -49.94 -19.30
CA ALA A 2498 90.56 -50.40 -20.65
C ALA A 2498 91.37 -49.66 -21.70
N ALA A 2499 91.52 -48.35 -21.54
CA ALA A 2499 92.33 -47.57 -22.49
C ALA A 2499 93.78 -48.03 -22.44
N ALA A 2500 94.32 -48.24 -21.25
CA ALA A 2500 95.71 -48.68 -21.12
C ALA A 2500 95.93 -50.08 -21.66
N SER A 2501 94.93 -50.95 -21.60
CA SER A 2501 95.03 -52.29 -22.17
C SER A 2501 94.83 -52.32 -23.66
N LEU A 2502 94.13 -51.34 -24.23
CA LEU A 2502 93.94 -51.25 -25.67
C LEU A 2502 95.04 -50.45 -26.34
N ASP A 2503 96.22 -50.38 -25.75
CA ASP A 2503 97.34 -49.64 -26.29
C ASP A 2503 98.25 -50.50 -27.16
N THR A 2504 97.81 -51.72 -27.50
CA THR A 2504 98.61 -52.57 -28.36
C THR A 2504 98.67 -52.00 -29.77
N ALA A 2505 99.65 -52.47 -30.53
CA ALA A 2505 99.89 -51.91 -31.86
C ALA A 2505 98.70 -52.10 -32.79
N ALA A 2506 98.09 -53.29 -32.81
CA ALA A 2506 96.98 -53.54 -33.72
C ALA A 2506 95.72 -52.81 -33.26
N LEU A 2507 95.47 -52.80 -31.95
CA LEU A 2507 94.24 -52.27 -31.40
C LEU A 2507 94.30 -50.78 -31.10
N SER A 2508 95.44 -50.13 -31.36
CA SER A 2508 95.60 -48.74 -30.96
C SER A 2508 94.74 -47.82 -31.81
N ALA A 2509 94.64 -48.08 -33.11
CA ALA A 2509 93.95 -47.20 -34.03
C ALA A 2509 92.46 -47.51 -34.17
N THR A 2510 91.94 -48.44 -33.38
CA THR A 2510 90.55 -48.85 -33.52
C THR A 2510 89.62 -47.74 -33.03
N ASP A 2511 88.36 -47.83 -33.46
CA ASP A 2511 87.40 -46.78 -33.14
C ASP A 2511 87.14 -46.70 -31.64
N MET A 2512 87.05 -47.85 -30.98
CA MET A 2512 86.89 -47.87 -29.53
C MET A 2512 88.02 -47.13 -28.84
N ALA A 2513 89.26 -47.39 -29.26
CA ALA A 2513 90.40 -46.74 -28.62
C ALA A 2513 90.35 -45.23 -28.81
N LEU A 2514 90.08 -44.78 -30.03
CA LEU A 2514 90.03 -43.34 -30.29
C LEU A 2514 88.92 -42.67 -29.50
N ALA A 2515 87.72 -43.27 -29.50
CA ALA A 2515 86.61 -42.68 -28.78
C ALA A 2515 86.88 -42.65 -27.28
N LEU A 2516 87.47 -43.72 -26.74
CA LEU A 2516 87.75 -43.75 -25.31
C LEU A 2516 88.82 -42.74 -24.93
N ASN A 2517 89.83 -42.57 -25.79
CA ASN A 2517 90.83 -41.53 -25.53
C ASN A 2517 90.20 -40.14 -25.57
N ARG A 2518 89.35 -39.88 -26.56
CA ARG A 2518 88.69 -38.58 -26.63
C ARG A 2518 87.79 -38.34 -25.43
N TYR A 2519 87.14 -39.37 -24.90
CA TYR A 2519 86.34 -39.22 -23.69
C TYR A 2519 87.19 -38.95 -22.46
N LEU A 2520 88.24 -39.75 -22.26
CA LEU A 2520 89.03 -39.64 -21.05
C LEU A 2520 89.82 -38.34 -21.01
N CYS A 2521 90.40 -37.94 -22.13
CA CYS A 2521 91.28 -36.77 -22.12
C CYS A 2521 90.52 -35.46 -22.13
N THR A 2522 89.19 -35.49 -22.31
CA THR A 2522 88.41 -34.27 -22.33
C THR A 2522 87.33 -34.20 -21.26
N ALA A 2523 86.96 -35.31 -20.64
CA ALA A 2523 85.95 -35.28 -19.59
C ALA A 2523 86.51 -35.74 -18.24
N VAL A 2524 87.16 -36.91 -18.19
CA VAL A 2524 87.56 -37.48 -16.92
C VAL A 2524 88.80 -36.77 -16.37
N LEU A 2525 89.87 -36.73 -17.17
CA LEU A 2525 91.13 -36.18 -16.69
C LEU A 2525 91.04 -34.71 -16.30
N PRO A 2526 90.42 -33.82 -17.06
CA PRO A 2526 90.26 -32.44 -16.57
C PRO A 2526 89.50 -32.36 -15.27
N LEU A 2527 88.52 -33.24 -15.07
CA LEU A 2527 87.79 -33.26 -13.80
C LEU A 2527 88.72 -33.59 -12.64
N LEU A 2528 89.56 -34.60 -12.81
CA LEU A 2528 90.52 -34.95 -11.77
C LEU A 2528 91.60 -33.91 -11.60
N THR A 2529 91.89 -33.12 -12.63
CA THR A 2529 92.81 -32.01 -12.51
C THR A 2529 92.22 -30.85 -11.72
N ARG A 2530 90.95 -30.53 -11.95
CA ARG A 2530 90.27 -29.50 -11.19
C ARG A 2530 90.00 -29.93 -9.75
N CYS A 2531 89.86 -31.24 -9.51
CA CYS A 2531 89.62 -31.75 -8.16
C CYS A 2531 90.89 -32.23 -7.50
N ALA A 2532 92.04 -31.67 -7.90
CA ALA A 2532 93.31 -32.07 -7.32
C ALA A 2532 93.42 -31.84 -5.82
N PRO A 2533 93.00 -30.70 -5.25
CA PRO A 2533 93.21 -30.49 -3.81
C PRO A 2533 92.53 -31.55 -2.93
N LEU A 2534 91.47 -32.19 -3.43
CA LEU A 2534 90.80 -33.21 -2.63
C LEU A 2534 91.69 -34.43 -2.43
N PHE A 2535 92.78 -34.54 -3.18
CA PHE A 2535 93.67 -35.70 -3.09
C PHE A 2535 94.63 -35.63 -1.92
N ALA A 2536 94.56 -34.58 -1.10
CA ALA A 2536 95.55 -34.40 -0.04
C ALA A 2536 95.50 -35.54 0.97
N GLY A 2537 94.38 -35.66 1.69
CA GLY A 2537 94.28 -36.63 2.76
C GLY A 2537 93.78 -37.99 2.32
N THR A 2538 94.60 -38.73 1.59
CA THR A 2538 94.22 -40.04 1.07
C THR A 2538 95.07 -41.16 1.64
N GLU A 2539 95.51 -41.04 2.90
CA GLU A 2539 96.37 -42.05 3.49
C GLU A 2539 95.67 -43.40 3.56
N HIS A 2540 94.39 -43.40 3.96
CA HIS A 2540 93.65 -44.64 4.08
C HIS A 2540 93.47 -45.33 2.74
N HIS A 2541 93.23 -44.56 1.68
CA HIS A 2541 93.17 -45.11 0.32
C HIS A 2541 94.53 -44.96 -0.35
N ALA A 2542 95.43 -45.85 0.02
CA ALA A 2542 96.79 -45.84 -0.51
C ALA A 2542 96.98 -46.75 -1.72
N SER A 2543 95.97 -47.54 -2.08
CA SER A 2543 96.11 -48.47 -3.21
C SER A 2543 95.43 -47.93 -4.47
N LEU A 2544 94.25 -47.33 -4.30
CA LEU A 2544 93.55 -46.75 -5.45
C LEU A 2544 94.36 -45.66 -6.10
N ILE A 2545 95.02 -44.82 -5.30
CA ILE A 2545 95.85 -43.76 -5.84
C ILE A 2545 97.01 -44.32 -6.65
N ASP A 2546 97.69 -45.34 -6.13
CA ASP A 2546 98.77 -45.97 -6.87
C ASP A 2546 98.30 -46.63 -8.15
N SER A 2547 97.13 -47.28 -8.13
CA SER A 2547 96.56 -47.81 -9.36
C SER A 2547 96.29 -46.72 -10.38
N LEU A 2548 95.71 -45.61 -9.93
CA LEU A 2548 95.41 -44.49 -10.83
C LEU A 2548 96.69 -43.95 -11.46
N LEU A 2549 97.73 -43.77 -10.65
CA LEU A 2549 98.98 -43.21 -11.17
C LEU A 2549 99.57 -44.09 -12.25
N HIS A 2550 99.63 -45.40 -12.00
CA HIS A 2550 100.21 -46.33 -12.97
C HIS A 2550 99.37 -46.37 -14.24
N THR A 2551 98.05 -46.40 -14.10
CA THR A 2551 97.20 -46.45 -15.28
C THR A 2551 97.36 -45.20 -16.12
N VAL A 2552 97.41 -44.02 -15.49
CA VAL A 2552 97.57 -42.78 -16.22
C VAL A 2552 98.93 -42.73 -16.89
N TYR A 2553 99.98 -43.21 -16.21
CA TYR A 2553 101.31 -43.22 -16.79
C TYR A 2553 101.38 -44.12 -18.00
N ARG A 2554 100.76 -45.30 -17.93
CA ARG A 2554 100.69 -46.19 -19.08
C ARG A 2554 99.93 -45.55 -20.23
N LEU A 2555 98.81 -44.89 -19.91
CA LEU A 2555 98.05 -44.22 -20.97
C LEU A 2555 98.88 -43.13 -21.63
N SER A 2556 99.65 -42.38 -20.84
CA SER A 2556 100.57 -41.39 -21.38
C SER A 2556 101.63 -42.01 -22.27
N LYS A 2557 102.22 -43.13 -21.87
CA LYS A 2557 103.16 -43.86 -22.72
C LYS A 2557 102.51 -44.41 -23.98
N GLY A 2558 101.18 -44.52 -24.00
CA GLY A 2558 100.48 -44.92 -25.21
C GLY A 2558 100.90 -44.09 -26.41
N CYS A 2559 100.64 -44.63 -27.60
CA CYS A 2559 101.23 -44.11 -28.83
C CYS A 2559 100.28 -43.22 -29.63
N SER A 2560 99.06 -43.69 -29.88
CA SER A 2560 98.18 -43.01 -30.82
C SER A 2560 97.68 -41.67 -30.30
N LEU A 2561 97.95 -41.38 -29.03
CA LEU A 2561 97.46 -40.14 -28.42
C LEU A 2561 97.95 -38.92 -29.18
N THR A 2562 97.06 -37.95 -29.36
CA THR A 2562 97.40 -36.71 -30.03
C THR A 2562 98.14 -35.78 -29.07
N LYS A 2563 98.60 -34.65 -29.60
CA LYS A 2563 99.33 -33.70 -28.78
C LYS A 2563 98.47 -33.12 -27.67
N ALA A 2564 97.22 -32.77 -27.99
CA ALA A 2564 96.34 -32.21 -26.96
C ALA A 2564 96.05 -33.22 -25.87
N GLN A 2565 95.80 -34.48 -26.25
CA GLN A 2565 95.55 -35.52 -25.26
C GLN A 2565 96.78 -35.74 -24.39
N ARG A 2566 97.96 -35.77 -25.01
CA ARG A 2566 99.18 -35.94 -24.24
C ARG A 2566 99.37 -34.80 -23.24
N ASP A 2567 99.11 -33.57 -23.69
CA ASP A 2567 99.23 -32.41 -22.81
C ASP A 2567 98.25 -32.50 -21.65
N SER A 2568 97.03 -32.92 -21.93
CA SER A 2568 96.04 -33.06 -20.87
C SER A 2568 96.48 -34.09 -19.84
N ILE A 2569 97.01 -35.22 -20.31
CA ILE A 2569 97.49 -36.24 -19.37
C ILE A 2569 98.66 -35.71 -18.54
N GLU A 2570 99.57 -34.99 -19.19
CA GLU A 2570 100.69 -34.42 -18.44
C GLU A 2570 100.21 -33.48 -17.36
N VAL A 2571 99.25 -32.61 -17.68
CA VAL A 2571 98.73 -31.67 -16.69
C VAL A 2571 98.06 -32.42 -15.56
N CYS A 2572 97.25 -33.42 -15.87
CA CYS A 2572 96.55 -34.16 -14.82
C CYS A 2572 97.54 -34.84 -13.89
N LEU A 2573 98.54 -35.52 -14.45
CA LEU A 2573 99.50 -36.23 -13.62
C LEU A 2573 100.32 -35.26 -12.77
N LEU A 2574 100.76 -34.15 -13.37
CA LEU A 2574 101.53 -33.17 -12.61
C LEU A 2574 100.71 -32.54 -11.51
N SER A 2575 99.41 -32.34 -11.72
CA SER A 2575 98.55 -31.78 -10.68
C SER A 2575 98.32 -32.76 -9.55
N ILE A 2576 98.06 -34.03 -9.88
CA ILE A 2576 97.77 -35.01 -8.84
C ILE A 2576 99.02 -35.30 -8.01
N CYS A 2577 100.14 -35.54 -8.68
CA CYS A 2577 101.36 -35.93 -7.98
C CYS A 2577 101.82 -34.82 -7.04
N GLY A 2578 101.57 -33.57 -7.41
CA GLY A 2578 101.94 -32.47 -6.54
CA GLY A 2578 101.93 -32.47 -6.55
C GLY A 2578 101.19 -32.47 -5.22
N GLN A 2579 99.91 -32.82 -5.26
CA GLN A 2579 99.11 -32.87 -4.05
C GLN A 2579 99.26 -34.16 -3.27
N LEU A 2580 99.76 -35.22 -3.91
CA LEU A 2580 99.89 -36.48 -3.21
C LEU A 2580 101.00 -36.43 -2.16
N ARG A 2581 100.92 -37.36 -1.19
CA ARG A 2581 101.94 -37.47 -0.16
C ARG A 2581 103.24 -37.98 -0.77
N PRO A 2582 104.38 -37.66 -0.14
CA PRO A 2582 105.66 -38.13 -0.68
C PRO A 2582 105.77 -39.65 -0.74
N SER A 2583 105.16 -40.36 0.21
CA SER A 2583 105.35 -41.79 0.28
C SER A 2583 104.58 -42.51 -0.82
N MET A 2584 103.45 -41.95 -1.24
CA MET A 2584 102.60 -42.65 -2.19
C MET A 2584 103.24 -42.75 -3.56
N MET A 2585 104.18 -41.87 -3.88
CA MET A 2585 104.79 -41.86 -5.19
C MET A 2585 105.92 -42.87 -5.33
N GLN A 2586 106.15 -43.73 -4.34
CA GLN A 2586 107.25 -44.68 -4.41
C GLN A 2586 107.06 -45.65 -5.57
N HIS A 2587 105.84 -46.15 -5.75
CA HIS A 2587 105.59 -47.13 -6.80
C HIS A 2587 105.79 -46.50 -8.18
N LEU A 2588 105.31 -45.28 -8.37
CA LEU A 2588 105.54 -44.58 -9.63
C LEU A 2588 107.00 -44.25 -9.83
N LEU A 2589 107.73 -43.95 -8.75
CA LEU A 2589 109.16 -43.72 -8.85
C LEU A 2589 109.88 -44.96 -9.33
N ARG A 2590 109.43 -46.13 -8.88
CA ARG A 2590 110.05 -47.38 -9.32
C ARG A 2590 109.93 -47.55 -10.83
N ARG A 2591 108.77 -47.21 -11.40
CA ARG A 2591 108.63 -47.27 -12.85
C ARG A 2591 109.42 -46.17 -13.54
N LEU A 2592 109.48 -44.98 -12.98
CA LEU A 2592 110.20 -43.88 -13.62
C LEU A 2592 111.69 -44.14 -13.69
N VAL A 2593 112.29 -44.70 -12.64
CA VAL A 2593 113.73 -44.95 -12.63
C VAL A 2593 114.14 -46.00 -13.65
N PHE A 2594 113.19 -46.65 -14.31
CA PHE A 2594 113.47 -47.63 -15.34
C PHE A 2594 113.22 -47.11 -16.74
N ASP A 2595 112.46 -46.02 -16.89
CA ASP A 2595 112.12 -45.46 -18.18
C ASP A 2595 112.80 -44.14 -18.48
N VAL A 2596 113.03 -43.29 -17.48
CA VAL A 2596 113.66 -42.00 -17.67
C VAL A 2596 115.06 -42.12 -18.26
N PRO A 2597 115.93 -43.05 -17.78
CA PRO A 2597 117.30 -43.09 -18.30
C PRO A 2597 117.40 -43.27 -19.81
N LEU A 2598 116.32 -43.75 -20.44
CA LEU A 2598 116.32 -43.84 -21.89
C LEU A 2598 116.43 -42.46 -22.53
N LEU A 2599 115.90 -41.43 -21.87
CA LEU A 2599 115.92 -40.05 -22.36
C LEU A 2599 115.40 -39.95 -23.80
N ASN A 2600 114.35 -40.70 -24.09
CA ASN A 2600 113.67 -40.52 -25.37
C ASN A 2600 112.69 -39.35 -25.25
N GLU A 2601 111.89 -39.15 -26.28
CA GLU A 2601 110.91 -38.08 -26.25
C GLU A 2601 109.88 -38.28 -25.13
N HIS A 2602 109.57 -39.54 -24.81
CA HIS A 2602 108.54 -39.81 -23.80
C HIS A 2602 108.99 -39.41 -22.41
N ALA A 2603 110.29 -39.25 -22.19
CA ALA A 2603 110.80 -38.83 -20.89
C ALA A 2603 110.54 -37.36 -20.60
N LYS A 2604 110.00 -36.62 -21.57
CA LYS A 2604 109.74 -35.20 -21.40
C LYS A 2604 108.93 -34.92 -20.14
N MET A 2605 107.83 -35.65 -19.96
CA MET A 2605 106.93 -35.44 -18.82
C MET A 2605 107.50 -36.05 -17.54
N PRO A 2606 108.07 -37.26 -17.56
CA PRO A 2606 108.68 -37.80 -16.34
C PRO A 2606 109.76 -36.90 -15.77
N LEU A 2607 110.54 -36.25 -16.64
CA LEU A 2607 111.59 -35.36 -16.15
C LEU A 2607 111.00 -34.24 -15.31
N LYS A 2608 109.97 -33.56 -15.83
CA LYS A 2608 109.31 -32.50 -15.08
C LYS A 2608 108.63 -33.01 -13.82
N LEU A 2609 108.01 -34.19 -13.89
CA LEU A 2609 107.36 -34.74 -12.70
C LEU A 2609 108.38 -35.00 -11.60
N LEU A 2610 109.51 -35.60 -11.94
CA LEU A 2610 110.58 -35.81 -10.97
C LEU A 2610 111.11 -34.51 -10.42
N THR A 2611 111.33 -33.51 -11.28
CA THR A 2611 111.80 -32.22 -10.82
C THR A 2611 110.84 -31.62 -9.81
N ASN A 2612 109.55 -31.60 -10.12
CA ASN A 2612 108.57 -31.03 -9.21
C ASN A 2612 108.52 -31.80 -7.90
N HIS A 2613 108.54 -33.13 -7.97
CA HIS A 2613 108.45 -33.94 -6.77
C HIS A 2613 109.64 -33.68 -5.84
N TYR A 2614 110.84 -33.66 -6.39
CA TYR A 2614 112.02 -33.48 -5.56
C TYR A 2614 112.27 -32.02 -5.18
N GLU A 2615 111.63 -31.07 -5.85
CA GLU A 2615 111.67 -29.69 -5.37
C GLU A 2615 110.69 -29.51 -4.22
N ARG A 2616 109.51 -30.12 -4.30
CA ARG A 2616 108.52 -29.97 -3.24
C ARG A 2616 108.96 -30.73 -2.00
N CYS A 2617 109.14 -32.04 -2.12
CA CYS A 2617 109.45 -32.89 -0.96
C CYS A 2617 110.94 -33.05 -0.74
N TRP A 2618 111.69 -31.94 -0.71
CA TRP A 2618 113.12 -32.05 -0.46
C TRP A 2618 113.41 -32.30 1.01
N LYS A 2619 112.58 -31.74 1.89
CA LYS A 2619 112.79 -31.92 3.33
C LYS A 2619 112.57 -33.37 3.73
N TYR A 2620 111.70 -34.08 3.01
CA TYR A 2620 111.42 -35.48 3.33
C TYR A 2620 112.66 -36.35 3.19
N TYR A 2621 113.59 -35.97 2.32
CA TYR A 2621 114.75 -36.80 2.05
C TYR A 2621 115.99 -36.29 2.77
N CYS A 2622 116.28 -34.99 2.66
CA CYS A 2622 117.53 -34.45 3.17
C CYS A 2622 117.58 -34.52 4.69
N LEU A 2623 116.66 -33.85 5.36
CA LEU A 2623 116.70 -33.79 6.81
C LEU A 2623 116.37 -35.16 7.40
N PRO A 2624 117.12 -35.61 8.41
CA PRO A 2624 116.82 -36.89 9.04
C PRO A 2624 115.41 -36.95 9.63
N GLY A 2625 114.94 -35.85 10.21
CA GLY A 2625 113.57 -35.82 10.70
C GLY A 2625 112.55 -35.85 9.57
N GLY A 2626 112.84 -35.15 8.48
CA GLY A 2626 111.90 -35.05 7.38
C GLY A 2626 110.70 -34.21 7.76
N TRP A 2627 109.63 -34.30 6.96
CA TRP A 2627 108.39 -33.64 7.35
C TRP A 2627 107.87 -34.26 8.63
N GLY A 2628 107.46 -33.41 9.58
CA GLY A 2628 107.05 -33.92 10.88
C GLY A 2628 105.87 -34.86 10.79
N ASN A 2629 104.84 -34.46 10.04
CA ASN A 2629 103.68 -35.33 9.87
C ASN A 2629 103.98 -36.48 8.92
N PHE A 2630 104.68 -36.20 7.82
CA PHE A 2630 104.86 -37.21 6.78
C PHE A 2630 105.86 -38.28 7.19
N GLY A 2631 106.98 -37.88 7.79
CA GLY A 2631 107.99 -38.83 8.19
C GLY A 2631 109.28 -38.71 7.41
N ALA A 2632 109.92 -39.83 7.11
CA ALA A 2632 111.18 -39.85 6.38
C ALA A 2632 111.23 -41.07 5.46
N ALA A 2633 112.27 -41.11 4.64
CA ALA A 2633 112.40 -42.20 3.67
C ALA A 2633 112.74 -43.51 4.36
N SER A 2634 112.51 -44.61 3.65
CA SER A 2634 112.77 -45.96 4.15
C SER A 2634 114.10 -46.50 3.64
N GLU A 2635 114.93 -45.63 3.05
CA GLU A 2635 116.24 -45.93 2.51
C GLU A 2635 116.14 -46.74 1.22
N GLU A 2636 114.96 -47.34 0.98
CA GLU A 2636 114.73 -47.95 -0.33
C GLU A 2636 114.41 -46.87 -1.34
N GLU A 2637 113.64 -45.88 -0.91
CA GLU A 2637 113.43 -44.68 -1.73
C GLU A 2637 114.74 -43.97 -1.99
N LEU A 2638 115.62 -43.92 -1.00
CA LEU A 2638 116.92 -43.31 -1.19
C LEU A 2638 117.75 -44.07 -2.21
N HIS A 2639 117.73 -45.40 -2.14
CA HIS A 2639 118.44 -46.20 -3.14
C HIS A 2639 117.88 -45.95 -4.54
N LEU A 2640 116.56 -45.92 -4.67
CA LEU A 2640 115.96 -45.64 -5.97
C LEU A 2640 116.35 -44.26 -6.47
N SER A 2641 116.37 -43.27 -5.57
CA SER A 2641 116.70 -41.91 -5.97
C SER A 2641 118.15 -41.83 -6.45
N ARG A 2642 119.07 -42.47 -5.73
CA ARG A 2642 120.47 -42.46 -6.17
C ARG A 2642 120.62 -43.16 -7.51
N LYS A 2643 119.93 -44.29 -7.70
CA LYS A 2643 120.01 -44.99 -8.96
C LYS A 2643 119.48 -44.11 -10.09
N LEU A 2644 118.37 -43.42 -9.86
CA LEU A 2644 117.83 -42.51 -10.85
C LEU A 2644 118.81 -41.41 -11.18
N PHE A 2645 119.42 -40.81 -10.15
CA PHE A 2645 120.37 -39.74 -10.36
C PHE A 2645 121.52 -40.21 -11.24
N TRP A 2646 122.12 -41.34 -10.89
CA TRP A 2646 123.29 -41.80 -11.63
C TRP A 2646 122.92 -42.24 -13.05
N GLY A 2647 121.75 -42.86 -13.21
CA GLY A 2647 121.32 -43.26 -14.54
C GLY A 2647 121.10 -42.06 -15.44
N ILE A 2648 120.42 -41.04 -14.93
CA ILE A 2648 120.20 -39.82 -15.71
C ILE A 2648 121.53 -39.16 -16.04
N PHE A 2649 122.45 -39.12 -15.07
CA PHE A 2649 123.75 -38.51 -15.31
C PHE A 2649 124.50 -39.22 -16.42
N ASP A 2650 124.56 -40.55 -16.36
CA ASP A 2650 125.27 -41.31 -17.38
C ASP A 2650 124.62 -41.14 -18.75
N ALA A 2651 123.29 -41.23 -18.79
CA ALA A 2651 122.59 -41.12 -20.05
C ALA A 2651 122.80 -39.75 -20.68
N LEU A 2652 122.78 -38.69 -19.87
CA LEU A 2652 123.09 -37.36 -20.37
C LEU A 2652 124.53 -37.28 -20.84
N SER A 2653 125.45 -37.94 -20.13
CA SER A 2653 126.86 -37.89 -20.49
C SER A 2653 127.10 -38.50 -21.86
N GLN A 2654 126.49 -39.66 -22.13
CA GLN A 2654 126.66 -40.28 -23.44
C GLN A 2654 125.58 -39.91 -24.44
N LYS A 2655 124.71 -38.96 -24.10
CA LYS A 2655 123.67 -38.50 -25.02
C LYS A 2655 124.14 -37.28 -25.80
N LYS A 2656 123.81 -37.26 -27.09
CA LYS A 2656 124.10 -36.11 -27.93
C LYS A 2656 123.30 -34.90 -27.43
N TYR A 2657 123.91 -33.72 -27.53
CA TYR A 2657 123.32 -32.50 -26.99
C TYR A 2657 122.02 -32.12 -27.67
N GLU A 2658 120.93 -32.15 -26.92
CA GLU A 2658 119.63 -31.64 -27.35
C GLU A 2658 119.28 -30.46 -26.46
N GLN A 2659 118.83 -29.37 -27.07
CA GLN A 2659 118.66 -28.12 -26.33
C GLN A 2659 117.62 -28.25 -25.22
N GLU A 2660 116.36 -28.51 -25.60
CA GLU A 2660 115.30 -28.58 -24.60
C GLU A 2660 115.47 -29.79 -23.68
N LEU A 2661 115.95 -30.90 -24.23
CA LEU A 2661 116.16 -32.08 -23.40
C LEU A 2661 117.16 -31.81 -22.30
N PHE A 2662 118.27 -31.16 -22.63
CA PHE A 2662 119.26 -30.82 -21.61
C PHE A 2662 118.75 -29.76 -20.64
N LYS A 2663 118.07 -28.72 -21.13
CA LYS A 2663 117.59 -27.69 -20.22
C LYS A 2663 116.42 -28.15 -19.36
N LEU A 2664 115.84 -29.31 -19.66
CA LEU A 2664 114.88 -29.88 -18.72
C LEU A 2664 115.47 -30.97 -17.87
N ALA A 2665 116.52 -31.63 -18.33
CA ALA A 2665 117.19 -32.65 -17.52
C ALA A 2665 118.04 -32.05 -16.42
N LEU A 2666 118.65 -30.88 -16.67
CA LEU A 2666 119.48 -30.26 -15.64
C LEU A 2666 118.70 -29.96 -14.37
N PRO A 2667 117.51 -29.34 -14.42
CA PRO A 2667 116.77 -29.09 -13.16
C PRO A 2667 116.47 -30.37 -12.39
N CYS A 2668 116.14 -31.46 -13.09
CA CYS A 2668 115.85 -32.71 -12.40
C CYS A 2668 117.08 -33.24 -11.68
N LEU A 2669 118.23 -33.21 -12.36
CA LEU A 2669 119.47 -33.66 -11.74
C LEU A 2669 119.80 -32.81 -10.52
N SER A 2670 119.67 -31.49 -10.63
CA SER A 2670 119.93 -30.61 -9.50
C SER A 2670 118.99 -30.87 -8.34
N ALA A 2671 117.70 -31.06 -8.63
CA ALA A 2671 116.73 -31.32 -7.57
C ALA A 2671 117.02 -32.63 -6.86
N VAL A 2672 117.34 -33.67 -7.62
CA VAL A 2672 117.65 -34.96 -7.00
C VAL A 2672 118.91 -34.85 -6.15
N ALA A 2673 119.93 -34.15 -6.66
CA ALA A 2673 121.16 -33.98 -5.90
C ALA A 2673 120.90 -33.23 -4.60
N GLY A 2674 120.08 -32.18 -4.66
CA GLY A 2674 119.75 -31.45 -3.44
C GLY A 2674 118.96 -32.29 -2.47
N ALA A 2675 118.02 -33.10 -2.96
CA ALA A 2675 117.19 -33.91 -2.08
C ALA A 2675 118.02 -34.99 -1.38
N LEU A 2676 118.93 -35.63 -2.11
CA LEU A 2676 119.70 -36.72 -1.53
C LEU A 2676 120.59 -36.20 -0.41
N PRO A 2677 120.60 -36.82 0.77
CA PRO A 2677 121.53 -36.43 1.82
C PRO A 2677 122.96 -36.58 1.36
N PRO A 2678 123.82 -35.58 1.62
CA PRO A 2678 125.20 -35.67 1.13
C PRO A 2678 125.96 -36.88 1.65
N ASP A 2679 125.77 -37.23 2.91
CA ASP A 2679 126.51 -38.31 3.55
C ASP A 2679 125.75 -39.63 3.54
N TYR A 2680 124.91 -39.85 2.53
CA TYR A 2680 124.00 -40.98 2.53
C TYR A 2680 124.76 -42.29 2.41
N MET A 2681 124.26 -43.32 3.09
CA MET A 2681 124.87 -44.64 3.11
C MET A 2681 124.37 -45.46 1.93
N GLU A 2682 125.27 -45.81 1.02
CA GLU A 2682 124.94 -46.83 0.02
C GLU A 2682 124.86 -48.20 0.69
N SER A 2683 123.67 -48.78 0.68
CA SER A 2683 123.46 -50.05 1.36
C SER A 2683 123.94 -51.19 0.48
N ASN A 2684 124.84 -52.01 1.02
CA ASN A 2684 125.29 -53.18 0.30
C ASN A 2684 124.16 -54.18 0.08
N TYR A 2685 123.08 -54.07 0.85
CA TYR A 2685 121.96 -54.98 0.77
C TYR A 2685 121.17 -54.62 -0.49
N VAL A 2686 121.60 -55.18 -1.63
CA VAL A 2686 120.85 -54.97 -2.86
C VAL A 2686 119.48 -55.64 -2.71
N SER A 2687 118.51 -55.12 -3.47
CA SER A 2687 117.17 -55.69 -3.47
C SER A 2687 117.19 -57.10 -4.03
N MET A 2688 116.25 -57.93 -3.57
CA MET A 2688 116.09 -59.30 -4.04
C MET A 2688 114.93 -59.38 -5.01
N MET A 2689 115.19 -59.95 -6.19
CA MET A 2689 114.20 -60.12 -7.24
C MET A 2689 113.59 -58.77 -7.63
N GLU A 2690 114.45 -57.86 -8.08
CA GLU A 2690 113.95 -56.60 -8.62
C GLU A 2690 113.14 -56.90 -9.88
N LYS A 2691 111.84 -56.62 -9.83
CA LYS A 2691 110.91 -57.09 -10.84
C LYS A 2691 110.74 -56.07 -11.97
N GLN A 2692 111.87 -55.59 -12.51
CA GLN A 2692 111.78 -54.71 -13.66
C GLN A 2692 111.40 -55.49 -14.90
N SER A 2693 111.86 -56.73 -14.99
CA SER A 2693 111.47 -57.60 -16.11
C SER A 2693 109.98 -57.90 -16.06
N SER A 2694 109.35 -57.71 -14.90
CA SER A 2694 107.90 -57.90 -14.82
C SER A 2694 107.17 -56.88 -15.69
N MET A 2695 107.59 -55.61 -15.63
CA MET A 2695 107.08 -54.58 -16.55
C MET A 2695 108.03 -54.48 -17.75
N ASP A 2696 108.06 -55.55 -18.53
CA ASP A 2696 109.03 -55.66 -19.61
C ASP A 2696 108.73 -54.64 -20.70
N SER A 2697 109.74 -54.37 -21.53
CA SER A 2697 109.63 -53.31 -22.53
C SER A 2697 108.50 -53.58 -23.52
N GLU A 2698 108.37 -54.82 -23.98
CA GLU A 2698 107.34 -55.18 -24.96
C GLU A 2698 106.20 -55.90 -24.24
N GLY A 2699 104.99 -55.35 -24.34
CA GLY A 2699 103.82 -55.91 -23.71
C GLY A 2699 103.60 -55.44 -22.29
N ASN A 2700 104.62 -54.84 -21.67
CA ASN A 2700 104.62 -54.22 -20.34
C ASN A 2700 104.33 -55.21 -19.22
N PHE A 2701 104.22 -56.52 -19.49
CA PHE A 2701 103.84 -57.46 -18.44
C PHE A 2701 104.43 -58.84 -18.77
N ASN A 2702 105.57 -59.15 -18.14
CA ASN A 2702 106.20 -60.45 -18.25
C ASN A 2702 106.20 -61.11 -16.87
N PRO A 2703 105.35 -62.09 -16.64
CA PRO A 2703 105.30 -62.72 -15.31
C PRO A 2703 106.32 -63.82 -15.14
N GLN A 2704 107.22 -63.68 -14.16
CA GLN A 2704 108.08 -64.81 -13.81
C GLN A 2704 108.03 -65.06 -12.29
N PRO A 2705 107.34 -66.09 -11.84
CA PRO A 2705 107.55 -66.57 -10.48
C PRO A 2705 108.87 -67.30 -10.36
N VAL A 2706 109.39 -67.36 -9.14
CA VAL A 2706 110.61 -68.11 -8.90
C VAL A 2706 110.30 -69.59 -9.01
N ASP A 2707 111.01 -70.28 -9.90
CA ASP A 2707 110.74 -71.69 -10.15
C ASP A 2707 111.01 -72.50 -8.88
N THR A 2708 110.09 -73.40 -8.56
CA THR A 2708 110.19 -74.22 -7.37
C THR A 2708 110.32 -75.71 -7.66
N SER A 2709 110.46 -76.09 -8.94
CA SER A 2709 110.59 -77.50 -9.27
C SER A 2709 111.87 -78.10 -8.69
N ASN A 2710 112.97 -77.35 -8.77
CA ASN A 2710 114.25 -77.87 -8.27
C ASN A 2710 114.24 -78.01 -6.76
N ILE A 2711 113.65 -77.03 -6.05
CA ILE A 2711 113.69 -77.03 -4.60
C ILE A 2711 112.65 -78.00 -4.05
N THR A 2712 112.95 -78.56 -2.87
CA THR A 2712 112.07 -79.52 -2.23
C THR A 2712 111.79 -79.09 -0.80
N ILE A 2713 110.63 -79.48 -0.28
CA ILE A 2713 110.24 -79.12 1.08
C ILE A 2713 111.04 -79.95 2.08
N PRO A 2714 111.46 -79.39 3.20
CA PRO A 2714 112.03 -80.22 4.26
C PRO A 2714 110.99 -81.14 4.88
N GLU A 2715 111.45 -82.29 5.36
CA GLU A 2715 110.54 -83.27 5.95
C GLU A 2715 109.98 -82.77 7.28
N LYS A 2716 110.69 -81.86 7.95
CA LYS A 2716 110.24 -81.39 9.25
C LYS A 2716 108.96 -80.57 9.14
N LEU A 2717 108.75 -79.91 8.00
CA LEU A 2717 107.54 -79.12 7.78
C LEU A 2717 106.34 -79.97 7.39
N GLU A 2718 106.50 -81.29 7.34
CA GLU A 2718 105.40 -82.17 6.93
C GLU A 2718 104.27 -82.11 7.94
N TYR A 2719 104.60 -81.90 9.22
CA TYR A 2719 103.57 -81.74 10.24
C TYR A 2719 102.71 -80.51 9.94
N PHE A 2720 103.34 -79.39 9.60
CA PHE A 2720 102.59 -78.20 9.22
C PHE A 2720 101.78 -78.44 7.96
N ILE A 2721 102.34 -79.15 7.00
CA ILE A 2721 101.61 -79.43 5.76
C ILE A 2721 100.33 -80.17 6.09
N ASN A 2722 100.42 -81.22 6.91
CA ASN A 2722 99.24 -81.97 7.31
C ASN A 2722 98.24 -81.09 8.03
N LYS A 2723 98.73 -80.28 8.98
CA LYS A 2723 97.82 -79.51 9.83
C LYS A 2723 97.09 -78.45 9.03
N TYR A 2724 97.78 -77.79 8.10
CA TYR A 2724 97.13 -76.77 7.29
C TYR A 2724 96.23 -77.39 6.24
N ALA A 2725 96.55 -78.59 5.77
CA ALA A 2725 95.59 -79.30 4.94
C ALA A 2725 94.32 -79.59 5.70
N GLU A 2726 94.46 -80.00 6.97
CA GLU A 2726 93.30 -80.21 7.82
C GLU A 2726 92.50 -78.92 7.98
N HIS A 2727 93.20 -77.80 8.22
CA HIS A 2727 92.49 -76.55 8.46
C HIS A 2727 91.79 -76.05 7.19
N SER A 2728 92.41 -76.27 6.03
CA SER A 2728 91.74 -75.91 4.78
C SER A 2728 90.52 -76.77 4.54
N HIS A 2729 90.64 -78.09 4.78
CA HIS A 2729 89.46 -78.94 4.72
C HIS A 2729 88.40 -78.46 5.68
N ASP A 2730 88.82 -77.92 6.82
CA ASP A 2730 87.87 -77.48 7.83
C ASP A 2730 87.12 -76.24 7.38
N LYS A 2731 87.82 -75.24 6.83
CA LYS A 2731 87.11 -74.07 6.33
C LYS A 2731 86.22 -74.45 5.15
N TRP A 2732 86.65 -75.43 4.36
CA TRP A 2732 85.77 -75.91 3.29
C TRP A 2732 84.51 -76.55 3.89
N SER A 2733 84.66 -77.27 5.00
CA SER A 2733 83.50 -77.81 5.68
C SER A 2733 82.58 -76.70 6.18
N MET A 2734 83.17 -75.62 6.70
CA MET A 2734 82.39 -74.43 7.04
C MET A 2734 81.53 -73.95 5.88
N ASP A 2735 82.14 -73.73 4.71
CA ASP A 2735 81.34 -73.17 3.62
C ASP A 2735 80.34 -74.20 3.10
N LYS A 2736 80.71 -75.49 3.12
CA LYS A 2736 79.82 -76.55 2.64
C LYS A 2736 78.57 -76.63 3.52
N LEU A 2737 78.77 -76.69 4.84
CA LEU A 2737 77.64 -76.77 5.75
C LEU A 2737 76.82 -75.48 5.72
N ALA A 2738 77.49 -74.32 5.62
CA ALA A 2738 76.78 -73.06 5.52
C ALA A 2738 75.90 -72.96 4.29
N ASN A 2739 76.37 -73.43 3.14
CA ASN A 2739 75.54 -73.54 1.94
C ASN A 2739 74.41 -74.54 2.12
N GLY A 2740 74.67 -75.65 2.81
CA GLY A 2740 73.62 -76.61 3.09
C GLY A 2740 73.83 -77.99 2.51
N TRP A 2741 74.98 -78.24 1.89
CA TRP A 2741 75.29 -79.59 1.42
C TRP A 2741 75.40 -80.54 2.60
N ILE A 2742 75.16 -81.82 2.36
CA ILE A 2742 75.09 -82.81 3.43
C ILE A 2742 76.00 -83.98 3.08
N TYR A 2743 76.41 -84.70 4.13
CA TYR A 2743 77.23 -85.89 3.97
C TYR A 2743 76.43 -87.04 3.40
N GLY A 2744 77.05 -87.80 2.50
CA GLY A 2744 76.42 -88.97 1.93
C GLY A 2744 77.37 -89.67 0.97
N GLU A 2745 77.35 -91.00 1.02
CA GLU A 2745 78.27 -91.80 0.22
C GLU A 2745 78.06 -91.58 -1.28
N ILE A 2746 76.89 -91.10 -1.69
CA ILE A 2746 76.65 -90.77 -3.08
C ILE A 2746 76.91 -89.29 -3.31
N TYR A 2747 77.67 -88.97 -4.34
CA TYR A 2747 77.99 -87.59 -4.68
C TYR A 2747 77.05 -87.13 -5.79
N SER A 2748 76.15 -86.21 -5.45
CA SER A 2748 75.22 -85.64 -6.41
C SER A 2748 75.20 -84.12 -6.27
N ASP A 2749 75.20 -83.43 -7.40
CA ASP A 2749 75.13 -81.98 -7.41
C ASP A 2749 73.70 -81.47 -7.36
N SER A 2750 72.78 -82.16 -8.04
CA SER A 2750 71.37 -81.78 -7.95
C SER A 2750 70.81 -82.05 -6.56
N SER A 2751 71.08 -83.24 -6.02
CA SER A 2751 70.68 -83.59 -4.66
C SER A 2751 71.44 -82.78 -3.61
N LYS A 2752 72.55 -82.15 -4.00
CA LYS A 2752 73.32 -81.27 -3.12
C LYS A 2752 73.85 -82.05 -1.92
N VAL A 2753 74.56 -83.13 -2.23
CA VAL A 2753 75.13 -84.05 -1.25
C VAL A 2753 76.55 -84.38 -1.69
N GLN A 2754 77.46 -84.50 -0.71
CA GLN A 2754 78.85 -84.78 -1.00
C GLN A 2754 79.48 -85.56 0.15
N PRO A 2755 80.26 -86.61 -0.14
CA PRO A 2755 80.79 -87.46 0.94
C PRO A 2755 81.99 -86.89 1.67
N LEU A 2756 82.44 -85.68 1.33
CA LEU A 2756 83.70 -85.21 1.90
C LEU A 2756 83.55 -84.59 3.27
N MET A 2757 82.44 -84.82 3.97
CA MET A 2757 82.34 -84.42 5.37
C MET A 2757 82.94 -85.43 6.32
N LYS A 2758 83.48 -86.53 5.83
CA LYS A 2758 84.36 -87.33 6.67
C LYS A 2758 85.59 -86.52 7.04
N PRO A 2759 86.13 -86.71 8.23
CA PRO A 2759 87.29 -85.90 8.66
C PRO A 2759 88.49 -86.05 7.73
N TYR A 2760 89.51 -85.22 7.95
CA TYR A 2760 90.69 -85.24 7.09
C TYR A 2760 91.39 -86.59 7.12
N LYS A 2761 91.47 -87.22 8.29
CA LYS A 2761 92.06 -88.55 8.38
C LYS A 2761 91.23 -89.57 7.59
N LEU A 2762 89.91 -89.41 7.59
CA LEU A 2762 89.05 -90.30 6.84
C LEU A 2762 89.06 -90.00 5.35
N LEU A 2763 89.58 -88.84 4.95
CA LEU A 2763 89.65 -88.51 3.53
C LEU A 2763 90.62 -89.46 2.81
N SER A 2764 90.37 -89.67 1.53
CA SER A 2764 91.25 -90.50 0.72
C SER A 2764 92.57 -89.79 0.45
N GLU A 2765 93.58 -90.58 0.08
CA GLU A 2765 94.90 -90.01 -0.18
C GLU A 2765 94.85 -89.07 -1.38
N LYS A 2766 94.14 -89.46 -2.44
CA LYS A 2766 93.98 -88.57 -3.58
C LYS A 2766 93.12 -87.36 -3.21
N GLU A 2767 92.17 -87.54 -2.29
CA GLU A 2767 91.37 -86.42 -1.82
C GLU A 2767 92.24 -85.42 -1.06
N LYS A 2768 93.29 -85.90 -0.40
CA LYS A 2768 94.17 -85.00 0.32
C LYS A 2768 95.07 -84.23 -0.64
N GLU A 2769 95.25 -84.75 -1.87
CA GLU A 2769 96.17 -84.12 -2.82
C GLU A 2769 95.76 -82.68 -3.11
N ILE A 2770 94.45 -82.44 -3.29
CA ILE A 2770 93.97 -81.13 -3.72
C ILE A 2770 94.24 -80.08 -2.65
N TYR A 2771 94.46 -80.51 -1.41
CA TYR A 2771 94.68 -79.54 -0.34
C TYR A 2771 96.16 -79.25 -0.16
N ARG A 2772 96.98 -80.28 -0.01
CA ARG A 2772 98.39 -80.06 0.25
C ARG A 2772 99.15 -79.66 -1.01
N TRP A 2773 98.57 -79.86 -2.19
CA TRP A 2773 99.19 -79.36 -3.43
C TRP A 2773 99.46 -77.86 -3.36
N PRO A 2774 98.42 -76.98 -3.25
CA PRO A 2774 98.71 -75.54 -3.17
C PRO A 2774 99.60 -75.22 -1.98
N ILE A 2775 99.45 -75.99 -0.91
CA ILE A 2775 100.32 -75.85 0.26
C ILE A 2775 101.76 -76.09 -0.13
N LYS A 2776 102.01 -77.15 -0.90
CA LYS A 2776 103.37 -77.46 -1.34
C LYS A 2776 103.95 -76.34 -2.19
N GLU A 2777 103.17 -75.84 -3.16
CA GLU A 2777 103.71 -74.75 -3.98
C GLU A 2777 103.95 -73.50 -3.16
N SER A 2778 103.05 -73.19 -2.23
CA SER A 2778 103.25 -72.00 -1.40
C SER A 2778 104.52 -72.10 -0.59
N LEU A 2779 104.79 -73.28 0.00
CA LEU A 2779 105.96 -73.41 0.85
C LEU A 2779 107.25 -73.45 0.02
N LYS A 2780 107.23 -74.12 -1.14
CA LYS A 2780 108.41 -74.12 -1.99
C LYS A 2780 108.67 -72.73 -2.57
N THR A 2781 107.62 -71.93 -2.77
CA THR A 2781 107.82 -70.55 -3.18
C THR A 2781 108.43 -69.73 -2.07
N MET A 2782 107.92 -69.89 -0.84
CA MET A 2782 108.47 -69.15 0.29
C MET A 2782 109.92 -69.55 0.58
N LEU A 2783 110.27 -70.82 0.33
CA LEU A 2783 111.60 -71.29 0.67
C LEU A 2783 112.58 -71.03 -0.48
N ALA A 2784 112.09 -71.00 -1.71
CA ALA A 2784 112.94 -70.67 -2.84
C ALA A 2784 113.42 -69.23 -2.74
N TRP A 2785 112.62 -68.36 -2.14
CA TRP A 2785 113.08 -67.02 -1.80
C TRP A 2785 114.08 -67.02 -0.66
N GLY A 2786 114.37 -68.19 -0.09
CA GLY A 2786 115.38 -68.32 0.93
C GLY A 2786 114.93 -68.01 2.33
N TRP A 2787 113.69 -67.59 2.52
CA TRP A 2787 113.23 -67.18 3.84
C TRP A 2787 113.37 -68.31 4.84
N ARG A 2788 114.31 -68.15 5.76
CA ARG A 2788 114.61 -69.17 6.75
C ARG A 2788 113.39 -69.35 7.65
N ILE A 2789 112.91 -70.59 7.75
CA ILE A 2789 111.78 -70.94 8.59
C ILE A 2789 112.33 -71.77 9.75
N GLU A 2790 112.09 -71.29 10.97
CA GLU A 2790 112.61 -71.93 12.16
C GLU A 2790 111.42 -72.41 13.00
N ARG A 2791 111.74 -73.21 14.01
CA ARG A 2791 110.77 -74.12 14.59
C ARG A 2791 110.92 -74.04 16.11
N THR A 2792 109.96 -73.40 16.78
CA THR A 2792 110.18 -72.97 18.16
C THR A 2792 109.90 -74.10 19.16
N ARG A 2793 110.36 -73.89 20.40
CA ARG A 2793 110.15 -74.86 21.48
C ARG A 2793 108.67 -75.09 21.74
N GLU A 2794 107.85 -74.06 21.49
CA GLU A 2794 106.40 -74.18 21.71
C GLU A 2794 105.77 -75.21 20.80
N GLY A 2795 106.08 -75.17 19.51
CA GLY A 2795 105.60 -76.20 18.60
C GLY A 2795 106.18 -77.57 18.93
N ASP A 2796 107.40 -77.61 19.44
CA ASP A 2796 107.93 -78.88 19.91
C ASP A 2796 107.09 -79.45 21.04
N SER A 2797 106.68 -78.60 22.00
CA SER A 2797 105.69 -79.04 22.99
C SER A 2797 104.41 -79.48 22.32
N MET A 2798 104.00 -78.77 21.26
CA MET A 2798 102.77 -79.12 20.54
C MET A 2798 102.88 -80.50 19.92
N ALA A 2799 104.00 -80.79 19.25
CA ALA A 2799 104.20 -82.10 18.65
C ALA A 2799 104.29 -83.18 19.71
N LEU A 2800 104.92 -82.88 20.86
CA LEU A 2800 104.96 -83.83 21.96
C LEU A 2800 103.56 -84.12 22.47
N TYR A 2801 102.71 -83.10 22.54
CA TYR A 2801 101.32 -83.30 22.93
C TYR A 2801 100.61 -84.20 21.93
N ASN A 2802 100.86 -83.98 20.64
CA ASN A 2802 100.28 -84.83 19.60
C ASN A 2802 101.07 -86.12 19.46
N GLY A 2820 78.10 -87.26 13.20
CA GLY A 2820 78.84 -87.01 14.41
C GLY A 2820 80.14 -86.26 14.17
N TYR A 2821 80.21 -85.60 13.02
CA TYR A 2821 81.40 -84.83 12.62
C TYR A 2821 81.09 -83.35 12.84
N SER A 2822 81.71 -82.77 13.87
CA SER A 2822 81.46 -81.38 14.23
C SER A 2822 82.70 -80.55 13.96
N PRO A 2823 82.85 -80.01 12.77
CA PRO A 2823 84.07 -79.23 12.46
C PRO A 2823 84.01 -77.83 13.07
N ARG A 2824 85.18 -77.26 13.36
CA ARG A 2824 85.26 -75.91 13.92
C ARG A 2824 86.64 -75.35 13.64
N ALA A 2825 86.69 -74.20 12.97
CA ALA A 2825 87.94 -73.62 12.49
C ALA A 2825 88.53 -72.69 13.55
N ILE A 2826 89.71 -72.17 13.24
CA ILE A 2826 90.43 -71.27 14.14
C ILE A 2826 90.29 -69.86 13.58
N ASP A 2827 89.73 -68.95 14.38
CA ASP A 2827 89.47 -67.60 13.90
C ASP A 2827 90.77 -66.80 13.77
N MET A 2828 91.08 -66.39 12.55
CA MET A 2828 92.25 -65.57 12.25
C MET A 2828 91.93 -64.08 12.26
N SER A 2829 90.75 -63.69 12.75
CA SER A 2829 90.37 -62.28 12.71
C SER A 2829 91.32 -61.41 13.52
N ASN A 2830 91.67 -61.85 14.72
CA ASN A 2830 92.53 -61.06 15.59
C ASN A 2830 94.01 -61.35 15.43
N VAL A 2831 94.37 -62.46 14.77
CA VAL A 2831 95.78 -62.73 14.52
C VAL A 2831 96.31 -61.65 13.59
N THR A 2832 97.47 -61.08 13.93
CA THR A 2832 98.02 -59.95 13.20
C THR A 2832 99.50 -60.17 12.91
N LEU A 2833 99.96 -59.64 11.78
CA LEU A 2833 101.35 -59.73 11.39
C LEU A 2833 102.08 -58.41 11.63
N SER A 2834 103.40 -58.44 11.54
CA SER A 2834 104.21 -57.26 11.73
C SER A 2834 104.33 -56.47 10.42
N ARG A 2835 105.09 -55.37 10.49
CA ARG A 2835 105.36 -54.59 9.28
C ARG A 2835 106.10 -55.43 8.25
N ASP A 2836 107.21 -56.03 8.68
CA ASP A 2836 108.04 -56.83 7.78
C ASP A 2836 107.31 -58.07 7.31
N LEU A 2837 106.55 -58.70 8.20
CA LEU A 2837 105.71 -59.82 7.79
C LEU A 2837 104.66 -59.41 6.77
N HIS A 2838 104.11 -58.20 6.89
CA HIS A 2838 103.20 -57.70 5.87
CA HIS A 2838 103.20 -57.70 5.87
C HIS A 2838 103.89 -57.54 4.53
N ALA A 2839 105.12 -57.01 4.55
CA ALA A 2839 105.87 -56.90 3.31
C ALA A 2839 106.12 -58.26 2.68
N MET A 2840 106.48 -59.25 3.50
CA MET A 2840 106.70 -60.60 2.99
C MET A 2840 105.41 -61.20 2.42
N ALA A 2841 104.30 -61.01 3.12
CA ALA A 2841 103.01 -61.49 2.64
C ALA A 2841 102.63 -60.83 1.32
N GLU A 2842 102.88 -59.52 1.19
CA GLU A 2842 102.60 -58.84 -0.06
C GLU A 2842 103.45 -59.40 -1.19
N MET A 2843 104.73 -59.66 -0.93
CA MET A 2843 105.59 -60.21 -1.98
C MET A 2843 105.12 -61.60 -2.40
N MET A 2844 104.80 -62.47 -1.44
CA MET A 2844 104.33 -63.80 -1.82
C MET A 2844 102.97 -63.72 -2.50
N ALA A 2845 102.16 -62.74 -2.12
CA ALA A 2845 100.86 -62.57 -2.75
C ALA A 2845 101.01 -62.16 -4.21
N GLU A 2846 101.87 -61.19 -4.49
CA GLU A 2846 102.07 -60.79 -5.87
C GLU A 2846 102.69 -61.92 -6.67
N ASN A 2847 103.51 -62.74 -6.01
CA ASN A 2847 104.06 -63.90 -6.72
C ASN A 2847 102.96 -64.89 -7.11
N TYR A 2848 102.04 -65.14 -6.20
CA TYR A 2848 100.91 -66.02 -6.50
C TYR A 2848 100.06 -65.42 -7.62
N HIS A 2849 99.91 -64.11 -7.59
CA HIS A 2849 99.15 -63.43 -8.63
C HIS A 2849 99.83 -63.53 -9.98
N ASN A 2850 101.18 -63.45 -10.01
CA ASN A 2850 101.88 -63.65 -11.27
C ASN A 2850 101.78 -65.09 -11.75
N ILE A 2851 101.70 -66.05 -10.83
CA ILE A 2851 101.44 -67.44 -11.24
C ILE A 2851 100.10 -67.52 -11.96
N TRP A 2852 99.06 -66.98 -11.33
CA TRP A 2852 97.75 -66.93 -11.97
C TRP A 2852 97.82 -66.19 -13.30
N ALA A 2853 98.64 -65.15 -13.36
CA ALA A 2853 98.78 -64.36 -14.57
C ALA A 2853 99.39 -65.19 -15.71
N LYS A 2854 100.40 -65.99 -15.40
CA LYS A 2854 100.97 -66.85 -16.43
C LYS A 2854 99.96 -67.86 -16.93
N LYS A 2855 99.20 -68.49 -16.03
CA LYS A 2855 98.20 -69.44 -16.50
C LYS A 2855 97.14 -68.74 -17.35
N LYS A 2856 96.66 -67.58 -16.91
CA LYS A 2856 95.67 -66.84 -17.67
C LYS A 2856 96.22 -66.42 -19.03
N LYS A 2857 97.48 -66.04 -19.09
CA LYS A 2857 98.09 -65.61 -20.34
C LYS A 2857 98.35 -66.76 -21.29
N MET A 2858 98.82 -67.91 -20.81
CA MET A 2858 98.87 -69.09 -21.66
C MET A 2858 97.51 -69.40 -22.24
N GLU A 2859 96.46 -69.34 -21.43
CA GLU A 2859 95.11 -69.49 -21.96
C GLU A 2859 94.80 -68.39 -22.99
N LEU A 2860 95.29 -67.18 -22.73
CA LEU A 2860 94.92 -66.02 -23.54
C LEU A 2860 95.45 -66.11 -24.96
N GLU A 2861 96.75 -66.37 -25.13
CA GLU A 2861 97.23 -66.54 -26.50
C GLU A 2861 97.23 -68.01 -26.93
N SER A 2862 96.61 -68.89 -26.14
CA SER A 2862 96.12 -70.13 -26.72
C SER A 2862 94.81 -69.88 -27.46
N LYS A 2863 93.97 -69.01 -26.90
CA LYS A 2863 92.74 -68.62 -27.60
C LYS A 2863 93.01 -67.50 -28.60
N GLY A 2864 94.23 -66.94 -28.59
CA GLY A 2864 94.59 -65.90 -29.51
C GLY A 2864 94.41 -64.50 -28.95
N GLY A 2865 93.21 -64.20 -28.47
CA GLY A 2865 92.92 -62.87 -27.95
C GLY A 2865 92.20 -62.87 -26.62
N GLY A 2866 91.25 -61.95 -26.46
CA GLY A 2866 90.51 -61.86 -25.21
C GLY A 2866 91.33 -61.37 -24.04
N ASN A 2867 91.84 -60.14 -24.13
CA ASN A 2867 92.66 -59.58 -23.06
C ASN A 2867 91.86 -59.46 -21.77
N HIS A 2868 92.31 -60.16 -20.74
CA HIS A 2868 91.59 -60.17 -19.48
C HIS A 2868 91.83 -58.87 -18.73
N PRO A 2869 90.78 -58.27 -18.15
CA PRO A 2869 90.96 -56.96 -17.50
C PRO A 2869 91.96 -56.98 -16.35
N LEU A 2870 92.12 -58.10 -15.66
CA LEU A 2870 92.97 -58.17 -14.48
C LEU A 2870 94.41 -58.52 -14.79
N LEU A 2871 94.79 -58.52 -16.06
CA LEU A 2871 96.16 -58.84 -16.42
C LEU A 2871 97.14 -57.73 -16.06
N VAL A 2872 96.65 -56.58 -15.63
CA VAL A 2872 97.50 -55.46 -15.23
C VAL A 2872 98.33 -55.88 -14.03
N PRO A 2873 99.49 -55.26 -13.80
CA PRO A 2873 100.35 -55.71 -12.70
C PRO A 2873 99.67 -55.64 -11.34
N TYR A 2874 100.23 -56.41 -10.40
CA TYR A 2874 99.70 -56.42 -9.04
C TYR A 2874 99.70 -55.02 -8.44
N ASP A 2875 100.71 -54.22 -8.78
CA ASP A 2875 100.75 -52.84 -8.30
C ASP A 2875 99.58 -52.04 -8.85
N THR A 2876 99.23 -52.25 -10.12
CA THR A 2876 98.10 -51.58 -10.72
C THR A 2876 96.76 -52.11 -10.20
N LEU A 2877 96.76 -53.32 -9.65
CA LEU A 2877 95.52 -53.91 -9.15
C LEU A 2877 94.91 -53.07 -8.04
N THR A 2878 93.59 -53.20 -7.86
CA THR A 2878 92.90 -52.50 -6.80
C THR A 2878 92.72 -53.40 -5.59
N ALA A 2879 92.24 -52.80 -4.50
CA ALA A 2879 92.10 -53.53 -3.25
C ALA A 2879 91.10 -54.67 -3.37
N LYS A 2880 89.96 -54.42 -4.01
CA LYS A 2880 88.97 -55.48 -4.19
C LYS A 2880 89.52 -56.61 -5.03
N GLU A 2881 90.26 -56.27 -6.10
CA GLU A 2881 90.91 -57.30 -6.90
C GLU A 2881 91.98 -58.02 -6.09
N LYS A 2882 92.70 -57.30 -5.24
CA LYS A 2882 93.74 -57.91 -4.43
C LYS A 2882 93.19 -58.68 -3.24
N ALA A 2883 91.87 -58.64 -3.01
CA ALA A 2883 91.33 -59.12 -1.74
C ALA A 2883 91.62 -60.59 -1.50
N LYS A 2884 91.27 -61.46 -2.45
CA LYS A 2884 91.37 -62.90 -2.20
C LYS A 2884 92.82 -63.34 -2.20
N ASP A 2885 93.63 -62.81 -3.12
CA ASP A 2885 95.06 -63.08 -3.11
C ASP A 2885 95.69 -62.69 -1.78
N ARG A 2886 95.40 -61.47 -1.32
CA ARG A 2886 95.97 -61.00 -0.07
C ARG A 2886 95.52 -61.85 1.10
N GLU A 2887 94.23 -62.20 1.15
CA GLU A 2887 93.74 -62.94 2.30
C GLU A 2887 94.36 -64.33 2.36
N LYS A 2888 94.53 -64.97 1.19
CA LYS A 2888 95.20 -66.27 1.18
C LYS A 2888 96.65 -66.14 1.66
N ALA A 2889 97.38 -65.19 1.08
CA ALA A 2889 98.79 -65.04 1.40
C ALA A 2889 98.99 -64.66 2.87
N GLN A 2890 98.00 -64.01 3.47
CA GLN A 2890 98.12 -63.67 4.88
C GLN A 2890 97.71 -64.83 5.77
N ASP A 2891 96.62 -65.53 5.43
CA ASP A 2891 96.13 -66.56 6.34
C ASP A 2891 97.12 -67.71 6.43
N ILE A 2892 97.85 -67.99 5.35
CA ILE A 2892 98.87 -69.04 5.46
C ILE A 2892 99.91 -68.66 6.50
N LEU A 2893 100.39 -67.42 6.47
CA LEU A 2893 101.35 -66.97 7.48
C LEU A 2893 100.74 -66.94 8.87
N LYS A 2894 99.45 -66.59 8.94
CA LYS A 2894 98.78 -66.54 10.24
C LYS A 2894 98.76 -67.92 10.89
N PHE A 2895 98.42 -68.94 10.10
CA PHE A 2895 98.37 -70.28 10.68
C PHE A 2895 99.78 -70.76 10.99
N LEU A 2896 100.76 -70.35 10.16
CA LEU A 2896 102.15 -70.66 10.48
C LEU A 2896 102.53 -70.10 11.84
N GLN A 2897 102.20 -68.84 12.09
CA GLN A 2897 102.53 -68.22 13.37
C GLN A 2897 101.82 -68.93 14.53
N ILE A 2898 100.53 -69.24 14.37
CA ILE A 2898 99.81 -69.84 15.50
C ILE A 2898 100.30 -71.27 15.74
N ASN A 2899 100.72 -71.97 14.69
CA ASN A 2899 101.41 -73.24 14.90
C ASN A 2899 102.73 -73.01 15.62
N GLY A 2900 103.35 -71.86 15.39
CA GLY A 2900 104.54 -71.49 16.11
C GLY A 2900 105.83 -71.53 15.32
N TYR A 2901 105.75 -71.78 14.01
CA TYR A 2901 106.96 -71.76 13.20
C TYR A 2901 107.50 -70.33 13.14
N ALA A 2902 108.82 -70.21 13.18
CA ALA A 2902 109.49 -68.91 13.14
C ALA A 2902 109.94 -68.63 11.72
N VAL A 2903 109.33 -67.65 11.08
CA VAL A 2903 109.66 -67.27 9.72
C VAL A 2903 110.23 -65.86 9.72
N SER A 2904 111.32 -65.69 8.97
CA SER A 2904 111.98 -64.39 8.88
C SER A 2904 112.57 -64.25 7.49
N ARG A 2905 113.43 -63.24 7.30
CA ARG A 2905 113.99 -62.91 6.00
C ARG A 2905 115.06 -63.92 5.64
N GLY A 2906 115.17 -64.23 4.35
CA GLY A 2906 116.13 -65.23 3.92
C GLY A 2906 117.56 -64.74 3.96
N PHE A 2907 117.83 -63.59 3.37
CA PHE A 2907 119.19 -63.10 3.29
C PHE A 2907 119.59 -62.36 4.56
N LYS A 2908 120.89 -62.39 4.85
CA LYS A 2908 121.45 -61.72 6.01
C LYS A 2908 122.60 -60.83 5.56
N ASP A 2909 122.74 -59.68 6.21
CA ASP A 2909 123.82 -58.76 5.89
C ASP A 2909 125.17 -59.38 6.19
N LEU A 2910 126.10 -59.27 5.23
CA LEU A 2910 127.44 -59.78 5.44
C LEU A 2910 128.31 -58.73 6.14
N GLU A 2911 128.34 -57.50 5.59
CA GLU A 2911 129.09 -56.40 6.19
C GLU A 2911 128.71 -55.08 5.54
N LEU A 2912 128.43 -54.06 6.36
CA LEU A 2912 128.21 -52.71 5.87
C LEU A 2912 129.42 -51.87 6.23
N ASP A 2913 130.12 -51.37 5.21
CA ASP A 2913 131.31 -50.55 5.44
C ASP A 2913 130.89 -49.11 5.68
N THR A 2914 130.21 -48.92 6.80
CA THR A 2914 129.72 -47.60 7.19
C THR A 2914 130.81 -46.54 7.32
N PRO A 2915 131.96 -46.79 7.96
CA PRO A 2915 132.99 -45.75 8.04
C PRO A 2915 133.57 -45.36 6.70
N SER A 2916 133.40 -46.17 5.65
CA SER A 2916 133.92 -45.85 4.33
C SER A 2916 133.36 -44.52 3.84
N ILE A 2917 134.22 -43.52 3.68
CA ILE A 2917 133.80 -42.25 3.12
C ILE A 2917 133.34 -42.43 1.68
N GLU A 2918 133.92 -43.43 1.00
CA GLU A 2918 133.65 -43.61 -0.43
C GLU A 2918 132.17 -43.86 -0.70
N LYS A 2919 131.53 -44.67 0.14
CA LYS A 2919 130.16 -45.09 -0.14
C LYS A 2919 129.15 -44.01 0.21
N ARG A 2920 129.60 -42.93 0.84
CA ARG A 2920 128.78 -41.74 0.93
C ARG A 2920 128.58 -41.15 -0.45
N PHE A 2921 127.36 -40.67 -0.72
CA PHE A 2921 127.04 -40.21 -2.06
C PHE A 2921 127.88 -39.02 -2.47
N ALA A 2922 128.18 -38.13 -1.53
CA ALA A 2922 128.96 -36.95 -1.84
C ALA A 2922 130.34 -37.31 -2.35
N TYR A 2923 130.96 -38.35 -1.77
CA TYR A 2923 132.30 -38.74 -2.19
C TYR A 2923 132.30 -39.20 -3.64
N SER A 2924 131.36 -40.07 -4.00
CA SER A 2924 131.30 -40.55 -5.38
C SER A 2924 130.96 -39.42 -6.34
N PHE A 2925 130.03 -38.54 -5.94
CA PHE A 2925 129.67 -37.41 -6.78
C PHE A 2925 130.88 -36.52 -7.04
N LEU A 2926 131.64 -36.21 -5.99
CA LEU A 2926 132.79 -35.32 -6.15
C LEU A 2926 133.92 -36.00 -6.90
N GLN A 2927 134.07 -37.32 -6.74
CA GLN A 2927 135.06 -38.04 -7.54
C GLN A 2927 134.71 -37.98 -9.02
N GLN A 2928 133.44 -38.18 -9.35
CA GLN A 2928 133.04 -38.07 -10.75
C GLN A 2928 133.23 -36.66 -11.27
N LEU A 2929 132.94 -35.65 -10.44
CA LEU A 2929 133.17 -34.27 -10.84
C LEU A 2929 134.65 -34.01 -11.08
N ILE A 2930 135.50 -34.54 -10.21
CA ILE A 2930 136.95 -34.43 -10.41
C ILE A 2930 137.37 -35.03 -11.73
N ARG A 2931 136.89 -36.23 -12.02
CA ARG A 2931 137.27 -36.89 -13.27
C ARG A 2931 136.80 -36.07 -14.46
N TYR A 2932 135.57 -35.57 -14.41
CA TYR A 2932 135.04 -34.80 -15.53
C TYR A 2932 135.80 -33.50 -15.72
N VAL A 2933 136.12 -32.82 -14.62
CA VAL A 2933 136.84 -31.55 -14.73
C VAL A 2933 138.23 -31.78 -15.29
N ASP A 2934 138.92 -32.83 -14.84
CA ASP A 2934 140.24 -33.12 -15.36
C ASP A 2934 140.19 -33.49 -16.84
N GLU A 2935 139.19 -34.28 -17.24
CA GLU A 2935 139.03 -34.62 -18.65
C GLU A 2935 138.77 -33.38 -19.49
N ALA A 2936 137.91 -32.48 -18.99
CA ALA A 2936 137.66 -31.24 -19.70
C ALA A 2936 138.91 -30.39 -19.79
N HIS A 2937 139.74 -30.42 -18.75
CA HIS A 2937 141.00 -29.69 -18.79
C HIS A 2937 141.91 -30.24 -19.88
N GLN A 2938 142.00 -31.56 -19.98
CA GLN A 2938 142.80 -32.15 -21.05
C GLN A 2938 142.24 -31.82 -22.42
N TYR A 2939 140.92 -31.88 -22.57
CA TYR A 2939 140.29 -31.53 -23.83
C TYR A 2939 140.52 -30.07 -24.21
N ILE A 2940 140.47 -29.15 -23.26
CA ILE A 2940 140.79 -27.76 -23.60
C ILE A 2940 142.28 -27.56 -23.85
N LEU A 2941 143.15 -28.32 -23.19
CA LEU A 2941 144.57 -28.22 -23.51
C LEU A 2941 144.86 -28.65 -24.94
N GLU A 2942 144.21 -29.73 -25.40
CA GLU A 2942 144.40 -30.11 -26.80
C GLU A 2942 143.62 -29.22 -27.76
N PHE A 2943 142.49 -28.67 -27.34
CA PHE A 2943 141.78 -27.71 -28.17
C PHE A 2943 142.52 -26.38 -28.25
N ASP A 2944 143.46 -26.12 -27.35
CA ASP A 2944 144.33 -24.96 -27.50
C ASP A 2944 145.14 -25.05 -28.78
N GLY A 2945 145.68 -26.23 -29.08
CA GLY A 2945 146.37 -26.44 -30.34
C GLY A 2945 145.48 -26.76 -31.51
N GLY A 2946 144.27 -27.27 -31.26
CA GLY A 2946 143.34 -27.55 -32.33
C GLY A 2946 142.51 -26.35 -32.76
N SER A 2947 142.49 -25.30 -31.95
CA SER A 2947 141.62 -24.15 -32.15
C SER A 2947 142.06 -23.24 -33.28
N ARG A 2948 143.35 -22.96 -33.42
CA ARG A 2948 143.84 -22.14 -34.51
C ARG A 2948 143.85 -22.86 -35.85
N GLY A 2949 143.66 -24.18 -35.86
CA GLY A 2949 143.51 -24.91 -37.09
C GLY A 2949 142.12 -24.78 -37.67
N LYS A 2950 141.92 -25.43 -38.82
CA LYS A 2950 140.61 -25.43 -39.45
C LYS A 2950 139.57 -26.09 -38.54
N GLY A 2951 139.99 -27.05 -37.74
CA GLY A 2951 139.08 -27.79 -36.88
C GLY A 2951 138.57 -27.01 -35.70
N GLU A 2952 137.90 -25.89 -35.94
CA GLU A 2952 137.19 -25.19 -34.88
C GLU A 2952 136.13 -26.08 -34.26
N HIS A 2953 135.40 -26.82 -35.08
CA HIS A 2953 134.61 -27.94 -34.58
C HIS A 2953 135.56 -29.03 -34.09
N PHE A 2954 135.42 -29.41 -32.84
CA PHE A 2954 136.36 -30.30 -32.19
C PHE A 2954 135.74 -31.68 -32.03
N PRO A 2955 136.54 -32.75 -32.14
CA PRO A 2955 135.96 -34.10 -32.02
C PRO A 2955 135.25 -34.34 -30.71
N TYR A 2956 135.57 -33.57 -29.67
CA TYR A 2956 134.88 -33.65 -28.39
C TYR A 2956 134.06 -32.39 -28.12
N GLU A 2957 133.58 -31.73 -29.18
CA GLU A 2957 132.73 -30.57 -29.01
C GLU A 2957 131.44 -30.94 -28.28
N GLN A 2958 130.93 -32.14 -28.54
CA GLN A 2958 129.79 -32.62 -27.77
C GLN A 2958 130.13 -32.72 -26.29
N GLU A 2959 131.33 -33.21 -25.98
CA GLU A 2959 131.73 -33.33 -24.57
C GLU A 2959 131.84 -31.96 -23.91
N ILE A 2960 132.46 -31.00 -24.60
CA ILE A 2960 132.59 -29.67 -23.98
C ILE A 2960 131.23 -29.00 -23.86
N LYS A 2961 130.33 -29.22 -24.83
CA LYS A 2961 128.99 -28.69 -24.73
C LYS A 2961 128.26 -29.28 -23.53
N PHE A 2962 128.37 -30.59 -23.34
CA PHE A 2962 127.76 -31.23 -22.17
C PHE A 2962 128.34 -30.66 -20.88
N PHE A 2963 129.67 -30.51 -20.83
CA PHE A 2963 130.30 -29.95 -19.64
C PHE A 2963 129.73 -28.58 -19.33
N ALA A 2964 129.78 -27.66 -20.30
CA ALA A 2964 129.32 -26.29 -20.06
C ALA A 2964 127.85 -26.24 -19.72
N LYS A 2965 127.03 -27.08 -20.35
CA LYS A 2965 125.59 -27.00 -20.14
C LYS A 2965 125.17 -27.60 -18.81
N VAL A 2966 125.82 -28.66 -18.35
CA VAL A 2966 125.34 -29.45 -17.23
C VAL A 2966 126.27 -29.35 -16.02
N VAL A 2967 127.56 -29.63 -16.22
CA VAL A 2967 128.45 -29.87 -15.08
C VAL A 2967 128.59 -28.61 -14.24
N LEU A 2968 128.85 -27.48 -14.89
CA LEU A 2968 129.03 -26.24 -14.14
C LEU A 2968 127.77 -25.83 -13.39
N PRO A 2969 126.58 -25.81 -13.99
CA PRO A 2969 125.38 -25.44 -13.21
C PRO A 2969 125.11 -26.36 -12.05
N LEU A 2970 125.35 -27.66 -12.19
CA LEU A 2970 125.13 -28.56 -11.06
C LEU A 2970 126.18 -28.33 -9.98
N ILE A 2971 127.40 -27.99 -10.36
CA ILE A 2971 128.40 -27.61 -9.36
C ILE A 2971 127.94 -26.39 -8.60
N ASP A 2972 127.31 -25.43 -9.30
CA ASP A 2972 126.70 -24.30 -8.60
C ASP A 2972 125.62 -24.76 -7.62
N GLN A 2973 124.68 -25.55 -8.11
CA GLN A 2973 123.46 -25.81 -7.35
C GLN A 2973 123.71 -26.71 -6.15
N TYR A 2974 124.49 -27.78 -6.34
CA TYR A 2974 124.74 -28.71 -5.25
C TYR A 2974 125.44 -28.02 -4.09
N PHE A 2975 126.47 -27.24 -4.39
CA PHE A 2975 127.19 -26.55 -3.34
C PHE A 2975 126.43 -25.38 -2.77
N LYS A 2976 125.56 -24.73 -3.54
CA LYS A 2976 124.69 -23.73 -2.95
C LYS A 2976 123.70 -24.35 -1.97
N ASN A 2977 123.20 -25.54 -2.30
CA ASN A 2977 122.23 -26.20 -1.42
C ASN A 2977 122.91 -26.72 -0.15
N HIS A 2978 124.09 -27.32 -0.29
CA HIS A 2978 124.74 -27.92 0.87
C HIS A 2978 126.06 -27.23 1.20
N ARG A 2979 126.09 -25.91 1.10
CA ARG A 2979 127.31 -25.17 1.43
C ARG A 2979 127.59 -25.27 2.93
N LEU A 2980 126.55 -25.43 3.74
CA LEU A 2980 126.76 -25.56 5.17
C LEU A 2980 127.29 -26.94 5.53
N TYR A 2981 126.91 -27.96 4.77
CA TYR A 2981 127.36 -29.33 5.02
C TYR A 2981 128.88 -29.45 4.91
N PHE A 2982 129.44 -28.95 3.82
CA PHE A 2982 130.87 -29.01 3.63
C PHE A 2982 131.59 -28.08 4.61
N LEU A 2983 130.98 -26.94 4.92
CA LEU A 2983 131.57 -26.03 5.89
C LEU A 2983 131.62 -26.65 7.27
N SER A 2984 130.59 -27.40 7.65
CA SER A 2984 130.52 -27.97 8.98
C SER A 2984 131.65 -28.97 9.21
N ALA A 2985 132.40 -28.77 10.28
CA ALA A 2985 133.50 -29.66 10.67
C ALA A 2985 133.43 -29.91 12.17
N ALA A 2986 132.24 -30.25 12.65
CA ALA A 2986 131.93 -30.43 14.06
C ALA A 2986 132.15 -29.16 14.86
N SER A 2987 132.13 -28.00 14.22
CA SER A 2987 132.33 -26.72 14.89
C SER A 2987 131.03 -26.08 15.35
N ARG A 2988 129.91 -26.82 15.28
CA ARG A 2988 128.53 -26.56 15.74
C ARG A 2988 127.55 -26.24 14.62
N PRO A 2989 127.95 -25.71 13.47
CA PRO A 2989 127.06 -25.73 12.31
C PRO A 2989 126.66 -27.16 11.95
N LEU A 2990 125.47 -27.30 11.36
CA LEU A 2990 124.86 -28.60 11.08
C LEU A 2990 124.64 -29.39 12.37
N CYS A 2991 123.82 -28.81 13.26
CA CYS A 2991 123.51 -29.49 14.52
C CYS A 2991 122.72 -30.76 14.30
N SER A 2992 122.13 -30.93 13.12
CA SER A 2992 121.42 -32.15 12.78
C SER A 2992 122.37 -33.33 12.80
N GLY A 2993 123.58 -33.13 12.27
CA GLY A 2993 124.61 -34.13 12.30
C GLY A 2993 125.06 -34.47 10.89
N GLY A 2994 126.09 -35.32 10.81
CA GLY A 2994 126.59 -35.76 9.53
C GLY A 2994 127.36 -34.71 8.76
N HIS A 2995 128.45 -34.22 9.33
CA HIS A 2995 129.27 -33.23 8.65
C HIS A 2995 130.09 -33.89 7.55
N ALA A 2996 130.62 -33.06 6.65
CA ALA A 2996 131.47 -33.56 5.58
C ALA A 2996 132.77 -34.10 6.15
N SER A 2997 133.28 -35.16 5.50
CA SER A 2997 134.54 -35.75 5.92
C SER A 2997 135.71 -34.86 5.51
N ASN A 2998 136.84 -35.06 6.20
CA ASN A 2998 138.04 -34.30 5.87
C ASN A 2998 138.52 -34.59 4.46
N LYS A 2999 138.46 -35.86 4.05
CA LYS A 2999 138.82 -36.22 2.68
C LYS A 2999 137.91 -35.55 1.67
N GLU A 3000 136.61 -35.51 1.94
CA GLU A 3000 135.68 -34.82 1.06
C GLU A 3000 136.02 -33.33 0.99
N LYS A 3001 136.35 -32.73 2.12
CA LYS A 3001 136.71 -31.32 2.14
C LYS A 3001 137.95 -31.06 1.29
N GLU A 3002 138.98 -31.89 1.44
CA GLU A 3002 140.22 -31.65 0.71
C GLU A 3002 140.01 -31.85 -0.79
N MET A 3003 139.19 -32.82 -1.18
CA MET A 3003 138.99 -33.01 -2.61
C MET A 3003 138.08 -31.93 -3.19
N VAL A 3004 137.18 -31.36 -2.37
CA VAL A 3004 136.44 -30.18 -2.79
C VAL A 3004 137.39 -29.01 -3.04
N THR A 3005 138.34 -28.81 -2.12
CA THR A 3005 139.33 -27.76 -2.29
C THR A 3005 140.18 -27.96 -3.53
N SER A 3006 140.57 -29.20 -3.82
CA SER A 3006 141.28 -29.53 -5.05
C SER A 3006 140.46 -29.23 -6.30
N LEU A 3007 139.16 -29.55 -6.27
CA LEU A 3007 138.28 -29.20 -7.37
C LEU A 3007 138.22 -27.70 -7.59
N PHE A 3008 138.18 -26.93 -6.49
CA PHE A 3008 138.22 -25.48 -6.60
C PHE A 3008 139.45 -24.99 -7.35
N CYS A 3009 140.63 -25.50 -6.96
CA CYS A 3009 141.87 -25.10 -7.61
C CYS A 3009 141.88 -25.49 -9.07
N LYS A 3010 141.37 -26.68 -9.40
CA LYS A 3010 141.34 -27.10 -10.79
C LYS A 3010 140.42 -26.22 -11.60
N LEU A 3011 139.27 -25.83 -11.04
CA LEU A 3011 138.37 -24.94 -11.76
C LEU A 3011 139.04 -23.58 -12.00
N GLY A 3012 139.79 -23.10 -11.01
CA GLY A 3012 140.59 -21.90 -11.24
C GLY A 3012 141.61 -22.06 -12.34
N VAL A 3013 142.28 -23.21 -12.40
CA VAL A 3013 143.23 -23.47 -13.48
C VAL A 3013 142.52 -23.43 -14.83
N LEU A 3014 141.33 -24.03 -14.89
CA LEU A 3014 140.55 -23.99 -16.13
C LEU A 3014 140.20 -22.57 -16.53
N VAL A 3015 139.75 -21.75 -15.57
CA VAL A 3015 139.33 -20.39 -15.92
C VAL A 3015 140.51 -19.49 -16.22
N ARG A 3016 141.73 -19.89 -15.86
CA ARG A 3016 142.89 -19.03 -16.05
C ARG A 3016 143.11 -18.73 -17.53
N HIS A 3017 142.85 -17.46 -17.90
CA HIS A 3017 143.10 -16.95 -19.25
C HIS A 3017 142.35 -17.71 -20.34
N ARG A 3018 141.12 -18.14 -20.04
CA ARG A 3018 140.28 -18.78 -21.05
C ARG A 3018 138.86 -18.23 -21.06
N ILE A 3019 138.69 -16.98 -20.64
CA ILE A 3019 137.35 -16.39 -20.59
C ILE A 3019 136.78 -16.26 -22.00
N SER A 3020 137.62 -15.97 -22.98
CA SER A 3020 137.16 -15.89 -24.36
C SER A 3020 136.96 -17.27 -24.96
N LEU A 3021 137.83 -18.23 -24.58
CA LEU A 3021 137.71 -19.58 -25.11
C LEU A 3021 136.40 -20.21 -24.68
N PHE A 3022 136.01 -20.02 -23.42
CA PHE A 3022 134.67 -20.40 -23.00
C PHE A 3022 133.64 -19.52 -23.67
N GLY A 3023 132.57 -20.14 -24.16
CA GLY A 3023 131.56 -19.44 -24.93
C GLY A 3023 130.64 -18.60 -24.07
N ASN A 3024 131.17 -17.49 -23.54
CA ASN A 3024 130.39 -16.53 -22.76
C ASN A 3024 129.85 -17.14 -21.48
N ASP A 3025 130.30 -18.35 -21.16
CA ASP A 3025 129.97 -19.01 -19.90
C ASP A 3025 131.01 -18.77 -18.83
N ALA A 3026 132.04 -17.96 -19.13
CA ALA A 3026 133.01 -17.59 -18.12
C ALA A 3026 132.35 -16.98 -16.90
N THR A 3027 131.21 -16.32 -17.09
CA THR A 3027 130.42 -15.87 -15.94
C THR A 3027 129.98 -17.04 -15.09
N SER A 3028 129.54 -18.13 -15.72
CA SER A 3028 129.13 -19.30 -14.96
C SER A 3028 130.30 -19.90 -14.20
N ILE A 3029 131.47 -19.95 -14.83
CA ILE A 3029 132.65 -20.42 -14.10
C ILE A 3029 133.01 -19.48 -12.94
N VAL A 3030 132.84 -18.17 -13.12
CA VAL A 3030 133.07 -17.24 -12.04
C VAL A 3030 132.13 -17.54 -10.87
N ASN A 3031 130.86 -17.79 -11.18
CA ASN A 3031 129.92 -18.14 -10.12
C ASN A 3031 130.31 -19.44 -9.43
N CYS A 3032 130.75 -20.42 -10.21
CA CYS A 3032 131.19 -21.69 -9.63
C CYS A 3032 132.34 -21.47 -8.66
N LEU A 3033 133.35 -20.71 -9.09
CA LEU A 3033 134.49 -20.44 -8.22
C LEU A 3033 134.07 -19.66 -6.99
N HIS A 3034 133.19 -18.68 -7.16
CA HIS A 3034 132.75 -17.86 -6.03
C HIS A 3034 132.04 -18.69 -4.99
N ILE A 3035 131.12 -19.57 -5.41
CA ILE A 3035 130.40 -20.38 -4.44
C ILE A 3035 131.32 -21.43 -3.83
N LEU A 3036 132.20 -22.03 -4.63
CA LEU A 3036 133.13 -23.02 -4.09
C LEU A 3036 134.04 -22.41 -3.05
N GLY A 3037 134.43 -21.14 -3.24
CA GLY A 3037 135.24 -20.47 -2.25
C GLY A 3037 134.59 -20.45 -0.88
N GLN A 3038 133.29 -20.15 -0.85
CA GLN A 3038 132.56 -20.23 0.41
C GLN A 3038 132.49 -21.67 0.91
N THR A 3039 132.35 -22.62 0.00
CA THR A 3039 132.27 -24.02 0.44
C THR A 3039 133.60 -24.54 0.99
N LEU A 3040 134.72 -23.88 0.69
CA LEU A 3040 136.01 -24.38 1.16
C LEU A 3040 136.13 -24.30 2.67
N ASP A 3041 136.87 -25.25 3.23
CA ASP A 3041 137.28 -25.23 4.64
C ASP A 3041 138.79 -25.37 4.66
N ALA A 3042 139.48 -24.31 5.09
CA ALA A 3042 140.93 -24.29 5.00
C ALA A 3042 141.60 -24.93 6.21
N ARG A 3043 141.04 -24.74 7.41
CA ARG A 3043 141.67 -25.27 8.61
C ARG A 3043 141.80 -26.78 8.57
N THR A 3044 140.71 -27.45 8.16
CA THR A 3044 140.72 -28.91 8.12
C THR A 3044 141.78 -29.41 7.15
N VAL A 3045 141.84 -28.82 5.96
CA VAL A 3045 142.77 -29.30 4.95
C VAL A 3045 144.21 -28.94 5.32
N MET A 3046 144.40 -27.84 6.05
CA MET A 3046 145.76 -27.51 6.50
C MET A 3046 146.26 -28.49 7.55
N LYS A 3047 145.45 -28.74 8.58
CA LYS A 3047 145.93 -29.62 9.64
C LYS A 3047 145.98 -31.06 9.19
N THR A 3048 145.05 -31.46 8.31
CA THR A 3048 145.04 -32.81 7.75
C THR A 3048 144.68 -32.68 6.28
N GLY A 3049 145.65 -32.85 5.40
CA GLY A 3049 145.38 -32.74 3.98
C GLY A 3049 146.47 -33.37 3.16
N LEU A 3050 146.16 -33.59 1.89
CA LEU A 3050 147.11 -34.19 0.96
C LEU A 3050 148.04 -33.12 0.40
N GLU A 3051 149.33 -33.47 0.33
CA GLU A 3051 150.33 -32.49 -0.05
C GLU A 3051 150.13 -31.99 -1.47
N SER A 3052 149.65 -32.87 -2.36
CA SER A 3052 149.40 -32.44 -3.73
C SER A 3052 148.33 -31.37 -3.79
N VAL A 3053 147.25 -31.53 -3.02
CA VAL A 3053 146.20 -30.52 -2.97
C VAL A 3053 146.70 -29.26 -2.31
N LYS A 3054 147.52 -29.40 -1.26
CA LYS A 3054 148.12 -28.24 -0.62
C LYS A 3054 148.93 -27.43 -1.64
N SER A 3055 149.75 -28.12 -2.42
CA SER A 3055 150.57 -27.47 -3.42
C SER A 3055 149.73 -26.87 -4.54
N ALA A 3056 148.65 -27.53 -4.92
CA ALA A 3056 147.77 -26.98 -5.95
C ALA A 3056 147.15 -25.67 -5.48
N LEU A 3057 146.70 -25.64 -4.22
CA LEU A 3057 146.11 -24.43 -3.65
C LEU A 3057 147.14 -23.32 -3.50
N ARG A 3058 148.35 -23.65 -3.03
CA ARG A 3058 149.43 -22.67 -2.96
C ARG A 3058 149.76 -22.12 -4.33
N ALA A 3059 149.84 -22.99 -5.35
CA ALA A 3059 150.14 -22.55 -6.69
C ALA A 3059 149.01 -21.72 -7.29
N PHE A 3060 147.77 -21.99 -6.90
CA PHE A 3060 146.67 -21.14 -7.31
C PHE A 3060 146.85 -19.73 -6.76
N LEU A 3061 147.11 -19.62 -5.46
CA LEU A 3061 147.32 -18.30 -4.90
C LEU A 3061 148.50 -17.61 -5.57
N ASP A 3062 149.60 -18.34 -5.79
CA ASP A 3062 150.76 -17.76 -6.47
C ASP A 3062 150.39 -17.28 -7.87
N ASN A 3063 149.66 -18.11 -8.61
CA ASN A 3063 149.32 -17.80 -10.00
C ASN A 3063 148.51 -16.52 -10.07
N ALA A 3064 147.52 -16.39 -9.17
CA ALA A 3064 146.82 -15.13 -9.06
C ALA A 3064 147.79 -13.99 -8.80
N ALA A 3065 148.80 -14.22 -7.95
CA ALA A 3065 149.78 -13.18 -7.68
C ALA A 3065 150.53 -12.73 -8.93
N GLU A 3066 151.13 -13.64 -9.71
CA GLU A 3066 151.93 -13.12 -10.83
C GLU A 3066 151.02 -12.59 -11.93
N ASP A 3067 149.80 -13.13 -12.06
CA ASP A 3067 148.88 -12.56 -13.03
C ASP A 3067 148.59 -11.10 -12.69
N LEU A 3068 148.34 -10.82 -11.41
CA LEU A 3068 148.05 -9.45 -11.01
C LEU A 3068 149.28 -8.57 -11.16
N GLU A 3069 150.46 -9.10 -10.85
CA GLU A 3069 151.69 -8.34 -11.04
C GLU A 3069 151.92 -7.99 -12.50
N LYS A 3070 151.65 -8.95 -13.40
CA LYS A 3070 151.78 -8.69 -14.83
C LYS A 3070 150.79 -7.62 -15.27
N THR A 3071 149.58 -7.66 -14.73
CA THR A 3071 148.61 -6.62 -15.07
C THR A 3071 149.15 -5.25 -14.66
N MET A 3072 149.72 -5.14 -13.45
CA MET A 3072 150.34 -3.88 -13.09
C MET A 3072 151.41 -3.47 -14.07
N GLU A 3073 152.34 -4.37 -14.37
CA GLU A 3073 153.54 -3.96 -15.11
C GLU A 3073 153.14 -3.49 -16.50
N ASN A 3074 152.20 -4.20 -17.14
CA ASN A 3074 151.79 -3.79 -18.48
C ASN A 3074 150.97 -2.49 -18.42
N LEU A 3075 150.06 -2.38 -17.44
CA LEU A 3075 149.24 -1.18 -17.34
C LEU A 3075 150.09 0.06 -17.06
N LYS A 3076 151.19 -0.10 -16.34
CA LYS A 3076 152.07 1.02 -16.04
C LYS A 3076 153.01 1.34 -17.21
N GLN A 3077 153.62 0.31 -17.81
CA GLN A 3077 154.58 0.58 -18.88
C GLN A 3077 153.89 1.12 -20.12
N GLY A 3078 152.70 0.61 -20.43
CA GLY A 3078 152.04 1.03 -21.65
C GLY A 3078 150.53 1.11 -21.56
N GLN A 3079 149.99 2.28 -21.92
CA GLN A 3079 148.54 2.40 -22.04
C GLN A 3079 148.07 1.90 -23.41
N PHE A 3080 149.00 1.73 -24.34
CA PHE A 3080 148.66 1.29 -25.69
C PHE A 3080 148.07 -0.12 -25.66
N THR A 3081 146.99 -0.31 -26.41
CA THR A 3081 146.31 -1.60 -26.48
C THR A 3081 147.17 -2.63 -27.22
N LYS A 3088 144.82 -9.29 -28.53
CA LYS A 3088 146.10 -8.99 -27.91
C LYS A 3088 146.25 -9.70 -26.57
N GLY A 3089 147.45 -10.21 -26.30
CA GLY A 3089 147.65 -10.99 -25.08
C GLY A 3089 147.50 -10.16 -23.82
N VAL A 3090 148.04 -8.94 -23.81
CA VAL A 3090 147.93 -8.11 -22.63
C VAL A 3090 146.49 -7.65 -22.39
N THR A 3091 145.76 -7.31 -23.46
CA THR A 3091 144.36 -6.98 -23.29
C THR A 3091 143.58 -8.19 -22.80
N GLN A 3092 143.89 -9.38 -23.31
CA GLN A 3092 143.21 -10.60 -22.86
C GLN A 3092 143.46 -10.85 -21.39
N ILE A 3093 144.70 -10.72 -20.92
CA ILE A 3093 144.97 -10.99 -19.52
C ILE A 3093 144.37 -9.90 -18.63
N ILE A 3094 144.34 -8.65 -19.10
CA ILE A 3094 143.70 -7.59 -18.33
C ILE A 3094 142.21 -7.88 -18.17
N ASN A 3095 141.55 -8.26 -19.27
CA ASN A 3095 140.13 -8.59 -19.20
C ASN A 3095 139.89 -9.80 -18.32
N TYR A 3096 140.75 -10.82 -18.42
CA TYR A 3096 140.66 -11.99 -17.54
C TYR A 3096 140.71 -11.56 -16.09
N THR A 3097 141.71 -10.76 -15.73
CA THR A 3097 141.82 -10.26 -14.37
C THR A 3097 140.54 -9.57 -13.94
N THR A 3098 140.16 -8.50 -14.64
CA THR A 3098 139.03 -7.67 -14.22
C THR A 3098 137.74 -8.47 -14.14
N VAL A 3099 137.56 -9.44 -15.04
CA VAL A 3099 136.30 -10.16 -15.09
C VAL A 3099 136.24 -11.23 -14.01
N ALA A 3100 137.25 -12.10 -13.94
CA ALA A 3100 137.20 -13.26 -13.08
C ALA A 3100 138.11 -13.15 -11.87
N LEU A 3101 139.36 -12.75 -12.07
CA LEU A 3101 140.38 -12.94 -11.03
C LEU A 3101 140.11 -12.06 -9.83
N LEU A 3102 139.81 -10.78 -10.07
CA LEU A 3102 139.52 -9.88 -8.96
C LEU A 3102 138.27 -10.31 -8.18
N PRO A 3103 137.12 -10.58 -8.82
CA PRO A 3103 135.97 -11.03 -8.02
C PRO A 3103 136.21 -12.31 -7.24
N MET A 3104 136.91 -13.28 -7.83
CA MET A 3104 137.09 -14.56 -7.14
C MET A 3104 138.06 -14.41 -5.98
N LEU A 3105 139.13 -13.63 -6.16
CA LEU A 3105 140.01 -13.34 -5.04
C LEU A 3105 139.27 -12.58 -3.94
N SER A 3106 138.42 -11.62 -4.32
CA SER A 3106 137.63 -10.91 -3.32
C SER A 3106 136.74 -11.86 -2.53
N SER A 3107 136.03 -12.76 -3.22
CA SER A 3107 135.15 -13.69 -2.54
C SER A 3107 135.94 -14.61 -1.62
N LEU A 3108 137.04 -15.16 -2.11
CA LEU A 3108 137.84 -16.07 -1.29
C LEU A 3108 138.39 -15.37 -0.06
N PHE A 3109 138.90 -14.14 -0.24
CA PHE A 3109 139.46 -13.40 0.88
C PHE A 3109 138.39 -13.05 1.90
N GLU A 3110 137.21 -12.63 1.44
CA GLU A 3110 136.13 -12.33 2.37
C GLU A 3110 135.72 -13.58 3.15
N HIS A 3111 135.60 -14.72 2.45
CA HIS A 3111 135.28 -15.97 3.12
C HIS A 3111 136.30 -16.32 4.19
N ILE A 3112 137.59 -16.28 3.83
CA ILE A 3112 138.63 -16.65 4.77
C ILE A 3112 138.65 -15.70 5.97
N GLY A 3113 138.47 -14.41 5.73
CA GLY A 3113 138.46 -13.45 6.80
C GLY A 3113 137.29 -13.62 7.75
N GLN A 3114 136.08 -13.82 7.20
CA GLN A 3114 134.91 -13.89 8.08
C GLN A 3114 134.80 -15.25 8.76
N HIS A 3115 135.49 -16.27 8.25
CA HIS A 3115 135.63 -17.50 9.02
C HIS A 3115 136.92 -17.55 9.83
N GLN A 3116 137.78 -16.53 9.72
CA GLN A 3116 139.06 -16.47 10.43
C GLN A 3116 139.96 -17.64 10.08
N PHE A 3117 140.06 -17.98 8.80
CA PHE A 3117 140.94 -19.06 8.38
C PHE A 3117 142.29 -18.56 7.87
N GLY A 3118 142.53 -17.24 7.94
CA GLY A 3118 143.79 -16.73 7.43
C GLY A 3118 144.98 -17.17 8.26
N GLU A 3119 144.87 -17.04 9.58
CA GLU A 3119 146.03 -17.22 10.45
C GLU A 3119 146.58 -18.65 10.40
N ASP A 3120 145.84 -19.61 9.88
CA ASP A 3120 146.35 -20.95 9.68
C ASP A 3120 146.43 -21.36 8.22
N LEU A 3121 145.72 -20.66 7.32
CA LEU A 3121 145.84 -20.97 5.91
C LEU A 3121 147.11 -20.38 5.32
N ILE A 3122 147.42 -19.14 5.67
CA ILE A 3122 148.49 -18.39 5.01
C ILE A 3122 149.66 -18.21 5.97
N LEU A 3123 150.64 -19.11 5.90
CA LEU A 3123 151.83 -18.97 6.74
C LEU A 3123 153.13 -18.85 5.94
N GLU A 3124 153.42 -19.80 5.05
CA GLU A 3124 154.73 -19.87 4.44
C GLU A 3124 154.63 -19.71 2.93
N ASP A 3125 155.25 -18.63 2.44
CA ASP A 3125 155.45 -18.30 1.03
C ASP A 3125 154.13 -17.92 0.36
N VAL A 3126 153.02 -18.31 0.98
CA VAL A 3126 151.73 -17.80 0.56
C VAL A 3126 151.53 -16.42 1.15
N GLN A 3127 152.10 -16.19 2.33
CA GLN A 3127 152.18 -14.82 2.84
C GLN A 3127 152.98 -13.95 1.89
N VAL A 3128 154.10 -14.47 1.37
CA VAL A 3128 154.92 -13.67 0.45
C VAL A 3128 154.15 -13.36 -0.82
N SER A 3129 153.48 -14.37 -1.38
CA SER A 3129 152.63 -14.14 -2.54
C SER A 3129 151.58 -13.07 -2.26
N CYS A 3130 150.99 -13.09 -1.07
CA CYS A 3130 149.93 -12.12 -0.79
C CYS A 3130 150.50 -10.75 -0.44
N TYR A 3131 151.76 -10.66 0.00
CA TYR A 3131 152.41 -9.37 0.05
C TYR A 3131 152.56 -8.79 -1.35
N ARG A 3132 152.96 -9.63 -2.31
CA ARG A 3132 152.96 -9.19 -3.69
C ARG A 3132 151.57 -8.71 -4.11
N ILE A 3133 150.53 -9.45 -3.70
CA ILE A 3133 149.16 -9.10 -4.06
C ILE A 3133 148.76 -7.76 -3.45
N LEU A 3134 149.11 -7.52 -2.19
CA LEU A 3134 148.72 -6.26 -1.55
C LEU A 3134 149.42 -5.09 -2.21
N THR A 3135 150.72 -5.21 -2.46
CA THR A 3135 151.40 -4.16 -3.22
C THR A 3135 150.75 -3.93 -4.57
N SER A 3136 150.40 -5.02 -5.25
CA SER A 3136 149.76 -4.92 -6.56
C SER A 3136 148.45 -4.15 -6.50
N LEU A 3137 147.55 -4.58 -5.62
CA LEU A 3137 146.24 -3.94 -5.53
C LEU A 3137 146.36 -2.49 -5.10
N TYR A 3138 147.25 -2.21 -4.14
CA TYR A 3138 147.38 -0.84 -3.67
C TYR A 3138 147.91 0.07 -4.77
N ALA A 3139 148.92 -0.40 -5.51
CA ALA A 3139 149.46 0.43 -6.60
C ALA A 3139 148.44 0.62 -7.70
N LEU A 3140 147.67 -0.42 -8.02
CA LEU A 3140 146.62 -0.29 -9.01
C LEU A 3140 145.55 0.70 -8.56
N GLY A 3141 145.18 0.65 -7.28
CA GLY A 3141 144.17 1.55 -6.77
C GLY A 3141 144.63 3.00 -6.81
N THR A 3142 145.87 3.24 -6.42
CA THR A 3142 146.39 4.60 -6.43
C THR A 3142 146.86 5.05 -7.81
N SER A 3143 146.85 4.15 -8.80
CA SER A 3143 147.16 4.55 -10.16
C SER A 3143 146.10 5.50 -10.70
N LYS A 3144 146.55 6.46 -11.51
CA LYS A 3144 145.67 7.45 -12.12
C LYS A 3144 145.29 7.09 -13.55
N SER A 3145 145.37 5.81 -13.91
CA SER A 3145 145.07 5.40 -15.27
C SER A 3145 143.57 5.50 -15.54
N ILE A 3146 143.23 6.15 -16.65
CA ILE A 3146 141.83 6.25 -17.05
C ILE A 3146 141.25 4.85 -17.29
N TYR A 3147 142.12 3.91 -17.66
CA TYR A 3147 141.67 2.54 -17.87
C TYR A 3147 141.24 1.90 -16.57
N VAL A 3148 142.03 2.07 -15.50
CA VAL A 3148 141.68 1.45 -14.22
C VAL A 3148 140.57 2.23 -13.53
N GLU A 3149 140.34 3.48 -13.93
CA GLU A 3149 139.22 4.23 -13.37
C GLU A 3149 137.89 3.51 -13.63
N ARG A 3150 137.78 2.81 -14.75
CA ARG A 3150 136.54 2.13 -15.07
C ARG A 3150 136.24 0.98 -14.12
N GLN A 3151 137.25 0.14 -13.85
CA GLN A 3151 137.10 -1.00 -12.96
C GLN A 3151 137.52 -0.68 -11.55
N ARG A 3152 137.63 0.60 -11.21
CA ARG A 3152 138.21 1.02 -9.93
C ARG A 3152 137.54 0.35 -8.73
N SER A 3153 136.20 0.35 -8.68
CA SER A 3153 135.51 -0.09 -7.47
C SER A 3153 135.82 -1.55 -7.14
N ALA A 3154 135.79 -2.43 -8.14
CA ALA A 3154 136.03 -3.84 -7.91
C ALA A 3154 137.36 -4.06 -7.21
N LEU A 3155 138.39 -3.31 -7.60
CA LEU A 3155 139.62 -3.28 -6.84
C LEU A 3155 139.36 -2.88 -5.40
N GLY A 3156 138.44 -1.95 -5.18
CA GLY A 3156 138.11 -1.54 -3.83
C GLY A 3156 137.60 -2.70 -2.99
N GLU A 3157 136.57 -3.40 -3.48
CA GLU A 3157 136.08 -4.55 -2.71
C GLU A 3157 137.13 -5.63 -2.55
N CYS A 3158 137.90 -5.93 -3.61
CA CYS A 3158 138.87 -7.01 -3.53
C CYS A 3158 139.95 -6.71 -2.49
N LEU A 3159 140.51 -5.51 -2.53
CA LEU A 3159 141.58 -5.18 -1.58
C LEU A 3159 141.02 -4.99 -0.18
N ALA A 3160 139.75 -4.56 -0.07
CA ALA A 3160 139.15 -4.48 1.26
C ALA A 3160 138.99 -5.87 1.88
N ALA A 3161 138.53 -6.83 1.08
CA ALA A 3161 138.44 -8.21 1.57
C ALA A 3161 139.82 -8.74 1.91
N PHE A 3162 140.83 -8.40 1.10
CA PHE A 3162 142.19 -8.83 1.41
C PHE A 3162 142.68 -8.24 2.73
N ALA A 3163 142.38 -6.97 2.97
CA ALA A 3163 142.75 -6.35 4.24
C ALA A 3163 142.06 -7.04 5.41
N GLY A 3164 140.78 -7.37 5.24
CA GLY A 3164 140.08 -8.11 6.28
C GLY A 3164 140.59 -9.52 6.48
N ALA A 3165 141.19 -10.11 5.46
CA ALA A 3165 141.63 -11.50 5.54
C ALA A 3165 143.07 -11.64 6.02
N PHE A 3166 143.91 -10.64 5.76
CA PHE A 3166 145.34 -10.80 6.00
C PHE A 3166 145.63 -10.80 7.49
N PRO A 3167 146.37 -11.79 8.00
CA PRO A 3167 146.49 -11.97 9.45
C PRO A 3167 147.69 -11.29 10.08
N VAL A 3168 148.40 -10.43 9.36
CA VAL A 3168 149.57 -9.74 9.88
C VAL A 3168 149.37 -8.24 9.72
N ALA A 3169 149.68 -7.48 10.77
CA ALA A 3169 149.46 -6.04 10.80
C ALA A 3169 150.42 -5.38 9.84
N PHE A 3170 149.96 -5.12 8.62
CA PHE A 3170 150.84 -4.59 7.59
C PHE A 3170 150.93 -3.07 7.65
N LEU A 3171 149.87 -2.41 8.13
CA LEU A 3171 149.94 -0.95 8.25
C LEU A 3171 150.92 -0.51 9.31
N GLU A 3172 150.91 -1.15 10.47
CA GLU A 3172 151.82 -0.83 11.57
C GLU A 3172 152.91 -1.89 11.59
N THR A 3173 154.12 -1.50 11.19
CA THR A 3173 155.27 -2.40 11.18
C THR A 3173 156.22 -2.12 12.33
N HIS A 3174 155.96 -1.08 13.13
CA HIS A 3174 156.81 -0.71 14.24
C HIS A 3174 156.91 -1.82 15.28
N LEU A 3175 155.78 -2.43 15.64
CA LEU A 3175 155.79 -3.58 16.55
C LEU A 3175 155.14 -4.82 15.95
N ASP A 3176 155.47 -5.15 14.70
CA ASP A 3176 155.15 -6.48 14.19
C ASP A 3176 156.00 -7.56 14.82
N LYS A 3177 157.05 -7.19 15.56
CA LYS A 3177 157.83 -8.17 16.31
C LYS A 3177 156.97 -8.92 17.31
N HIS A 3178 155.88 -8.31 17.78
CA HIS A 3178 154.99 -9.00 18.70
C HIS A 3178 154.14 -10.06 18.00
N ASN A 3179 153.98 -9.94 16.68
CA ASN A 3179 153.20 -10.92 15.95
C ASN A 3179 153.92 -12.26 15.92
N ILE A 3180 153.20 -13.32 16.31
CA ILE A 3180 153.80 -14.65 16.35
C ILE A 3180 153.67 -15.34 15.00
N TYR A 3181 152.59 -15.04 14.27
CA TYR A 3181 152.44 -15.60 12.94
C TYR A 3181 153.20 -14.81 11.88
N SER A 3182 154.00 -13.82 12.29
CA SER A 3182 154.74 -12.99 11.36
C SER A 3182 155.68 -13.83 10.52
N ILE A 3183 155.77 -13.50 9.23
CA ILE A 3183 156.67 -14.22 8.34
C ILE A 3183 158.12 -14.04 8.78
N TYR A 3184 158.44 -12.86 9.31
CA TYR A 3184 159.81 -12.62 9.76
C TYR A 3184 160.16 -13.50 10.95
N ASN A 3185 159.22 -13.64 11.90
CA ASN A 3185 159.50 -14.47 13.07
C ASN A 3185 159.55 -15.95 12.70
N THR A 3186 158.59 -16.41 11.89
CA THR A 3186 158.53 -17.83 11.59
C THR A 3186 159.63 -18.27 10.63
N LYS A 3187 159.87 -17.48 9.59
CA LYS A 3187 160.79 -17.88 8.52
C LYS A 3187 162.24 -17.80 8.98
N SER A 3188 162.55 -16.83 9.84
CA SER A 3188 163.87 -16.61 10.44
C SER A 3188 164.84 -16.02 9.42
N SER A 3189 166.03 -15.62 9.88
CA SER A 3189 166.99 -14.87 9.08
C SER A 3189 167.63 -15.68 7.96
N ARG A 3190 168.03 -16.93 8.25
CA ARG A 3190 168.62 -17.79 7.24
C ARG A 3190 167.70 -17.95 6.04
N GLU A 3191 166.46 -18.36 6.30
CA GLU A 3191 165.52 -18.62 5.21
C GLU A 3191 165.01 -17.31 4.61
N ARG A 3192 164.95 -16.25 5.42
CA ARG A 3192 164.54 -14.95 4.91
C ARG A 3192 165.53 -14.44 3.87
N ALA A 3193 166.83 -14.57 4.17
CA ALA A 3193 167.85 -14.21 3.20
C ALA A 3193 167.83 -15.15 2.01
N ALA A 3194 167.54 -16.44 2.25
CA ALA A 3194 167.45 -17.38 1.15
C ALA A 3194 166.35 -16.99 0.16
N LEU A 3195 165.20 -16.58 0.67
CA LEU A 3195 164.10 -16.15 -0.19
C LEU A 3195 164.34 -14.72 -0.65
N SER A 3196 163.80 -14.40 -1.83
CA SER A 3196 163.90 -13.06 -2.41
C SER A 3196 162.96 -12.12 -1.65
N LEU A 3197 163.43 -11.69 -0.49
CA LEU A 3197 162.65 -10.86 0.40
C LEU A 3197 163.50 -9.72 0.96
N PRO A 3198 162.93 -8.53 1.15
CA PRO A 3198 163.76 -7.36 1.49
C PRO A 3198 164.38 -7.39 2.88
N THR A 3199 164.06 -8.38 3.70
CA THR A 3199 164.59 -8.59 5.05
C THR A 3199 164.26 -7.46 6.01
N ASN A 3200 163.46 -6.47 5.61
CA ASN A 3200 163.03 -5.40 6.48
C ASN A 3200 161.51 -5.32 6.41
N VAL A 3201 160.88 -5.32 7.58
CA VAL A 3201 159.42 -5.34 7.66
C VAL A 3201 158.89 -4.03 7.06
N GLU A 3202 159.65 -2.95 7.24
CA GLU A 3202 159.28 -1.69 6.64
C GLU A 3202 159.49 -1.70 5.13
N ASP A 3203 160.50 -2.45 4.66
CA ASP A 3203 160.83 -2.44 3.24
C ASP A 3203 159.99 -3.43 2.44
N VAL A 3204 159.31 -4.37 3.09
CA VAL A 3204 158.59 -5.40 2.37
C VAL A 3204 157.44 -4.79 1.56
N CYS A 3205 156.95 -3.64 1.99
CA CYS A 3205 155.84 -2.95 1.33
C CYS A 3205 156.09 -1.45 1.40
N PRO A 3206 156.95 -0.94 0.51
CA PRO A 3206 157.36 0.48 0.63
C PRO A 3206 156.25 1.46 0.32
N ASN A 3207 155.53 1.25 -0.78
CA ASN A 3207 154.60 2.27 -1.27
C ASN A 3207 153.46 2.52 -0.29
N ILE A 3208 152.99 1.47 0.38
CA ILE A 3208 151.88 1.61 1.31
C ILE A 3208 152.32 2.42 2.53
N PRO A 3209 151.61 3.49 2.88
CA PRO A 3209 151.95 4.26 4.08
C PRO A 3209 151.50 3.56 5.34
N SER A 3210 152.00 4.05 6.47
CA SER A 3210 151.63 3.51 7.77
C SER A 3210 150.22 3.94 8.15
N LEU A 3211 149.67 3.26 9.17
CA LEU A 3211 148.33 3.60 9.65
C LEU A 3211 148.27 5.03 10.18
N GLU A 3212 149.26 5.43 10.99
CA GLU A 3212 149.27 6.79 11.51
C GLU A 3212 149.32 7.81 10.39
N LYS A 3213 150.26 7.63 9.46
CA LYS A 3213 150.33 8.51 8.30
C LYS A 3213 148.97 8.61 7.62
N LEU A 3214 148.43 7.46 7.19
CA LEU A 3214 147.15 7.50 6.51
C LEU A 3214 146.07 8.15 7.35
N MET A 3215 146.22 8.15 8.67
CA MET A 3215 145.30 8.95 9.49
C MET A 3215 145.50 10.44 9.26
N GLU A 3216 146.73 10.94 9.20
CA GLU A 3216 146.87 12.37 8.92
C GLU A 3216 146.41 12.74 7.51
N GLU A 3217 146.70 11.90 6.50
CA GLU A 3217 146.10 12.20 5.20
C GLU A 3217 144.58 12.11 5.23
N ILE A 3218 144.04 11.16 5.99
CA ILE A 3218 142.58 11.07 6.03
C ILE A 3218 141.98 12.33 6.64
N VAL A 3219 142.54 12.79 7.76
CA VAL A 3219 141.97 13.98 8.39
C VAL A 3219 142.18 15.22 7.54
N GLU A 3220 143.34 15.36 6.87
CA GLU A 3220 143.52 16.55 6.06
C GLU A 3220 142.60 16.54 4.85
N LEU A 3221 142.37 15.36 4.26
CA LEU A 3221 141.32 15.26 3.25
C LEU A 3221 139.98 15.64 3.82
N ALA A 3222 139.75 15.33 5.10
CA ALA A 3222 138.49 15.68 5.73
C ALA A 3222 138.31 17.19 5.82
N GLU A 3223 139.34 17.92 6.26
CA GLU A 3223 139.18 19.37 6.28
C GLU A 3223 139.13 19.95 4.88
N SER A 3224 139.82 19.30 3.92
CA SER A 3224 139.79 19.77 2.55
C SER A 3224 138.39 19.69 1.96
N GLY A 3225 137.73 18.54 2.11
CA GLY A 3225 136.37 18.37 1.63
C GLY A 3225 136.19 18.60 0.15
N ILE A 3226 137.13 18.09 -0.66
CA ILE A 3226 137.13 18.33 -2.09
C ILE A 3226 136.07 17.48 -2.78
N ARG A 3227 135.74 17.84 -4.02
CA ARG A 3227 134.79 17.10 -4.83
C ARG A 3227 135.41 15.75 -5.20
N TYR A 3228 134.55 14.80 -5.58
CA TYR A 3228 135.00 13.41 -5.71
C TYR A 3228 136.08 13.25 -6.79
N THR A 3229 135.99 13.99 -7.89
CA THR A 3229 136.94 13.80 -8.97
C THR A 3229 138.33 14.33 -8.64
N GLN A 3230 138.48 15.08 -7.55
CA GLN A 3230 139.78 15.64 -7.21
C GLN A 3230 140.76 14.58 -6.69
N MET A 3231 140.28 13.61 -5.90
CA MET A 3231 141.13 12.55 -5.37
C MET A 3231 140.25 11.36 -5.01
N PRO A 3232 139.70 10.69 -6.03
CA PRO A 3232 138.81 9.55 -5.76
C PRO A 3232 139.54 8.38 -5.12
N HIS A 3233 140.85 8.30 -5.38
CA HIS A 3233 141.63 7.13 -4.97
C HIS A 3233 141.46 6.86 -3.47
N VAL A 3234 141.79 7.85 -2.65
CA VAL A 3234 141.72 7.67 -1.21
C VAL A 3234 140.31 7.29 -0.77
N MET A 3235 139.34 8.15 -1.05
CA MET A 3235 138.05 8.00 -0.39
C MET A 3235 137.18 6.95 -1.05
N GLU A 3236 137.66 6.31 -2.11
CA GLU A 3236 136.95 5.13 -2.59
C GLU A 3236 137.66 3.82 -2.26
N VAL A 3237 138.98 3.82 -2.09
CA VAL A 3237 139.66 2.55 -1.77
C VAL A 3237 140.23 2.56 -0.35
N ILE A 3238 141.01 3.59 -0.02
CA ILE A 3238 141.74 3.63 1.23
C ILE A 3238 140.80 3.75 2.42
N LEU A 3239 139.71 4.50 2.28
CA LEU A 3239 138.74 4.56 3.39
C LEU A 3239 138.11 3.21 3.68
N PRO A 3240 137.57 2.47 2.70
CA PRO A 3240 137.21 1.07 2.99
C PRO A 3240 138.41 0.28 3.47
N MET A 3241 139.61 0.63 3.02
CA MET A 3241 140.80 -0.10 3.42
C MET A 3241 140.96 0.00 4.93
N LEU A 3242 140.96 1.24 5.44
CA LEU A 3242 141.16 1.48 6.85
C LEU A 3242 139.98 0.96 7.68
N CYS A 3243 138.75 1.10 7.15
CA CYS A 3243 137.60 0.56 7.84
C CYS A 3243 137.75 -0.94 8.05
N SER A 3244 138.08 -1.67 6.99
CA SER A 3244 138.28 -3.11 7.08
C SER A 3244 139.42 -3.45 8.03
N TYR A 3245 140.54 -2.72 7.92
CA TYR A 3245 141.69 -3.04 8.75
C TYR A 3245 141.38 -2.85 10.23
N MET A 3246 140.74 -1.73 10.60
CA MET A 3246 140.43 -1.53 12.00
C MET A 3246 139.37 -2.51 12.47
N SER A 3247 138.39 -2.82 11.62
CA SER A 3247 137.41 -3.84 11.99
C SER A 3247 138.07 -5.19 12.20
N ARG A 3248 139.17 -5.46 11.51
CA ARG A 3248 139.86 -6.74 11.63
C ARG A 3248 140.76 -6.78 12.86
N TRP A 3249 141.43 -5.67 13.16
CA TRP A 3249 142.41 -5.66 14.24
C TRP A 3249 141.88 -5.06 15.54
N TRP A 3250 140.60 -4.70 15.61
CA TRP A 3250 140.07 -4.18 16.86
C TRP A 3250 140.17 -5.19 17.99
N GLU A 3251 139.72 -6.42 17.77
CA GLU A 3251 139.75 -7.41 18.84
C GLU A 3251 141.18 -7.76 19.22
N HIS A 3252 142.13 -7.60 18.30
CA HIS A 3252 143.54 -7.75 18.65
C HIS A 3252 144.13 -6.51 19.30
N GLY A 3253 143.42 -5.38 19.27
CA GLY A 3253 143.87 -4.20 19.96
C GLY A 3253 143.98 -4.42 21.46
N PRO A 3254 144.95 -3.76 22.10
CA PRO A 3254 145.14 -3.97 23.54
C PRO A 3254 143.94 -3.60 24.39
N GLU A 3255 143.14 -2.62 23.94
CA GLU A 3255 141.97 -2.24 24.71
C GLU A 3255 140.93 -3.35 24.72
N ASN A 3256 140.93 -4.20 23.70
CA ASN A 3256 140.01 -5.33 23.67
C ASN A 3256 140.42 -6.42 24.65
N ASN A 3257 141.72 -6.60 24.85
CA ASN A 3257 142.25 -7.58 25.80
C ASN A 3257 143.16 -6.85 26.77
N PRO A 3258 142.60 -6.19 27.79
CA PRO A 3258 143.43 -5.40 28.71
C PRO A 3258 144.51 -6.22 29.41
N GLU A 3259 144.22 -7.48 29.74
CA GLU A 3259 145.26 -8.34 30.27
C GLU A 3259 146.11 -8.84 29.10
N ARG A 3260 147.43 -8.84 29.31
CA ARG A 3260 148.45 -9.03 28.27
C ARG A 3260 148.54 -7.83 27.34
N ALA A 3261 148.18 -6.65 27.84
CA ALA A 3261 148.24 -5.45 27.02
C ALA A 3261 149.68 -5.08 26.70
N GLU A 3262 149.83 -4.34 25.58
CA GLU A 3262 151.10 -3.77 25.11
C GLU A 3262 151.98 -4.87 24.55
N MET A 3263 151.57 -6.14 24.73
CA MET A 3263 152.18 -7.23 23.97
C MET A 3263 151.42 -7.54 22.69
N CYS A 3264 150.36 -6.81 22.40
CA CYS A 3264 149.55 -7.08 21.22
C CYS A 3264 150.30 -6.66 19.96
N CYS A 3265 149.84 -7.19 18.82
CA CYS A 3265 150.50 -6.91 17.55
C CYS A 3265 150.41 -5.42 17.21
N THR A 3266 149.25 -4.82 17.41
CA THR A 3266 149.00 -3.46 16.98
C THR A 3266 148.00 -2.80 17.91
N ALA A 3267 148.13 -1.48 18.05
CA ALA A 3267 147.32 -0.74 19.02
C ALA A 3267 146.08 -0.15 18.35
N LEU A 3268 144.91 -0.57 18.82
CA LEU A 3268 143.63 -0.07 18.34
C LEU A 3268 142.93 0.67 19.46
N ASN A 3269 142.48 1.89 19.18
CA ASN A 3269 141.84 2.73 20.19
C ASN A 3269 140.47 3.19 19.72
N SER A 3270 139.53 3.21 20.67
CA SER A 3270 138.21 3.72 20.41
C SER A 3270 138.27 5.13 19.87
N GLU A 3271 139.24 5.91 20.35
CA GLU A 3271 139.43 7.26 19.85
C GLU A 3271 139.75 7.24 18.37
N HIS A 3272 140.58 6.28 17.94
CA HIS A 3272 140.87 6.17 16.52
C HIS A 3272 139.64 5.78 15.71
N MET A 3273 138.81 4.86 16.20
CA MET A 3273 137.63 4.55 15.39
C MET A 3273 136.69 5.74 15.31
N ASN A 3274 136.52 6.47 16.42
CA ASN A 3274 135.65 7.63 16.38
C ASN A 3274 136.20 8.70 15.44
N THR A 3275 137.51 8.91 15.46
CA THR A 3275 138.11 9.86 14.53
C THR A 3275 137.85 9.44 13.09
N LEU A 3276 138.03 8.15 12.80
CA LEU A 3276 137.84 7.69 11.43
C LEU A 3276 136.40 7.90 11.00
N LEU A 3277 135.44 7.43 11.80
CA LEU A 3277 134.03 7.55 11.44
C LEU A 3277 133.62 9.01 11.34
N GLY A 3278 134.23 9.87 12.15
CA GLY A 3278 134.00 11.29 12.02
C GLY A 3278 134.45 11.78 10.66
N ASN A 3279 135.61 11.28 10.22
CA ASN A 3279 136.08 11.64 8.89
C ASN A 3279 135.08 11.21 7.83
N ILE A 3280 134.63 9.95 7.88
CA ILE A 3280 133.60 9.54 6.91
C ILE A 3280 132.41 10.48 6.97
N LEU A 3281 131.72 10.52 8.10
CA LEU A 3281 130.49 11.29 8.18
C LEU A 3281 130.66 12.73 7.72
N LYS A 3282 131.80 13.37 8.03
CA LYS A 3282 131.87 14.79 7.71
C LYS A 3282 132.30 15.02 6.26
N ILE A 3283 133.09 14.11 5.67
CA ILE A 3283 133.34 14.24 4.24
C ILE A 3283 132.08 13.91 3.46
N ILE A 3284 131.26 12.98 3.98
CA ILE A 3284 129.96 12.74 3.39
C ILE A 3284 129.10 13.99 3.45
N TYR A 3285 129.15 14.73 4.57
CA TYR A 3285 128.40 15.98 4.63
C TYR A 3285 128.92 16.98 3.60
N ASN A 3286 130.24 17.08 3.45
CA ASN A 3286 130.78 18.02 2.48
C ASN A 3286 130.38 17.65 1.05
N ASN A 3287 130.44 16.37 0.70
CA ASN A 3287 130.23 15.98 -0.69
C ASN A 3287 128.78 15.63 -1.01
N LEU A 3288 127.89 15.56 -0.03
CA LEU A 3288 126.52 15.14 -0.33
C LEU A 3288 125.80 16.15 -1.20
N GLY A 3289 126.02 17.45 -0.97
CA GLY A 3289 125.38 18.46 -1.79
C GLY A 3289 125.92 18.46 -3.20
N ILE A 3290 127.14 17.96 -3.37
CA ILE A 3290 127.80 17.96 -4.67
C ILE A 3290 127.43 16.68 -5.41
N ASP A 3291 126.27 16.70 -6.07
CA ASP A 3291 125.83 15.77 -7.11
C ASP A 3291 125.67 14.33 -6.64
N GLU A 3292 126.05 14.04 -5.39
CA GLU A 3292 125.91 12.71 -4.81
C GLU A 3292 126.55 11.63 -5.68
N GLY A 3293 126.25 10.36 -5.39
CA GLY A 3293 126.67 9.27 -6.23
C GLY A 3293 126.68 7.95 -5.49
N ALA A 3294 127.00 6.89 -6.23
CA ALA A 3294 126.86 5.54 -5.70
C ALA A 3294 128.02 5.14 -4.80
N TRP A 3295 129.15 5.86 -4.85
CA TRP A 3295 130.27 5.44 -4.02
C TRP A 3295 129.90 5.50 -2.56
N MET A 3296 129.01 6.41 -2.19
CA MET A 3296 128.58 6.50 -0.81
C MET A 3296 127.60 5.41 -0.42
N LYS A 3297 126.77 4.93 -1.35
CA LYS A 3297 126.07 3.67 -1.14
C LYS A 3297 127.05 2.54 -0.86
N ARG A 3298 128.17 2.49 -1.58
CA ARG A 3298 129.16 1.47 -1.25
C ARG A 3298 129.77 1.73 0.14
N LEU A 3299 130.21 2.96 0.39
CA LEU A 3299 130.91 3.27 1.62
C LEU A 3299 130.05 3.02 2.84
N ALA A 3300 128.73 3.16 2.71
CA ALA A 3300 127.85 2.87 3.83
C ALA A 3300 127.96 1.41 4.24
N VAL A 3301 127.96 0.50 3.28
CA VAL A 3301 128.02 -0.91 3.66
C VAL A 3301 129.45 -1.33 4.01
N PHE A 3302 130.46 -0.64 3.49
CA PHE A 3302 131.81 -0.90 4.00
C PHE A 3302 131.97 -0.43 5.44
N SER A 3303 131.33 0.69 5.79
CA SER A 3303 131.47 1.27 7.13
C SER A 3303 130.41 0.77 8.10
N GLN A 3304 129.50 -0.11 7.66
CA GLN A 3304 128.58 -0.76 8.60
C GLN A 3304 129.28 -1.44 9.77
N PRO A 3305 130.33 -2.24 9.59
CA PRO A 3305 130.95 -2.90 10.75
C PRO A 3305 131.45 -1.94 11.82
N ILE A 3306 132.08 -0.83 11.45
CA ILE A 3306 132.56 0.10 12.46
C ILE A 3306 131.41 0.82 13.16
N ILE A 3307 130.35 1.18 12.44
CA ILE A 3307 129.19 1.77 13.09
C ILE A 3307 128.40 0.74 13.90
N ASN A 3308 128.72 -0.54 13.75
CA ASN A 3308 128.22 -1.53 14.70
C ASN A 3308 129.10 -1.61 15.94
N LYS A 3309 130.43 -1.66 15.77
CA LYS A 3309 131.30 -1.73 16.94
C LYS A 3309 131.23 -0.47 17.79
N VAL A 3310 130.87 0.66 17.20
CA VAL A 3310 130.80 1.90 17.99
C VAL A 3310 129.63 1.80 18.97
N LYS A 3311 129.83 2.39 20.17
CA LYS A 3311 128.95 2.41 21.33
C LYS A 3311 127.71 3.27 21.06
N PRO A 3312 126.59 3.01 21.73
CA PRO A 3312 125.38 3.80 21.45
C PRO A 3312 125.37 5.18 22.07
N GLN A 3313 125.98 5.36 23.24
CA GLN A 3313 126.20 6.71 23.75
C GLN A 3313 127.05 7.51 22.77
N LEU A 3314 127.91 6.82 22.01
CA LEU A 3314 128.62 7.48 20.93
C LEU A 3314 127.73 7.65 19.70
N LEU A 3315 126.68 6.81 19.60
CA LEU A 3315 125.73 6.99 18.50
C LEU A 3315 124.93 8.27 18.65
N LYS A 3316 124.46 8.59 19.86
CA LYS A 3316 123.90 9.91 20.06
C LYS A 3316 124.98 10.98 19.89
N THR A 3317 124.53 12.16 19.46
CA THR A 3317 125.35 13.32 19.15
C THR A 3317 126.26 13.09 17.96
N HIS A 3318 126.17 11.91 17.34
CA HIS A 3318 126.96 11.62 16.15
C HIS A 3318 126.09 11.25 14.96
N PHE A 3319 125.15 10.30 15.12
CA PHE A 3319 124.27 9.98 14.00
C PHE A 3319 123.10 10.96 13.91
N LEU A 3320 122.74 11.59 15.03
CA LEU A 3320 121.76 12.68 14.94
C LEU A 3320 122.24 13.79 14.02
N PRO A 3321 123.51 14.23 14.09
CA PRO A 3321 124.03 15.08 13.01
C PRO A 3321 123.93 14.40 11.65
N LEU A 3322 124.19 13.11 11.57
CA LEU A 3322 124.04 12.41 10.29
C LEU A 3322 122.59 12.43 9.84
N MET A 3323 121.66 12.28 10.79
CA MET A 3323 120.24 12.40 10.47
C MET A 3323 119.88 13.76 9.91
N GLU A 3324 120.35 14.85 10.54
CA GLU A 3324 119.98 16.18 10.05
C GLU A 3324 120.64 16.47 8.71
N LYS A 3325 121.86 15.96 8.50
CA LYS A 3325 122.51 16.15 7.21
C LYS A 3325 121.81 15.31 6.14
N LEU A 3326 121.15 14.22 6.54
CA LEU A 3326 120.23 13.56 5.62
C LEU A 3326 119.06 14.46 5.27
N LYS A 3327 118.40 15.02 6.29
CA LYS A 3327 117.18 15.79 6.03
C LYS A 3327 117.46 17.16 5.42
N LYS A 3328 118.71 17.61 5.31
CA LYS A 3328 118.95 18.91 4.68
C LYS A 3328 118.51 18.88 3.21
N LYS A 3329 118.76 17.76 2.53
CA LYS A 3329 118.33 17.61 1.14
C LYS A 3329 116.87 17.18 1.12
N ALA A 3330 116.05 17.89 0.32
CA ALA A 3330 114.62 17.58 0.28
C ALA A 3330 114.38 16.17 -0.22
N ALA A 3331 115.03 15.78 -1.30
CA ALA A 3331 114.97 14.42 -1.81
C ALA A 3331 116.39 13.89 -1.92
N THR A 3332 116.67 12.78 -1.23
CA THR A 3332 118.03 12.27 -1.09
C THR A 3332 118.09 10.87 -1.69
N VAL A 3333 118.83 10.73 -2.79
CA VAL A 3333 119.06 9.40 -3.37
C VAL A 3333 119.99 8.59 -2.48
N VAL A 3334 121.04 9.23 -1.96
CA VAL A 3334 122.03 8.52 -1.16
C VAL A 3334 121.63 8.56 0.30
N SER A 3335 120.90 7.54 0.74
CA SER A 3335 120.42 7.45 2.12
C SER A 3335 121.53 6.92 3.01
N GLU A 3336 122.33 7.83 3.57
CA GLU A 3336 123.31 7.43 4.57
C GLU A 3336 122.61 6.99 5.84
N GLU A 3337 123.00 5.85 6.38
CA GLU A 3337 122.34 5.34 7.58
C GLU A 3337 123.09 5.78 8.82
N VAL A 3599 102.04 -2.25 -23.79
CA VAL A 3599 101.03 -1.29 -24.20
C VAL A 3599 101.16 -1.03 -25.70
N VAL A 3600 102.34 -1.30 -26.24
CA VAL A 3600 102.58 -1.13 -27.67
C VAL A 3600 101.71 -2.11 -28.46
N ALA A 3601 101.63 -3.36 -28.00
CA ALA A 3601 100.77 -4.35 -28.66
C ALA A 3601 99.31 -3.93 -28.60
N CYS A 3602 98.86 -3.40 -27.46
CA CYS A 3602 97.49 -2.93 -27.34
C CYS A 3602 97.22 -1.78 -28.30
N PHE A 3603 98.16 -0.85 -28.41
CA PHE A 3603 97.99 0.26 -29.35
C PHE A 3603 98.03 -0.23 -30.80
N ARG A 3604 98.71 -1.33 -31.06
CA ARG A 3604 98.79 -1.90 -32.40
C ARG A 3604 97.48 -2.61 -32.73
N MET A 3605 96.76 -2.11 -33.72
CA MET A 3605 95.48 -2.64 -34.18
C MET A 3605 95.44 -2.67 -35.70
N ALA A 3606 94.23 -2.78 -36.27
CA ALA A 3606 94.05 -2.81 -37.71
C ALA A 3606 93.56 -1.47 -38.23
N PRO A 3607 94.46 -0.60 -38.68
CA PRO A 3607 94.03 0.70 -39.22
C PRO A 3607 93.65 0.58 -40.68
N LEU A 3608 93.18 1.69 -41.24
CA LEU A 3608 92.81 1.69 -42.65
C LEU A 3608 94.03 1.64 -43.57
N TYR A 3609 95.16 2.19 -43.13
CA TYR A 3609 96.30 2.27 -44.03
C TYR A 3609 96.89 0.90 -44.33
N ASN A 3610 96.66 -0.07 -43.45
CA ASN A 3610 97.15 -1.42 -43.70
C ASN A 3610 96.21 -2.20 -44.61
N LEU A 3611 94.94 -1.81 -44.66
CA LEU A 3611 93.95 -2.58 -45.40
C LEU A 3611 94.20 -2.47 -46.91
N PRO A 3612 93.82 -3.49 -47.67
CA PRO A 3612 93.86 -3.38 -49.14
C PRO A 3612 92.92 -2.27 -49.61
N ARG A 3613 93.27 -1.69 -50.75
CA ARG A 3613 92.59 -0.47 -51.18
C ARG A 3613 91.12 -0.73 -51.49
N HIS A 3614 90.80 -1.88 -52.10
CA HIS A 3614 89.41 -2.14 -52.49
C HIS A 3614 88.51 -2.30 -51.27
N ARG A 3615 89.00 -2.93 -50.21
CA ARG A 3615 88.23 -3.04 -48.98
C ARG A 3615 87.92 -1.66 -48.41
N ALA A 3616 88.93 -0.79 -48.38
CA ALA A 3616 88.73 0.56 -47.86
C ALA A 3616 87.80 1.35 -48.78
N VAL A 3617 87.81 1.04 -50.08
CA VAL A 3617 86.91 1.72 -51.00
C VAL A 3617 85.46 1.32 -50.73
N ASN A 3618 85.24 0.03 -50.46
CA ASN A 3618 83.89 -0.40 -50.09
C ASN A 3618 83.44 0.25 -48.78
N LEU A 3619 84.35 0.30 -47.80
CA LEU A 3619 84.03 0.97 -46.55
C LEU A 3619 83.70 2.43 -46.78
N PHE A 3620 84.45 3.10 -47.66
CA PHE A 3620 84.17 4.49 -47.98
C PHE A 3620 82.82 4.65 -48.65
N LEU A 3621 82.48 3.73 -49.55
CA LEU A 3621 81.18 3.79 -50.20
C LEU A 3621 80.07 3.75 -49.17
N GLN A 3622 80.12 2.79 -48.24
CA GLN A 3622 79.08 2.69 -47.23
C GLN A 3622 79.06 3.93 -46.33
N GLY A 3623 80.23 4.37 -45.87
CA GLY A 3623 80.28 5.51 -44.98
C GLY A 3623 79.82 6.79 -45.63
N TYR A 3624 80.28 7.03 -46.87
CA TYR A 3624 79.81 8.18 -47.64
C TYR A 3624 78.31 8.14 -47.80
N GLU A 3625 77.77 6.99 -48.19
CA GLU A 3625 76.31 6.86 -48.30
C GLU A 3625 75.64 7.33 -47.03
N LYS A 3626 75.92 6.66 -45.90
CA LYS A 3626 75.17 6.95 -44.67
C LYS A 3626 75.40 8.37 -44.20
N SER A 3627 76.63 8.88 -44.30
CA SER A 3627 76.95 10.16 -43.69
C SER A 3627 76.48 11.33 -44.54
N TRP A 3628 76.51 11.21 -45.87
CA TRP A 3628 76.24 12.34 -46.75
C TRP A 3628 74.93 12.17 -47.51
N ILE A 3629 74.73 11.05 -48.22
CA ILE A 3629 73.58 10.94 -49.10
C ILE A 3629 72.30 10.83 -48.29
N GLU A 3630 72.35 10.06 -47.21
CA GLU A 3630 71.18 9.94 -46.34
C GLU A 3630 70.85 11.27 -45.68
N THR A 3631 71.86 12.00 -45.22
CA THR A 3631 71.64 13.25 -44.50
C THR A 3631 71.32 14.42 -45.40
N GLU A 3632 71.56 14.31 -46.70
CA GLU A 3632 71.23 15.39 -47.62
C GLU A 3632 69.73 15.58 -47.69
N GLU A 3633 69.28 16.83 -47.54
CA GLU A 3633 67.86 17.14 -47.51
C GLU A 3633 67.55 18.28 -48.45
N HIS A 3634 66.54 18.08 -49.29
CA HIS A 3634 66.00 19.12 -50.15
C HIS A 3634 64.48 19.07 -50.09
N TYR A 3635 63.85 20.23 -50.03
CA TYR A 3635 62.42 20.35 -49.82
C TYR A 3635 61.73 20.63 -51.16
N PHE A 3636 60.82 19.74 -51.54
CA PHE A 3636 60.12 19.86 -52.81
C PHE A 3636 58.65 19.53 -52.72
N GLU A 3637 58.15 19.12 -51.55
CA GLU A 3637 56.80 18.56 -51.48
C GLU A 3637 55.74 19.60 -51.79
N ASP A 3638 55.88 20.82 -51.25
CA ASP A 3638 54.88 21.85 -51.51
C ASP A 3638 54.82 22.21 -52.98
N LYS A 3639 55.99 22.38 -53.60
CA LYS A 3639 56.03 22.71 -55.02
C LYS A 3639 55.44 21.58 -55.86
N LEU A 3640 55.78 20.33 -55.53
CA LEU A 3640 55.27 19.21 -56.30
C LEU A 3640 53.76 19.11 -56.18
N ILE A 3641 53.21 19.30 -54.97
CA ILE A 3641 51.77 19.20 -54.80
C ILE A 3641 51.06 20.35 -55.50
N GLU A 3642 51.65 21.54 -55.45
CA GLU A 3642 51.06 22.67 -56.15
C GLU A 3642 51.03 22.43 -57.65
N ASP A 3643 52.11 21.85 -58.20
CA ASP A 3643 52.11 21.51 -59.62
C ASP A 3643 51.08 20.44 -59.94
N LEU A 3644 50.96 19.42 -59.09
CA LEU A 3644 50.02 18.34 -59.34
C LEU A 3644 48.57 18.76 -59.22
N ALA A 3645 48.27 19.76 -58.39
CA ALA A 3645 46.90 20.20 -58.18
C ALA A 3645 46.41 21.19 -59.23
N LYS A 3646 47.29 21.65 -60.11
CA LYS A 3646 46.89 22.65 -61.10
C LYS A 3646 46.02 22.02 -62.17
N PRO A 3647 44.87 22.60 -62.50
CA PRO A 3647 44.16 22.18 -63.71
C PRO A 3647 44.95 22.60 -64.93
N GLY A 3648 45.53 21.63 -65.62
CA GLY A 3648 46.52 21.92 -66.63
C GLY A 3648 45.95 22.42 -67.95
N ALA A 3649 45.52 23.69 -67.96
CA ALA A 3649 44.94 24.29 -69.17
C ALA A 3649 43.77 23.47 -69.69
N GLU A 3650 42.83 23.14 -68.81
CA GLU A 3650 41.71 22.29 -69.20
C GLU A 3650 40.84 22.92 -70.28
N PRO A 3651 40.41 24.18 -70.18
CA PRO A 3651 39.63 24.77 -71.28
C PRO A 3651 40.44 24.85 -72.58
N PRO A 3652 41.74 25.20 -72.54
CA PRO A 3652 42.53 25.07 -73.77
C PRO A 3652 42.53 23.67 -74.34
N GLU A 3653 42.58 22.65 -73.49
CA GLU A 3653 42.43 21.28 -73.96
C GLU A 3653 40.99 21.03 -74.38
N GLU A 3654 40.80 20.07 -75.28
CA GLU A 3654 39.47 19.76 -75.81
C GLU A 3654 38.76 18.82 -74.84
N ASP A 3655 38.37 19.39 -73.68
CA ASP A 3655 37.63 18.61 -72.70
C ASP A 3655 36.25 18.24 -73.23
N GLU A 3656 35.50 19.22 -73.74
CA GLU A 3656 34.20 18.99 -74.36
C GLU A 3656 33.26 18.23 -73.43
N GLY A 3657 33.27 18.60 -72.16
CA GLY A 3657 32.42 17.95 -71.18
C GLY A 3657 32.82 18.32 -69.77
N THR A 3658 32.60 17.38 -68.86
CA THR A 3658 32.91 17.62 -67.45
C THR A 3658 34.40 17.85 -67.24
N LYS A 3659 34.73 18.71 -66.29
CA LYS A 3659 36.11 19.05 -65.99
C LYS A 3659 36.90 17.82 -65.60
N ARG A 3660 37.97 17.55 -66.35
CA ARG A 3660 38.80 16.39 -66.08
C ARG A 3660 39.54 16.55 -64.76
N VAL A 3661 39.59 15.46 -63.99
CA VAL A 3661 40.22 15.52 -62.68
C VAL A 3661 41.71 15.76 -62.83
N ASP A 3662 42.26 16.53 -61.89
CA ASP A 3662 43.66 16.89 -61.92
C ASP A 3662 44.54 15.69 -61.56
N PRO A 3663 45.84 15.77 -61.87
CA PRO A 3663 46.72 14.62 -61.57
C PRO A 3663 46.73 14.22 -60.11
N LEU A 3664 46.66 15.17 -59.18
CA LEU A 3664 46.59 14.81 -57.76
C LEU A 3664 45.31 14.04 -57.47
N HIS A 3665 44.19 14.47 -58.07
CA HIS A 3665 42.95 13.75 -57.91
C HIS A 3665 43.07 12.33 -58.45
N GLN A 3666 43.70 12.16 -59.60
CA GLN A 3666 43.89 10.83 -60.16
C GLN A 3666 44.76 9.95 -59.28
N LEU A 3667 45.83 10.51 -58.70
CA LEU A 3667 46.68 9.74 -57.81
C LEU A 3667 45.92 9.28 -56.56
N ILE A 3668 45.18 10.19 -55.94
CA ILE A 3668 44.39 9.82 -54.77
C ILE A 3668 43.32 8.81 -55.13
N LEU A 3669 42.69 8.93 -56.30
CA LEU A 3669 41.72 7.96 -56.76
C LEU A 3669 42.33 6.58 -56.97
N LEU A 3670 43.53 6.52 -57.55
CA LEU A 3670 44.22 5.25 -57.68
C LEU A 3670 44.49 4.62 -56.32
N PHE A 3671 44.99 5.42 -55.38
CA PHE A 3671 45.27 4.88 -54.05
C PHE A 3671 44.01 4.43 -53.34
N SER A 3672 42.90 5.12 -53.55
CA SER A 3672 41.63 4.71 -52.94
C SER A 3672 41.10 3.42 -53.57
N ARG A 3673 41.19 3.30 -54.90
CA ARG A 3673 40.73 2.09 -55.56
C ARG A 3673 41.56 0.88 -55.12
N THR A 3674 42.88 1.07 -54.98
CA THR A 3674 43.72 -0.03 -54.52
C THR A 3674 43.30 -0.49 -53.14
N ALA A 3675 43.00 0.45 -52.24
CA ALA A 3675 42.54 0.09 -50.90
C ALA A 3675 41.19 -0.60 -50.94
N LEU A 3676 40.29 -0.15 -51.81
CA LEU A 3676 38.96 -0.74 -51.89
C LEU A 3676 38.95 -2.09 -52.62
N THR A 3677 40.03 -2.44 -53.31
CA THR A 3677 40.11 -3.70 -54.03
C THR A 3677 40.22 -4.84 -53.02
N GLU A 3678 39.57 -5.97 -53.34
CA GLU A 3678 39.59 -7.13 -52.46
C GLU A 3678 41.00 -7.70 -52.34
N LYS A 3679 41.49 -7.77 -51.11
CA LYS A 3679 42.76 -8.42 -50.83
C LYS A 3679 42.67 -9.09 -49.47
N CYS A 3680 43.42 -10.18 -49.31
CA CYS A 3680 43.51 -10.81 -48.00
C CYS A 3680 44.41 -10.02 -47.05
N LYS A 3681 45.34 -9.25 -47.58
CA LYS A 3681 46.27 -8.48 -46.78
C LYS A 3681 46.59 -7.18 -47.50
N LEU A 3682 46.89 -6.14 -46.71
CA LEU A 3682 47.29 -4.85 -47.26
C LEU A 3682 48.76 -4.95 -47.67
N GLU A 3683 49.02 -5.13 -48.96
CA GLU A 3683 50.37 -5.28 -49.46
C GLU A 3683 51.13 -3.96 -49.39
N GLU A 3684 52.41 -4.04 -49.07
CA GLU A 3684 53.24 -2.84 -49.02
C GLU A 3684 53.40 -2.25 -50.41
N ASP A 3685 53.10 -0.96 -50.54
CA ASP A 3685 53.20 -0.25 -51.81
C ASP A 3685 54.18 0.91 -51.64
N PHE A 3686 55.31 0.83 -52.34
CA PHE A 3686 56.31 1.88 -52.24
C PHE A 3686 55.77 3.21 -52.75
N LEU A 3687 54.99 3.18 -53.82
CA LEU A 3687 54.41 4.40 -54.36
C LEU A 3687 53.53 5.09 -53.32
N TYR A 3688 52.66 4.33 -52.67
CA TYR A 3688 51.81 4.90 -51.63
C TYR A 3688 52.63 5.40 -50.45
N MET A 3689 53.59 4.60 -49.99
CA MET A 3689 54.40 5.00 -48.84
C MET A 3689 55.26 6.22 -49.11
N ALA A 3690 55.55 6.53 -50.37
CA ALA A 3690 56.26 7.75 -50.71
C ALA A 3690 55.34 8.94 -50.91
N TYR A 3691 54.26 8.77 -51.66
CA TYR A 3691 53.39 9.90 -51.95
C TYR A 3691 52.57 10.32 -50.74
N ALA A 3692 52.24 9.40 -49.84
CA ALA A 3692 51.56 9.78 -48.60
C ALA A 3692 52.46 10.68 -47.76
N ASP A 3693 53.75 10.34 -47.68
CA ASP A 3693 54.69 11.20 -46.98
C ASP A 3693 54.81 12.56 -47.66
N ILE A 3694 54.84 12.57 -48.99
CA ILE A 3694 54.91 13.83 -49.72
C ILE A 3694 53.69 14.70 -49.40
N MET A 3695 52.50 14.11 -49.43
CA MET A 3695 51.29 14.88 -49.14
C MET A 3695 51.26 15.37 -47.70
N ALA A 3696 51.70 14.54 -46.75
CA ALA A 3696 51.72 14.97 -45.36
C ALA A 3696 52.68 16.13 -45.15
N LYS A 3697 53.86 16.07 -45.78
CA LYS A 3697 54.81 17.18 -45.67
C LYS A 3697 54.26 18.43 -46.31
N SER A 3698 53.58 18.29 -47.45
CA SER A 3698 52.93 19.44 -48.06
C SER A 3698 51.89 20.05 -47.14
N CYS A 3699 51.12 19.20 -46.45
CA CYS A 3699 50.11 19.73 -45.54
C CYS A 3699 50.72 20.51 -44.40
N HIS A 3700 51.68 19.93 -43.67
CA HIS A 3700 52.13 20.63 -42.48
C HIS A 3700 53.02 21.82 -42.85
N ASP A 3701 54.01 21.60 -43.72
CA ASP A 3701 54.91 22.66 -44.18
C ASP A 3701 55.50 23.40 -42.98
N GLU A 3702 55.94 22.65 -41.99
CA GLU A 3702 56.40 23.22 -40.74
C GLU A 3702 57.91 23.03 -40.56
N GLU A 3710 60.32 34.58 -29.18
CA GLU A 3710 59.94 35.26 -30.41
C GLU A 3710 58.44 35.11 -30.66
N VAL A 3711 57.64 35.94 -29.97
CA VAL A 3711 56.20 35.86 -30.11
C VAL A 3711 55.78 36.38 -31.48
N LYS A 3712 54.88 35.65 -32.14
CA LYS A 3712 54.38 36.07 -33.44
C LYS A 3712 53.18 36.99 -33.26
N SER A 3713 52.99 37.86 -34.24
CA SER A 3713 51.84 38.76 -34.23
C SER A 3713 50.57 37.98 -34.48
N PHE A 3714 49.44 38.57 -34.08
CA PHE A 3714 48.14 37.95 -34.34
C PHE A 3714 47.90 37.77 -35.83
N GLU A 3715 48.28 38.76 -36.63
CA GLU A 3715 48.15 38.62 -38.08
C GLU A 3715 49.00 37.48 -38.60
N GLU A 3716 50.23 37.33 -38.07
CA GLU A 3716 51.08 36.23 -38.51
C GLU A 3716 50.46 34.88 -38.16
N LYS A 3717 49.93 34.74 -36.94
CA LYS A 3717 49.30 33.50 -36.55
C LYS A 3717 48.09 33.18 -37.42
N GLU A 3718 47.29 34.20 -37.71
CA GLU A 3718 46.12 33.99 -38.56
C GLU A 3718 46.52 33.61 -39.98
N MET A 3719 47.57 34.23 -40.52
CA MET A 3719 48.05 33.84 -41.85
C MET A 3719 48.51 32.39 -41.84
N GLU A 3720 49.22 31.97 -40.79
CA GLU A 3720 49.66 30.58 -40.72
C GLU A 3720 48.47 29.63 -40.67
N LYS A 3721 47.45 29.97 -39.86
CA LYS A 3721 46.26 29.12 -39.78
C LYS A 3721 45.56 29.03 -41.13
N GLN A 3722 45.40 30.16 -41.82
CA GLN A 3722 44.74 30.16 -43.11
C GLN A 3722 45.53 29.43 -44.17
N LYS A 3723 46.87 29.51 -44.14
CA LYS A 3723 47.67 28.76 -45.09
C LYS A 3723 47.57 27.26 -44.82
N LEU A 3724 47.55 26.87 -43.54
CA LEU A 3724 47.37 25.46 -43.22
C LEU A 3724 46.02 24.96 -43.70
N LEU A 3725 44.98 25.77 -43.54
CA LEU A 3725 43.67 25.36 -44.02
C LEU A 3725 43.67 25.15 -45.52
N TYR A 3726 44.30 26.06 -46.28
CA TYR A 3726 44.35 25.91 -47.72
C TYR A 3726 45.15 24.68 -48.13
N GLN A 3727 46.28 24.43 -47.46
CA GLN A 3727 47.08 23.27 -47.78
C GLN A 3727 46.34 21.97 -47.49
N GLN A 3728 45.57 21.92 -46.40
CA GLN A 3728 44.74 20.76 -46.12
C GLN A 3728 43.59 20.62 -47.11
N ALA A 3729 43.01 21.74 -47.55
CA ALA A 3729 41.95 21.73 -48.54
C ALA A 3729 42.40 21.19 -49.88
N ARG A 3730 43.64 21.50 -50.30
CA ARG A 3730 44.13 20.95 -51.56
C ARG A 3730 44.04 19.44 -51.59
N LEU A 3731 44.13 18.78 -50.44
CA LEU A 3731 44.04 17.34 -50.42
C LEU A 3731 42.63 16.86 -50.14
N HIS A 3732 41.99 17.35 -49.09
CA HIS A 3732 40.70 16.76 -48.70
C HIS A 3732 39.60 17.17 -49.67
N ASP A 3733 39.88 18.14 -50.54
CA ASP A 3733 38.94 18.44 -51.62
C ASP A 3733 39.04 17.39 -52.72
N ARG A 3734 40.14 16.65 -52.77
CA ARG A 3734 40.37 15.64 -53.79
C ARG A 3734 40.15 14.22 -53.28
N GLY A 3735 39.71 14.06 -52.05
CA GLY A 3735 39.36 12.76 -51.52
C GLY A 3735 40.39 12.07 -50.68
N ALA A 3736 41.28 12.80 -50.00
CA ALA A 3736 42.26 12.16 -49.14
C ALA A 3736 41.64 11.67 -47.84
N ALA A 3737 40.58 12.34 -47.38
CA ALA A 3737 39.93 11.92 -46.14
C ALA A 3737 39.34 10.52 -46.27
N GLU A 3738 38.72 10.23 -47.41
CA GLU A 3738 38.20 8.89 -47.63
C GLU A 3738 39.31 7.88 -47.79
N MET A 3739 40.40 8.25 -48.46
CA MET A 3739 41.49 7.33 -48.70
C MET A 3739 42.19 6.92 -47.41
N VAL A 3740 42.42 7.86 -46.50
CA VAL A 3740 43.07 7.52 -45.24
C VAL A 3740 42.21 6.63 -44.36
N LEU A 3741 40.89 6.66 -44.52
CA LEU A 3741 40.04 5.72 -43.82
C LEU A 3741 40.01 4.36 -44.51
N GLN A 3742 39.96 4.36 -45.84
CA GLN A 3742 39.92 3.11 -46.57
C GLN A 3742 41.18 2.30 -46.35
N THR A 3743 42.34 2.96 -46.34
CA THR A 3743 43.59 2.24 -46.11
C THR A 3743 43.63 1.64 -44.71
N ILE A 3744 43.20 2.39 -43.70
CA ILE A 3744 43.18 1.87 -42.35
C ILE A 3744 42.23 0.69 -42.24
N SER A 3745 41.05 0.79 -42.86
CA SER A 3745 40.12 -0.33 -42.85
C SER A 3745 40.69 -1.55 -43.54
N ALA A 3746 41.37 -1.37 -44.68
CA ALA A 3746 41.94 -2.50 -45.39
C ALA A 3746 43.13 -3.10 -44.65
N SER A 3747 43.75 -2.32 -43.76
CA SER A 3747 44.86 -2.84 -42.99
C SER A 3747 44.48 -4.06 -42.15
N LYS A 3748 43.23 -4.12 -41.69
CA LYS A 3748 42.73 -5.24 -40.89
C LYS A 3748 43.56 -5.45 -39.63
N GLY A 3749 43.95 -4.34 -39.01
CA GLY A 3749 44.63 -4.41 -37.73
C GLY A 3749 46.05 -4.91 -37.77
N GLU A 3750 46.73 -4.80 -38.91
CA GLU A 3750 48.12 -5.23 -39.03
C GLU A 3750 49.00 -3.99 -39.04
N THR A 3751 49.84 -3.85 -38.01
CA THR A 3751 50.76 -2.73 -37.97
C THR A 3751 51.80 -2.86 -39.07
N GLY A 3752 52.09 -1.74 -39.72
CA GLY A 3752 53.06 -1.74 -40.79
C GLY A 3752 53.39 -0.35 -41.29
N PRO A 3753 54.37 -0.26 -42.18
CA PRO A 3753 54.72 1.05 -42.73
C PRO A 3753 53.58 1.72 -43.46
N MET A 3754 52.73 0.94 -44.14
CA MET A 3754 51.58 1.51 -44.83
C MET A 3754 50.64 2.17 -43.83
N VAL A 3755 50.37 1.50 -42.71
CA VAL A 3755 49.48 2.06 -41.71
C VAL A 3755 50.11 3.29 -41.08
N ALA A 3756 51.42 3.25 -40.82
CA ALA A 3756 52.09 4.42 -40.25
C ALA A 3756 51.99 5.61 -41.17
N ALA A 3757 52.26 5.41 -42.46
CA ALA A 3757 52.16 6.48 -43.44
C ALA A 3757 50.73 7.01 -43.58
N THR A 3758 49.73 6.14 -43.53
CA THR A 3758 48.35 6.60 -43.54
C THR A 3758 48.00 7.42 -42.31
N LEU A 3759 48.45 6.99 -41.13
CA LEU A 3759 48.15 7.73 -39.91
C LEU A 3759 48.81 9.10 -39.93
N LYS A 3760 50.04 9.18 -40.40
CA LYS A 3760 50.70 10.49 -40.47
C LYS A 3760 49.96 11.43 -41.41
N LEU A 3761 49.50 10.93 -42.56
CA LEU A 3761 48.74 11.77 -43.47
C LEU A 3761 47.42 12.20 -42.87
N GLY A 3762 46.76 11.30 -42.15
CA GLY A 3762 45.52 11.66 -41.48
C GLY A 3762 45.74 12.76 -40.46
N ILE A 3763 46.81 12.65 -39.68
CA ILE A 3763 47.14 13.69 -38.72
C ILE A 3763 47.43 15.00 -39.44
N ALA A 3764 48.15 14.93 -40.56
CA ALA A 3764 48.50 16.14 -41.29
C ALA A 3764 47.26 16.85 -41.80
N ILE A 3765 46.28 16.10 -42.31
CA ILE A 3765 45.09 16.76 -42.84
C ILE A 3765 44.13 17.13 -41.71
N LEU A 3766 44.30 16.56 -40.52
CA LEU A 3766 43.41 16.82 -39.40
C LEU A 3766 43.98 17.82 -38.39
N ASN A 3767 45.20 18.32 -38.60
CA ASN A 3767 45.79 19.23 -37.63
C ASN A 3767 44.93 20.48 -37.46
N GLY A 3768 44.85 20.95 -36.22
CA GLY A 3768 44.03 22.09 -35.90
C GLY A 3768 42.56 21.78 -35.71
N GLY A 3769 42.18 20.51 -35.66
CA GLY A 3769 40.78 20.15 -35.52
C GLY A 3769 39.95 20.58 -36.72
N ASN A 3770 40.39 20.20 -37.91
CA ASN A 3770 39.71 20.61 -39.13
C ASN A 3770 38.30 20.05 -39.16
N SER A 3771 37.32 20.95 -39.00
CA SER A 3771 35.92 20.53 -38.95
C SER A 3771 35.43 19.97 -40.27
N THR A 3772 35.87 20.53 -41.39
CA THR A 3772 35.45 20.01 -42.68
C THR A 3772 35.92 18.58 -42.88
N VAL A 3773 37.18 18.30 -42.54
CA VAL A 3773 37.69 16.94 -42.64
C VAL A 3773 36.99 16.02 -41.66
N GLN A 3774 36.72 16.48 -40.44
CA GLN A 3774 35.99 15.64 -39.48
C GLN A 3774 34.61 15.28 -40.00
N GLN A 3775 33.90 16.25 -40.57
CA GLN A 3775 32.58 15.99 -41.12
C GLN A 3775 32.65 15.04 -42.30
N LYS A 3776 33.64 15.21 -43.18
CA LYS A 3776 33.78 14.30 -44.31
C LYS A 3776 34.05 12.89 -43.83
N MET A 3777 34.94 12.74 -42.85
CA MET A 3777 35.29 11.43 -42.32
C MET A 3777 34.12 10.73 -41.65
N LEU A 3778 33.34 11.45 -40.84
CA LEU A 3778 32.14 10.88 -40.26
C LEU A 3778 31.08 10.55 -41.29
N ASP A 3779 30.86 11.43 -42.26
CA ASP A 3779 29.82 11.17 -43.24
C ASP A 3779 30.16 9.95 -44.07
N TYR A 3780 31.42 9.78 -44.46
CA TYR A 3780 31.80 8.61 -45.23
C TYR A 3780 31.57 7.34 -44.43
N LEU A 3781 31.97 7.34 -43.15
CA LEU A 3781 31.80 6.16 -42.32
C LEU A 3781 30.34 5.82 -42.14
N LYS A 3782 29.51 6.83 -41.85
CA LYS A 3782 28.08 6.57 -41.65
C LYS A 3782 27.44 6.06 -42.93
N GLU A 3783 27.82 6.62 -44.07
CA GLU A 3783 27.20 6.21 -45.33
C GLU A 3783 27.61 4.81 -45.73
N LYS A 3784 28.91 4.50 -45.65
CA LYS A 3784 29.42 3.20 -46.05
C LYS A 3784 29.13 2.10 -45.05
N LYS A 3785 28.82 2.45 -43.80
CA LYS A 3785 28.62 1.48 -42.72
C LYS A 3785 29.83 0.55 -42.63
N ASP A 3786 30.99 1.16 -42.40
CA ASP A 3786 32.26 0.45 -42.38
C ASP A 3786 32.52 -0.08 -40.98
N VAL A 3787 32.53 -1.40 -40.83
CA VAL A 3787 32.91 -2.05 -39.59
C VAL A 3787 34.39 -2.39 -39.55
N GLY A 3788 35.00 -2.61 -40.71
CA GLY A 3788 36.40 -2.93 -40.81
C GLY A 3788 37.27 -1.83 -40.27
N PHE A 3789 36.83 -0.57 -40.40
CA PHE A 3789 37.61 0.53 -39.87
C PHE A 3789 37.80 0.40 -38.36
N PHE A 3790 36.69 0.19 -37.63
CA PHE A 3790 36.78 0.10 -36.18
C PHE A 3790 37.45 -1.19 -35.75
N GLN A 3791 37.21 -2.29 -36.48
CA GLN A 3791 37.90 -3.53 -36.16
C GLN A 3791 39.41 -3.38 -36.33
N SER A 3792 39.83 -2.68 -37.39
CA SER A 3792 41.25 -2.44 -37.61
C SER A 3792 41.82 -1.53 -36.53
N LEU A 3793 41.06 -0.53 -36.10
CA LEU A 3793 41.53 0.31 -35.01
C LEU A 3793 41.76 -0.50 -33.74
N ALA A 3794 40.81 -1.38 -33.40
CA ALA A 3794 40.99 -2.23 -32.22
C ALA A 3794 42.19 -3.16 -32.38
N GLY A 3795 42.37 -3.74 -33.57
CA GLY A 3795 43.52 -4.59 -33.81
C GLY A 3795 44.83 -3.85 -33.67
N LEU A 3796 44.92 -2.64 -34.21
CA LEU A 3796 46.14 -1.85 -34.07
C LEU A 3796 46.41 -1.50 -32.61
N MET A 3797 45.35 -1.17 -31.87
CA MET A 3797 45.55 -0.88 -30.44
C MET A 3797 46.08 -2.10 -29.71
N GLN A 3798 45.54 -3.29 -30.01
CA GLN A 3798 46.07 -4.49 -29.37
C GLN A 3798 47.51 -4.75 -29.79
N SER A 3799 47.84 -4.48 -31.05
CA SER A 3799 49.19 -4.74 -31.53
C SER A 3799 50.20 -3.71 -31.06
N CYS A 3800 49.74 -2.58 -30.52
CA CYS A 3800 50.66 -1.58 -30.01
C CYS A 3800 51.47 -2.14 -28.85
N SER A 3801 52.74 -1.75 -28.78
CA SER A 3801 53.68 -2.35 -27.85
C SER A 3801 53.90 -1.46 -26.62
N VAL A 3802 54.48 -2.06 -25.59
CA VAL A 3802 54.81 -1.38 -24.35
C VAL A 3802 56.25 -1.69 -23.98
N LEU A 3803 56.70 -1.21 -22.81
CA LEU A 3803 58.03 -1.49 -22.32
C LEU A 3803 58.20 -2.99 -22.08
N ASP A 3804 59.36 -3.53 -22.45
CA ASP A 3804 59.68 -4.94 -22.25
C ASP A 3804 60.93 -5.02 -21.39
N LEU A 3805 60.74 -5.29 -20.09
CA LEU A 3805 61.85 -5.29 -19.16
C LEU A 3805 62.82 -6.42 -19.47
N ASN A 3806 62.32 -7.57 -19.91
CA ASN A 3806 63.19 -8.68 -20.25
C ASN A 3806 64.12 -8.30 -21.41
N ALA A 3807 63.55 -7.66 -22.44
CA ALA A 3807 64.36 -7.20 -23.55
C ALA A 3807 65.36 -6.15 -23.11
N PHE A 3808 64.95 -5.26 -22.20
CA PHE A 3808 65.88 -4.27 -21.69
C PHE A 3808 67.05 -4.93 -20.95
N GLU A 3809 66.76 -5.92 -20.14
CA GLU A 3809 67.82 -6.63 -19.42
C GLU A 3809 68.74 -7.38 -20.37
N ARG A 3810 68.18 -7.99 -21.42
CA ARG A 3810 69.01 -8.69 -22.40
C ARG A 3810 69.93 -7.72 -23.12
N GLN A 3811 69.40 -6.56 -23.52
CA GLN A 3811 70.24 -5.54 -24.13
C GLN A 3811 71.31 -5.02 -23.19
N ASN A 3812 70.99 -4.82 -21.92
CA ASN A 3812 72.00 -4.42 -20.94
C ASN A 3812 73.08 -5.47 -20.79
N LYS A 3813 72.71 -6.75 -20.74
CA LYS A 3813 73.71 -7.80 -20.68
C LYS A 3813 74.60 -7.79 -21.90
N ALA A 3814 74.01 -7.65 -23.09
CA ALA A 3814 74.80 -7.59 -24.32
C ALA A 3814 75.75 -6.41 -24.35
N GLU A 3815 75.28 -5.23 -23.93
CA GLU A 3815 76.14 -4.04 -23.89
C GLU A 3815 77.26 -4.18 -22.87
N GLY A 3816 76.97 -4.73 -21.69
CA GLY A 3816 78.01 -4.94 -20.70
C GLY A 3816 79.01 -6.00 -21.11
N LEU A 3817 78.56 -6.94 -21.95
CA LEU A 3817 79.47 -7.96 -22.46
C LEU A 3817 80.58 -7.34 -23.30
N GLY A 3818 80.30 -6.23 -23.97
CA GLY A 3818 81.28 -5.53 -24.76
C GLY A 3818 81.00 -5.50 -26.25
N MET A 3819 79.93 -6.16 -26.70
CA MET A 3819 79.63 -6.20 -28.12
C MET A 3819 79.04 -4.87 -28.58
N VAL A 3820 79.18 -4.61 -29.89
CA VAL A 3820 78.65 -3.38 -30.46
C VAL A 3820 77.12 -3.45 -30.53
N THR A 3821 76.49 -2.30 -30.35
CA THR A 3821 75.04 -2.20 -30.40
C THR A 3821 74.58 -2.10 -31.85
N GLU A 3822 73.57 -2.91 -32.20
CA GLU A 3822 73.00 -2.84 -33.54
C GLU A 3822 72.27 -1.52 -33.76
N GLU A 3823 71.51 -1.08 -32.75
CA GLU A 3823 70.81 0.20 -32.80
C GLU A 3823 71.13 0.96 -31.51
N GLY A 3824 71.36 2.26 -31.64
CA GLY A 3824 71.72 3.06 -30.47
C GLY A 3824 70.57 3.22 -29.49
N SER A 3825 69.36 3.38 -30.00
CA SER A 3825 68.20 3.68 -29.17
C SER A 3825 67.55 2.45 -28.57
N GLY A 3826 67.95 1.25 -28.97
CA GLY A 3826 67.33 0.04 -28.47
C GLY A 3826 65.87 -0.06 -28.89
N GLU A 3827 65.64 -0.23 -30.19
CA GLU A 3827 64.28 -0.21 -30.71
C GLU A 3827 63.46 -1.40 -30.23
N LYS A 3828 64.12 -2.46 -29.75
CA LYS A 3828 63.38 -3.63 -29.29
C LYS A 3828 62.50 -3.30 -28.10
N VAL A 3829 63.01 -2.51 -27.15
CA VAL A 3829 62.21 -2.04 -26.04
C VAL A 3829 61.35 -0.88 -26.52
N LEU A 3830 60.04 -0.95 -26.25
CA LEU A 3830 59.09 0.02 -26.79
C LEU A 3830 59.19 0.06 -28.30
N GLN A 3831 58.81 -1.03 -28.95
CA GLN A 3831 59.02 -1.29 -30.38
C GLN A 3831 58.80 -0.05 -31.25
N ASP A 3832 57.61 0.52 -31.22
CA ASP A 3832 57.27 1.68 -32.04
C ASP A 3832 56.57 2.72 -31.18
N ASP A 3833 57.34 3.70 -30.70
CA ASP A 3833 56.79 4.82 -29.97
C ASP A 3833 56.12 5.83 -30.88
N GLU A 3834 56.59 5.97 -32.11
CA GLU A 3834 55.98 6.89 -33.05
C GLU A 3834 54.62 6.41 -33.52
N PHE A 3835 54.50 5.11 -33.79
CA PHE A 3835 53.24 4.58 -34.30
C PHE A 3835 52.11 4.73 -33.28
N THR A 3836 52.39 4.41 -32.02
CA THR A 3836 51.36 4.51 -31.00
C THR A 3836 50.93 5.95 -30.80
N CYS A 3837 51.90 6.86 -30.73
CA CYS A 3837 51.59 8.28 -30.56
C CYS A 3837 50.78 8.80 -31.74
N ASP A 3838 51.15 8.41 -32.96
CA ASP A 3838 50.39 8.84 -34.13
C ASP A 3838 48.98 8.27 -34.13
N LEU A 3839 48.85 7.00 -33.76
CA LEU A 3839 47.53 6.37 -33.73
C LEU A 3839 46.60 7.04 -32.73
N PHE A 3840 47.10 7.41 -31.56
CA PHE A 3840 46.24 8.07 -30.58
C PHE A 3840 46.06 9.55 -30.87
N ARG A 3841 47.05 10.20 -31.49
CA ARG A 3841 46.87 11.59 -31.90
C ARG A 3841 45.82 11.70 -33.00
N PHE A 3842 45.76 10.70 -33.88
CA PHE A 3842 44.72 10.69 -34.91
C PHE A 3842 43.34 10.68 -34.27
N LEU A 3843 43.14 9.81 -33.28
CA LEU A 3843 41.88 9.75 -32.56
C LEU A 3843 41.56 11.03 -31.80
N GLN A 3844 42.56 11.63 -31.14
CA GLN A 3844 42.33 12.90 -30.47
C GLN A 3844 41.93 14.00 -31.46
N LEU A 3845 42.61 14.08 -32.60
CA LEU A 3845 42.28 15.06 -33.61
C LEU A 3845 40.87 14.83 -34.14
N LEU A 3846 40.45 13.57 -34.21
CA LEU A 3846 39.10 13.25 -34.65
C LEU A 3846 38.05 13.87 -33.72
N CYS A 3847 38.32 13.88 -32.42
CA CYS A 3847 37.35 14.36 -31.44
C CYS A 3847 37.61 15.78 -30.97
N GLU A 3848 38.62 16.46 -31.48
CA GLU A 3848 38.88 17.81 -31.02
C GLU A 3848 37.73 18.75 -31.35
N GLY A 3849 37.69 19.87 -30.64
CA GLY A 3849 36.61 20.83 -30.80
C GLY A 3849 35.30 20.42 -30.18
N HIS A 3850 35.31 19.43 -29.29
CA HIS A 3850 34.11 18.87 -28.67
C HIS A 3850 33.13 18.41 -29.75
N ASN A 3851 33.65 17.55 -30.63
CA ASN A 3851 32.87 16.99 -31.73
C ASN A 3851 32.02 15.86 -31.16
N SER A 3852 30.82 16.24 -30.70
CA SER A 3852 29.96 15.30 -29.98
C SER A 3852 29.56 14.12 -30.86
N ASP A 3853 29.26 14.38 -32.14
CA ASP A 3853 28.84 13.31 -33.01
C ASP A 3853 29.90 12.24 -33.10
N PHE A 3854 31.13 12.65 -33.34
CA PHE A 3854 32.12 11.61 -33.56
C PHE A 3854 32.51 10.99 -32.23
N GLN A 3855 32.46 11.79 -31.17
CA GLN A 3855 32.74 11.28 -29.84
C GLN A 3855 31.78 10.15 -29.48
N ASN A 3856 30.50 10.31 -29.84
CA ASN A 3856 29.54 9.25 -29.59
C ASN A 3856 29.73 8.08 -30.56
N TYR A 3857 30.10 8.38 -31.80
CA TYR A 3857 30.28 7.33 -32.79
C TYR A 3857 31.43 6.40 -32.43
N LEU A 3858 32.49 6.95 -31.86
CA LEU A 3858 33.59 6.11 -31.41
C LEU A 3858 33.15 5.15 -30.32
N ARG A 3859 32.25 5.59 -29.45
CA ARG A 3859 31.74 4.69 -28.41
C ARG A 3859 30.83 3.63 -29.00
N THR A 3860 29.75 4.04 -29.66
CA THR A 3860 28.77 3.11 -30.22
C THR A 3860 28.45 3.52 -31.65
N GLN A 3861 28.71 2.62 -32.59
CA GLN A 3861 28.34 2.83 -33.99
C GLN A 3861 26.91 2.35 -34.15
N THR A 3862 25.97 3.31 -34.16
CA THR A 3862 24.56 2.95 -34.12
C THR A 3862 24.11 2.22 -35.39
N GLY A 3863 24.45 2.77 -36.55
CA GLY A 3863 23.98 2.18 -37.78
C GLY A 3863 24.57 0.82 -38.07
N ASN A 3864 25.83 0.61 -37.69
CA ASN A 3864 26.53 -0.60 -38.06
C ASN A 3864 25.93 -1.83 -37.40
N ASN A 3865 26.09 -2.98 -38.06
CA ASN A 3865 25.64 -4.24 -37.50
C ASN A 3865 26.41 -4.60 -36.25
N THR A 3866 27.72 -4.37 -36.24
CA THR A 3866 28.59 -4.70 -35.13
C THR A 3866 29.24 -3.44 -34.59
N THR A 3867 29.32 -3.34 -33.27
CA THR A 3867 29.83 -2.16 -32.59
C THR A 3867 31.10 -2.50 -31.81
N VAL A 3868 32.10 -1.64 -31.95
CA VAL A 3868 33.37 -1.78 -31.25
C VAL A 3868 33.57 -0.57 -30.36
N ASN A 3869 34.00 -0.79 -29.12
CA ASN A 3869 34.14 0.28 -28.15
C ASN A 3869 35.59 0.75 -28.12
N ILE A 3870 35.92 1.68 -29.03
CA ILE A 3870 37.23 2.32 -29.04
C ILE A 3870 37.55 3.02 -27.75
N ILE A 3871 36.54 3.62 -27.11
CA ILE A 3871 36.74 4.29 -25.83
C ILE A 3871 37.23 3.33 -24.76
N ILE A 3872 36.81 2.07 -24.80
CA ILE A 3872 37.28 1.08 -23.83
C ILE A 3872 38.62 0.49 -24.24
N SER A 3873 38.83 0.30 -25.55
CA SER A 3873 40.12 -0.20 -26.01
C SER A 3873 41.25 0.76 -25.64
N THR A 3874 40.97 2.07 -25.69
CA THR A 3874 41.98 3.05 -25.29
C THR A 3874 42.35 2.89 -23.81
N VAL A 3875 41.35 2.68 -22.95
CA VAL A 3875 41.59 2.52 -21.53
C VAL A 3875 42.39 1.25 -21.30
N ASP A 3876 42.09 0.20 -22.07
CA ASP A 3876 42.84 -1.04 -21.97
C ASP A 3876 44.32 -0.87 -22.30
N TYR A 3877 44.61 -0.14 -23.39
CA TYR A 3877 46.01 0.14 -23.69
C TYR A 3877 46.64 1.00 -22.60
N LEU A 3878 45.87 1.93 -22.04
CA LEU A 3878 46.40 2.74 -20.94
C LEU A 3878 46.78 1.87 -19.75
N LEU A 3879 45.94 0.91 -19.40
CA LEU A 3879 46.28 -0.02 -18.33
C LEU A 3879 47.53 -0.82 -18.63
N ARG A 3880 47.66 -1.32 -19.85
CA ARG A 3880 48.86 -2.06 -20.21
C ARG A 3880 50.13 -1.22 -20.09
N VAL A 3881 50.10 0.02 -20.61
CA VAL A 3881 51.28 0.86 -20.55
C VAL A 3881 51.58 1.26 -19.11
N GLN A 3882 50.54 1.44 -18.29
CA GLN A 3882 50.76 1.75 -16.89
C GLN A 3882 51.44 0.60 -16.17
N GLU A 3883 51.00 -0.64 -16.44
CA GLU A 3883 51.67 -1.79 -15.85
C GLU A 3883 53.12 -1.88 -16.29
N SER A 3884 53.38 -1.60 -17.58
CA SER A 3884 54.75 -1.63 -18.07
C SER A 3884 55.62 -0.61 -17.34
N ILE A 3885 55.09 0.61 -17.17
CA ILE A 3885 55.87 1.66 -16.50
C ILE A 3885 56.10 1.30 -15.04
N SER A 3886 55.08 0.73 -14.38
CA SER A 3886 55.25 0.33 -12.99
C SER A 3886 56.33 -0.73 -12.84
N ASP A 3887 56.34 -1.72 -13.72
CA ASP A 3887 57.39 -2.74 -13.67
C ASP A 3887 58.76 -2.13 -13.95
N PHE A 3888 58.85 -1.24 -14.93
CA PHE A 3888 60.13 -0.64 -15.29
C PHE A 3888 60.62 0.31 -14.21
N TYR A 3889 59.74 0.81 -13.35
CA TYR A 3889 60.16 1.55 -12.16
C TYR A 3889 60.59 0.63 -11.03
N TRP A 3890 59.81 -0.42 -10.76
CA TRP A 3890 60.20 -1.39 -9.74
C TRP A 3890 61.56 -2.01 -10.03
N TYR A 3891 61.93 -2.11 -11.31
CA TYR A 3891 63.27 -2.55 -11.65
C TYR A 3891 64.35 -1.56 -11.20
N TYR A 3892 64.03 -0.27 -11.14
CA TYR A 3892 65.01 0.76 -10.82
C TYR A 3892 64.89 1.29 -9.40
N SER A 3893 63.92 0.83 -8.62
CA SER A 3893 63.72 1.37 -7.28
C SER A 3893 64.96 1.13 -6.41
N GLY A 3894 65.51 -0.07 -6.46
CA GLY A 3894 66.69 -0.36 -5.66
C GLY A 3894 67.92 0.39 -6.11
N LYS A 3895 68.10 0.54 -7.42
CA LYS A 3895 69.33 1.09 -7.95
C LYS A 3895 69.48 2.56 -7.55
N ASP A 3896 70.74 2.97 -7.36
CA ASP A 3896 71.01 4.32 -6.88
C ASP A 3896 70.69 5.36 -7.94
N VAL A 3897 71.14 5.15 -9.17
CA VAL A 3897 71.02 6.14 -10.24
C VAL A 3897 70.44 5.46 -11.47
N ILE A 3898 69.54 6.16 -12.17
CA ILE A 3898 69.02 5.65 -13.43
C ILE A 3898 70.00 5.97 -14.55
N ASP A 3899 70.30 4.96 -15.36
CA ASP A 3899 71.24 5.13 -16.46
C ASP A 3899 70.58 5.89 -17.61
N GLU A 3900 71.39 6.20 -18.62
CA GLU A 3900 70.91 6.98 -19.77
C GLU A 3900 69.87 6.21 -20.57
N GLN A 3901 70.09 4.91 -20.78
CA GLN A 3901 69.12 4.10 -21.51
C GLN A 3901 67.80 4.04 -20.77
N GLY A 3902 67.85 3.85 -19.45
CA GLY A 3902 66.63 3.87 -18.66
C GLY A 3902 65.92 5.21 -18.72
N GLN A 3903 66.70 6.30 -18.66
CA GLN A 3903 66.10 7.62 -18.77
C GLN A 3903 65.41 7.85 -20.09
N ARG A 3904 66.00 7.41 -21.20
CA ARG A 3904 65.35 7.47 -22.50
C ARG A 3904 64.08 6.63 -22.58
N ASN A 3905 64.12 5.41 -22.03
CA ASN A 3905 62.95 4.54 -22.06
C ASN A 3905 61.80 5.12 -21.24
N PHE A 3906 62.10 5.65 -20.05
CA PHE A 3906 61.06 6.35 -19.29
C PHE A 3906 60.49 7.52 -20.09
N SER A 3907 61.35 8.27 -20.77
CA SER A 3907 60.87 9.41 -21.53
C SER A 3907 59.88 8.98 -22.61
N LYS A 3908 60.24 7.94 -23.37
CA LYS A 3908 59.35 7.46 -24.42
C LYS A 3908 58.04 6.91 -23.86
N ALA A 3909 58.09 6.11 -22.80
CA ALA A 3909 56.88 5.61 -22.18
C ALA A 3909 56.00 6.73 -21.62
N ILE A 3910 56.61 7.76 -21.02
CA ILE A 3910 55.85 8.88 -20.49
C ILE A 3910 55.18 9.65 -21.64
N GLN A 3911 55.88 9.80 -22.77
CA GLN A 3911 55.26 10.44 -23.91
C GLN A 3911 54.04 9.65 -24.39
N VAL A 3912 54.17 8.33 -24.47
CA VAL A 3912 53.04 7.50 -24.90
C VAL A 3912 51.87 7.65 -23.95
N ALA A 3913 52.14 7.57 -22.64
CA ALA A 3913 51.08 7.69 -21.65
C ALA A 3913 50.43 9.07 -21.70
N LYS A 3914 51.23 10.11 -21.89
CA LYS A 3914 50.70 11.46 -22.01
C LYS A 3914 49.75 11.58 -23.19
N GLN A 3915 50.14 11.03 -24.34
CA GLN A 3915 49.26 11.08 -25.49
C GLN A 3915 47.98 10.30 -25.26
N VAL A 3916 48.07 9.14 -24.60
CA VAL A 3916 46.86 8.38 -24.31
C VAL A 3916 45.94 9.15 -23.37
N PHE A 3917 46.50 9.81 -22.36
CA PHE A 3917 45.68 10.61 -21.45
C PHE A 3917 45.02 11.77 -22.19
N ASN A 3918 45.74 12.41 -23.10
CA ASN A 3918 45.15 13.49 -23.87
C ASN A 3918 44.00 12.98 -24.74
N THR A 3919 44.18 11.82 -25.36
CA THR A 3919 43.09 11.24 -26.15
C THR A 3919 41.89 10.94 -25.27
N LEU A 3920 42.14 10.37 -24.09
CA LEU A 3920 41.04 10.05 -23.18
C LEU A 3920 40.29 11.29 -22.72
N THR A 3921 40.99 12.37 -22.41
CA THR A 3921 40.28 13.59 -22.01
C THR A 3921 39.60 14.28 -23.19
N GLU A 3922 40.12 14.12 -24.40
CA GLU A 3922 39.40 14.60 -25.57
C GLU A 3922 38.13 13.81 -25.80
N TYR A 3923 38.11 12.54 -25.41
CA TYR A 3923 36.89 11.75 -25.53
C TYR A 3923 35.75 12.32 -24.69
N ILE A 3924 36.05 12.91 -23.54
CA ILE A 3924 35.02 13.19 -22.55
C ILE A 3924 34.77 14.68 -22.35
N GLN A 3925 35.72 15.53 -22.71
CA GLN A 3925 35.45 16.96 -22.60
C GLN A 3925 34.37 17.38 -23.58
N GLY A 3926 33.71 18.49 -23.27
CA GLY A 3926 32.48 18.83 -23.96
C GLY A 3926 31.47 17.78 -23.58
N PRO A 3927 31.01 17.81 -22.32
CA PRO A 3927 30.66 16.58 -21.60
C PRO A 3927 29.89 15.56 -22.41
N CYS A 3928 30.55 14.43 -22.65
CA CYS A 3928 29.92 13.28 -23.29
C CYS A 3928 29.53 12.30 -22.20
N THR A 3929 28.24 12.26 -21.87
CA THR A 3929 27.78 11.45 -20.75
C THR A 3929 28.07 9.98 -20.98
N GLY A 3930 27.86 9.50 -22.20
CA GLY A 3930 28.11 8.11 -22.51
C GLY A 3930 29.55 7.72 -22.30
N ASN A 3931 30.47 8.55 -22.81
CA ASN A 3931 31.88 8.27 -22.63
C ASN A 3931 32.29 8.34 -21.17
N GLN A 3932 31.73 9.31 -20.45
CA GLN A 3932 32.03 9.43 -19.02
C GLN A 3932 31.59 8.18 -18.27
N GLN A 3933 30.39 7.68 -18.56
CA GLN A 3933 29.92 6.46 -17.91
C GLN A 3933 30.77 5.26 -18.29
N SER A 3934 31.16 5.18 -19.56
CA SER A 3934 32.00 4.06 -19.99
C SER A 3934 33.33 4.05 -19.27
N LEU A 3935 33.98 5.21 -19.16
CA LEU A 3935 35.22 5.28 -18.39
C LEU A 3935 34.98 4.99 -16.92
N ALA A 3936 33.85 5.43 -16.38
CA ALA A 3936 33.56 5.18 -14.97
C ALA A 3936 33.46 3.69 -14.69
N HIS A 3937 32.85 2.94 -15.59
CA HIS A 3937 32.68 1.51 -15.40
C HIS A 3937 33.84 0.70 -15.97
N SER A 3938 34.80 1.35 -16.63
CA SER A 3938 35.96 0.65 -17.17
C SER A 3938 37.04 0.43 -16.12
N ARG A 3939 38.23 0.03 -16.57
CA ARG A 3939 39.37 -0.22 -15.71
C ARG A 3939 40.27 1.00 -15.55
N LEU A 3940 39.72 2.20 -15.76
CA LEU A 3940 40.53 3.41 -15.67
C LEU A 3940 41.05 3.62 -14.27
N TRP A 3941 40.22 3.34 -13.27
CA TRP A 3941 40.60 3.54 -11.88
C TRP A 3941 41.83 2.72 -11.50
N ASP A 3942 41.92 1.48 -11.98
CA ASP A 3942 43.08 0.66 -11.71
C ASP A 3942 44.36 1.25 -12.26
N ALA A 3943 44.32 1.80 -13.48
CA ALA A 3943 45.49 2.46 -14.04
C ALA A 3943 45.86 3.71 -13.25
N VAL A 3944 44.86 4.49 -12.85
CA VAL A 3944 45.14 5.72 -12.11
C VAL A 3944 45.76 5.39 -10.77
N VAL A 3945 45.32 4.30 -10.13
CA VAL A 3945 45.93 3.87 -8.88
C VAL A 3945 47.41 3.57 -9.02
N GLY A 3946 47.80 2.83 -10.05
CA GLY A 3946 49.21 2.55 -10.27
C GLY A 3946 50.01 3.78 -10.59
N PHE A 3947 49.44 4.67 -11.41
CA PHE A 3947 50.14 5.92 -11.70
C PHE A 3947 50.35 6.73 -10.45
N LEU A 3948 49.38 6.72 -9.53
CA LEU A 3948 49.54 7.48 -8.29
C LEU A 3948 50.71 6.95 -7.47
N HIS A 3949 50.86 5.63 -7.39
CA HIS A 3949 51.98 5.05 -6.67
C HIS A 3949 53.30 5.43 -7.33
N VAL A 3950 53.36 5.31 -8.65
CA VAL A 3950 54.60 5.65 -9.36
C VAL A 3950 54.95 7.11 -9.14
N PHE A 3951 53.96 8.00 -9.23
CA PHE A 3951 54.20 9.42 -9.00
C PHE A 3951 54.66 9.69 -7.58
N ALA A 3952 54.02 9.06 -6.59
CA ALA A 3952 54.36 9.31 -5.20
C ALA A 3952 55.79 8.88 -4.89
N HIS A 3953 56.27 7.81 -5.50
CA HIS A 3953 57.61 7.35 -5.16
C HIS A 3953 58.68 8.00 -6.03
N MET A 3954 58.41 8.18 -7.32
CA MET A 3954 59.42 8.74 -8.22
C MET A 3954 59.67 10.20 -7.93
N GLN A 3955 58.65 10.92 -7.45
CA GLN A 3955 58.85 12.31 -7.08
C GLN A 3955 59.84 12.43 -5.92
N MET A 3956 59.75 11.55 -4.94
CA MET A 3956 60.69 11.52 -3.83
C MET A 3956 62.06 10.99 -4.22
N LYS A 3957 62.12 10.10 -5.21
CA LYS A 3957 63.39 9.53 -5.64
C LYS A 3957 64.18 10.43 -6.56
N LEU A 3958 63.55 10.94 -7.63
CA LEU A 3958 64.28 11.69 -8.65
C LEU A 3958 64.70 13.07 -8.15
N SER A 3959 63.98 13.61 -7.16
CA SER A 3959 64.30 14.95 -6.67
C SER A 3959 65.68 14.98 -6.01
N GLN A 3960 66.04 13.91 -5.30
CA GLN A 3960 67.33 13.89 -4.60
C GLN A 3960 68.49 13.89 -5.59
N ASP A 3961 68.34 13.21 -6.72
CA ASP A 3961 69.38 13.15 -7.73
C ASP A 3961 69.28 14.38 -8.64
N SER A 3962 70.42 15.03 -8.86
CA SER A 3962 70.47 16.25 -9.65
C SER A 3962 70.64 15.98 -11.13
N SER A 3963 70.72 14.72 -11.54
CA SER A 3963 70.89 14.36 -12.94
C SER A 3963 69.61 13.93 -13.62
N GLN A 3964 68.46 14.07 -12.94
CA GLN A 3964 67.18 13.62 -13.48
C GLN A 3964 66.16 14.75 -13.55
N ILE A 3965 66.63 15.97 -13.82
CA ILE A 3965 65.74 17.12 -13.87
C ILE A 3965 64.73 16.96 -15.01
N GLU A 3966 65.21 16.56 -16.19
CA GLU A 3966 64.32 16.39 -17.33
C GLU A 3966 63.32 15.26 -17.11
N LEU A 3967 63.78 14.15 -16.51
CA LEU A 3967 62.86 13.06 -16.20
C LEU A 3967 61.78 13.51 -15.22
N LEU A 3968 62.18 14.27 -14.20
CA LEU A 3968 61.20 14.79 -13.25
C LEU A 3968 60.22 15.72 -13.91
N LYS A 3969 60.68 16.59 -14.80
CA LYS A 3969 59.79 17.50 -15.51
C LYS A 3969 58.80 16.76 -16.42
N GLU A 3970 59.25 15.72 -17.11
CA GLU A 3970 58.32 14.92 -17.92
C GLU A 3970 57.30 14.21 -17.05
N LEU A 3971 57.77 13.60 -15.95
CA LEU A 3971 56.89 12.88 -15.06
C LEU A 3971 55.85 13.78 -14.40
N MET A 3972 56.23 15.01 -14.03
CA MET A 3972 55.33 15.94 -13.39
C MET A 3972 54.43 16.67 -14.38
N ASP A 3973 54.64 16.46 -15.67
CA ASP A 3973 53.65 16.87 -16.67
C ASP A 3973 52.67 15.75 -16.99
N LEU A 3974 53.15 14.50 -16.94
CA LEU A 3974 52.24 13.37 -17.01
C LEU A 3974 51.22 13.43 -15.88
N GLN A 3975 51.66 13.79 -14.68
CA GLN A 3975 50.75 13.92 -13.55
C GLN A 3975 49.70 15.00 -13.80
N LYS A 3976 50.11 16.15 -14.33
CA LYS A 3976 49.16 17.19 -14.65
C LYS A 3976 48.12 16.76 -15.67
N ASP A 3977 48.54 16.04 -16.71
CA ASP A 3977 47.58 15.50 -17.66
C ASP A 3977 46.62 14.49 -17.03
N MET A 3978 47.12 13.64 -16.13
CA MET A 3978 46.24 12.72 -15.43
C MET A 3978 45.20 13.46 -14.61
N VAL A 3979 45.61 14.50 -13.89
CA VAL A 3979 44.66 15.26 -13.08
C VAL A 3979 43.67 16.01 -13.97
N VAL A 3980 44.11 16.52 -15.12
CA VAL A 3980 43.18 17.16 -16.04
C VAL A 3980 42.14 16.16 -16.52
N MET A 3981 42.56 14.94 -16.84
CA MET A 3981 41.60 13.90 -17.24
C MET A 3981 40.61 13.61 -16.11
N LEU A 3982 41.11 13.52 -14.88
CA LEU A 3982 40.22 13.27 -13.76
C LEU A 3982 39.21 14.40 -13.59
N LEU A 3983 39.64 15.65 -13.74
CA LEU A 3983 38.72 16.78 -13.66
C LEU A 3983 37.68 16.72 -14.77
N SER A 3984 38.10 16.40 -15.99
CA SER A 3984 37.15 16.25 -17.08
C SER A 3984 36.16 15.13 -16.82
N MET A 3985 36.56 14.10 -16.07
CA MET A 3985 35.62 13.06 -15.68
C MET A 3985 34.49 13.62 -14.80
N LEU A 3986 34.82 14.50 -13.86
CA LEU A 3986 33.83 15.11 -12.97
C LEU A 3986 33.09 16.27 -13.60
N GLU A 3987 33.56 16.74 -14.76
CA GLU A 3987 32.88 17.82 -15.45
C GLU A 3987 31.41 17.48 -15.67
N GLY A 3988 30.54 18.42 -15.34
CA GLY A 3988 29.10 18.18 -15.41
C GLY A 3988 28.59 17.15 -14.43
N ASN A 3989 29.06 17.20 -13.19
CA ASN A 3989 28.68 16.21 -12.20
C ASN A 3989 27.36 16.58 -11.54
N VAL A 3990 26.77 15.60 -10.85
CA VAL A 3990 25.58 15.80 -10.04
C VAL A 3990 25.90 15.39 -8.62
N VAL A 3991 25.05 15.84 -7.69
CA VAL A 3991 25.27 15.53 -6.28
C VAL A 3991 25.05 14.04 -6.07
N ASN A 3992 25.99 13.39 -5.37
CA ASN A 3992 25.95 11.96 -5.10
C ASN A 3992 25.91 11.17 -6.41
N GLY A 3993 26.88 11.42 -7.26
CA GLY A 3993 26.97 10.73 -8.53
C GLY A 3993 27.83 9.48 -8.47
N THR A 3994 27.58 8.57 -9.41
CA THR A 3994 28.33 7.34 -9.46
C THR A 3994 29.80 7.60 -9.75
N ILE A 3995 30.11 8.55 -10.64
CA ILE A 3995 31.49 8.88 -10.94
C ILE A 3995 32.18 9.43 -9.69
N GLY A 3996 31.49 10.29 -8.95
CA GLY A 3996 32.05 10.79 -7.71
C GLY A 3996 32.32 9.68 -6.71
N LYS A 3997 31.38 8.74 -6.59
CA LYS A 3997 31.59 7.61 -5.68
C LYS A 3997 32.80 6.79 -6.09
N GLN A 3998 32.94 6.48 -7.38
CA GLN A 3998 34.09 5.70 -7.82
C GLN A 3998 35.40 6.43 -7.64
N MET A 3999 35.43 7.75 -7.88
CA MET A 3999 36.68 8.48 -7.66
C MET A 3999 37.02 8.56 -6.18
N VAL A 4000 36.01 8.71 -5.31
CA VAL A 4000 36.28 8.67 -3.88
C VAL A 4000 36.84 7.30 -3.48
N ASP A 4001 36.28 6.23 -4.04
CA ASP A 4001 36.80 4.89 -3.76
C ASP A 4001 38.25 4.76 -4.20
N MET A 4002 38.58 5.27 -5.38
CA MET A 4002 39.95 5.18 -5.86
C MET A 4002 40.91 5.98 -4.98
N LEU A 4003 40.47 7.17 -4.53
CA LEU A 4003 41.31 7.94 -3.61
C LEU A 4003 41.51 7.20 -2.29
N VAL A 4004 40.46 6.59 -1.75
CA VAL A 4004 40.59 5.84 -0.51
C VAL A 4004 41.56 4.67 -0.71
N GLU A 4005 41.48 4.01 -1.85
CA GLU A 4005 42.40 2.91 -2.14
C GLU A 4005 43.85 3.40 -2.19
N SER A 4006 44.07 4.57 -2.81
CA SER A 4006 45.42 5.12 -2.95
C SER A 4006 45.70 6.23 -1.94
N SER A 4007 45.16 6.11 -0.73
CA SER A 4007 45.29 7.16 0.27
C SER A 4007 46.74 7.52 0.56
N ASN A 4008 47.59 6.52 0.83
CA ASN A 4008 48.95 6.80 1.26
C ASN A 4008 49.74 7.53 0.18
N ASN A 4009 49.61 7.10 -1.07
CA ASN A 4009 50.33 7.74 -2.16
C ASN A 4009 49.93 9.20 -2.29
N VAL A 4010 48.63 9.48 -2.17
CA VAL A 4010 48.16 10.87 -2.22
C VAL A 4010 48.68 11.67 -1.04
N GLU A 4011 48.76 11.09 0.15
CA GLU A 4011 49.35 11.79 1.28
C GLU A 4011 50.80 12.17 1.01
N MET A 4012 51.58 11.25 0.44
CA MET A 4012 52.98 11.56 0.14
C MET A 4012 53.07 12.65 -0.91
N ILE A 4013 52.22 12.57 -1.95
CA ILE A 4013 52.23 13.59 -2.99
C ILE A 4013 51.88 14.96 -2.40
N LEU A 4014 50.88 15.01 -1.53
CA LEU A 4014 50.44 16.27 -0.93
C LEU A 4014 51.46 16.85 0.02
N LYS A 4015 52.19 16.02 0.77
CA LYS A 4015 53.28 16.55 1.57
C LYS A 4015 54.42 17.09 0.70
N PHE A 4016 54.72 16.37 -0.38
CA PHE A 4016 55.72 16.84 -1.33
C PHE A 4016 55.34 18.21 -1.88
N PHE A 4017 54.07 18.40 -2.20
CA PHE A 4017 53.62 19.68 -2.73
C PHE A 4017 53.64 20.76 -1.65
N ASP A 4018 53.24 20.41 -0.42
CA ASP A 4018 53.15 21.42 0.62
C ASP A 4018 54.52 21.95 1.02
N MET A 4019 55.49 21.06 1.19
CA MET A 4019 56.81 21.49 1.63
C MET A 4019 57.56 22.26 0.56
N PHE A 4020 57.06 22.28 -0.67
CA PHE A 4020 57.59 23.11 -1.73
C PHE A 4020 56.77 24.38 -1.96
N LEU A 4021 55.48 24.37 -1.63
CA LEU A 4021 54.71 25.59 -1.67
C LEU A 4021 55.07 26.53 -0.54
N LYS A 4022 55.53 26.00 0.59
CA LYS A 4022 56.05 26.85 1.66
C LYS A 4022 57.42 27.43 1.35
N LEU A 4023 58.12 26.86 0.35
CA LEU A 4023 59.47 27.30 0.05
C LEU A 4023 59.49 28.71 -0.51
N LYS A 4024 58.45 29.07 -1.29
CA LYS A 4024 58.36 30.43 -1.80
C LYS A 4024 58.21 31.43 -0.67
N ASP A 4025 57.38 31.13 0.33
CA ASP A 4025 57.25 32.01 1.48
C ASP A 4025 58.57 32.11 2.23
N LEU A 4026 59.26 30.99 2.42
CA LEU A 4026 60.57 31.02 3.06
C LEU A 4026 61.51 31.95 2.32
N THR A 4027 61.61 31.80 1.00
CA THR A 4027 62.60 32.56 0.24
C THR A 4027 62.18 34.02 0.04
N SER A 4028 60.90 34.34 0.19
CA SER A 4028 60.44 35.72 0.13
C SER A 4028 60.39 36.39 1.49
N SER A 4029 60.63 35.64 2.57
CA SER A 4029 60.64 36.23 3.90
C SER A 4029 61.84 37.17 4.06
N ASP A 4030 61.70 38.12 4.99
CA ASP A 4030 62.77 39.06 5.27
C ASP A 4030 63.91 38.45 6.07
N THR A 4031 63.63 37.40 6.85
CA THR A 4031 64.71 36.67 7.52
C THR A 4031 65.68 36.09 6.53
N PHE A 4032 65.19 35.56 5.41
CA PHE A 4032 66.04 35.17 4.29
C PHE A 4032 66.86 36.33 3.76
N LYS A 4033 66.28 37.53 3.71
CA LYS A 4033 67.00 38.70 3.22
C LYS A 4033 68.10 39.17 4.17
N GLU A 4034 67.91 38.99 5.47
CA GLU A 4034 68.97 39.33 6.41
C GLU A 4034 69.97 38.20 6.62
N TYR A 4035 69.63 36.97 6.20
CA TYR A 4035 70.65 35.94 6.06
C TYR A 4035 71.47 36.14 4.79
N ASP A 4036 70.86 36.60 3.70
CA ASP A 4036 71.56 36.94 2.48
C ASP A 4036 71.35 38.42 2.18
N PRO A 4037 72.20 39.31 2.69
CA PRO A 4037 71.97 40.75 2.53
C PRO A 4037 71.95 41.18 1.07
N ASP A 4038 72.83 40.59 0.26
CA ASP A 4038 72.87 40.92 -1.15
C ASP A 4038 71.66 40.33 -1.86
N GLY A 4039 71.15 41.06 -2.85
CA GLY A 4039 70.06 40.60 -3.68
C GLY A 4039 70.49 39.79 -4.89
N LYS A 4040 71.73 39.33 -4.92
CA LYS A 4040 72.24 38.60 -6.08
C LYS A 4040 71.50 37.30 -6.29
N GLY A 4041 70.96 36.71 -5.21
CA GLY A 4041 70.25 35.46 -5.30
C GLY A 4041 71.11 34.22 -5.09
N VAL A 4042 72.29 34.35 -4.52
CA VAL A 4042 73.18 33.22 -4.27
C VAL A 4042 73.37 33.09 -2.78
N ILE A 4043 73.07 31.91 -2.24
CA ILE A 4043 73.13 31.66 -0.81
C ILE A 4043 73.98 30.42 -0.55
N SER A 4044 74.66 30.41 0.59
CA SER A 4044 75.44 29.25 0.98
C SER A 4044 74.55 28.18 1.61
N LYS A 4045 75.05 26.95 1.63
CA LYS A 4045 74.26 25.84 2.16
C LYS A 4045 74.02 25.99 3.66
N ARG A 4046 75.05 26.43 4.41
CA ARG A 4046 74.87 26.65 5.83
C ARG A 4046 73.84 27.74 6.11
N ASP A 4047 73.90 28.83 5.34
CA ASP A 4047 72.96 29.92 5.53
C ASP A 4047 71.55 29.48 5.16
N PHE A 4048 71.43 28.63 4.14
CA PHE A 4048 70.12 28.12 3.75
C PHE A 4048 69.58 27.17 4.82
N HIS A 4049 70.45 26.37 5.43
CA HIS A 4049 70.04 25.51 6.54
C HIS A 4049 69.53 26.34 7.71
N LYS A 4050 70.28 27.36 8.11
CA LYS A 4050 69.80 28.18 9.22
C LYS A 4050 68.56 28.98 8.82
N ALA A 4051 68.38 29.23 7.52
CA ALA A 4051 67.13 29.83 7.06
C ALA A 4051 65.95 28.92 7.32
N MET A 4052 66.07 27.64 6.95
CA MET A 4052 65.00 26.70 7.26
C MET A 4052 64.78 26.59 8.76
N GLU A 4053 65.86 26.53 9.54
CA GLU A 4053 65.73 26.44 10.98
C GLU A 4053 65.06 27.64 11.62
N SER A 4054 65.35 28.85 11.13
CA SER A 4054 64.68 30.04 11.64
C SER A 4054 63.24 30.11 11.17
N HIS A 4055 62.94 29.53 10.00
CA HIS A 4055 61.58 29.58 9.48
C HIS A 4055 60.63 28.81 10.40
N LYS A 4056 61.07 27.65 10.89
CA LYS A 4056 60.36 26.84 11.88
C LYS A 4056 59.05 26.25 11.40
N HIS A 4057 58.67 26.50 10.15
CA HIS A 4057 57.57 25.73 9.57
C HIS A 4057 58.04 24.43 8.95
N TYR A 4058 59.35 24.25 8.82
CA TYR A 4058 59.93 23.00 8.36
C TYR A 4058 60.48 22.23 9.54
N THR A 4059 60.05 20.98 9.68
CA THR A 4059 60.64 20.11 10.68
C THR A 4059 62.01 19.64 10.23
N GLN A 4060 62.64 18.82 11.08
CA GLN A 4060 63.98 18.33 10.78
C GLN A 4060 64.00 17.48 9.52
N SER A 4061 63.01 16.59 9.38
CA SER A 4061 62.97 15.72 8.21
C SER A 4061 62.79 16.52 6.93
N GLU A 4062 61.87 17.49 6.93
CA GLU A 4062 61.70 18.32 5.75
C GLU A 4062 62.93 19.14 5.45
N THR A 4063 63.59 19.67 6.49
CA THR A 4063 64.81 20.45 6.28
C THR A 4063 65.90 19.60 5.63
N GLU A 4064 66.11 18.39 6.15
CA GLU A 4064 67.16 17.55 5.59
C GLU A 4064 66.80 17.07 4.18
N PHE A 4065 65.52 16.85 3.92
CA PHE A 4065 65.12 16.46 2.57
C PHE A 4065 65.34 17.60 1.58
N LEU A 4066 65.02 18.83 1.98
CA LEU A 4066 65.29 19.98 1.12
C LEU A 4066 66.79 20.13 0.89
N LEU A 4067 67.59 19.89 1.94
CA LEU A 4067 69.04 19.92 1.77
C LEU A 4067 69.50 18.90 0.75
N SER A 4068 68.98 17.67 0.85
CA SER A 4068 69.39 16.62 -0.08
C SER A 4068 68.97 16.96 -1.51
N CYS A 4069 67.80 17.54 -1.68
CA CYS A 4069 67.30 17.88 -3.01
C CYS A 4069 67.89 19.16 -3.56
N ALA A 4070 68.75 19.84 -2.80
CA ALA A 4070 69.38 21.08 -3.24
C ALA A 4070 70.78 20.78 -3.71
N GLU A 4071 71.09 21.15 -4.94
CA GLU A 4071 72.40 20.91 -5.51
C GLU A 4071 73.29 22.13 -5.27
N THR A 4072 74.43 21.90 -4.63
CA THR A 4072 75.39 22.96 -4.32
C THR A 4072 76.74 22.61 -4.92
N ASP A 4073 77.43 23.61 -5.45
CA ASP A 4073 78.74 23.39 -6.03
C ASP A 4073 79.79 23.23 -4.94
N GLU A 4074 81.05 23.18 -5.35
CA GLU A 4074 82.15 23.07 -4.39
C GLU A 4074 82.21 24.29 -3.49
N ASN A 4075 81.62 25.40 -3.92
CA ASN A 4075 81.61 26.63 -3.11
C ASN A 4075 80.60 26.57 -1.98
N GLU A 4076 79.92 25.44 -1.78
CA GLU A 4076 78.99 25.25 -0.67
C GLU A 4076 77.81 26.24 -0.80
N THR A 4077 77.54 26.65 -2.04
CA THR A 4077 76.49 27.62 -2.33
C THR A 4077 75.63 27.12 -3.48
N LEU A 4078 74.43 27.67 -3.60
CA LEU A 4078 73.48 27.27 -4.62
C LEU A 4078 72.67 28.47 -5.10
N ASP A 4079 71.88 28.25 -6.15
CA ASP A 4079 71.03 29.29 -6.72
C ASP A 4079 69.59 29.02 -6.27
N TYR A 4080 69.16 29.69 -5.20
CA TYR A 4080 67.87 29.35 -4.61
C TYR A 4080 66.71 29.81 -5.47
N GLU A 4081 66.93 30.82 -6.32
CA GLU A 4081 65.87 31.19 -7.26
C GLU A 4081 65.58 30.04 -8.22
N GLU A 4082 66.61 29.46 -8.82
CA GLU A 4082 66.42 28.31 -9.68
C GLU A 4082 65.85 27.12 -8.92
N PHE A 4083 66.31 26.92 -7.69
CA PHE A 4083 65.78 25.86 -6.83
C PHE A 4083 64.28 26.00 -6.64
N VAL A 4084 63.84 27.18 -6.18
CA VAL A 4084 62.44 27.38 -5.87
C VAL A 4084 61.61 27.34 -7.13
N LYS A 4085 62.17 27.79 -8.25
CA LYS A 4085 61.45 27.67 -9.51
C LYS A 4085 61.18 26.21 -9.84
N ARG A 4086 62.25 25.42 -10.02
CA ARG A 4086 62.11 24.03 -10.41
C ARG A 4086 61.14 23.29 -9.49
N PHE A 4087 61.20 23.56 -8.19
CA PHE A 4087 60.33 22.84 -7.28
C PHE A 4087 59.07 23.58 -6.89
N HIS A 4088 58.75 24.70 -7.55
CA HIS A 4088 57.57 25.45 -7.13
C HIS A 4088 56.53 25.55 -8.23
N GLU A 4089 56.91 25.96 -9.46
CA GLU A 4089 55.84 26.07 -10.46
C GLU A 4089 55.14 24.75 -10.74
N PRO A 4090 55.83 23.62 -10.96
CA PRO A 4090 55.08 22.36 -11.08
C PRO A 4090 54.25 22.06 -9.86
N ALA A 4091 54.79 22.33 -8.68
CA ALA A 4091 53.99 22.22 -7.46
C ALA A 4091 52.78 23.13 -7.52
N LYS A 4092 52.96 24.39 -7.90
CA LYS A 4092 51.87 25.34 -7.90
C LYS A 4092 50.73 24.95 -8.85
N ASP A 4093 51.03 24.47 -10.04
CA ASP A 4093 49.94 24.17 -10.95
C ASP A 4093 49.30 22.80 -10.69
N ILE A 4094 50.13 21.78 -10.42
CA ILE A 4094 49.55 20.46 -10.13
C ILE A 4094 48.73 20.52 -8.85
N GLY A 4095 49.25 21.19 -7.81
CA GLY A 4095 48.51 21.31 -6.58
C GLY A 4095 47.21 22.08 -6.75
N PHE A 4096 47.22 23.10 -7.61
CA PHE A 4096 45.98 23.80 -7.88
C PHE A 4096 44.95 22.90 -8.53
N ASN A 4097 45.38 22.10 -9.50
CA ASN A 4097 44.44 21.17 -10.13
C ASN A 4097 43.91 20.16 -9.13
N VAL A 4098 44.78 19.64 -8.26
CA VAL A 4098 44.35 18.68 -7.26
C VAL A 4098 43.37 19.33 -6.29
N ALA A 4099 43.64 20.57 -5.87
CA ALA A 4099 42.75 21.28 -4.97
C ALA A 4099 41.38 21.50 -5.61
N VAL A 4100 41.37 21.84 -6.90
CA VAL A 4100 40.11 21.98 -7.61
C VAL A 4100 39.36 20.66 -7.66
N LEU A 4101 40.05 19.56 -7.95
CA LEU A 4101 39.42 18.25 -7.96
C LEU A 4101 38.79 17.92 -6.61
N LEU A 4102 39.54 18.15 -5.53
CA LEU A 4102 39.03 17.84 -4.19
C LEU A 4102 37.88 18.74 -3.78
N THR A 4103 37.93 20.03 -4.13
CA THR A 4103 36.80 20.91 -3.84
C THR A 4103 35.56 20.47 -4.59
N ASN A 4104 35.72 20.10 -5.87
CA ASN A 4104 34.60 19.59 -6.65
C ASN A 4104 33.99 18.36 -5.99
N LEU A 4105 34.85 17.40 -5.63
CA LEU A 4105 34.36 16.17 -5.02
C LEU A 4105 33.66 16.46 -3.70
N SER A 4106 34.24 17.33 -2.87
CA SER A 4106 33.64 17.64 -1.58
C SER A 4106 32.29 18.30 -1.74
N GLU A 4107 32.18 19.26 -2.66
CA GLU A 4107 30.94 20.01 -2.79
C GLU A 4107 29.86 19.19 -3.48
N HIS A 4108 30.25 18.16 -4.23
CA HIS A 4108 29.24 17.31 -4.85
C HIS A 4108 28.94 16.04 -4.06
N MET A 4109 29.73 15.74 -3.03
CA MET A 4109 29.46 14.63 -2.12
C MET A 4109 29.56 15.15 -0.70
N PRO A 4110 28.54 15.87 -0.23
CA PRO A 4110 28.68 16.62 1.04
C PRO A 4110 28.72 15.76 2.28
N ASN A 4111 28.37 14.48 2.20
CA ASN A 4111 28.25 13.64 3.40
C ASN A 4111 28.98 12.31 3.22
N ASP A 4112 30.24 12.35 2.79
CA ASP A 4112 31.04 11.15 2.60
C ASP A 4112 32.20 11.18 3.57
N THR A 4113 32.09 10.39 4.65
CA THR A 4113 33.06 10.46 5.74
C THR A 4113 34.47 10.14 5.25
N ARG A 4114 34.60 9.15 4.37
CA ARG A 4114 35.88 8.87 3.75
C ARG A 4114 36.41 10.11 3.05
N LEU A 4115 35.52 10.92 2.49
CA LEU A 4115 35.97 12.11 1.78
C LEU A 4115 36.41 13.19 2.76
N GLN A 4116 35.70 13.40 3.87
CA GLN A 4116 36.21 14.42 4.80
C GLN A 4116 37.52 14.01 5.45
N THR A 4117 37.73 12.74 5.78
CA THR A 4117 39.04 12.36 6.33
C THR A 4117 40.14 12.64 5.33
N PHE A 4118 39.89 12.35 4.07
CA PHE A 4118 40.87 12.61 3.02
C PHE A 4118 41.12 14.11 2.87
N LEU A 4119 40.07 14.92 3.04
CA LEU A 4119 40.24 16.37 3.02
C LEU A 4119 41.08 16.83 4.20
N GLU A 4120 40.88 16.24 5.38
CA GLU A 4120 41.73 16.56 6.52
C GLU A 4120 43.19 16.28 6.19
N LEU A 4121 43.45 15.18 5.50
CA LEU A 4121 44.81 14.94 5.00
C LEU A 4121 45.24 16.05 4.05
N ALA A 4122 44.35 16.50 3.17
CA ALA A 4122 44.67 17.52 2.17
C ALA A 4122 44.42 18.94 2.66
N GLU A 4123 44.43 19.17 3.98
CA GLU A 4123 44.02 20.46 4.52
C GLU A 4123 44.91 21.61 4.07
N SER A 4124 46.23 21.45 4.18
CA SER A 4124 47.14 22.57 4.01
C SER A 4124 47.12 23.10 2.57
N VAL A 4125 47.10 22.18 1.59
CA VAL A 4125 47.13 22.59 0.19
C VAL A 4125 45.89 23.41 -0.16
N LEU A 4126 44.74 22.97 0.35
CA LEU A 4126 43.50 23.71 0.11
C LEU A 4126 43.57 25.10 0.71
N ASN A 4127 44.12 25.22 1.91
CA ASN A 4127 44.28 26.53 2.53
C ASN A 4127 45.20 27.42 1.69
N TYR A 4128 46.28 26.85 1.15
CA TYR A 4128 47.17 27.64 0.31
C TYR A 4128 46.46 28.12 -0.94
N PHE A 4129 45.66 27.27 -1.57
CA PHE A 4129 45.06 27.59 -2.85
C PHE A 4129 43.69 28.23 -2.73
N GLN A 4130 43.22 28.49 -1.52
CA GLN A 4130 41.91 29.13 -1.36
C GLN A 4130 41.80 30.47 -2.05
N PRO A 4131 42.74 31.42 -1.91
CA PRO A 4131 42.57 32.71 -2.60
C PRO A 4131 42.53 32.60 -4.12
N PHE A 4132 43.23 31.65 -4.71
CA PHE A 4132 43.32 31.54 -6.15
C PHE A 4132 42.24 30.68 -6.78
N LEU A 4133 41.31 30.16 -5.99
CA LEU A 4133 40.28 29.24 -6.48
C LEU A 4133 38.99 30.02 -6.69
N GLY A 4134 38.50 30.03 -7.92
CA GLY A 4134 37.26 30.71 -8.28
C GLY A 4134 36.12 29.72 -8.31
N ARG A 4135 34.92 30.21 -8.00
CA ARG A 4135 33.73 29.36 -7.90
C ARG A 4135 32.53 30.17 -8.37
N ILE A 4136 31.89 29.73 -9.46
CA ILE A 4136 30.66 30.33 -9.93
C ILE A 4136 29.70 29.22 -10.29
N GLU A 4137 28.43 29.58 -10.45
CA GLU A 4137 27.37 28.68 -10.88
C GLU A 4137 26.77 29.21 -12.17
N ILE A 4138 26.55 28.30 -13.12
CA ILE A 4138 25.97 28.67 -14.41
C ILE A 4138 24.83 27.72 -14.72
N MET A 4139 23.96 28.15 -15.63
CA MET A 4139 22.86 27.33 -16.12
C MET A 4139 23.41 26.49 -17.27
N GLY A 4140 23.77 25.25 -16.98
CA GLY A 4140 24.53 24.45 -17.91
C GLY A 4140 23.72 24.00 -19.11
N SER A 4141 24.42 23.31 -20.02
CA SER A 4141 23.79 22.82 -21.24
C SER A 4141 22.77 21.73 -20.97
N ALA A 4142 22.88 21.02 -19.85
CA ALA A 4142 21.96 19.96 -19.49
C ALA A 4142 20.75 20.47 -18.74
N LYS A 4143 20.42 21.75 -18.87
CA LYS A 4143 19.29 22.36 -18.17
C LYS A 4143 19.40 22.17 -16.66
N ARG A 4144 20.61 22.26 -16.13
CA ARG A 4144 20.87 22.18 -14.70
C ARG A 4144 21.86 23.25 -14.29
N ILE A 4145 21.79 23.66 -13.03
CA ILE A 4145 22.77 24.60 -12.51
C ILE A 4145 24.07 23.85 -12.23
N GLU A 4146 25.13 24.26 -12.92
CA GLU A 4146 26.43 23.61 -12.82
C GLU A 4146 27.41 24.58 -12.18
N ARG A 4147 28.23 24.06 -11.28
CA ARG A 4147 29.22 24.87 -10.60
C ARG A 4147 30.58 24.73 -11.28
N VAL A 4148 31.22 25.87 -11.54
CA VAL A 4148 32.45 25.94 -12.32
C VAL A 4148 33.58 26.43 -11.45
N TYR A 4149 34.74 25.79 -11.56
CA TYR A 4149 35.94 26.15 -10.83
C TYR A 4149 37.01 26.60 -11.80
N PHE A 4150 37.65 27.72 -11.52
CA PHE A 4150 38.71 28.27 -12.35
C PHE A 4150 39.80 28.85 -11.47
N GLU A 4151 40.75 29.54 -12.09
CA GLU A 4151 41.89 30.11 -11.39
C GLU A 4151 41.78 31.62 -11.35
N ILE A 4152 42.05 32.21 -10.20
CA ILE A 4152 42.09 33.66 -10.01
C ILE A 4152 43.53 34.03 -9.70
N SER A 4153 44.07 34.98 -10.47
CA SER A 4153 45.45 35.38 -10.29
C SER A 4153 45.59 36.45 -9.21
N GLU A 4154 46.77 36.45 -8.58
CA GLU A 4154 47.05 37.40 -7.52
C GLU A 4154 47.00 38.84 -8.04
N SER A 4155 47.54 39.07 -9.23
CA SER A 4155 47.49 40.40 -9.83
C SER A 4155 46.05 40.84 -10.04
N SER A 4156 45.22 39.94 -10.56
CA SER A 4156 43.82 40.28 -10.77
C SER A 4156 43.13 40.62 -9.45
N ARG A 4157 43.39 39.83 -8.40
CA ARG A 4157 42.77 40.12 -7.12
C ARG A 4157 43.21 41.46 -6.56
N THR A 4158 44.50 41.79 -6.65
CA THR A 4158 44.98 43.07 -6.13
C THR A 4158 44.38 44.23 -6.90
N GLN A 4159 44.36 44.13 -8.23
CA GLN A 4159 43.78 45.21 -9.03
C GLN A 4159 42.29 45.35 -8.76
N TRP A 4160 41.62 44.24 -8.45
CA TRP A 4160 40.21 44.32 -8.08
C TRP A 4160 40.04 45.04 -6.74
N GLU A 4161 40.94 44.78 -5.80
CA GLU A 4161 40.84 45.38 -4.48
C GLU A 4161 41.41 46.79 -4.40
N LYS A 4162 41.98 47.31 -5.49
CA LYS A 4162 42.40 48.70 -5.49
C LYS A 4162 41.20 49.61 -5.28
N PRO A 4163 41.35 50.71 -4.55
CA PRO A 4163 40.18 51.52 -4.15
C PRO A 4163 39.41 52.12 -5.32
N GLN A 4164 40.09 52.50 -6.40
CA GLN A 4164 39.38 53.09 -7.54
C GLN A 4164 38.39 52.12 -8.14
N VAL A 4165 38.79 50.85 -8.25
CA VAL A 4165 37.88 49.82 -8.76
C VAL A 4165 36.70 49.64 -7.82
N LYS A 4166 36.93 49.76 -6.51
CA LYS A 4166 35.84 49.67 -5.56
C LYS A 4166 34.86 50.81 -5.72
N GLU A 4167 35.36 52.03 -5.95
CA GLU A 4167 34.48 53.17 -6.19
C GLU A 4167 33.67 52.98 -7.47
N SER A 4168 34.32 52.49 -8.52
CA SER A 4168 33.61 52.19 -9.76
C SER A 4168 32.54 51.14 -9.55
N LYS A 4169 32.83 50.09 -8.77
CA LYS A 4169 31.83 49.08 -8.45
C LYS A 4169 30.65 49.67 -7.72
N ARG A 4170 30.91 50.54 -6.73
CA ARG A 4170 29.81 51.17 -6.00
C ARG A 4170 28.94 52.02 -6.92
N GLN A 4171 29.59 52.80 -7.79
CA GLN A 4171 28.82 53.61 -8.74
C GLN A 4171 27.99 52.74 -9.66
N PHE A 4172 28.58 51.64 -10.16
CA PHE A 4172 27.86 50.74 -11.04
C PHE A 4172 26.64 50.13 -10.36
N ILE A 4173 26.81 49.66 -9.13
CA ILE A 4173 25.71 49.08 -8.39
C ILE A 4173 24.62 50.11 -8.14
N PHE A 4174 25.00 51.32 -7.75
CA PHE A 4174 24.02 52.39 -7.55
C PHE A 4174 23.22 52.64 -8.82
N ASP A 4175 23.90 52.75 -9.96
CA ASP A 4175 23.21 53.01 -11.21
C ASP A 4175 22.25 51.88 -11.57
N VAL A 4176 22.72 50.63 -11.45
CA VAL A 4176 21.89 49.49 -11.82
C VAL A 4176 20.66 49.41 -10.93
N VAL A 4177 20.84 49.61 -9.63
CA VAL A 4177 19.72 49.49 -8.71
C VAL A 4177 18.71 50.60 -8.93
N ASN A 4178 19.18 51.83 -9.16
CA ASN A 4178 18.26 52.95 -9.21
C ASN A 4178 17.60 53.09 -10.58
N GLU A 4179 18.39 53.20 -11.64
CA GLU A 4179 17.83 53.42 -12.97
C GLU A 4179 18.16 52.26 -13.93
N GLY A 4180 18.02 51.04 -13.43
CA GLY A 4180 18.28 49.86 -14.25
C GLY A 4180 17.07 48.97 -14.30
N GLY A 4181 16.90 48.30 -15.44
CA GLY A 4181 15.82 47.36 -15.63
C GLY A 4181 16.29 45.92 -15.50
N GLU A 4182 15.31 45.01 -15.52
CA GLU A 4182 15.61 43.59 -15.37
C GLU A 4182 16.15 42.97 -16.65
N LYS A 4183 15.72 43.44 -17.82
CA LYS A 4183 16.31 43.00 -19.08
C LYS A 4183 17.78 43.37 -19.18
N GLU A 4184 18.11 44.63 -18.89
CA GLU A 4184 19.45 45.14 -19.16
C GLU A 4184 20.40 44.95 -17.99
N LYS A 4185 19.96 44.27 -16.93
CA LYS A 4185 20.83 44.13 -15.75
C LYS A 4185 22.07 43.32 -16.09
N MET A 4186 21.89 42.15 -16.68
CA MET A 4186 23.02 41.31 -17.05
C MET A 4186 23.82 41.86 -18.21
N GLU A 4187 23.23 42.69 -19.06
CA GLU A 4187 24.00 43.33 -20.12
C GLU A 4187 24.90 44.44 -19.57
N LEU A 4188 24.35 45.28 -18.70
CA LEU A 4188 25.13 46.30 -18.02
C LEU A 4188 26.21 45.70 -17.14
N PHE A 4189 25.90 44.58 -16.46
CA PHE A 4189 26.90 43.94 -15.63
C PHE A 4189 28.07 43.43 -16.47
N VAL A 4190 27.79 42.83 -17.62
CA VAL A 4190 28.86 42.37 -18.50
C VAL A 4190 29.66 43.54 -19.06
N ASN A 4191 29.00 44.63 -19.46
CA ASN A 4191 29.75 45.80 -19.91
C ASN A 4191 30.66 46.36 -18.83
N PHE A 4192 30.15 46.46 -17.60
CA PHE A 4192 30.98 46.92 -16.50
C PHE A 4192 32.14 45.98 -16.25
N CYS A 4193 31.89 44.67 -16.33
CA CYS A 4193 32.96 43.69 -16.15
C CYS A 4193 34.04 43.86 -17.21
N GLU A 4194 33.64 44.08 -18.47
CA GLU A 4194 34.62 44.25 -19.53
C GLU A 4194 35.45 45.51 -19.34
N ASP A 4195 34.79 46.63 -19.03
CA ASP A 4195 35.54 47.87 -18.81
C ASP A 4195 36.48 47.74 -17.62
N THR A 4196 36.01 47.14 -16.53
CA THR A 4196 36.85 46.95 -15.36
C THR A 4196 38.01 46.02 -15.64
N ILE A 4197 37.79 44.96 -16.41
CA ILE A 4197 38.87 44.05 -16.76
C ILE A 4197 39.94 44.79 -17.54
N PHE A 4198 39.52 45.61 -18.51
CA PHE A 4198 40.49 46.38 -19.27
C PHE A 4198 41.27 47.32 -18.37
N GLU A 4199 40.59 48.02 -17.46
CA GLU A 4199 41.30 48.98 -16.63
C GLU A 4199 42.23 48.30 -15.63
N MET A 4200 41.85 47.15 -15.07
CA MET A 4200 42.76 46.42 -14.21
C MET A 4200 43.95 45.84 -14.97
N GLN A 4201 43.76 45.39 -16.20
CA GLN A 4201 44.90 44.97 -17.01
C GLN A 4201 45.85 46.12 -17.32
N LEU A 4202 45.32 47.29 -17.68
CA LEU A 4202 46.17 48.44 -17.93
C LEU A 4202 46.91 48.89 -16.68
N ALA A 4203 46.23 48.88 -15.52
CA ALA A 4203 46.88 49.25 -14.28
C ALA A 4203 48.00 48.28 -13.92
N ALA A 4204 47.77 46.97 -14.09
CA ALA A 4204 48.82 46.01 -13.83
C ALA A 4204 49.98 46.20 -14.80
N GLN A 4205 49.68 46.56 -16.05
CA GLN A 4205 50.73 46.80 -17.02
C GLN A 4205 51.59 48.00 -16.62
N ILE A 4206 50.96 49.10 -16.21
CA ILE A 4206 51.73 50.31 -15.90
C ILE A 4206 52.47 50.15 -14.59
N SER A 4207 51.90 49.41 -13.64
CA SER A 4207 52.51 49.24 -12.31
C SER A 4207 53.54 48.12 -12.37
N GLU A 4208 54.66 48.42 -13.01
CA GLU A 4208 55.76 47.48 -13.14
C GLU A 4208 57.04 48.08 -12.57
N SER A 4209 57.79 47.26 -11.85
CA SER A 4209 59.04 47.70 -11.24
C SER A 4209 60.25 47.13 -11.98
N SER A 4237 50.75 64.22 14.29
CA SER A 4237 51.09 62.90 13.76
C SER A 4237 51.98 62.15 14.73
N ILE A 4238 53.04 61.53 14.20
CA ILE A 4238 53.95 60.76 15.03
C ILE A 4238 54.62 61.65 16.06
N LEU A 4239 55.05 62.84 15.65
CA LEU A 4239 55.69 63.75 16.58
C LEU A 4239 54.74 64.17 17.69
N THR A 4240 53.49 64.49 17.34
CA THR A 4240 52.52 64.89 18.35
C THR A 4240 52.23 63.74 19.31
N VAL A 4241 52.10 62.53 18.80
CA VAL A 4241 51.84 61.37 19.67
C VAL A 4241 53.01 61.15 20.61
N ARG A 4242 54.24 61.25 20.09
CA ARG A 4242 55.41 61.07 20.93
C ARG A 4242 55.48 62.15 22.01
N SER A 4243 55.18 63.40 21.65
CA SER A 4243 55.19 64.48 22.63
C SER A 4243 54.14 64.27 23.72
N ALA A 4244 52.94 63.85 23.31
CA ALA A 4244 51.88 63.60 24.29
C ALA A 4244 52.25 62.45 25.22
N LEU A 4245 52.84 61.38 24.68
CA LEU A 4245 53.25 60.26 25.51
C LEU A 4245 54.35 60.67 26.47
N PHE A 4246 55.31 61.47 26.01
CA PHE A 4246 56.37 61.95 26.90
C PHE A 4246 55.78 62.83 28.01
N ALA A 4247 54.83 63.69 27.66
CA ALA A 4247 54.18 64.53 28.67
C ALA A 4247 53.45 63.68 29.70
N LEU A 4248 52.69 62.67 29.25
CA LEU A 4248 52.05 61.76 30.19
C LEU A 4248 53.06 61.11 31.12
N ARG A 4249 54.12 60.52 30.56
CA ARG A 4249 55.11 59.84 31.38
C ARG A 4249 55.71 60.78 32.41
N TYR A 4250 56.12 61.97 31.96
CA TYR A 4250 56.81 62.90 32.86
C TYR A 4250 55.88 63.39 33.96
N ASN A 4251 54.68 63.84 33.59
CA ASN A 4251 53.77 64.40 34.59
C ASN A 4251 53.32 63.35 35.59
N ILE A 4252 53.00 62.14 35.12
CA ILE A 4252 52.60 61.10 36.04
C ILE A 4252 53.77 60.71 36.94
N LEU A 4253 54.99 60.70 36.40
CA LEU A 4253 56.14 60.44 37.25
C LEU A 4253 56.29 61.48 38.33
N THR A 4254 56.14 62.77 37.98
CA THR A 4254 56.23 63.82 38.98
C THR A 4254 55.16 63.67 40.05
N LEU A 4255 53.97 63.21 39.66
CA LEU A 4255 52.95 62.91 40.65
C LEU A 4255 53.39 61.78 41.56
N MET A 4256 54.02 60.74 41.01
CA MET A 4256 54.29 59.55 41.81
C MET A 4256 55.56 59.66 42.64
N ARG A 4257 56.43 60.64 42.36
CA ARG A 4257 57.57 60.85 43.24
C ARG A 4257 57.17 61.10 44.67
N MET A 4258 56.01 61.72 44.90
CA MET A 4258 55.57 62.00 46.26
C MET A 4258 55.45 60.71 47.06
N LEU A 4259 54.91 59.66 46.44
CA LEU A 4259 54.85 58.37 47.10
C LEU A 4259 56.20 57.65 47.05
N SER A 4260 56.95 57.85 45.96
CA SER A 4260 58.19 57.11 45.76
C SER A 4260 59.30 57.53 46.71
N LEU A 4261 59.21 58.73 47.29
CA LEU A 4261 60.20 59.13 48.29
C LEU A 4261 60.18 58.25 49.52
N LYS A 4262 59.06 57.55 49.78
CA LYS A 4262 58.89 56.73 50.97
C LYS A 4262 59.09 57.55 52.25
N SER A 4263 58.85 58.85 52.13
CA SER A 4263 59.01 59.78 53.25
C SER A 4263 57.68 60.06 53.95
N LEU A 4264 56.69 59.21 53.76
CA LEU A 4264 55.40 59.35 54.41
C LEU A 4264 55.50 59.20 55.93
N LYS A 4265 56.68 58.89 56.46
CA LYS A 4265 56.87 58.79 57.90
C LYS A 4265 56.59 60.13 58.58
N LYS A 4266 57.02 61.24 57.97
CA LYS A 4266 56.80 62.54 58.59
C LYS A 4266 55.31 62.86 58.68
N GLN A 4267 54.54 62.54 57.63
CA GLN A 4267 53.10 62.71 57.69
C GLN A 4267 52.48 61.77 58.72
N MET A 4268 52.98 60.54 58.79
CA MET A 4268 52.45 59.57 59.73
C MET A 4268 52.69 59.98 61.17
N LYS A 4269 53.78 60.71 61.43
CA LYS A 4269 54.01 61.28 62.76
C LYS A 4269 52.81 62.10 63.22
N LYS A 4270 52.34 63.02 62.37
CA LYS A 4270 51.24 63.89 62.78
C LYS A 4270 49.90 63.19 62.66
N VAL A 4271 49.76 62.24 61.72
CA VAL A 4271 48.45 61.61 61.51
C VAL A 4271 48.29 60.32 62.29
N LYS A 4272 49.22 60.00 63.19
CA LYS A 4272 48.98 58.91 64.13
C LYS A 4272 47.70 59.14 64.92
N LYS A 4273 47.45 60.39 65.30
CA LYS A 4273 46.15 60.77 65.84
C LYS A 4273 45.23 61.08 64.67
N MET A 4274 44.73 60.01 64.05
CA MET A 4274 43.89 60.10 62.86
C MET A 4274 42.44 60.34 63.28
N THR A 4275 41.93 61.52 62.97
CA THR A 4275 40.52 61.80 63.15
C THR A 4275 39.82 61.82 61.79
N VAL A 4276 38.49 61.86 61.84
CA VAL A 4276 37.69 61.85 60.61
C VAL A 4276 38.00 63.08 59.77
N LYS A 4277 38.26 64.21 60.41
CA LYS A 4277 38.52 65.45 59.68
C LYS A 4277 39.80 65.36 58.86
N ASP A 4278 40.90 64.95 59.51
CA ASP A 4278 42.16 64.77 58.79
C ASP A 4278 42.03 63.68 57.74
N MET A 4279 41.24 62.65 58.04
CA MET A 4279 41.00 61.56 57.10
C MET A 4279 40.37 62.08 55.81
N VAL A 4280 39.30 62.85 55.94
CA VAL A 4280 38.62 63.42 54.78
C VAL A 4280 39.51 64.42 54.09
N THR A 4281 40.31 65.18 54.85
CA THR A 4281 41.20 66.16 54.25
C THR A 4281 42.21 65.49 53.33
N ALA A 4282 42.82 64.41 53.79
CA ALA A 4282 43.76 63.67 52.94
C ALA A 4282 43.04 63.06 51.74
N PHE A 4283 41.83 62.54 51.97
CA PHE A 4283 41.05 61.96 50.88
C PHE A 4283 40.81 62.98 49.78
N PHE A 4284 40.51 64.22 50.15
CA PHE A 4284 40.30 65.28 49.16
C PHE A 4284 41.63 65.72 48.54
N SER A 4285 42.69 65.75 49.34
CA SER A 4285 43.97 66.25 48.87
C SER A 4285 44.54 65.36 47.77
N SER A 4286 44.33 64.05 47.89
CA SER A 4286 44.81 63.16 46.85
C SER A 4286 44.20 63.49 45.49
N TYR A 4287 42.88 63.69 45.44
CA TYR A 4287 42.22 64.00 44.19
C TYR A 4287 42.59 65.39 43.69
N TRP A 4288 42.82 66.32 44.63
CA TRP A 4288 43.27 67.65 44.22
C TRP A 4288 44.64 67.58 43.55
N SER A 4289 45.53 66.75 44.10
CA SER A 4289 46.84 66.55 43.47
C SER A 4289 46.70 65.92 42.10
N ILE A 4290 45.79 64.96 41.96
CA ILE A 4290 45.56 64.35 40.64
C ILE A 4290 45.11 65.40 39.64
N PHE A 4291 44.20 66.29 40.06
CA PHE A 4291 43.67 67.30 39.15
C PHE A 4291 44.75 68.32 38.77
N MET A 4292 45.60 68.70 39.74
CA MET A 4292 46.77 69.52 39.42
C MET A 4292 47.67 68.85 38.40
N THR A 4293 47.91 67.55 38.57
CA THR A 4293 48.76 66.83 37.62
C THR A 4293 48.13 66.84 36.23
N LEU A 4294 46.81 66.67 36.14
CA LEU A 4294 46.15 66.72 34.86
C LEU A 4294 46.29 68.08 34.20
N LEU A 4295 46.14 69.15 34.98
CA LEU A 4295 46.30 70.50 34.43
C LEU A 4295 47.73 70.70 33.90
N HIS A 4296 48.72 70.26 34.68
CA HIS A 4296 50.10 70.38 34.22
C HIS A 4296 50.32 69.59 32.94
N PHE A 4297 49.74 68.40 32.85
CA PHE A 4297 49.90 67.59 31.65
C PHE A 4297 49.28 68.26 30.43
N VAL A 4298 48.10 68.86 30.60
CA VAL A 4298 47.46 69.55 29.48
C VAL A 4298 48.30 70.75 29.03
N ALA A 4299 48.82 71.51 29.99
CA ALA A 4299 49.69 72.64 29.65
C ALA A 4299 50.93 72.17 28.89
N SER A 4300 51.53 71.07 29.35
CA SER A 4300 52.71 70.54 28.67
C SER A 4300 52.37 70.10 27.25
N VAL A 4301 51.20 69.49 27.06
CA VAL A 4301 50.79 69.07 25.72
C VAL A 4301 50.64 70.28 24.81
N PHE A 4302 50.01 71.35 25.30
CA PHE A 4302 49.87 72.54 24.47
C PHE A 4302 51.23 73.15 24.13
N ARG A 4303 52.14 73.20 25.10
CA ARG A 4303 53.47 73.75 24.83
C ARG A 4303 54.20 72.92 23.79
N GLY A 4304 54.14 71.59 23.93
CA GLY A 4304 54.81 70.73 22.97
C GLY A 4304 54.21 70.84 21.58
N PHE A 4305 52.88 70.95 21.50
CA PHE A 4305 52.24 71.12 20.20
C PHE A 4305 52.65 72.43 19.54
N PHE A 4306 52.73 73.50 20.32
CA PHE A 4306 53.18 74.77 19.77
C PHE A 4306 54.63 74.69 19.29
N ARG A 4307 55.49 74.03 20.06
CA ARG A 4307 56.88 73.86 19.62
C ARG A 4307 56.95 73.04 18.33
N ILE A 4308 56.11 72.01 18.22
CA ILE A 4308 56.13 71.16 17.03
C ILE A 4308 55.67 71.95 15.81
N ILE A 4309 54.57 72.69 15.94
CA ILE A 4309 54.05 73.43 14.79
C ILE A 4309 55.00 74.57 14.42
N CYS A 4310 55.72 75.11 15.39
CA CYS A 4310 56.73 76.12 15.10
C CYS A 4310 58.07 75.47 14.78
N PHE A 4480 69.14 51.10 -30.75
CA PHE A 4480 68.72 52.49 -30.89
C PHE A 4480 67.22 52.61 -30.62
N TRP A 4481 66.43 52.05 -31.52
CA TRP A 4481 64.97 52.07 -31.34
C TRP A 4481 64.56 51.25 -30.12
N LYS A 4482 65.24 50.13 -29.91
CA LYS A 4482 64.92 49.28 -28.75
C LYS A 4482 65.17 50.00 -27.43
N LYS A 4483 65.99 51.04 -27.44
CA LYS A 4483 66.21 51.83 -26.23
C LYS A 4483 65.27 53.03 -26.17
N ILE A 4484 65.06 53.70 -27.31
CA ILE A 4484 64.20 54.87 -27.29
C ILE A 4484 62.77 54.49 -26.93
N ILE A 4485 62.27 53.37 -27.49
CA ILE A 4485 60.91 52.96 -27.20
C ILE A 4485 60.77 52.56 -25.74
N ALA A 4486 61.79 51.88 -25.20
CA ALA A 4486 61.75 51.48 -23.80
C ALA A 4486 61.71 52.69 -22.88
N TYR A 4487 62.52 53.71 -23.17
CA TYR A 4487 62.53 54.87 -22.30
C TYR A 4487 61.22 55.66 -22.42
N GLN A 4488 60.68 55.74 -23.64
CA GLN A 4488 59.37 56.36 -23.82
C GLN A 4488 58.30 55.64 -23.01
N GLN A 4489 58.34 54.31 -23.04
CA GLN A 4489 57.38 53.53 -22.27
C GLN A 4489 57.54 53.78 -20.77
N LYS A 4490 58.79 53.89 -20.30
CA LYS A 4490 59.01 54.17 -18.89
C LYS A 4490 58.42 55.52 -18.50
N LEU A 4491 58.63 56.54 -19.33
CA LEU A 4491 58.06 57.86 -19.04
C LEU A 4491 56.53 57.81 -19.04
N LEU A 4492 55.95 57.14 -20.03
CA LEU A 4492 54.49 57.03 -20.11
C LEU A 4492 53.94 56.35 -18.86
N ASN A 4493 54.60 55.26 -18.44
CA ASN A 4493 54.15 54.55 -17.25
C ASN A 4493 54.26 55.41 -16.01
N TYR A 4494 55.34 56.19 -15.89
CA TYR A 4494 55.50 57.07 -14.74
C TYR A 4494 54.37 58.09 -14.67
N PHE A 4495 54.08 58.73 -15.80
CA PHE A 4495 53.03 59.75 -15.80
C PHE A 4495 51.66 59.15 -15.53
N ALA A 4496 51.37 57.98 -16.12
CA ALA A 4496 50.10 57.32 -15.87
C ALA A 4496 49.97 56.93 -14.40
N ARG A 4497 51.05 56.46 -13.80
CA ARG A 4497 51.02 56.11 -12.39
C ARG A 4497 50.75 57.33 -11.52
N ASN A 4498 51.38 58.46 -11.84
CA ASN A 4498 51.31 59.64 -10.98
C ASN A 4498 50.26 60.65 -11.44
N PHE A 4499 49.33 60.25 -12.30
CA PHE A 4499 48.31 61.17 -12.79
C PHE A 4499 47.55 61.83 -11.65
N TYR A 4500 47.04 61.05 -10.70
CA TYR A 4500 46.20 61.60 -9.64
C TYR A 4500 46.98 62.47 -8.67
N ASN A 4501 48.20 62.06 -8.30
CA ASN A 4501 48.99 62.86 -7.38
C ASN A 4501 49.28 64.24 -7.95
N MET A 4502 49.59 64.31 -9.24
CA MET A 4502 49.75 65.60 -9.89
C MET A 4502 48.48 66.43 -9.90
N ARG A 4503 47.31 65.81 -10.02
CA ARG A 4503 46.05 66.54 -9.93
C ARG A 4503 45.79 67.08 -8.53
N MET A 4504 46.24 66.38 -7.48
CA MET A 4504 46.22 66.96 -6.15
C MET A 4504 47.21 68.10 -5.99
N LEU A 4505 48.41 67.93 -6.53
CA LEU A 4505 49.44 68.95 -6.41
C LEU A 4505 49.03 70.23 -7.14
N ALA A 4506 48.32 70.10 -8.26
CA ALA A 4506 47.83 71.29 -8.96
C ALA A 4506 46.86 72.07 -8.09
N LEU A 4507 45.94 71.37 -7.42
CA LEU A 4507 44.99 72.06 -6.54
C LEU A 4507 45.70 72.72 -5.37
N PHE A 4508 46.67 72.04 -4.77
CA PHE A 4508 47.41 72.63 -3.66
C PHE A 4508 48.16 73.88 -4.09
N VAL A 4509 48.81 73.83 -5.26
CA VAL A 4509 49.51 75.00 -5.78
C VAL A 4509 48.53 76.11 -6.12
N ALA A 4510 47.34 75.78 -6.61
CA ALA A 4510 46.31 76.76 -6.88
C ALA A 4510 45.82 77.46 -5.62
N PHE A 4511 45.64 76.73 -4.52
CA PHE A 4511 45.33 77.34 -3.24
C PHE A 4511 46.46 78.21 -2.71
N ALA A 4512 47.71 77.78 -2.88
CA ALA A 4512 48.84 78.60 -2.47
C ALA A 4512 48.96 79.89 -3.25
N ILE A 4513 48.81 79.83 -4.57
CA ILE A 4513 48.89 81.02 -5.40
C ILE A 4513 47.78 82.00 -5.05
N ASN A 4514 46.57 81.49 -4.87
CA ASN A 4514 45.44 82.34 -4.55
C ASN A 4514 45.53 82.94 -3.15
N PHE A 4515 46.16 82.25 -2.20
CA PHE A 4515 46.41 82.83 -0.89
C PHE A 4515 47.48 83.91 -0.95
N ILE A 4516 48.51 83.72 -1.78
CA ILE A 4516 49.49 84.79 -1.97
C ILE A 4516 48.83 85.99 -2.64
N LEU A 4517 47.97 85.76 -3.62
CA LEU A 4517 47.31 86.83 -4.34
C LEU A 4517 46.37 87.64 -3.47
N LEU A 4518 46.03 87.14 -2.29
CA LEU A 4518 45.11 87.85 -1.40
C LEU A 4518 45.78 89.01 -0.69
N PHE A 4519 47.11 89.09 -0.73
CA PHE A 4519 47.87 90.20 -0.16
C PHE A 4519 48.32 91.17 -1.24
N TYR A 4520 47.52 91.29 -2.30
CA TYR A 4520 47.74 92.17 -3.44
C TYR A 4520 46.93 93.45 -3.29
N LYS A 4521 47.53 94.57 -3.68
CA LYS A 4521 46.83 95.84 -3.70
C LYS A 4521 47.19 96.63 -4.95
N VAL A 4522 46.29 97.50 -5.36
CA VAL A 4522 46.54 98.40 -6.47
C VAL A 4522 47.18 99.68 -5.95
N SER A 4523 47.98 100.32 -6.80
CA SER A 4523 48.64 101.57 -6.45
C SER A 4523 48.57 102.52 -7.64
N THR A 4524 48.68 103.81 -7.35
CA THR A 4524 48.65 104.83 -8.38
C THR A 4524 49.88 105.71 -8.32
N ILE A 4555 43.03 105.36 -14.93
CA ILE A 4555 43.92 105.37 -13.78
C ILE A 4555 45.14 104.50 -14.03
N ALA A 4556 46.09 104.54 -13.11
CA ALA A 4556 47.31 103.74 -13.20
C ALA A 4556 47.08 102.44 -12.44
N VAL A 4557 46.95 101.34 -13.17
CA VAL A 4557 46.75 100.02 -12.58
C VAL A 4557 48.11 99.33 -12.52
N HIS A 4558 48.59 99.06 -11.31
CA HIS A 4558 49.91 98.50 -11.09
C HIS A 4558 49.80 97.07 -10.59
N TYR A 4559 50.59 96.18 -11.19
CA TYR A 4559 50.72 94.81 -10.71
C TYR A 4559 51.81 94.77 -9.64
N VAL A 4560 51.48 95.30 -8.46
CA VAL A 4560 52.42 95.41 -7.35
C VAL A 4560 51.88 94.59 -6.18
N LEU A 4561 52.68 93.62 -5.75
CA LEU A 4561 52.36 92.83 -4.57
C LEU A 4561 53.03 93.47 -3.36
N GLU A 4562 52.22 93.90 -2.39
CA GLU A 4562 52.72 94.57 -1.19
C GLU A 4562 52.67 93.60 -0.02
N GLU A 4563 53.81 93.40 0.63
CA GLU A 4563 53.89 92.52 1.78
C GLU A 4563 55.08 92.92 2.64
N SER A 4564 55.04 92.50 3.91
CA SER A 4564 56.12 92.83 4.83
C SER A 4564 57.35 91.97 4.59
N SER A 4565 57.15 90.69 4.28
CA SER A 4565 58.27 89.78 4.10
C SER A 4565 59.08 90.13 2.86
N GLY A 4566 58.39 90.31 1.72
CA GLY A 4566 59.02 90.64 0.46
C GLY A 4566 59.40 89.44 -0.36
N TYR A 4567 59.36 88.23 0.22
CA TYR A 4567 59.79 87.05 -0.52
C TYR A 4567 58.62 86.46 -1.30
N MET A 4568 57.39 86.84 -0.98
CA MET A 4568 56.24 86.23 -1.66
C MET A 4568 56.20 86.60 -3.13
N GLU A 4569 56.87 87.68 -3.52
CA GLU A 4569 56.89 88.07 -4.94
C GLU A 4569 57.62 87.04 -5.80
N PRO A 4570 58.88 86.65 -5.52
CA PRO A 4570 59.48 85.55 -6.29
C PRO A 4570 58.73 84.23 -6.11
N THR A 4571 58.17 84.01 -4.92
CA THR A 4571 57.42 82.79 -4.68
C THR A 4571 56.23 82.67 -5.61
N LEU A 4572 55.56 83.79 -5.90
CA LEU A 4572 54.45 83.79 -6.84
C LEU A 4572 54.86 83.34 -8.23
N ARG A 4573 55.98 83.85 -8.77
CA ARG A 4573 56.47 83.42 -10.07
C ARG A 4573 56.86 81.95 -10.08
N ILE A 4574 57.57 81.51 -9.04
CA ILE A 4574 57.96 80.10 -8.96
C ILE A 4574 56.73 79.21 -8.93
N LEU A 4575 55.73 79.59 -8.13
CA LEU A 4575 54.52 78.79 -8.01
C LEU A 4575 53.74 78.79 -9.31
N ALA A 4576 53.70 79.91 -10.02
CA ALA A 4576 53.01 79.96 -11.30
C ALA A 4576 53.67 79.04 -12.33
N ILE A 4577 55.00 79.08 -12.40
CA ILE A 4577 55.71 78.19 -13.32
C ILE A 4577 55.46 76.73 -12.95
N LEU A 4578 55.53 76.41 -11.66
CA LEU A 4578 55.30 75.04 -11.22
C LEU A 4578 53.87 74.60 -11.55
N HIS A 4579 52.90 75.50 -11.37
CA HIS A 4579 51.52 75.16 -11.69
C HIS A 4579 51.34 74.88 -13.17
N THR A 4580 51.95 75.69 -14.03
CA THR A 4580 51.86 75.42 -15.46
C THR A 4580 52.50 74.09 -15.84
N VAL A 4581 53.67 73.79 -15.27
CA VAL A 4581 54.31 72.51 -15.54
C VAL A 4581 53.44 71.34 -15.08
N ILE A 4582 52.85 71.44 -13.89
CA ILE A 4582 52.00 70.36 -13.38
C ILE A 4582 50.75 70.23 -14.24
N SER A 4583 50.21 71.35 -14.72
CA SER A 4583 49.05 71.28 -15.59
C SER A 4583 49.36 70.56 -16.89
N PHE A 4584 50.53 70.83 -17.48
CA PHE A 4584 50.94 70.08 -18.66
C PHE A 4584 51.11 68.60 -18.35
N PHE A 4585 51.74 68.30 -17.22
CA PHE A 4585 51.93 66.91 -16.82
C PHE A 4585 50.63 66.18 -16.58
N CYS A 4586 49.60 66.86 -16.10
CA CYS A 4586 48.29 66.25 -15.91
C CYS A 4586 47.60 65.90 -17.22
N ILE A 4587 47.86 66.66 -18.29
CA ILE A 4587 47.35 66.32 -19.61
C ILE A 4587 48.10 65.09 -20.11
N ILE A 4588 49.43 65.09 -19.92
CA ILE A 4588 50.21 63.94 -20.37
C ILE A 4588 49.75 62.68 -19.64
N GLY A 4589 49.58 62.76 -18.32
CA GLY A 4589 49.15 61.60 -17.57
C GLY A 4589 47.77 61.12 -17.96
N TYR A 4590 46.85 62.07 -18.22
CA TYR A 4590 45.55 61.68 -18.73
C TYR A 4590 45.67 60.92 -20.04
N TYR A 4591 46.49 61.42 -20.96
CA TYR A 4591 46.66 60.74 -22.24
C TYR A 4591 47.23 59.34 -22.04
N CYS A 4592 48.18 59.18 -21.12
CA CYS A 4592 48.76 57.86 -20.90
C CYS A 4592 47.83 56.90 -20.18
N LEU A 4593 46.92 57.42 -19.35
CA LEU A 4593 46.13 56.55 -18.48
C LEU A 4593 44.70 56.34 -18.93
N LYS A 4594 43.93 57.40 -19.19
CA LYS A 4594 42.49 57.25 -19.37
C LYS A 4594 42.03 57.30 -20.82
N VAL A 4595 42.86 57.78 -21.74
CA VAL A 4595 42.54 57.72 -23.16
C VAL A 4595 42.35 56.28 -23.62
N PRO A 4596 43.22 55.33 -23.25
CA PRO A 4596 42.99 53.95 -23.70
C PRO A 4596 41.64 53.38 -23.30
N LEU A 4597 41.14 53.72 -22.12
CA LEU A 4597 39.81 53.22 -21.73
C LEU A 4597 38.72 53.81 -22.61
N VAL A 4598 38.83 55.10 -22.93
CA VAL A 4598 37.85 55.74 -23.81
C VAL A 4598 37.88 55.10 -25.18
N ILE A 4599 39.08 54.88 -25.74
CA ILE A 4599 39.19 54.23 -27.03
C ILE A 4599 38.64 52.81 -26.99
N PHE A 4600 38.91 52.07 -25.92
CA PHE A 4600 38.39 50.72 -25.78
C PHE A 4600 36.87 50.71 -25.80
N LYS A 4601 36.26 51.61 -25.01
CA LYS A 4601 34.79 51.64 -24.98
C LYS A 4601 34.21 52.06 -26.31
N ARG A 4602 34.82 53.03 -26.98
CA ARG A 4602 34.31 53.46 -28.28
C ARG A 4602 34.41 52.34 -29.30
N GLU A 4603 35.55 51.65 -29.35
CA GLU A 4603 35.72 50.54 -30.27
C GLU A 4603 34.76 49.40 -29.97
N LYS A 4604 34.50 49.14 -28.69
CA LYS A 4604 33.51 48.13 -28.33
C LYS A 4604 32.12 48.52 -28.81
N GLU A 4605 31.71 49.77 -28.57
CA GLU A 4605 30.38 50.20 -28.97
C GLU A 4605 30.20 50.13 -30.47
N VAL A 4606 31.18 50.61 -31.24
CA VAL A 4606 31.04 50.63 -32.69
C VAL A 4606 31.01 49.20 -33.24
N ALA A 4607 31.81 48.31 -32.65
CA ALA A 4607 31.82 46.93 -33.10
C ALA A 4607 30.48 46.25 -32.82
N ARG A 4608 29.92 46.48 -31.63
CA ARG A 4608 28.64 45.88 -31.31
C ARG A 4608 27.53 46.42 -32.20
N LYS A 4609 27.54 47.73 -32.47
CA LYS A 4609 26.54 48.29 -33.37
C LYS A 4609 26.70 47.75 -34.79
N LEU A 4610 27.95 47.56 -35.22
CA LEU A 4610 28.19 47.01 -36.55
C LEU A 4610 27.67 45.59 -36.67
N GLU A 4611 27.91 44.76 -35.64
CA GLU A 4611 27.57 43.34 -35.75
C GLU A 4611 26.09 43.09 -35.48
N PHE A 4612 25.59 43.56 -34.33
CA PHE A 4612 24.25 43.20 -33.91
C PHE A 4612 23.20 44.22 -34.34
N ASP A 4613 23.60 45.28 -35.04
CA ASP A 4613 22.64 46.24 -35.56
C ASP A 4613 22.89 46.65 -37.00
N GLY A 4614 24.07 46.36 -37.56
CA GLY A 4614 24.36 46.75 -38.92
C GLY A 4614 24.32 48.25 -39.14
N LEU A 4615 24.95 49.00 -38.23
CA LEU A 4615 24.88 50.45 -38.22
C LEU A 4615 25.44 51.09 -39.48
N TYR A 4616 26.22 50.37 -40.27
CA TYR A 4616 26.70 50.89 -41.53
C TYR A 4616 26.43 49.96 -42.71
N ILE A 4617 25.76 48.83 -42.48
CA ILE A 4617 25.40 47.91 -43.55
C ILE A 4617 23.91 48.05 -43.84
N THR A 4618 23.08 47.86 -42.81
CA THR A 4618 21.64 47.90 -43.00
C THR A 4618 21.12 49.32 -42.83
N GLU A 4619 21.47 49.97 -41.74
CA GLU A 4619 21.00 51.30 -41.39
C GLU A 4619 22.18 52.26 -41.44
N GLN A 4620 21.89 53.55 -41.28
CA GLN A 4620 22.89 54.59 -41.36
C GLN A 4620 22.72 55.59 -40.23
N PRO A 4621 23.79 56.28 -39.85
CA PRO A 4621 23.68 57.26 -38.76
C PRO A 4621 22.69 58.36 -39.10
N SER A 4622 22.19 59.01 -38.05
CA SER A 4622 21.10 59.97 -38.18
C SER A 4622 21.53 61.29 -38.80
N GLU A 4623 22.80 61.44 -39.17
CA GLU A 4623 23.33 62.65 -39.79
C GLU A 4623 23.34 63.81 -38.81
N ASP A 4624 22.84 63.58 -37.59
CA ASP A 4624 22.91 64.55 -36.51
C ASP A 4624 23.72 64.04 -35.34
N ASP A 4625 24.24 62.82 -35.42
CA ASP A 4625 25.06 62.21 -34.37
C ASP A 4625 26.52 62.34 -34.78
N ILE A 4626 27.24 63.27 -34.13
CA ILE A 4626 28.63 63.50 -34.47
C ILE A 4626 29.45 62.25 -34.19
N LYS A 4627 29.13 61.53 -33.12
CA LYS A 4627 29.83 60.29 -32.79
C LYS A 4627 29.65 59.26 -33.91
N GLY A 4628 28.40 59.04 -34.33
CA GLY A 4628 28.15 58.07 -35.37
C GLY A 4628 28.81 58.44 -36.69
N GLN A 4629 28.76 59.72 -37.04
CA GLN A 4629 29.37 60.15 -38.30
C GLN A 4629 30.89 60.03 -38.25
N TRP A 4630 31.50 60.37 -37.11
CA TRP A 4630 32.95 60.27 -37.00
C TRP A 4630 33.43 58.84 -36.94
N ASP A 4631 32.60 57.92 -36.43
CA ASP A 4631 33.02 56.52 -36.35
C ASP A 4631 33.11 55.85 -37.70
N ARG A 4632 32.64 56.48 -38.77
CA ARG A 4632 32.76 55.88 -40.10
C ARG A 4632 34.20 55.74 -40.54
N LEU A 4633 35.10 56.55 -39.97
CA LEU A 4633 36.49 56.50 -40.39
C LEU A 4633 37.19 55.23 -39.92
N VAL A 4634 36.86 54.74 -38.72
CA VAL A 4634 37.64 53.67 -38.11
C VAL A 4634 37.32 52.30 -38.69
N ILE A 4635 36.18 52.15 -39.37
CA ILE A 4635 35.82 50.84 -39.91
C ILE A 4635 36.79 50.39 -40.99
N ASN A 4636 37.23 51.29 -41.86
CA ASN A 4636 38.14 50.94 -42.95
C ASN A 4636 39.56 50.72 -42.48
N THR A 4637 39.88 51.05 -41.24
CA THR A 4637 41.25 51.01 -40.75
C THR A 4637 41.72 49.57 -40.58
N GLN A 4638 43.00 49.35 -40.88
CA GLN A 4638 43.57 48.03 -40.69
C GLN A 4638 43.82 47.71 -39.22
N SER A 4639 44.06 48.74 -38.41
CA SER A 4639 44.39 48.56 -37.00
C SER A 4639 43.17 48.66 -36.11
N PHE A 4640 42.01 48.23 -36.60
CA PHE A 4640 40.78 48.21 -35.82
C PHE A 4640 40.90 47.11 -34.76
N PRO A 4641 39.88 46.88 -33.91
CA PRO A 4641 40.13 46.63 -32.48
C PRO A 4641 41.58 46.72 -32.02
N ASN A 4642 42.17 47.91 -32.09
CA ASN A 4642 43.51 48.08 -31.52
C ASN A 4642 43.50 47.86 -30.01
N ASN A 4643 42.48 48.34 -29.32
CA ASN A 4643 42.35 48.17 -27.88
C ASN A 4643 41.33 47.11 -27.50
N TYR A 4644 40.21 47.04 -28.21
CA TYR A 4644 39.19 46.04 -27.91
C TYR A 4644 39.72 44.64 -28.23
N TRP A 4645 39.37 43.68 -27.38
CA TRP A 4645 39.98 42.35 -27.49
C TRP A 4645 39.56 41.63 -28.77
N ASP A 4646 38.28 41.70 -29.11
CA ASP A 4646 37.75 40.90 -30.20
C ASP A 4646 38.34 41.32 -31.54
N LYS A 4647 39.23 40.49 -32.08
CA LYS A 4647 39.87 40.77 -33.36
C LYS A 4647 39.16 40.11 -34.53
N PHE A 4648 38.03 39.45 -34.31
CA PHE A 4648 37.31 38.75 -35.36
C PHE A 4648 35.98 39.42 -35.70
N VAL A 4649 35.83 40.69 -35.32
CA VAL A 4649 34.58 41.39 -35.59
C VAL A 4649 34.39 41.58 -37.09
N LYS A 4650 35.46 41.80 -37.83
CA LYS A 4650 35.36 41.94 -39.28
C LYS A 4650 34.97 40.64 -39.96
N ARG A 4651 35.41 39.50 -39.43
CA ARG A 4651 35.04 38.19 -39.95
C ARG A 4651 33.66 37.76 -39.47
N LYS A 4652 33.15 38.36 -38.39
CA LYS A 4652 31.80 38.13 -37.92
C LYS A 4652 30.76 38.90 -38.72
N VAL A 4653 31.01 40.19 -38.95
CA VAL A 4653 30.13 40.98 -39.82
C VAL A 4653 30.14 40.39 -41.22
N MET A 4654 31.30 39.92 -41.65
CA MET A 4654 31.41 39.28 -42.96
C MET A 4654 30.49 38.07 -43.05
N ASP A 4655 30.53 37.21 -42.05
CA ASP A 4655 29.70 36.01 -42.04
C ASP A 4655 28.23 36.31 -41.83
N LYS A 4656 27.90 37.44 -41.20
CA LYS A 4656 26.50 37.77 -40.97
C LYS A 4656 25.84 38.39 -42.19
N TYR A 4657 26.51 39.34 -42.85
CA TYR A 4657 25.89 40.08 -43.95
C TYR A 4657 26.58 39.86 -45.28
N GLY A 4658 27.35 38.78 -45.44
CA GLY A 4658 28.08 38.59 -46.68
C GLY A 4658 27.25 38.15 -47.84
N GLU A 4659 26.11 37.51 -47.59
CA GLU A 4659 25.27 36.99 -48.67
C GLU A 4659 24.23 37.99 -49.12
N PHE A 4660 23.51 38.60 -48.17
CA PHE A 4660 22.42 39.49 -48.54
C PHE A 4660 22.96 40.77 -49.16
N TYR A 4661 23.95 41.39 -48.52
CA TYR A 4661 24.50 42.65 -48.98
C TYR A 4661 25.76 42.51 -49.81
N GLY A 4662 26.18 41.29 -50.13
CA GLY A 4662 27.29 41.10 -51.03
C GLY A 4662 28.65 41.10 -50.36
N ARG A 4663 29.41 40.03 -50.60
CA ARG A 4663 30.74 39.92 -50.01
C ARG A 4663 31.65 41.05 -50.46
N ASP A 4664 31.62 41.38 -51.75
CA ASP A 4664 32.49 42.42 -52.27
C ASP A 4664 32.16 43.80 -51.70
N ARG A 4665 30.92 44.00 -51.27
CA ARG A 4665 30.52 45.29 -50.69
C ARG A 4665 30.82 45.33 -49.20
N ILE A 4666 30.59 44.22 -48.50
CA ILE A 4666 30.94 44.15 -47.08
C ILE A 4666 32.45 44.31 -46.90
N SER A 4667 33.24 43.65 -47.76
CA SER A 4667 34.69 43.76 -47.66
C SER A 4667 35.15 45.19 -47.90
N GLU A 4668 34.55 45.88 -48.87
CA GLU A 4668 34.88 47.27 -49.11
C GLU A 4668 34.52 48.14 -47.92
N LEU A 4669 33.36 47.90 -47.31
CA LEU A 4669 32.95 48.71 -46.16
C LEU A 4669 33.90 48.51 -44.99
N LEU A 4670 34.30 47.26 -44.72
CA LEU A 4670 35.14 46.97 -43.58
C LEU A 4670 36.63 47.11 -43.88
N GLY A 4671 37.00 47.42 -45.12
CA GLY A 4671 38.40 47.60 -45.43
C GLY A 4671 39.14 46.29 -45.56
N MET A 4672 38.40 45.18 -45.57
CA MET A 4672 39.01 43.88 -45.75
C MET A 4672 39.52 43.72 -47.18
N ASP A 4673 40.76 43.27 -47.31
CA ASP A 4673 41.37 43.11 -48.63
C ASP A 4673 41.15 41.67 -49.08
N LYS A 4674 40.65 41.50 -50.32
CA LYS A 4674 40.14 40.20 -50.74
C LYS A 4674 41.26 39.29 -51.24
N ALA A 4675 41.95 39.71 -52.29
CA ALA A 4675 42.83 38.79 -53.02
C ALA A 4675 44.10 38.46 -52.24
N ALA A 4676 44.48 39.30 -51.27
CA ALA A 4676 45.75 39.10 -50.59
C ALA A 4676 45.77 37.80 -49.80
N LEU A 4677 44.66 37.47 -49.15
CA LEU A 4677 44.62 36.26 -48.33
C LEU A 4677 44.88 35.01 -49.18
N ASP A 4678 44.16 34.87 -50.29
CA ASP A 4678 44.33 33.70 -51.13
C ASP A 4678 45.70 33.71 -51.81
N PHE A 4679 46.16 34.88 -52.24
CA PHE A 4679 47.44 34.95 -52.95
C PHE A 4679 48.61 34.69 -52.00
N SER A 4680 48.41 34.91 -50.70
CA SER A 4680 49.45 34.58 -49.73
C SER A 4680 49.35 33.12 -49.30
N ASP A 4681 48.14 32.59 -49.20
CA ASP A 4681 47.98 31.17 -48.89
C ASP A 4681 48.53 30.31 -50.01
N ALA A 4682 48.49 30.82 -51.24
CA ALA A 4682 49.11 30.14 -52.37
C ALA A 4682 50.62 30.38 -52.33
N ARG A 4683 51.30 30.07 -53.43
CA ARG A 4683 52.74 30.31 -53.53
C ARG A 4683 53.03 31.78 -53.29
N GLU A 4684 53.76 32.06 -52.21
CA GLU A 4684 54.01 33.43 -51.78
C GLU A 4684 55.45 33.58 -51.33
N LYS A 4685 56.07 34.68 -51.73
CA LYS A 4685 57.42 35.00 -51.29
C LYS A 4685 57.41 35.35 -49.80
N LYS A 4686 58.41 34.86 -49.08
CA LYS A 4686 58.53 35.08 -47.63
C LYS A 4686 59.86 35.76 -47.35
N LYS A 4687 59.83 37.08 -47.14
CA LYS A 4687 61.01 37.83 -46.76
C LYS A 4687 60.55 39.06 -45.99
N PRO A 4688 60.82 39.14 -44.68
CA PRO A 4688 60.44 40.33 -43.92
C PRO A 4688 61.48 41.43 -44.02
N LYS A 4689 61.11 42.63 -43.58
CA LYS A 4689 62.00 43.78 -43.64
C LYS A 4689 62.01 44.49 -42.28
N LYS A 4690 63.20 44.83 -41.80
CA LYS A 4690 63.35 45.36 -40.46
C LYS A 4690 62.73 46.74 -40.34
N ASP A 4691 62.04 46.98 -39.21
CA ASP A 4691 61.35 48.24 -38.99
C ASP A 4691 62.29 49.37 -38.58
N SER A 4692 63.57 49.08 -38.40
CA SER A 4692 64.51 50.10 -37.93
C SER A 4692 64.62 51.26 -38.91
N SER A 4693 64.29 51.04 -40.18
CA SER A 4693 64.38 52.11 -41.16
C SER A 4693 63.30 53.17 -40.91
N LEU A 4694 63.64 54.42 -41.19
CA LEU A 4694 62.69 55.51 -41.03
C LEU A 4694 61.50 55.34 -41.96
N SER A 4695 61.74 54.89 -43.19
CA SER A 4695 60.64 54.62 -44.11
C SER A 4695 59.72 53.54 -43.54
N ALA A 4696 60.30 52.50 -42.96
CA ALA A 4696 59.48 51.43 -42.38
C ALA A 4696 58.65 51.93 -41.21
N VAL A 4697 59.26 52.71 -40.30
CA VAL A 4697 58.51 53.19 -39.14
C VAL A 4697 57.45 54.20 -39.56
N LEU A 4698 57.70 54.93 -40.65
CA LEU A 4698 56.68 55.83 -41.17
C LEU A 4698 55.52 55.06 -41.81
N ASN A 4699 55.84 54.01 -42.56
CA ASN A 4699 54.79 53.24 -43.21
C ASN A 4699 53.98 52.42 -42.20
N SER A 4700 54.59 52.10 -41.07
CA SER A 4700 53.90 51.28 -40.07
C SER A 4700 52.69 52.00 -39.50
N ILE A 4701 52.77 53.32 -39.35
CA ILE A 4701 51.71 54.07 -38.69
C ILE A 4701 50.47 54.10 -39.58
N ASP A 4702 49.32 53.76 -39.01
CA ASP A 4702 48.04 53.83 -39.70
C ASP A 4702 47.50 55.24 -39.51
N VAL A 4703 47.58 56.04 -40.57
CA VAL A 4703 47.24 57.46 -40.47
C VAL A 4703 45.76 57.64 -40.12
N LYS A 4704 44.89 56.88 -40.79
CA LYS A 4704 43.45 57.09 -40.61
C LYS A 4704 43.00 56.72 -39.20
N TYR A 4705 43.55 55.63 -38.66
CA TYR A 4705 43.17 55.23 -37.30
C TYR A 4705 43.62 56.26 -36.29
N GLN A 4706 44.83 56.80 -36.45
CA GLN A 4706 45.29 57.85 -35.55
C GLN A 4706 44.46 59.11 -35.69
N MET A 4707 44.03 59.43 -36.91
CA MET A 4707 43.10 60.53 -37.11
C MET A 4707 41.83 60.34 -36.30
N TRP A 4708 41.22 59.17 -36.42
CA TRP A 4708 39.98 58.90 -35.69
C TRP A 4708 40.20 58.93 -34.18
N LYS A 4709 41.32 58.38 -33.72
CA LYS A 4709 41.63 58.40 -32.30
C LYS A 4709 41.80 59.82 -31.78
N LEU A 4710 42.51 60.66 -32.54
CA LEU A 4710 42.68 62.05 -32.14
C LEU A 4710 41.35 62.78 -32.11
N GLY A 4711 40.48 62.51 -33.07
CA GLY A 4711 39.15 63.10 -33.04
C GLY A 4711 38.37 62.70 -31.80
N VAL A 4712 38.44 61.42 -31.44
CA VAL A 4712 37.74 60.96 -30.24
C VAL A 4712 38.29 61.66 -29.00
N VAL A 4713 39.62 61.76 -28.90
CA VAL A 4713 40.23 62.43 -27.76
C VAL A 4713 39.80 63.89 -27.70
N PHE A 4714 39.78 64.56 -28.84
CA PHE A 4714 39.39 65.97 -28.86
C PHE A 4714 37.93 66.15 -28.46
N THR A 4715 37.08 65.21 -28.83
CA THR A 4715 35.68 65.27 -28.44
C THR A 4715 35.43 64.78 -27.02
N ASP A 4716 36.44 64.19 -26.36
CA ASP A 4716 36.30 63.77 -24.98
C ASP A 4716 36.12 64.98 -24.06
N ASN A 4717 35.22 64.85 -23.09
CA ASN A 4717 34.90 65.97 -22.20
C ASN A 4717 36.03 66.24 -21.21
N SER A 4718 36.55 65.18 -20.58
CA SER A 4718 37.57 65.37 -19.55
C SER A 4718 38.85 65.95 -20.13
N PHE A 4719 39.22 65.51 -21.34
CA PHE A 4719 40.39 66.08 -21.99
C PHE A 4719 40.18 67.55 -22.27
N LEU A 4720 38.96 67.94 -22.66
CA LEU A 4720 38.65 69.34 -22.88
C LEU A 4720 38.76 70.13 -21.59
N TYR A 4721 38.29 69.56 -20.48
CA TYR A 4721 38.39 70.25 -19.20
C TYR A 4721 39.85 70.45 -18.80
N LEU A 4722 40.67 69.43 -18.99
CA LEU A 4722 42.10 69.57 -18.71
C LEU A 4722 42.79 70.57 -19.62
N ALA A 4723 42.39 70.64 -20.89
CA ALA A 4723 42.91 71.66 -21.79
C ALA A 4723 42.53 73.05 -21.32
N TRP A 4724 41.29 73.23 -20.86
CA TRP A 4724 40.88 74.51 -20.29
C TRP A 4724 41.70 74.86 -19.06
N TYR A 4725 41.94 73.87 -18.20
CA TYR A 4725 42.80 74.08 -17.04
C TYR A 4725 44.17 74.59 -17.46
N MET A 4726 44.79 73.92 -18.44
CA MET A 4726 46.12 74.33 -18.87
C MET A 4726 46.10 75.71 -19.51
N THR A 4727 45.06 76.02 -20.29
CA THR A 4727 44.97 77.33 -20.91
C THR A 4727 44.86 78.43 -19.87
N MET A 4728 44.05 78.21 -18.84
CA MET A 4728 43.94 79.22 -17.79
C MET A 4728 45.25 79.34 -17.01
N SER A 4729 45.95 78.22 -16.81
CA SER A 4729 47.25 78.28 -16.16
C SER A 4729 48.24 79.11 -16.98
N VAL A 4730 48.21 78.96 -18.30
CA VAL A 4730 49.08 79.77 -19.16
C VAL A 4730 48.70 81.24 -19.09
N LEU A 4731 47.40 81.54 -19.16
CA LEU A 4731 46.95 82.93 -19.09
C LEU A 4731 47.26 83.57 -17.75
N GLY A 4732 47.38 82.76 -16.70
CA GLY A 4732 47.75 83.27 -15.40
C GLY A 4732 49.08 83.98 -15.38
N HIS A 4733 49.97 83.66 -16.30
CA HIS A 4733 51.25 84.36 -16.38
C HIS A 4733 51.06 85.79 -16.90
N TYR A 4734 50.19 85.96 -17.88
CA TYR A 4734 49.88 87.31 -18.36
C TYR A 4734 49.12 88.10 -17.31
N ASN A 4735 48.14 87.47 -16.65
CA ASN A 4735 47.40 88.11 -15.57
C ASN A 4735 47.26 87.12 -14.43
N ASN A 4736 47.86 87.45 -13.28
CA ASN A 4736 47.93 86.51 -12.17
C ASN A 4736 46.55 86.13 -11.64
N PHE A 4737 45.56 86.99 -11.81
CA PHE A 4737 44.23 86.70 -11.27
C PHE A 4737 43.50 85.63 -12.06
N PHE A 4738 44.02 85.23 -13.22
CA PHE A 4738 43.45 84.09 -13.93
C PHE A 4738 43.63 82.78 -13.21
N PHE A 4739 44.50 82.75 -12.20
CA PHE A 4739 44.71 81.54 -11.40
C PHE A 4739 43.56 81.26 -10.46
N ALA A 4740 42.67 82.23 -10.26
CA ALA A 4740 41.51 82.01 -9.41
C ALA A 4740 40.49 81.09 -10.03
N ALA A 4741 40.51 80.94 -11.36
CA ALA A 4741 39.58 80.01 -12.00
C ALA A 4741 39.87 78.57 -11.64
N HIS A 4742 41.10 78.28 -11.23
CA HIS A 4742 41.46 76.92 -10.85
C HIS A 4742 40.87 76.51 -9.52
N LEU A 4743 40.35 77.45 -8.73
CA LEU A 4743 39.62 77.09 -7.52
C LEU A 4743 38.26 76.49 -7.81
N LEU A 4744 37.80 76.57 -9.06
CA LEU A 4744 36.58 75.90 -9.48
C LEU A 4744 36.76 74.41 -9.65
N ASP A 4745 37.98 73.93 -9.43
CA ASP A 4745 38.31 72.52 -9.56
C ASP A 4745 38.05 71.72 -8.30
N ILE A 4746 37.68 72.39 -7.19
CA ILE A 4746 37.43 71.68 -5.95
C ILE A 4746 36.23 70.75 -6.07
N ALA A 4747 35.22 71.15 -6.85
CA ALA A 4747 34.03 70.31 -7.01
C ALA A 4747 34.39 68.93 -7.54
N MET A 4748 35.39 68.85 -8.42
CA MET A 4748 35.84 67.58 -8.96
C MET A 4748 36.96 66.96 -8.11
N GLY A 4749 37.76 67.79 -7.45
CA GLY A 4749 38.84 67.27 -6.63
C GLY A 4749 38.33 66.50 -5.42
N PHE A 4750 37.33 67.05 -4.73
CA PHE A 4750 36.84 66.46 -3.49
C PHE A 4750 35.49 65.78 -3.74
N LYS A 4751 35.40 64.51 -3.36
CA LYS A 4751 34.14 63.79 -3.46
C LYS A 4751 33.13 64.27 -2.42
N THR A 4752 33.59 64.87 -1.33
CA THR A 4752 32.68 65.36 -0.30
C THR A 4752 31.81 66.49 -0.82
N LEU A 4753 32.38 67.41 -1.61
CA LEU A 4753 31.59 68.48 -2.18
C LEU A 4753 30.58 67.98 -3.21
N ARG A 4754 30.77 66.77 -3.73
CA ARG A 4754 29.84 66.21 -4.70
C ARG A 4754 28.46 66.04 -4.08
N THR A 4755 28.41 65.56 -2.84
CA THR A 4755 27.13 65.38 -2.18
C THR A 4755 26.38 66.69 -2.01
N ILE A 4756 27.09 67.75 -1.62
CA ILE A 4756 26.46 69.05 -1.45
C ILE A 4756 25.99 69.60 -2.79
N LEU A 4757 26.83 69.49 -3.83
CA LEU A 4757 26.49 70.08 -5.11
C LEU A 4757 25.40 69.30 -5.82
N SER A 4758 25.28 68.00 -5.52
CA SER A 4758 24.25 67.19 -6.16
C SER A 4758 22.86 67.66 -5.78
N SER A 4759 22.71 68.31 -4.62
CA SER A 4759 21.42 68.88 -4.27
C SER A 4759 21.01 69.94 -5.28
N VAL A 4760 21.95 70.78 -5.71
CA VAL A 4760 21.65 71.80 -6.71
C VAL A 4760 21.47 71.16 -8.07
N THR A 4761 22.37 70.26 -8.46
CA THR A 4761 22.36 69.75 -9.82
C THR A 4761 21.27 68.71 -10.05
N HIS A 4762 20.73 68.13 -8.98
CA HIS A 4762 19.71 67.10 -9.14
C HIS A 4762 18.46 67.66 -9.81
N ASN A 4763 18.07 68.87 -9.42
CA ASN A 4763 16.88 69.52 -9.94
C ASN A 4763 17.22 70.80 -10.69
N GLY A 4764 18.29 70.76 -11.49
CA GLY A 4764 18.72 71.96 -12.19
C GLY A 4764 17.72 72.45 -13.22
N LYS A 4765 17.10 71.51 -13.94
CA LYS A 4765 16.08 71.90 -14.91
C LYS A 4765 14.92 72.60 -14.25
N GLN A 4766 14.45 72.05 -13.12
CA GLN A 4766 13.36 72.68 -12.39
C GLN A 4766 13.78 74.03 -11.83
N LEU A 4767 15.02 74.14 -11.35
CA LEU A 4767 15.51 75.40 -10.86
C LEU A 4767 15.59 76.47 -11.94
N VAL A 4768 15.96 76.10 -13.15
CA VAL A 4768 15.98 77.06 -14.27
C VAL A 4768 14.57 77.45 -14.68
N LEU A 4769 13.66 76.47 -14.73
CA LEU A 4769 12.27 76.77 -15.09
C LEU A 4769 11.62 77.67 -14.04
N THR A 4770 11.98 77.50 -12.77
CA THR A 4770 11.44 78.36 -11.72
C THR A 4770 11.88 79.80 -11.92
N VAL A 4771 13.15 80.01 -12.29
CA VAL A 4771 13.63 81.35 -12.62
C VAL A 4771 12.92 81.92 -13.84
N GLY A 4772 12.69 81.12 -14.87
CA GLY A 4772 11.93 81.59 -16.02
C GLY A 4772 10.52 82.01 -15.66
N LEU A 4773 9.86 81.21 -14.82
CA LEU A 4773 8.52 81.56 -14.35
C LEU A 4773 8.54 82.83 -13.52
N LEU A 4774 9.57 83.01 -12.68
CA LEU A 4774 9.70 84.24 -11.93
C LEU A 4774 9.86 85.44 -12.86
N ALA A 4775 10.66 85.29 -13.90
CA ALA A 4775 10.83 86.35 -14.88
C ALA A 4775 9.54 86.68 -15.61
N VAL A 4776 8.70 85.69 -15.89
CA VAL A 4776 7.40 85.96 -16.50
C VAL A 4776 6.46 86.67 -15.54
N VAL A 4777 6.41 86.25 -14.27
CA VAL A 4777 5.53 86.88 -13.31
C VAL A 4777 5.94 88.33 -13.07
N VAL A 4778 7.25 88.57 -12.93
CA VAL A 4778 7.75 89.93 -12.81
C VAL A 4778 7.45 90.76 -14.04
N TYR A 4779 7.50 90.17 -15.23
CA TYR A 4779 7.12 90.90 -16.44
C TYR A 4779 5.65 91.30 -16.42
N LEU A 4780 4.77 90.41 -15.96
CA LEU A 4780 3.36 90.76 -15.85
C LEU A 4780 3.15 91.90 -14.85
N TYR A 4781 3.83 91.83 -13.71
CA TYR A 4781 3.75 92.93 -12.76
C TYR A 4781 4.28 94.23 -13.35
N THR A 4782 5.34 94.15 -14.16
CA THR A 4782 5.85 95.32 -14.85
C THR A 4782 4.83 95.89 -15.80
N VAL A 4783 4.12 95.03 -16.53
CA VAL A 4783 3.08 95.50 -17.43
C VAL A 4783 2.02 96.27 -16.65
N VAL A 4784 1.57 95.70 -15.53
CA VAL A 4784 0.53 96.36 -14.74
C VAL A 4784 1.02 97.70 -14.22
N ALA A 4785 2.25 97.73 -13.68
CA ALA A 4785 2.77 98.97 -13.12
C ALA A 4785 2.96 100.03 -14.19
N PHE A 4786 3.45 99.64 -15.37
CA PHE A 4786 3.65 100.56 -16.46
C PHE A 4786 2.35 101.14 -16.98
N ASN A 4787 1.29 100.35 -17.04
CA ASN A 4787 -0.01 100.85 -17.48
C ASN A 4787 -0.74 101.67 -16.44
N PHE A 4788 -0.59 101.36 -15.15
CA PHE A 4788 -1.45 101.98 -14.14
C PHE A 4788 -0.71 102.72 -13.04
N PHE A 4789 0.51 102.35 -12.71
CA PHE A 4789 1.18 102.95 -11.56
C PHE A 4789 2.50 103.59 -11.91
N ARG A 4790 2.55 104.34 -13.00
CA ARG A 4790 3.77 104.99 -13.44
C ARG A 4790 4.15 106.17 -12.57
N LYS A 4791 3.25 106.65 -11.73
CA LYS A 4791 3.46 107.85 -10.94
C LYS A 4791 4.29 107.59 -9.69
N PHE A 4792 4.29 106.37 -9.17
CA PHE A 4792 4.95 106.06 -7.92
C PHE A 4792 6.40 105.62 -8.09
N TYR A 4793 6.93 105.66 -9.32
CA TYR A 4793 8.25 105.13 -9.60
C TYR A 4793 9.31 106.21 -9.74
N ASN A 4794 9.08 107.39 -9.20
CA ASN A 4794 10.13 108.40 -9.13
C ASN A 4794 11.15 108.00 -8.08
N LYS A 4795 12.43 107.98 -8.47
CA LYS A 4795 13.49 107.54 -7.59
C LYS A 4795 14.52 108.63 -7.33
N SER A 4796 14.12 109.90 -7.48
CA SER A 4796 15.01 111.02 -7.29
C SER A 4796 14.61 111.79 -6.04
N GLU A 4797 15.60 112.11 -5.20
CA GLU A 4797 15.31 112.85 -3.98
C GLU A 4797 15.14 114.34 -4.24
N ASP A 4798 16.06 114.93 -5.01
CA ASP A 4798 15.95 116.34 -5.37
C ASP A 4798 14.82 116.51 -6.38
N GLY A 4799 13.93 117.47 -6.11
CA GLY A 4799 12.75 117.62 -6.94
C GLY A 4799 13.04 118.22 -8.29
N ASP A 4800 14.17 118.91 -8.43
CA ASP A 4800 14.46 119.61 -9.67
C ASP A 4800 14.65 118.65 -10.84
N THR A 4801 15.32 117.52 -10.60
CA THR A 4801 15.49 116.51 -11.65
C THR A 4801 14.75 115.23 -11.30
N PRO A 4802 13.63 114.94 -11.94
CA PRO A 4802 12.94 113.67 -11.68
C PRO A 4802 13.64 112.51 -12.40
N ASP A 4803 13.80 111.41 -11.69
CA ASP A 4803 14.38 110.18 -12.24
C ASP A 4803 13.32 109.10 -12.18
N MET A 4804 12.58 108.94 -13.27
CA MET A 4804 11.48 107.99 -13.34
C MET A 4804 11.98 106.66 -13.87
N LYS A 4805 11.69 105.58 -13.15
CA LYS A 4805 12.20 104.26 -13.48
C LYS A 4805 11.20 103.42 -14.24
N CYS A 4806 10.01 103.94 -14.54
CA CYS A 4806 9.00 103.14 -15.23
C CYS A 4806 8.35 103.90 -16.39
N ASP A 4807 9.01 104.95 -16.89
CA ASP A 4807 8.53 105.60 -18.10
C ASP A 4807 8.83 104.77 -19.33
N ASP A 4808 9.81 103.86 -19.23
CA ASP A 4808 10.17 102.96 -20.30
C ASP A 4808 9.87 101.54 -19.87
N MET A 4809 9.38 100.73 -20.81
CA MET A 4809 9.05 99.34 -20.49
C MET A 4809 10.28 98.56 -20.06
N LEU A 4810 11.37 98.67 -20.82
CA LEU A 4810 12.58 97.92 -20.50
C LEU A 4810 13.17 98.38 -19.17
N THR A 4811 13.19 99.70 -18.93
CA THR A 4811 13.71 100.20 -17.68
C THR A 4811 12.87 99.75 -16.50
N CYS A 4812 11.55 99.76 -16.66
CA CYS A 4812 10.67 99.35 -15.58
C CYS A 4812 10.83 97.87 -15.28
N TYR A 4813 10.97 97.05 -16.33
CA TYR A 4813 11.21 95.63 -16.13
C TYR A 4813 12.54 95.38 -15.45
N MET A 4814 13.57 96.15 -15.84
CA MET A 4814 14.87 96.03 -15.19
C MET A 4814 14.77 96.36 -13.71
N PHE A 4815 14.06 97.44 -13.40
CA PHE A 4815 13.82 97.84 -12.01
C PHE A 4815 13.15 96.73 -11.22
N HIS A 4816 12.05 96.21 -11.76
CA HIS A 4816 11.33 95.15 -11.05
C HIS A 4816 12.16 93.90 -10.88
N MET A 4817 12.92 93.50 -11.89
CA MET A 4817 13.74 92.30 -11.82
C MET A 4817 14.91 92.45 -10.86
N TYR A 4818 15.47 93.65 -10.74
CA TYR A 4818 16.67 93.85 -9.91
C TYR A 4818 16.28 94.28 -8.49
N VAL A 4819 15.72 95.47 -8.37
CA VAL A 4819 15.51 96.07 -7.06
C VAL A 4819 14.35 95.38 -6.35
N GLY A 4820 13.22 95.21 -7.04
CA GLY A 4820 12.05 94.61 -6.44
C GLY A 4820 12.29 93.19 -5.99
N VAL A 4821 12.99 92.41 -6.82
CA VAL A 4821 13.23 91.02 -6.46
C VAL A 4821 14.23 90.93 -5.32
N ARG A 4822 15.31 91.74 -5.35
CA ARG A 4822 16.29 91.64 -4.28
C ARG A 4822 15.75 92.23 -2.98
N ALA A 4823 14.72 93.06 -3.06
CA ALA A 4823 14.16 93.66 -1.85
C ALA A 4823 13.47 92.60 -1.00
N GLY A 4824 13.57 92.77 0.32
CA GLY A 4824 13.00 91.80 1.25
C GLY A 4824 11.50 91.89 1.36
N GLY A 4825 10.95 93.08 1.19
CA GLY A 4825 9.52 93.30 1.26
C GLY A 4825 8.81 93.42 -0.06
N GLY A 4826 9.53 93.36 -1.18
CA GLY A 4826 8.91 93.52 -2.47
C GLY A 4826 9.16 94.89 -3.06
N ILE A 4827 8.45 95.16 -4.16
CA ILE A 4827 8.60 96.43 -4.86
C ILE A 4827 8.04 97.59 -4.07
N GLY A 4828 7.11 97.32 -3.15
CA GLY A 4828 6.55 98.36 -2.31
C GLY A 4828 7.54 98.96 -1.34
N ASP A 4829 8.59 98.22 -1.00
CA ASP A 4829 9.66 98.75 -0.17
C ASP A 4829 10.47 99.83 -0.88
N GLU A 4830 10.44 99.86 -2.21
CA GLU A 4830 11.28 100.74 -2.99
C GLU A 4830 10.52 101.80 -3.76
N ILE A 4831 9.23 101.61 -4.00
CA ILE A 4831 8.45 102.61 -4.71
C ILE A 4831 7.68 103.46 -3.70
N GLU A 4832 7.14 104.57 -4.19
CA GLU A 4832 6.58 105.62 -3.34
C GLU A 4832 5.35 105.13 -2.57
N ASP A 4833 5.18 105.70 -1.38
CA ASP A 4833 4.06 105.35 -0.52
C ASP A 4833 2.74 105.79 -1.16
N PRO A 4834 1.71 104.94 -1.15
CA PRO A 4834 0.49 105.24 -1.89
C PRO A 4834 -0.60 105.92 -1.07
N ALA A 4835 -0.29 106.35 0.14
CA ALA A 4835 -1.31 106.91 1.03
C ALA A 4835 -1.94 108.15 0.42
N GLY A 4836 -3.25 108.27 0.57
CA GLY A 4836 -3.97 109.42 0.04
C GLY A 4836 -4.00 109.50 -1.47
N ASP A 4837 -4.25 108.40 -2.15
CA ASP A 4837 -4.33 108.38 -3.60
C ASP A 4837 -5.55 107.57 -4.02
N GLU A 4838 -6.07 107.88 -5.21
CA GLU A 4838 -7.27 107.21 -5.69
C GLU A 4838 -7.01 105.74 -6.00
N TYR A 4839 -5.75 105.37 -6.22
CA TYR A 4839 -5.38 103.99 -6.51
C TYR A 4839 -4.74 103.31 -5.31
N GLU A 4840 -5.05 103.76 -4.10
CA GLU A 4840 -4.40 103.24 -2.90
C GLU A 4840 -4.68 101.76 -2.73
N ILE A 4841 -5.94 101.36 -2.84
CA ILE A 4841 -6.31 99.96 -2.62
C ILE A 4841 -5.69 99.07 -3.67
N TYR A 4842 -5.76 99.48 -4.94
CA TYR A 4842 -5.19 98.69 -6.01
C TYR A 4842 -3.69 98.54 -5.85
N ARG A 4843 -3.02 99.63 -5.46
CA ARG A 4843 -1.57 99.55 -5.28
C ARG A 4843 -1.20 98.69 -4.08
N ILE A 4844 -2.01 98.73 -3.01
CA ILE A 4844 -1.75 97.87 -1.86
C ILE A 4844 -1.90 96.40 -2.25
N ILE A 4845 -2.93 96.08 -3.02
CA ILE A 4845 -3.11 94.72 -3.51
C ILE A 4845 -1.92 94.33 -4.38
N PHE A 4846 -1.47 95.25 -5.24
CA PHE A 4846 -0.32 95.01 -6.09
C PHE A 4846 0.90 94.63 -5.28
N ASP A 4847 1.22 95.43 -4.26
CA ASP A 4847 2.38 95.17 -3.41
C ASP A 4847 2.26 93.87 -2.64
N ILE A 4848 1.09 93.61 -2.03
CA ILE A 4848 0.92 92.41 -1.24
C ILE A 4848 1.04 91.17 -2.12
N THR A 4849 0.40 91.18 -3.29
CA THR A 4849 0.49 90.04 -4.19
C THR A 4849 1.91 89.83 -4.68
N PHE A 4850 2.62 90.93 -4.99
CA PHE A 4850 4.02 90.78 -5.38
C PHE A 4850 4.82 90.11 -4.27
N PHE A 4851 4.67 90.60 -3.04
CA PHE A 4851 5.41 90.03 -1.92
C PHE A 4851 5.07 88.55 -1.73
N PHE A 4852 3.80 88.20 -1.84
CA PHE A 4852 3.38 86.84 -1.57
C PHE A 4852 3.85 85.89 -2.66
N PHE A 4853 3.62 86.23 -3.92
CA PHE A 4853 3.91 85.31 -5.01
C PHE A 4853 5.40 85.23 -5.31
N VAL A 4854 6.09 86.36 -5.31
CA VAL A 4854 7.48 86.37 -5.74
C VAL A 4854 8.40 86.10 -4.57
N ILE A 4855 8.33 86.94 -3.54
CA ILE A 4855 9.28 86.86 -2.44
C ILE A 4855 9.06 85.60 -1.62
N VAL A 4856 7.80 85.24 -1.38
CA VAL A 4856 7.51 84.17 -0.44
C VAL A 4856 7.44 82.82 -1.13
N ILE A 4857 6.64 82.71 -2.20
CA ILE A 4857 6.34 81.39 -2.75
C ILE A 4857 7.46 80.89 -3.65
N LEU A 4858 7.90 81.69 -4.61
CA LEU A 4858 8.85 81.19 -5.60
C LEU A 4858 10.18 80.83 -4.95
N LEU A 4859 10.69 81.69 -4.06
CA LEU A 4859 11.90 81.36 -3.32
C LEU A 4859 11.71 80.11 -2.47
N ALA A 4860 10.52 79.95 -1.87
CA ALA A 4860 10.18 78.70 -1.21
C ALA A 4860 10.20 77.52 -2.15
N ILE A 4861 9.79 77.71 -3.42
CA ILE A 4861 9.87 76.62 -4.38
C ILE A 4861 11.32 76.22 -4.62
N ILE A 4862 12.21 77.20 -4.76
CA ILE A 4862 13.62 76.89 -4.98
C ILE A 4862 14.18 76.12 -3.79
N GLN A 4863 13.91 76.61 -2.58
CA GLN A 4863 14.44 75.95 -1.39
C GLN A 4863 13.85 74.55 -1.25
N GLY A 4864 12.57 74.38 -1.56
CA GLY A 4864 11.97 73.07 -1.50
C GLY A 4864 12.57 72.12 -2.51
N LEU A 4865 12.93 72.63 -3.69
CA LEU A 4865 13.60 71.79 -4.68
C LEU A 4865 14.94 71.30 -4.14
N ILE A 4866 15.70 72.16 -3.49
CA ILE A 4866 16.99 71.74 -2.93
C ILE A 4866 16.78 70.68 -1.84
N ILE A 4867 15.82 70.93 -0.94
CA ILE A 4867 15.58 69.99 0.16
C ILE A 4867 15.11 68.65 -0.37
N ASP A 4868 14.22 68.67 -1.36
CA ASP A 4868 13.74 67.44 -1.97
C ASP A 4868 14.87 66.70 -2.68
N ALA A 4869 15.82 67.42 -3.28
CA ALA A 4869 16.97 66.75 -3.86
C ALA A 4869 17.77 66.02 -2.80
N PHE A 4870 18.01 66.67 -1.66
CA PHE A 4870 18.67 66.00 -0.54
C PHE A 4870 17.94 64.71 -0.17
N GLY A 4871 16.63 64.82 0.06
CA GLY A 4871 15.87 63.66 0.49
C GLY A 4871 15.87 62.54 -0.53
N GLU A 4872 15.74 62.90 -1.82
CA GLU A 4872 15.72 61.90 -2.87
C GLU A 4872 17.04 61.17 -2.97
N LEU A 4873 18.16 61.88 -2.87
CA LEU A 4873 19.46 61.22 -2.91
C LEU A 4873 19.63 60.27 -1.74
N ARG A 4874 19.25 60.71 -0.54
CA ARG A 4874 19.35 59.82 0.62
C ARG A 4874 18.47 58.59 0.46
N ASP A 4875 17.26 58.75 -0.05
CA ASP A 4875 16.35 57.63 -0.24
C ASP A 4875 16.91 56.66 -1.28
N GLN A 4876 17.53 57.18 -2.34
CA GLN A 4876 18.13 56.31 -3.34
C GLN A 4876 19.27 55.49 -2.75
N GLN A 4877 20.11 56.11 -1.93
CA GLN A 4877 21.18 55.35 -1.29
C GLN A 4877 20.61 54.27 -0.38
N GLU A 4878 19.57 54.60 0.39
CA GLU A 4878 18.95 53.61 1.27
C GLU A 4878 18.34 52.47 0.46
N GLN A 4879 17.73 52.78 -0.68
CA GLN A 4879 17.16 51.74 -1.53
C GLN A 4879 18.22 50.81 -2.06
N VAL A 4880 19.35 51.38 -2.49
CA VAL A 4880 20.46 50.54 -2.96
C VAL A 4880 20.92 49.60 -1.85
N LYS A 4881 21.11 50.15 -0.65
CA LYS A 4881 21.55 49.32 0.47
C LYS A 4881 20.56 48.21 0.78
N GLU A 4882 19.27 48.55 0.80
CA GLU A 4882 18.24 47.57 1.13
C GLU A 4882 18.18 46.46 0.09
N ASP A 4883 18.23 46.83 -1.19
CA ASP A 4883 18.19 45.81 -2.23
C ASP A 4883 19.38 44.87 -2.13
N MET A 4884 20.59 45.43 -1.99
CA MET A 4884 21.76 44.57 -1.91
C MET A 4884 21.78 43.72 -0.65
N GLU A 4885 21.18 44.19 0.45
CA GLU A 4885 21.15 43.40 1.67
C GLU A 4885 20.01 42.39 1.71
N THR A 4886 18.99 42.54 0.88
CA THR A 4886 17.84 41.65 0.93
C THR A 4886 17.77 40.64 -0.21
N LYS A 4887 18.40 40.89 -1.36
CA LYS A 4887 18.32 39.91 -2.42
C LYS A 4887 19.67 39.79 -3.12
N CYS A 4888 19.92 38.60 -3.67
CA CYS A 4888 21.18 38.34 -4.36
C CYS A 4888 21.21 39.10 -5.68
N PHE A 4889 22.40 39.57 -6.05
CA PHE A 4889 22.55 40.34 -7.27
C PHE A 4889 22.27 39.49 -8.50
N ILE A 4890 22.75 38.25 -8.50
CA ILE A 4890 22.69 37.44 -9.73
C ILE A 4890 21.35 36.74 -9.84
N CYS A 4891 21.05 35.83 -8.91
CA CYS A 4891 19.85 35.02 -9.03
C CYS A 4891 18.60 35.82 -8.65
N GLY A 4892 18.71 36.67 -7.63
CA GLY A 4892 17.58 37.48 -7.20
C GLY A 4892 16.73 36.88 -6.11
N ILE A 4893 17.15 35.75 -5.54
CA ILE A 4893 16.38 35.11 -4.47
C ILE A 4893 16.56 35.89 -3.17
N GLY A 4894 15.52 35.90 -2.34
CA GLY A 4894 15.54 36.66 -1.11
C GLY A 4894 16.49 36.09 -0.08
N ASN A 4895 16.73 36.90 0.96
CA ASN A 4895 17.73 36.52 1.95
C ASN A 4895 17.22 35.43 2.88
N ASP A 4896 15.91 35.40 3.13
CA ASP A 4896 15.36 34.48 4.12
C ASP A 4896 15.55 33.02 3.69
N TYR A 4897 15.36 32.76 2.40
CA TYR A 4897 15.49 31.38 1.91
C TYR A 4897 16.88 30.83 2.18
N PHE A 4898 17.91 31.65 1.93
CA PHE A 4898 19.26 31.24 2.25
C PHE A 4898 19.50 31.25 3.75
N ASP A 4899 18.80 32.11 4.48
CA ASP A 4899 19.00 32.25 5.91
C ASP A 4899 18.32 31.15 6.71
N THR A 4900 17.54 30.28 6.07
CA THR A 4900 17.12 29.06 6.74
C THR A 4900 18.30 28.25 7.25
N VAL A 4901 19.45 28.36 6.61
CA VAL A 4901 20.71 27.85 7.12
C VAL A 4901 21.49 29.04 7.67
N PRO A 4902 22.10 28.92 8.85
CA PRO A 4902 22.80 30.07 9.44
C PRO A 4902 23.88 30.59 8.52
N HIS A 4903 23.96 31.91 8.40
CA HIS A 4903 24.94 32.60 7.57
C HIS A 4903 24.80 32.21 6.10
N GLY A 4904 23.65 31.64 5.76
CA GLY A 4904 23.46 31.12 4.41
C GLY A 4904 23.46 32.20 3.36
N PHE A 4905 22.85 33.35 3.66
CA PHE A 4905 22.81 34.41 2.67
C PHE A 4905 24.20 34.93 2.32
N GLU A 4906 25.04 35.18 3.33
CA GLU A 4906 26.37 35.69 3.02
C GLU A 4906 27.24 34.61 2.40
N THR A 4907 27.05 33.35 2.82
CA THR A 4907 27.76 32.28 2.15
C THR A 4907 27.42 32.24 0.67
N HIS A 4908 26.13 32.34 0.34
CA HIS A 4908 25.70 32.32 -1.05
C HIS A 4908 26.21 33.53 -1.82
N THR A 4909 26.15 34.71 -1.22
CA THR A 4909 26.52 35.92 -1.93
C THR A 4909 28.01 36.18 -1.93
N LEU A 4910 28.80 35.41 -1.20
CA LEU A 4910 30.24 35.60 -1.19
C LEU A 4910 31.04 34.43 -1.74
N GLN A 4911 30.46 33.23 -1.85
CA GLN A 4911 31.19 32.10 -2.41
C GLN A 4911 30.47 31.50 -3.61
N GLU A 4912 29.14 31.39 -3.58
CA GLU A 4912 28.43 30.74 -4.66
C GLU A 4912 28.12 31.70 -5.80
N HIS A 4913 27.55 32.86 -5.48
CA HIS A 4913 27.09 33.81 -6.48
C HIS A 4913 27.79 35.15 -6.35
N ASN A 4914 29.10 35.14 -6.16
CA ASN A 4914 29.83 36.39 -6.04
C ASN A 4914 30.05 37.02 -7.41
N LEU A 4915 29.67 38.29 -7.53
CA LEU A 4915 29.81 38.99 -8.81
C LEU A 4915 31.29 39.19 -9.16
N ALA A 4916 32.14 39.39 -8.16
CA ALA A 4916 33.57 39.44 -8.43
C ALA A 4916 34.06 38.14 -9.03
N ASN A 4917 33.49 37.02 -8.62
CA ASN A 4917 33.88 35.74 -9.19
C ASN A 4917 33.47 35.64 -10.66
N TYR A 4918 32.29 36.16 -11.01
CA TYR A 4918 31.90 36.20 -12.42
C TYR A 4918 32.83 37.10 -13.23
N LEU A 4919 33.21 38.24 -12.67
CA LEU A 4919 34.18 39.10 -13.36
C LEU A 4919 35.51 38.39 -13.58
N PHE A 4920 36.00 37.71 -12.54
CA PHE A 4920 37.24 36.96 -12.67
C PHE A 4920 37.12 35.83 -13.67
N PHE A 4921 35.97 35.17 -13.73
CA PHE A 4921 35.74 34.13 -14.73
C PHE A 4921 35.75 34.69 -16.13
N LEU A 4922 35.13 35.83 -16.37
CA LEU A 4922 35.22 36.46 -17.68
C LEU A 4922 36.67 36.81 -18.02
N MET A 4923 37.41 37.36 -17.07
CA MET A 4923 38.83 37.63 -17.30
C MET A 4923 39.58 36.38 -17.70
N TYR A 4924 39.41 35.29 -16.93
CA TYR A 4924 40.12 34.05 -17.18
C TYR A 4924 39.73 33.42 -18.51
N LEU A 4925 38.44 33.45 -18.85
CA LEU A 4925 37.96 32.91 -20.11
C LEU A 4925 38.43 33.71 -21.31
N ILE A 4926 38.54 35.04 -21.17
CA ILE A 4926 39.09 35.84 -22.26
C ILE A 4926 40.58 35.60 -22.42
N ASN A 4927 41.33 35.54 -21.32
CA ASN A 4927 42.78 35.37 -21.39
C ASN A 4927 43.19 33.93 -21.66
N LYS A 4928 42.27 32.98 -21.61
CA LYS A 4928 42.57 31.59 -21.91
C LYS A 4928 42.49 31.35 -23.41
N ASP A 4929 43.32 30.44 -23.89
CA ASP A 4929 43.29 30.07 -25.30
C ASP A 4929 42.00 29.32 -25.61
N GLU A 4930 41.45 29.59 -26.80
CA GLU A 4930 40.18 28.97 -27.17
C GLU A 4930 40.33 27.47 -27.34
N THR A 4931 41.47 27.01 -27.85
CA THR A 4931 41.68 25.58 -28.04
C THR A 4931 41.76 24.84 -26.72
N GLU A 4932 42.23 25.51 -25.67
CA GLU A 4932 42.37 24.90 -24.35
C GLU A 4932 41.10 24.96 -23.53
N HIS A 4933 40.01 25.48 -24.09
CA HIS A 4933 38.76 25.58 -23.35
C HIS A 4933 38.22 24.20 -23.03
N THR A 4934 37.64 24.06 -21.85
CA THR A 4934 36.90 22.85 -21.50
C THR A 4934 35.51 22.93 -22.12
N GLY A 4935 34.67 21.94 -21.82
CA GLY A 4935 33.32 21.97 -22.36
C GLY A 4935 32.48 23.09 -21.78
N GLN A 4936 32.54 23.27 -20.47
CA GLN A 4936 31.79 24.35 -19.83
C GLN A 4936 32.30 25.71 -20.30
N GLU A 4937 33.62 25.85 -20.38
CA GLU A 4937 34.20 27.10 -20.83
C GLU A 4937 33.83 27.38 -22.27
N SER A 4938 33.80 26.35 -23.12
CA SER A 4938 33.41 26.55 -24.51
C SER A 4938 31.95 26.95 -24.62
N TYR A 4939 31.09 26.34 -23.81
CA TYR A 4939 29.69 26.71 -23.80
C TYR A 4939 29.53 28.19 -23.46
N VAL A 4940 30.14 28.60 -22.34
CA VAL A 4940 30.03 29.99 -21.90
C VAL A 4940 30.67 30.92 -22.91
N TRP A 4941 31.77 30.51 -23.54
CA TRP A 4941 32.47 31.34 -24.50
C TRP A 4941 31.62 31.59 -25.75
N LYS A 4942 31.10 30.51 -26.33
CA LYS A 4942 30.20 30.66 -27.47
C LYS A 4942 29.05 31.58 -27.13
N MET A 4943 28.48 31.39 -25.94
CA MET A 4943 27.25 32.09 -25.63
C MET A 4943 27.52 33.56 -25.31
N TYR A 4944 28.67 33.86 -24.72
CA TYR A 4944 29.12 35.23 -24.52
C TYR A 4944 29.45 35.91 -25.85
N GLN A 4945 30.04 35.17 -26.78
CA GLN A 4945 30.29 35.72 -28.11
C GLN A 4945 29.00 36.10 -28.81
N GLU A 4946 27.97 35.26 -28.66
CA GLU A 4946 26.67 35.56 -29.23
C GLU A 4946 25.83 36.47 -28.33
N ARG A 4947 26.36 36.88 -27.19
CA ARG A 4947 25.70 37.85 -26.30
C ARG A 4947 24.38 37.33 -25.77
N CYS A 4948 24.32 36.06 -25.41
CA CYS A 4948 23.17 35.49 -24.70
C CYS A 4948 23.53 35.34 -23.23
N TRP A 4949 22.67 35.84 -22.36
CA TRP A 4949 22.93 35.84 -20.92
C TRP A 4949 22.06 34.85 -20.17
N GLU A 4950 21.59 33.79 -20.84
CA GLU A 4950 20.82 32.77 -20.14
C GLU A 4950 21.66 31.96 -19.18
N PHE A 4951 22.99 31.92 -19.40
CA PHE A 4951 23.84 31.08 -18.55
C PHE A 4951 23.94 31.65 -17.15
N PHE A 4952 23.64 32.92 -16.99
CA PHE A 4952 23.56 33.50 -15.65
C PHE A 4952 22.38 32.89 -14.91
N PRO A 4953 22.59 32.30 -13.73
CA PRO A 4953 21.48 31.68 -13.01
C PRO A 4953 20.48 32.74 -12.54
N ALA A 4954 19.24 32.60 -13.00
CA ALA A 4954 18.17 33.53 -12.68
C ALA A 4954 17.03 32.77 -12.03
N GLY A 4955 16.80 33.03 -10.75
CA GLY A 4955 15.75 32.38 -10.00
C GLY A 4955 16.07 31.00 -9.50
N ASP A 4956 17.27 30.50 -9.75
CA ASP A 4956 17.65 29.16 -9.32
C ASP A 4956 19.10 29.17 -8.85
N CYS A 4957 19.44 28.14 -8.07
CA CYS A 4957 20.79 28.00 -7.54
C CYS A 4957 21.05 26.53 -7.25
N PHE A 4958 22.29 26.24 -6.85
CA PHE A 4958 22.67 24.87 -6.54
C PHE A 4958 21.83 24.30 -5.40
N ARG A 4959 21.65 25.08 -4.33
CA ARG A 4959 20.88 24.62 -3.19
C ARG A 4959 19.43 24.35 -3.57
N LYS A 4960 18.83 25.27 -4.33
CA LYS A 4960 17.44 25.10 -4.72
C LYS A 4960 17.27 23.90 -5.64
N GLN A 4961 18.22 23.68 -6.54
CA GLN A 4961 18.13 22.52 -7.41
C GLN A 4961 18.29 21.22 -6.62
N TYR A 4962 19.21 21.19 -5.67
CA TYR A 4962 19.49 19.95 -4.96
C TYR A 4962 19.01 20.01 -3.52
N GLU A 4963 17.83 20.59 -3.31
CA GLU A 4963 17.26 20.66 -1.96
C GLU A 4963 17.22 19.29 -1.29
N ASP A 4964 16.75 18.27 -2.03
CA ASP A 4964 16.59 16.95 -1.42
C ASP A 4964 17.94 16.32 -1.07
N GLN A 4965 18.88 16.32 -2.02
CA GLN A 4965 20.14 15.64 -1.79
C GLN A 4965 21.02 16.40 -0.80
N LEU A 4966 21.12 17.72 -0.98
CA LEU A 4966 22.03 18.50 -0.14
C LEU A 4966 21.58 18.50 1.31
N ASN A 4967 20.28 18.63 1.54
CA ASN A 4967 19.75 18.67 2.91
C ASN A 4967 19.24 17.30 3.34
N GLY B 2 72.74 -46.83 -97.39
CA GLY B 2 71.32 -46.50 -97.49
C GLY B 2 71.09 -45.09 -98.01
N VAL B 3 72.10 -44.52 -98.66
CA VAL B 3 72.01 -43.17 -99.20
C VAL B 3 72.26 -43.25 -100.70
N GLU B 4 71.32 -42.75 -101.48
CA GLU B 4 71.47 -42.60 -102.92
C GLU B 4 71.50 -41.12 -103.26
N ILE B 5 72.45 -40.72 -104.09
CA ILE B 5 72.75 -39.32 -104.37
C ILE B 5 72.40 -39.04 -105.82
N GLU B 6 71.65 -37.96 -106.04
CA GLU B 6 71.30 -37.51 -107.38
C GLU B 6 71.92 -36.14 -107.62
N THR B 7 72.62 -36.01 -108.75
CA THR B 7 73.35 -34.78 -109.06
C THR B 7 72.40 -33.73 -109.61
N ILE B 8 72.37 -32.57 -108.98
CA ILE B 8 71.59 -31.45 -109.49
C ILE B 8 72.46 -30.54 -110.35
N SER B 9 73.67 -30.26 -109.90
CA SER B 9 74.63 -29.50 -110.67
C SER B 9 75.99 -30.18 -110.61
N PRO B 10 76.70 -30.25 -111.74
CA PRO B 10 77.98 -30.96 -111.75
C PRO B 10 79.04 -30.19 -110.99
N GLY B 11 80.02 -30.93 -110.49
CA GLY B 11 81.17 -30.36 -109.82
C GLY B 11 82.45 -30.59 -110.62
N ASP B 12 83.61 -30.37 -109.98
CA ASP B 12 84.87 -30.61 -110.68
C ASP B 12 85.09 -32.10 -110.92
N GLY B 13 84.61 -32.94 -110.01
CA GLY B 13 84.77 -34.37 -110.16
C GLY B 13 86.10 -34.93 -109.71
N ARG B 14 86.96 -34.11 -109.13
CA ARG B 14 88.27 -34.57 -108.68
C ARG B 14 88.48 -34.37 -107.18
N THR B 15 88.16 -33.18 -106.66
CA THR B 15 88.47 -32.85 -105.26
C THR B 15 87.35 -33.37 -104.36
N PHE B 16 87.41 -34.66 -104.09
CA PHE B 16 86.49 -35.24 -103.13
C PHE B 16 86.99 -34.97 -101.71
N PRO B 17 86.08 -34.89 -100.74
CA PRO B 17 86.51 -34.77 -99.34
C PRO B 17 87.35 -35.97 -98.91
N LYS B 18 88.37 -35.71 -98.10
CA LYS B 18 89.25 -36.75 -97.57
C LYS B 18 89.11 -36.75 -96.06
N LYS B 19 89.65 -37.79 -95.42
CA LYS B 19 89.55 -37.86 -93.96
C LYS B 19 90.32 -36.72 -93.31
N GLY B 20 89.76 -36.17 -92.25
CA GLY B 20 90.40 -35.08 -91.54
C GLY B 20 90.29 -33.74 -92.25
N GLN B 21 89.17 -33.50 -92.92
CA GLN B 21 88.87 -32.18 -93.49
C GLN B 21 87.53 -31.69 -92.97
N THR B 22 87.33 -30.38 -93.11
CA THR B 22 86.05 -29.74 -92.82
C THR B 22 85.37 -29.40 -94.13
N CYS B 23 84.09 -29.78 -94.23
CA CYS B 23 83.30 -29.50 -95.43
C CYS B 23 82.38 -28.33 -95.16
N VAL B 24 82.43 -27.33 -96.03
CA VAL B 24 81.60 -26.14 -95.91
C VAL B 24 80.45 -26.27 -96.90
N VAL B 25 79.23 -26.39 -96.40
CA VAL B 25 78.07 -26.67 -97.23
C VAL B 25 76.90 -25.76 -96.85
N HIS B 26 76.08 -25.44 -97.85
CA HIS B 26 74.70 -25.00 -97.63
C HIS B 26 73.78 -26.16 -97.94
N TYR B 27 72.89 -26.46 -97.01
CA TYR B 27 71.94 -27.54 -97.15
C TYR B 27 70.52 -27.04 -96.87
N THR B 28 69.56 -27.72 -97.47
CA THR B 28 68.14 -27.44 -97.24
C THR B 28 67.43 -28.77 -97.07
N GLY B 29 66.92 -29.03 -95.87
CA GLY B 29 66.32 -30.30 -95.54
C GLY B 29 64.81 -30.25 -95.66
N MET B 30 64.25 -31.26 -96.31
CA MET B 30 62.81 -31.41 -96.46
C MET B 30 62.41 -32.81 -96.01
N LEU B 31 61.21 -32.92 -95.46
CA LEU B 31 60.64 -34.23 -95.21
C LEU B 31 60.22 -34.87 -96.53
N GLN B 32 59.95 -36.18 -96.48
CA GLN B 32 59.59 -36.89 -97.70
C GLN B 32 58.29 -36.38 -98.30
N ASN B 33 57.40 -35.85 -97.47
CA ASN B 33 56.17 -35.27 -97.98
C ASN B 33 56.42 -33.92 -98.65
N GLY B 34 57.57 -33.30 -98.41
CA GLY B 34 57.90 -32.05 -99.04
C GLY B 34 57.89 -30.83 -98.15
N LYS B 35 57.85 -31.02 -96.83
CA LYS B 35 57.82 -29.89 -95.91
C LYS B 35 59.23 -29.61 -95.39
N LYS B 36 59.64 -28.34 -95.45
CA LYS B 36 60.96 -27.94 -95.02
C LYS B 36 61.05 -27.96 -93.51
N PHE B 37 62.14 -28.52 -92.99
CA PHE B 37 62.40 -28.51 -91.55
C PHE B 37 63.70 -27.85 -91.16
N ASP B 38 64.63 -27.67 -92.10
CA ASP B 38 65.90 -27.02 -91.83
C ASP B 38 66.49 -26.49 -93.12
N SER B 39 67.23 -25.40 -93.00
CA SER B 39 67.92 -24.81 -94.13
C SER B 39 69.00 -23.86 -93.63
N SER B 40 70.24 -24.13 -93.99
CA SER B 40 71.33 -23.22 -93.65
C SER B 40 71.27 -21.94 -94.44
N ARG B 41 70.65 -21.95 -95.62
CA ARG B 41 70.51 -20.73 -96.40
C ARG B 41 69.57 -19.74 -95.73
N ASP B 42 68.59 -20.22 -94.98
CA ASP B 42 67.74 -19.32 -94.21
C ASP B 42 68.56 -18.61 -93.14
N ARG B 43 69.43 -19.35 -92.47
CA ARG B 43 70.30 -18.76 -91.46
C ARG B 43 71.44 -17.97 -92.08
N ASN B 44 71.65 -18.09 -93.40
CA ASN B 44 72.57 -17.27 -94.17
C ASN B 44 74.03 -17.46 -93.79
N LYS B 45 74.42 -18.62 -93.28
CA LYS B 45 75.75 -18.80 -92.72
C LYS B 45 76.17 -20.27 -92.80
N PRO B 46 77.25 -20.56 -93.50
CA PRO B 46 77.46 -21.93 -94.00
C PRO B 46 77.71 -22.94 -92.89
N PHE B 47 77.40 -24.20 -93.19
CA PHE B 47 77.54 -25.28 -92.22
C PHE B 47 78.88 -25.97 -92.40
N LYS B 48 79.62 -26.11 -91.31
CA LYS B 48 80.94 -26.72 -91.33
C LYS B 48 80.92 -27.95 -90.43
N PHE B 49 81.41 -29.07 -90.94
CA PHE B 49 81.53 -30.30 -90.19
C PHE B 49 82.76 -31.07 -90.64
N ARG B 50 83.25 -31.93 -89.76
CA ARG B 50 84.51 -32.65 -89.98
C ARG B 50 84.22 -34.08 -90.41
N ILE B 51 84.99 -34.57 -91.37
CA ILE B 51 84.76 -35.91 -91.90
C ILE B 51 85.24 -36.95 -90.90
N GLY B 52 84.37 -37.90 -90.58
CA GLY B 52 84.73 -39.02 -89.75
C GLY B 52 84.70 -38.76 -88.26
N LYS B 53 84.32 -37.56 -87.82
CA LYS B 53 84.25 -37.26 -86.40
C LYS B 53 82.83 -37.33 -85.85
N GLN B 54 81.91 -37.96 -86.57
CA GLN B 54 80.55 -38.19 -86.09
C GLN B 54 79.87 -36.92 -85.60
N GLU B 55 80.09 -35.80 -86.29
CA GLU B 55 79.43 -34.56 -85.90
C GLU B 55 78.00 -34.51 -86.43
N VAL B 56 77.75 -35.14 -87.57
CA VAL B 56 76.44 -35.07 -88.21
C VAL B 56 75.89 -36.48 -88.37
N ILE B 57 74.70 -36.59 -88.96
CA ILE B 57 74.07 -37.90 -89.12
C ILE B 57 74.78 -38.69 -90.21
N LYS B 58 74.62 -40.01 -90.16
CA LYS B 58 75.37 -40.89 -91.06
C LYS B 58 75.00 -40.65 -92.51
N GLY B 59 73.71 -40.46 -92.79
CA GLY B 59 73.29 -40.24 -94.17
C GLY B 59 73.92 -39.01 -94.78
N PHE B 60 73.88 -37.90 -94.05
CA PHE B 60 74.53 -36.68 -94.49
C PHE B 60 76.03 -36.85 -94.63
N GLU B 61 76.67 -37.56 -93.70
CA GLU B 61 78.10 -37.84 -93.79
C GLU B 61 78.45 -38.57 -95.07
N GLU B 62 77.76 -39.68 -95.35
CA GLU B 62 78.07 -40.46 -96.55
C GLU B 62 77.79 -39.66 -97.82
N GLY B 63 76.67 -38.92 -97.84
CA GLY B 63 76.37 -38.12 -99.00
C GLY B 63 77.43 -37.09 -99.29
N ALA B 64 77.84 -36.34 -98.26
CA ALA B 64 78.89 -35.35 -98.44
C ALA B 64 80.22 -36.00 -98.82
N ALA B 65 80.52 -37.18 -98.31
CA ALA B 65 81.75 -37.87 -98.71
C ALA B 65 81.72 -38.22 -100.18
N GLN B 66 80.58 -38.71 -100.67
CA GLN B 66 80.49 -39.09 -102.08
C GLN B 66 80.43 -37.89 -103.01
N MET B 67 79.94 -36.74 -102.54
CA MET B 67 79.91 -35.56 -103.38
C MET B 67 81.32 -35.04 -103.65
N SER B 68 81.44 -34.10 -104.56
CA SER B 68 82.71 -33.50 -104.93
C SER B 68 82.61 -31.98 -104.80
N LEU B 69 83.75 -31.31 -104.97
CA LEU B 69 83.83 -29.88 -104.77
C LEU B 69 82.99 -29.14 -105.80
N GLY B 70 82.19 -28.18 -105.34
CA GLY B 70 81.37 -27.38 -106.23
C GLY B 70 80.14 -28.06 -106.77
N GLN B 71 79.81 -29.25 -106.27
CA GLN B 71 78.70 -30.04 -106.80
C GLN B 71 77.47 -29.82 -105.93
N ARG B 72 76.33 -29.60 -106.57
CA ARG B 72 75.05 -29.54 -105.87
C ARG B 72 74.30 -30.84 -106.13
N ALA B 73 73.94 -31.53 -105.05
CA ALA B 73 73.34 -32.85 -105.15
C ALA B 73 72.18 -32.99 -104.18
N LYS B 74 71.32 -33.95 -104.48
CA LYS B 74 70.17 -34.28 -103.64
C LYS B 74 70.48 -35.54 -102.85
N LEU B 75 70.33 -35.46 -101.53
CA LEU B 75 70.64 -36.57 -100.63
C LEU B 75 69.35 -37.08 -100.02
N THR B 76 69.09 -38.38 -100.20
CA THR B 76 67.94 -39.03 -99.59
C THR B 76 68.44 -39.99 -98.52
N CYS B 77 68.04 -39.75 -97.28
CA CYS B 77 68.51 -40.54 -96.14
C CYS B 77 67.34 -41.36 -95.60
N THR B 78 67.52 -42.67 -95.57
CA THR B 78 66.51 -43.55 -95.01
C THR B 78 66.52 -43.46 -93.49
N PRO B 79 65.42 -43.81 -92.83
CA PRO B 79 65.31 -43.63 -91.38
C PRO B 79 66.29 -44.46 -90.56
N ASP B 80 67.10 -45.31 -91.17
CA ASP B 80 68.08 -46.07 -90.41
C ASP B 80 69.41 -45.36 -90.30
N VAL B 81 69.67 -44.37 -91.15
CA VAL B 81 70.88 -43.55 -91.08
C VAL B 81 70.57 -42.12 -90.66
N ALA B 82 69.34 -41.86 -90.22
CA ALA B 82 68.96 -40.50 -89.83
C ALA B 82 67.88 -40.58 -88.76
N TYR B 83 68.27 -40.36 -87.50
CA TYR B 83 67.35 -40.18 -86.38
C TYR B 83 66.53 -41.41 -86.08
N GLY B 84 66.89 -42.55 -86.63
CA GLY B 84 66.29 -43.83 -86.30
C GLY B 84 64.78 -43.85 -86.16
N ALA B 85 64.29 -44.60 -85.17
CA ALA B 85 62.86 -44.66 -84.91
C ALA B 85 62.42 -43.74 -83.80
N THR B 86 63.33 -43.30 -82.94
CA THR B 86 62.98 -42.32 -81.92
C THR B 86 62.63 -40.97 -82.55
N GLY B 87 63.39 -40.57 -83.56
CA GLY B 87 63.20 -39.29 -84.19
C GLY B 87 63.77 -38.15 -83.37
N HIS B 88 63.83 -36.99 -83.99
CA HIS B 88 64.30 -35.80 -83.31
C HIS B 88 63.13 -35.11 -82.62
N PRO B 89 63.15 -34.97 -81.29
CA PRO B 89 61.97 -34.47 -80.58
C PRO B 89 61.53 -33.08 -81.01
N GLY B 90 60.33 -32.99 -81.59
CA GLY B 90 59.76 -31.71 -81.94
C GLY B 90 59.92 -31.31 -83.39
N VAL B 91 60.85 -31.94 -84.09
CA VAL B 91 61.12 -31.54 -85.47
C VAL B 91 60.82 -32.68 -86.44
N ILE B 92 61.55 -33.79 -86.32
CA ILE B 92 61.42 -34.92 -87.22
C ILE B 92 60.54 -35.98 -86.55
N PRO B 93 59.47 -36.43 -87.19
CA PRO B 93 58.64 -37.49 -86.61
C PRO B 93 59.36 -38.81 -86.64
N PRO B 94 58.91 -39.79 -85.85
CA PRO B 94 59.54 -41.12 -85.88
C PRO B 94 59.45 -41.76 -87.25
N ASN B 95 60.52 -42.47 -87.62
CA ASN B 95 60.58 -43.23 -88.87
C ASN B 95 60.28 -42.33 -90.08
N ALA B 96 61.14 -41.34 -90.28
CA ALA B 96 60.98 -40.38 -91.35
C ALA B 96 62.19 -40.44 -92.28
N THR B 97 61.93 -40.27 -93.57
CA THR B 97 62.97 -40.22 -94.59
C THR B 97 63.24 -38.77 -94.96
N LEU B 98 64.49 -38.36 -94.86
CA LEU B 98 64.88 -36.97 -95.08
C LEU B 98 65.49 -36.80 -96.47
N ILE B 99 65.18 -35.67 -97.10
CA ILE B 99 65.74 -35.31 -98.39
C ILE B 99 66.52 -34.02 -98.20
N PHE B 100 67.78 -34.02 -98.62
CA PHE B 100 68.69 -32.91 -98.40
C PHE B 100 69.19 -32.38 -99.73
N ASP B 101 69.14 -31.06 -99.89
CA ASP B 101 69.75 -30.39 -101.03
C ASP B 101 71.07 -29.77 -100.58
N VAL B 102 72.18 -30.42 -100.95
CA VAL B 102 73.48 -30.08 -100.39
C VAL B 102 74.40 -29.59 -101.49
N GLU B 103 75.10 -28.50 -101.22
CA GLU B 103 76.13 -27.96 -102.12
C GLU B 103 77.46 -27.92 -101.38
N LEU B 104 78.47 -28.55 -101.95
CA LEU B 104 79.80 -28.58 -101.35
C LEU B 104 80.57 -27.34 -101.82
N LEU B 105 80.47 -26.27 -101.03
CA LEU B 105 81.08 -25.01 -101.42
C LEU B 105 82.60 -25.12 -101.44
N ASN B 106 83.19 -25.57 -100.34
CA ASN B 106 84.63 -25.43 -100.14
C ASN B 106 85.11 -26.53 -99.22
N LEU B 107 86.35 -26.97 -99.44
CA LEU B 107 86.98 -28.00 -98.63
C LEU B 107 88.18 -27.38 -97.93
N GLU B 108 88.21 -27.49 -96.61
CA GLU B 108 89.31 -26.92 -95.83
C GLU B 108 89.50 -27.67 -94.52
N GLU C 10 29.12 -4.87 -5.60
CA GLU C 10 28.28 -5.96 -6.05
C GLU C 10 29.11 -7.22 -6.27
N ILE C 11 30.38 -7.03 -6.61
CA ILE C 11 31.32 -8.14 -6.81
C ILE C 11 32.31 -8.14 -5.67
N GLN C 12 32.65 -9.32 -5.17
CA GLN C 12 33.48 -9.48 -3.99
C GLN C 12 34.89 -9.90 -4.41
N PHE C 13 35.88 -9.25 -3.82
CA PHE C 13 37.29 -9.53 -4.10
C PHE C 13 37.94 -10.13 -2.86
N LEU C 14 38.79 -11.13 -3.08
CA LEU C 14 39.57 -11.70 -1.99
C LEU C 14 40.60 -10.67 -1.53
N ARG C 15 40.60 -10.36 -0.23
CA ARG C 15 41.48 -9.36 0.33
C ARG C 15 42.37 -10.00 1.39
N THR C 16 43.41 -9.28 1.79
CA THR C 16 44.27 -9.75 2.85
C THR C 16 43.51 -9.79 4.17
N ASP C 17 43.99 -10.63 5.09
CA ASP C 17 43.37 -10.88 6.39
C ASP C 17 41.97 -11.46 6.26
N ASP C 18 41.70 -12.18 5.18
CA ASP C 18 40.43 -12.87 4.99
C ASP C 18 40.63 -14.37 5.16
N GLU C 19 39.74 -14.99 5.92
CA GLU C 19 39.86 -16.41 6.20
C GLU C 19 39.14 -17.22 5.13
N VAL C 20 39.90 -18.10 4.46
CA VAL C 20 39.40 -18.84 3.30
C VAL C 20 39.84 -20.28 3.40
N VAL C 21 39.24 -21.12 2.56
CA VAL C 21 39.65 -22.52 2.40
C VAL C 21 39.92 -22.77 0.93
N LEU C 22 40.83 -23.69 0.64
CA LEU C 22 41.18 -24.05 -0.73
C LEU C 22 40.50 -25.37 -1.06
N GLN C 23 39.67 -25.36 -2.10
CA GLN C 23 38.93 -26.54 -2.50
C GLN C 23 39.43 -27.09 -3.83
N CYS C 24 39.30 -28.40 -3.99
CA CYS C 24 39.62 -29.09 -5.22
C CYS C 24 38.55 -30.13 -5.50
N THR C 25 38.35 -30.43 -6.78
CA THR C 25 37.33 -31.37 -7.22
C THR C 25 37.97 -32.69 -7.59
N ALA C 26 37.33 -33.79 -7.21
CA ALA C 26 37.78 -35.12 -7.52
C ALA C 26 36.79 -35.81 -8.45
N THR C 27 37.30 -36.57 -9.40
CA THR C 27 36.49 -37.29 -10.38
C THR C 27 36.66 -38.80 -10.26
N ILE C 28 36.70 -39.30 -9.03
CA ILE C 28 36.90 -40.74 -8.82
C ILE C 28 35.64 -41.49 -9.23
N HIS C 29 35.82 -42.53 -10.04
CA HIS C 29 34.75 -43.36 -10.60
C HIS C 29 33.54 -42.55 -11.06
N LYS C 30 33.79 -41.45 -11.78
CA LYS C 30 32.75 -40.67 -12.46
C LYS C 30 31.77 -40.04 -11.49
N GLU C 31 32.28 -39.41 -10.42
CA GLU C 31 31.47 -38.58 -9.56
C GLU C 31 32.29 -37.36 -9.14
N GLN C 32 31.60 -36.27 -8.81
CA GLN C 32 32.25 -35.05 -8.38
C GLN C 32 32.36 -35.03 -6.87
N GLN C 33 33.59 -35.00 -6.37
CA GLN C 33 33.86 -35.04 -4.93
C GLN C 33 34.65 -33.79 -4.55
N LYS C 34 34.02 -32.88 -3.82
CA LYS C 34 34.68 -31.67 -3.37
C LYS C 34 35.57 -31.99 -2.18
N LEU C 35 36.81 -31.53 -2.23
CA LEU C 35 37.79 -31.79 -1.19
C LEU C 35 38.44 -30.48 -0.76
N CYS C 36 38.82 -30.41 0.51
CA CYS C 36 39.45 -29.22 1.06
C CYS C 36 40.83 -29.58 1.60
N LEU C 37 41.75 -28.62 1.47
CA LEU C 37 43.11 -28.80 1.97
C LEU C 37 43.10 -28.68 3.48
N ALA C 38 43.59 -29.72 4.17
CA ALA C 38 43.56 -29.78 5.62
C ALA C 38 44.93 -30.14 6.15
N ALA C 39 45.23 -29.64 7.34
CA ALA C 39 46.48 -29.91 8.03
C ALA C 39 46.32 -29.50 9.49
N GLU C 40 46.88 -30.29 10.39
CA GLU C 40 46.83 -30.00 11.82
C GLU C 40 48.25 -29.73 12.29
N GLY C 41 48.43 -28.65 13.04
CA GLY C 41 49.78 -28.20 13.37
C GLY C 41 50.55 -29.18 14.22
N PHE C 42 49.96 -29.61 15.34
CA PHE C 42 50.67 -30.53 16.22
C PHE C 42 50.60 -31.95 15.69
N GLY C 43 51.72 -32.65 15.79
CA GLY C 43 51.78 -33.98 15.22
C GLY C 43 52.16 -33.90 13.76
N ASN C 44 51.32 -34.47 12.90
CA ASN C 44 51.62 -34.53 11.48
C ASN C 44 51.62 -33.13 10.87
N ARG C 45 52.80 -32.70 10.40
CA ARG C 45 52.93 -31.44 9.68
C ARG C 45 52.47 -31.55 8.23
N LEU C 46 52.19 -32.76 7.75
CA LEU C 46 51.78 -32.93 6.37
C LEU C 46 50.36 -32.41 6.15
N CYS C 47 49.97 -32.34 4.89
CA CYS C 47 48.66 -31.86 4.49
C CYS C 47 47.85 -33.01 3.89
N PHE C 48 46.60 -33.12 4.30
CA PHE C 48 45.70 -34.13 3.79
C PHE C 48 44.41 -33.47 3.33
N LEU C 49 43.54 -34.27 2.74
CA LEU C 49 42.31 -33.77 2.12
C LEU C 49 41.12 -34.12 2.99
N GLU C 50 40.27 -33.12 3.22
CA GLU C 50 39.02 -33.30 3.96
C GLU C 50 37.85 -33.22 3.01
N SER C 51 36.96 -34.20 3.08
CA SER C 51 35.83 -34.29 2.16
C SER C 51 34.70 -33.40 2.65
N THR C 52 34.22 -32.53 1.77
CA THR C 52 33.08 -31.66 2.06
C THR C 52 31.88 -31.97 1.19
N SER C 53 32.01 -32.89 0.25
CA SER C 53 30.88 -33.30 -0.57
C SER C 53 29.86 -34.10 0.22
N ASN C 54 30.33 -35.03 1.05
CA ASN C 54 29.45 -35.81 1.93
C ASN C 54 29.16 -35.09 3.24
N SER C 55 28.73 -33.83 3.16
CA SER C 55 28.44 -33.08 4.38
C SER C 55 27.19 -33.60 5.07
N LYS C 56 26.28 -34.19 4.32
CA LYS C 56 25.06 -34.71 4.91
C LYS C 56 25.30 -35.97 5.74
N ASN C 57 26.31 -36.76 5.37
CA ASN C 57 26.54 -38.01 6.09
C ASN C 57 27.65 -37.87 7.11
N VAL C 58 28.73 -37.17 6.75
CA VAL C 58 29.90 -37.02 7.61
C VAL C 58 30.23 -35.54 7.72
N PRO C 59 30.21 -34.96 8.92
CA PRO C 59 30.56 -33.54 9.07
C PRO C 59 32.00 -33.29 8.67
N PRO C 60 32.27 -32.20 7.97
CA PRO C 60 33.66 -31.84 7.66
C PRO C 60 34.30 -31.06 8.79
N ASP C 61 35.61 -31.24 8.93
CA ASP C 61 36.38 -30.54 9.96
C ASP C 61 37.10 -29.34 9.35
N LEU C 62 36.33 -28.28 9.13
CA LEU C 62 36.86 -27.08 8.50
C LEU C 62 37.80 -26.30 9.41
N SER C 63 37.79 -26.59 10.71
CA SER C 63 38.63 -25.84 11.65
C SER C 63 40.11 -25.98 11.31
N ILE C 64 40.51 -27.14 10.78
CA ILE C 64 41.89 -27.35 10.35
C ILE C 64 42.05 -27.13 8.85
N CYS C 65 40.99 -26.71 8.17
CA CYS C 65 41.05 -26.41 6.74
C CYS C 65 41.08 -24.93 6.45
N THR C 66 40.69 -24.08 7.40
CA THR C 66 40.66 -22.64 7.18
C THR C 66 42.08 -22.07 7.15
N PHE C 67 42.31 -21.15 6.21
CA PHE C 67 43.56 -20.42 6.09
C PHE C 67 43.26 -18.93 6.00
N VAL C 68 44.26 -18.11 6.31
CA VAL C 68 44.13 -16.67 6.28
C VAL C 68 45.21 -16.07 5.39
N LEU C 69 44.85 -15.03 4.65
CA LEU C 69 45.75 -14.35 3.71
C LEU C 69 46.43 -13.20 4.43
N GLU C 70 47.72 -13.34 4.74
CA GLU C 70 48.43 -12.26 5.41
C GLU C 70 48.87 -11.19 4.41
N GLN C 71 49.72 -11.56 3.46
CA GLN C 71 50.35 -10.59 2.57
C GLN C 71 50.18 -11.02 1.12
N SER C 72 50.03 -10.03 0.24
CA SER C 72 49.96 -10.25 -1.20
C SER C 72 50.93 -9.27 -1.88
N LEU C 73 52.18 -9.71 -2.01
CA LEU C 73 53.20 -8.87 -2.60
C LEU C 73 53.46 -9.27 -4.06
N SER C 74 53.96 -8.32 -4.82
CA SER C 74 54.37 -8.60 -6.19
C SER C 74 55.61 -9.47 -6.20
N VAL C 75 55.85 -10.12 -7.34
CA VAL C 75 57.03 -10.97 -7.47
C VAL C 75 58.31 -10.15 -7.31
N ARG C 76 58.34 -8.97 -7.93
CA ARG C 76 59.51 -8.11 -7.82
C ARG C 76 59.76 -7.70 -6.38
N ALA C 77 58.69 -7.29 -5.68
CA ALA C 77 58.83 -6.88 -4.28
C ALA C 77 59.28 -8.04 -3.41
N LEU C 78 58.73 -9.24 -3.65
CA LEU C 78 59.14 -10.41 -2.89
C LEU C 78 60.60 -10.76 -3.13
N GLN C 79 61.06 -10.71 -4.38
CA GLN C 79 62.46 -10.96 -4.66
C GLN C 79 63.36 -9.93 -3.99
N GLU C 80 62.96 -8.65 -4.02
CA GLU C 80 63.75 -7.63 -3.34
C GLU C 80 63.81 -7.88 -1.84
N MET C 81 62.67 -8.25 -1.23
CA MET C 81 62.65 -8.52 0.20
C MET C 81 63.52 -9.71 0.55
N LEU C 82 63.46 -10.77 -0.26
CA LEU C 82 64.28 -11.94 -0.01
C LEU C 82 65.76 -11.61 -0.17
N ALA C 83 66.10 -10.76 -1.14
CA ALA C 83 67.47 -10.30 -1.27
C ALA C 83 67.92 -9.52 -0.04
N ASN C 84 67.02 -8.70 0.51
CA ASN C 84 67.31 -7.95 1.73
C ASN C 84 67.28 -8.87 2.95
N HIS C 110 44.65 -3.94 4.21
CA HIS C 110 43.61 -4.66 3.48
C HIS C 110 43.78 -4.52 1.98
N ARG C 111 44.89 -5.05 1.47
CA ARG C 111 45.13 -5.03 0.03
C ARG C 111 44.28 -6.08 -0.67
N THR C 112 43.97 -5.82 -1.93
CA THR C 112 43.18 -6.73 -2.74
C THR C 112 44.10 -7.60 -3.58
N LEU C 113 43.89 -8.90 -3.52
CA LEU C 113 44.72 -9.84 -4.28
C LEU C 113 44.59 -9.60 -5.77
N LEU C 114 45.71 -9.55 -6.46
CA LEU C 114 45.76 -9.41 -7.91
C LEU C 114 46.50 -10.59 -8.49
N TYR C 115 46.04 -11.08 -9.63
CA TYR C 115 46.64 -12.25 -10.26
C TYR C 115 48.10 -12.00 -10.56
N GLY C 116 48.94 -12.96 -10.19
CA GLY C 116 50.38 -12.84 -10.38
C GLY C 116 51.16 -12.42 -9.16
N HIS C 117 50.50 -12.07 -8.05
CA HIS C 117 51.19 -11.74 -6.83
C HIS C 117 51.53 -13.00 -6.05
N ALA C 118 52.36 -12.84 -5.03
CA ALA C 118 52.75 -13.92 -4.13
C ALA C 118 52.02 -13.76 -2.82
N ILE C 119 51.33 -14.81 -2.38
CA ILE C 119 50.49 -14.77 -1.20
C ILE C 119 51.11 -15.64 -0.12
N LEU C 120 50.89 -15.25 1.13
CA LEU C 120 51.33 -15.99 2.30
C LEU C 120 50.10 -16.51 3.04
N LEU C 121 50.01 -17.82 3.19
CA LEU C 121 48.88 -18.47 3.84
C LEU C 121 49.28 -18.90 5.24
N ARG C 122 48.53 -18.47 6.25
CA ARG C 122 48.74 -18.90 7.62
C ARG C 122 47.58 -19.80 8.03
N HIS C 123 47.92 -20.96 8.59
CA HIS C 123 46.91 -21.89 9.07
C HIS C 123 46.28 -21.31 10.33
N SER C 124 44.95 -21.18 10.34
CA SER C 124 44.28 -20.47 11.42
C SER C 124 44.48 -21.16 12.76
N TYR C 125 44.33 -22.49 12.77
CA TYR C 125 44.40 -23.21 14.04
C TYR C 125 45.82 -23.23 14.59
N SER C 126 46.80 -23.54 13.75
CA SER C 126 48.16 -23.72 14.20
C SER C 126 48.99 -22.44 14.22
N GLY C 127 48.65 -21.48 13.36
CA GLY C 127 49.48 -20.30 13.24
C GLY C 127 50.75 -20.52 12.46
N MET C 128 50.81 -21.60 11.67
CA MET C 128 51.96 -21.91 10.84
C MET C 128 51.56 -21.80 9.38
N TYR C 129 52.55 -21.67 8.50
CA TYR C 129 52.31 -21.29 7.13
C TYR C 129 52.51 -22.46 6.18
N LEU C 130 51.72 -22.46 5.11
CA LEU C 130 51.83 -23.48 4.07
C LEU C 130 53.17 -23.35 3.35
N CYS C 131 53.75 -24.49 2.99
CA CYS C 131 55.08 -24.49 2.39
C CYS C 131 55.29 -25.77 1.61
N CYS C 132 56.33 -25.77 0.78
CA CYS C 132 56.82 -27.00 0.15
C CYS C 132 57.94 -27.57 1.00
N LEU C 133 57.74 -28.79 1.51
CA LEU C 133 58.67 -29.36 2.48
C LEU C 133 59.99 -29.78 1.87
N SER C 134 60.07 -29.91 0.54
CA SER C 134 61.29 -30.30 -0.17
C SER C 134 61.69 -31.74 0.15
N THR C 135 60.92 -32.41 0.99
CA THR C 135 61.10 -33.82 1.28
C THR C 135 59.87 -34.58 0.80
N SER C 136 60.08 -35.59 -0.03
CA SER C 136 58.98 -36.29 -0.67
C SER C 136 58.70 -37.61 0.04
N ARG C 137 57.42 -38.00 0.04
CA ARG C 137 56.99 -39.28 0.55
C ARG C 137 57.06 -40.38 -0.50
N SER C 138 57.50 -40.04 -1.72
CA SER C 138 57.63 -40.99 -2.82
C SER C 138 56.29 -41.65 -3.15
N SER C 139 55.30 -40.82 -3.48
CA SER C 139 53.98 -41.31 -3.88
C SER C 139 54.01 -41.61 -5.38
N THR C 140 54.92 -42.51 -5.76
CA THR C 140 55.11 -42.98 -7.13
C THR C 140 55.50 -41.84 -8.07
N ASP C 141 55.79 -40.67 -7.52
CA ASP C 141 56.21 -39.53 -8.33
C ASP C 141 57.53 -39.01 -7.77
N LYS C 142 58.62 -39.31 -8.46
CA LYS C 142 59.95 -38.93 -7.98
C LYS C 142 60.13 -37.42 -8.00
N LEU C 143 59.52 -36.74 -8.98
CA LEU C 143 59.70 -35.30 -9.10
C LEU C 143 58.90 -34.53 -8.06
N ALA C 144 57.82 -35.12 -7.55
CA ALA C 144 56.90 -34.39 -6.69
C ALA C 144 57.51 -34.14 -5.31
N PHE C 145 57.03 -33.09 -4.66
CA PHE C 145 57.38 -32.74 -3.29
C PHE C 145 56.14 -32.83 -2.41
N ASP C 146 56.35 -32.71 -1.11
CA ASP C 146 55.27 -32.77 -0.13
C ASP C 146 54.94 -31.38 0.38
N VAL C 147 53.65 -31.10 0.52
CA VAL C 147 53.17 -29.81 0.98
C VAL C 147 52.80 -29.94 2.45
N GLY C 148 53.38 -29.08 3.29
CA GLY C 148 53.11 -29.12 4.71
C GLY C 148 53.05 -27.74 5.34
N LEU C 149 53.26 -27.68 6.65
CA LEU C 149 53.19 -26.43 7.40
C LEU C 149 54.56 -26.13 8.01
N GLN C 150 54.92 -24.85 8.02
CA GLN C 150 56.22 -24.41 8.50
C GLN C 150 56.05 -23.23 9.43
N GLU C 151 56.96 -23.12 10.41
CA GLU C 151 56.82 -22.06 11.41
C GLU C 151 57.31 -20.71 10.88
N ASP C 152 58.53 -20.65 10.39
CA ASP C 152 59.12 -19.37 10.03
C ASP C 152 58.55 -18.85 8.71
N THR C 153 58.57 -17.52 8.57
CA THR C 153 58.12 -16.90 7.32
C THR C 153 59.26 -16.76 6.31
N THR C 154 60.50 -16.72 6.79
CA THR C 154 61.64 -16.49 5.92
C THR C 154 61.81 -17.64 4.94
N GLY C 155 62.29 -17.32 3.75
CA GLY C 155 62.48 -18.29 2.69
C GLY C 155 61.42 -18.16 1.62
N GLU C 156 61.73 -18.78 0.47
CA GLU C 156 60.84 -18.76 -0.68
C GLU C 156 59.90 -19.96 -0.71
N ALA C 157 59.98 -20.84 0.28
CA ALA C 157 59.09 -22.00 0.32
C ALA C 157 57.69 -21.63 0.77
N CYS C 158 57.56 -20.63 1.65
CA CYS C 158 56.26 -20.30 2.22
C CYS C 158 55.38 -19.55 1.23
N TRP C 159 55.99 -18.88 0.26
CA TRP C 159 55.23 -18.01 -0.64
C TRP C 159 54.73 -18.78 -1.85
N TRP C 160 53.51 -18.45 -2.29
CA TRP C 160 52.87 -19.07 -3.44
C TRP C 160 52.35 -18.00 -4.36
N THR C 161 52.56 -18.18 -5.67
CA THR C 161 52.00 -17.26 -6.65
C THR C 161 50.63 -17.74 -7.10
N ILE C 162 49.75 -16.79 -7.37
CA ILE C 162 48.39 -17.06 -7.82
C ILE C 162 48.29 -16.69 -9.29
N HIS C 163 47.76 -17.60 -10.10
CA HIS C 163 47.66 -17.38 -11.52
C HIS C 163 46.25 -17.65 -12.00
N PRO C 164 45.80 -16.97 -13.05
CA PRO C 164 44.45 -17.22 -13.57
C PRO C 164 44.34 -18.62 -14.17
N ALA C 165 43.32 -19.34 -13.74
CA ALA C 165 43.00 -20.65 -14.31
C ALA C 165 41.98 -20.55 -15.44
N SER C 166 41.45 -19.37 -15.69
CA SER C 166 40.47 -19.14 -16.75
C SER C 166 40.97 -18.05 -17.68
N LYS C 167 40.74 -18.24 -18.98
CA LYS C 167 41.21 -17.28 -19.97
C LYS C 167 40.47 -15.94 -19.89
N GLN C 168 39.33 -15.90 -19.19
CA GLN C 168 38.66 -14.62 -18.97
C GLN C 168 39.53 -13.68 -18.16
N ARG C 169 40.17 -14.19 -17.12
CA ARG C 169 41.03 -13.37 -16.28
C ARG C 169 42.41 -13.21 -16.93
N SER C 170 43.13 -12.20 -16.46
CA SER C 170 44.48 -11.92 -16.93
C SER C 170 45.32 -11.41 -15.78
N GLU C 171 46.63 -11.38 -15.99
CA GLU C 171 47.54 -10.95 -14.95
C GLU C 171 47.25 -9.52 -14.53
N GLY C 172 47.18 -9.29 -13.22
CA GLY C 172 46.94 -7.96 -12.69
C GLY C 172 45.50 -7.72 -12.29
N GLU C 173 44.59 -8.53 -12.81
CA GLU C 173 43.18 -8.37 -12.47
C GLU C 173 42.92 -8.75 -11.03
N LYS C 174 41.91 -8.12 -10.43
CA LYS C 174 41.48 -8.48 -9.10
C LYS C 174 40.85 -9.87 -9.10
N VAL C 175 41.13 -10.64 -8.05
CA VAL C 175 40.67 -12.01 -7.96
C VAL C 175 39.26 -12.03 -7.37
N ARG C 176 38.31 -12.55 -8.14
CA ARG C 176 36.96 -12.71 -7.63
C ARG C 176 36.90 -13.86 -6.64
N VAL C 177 35.88 -13.81 -5.77
CA VAL C 177 35.73 -14.87 -4.77
C VAL C 177 35.40 -16.20 -5.44
N GLY C 178 34.58 -16.16 -6.49
CA GLY C 178 34.21 -17.37 -7.19
C GLY C 178 35.10 -17.66 -8.38
N ASP C 179 36.41 -17.79 -8.14
CA ASP C 179 37.38 -18.06 -9.20
C ASP C 179 38.09 -19.37 -8.93
N ASP C 180 38.56 -19.99 -10.00
CA ASP C 180 39.47 -21.12 -9.91
C ASP C 180 40.89 -20.59 -9.97
N LEU C 181 41.71 -20.97 -9.00
CA LEU C 181 43.06 -20.46 -8.86
C LEU C 181 44.05 -21.59 -9.01
N ILE C 182 45.10 -21.36 -9.80
CA ILE C 182 46.22 -22.29 -9.91
C ILE C 182 47.41 -21.68 -9.18
N LEU C 183 48.01 -22.46 -8.30
CA LEU C 183 49.08 -21.98 -7.43
C LEU C 183 50.40 -22.62 -7.80
N VAL C 184 51.46 -21.81 -7.83
CA VAL C 184 52.79 -22.27 -8.19
C VAL C 184 53.72 -21.94 -7.04
N SER C 185 54.50 -22.92 -6.61
CA SER C 185 55.45 -22.70 -5.53
C SER C 185 56.60 -21.83 -6.00
N VAL C 186 56.94 -20.82 -5.20
CA VAL C 186 58.06 -19.95 -5.54
C VAL C 186 59.37 -20.73 -5.47
N SER C 187 59.47 -21.66 -4.51
CA SER C 187 60.73 -22.35 -4.29
C SER C 187 61.04 -23.35 -5.40
N SER C 188 60.04 -24.12 -5.84
CA SER C 188 60.29 -25.25 -6.72
C SER C 188 59.54 -25.18 -8.04
N GLU C 189 58.72 -24.16 -8.27
CA GLU C 189 57.91 -24.05 -9.48
C GLU C 189 57.07 -25.29 -9.71
N ARG C 190 56.50 -25.83 -8.63
CA ARG C 190 55.64 -27.00 -8.70
C ARG C 190 54.24 -26.60 -8.31
N TYR C 191 53.27 -26.96 -9.14
CA TYR C 191 51.88 -26.62 -8.88
C TYR C 191 51.34 -27.38 -7.68
N LEU C 192 50.40 -26.76 -6.98
CA LEU C 192 49.63 -27.48 -5.98
C LEU C 192 48.78 -28.54 -6.67
N HIS C 193 49.17 -29.80 -6.51
CA HIS C 193 48.67 -30.87 -7.35
C HIS C 193 47.84 -31.85 -6.53
N LEU C 194 46.70 -32.26 -7.08
CA LEU C 194 45.90 -33.32 -6.50
C LEU C 194 46.26 -34.64 -7.18
N SER C 195 46.71 -35.61 -6.40
CA SER C 195 47.26 -36.86 -6.93
C SER C 195 46.17 -37.93 -6.94
N TYR C 196 45.64 -38.21 -8.13
CA TYR C 196 44.72 -39.34 -8.31
C TYR C 196 45.44 -40.68 -8.34
N GLY C 197 46.71 -40.69 -8.76
CA GLY C 197 47.37 -41.94 -9.07
C GLY C 197 47.46 -42.91 -7.91
N ASN C 198 47.81 -42.40 -6.73
CA ASN C 198 47.89 -43.29 -5.57
C ASN C 198 46.49 -43.71 -5.15
N GLY C 199 46.40 -44.84 -4.43
CA GLY C 199 45.11 -45.38 -4.05
C GLY C 199 44.29 -44.39 -3.24
N SER C 200 44.94 -43.65 -2.34
CA SER C 200 44.30 -42.58 -1.59
C SER C 200 44.59 -41.26 -2.29
N LEU C 201 43.70 -40.28 -2.11
CA LEU C 201 43.93 -38.96 -2.66
C LEU C 201 44.99 -38.22 -1.87
N HIS C 202 45.93 -37.60 -2.58
CA HIS C 202 47.01 -36.85 -1.97
C HIS C 202 47.06 -35.43 -2.51
N VAL C 203 47.67 -34.55 -1.73
CA VAL C 203 48.01 -33.21 -2.16
C VAL C 203 49.54 -33.11 -2.15
N ASP C 204 50.11 -32.57 -3.22
CA ASP C 204 51.54 -32.52 -3.39
C ASP C 204 51.90 -31.40 -4.36
N ALA C 205 53.20 -31.13 -4.45
CA ALA C 205 53.74 -30.13 -5.38
C ALA C 205 54.31 -30.86 -6.58
N ALA C 206 53.66 -30.72 -7.73
CA ALA C 206 54.04 -31.45 -8.93
C ALA C 206 53.97 -30.52 -10.13
N PHE C 207 54.61 -30.94 -11.22
CA PHE C 207 54.64 -30.12 -12.43
C PHE C 207 53.28 -30.12 -13.11
N GLN C 208 52.45 -31.13 -12.86
CA GLN C 208 51.08 -31.08 -13.32
C GLN C 208 50.27 -30.10 -12.48
N GLN C 209 49.25 -29.51 -13.08
CA GLN C 209 48.49 -28.44 -12.46
C GLN C 209 47.10 -28.91 -12.09
N THR C 210 46.60 -28.41 -10.96
CA THR C 210 45.27 -28.71 -10.46
C THR C 210 44.57 -27.41 -10.08
N LEU C 211 43.33 -27.26 -10.52
CA LEU C 211 42.58 -26.02 -10.31
C LEU C 211 42.01 -26.01 -8.91
N TRP C 212 42.29 -24.95 -8.15
CA TRP C 212 41.79 -24.79 -6.81
C TRP C 212 40.80 -23.62 -6.74
N SER C 213 39.72 -23.82 -6.00
CA SER C 213 38.71 -22.79 -5.79
C SER C 213 38.79 -22.28 -4.36
N VAL C 214 38.81 -20.98 -4.20
CA VAL C 214 38.93 -20.35 -2.89
C VAL C 214 37.56 -19.90 -2.43
N ALA C 215 37.17 -20.34 -1.24
CA ALA C 215 35.86 -20.01 -0.69
C ALA C 215 36.00 -19.13 0.55
N PRO C 216 35.30 -18.00 0.61
CA PRO C 216 35.44 -17.11 1.75
C PRO C 216 34.73 -17.63 2.98
N ILE C 217 35.51 -18.06 3.98
CA ILE C 217 34.92 -18.55 5.23
C ILE C 217 34.36 -17.39 6.04
N SER C 218 35.17 -16.35 6.23
CA SER C 218 34.78 -15.21 7.03
C SER C 218 35.72 -14.05 6.77
N SER C 219 35.29 -12.86 7.17
CA SER C 219 36.11 -11.65 7.12
C SER C 219 36.23 -11.12 8.54
N GLY C 220 37.48 -10.94 9.00
CA GLY C 220 37.69 -10.56 10.39
C GLY C 220 37.17 -9.17 10.72
N SER C 221 37.31 -8.23 9.78
CA SER C 221 36.91 -6.85 10.05
C SER C 221 35.42 -6.74 10.32
N GLU C 222 34.60 -7.45 9.55
CA GLU C 222 33.16 -7.33 9.67
C GLU C 222 32.60 -8.00 10.92
N ALA C 223 33.42 -8.76 11.65
CA ALA C 223 32.95 -9.44 12.85
C ALA C 223 32.59 -8.43 13.93
N ALA C 224 31.52 -8.72 14.67
CA ALA C 224 31.04 -7.87 15.75
C ALA C 224 31.33 -8.53 17.08
N GLN C 225 31.92 -7.77 18.00
CA GLN C 225 32.27 -8.32 19.30
C GLN C 225 31.03 -8.68 20.09
N GLY C 226 31.11 -9.79 20.83
CA GLY C 226 30.02 -10.23 21.67
C GLY C 226 28.91 -10.96 20.95
N TYR C 227 29.05 -11.22 19.65
CA TYR C 227 28.02 -11.90 18.89
C TYR C 227 28.55 -13.23 18.36
N LEU C 228 27.67 -14.22 18.35
CA LEU C 228 28.04 -15.58 18.00
C LEU C 228 28.23 -15.71 16.51
N ILE C 229 29.40 -16.20 16.10
CA ILE C 229 29.68 -16.50 14.70
C ILE C 229 29.96 -18.00 14.58
N GLY C 230 29.92 -18.49 13.35
CA GLY C 230 30.17 -19.90 13.12
C GLY C 230 31.58 -20.30 13.49
N GLY C 231 31.71 -21.50 14.02
CA GLY C 231 33.01 -22.02 14.40
C GLY C 231 33.54 -21.50 15.71
N ASP C 232 32.67 -21.12 16.64
CA ASP C 232 33.08 -20.65 17.96
C ASP C 232 33.04 -21.80 18.95
N VAL C 233 34.09 -21.93 19.74
CA VAL C 233 34.08 -22.84 20.88
C VAL C 233 33.44 -22.11 22.05
N LEU C 234 32.36 -22.67 22.58
CA LEU C 234 31.52 -21.98 23.55
C LEU C 234 31.01 -22.95 24.60
N ARG C 235 30.46 -22.38 25.67
CA ARG C 235 29.88 -23.15 26.76
C ARG C 235 28.38 -22.87 26.82
N LEU C 236 27.59 -23.91 27.04
CA LEU C 236 26.14 -23.79 27.11
C LEU C 236 25.75 -23.72 28.59
N LEU C 237 25.61 -22.50 29.11
CA LEU C 237 25.26 -22.30 30.51
C LEU C 237 23.76 -22.31 30.70
N HIS C 238 23.31 -22.97 31.76
CA HIS C 238 21.88 -23.14 32.03
C HIS C 238 21.55 -22.66 33.43
N GLY C 239 20.50 -21.84 33.53
CA GLY C 239 19.96 -21.45 34.82
C GLY C 239 20.77 -20.42 35.56
N HIS C 240 20.25 -19.99 36.72
CA HIS C 240 20.97 -19.03 37.55
C HIS C 240 22.24 -19.66 38.12
N MET C 241 22.19 -20.95 38.45
CA MET C 241 23.36 -21.66 38.95
C MET C 241 24.44 -21.82 37.88
N ASP C 242 24.11 -21.52 36.62
CA ASP C 242 25.05 -21.58 35.51
C ASP C 242 25.64 -22.98 35.32
N GLU C 243 24.81 -24.01 35.51
CA GLU C 243 25.25 -25.35 35.18
C GLU C 243 25.45 -25.46 33.66
N CYS C 244 26.60 -25.99 33.27
CA CYS C 244 26.97 -26.05 31.86
C CYS C 244 26.75 -27.45 31.32
N LEU C 245 26.27 -27.52 30.08
CA LEU C 245 26.03 -28.80 29.43
C LEU C 245 27.37 -29.49 29.16
N THR C 246 27.58 -30.63 29.80
CA THR C 246 28.85 -31.34 29.70
C THR C 246 28.59 -32.83 29.60
N VAL C 247 29.66 -33.60 29.42
CA VAL C 247 29.60 -35.06 29.36
C VAL C 247 30.21 -35.58 30.66
N PRO C 248 30.07 -36.88 30.96
CA PRO C 248 30.72 -37.41 32.17
C PRO C 248 32.22 -37.25 32.10
N SER C 249 32.83 -37.15 33.29
CA SER C 249 34.25 -36.87 33.39
C SER C 249 35.08 -38.07 32.92
N GLY C 250 36.39 -37.94 33.08
CA GLY C 250 37.30 -38.95 32.60
C GLY C 250 37.30 -40.22 33.42
N GLU C 251 36.20 -40.98 33.36
CA GLU C 251 36.12 -42.30 33.97
C GLU C 251 36.81 -43.36 33.15
N HIS C 252 37.64 -42.97 32.18
CA HIS C 252 38.38 -43.87 31.30
C HIS C 252 37.43 -44.66 30.41
N GLY C 253 36.14 -44.35 30.46
CA GLY C 253 35.16 -45.03 29.64
C GLY C 253 34.70 -44.20 28.46
N GLU C 254 35.20 -44.52 27.27
CA GLU C 254 34.79 -43.80 26.07
C GLU C 254 33.32 -44.03 25.74
N GLU C 255 32.73 -45.10 26.28
CA GLU C 255 31.29 -45.33 26.10
C GLU C 255 30.46 -44.63 27.18
N GLN C 256 31.01 -44.48 28.38
CA GLN C 256 30.29 -43.74 29.42
C GLN C 256 30.36 -42.25 29.19
N ARG C 257 31.41 -41.77 28.53
CA ARG C 257 31.53 -40.35 28.20
C ARG C 257 30.60 -39.92 27.08
N ARG C 258 29.77 -40.82 26.56
CA ARG C 258 28.91 -40.53 25.43
C ARG C 258 27.59 -39.88 25.82
N THR C 259 27.23 -39.89 27.09
CA THR C 259 25.99 -39.27 27.53
C THR C 259 26.18 -37.78 27.77
N VAL C 260 25.08 -37.09 27.99
CA VAL C 260 25.06 -35.64 28.14
C VAL C 260 24.22 -35.29 29.36
N HIS C 261 24.73 -34.37 30.18
CA HIS C 261 24.03 -33.95 31.38
C HIS C 261 24.44 -32.54 31.75
N TYR C 262 23.66 -31.93 32.64
CA TYR C 262 23.96 -30.61 33.17
C TYR C 262 24.74 -30.76 34.46
N GLU C 263 25.85 -30.03 34.59
CA GLU C 263 26.68 -30.08 35.77
C GLU C 263 27.18 -28.68 36.09
N GLY C 264 27.38 -28.42 37.39
CA GLY C 264 27.88 -27.14 37.83
C GLY C 264 29.11 -27.30 38.69
N GLY C 265 29.88 -26.23 38.78
CA GLY C 265 31.10 -26.24 39.57
C GLY C 265 32.34 -25.92 38.76
N ALA C 266 33.40 -26.72 38.95
CA ALA C 266 34.64 -26.52 38.23
C ALA C 266 34.57 -26.95 36.77
N VAL C 267 33.54 -27.72 36.40
CA VAL C 267 33.36 -28.10 35.01
C VAL C 267 33.16 -26.91 34.10
N SER C 268 32.67 -25.79 34.64
CA SER C 268 32.53 -24.58 33.84
C SER C 268 33.88 -23.97 33.50
N VAL C 269 34.96 -24.42 34.12
CA VAL C 269 36.29 -23.92 33.82
C VAL C 269 37.09 -25.03 33.15
N HIS C 270 36.64 -26.26 33.33
CA HIS C 270 37.28 -27.43 32.75
C HIS C 270 37.02 -27.47 31.24
N ALA C 271 37.76 -28.32 30.55
CA ALA C 271 37.69 -28.44 29.10
C ALA C 271 36.65 -29.43 28.63
N ARG C 272 35.99 -30.15 29.53
CA ARG C 272 34.98 -31.13 29.16
C ARG C 272 33.62 -30.51 28.91
N SER C 273 33.51 -29.19 29.03
CA SER C 273 32.25 -28.48 28.79
C SER C 273 32.34 -27.55 27.59
N LEU C 274 33.30 -27.78 26.71
CA LEU C 274 33.53 -26.92 25.55
C LEU C 274 32.87 -27.55 24.33
N TRP C 275 32.04 -26.78 23.65
CA TRP C 275 31.35 -27.22 22.44
C TRP C 275 31.70 -26.30 21.29
N ARG C 276 31.82 -26.87 20.10
CA ARG C 276 32.10 -26.11 18.89
C ARG C 276 30.85 -26.10 18.02
N LEU C 277 30.40 -24.92 17.64
CA LEU C 277 29.21 -24.76 16.81
C LEU C 277 29.64 -24.74 15.35
N GLU C 278 29.18 -25.71 14.59
CA GLU C 278 29.56 -25.85 13.18
C GLU C 278 28.33 -25.74 12.30
N THR C 279 28.38 -24.84 11.33
CA THR C 279 27.27 -24.65 10.40
C THR C 279 27.27 -25.74 9.34
N LEU C 280 26.13 -25.90 8.69
CA LEU C 280 26.00 -26.92 7.65
C LEU C 280 26.48 -26.47 6.29
N ARG C 281 26.93 -25.24 6.16
CA ARG C 281 27.43 -24.71 4.89
C ARG C 281 28.94 -24.60 4.93
N VAL C 282 29.58 -24.88 3.79
CA VAL C 282 31.03 -24.76 3.72
C VAL C 282 31.45 -23.32 3.53
N ALA C 283 30.95 -22.68 2.49
CA ALA C 283 31.24 -21.28 2.23
C ALA C 283 30.50 -20.41 3.23
N TRP C 284 31.17 -19.35 3.70
CA TRP C 284 30.62 -18.42 4.68
C TRP C 284 30.15 -19.16 5.93
N SER C 285 30.96 -20.12 6.37
CA SER C 285 30.70 -20.85 7.60
C SER C 285 31.08 -20.06 8.83
N GLY C 286 31.84 -18.99 8.67
CA GLY C 286 32.21 -18.12 9.77
C GLY C 286 31.34 -16.89 9.94
N SER C 287 30.18 -16.86 9.29
CA SER C 287 29.31 -15.70 9.36
C SER C 287 28.58 -15.65 10.70
N HIS C 288 27.79 -14.60 10.89
CA HIS C 288 27.00 -14.43 12.10
C HIS C 288 25.88 -15.45 12.14
N ILE C 289 25.73 -16.13 13.27
CA ILE C 289 24.66 -17.12 13.41
C ILE C 289 23.34 -16.41 13.63
N ARG C 290 22.32 -16.84 12.90
CA ARG C 290 20.99 -16.27 12.98
C ARG C 290 20.03 -17.26 13.62
N TRP C 291 18.93 -16.75 14.14
CA TRP C 291 17.88 -17.62 14.64
C TRP C 291 17.31 -18.45 13.50
N GLY C 292 17.07 -19.73 13.78
CA GLY C 292 16.55 -20.62 12.75
C GLY C 292 17.59 -21.18 11.81
N GLN C 293 18.87 -21.08 12.16
CA GLN C 293 19.94 -21.57 11.31
C GLN C 293 20.43 -22.90 11.84
N PRO C 294 20.31 -23.98 11.08
CA PRO C 294 20.77 -25.28 11.58
C PRO C 294 22.28 -25.30 11.78
N PHE C 295 22.72 -26.08 12.76
CA PHE C 295 24.13 -26.24 13.05
C PHE C 295 24.35 -27.54 13.81
N ARG C 296 25.62 -27.95 13.88
CA ARG C 296 26.02 -29.15 14.61
C ARG C 296 26.88 -28.74 15.79
N LEU C 297 26.59 -29.31 16.96
CA LEU C 297 27.40 -29.09 18.14
C LEU C 297 28.40 -30.23 18.29
N ARG C 298 29.68 -29.90 18.32
CA ARG C 298 30.75 -30.89 18.40
C ARG C 298 31.47 -30.74 19.73
N HIS C 299 31.63 -31.86 20.43
CA HIS C 299 32.33 -31.84 21.71
C HIS C 299 33.84 -31.86 21.44
N VAL C 300 34.54 -30.83 21.91
CA VAL C 300 35.90 -30.58 21.44
C VAL C 300 36.85 -31.69 21.87
N THR C 301 36.86 -32.04 23.15
CA THR C 301 37.88 -32.96 23.64
C THR C 301 37.62 -34.40 23.21
N THR C 302 36.36 -34.77 23.02
CA THR C 302 36.03 -36.13 22.57
C THR C 302 35.84 -36.23 21.07
N GLY C 303 35.61 -35.12 20.38
CA GLY C 303 35.44 -35.16 18.94
C GLY C 303 34.17 -35.81 18.46
N LYS C 304 33.12 -35.80 19.28
CA LYS C 304 31.85 -36.43 18.93
C LYS C 304 30.75 -35.38 18.90
N TYR C 305 29.75 -35.62 18.06
CA TYR C 305 28.71 -34.65 17.79
C TYR C 305 27.44 -34.97 18.56
N LEU C 306 26.78 -33.93 19.05
CA LEU C 306 25.53 -34.09 19.76
C LEU C 306 24.45 -34.58 18.80
N SER C 307 23.60 -35.48 19.28
CA SER C 307 22.58 -36.10 18.45
C SER C 307 21.43 -36.62 19.29
N LEU C 308 20.29 -36.86 18.63
CA LEU C 308 19.10 -37.39 19.27
C LEU C 308 18.90 -38.84 18.85
N MET C 309 18.61 -39.70 19.82
CA MET C 309 18.35 -41.10 19.54
C MET C 309 16.93 -41.30 19.02
N GLU C 310 16.72 -42.45 18.36
CA GLU C 310 15.37 -42.85 18.00
C GLU C 310 14.54 -43.12 19.25
N ASP C 311 15.20 -43.46 20.35
CA ASP C 311 14.51 -43.66 21.62
C ASP C 311 14.42 -42.34 22.38
N LYS C 312 14.59 -41.23 21.66
CA LYS C 312 14.34 -39.89 22.18
C LYS C 312 15.29 -39.56 23.33
N ASN C 313 16.56 -39.89 23.14
CA ASN C 313 17.58 -39.62 24.15
C ASN C 313 18.77 -38.94 23.50
N LEU C 314 19.41 -38.04 24.22
CA LEU C 314 20.58 -37.34 23.71
C LEU C 314 21.82 -38.20 23.88
N LEU C 315 22.48 -38.54 22.78
CA LEU C 315 23.67 -39.37 22.81
C LEU C 315 24.67 -38.89 21.77
N LEU C 316 25.95 -38.86 22.17
CA LEU C 316 27.02 -38.47 21.25
C LEU C 316 27.39 -39.63 20.35
N MET C 317 27.46 -39.39 19.04
CA MET C 317 28.06 -40.38 18.17
C MET C 317 29.27 -39.80 17.45
N ASP C 318 29.78 -40.61 16.54
CA ASP C 318 31.04 -40.38 15.85
C ASP C 318 30.85 -39.59 14.57
N LYS C 319 31.98 -39.12 14.03
CA LYS C 319 31.99 -38.36 12.79
C LYS C 319 31.40 -39.16 11.63
N GLU C 320 31.69 -40.47 11.60
CA GLU C 320 31.25 -41.30 10.49
C GLU C 320 29.74 -41.47 10.47
N LYS C 321 29.11 -41.51 11.63
CA LYS C 321 27.68 -41.77 11.70
C LYS C 321 26.90 -40.60 12.29
N ALA C 322 27.47 -39.39 12.18
CA ALA C 322 26.77 -38.15 12.55
C ALA C 322 26.02 -37.65 11.31
N ASP C 323 24.74 -38.02 11.23
CA ASP C 323 23.89 -37.57 10.12
C ASP C 323 23.24 -36.23 10.44
N VAL C 324 22.92 -35.47 9.39
CA VAL C 324 22.25 -34.19 9.57
C VAL C 324 20.89 -34.38 10.21
N LYS C 325 20.16 -35.41 9.80
CA LYS C 325 18.84 -35.65 10.37
C LYS C 325 18.92 -35.81 11.88
N SER C 326 19.99 -36.43 12.37
CA SER C 326 20.11 -36.69 13.80
C SER C 326 20.84 -35.57 14.52
N THR C 327 21.82 -34.94 13.86
CA THR C 327 22.74 -34.04 14.54
C THR C 327 22.52 -32.57 14.21
N ALA C 328 21.33 -32.19 13.76
CA ALA C 328 21.05 -30.80 13.43
C ALA C 328 20.22 -30.16 14.55
N PHE C 329 20.67 -29.00 15.01
CA PHE C 329 20.00 -28.26 16.07
C PHE C 329 19.84 -26.81 15.66
N THR C 330 19.00 -26.10 16.39
CA THR C 330 18.64 -24.73 16.06
C THR C 330 18.55 -23.90 17.34
N PHE C 331 18.87 -22.62 17.23
CA PHE C 331 18.71 -21.66 18.32
C PHE C 331 17.45 -20.85 18.04
N ARG C 332 16.52 -20.84 18.97
CA ARG C 332 15.27 -20.12 18.81
C ARG C 332 15.09 -19.12 19.94
N SER C 333 14.57 -17.93 19.59
CA SER C 333 14.46 -16.85 20.56
C SER C 333 13.43 -17.17 21.63
N SER C 334 12.33 -17.82 21.26
CA SER C 334 11.24 -18.07 22.19
C SER C 334 10.65 -19.45 21.96
N LYS C 335 9.87 -19.90 22.94
CA LYS C 335 9.18 -21.18 22.87
C LYS C 335 8.00 -21.17 21.91
N GLU C 336 7.78 -20.07 21.19
CA GLU C 336 6.65 -19.97 20.29
C GLU C 336 6.72 -21.02 19.20
N LYS C 337 5.57 -21.57 18.83
CA LYS C 337 5.48 -22.64 17.86
C LYS C 337 5.50 -22.16 16.41
N LEU C 338 5.54 -20.85 16.19
CA LEU C 338 5.61 -20.34 14.82
C LEU C 338 6.90 -20.83 14.16
N ASP C 339 6.77 -21.35 12.94
CA ASP C 339 7.92 -21.88 12.23
C ASP C 339 8.74 -20.75 11.63
N VAL C 340 10.06 -20.93 11.63
CA VAL C 340 10.95 -19.95 11.01
C VAL C 340 10.86 -19.99 9.49
N GLY C 341 10.23 -21.00 8.92
CA GLY C 341 10.14 -21.10 7.47
C GLY C 341 11.50 -21.34 6.85
N VAL C 342 11.70 -20.77 5.67
CA VAL C 342 12.96 -20.87 4.94
C VAL C 342 13.48 -19.46 4.68
N ARG C 343 14.77 -19.25 4.94
CA ARG C 343 15.40 -17.96 4.73
C ARG C 343 16.52 -18.08 3.70
N LYS C 344 16.59 -17.11 2.80
CA LYS C 344 17.66 -17.08 1.80
C LYS C 344 19.00 -16.87 2.49
N GLU C 345 19.89 -17.84 2.34
CA GLU C 345 21.21 -17.74 2.96
C GLU C 345 22.00 -16.61 2.33
N VAL C 346 22.33 -15.61 3.13
CA VAL C 346 23.06 -14.45 2.65
C VAL C 346 24.52 -14.83 2.45
N ASP C 347 25.09 -14.41 1.32
CA ASP C 347 26.50 -14.68 1.02
C ASP C 347 27.36 -13.56 1.57
N GLY C 348 27.44 -13.52 2.90
CA GLY C 348 28.22 -12.51 3.57
C GLY C 348 28.28 -12.82 5.06
N MET C 349 28.88 -11.91 5.81
CA MET C 349 28.99 -12.11 7.25
C MET C 349 27.64 -12.03 7.94
N GLY C 350 26.65 -11.41 7.32
CA GLY C 350 25.32 -11.36 7.89
C GLY C 350 25.18 -10.29 8.95
N THR C 351 24.02 -10.30 9.60
CA THR C 351 23.68 -9.35 10.65
C THR C 351 23.78 -10.04 12.01
N SER C 352 24.30 -9.30 12.98
CA SER C 352 24.44 -9.85 14.33
C SER C 352 23.06 -10.02 14.96
N GLU C 353 22.77 -11.24 15.42
CA GLU C 353 21.48 -11.53 16.02
C GLU C 353 21.55 -12.25 17.36
N ILE C 354 22.61 -12.99 17.66
CA ILE C 354 22.74 -13.69 18.92
C ILE C 354 23.93 -13.11 19.68
N LYS C 355 23.69 -12.66 20.90
CA LYS C 355 24.70 -11.97 21.70
C LYS C 355 25.13 -12.86 22.86
N TYR C 356 26.44 -12.92 23.10
CA TYR C 356 26.96 -13.71 24.21
C TYR C 356 26.48 -13.12 25.54
N GLY C 357 25.97 -14.00 26.39
CA GLY C 357 25.52 -13.59 27.71
C GLY C 357 24.18 -12.89 27.72
N ASP C 358 24.03 -11.83 26.93
CA ASP C 358 22.80 -11.05 26.95
C ASP C 358 21.63 -11.85 26.40
N SER C 359 21.80 -12.49 25.25
CA SER C 359 20.71 -13.22 24.63
C SER C 359 20.42 -14.52 25.37
N VAL C 360 19.15 -14.89 25.39
CA VAL C 360 18.70 -16.15 25.96
C VAL C 360 18.16 -17.01 24.83
N CYS C 361 18.68 -18.22 24.70
CA CYS C 361 18.39 -19.08 23.56
C CYS C 361 17.76 -20.39 24.03
N TYR C 362 16.99 -20.99 23.12
CA TYR C 362 16.36 -22.29 23.36
C TYR C 362 16.77 -23.23 22.23
N ILE C 363 17.24 -24.42 22.60
CA ILE C 363 17.70 -25.38 21.60
C ILE C 363 16.53 -26.23 21.16
N GLN C 364 16.41 -26.42 19.85
CA GLN C 364 15.35 -27.24 19.29
C GLN C 364 15.93 -28.11 18.18
N HIS C 365 15.59 -29.39 18.19
CA HIS C 365 15.99 -30.28 17.12
C HIS C 365 15.28 -29.88 15.83
N VAL C 366 16.03 -29.91 14.73
CA VAL C 366 15.49 -29.43 13.45
C VAL C 366 14.34 -30.29 12.97
N ASP C 367 14.49 -31.62 13.03
CA ASP C 367 13.46 -32.50 12.47
C ASP C 367 12.32 -32.73 13.45
N THR C 368 12.63 -33.27 14.63
CA THR C 368 11.58 -33.59 15.59
C THR C 368 10.94 -32.36 16.20
N GLY C 369 11.59 -31.20 16.14
CA GLY C 369 11.04 -30.01 16.75
C GLY C 369 11.00 -30.05 18.26
N LEU C 370 11.62 -31.04 18.88
CA LEU C 370 11.59 -31.16 20.33
C LEU C 370 12.50 -30.12 20.94
N TRP C 371 12.26 -29.79 22.21
CA TRP C 371 13.05 -28.80 22.91
C TRP C 371 13.94 -29.47 23.96
N LEU C 372 15.21 -29.06 23.99
CA LEU C 372 16.14 -29.59 24.97
C LEU C 372 15.79 -29.08 26.36
N THR C 373 15.76 -29.99 27.33
CA THR C 373 15.36 -29.65 28.68
C THR C 373 16.03 -30.58 29.68
N TYR C 374 15.96 -30.21 30.95
CA TYR C 374 16.49 -31.03 32.01
C TYR C 374 15.42 -31.94 32.58
N GLN C 375 15.78 -33.20 32.85
CA GLN C 375 14.81 -34.17 33.34
C GLN C 375 14.39 -33.86 34.78
N SER C 376 15.20 -33.09 35.50
CA SER C 376 14.95 -32.64 36.88
C SER C 376 14.88 -33.81 37.86
N VAL C 377 15.49 -34.95 37.56
CA VAL C 377 15.51 -36.09 38.45
C VAL C 377 16.87 -36.14 39.15
N ASP C 378 16.84 -36.37 40.46
CA ASP C 378 18.07 -36.43 41.25
C ASP C 378 18.27 -37.82 41.84
N SER C 386 27.90 -33.11 40.69
CA SER C 386 27.17 -32.25 41.61
C SER C 386 25.67 -32.41 41.43
N ILE C 387 25.05 -31.45 40.73
CA ILE C 387 23.62 -31.52 40.48
C ILE C 387 23.28 -32.74 39.61
N GLN C 388 24.07 -32.97 38.56
CA GLN C 388 23.98 -34.18 37.74
C GLN C 388 22.56 -34.42 37.25
N ARG C 389 21.88 -33.36 36.84
CA ARG C 389 20.56 -33.51 36.25
C ARG C 389 20.69 -33.89 34.79
N LYS C 390 19.95 -34.91 34.38
CA LYS C 390 20.07 -35.45 33.03
C LYS C 390 19.43 -34.51 32.02
N ALA C 391 20.01 -34.48 30.82
CA ALA C 391 19.48 -33.71 29.70
C ALA C 391 18.62 -34.62 28.84
N ILE C 392 17.32 -34.34 28.81
CA ILE C 392 16.37 -35.14 28.05
C ILE C 392 15.70 -34.24 27.03
N MET C 393 15.16 -34.85 25.98
CA MET C 393 14.76 -34.12 24.78
C MET C 393 13.25 -34.25 24.65
N HIS C 394 12.52 -33.16 24.87
CA HIS C 394 11.10 -33.22 25.17
C HIS C 394 10.27 -32.43 24.15
N HIS C 395 9.01 -32.82 24.01
CA HIS C 395 8.09 -32.15 23.11
C HIS C 395 7.81 -30.71 23.55
N GLU C 396 7.54 -30.51 24.84
CA GLU C 396 7.21 -29.19 25.36
C GLU C 396 8.29 -28.64 26.27
N GLY C 397 8.78 -29.45 27.20
CA GLY C 397 9.85 -29.02 28.08
C GLY C 397 9.36 -28.10 29.17
N HIS C 398 10.30 -27.71 30.02
CA HIS C 398 9.99 -26.81 31.12
C HIS C 398 10.01 -25.37 30.64
N MET C 399 9.48 -24.48 31.49
CA MET C 399 9.43 -23.06 31.13
C MET C 399 10.82 -22.44 31.22
N ASP C 400 11.67 -22.91 32.13
CA ASP C 400 13.01 -22.37 32.31
C ASP C 400 14.04 -23.23 31.59
N ASP C 401 13.91 -23.29 30.27
CA ASP C 401 14.84 -24.03 29.43
C ASP C 401 15.80 -23.13 28.67
N GLY C 402 15.78 -21.82 28.95
CA GLY C 402 16.67 -20.91 28.25
C GLY C 402 18.10 -21.10 28.70
N ILE C 403 19.04 -20.89 27.79
CA ILE C 403 20.46 -21.02 28.07
C ILE C 403 21.14 -19.68 27.79
N SER C 404 22.38 -19.58 28.25
CA SER C 404 23.24 -18.45 27.93
C SER C 404 24.50 -18.95 27.25
N LEU C 405 25.08 -18.09 26.43
CA LEU C 405 26.24 -18.45 25.61
C LEU C 405 27.46 -17.69 26.10
N SER C 406 28.54 -18.41 26.38
CA SER C 406 29.80 -17.83 26.81
C SER C 406 30.90 -18.29 25.89
N ARG C 407 31.63 -17.34 25.30
CA ARG C 407 32.70 -17.67 24.40
C ARG C 407 33.93 -18.11 25.19
N SER C 408 34.74 -18.97 24.58
CA SER C 408 35.93 -19.53 25.21
C SER C 408 37.16 -18.83 24.66
N GLN C 409 38.18 -18.71 25.52
CA GLN C 409 39.42 -18.08 25.10
C GLN C 409 40.13 -18.92 24.04
N HIS C 410 40.92 -18.26 23.20
CA HIS C 410 41.63 -18.94 22.14
C HIS C 410 42.61 -19.97 22.71
N GLU C 411 43.32 -19.60 23.77
CA GLU C 411 44.25 -20.54 24.40
C GLU C 411 43.52 -21.77 24.92
N GLU C 412 42.38 -21.55 25.57
CA GLU C 412 41.59 -22.66 26.10
C GLU C 412 41.07 -23.57 25.00
N SER C 413 40.59 -23.02 23.90
CA SER C 413 40.10 -23.84 22.79
C SER C 413 41.24 -24.63 22.17
N ARG C 414 42.39 -23.97 21.97
CA ARG C 414 43.55 -24.64 21.40
C ARG C 414 43.99 -25.81 22.28
N THR C 415 44.03 -25.60 23.59
CA THR C 415 44.42 -26.66 24.50
C THR C 415 43.45 -27.83 24.46
N ALA C 416 42.15 -27.58 24.37
CA ALA C 416 41.19 -28.66 24.27
C ALA C 416 41.37 -29.48 23.00
N ARG C 417 41.56 -28.81 21.86
CA ARG C 417 41.79 -29.60 20.65
C ARG C 417 43.12 -30.34 20.70
N VAL C 418 44.13 -29.76 21.35
CA VAL C 418 45.40 -30.46 21.55
C VAL C 418 45.17 -31.72 22.36
N ILE C 419 44.35 -31.63 23.41
CA ILE C 419 44.05 -32.78 24.24
C ILE C 419 43.39 -33.86 23.41
N TRP C 420 42.41 -33.48 22.58
CA TRP C 420 41.73 -34.47 21.75
C TRP C 420 42.70 -35.16 20.79
N SER C 421 43.47 -34.38 20.04
CA SER C 421 44.40 -34.93 19.07
C SER C 421 45.49 -35.78 19.72
N THR C 422 45.91 -35.43 20.93
CA THR C 422 46.94 -36.22 21.60
C THR C 422 46.39 -37.52 22.16
N VAL C 423 45.18 -37.47 22.74
CA VAL C 423 44.61 -38.68 23.30
C VAL C 423 44.29 -39.67 22.18
N PHE C 424 43.88 -39.17 21.01
CA PHE C 424 43.64 -40.05 19.87
C PHE C 424 44.91 -40.82 19.50
N LEU C 425 46.01 -40.10 19.30
CA LEU C 425 47.26 -40.72 18.89
C LEU C 425 47.78 -41.68 19.95
N PHE C 426 47.70 -41.28 21.22
CA PHE C 426 48.20 -42.14 22.27
C PHE C 426 47.34 -43.37 22.50
N ASN C 427 46.03 -43.28 22.29
CA ASN C 427 45.20 -44.46 22.29
C ASN C 427 45.54 -45.41 21.16
N ARG C 428 45.81 -44.87 19.97
CA ARG C 428 46.28 -45.72 18.88
C ARG C 428 47.59 -46.41 19.25
N PHE C 429 48.53 -45.67 19.84
CA PHE C 429 49.80 -46.24 20.30
C PHE C 429 49.58 -47.36 21.30
N ILE C 430 48.70 -47.13 22.28
CA ILE C 430 48.44 -48.13 23.30
C ILE C 430 47.81 -49.38 22.70
N ARG C 431 46.86 -49.21 21.77
CA ARG C 431 46.24 -50.37 21.13
C ARG C 431 47.27 -51.15 20.32
N GLY C 432 48.14 -50.47 19.59
CA GLY C 432 49.18 -51.17 18.86
C GLY C 432 50.12 -51.93 19.76
N LEU C 433 50.52 -51.31 20.87
CA LEU C 433 51.41 -52.00 21.81
C LEU C 433 50.71 -53.20 22.42
N ASP C 434 49.41 -53.07 22.74
CA ASP C 434 48.68 -54.20 23.29
C ASP C 434 48.56 -55.34 22.29
N ALA C 435 48.36 -55.02 21.01
CA ALA C 435 48.33 -56.07 19.99
C ALA C 435 49.67 -56.77 19.88
N LEU C 436 50.76 -56.00 19.88
CA LEU C 436 52.08 -56.61 19.82
C LEU C 436 52.33 -57.48 21.04
N SER C 437 51.84 -57.06 22.20
CA SER C 437 51.94 -57.89 23.40
C SER C 437 51.13 -59.18 23.28
N LYS C 438 49.92 -59.10 22.73
CA LYS C 438 49.12 -60.29 22.48
C LYS C 438 49.57 -61.04 21.24
N LYS C 439 50.71 -60.66 20.67
CA LYS C 439 51.44 -61.44 19.67
C LYS C 439 50.81 -61.41 18.29
N ALA C 440 50.15 -60.32 17.93
CA ALA C 440 49.71 -60.15 16.55
C ALA C 440 50.91 -59.95 15.65
N LYS C 441 50.70 -60.13 14.35
CA LYS C 441 51.77 -59.96 13.38
C LYS C 441 52.31 -58.53 13.41
N ALA C 442 53.63 -58.41 13.31
CA ALA C 442 54.24 -57.08 13.34
C ALA C 442 53.83 -56.25 12.14
N SER C 443 53.49 -56.88 11.02
CA SER C 443 53.10 -56.14 9.82
C SER C 443 51.70 -55.55 9.95
N THR C 444 50.77 -56.31 10.51
CA THR C 444 49.38 -55.84 10.57
C THR C 444 49.21 -54.77 11.64
N VAL C 445 50.10 -54.74 12.64
CA VAL C 445 50.00 -53.74 13.69
C VAL C 445 50.52 -52.39 13.19
N ASP C 446 49.71 -51.35 13.38
CA ASP C 446 50.07 -49.99 13.03
C ASP C 446 50.64 -49.31 14.27
N LEU C 447 51.94 -49.04 14.26
CA LEU C 447 52.59 -48.44 15.42
C LEU C 447 53.09 -47.06 15.04
N PRO C 448 52.39 -45.98 15.41
CA PRO C 448 52.74 -44.63 14.93
C PRO C 448 53.97 -44.06 15.62
N ILE C 449 55.13 -44.64 15.32
CA ILE C 449 56.37 -44.24 15.99
C ILE C 449 56.72 -42.79 15.68
N GLU C 450 56.75 -42.44 14.40
CA GLU C 450 57.16 -41.09 14.01
C GLU C 450 56.18 -40.05 14.51
N SER C 451 54.87 -40.34 14.38
CA SER C 451 53.87 -39.39 14.84
C SER C 451 53.94 -39.21 16.35
N VAL C 452 54.15 -40.31 17.09
CA VAL C 452 54.29 -40.20 18.54
C VAL C 452 55.51 -39.38 18.92
N SER C 453 56.65 -39.59 18.25
CA SER C 453 57.83 -38.80 18.56
C SER C 453 57.60 -37.32 18.27
N LEU C 454 57.01 -37.00 17.12
CA LEU C 454 56.77 -35.61 16.78
C LEU C 454 55.80 -34.96 17.75
N SER C 455 54.73 -35.65 18.12
CA SER C 455 53.77 -35.11 19.08
C SER C 455 54.36 -34.98 20.47
N LEU C 456 55.28 -35.86 20.86
CA LEU C 456 55.95 -35.78 22.15
C LEU C 456 56.92 -34.62 22.20
N GLN C 457 57.58 -34.30 21.09
CA GLN C 457 58.38 -33.10 21.02
C GLN C 457 57.56 -31.82 21.00
N ASP C 458 56.48 -31.78 20.21
CA ASP C 458 55.62 -30.61 20.19
C ASP C 458 54.96 -30.38 21.55
N LEU C 459 54.59 -31.46 22.24
CA LEU C 459 53.98 -31.31 23.56
C LEU C 459 54.97 -30.75 24.57
N ILE C 460 56.21 -31.20 24.54
CA ILE C 460 57.22 -30.63 25.42
C ILE C 460 57.44 -29.16 25.11
N GLY C 461 57.51 -28.80 23.83
CA GLY C 461 57.59 -27.38 23.49
C GLY C 461 56.39 -26.59 23.96
N TYR C 462 55.22 -27.22 23.94
CA TYR C 462 53.98 -26.56 24.36
C TYR C 462 53.99 -26.31 25.86
N PHE C 463 54.54 -27.24 26.64
CA PHE C 463 54.64 -27.10 28.09
C PHE C 463 56.01 -26.57 28.52
N HIS C 464 56.78 -26.02 27.60
CA HIS C 464 58.08 -25.48 27.96
C HIS C 464 57.93 -24.31 28.93
N PRO C 465 58.72 -24.27 29.99
CA PRO C 465 58.62 -23.17 30.96
C PRO C 465 59.14 -21.88 30.36
N PRO C 466 58.65 -20.73 30.84
CA PRO C 466 59.12 -19.45 30.31
C PRO C 466 60.59 -19.24 30.62
N ASP C 467 61.26 -18.49 29.74
CA ASP C 467 62.67 -18.17 29.95
C ASP C 467 62.82 -17.02 30.92
N GLU C 468 63.99 -16.93 31.55
CA GLU C 468 64.21 -15.96 32.62
C GLU C 468 64.47 -14.56 32.12
N HIS C 469 65.14 -14.41 30.97
CA HIS C 469 65.55 -13.08 30.53
C HIS C 469 64.37 -12.25 30.03
N LEU C 470 63.19 -12.86 29.88
CA LEU C 470 62.04 -12.13 29.40
C LEU C 470 61.59 -11.09 30.42
N GLU C 471 60.77 -10.14 29.95
CA GLU C 471 60.24 -9.13 30.84
C GLU C 471 59.28 -9.75 31.85
N HIS C 472 59.06 -9.02 32.94
CA HIS C 472 58.28 -9.57 34.05
C HIS C 472 56.84 -9.84 33.64
N GLU C 473 56.21 -8.90 32.94
CA GLU C 473 54.81 -9.08 32.55
C GLU C 473 54.66 -10.23 31.56
N ASP C 474 55.54 -10.31 30.58
CA ASP C 474 55.48 -11.41 29.62
C ASP C 474 55.71 -12.74 30.31
N LYS C 475 56.66 -12.79 31.23
CA LYS C 475 56.93 -14.02 31.96
C LYS C 475 55.70 -14.45 32.76
N GLN C 476 55.03 -13.47 33.40
CA GLN C 476 53.83 -13.79 34.15
C GLN C 476 52.73 -14.33 33.23
N ASN C 477 52.57 -13.72 32.06
CA ASN C 477 51.55 -14.20 31.13
C ASN C 477 51.85 -15.63 30.68
N ARG C 478 53.11 -15.92 30.36
CA ARG C 478 53.48 -17.26 29.93
C ARG C 478 53.27 -18.27 31.06
N LEU C 479 53.62 -17.89 32.30
CA LEU C 479 53.40 -18.79 33.43
C LEU C 479 51.91 -19.06 33.62
N ARG C 480 51.07 -18.04 33.49
CA ARG C 480 49.64 -18.24 33.63
C ARG C 480 49.11 -19.18 32.56
N ALA C 481 49.55 -18.99 31.31
CA ALA C 481 49.13 -19.89 30.24
C ALA C 481 49.58 -21.32 30.51
N LEU C 482 50.82 -21.49 30.98
CA LEU C 482 51.33 -22.83 31.27
C LEU C 482 50.53 -23.49 32.38
N LYS C 483 50.20 -22.73 33.44
CA LYS C 483 49.41 -23.29 34.52
C LYS C 483 48.02 -23.70 34.04
N ASN C 484 47.41 -22.88 33.19
CA ASN C 484 46.10 -23.23 32.66
C ASN C 484 46.17 -24.50 31.82
N ARG C 485 47.22 -24.62 31.00
CA ARG C 485 47.38 -25.83 30.19
C ARG C 485 47.54 -27.06 31.06
N GLN C 486 48.37 -26.95 32.11
CA GLN C 486 48.57 -28.08 33.02
C GLN C 486 47.26 -28.49 33.68
N ASN C 487 46.49 -27.50 34.15
CA ASN C 487 45.23 -27.81 34.80
C ASN C 487 44.26 -28.50 33.85
N LEU C 488 44.15 -28.00 32.62
CA LEU C 488 43.25 -28.62 31.66
C LEU C 488 43.68 -30.06 31.35
N PHE C 489 44.98 -30.28 31.15
CA PHE C 489 45.45 -31.62 30.86
C PHE C 489 45.15 -32.57 32.01
N GLN C 490 45.40 -32.14 33.25
CA GLN C 490 45.17 -33.04 34.36
C GLN C 490 43.69 -33.31 34.58
N GLU C 491 42.83 -32.30 34.40
CA GLU C 491 41.40 -32.51 34.47
C GLU C 491 40.89 -33.44 33.39
N GLU C 492 41.51 -33.44 32.21
CA GLU C 492 41.19 -34.43 31.19
C GLU C 492 41.94 -35.73 31.40
N GLY C 493 42.77 -35.81 32.44
CA GLY C 493 43.42 -37.06 32.79
C GLY C 493 44.48 -37.50 31.81
N MET C 494 45.31 -36.57 31.32
CA MET C 494 46.40 -36.92 30.42
C MET C 494 47.62 -37.45 31.15
N ILE C 495 47.68 -37.32 32.47
CA ILE C 495 48.76 -37.92 33.23
C ILE C 495 48.68 -39.45 33.19
N ASN C 496 47.50 -40.01 33.41
CA ASN C 496 47.35 -41.46 33.39
C ASN C 496 47.63 -42.04 32.02
N LEU C 497 47.34 -41.30 30.96
CA LEU C 497 47.66 -41.77 29.61
C LEU C 497 49.16 -41.92 29.43
N VAL C 498 49.92 -40.92 29.87
CA VAL C 498 51.38 -41.00 29.79
C VAL C 498 51.89 -42.13 30.66
N LEU C 499 51.28 -42.31 31.84
CA LEU C 499 51.69 -43.41 32.72
C LEU C 499 51.43 -44.76 32.05
N GLU C 500 50.30 -44.90 31.37
CA GLU C 500 50.00 -46.15 30.67
C GLU C 500 51.01 -46.41 29.57
N CYS C 501 51.36 -45.38 28.80
CA CYS C 501 52.37 -45.56 27.75
C CYS C 501 53.70 -45.99 28.34
N ILE C 502 54.10 -45.35 29.45
CA ILE C 502 55.37 -45.70 30.09
C ILE C 502 55.33 -47.14 30.59
N ASP C 503 54.23 -47.53 31.23
CA ASP C 503 54.11 -48.89 31.75
C ASP C 503 54.16 -49.92 30.63
N ARG C 504 53.47 -49.64 29.53
CA ARG C 504 53.45 -50.59 28.42
C ARG C 504 54.77 -50.61 27.68
N LEU C 505 55.58 -49.55 27.82
CA LEU C 505 56.90 -49.58 27.19
C LEU C 505 57.95 -50.24 28.07
N HIS C 506 57.78 -50.25 29.39
CA HIS C 506 58.75 -50.95 30.23
C HIS C 506 58.58 -52.45 30.27
N VAL C 507 57.57 -53.00 29.59
CA VAL C 507 57.48 -54.47 29.53
C VAL C 507 58.66 -55.04 28.77
N TYR C 508 59.23 -54.27 27.85
CA TYR C 508 60.41 -54.70 27.11
C TYR C 508 61.67 -54.27 27.84
N SER C 509 62.60 -55.21 28.04
CA SER C 509 63.79 -54.93 28.83
C SER C 509 64.71 -53.94 28.14
N SER C 510 64.89 -54.08 26.83
CA SER C 510 65.90 -53.28 26.14
C SER C 510 65.44 -52.98 24.72
N ALA C 511 66.20 -52.10 24.07
CA ALA C 511 65.89 -51.72 22.69
C ALA C 511 65.95 -52.91 21.75
N ALA C 512 66.90 -53.83 21.97
CA ALA C 512 66.96 -55.05 21.18
C ALA C 512 65.72 -55.92 21.37
N HIS C 513 65.24 -56.05 22.61
CA HIS C 513 64.01 -56.81 22.84
C HIS C 513 62.83 -56.16 22.15
N PHE C 514 62.74 -54.83 22.21
CA PHE C 514 61.63 -54.16 21.54
C PHE C 514 61.75 -54.27 20.03
N ALA C 515 62.96 -54.30 19.49
CA ALA C 515 63.14 -54.48 18.07
C ALA C 515 62.87 -55.91 17.63
N ASP C 516 62.99 -56.87 18.55
CA ASP C 516 62.59 -58.24 18.24
C ASP C 516 61.08 -58.39 18.22
N VAL C 517 60.40 -57.82 19.22
CA VAL C 517 58.95 -57.95 19.27
C VAL C 517 58.30 -57.09 18.20
N ALA C 518 58.54 -55.78 18.25
CA ALA C 518 58.08 -54.85 17.23
C ALA C 518 59.14 -54.71 16.14
N GLY C 519 59.03 -53.69 15.30
CA GLY C 519 59.96 -53.51 14.21
C GLY C 519 61.27 -52.90 14.65
N ARG C 520 62.22 -52.91 13.71
CA ARG C 520 63.56 -52.39 13.96
C ARG C 520 63.54 -50.90 14.27
N GLU C 521 62.74 -50.13 13.52
CA GLU C 521 62.64 -48.71 13.79
C GLU C 521 62.03 -48.45 15.17
N ALA C 522 61.05 -49.26 15.56
CA ALA C 522 60.49 -49.15 16.91
C ALA C 522 61.54 -49.42 17.96
N GLY C 523 62.36 -50.45 17.74
CA GLY C 523 63.46 -50.70 18.65
C GLY C 523 64.45 -49.55 18.72
N GLU C 524 64.70 -48.91 17.57
CA GLU C 524 65.60 -47.76 17.57
C GLU C 524 65.03 -46.59 18.37
N SER C 525 63.74 -46.33 18.24
CA SER C 525 63.11 -45.18 18.87
C SER C 525 62.61 -45.45 20.28
N TRP C 526 62.73 -46.68 20.77
CA TRP C 526 62.21 -47.02 22.10
C TRP C 526 62.79 -46.14 23.19
N LYS C 527 64.12 -45.99 23.21
CA LYS C 527 64.78 -45.17 24.22
C LYS C 527 64.36 -43.71 24.15
N SER C 528 64.31 -43.15 22.94
CA SER C 528 63.92 -41.75 22.78
C SER C 528 62.49 -41.53 23.24
N ILE C 529 61.60 -42.44 22.90
CA ILE C 529 60.20 -42.30 23.31
C ILE C 529 60.08 -42.39 24.84
N LEU C 530 60.82 -43.31 25.46
CA LEU C 530 60.80 -43.38 26.91
C LEU C 530 61.32 -42.10 27.56
N ASN C 531 62.41 -41.54 27.05
CA ASN C 531 62.90 -40.28 27.61
C ASN C 531 61.90 -39.15 27.42
N SER C 532 61.30 -39.07 26.23
CA SER C 532 60.36 -38.00 25.95
C SER C 532 59.12 -38.10 26.82
N LEU C 533 58.65 -39.32 27.09
CA LEU C 533 57.48 -39.49 27.93
C LEU C 533 57.75 -39.00 29.35
N TYR C 534 58.91 -39.34 29.90
CA TYR C 534 59.27 -38.88 31.24
C TYR C 534 59.43 -37.37 31.27
N GLU C 535 60.04 -36.80 30.23
CA GLU C 535 60.18 -35.35 30.16
C GLU C 535 58.82 -34.67 30.10
N LEU C 536 57.89 -35.24 29.33
CA LEU C 536 56.54 -34.68 29.26
C LEU C 536 55.84 -34.76 30.60
N LEU C 537 55.98 -35.88 31.30
CA LEU C 537 55.37 -36.00 32.62
C LEU C 537 55.93 -34.95 33.58
N ALA C 538 57.25 -34.77 33.56
CA ALA C 538 57.86 -33.77 34.42
C ALA C 538 57.36 -32.37 34.07
N ALA C 539 57.23 -32.07 32.78
CA ALA C 539 56.70 -30.78 32.37
C ALA C 539 55.25 -30.58 32.74
N LEU C 540 54.44 -31.64 32.72
CA LEU C 540 53.05 -31.57 33.12
C LEU C 540 52.86 -31.35 34.60
N ILE C 541 53.72 -31.93 35.44
CA ILE C 541 53.53 -31.81 36.89
C ILE C 541 54.41 -30.74 37.52
N ARG C 542 55.37 -30.16 36.81
CA ARG C 542 56.30 -29.23 37.43
C ARG C 542 55.61 -27.94 37.82
N GLY C 543 55.83 -27.51 39.06
CA GLY C 543 55.33 -26.23 39.53
C GLY C 543 53.87 -26.20 39.87
N ASN C 544 53.17 -27.31 39.77
CA ASN C 544 51.73 -27.37 40.01
C ASN C 544 51.46 -28.18 41.26
N ARG C 545 51.01 -27.49 42.32
CA ARG C 545 50.74 -28.15 43.58
C ARG C 545 49.64 -29.20 43.47
N LYS C 546 48.57 -28.89 42.74
CA LYS C 546 47.48 -29.84 42.58
C LYS C 546 47.94 -31.10 41.83
N ASN C 547 48.70 -30.92 40.75
CA ASN C 547 49.17 -32.07 39.99
C ASN C 547 50.13 -32.91 40.81
N CYS C 548 51.05 -32.26 41.53
CA CYS C 548 51.99 -33.00 42.36
C CYS C 548 51.29 -33.71 43.52
N ALA C 549 50.19 -33.15 44.03
CA ALA C 549 49.40 -33.84 45.03
C ALA C 549 48.63 -35.03 44.45
N GLN C 550 48.14 -34.91 43.21
CA GLN C 550 47.47 -36.02 42.55
C GLN C 550 48.43 -37.14 42.17
N PHE C 551 49.71 -36.84 41.98
CA PHE C 551 50.69 -37.87 41.62
C PHE C 551 51.15 -38.68 42.82
N SER C 552 50.65 -38.39 44.03
CA SER C 552 51.07 -39.13 45.21
C SER C 552 50.72 -40.61 45.08
N GLY C 553 49.52 -40.92 44.61
CA GLY C 553 49.12 -42.31 44.48
C GLY C 553 50.02 -43.09 43.53
N SER C 554 50.54 -42.42 42.52
CA SER C 554 51.41 -43.07 41.54
C SER C 554 52.89 -43.02 41.94
N LEU C 555 53.24 -42.27 42.98
CA LEU C 555 54.64 -42.23 43.42
C LEU C 555 55.18 -43.62 43.71
N ASP C 556 54.41 -44.46 44.39
CA ASP C 556 54.90 -45.79 44.72
C ASP C 556 55.24 -46.60 43.47
N TRP C 557 54.39 -46.53 42.45
CA TRP C 557 54.67 -47.18 41.18
C TRP C 557 55.88 -46.58 40.48
N LEU C 558 56.17 -45.31 40.74
CA LEU C 558 57.26 -44.64 40.04
C LEU C 558 58.62 -45.10 40.53
N ILE C 559 58.77 -45.27 41.84
CA ILE C 559 60.07 -45.56 42.43
C ILE C 559 60.38 -47.05 42.25
N SER C 560 59.41 -47.81 41.79
CA SER C 560 59.60 -49.23 41.55
C SER C 560 60.53 -49.51 40.39
N ARG C 561 60.71 -48.56 39.48
CA ARG C 561 61.58 -48.71 38.33
C ARG C 561 62.77 -47.77 38.36
N LEU C 562 63.14 -47.27 39.54
CA LEU C 562 64.25 -46.33 39.64
C LEU C 562 65.58 -46.98 39.26
N GLU C 563 65.71 -48.29 39.49
CA GLU C 563 66.99 -48.94 39.28
C GLU C 563 67.31 -49.12 37.80
N ARG C 564 66.28 -49.15 36.95
CA ARG C 564 66.51 -49.37 35.53
C ARG C 564 67.29 -48.22 34.92
N LEU C 565 68.30 -48.56 34.11
CA LEU C 565 69.20 -47.57 33.54
C LEU C 565 68.55 -46.70 32.48
N GLU C 566 67.50 -47.17 31.83
CA GLU C 566 66.85 -46.41 30.76
C GLU C 566 65.83 -45.41 31.29
N ALA C 567 65.57 -45.40 32.60
CA ALA C 567 64.56 -44.52 33.16
C ALA C 567 65.00 -43.82 34.44
N SER C 568 66.23 -44.04 34.90
CA SER C 568 66.65 -43.51 36.19
C SER C 568 66.62 -41.99 36.22
N SER C 569 67.16 -41.34 35.19
CA SER C 569 67.22 -39.89 35.18
C SER C 569 65.83 -39.25 35.14
N GLY C 570 64.97 -39.74 34.26
CA GLY C 570 63.62 -39.20 34.18
C GLY C 570 62.83 -39.44 35.44
N ILE C 571 62.92 -40.64 36.01
CA ILE C 571 62.23 -40.93 37.25
C ILE C 571 62.74 -40.03 38.36
N LEU C 572 64.05 -39.81 38.42
CA LEU C 572 64.62 -38.93 39.43
C LEU C 572 64.12 -37.51 39.28
N GLU C 573 64.05 -37.02 38.04
CA GLU C 573 63.55 -35.66 37.82
C GLU C 573 62.09 -35.53 38.23
N VAL C 574 61.26 -36.50 37.87
CA VAL C 574 59.85 -36.47 38.26
C VAL C 574 59.71 -36.51 39.77
N LEU C 575 60.49 -37.39 40.42
CA LEU C 575 60.46 -37.49 41.88
C LEU C 575 60.88 -36.18 42.52
N HIS C 576 61.94 -35.55 42.00
CA HIS C 576 62.37 -34.27 42.53
C HIS C 576 61.29 -33.21 42.42
N CYS C 577 60.63 -33.11 41.26
CA CYS C 577 59.56 -32.13 41.10
C CYS C 577 58.44 -32.39 42.10
N VAL C 578 58.01 -33.64 42.22
CA VAL C 578 56.90 -33.97 43.12
C VAL C 578 57.27 -33.66 44.57
N LEU C 579 58.47 -34.06 44.99
CA LEU C 579 58.87 -33.84 46.37
C LEU C 579 59.03 -32.35 46.67
N VAL C 580 59.52 -31.59 45.71
CA VAL C 580 59.67 -30.15 45.92
C VAL C 580 58.30 -29.49 46.07
N GLU C 581 57.33 -29.89 45.23
CA GLU C 581 56.08 -29.14 45.18
C GLU C 581 55.02 -29.61 46.16
N SER C 582 54.86 -30.92 46.37
CA SER C 582 53.73 -31.43 47.14
C SER C 582 54.17 -31.90 48.52
N PRO C 583 53.70 -31.27 49.60
CA PRO C 583 53.98 -31.81 50.94
C PRO C 583 53.39 -33.17 51.19
N GLU C 584 52.32 -33.54 50.49
CA GLU C 584 51.68 -34.84 50.72
C GLU C 584 52.57 -35.99 50.25
N ALA C 585 53.51 -35.72 49.35
CA ALA C 585 54.41 -36.77 48.88
C ALA C 585 55.30 -37.28 50.00
N LEU C 586 55.82 -36.38 50.83
CA LEU C 586 56.71 -36.81 51.89
C LEU C 586 55.98 -37.65 52.92
N ASN C 587 54.69 -37.42 53.11
CA ASN C 587 53.90 -38.22 54.03
C ASN C 587 53.73 -39.66 53.57
N ILE C 588 53.94 -39.95 52.28
CA ILE C 588 53.79 -41.32 51.81
C ILE C 588 55.11 -41.93 51.40
N ILE C 589 56.18 -41.14 51.27
CA ILE C 589 57.49 -41.74 51.07
C ILE C 589 57.88 -42.46 52.36
N LYS C 590 58.29 -43.73 52.24
CA LYS C 590 58.54 -44.56 53.40
C LYS C 590 60.00 -45.01 53.45
N GLU C 591 60.31 -45.85 54.44
CA GLU C 591 61.67 -46.32 54.64
C GLU C 591 62.18 -47.12 53.45
N GLY C 592 61.33 -47.97 52.87
CA GLY C 592 61.72 -48.69 51.69
C GLY C 592 62.07 -47.81 50.52
N HIS C 593 61.26 -46.77 50.26
CA HIS C 593 61.57 -45.82 49.22
C HIS C 593 62.87 -45.07 49.47
N ILE C 594 63.08 -44.61 50.71
CA ILE C 594 64.33 -43.94 51.04
C ILE C 594 65.54 -44.85 50.86
N LYS C 595 65.45 -46.10 51.29
CA LYS C 595 66.53 -47.06 51.09
C LYS C 595 66.77 -47.37 49.62
N SER C 596 65.72 -47.44 48.81
CA SER C 596 65.92 -47.61 47.37
C SER C 596 66.65 -46.41 46.76
N ILE C 597 66.25 -45.19 47.16
CA ILE C 597 66.92 -44.01 46.64
C ILE C 597 68.38 -43.99 47.08
N ILE C 598 68.65 -44.43 48.30
CA ILE C 598 70.03 -44.48 48.78
C ILE C 598 70.84 -45.52 48.00
N SER C 599 70.28 -46.71 47.79
CA SER C 599 70.99 -47.74 47.05
C SER C 599 71.21 -47.33 45.60
N LEU C 600 70.38 -46.42 45.10
CA LEU C 600 70.64 -45.83 43.79
C LEU C 600 72.03 -45.21 43.74
N LEU C 601 72.43 -44.51 44.80
CA LEU C 601 73.76 -43.93 44.89
C LEU C 601 74.84 -44.99 44.85
N ASP C 602 74.66 -46.08 45.60
CA ASP C 602 75.65 -47.15 45.68
C ASP C 602 75.81 -47.88 44.35
N LYS C 603 74.72 -48.10 43.63
CA LYS C 603 74.81 -48.86 42.38
C LYS C 603 75.22 -47.99 41.19
N HIS C 604 74.74 -46.76 41.12
CA HIS C 604 74.98 -45.90 39.97
C HIS C 604 76.07 -44.87 40.20
N GLY C 605 76.76 -44.92 41.33
CA GLY C 605 77.85 -44.00 41.59
C GLY C 605 77.37 -42.66 42.13
N ARG C 606 78.33 -41.75 42.26
CA ARG C 606 78.04 -40.44 42.82
C ARG C 606 77.25 -39.60 41.84
N ASN C 607 76.09 -39.12 42.28
CA ASN C 607 75.23 -38.26 41.49
C ASN C 607 74.58 -37.25 42.41
N HIS C 608 74.88 -35.97 42.21
CA HIS C 608 74.41 -34.93 43.12
C HIS C 608 72.90 -34.74 43.02
N LYS C 609 72.26 -35.22 41.96
CA LYS C 609 70.81 -35.16 41.88
C LYS C 609 70.14 -36.05 42.91
N VAL C 610 70.72 -37.22 43.21
CA VAL C 610 70.20 -38.05 44.29
C VAL C 610 70.33 -37.32 45.61
N LEU C 611 71.44 -36.62 45.83
CA LEU C 611 71.59 -35.83 47.05
C LEU C 611 70.55 -34.72 47.12
N ASP C 612 70.25 -34.09 45.99
CA ASP C 612 69.22 -33.06 45.97
C ASP C 612 67.85 -33.64 46.31
N VAL C 613 67.53 -34.81 45.78
CA VAL C 613 66.27 -35.46 46.11
C VAL C 613 66.21 -35.78 47.59
N LEU C 614 67.30 -36.30 48.15
CA LEU C 614 67.35 -36.59 49.57
C LEU C 614 67.22 -35.34 50.42
N CYS C 615 67.81 -34.22 50.01
CA CYS C 615 67.61 -32.95 50.70
C CYS C 615 66.17 -32.49 50.67
N SER C 616 65.51 -32.60 49.52
CA SER C 616 64.10 -32.26 49.44
C SER C 616 63.24 -33.20 50.28
N LEU C 617 63.70 -34.43 50.50
CA LEU C 617 62.96 -35.35 51.36
C LEU C 617 62.92 -34.88 52.81
N CYS C 618 63.88 -34.06 53.23
CA CYS C 618 63.97 -33.68 54.63
C CYS C 618 63.04 -32.52 54.96
N VAL C 619 63.21 -31.39 54.28
CA VAL C 619 62.47 -30.16 54.57
C VAL C 619 61.69 -29.75 53.33
N CYS C 620 60.41 -29.46 53.50
CA CYS C 620 59.56 -28.97 52.42
C CYS C 620 58.80 -27.74 52.91
N HIS C 621 59.00 -26.62 52.23
CA HIS C 621 58.30 -25.38 52.52
C HIS C 621 58.51 -24.93 53.96
N GLY C 622 59.71 -25.20 54.48
CA GLY C 622 60.08 -24.79 55.82
C GLY C 622 59.68 -25.76 56.91
N VAL C 623 59.01 -26.85 56.55
CA VAL C 623 58.62 -27.86 57.53
C VAL C 623 59.54 -29.06 57.40
N ALA C 624 60.08 -29.51 58.51
CA ALA C 624 61.05 -30.60 58.55
C ALA C 624 60.35 -31.90 58.90
N VAL C 625 60.67 -32.95 58.15
CA VAL C 625 60.11 -34.29 58.41
C VAL C 625 61.17 -35.06 59.19
N ARG C 626 60.97 -35.17 60.50
CA ARG C 626 61.99 -35.75 61.36
C ARG C 626 62.17 -37.23 61.08
N SER C 627 61.10 -37.94 60.73
CA SER C 627 61.26 -39.35 60.38
C SER C 627 62.14 -39.53 59.16
N ASN C 628 61.93 -38.71 58.13
CA ASN C 628 62.79 -38.78 56.95
C ASN C 628 64.22 -38.41 57.29
N GLN C 629 64.41 -37.39 58.12
CA GLN C 629 65.76 -37.01 58.52
C GLN C 629 66.47 -38.16 59.21
N HIS C 630 65.80 -38.78 60.18
CA HIS C 630 66.39 -39.90 60.91
C HIS C 630 66.70 -41.07 60.00
N LEU C 631 65.77 -41.42 59.11
CA LEU C 631 66.00 -42.54 58.20
C LEU C 631 67.18 -42.27 57.29
N ILE C 632 67.26 -41.08 56.70
CA ILE C 632 68.36 -40.76 55.81
C ILE C 632 69.68 -40.83 56.57
N CYS C 633 69.73 -40.22 57.76
CA CYS C 633 70.97 -40.27 58.54
C CYS C 633 71.38 -41.70 58.85
N ASP C 634 70.49 -42.48 59.45
CA ASP C 634 70.82 -43.82 59.90
C ASP C 634 71.08 -44.80 58.77
N ASN C 635 70.59 -44.51 57.57
CA ASN C 635 70.79 -45.43 56.46
C ASN C 635 71.94 -45.03 55.56
N LEU C 636 72.38 -43.77 55.60
CA LEU C 636 73.46 -43.33 54.74
C LEU C 636 74.75 -43.05 55.48
N LEU C 637 74.70 -42.28 56.56
CA LEU C 637 75.93 -41.80 57.19
C LEU C 637 76.82 -42.90 57.78
N PRO C 638 76.28 -43.85 58.56
CA PRO C 638 77.19 -44.76 59.29
C PRO C 638 78.08 -45.61 58.40
N GLY C 639 77.68 -45.86 57.15
CA GLY C 639 78.48 -46.70 56.28
C GLY C 639 79.85 -46.14 56.00
N ARG C 640 79.94 -44.82 55.78
CA ARG C 640 81.17 -44.15 55.41
C ARG C 640 81.80 -44.80 54.17
N ASP C 641 80.96 -45.16 53.21
CA ASP C 641 81.43 -45.80 51.99
C ASP C 641 80.97 -45.13 50.72
N LEU C 642 80.02 -44.20 50.77
CA LEU C 642 79.53 -43.52 49.58
C LEU C 642 79.96 -42.06 49.55
N LEU C 643 79.65 -41.29 50.60
CA LEU C 643 80.05 -39.90 50.64
C LEU C 643 81.55 -39.79 50.91
N LEU C 644 82.15 -38.74 50.35
CA LEU C 644 83.57 -38.48 50.58
C LEU C 644 83.81 -38.12 52.04
N GLN C 645 84.92 -38.61 52.59
CA GLN C 645 85.24 -38.43 53.99
C GLN C 645 86.37 -37.42 54.14
N THR C 646 86.27 -36.59 55.18
CA THR C 646 87.23 -35.52 55.42
C THR C 646 87.86 -35.69 56.79
N ARG C 647 89.14 -35.32 56.88
CA ARG C 647 89.89 -35.45 58.11
C ARG C 647 91.14 -34.59 58.02
N LEU C 648 91.57 -34.07 59.16
CA LEU C 648 92.80 -33.29 59.27
C LEU C 648 93.96 -34.22 59.51
N VAL C 649 95.02 -34.07 58.71
CA VAL C 649 96.22 -34.89 58.80
C VAL C 649 97.41 -33.98 59.00
N ASN C 650 98.25 -34.30 59.97
CA ASN C 650 99.47 -33.54 60.19
C ASN C 650 100.43 -33.71 59.02
N HIS C 651 101.08 -32.63 58.63
CA HIS C 651 102.10 -32.71 57.58
C HIS C 651 103.28 -33.53 58.07
N VAL C 652 103.81 -34.36 57.19
CA VAL C 652 104.93 -35.24 57.52
C VAL C 652 106.05 -35.00 56.52
N SER C 653 107.25 -34.75 57.03
CA SER C 653 108.43 -34.55 56.22
C SER C 653 109.45 -35.66 56.49
N SER C 654 110.39 -35.81 55.56
CA SER C 654 111.41 -36.84 55.64
C SER C 654 112.77 -36.24 55.33
N MET C 655 113.78 -36.65 56.09
CA MET C 655 115.15 -36.19 55.88
C MET C 655 116.08 -37.40 55.78
N ARG C 656 117.04 -37.33 54.87
CA ARG C 656 117.94 -38.43 54.59
C ARG C 656 119.37 -37.93 54.44
N PRO C 657 120.35 -38.78 54.73
CA PRO C 657 121.74 -38.42 54.46
C PRO C 657 122.05 -38.48 52.98
N ASN C 658 123.28 -38.12 52.64
CA ASN C 658 123.73 -38.11 51.26
C ASN C 658 123.99 -39.50 50.71
N ILE C 659 124.29 -40.48 51.57
CA ILE C 659 124.80 -41.76 51.11
C ILE C 659 123.73 -42.49 50.31
N PHE C 660 124.18 -43.32 49.36
CA PHE C 660 123.31 -44.18 48.57
C PHE C 660 123.91 -45.58 48.59
N LEU C 661 123.21 -46.51 49.24
CA LEU C 661 123.70 -47.86 49.41
C LEU C 661 122.96 -48.79 48.45
N GLY C 662 123.70 -49.53 47.65
CA GLY C 662 123.12 -50.47 46.71
C GLY C 662 123.97 -51.73 46.60
N VAL C 663 123.34 -52.76 46.06
CA VAL C 663 123.99 -54.05 45.87
C VAL C 663 123.82 -54.47 44.41
N SER C 664 124.90 -54.93 43.80
CA SER C 664 124.87 -55.40 42.43
C SER C 664 126.03 -56.37 42.22
N GLU C 665 125.87 -57.26 41.26
CA GLU C 665 126.91 -58.24 40.97
C GLU C 665 128.13 -57.55 40.40
N GLY C 666 129.30 -57.93 40.92
CA GLY C 666 130.54 -57.31 40.47
C GLY C 666 130.63 -55.83 40.77
N SER C 667 130.19 -55.43 41.96
CA SER C 667 130.24 -54.03 42.37
C SER C 667 130.98 -53.93 43.70
N ALA C 668 131.73 -52.83 43.85
CA ALA C 668 132.56 -52.63 45.04
C ALA C 668 131.79 -51.83 46.09
N GLN C 669 130.67 -52.38 46.54
CA GLN C 669 129.87 -51.77 47.59
C GLN C 669 129.62 -52.79 48.70
N TYR C 670 129.87 -52.37 49.94
CA TYR C 670 129.74 -53.26 51.08
C TYR C 670 128.27 -53.47 51.40
N LYS C 671 127.92 -54.72 51.72
CA LYS C 671 126.52 -55.10 51.83
C LYS C 671 125.92 -54.90 53.21
N LYS C 672 126.73 -54.56 54.22
CA LYS C 672 126.25 -54.37 55.58
C LYS C 672 126.49 -52.94 56.02
N TRP C 673 125.46 -52.33 56.61
CA TRP C 673 125.52 -50.94 57.03
C TRP C 673 124.79 -50.77 58.34
N TYR C 674 125.13 -49.70 59.07
CA TYR C 674 124.65 -49.50 60.41
C TYR C 674 124.70 -48.02 60.77
N TYR C 675 123.63 -47.53 61.39
CA TYR C 675 123.59 -46.16 61.87
C TYR C 675 122.62 -46.08 63.04
N GLU C 676 122.66 -44.98 63.76
CA GLU C 676 121.85 -44.80 64.95
C GLU C 676 121.15 -43.46 64.92
N LEU C 677 119.98 -43.41 65.55
CA LEU C 677 119.20 -42.20 65.72
C LEU C 677 118.73 -42.11 67.16
N MET C 678 118.98 -40.98 67.82
CA MET C 678 118.53 -40.77 69.18
C MET C 678 117.63 -39.55 69.24
N VAL C 679 116.54 -39.66 70.01
CA VAL C 679 115.54 -38.61 70.09
C VAL C 679 115.87 -37.73 71.29
N ASP C 680 116.25 -36.48 71.03
CA ASP C 680 116.51 -35.55 72.11
C ASP C 680 115.22 -35.12 72.78
N HIS C 681 114.17 -34.89 71.99
CA HIS C 681 112.90 -34.44 72.53
C HIS C 681 111.79 -34.79 71.54
N THR C 682 110.62 -35.13 72.07
CA THR C 682 109.46 -35.44 71.24
C THR C 682 108.19 -35.17 72.05
N GLU C 683 107.31 -34.37 71.49
CA GLU C 683 106.04 -34.09 72.15
C GLU C 683 104.97 -35.02 71.60
N PRO C 684 104.36 -35.86 72.44
CA PRO C 684 103.41 -36.86 71.92
C PRO C 684 102.21 -36.25 71.21
N PHE C 685 101.74 -35.10 71.68
CA PHE C 685 100.51 -34.48 71.16
C PHE C 685 100.74 -32.98 71.02
N VAL C 686 101.19 -32.55 69.85
CA VAL C 686 101.27 -31.12 69.57
C VAL C 686 99.96 -30.59 69.02
N THR C 687 99.14 -31.47 68.45
CA THR C 687 97.82 -31.11 67.95
C THR C 687 96.84 -32.19 68.42
N ALA C 688 95.64 -32.18 67.85
CA ALA C 688 94.66 -33.20 68.19
C ALA C 688 95.09 -34.59 67.75
N GLU C 689 95.96 -34.68 66.75
CA GLU C 689 96.45 -35.95 66.24
C GLU C 689 97.81 -36.28 66.82
N ALA C 690 98.15 -37.56 66.80
CA ALA C 690 99.40 -38.02 67.39
C ALA C 690 100.59 -37.57 66.57
N THR C 691 101.69 -37.27 67.27
CA THR C 691 102.93 -36.92 66.60
C THR C 691 103.48 -38.14 65.86
N HIS C 692 103.96 -37.91 64.65
CA HIS C 692 104.48 -38.96 63.78
C HIS C 692 105.99 -38.95 63.88
N LEU C 693 106.59 -40.11 64.11
CA LEU C 693 108.04 -40.25 64.18
C LEU C 693 108.40 -41.69 63.85
N ARG C 694 108.97 -41.91 62.67
CA ARG C 694 109.37 -43.23 62.22
C ARG C 694 110.78 -43.18 61.68
N VAL C 695 111.54 -44.25 61.91
CA VAL C 695 112.91 -44.35 61.45
C VAL C 695 113.10 -45.69 60.77
N GLY C 696 114.01 -45.74 59.82
CA GLY C 696 114.31 -46.96 59.11
C GLY C 696 115.03 -46.66 57.81
N TRP C 697 114.93 -47.61 56.89
CA TRP C 697 115.58 -47.53 55.59
C TRP C 697 114.54 -47.38 54.49
N ALA C 698 114.91 -46.65 53.44
CA ALA C 698 114.08 -46.52 52.26
C ALA C 698 114.95 -46.66 51.02
N SER C 699 114.34 -47.12 49.94
CA SER C 699 115.04 -47.36 48.69
C SER C 699 114.53 -46.44 47.60
N THR C 700 115.21 -46.47 46.47
CA THR C 700 114.85 -45.68 45.31
C THR C 700 114.41 -46.58 44.18
N GLU C 701 113.59 -46.04 43.28
CA GLU C 701 113.12 -46.75 42.12
C GLU C 701 114.20 -46.72 41.05
N GLY C 702 114.70 -47.89 40.68
CA GLY C 702 115.78 -47.95 39.71
C GLY C 702 117.03 -47.32 40.28
N TYR C 703 117.73 -46.55 39.45
CA TYR C 703 118.94 -45.87 39.88
C TYR C 703 118.80 -44.36 40.00
N SER C 704 117.59 -43.83 39.90
CA SER C 704 117.36 -42.42 40.11
C SER C 704 117.59 -42.06 41.57
N PRO C 705 118.23 -40.93 41.86
CA PRO C 705 118.44 -40.54 43.27
C PRO C 705 117.14 -40.13 43.95
N TYR C 706 116.10 -40.01 43.16
CA TYR C 706 114.79 -39.60 43.68
C TYR C 706 114.13 -40.76 44.42
N PRO C 707 113.71 -40.55 45.67
CA PRO C 707 113.01 -41.62 46.40
C PRO C 707 111.75 -42.04 45.66
N GLY C 708 111.50 -43.34 45.64
CA GLY C 708 110.42 -43.86 44.82
C GLY C 708 109.21 -44.35 45.57
N GLY C 709 108.07 -44.37 44.90
CA GLY C 709 106.87 -45.00 45.42
C GLY C 709 106.04 -44.15 46.35
N GLY C 710 106.45 -42.93 46.66
CA GLY C 710 105.74 -42.10 47.60
C GLY C 710 105.50 -40.71 47.06
N GLU C 711 104.54 -40.03 47.67
CA GLU C 711 104.22 -38.66 47.30
C GLU C 711 105.28 -37.70 47.82
N GLU C 712 105.45 -36.60 47.08
CA GLU C 712 106.42 -35.58 47.48
C GLU C 712 106.02 -34.92 48.79
N TRP C 713 104.73 -34.62 48.94
CA TRP C 713 104.19 -33.97 50.11
C TRP C 713 102.90 -34.63 50.52
N GLY C 714 102.57 -34.50 51.80
CA GLY C 714 101.38 -35.09 52.34
C GLY C 714 101.63 -35.59 53.76
N GLY C 715 100.81 -36.53 54.19
CA GLY C 715 100.95 -37.11 55.52
C GLY C 715 101.62 -38.46 55.50
N ASN C 716 102.30 -38.79 54.40
CA ASN C 716 102.95 -40.08 54.25
C ASN C 716 104.38 -40.02 54.74
N GLY C 717 104.83 -41.11 55.36
CA GLY C 717 106.18 -41.19 55.87
C GLY C 717 106.85 -42.53 55.62
N VAL C 718 107.85 -42.85 56.43
CA VAL C 718 108.59 -44.09 56.30
C VAL C 718 107.69 -45.28 56.57
N GLY C 719 107.43 -46.09 55.53
CA GLY C 719 106.67 -47.33 55.67
C GLY C 719 105.33 -47.30 54.95
N ASP C 720 104.84 -46.11 54.60
CA ASP C 720 103.54 -46.02 53.96
C ASP C 720 103.56 -46.68 52.58
N ASP C 721 104.64 -46.50 51.84
CA ASP C 721 104.78 -47.18 50.56
C ASP C 721 105.58 -48.47 50.73
N LEU C 722 105.68 -49.22 49.63
CA LEU C 722 106.41 -50.48 49.62
C LEU C 722 107.88 -50.30 49.30
N PHE C 723 108.33 -49.04 49.17
CA PHE C 723 109.74 -48.74 48.93
C PHE C 723 110.46 -48.32 50.19
N SER C 724 109.79 -48.34 51.34
CA SER C 724 110.36 -47.83 52.58
C SER C 724 110.02 -48.78 53.72
N TYR C 725 110.84 -48.75 54.78
CA TYR C 725 110.75 -49.70 55.88
C TYR C 725 110.99 -48.94 57.17
N GLY C 726 110.03 -49.00 58.09
CA GLY C 726 110.04 -48.11 59.23
C GLY C 726 109.82 -48.84 60.55
N PHE C 727 109.98 -48.08 61.63
CA PHE C 727 109.83 -48.57 62.99
C PHE C 727 109.51 -47.40 63.90
N ASP C 728 108.34 -47.45 64.55
CA ASP C 728 107.91 -46.35 65.40
C ASP C 728 108.02 -46.66 66.89
N GLY C 729 108.67 -47.76 67.26
CA GLY C 729 108.82 -48.16 68.65
C GLY C 729 107.86 -49.25 69.06
N LEU C 730 106.77 -49.42 68.31
CA LEU C 730 105.79 -50.46 68.60
C LEU C 730 105.44 -51.31 67.40
N HIS C 731 105.59 -50.80 66.19
CA HIS C 731 105.16 -51.51 64.99
C HIS C 731 106.26 -51.46 63.94
N LEU C 732 106.24 -52.47 63.06
CA LEU C 732 107.08 -52.47 61.87
C LEU C 732 106.22 -52.02 60.69
N TRP C 733 106.64 -50.95 60.02
CA TRP C 733 105.81 -50.28 59.02
C TRP C 733 106.35 -50.60 57.63
N SER C 734 105.48 -51.08 56.75
CA SER C 734 105.85 -51.33 55.37
C SER C 734 104.58 -51.45 54.54
N GLY C 735 104.48 -50.64 53.49
CA GLY C 735 103.32 -50.69 52.63
C GLY C 735 102.06 -50.14 53.26
N CYS C 736 102.19 -49.30 54.28
CA CYS C 736 101.09 -48.66 55.01
C CYS C 736 100.34 -49.64 55.91
N ILE C 737 100.84 -50.85 56.08
CA ILE C 737 100.32 -51.79 57.06
C ILE C 737 101.32 -51.95 58.18
N ALA C 738 100.86 -51.81 59.41
CA ALA C 738 101.70 -51.89 60.59
C ALA C 738 101.42 -53.17 61.35
N ARG C 739 102.47 -53.85 61.77
CA ARG C 739 102.36 -55.05 62.59
C ARG C 739 103.14 -54.87 63.89
N THR C 740 102.49 -55.18 65.00
CA THR C 740 103.08 -55.03 66.32
C THR C 740 104.23 -55.99 66.50
N VAL C 741 105.36 -55.47 66.97
CA VAL C 741 106.57 -56.27 67.17
C VAL C 741 106.94 -56.20 68.66
N SER C 742 107.32 -57.33 69.22
CA SER C 742 107.66 -57.40 70.63
C SER C 742 109.00 -56.74 70.90
N SER C 743 109.17 -56.26 72.13
CA SER C 743 110.41 -55.65 72.58
C SER C 743 110.34 -55.49 74.09
N PRO C 744 111.48 -55.55 74.78
CA PRO C 744 111.46 -55.32 76.23
C PRO C 744 111.01 -53.90 76.55
N ASN C 745 109.99 -53.80 77.39
CA ASN C 745 109.42 -52.51 77.78
C ASN C 745 108.97 -51.72 76.55
N GLN C 746 107.97 -52.29 75.87
CA GLN C 746 107.40 -51.66 74.69
C GLN C 746 106.91 -50.25 75.00
N HIS C 747 107.27 -49.30 74.15
CA HIS C 747 106.75 -47.95 74.26
C HIS C 747 106.98 -47.23 72.94
N LEU C 748 106.11 -46.24 72.67
CA LEU C 748 106.34 -45.35 71.56
C LEU C 748 107.62 -44.56 71.78
N LEU C 749 108.22 -44.10 70.68
CA LEU C 749 109.51 -43.44 70.76
C LEU C 749 109.43 -42.21 71.65
N ARG C 750 110.16 -42.24 72.77
CA ARG C 750 110.13 -41.19 73.77
C ARG C 750 111.40 -40.36 73.69
N THR C 751 111.53 -39.43 74.62
CA THR C 751 112.77 -38.67 74.77
C THR C 751 113.88 -39.59 75.27
N ASP C 752 115.07 -39.38 74.72
CA ASP C 752 116.27 -40.13 75.11
C ASP C 752 116.14 -41.61 74.79
N ASP C 753 115.74 -41.90 73.55
CA ASP C 753 115.68 -43.25 73.03
C ASP C 753 116.66 -43.38 71.88
N VAL C 754 117.57 -44.35 71.98
CA VAL C 754 118.58 -44.58 70.96
C VAL C 754 118.12 -45.75 70.10
N ILE C 755 118.02 -45.51 68.80
CA ILE C 755 117.54 -46.50 67.85
C ILE C 755 118.69 -46.86 66.93
N SER C 756 118.99 -48.15 66.82
CA SER C 756 120.05 -48.62 65.95
C SER C 756 119.43 -49.43 64.80
N CYS C 757 119.71 -49.00 63.58
CA CYS C 757 119.15 -49.62 62.38
C CYS C 757 120.24 -50.39 61.66
N CYS C 758 119.93 -51.64 61.29
CA CYS C 758 120.88 -52.52 60.62
C CYS C 758 120.31 -52.94 59.28
N LEU C 759 121.11 -52.80 58.22
CA LEU C 759 120.71 -53.19 56.89
C LEU C 759 121.75 -54.16 56.33
N ASP C 760 121.30 -55.35 55.93
CA ASP C 760 122.16 -56.36 55.35
C ASP C 760 121.66 -56.67 53.95
N LEU C 761 122.48 -56.39 52.94
CA LEU C 761 122.09 -56.55 51.56
C LEU C 761 122.49 -57.90 50.97
N SER C 762 123.42 -58.61 51.60
CA SER C 762 123.79 -59.94 51.11
C SER C 762 122.59 -60.86 51.12
N ALA C 763 121.88 -60.92 52.24
CA ALA C 763 120.57 -61.53 52.33
C ALA C 763 119.61 -60.45 52.79
N PRO C 764 118.61 -60.07 52.00
CA PRO C 764 117.77 -58.93 52.34
C PRO C 764 117.20 -59.02 53.74
N SER C 765 117.63 -58.12 54.63
CA SER C 765 117.24 -58.18 56.03
C SER C 765 117.46 -56.82 56.66
N ILE C 766 116.40 -56.24 57.22
CA ILE C 766 116.48 -54.99 57.96
C ILE C 766 116.06 -55.29 59.39
N SER C 767 116.94 -55.01 60.35
CA SER C 767 116.69 -55.29 61.75
C SER C 767 116.94 -54.05 62.58
N PHE C 768 116.26 -53.98 63.72
CA PHE C 768 116.33 -52.84 64.62
C PHE C 768 116.70 -53.29 66.03
N ARG C 769 117.30 -52.37 66.78
CA ARG C 769 117.58 -52.58 68.19
C ARG C 769 117.29 -51.29 68.92
N ILE C 770 116.38 -51.34 69.88
CA ILE C 770 115.98 -50.18 70.66
C ILE C 770 116.76 -50.18 71.97
N ASN C 771 117.45 -49.07 72.24
CA ASN C 771 118.21 -48.89 73.49
C ASN C 771 119.18 -50.03 73.76
N GLY C 772 119.65 -50.68 72.70
CA GLY C 772 120.56 -51.80 72.83
C GLY C 772 119.90 -53.16 72.90
N GLN C 773 118.61 -53.23 73.20
CA GLN C 773 118.01 -54.55 73.18
C GLN C 773 117.46 -54.86 71.79
N PRO C 774 117.56 -56.12 71.36
CA PRO C 774 117.06 -56.47 70.02
C PRO C 774 115.55 -56.37 69.94
N VAL C 775 115.06 -56.06 68.75
CA VAL C 775 113.64 -56.02 68.47
C VAL C 775 113.27 -57.30 67.74
N GLN C 776 112.34 -58.07 68.32
CA GLN C 776 112.02 -59.41 67.81
C GLN C 776 111.17 -59.32 66.54
N GLY C 777 111.79 -58.81 65.49
CA GLY C 777 111.14 -58.71 64.19
C GLY C 777 112.05 -58.07 63.16
N MET C 778 111.90 -58.45 61.90
CA MET C 778 112.76 -57.92 60.85
C MET C 778 112.05 -58.00 59.50
N PHE C 779 112.45 -57.12 58.60
CA PHE C 779 112.00 -57.15 57.22
C PHE C 779 112.94 -58.05 56.43
N GLU C 780 112.39 -58.87 55.55
CA GLU C 780 113.21 -59.83 54.81
C GLU C 780 112.73 -59.92 53.37
N ASN C 781 113.65 -60.30 52.49
CA ASN C 781 113.35 -60.65 51.11
C ASN C 781 112.61 -59.54 50.39
N PHE C 782 113.17 -58.33 50.43
CA PHE C 782 112.60 -57.23 49.69
C PHE C 782 113.37 -57.02 48.38
N ASN C 783 112.90 -56.07 47.58
CA ASN C 783 113.54 -55.79 46.31
C ASN C 783 114.86 -55.08 46.54
N ILE C 784 115.91 -55.53 45.84
CA ILE C 784 117.25 -55.01 46.00
C ILE C 784 117.77 -54.36 44.72
N ASP C 785 116.89 -54.12 43.75
CA ASP C 785 117.31 -53.50 42.49
C ASP C 785 117.15 -51.98 42.58
N GLY C 786 117.84 -51.42 43.56
CA GLY C 786 117.79 -49.98 43.79
C GLY C 786 118.82 -49.58 44.82
N LEU C 787 118.81 -48.29 45.15
CA LEU C 787 119.74 -47.72 46.11
C LEU C 787 119.02 -47.41 47.40
N PHE C 788 119.59 -47.87 48.51
CA PHE C 788 119.02 -47.68 49.83
C PHE C 788 119.72 -46.54 50.56
N PHE C 789 118.97 -45.89 51.45
CA PHE C 789 119.52 -44.79 52.22
C PHE C 789 118.78 -44.70 53.54
N PRO C 790 119.43 -44.21 54.60
CA PRO C 790 118.72 -43.96 55.86
C PRO C 790 117.69 -42.86 55.68
N VAL C 791 116.63 -42.92 56.47
CA VAL C 791 115.55 -41.95 56.39
C VAL C 791 114.82 -41.91 57.71
N VAL C 792 114.35 -40.72 58.08
CA VAL C 792 113.46 -40.52 59.22
C VAL C 792 112.29 -39.67 58.75
N SER C 793 111.08 -40.08 59.13
CA SER C 793 109.88 -39.33 58.83
C SER C 793 109.32 -38.78 60.14
N PHE C 794 108.79 -37.56 60.09
CA PHE C 794 108.36 -36.91 61.31
C PHE C 794 107.32 -35.85 61.00
N SER C 795 106.61 -35.46 62.05
CA SER C 795 105.74 -34.31 62.05
C SER C 795 106.29 -33.30 63.06
N ALA C 796 105.52 -32.24 63.31
CA ALA C 796 105.98 -31.20 64.21
C ALA C 796 106.13 -31.74 65.64
N GLY C 797 107.14 -31.24 66.32
CA GLY C 797 107.37 -31.59 67.71
C GLY C 797 108.42 -32.66 67.95
N ILE C 798 109.54 -32.62 67.24
CA ILE C 798 110.60 -33.59 67.42
C ILE C 798 111.93 -32.86 67.60
N LYS C 799 112.92 -33.61 68.08
CA LYS C 799 114.32 -33.16 68.11
C LYS C 799 115.16 -34.43 68.07
N VAL C 800 115.65 -34.79 66.88
CA VAL C 800 116.37 -36.04 66.68
C VAL C 800 117.73 -35.73 66.10
N ARG C 801 118.66 -36.68 66.28
CA ARG C 801 120.04 -36.52 65.84
C ARG C 801 120.54 -37.81 65.22
N PHE C 802 121.05 -37.72 64.00
CA PHE C 802 121.68 -38.86 63.32
C PHE C 802 123.05 -39.10 63.94
N LEU C 803 123.28 -40.33 64.37
CA LEU C 803 124.62 -40.78 64.74
C LEU C 803 125.13 -41.65 63.60
N LEU C 804 125.83 -41.03 62.66
CA LEU C 804 126.27 -41.71 61.45
C LEU C 804 127.63 -42.37 61.60
N GLY C 805 128.28 -42.20 62.72
CA GLY C 805 129.56 -42.87 62.94
C GLY C 805 130.74 -42.02 62.52
N GLY C 806 131.90 -42.34 63.09
CA GLY C 806 133.11 -41.65 62.70
C GLY C 806 133.12 -40.21 63.18
N ARG C 807 133.56 -39.32 62.29
CA ARG C 807 133.63 -37.91 62.64
C ARG C 807 132.24 -37.28 62.73
N HIS C 808 131.29 -37.76 61.93
CA HIS C 808 129.96 -37.16 61.92
C HIS C 808 129.22 -37.42 63.22
N GLY C 809 129.32 -38.64 63.75
CA GLY C 809 128.66 -38.97 65.00
C GLY C 809 129.39 -40.10 65.69
N GLU C 810 129.02 -40.33 66.95
CA GLU C 810 129.59 -41.41 67.73
C GLU C 810 128.50 -42.39 68.11
N PHE C 811 128.78 -43.68 67.93
CA PHE C 811 127.79 -44.71 68.24
C PHE C 811 127.72 -44.94 69.74
N LYS C 812 126.51 -44.91 70.27
CA LYS C 812 126.33 -45.20 71.69
C LYS C 812 126.47 -46.69 71.97
N PHE C 813 126.14 -47.53 71.00
CA PHE C 813 126.31 -48.97 71.10
C PHE C 813 127.23 -49.46 69.99
N LEU C 814 127.98 -50.50 70.30
CA LEU C 814 128.90 -51.07 69.33
C LEU C 814 128.12 -51.70 68.18
N PRO C 815 128.49 -51.44 66.93
CA PRO C 815 127.80 -52.05 65.80
C PRO C 815 127.93 -53.55 65.83
N PRO C 816 126.93 -54.27 65.32
CA PRO C 816 127.05 -55.72 65.24
C PRO C 816 128.19 -56.10 64.33
N PRO C 817 128.80 -57.27 64.55
CA PRO C 817 129.97 -57.65 63.76
C PRO C 817 129.66 -57.67 62.27
N GLY C 818 130.62 -57.21 61.48
CA GLY C 818 130.47 -57.16 60.05
C GLY C 818 129.90 -55.85 59.55
N TYR C 819 128.91 -55.31 60.25
CA TYR C 819 128.26 -54.08 59.82
C TYR C 819 129.23 -52.92 59.89
N ALA C 820 129.17 -52.05 58.86
CA ALA C 820 130.05 -50.91 58.77
C ALA C 820 129.26 -49.62 59.00
N PRO C 821 129.88 -48.61 59.60
CA PRO C 821 129.18 -47.33 59.79
C PRO C 821 128.83 -46.70 58.47
N CYS C 822 127.73 -45.95 58.47
CA CYS C 822 127.19 -45.42 57.22
C CYS C 822 128.03 -44.30 56.63
N TYR C 823 128.89 -43.65 57.42
CA TYR C 823 129.69 -42.57 56.85
C TYR C 823 130.72 -43.10 55.88
N GLU C 824 131.08 -44.37 55.97
CA GLU C 824 132.10 -44.97 55.12
C GLU C 824 131.66 -45.14 53.69
N ALA C 825 130.40 -44.83 53.37
CA ALA C 825 129.89 -44.94 52.01
C ALA C 825 129.87 -43.62 51.26
N VAL C 826 130.33 -42.53 51.89
CA VAL C 826 130.39 -41.25 51.19
C VAL C 826 131.44 -41.32 50.10
N LEU C 827 131.09 -40.82 48.93
CA LEU C 827 132.05 -40.77 47.84
C LEU C 827 133.22 -39.86 48.22
N PRO C 828 134.44 -40.18 47.79
CA PRO C 828 135.63 -39.49 48.31
C PRO C 828 135.73 -38.03 47.96
N LYS C 829 134.75 -37.45 47.25
CA LYS C 829 134.84 -36.06 46.83
C LYS C 829 133.79 -35.17 47.47
N GLU C 830 132.62 -35.70 47.79
CA GLU C 830 131.53 -34.91 48.35
C GLU C 830 131.60 -34.92 49.88
N LYS C 831 130.67 -34.22 50.49
CA LYS C 831 130.58 -34.11 51.94
C LYS C 831 129.24 -34.67 52.41
N LEU C 832 129.27 -35.46 53.47
CA LEU C 832 128.05 -35.99 54.03
C LEU C 832 127.23 -34.88 54.68
N LYS C 833 125.95 -34.82 54.33
CA LYS C 833 125.04 -33.87 54.93
C LYS C 833 123.64 -34.45 54.93
N VAL C 834 122.81 -33.95 55.83
CA VAL C 834 121.42 -34.39 55.96
C VAL C 834 120.53 -33.31 55.37
N GLU C 835 119.80 -33.66 54.32
CA GLU C 835 118.92 -32.73 53.63
C GLU C 835 117.55 -33.36 53.46
N HIS C 836 116.63 -32.60 52.87
CA HIS C 836 115.29 -33.09 52.65
C HIS C 836 115.29 -34.22 51.64
N SER C 837 114.48 -35.24 51.90
CA SER C 837 114.33 -36.33 50.95
C SER C 837 113.73 -35.85 49.64
N ARG C 838 112.73 -34.96 49.72
CA ARG C 838 112.10 -34.41 48.54
C ARG C 838 112.76 -33.09 48.14
N GLU C 839 112.51 -32.68 46.90
CA GLU C 839 113.24 -31.55 46.33
C GLU C 839 112.77 -30.22 46.90
N TYR C 840 111.47 -30.06 47.14
CA TYR C 840 110.90 -28.76 47.46
C TYR C 840 110.73 -28.60 48.96
N LYS C 841 111.16 -27.45 49.47
CA LYS C 841 111.09 -27.15 50.90
C LYS C 841 110.39 -25.83 51.12
N GLN C 842 110.45 -25.31 52.35
CA GLN C 842 109.81 -24.04 52.68
C GLN C 842 110.79 -22.90 52.41
N GLU C 843 110.42 -22.01 51.49
CA GLU C 843 111.24 -20.86 51.13
C GLU C 843 110.36 -19.88 50.36
N ARG C 844 110.92 -18.71 50.06
CA ARG C 844 110.16 -17.70 49.33
C ARG C 844 109.85 -18.18 47.92
N THR C 845 108.64 -17.85 47.46
CA THR C 845 108.12 -18.45 46.23
C THR C 845 108.95 -18.05 45.01
N TYR C 846 109.31 -16.77 44.90
CA TYR C 846 110.07 -16.35 43.73
C TYR C 846 111.51 -16.82 43.78
N THR C 847 112.02 -17.18 44.96
CA THR C 847 113.34 -17.79 45.08
C THR C 847 113.28 -19.31 45.02
N ARG C 848 112.09 -19.90 44.99
CA ARG C 848 111.98 -21.34 44.90
C ARG C 848 112.61 -21.84 43.61
N ASP C 849 113.47 -22.85 43.74
CA ASP C 849 114.12 -23.46 42.60
C ASP C 849 113.22 -24.56 42.04
N LEU C 850 112.78 -24.39 40.81
CA LEU C 850 112.01 -25.43 40.14
C LEU C 850 112.97 -26.40 39.46
N LEU C 851 112.80 -27.69 39.72
CA LEU C 851 113.72 -28.71 39.24
C LEU C 851 113.02 -29.61 38.24
N GLY C 852 113.67 -29.86 37.11
CA GLY C 852 113.18 -30.81 36.15
C GLY C 852 113.62 -32.21 36.50
N PRO C 853 113.43 -33.16 35.60
CA PRO C 853 113.89 -34.52 35.85
C PRO C 853 115.40 -34.57 36.06
N THR C 854 115.84 -35.46 36.93
CA THR C 854 117.25 -35.59 37.24
C THR C 854 117.85 -36.77 36.48
N VAL C 855 119.15 -36.66 36.22
CA VAL C 855 119.87 -37.72 35.51
C VAL C 855 119.99 -38.94 36.41
N SER C 856 119.97 -40.12 35.80
CA SER C 856 120.05 -41.35 36.56
C SER C 856 121.40 -41.45 37.26
N LEU C 857 121.37 -41.90 38.51
CA LEU C 857 122.58 -42.00 39.32
C LEU C 857 123.21 -43.39 39.16
N THR C 858 123.66 -43.65 37.95
CA THR C 858 124.28 -44.95 37.64
C THR C 858 125.70 -45.05 38.14
N GLN C 859 126.36 -43.92 38.42
CA GLN C 859 127.75 -43.96 38.88
C GLN C 859 127.85 -44.30 40.36
N ALA C 860 126.72 -44.40 41.06
CA ALA C 860 126.75 -44.76 42.48
C ALA C 860 127.34 -46.15 42.67
N ALA C 861 126.96 -47.09 41.81
CA ALA C 861 127.49 -48.45 41.84
C ALA C 861 128.64 -48.55 40.84
N PHE C 862 129.85 -48.71 41.34
CA PHE C 862 131.04 -48.79 40.50
C PHE C 862 131.27 -50.24 40.11
N THR C 863 130.83 -50.60 38.91
CA THR C 863 131.14 -51.91 38.34
C THR C 863 132.17 -51.73 37.25
N PRO C 864 133.42 -52.17 37.46
CA PRO C 864 134.45 -51.98 36.43
C PRO C 864 134.13 -52.80 35.19
N ILE C 865 133.85 -52.11 34.10
CA ILE C 865 133.45 -52.76 32.85
C ILE C 865 134.71 -53.31 32.19
N PRO C 866 134.76 -54.59 31.88
CA PRO C 866 135.93 -55.16 31.19
C PRO C 866 135.98 -54.78 29.73
N VAL C 867 137.19 -54.49 29.25
CA VAL C 867 137.41 -54.32 27.83
C VAL C 867 137.81 -55.66 27.24
N ASP C 868 136.89 -56.29 26.51
CA ASP C 868 137.10 -57.64 26.03
C ASP C 868 138.27 -57.71 25.06
N THR C 869 139.18 -58.65 25.31
CA THR C 869 140.38 -58.81 24.49
C THR C 869 140.77 -60.25 24.23
N SER C 870 139.97 -61.23 24.67
CA SER C 870 140.35 -62.63 24.50
C SER C 870 140.42 -63.01 23.03
N GLN C 871 139.47 -62.54 22.22
CA GLN C 871 139.42 -62.93 20.82
C GLN C 871 140.52 -62.26 20.00
N ILE C 872 141.23 -61.31 20.59
CA ILE C 872 142.30 -60.63 19.87
C ILE C 872 143.42 -61.63 19.56
N VAL C 873 143.84 -61.64 18.31
CA VAL C 873 144.93 -62.50 17.85
C VAL C 873 146.17 -61.63 17.64
N LEU C 874 147.33 -62.16 18.00
CA LEU C 874 148.53 -61.35 18.00
C LEU C 874 149.27 -61.49 16.66
N PRO C 875 149.54 -60.38 15.98
CA PRO C 875 150.26 -60.44 14.70
C PRO C 875 151.67 -60.97 14.89
N PRO C 876 152.26 -61.57 13.85
CA PRO C 876 153.58 -62.21 14.02
C PRO C 876 154.68 -61.29 14.50
N HIS C 877 154.70 -60.03 14.06
CA HIS C 877 155.76 -59.13 14.50
C HIS C 877 155.60 -58.72 15.95
N LEU C 878 154.37 -58.50 16.40
CA LEU C 878 154.14 -58.30 17.82
C LEU C 878 154.51 -59.55 18.62
N GLU C 879 154.27 -60.73 18.05
CA GLU C 879 154.69 -61.97 18.69
C GLU C 879 156.21 -62.04 18.80
N ARG C 880 156.91 -61.51 17.80
CA ARG C 880 158.37 -61.49 17.86
C ARG C 880 158.86 -60.52 18.91
N ILE C 881 158.15 -59.40 19.09
CA ILE C 881 158.69 -58.26 19.80
C ILE C 881 158.24 -58.19 21.26
N ARG C 882 157.12 -58.84 21.61
CA ARG C 882 156.52 -58.57 22.91
C ARG C 882 157.33 -59.13 24.06
N GLU C 883 158.10 -60.20 23.84
CA GLU C 883 158.96 -60.71 24.90
C GLU C 883 160.02 -59.68 25.28
N LYS C 884 160.70 -59.13 24.28
CA LYS C 884 161.76 -58.18 24.59
C LYS C 884 161.18 -56.87 25.13
N LEU C 885 159.99 -56.48 24.65
CA LEU C 885 159.27 -55.42 25.38
C LEU C 885 159.08 -55.79 26.84
N ALA C 886 158.72 -57.05 27.12
CA ALA C 886 158.45 -57.43 28.50
C ALA C 886 159.67 -57.20 29.38
N GLU C 887 160.82 -57.77 29.01
CA GLU C 887 161.93 -57.63 29.96
C GLU C 887 162.55 -56.23 29.88
N ASN C 888 162.43 -55.55 28.74
CA ASN C 888 162.97 -54.20 28.65
C ASN C 888 162.18 -53.25 29.54
N ILE C 889 160.85 -53.35 29.53
CA ILE C 889 160.06 -52.50 30.40
C ILE C 889 160.19 -52.96 31.84
N HIS C 890 160.50 -54.24 32.07
CA HIS C 890 160.78 -54.67 33.44
C HIS C 890 162.05 -54.02 33.97
N GLU C 891 163.10 -53.96 33.16
CA GLU C 891 164.32 -53.27 33.56
C GLU C 891 164.06 -51.77 33.77
N LEU C 892 163.28 -51.16 32.87
CA LEU C 892 162.76 -49.82 33.10
C LEU C 892 162.02 -49.69 34.42
N TRP C 893 161.25 -50.70 34.76
CA TRP C 893 160.27 -50.64 35.81
C TRP C 893 161.01 -50.65 37.15
N VAL C 894 162.05 -51.49 37.20
CA VAL C 894 162.94 -51.53 38.35
C VAL C 894 163.82 -50.29 38.39
N MET C 895 164.09 -49.66 37.25
CA MET C 895 164.72 -48.34 37.30
C MET C 895 163.79 -47.33 37.96
N ASN C 896 162.48 -47.45 37.73
CA ASN C 896 161.53 -46.60 38.45
C ASN C 896 161.60 -46.85 39.96
N LYS C 897 161.68 -48.11 40.37
CA LYS C 897 161.80 -48.33 41.81
C LYS C 897 163.17 -47.89 42.34
N ILE C 898 164.20 -47.87 41.49
CA ILE C 898 165.48 -47.29 41.89
C ILE C 898 165.33 -45.80 42.14
N GLU C 899 164.62 -45.10 41.25
CA GLU C 899 164.31 -43.69 41.49
C GLU C 899 163.55 -43.52 42.79
N LEU C 900 162.60 -44.41 43.08
CA LEU C 900 161.91 -44.42 44.36
C LEU C 900 162.82 -44.78 45.53
N GLY C 901 163.99 -45.37 45.26
CA GLY C 901 164.96 -45.66 46.29
C GLY C 901 165.03 -47.10 46.74
N TRP C 902 164.27 -48.01 46.13
CA TRP C 902 164.29 -49.40 46.55
C TRP C 902 165.63 -50.05 46.19
N GLN C 903 166.00 -51.04 47.00
CA GLN C 903 167.18 -51.85 46.75
C GLN C 903 166.79 -53.32 46.80
N TYR C 904 167.61 -54.15 46.17
CA TYR C 904 167.29 -55.58 46.11
C TYR C 904 167.55 -56.24 47.45
N GLY C 905 166.63 -57.13 47.83
CA GLY C 905 166.76 -57.90 49.04
C GLY C 905 165.89 -59.13 49.03
N PRO C 906 166.31 -60.16 49.78
CA PRO C 906 165.47 -61.38 49.86
C PRO C 906 164.11 -61.12 50.49
N VAL C 907 164.00 -60.07 51.29
CA VAL C 907 162.74 -59.76 51.97
C VAL C 907 161.80 -59.03 51.01
N ARG C 908 160.51 -59.09 51.30
CA ARG C 908 159.48 -58.50 50.45
C ARG C 908 159.03 -57.13 50.95
N ASP C 909 159.34 -56.78 52.19
CA ASP C 909 158.78 -55.57 52.78
C ASP C 909 159.42 -54.32 52.20
N ASP C 910 158.58 -53.46 51.61
CA ASP C 910 159.06 -52.23 50.99
C ASP C 910 159.44 -51.18 52.03
N ASN C 911 158.87 -51.28 53.23
CA ASN C 911 159.15 -50.28 54.27
C ASN C 911 160.63 -50.30 54.66
N LYS C 912 161.24 -51.48 54.63
CA LYS C 912 162.68 -51.55 54.89
C LYS C 912 163.49 -51.38 53.62
N ARG C 913 162.88 -50.81 52.58
CA ARG C 913 163.58 -50.31 51.39
C ARG C 913 164.07 -51.44 50.49
N GLN C 914 163.76 -52.69 50.86
CA GLN C 914 164.25 -53.86 50.13
C GLN C 914 163.10 -54.57 49.45
N HIS C 915 163.32 -54.99 48.20
CA HIS C 915 162.32 -55.72 47.43
C HIS C 915 163.04 -56.51 46.34
N PRO C 916 162.71 -57.79 46.17
CA PRO C 916 163.43 -58.62 45.19
C PRO C 916 162.96 -58.43 43.76
N CYS C 917 162.00 -57.55 43.50
CA CYS C 917 161.59 -57.27 42.12
C CYS C 917 162.68 -56.60 41.31
N LEU C 918 163.70 -56.06 41.98
CA LEU C 918 164.80 -55.36 41.32
C LEU C 918 165.53 -56.23 40.31
N VAL C 919 165.82 -57.49 40.64
CA VAL C 919 166.71 -58.32 39.85
C VAL C 919 166.02 -58.73 38.55
N GLU C 920 166.80 -59.32 37.64
CA GLU C 920 166.32 -59.68 36.32
C GLU C 920 165.14 -60.66 36.41
N PHE C 921 164.48 -60.84 35.27
CA PHE C 921 163.26 -61.64 35.21
C PHE C 921 163.53 -63.08 35.64
N SER C 922 164.67 -63.64 35.24
CA SER C 922 164.96 -65.03 35.57
C SER C 922 165.11 -65.22 37.07
N LYS C 923 165.83 -64.33 37.75
CA LYS C 923 165.98 -64.46 39.19
C LYS C 923 164.85 -63.76 39.94
N LEU C 924 164.00 -63.04 39.22
CA LEU C 924 162.74 -62.57 39.78
C LEU C 924 161.88 -63.77 40.17
N PRO C 925 161.09 -63.65 41.23
CA PRO C 925 160.01 -64.61 41.45
C PRO C 925 159.22 -64.84 40.18
N GLU C 926 159.21 -66.09 39.72
CA GLU C 926 158.69 -66.38 38.38
C GLU C 926 157.20 -66.10 38.28
N GLN C 927 156.49 -66.11 39.41
CA GLN C 927 155.09 -65.69 39.37
C GLN C 927 154.97 -64.20 39.10
N GLU C 928 155.84 -63.37 39.68
CA GLU C 928 155.87 -61.97 39.28
C GLU C 928 156.32 -61.84 37.83
N ARG C 929 157.20 -62.73 37.39
CA ARG C 929 157.68 -62.69 36.00
C ARG C 929 156.53 -62.91 35.02
N ASN C 930 155.75 -63.98 35.23
CA ASN C 930 154.66 -64.24 34.30
C ASN C 930 153.55 -63.23 34.47
N TYR C 931 153.36 -62.71 35.69
CA TYR C 931 152.43 -61.59 35.87
C TYR C 931 152.80 -60.42 34.97
N ASN C 932 154.08 -60.01 35.00
CA ASN C 932 154.53 -58.90 34.17
C ASN C 932 154.41 -59.24 32.69
N LEU C 933 154.75 -60.48 32.32
CA LEU C 933 154.67 -60.87 30.92
C LEU C 933 153.24 -60.79 30.41
N GLN C 934 152.30 -61.42 31.12
CA GLN C 934 150.92 -61.45 30.66
C GLN C 934 150.26 -60.08 30.77
N MET C 935 150.71 -59.22 31.69
CA MET C 935 150.16 -57.87 31.69
C MET C 935 150.68 -57.07 30.51
N SER C 936 151.92 -57.34 30.09
CA SER C 936 152.44 -56.73 28.87
C SER C 936 151.60 -57.16 27.67
N LEU C 937 151.36 -58.47 27.55
CA LEU C 937 150.52 -58.97 26.47
C LEU C 937 149.11 -58.38 26.54
N GLU C 938 148.55 -58.29 27.74
CA GLU C 938 147.21 -57.73 27.89
C GLU C 938 147.18 -56.27 27.47
N THR C 939 148.21 -55.51 27.83
CA THR C 939 148.28 -54.11 27.45
C THR C 939 148.35 -53.94 25.94
N LEU C 940 149.21 -54.71 25.28
CA LEU C 940 149.31 -54.58 23.83
C LEU C 940 148.06 -55.11 23.12
N LYS C 941 147.43 -56.15 23.67
CA LYS C 941 146.18 -56.64 23.09
C LYS C 941 145.07 -55.62 23.28
N THR C 942 145.10 -54.87 24.38
CA THR C 942 144.15 -53.78 24.57
C THR C 942 144.40 -52.68 23.54
N LEU C 943 145.67 -52.38 23.29
CA LEU C 943 146.01 -51.45 22.21
C LEU C 943 145.40 -51.92 20.89
N LEU C 944 145.55 -53.21 20.58
CA LEU C 944 144.98 -53.75 19.36
C LEU C 944 143.46 -53.67 19.35
N ALA C 945 142.82 -53.98 20.48
CA ALA C 945 141.37 -54.05 20.56
C ALA C 945 140.69 -52.70 20.56
N LEU C 946 141.38 -51.64 20.98
CA LEU C 946 140.82 -50.31 20.96
C LEU C 946 140.88 -49.65 19.59
N GLY C 947 141.13 -50.43 18.54
CA GLY C 947 141.05 -49.90 17.19
C GLY C 947 142.26 -49.11 16.76
N CYS C 948 143.35 -49.17 17.51
CA CYS C 948 144.56 -48.42 17.19
C CYS C 948 145.53 -49.36 16.47
N HIS C 949 145.63 -49.21 15.16
CA HIS C 949 146.57 -50.00 14.38
C HIS C 949 148.01 -49.60 14.70
N VAL C 950 148.91 -50.57 14.59
CA VAL C 950 150.33 -50.31 14.81
C VAL C 950 151.10 -51.00 13.69
N GLY C 951 152.12 -50.30 13.16
CA GLY C 951 152.94 -50.85 12.11
C GLY C 951 154.40 -50.86 12.52
N ILE C 952 155.24 -51.30 11.59
CA ILE C 952 156.68 -51.31 11.79
C ILE C 952 157.28 -50.12 11.04
N SER C 953 158.00 -49.26 11.75
CA SER C 953 158.64 -48.11 11.12
C SER C 953 159.68 -48.57 10.11
N ASP C 954 160.72 -49.25 10.59
CA ASP C 954 161.78 -49.72 9.72
C ASP C 954 162.56 -50.82 10.43
N GLU C 955 163.33 -51.59 9.65
CA GLU C 955 164.18 -52.62 10.24
C GLU C 955 165.31 -52.00 11.06
N HIS C 956 165.63 -50.74 10.79
CA HIS C 956 166.67 -50.05 11.56
C HIS C 956 166.30 -49.94 13.03
N ALA C 957 165.00 -49.77 13.32
CA ALA C 957 164.55 -49.66 14.70
C ALA C 957 164.82 -50.93 15.50
N GLU C 958 164.75 -52.11 14.87
CA GLU C 958 165.13 -53.35 15.51
C GLU C 958 166.63 -53.59 15.48
N ASP C 959 167.32 -53.13 14.44
CA ASP C 959 168.77 -53.33 14.36
C ASP C 959 169.49 -52.53 15.43
N LYS C 960 169.06 -51.30 15.69
CA LYS C 960 169.73 -50.44 16.65
C LYS C 960 169.36 -50.81 18.08
N VAL C 961 170.35 -50.75 18.96
CA VAL C 961 170.19 -51.11 20.37
C VAL C 961 170.67 -49.95 21.25
N LYS C 962 170.50 -48.73 20.76
CA LYS C 962 171.08 -47.54 21.37
C LYS C 962 170.73 -47.48 22.86
N LYS C 963 171.68 -46.98 23.65
CA LYS C 963 171.69 -47.13 25.11
C LYS C 963 172.14 -45.84 25.76
N MET C 964 171.48 -45.45 26.86
CA MET C 964 172.08 -44.43 27.72
C MET C 964 173.08 -45.07 28.68
N LYS C 965 174.19 -44.38 28.91
CA LYS C 965 175.12 -44.81 29.94
C LYS C 965 174.56 -44.46 31.32
N LEU C 966 174.56 -45.45 32.21
CA LEU C 966 174.04 -45.28 33.56
C LEU C 966 175.02 -45.93 34.54
N PRO C 967 175.43 -45.24 35.60
CA PRO C 967 176.42 -45.82 36.52
C PRO C 967 175.93 -47.12 37.13
N LYS C 968 176.85 -48.09 37.21
CA LYS C 968 176.47 -49.44 37.65
C LYS C 968 176.03 -49.43 39.12
N ASN C 969 176.69 -48.64 39.95
CA ASN C 969 176.33 -48.58 41.36
C ASN C 969 174.89 -48.09 41.52
N TYR C 970 174.51 -47.06 40.77
CA TYR C 970 173.15 -46.56 40.81
C TYR C 970 172.16 -47.48 40.09
N GLN C 971 172.64 -48.32 39.19
CA GLN C 971 171.78 -49.27 38.50
C GLN C 971 171.56 -50.52 39.34
N LEU C 972 170.81 -51.46 38.78
CA LEU C 972 170.42 -52.66 39.49
C LEU C 972 171.58 -53.66 39.52
N THR C 973 171.36 -54.78 40.22
CA THR C 973 172.39 -55.81 40.30
C THR C 973 172.47 -56.63 39.01
N SER C 974 171.36 -56.76 38.29
CA SER C 974 171.33 -57.62 37.11
C SER C 974 172.24 -57.08 36.01
N GLY C 975 172.85 -58.00 35.26
CA GLY C 975 173.77 -57.60 34.21
C GLY C 975 173.12 -56.88 33.05
N TYR C 976 171.95 -57.33 32.63
CA TYR C 976 171.25 -56.73 31.50
C TYR C 976 170.88 -55.29 31.82
N LYS C 977 171.55 -54.36 31.15
CA LYS C 977 171.50 -52.95 31.52
C LYS C 977 170.22 -52.32 30.97
N PRO C 978 169.41 -51.64 31.79
CA PRO C 978 168.02 -51.35 31.43
C PRO C 978 167.79 -50.37 30.28
N ALA C 979 168.42 -49.20 30.35
CA ALA C 979 167.93 -47.99 29.69
C ALA C 979 167.64 -48.21 28.20
N PRO C 980 166.47 -47.82 27.75
CA PRO C 980 166.13 -47.99 26.33
C PRO C 980 166.70 -46.85 25.53
N MET C 981 166.32 -46.74 24.26
CA MET C 981 166.51 -45.51 23.51
C MET C 981 165.88 -44.34 24.24
N ASP C 982 166.49 -43.16 24.12
CA ASP C 982 166.16 -42.03 24.97
C ASP C 982 164.73 -41.55 24.75
N LEU C 983 164.16 -40.95 25.80
CA LEU C 983 162.83 -40.38 25.73
C LEU C 983 162.78 -39.07 24.94
N SER C 984 163.89 -38.33 24.90
CA SER C 984 163.89 -37.03 24.25
C SER C 984 163.68 -37.15 22.74
N PHE C 985 164.32 -38.13 22.12
CA PHE C 985 164.20 -38.29 20.67
C PHE C 985 162.76 -38.58 20.27
N ILE C 986 162.07 -39.42 21.03
CA ILE C 986 160.72 -39.84 20.68
C ILE C 986 159.76 -38.68 20.94
N LYS C 987 158.72 -38.57 20.12
CA LYS C 987 157.70 -37.56 20.32
C LYS C 987 156.34 -38.24 20.41
N LEU C 988 155.51 -37.78 21.34
CA LEU C 988 154.22 -38.38 21.62
C LEU C 988 153.11 -37.41 21.21
N THR C 989 152.27 -37.84 20.26
CA THR C 989 151.25 -36.97 19.72
C THR C 989 150.07 -36.83 20.69
N PRO C 990 149.25 -35.78 20.54
CA PRO C 990 148.05 -35.67 21.38
C PRO C 990 147.12 -36.87 21.27
N SER C 991 146.97 -37.41 20.06
CA SER C 991 146.18 -38.63 19.91
C SER C 991 146.84 -39.78 20.66
N GLN C 992 148.16 -39.86 20.61
CA GLN C 992 148.87 -40.90 21.34
C GLN C 992 148.70 -40.74 22.86
N GLU C 993 148.55 -39.51 23.34
CA GLU C 993 148.34 -39.30 24.77
C GLU C 993 146.90 -39.66 25.16
N ALA C 994 145.94 -39.29 24.32
CA ALA C 994 144.57 -39.75 24.54
C ALA C 994 144.52 -41.27 24.55
N MET C 995 145.38 -41.91 23.76
CA MET C 995 145.45 -43.37 23.78
C MET C 995 145.88 -43.88 25.16
N VAL C 996 146.97 -43.36 25.70
CA VAL C 996 147.43 -43.86 26.99
C VAL C 996 146.45 -43.50 28.10
N ASP C 997 145.62 -42.48 27.87
CA ASP C 997 144.51 -42.23 28.80
C ASP C 997 143.58 -43.44 28.89
N LYS C 998 143.13 -43.95 27.74
CA LYS C 998 142.29 -45.15 27.77
C LYS C 998 143.06 -46.35 28.27
N LEU C 999 144.37 -46.38 28.03
CA LEU C 999 145.19 -47.46 28.57
C LEU C 999 145.17 -47.46 30.09
N ALA C 1000 145.35 -46.29 30.69
CA ALA C 1000 145.28 -46.19 32.15
C ALA C 1000 143.89 -46.54 32.65
N GLU C 1001 142.86 -46.11 31.91
CA GLU C 1001 141.49 -46.48 32.25
C GLU C 1001 141.35 -48.00 32.33
N ASN C 1002 141.80 -48.69 31.29
CA ASN C 1002 141.65 -50.14 31.23
C ASN C 1002 142.48 -50.83 32.30
N ALA C 1003 143.68 -50.31 32.58
CA ALA C 1003 144.51 -50.91 33.62
C ALA C 1003 143.85 -50.78 34.98
N HIS C 1004 143.28 -49.61 35.28
CA HIS C 1004 142.58 -49.43 36.54
C HIS C 1004 141.38 -50.36 36.62
N ASN C 1005 140.65 -50.50 35.51
CA ASN C 1005 139.52 -51.43 35.49
C ASN C 1005 139.98 -52.86 35.76
N VAL C 1006 141.11 -53.26 35.18
CA VAL C 1006 141.62 -54.61 35.38
C VAL C 1006 141.96 -54.82 36.86
N TRP C 1007 142.66 -53.87 37.45
CA TRP C 1007 143.02 -54.00 38.86
C TRP C 1007 141.78 -54.10 39.74
N ALA C 1008 140.79 -53.24 39.47
CA ALA C 1008 139.57 -53.25 40.27
C ALA C 1008 138.82 -54.56 40.11
N ARG C 1009 138.70 -55.07 38.88
CA ARG C 1009 137.96 -56.30 38.66
C ARG C 1009 138.65 -57.48 39.34
N ASP C 1010 139.99 -57.51 39.29
CA ASP C 1010 140.72 -58.57 39.95
C ASP C 1010 140.49 -58.54 41.46
N ARG C 1011 140.57 -57.35 42.07
CA ARG C 1011 140.34 -57.32 43.51
C ARG C 1011 138.88 -57.58 43.87
N ILE C 1012 137.97 -57.29 42.94
CA ILE C 1012 136.56 -57.61 43.24
C ILE C 1012 136.33 -59.12 43.24
N ARG C 1013 136.89 -59.86 42.27
CA ARG C 1013 136.84 -61.31 42.41
C ARG C 1013 137.62 -61.78 43.64
N GLN C 1014 138.68 -61.05 44.01
CA GLN C 1014 139.36 -61.39 45.25
C GLN C 1014 138.51 -61.09 46.48
N GLY C 1015 137.43 -60.33 46.34
CA GLY C 1015 136.53 -60.04 47.42
C GLY C 1015 136.70 -58.68 48.05
N TRP C 1016 137.65 -57.87 47.59
CA TRP C 1016 137.84 -56.55 48.16
C TRP C 1016 136.67 -55.64 47.79
N THR C 1017 136.40 -54.67 48.67
CA THR C 1017 135.28 -53.76 48.50
C THR C 1017 135.74 -52.35 48.82
N TYR C 1018 135.12 -51.37 48.17
CA TYR C 1018 135.48 -49.98 48.42
C TYR C 1018 135.17 -49.58 49.85
N GLY C 1019 136.06 -48.78 50.42
CA GLY C 1019 135.85 -48.19 51.73
C GLY C 1019 136.71 -46.95 51.89
N ILE C 1020 136.17 -45.90 52.54
CA ILE C 1020 136.91 -44.64 52.64
C ILE C 1020 138.23 -44.85 53.36
N GLN C 1021 138.22 -45.63 54.42
CA GLN C 1021 139.43 -45.95 55.16
C GLN C 1021 139.98 -47.28 54.69
N GLN C 1022 141.27 -47.32 54.39
CA GLN C 1022 141.90 -48.55 53.92
C GLN C 1022 141.96 -49.58 55.05
N ASP C 1023 141.55 -50.81 54.73
CA ASP C 1023 141.56 -51.90 55.70
C ASP C 1023 141.90 -53.20 54.97
N VAL C 1024 143.14 -53.65 55.14
CA VAL C 1024 143.55 -54.93 54.56
C VAL C 1024 142.82 -56.07 55.25
N LYS C 1025 142.58 -55.95 56.57
CA LYS C 1025 141.92 -57.02 57.31
C LYS C 1025 140.52 -57.27 56.77
N ASN C 1026 139.76 -56.21 56.52
CA ASN C 1026 138.42 -56.33 55.99
C ASN C 1026 138.38 -56.23 54.47
N ARG C 1027 139.54 -56.14 53.82
CA ARG C 1027 139.64 -56.02 52.37
C ARG C 1027 138.83 -54.84 51.86
N ARG C 1028 139.07 -53.69 52.47
CA ARG C 1028 138.44 -52.44 52.07
C ARG C 1028 139.51 -51.46 51.60
N ASN C 1029 139.33 -50.94 50.39
CA ASN C 1029 140.32 -50.11 49.73
C ASN C 1029 139.62 -48.91 49.10
N PRO C 1030 140.02 -47.68 49.44
CA PRO C 1030 139.42 -46.51 48.79
C PRO C 1030 139.77 -46.35 47.33
N ARG C 1031 140.70 -47.14 46.80
CA ARG C 1031 141.07 -47.00 45.40
C ARG C 1031 140.15 -47.79 44.47
N LEU C 1032 139.18 -48.52 45.01
CA LEU C 1032 138.19 -49.23 44.20
C LEU C 1032 137.07 -48.27 43.82
N VAL C 1033 137.44 -47.30 42.98
CA VAL C 1033 136.52 -46.25 42.54
C VAL C 1033 136.64 -46.11 41.03
N PRO C 1034 135.66 -45.53 40.34
CA PRO C 1034 135.81 -45.28 38.91
C PRO C 1034 136.99 -44.35 38.64
N TYR C 1035 137.62 -44.57 37.49
CA TYR C 1035 138.88 -43.87 37.19
C TYR C 1035 138.66 -42.37 37.10
N THR C 1036 137.52 -41.93 36.59
CA THR C 1036 137.22 -40.50 36.54
C THR C 1036 137.19 -39.92 37.95
N LEU C 1037 136.83 -40.74 38.94
CA LEU C 1037 136.80 -40.32 40.33
C LEU C 1037 138.06 -40.70 41.08
N LEU C 1038 139.05 -41.28 40.41
CA LEU C 1038 140.26 -41.71 41.08
C LEU C 1038 141.10 -40.52 41.51
N ASP C 1039 141.94 -40.73 42.52
CA ASP C 1039 142.80 -39.67 43.02
C ASP C 1039 143.87 -39.29 42.00
N ASP C 1040 144.19 -37.99 41.96
CA ASP C 1040 145.10 -37.50 40.94
C ASP C 1040 146.49 -38.09 41.07
N ARG C 1041 146.92 -38.39 42.29
CA ARG C 1041 148.26 -38.96 42.47
C ARG C 1041 148.36 -40.32 41.78
N THR C 1042 147.42 -41.21 42.06
CA THR C 1042 147.44 -42.53 41.43
C THR C 1042 147.22 -42.40 39.93
N LYS C 1043 146.32 -41.50 39.51
CA LYS C 1043 146.08 -41.32 38.09
C LYS C 1043 147.36 -40.90 37.38
N LYS C 1044 148.08 -39.93 37.93
CA LYS C 1044 149.30 -39.49 37.27
C LYS C 1044 150.38 -40.57 37.32
N SER C 1045 150.47 -41.32 38.42
CA SER C 1045 151.50 -42.36 38.51
C SER C 1045 151.30 -43.44 37.47
N ASN C 1046 150.10 -44.01 37.41
CA ASN C 1046 149.90 -45.08 36.44
C ASN C 1046 149.85 -44.52 35.03
N LYS C 1047 149.40 -43.28 34.86
CA LYS C 1047 149.43 -42.64 33.55
C LYS C 1047 150.86 -42.52 33.04
N ASP C 1048 151.79 -42.08 33.89
CA ASP C 1048 153.16 -41.95 33.42
C ASP C 1048 153.80 -43.31 33.19
N SER C 1049 153.48 -44.32 34.01
CA SER C 1049 154.05 -45.63 33.78
C SER C 1049 153.62 -46.20 32.43
N LEU C 1050 152.31 -46.19 32.15
CA LEU C 1050 151.84 -46.71 30.87
C LEU C 1050 152.26 -45.80 29.72
N ARG C 1051 152.40 -44.50 29.99
CA ARG C 1051 152.89 -43.59 28.97
C ARG C 1051 154.30 -43.93 28.56
N GLU C 1052 155.15 -44.23 29.55
CA GLU C 1052 156.53 -44.60 29.25
C GLU C 1052 156.59 -45.97 28.58
N ALA C 1053 155.63 -46.84 28.91
CA ALA C 1053 155.52 -48.10 28.18
C ALA C 1053 155.21 -47.85 26.70
N VAL C 1054 154.27 -46.96 26.42
CA VAL C 1054 153.95 -46.62 25.03
C VAL C 1054 155.15 -45.95 24.36
N ARG C 1055 155.89 -45.15 25.14
CA ARG C 1055 157.11 -44.52 24.67
C ARG C 1055 158.13 -45.55 24.21
N THR C 1056 158.32 -46.60 25.01
CA THR C 1056 159.23 -47.68 24.62
C THR C 1056 158.71 -48.43 23.41
N LEU C 1057 157.39 -48.63 23.34
CA LEU C 1057 156.81 -49.27 22.16
C LEU C 1057 157.14 -48.49 20.90
N LEU C 1058 157.01 -47.16 20.95
CA LEU C 1058 157.43 -46.33 19.83
C LEU C 1058 158.93 -46.39 19.60
N GLY C 1059 159.72 -46.42 20.66
CA GLY C 1059 161.16 -46.46 20.51
C GLY C 1059 161.64 -47.71 19.79
N TYR C 1060 160.95 -48.82 20.01
CA TYR C 1060 161.28 -50.01 19.22
C TYR C 1060 160.83 -49.89 17.79
N GLY C 1061 160.40 -48.70 17.38
CA GLY C 1061 159.94 -48.49 16.02
C GLY C 1061 158.62 -49.15 15.70
N TYR C 1062 157.65 -49.06 16.60
CA TYR C 1062 156.31 -49.56 16.35
C TYR C 1062 155.35 -48.38 16.45
N ASN C 1063 155.17 -47.70 15.32
CA ASN C 1063 154.29 -46.55 15.24
C ASN C 1063 152.84 -46.99 15.25
N LEU C 1064 152.13 -46.63 16.31
CA LEU C 1064 150.72 -46.95 16.45
C LEU C 1064 149.88 -45.75 16.05
N GLU C 1065 148.98 -45.96 15.10
CA GLU C 1065 148.14 -44.90 14.56
C GLU C 1065 146.81 -44.90 15.33
N ALA C 1066 146.64 -43.89 16.16
CA ALA C 1066 145.43 -43.77 16.96
C ALA C 1066 144.26 -43.34 16.08
N PRO C 1067 143.14 -44.06 16.11
CA PRO C 1067 141.98 -43.62 15.34
C PRO C 1067 141.45 -42.30 15.87
N ASP C 1068 140.85 -41.52 14.98
CA ASP C 1068 140.30 -40.23 15.38
C ASP C 1068 139.15 -40.44 16.36
N GLN C 1069 138.98 -39.46 17.24
CA GLN C 1069 137.93 -39.54 18.25
C GLN C 1069 136.56 -39.59 17.57
N ASP C 1070 135.72 -40.53 18.00
CA ASP C 1070 134.39 -40.71 17.44
C ASP C 1070 133.42 -39.83 18.20
N HIS C 1071 132.72 -38.95 17.47
CA HIS C 1071 131.81 -38.01 18.08
C HIS C 1071 130.52 -38.73 18.48
N ALA C 1072 130.40 -39.05 19.76
CA ALA C 1072 129.21 -39.70 20.30
C ALA C 1072 128.68 -38.85 21.45
N ALA C 1073 127.44 -38.40 21.35
CA ALA C 1073 126.81 -37.58 22.37
C ALA C 1073 125.55 -38.27 22.87
N ARG C 1074 125.46 -38.44 24.18
CA ARG C 1074 124.28 -39.06 24.79
C ARG C 1074 123.14 -38.07 24.98
N ALA C 1075 123.41 -36.77 24.83
CA ALA C 1075 122.39 -35.72 24.77
C ALA C 1075 121.58 -35.62 26.05
N GLU C 1076 122.17 -36.01 27.19
CA GLU C 1076 121.61 -35.73 28.51
C GLU C 1076 120.30 -36.49 28.73
N VAL C 1077 119.89 -37.27 27.73
CA VAL C 1077 118.58 -37.91 27.72
C VAL C 1077 118.43 -38.96 28.80
N CYS C 1078 119.53 -39.45 29.39
CA CYS C 1078 119.46 -40.52 30.37
C CYS C 1078 118.91 -40.00 31.71
N SER C 1079 117.62 -39.69 31.68
CA SER C 1079 116.94 -39.24 32.88
C SER C 1079 116.42 -40.42 33.68
N GLY C 1080 116.34 -40.24 35.01
CA GLY C 1080 115.73 -41.26 35.84
C GLY C 1080 114.27 -41.48 35.44
N THR C 1081 113.93 -42.75 35.19
CA THR C 1081 112.61 -43.15 34.71
C THR C 1081 112.31 -42.50 33.36
N GLY C 1082 111.08 -42.67 32.87
CA GLY C 1082 110.70 -42.11 31.59
C GLY C 1082 110.37 -40.63 31.61
N GLU C 1083 110.42 -40.00 32.78
CA GLU C 1083 110.09 -38.59 32.89
C GLU C 1083 111.09 -37.75 32.11
N ARG C 1084 110.62 -37.07 31.06
CA ARG C 1084 111.48 -36.30 30.19
C ARG C 1084 111.48 -34.81 30.51
N PHE C 1085 110.39 -34.30 31.07
CA PHE C 1085 110.28 -32.89 31.39
C PHE C 1085 109.11 -32.71 32.35
N ARG C 1086 109.25 -31.74 33.25
CA ARG C 1086 108.21 -31.43 34.22
C ARG C 1086 107.69 -30.03 33.95
N ILE C 1087 106.36 -29.90 33.89
CA ILE C 1087 105.72 -28.64 33.54
C ILE C 1087 105.20 -27.98 34.82
N PHE C 1088 105.55 -26.73 35.02
CA PHE C 1088 105.09 -25.94 36.16
C PHE C 1088 104.19 -24.82 35.65
N ARG C 1089 102.99 -24.74 36.19
CA ARG C 1089 102.00 -23.77 35.77
C ARG C 1089 101.25 -23.23 36.96
N ALA C 1090 100.67 -22.05 36.80
CA ALA C 1090 99.83 -21.48 37.83
C ALA C 1090 98.46 -22.15 37.83
N GLU C 1091 97.67 -21.85 38.86
CA GLU C 1091 96.34 -22.44 38.96
C GLU C 1091 95.44 -21.94 37.84
N LYS C 1092 94.51 -22.78 37.41
CA LYS C 1092 93.58 -22.43 36.34
C LYS C 1092 92.68 -21.26 36.70
N THR C 1093 92.45 -21.00 37.98
CA THR C 1093 91.57 -19.92 38.40
C THR C 1093 92.19 -18.55 38.22
N TYR C 1094 93.52 -18.46 38.17
CA TYR C 1094 94.18 -17.19 37.94
C TYR C 1094 94.28 -16.83 36.47
N ALA C 1095 93.50 -17.48 35.61
CA ALA C 1095 93.55 -17.19 34.18
C ALA C 1095 93.12 -15.75 33.92
N VAL C 1096 93.86 -15.08 33.04
CA VAL C 1096 93.58 -13.71 32.65
C VAL C 1096 92.85 -13.73 31.32
N LYS C 1097 91.77 -12.94 31.23
CA LYS C 1097 90.99 -12.87 30.01
C LYS C 1097 91.10 -11.53 29.28
N ALA C 1098 91.72 -10.53 29.90
CA ALA C 1098 91.92 -9.24 29.26
C ALA C 1098 93.01 -8.48 30.01
N GLY C 1099 93.68 -7.58 29.29
CA GLY C 1099 94.64 -6.68 29.90
C GLY C 1099 96.07 -7.04 29.50
N ARG C 1100 96.99 -6.28 30.09
CA ARG C 1100 98.42 -6.44 29.88
C ARG C 1100 99.02 -7.13 31.09
N TRP C 1101 99.78 -8.21 30.87
CA TRP C 1101 100.35 -8.98 31.96
C TRP C 1101 101.80 -9.31 31.68
N TYR C 1102 102.57 -9.49 32.76
CA TYR C 1102 104.01 -9.64 32.69
C TYR C 1102 104.50 -10.52 33.84
N PHE C 1103 105.46 -11.40 33.55
CA PHE C 1103 106.15 -12.15 34.58
C PHE C 1103 107.53 -12.53 34.05
N GLU C 1104 108.43 -12.85 34.96
CA GLU C 1104 109.82 -13.16 34.64
C GLU C 1104 110.13 -14.62 34.95
N PHE C 1105 110.96 -15.23 34.11
CA PHE C 1105 111.45 -16.58 34.32
C PHE C 1105 112.97 -16.53 34.30
N GLU C 1106 113.59 -16.99 35.39
CA GLU C 1106 115.03 -16.95 35.54
C GLU C 1106 115.62 -18.32 35.27
N THR C 1107 116.70 -18.34 34.48
CA THR C 1107 117.35 -19.58 34.09
C THR C 1107 118.60 -19.77 34.96
N VAL C 1108 118.48 -20.63 35.97
CA VAL C 1108 119.64 -20.96 36.79
C VAL C 1108 120.69 -21.67 35.95
N THR C 1109 120.26 -22.62 35.13
CA THR C 1109 121.13 -23.30 34.18
C THR C 1109 120.70 -22.93 32.77
N ALA C 1110 121.49 -23.37 31.79
CA ALA C 1110 121.15 -23.20 30.39
C ALA C 1110 120.90 -24.58 29.79
N GLY C 1111 119.72 -24.77 29.21
CA GLY C 1111 119.37 -26.08 28.71
C GLY C 1111 117.96 -26.12 28.18
N ASP C 1112 117.41 -27.33 28.10
CA ASP C 1112 116.11 -27.56 27.48
C ASP C 1112 115.01 -27.07 28.41
N MET C 1113 114.62 -25.81 28.22
CA MET C 1113 113.49 -25.23 28.91
C MET C 1113 112.60 -24.52 27.90
N ARG C 1114 111.31 -24.45 28.22
CA ARG C 1114 110.36 -23.66 27.46
C ARG C 1114 109.48 -22.87 28.42
N VAL C 1115 109.29 -21.59 28.12
CA VAL C 1115 108.48 -20.72 28.95
C VAL C 1115 107.50 -19.98 28.06
N GLY C 1116 106.37 -19.60 28.65
CA GLY C 1116 105.34 -18.91 27.88
C GLY C 1116 104.00 -18.98 28.60
N TRP C 1117 102.94 -18.97 27.80
CA TRP C 1117 101.58 -18.98 28.30
C TRP C 1117 100.85 -20.22 27.81
N SER C 1118 99.99 -20.76 28.65
CA SER C 1118 99.25 -21.98 28.35
C SER C 1118 97.77 -21.81 28.67
N ARG C 1119 96.97 -22.50 27.94
CA ARG C 1119 95.54 -22.51 28.22
C ARG C 1119 95.22 -23.52 29.33
N PRO C 1120 94.10 -23.32 30.03
CA PRO C 1120 93.72 -24.23 31.11
C PRO C 1120 93.74 -25.70 30.75
N GLY C 1121 93.64 -26.03 29.46
CA GLY C 1121 93.62 -27.41 29.01
C GLY C 1121 94.97 -28.02 28.68
N CYS C 1122 96.08 -27.38 29.05
CA CYS C 1122 97.38 -27.91 28.70
C CYS C 1122 97.63 -29.25 29.39
N GLN C 1123 98.16 -30.19 28.64
CA GLN C 1123 98.39 -31.54 29.15
C GLN C 1123 99.79 -31.65 29.74
N PRO C 1124 99.91 -32.12 30.98
CA PRO C 1124 101.25 -32.20 31.60
C PRO C 1124 102.20 -33.12 30.87
N ASP C 1125 101.70 -34.20 30.26
CA ASP C 1125 102.60 -35.15 29.60
C ASP C 1125 103.09 -34.66 28.24
N GLN C 1126 102.33 -33.79 27.58
CA GLN C 1126 102.75 -33.29 26.27
C GLN C 1126 103.69 -32.11 26.41
N GLU C 1127 104.62 -32.00 25.47
CA GLU C 1127 105.56 -30.89 25.48
C GLU C 1127 104.87 -29.59 25.10
N LEU C 1128 105.34 -28.49 25.69
CA LEU C 1128 104.75 -27.18 25.42
C LEU C 1128 105.01 -26.80 23.96
N GLY C 1129 103.96 -26.30 23.30
CA GLY C 1129 104.05 -25.83 21.94
C GLY C 1129 103.82 -26.90 20.89
N SER C 1130 103.82 -28.17 21.28
CA SER C 1130 103.54 -29.23 20.32
C SER C 1130 102.11 -29.10 19.78
N ASP C 1131 101.17 -28.77 20.63
CA ASP C 1131 99.78 -28.57 20.26
C ASP C 1131 99.40 -27.11 20.48
N GLU C 1132 98.12 -26.80 20.31
CA GLU C 1132 97.62 -25.43 20.36
C GLU C 1132 97.39 -24.90 21.77
N ARG C 1133 97.52 -25.75 22.79
CA ARG C 1133 97.13 -25.32 24.13
C ARG C 1133 98.12 -24.34 24.73
N ALA C 1134 99.35 -24.32 24.25
CA ALA C 1134 100.41 -23.52 24.86
C ALA C 1134 101.14 -22.70 23.81
N PHE C 1135 101.62 -21.54 24.25
CA PHE C 1135 102.50 -20.69 23.45
C PHE C 1135 103.80 -20.53 24.23
N ALA C 1136 104.89 -21.06 23.69
CA ALA C 1136 106.12 -21.16 24.44
C ALA C 1136 107.28 -20.62 23.61
N PHE C 1137 108.39 -20.35 24.30
CA PHE C 1137 109.62 -19.88 23.69
C PHE C 1137 110.76 -20.76 24.16
N ASP C 1138 111.37 -21.50 23.25
CA ASP C 1138 112.48 -22.39 23.55
C ASP C 1138 113.79 -21.71 23.19
N GLY C 1139 114.42 -21.07 24.18
CA GLY C 1139 115.65 -20.35 23.91
C GLY C 1139 116.84 -21.26 23.71
N PHE C 1140 116.74 -22.51 24.17
CA PHE C 1140 117.84 -23.45 24.00
C PHE C 1140 118.13 -23.68 22.53
N LYS C 1141 117.09 -23.79 21.71
CA LYS C 1141 117.21 -23.82 20.26
C LYS C 1141 116.89 -22.49 19.59
N ALA C 1142 116.65 -21.43 20.37
CA ALA C 1142 116.19 -20.15 19.83
C ALA C 1142 114.95 -20.37 18.96
N GLN C 1143 113.96 -21.05 19.54
CA GLN C 1143 112.85 -21.62 18.80
C GLN C 1143 111.56 -21.23 19.49
N ARG C 1144 110.58 -20.77 18.73
CA ARG C 1144 109.25 -20.51 19.28
C ARG C 1144 108.32 -21.66 18.91
N TRP C 1145 107.39 -21.96 19.82
CA TRP C 1145 106.60 -23.19 19.73
C TRP C 1145 105.11 -22.88 19.85
N HIS C 1146 104.37 -23.18 18.78
CA HIS C 1146 102.91 -23.25 18.87
C HIS C 1146 102.45 -24.07 17.66
N GLN C 1147 101.95 -25.28 17.92
CA GLN C 1147 101.56 -26.21 16.87
C GLN C 1147 102.70 -26.42 15.87
N GLY C 1148 103.92 -26.48 16.40
CA GLY C 1148 105.10 -26.55 15.58
C GLY C 1148 106.18 -25.61 16.07
N ASN C 1149 107.33 -25.61 15.41
CA ASN C 1149 108.47 -24.81 15.85
C ASN C 1149 108.90 -23.84 14.75
N GLU C 1150 109.08 -22.59 15.13
CA GLU C 1150 109.57 -21.57 14.21
C GLU C 1150 110.73 -20.82 14.87
N HIS C 1151 111.65 -20.29 14.06
CA HIS C 1151 112.84 -19.64 14.57
C HIS C 1151 112.47 -18.26 15.09
N TYR C 1152 112.80 -17.99 16.35
CA TYR C 1152 112.46 -16.73 17.00
C TYR C 1152 113.49 -16.44 18.08
N GLY C 1153 114.09 -15.26 18.03
CA GLY C 1153 114.99 -14.84 19.08
C GLY C 1153 116.32 -15.57 19.03
N ARG C 1154 117.12 -15.33 20.06
CA ARG C 1154 118.43 -15.95 20.20
C ARG C 1154 118.43 -16.87 21.41
N SER C 1155 119.59 -17.46 21.70
CA SER C 1155 119.71 -18.39 22.81
C SER C 1155 120.13 -17.67 24.08
N TRP C 1156 119.73 -18.24 25.22
CA TRP C 1156 120.09 -17.70 26.53
C TRP C 1156 121.30 -18.43 27.09
N GLN C 1157 121.88 -17.84 28.12
CA GLN C 1157 122.92 -18.44 28.93
C GLN C 1157 122.44 -18.54 30.37
N ALA C 1158 123.29 -19.13 31.22
CA ALA C 1158 122.95 -19.28 32.62
C ALA C 1158 122.83 -17.91 33.28
N GLY C 1159 121.75 -17.72 34.05
CA GLY C 1159 121.49 -16.49 34.74
C GLY C 1159 120.61 -15.51 33.97
N ASP C 1160 120.29 -15.82 32.72
CA ASP C 1160 119.46 -14.93 31.93
C ASP C 1160 118.04 -14.89 32.48
N VAL C 1161 117.41 -13.72 32.39
CA VAL C 1161 116.04 -13.52 32.85
C VAL C 1161 115.17 -13.27 31.62
N VAL C 1162 114.11 -14.05 31.48
CA VAL C 1162 113.21 -13.94 30.34
C VAL C 1162 111.93 -13.29 30.81
N GLY C 1163 111.56 -12.18 30.18
CA GLY C 1163 110.32 -11.48 30.47
C GLY C 1163 109.24 -11.89 29.49
N CYS C 1164 108.15 -12.40 30.03
CA CYS C 1164 107.02 -12.89 29.22
C CYS C 1164 105.90 -11.87 29.30
N MET C 1165 105.52 -11.31 28.17
CA MET C 1165 104.48 -10.29 28.10
C MET C 1165 103.35 -10.77 27.20
N VAL C 1166 102.13 -10.60 27.66
CA VAL C 1166 100.94 -10.87 26.85
C VAL C 1166 100.04 -9.63 26.90
N ASP C 1167 99.62 -9.19 25.72
CA ASP C 1167 98.57 -8.18 25.59
C ASP C 1167 97.37 -8.88 24.98
N MET C 1168 96.34 -9.10 25.78
CA MET C 1168 95.26 -9.94 25.32
C MET C 1168 94.05 -9.10 24.88
N ASN C 1169 94.29 -7.81 24.65
CA ASN C 1169 93.34 -6.93 23.98
C ASN C 1169 93.48 -7.01 22.46
N GLU C 1170 94.68 -6.81 21.93
CA GLU C 1170 94.96 -7.03 20.52
C GLU C 1170 95.63 -8.37 20.27
N HIS C 1171 95.72 -9.23 21.29
CA HIS C 1171 96.11 -10.63 21.13
C HIS C 1171 97.54 -10.77 20.60
N THR C 1172 98.48 -10.20 21.34
CA THR C 1172 99.90 -10.30 21.00
C THR C 1172 100.69 -10.78 22.21
N MET C 1173 101.83 -11.42 21.92
CA MET C 1173 102.75 -11.89 22.94
C MET C 1173 104.15 -11.44 22.58
N MET C 1174 104.93 -11.05 23.59
CA MET C 1174 106.28 -10.58 23.39
C MET C 1174 107.20 -11.17 24.46
N PHE C 1175 108.46 -11.37 24.10
CA PHE C 1175 109.45 -11.90 25.01
C PHE C 1175 110.68 -11.00 25.01
N THR C 1176 111.32 -10.90 26.17
CA THR C 1176 112.54 -10.13 26.34
C THR C 1176 113.57 -10.98 27.05
N LEU C 1177 114.80 -10.98 26.53
CA LEU C 1177 115.91 -11.68 27.15
C LEU C 1177 116.86 -10.66 27.76
N ASN C 1178 116.91 -10.62 29.09
CA ASN C 1178 117.77 -9.69 29.83
C ASN C 1178 117.48 -8.24 29.46
N GLY C 1179 116.22 -7.93 29.18
CA GLY C 1179 115.80 -6.57 28.91
C GLY C 1179 115.53 -6.26 27.46
N GLU C 1180 116.38 -6.75 26.56
CA GLU C 1180 116.19 -6.47 25.14
C GLU C 1180 115.05 -7.31 24.59
N ILE C 1181 114.28 -6.72 23.67
CA ILE C 1181 113.14 -7.40 23.08
C ILE C 1181 113.62 -8.37 22.02
N LEU C 1182 113.16 -9.62 22.11
CA LEU C 1182 113.50 -10.65 21.14
C LEU C 1182 112.74 -10.42 19.84
N LEU C 1183 113.36 -10.83 18.73
CA LEU C 1183 112.79 -10.64 17.40
C LEU C 1183 112.77 -11.97 16.66
N ASP C 1184 111.77 -12.13 15.81
CA ASP C 1184 111.70 -13.30 14.93
C ASP C 1184 112.59 -13.04 13.71
N ASP C 1185 112.43 -13.87 12.67
CA ASP C 1185 113.22 -13.70 11.47
C ASP C 1185 112.97 -12.34 10.83
N SER C 1186 111.71 -11.91 10.77
CA SER C 1186 111.40 -10.56 10.36
C SER C 1186 111.61 -9.59 11.53
N GLY C 1187 111.39 -8.31 11.27
CA GLY C 1187 111.61 -7.29 12.27
C GLY C 1187 110.52 -7.20 13.30
N SER C 1188 109.45 -7.97 13.13
CA SER C 1188 108.31 -7.90 14.04
C SER C 1188 108.70 -8.36 15.43
N GLU C 1189 108.14 -7.69 16.44
CA GLU C 1189 108.40 -8.01 17.84
C GLU C 1189 107.38 -8.98 18.41
N LEU C 1190 106.39 -9.39 17.63
CA LEU C 1190 105.30 -10.23 18.12
C LEU C 1190 105.69 -11.69 17.95
N ALA C 1191 105.82 -12.41 19.06
CA ALA C 1191 106.06 -13.85 19.00
C ALA C 1191 104.88 -14.56 18.36
N PHE C 1192 103.66 -14.17 18.73
CA PHE C 1192 102.44 -14.73 18.16
C PHE C 1192 101.50 -13.56 17.88
N LYS C 1193 101.24 -13.32 16.59
CA LYS C 1193 100.61 -12.08 16.18
C LYS C 1193 99.13 -12.05 16.55
N ASP C 1194 98.41 -13.13 16.33
CA ASP C 1194 96.97 -13.12 16.56
C ASP C 1194 96.53 -14.49 17.06
N PHE C 1195 95.66 -14.48 18.07
CA PHE C 1195 95.12 -15.70 18.66
C PHE C 1195 93.80 -15.36 19.35
N ASP C 1196 92.99 -16.38 19.56
CA ASP C 1196 91.67 -16.18 20.12
C ASP C 1196 91.73 -16.06 21.65
N VAL C 1197 90.72 -15.40 22.21
CA VAL C 1197 90.63 -15.25 23.66
C VAL C 1197 90.50 -16.61 24.34
N GLY C 1198 89.58 -17.44 23.87
CA GLY C 1198 89.37 -18.74 24.47
C GLY C 1198 88.98 -18.62 25.93
N ASP C 1199 89.56 -19.48 26.75
CA ASP C 1199 89.27 -19.52 28.18
C ASP C 1199 90.29 -18.73 29.00
N GLY C 1200 91.29 -18.15 28.39
CA GLY C 1200 92.30 -17.36 29.08
C GLY C 1200 93.67 -17.98 28.94
N PHE C 1201 94.63 -17.38 29.65
CA PHE C 1201 96.01 -17.81 29.61
C PHE C 1201 96.62 -17.72 31.00
N ILE C 1202 97.50 -18.67 31.31
CA ILE C 1202 98.19 -18.71 32.58
C ILE C 1202 99.68 -18.90 32.34
N PRO C 1203 100.54 -18.37 33.20
CA PRO C 1203 101.99 -18.60 33.05
C PRO C 1203 102.32 -20.08 33.15
N VAL C 1204 103.31 -20.50 32.38
CA VAL C 1204 103.70 -21.90 32.30
C VAL C 1204 105.17 -22.00 31.94
N CYS C 1205 105.81 -23.07 32.41
CA CYS C 1205 107.20 -23.34 32.06
C CYS C 1205 107.44 -24.83 32.10
N SER C 1206 108.27 -25.33 31.19
CA SER C 1206 108.66 -26.72 31.13
C SER C 1206 110.16 -26.81 31.33
N LEU C 1207 110.59 -27.70 32.22
CA LEU C 1207 111.99 -27.86 32.57
C LEU C 1207 112.47 -29.24 32.12
N GLY C 1208 113.59 -29.26 31.40
CA GLY C 1208 114.13 -30.49 30.87
C GLY C 1208 114.94 -31.26 31.90
N VAL C 1209 115.70 -32.23 31.41
CA VAL C 1209 116.50 -33.08 32.29
C VAL C 1209 117.60 -32.25 32.92
N ALA C 1210 117.71 -32.35 34.25
CA ALA C 1210 118.76 -31.67 35.01
C ALA C 1210 118.77 -30.18 34.72
N GLN C 1211 117.58 -29.58 34.66
CA GLN C 1211 117.42 -28.16 34.42
C GLN C 1211 116.77 -27.50 35.63
N VAL C 1212 117.31 -26.36 36.03
CA VAL C 1212 116.82 -25.62 37.19
C VAL C 1212 116.44 -24.22 36.73
N GLY C 1213 115.23 -23.78 37.11
CA GLY C 1213 114.79 -22.45 36.77
C GLY C 1213 113.97 -21.84 37.90
N ARG C 1214 113.87 -20.53 37.87
CA ARG C 1214 113.08 -19.78 38.84
C ARG C 1214 112.07 -18.93 38.09
N MET C 1215 110.89 -18.77 38.70
CA MET C 1215 109.74 -18.17 38.04
C MET C 1215 109.14 -17.12 38.97
N ASN C 1216 109.04 -15.89 38.49
CA ASN C 1216 108.64 -14.75 39.31
C ASN C 1216 107.35 -14.16 38.76
N PHE C 1217 106.31 -14.15 39.58
CA PHE C 1217 105.03 -13.54 39.22
C PHE C 1217 105.00 -12.05 39.52
N GLY C 1218 106.04 -11.52 40.13
CA GLY C 1218 106.09 -10.12 40.47
C GLY C 1218 105.08 -9.71 41.53
N LYS C 1219 104.93 -10.53 42.56
CA LYS C 1219 104.13 -10.11 43.71
C LYS C 1219 104.74 -8.88 44.36
N ASP C 1220 106.05 -8.87 44.51
CA ASP C 1220 106.79 -7.67 44.88
C ASP C 1220 107.45 -7.12 43.62
N VAL C 1221 107.10 -5.88 43.26
CA VAL C 1221 107.60 -5.30 42.03
C VAL C 1221 109.11 -5.12 42.06
N SER C 1222 109.68 -4.84 43.24
CA SER C 1222 111.12 -4.62 43.33
C SER C 1222 111.90 -5.85 42.92
N THR C 1223 111.33 -7.04 43.09
CA THR C 1223 112.03 -8.27 42.75
C THR C 1223 112.17 -8.49 41.25
N LEU C 1224 111.45 -7.75 40.42
CA LEU C 1224 111.54 -7.91 38.98
C LEU C 1224 112.74 -7.13 38.47
N LYS C 1225 113.66 -7.84 37.80
CA LYS C 1225 114.93 -7.22 37.42
C LYS C 1225 114.77 -6.29 36.21
N TYR C 1226 113.98 -6.70 35.23
CA TYR C 1226 113.95 -6.00 33.94
C TYR C 1226 112.59 -5.40 33.62
N PHE C 1227 111.68 -5.38 34.60
CA PHE C 1227 110.36 -4.79 34.37
C PHE C 1227 110.47 -3.31 34.04
N THR C 1228 111.31 -2.57 34.77
CA THR C 1228 111.44 -1.14 34.55
C THR C 1228 112.06 -0.84 33.19
N ILE C 1229 113.14 -1.55 32.83
CA ILE C 1229 113.79 -1.29 31.55
C ILE C 1229 112.88 -1.68 30.41
N CYS C 1230 112.09 -2.74 30.58
CA CYS C 1230 111.11 -3.10 29.55
C CYS C 1230 109.91 -3.76 30.20
N GLY C 1231 108.82 -3.00 30.34
CA GLY C 1231 107.55 -3.55 30.77
C GLY C 1231 106.76 -2.58 31.62
N LEU C 1232 107.44 -1.65 32.28
CA LEU C 1232 106.75 -0.67 33.12
C LEU C 1232 106.14 0.45 32.28
N GLN C 1233 106.93 1.04 31.39
CA GLN C 1233 106.42 2.15 30.58
C GLN C 1233 105.42 1.66 29.55
N GLU C 1234 105.58 0.43 29.06
CA GLU C 1234 104.68 -0.09 28.05
C GLU C 1234 103.28 -0.35 28.59
N GLY C 1235 103.08 -0.30 29.90
CA GLY C 1235 101.78 -0.50 30.49
C GLY C 1235 101.48 -1.91 30.93
N TYR C 1236 102.40 -2.85 30.72
CA TYR C 1236 102.16 -4.22 31.16
C TYR C 1236 102.19 -4.30 32.68
N GLU C 1237 101.33 -5.15 33.22
CA GLU C 1237 101.21 -5.29 34.67
C GLU C 1237 101.84 -6.59 35.14
N PRO C 1238 102.42 -6.61 36.33
CA PRO C 1238 102.87 -7.88 36.91
C PRO C 1238 101.68 -8.81 37.13
N PHE C 1239 101.94 -10.10 37.00
CA PHE C 1239 100.86 -11.07 37.08
C PHE C 1239 100.28 -11.14 38.49
N ALA C 1240 101.03 -10.68 39.49
CA ALA C 1240 100.57 -10.73 40.87
C ALA C 1240 100.51 -9.33 41.47
N VAL C 1241 99.94 -8.39 40.72
CA VAL C 1241 99.97 -6.99 41.15
C VAL C 1241 99.10 -6.77 42.38
N ASN C 1242 97.96 -7.45 42.45
CA ASN C 1242 96.95 -7.20 43.47
C ASN C 1242 96.55 -8.52 44.12
N THR C 1243 97.53 -9.31 44.52
CA THR C 1243 97.29 -10.57 45.22
C THR C 1243 97.88 -10.48 46.61
N ASN C 1244 97.06 -10.68 47.63
CA ASN C 1244 97.55 -10.66 49.00
C ASN C 1244 98.28 -11.95 49.36
N ARG C 1245 97.83 -13.08 48.85
CA ARG C 1245 98.43 -14.38 49.15
C ARG C 1245 99.06 -14.97 47.90
N ASP C 1246 100.05 -15.83 48.12
CA ASP C 1246 100.86 -16.34 47.02
C ASP C 1246 100.04 -17.19 46.06
N ILE C 1247 100.43 -17.15 44.79
CA ILE C 1247 99.73 -17.94 43.77
C ILE C 1247 100.09 -19.41 43.93
N THR C 1248 99.10 -20.27 43.76
CA THR C 1248 99.28 -21.71 43.88
C THR C 1248 100.02 -22.24 42.67
N MET C 1249 101.02 -23.08 42.91
CA MET C 1249 101.79 -23.70 41.85
C MET C 1249 101.26 -25.10 41.60
N TRP C 1250 101.04 -25.44 40.33
CA TRP C 1250 100.63 -26.78 39.93
C TRP C 1250 101.68 -27.36 39.00
N LEU C 1251 102.09 -28.59 39.26
CA LEU C 1251 103.13 -29.26 38.51
C LEU C 1251 102.64 -30.61 38.01
N SER C 1252 103.35 -31.14 37.02
CA SER C 1252 103.01 -32.44 36.46
C SER C 1252 103.26 -33.54 37.49
N LYS C 1253 102.24 -34.36 37.73
CA LYS C 1253 102.36 -35.41 38.72
C LYS C 1253 103.34 -36.48 38.26
N ARG C 1254 104.23 -36.88 39.16
CA ARG C 1254 105.24 -37.88 38.86
C ARG C 1254 104.71 -39.30 38.93
N LEU C 1255 103.84 -39.58 39.87
CA LEU C 1255 103.36 -40.94 40.10
C LEU C 1255 102.07 -41.17 39.32
N PRO C 1256 102.05 -42.14 38.42
CA PRO C 1256 100.82 -42.40 37.66
C PRO C 1256 99.70 -42.91 38.54
N GLN C 1257 98.48 -42.58 38.16
CA GLN C 1257 97.29 -42.99 38.89
C GLN C 1257 96.30 -43.64 37.93
N PHE C 1258 95.34 -44.36 38.50
CA PHE C 1258 94.31 -45.04 37.73
C PHE C 1258 93.13 -44.09 37.55
N LEU C 1259 92.81 -43.77 36.30
CA LEU C 1259 91.67 -42.94 35.96
C LEU C 1259 90.86 -43.61 34.87
N GLN C 1260 89.57 -43.28 34.84
CA GLN C 1260 88.65 -43.93 33.91
C GLN C 1260 89.06 -43.68 32.47
N VAL C 1261 88.89 -44.70 31.64
CA VAL C 1261 89.27 -44.61 30.23
C VAL C 1261 88.38 -43.58 29.55
N PRO C 1262 88.96 -42.55 28.96
CA PRO C 1262 88.14 -41.52 28.30
C PRO C 1262 87.42 -42.08 27.08
N SER C 1263 86.24 -41.53 26.80
CA SER C 1263 85.51 -41.92 25.60
C SER C 1263 86.21 -41.46 24.34
N ASN C 1264 86.99 -40.39 24.42
CA ASN C 1264 87.71 -39.84 23.28
C ASN C 1264 89.15 -40.35 23.20
N HIS C 1265 89.48 -41.40 23.95
CA HIS C 1265 90.84 -41.91 23.91
C HIS C 1265 91.19 -42.40 22.52
N GLU C 1266 92.44 -42.19 22.12
CA GLU C 1266 92.91 -42.52 20.78
C GLU C 1266 93.36 -43.97 20.66
N HIS C 1267 93.47 -44.71 21.75
CA HIS C 1267 94.02 -46.06 21.68
C HIS C 1267 93.12 -47.10 22.32
N ILE C 1268 92.40 -46.73 23.37
CA ILE C 1268 91.60 -47.68 24.14
C ILE C 1268 90.13 -47.44 23.85
N GLU C 1269 89.40 -48.54 23.63
CA GLU C 1269 87.95 -48.51 23.54
C GLU C 1269 87.39 -49.57 24.48
N VAL C 1270 86.39 -49.19 25.27
CA VAL C 1270 85.76 -50.08 26.23
C VAL C 1270 84.28 -50.22 25.87
N THR C 1271 83.84 -51.45 25.67
CA THR C 1271 82.45 -51.74 25.35
C THR C 1271 81.84 -52.54 26.48
N ARG C 1272 80.69 -52.09 26.97
CA ARG C 1272 80.02 -52.72 28.11
C ARG C 1272 78.93 -53.63 27.56
N ILE C 1273 79.30 -54.89 27.32
CA ILE C 1273 78.33 -55.86 26.81
C ILE C 1273 77.41 -56.29 27.94
N ASP C 1274 76.11 -56.17 27.72
CA ASP C 1274 75.12 -56.56 28.71
C ASP C 1274 74.98 -58.07 28.76
N GLY C 1275 74.72 -58.58 29.95
CA GLY C 1275 74.58 -60.01 30.14
C GLY C 1275 73.18 -60.49 29.80
N THR C 1276 73.11 -61.52 28.97
CA THR C 1276 71.84 -62.11 28.56
C THR C 1276 71.46 -63.20 29.55
N ILE C 1277 70.44 -63.99 29.20
CA ILE C 1277 70.02 -65.09 30.06
C ILE C 1277 71.10 -66.16 30.12
N ASP C 1278 71.81 -66.38 29.01
CA ASP C 1278 72.82 -67.42 28.92
C ASP C 1278 74.24 -66.87 28.97
N SER C 1279 74.42 -65.55 28.98
CA SER C 1279 75.74 -64.94 28.97
C SER C 1279 75.86 -63.96 30.12
N SER C 1280 77.00 -63.97 30.80
CA SER C 1280 77.25 -63.04 31.88
C SER C 1280 77.60 -61.66 31.33
N PRO C 1281 77.42 -60.60 32.12
CA PRO C 1281 77.85 -59.28 31.68
C PRO C 1281 79.36 -59.26 31.42
N CYS C 1282 79.75 -58.50 30.40
CA CYS C 1282 81.14 -58.48 29.97
C CYS C 1282 81.59 -57.05 29.73
N LEU C 1283 82.89 -56.82 29.96
CA LEU C 1283 83.55 -55.57 29.63
C LEU C 1283 84.72 -55.87 28.72
N LYS C 1284 84.66 -55.34 27.49
CA LYS C 1284 85.63 -55.68 26.46
C LYS C 1284 86.56 -54.50 26.21
N VAL C 1285 87.86 -54.77 26.20
CA VAL C 1285 88.87 -53.75 25.94
C VAL C 1285 89.50 -54.06 24.59
N THR C 1286 89.47 -53.08 23.69
CA THR C 1286 90.00 -53.24 22.34
C THR C 1286 90.71 -51.96 21.94
N GLN C 1287 91.65 -52.09 20.99
CA GLN C 1287 92.38 -50.94 20.46
C GLN C 1287 91.74 -50.53 19.13
N LYS C 1288 91.28 -49.29 19.07
CA LYS C 1288 90.68 -48.77 17.85
C LYS C 1288 91.75 -48.42 16.82
N SER C 1289 92.96 -48.11 17.27
CA SER C 1289 94.02 -47.63 16.40
C SER C 1289 95.05 -48.70 16.08
N PHE C 1290 94.77 -49.96 16.38
CA PHE C 1290 95.74 -51.01 16.14
C PHE C 1290 96.01 -51.18 14.65
N GLY C 1291 97.25 -51.49 14.32
CA GLY C 1291 97.66 -51.66 12.93
C GLY C 1291 98.04 -50.38 12.23
N SER C 1292 97.27 -49.32 12.44
CA SER C 1292 97.55 -48.05 11.79
C SER C 1292 98.78 -47.39 12.41
N GLN C 1293 99.27 -46.36 11.72
CA GLN C 1293 100.41 -45.61 12.22
C GLN C 1293 100.02 -44.85 13.49
N ASN C 1294 101.04 -44.49 14.28
CA ASN C 1294 100.91 -43.73 15.53
C ASN C 1294 100.40 -44.63 16.65
N SER C 1295 100.04 -45.87 16.30
CA SER C 1295 99.62 -46.83 17.31
C SER C 1295 100.77 -47.14 18.26
N ASN C 1296 100.46 -47.23 19.54
CA ASN C 1296 101.46 -47.44 20.59
C ASN C 1296 101.43 -48.90 21.02
N THR C 1297 102.56 -49.57 20.86
CA THR C 1297 102.71 -50.98 21.28
C THR C 1297 103.48 -51.01 22.59
N ASP C 1298 102.80 -50.66 23.68
CA ASP C 1298 103.36 -50.75 25.01
C ASP C 1298 102.37 -51.43 25.94
N ILE C 1299 102.89 -52.07 26.98
CA ILE C 1299 102.03 -52.73 27.94
C ILE C 1299 101.19 -51.68 28.65
N MET C 1300 99.89 -51.92 28.74
CA MET C 1300 98.97 -50.98 29.33
C MET C 1300 98.22 -51.65 30.48
N PHE C 1301 98.14 -50.96 31.61
CA PHE C 1301 97.65 -51.54 32.86
C PHE C 1301 96.19 -51.16 33.07
N TYR C 1302 95.34 -52.17 33.22
CA TYR C 1302 93.91 -51.98 33.40
C TYR C 1302 93.47 -52.54 34.74
N ARG C 1303 92.52 -51.86 35.38
CA ARG C 1303 91.94 -52.31 36.62
C ARG C 1303 90.46 -51.94 36.66
N LEU C 1304 89.74 -52.60 37.56
CA LEU C 1304 88.33 -52.32 37.78
C LEU C 1304 88.18 -51.31 38.91
N SER C 1305 87.08 -50.55 38.88
CA SER C 1305 86.91 -49.44 39.80
C SER C 1305 86.75 -49.91 41.23
N MET C 1306 86.00 -50.98 41.46
CA MET C 1306 85.74 -51.21 42.87
C MET C 1306 86.52 -52.42 43.39
N PRO C 1307 86.98 -52.36 44.64
CA PRO C 1307 87.79 -53.44 45.18
C PRO C 1307 87.01 -54.47 45.99
N ILE C 1308 87.57 -55.67 46.14
CA ILE C 1308 87.03 -56.68 47.04
C ILE C 1308 87.82 -56.58 48.34
N GLU C 1309 87.12 -56.45 49.46
CA GLU C 1309 87.74 -56.28 50.77
C GLU C 1309 87.72 -57.59 51.53
N CYS C 1310 88.88 -58.02 52.00
CA CYS C 1310 88.95 -59.25 52.78
C CYS C 1310 88.44 -59.00 54.20
N ALA C 1311 88.17 -60.10 54.90
CA ALA C 1311 87.62 -60.01 56.25
C ALA C 1311 88.67 -59.46 57.21
N GLU C 1312 88.19 -58.83 58.28
CA GLU C 1312 89.07 -58.25 59.29
C GLU C 1312 89.79 -59.30 60.11
N VAL C 1313 89.11 -60.38 60.48
CA VAL C 1313 89.71 -61.47 61.26
C VAL C 1313 89.56 -62.76 60.47
N PHE C 1314 90.68 -63.37 60.12
CA PHE C 1314 90.64 -64.60 59.35
C PHE C 1314 90.21 -65.77 60.21
N SER C 1315 89.29 -66.58 59.69
CA SER C 1315 88.78 -67.71 60.42
C SER C 1315 89.87 -68.77 60.60
N LYS C 1316 89.82 -69.45 61.75
CA LYS C 1316 90.76 -70.51 62.05
C LYS C 1316 90.18 -71.88 61.73
N ARG C 1414 73.86 -78.41 39.71
CA ARG C 1414 73.09 -77.57 40.61
C ARG C 1414 73.94 -77.08 41.77
N ASP C 1415 73.96 -75.78 41.99
CA ASP C 1415 74.76 -75.21 43.06
C ASP C 1415 73.92 -75.11 44.33
N ASP C 1416 74.57 -75.35 45.47
CA ASP C 1416 73.86 -75.31 46.74
C ASP C 1416 73.52 -73.87 47.12
N TYR C 1417 72.23 -73.59 47.27
CA TYR C 1417 71.80 -72.25 47.62
C TYR C 1417 72.26 -71.85 49.02
N ASP C 1418 72.27 -72.78 49.97
CA ASP C 1418 72.75 -72.46 51.31
C ASP C 1418 74.26 -72.21 51.31
N PHE C 1419 75.01 -72.99 50.53
CA PHE C 1419 76.44 -72.74 50.40
C PHE C 1419 76.69 -71.38 49.78
N LEU C 1420 75.91 -71.03 48.76
CA LEU C 1420 76.04 -69.70 48.18
C LEU C 1420 75.70 -68.60 49.15
N MET C 1421 74.81 -68.81 50.10
CA MET C 1421 74.49 -67.79 51.10
C MET C 1421 75.50 -67.71 52.22
N GLN C 1422 76.15 -68.82 52.58
CA GLN C 1422 77.14 -68.82 53.65
C GLN C 1422 78.57 -68.60 53.15
N THR C 1423 78.77 -68.57 51.84
CA THR C 1423 80.12 -68.49 51.28
C THR C 1423 80.59 -67.05 51.18
N SER C 1424 81.92 -66.90 51.12
CA SER C 1424 82.55 -65.60 50.92
C SER C 1424 83.53 -65.61 49.75
N THR C 1425 83.40 -66.55 48.83
CA THR C 1425 84.31 -66.67 47.70
C THR C 1425 83.69 -66.01 46.47
N TYR C 1426 84.45 -65.15 45.80
CA TYR C 1426 83.98 -64.40 44.67
C TYR C 1426 84.83 -64.71 43.44
N TYR C 1427 84.24 -64.55 42.26
CA TYR C 1427 84.84 -65.01 41.02
C TYR C 1427 84.67 -63.98 39.92
N TYR C 1428 85.72 -63.80 39.13
CA TYR C 1428 85.61 -63.15 37.84
C TYR C 1428 86.58 -63.84 36.90
N SER C 1429 86.31 -63.72 35.60
CA SER C 1429 87.13 -64.38 34.59
C SER C 1429 87.45 -63.42 33.47
N VAL C 1430 88.56 -63.69 32.79
CA VAL C 1430 89.05 -62.85 31.70
C VAL C 1430 89.22 -63.72 30.47
N ARG C 1431 88.66 -63.28 29.35
CA ARG C 1431 88.75 -63.99 28.08
C ARG C 1431 89.77 -63.28 27.21
N ILE C 1432 90.85 -63.98 26.86
CA ILE C 1432 91.82 -63.45 25.91
C ILE C 1432 91.43 -63.92 24.53
N PHE C 1433 91.02 -62.99 23.68
CA PHE C 1433 90.49 -63.31 22.37
C PHE C 1433 91.55 -63.99 21.51
N PRO C 1434 91.17 -65.00 20.74
CA PRO C 1434 92.15 -65.69 19.89
C PRO C 1434 92.82 -64.71 18.94
N GLY C 1435 94.15 -64.84 18.83
CA GLY C 1435 94.95 -63.90 18.08
C GLY C 1435 95.73 -62.93 18.94
N GLN C 1436 95.39 -62.82 20.23
CA GLN C 1436 96.14 -61.99 21.16
C GLN C 1436 97.13 -62.88 21.91
N GLU C 1437 98.38 -62.46 21.94
CA GLU C 1437 99.42 -63.28 22.54
C GLU C 1437 99.19 -63.42 24.04
N PRO C 1438 99.05 -64.64 24.56
CA PRO C 1438 98.84 -64.80 26.01
C PRO C 1438 100.06 -64.43 26.84
N ALA C 1439 101.26 -64.51 26.28
CA ALA C 1439 102.45 -64.15 27.04
C ALA C 1439 102.48 -62.66 27.35
N ASN C 1440 101.73 -61.85 26.59
CA ASN C 1440 101.68 -60.42 26.80
C ASN C 1440 100.54 -60.01 27.72
N VAL C 1441 99.78 -60.97 28.25
CA VAL C 1441 98.61 -60.69 29.07
C VAL C 1441 98.82 -61.28 30.45
N TRP C 1442 98.61 -60.47 31.49
CA TRP C 1442 98.67 -60.91 32.86
C TRP C 1442 97.31 -60.68 33.52
N VAL C 1443 96.88 -61.62 34.35
CA VAL C 1443 95.59 -61.55 35.02
C VAL C 1443 95.78 -61.79 36.50
N GLY C 1444 95.03 -61.06 37.31
CA GLY C 1444 95.07 -61.25 38.75
C GLY C 1444 94.50 -60.05 39.47
N TRP C 1445 94.95 -59.87 40.71
CA TRP C 1445 94.49 -58.79 41.58
C TRP C 1445 95.65 -57.86 41.92
N ILE C 1446 95.33 -56.59 42.13
CA ILE C 1446 96.30 -55.61 42.61
C ILE C 1446 95.67 -54.80 43.73
N THR C 1447 96.51 -54.17 44.53
CA THR C 1447 96.03 -53.31 45.61
C THR C 1447 96.12 -51.84 45.18
N SER C 1448 95.83 -50.95 46.12
CA SER C 1448 95.81 -49.53 45.79
C SER C 1448 97.21 -48.96 45.64
N ASP C 1449 98.22 -49.62 46.21
CA ASP C 1449 99.58 -49.08 46.18
C ASP C 1449 100.24 -49.19 44.81
N PHE C 1450 99.63 -49.89 43.87
CA PHE C 1450 100.26 -50.14 42.58
C PHE C 1450 100.34 -48.84 41.78
N HIS C 1451 101.53 -48.28 41.67
CA HIS C 1451 101.79 -47.09 40.88
C HIS C 1451 103.02 -47.30 40.01
N GLN C 1452 103.26 -48.53 39.60
CA GLN C 1452 104.48 -48.90 38.87
C GLN C 1452 104.16 -48.95 37.38
N TYR C 1453 104.72 -48.01 36.64
CA TYR C 1453 104.57 -47.95 35.18
C TYR C 1453 105.92 -48.28 34.57
N ASP C 1454 106.06 -49.51 34.08
CA ASP C 1454 107.27 -49.96 33.41
C ASP C 1454 106.90 -50.45 32.03
N THR C 1455 107.64 -50.01 31.02
CA THR C 1455 107.40 -50.49 29.66
C THR C 1455 107.63 -51.99 29.56
N GLY C 1456 108.52 -52.53 30.38
CA GLY C 1456 108.70 -53.97 30.45
C GLY C 1456 108.32 -54.50 31.82
N PHE C 1457 107.22 -55.24 31.88
CA PHE C 1457 106.69 -55.76 33.13
C PHE C 1457 106.91 -57.26 33.22
N ASP C 1458 107.46 -57.70 34.35
CA ASP C 1458 107.66 -59.11 34.63
C ASP C 1458 107.21 -59.38 36.05
N LEU C 1459 106.72 -60.60 36.29
CA LEU C 1459 106.23 -60.95 37.61
C LEU C 1459 107.34 -60.95 38.66
N ASP C 1460 108.60 -61.08 38.24
CA ASP C 1460 109.69 -61.09 39.20
C ASP C 1460 110.00 -59.69 39.71
N ARG C 1461 109.57 -58.66 39.01
CA ARG C 1461 109.91 -57.30 39.33
C ARG C 1461 108.89 -56.62 40.23
N VAL C 1462 107.87 -57.35 40.69
CA VAL C 1462 106.87 -56.74 41.56
C VAL C 1462 107.49 -56.44 42.92
N ARG C 1463 106.93 -55.43 43.60
CA ARG C 1463 107.45 -55.04 44.90
C ARG C 1463 106.89 -55.97 45.98
N THR C 1464 107.78 -56.60 46.72
CA THR C 1464 107.39 -57.53 47.76
C THR C 1464 108.19 -57.24 49.03
N VAL C 1465 107.66 -57.70 50.16
CA VAL C 1465 108.34 -57.62 51.44
C VAL C 1465 107.82 -58.75 52.32
N THR C 1466 108.70 -59.27 53.17
CA THR C 1466 108.35 -60.37 54.07
C THR C 1466 108.65 -59.94 55.51
N VAL C 1467 107.60 -59.60 56.24
CA VAL C 1467 107.74 -59.26 57.66
C VAL C 1467 107.72 -60.54 58.47
N THR C 1468 108.78 -60.79 59.22
CA THR C 1468 108.93 -62.01 60.01
C THR C 1468 108.99 -61.62 61.49
N LEU C 1469 107.87 -61.74 62.17
CA LEU C 1469 107.84 -61.51 63.61
C LEU C 1469 108.18 -62.80 64.34
N GLY C 1470 109.13 -62.71 65.27
CA GLY C 1470 109.60 -63.88 65.97
C GLY C 1470 109.47 -63.70 67.47
N ASP C 1471 109.67 -64.82 68.18
CA ASP C 1471 109.58 -64.83 69.64
C ASP C 1471 110.81 -64.17 70.27
N GLU C 1472 110.86 -64.17 71.60
CA GLU C 1472 112.00 -63.57 72.29
C GLU C 1472 113.29 -64.31 71.97
N LYS C 1473 113.23 -65.64 71.89
CA LYS C 1473 114.41 -66.42 71.55
C LYS C 1473 114.91 -66.10 70.15
N GLY C 1474 114.00 -65.72 69.25
CA GLY C 1474 114.34 -65.41 67.88
C GLY C 1474 113.73 -66.35 66.86
N LYS C 1475 113.04 -67.39 67.29
CA LYS C 1475 112.39 -68.31 66.35
C LYS C 1475 111.23 -67.60 65.67
N VAL C 1476 111.19 -67.65 64.35
CA VAL C 1476 110.17 -66.96 63.57
C VAL C 1476 108.89 -67.79 63.63
N HIS C 1477 107.96 -67.38 64.50
CA HIS C 1477 106.70 -68.12 64.61
C HIS C 1477 105.76 -67.80 63.46
N GLU C 1478 105.97 -66.68 62.79
CA GLU C 1478 105.14 -66.33 61.65
C GLU C 1478 105.89 -65.42 60.69
N SER C 1479 105.70 -65.66 59.40
CA SER C 1479 106.29 -64.84 58.34
C SER C 1479 105.16 -64.42 57.41
N ILE C 1480 105.18 -63.15 57.01
CA ILE C 1480 104.07 -62.55 56.28
C ILE C 1480 104.61 -61.94 54.99
N LYS C 1481 104.16 -62.47 53.85
CA LYS C 1481 104.52 -61.89 52.57
C LYS C 1481 103.51 -60.82 52.20
N ARG C 1482 103.99 -59.63 51.88
CA ARG C 1482 103.13 -58.51 51.54
C ARG C 1482 103.58 -57.93 50.20
N SER C 1483 102.64 -57.76 49.28
CA SER C 1483 102.93 -57.25 47.94
C SER C 1483 101.73 -56.49 47.43
N ASN C 1484 101.96 -55.69 46.39
CA ASN C 1484 100.87 -54.90 45.79
C ASN C 1484 100.28 -55.56 44.57
N CYS C 1485 100.96 -56.55 43.98
CA CYS C 1485 100.49 -57.22 42.78
C CYS C 1485 100.43 -58.72 43.02
N TYR C 1486 99.27 -59.32 42.74
CA TYR C 1486 99.07 -60.76 42.81
C TYR C 1486 98.45 -61.18 41.48
N MET C 1487 99.29 -61.49 40.50
CA MET C 1487 98.84 -61.70 39.14
C MET C 1487 99.60 -62.87 38.53
N VAL C 1488 99.02 -63.45 37.48
CA VAL C 1488 99.61 -64.58 36.79
C VAL C 1488 99.63 -64.29 35.29
N CYS C 1489 100.50 -65.02 34.59
CA CYS C 1489 100.66 -64.84 33.15
C CYS C 1489 99.88 -65.91 32.40
N ALA C 1490 99.23 -65.51 31.32
CA ALA C 1490 98.47 -66.46 30.52
C ALA C 1490 99.38 -67.34 29.67
N GLY C 1491 100.56 -66.83 29.30
CA GLY C 1491 101.48 -67.64 28.52
C GLY C 1491 101.90 -68.91 29.25
N GLU C 1492 102.23 -68.77 30.53
CA GLU C 1492 102.55 -69.94 31.33
C GLU C 1492 101.30 -70.73 31.70
N SER C 1493 100.15 -70.05 31.81
CA SER C 1493 98.91 -70.75 32.11
C SER C 1493 98.51 -71.66 30.95
N MET C 1494 99.01 -71.37 29.76
CA MET C 1494 98.73 -72.21 28.58
C MET C 1494 99.49 -73.53 28.72
N SER C 1495 98.98 -74.38 29.62
CA SER C 1495 99.62 -75.67 29.85
C SER C 1495 99.26 -76.69 28.77
N PRO C 1496 97.98 -76.99 28.50
CA PRO C 1496 97.70 -78.07 27.53
C PRO C 1496 98.22 -77.78 26.14
N GLY C 1497 98.20 -76.53 25.71
CA GLY C 1497 98.64 -76.20 24.36
C GLY C 1497 97.57 -76.47 23.32
N GLN C 1498 97.48 -75.54 22.36
CA GLN C 1498 96.52 -75.55 21.26
C GLN C 1498 95.06 -75.47 21.74
N GLY C 1499 94.82 -75.27 23.02
CA GLY C 1499 93.48 -75.13 23.56
C GLY C 1499 92.94 -73.72 23.56
N ARG C 1500 93.71 -72.76 23.05
CA ARG C 1500 93.27 -71.37 23.02
C ARG C 1500 92.95 -70.86 21.62
N ASN C 1501 93.61 -71.40 20.60
CA ASN C 1501 93.33 -70.97 19.23
C ASN C 1501 91.89 -71.26 18.82
N ASN C 1502 91.35 -72.40 19.25
CA ASN C 1502 89.95 -72.71 18.96
C ASN C 1502 89.01 -71.78 19.71
N ASN C 1503 89.25 -71.59 21.00
CA ASN C 1503 88.43 -70.71 21.82
C ASN C 1503 89.33 -69.95 22.78
N GLY C 1504 89.06 -68.66 22.95
CA GLY C 1504 89.94 -67.82 23.74
C GLY C 1504 90.11 -68.36 25.15
N LEU C 1505 91.35 -68.28 25.65
CA LEU C 1505 91.66 -68.84 26.96
C LEU C 1505 90.96 -68.03 28.04
N GLU C 1506 90.55 -68.71 29.12
CA GLU C 1506 89.81 -68.08 30.20
C GLU C 1506 90.51 -68.38 31.53
N ILE C 1507 91.16 -67.38 32.10
CA ILE C 1507 91.66 -67.48 33.47
C ILE C 1507 90.51 -67.15 34.42
N GLY C 1508 90.32 -68.00 35.42
CA GLY C 1508 89.33 -67.74 36.44
C GLY C 1508 89.97 -67.38 37.75
N CYS C 1509 89.62 -66.21 38.29
CA CYS C 1509 90.17 -65.72 39.54
C CYS C 1509 89.13 -65.86 40.64
N VAL C 1510 89.47 -66.61 41.68
CA VAL C 1510 88.60 -66.79 42.83
C VAL C 1510 89.31 -66.27 44.07
N VAL C 1511 88.63 -65.43 44.83
CA VAL C 1511 89.17 -64.84 46.06
C VAL C 1511 88.32 -65.29 47.23
N ASP C 1512 88.97 -65.79 48.27
CA ASP C 1512 88.29 -66.20 49.49
C ASP C 1512 88.45 -65.08 50.51
N ALA C 1513 87.45 -64.22 50.60
CA ALA C 1513 87.50 -63.07 51.50
C ALA C 1513 87.56 -63.48 52.97
N ALA C 1514 87.15 -64.70 53.31
CA ALA C 1514 87.19 -65.15 54.69
C ALA C 1514 88.56 -65.67 55.10
N SER C 1515 89.35 -66.18 54.14
CA SER C 1515 90.67 -66.71 54.42
C SER C 1515 91.80 -65.97 53.73
N GLY C 1516 91.50 -65.10 52.76
CA GLY C 1516 92.54 -64.38 52.07
C GLY C 1516 93.35 -65.24 51.12
N LEU C 1517 92.78 -66.32 50.61
CA LEU C 1517 93.48 -67.22 49.71
C LEU C 1517 93.11 -66.88 48.28
N LEU C 1518 94.12 -66.55 47.47
CA LEU C 1518 93.92 -66.19 46.07
C LEU C 1518 94.42 -67.34 45.20
N THR C 1519 93.50 -68.05 44.56
CA THR C 1519 93.85 -69.13 43.64
C THR C 1519 93.27 -68.84 42.27
N PHE C 1520 93.92 -69.39 41.25
CA PHE C 1520 93.56 -69.14 39.86
C PHE C 1520 93.26 -70.45 39.17
N ILE C 1521 92.22 -70.46 38.34
CA ILE C 1521 91.87 -71.61 37.53
C ILE C 1521 91.88 -71.17 36.07
N ALA C 1522 92.45 -72.02 35.21
CA ALA C 1522 92.56 -71.74 33.79
C ALA C 1522 92.07 -72.94 33.01
N ASN C 1523 91.13 -72.72 32.10
CA ASN C 1523 90.54 -73.77 31.27
C ASN C 1523 89.97 -74.90 32.11
N GLY C 1524 89.36 -74.56 33.25
CA GLY C 1524 88.70 -75.55 34.07
C GLY C 1524 89.60 -76.35 34.97
N LYS C 1525 90.88 -75.99 35.08
CA LYS C 1525 91.80 -76.70 35.95
C LYS C 1525 92.59 -75.69 36.77
N GLU C 1526 92.79 -76.01 38.05
CA GLU C 1526 93.44 -75.08 38.96
C GLU C 1526 94.92 -74.96 38.66
N LEU C 1527 95.42 -73.73 38.63
CA LEU C 1527 96.84 -73.50 38.45
C LEU C 1527 97.57 -73.68 39.78
N SER C 1528 98.88 -73.94 39.68
CA SER C 1528 99.68 -74.18 40.87
C SER C 1528 99.90 -72.92 41.68
N THR C 1529 100.02 -71.76 41.03
CA THR C 1529 100.31 -70.53 41.74
C THR C 1529 99.13 -70.12 42.60
N TYR C 1530 99.42 -69.75 43.85
CA TYR C 1530 98.40 -69.28 44.78
C TYR C 1530 99.01 -68.20 45.67
N TYR C 1531 98.18 -67.24 46.06
CA TYR C 1531 98.62 -66.13 46.88
C TYR C 1531 97.78 -66.08 48.15
N GLN C 1532 98.44 -65.86 49.29
CA GLN C 1532 97.76 -65.68 50.56
C GLN C 1532 97.98 -64.25 51.03
N VAL C 1533 96.89 -63.51 51.21
CA VAL C 1533 96.98 -62.10 51.60
C VAL C 1533 96.61 -61.95 53.07
N GLU C 1534 96.99 -60.83 53.66
CA GLU C 1534 96.71 -60.52 55.05
C GLU C 1534 95.34 -59.89 55.20
N PRO C 1535 94.76 -59.93 56.39
CA PRO C 1535 93.38 -59.45 56.57
C PRO C 1535 93.24 -57.97 56.23
N SER C 1536 92.02 -57.59 55.83
CA SER C 1536 91.61 -56.23 55.50
C SER C 1536 92.22 -55.74 54.20
N THR C 1537 92.86 -56.61 53.42
CA THR C 1537 93.43 -56.21 52.15
C THR C 1537 92.32 -55.91 51.14
N LYS C 1538 92.46 -54.78 50.44
CA LYS C 1538 91.50 -54.38 49.42
C LYS C 1538 92.12 -54.70 48.05
N LEU C 1539 91.51 -55.63 47.33
CA LEU C 1539 92.04 -56.13 46.08
C LEU C 1539 91.21 -55.64 44.91
N PHE C 1540 91.87 -55.05 43.93
CA PHE C 1540 91.24 -54.59 42.71
C PHE C 1540 91.46 -55.60 41.60
N PRO C 1541 90.43 -56.04 40.89
CA PRO C 1541 90.67 -56.84 39.68
C PRO C 1541 91.49 -56.05 38.69
N ALA C 1542 92.46 -56.72 38.07
CA ALA C 1542 93.38 -56.02 37.18
C ALA C 1542 93.87 -56.95 36.09
N VAL C 1543 94.07 -56.39 34.90
CA VAL C 1543 94.64 -57.11 33.78
C VAL C 1543 95.68 -56.22 33.11
N PHE C 1544 96.91 -56.71 33.00
CA PHE C 1544 97.97 -56.02 32.27
C PHE C 1544 98.18 -56.72 30.95
N ALA C 1545 98.15 -55.96 29.85
CA ALA C 1545 98.21 -56.56 28.53
C ALA C 1545 98.93 -55.65 27.55
N GLN C 1546 99.74 -56.26 26.70
CA GLN C 1546 100.29 -55.60 25.52
C GLN C 1546 99.56 -56.15 24.30
N ALA C 1547 98.97 -55.25 23.53
CA ALA C 1547 98.06 -55.67 22.47
C ALA C 1547 98.81 -56.16 21.25
N THR C 1548 98.48 -57.38 20.82
CA THR C 1548 98.93 -57.92 19.54
C THR C 1548 97.77 -58.11 18.57
N SER C 1549 96.64 -57.48 18.85
CA SER C 1549 95.42 -57.69 18.06
C SER C 1549 94.53 -56.48 18.25
N PRO C 1550 93.60 -56.24 17.33
CA PRO C 1550 92.61 -55.18 17.57
C PRO C 1550 91.80 -55.41 18.83
N ASN C 1551 91.47 -56.66 19.13
CA ASN C 1551 90.78 -57.02 20.36
C ASN C 1551 91.78 -57.63 21.32
N VAL C 1552 91.78 -57.16 22.57
CA VAL C 1552 92.81 -57.55 23.52
C VAL C 1552 92.28 -58.61 24.47
N PHE C 1553 91.26 -58.26 25.26
CA PHE C 1553 90.71 -59.17 26.24
C PHE C 1553 89.29 -58.73 26.60
N GLN C 1554 88.70 -59.43 27.56
CA GLN C 1554 87.31 -59.17 27.94
C GLN C 1554 87.14 -59.53 29.41
N PHE C 1555 86.70 -58.55 30.21
CA PHE C 1555 86.30 -58.83 31.58
C PHE C 1555 84.97 -59.56 31.59
N GLU C 1556 84.94 -60.75 32.16
CA GLU C 1556 83.71 -61.51 32.31
C GLU C 1556 83.35 -61.59 33.79
N LEU C 1557 82.13 -61.20 34.13
CA LEU C 1557 81.69 -61.07 35.51
C LEU C 1557 80.69 -62.15 35.89
N GLY C 1558 80.90 -63.36 35.40
CA GLY C 1558 80.05 -64.48 35.71
C GLY C 1558 80.47 -65.17 37.00
N ARG C 1559 79.89 -66.35 37.21
CA ARG C 1559 80.22 -67.16 38.39
C ARG C 1559 80.33 -68.62 37.98
N ILE C 1560 81.03 -69.38 38.81
CA ILE C 1560 81.12 -70.82 38.64
C ILE C 1560 80.44 -71.48 39.84
N LYS C 1561 80.43 -72.81 39.83
CA LYS C 1561 79.74 -73.56 40.88
C LYS C 1561 80.36 -73.27 42.24
N ASN C 1562 79.51 -73.12 43.26
CA ASN C 1562 79.87 -72.93 44.65
C ASN C 1562 80.61 -71.61 44.91
N VAL C 1563 80.52 -70.65 43.99
CA VAL C 1563 81.19 -69.37 44.17
C VAL C 1563 80.21 -68.25 43.84
N MET C 1564 80.35 -67.15 44.57
CA MET C 1564 79.55 -65.94 44.49
C MET C 1564 80.00 -65.11 43.30
N PRO C 1565 79.11 -64.39 42.63
CA PRO C 1565 79.55 -63.45 41.59
C PRO C 1565 80.28 -62.25 42.21
N LEU C 1566 81.10 -61.61 41.38
CA LEU C 1566 81.92 -60.50 41.84
C LEU C 1566 81.11 -59.31 42.34
N SER C 1567 79.97 -59.02 41.72
CA SER C 1567 79.12 -57.94 42.18
C SER C 1567 78.59 -58.17 43.59
N ALA C 1568 78.35 -59.42 43.98
CA ALA C 1568 77.90 -59.73 45.32
C ALA C 1568 78.91 -59.34 46.39
N GLY C 1569 80.19 -59.25 46.04
CA GLY C 1569 81.20 -58.81 46.99
C GLY C 1569 81.51 -57.34 46.83
N LEU C 1570 81.42 -56.84 45.60
CA LEU C 1570 81.69 -55.43 45.37
C LEU C 1570 80.63 -54.55 46.02
N PHE C 1571 79.35 -54.87 45.82
CA PHE C 1571 78.27 -54.06 46.33
C PHE C 1571 77.63 -54.69 47.56
N LYS C 1572 77.23 -53.85 48.50
CA LYS C 1572 76.61 -54.27 49.74
C LYS C 1572 75.15 -54.67 49.56
N SER C 1573 74.42 -54.02 48.67
CA SER C 1573 73.02 -54.35 48.46
C SER C 1573 72.84 -55.70 47.79
N GLU C 1574 73.83 -56.14 47.02
CA GLU C 1574 73.77 -57.40 46.29
C GLU C 1574 74.50 -58.52 47.02
N HIS C 1575 74.62 -58.41 48.34
CA HIS C 1575 75.43 -59.37 49.09
C HIS C 1575 74.86 -60.78 48.99
N LYS C 1576 73.55 -60.91 48.83
CA LYS C 1576 72.93 -62.22 48.76
C LYS C 1576 72.21 -62.42 47.43
N ASN C 1577 72.80 -61.96 46.34
CA ASN C 1577 72.19 -62.06 45.02
C ASN C 1577 73.07 -62.91 44.11
N PRO C 1578 72.73 -64.18 43.90
CA PRO C 1578 73.57 -65.03 43.05
C PRO C 1578 73.63 -64.58 41.60
N VAL C 1579 72.66 -63.80 41.14
CA VAL C 1579 72.67 -63.38 39.73
C VAL C 1579 73.83 -62.41 39.50
N PRO C 1580 74.73 -62.68 38.57
CA PRO C 1580 75.82 -61.73 38.29
C PRO C 1580 75.27 -60.42 37.77
N GLN C 1581 75.96 -59.33 38.11
CA GLN C 1581 75.53 -57.99 37.73
C GLN C 1581 76.73 -57.12 37.43
N CYS C 1582 76.51 -56.12 36.59
CA CYS C 1582 77.53 -55.13 36.26
C CYS C 1582 76.91 -53.75 36.35
N PRO C 1583 76.78 -53.21 37.56
CA PRO C 1583 76.16 -51.89 37.74
C PRO C 1583 76.99 -50.81 37.09
N PRO C 1584 76.38 -49.67 36.77
CA PRO C 1584 77.12 -48.61 36.05
C PRO C 1584 78.31 -48.07 36.81
N ARG C 1585 78.36 -48.22 38.13
CA ARG C 1585 79.49 -47.73 38.90
C ARG C 1585 80.77 -48.43 38.48
N LEU C 1586 80.70 -49.74 38.25
CA LEU C 1586 81.87 -50.50 37.80
C LEU C 1586 82.27 -50.06 36.40
N HIS C 1587 83.55 -49.78 36.22
CA HIS C 1587 84.06 -49.39 34.91
C HIS C 1587 85.56 -49.63 34.86
N VAL C 1588 86.10 -49.78 33.65
CA VAL C 1588 87.51 -50.09 33.49
C VAL C 1588 88.32 -48.82 33.62
N GLN C 1589 89.41 -48.90 34.38
CA GLN C 1589 90.33 -47.80 34.57
C GLN C 1589 91.72 -48.22 34.11
N PHE C 1590 92.53 -47.24 33.71
CA PHE C 1590 93.88 -47.53 33.24
C PHE C 1590 94.85 -46.55 33.87
N LEU C 1591 96.11 -46.99 33.98
CA LEU C 1591 97.17 -46.18 34.54
C LEU C 1591 97.55 -45.09 33.54
N SER C 1592 97.61 -43.85 34.01
CA SER C 1592 97.87 -42.71 33.14
C SER C 1592 98.77 -41.71 33.83
N HIS C 1593 99.43 -40.88 33.02
CA HIS C 1593 100.32 -39.84 33.52
C HIS C 1593 99.77 -38.43 33.33
N VAL C 1594 98.59 -38.29 32.74
CA VAL C 1594 98.05 -36.96 32.50
C VAL C 1594 97.27 -36.50 33.72
N LEU C 1595 97.99 -35.99 34.72
CA LEU C 1595 97.40 -35.50 35.96
C LEU C 1595 98.31 -34.43 36.54
N TRP C 1596 97.72 -33.47 37.23
CA TRP C 1596 98.48 -32.41 37.84
C TRP C 1596 98.56 -32.60 39.35
N SER C 1597 99.55 -31.96 39.96
CA SER C 1597 99.75 -32.01 41.39
C SER C 1597 99.90 -30.59 41.93
N ARG C 1598 99.32 -30.35 43.09
CA ARG C 1598 99.26 -29.02 43.67
C ARG C 1598 100.37 -28.84 44.70
N MET C 1599 101.29 -27.93 44.42
CA MET C 1599 102.33 -27.61 45.39
C MET C 1599 101.70 -26.99 46.63
N PRO C 1600 102.03 -27.47 47.83
CA PRO C 1600 101.49 -26.86 49.03
C PRO C 1600 101.91 -25.41 49.15
N ASN C 1601 101.00 -24.58 49.67
CA ASN C 1601 101.30 -23.17 49.86
C ASN C 1601 102.35 -22.98 50.94
N GLN C 1602 102.35 -23.85 51.95
CA GLN C 1602 103.27 -23.76 53.07
C GLN C 1602 103.80 -25.14 53.41
N PHE C 1603 105.09 -25.20 53.75
CA PHE C 1603 105.76 -26.45 54.09
C PHE C 1603 106.18 -26.44 55.55
N LEU C 1604 106.46 -27.62 56.07
CA LEU C 1604 107.00 -27.72 57.42
C LEU C 1604 108.38 -27.08 57.48
N LYS C 1605 108.60 -26.28 58.52
CA LYS C 1605 109.88 -25.62 58.71
C LYS C 1605 110.79 -26.52 59.54
N VAL C 1606 111.83 -27.07 58.90
CA VAL C 1606 112.73 -28.01 59.53
C VAL C 1606 114.13 -27.40 59.52
N ASP C 1607 114.77 -27.40 60.69
CA ASP C 1607 116.13 -26.89 60.84
C ASP C 1607 117.09 -28.04 60.99
N VAL C 1608 118.13 -28.06 60.14
CA VAL C 1608 119.14 -29.11 60.17
C VAL C 1608 120.50 -28.45 60.33
N SER C 1609 121.32 -29.00 61.21
CA SER C 1609 122.66 -28.48 61.46
C SER C 1609 123.47 -29.53 62.21
N ARG C 1610 124.78 -29.52 61.97
CA ARG C 1610 125.68 -30.42 62.69
C ARG C 1610 126.11 -29.76 63.99
N ILE C 1611 125.66 -30.31 65.12
CA ILE C 1611 125.98 -29.73 66.42
C ILE C 1611 127.48 -29.81 66.68
N SER C 1612 128.05 -31.00 66.51
CA SER C 1612 129.48 -31.20 66.72
C SER C 1612 129.85 -32.55 66.13
N GLU C 1613 131.13 -32.89 66.25
CA GLU C 1613 131.60 -34.18 65.75
C GLU C 1613 130.94 -35.32 66.52
N ARG C 1614 130.85 -35.20 67.85
CA ARG C 1614 130.27 -36.26 68.64
C ARG C 1614 128.74 -36.26 68.54
N GLN C 1615 128.13 -35.09 68.50
CA GLN C 1615 126.68 -34.99 68.65
C GLN C 1615 125.92 -35.26 67.36
N GLY C 1616 126.60 -35.38 66.22
CA GLY C 1616 125.91 -35.69 64.99
C GLY C 1616 125.15 -34.51 64.41
N TRP C 1617 124.21 -34.84 63.53
CA TRP C 1617 123.39 -33.85 62.85
C TRP C 1617 122.03 -33.75 63.52
N LEU C 1618 121.62 -32.52 63.82
CA LEU C 1618 120.38 -32.26 64.53
C LEU C 1618 119.28 -31.92 63.53
N VAL C 1619 118.16 -32.63 63.61
CA VAL C 1619 116.97 -32.35 62.82
C VAL C 1619 115.88 -31.91 63.79
N GLN C 1620 115.32 -30.73 63.56
CA GLN C 1620 114.41 -30.10 64.51
C GLN C 1620 113.20 -29.54 63.77
N CYS C 1621 112.02 -29.77 64.34
CA CYS C 1621 110.76 -29.28 63.76
C CYS C 1621 109.77 -29.10 64.91
N LEU C 1622 109.40 -27.86 65.19
CA LEU C 1622 108.57 -27.55 66.35
C LEU C 1622 107.30 -26.78 66.01
N ASP C 1623 107.08 -26.44 64.75
CA ASP C 1623 105.92 -25.64 64.39
C ASP C 1623 104.86 -26.51 63.73
N PRO C 1624 103.65 -26.57 64.28
CA PRO C 1624 102.64 -27.49 63.75
C PRO C 1624 102.06 -27.02 62.43
N LEU C 1625 101.93 -27.96 61.51
CA LEU C 1625 101.26 -27.74 60.24
C LEU C 1625 100.28 -28.88 60.01
N GLN C 1626 99.18 -28.57 59.33
CA GLN C 1626 98.09 -29.52 59.27
C GLN C 1626 97.19 -29.16 58.08
N PHE C 1627 96.71 -30.19 57.39
CA PHE C 1627 95.88 -30.01 56.21
C PHE C 1627 94.69 -30.95 56.26
N MET C 1628 93.64 -30.57 55.54
CA MET C 1628 92.42 -31.37 55.47
C MET C 1628 92.50 -32.34 54.29
N SER C 1629 92.26 -33.61 54.57
CA SER C 1629 92.37 -34.66 53.56
C SER C 1629 90.99 -35.19 53.23
N LEU C 1630 90.68 -35.26 51.95
CA LEU C 1630 89.43 -35.82 51.46
C LEU C 1630 89.70 -37.24 50.97
N HIS C 1631 88.97 -38.21 51.50
CA HIS C 1631 89.20 -39.62 51.24
C HIS C 1631 88.11 -40.15 50.31
N ILE C 1632 88.52 -40.69 49.17
CA ILE C 1632 87.60 -41.36 48.26
C ILE C 1632 87.44 -42.79 48.73
N PRO C 1633 86.23 -43.21 49.12
CA PRO C 1633 86.08 -44.53 49.74
C PRO C 1633 86.34 -45.69 48.81
N GLU C 1634 85.77 -45.66 47.61
CA GLU C 1634 85.86 -46.82 46.72
C GLU C 1634 87.28 -47.09 46.27
N GLU C 1635 88.06 -46.05 45.97
CA GLU C 1635 89.39 -46.22 45.44
C GLU C 1635 90.47 -46.27 46.51
N ASN C 1636 90.09 -46.20 47.79
CA ASN C 1636 91.05 -46.25 48.88
C ASN C 1636 92.14 -45.19 48.73
N ARG C 1637 91.73 -44.02 48.23
CA ARG C 1637 92.65 -42.93 47.96
C ARG C 1637 92.31 -41.75 48.84
N SER C 1638 93.20 -40.76 48.83
CA SER C 1638 93.00 -39.55 49.62
C SER C 1638 93.71 -38.41 48.94
N VAL C 1639 93.04 -37.27 48.84
CA VAL C 1639 93.59 -36.07 48.23
C VAL C 1639 93.35 -34.89 49.17
N ASP C 1640 94.23 -33.91 49.08
CA ASP C 1640 94.05 -32.67 49.82
C ASP C 1640 92.81 -31.95 49.31
N ILE C 1641 92.01 -31.43 50.24
CA ILE C 1641 90.74 -30.83 49.85
C ILE C 1641 90.94 -29.59 49.00
N LEU C 1642 92.10 -28.94 49.10
CA LEU C 1642 92.38 -27.78 48.27
C LEU C 1642 92.66 -28.16 46.83
N GLU C 1643 92.81 -29.45 46.53
CA GLU C 1643 92.96 -29.93 45.16
C GLU C 1643 91.62 -30.03 44.45
N LEU C 1644 90.52 -29.81 45.15
CA LEU C 1644 89.20 -29.80 44.55
C LEU C 1644 88.90 -28.52 43.80
N THR C 1645 89.81 -27.55 43.86
CA THR C 1645 89.70 -26.32 43.08
C THR C 1645 89.69 -26.60 41.59
N GLU C 1646 90.36 -27.66 41.15
CA GLU C 1646 90.41 -28.02 39.74
C GLU C 1646 89.67 -29.31 39.42
N GLN C 1647 89.14 -30.02 40.41
CA GLN C 1647 88.36 -31.23 40.18
C GLN C 1647 86.89 -30.87 40.40
N GLU C 1648 86.18 -30.65 39.28
CA GLU C 1648 84.85 -30.05 39.37
C GLU C 1648 83.80 -31.02 39.87
N GLU C 1649 83.85 -32.27 39.40
CA GLU C 1649 82.81 -33.23 39.78
C GLU C 1649 82.84 -33.53 41.26
N LEU C 1650 84.04 -33.78 41.80
CA LEU C 1650 84.16 -34.02 43.23
C LEU C 1650 83.74 -32.79 44.03
N LEU C 1651 84.10 -31.60 43.55
CA LEU C 1651 83.70 -30.38 44.25
C LEU C 1651 82.18 -30.25 44.32
N LYS C 1652 81.51 -30.50 43.19
CA LYS C 1652 80.05 -30.43 43.18
C LYS C 1652 79.43 -31.46 44.10
N PHE C 1653 79.92 -32.70 44.04
CA PHE C 1653 79.36 -33.75 44.88
C PHE C 1653 79.57 -33.44 46.35
N HIS C 1654 80.75 -32.95 46.72
CA HIS C 1654 81.00 -32.61 48.11
C HIS C 1654 80.21 -31.40 48.58
N TYR C 1655 79.99 -30.40 47.72
CA TYR C 1655 79.14 -29.28 48.10
C TYR C 1655 77.71 -29.75 48.35
N HIS C 1656 77.18 -30.61 47.50
CA HIS C 1656 75.85 -31.14 47.75
C HIS C 1656 75.81 -32.07 48.96
N THR C 1657 76.89 -32.78 49.25
CA THR C 1657 76.97 -33.55 50.49
C THR C 1657 76.91 -32.64 51.71
N LEU C 1658 77.60 -31.51 51.65
CA LEU C 1658 77.53 -30.54 52.74
C LEU C 1658 76.13 -30.00 52.90
N ARG C 1659 75.45 -29.74 51.78
CA ARG C 1659 74.06 -29.29 51.86
C ARG C 1659 73.18 -30.35 52.48
N LEU C 1660 73.40 -31.62 52.15
CA LEU C 1660 72.63 -32.70 52.76
C LEU C 1660 72.91 -32.78 54.25
N TYR C 1661 74.17 -32.58 54.65
CA TYR C 1661 74.50 -32.56 56.07
C TYR C 1661 73.75 -31.45 56.79
N SER C 1662 73.71 -30.26 56.19
CA SER C 1662 72.99 -29.14 56.76
C SER C 1662 71.49 -29.34 56.77
N ALA C 1663 70.96 -30.15 55.85
CA ALA C 1663 69.53 -30.40 55.78
C ALA C 1663 69.06 -31.48 56.73
N VAL C 1664 69.86 -32.52 56.97
CA VAL C 1664 69.40 -33.60 57.84
C VAL C 1664 69.29 -33.14 59.28
N CYS C 1665 70.09 -32.16 59.68
CA CYS C 1665 70.08 -31.63 61.04
C CYS C 1665 69.41 -30.26 61.11
N ALA C 1666 68.42 -30.05 60.25
CA ALA C 1666 67.75 -28.76 60.14
C ALA C 1666 66.58 -28.68 61.11
N LEU C 1667 66.37 -27.46 61.63
CA LEU C 1667 65.24 -27.15 62.50
C LEU C 1667 65.25 -28.00 63.77
N GLY C 1668 66.38 -27.98 64.47
CA GLY C 1668 66.45 -28.53 65.80
C GLY C 1668 66.55 -30.03 65.91
N ASN C 1669 67.10 -30.72 64.90
CA ASN C 1669 67.32 -32.15 64.99
C ASN C 1669 68.64 -32.37 65.72
N HIS C 1670 68.56 -32.29 67.05
CA HIS C 1670 69.77 -32.31 67.88
C HIS C 1670 70.45 -33.66 67.84
N ARG C 1671 69.68 -34.75 67.74
CA ARG C 1671 70.30 -36.07 67.65
C ARG C 1671 71.10 -36.21 66.37
N VAL C 1672 70.55 -35.73 65.26
CA VAL C 1672 71.28 -35.78 63.99
C VAL C 1672 72.49 -34.86 64.04
N ALA C 1673 72.37 -33.72 64.73
CA ALA C 1673 73.53 -32.84 64.88
C ALA C 1673 74.64 -33.53 65.65
N HIS C 1674 74.28 -34.21 66.74
CA HIS C 1674 75.27 -34.96 67.51
C HIS C 1674 75.92 -36.04 66.66
N ALA C 1675 75.13 -36.75 65.86
CA ALA C 1675 75.69 -37.76 64.98
C ALA C 1675 76.65 -37.14 63.97
N LEU C 1676 76.28 -36.00 63.40
CA LEU C 1676 77.11 -35.34 62.39
C LEU C 1676 78.39 -34.78 62.98
N CYS C 1677 78.41 -34.50 64.29
CA CYS C 1677 79.67 -34.07 64.91
C CYS C 1677 80.75 -35.12 64.78
N SER C 1678 80.39 -36.40 64.60
CA SER C 1678 81.39 -37.43 64.37
C SER C 1678 82.00 -37.31 62.99
N HIS C 1679 81.18 -37.00 61.98
CA HIS C 1679 81.69 -36.95 60.61
C HIS C 1679 82.42 -35.64 60.34
N VAL C 1680 81.84 -34.52 60.74
CA VAL C 1680 82.47 -33.22 60.59
C VAL C 1680 82.84 -32.73 61.98
N ASP C 1681 84.14 -32.61 62.24
CA ASP C 1681 84.63 -32.37 63.58
C ASP C 1681 84.88 -30.88 63.80
N GLU C 1682 85.06 -30.53 65.08
CA GLU C 1682 85.47 -29.18 65.45
C GLU C 1682 86.75 -28.73 64.77
N PRO C 1683 87.86 -29.48 64.79
CA PRO C 1683 89.07 -29.00 64.13
C PRO C 1683 88.88 -28.77 62.64
N GLN C 1684 88.19 -29.67 61.95
CA GLN C 1684 87.91 -29.48 60.53
C GLN C 1684 87.04 -28.26 60.28
N LEU C 1685 86.01 -28.04 61.10
CA LEU C 1685 85.20 -26.84 60.92
C LEU C 1685 86.02 -25.58 61.10
N LEU C 1686 86.85 -25.52 62.14
CA LEU C 1686 87.65 -24.33 62.36
C LEU C 1686 88.66 -24.11 61.24
N TYR C 1687 89.30 -25.18 60.77
CA TYR C 1687 90.25 -25.06 59.68
C TYR C 1687 89.57 -24.59 58.40
N ALA C 1688 88.39 -25.13 58.11
CA ALA C 1688 87.65 -24.68 56.93
C ALA C 1688 87.24 -23.22 57.05
N ILE C 1689 86.86 -22.79 58.25
CA ILE C 1689 86.50 -21.39 58.46
C ILE C 1689 87.70 -20.49 58.19
N GLU C 1690 88.87 -20.84 58.73
CA GLU C 1690 90.01 -19.92 58.69
C GLU C 1690 90.86 -20.02 57.44
N ASN C 1691 90.79 -21.12 56.70
CA ASN C 1691 91.68 -21.30 55.56
C ASN C 1691 91.33 -20.32 54.44
N LYS C 1692 92.36 -19.73 53.85
CA LYS C 1692 92.19 -18.71 52.82
C LYS C 1692 92.20 -19.27 51.40
N TYR C 1693 92.67 -20.50 51.20
CA TYR C 1693 92.73 -21.09 49.88
C TYR C 1693 91.56 -22.02 49.60
N MET C 1694 90.60 -22.10 50.51
CA MET C 1694 89.47 -23.00 50.35
C MET C 1694 88.62 -22.55 49.16
N PRO C 1695 88.10 -23.51 48.38
CA PRO C 1695 87.15 -23.14 47.32
C PRO C 1695 85.91 -22.47 47.90
N GLY C 1696 85.33 -21.57 47.11
CA GLY C 1696 84.21 -20.78 47.61
C GLY C 1696 83.00 -21.62 47.97
N LEU C 1697 82.68 -22.62 47.15
CA LEU C 1697 81.53 -23.45 47.43
C LEU C 1697 81.71 -24.22 48.73
N LEU C 1698 82.89 -24.80 48.94
CA LEU C 1698 83.15 -25.54 50.18
C LEU C 1698 83.18 -24.60 51.37
N ARG C 1699 83.70 -23.38 51.19
CA ARG C 1699 83.69 -22.39 52.26
C ARG C 1699 82.27 -22.08 52.70
N ALA C 1700 81.40 -21.77 51.74
CA ALA C 1700 80.01 -21.48 52.05
C ALA C 1700 79.29 -22.69 52.64
N GLY C 1701 79.62 -23.89 52.20
CA GLY C 1701 79.03 -25.08 52.78
C GLY C 1701 79.43 -25.30 54.22
N TYR C 1702 80.72 -25.13 54.52
CA TYR C 1702 81.21 -25.39 55.87
C TYR C 1702 80.74 -24.33 56.85
N TYR C 1703 80.65 -23.07 56.41
CA TYR C 1703 80.09 -22.05 57.28
C TYR C 1703 78.65 -22.39 57.67
N ASP C 1704 77.84 -22.76 56.67
CA ASP C 1704 76.46 -23.12 56.95
C ASP C 1704 76.37 -24.36 57.80
N LEU C 1705 77.24 -25.34 57.59
CA LEU C 1705 77.25 -26.53 58.43
C LEU C 1705 77.57 -26.21 59.88
N LEU C 1706 78.57 -25.35 60.12
CA LEU C 1706 78.86 -24.93 61.47
C LEU C 1706 77.66 -24.25 62.11
N ILE C 1707 77.03 -23.33 61.38
CA ILE C 1707 75.90 -22.60 61.92
C ILE C 1707 74.76 -23.54 62.24
N ASP C 1708 74.46 -24.48 61.35
CA ASP C 1708 73.34 -25.38 61.55
C ASP C 1708 73.58 -26.34 62.70
N ILE C 1709 74.78 -26.92 62.77
CA ILE C 1709 75.07 -27.86 63.84
C ILE C 1709 75.15 -27.20 65.21
N HIS C 1710 75.70 -25.99 65.30
CA HIS C 1710 75.98 -25.53 66.66
C HIS C 1710 75.20 -24.31 67.10
N LEU C 1711 74.77 -23.45 66.16
CA LEU C 1711 74.25 -22.14 66.54
C LEU C 1711 72.82 -21.86 66.11
N SER C 1712 72.31 -22.56 65.09
CA SER C 1712 71.02 -22.21 64.52
C SER C 1712 69.89 -22.36 65.52
N SER C 1713 69.97 -23.38 66.38
CA SER C 1713 68.89 -23.62 67.33
C SER C 1713 68.71 -22.44 68.28
N TYR C 1714 69.80 -22.01 68.93
CA TYR C 1714 69.70 -20.89 69.85
C TYR C 1714 69.41 -19.58 69.13
N ALA C 1715 69.95 -19.43 67.91
CA ALA C 1715 69.66 -18.22 67.15
C ALA C 1715 68.16 -18.11 66.88
N THR C 1716 67.53 -19.20 66.46
CA THR C 1716 66.09 -19.20 66.25
C THR C 1716 65.33 -19.03 67.55
N ALA C 1717 65.82 -19.61 68.64
CA ALA C 1717 65.16 -19.47 69.93
C ALA C 1717 65.11 -18.00 70.35
N ARG C 1718 66.20 -17.27 70.15
CA ARG C 1718 66.20 -15.85 70.47
C ARG C 1718 65.42 -15.00 69.48
N LEU C 1719 65.44 -15.36 68.19
CA LEU C 1719 64.66 -14.61 67.21
C LEU C 1719 63.16 -14.77 67.39
N MET C 1720 62.69 -15.93 67.80
CA MET C 1720 61.26 -16.11 68.04
C MET C 1720 60.74 -15.29 69.21
N MET C 1721 61.61 -14.88 70.12
CA MET C 1721 61.21 -14.16 71.32
C MET C 1721 61.79 -12.76 71.33
N ASN C 1722 62.08 -12.21 70.16
CA ASN C 1722 62.69 -10.89 70.06
C ASN C 1722 61.70 -9.76 70.22
N ASN C 1723 60.44 -9.97 69.81
CA ASN C 1723 59.44 -8.91 69.81
C ASN C 1723 58.60 -8.89 71.08
N GLU C 1724 58.96 -9.70 72.07
CA GLU C 1724 58.27 -9.72 73.35
C GLU C 1724 59.23 -9.23 74.44
N TYR C 1725 58.73 -8.35 75.31
CA TYR C 1725 59.56 -7.67 76.31
C TYR C 1725 58.98 -7.97 77.69
N ILE C 1726 59.44 -9.06 78.30
CA ILE C 1726 59.05 -9.40 79.66
C ILE C 1726 60.17 -8.95 80.58
N VAL C 1727 60.09 -7.73 81.09
CA VAL C 1727 61.15 -7.13 81.88
C VAL C 1727 60.79 -7.29 83.37
N PRO C 1728 61.62 -7.95 84.17
CA PRO C 1728 61.35 -8.02 85.60
C PRO C 1728 61.52 -6.65 86.24
N MET C 1729 60.89 -6.47 87.40
CA MET C 1729 61.02 -5.21 88.14
C MET C 1729 61.99 -5.43 89.28
N THR C 1730 63.25 -5.09 89.04
CA THR C 1730 64.32 -5.22 90.02
C THR C 1730 65.09 -3.91 90.11
N GLU C 1731 66.08 -3.89 91.01
CA GLU C 1731 66.91 -2.69 91.14
C GLU C 1731 67.69 -2.41 89.88
N GLU C 1732 68.18 -3.45 89.21
CA GLU C 1732 68.86 -3.25 87.94
C GLU C 1732 67.92 -2.63 86.91
N THR C 1733 66.67 -3.07 86.88
CA THR C 1733 65.70 -2.47 85.98
C THR C 1733 65.45 -1.01 86.33
N LYS C 1734 65.36 -0.71 87.63
CA LYS C 1734 65.15 0.67 88.05
C LYS C 1734 66.30 1.56 87.66
N SER C 1735 67.53 1.01 87.66
CA SER C 1735 68.70 1.84 87.38
C SER C 1735 68.78 2.27 85.92
N ILE C 1736 68.02 1.63 85.03
CA ILE C 1736 68.13 1.92 83.60
C ILE C 1736 67.63 3.33 83.32
N THR C 1737 68.31 4.03 82.41
CA THR C 1737 67.91 5.36 81.97
C THR C 1737 68.01 5.43 80.45
N LEU C 1738 67.25 6.36 79.86
CA LEU C 1738 67.29 6.55 78.41
C LEU C 1738 68.69 6.95 77.95
N PHE C 1739 69.32 7.86 78.65
CA PHE C 1739 70.59 8.37 78.17
C PHE C 1739 71.70 8.08 79.17
N PRO C 1740 72.89 7.69 78.70
CA PRO C 1740 73.96 7.31 79.63
C PRO C 1740 74.39 8.43 80.56
N ASP C 1741 74.39 9.68 80.09
CA ASP C 1741 74.87 10.79 80.91
C ASP C 1741 73.97 12.01 80.79
N GLU C 1742 74.42 13.14 81.35
CA GLU C 1742 73.62 14.35 81.27
C GLU C 1742 73.46 14.83 79.84
N ASN C 1743 74.54 14.82 79.06
CA ASN C 1743 74.43 15.14 77.65
C ASN C 1743 73.55 14.11 76.96
N LYS C 1744 72.65 14.59 76.09
CA LYS C 1744 71.73 13.71 75.39
C LYS C 1744 72.46 13.06 74.22
N LYS C 1745 73.49 12.27 74.58
CA LYS C 1745 74.28 11.51 73.62
C LYS C 1745 73.80 10.07 73.62
N HIS C 1746 73.46 9.56 72.44
CA HIS C 1746 73.12 8.16 72.30
C HIS C 1746 74.33 7.30 72.61
N GLY C 1747 74.13 6.27 73.42
CA GLY C 1747 75.16 5.28 73.61
C GLY C 1747 75.25 4.34 72.42
N LEU C 1748 76.32 3.57 72.39
CA LEU C 1748 76.49 2.61 71.31
C LEU C 1748 75.40 1.55 71.40
N PRO C 1749 74.76 1.18 70.28
CA PRO C 1749 73.70 0.17 70.34
C PRO C 1749 74.22 -1.15 70.88
N GLY C 1750 73.39 -1.82 71.68
CA GLY C 1750 73.78 -3.07 72.28
C GLY C 1750 74.49 -2.92 73.60
N ILE C 1751 75.49 -2.03 73.65
CA ILE C 1751 76.25 -1.82 74.87
C ILE C 1751 75.35 -1.16 75.91
N GLY C 1752 75.31 -1.73 77.09
CA GLY C 1752 74.48 -1.22 78.16
C GLY C 1752 74.04 -2.36 79.07
N LEU C 1753 73.05 -2.07 79.90
CA LEU C 1753 72.49 -3.05 80.83
C LEU C 1753 71.07 -3.35 80.40
N SER C 1754 70.82 -4.60 80.04
CA SER C 1754 69.49 -5.06 79.66
C SER C 1754 69.02 -6.10 80.66
N THR C 1755 67.81 -5.90 81.19
CA THR C 1755 67.27 -6.77 82.22
C THR C 1755 66.09 -7.60 81.73
N SER C 1756 65.66 -7.42 80.49
CA SER C 1756 64.51 -8.16 79.99
C SER C 1756 64.83 -9.66 79.94
N LEU C 1757 63.82 -10.47 80.29
CA LEU C 1757 64.01 -11.91 80.31
C LEU C 1757 64.32 -12.42 78.91
N ARG C 1758 65.29 -13.32 78.82
CA ARG C 1758 65.80 -13.81 77.55
C ARG C 1758 65.99 -15.31 77.65
N PRO C 1759 65.79 -16.04 76.56
CA PRO C 1759 65.91 -17.50 76.61
C PRO C 1759 67.29 -17.95 77.08
N ARG C 1760 67.28 -19.04 77.84
CA ARG C 1760 68.49 -19.61 78.41
C ARG C 1760 69.25 -20.43 77.38
N MET C 1761 70.57 -20.29 77.39
CA MET C 1761 71.44 -20.97 76.42
C MET C 1761 72.08 -22.17 77.10
N GLN C 1762 71.86 -23.35 76.53
CA GLN C 1762 72.39 -24.59 77.08
C GLN C 1762 72.91 -25.47 75.95
N PHE C 1763 74.03 -26.14 76.19
CA PHE C 1763 74.67 -26.98 75.19
C PHE C 1763 75.05 -28.31 75.83
N SER C 1764 75.26 -29.31 74.99
CA SER C 1764 75.57 -30.66 75.43
C SER C 1764 76.87 -31.12 74.80
N SER C 1765 77.68 -31.84 75.56
CA SER C 1765 78.97 -32.32 75.06
C SER C 1765 78.76 -33.54 74.16
N PRO C 1766 79.23 -33.50 72.92
CA PRO C 1766 78.97 -34.61 71.99
C PRO C 1766 79.95 -35.77 72.15
N SER C 1767 79.73 -36.60 73.16
CA SER C 1767 80.55 -37.79 73.36
C SER C 1767 79.80 -39.02 72.85
N PHE C 1768 80.57 -39.97 72.32
CA PHE C 1768 80.02 -41.20 71.78
C PHE C 1768 80.38 -42.44 72.58
N VAL C 1769 81.11 -42.29 73.68
CA VAL C 1769 81.36 -43.45 74.53
C VAL C 1769 80.32 -43.54 75.64
N SER C 1770 79.67 -42.43 75.99
CA SER C 1770 78.63 -42.45 77.00
C SER C 1770 77.38 -43.12 76.46
N ILE C 1771 76.71 -43.89 77.32
CA ILE C 1771 75.48 -44.57 76.91
C ILE C 1771 74.23 -43.81 77.30
N SER C 1772 74.35 -42.71 78.04
CA SER C 1772 73.19 -41.92 78.42
C SER C 1772 72.63 -41.20 77.20
N ASN C 1773 71.30 -41.08 77.16
CA ASN C 1773 70.60 -40.45 76.06
C ASN C 1773 70.10 -39.06 76.37
N GLU C 1774 70.40 -38.53 77.57
CA GLU C 1774 69.94 -37.18 77.91
C GLU C 1774 70.69 -36.11 77.13
N CYS C 1775 71.78 -36.47 76.47
CA CYS C 1775 72.55 -35.53 75.66
C CYS C 1775 71.83 -35.11 74.38
N TYR C 1776 70.81 -35.83 73.97
CA TYR C 1776 70.20 -35.58 72.66
C TYR C 1776 69.30 -34.35 72.67
N GLN C 1777 68.97 -33.84 73.85
CA GLN C 1777 68.44 -32.49 73.92
C GLN C 1777 69.59 -31.51 74.03
N TYR C 1778 69.38 -30.30 73.51
CA TYR C 1778 70.39 -29.25 73.42
C TYR C 1778 71.38 -29.55 72.31
N SER C 1779 71.82 -28.54 71.61
CA SER C 1779 72.75 -28.67 70.50
C SER C 1779 74.18 -28.89 71.02
N PRO C 1780 75.04 -29.47 70.19
CA PRO C 1780 76.41 -29.76 70.63
C PRO C 1780 77.19 -28.49 70.99
N GLU C 1781 78.12 -28.65 71.93
CA GLU C 1781 78.91 -27.54 72.42
C GLU C 1781 79.99 -27.14 71.43
N PHE C 1782 80.33 -25.85 71.43
CA PHE C 1782 81.38 -25.29 70.59
C PHE C 1782 82.09 -24.18 71.35
N PRO C 1783 83.37 -23.95 71.07
CA PRO C 1783 84.11 -22.87 71.75
C PRO C 1783 83.73 -21.48 71.24
N LEU C 1784 82.68 -20.92 71.82
CA LEU C 1784 82.19 -19.61 71.42
C LEU C 1784 83.23 -18.51 71.57
N ASP C 1785 84.12 -18.59 72.55
CA ASP C 1785 85.14 -17.56 72.71
C ASP C 1785 86.14 -17.56 71.54
N ILE C 1786 86.63 -18.74 71.18
CA ILE C 1786 87.52 -18.84 70.03
C ILE C 1786 86.80 -18.42 68.76
N LEU C 1787 85.52 -18.81 68.63
CA LEU C 1787 84.76 -18.42 67.46
C LEU C 1787 84.63 -16.90 67.37
N LYS C 1788 84.35 -16.23 68.51
CA LYS C 1788 84.29 -14.78 68.53
C LYS C 1788 85.60 -14.16 68.11
N SER C 1789 86.70 -14.59 68.72
CA SER C 1789 88.00 -13.99 68.41
C SER C 1789 88.37 -14.16 66.95
N LYS C 1790 88.17 -15.36 66.40
CA LYS C 1790 88.54 -15.57 65.00
C LYS C 1790 87.59 -14.85 64.06
N THR C 1791 86.30 -14.76 64.39
CA THR C 1791 85.38 -14.02 63.54
C THR C 1791 85.76 -12.55 63.48
N ILE C 1792 86.09 -11.96 64.63
CA ILE C 1792 86.52 -10.56 64.64
C ILE C 1792 87.81 -10.39 63.86
N GLN C 1793 88.76 -11.31 64.03
CA GLN C 1793 90.03 -11.21 63.32
C GLN C 1793 89.82 -11.28 61.81
N MET C 1794 89.00 -12.22 61.34
CA MET C 1794 88.80 -12.36 59.89
C MET C 1794 88.00 -11.21 59.31
N LEU C 1795 87.03 -10.68 60.06
CA LEU C 1795 86.34 -9.48 59.58
C LEU C 1795 87.30 -8.30 59.48
N THR C 1796 88.15 -8.13 60.48
CA THR C 1796 89.12 -7.03 60.44
C THR C 1796 90.07 -7.18 59.25
N GLU C 1797 90.54 -8.40 59.00
CA GLU C 1797 91.39 -8.63 57.85
C GLU C 1797 90.66 -8.38 56.54
N ALA C 1798 89.41 -8.84 56.44
CA ALA C 1798 88.67 -8.75 55.19
C ALA C 1798 88.34 -7.31 54.84
N VAL C 1799 88.03 -6.48 55.85
CA VAL C 1799 87.72 -5.09 55.56
C VAL C 1799 88.93 -4.39 54.95
N LYS C 1800 90.12 -4.62 55.51
CA LYS C 1800 91.32 -4.01 54.96
C LYS C 1800 91.66 -4.58 53.59
N GLU C 1801 91.51 -5.89 53.41
CA GLU C 1801 91.92 -6.51 52.16
C GLU C 1801 90.99 -6.12 51.01
N GLY C 1802 89.68 -6.14 51.26
CA GLY C 1802 88.73 -5.85 50.18
C GLY C 1802 88.73 -4.38 49.79
N SER C 1803 89.13 -3.50 50.69
CA SER C 1803 89.20 -2.08 50.37
C SER C 1803 90.21 -1.77 49.28
N LEU C 1804 91.25 -2.60 49.13
CA LEU C 1804 92.22 -2.43 48.06
C LEU C 1804 91.74 -3.01 46.74
N HIS C 1805 90.60 -3.70 46.73
CA HIS C 1805 90.06 -4.34 45.53
C HIS C 1805 91.08 -5.29 44.91
N ALA C 1806 91.59 -6.18 45.75
CA ALA C 1806 92.53 -7.18 45.28
C ALA C 1806 91.85 -8.15 44.32
N ARG C 1807 92.64 -8.70 43.41
CA ARG C 1807 92.14 -9.60 42.39
C ARG C 1807 91.98 -11.02 42.91
N ASP C 1808 92.42 -11.29 44.13
CA ASP C 1808 92.40 -12.63 44.71
C ASP C 1808 91.68 -12.62 46.06
N PRO C 1809 90.35 -12.49 46.05
CA PRO C 1809 89.60 -12.59 47.31
C PRO C 1809 89.54 -14.04 47.76
N VAL C 1810 89.30 -14.23 49.06
CA VAL C 1810 89.15 -15.58 49.59
C VAL C 1810 87.89 -16.20 49.02
N GLY C 1811 88.04 -17.38 48.42
CA GLY C 1811 86.95 -18.04 47.75
C GLY C 1811 86.78 -17.64 46.29
N GLY C 1812 87.55 -16.67 45.81
CA GLY C 1812 87.52 -16.28 44.42
C GLY C 1812 86.59 -15.12 44.09
N THR C 1813 85.60 -14.85 44.93
CA THR C 1813 84.69 -13.74 44.70
C THR C 1813 84.47 -13.00 46.00
N THR C 1814 84.09 -11.72 45.87
CA THR C 1814 83.74 -10.92 47.03
C THR C 1814 82.56 -11.53 47.77
N GLU C 1815 81.59 -12.07 47.05
CA GLU C 1815 80.47 -12.74 47.70
C GLU C 1815 80.94 -13.93 48.52
N PHE C 1816 81.79 -14.77 47.94
CA PHE C 1816 82.29 -15.92 48.68
C PHE C 1816 83.11 -15.49 49.88
N LEU C 1817 83.79 -14.35 49.79
CA LEU C 1817 84.58 -13.87 50.91
C LEU C 1817 83.69 -13.35 52.04
N PHE C 1818 82.65 -12.60 51.70
CA PHE C 1818 81.91 -11.85 52.71
C PHE C 1818 80.63 -12.52 53.20
N VAL C 1819 79.86 -13.14 52.31
CA VAL C 1819 78.55 -13.68 52.72
C VAL C 1819 78.67 -14.70 53.84
N PRO C 1820 79.52 -15.73 53.75
CA PRO C 1820 79.62 -16.66 54.89
C PRO C 1820 80.10 -15.98 56.16
N LEU C 1821 81.09 -15.10 56.05
CA LEU C 1821 81.64 -14.45 57.23
C LEU C 1821 80.61 -13.56 57.91
N ILE C 1822 79.94 -12.71 57.15
CA ILE C 1822 78.92 -11.85 57.72
C ILE C 1822 77.73 -12.63 58.23
N LYS C 1823 77.35 -13.73 57.56
CA LYS C 1823 76.31 -14.59 58.08
C LYS C 1823 76.67 -15.18 59.44
N LEU C 1824 77.89 -15.69 59.59
CA LEU C 1824 78.33 -16.19 60.89
C LEU C 1824 78.35 -15.10 61.95
N PHE C 1825 78.84 -13.91 61.59
CA PHE C 1825 78.87 -12.82 62.53
C PHE C 1825 77.47 -12.39 62.95
N TYR C 1826 76.53 -12.35 62.00
CA TYR C 1826 75.15 -12.02 62.33
C TYR C 1826 74.53 -13.07 63.24
N THR C 1827 74.82 -14.35 63.00
CA THR C 1827 74.34 -15.39 63.89
C THR C 1827 74.88 -15.21 65.31
N LEU C 1828 76.18 -14.92 65.44
CA LEU C 1828 76.75 -14.70 66.75
C LEU C 1828 76.14 -13.47 67.43
N LEU C 1829 75.90 -12.40 66.67
CA LEU C 1829 75.29 -11.21 67.24
C LEU C 1829 73.88 -11.51 67.74
N ILE C 1830 73.12 -12.28 66.96
CA ILE C 1830 71.76 -12.64 67.37
C ILE C 1830 71.81 -13.46 68.65
N MET C 1831 72.75 -14.41 68.72
CA MET C 1831 72.90 -15.19 69.94
C MET C 1831 73.34 -14.31 71.10
N GLY C 1832 73.95 -13.17 70.81
CA GLY C 1832 74.33 -12.23 71.83
C GLY C 1832 75.59 -12.55 72.59
N ILE C 1833 76.50 -13.33 72.01
CA ILE C 1833 77.73 -13.70 72.70
C ILE C 1833 78.67 -12.49 72.82
N PHE C 1834 78.62 -11.59 71.85
CA PHE C 1834 79.50 -10.44 71.87
C PHE C 1834 79.16 -9.52 73.04
N HIS C 1835 80.20 -9.07 73.75
CA HIS C 1835 80.00 -8.24 74.94
C HIS C 1835 80.98 -7.08 74.94
N ASN C 1836 80.46 -5.89 75.18
CA ASN C 1836 81.25 -4.71 75.51
C ASN C 1836 82.31 -4.38 74.46
N GLU C 1837 83.58 -4.69 74.78
CA GLU C 1837 84.68 -4.23 73.94
C GLU C 1837 84.63 -4.89 72.56
N ASP C 1838 84.23 -6.16 72.49
CA ASP C 1838 84.09 -6.82 71.21
C ASP C 1838 83.04 -6.12 70.35
N LEU C 1839 81.91 -5.76 70.98
CA LEU C 1839 80.87 -5.05 70.24
C LEU C 1839 81.35 -3.69 69.80
N LYS C 1840 82.12 -3.01 70.64
CA LYS C 1840 82.68 -1.72 70.26
C LYS C 1840 83.58 -1.83 69.05
N HIS C 1841 84.51 -2.79 69.06
CA HIS C 1841 85.38 -2.99 67.92
C HIS C 1841 84.63 -3.36 66.66
N ILE C 1842 83.64 -4.24 66.76
CA ILE C 1842 82.95 -4.66 65.56
C ILE C 1842 81.98 -3.60 65.04
N LEU C 1843 81.52 -2.70 65.91
CA LEU C 1843 80.77 -1.53 65.45
C LEU C 1843 81.67 -0.51 64.78
N GLN C 1844 82.88 -0.33 65.31
CA GLN C 1844 83.86 0.50 64.62
C GLN C 1844 84.17 -0.07 63.24
N LEU C 1845 84.21 -1.39 63.12
CA LEU C 1845 84.41 -2.01 61.82
C LEU C 1845 83.26 -1.68 60.87
N ILE C 1846 82.03 -1.71 61.36
CA ILE C 1846 80.87 -1.41 60.50
C ILE C 1846 80.90 0.04 60.06
N GLU C 1847 81.09 0.96 61.01
CA GLU C 1847 81.15 2.39 60.72
C GLU C 1847 82.07 3.07 61.72
N PRO C 1848 83.26 3.48 61.30
CA PRO C 1848 84.21 4.05 62.26
C PRO C 1848 83.77 5.39 62.82
N SER C 1849 83.36 6.33 61.96
CA SER C 1849 83.07 7.68 62.41
C SER C 1849 81.86 7.73 63.34
N VAL C 1850 80.76 7.13 62.90
CA VAL C 1850 79.50 7.27 63.64
C VAL C 1850 79.60 6.62 65.02
N PHE C 1851 80.13 5.39 65.07
CA PHE C 1851 80.25 4.66 66.32
C PHE C 1851 81.58 4.90 67.02
N LYS C 1852 82.26 5.99 66.71
CA LYS C 1852 83.49 6.32 67.42
C LYS C 1852 83.18 6.68 68.86
N GLU C 1853 83.98 6.17 69.78
CA GLU C 1853 83.77 6.36 71.21
C GLU C 1853 84.49 7.62 71.68
N ALA C 1854 83.81 8.40 72.50
CA ALA C 1854 84.39 9.62 73.06
C ALA C 1854 85.06 9.35 74.39
N PRO C 1889 91.31 7.63 54.31
CA PRO C 1889 91.11 7.27 55.72
C PRO C 1889 90.63 5.83 55.89
N LYS C 1890 89.93 5.57 56.98
CA LYS C 1890 89.37 4.24 57.26
C LYS C 1890 87.91 4.23 56.83
N GLU C 1891 87.54 3.21 56.07
CA GLU C 1891 86.18 3.07 55.56
C GLU C 1891 85.57 1.79 56.13
N GLY C 1892 84.37 1.90 56.70
CA GLY C 1892 83.69 0.78 57.28
C GLY C 1892 83.00 -0.07 56.24
N LEU C 1893 82.28 -1.08 56.72
CA LEU C 1893 81.59 -1.99 55.82
C LEU C 1893 80.48 -1.30 55.04
N LEU C 1894 79.88 -0.25 55.60
CA LEU C 1894 78.75 0.39 54.93
C LEU C 1894 79.15 1.12 53.67
N GLN C 1895 80.41 1.50 53.52
CA GLN C 1895 80.88 2.21 52.33
C GLN C 1895 82.11 1.51 51.76
N MET C 1896 81.87 0.47 50.96
CA MET C 1896 82.95 -0.22 50.27
C MET C 1896 82.54 -0.72 48.89
N LYS C 1897 81.37 -0.33 48.37
CA LYS C 1897 80.88 -0.78 47.08
C LYS C 1897 80.76 -2.31 47.07
N LEU C 1898 79.88 -2.81 47.89
CA LEU C 1898 79.50 -4.16 48.24
C LEU C 1898 78.56 -4.77 47.20
N PRO C 1899 78.60 -6.07 47.03
CA PRO C 1899 77.59 -6.75 46.21
C PRO C 1899 76.24 -6.77 46.91
N GLU C 1900 75.21 -7.08 46.13
CA GLU C 1900 73.85 -7.09 46.68
C GLU C 1900 73.63 -8.14 47.77
N PRO C 1901 74.10 -9.38 47.66
CA PRO C 1901 73.93 -10.31 48.78
C PRO C 1901 74.58 -9.83 50.06
N VAL C 1902 75.73 -9.16 49.97
CA VAL C 1902 76.39 -8.61 51.15
C VAL C 1902 75.58 -7.44 51.70
N LYS C 1903 75.03 -6.61 50.80
CA LYS C 1903 74.18 -5.52 51.22
C LYS C 1903 72.96 -6.00 51.99
N LEU C 1904 72.37 -7.11 51.58
CA LEU C 1904 71.21 -7.64 52.29
C LEU C 1904 71.55 -8.02 53.73
N GLN C 1905 72.69 -8.68 53.94
CA GLN C 1905 73.08 -9.03 55.30
C GLN C 1905 73.47 -7.81 56.12
N MET C 1906 74.06 -6.80 55.50
CA MET C 1906 74.31 -5.56 56.25
C MET C 1906 73.00 -4.91 56.66
N CYS C 1907 71.99 -4.98 55.81
CA CYS C 1907 70.66 -4.51 56.19
C CYS C 1907 70.13 -5.29 57.38
N LEU C 1908 70.35 -6.60 57.40
CA LEU C 1908 69.95 -7.40 58.54
C LEU C 1908 70.64 -6.96 59.82
N LEU C 1909 71.94 -6.69 59.75
CA LEU C 1909 72.67 -6.22 60.93
C LEU C 1909 72.12 -4.89 61.42
N LEU C 1910 71.85 -3.96 60.50
CA LEU C 1910 71.27 -2.69 60.88
C LEU C 1910 69.90 -2.85 61.52
N GLN C 1911 69.10 -3.77 61.00
CA GLN C 1911 67.81 -4.09 61.60
C GLN C 1911 67.97 -4.58 63.03
N TYR C 1912 68.95 -5.45 63.27
CA TYR C 1912 69.19 -5.93 64.63
C TYR C 1912 69.58 -4.79 65.56
N LEU C 1913 70.43 -3.88 65.09
CA LEU C 1913 70.82 -2.75 65.92
C LEU C 1913 69.62 -1.87 66.27
N CYS C 1914 68.74 -1.64 65.29
CA CYS C 1914 67.52 -0.89 65.57
C CYS C 1914 66.66 -1.60 66.61
N ASP C 1915 66.57 -2.93 66.51
CA ASP C 1915 65.82 -3.68 67.51
C ASP C 1915 66.41 -3.52 68.90
N CYS C 1916 67.75 -3.52 68.98
CA CYS C 1916 68.40 -3.31 70.27
C CYS C 1916 68.04 -1.95 70.86
N GLN C 1917 68.03 -0.92 70.01
CA GLN C 1917 67.63 0.40 70.48
C GLN C 1917 66.19 0.41 70.98
N VAL C 1918 65.28 -0.26 70.26
CA VAL C 1918 63.89 -0.31 70.69
C VAL C 1918 63.78 -1.00 72.05
N ARG C 1919 64.50 -2.10 72.23
CA ARG C 1919 64.48 -2.79 73.52
C ARG C 1919 65.00 -1.90 74.65
N HIS C 1920 66.07 -1.16 74.40
CA HIS C 1920 66.58 -0.25 75.43
C HIS C 1920 65.53 0.80 75.78
N ARG C 1921 64.85 1.35 74.77
CA ARG C 1921 63.81 2.33 75.04
C ARG C 1921 62.70 1.75 75.89
N ILE C 1922 62.26 0.52 75.58
CA ILE C 1922 61.20 -0.11 76.36
C ILE C 1922 61.64 -0.31 77.80
N GLU C 1923 62.86 -0.80 78.00
CA GLU C 1923 63.35 -1.01 79.36
C GLU C 1923 63.48 0.30 80.14
N ALA C 1924 63.78 1.40 79.47
CA ALA C 1924 63.81 2.69 80.17
C ALA C 1924 62.41 3.17 80.52
N ILE C 1925 61.45 2.95 79.63
CA ILE C 1925 60.07 3.32 79.93
C ILE C 1925 59.57 2.56 81.15
N VAL C 1926 59.83 1.26 81.23
CA VAL C 1926 59.43 0.49 82.40
C VAL C 1926 60.13 0.94 83.67
N ALA C 1927 61.38 1.37 83.58
CA ALA C 1927 62.08 1.95 84.72
C ALA C 1927 61.43 3.23 85.22
N PHE C 1928 61.04 4.12 84.31
CA PHE C 1928 60.34 5.33 84.73
C PHE C 1928 58.99 5.00 85.35
N SER C 1929 58.28 4.04 84.77
CA SER C 1929 56.93 3.74 85.21
C SER C 1929 56.87 3.36 86.69
N ASP C 1930 57.89 2.70 87.21
CA ASP C 1930 57.83 2.23 88.59
C ASP C 1930 57.66 3.38 89.57
N ASP C 1931 58.48 4.43 89.47
CA ASP C 1931 58.35 5.50 90.43
C ASP C 1931 57.21 6.43 90.07
N PHE C 1932 56.91 6.57 88.77
CA PHE C 1932 55.77 7.41 88.39
C PHE C 1932 54.48 6.86 88.97
N VAL C 1933 54.26 5.56 88.82
CA VAL C 1933 53.06 4.93 89.36
C VAL C 1933 53.03 4.95 90.88
N ALA C 1934 54.17 4.79 91.53
CA ALA C 1934 54.19 4.90 92.99
C ALA C 1934 53.77 6.27 93.46
N LYS C 1935 54.29 7.33 92.83
CA LYS C 1935 53.88 8.68 93.20
C LYS C 1935 52.40 8.90 92.92
N LEU C 1936 51.92 8.40 91.79
CA LEU C 1936 50.50 8.55 91.46
C LEU C 1936 49.62 7.82 92.46
N GLN C 1937 50.04 6.64 92.90
CA GLN C 1937 49.27 5.88 93.89
C GLN C 1937 49.26 6.57 95.24
N ASP C 1938 50.39 7.15 95.66
CA ASP C 1938 50.39 7.94 96.88
C ASP C 1938 49.48 9.15 96.78
N ASN C 1939 49.47 9.80 95.61
CA ASN C 1939 48.52 10.89 95.40
C ASN C 1939 47.08 10.42 95.53
N GLN C 1940 46.77 9.24 94.98
CA GLN C 1940 45.42 8.73 95.10
C GLN C 1940 45.08 8.42 96.55
N ARG C 1941 46.03 7.86 97.29
CA ARG C 1941 45.88 7.71 98.74
C ARG C 1941 45.49 9.01 99.42
N PHE C 1942 46.21 10.09 99.14
CA PHE C 1942 45.92 11.38 99.74
C PHE C 1942 44.56 11.93 99.32
N ARG C 1943 44.25 11.84 98.02
CA ARG C 1943 43.04 12.46 97.49
C ARG C 1943 41.79 11.72 97.97
N TYR C 1944 41.86 10.40 98.04
CA TYR C 1944 40.72 9.64 98.55
C TYR C 1944 40.45 9.96 100.01
N ASN C 1945 41.50 10.11 100.81
CA ASN C 1945 41.33 10.53 102.20
C ASN C 1945 40.74 11.92 102.30
N GLU C 1946 41.17 12.84 101.44
CA GLU C 1946 40.57 14.18 101.43
C GLU C 1946 39.09 14.10 101.10
N VAL C 1947 38.73 13.28 100.12
CA VAL C 1947 37.32 13.15 99.73
C VAL C 1947 36.51 12.53 100.86
N MET C 1948 37.09 11.56 101.57
CA MET C 1948 36.38 10.96 102.70
C MET C 1948 36.18 11.96 103.83
N GLN C 1949 37.18 12.82 104.05
CA GLN C 1949 37.03 13.87 105.06
C GLN C 1949 36.01 14.91 104.63
N ALA C 1950 35.86 15.12 103.32
CA ALA C 1950 35.04 16.20 102.77
C ALA C 1950 33.67 15.72 102.29
N LEU C 1951 33.35 14.44 102.46
CA LEU C 1951 32.09 13.93 101.96
C LEU C 1951 30.89 14.55 102.67
N ASN C 1952 31.08 15.17 103.83
CA ASN C 1952 29.95 15.57 104.65
C ASN C 1952 29.28 16.86 104.19
N MET C 1953 29.89 17.64 103.30
CA MET C 1953 29.21 18.84 102.80
C MET C 1953 28.01 18.48 101.94
N SER C 1954 28.17 17.55 101.01
CA SER C 1954 27.08 17.25 100.08
C SER C 1954 27.22 15.82 99.56
N ALA C 1955 26.08 15.13 99.49
CA ALA C 1955 26.05 13.80 98.89
C ALA C 1955 26.15 13.86 97.37
N ALA C 1956 25.56 14.89 96.75
CA ALA C 1956 25.67 15.05 95.30
C ALA C 1956 27.11 15.30 94.88
N LEU C 1957 27.85 16.10 95.65
CA LEU C 1957 29.25 16.35 95.35
C LEU C 1957 30.06 15.07 95.42
N THR C 1958 29.80 14.25 96.44
CA THR C 1958 30.50 12.99 96.62
C THR C 1958 30.37 12.08 95.41
N ALA C 1959 29.29 12.15 94.65
CA ALA C 1959 29.16 11.35 93.45
C ALA C 1959 30.22 11.68 92.40
N ARG C 1960 30.37 12.96 92.05
CA ARG C 1960 31.38 13.30 91.06
C ARG C 1960 32.79 13.18 91.64
N LYS C 1961 32.92 13.26 92.96
CA LYS C 1961 34.23 13.01 93.55
C LYS C 1961 34.59 11.53 93.52
N THR C 1962 33.60 10.65 93.62
CA THR C 1962 33.87 9.22 93.66
C THR C 1962 33.76 8.56 92.30
N LYS C 1963 33.40 9.30 91.25
CA LYS C 1963 33.49 8.74 89.90
C LYS C 1963 34.85 8.10 89.66
N GLU C 1964 35.93 8.79 90.03
CA GLU C 1964 37.27 8.26 89.83
C GLU C 1964 37.48 6.98 90.63
N PHE C 1965 37.18 7.02 91.93
CA PHE C 1965 37.47 5.87 92.78
C PHE C 1965 36.57 4.68 92.51
N ARG C 1966 35.44 4.87 91.83
CA ARG C 1966 34.59 3.75 91.45
C ARG C 1966 34.73 3.35 89.99
N SER C 1967 35.47 4.10 89.20
CA SER C 1967 35.74 3.71 87.83
C SER C 1967 36.62 2.47 87.80
N PRO C 1968 36.57 1.70 86.71
CA PRO C 1968 37.46 0.55 86.59
C PRO C 1968 38.92 1.00 86.60
N PRO C 1969 39.84 0.12 87.01
CA PRO C 1969 41.24 0.55 87.13
C PRO C 1969 41.83 1.07 85.82
N GLN C 1970 41.42 0.53 84.68
CA GLN C 1970 41.89 1.08 83.42
C GLN C 1970 41.41 2.51 83.22
N GLU C 1971 40.12 2.75 83.49
CA GLU C 1971 39.56 4.09 83.34
C GLU C 1971 40.19 5.09 84.30
N GLN C 1972 40.51 4.65 85.52
CA GLN C 1972 41.12 5.54 86.48
C GLN C 1972 42.44 6.09 85.96
N ILE C 1973 43.29 5.21 85.42
CA ILE C 1973 44.59 5.66 84.96
C ILE C 1973 44.45 6.39 83.63
N ASN C 1974 43.43 6.04 82.84
CA ASN C 1974 43.15 6.80 81.63
C ASN C 1974 42.82 8.24 81.96
N MET C 1975 41.98 8.46 82.97
CA MET C 1975 41.63 9.83 83.33
C MET C 1975 42.77 10.53 84.06
N LEU C 1976 43.62 9.76 84.75
CA LEU C 1976 44.80 10.36 85.35
C LEU C 1976 45.86 10.74 84.33
N LEU C 1977 45.85 10.14 83.13
CA LEU C 1977 46.86 10.41 82.12
C LEU C 1977 46.34 11.33 81.02
N ASN C 1978 45.50 12.31 81.36
CA ASN C 1978 44.98 13.25 80.39
C ASN C 1978 45.58 14.64 80.49
N PHE C 1979 46.71 14.80 81.17
CA PHE C 1979 47.28 16.14 81.29
C PHE C 1979 48.05 16.55 80.03
N LYS C 1980 48.08 15.71 79.01
CA LYS C 1980 48.52 16.18 77.70
C LYS C 1980 47.52 17.19 77.16
N ASP C 1981 47.98 18.03 76.23
CA ASP C 1981 47.20 19.15 75.72
C ASP C 1981 46.93 20.14 76.84
N ASP C 1982 45.97 21.04 76.65
CA ASP C 1982 45.69 22.09 77.62
C ASP C 1982 44.29 22.03 78.20
N LYS C 1983 43.51 20.99 77.87
CA LYS C 1983 42.20 20.84 78.52
C LYS C 1983 42.36 20.61 80.01
N SER C 1984 43.30 19.74 80.40
CA SER C 1984 43.84 19.68 81.75
C SER C 1984 42.75 19.60 82.83
N GLU C 1985 41.76 18.73 82.60
CA GLU C 1985 40.76 18.46 83.62
C GLU C 1985 41.11 17.27 84.49
N CYS C 1986 42.24 16.63 84.26
CA CYS C 1986 42.67 15.52 85.08
C CYS C 1986 43.06 16.02 86.48
N PRO C 1987 42.89 15.19 87.51
CA PRO C 1987 43.26 15.59 88.87
C PRO C 1987 44.74 15.44 89.19
N CYS C 1988 45.60 15.23 88.21
CA CYS C 1988 47.01 15.04 88.48
C CYS C 1988 47.66 16.38 88.85
N PRO C 1989 48.52 16.40 89.87
CA PRO C 1989 49.17 17.66 90.27
C PRO C 1989 50.27 18.06 89.29
N GLU C 1990 50.72 19.30 89.47
CA GLU C 1990 51.67 19.89 88.52
C GLU C 1990 53.00 19.15 88.51
N GLU C 1991 53.51 18.76 89.69
CA GLU C 1991 54.81 18.11 89.74
C GLU C 1991 54.76 16.73 89.08
N ILE C 1992 53.70 15.97 89.35
CA ILE C 1992 53.56 14.66 88.72
C ILE C 1992 53.37 14.81 87.22
N ARG C 1993 52.65 15.85 86.80
CA ARG C 1993 52.55 16.14 85.38
C ARG C 1993 53.92 16.44 84.79
N ASP C 1994 54.73 17.23 85.50
CA ASP C 1994 56.03 17.64 84.97
C ASP C 1994 56.97 16.45 84.82
N GLN C 1995 56.92 15.50 85.77
CA GLN C 1995 57.77 14.32 85.64
C GLN C 1995 57.54 13.61 84.31
N LEU C 1996 56.28 13.32 83.99
CA LEU C 1996 55.98 12.66 82.74
C LEU C 1996 56.20 13.55 81.53
N LEU C 1997 55.92 14.85 81.64
CA LEU C 1997 56.17 15.77 80.54
C LEU C 1997 57.65 15.93 80.24
N ASP C 1998 58.52 15.63 81.19
CA ASP C 1998 59.97 15.61 80.94
C ASP C 1998 60.43 14.27 80.40
N PHE C 1999 59.94 13.17 80.98
CA PHE C 1999 60.33 11.86 80.47
C PHE C 1999 59.87 11.67 79.04
N HIS C 2000 58.68 12.17 78.70
CA HIS C 2000 58.18 12.05 77.34
C HIS C 2000 59.02 12.84 76.34
N GLU C 2001 59.46 14.05 76.71
CA GLU C 2001 60.39 14.78 75.85
C GLU C 2001 61.71 14.05 75.68
N ASP C 2002 62.23 13.46 76.76
CA ASP C 2002 63.44 12.67 76.64
C ASP C 2002 63.24 11.48 75.70
N LEU C 2003 62.10 10.80 75.82
CA LEU C 2003 61.82 9.67 74.94
C LEU C 2003 61.71 10.11 73.49
N MET C 2004 61.07 11.25 73.25
CA MET C 2004 60.93 11.75 71.88
C MET C 2004 62.29 12.11 71.30
N THR C 2005 63.13 12.80 72.08
CA THR C 2005 64.44 13.17 71.55
C THR C 2005 65.38 11.97 71.43
N HIS C 2006 65.12 10.89 72.17
CA HIS C 2006 65.83 9.64 71.95
C HIS C 2006 65.34 8.90 70.72
N CYS C 2007 64.06 9.00 70.40
CA CYS C 2007 63.50 8.44 69.18
C CYS C 2007 63.81 9.28 67.95
N GLY C 2008 64.28 10.51 68.14
CA GLY C 2008 64.63 11.37 67.03
C GLY C 2008 63.48 12.18 66.46
N ILE C 2009 62.30 12.12 67.08
CA ILE C 2009 61.16 12.86 66.57
C ILE C 2009 61.37 14.36 66.72
N GLU C 2010 61.97 14.77 67.83
CA GLU C 2010 62.17 16.18 68.12
C GLU C 2010 63.20 16.81 67.19
N LYS C 2053 78.88 17.36 58.86
CA LYS C 2053 79.65 16.32 59.55
C LYS C 2053 78.98 14.96 59.41
N LYS C 2054 79.50 13.97 60.14
CA LYS C 2054 78.97 12.61 60.09
C LYS C 2054 77.53 12.58 60.59
N SER C 2055 76.87 11.44 60.40
CA SER C 2055 75.49 11.28 60.82
C SER C 2055 75.37 11.40 62.34
N SER C 2056 76.32 10.84 63.08
CA SER C 2056 76.41 10.86 64.54
C SER C 2056 75.26 10.10 65.19
N THR C 2057 74.39 9.46 64.42
CA THR C 2057 73.28 8.69 64.96
C THR C 2057 73.01 7.52 64.02
N LEU C 2058 72.62 6.39 64.61
CA LEU C 2058 72.32 5.21 63.81
C LEU C 2058 71.17 5.48 62.84
N GLN C 2059 70.17 6.23 63.30
CA GLN C 2059 69.03 6.54 62.44
C GLN C 2059 69.46 7.34 61.22
N GLN C 2060 70.23 8.41 61.45
CA GLN C 2060 70.70 9.23 60.33
C GLN C 2060 71.61 8.43 59.40
N LEU C 2061 72.47 7.60 59.98
CA LEU C 2061 73.38 6.79 59.17
C LEU C 2061 72.61 5.85 58.26
N ILE C 2062 71.58 5.18 58.79
CA ILE C 2062 70.79 4.26 57.97
C ILE C 2062 70.02 5.03 56.92
N SER C 2063 69.40 6.15 57.29
CA SER C 2063 68.65 6.96 56.34
C SER C 2063 69.51 7.46 55.20
N GLU C 2064 70.76 7.82 55.47
CA GLU C 2064 71.68 8.19 54.41
C GLU C 2064 72.10 7.00 53.56
N THR C 2065 72.44 5.88 54.21
CA THR C 2065 72.99 4.75 53.47
C THR C 2065 71.98 4.14 52.51
N MET C 2066 70.73 3.98 52.95
CA MET C 2066 69.72 3.36 52.08
C MET C 2066 69.52 4.19 50.82
N VAL C 2067 69.31 5.49 51.00
CA VAL C 2067 69.09 6.37 49.85
C VAL C 2067 70.34 6.40 48.96
N ARG C 2068 71.52 6.42 49.57
CA ARG C 2068 72.74 6.45 48.77
C ARG C 2068 72.87 5.21 47.92
N TRP C 2069 72.61 4.03 48.49
CA TRP C 2069 72.68 2.81 47.71
C TRP C 2069 71.68 2.82 46.57
N ALA C 2070 70.43 3.19 46.88
CA ALA C 2070 69.38 3.14 45.88
C ALA C 2070 69.66 4.10 44.74
N GLN C 2071 70.16 5.29 45.05
CA GLN C 2071 70.44 6.25 43.98
C GLN C 2071 71.76 5.94 43.28
N GLU C 2072 72.63 5.15 43.93
CA GLU C 2072 73.87 4.75 43.29
C GLU C 2072 73.62 3.70 42.21
N SER C 2073 72.79 2.71 42.50
CA SER C 2073 72.60 1.65 41.51
C SER C 2073 71.17 1.14 41.56
N VAL C 2074 70.71 0.63 40.42
CA VAL C 2074 69.44 -0.06 40.36
C VAL C 2074 69.59 -1.45 40.95
N ILE C 2075 68.79 -1.76 41.96
CA ILE C 2075 68.88 -3.02 42.68
C ILE C 2075 68.04 -4.06 41.96
N GLU C 2076 68.69 -5.16 41.57
CA GLU C 2076 68.01 -6.25 40.89
C GLU C 2076 67.34 -7.24 41.83
N ASP C 2077 67.56 -7.12 43.14
CA ASP C 2077 67.01 -8.07 44.08
C ASP C 2077 65.80 -7.49 44.79
N PRO C 2078 64.59 -8.00 44.53
CA PRO C 2078 63.41 -7.49 45.23
C PRO C 2078 63.51 -7.63 46.73
N GLU C 2079 64.14 -8.69 47.24
CA GLU C 2079 64.35 -8.80 48.67
C GLU C 2079 65.22 -7.68 49.21
N LEU C 2080 66.29 -7.33 48.50
CA LEU C 2080 67.13 -6.22 48.93
C LEU C 2080 66.35 -4.90 48.92
N VAL C 2081 65.56 -4.66 47.86
CA VAL C 2081 64.79 -3.43 47.81
C VAL C 2081 63.82 -3.37 48.99
N ARG C 2082 63.13 -4.48 49.25
CA ARG C 2082 62.17 -4.53 50.34
C ARG C 2082 62.85 -4.27 51.68
N ALA C 2083 64.00 -4.92 51.92
CA ALA C 2083 64.69 -4.71 53.18
C ALA C 2083 65.15 -3.27 53.34
N MET C 2084 65.69 -2.68 52.27
CA MET C 2084 66.14 -1.30 52.33
C MET C 2084 65.00 -0.37 52.70
N PHE C 2085 63.85 -0.53 52.04
CA PHE C 2085 62.77 0.42 52.27
C PHE C 2085 62.07 0.17 53.60
N VAL C 2086 62.03 -1.09 54.05
CA VAL C 2086 61.55 -1.35 55.41
C VAL C 2086 62.43 -0.67 56.44
N LEU C 2087 63.74 -0.76 56.26
CA LEU C 2087 64.66 -0.13 57.20
C LEU C 2087 64.50 1.38 57.20
N LEU C 2088 64.37 1.97 56.00
CA LEU C 2088 64.17 3.42 55.90
C LEU C 2088 62.88 3.85 56.59
N HIS C 2089 61.80 3.09 56.38
CA HIS C 2089 60.54 3.42 57.02
C HIS C 2089 60.66 3.31 58.54
N ARG C 2090 61.39 2.31 59.02
CA ARG C 2090 61.59 2.23 60.46
C ARG C 2090 62.34 3.45 60.99
N GLN C 2091 63.36 3.90 60.26
CA GLN C 2091 64.09 5.09 60.71
C GLN C 2091 63.18 6.32 60.74
N TYR C 2092 62.29 6.45 59.77
CA TYR C 2092 61.42 7.63 59.71
C TYR C 2092 60.15 7.47 60.54
N ASP C 2093 59.94 6.31 61.13
CA ASP C 2093 58.72 6.05 61.90
C ASP C 2093 59.07 5.50 63.28
N GLY C 2094 59.96 6.18 63.99
CA GLY C 2094 60.41 5.68 65.28
C GLY C 2094 59.28 5.51 66.29
N ILE C 2095 58.24 6.34 66.18
CA ILE C 2095 57.09 6.21 67.06
C ILE C 2095 56.37 4.89 66.86
N GLY C 2096 56.22 4.44 65.61
CA GLY C 2096 55.56 3.18 65.36
C GLY C 2096 56.24 2.00 66.02
N GLY C 2097 57.56 2.06 66.17
CA GLY C 2097 58.25 1.00 66.90
C GLY C 2097 57.75 0.87 68.32
N LEU C 2098 57.64 1.98 69.04
CA LEU C 2098 57.08 1.94 70.39
C LEU C 2098 55.62 1.55 70.36
N VAL C 2099 54.87 2.03 69.36
CA VAL C 2099 53.45 1.69 69.24
C VAL C 2099 53.25 0.20 69.13
N ARG C 2100 54.10 -0.50 68.38
CA ARG C 2100 54.06 -1.95 68.28
C ARG C 2100 54.65 -2.66 69.50
N ALA C 2101 55.68 -2.07 70.11
CA ALA C 2101 56.40 -2.76 71.19
C ALA C 2101 55.60 -2.77 72.48
N LEU C 2102 54.99 -1.63 72.84
CA LEU C 2102 54.37 -1.50 74.15
C LEU C 2102 53.26 -2.52 74.39
N PRO C 2103 52.36 -2.82 73.45
CA PRO C 2103 51.35 -3.86 73.72
C PRO C 2103 51.94 -5.21 74.03
N LYS C 2104 53.16 -5.51 73.59
CA LYS C 2104 53.82 -6.77 73.90
C LYS C 2104 54.83 -6.62 75.02
N THR C 2105 54.69 -5.59 75.85
CA THR C 2105 55.57 -5.36 76.98
C THR C 2105 54.82 -5.70 78.27
N TYR C 2106 55.45 -6.53 79.10
CA TYR C 2106 54.85 -6.95 80.36
C TYR C 2106 55.91 -6.86 81.46
N THR C 2107 55.49 -6.46 82.64
CA THR C 2107 56.35 -6.40 83.81
C THR C 2107 55.89 -7.42 84.84
N ILE C 2108 56.85 -8.01 85.55
CA ILE C 2108 56.58 -9.03 86.55
C ILE C 2108 57.40 -8.73 87.79
N ASN C 2109 56.96 -9.28 88.91
CA ASN C 2109 57.71 -9.17 90.15
C ASN C 2109 58.94 -10.07 90.10
N GLY C 2110 59.87 -9.79 91.02
CA GLY C 2110 61.09 -10.58 91.05
C GLY C 2110 60.86 -12.01 91.50
N VAL C 2111 59.79 -12.25 92.25
CA VAL C 2111 59.52 -13.58 92.77
C VAL C 2111 59.07 -14.53 91.67
N SER C 2112 58.49 -13.99 90.60
CA SER C 2112 57.93 -14.80 89.52
C SER C 2112 58.90 -15.04 88.38
N VAL C 2113 60.16 -14.66 88.55
CA VAL C 2113 61.11 -14.70 87.43
C VAL C 2113 61.34 -16.13 86.96
N GLU C 2114 61.59 -17.05 87.89
CA GLU C 2114 61.89 -18.42 87.50
C GLU C 2114 60.68 -19.10 86.88
N ASP C 2115 59.48 -18.85 87.42
CA ASP C 2115 58.27 -19.41 86.83
C ASP C 2115 58.04 -18.86 85.43
N THR C 2116 58.28 -17.56 85.24
CA THR C 2116 58.14 -16.97 83.92
C THR C 2116 59.16 -17.57 82.94
N ILE C 2117 60.38 -17.81 83.42
CA ILE C 2117 61.40 -18.41 82.56
C ILE C 2117 60.98 -19.82 82.13
N ASN C 2118 60.46 -20.61 83.07
CA ASN C 2118 60.00 -21.95 82.71
C ASN C 2118 58.84 -21.89 81.73
N LEU C 2119 57.89 -20.98 81.96
CA LEU C 2119 56.76 -20.85 81.04
C LEU C 2119 57.23 -20.44 79.65
N LEU C 2120 58.17 -19.51 79.57
CA LEU C 2120 58.71 -19.10 78.28
C LEU C 2120 59.48 -20.22 77.60
N ALA C 2121 60.19 -21.06 78.35
CA ALA C 2121 60.85 -22.21 77.75
C ALA C 2121 59.85 -23.21 77.17
N SER C 2122 58.77 -23.49 77.92
CA SER C 2122 57.74 -24.38 77.39
C SER C 2122 57.08 -23.79 76.16
N LEU C 2123 56.79 -22.50 76.19
CA LEU C 2123 56.20 -21.83 75.03
C LEU C 2123 57.15 -21.85 73.85
N GLY C 2124 58.45 -21.72 74.09
CA GLY C 2124 59.41 -21.83 73.02
C GLY C 2124 59.46 -23.20 72.39
N GLN C 2125 59.40 -24.25 73.22
CA GLN C 2125 59.32 -25.59 72.66
C GLN C 2125 58.07 -25.77 71.80
N ILE C 2126 56.93 -25.29 72.30
CA ILE C 2126 55.68 -25.40 71.55
C ILE C 2126 55.78 -24.62 70.24
N ARG C 2127 56.33 -23.41 70.27
CA ARG C 2127 56.49 -22.60 69.07
C ARG C 2127 57.43 -23.26 68.06
N SER C 2128 58.54 -23.82 68.52
CA SER C 2128 59.47 -24.51 67.64
C SER C 2128 58.89 -25.78 67.04
N LEU C 2129 57.95 -26.42 67.73
CA LEU C 2129 57.30 -27.59 67.15
C LEU C 2129 56.42 -27.23 65.96
N LEU C 2130 56.14 -25.94 65.72
CA LEU C 2130 55.34 -25.55 64.57
C LEU C 2130 56.05 -25.84 63.25
N SER C 2131 57.38 -25.80 63.24
CA SER C 2131 58.14 -25.94 62.02
C SER C 2131 58.44 -27.39 61.66
N VAL C 2132 57.92 -28.36 62.39
CA VAL C 2132 58.14 -29.76 62.10
C VAL C 2132 56.80 -30.45 61.90
N ARG C 2133 56.82 -31.51 61.10
CA ARG C 2133 55.61 -32.29 60.87
C ARG C 2133 55.27 -33.10 62.12
N MET C 2134 53.98 -33.22 62.40
CA MET C 2134 53.55 -33.91 63.61
C MET C 2134 53.81 -35.41 63.52
N GLY C 2135 54.35 -35.97 64.61
CA GLY C 2135 54.57 -37.38 64.73
C GLY C 2135 54.37 -37.86 66.15
N LYS C 2136 54.71 -39.12 66.38
CA LYS C 2136 54.50 -39.70 67.69
C LYS C 2136 55.25 -38.96 68.78
N GLU C 2137 56.51 -38.61 68.54
CA GLU C 2137 57.31 -37.90 69.54
C GLU C 2137 56.89 -36.45 69.69
N GLU C 2138 56.52 -35.78 68.61
CA GLU C 2138 55.99 -34.44 68.71
C GLU C 2138 54.71 -34.41 69.51
N GLU C 2139 53.91 -35.48 69.44
CA GLU C 2139 52.76 -35.62 70.31
C GLU C 2139 53.17 -35.51 71.78
N LYS C 2140 54.19 -36.26 72.17
CA LYS C 2140 54.63 -36.26 73.56
C LYS C 2140 55.17 -34.90 73.96
N LEU C 2141 55.96 -34.27 73.09
CA LEU C 2141 56.51 -32.96 73.41
C LEU C 2141 55.40 -31.93 73.60
N MET C 2142 54.42 -31.93 72.69
CA MET C 2142 53.30 -31.01 72.79
C MET C 2142 52.54 -31.21 74.10
N ILE C 2143 52.24 -32.47 74.44
CA ILE C 2143 51.47 -32.73 75.64
C ILE C 2143 52.25 -32.34 76.90
N ARG C 2144 53.53 -32.71 76.98
CA ARG C 2144 54.27 -32.38 78.18
C ARG C 2144 54.42 -30.87 78.34
N GLY C 2145 54.64 -30.14 77.24
CA GLY C 2145 54.68 -28.69 77.33
C GLY C 2145 53.38 -28.06 77.75
N LEU C 2146 52.25 -28.52 77.20
CA LEU C 2146 50.97 -27.97 77.61
C LEU C 2146 50.69 -28.26 79.08
N GLY C 2147 51.04 -29.47 79.53
CA GLY C 2147 50.88 -29.79 80.94
C GLY C 2147 51.73 -28.93 81.85
N ASP C 2148 52.99 -28.67 81.46
CA ASP C 2148 53.83 -27.80 82.25
C ASP C 2148 53.24 -26.39 82.32
N ILE C 2149 52.72 -25.90 81.20
CA ILE C 2149 52.12 -24.57 81.21
C ILE C 2149 50.92 -24.52 82.14
N MET C 2150 50.03 -25.51 82.05
CA MET C 2150 48.88 -25.49 82.94
C MET C 2150 49.30 -25.63 84.40
N ASN C 2151 50.38 -26.36 84.68
CA ASN C 2151 50.82 -26.51 86.06
C ASN C 2151 51.47 -25.24 86.59
N ASN C 2152 52.06 -24.43 85.71
CA ASN C 2152 52.72 -23.21 86.16
C ASN C 2152 51.70 -22.21 86.70
N LYS C 2153 52.09 -21.50 87.77
CA LYS C 2153 51.17 -20.57 88.42
C LYS C 2153 51.00 -19.29 87.62
N VAL C 2154 52.03 -18.89 86.86
CA VAL C 2154 51.95 -17.66 86.08
C VAL C 2154 50.83 -17.73 85.06
N PHE C 2155 50.57 -18.92 84.51
CA PHE C 2155 49.50 -19.09 83.54
C PHE C 2155 48.17 -18.60 84.10
N TYR C 2156 47.93 -18.86 85.39
CA TYR C 2156 46.70 -18.39 86.02
C TYR C 2156 46.82 -16.95 86.49
N GLN C 2157 47.96 -16.58 87.07
CA GLN C 2157 48.07 -15.29 87.74
C GLN C 2157 48.12 -14.14 86.74
N HIS C 2158 48.67 -14.38 85.54
CA HIS C 2158 48.90 -13.33 84.56
C HIS C 2158 48.27 -13.73 83.23
N PRO C 2159 46.95 -13.64 83.11
CA PRO C 2159 46.32 -13.96 81.83
C PRO C 2159 46.68 -12.99 80.72
N ASN C 2160 46.94 -11.73 81.07
CA ASN C 2160 47.29 -10.74 80.05
C ASN C 2160 48.62 -11.08 79.38
N LEU C 2161 49.60 -11.56 80.15
CA LEU C 2161 50.86 -11.97 79.54
C LEU C 2161 50.67 -13.16 78.61
N MET C 2162 49.83 -14.11 79.02
CA MET C 2162 49.51 -15.25 78.16
C MET C 2162 48.87 -14.78 76.85
N ARG C 2163 47.94 -13.82 76.94
CA ARG C 2163 47.29 -13.31 75.75
C ARG C 2163 48.28 -12.57 74.86
N ALA C 2164 49.18 -11.78 75.46
CA ALA C 2164 50.17 -11.06 74.68
C ALA C 2164 51.15 -11.99 73.99
N LEU C 2165 51.54 -13.08 74.64
CA LEU C 2165 52.42 -14.05 74.00
C LEU C 2165 51.71 -14.85 72.93
N GLY C 2166 50.39 -14.78 72.87
CA GLY C 2166 49.64 -15.47 71.84
C GLY C 2166 49.74 -16.98 71.91
N MET C 2167 49.65 -17.54 73.11
CA MET C 2167 49.68 -18.99 73.25
C MET C 2167 48.46 -19.62 72.59
N HIS C 2168 47.30 -18.97 72.73
CA HIS C 2168 46.10 -19.51 72.11
C HIS C 2168 46.25 -19.61 70.60
N GLU C 2169 46.88 -18.60 69.98
CA GLU C 2169 47.15 -18.67 68.55
C GLU C 2169 48.03 -19.86 68.19
N THR C 2170 49.09 -20.09 68.96
CA THR C 2170 50.02 -21.17 68.65
C THR C 2170 49.33 -22.53 68.78
N VAL C 2171 48.61 -22.74 69.88
CA VAL C 2171 47.89 -23.99 70.05
C VAL C 2171 46.82 -24.13 68.97
N MET C 2172 46.20 -23.01 68.61
CA MET C 2172 45.13 -23.01 67.62
C MET C 2172 45.64 -23.53 66.29
N GLU C 2173 46.75 -22.97 65.81
CA GLU C 2173 47.29 -23.39 64.51
C GLU C 2173 47.96 -24.76 64.59
N VAL C 2174 48.51 -25.15 65.75
CA VAL C 2174 49.01 -26.50 65.90
C VAL C 2174 47.90 -27.51 65.70
N MET C 2175 46.74 -27.26 66.32
CA MET C 2175 45.60 -28.14 66.11
C MET C 2175 45.06 -28.02 64.69
N VAL C 2176 45.18 -26.84 64.08
CA VAL C 2176 44.74 -26.65 62.70
C VAL C 2176 45.49 -27.58 61.77
N ASN C 2177 46.81 -27.67 61.96
CA ASN C 2177 47.62 -28.54 61.11
C ASN C 2177 47.13 -29.98 61.18
N VAL C 2178 46.93 -30.49 62.40
CA VAL C 2178 46.50 -31.88 62.57
C VAL C 2178 45.12 -32.09 61.98
N LEU C 2179 44.21 -31.14 62.21
CA LEU C 2179 42.85 -31.27 61.69
C LEU C 2179 42.83 -31.28 60.18
N GLY C 2180 43.61 -30.39 59.56
CA GLY C 2180 43.67 -30.37 58.10
C GLY C 2180 44.38 -31.58 57.53
N GLY C 2181 45.22 -32.23 58.34
CA GLY C 2181 45.85 -33.46 57.90
C GLY C 2181 44.92 -34.65 58.05
N GLY C 2182 44.42 -35.14 56.92
CA GLY C 2182 43.63 -36.35 56.89
C GLY C 2182 42.24 -36.25 57.49
N GLU C 2183 41.34 -35.53 56.83
CA GLU C 2183 39.96 -35.41 57.29
C GLU C 2183 39.11 -36.61 56.87
N SER C 2184 39.22 -37.00 55.59
CA SER C 2184 38.41 -38.10 55.08
C SER C 2184 38.81 -39.43 55.72
N LYS C 2185 40.11 -39.63 55.95
CA LYS C 2185 40.65 -40.86 56.50
C LYS C 2185 40.52 -40.95 58.01
N GLU C 2186 39.63 -40.14 58.60
CA GLU C 2186 39.44 -40.05 60.04
C GLU C 2186 40.61 -39.31 60.67
N ILE C 2187 40.33 -38.49 61.69
CA ILE C 2187 41.35 -37.62 62.23
C ILE C 2187 42.46 -38.44 62.88
N THR C 2188 43.71 -38.11 62.55
CA THR C 2188 44.87 -38.71 63.18
C THR C 2188 45.30 -37.87 64.37
N PHE C 2189 46.03 -38.51 65.29
CA PHE C 2189 46.46 -37.93 66.56
C PHE C 2189 45.26 -37.34 67.32
N PRO C 2190 44.24 -38.14 67.62
CA PRO C 2190 43.07 -37.61 68.35
C PRO C 2190 43.41 -37.11 69.73
N LYS C 2191 44.37 -37.74 70.40
CA LYS C 2191 44.83 -37.29 71.70
C LYS C 2191 45.39 -35.88 71.66
N MET C 2192 46.03 -35.48 70.55
CA MET C 2192 46.41 -34.09 70.37
C MET C 2192 45.23 -33.14 70.29
N VAL C 2193 44.23 -33.45 69.46
CA VAL C 2193 43.09 -32.55 69.40
C VAL C 2193 42.44 -32.44 70.76
N ALA C 2194 42.38 -33.55 71.50
CA ALA C 2194 41.82 -33.51 72.84
C ALA C 2194 42.63 -32.60 73.77
N ASN C 2195 43.95 -32.74 73.79
CA ASN C 2195 44.75 -31.92 74.68
C ASN C 2195 44.70 -30.45 74.31
N CYS C 2196 44.76 -30.15 73.01
CA CYS C 2196 44.68 -28.77 72.57
C CYS C 2196 43.34 -28.15 72.95
N CYS C 2197 42.25 -28.90 72.76
CA CYS C 2197 40.93 -28.39 73.12
C CYS C 2197 40.78 -28.19 74.62
N ARG C 2198 41.33 -29.10 75.43
CA ARG C 2198 41.29 -28.89 76.87
C ARG C 2198 42.06 -27.64 77.27
N PHE C 2199 43.24 -27.44 76.68
CA PHE C 2199 44.00 -26.24 76.97
C PHE C 2199 43.23 -24.99 76.59
N LEU C 2200 42.58 -25.01 75.43
CA LEU C 2200 41.84 -23.84 74.98
C LEU C 2200 40.63 -23.58 75.88
N CYS C 2201 39.95 -24.63 76.33
CA CYS C 2201 38.83 -24.43 77.25
C CYS C 2201 39.29 -23.84 78.57
N TYR C 2202 40.42 -24.32 79.10
CA TYR C 2202 40.97 -23.72 80.30
C TYR C 2202 41.33 -22.26 80.07
N PHE C 2203 41.91 -21.95 78.91
CA PHE C 2203 42.27 -20.57 78.59
C PHE C 2203 41.03 -19.69 78.57
N CYS C 2204 39.93 -20.19 77.99
CA CYS C 2204 38.68 -19.45 78.00
C CYS C 2204 38.18 -19.24 79.43
N ARG C 2205 38.28 -20.26 80.28
CA ARG C 2205 37.74 -20.14 81.63
C ARG C 2205 38.58 -19.20 82.50
N ILE C 2206 39.86 -19.01 82.19
CA ILE C 2206 40.72 -18.23 83.06
C ILE C 2206 40.19 -16.81 83.22
N SER C 2207 39.91 -16.12 82.11
CA SER C 2207 39.53 -14.72 82.19
C SER C 2207 38.51 -14.40 81.12
N ARG C 2208 37.74 -13.33 81.36
CA ARG C 2208 36.72 -12.92 80.42
C ARG C 2208 37.32 -12.42 79.11
N GLN C 2209 38.42 -11.67 79.19
CA GLN C 2209 39.05 -11.17 77.97
C GLN C 2209 39.64 -12.30 77.15
N ASN C 2210 40.17 -13.33 77.81
CA ASN C 2210 40.64 -14.51 77.07
C ASN C 2210 39.49 -15.16 76.32
N GLN C 2211 38.30 -15.20 76.92
CA GLN C 2211 37.14 -15.75 76.24
C GLN C 2211 36.80 -14.94 75.00
N LYS C 2212 36.88 -13.61 75.10
CA LYS C 2212 36.66 -12.77 73.93
C LYS C 2212 37.71 -13.02 72.86
N ALA C 2213 38.97 -13.17 73.24
CA ALA C 2213 40.01 -13.45 72.26
C ALA C 2213 39.75 -14.78 71.54
N MET C 2214 39.34 -15.80 72.30
CA MET C 2214 39.04 -17.09 71.67
C MET C 2214 37.79 -17.02 70.82
N PHE C 2215 36.88 -16.11 71.13
CA PHE C 2215 35.64 -15.98 70.36
C PHE C 2215 35.90 -15.62 68.91
N ASP C 2216 37.02 -14.98 68.61
CA ASP C 2216 37.31 -14.54 67.26
C ASP C 2216 37.53 -15.69 66.29
N HIS C 2217 37.69 -16.91 66.80
CA HIS C 2217 37.95 -18.08 65.98
C HIS C 2217 36.76 -19.02 65.95
N LEU C 2218 35.57 -18.49 66.25
CA LEU C 2218 34.38 -19.34 66.31
C LEU C 2218 34.02 -19.88 64.94
N SER C 2219 34.35 -19.14 63.88
CA SER C 2219 34.00 -19.56 62.53
C SER C 2219 34.71 -20.86 62.14
N TYR C 2220 36.03 -20.90 62.30
CA TYR C 2220 36.77 -22.10 61.93
C TYR C 2220 36.45 -23.26 62.87
N LEU C 2221 36.28 -22.96 64.16
CA LEU C 2221 35.97 -24.00 65.12
C LEU C 2221 34.66 -24.69 64.78
N LEU C 2222 33.68 -23.93 64.31
CA LEU C 2222 32.42 -24.52 63.87
C LEU C 2222 32.56 -25.26 62.56
N GLU C 2223 33.52 -24.86 61.70
CA GLU C 2223 33.79 -25.64 60.50
C GLU C 2223 34.34 -27.01 60.86
N ASN C 2224 35.31 -27.05 61.78
CA ASN C 2224 35.88 -28.32 62.24
C ASN C 2224 35.20 -28.78 63.52
N SER C 2225 33.88 -28.90 63.44
CA SER C 2225 33.06 -29.25 64.60
C SER C 2225 32.74 -30.72 64.68
N SER C 2226 32.89 -31.48 63.60
CA SER C 2226 32.58 -32.90 63.57
C SER C 2226 33.83 -33.75 63.67
N VAL C 2227 34.83 -33.31 64.42
CA VAL C 2227 36.11 -34.03 64.49
C VAL C 2227 35.94 -35.32 65.29
N GLY C 2228 35.53 -35.19 66.55
CA GLY C 2228 35.47 -36.36 67.41
C GLY C 2228 34.20 -36.45 68.22
N LEU C 2229 33.10 -35.97 67.68
CA LEU C 2229 31.84 -35.99 68.40
C LEU C 2229 31.39 -37.42 68.70
N ALA C 2230 31.52 -38.31 67.72
CA ALA C 2230 31.07 -39.68 67.92
C ALA C 2230 31.95 -40.42 68.92
N SER C 2231 33.23 -40.09 68.96
CA SER C 2231 34.14 -40.79 69.86
C SER C 2231 33.86 -40.38 71.30
N PRO C 2232 33.61 -41.33 72.19
CA PRO C 2232 33.40 -40.98 73.60
C PRO C 2232 34.72 -40.68 74.31
N ALA C 2233 34.64 -40.23 75.55
CA ALA C 2233 35.80 -39.93 76.39
C ALA C 2233 36.59 -38.74 75.84
N MET C 2234 36.18 -38.25 74.68
CA MET C 2234 36.68 -36.99 74.15
C MET C 2234 35.72 -35.87 74.40
N ARG C 2235 34.66 -36.22 75.13
CA ARG C 2235 33.66 -35.25 75.51
C ARG C 2235 34.30 -34.13 76.31
N GLY C 2236 34.00 -32.89 75.93
CA GLY C 2236 34.67 -31.75 76.54
C GLY C 2236 36.04 -31.47 75.98
N SER C 2237 36.49 -32.21 74.96
CA SER C 2237 37.81 -32.04 74.38
C SER C 2237 37.75 -31.99 72.87
N THR C 2238 36.77 -31.26 72.33
CA THR C 2238 36.57 -31.12 70.89
C THR C 2238 36.48 -29.65 70.52
N PRO C 2239 36.73 -29.31 69.26
CA PRO C 2239 36.57 -27.91 68.84
C PRO C 2239 35.18 -27.37 69.07
N LEU C 2240 34.16 -28.22 68.99
CA LEU C 2240 32.81 -27.77 69.35
C LEU C 2240 32.74 -27.37 70.81
N ASP C 2241 33.39 -28.14 71.69
CA ASP C 2241 33.44 -27.77 73.10
C ASP C 2241 34.20 -26.47 73.31
N VAL C 2242 35.28 -26.26 72.55
CA VAL C 2242 36.00 -25.00 72.63
C VAL C 2242 35.10 -23.85 72.22
N ALA C 2243 34.34 -24.03 71.15
CA ALA C 2243 33.41 -22.99 70.70
C ALA C 2243 32.36 -22.71 71.76
N ALA C 2244 31.84 -23.76 72.39
CA ALA C 2244 30.85 -23.57 73.46
C ALA C 2244 31.44 -22.80 74.63
N ALA C 2245 32.67 -23.13 75.01
CA ALA C 2245 33.34 -22.38 76.08
C ALA C 2245 33.62 -20.94 75.68
N SER C 2246 33.76 -20.68 74.38
CA SER C 2246 34.00 -19.32 73.93
C SER C 2246 32.79 -18.41 74.15
N VAL C 2247 31.60 -19.01 74.36
CA VAL C 2247 30.39 -18.22 74.54
C VAL C 2247 29.67 -18.56 75.84
N MET C 2248 30.23 -19.45 76.65
CA MET C 2248 29.56 -19.86 77.90
C MET C 2248 29.44 -18.67 78.83
N ASP C 2249 28.21 -18.39 79.27
CA ASP C 2249 27.90 -17.41 80.31
C ASP C 2249 28.48 -16.03 80.03
N ASN C 2250 28.37 -15.54 78.80
CA ASN C 2250 28.83 -14.21 78.43
C ASN C 2250 27.76 -13.55 77.58
N ASN C 2251 27.07 -12.57 78.15
CA ASN C 2251 26.03 -11.86 77.40
C ASN C 2251 26.63 -11.08 76.24
N GLU C 2252 27.79 -10.46 76.47
CA GLU C 2252 28.42 -9.67 75.41
C GLU C 2252 28.72 -10.51 74.19
N LEU C 2253 29.27 -11.70 74.40
CA LEU C 2253 29.58 -12.60 73.28
C LEU C 2253 28.35 -13.27 72.71
N ALA C 2254 27.37 -13.61 73.55
CA ALA C 2254 26.14 -14.20 73.04
C ALA C 2254 25.40 -13.25 72.12
N LEU C 2255 25.33 -11.97 72.49
CA LEU C 2255 24.70 -10.99 71.63
C LEU C 2255 25.49 -10.71 70.36
N ALA C 2256 26.82 -10.81 70.42
CA ALA C 2256 27.64 -10.59 69.23
C ALA C 2256 27.63 -11.80 68.31
N LEU C 2257 27.25 -12.97 68.81
CA LEU C 2257 27.16 -14.16 68.00
C LEU C 2257 26.17 -13.94 66.86
N ARG C 2258 26.58 -14.32 65.65
CA ARG C 2258 25.83 -13.97 64.44
C ARG C 2258 24.79 -15.04 64.11
N GLU C 2259 24.16 -14.87 62.95
CA GLU C 2259 23.22 -15.85 62.41
C GLU C 2259 23.91 -16.98 61.63
N PRO C 2260 24.85 -16.70 60.71
CA PRO C 2260 25.39 -17.80 59.89
C PRO C 2260 26.04 -18.91 60.69
N ASP C 2261 26.71 -18.58 61.79
CA ASP C 2261 27.32 -19.62 62.61
C ASP C 2261 26.27 -20.52 63.24
N LEU C 2262 25.14 -19.94 63.65
CA LEU C 2262 24.01 -20.75 64.10
C LEU C 2262 23.46 -21.61 62.97
N GLU C 2263 23.38 -21.05 61.77
CA GLU C 2263 22.88 -21.82 60.63
C GLU C 2263 23.77 -23.01 60.32
N LYS C 2264 25.08 -22.84 60.50
CA LYS C 2264 26.01 -23.95 60.31
C LYS C 2264 25.68 -25.10 61.25
N VAL C 2265 25.50 -24.79 62.53
CA VAL C 2265 25.19 -25.83 63.52
C VAL C 2265 23.85 -26.46 63.22
N VAL C 2266 22.88 -25.66 62.77
CA VAL C 2266 21.57 -26.20 62.42
C VAL C 2266 21.69 -27.17 61.25
N ARG C 2267 22.49 -26.82 60.25
CA ARG C 2267 22.70 -27.73 59.12
C ARG C 2267 23.38 -29.01 59.57
N TYR C 2268 24.37 -28.91 60.45
CA TYR C 2268 25.02 -30.10 60.96
C TYR C 2268 24.03 -30.99 61.70
N LEU C 2269 23.17 -30.40 62.52
CA LEU C 2269 22.16 -31.16 63.24
C LEU C 2269 21.16 -31.81 62.30
N ALA C 2270 20.76 -31.10 61.24
CA ALA C 2270 19.88 -31.70 60.24
C ALA C 2270 20.54 -32.89 59.55
N GLY C 2271 21.82 -32.76 59.22
CA GLY C 2271 22.54 -33.87 58.63
C GLY C 2271 22.60 -35.07 59.57
N CYS C 2272 22.85 -34.81 60.86
CA CYS C 2272 22.86 -35.87 61.86
C CYS C 2272 21.50 -36.51 62.04
N GLY C 2273 20.41 -35.75 61.86
CA GLY C 2273 19.09 -36.33 61.96
C GLY C 2273 18.68 -37.11 60.73
N LEU C 2274 19.25 -36.74 59.58
CA LEU C 2274 18.89 -37.42 58.34
C LEU C 2274 19.72 -38.68 58.10
N GLN C 2275 21.00 -38.64 58.45
CA GLN C 2275 21.94 -39.69 58.09
C GLN C 2275 22.42 -40.43 59.34
N SER C 2276 22.80 -41.69 59.15
CA SER C 2276 23.30 -42.50 60.25
C SER C 2276 24.75 -42.14 60.56
N CYS C 2277 25.34 -42.88 61.50
CA CYS C 2277 26.72 -42.65 61.90
C CYS C 2277 27.64 -43.65 61.23
N GLN C 2278 28.49 -43.15 60.33
CA GLN C 2278 29.36 -44.03 59.54
C GLN C 2278 30.34 -44.79 60.42
N MET C 2279 30.99 -44.09 61.35
CA MET C 2279 31.97 -44.75 62.20
C MET C 2279 31.33 -45.80 63.09
N LEU C 2280 30.12 -45.55 63.58
CA LEU C 2280 29.42 -46.51 64.42
C LEU C 2280 28.93 -47.72 63.63
N VAL C 2281 28.38 -47.53 62.44
CA VAL C 2281 27.98 -48.68 61.65
C VAL C 2281 29.20 -49.47 61.20
N SER C 2282 30.34 -48.80 61.01
CA SER C 2282 31.57 -49.53 60.71
C SER C 2282 31.99 -50.42 61.87
N LYS C 2283 31.83 -49.95 63.10
CA LYS C 2283 32.08 -50.79 64.27
C LYS C 2283 30.99 -51.81 64.50
N GLY C 2284 29.84 -51.67 63.84
CA GLY C 2284 28.83 -52.70 63.86
C GLY C 2284 27.55 -52.35 64.57
N TYR C 2285 27.37 -51.10 65.00
CA TYR C 2285 26.13 -50.72 65.65
C TYR C 2285 24.96 -50.83 64.68
N PRO C 2286 23.77 -51.14 65.19
CA PRO C 2286 22.61 -51.27 64.30
C PRO C 2286 22.34 -49.98 63.55
N ASP C 2287 21.96 -50.12 62.28
CA ASP C 2287 21.86 -48.98 61.37
C ASP C 2287 20.47 -48.35 61.47
N ILE C 2288 20.32 -47.46 62.45
CA ILE C 2288 19.17 -46.58 62.50
C ILE C 2288 19.45 -45.44 61.53
N GLY C 2289 18.41 -44.68 61.15
CA GLY C 2289 18.58 -43.69 60.11
C GLY C 2289 19.21 -42.39 60.55
N TRP C 2290 19.40 -42.21 61.85
CA TRP C 2290 19.79 -40.91 62.39
C TRP C 2290 20.90 -41.08 63.43
N ASN C 2291 21.47 -39.94 63.83
CA ASN C 2291 22.69 -39.92 64.64
C ASN C 2291 22.48 -39.21 65.96
N PRO C 2292 21.93 -39.91 66.97
CA PRO C 2292 21.70 -39.26 68.27
C PRO C 2292 22.98 -38.76 68.92
N VAL C 2293 24.08 -39.51 68.76
CA VAL C 2293 25.30 -39.19 69.47
C VAL C 2293 25.84 -37.83 69.04
N GLU C 2294 25.90 -37.59 67.75
CA GLU C 2294 26.36 -36.29 67.26
C GLU C 2294 25.28 -35.23 67.41
N GLY C 2295 24.01 -35.63 67.32
CA GLY C 2295 22.94 -34.66 67.46
C GLY C 2295 22.92 -34.00 68.83
N GLU C 2296 23.12 -34.79 69.88
CA GLU C 2296 23.16 -34.22 71.23
C GLU C 2296 24.31 -33.24 71.40
N ARG C 2297 25.49 -33.58 70.90
CA ARG C 2297 26.62 -32.67 71.00
C ARG C 2297 26.35 -31.38 70.25
N TYR C 2298 25.75 -31.47 69.06
CA TYR C 2298 25.39 -30.25 68.35
C TYR C 2298 24.31 -29.45 69.06
N LEU C 2299 23.42 -30.13 69.79
CA LEU C 2299 22.37 -29.43 70.51
C LEU C 2299 22.91 -28.68 71.72
N ASP C 2300 23.96 -29.21 72.34
CA ASP C 2300 24.53 -28.56 73.52
C ASP C 2300 25.05 -27.16 73.19
N PHE C 2301 25.71 -27.00 72.05
CA PHE C 2301 26.22 -25.70 71.66
C PHE C 2301 25.09 -24.71 71.47
N LEU C 2302 23.99 -25.15 70.83
CA LEU C 2302 22.85 -24.27 70.67
C LEU C 2302 22.25 -23.89 72.02
N ARG C 2303 22.21 -24.85 72.96
CA ARG C 2303 21.78 -24.52 74.31
C ARG C 2303 22.62 -23.39 74.91
N PHE C 2304 23.93 -23.53 74.85
CA PHE C 2304 24.81 -22.50 75.39
C PHE C 2304 24.67 -21.17 74.66
N ALA C 2305 24.35 -21.20 73.37
CA ALA C 2305 24.19 -19.96 72.62
C ALA C 2305 22.88 -19.25 72.98
N VAL C 2306 21.81 -20.01 73.21
CA VAL C 2306 20.51 -19.36 73.39
C VAL C 2306 20.25 -19.01 74.86
N PHE C 2307 20.83 -19.75 75.80
CA PHE C 2307 20.53 -19.54 77.22
C PHE C 2307 21.80 -19.12 77.91
N CYS C 2308 21.73 -18.05 78.71
CA CYS C 2308 22.92 -17.46 79.30
C CYS C 2308 22.58 -16.81 80.63
N ASN C 2309 23.24 -17.26 81.70
CA ASN C 2309 23.15 -16.65 83.02
C ASN C 2309 21.72 -16.59 83.54
N GLY C 2310 20.97 -17.68 83.36
CA GLY C 2310 19.65 -17.81 83.91
C GLY C 2310 18.53 -17.29 83.05
N GLU C 2311 18.80 -16.29 82.21
CA GLU C 2311 17.79 -15.74 81.34
C GLU C 2311 18.06 -16.16 79.89
N SER C 2312 17.02 -16.09 79.06
CA SER C 2312 17.08 -16.57 77.69
C SER C 2312 17.36 -15.41 76.75
N VAL C 2313 18.43 -15.51 75.97
CA VAL C 2313 18.77 -14.49 74.99
C VAL C 2313 17.75 -14.55 73.86
N GLU C 2314 16.87 -13.54 73.79
CA GLU C 2314 15.77 -13.56 72.83
C GLU C 2314 16.29 -13.56 71.40
N GLU C 2315 17.32 -12.76 71.12
CA GLU C 2315 17.81 -12.63 69.75
C GLU C 2315 18.31 -13.97 69.22
N ASN C 2316 19.06 -14.70 70.04
CA ASN C 2316 19.59 -15.98 69.63
C ASN C 2316 18.59 -17.11 69.80
N ALA C 2317 17.51 -16.90 70.54
CA ALA C 2317 16.50 -17.95 70.68
C ALA C 2317 15.51 -17.93 69.53
N ASN C 2318 15.07 -16.73 69.13
CA ASN C 2318 14.12 -16.62 68.03
C ASN C 2318 14.72 -17.08 66.71
N VAL C 2319 16.02 -16.86 66.51
CA VAL C 2319 16.68 -17.33 65.29
C VAL C 2319 16.77 -18.84 65.28
N VAL C 2320 17.15 -19.43 66.42
CA VAL C 2320 17.32 -20.88 66.49
C VAL C 2320 15.99 -21.59 66.30
N VAL C 2321 14.93 -21.07 66.92
CA VAL C 2321 13.61 -21.70 66.77
C VAL C 2321 13.18 -21.68 65.31
N ARG C 2322 13.34 -20.54 64.63
CA ARG C 2322 12.98 -20.47 63.23
C ARG C 2322 13.81 -21.39 62.36
N LEU C 2323 15.11 -21.51 62.63
CA LEU C 2323 15.94 -22.42 61.86
C LEU C 2323 15.49 -23.86 62.07
N LEU C 2324 15.20 -24.24 63.31
CA LEU C 2324 14.77 -25.60 63.59
C LEU C 2324 13.41 -25.92 62.97
N ILE C 2325 12.50 -24.95 62.90
CA ILE C 2325 11.22 -25.23 62.25
C ILE C 2325 11.36 -25.19 60.73
N ARG C 2326 12.32 -24.44 60.21
CA ARG C 2326 12.60 -24.49 58.78
C ARG C 2326 13.11 -25.86 58.38
N ARG C 2327 13.97 -26.45 59.19
CA ARG C 2327 14.46 -27.81 58.96
C ARG C 2327 13.90 -28.75 60.03
N PRO C 2328 12.70 -29.29 59.84
CA PRO C 2328 12.08 -30.11 60.88
C PRO C 2328 12.76 -31.45 61.10
N GLU C 2329 13.68 -31.86 60.23
CA GLU C 2329 14.37 -33.13 60.43
C GLU C 2329 15.27 -33.08 61.67
N CYS C 2330 15.59 -31.88 62.15
CA CYS C 2330 16.42 -31.73 63.34
C CYS C 2330 15.73 -32.23 64.60
N PHE C 2331 14.42 -32.46 64.56
CA PHE C 2331 13.67 -32.82 65.75
C PHE C 2331 13.70 -34.30 66.04
N GLY C 2332 14.31 -35.10 65.18
CA GLY C 2332 14.36 -36.53 65.38
C GLY C 2332 13.19 -37.24 64.72
N PRO C 2333 13.35 -38.53 64.45
CA PRO C 2333 12.30 -39.26 63.74
C PRO C 2333 10.96 -39.26 64.45
N ALA C 2334 10.96 -39.23 65.78
CA ALA C 2334 9.69 -39.21 66.51
C ALA C 2334 8.91 -37.94 66.24
N LEU C 2335 9.60 -36.80 66.15
CA LEU C 2335 8.96 -35.51 66.00
C LEU C 2335 9.09 -34.94 64.59
N ARG C 2336 9.49 -35.76 63.61
CA ARG C 2336 9.48 -35.28 62.23
C ARG C 2336 8.08 -34.86 61.78
N GLY C 2337 7.06 -35.64 62.13
CA GLY C 2337 5.69 -35.28 61.85
C GLY C 2337 5.02 -36.10 60.78
N GLU C 2338 5.78 -36.80 59.93
CA GLU C 2338 5.18 -37.66 58.91
C GLU C 2338 4.93 -39.05 59.51
N GLY C 2339 3.94 -39.09 60.39
CA GLY C 2339 3.61 -40.34 61.07
C GLY C 2339 4.53 -40.66 62.22
N GLY C 2340 5.23 -39.68 62.77
CA GLY C 2340 6.06 -39.93 63.93
C GLY C 2340 5.23 -40.37 65.12
N ASN C 2341 5.79 -41.33 65.87
CA ASN C 2341 5.05 -41.91 66.98
C ASN C 2341 4.82 -40.89 68.10
N GLY C 2342 5.83 -40.08 68.40
CA GLY C 2342 5.71 -39.10 69.47
C GLY C 2342 6.82 -39.19 70.49
N LEU C 2343 6.91 -38.19 71.38
CA LEU C 2343 7.99 -38.17 72.36
C LEU C 2343 7.86 -39.31 73.36
N LEU C 2344 6.65 -39.54 73.88
CA LEU C 2344 6.46 -40.59 74.86
C LEU C 2344 6.72 -41.97 74.26
N ALA C 2345 6.21 -42.21 73.05
CA ALA C 2345 6.50 -43.46 72.36
C ALA C 2345 7.98 -43.61 72.06
N ALA C 2346 8.66 -42.51 71.74
CA ALA C 2346 10.10 -42.58 71.52
C ALA C 2346 10.83 -42.97 72.78
N MET C 2347 10.44 -42.40 73.91
CA MET C 2347 11.03 -42.80 75.19
C MET C 2347 10.77 -44.24 75.53
N GLU C 2348 9.57 -44.76 75.29
CA GLU C 2348 9.29 -46.17 75.53
C GLU C 2348 10.06 -47.10 74.60
N GLU C 2349 10.16 -46.75 73.32
CA GLU C 2349 10.98 -47.52 72.41
C GLU C 2349 12.44 -47.49 72.83
N ALA C 2350 12.89 -46.36 73.38
CA ALA C 2350 14.25 -46.28 73.89
C ALA C 2350 14.45 -47.18 75.09
N ILE C 2351 13.46 -47.26 75.98
CA ILE C 2351 13.52 -48.22 77.08
C ILE C 2351 13.67 -49.64 76.54
N LYS C 2352 12.84 -49.99 75.54
CA LYS C 2352 12.90 -51.33 74.99
C LYS C 2352 14.25 -51.61 74.33
N ILE C 2353 14.79 -50.62 73.61
CA ILE C 2353 16.07 -50.80 72.95
C ILE C 2353 17.19 -50.97 73.96
N ALA C 2354 17.22 -50.12 74.99
CA ALA C 2354 18.21 -50.22 76.04
C ALA C 2354 18.11 -51.53 76.81
N GLU C 2355 16.92 -52.09 76.93
CA GLU C 2355 16.75 -53.41 77.52
C GLU C 2355 17.23 -54.53 76.62
N ASP C 2356 16.94 -54.45 75.33
CA ASP C 2356 17.39 -55.48 74.39
C ASP C 2356 18.91 -55.38 74.21
N PRO C 2357 19.63 -56.49 74.27
CA PRO C 2357 21.08 -56.43 74.07
C PRO C 2357 21.48 -56.23 72.62
N SER C 2358 20.71 -56.79 71.70
CA SER C 2358 21.09 -56.78 70.29
C SER C 2358 21.11 -55.37 69.73
N ARG C 2359 20.02 -54.62 69.93
CA ARG C 2359 19.94 -53.28 69.35
C ARG C 2359 20.73 -52.27 70.16
N ASP C 2360 21.05 -52.61 71.42
CA ASP C 2360 21.81 -51.69 72.26
C ASP C 2360 23.27 -51.61 71.84
N GLY C 2361 23.89 -52.76 71.59
CA GLY C 2361 25.31 -52.81 71.35
C GLY C 2361 25.69 -53.13 69.93
N PRO C 2362 26.99 -53.05 69.62
CA PRO C 2362 27.44 -53.37 68.25
C PRO C 2362 27.15 -54.80 67.85
N SER C 2363 27.29 -55.75 68.78
CA SER C 2363 27.11 -57.17 68.50
C SER C 2363 27.91 -57.63 67.29
N PRO C 2364 29.24 -57.73 67.41
CA PRO C 2364 30.10 -58.12 66.28
C PRO C 2364 29.86 -59.55 65.82
N GLU C 2377 38.62 -48.76 75.86
CA GLU C 2377 37.91 -49.62 74.93
C GLU C 2377 36.48 -49.86 75.40
N GLU C 2378 36.31 -50.00 76.71
CA GLU C 2378 34.97 -50.18 77.27
C GLU C 2378 34.13 -48.92 77.08
N ASP C 2379 34.77 -47.75 77.11
CA ASP C 2379 34.04 -46.50 76.92
C ASP C 2379 33.45 -46.42 75.52
N ASP C 2380 34.03 -47.16 74.57
CA ASP C 2380 33.55 -47.12 73.19
C ASP C 2380 32.14 -47.68 73.07
N THR C 2381 31.69 -48.44 74.07
CA THR C 2381 30.35 -49.00 74.04
C THR C 2381 29.32 -47.90 74.15
N ILE C 2382 28.55 -47.70 73.08
CA ILE C 2382 27.50 -46.67 73.05
C ILE C 2382 26.18 -47.38 73.26
N HIS C 2383 25.53 -47.10 74.38
CA HIS C 2383 24.20 -47.63 74.62
C HIS C 2383 23.18 -46.80 73.85
N MET C 2384 22.70 -47.35 72.73
CA MET C 2384 21.92 -46.54 71.79
C MET C 2384 20.60 -46.08 72.40
N GLY C 2385 20.01 -46.87 73.31
CA GLY C 2385 18.82 -46.40 73.99
C GLY C 2385 19.08 -45.14 74.79
N ASN C 2386 20.16 -45.14 75.57
CA ASN C 2386 20.52 -43.94 76.32
C ASN C 2386 20.89 -42.80 75.38
N ALA C 2387 21.49 -43.12 74.24
CA ALA C 2387 21.84 -42.08 73.27
C ALA C 2387 20.58 -41.39 72.75
N ILE C 2388 19.57 -42.18 72.39
CA ILE C 2388 18.31 -41.60 71.92
C ILE C 2388 17.64 -40.80 73.02
N MET C 2389 17.63 -41.34 74.23
CA MET C 2389 17.04 -40.62 75.36
C MET C 2389 17.72 -39.28 75.56
N THR C 2390 19.05 -39.27 75.53
CA THR C 2390 19.80 -38.04 75.73
C THR C 2390 19.55 -37.06 74.60
N PHE C 2391 19.46 -37.54 73.37
CA PHE C 2391 19.17 -36.64 72.26
C PHE C 2391 17.84 -35.94 72.45
N TYR C 2392 16.79 -36.72 72.74
CA TYR C 2392 15.47 -36.10 72.89
C TYR C 2392 15.42 -35.18 74.10
N SER C 2393 16.07 -35.58 75.19
CA SER C 2393 16.09 -34.72 76.37
C SER C 2393 16.82 -33.41 76.08
N ALA C 2394 17.95 -33.48 75.36
CA ALA C 2394 18.68 -32.27 75.02
C ALA C 2394 17.86 -31.38 74.10
N LEU C 2395 17.16 -31.96 73.14
CA LEU C 2395 16.31 -31.17 72.26
C LEU C 2395 15.22 -30.45 73.04
N ILE C 2396 14.55 -31.17 73.94
CA ILE C 2396 13.50 -30.57 74.73
C ILE C 2396 14.06 -29.48 75.64
N ASP C 2397 15.22 -29.72 76.24
CA ASP C 2397 15.84 -28.71 77.09
C ASP C 2397 16.19 -27.46 76.28
N LEU C 2398 16.74 -27.65 75.08
CA LEU C 2398 17.09 -26.50 74.25
C LEU C 2398 15.84 -25.69 73.90
N LEU C 2399 14.76 -26.38 73.54
CA LEU C 2399 13.53 -25.65 73.19
C LEU C 2399 12.97 -24.93 74.41
N GLY C 2400 12.99 -25.57 75.57
CA GLY C 2400 12.50 -24.91 76.78
C GLY C 2400 13.32 -23.69 77.15
N ARG C 2401 14.64 -23.76 76.93
CA ARG C 2401 15.47 -22.60 77.17
C ARG C 2401 15.22 -21.52 76.13
N CYS C 2402 14.89 -21.92 74.90
CA CYS C 2402 14.52 -20.97 73.86
C CYS C 2402 13.17 -20.32 74.11
N ALA C 2403 12.36 -20.88 75.00
CA ALA C 2403 11.08 -20.29 75.30
C ALA C 2403 11.26 -18.88 75.86
N PRO C 2404 10.37 -17.95 75.53
CA PRO C 2404 10.53 -16.57 75.98
C PRO C 2404 10.34 -16.43 77.48
N GLU C 2405 10.93 -15.37 78.04
CA GLU C 2405 10.80 -15.12 79.47
C GLU C 2405 9.38 -14.69 79.81
N MET C 2406 9.02 -14.90 81.07
CA MET C 2406 7.64 -14.67 81.50
C MET C 2406 7.26 -13.20 81.43
N HIS C 2407 8.19 -12.30 81.77
CA HIS C 2407 7.86 -10.89 81.83
C HIS C 2407 7.53 -10.33 80.45
N LEU C 2408 8.22 -10.81 79.41
CA LEU C 2408 7.91 -10.37 78.05
C LEU C 2408 6.49 -10.78 77.66
N ILE C 2409 6.10 -12.01 77.99
CA ILE C 2409 4.75 -12.46 77.68
C ILE C 2409 3.72 -11.63 78.44
N HIS C 2410 4.01 -11.34 79.71
CA HIS C 2410 3.10 -10.49 80.48
C HIS C 2410 2.98 -9.10 79.86
N ALA C 2411 4.10 -8.55 79.39
CA ALA C 2411 4.04 -7.27 78.69
C ALA C 2411 3.25 -7.37 77.40
N GLY C 2412 3.22 -8.56 76.79
CA GLY C 2412 2.42 -8.79 75.61
C GLY C 2412 3.14 -8.70 74.29
N LYS C 2413 4.44 -8.99 74.25
CA LYS C 2413 5.18 -8.92 73.00
C LYS C 2413 4.70 -10.00 72.03
N GLY C 2414 4.25 -9.55 70.86
CA GLY C 2414 3.67 -10.47 69.91
C GLY C 2414 4.63 -11.55 69.46
N GLU C 2415 5.90 -11.18 69.27
CA GLU C 2415 6.90 -12.15 68.86
C GLU C 2415 7.10 -13.23 69.92
N ALA C 2416 7.15 -12.81 71.20
CA ALA C 2416 7.28 -13.78 72.27
C ALA C 2416 6.08 -14.71 72.34
N ILE C 2417 4.87 -14.14 72.21
CA ILE C 2417 3.67 -14.96 72.23
C ILE C 2417 3.69 -15.97 71.08
N ARG C 2418 4.11 -15.51 69.91
CA ARG C 2418 4.16 -16.38 68.74
C ARG C 2418 5.17 -17.50 68.92
N ILE C 2419 6.33 -17.19 69.50
CA ILE C 2419 7.34 -18.22 69.74
C ILE C 2419 6.81 -19.26 70.71
N ARG C 2420 6.16 -18.80 71.78
CA ARG C 2420 5.59 -19.74 72.74
C ARG C 2420 4.53 -20.62 72.07
N SER C 2421 3.71 -20.03 71.21
CA SER C 2421 2.69 -20.80 70.50
C SER C 2421 3.33 -21.85 69.61
N ILE C 2422 4.42 -21.49 68.92
CA ILE C 2422 5.11 -22.45 68.07
C ILE C 2422 5.64 -23.61 68.90
N LEU C 2423 6.25 -23.30 70.05
CA LEU C 2423 6.81 -24.36 70.89
C LEU C 2423 5.70 -25.28 71.41
N ARG C 2424 4.57 -24.68 71.81
CA ARG C 2424 3.44 -25.49 72.28
C ARG C 2424 2.92 -26.39 71.18
N SER C 2425 2.85 -25.88 69.94
CA SER C 2425 2.43 -26.72 68.83
C SER C 2425 3.41 -27.85 68.60
N LEU C 2426 4.71 -27.57 68.72
CA LEU C 2426 5.71 -28.62 68.47
C LEU C 2426 5.62 -29.74 69.50
N ILE C 2427 5.49 -29.39 70.78
CA ILE C 2427 5.49 -30.39 71.84
C ILE C 2427 4.15 -30.39 72.56
N PRO C 2428 3.38 -31.47 72.50
CA PRO C 2428 2.15 -31.55 73.29
C PRO C 2428 2.45 -31.71 74.77
N LEU C 2429 1.50 -31.29 75.60
CA LEU C 2429 1.66 -31.40 77.04
C LEU C 2429 1.53 -32.85 77.51
N GLY C 2430 0.67 -33.62 76.84
CA GLY C 2430 0.46 -34.99 77.25
C GLY C 2430 1.73 -35.83 77.17
N ASP C 2431 2.53 -35.60 76.12
CA ASP C 2431 3.80 -36.30 76.01
C ASP C 2431 4.74 -35.99 77.16
N LEU C 2432 4.87 -34.72 77.54
CA LEU C 2432 5.69 -34.36 78.68
C LEU C 2432 5.19 -35.01 79.96
N VAL C 2433 3.87 -35.01 80.18
CA VAL C 2433 3.33 -35.63 81.38
C VAL C 2433 3.63 -37.12 81.39
N GLY C 2434 3.46 -37.80 80.26
CA GLY C 2434 3.75 -39.21 80.19
C GLY C 2434 5.21 -39.53 80.45
N VAL C 2435 6.11 -38.77 79.82
CA VAL C 2435 7.53 -39.00 80.01
C VAL C 2435 7.92 -38.79 81.47
N ILE C 2436 7.32 -37.78 82.10
CA ILE C 2436 7.54 -37.61 83.53
C ILE C 2436 7.00 -38.81 84.30
N SER C 2437 5.85 -39.33 83.88
CA SER C 2437 5.22 -40.44 84.61
C SER C 2437 6.02 -41.72 84.50
N ILE C 2438 6.85 -41.86 83.46
CA ILE C 2438 7.71 -43.04 83.36
C ILE C 2438 8.56 -43.15 84.61
N ALA C 2439 8.68 -44.36 85.14
CA ALA C 2439 9.39 -44.60 86.40
C ALA C 2439 10.76 -45.23 86.14
N PHE C 2440 11.68 -45.00 87.08
CA PHE C 2440 13.01 -45.56 87.01
C PHE C 2440 13.03 -47.00 87.47
N GLN C 2441 14.22 -47.61 87.41
CA GLN C 2441 14.46 -48.93 87.98
C GLN C 2441 15.39 -48.75 89.18
N MET C 2442 14.88 -49.03 90.37
CA MET C 2442 15.60 -48.68 91.58
C MET C 2442 16.61 -49.77 91.93
N PRO C 2443 17.77 -49.42 92.45
CA PRO C 2443 18.74 -50.46 92.85
C PRO C 2443 18.23 -51.26 94.03
N THR C 2444 18.70 -52.50 94.11
CA THR C 2444 18.27 -53.43 95.15
C THR C 2444 19.47 -54.10 95.79
N ILE C 2445 19.32 -54.52 97.03
CA ILE C 2445 20.35 -55.26 97.73
C ILE C 2445 20.17 -56.75 97.45
N ALA C 2446 21.28 -57.47 97.35
CA ALA C 2446 21.22 -58.88 96.98
C ALA C 2446 21.17 -59.77 98.22
N LYS C 2447 21.28 -61.09 97.97
CA LYS C 2447 21.27 -62.05 99.06
C LYS C 2447 22.46 -61.86 99.98
N ASP C 2448 23.64 -61.60 99.42
CA ASP C 2448 24.86 -61.45 100.20
C ASP C 2448 25.01 -60.07 100.81
N GLY C 2449 24.07 -59.16 100.55
CA GLY C 2449 24.18 -57.80 101.01
C GLY C 2449 24.88 -56.85 100.06
N ASN C 2450 25.46 -57.37 98.98
CA ASN C 2450 26.07 -56.51 97.99
C ASN C 2450 24.99 -55.96 97.06
N VAL C 2451 24.78 -54.65 97.08
CA VAL C 2451 23.72 -54.06 96.29
C VAL C 2451 24.07 -54.17 94.81
N VAL C 2452 23.10 -54.64 94.02
CA VAL C 2452 23.24 -54.71 92.58
C VAL C 2452 22.76 -53.38 92.02
N GLU C 2453 23.55 -52.79 91.13
CA GLU C 2453 23.31 -51.43 90.69
C GLU C 2453 23.11 -51.39 89.18
N PRO C 2454 21.98 -50.86 88.70
CA PRO C 2454 21.84 -50.63 87.26
C PRO C 2454 22.90 -49.65 86.78
N ASP C 2455 23.41 -49.91 85.57
CA ASP C 2455 24.43 -49.04 85.00
C ASP C 2455 23.82 -47.71 84.57
N MET C 2456 24.48 -46.61 84.94
CA MET C 2456 23.96 -45.30 84.59
C MET C 2456 24.12 -45.00 83.10
N SER C 2457 25.21 -45.48 82.49
CA SER C 2457 25.48 -45.15 81.10
C SER C 2457 24.39 -45.71 80.18
N ALA C 2458 23.63 -46.68 80.67
CA ALA C 2458 22.48 -47.21 79.95
C ALA C 2458 21.21 -46.93 80.73
N GLY C 2459 20.09 -46.93 80.03
CA GLY C 2459 18.79 -46.81 80.66
C GLY C 2459 18.34 -45.37 80.86
N PHE C 2460 17.23 -45.24 81.57
CA PHE C 2460 16.57 -43.95 81.75
C PHE C 2460 17.09 -43.27 83.00
N CYS C 2461 17.46 -42.00 82.89
CA CYS C 2461 18.06 -41.28 84.01
C CYS C 2461 17.21 -40.08 84.40
N PRO C 2462 17.29 -39.66 85.67
CA PRO C 2462 16.50 -38.50 86.11
C PRO C 2462 16.87 -37.21 85.39
N ASP C 2463 18.08 -37.12 84.85
CA ASP C 2463 18.45 -35.95 84.07
C ASP C 2463 17.53 -35.79 82.87
N HIS C 2464 17.03 -36.92 82.35
CA HIS C 2464 16.09 -36.85 81.24
C HIS C 2464 14.79 -36.17 81.67
N LYS C 2465 14.29 -36.50 82.86
CA LYS C 2465 13.08 -35.84 83.34
C LYS C 2465 13.34 -34.40 83.73
N ALA C 2466 14.58 -34.06 84.06
CA ALA C 2466 14.89 -32.68 84.39
C ALA C 2466 14.58 -31.75 83.23
N ALA C 2467 14.95 -32.14 82.01
CA ALA C 2467 14.62 -31.36 80.83
C ALA C 2467 13.11 -31.29 80.60
N MET C 2468 12.40 -32.38 80.87
CA MET C 2468 10.94 -32.36 80.73
C MET C 2468 10.33 -31.32 81.65
N VAL C 2469 10.78 -31.30 82.91
CA VAL C 2469 10.26 -30.34 83.87
C VAL C 2469 10.63 -28.92 83.45
N LEU C 2470 11.85 -28.71 82.96
CA LEU C 2470 12.24 -27.39 82.51
C LEU C 2470 11.34 -26.90 81.38
N PHE C 2471 11.07 -27.75 80.39
CA PHE C 2471 10.18 -27.36 79.31
C PHE C 2471 8.78 -27.08 79.82
N LEU C 2472 8.26 -27.95 80.68
CA LEU C 2472 6.89 -27.79 81.16
C LEU C 2472 6.74 -26.52 81.98
N ASP C 2473 7.77 -26.11 82.71
CA ASP C 2473 7.73 -24.86 83.45
C ASP C 2473 7.93 -23.62 82.58
N ARG C 2474 8.79 -23.69 81.56
CA ARG C 2474 9.10 -22.50 80.79
C ARG C 2474 8.22 -22.30 79.57
N VAL C 2475 7.43 -23.29 79.18
CA VAL C 2475 6.61 -23.15 77.99
C VAL C 2475 5.13 -23.23 78.35
N TYR C 2476 4.71 -24.39 78.85
CA TYR C 2476 3.29 -24.58 79.12
C TYR C 2476 2.87 -23.85 80.39
N GLY C 2477 3.70 -23.94 81.43
CA GLY C 2477 3.42 -23.24 82.67
C GLY C 2477 2.38 -23.94 83.51
N ILE C 2478 2.56 -23.94 84.82
CA ILE C 2478 1.58 -24.52 85.73
C ILE C 2478 0.84 -23.39 86.43
N GLU C 2479 -0.37 -23.09 85.97
CA GLU C 2479 -1.18 -22.02 86.54
C GLU C 2479 -2.55 -22.51 86.99
N VAL C 2480 -2.80 -23.81 87.01
CA VAL C 2480 -4.08 -24.37 87.39
C VAL C 2480 -3.87 -25.40 88.49
N GLN C 2481 -4.67 -25.28 89.55
CA GLN C 2481 -4.58 -26.23 90.66
C GLN C 2481 -4.90 -27.65 90.20
N ASP C 2482 -5.85 -27.82 89.30
CA ASP C 2482 -6.16 -29.17 88.80
C ASP C 2482 -4.97 -29.78 88.10
N PHE C 2483 -4.31 -29.02 87.23
CA PHE C 2483 -3.12 -29.53 86.54
C PHE C 2483 -2.01 -29.84 87.54
N LEU C 2484 -1.83 -28.95 88.52
CA LEU C 2484 -0.81 -29.19 89.54
C LEU C 2484 -1.05 -30.49 90.28
N LEU C 2485 -2.28 -30.71 90.73
CA LEU C 2485 -2.60 -31.93 91.46
C LEU C 2485 -2.47 -33.16 90.58
N HIS C 2486 -2.89 -33.07 89.31
CA HIS C 2486 -2.74 -34.22 88.42
C HIS C 2486 -1.28 -34.57 88.23
N LEU C 2487 -0.44 -33.57 87.99
CA LEU C 2487 1.00 -33.82 87.84
C LEU C 2487 1.58 -34.42 89.11
N LEU C 2488 1.21 -33.87 90.26
CA LEU C 2488 1.73 -34.38 91.53
C LEU C 2488 1.36 -35.83 91.72
N GLU C 2489 0.12 -36.19 91.38
CA GLU C 2489 -0.31 -37.58 91.54
C GLU C 2489 0.37 -38.51 90.56
N VAL C 2490 0.58 -38.08 89.31
CA VAL C 2490 1.02 -39.03 88.29
C VAL C 2490 2.55 -39.16 88.23
N GLY C 2491 3.28 -38.06 88.30
CA GLY C 2491 4.70 -38.15 88.01
C GLY C 2491 5.66 -37.74 89.11
N PHE C 2492 5.25 -36.79 89.95
CA PHE C 2492 6.19 -36.23 90.91
C PHE C 2492 6.28 -37.08 92.18
N LEU C 2493 5.13 -37.48 92.71
CA LEU C 2493 5.08 -38.23 93.95
C LEU C 2493 5.82 -39.56 93.89
N PRO C 2494 5.68 -40.38 92.82
CA PRO C 2494 6.41 -41.66 92.80
C PRO C 2494 7.91 -41.50 92.93
N ASP C 2495 8.49 -40.48 92.28
CA ASP C 2495 9.93 -40.26 92.41
C ASP C 2495 10.31 -39.85 93.81
N LEU C 2496 9.50 -39.01 94.46
CA LEU C 2496 9.77 -38.64 95.84
C LEU C 2496 9.71 -39.85 96.75
N ARG C 2497 8.73 -40.74 96.53
CA ARG C 2497 8.67 -41.96 97.32
C ARG C 2497 9.88 -42.84 97.08
N ALA C 2498 10.33 -42.93 95.84
CA ALA C 2498 11.54 -43.71 95.55
C ALA C 2498 12.75 -43.15 96.29
N ALA C 2499 12.89 -41.82 96.28
CA ALA C 2499 14.00 -41.20 96.99
C ALA C 2499 13.91 -41.46 98.49
N ALA C 2500 12.71 -41.35 99.05
CA ALA C 2500 12.53 -41.60 100.48
C ALA C 2500 12.76 -43.05 100.86
N SER C 2501 12.46 -43.99 99.95
CA SER C 2501 12.72 -45.40 100.20
C SER C 2501 14.17 -45.79 100.00
N LEU C 2502 14.92 -45.05 99.18
CA LEU C 2502 16.33 -45.30 98.99
C LEU C 2502 17.20 -44.56 99.98
N ASP C 2503 16.67 -44.23 101.16
CA ASP C 2503 17.41 -43.51 102.18
C ASP C 2503 18.08 -44.46 103.18
N THR C 2504 18.13 -45.75 102.88
CA THR C 2504 18.79 -46.69 103.76
C THR C 2504 20.30 -46.46 103.75
N ALA C 2505 20.98 -46.97 104.78
CA ALA C 2505 22.40 -46.70 104.94
C ALA C 2505 23.22 -47.22 103.78
N ALA C 2506 22.96 -48.44 103.31
CA ALA C 2506 23.75 -49.00 102.22
C ALA C 2506 23.43 -48.33 100.90
N LEU C 2507 22.15 -48.05 100.66
CA LEU C 2507 21.71 -47.54 99.37
C LEU C 2507 21.75 -46.03 99.27
N SER C 2508 22.17 -45.34 100.33
CA SER C 2508 22.10 -43.88 100.33
C SER C 2508 23.11 -43.27 99.37
N ALA C 2509 24.31 -43.84 99.30
CA ALA C 2509 25.39 -43.26 98.51
C ALA C 2509 25.40 -43.75 97.07
N THR C 2510 24.42 -44.53 96.66
CA THR C 2510 24.42 -45.10 95.32
C THR C 2510 24.16 -44.02 94.27
N ASP C 2511 24.53 -44.34 93.02
CA ASP C 2511 24.42 -43.35 91.95
C ASP C 2511 22.97 -42.97 91.69
N MET C 2512 22.06 -43.94 91.75
CA MET C 2512 20.65 -43.64 91.58
C MET C 2512 20.18 -42.65 92.64
N ALA C 2513 20.56 -42.87 93.89
CA ALA C 2513 20.12 -41.97 94.96
C ALA C 2513 20.63 -40.56 94.74
N LEU C 2514 21.91 -40.43 94.41
CA LEU C 2514 22.48 -39.10 94.21
C LEU C 2514 21.84 -38.39 93.03
N ALA C 2515 21.67 -39.10 91.91
CA ALA C 2515 21.05 -38.49 90.74
C ALA C 2515 19.61 -38.09 91.02
N LEU C 2516 18.87 -38.94 91.72
CA LEU C 2516 17.48 -38.63 92.01
C LEU C 2516 17.37 -37.44 92.95
N ASN C 2517 18.27 -37.35 93.93
CA ASN C 2517 18.28 -36.19 94.82
C ASN C 2517 18.60 -34.92 94.04
N ARG C 2518 19.61 -34.98 93.16
CA ARG C 2518 19.94 -33.82 92.36
C ARG C 2518 18.80 -33.39 91.44
N TYR C 2519 18.03 -34.34 90.92
CA TYR C 2519 16.88 -34.01 90.11
C TYR C 2519 15.76 -33.40 90.94
N LEU C 2520 15.42 -34.01 92.06
CA LEU C 2520 14.28 -33.54 92.84
C LEU C 2520 14.55 -32.19 93.49
N CYS C 2521 15.75 -31.99 94.01
CA CYS C 2521 16.04 -30.77 94.75
C CYS C 2521 16.31 -29.58 93.85
N THR C 2522 16.44 -29.79 92.55
CA THR C 2522 16.72 -28.69 91.62
C THR C 2522 15.66 -28.50 90.54
N ALA C 2523 14.79 -29.48 90.31
CA ALA C 2523 13.74 -29.32 89.31
C ALA C 2523 12.35 -29.40 89.92
N VAL C 2524 12.05 -30.45 90.70
CA VAL C 2524 10.70 -30.67 91.16
C VAL C 2524 10.37 -29.73 92.32
N LEU C 2525 11.18 -29.76 93.37
CA LEU C 2525 10.87 -28.99 94.56
C LEU C 2525 10.80 -27.49 94.32
N PRO C 2526 11.74 -26.86 93.60
CA PRO C 2526 11.56 -25.43 93.29
C PRO C 2526 10.29 -25.14 92.52
N LEU C 2527 9.86 -26.05 91.65
CA LEU C 2527 8.60 -25.87 90.94
C LEU C 2527 7.43 -25.82 91.90
N LEU C 2528 7.40 -26.75 92.85
CA LEU C 2528 6.33 -26.75 93.85
C LEU C 2528 6.43 -25.58 94.80
N THR C 2529 7.62 -25.03 95.00
CA THR C 2529 7.78 -23.82 95.79
C THR C 2529 7.25 -22.59 95.08
N ARG C 2530 7.51 -22.47 93.79
CA ARG C 2530 6.98 -21.36 93.00
C ARG C 2530 5.47 -21.49 92.78
N CYS C 2531 4.94 -22.71 92.78
CA CYS C 2531 3.51 -22.94 92.61
C CYS C 2531 2.79 -23.12 93.94
N ALA C 2532 3.35 -22.54 95.01
CA ALA C 2532 2.73 -22.67 96.32
C ALA C 2532 1.32 -22.10 96.40
N PRO C 2533 1.01 -20.91 95.88
CA PRO C 2533 -0.35 -20.36 96.06
C PRO C 2533 -1.45 -21.25 95.51
N LEU C 2534 -1.15 -22.09 94.53
CA LEU C 2534 -2.17 -22.98 93.99
C LEU C 2534 -2.62 -24.03 95.00
N PHE C 2535 -1.87 -24.18 96.10
CA PHE C 2535 -2.19 -25.19 97.10
C PHE C 2535 -3.30 -24.75 98.06
N ALA C 2536 -3.86 -23.56 97.88
CA ALA C 2536 -4.83 -23.03 98.84
C ALA C 2536 -6.07 -23.91 98.91
N GLY C 2537 -6.83 -24.00 97.83
CA GLY C 2537 -8.09 -24.71 97.84
C GLY C 2537 -7.98 -26.17 97.49
N THR C 2538 -7.41 -26.97 98.38
CA THR C 2538 -7.21 -28.39 98.15
C THR C 2538 -7.99 -29.26 99.13
N GLU C 2539 -9.17 -28.81 99.55
CA GLU C 2539 -9.94 -29.57 100.52
C GLU C 2539 -10.35 -30.93 99.98
N HIS C 2540 -10.76 -30.98 98.71
CA HIS C 2540 -11.19 -32.23 98.11
C HIS C 2540 -10.03 -33.22 98.00
N HIS C 2541 -8.83 -32.74 97.66
CA HIS C 2541 -7.64 -33.58 97.66
C HIS C 2541 -6.91 -33.44 99.00
N ALA C 2542 -7.44 -34.13 100.00
CA ALA C 2542 -6.88 -34.09 101.34
C ALA C 2542 -5.91 -35.23 101.63
N SER C 2543 -5.75 -36.18 100.71
CA SER C 2543 -4.87 -37.31 100.94
C SER C 2543 -3.54 -37.15 100.20
N LEU C 2544 -3.60 -36.65 98.96
CA LEU C 2544 -2.38 -36.44 98.20
C LEU C 2544 -1.47 -35.42 98.88
N ILE C 2545 -2.04 -34.36 99.45
CA ILE C 2545 -1.25 -33.37 100.16
C ILE C 2545 -0.55 -33.98 101.36
N ASP C 2546 -1.27 -34.77 102.16
CA ASP C 2546 -0.66 -35.45 103.30
C ASP C 2546 0.42 -36.42 102.89
N SER C 2547 0.23 -37.16 101.80
CA SER C 2547 1.29 -38.02 101.29
C SER C 2547 2.52 -37.22 100.89
N LEU C 2548 2.32 -36.10 100.20
CA LEU C 2548 3.43 -35.25 99.78
C LEU C 2548 4.20 -34.74 100.98
N LEU C 2549 3.49 -34.27 102.00
CA LEU C 2549 4.16 -33.71 103.17
C LEU C 2549 5.03 -34.75 103.85
N HIS C 2550 4.49 -35.95 104.06
CA HIS C 2550 5.25 -37.00 104.73
C HIS C 2550 6.45 -37.42 103.90
N THR C 2551 6.26 -37.56 102.58
CA THR C 2551 7.38 -37.96 101.74
C THR C 2551 8.49 -36.92 101.76
N VAL C 2552 8.13 -35.64 101.68
CA VAL C 2552 9.13 -34.59 101.70
C VAL C 2552 9.84 -34.55 103.05
N TYR C 2553 9.08 -34.74 104.14
CA TYR C 2553 9.69 -34.73 105.46
C TYR C 2553 10.68 -35.89 105.63
N ARG C 2554 10.32 -37.07 105.13
CA ARG C 2554 11.25 -38.19 105.17
C ARG C 2554 12.49 -37.92 104.33
N LEU C 2555 12.30 -37.33 103.14
CA LEU C 2555 13.45 -37.00 102.31
C LEU C 2555 14.36 -35.99 103.01
N SER C 2556 13.78 -35.02 103.70
CA SER C 2556 14.56 -34.08 104.51
C SER C 2556 15.32 -34.77 105.63
N LYS C 2557 14.70 -35.71 106.33
CA LYS C 2557 15.39 -36.48 107.35
C LYS C 2557 16.46 -37.38 106.75
N GLY C 2558 16.42 -37.63 105.45
CA GLY C 2558 17.49 -38.37 104.79
C GLY C 2558 18.87 -37.79 105.10
N CYS C 2559 19.89 -38.62 104.91
CA CYS C 2559 21.23 -38.32 105.43
C CYS C 2559 22.17 -37.74 104.38
N SER C 2560 22.27 -38.39 103.21
CA SER C 2560 23.33 -38.03 102.26
C SER C 2560 23.10 -36.67 101.63
N LEU C 2561 21.94 -36.07 101.86
CA LEU C 2561 21.59 -34.79 101.24
C LEU C 2561 22.63 -33.73 101.59
N THR C 2562 23.00 -32.93 100.59
CA THR C 2562 23.93 -31.83 100.80
C THR C 2562 23.22 -30.64 101.43
N LYS C 2563 24.01 -29.62 101.76
CA LYS C 2563 23.45 -28.43 102.39
C LYS C 2563 22.47 -27.72 101.47
N ALA C 2564 22.82 -27.57 100.19
CA ALA C 2564 21.92 -26.90 99.26
C ALA C 2564 20.62 -27.67 99.10
N GLN C 2565 20.70 -28.99 98.97
CA GLN C 2565 19.50 -29.80 98.85
C GLN C 2565 18.64 -29.70 100.09
N ARG C 2566 19.26 -29.73 101.27
CA ARG C 2566 18.51 -29.59 102.51
C ARG C 2566 17.81 -28.24 102.57
N ASP C 2567 18.51 -27.18 102.17
CA ASP C 2567 17.91 -25.85 102.18
C ASP C 2567 16.74 -25.78 101.22
N SER C 2568 16.88 -26.38 100.03
CA SER C 2568 15.78 -26.38 99.07
C SER C 2568 14.56 -27.10 99.64
N ILE C 2569 14.78 -28.24 100.29
CA ILE C 2569 13.66 -28.97 100.88
C ILE C 2569 13.00 -28.14 101.99
N GLU C 2570 13.81 -27.49 102.81
CA GLU C 2570 13.26 -26.65 103.87
C GLU C 2570 12.40 -25.54 103.29
N VAL C 2571 12.88 -24.87 102.24
CA VAL C 2571 12.11 -23.80 101.62
C VAL C 2571 10.81 -24.34 101.04
N CYS C 2572 10.87 -25.48 100.34
CA CYS C 2572 9.66 -26.03 99.74
C CYS C 2572 8.62 -26.37 100.80
N LEU C 2573 9.06 -27.05 101.87
CA LEU C 2573 8.11 -27.45 102.91
C LEU C 2573 7.53 -26.23 103.62
N LEU C 2574 8.37 -25.24 103.94
CA LEU C 2574 7.87 -24.04 104.60
C LEU C 2574 6.92 -23.27 103.71
N SER C 2575 7.13 -23.27 102.40
CA SER C 2575 6.23 -22.58 101.49
C SER C 2575 4.90 -23.30 101.37
N ILE C 2576 4.92 -24.63 101.25
CA ILE C 2576 3.68 -25.37 101.07
C ILE C 2576 2.84 -25.34 102.35
N CYS C 2577 3.48 -25.61 103.49
CA CYS C 2577 2.74 -25.69 104.75
C CYS C 2577 2.09 -24.36 105.09
N GLY C 2578 2.72 -23.25 104.71
CA GLY C 2578 2.13 -21.95 104.95
CA GLY C 2578 2.13 -21.95 104.95
C GLY C 2578 0.82 -21.75 104.22
N GLN C 2579 0.75 -22.22 102.97
CA GLN C 2579 -0.46 -22.07 102.19
C GLN C 2579 -1.51 -23.14 102.49
N LEU C 2580 -1.12 -24.25 103.10
CA LEU C 2580 -2.08 -25.31 103.37
C LEU C 2580 -3.05 -24.90 104.47
N ARG C 2581 -4.20 -25.59 104.50
CA ARG C 2581 -5.20 -25.36 105.53
C ARG C 2581 -4.68 -25.85 106.89
N PRO C 2582 -5.19 -25.28 107.98
CA PRO C 2582 -4.73 -25.72 109.31
C PRO C 2582 -5.01 -27.18 109.58
N SER C 2583 -6.12 -27.71 109.06
CA SER C 2583 -6.51 -29.08 109.41
C SER C 2583 -5.61 -30.11 108.71
N MET C 2584 -5.11 -29.78 107.53
CA MET C 2584 -4.36 -30.76 106.75
C MET C 2584 -3.03 -31.10 107.39
N MET C 2585 -2.50 -30.21 108.22
CA MET C 2585 -1.19 -30.44 108.83
C MET C 2585 -1.25 -31.33 110.07
N GLN C 2586 -2.41 -31.91 110.39
CA GLN C 2586 -2.52 -32.73 111.58
C GLN C 2586 -1.60 -33.95 111.50
N HIS C 2587 -1.59 -34.61 110.34
CA HIS C 2587 -0.78 -35.81 110.20
C HIS C 2587 0.71 -35.50 110.31
N LEU C 2588 1.15 -34.40 109.70
CA LEU C 2588 2.54 -33.99 109.85
C LEU C 2588 2.85 -33.56 111.28
N LEU C 2589 1.89 -32.95 111.96
CA LEU C 2589 2.08 -32.60 113.36
C LEU C 2589 2.30 -33.84 114.21
N ARG C 2590 1.58 -34.92 113.89
CA ARG C 2590 1.75 -36.15 114.65
C ARG C 2590 3.18 -36.67 114.54
N ARG C 2591 3.77 -36.59 113.36
CA ARG C 2591 5.17 -36.99 113.21
C ARG C 2591 6.11 -36.00 113.87
N LEU C 2592 5.83 -34.70 113.78
CA LEU C 2592 6.73 -33.71 114.38
C LEU C 2592 6.78 -33.83 115.90
N VAL C 2593 5.64 -34.06 116.56
CA VAL C 2593 5.63 -34.14 118.02
C VAL C 2593 6.40 -35.35 118.54
N PHE C 2594 6.87 -36.22 117.66
CA PHE C 2594 7.66 -37.38 118.06
C PHE C 2594 9.13 -37.21 117.73
N ASP C 2595 9.49 -36.27 116.87
CA ASP C 2595 10.88 -36.07 116.46
C ASP C 2595 11.48 -34.78 116.97
N VAL C 2596 10.69 -33.71 117.11
CA VAL C 2596 11.19 -32.42 117.60
C VAL C 2596 11.78 -32.53 119.00
N PRO C 2597 11.14 -33.23 119.97
CA PRO C 2597 11.67 -33.24 121.34
C PRO C 2597 13.11 -33.75 121.44
N LEU C 2598 13.58 -34.47 120.43
CA LEU C 2598 14.98 -34.88 120.42
C LEU C 2598 15.90 -33.67 120.38
N LEU C 2599 15.47 -32.59 119.74
CA LEU C 2599 16.27 -31.36 119.61
C LEU C 2599 17.67 -31.64 119.07
N ASN C 2600 17.76 -32.55 118.10
CA ASN C 2600 19.02 -32.73 117.40
C ASN C 2600 19.13 -31.68 116.31
N GLU C 2601 20.17 -31.80 115.48
CA GLU C 2601 20.34 -30.86 114.38
C GLU C 2601 19.18 -30.92 113.39
N HIS C 2602 18.57 -32.09 113.23
CA HIS C 2602 17.51 -32.25 112.24
C HIS C 2602 16.25 -31.49 112.65
N ALA C 2603 16.12 -31.14 113.93
CA ALA C 2603 14.95 -30.39 114.40
C ALA C 2603 14.98 -28.93 113.98
N LYS C 2604 16.08 -28.50 113.35
CA LYS C 2604 16.22 -27.10 112.94
C LYS C 2604 15.04 -26.65 112.10
N MET C 2605 14.67 -27.42 111.08
CA MET C 2605 13.58 -27.06 110.19
C MET C 2605 12.20 -27.30 110.82
N PRO C 2606 11.98 -28.42 111.52
CA PRO C 2606 10.68 -28.60 112.19
C PRO C 2606 10.36 -27.49 113.17
N LEU C 2607 11.37 -26.97 113.87
CA LEU C 2607 11.12 -25.89 114.81
C LEU C 2607 10.54 -24.67 114.11
N LYS C 2608 11.17 -24.24 113.02
CA LYS C 2608 10.67 -23.12 112.23
C LYS C 2608 9.31 -23.40 111.63
N LEU C 2609 9.09 -24.62 111.13
CA LEU C 2609 7.79 -24.96 110.56
C LEU C 2609 6.68 -24.85 111.60
N LEU C 2610 6.91 -25.40 112.79
CA LEU C 2610 5.96 -25.27 113.88
C LEU C 2610 5.73 -23.82 114.27
N THR C 2611 6.79 -23.03 114.37
CA THR C 2611 6.64 -21.62 114.70
C THR C 2611 5.76 -20.91 113.69
N ASN C 2612 6.04 -21.10 112.40
CA ASN C 2612 5.25 -20.45 111.36
C ASN C 2612 3.80 -20.90 111.41
N HIS C 2613 3.58 -22.21 111.58
CA HIS C 2613 2.21 -22.73 111.58
C HIS C 2613 1.40 -22.15 112.74
N TYR C 2614 1.98 -22.11 113.93
CA TYR C 2614 1.24 -21.63 115.08
C TYR C 2614 1.22 -20.11 115.17
N GLU C 2615 2.06 -19.40 114.43
CA GLU C 2615 1.90 -17.96 114.31
C GLU C 2615 0.78 -17.62 113.33
N ARG C 2616 0.69 -18.36 112.22
CA ARG C 2616 -0.34 -18.09 111.23
C ARG C 2616 -1.70 -18.49 111.75
N CYS C 2617 -1.87 -19.78 112.07
CA CYS C 2617 -3.18 -20.29 112.48
C CYS C 2617 -3.38 -20.24 113.98
N TRP C 2618 -3.14 -19.09 114.61
CA TRP C 2618 -3.36 -18.97 116.05
C TRP C 2618 -4.84 -18.85 116.37
N LYS C 2619 -5.60 -18.20 115.48
CA LYS C 2619 -7.03 -18.04 115.71
C LYS C 2619 -7.77 -19.37 115.66
N TYR C 2620 -7.24 -20.32 114.88
CA TYR C 2620 -7.88 -21.62 114.75
C TYR C 2620 -7.90 -22.37 116.07
N TYR C 2621 -6.94 -22.10 116.95
CA TYR C 2621 -6.83 -22.84 118.20
C TYR C 2621 -7.37 -22.05 119.39
N CYS C 2622 -6.97 -20.79 119.52
CA CYS C 2622 -7.31 -20.02 120.71
C CYS C 2622 -8.81 -19.74 120.78
N LEU C 2623 -9.34 -19.03 119.79
CA LEU C 2623 -10.74 -18.64 119.83
C LEU C 2623 -11.63 -19.87 119.66
N PRO C 2624 -12.69 -20.00 120.46
CA PRO C 2624 -13.60 -21.14 120.29
C PRO C 2624 -14.23 -21.21 118.91
N GLY C 2625 -14.57 -20.07 118.32
CA GLY C 2625 -15.07 -20.07 116.97
C GLY C 2625 -14.01 -20.46 115.95
N GLY C 2626 -12.78 -19.99 116.16
CA GLY C 2626 -11.71 -20.25 115.20
C GLY C 2626 -11.93 -19.48 113.91
N TRP C 2627 -11.20 -19.85 112.86
CA TRP C 2627 -11.47 -19.27 111.55
C TRP C 2627 -12.88 -19.63 111.11
N GLY C 2628 -13.62 -18.65 110.62
CA GLY C 2628 -15.01 -18.89 110.28
C GLY C 2628 -15.17 -19.95 109.20
N ASN C 2629 -14.38 -19.83 108.13
CA ASN C 2629 -14.44 -20.84 107.07
C ASN C 2629 -13.76 -22.14 107.49
N PHE C 2630 -12.62 -22.04 108.16
CA PHE C 2630 -11.82 -23.22 108.44
C PHE C 2630 -12.43 -24.06 109.56
N GLY C 2631 -12.89 -23.42 110.62
CA GLY C 2631 -13.46 -24.15 111.74
C GLY C 2631 -12.64 -24.07 113.01
N ALA C 2632 -12.57 -25.16 113.76
CA ALA C 2632 -11.83 -25.20 115.01
C ALA C 2632 -11.21 -26.57 115.19
N ALA C 2633 -10.38 -26.70 116.22
CA ALA C 2633 -9.69 -27.95 116.47
C ALA C 2633 -10.65 -29.03 116.96
N SER C 2634 -10.20 -30.28 116.84
CA SER C 2634 -10.97 -31.44 117.26
C SER C 2634 -10.57 -31.94 118.64
N GLU C 2635 -9.77 -31.14 119.35
CA GLU C 2635 -9.27 -31.42 120.70
C GLU C 2635 -8.20 -32.51 120.68
N GLU C 2636 -8.13 -33.27 119.59
CA GLU C 2636 -7.00 -34.18 119.40
C GLU C 2636 -5.78 -33.40 118.97
N GLU C 2637 -6.00 -32.41 118.09
CA GLU C 2637 -4.95 -31.47 117.74
C GLU C 2637 -4.50 -30.70 118.97
N LEU C 2638 -5.43 -30.34 119.84
CA LEU C 2638 -5.06 -29.64 121.07
C LEU C 2638 -4.21 -30.52 121.97
N HIS C 2639 -4.58 -31.79 122.10
CA HIS C 2639 -3.76 -32.71 122.88
C HIS C 2639 -2.36 -32.84 122.30
N LEU C 2640 -2.27 -32.99 120.97
CA LEU C 2640 -0.96 -33.08 120.34
C LEU C 2640 -0.15 -31.82 120.57
N SER C 2641 -0.80 -30.66 120.49
CA SER C 2641 -0.09 -29.39 120.67
C SER C 2641 0.43 -29.25 122.10
N ARG C 2642 -0.39 -29.62 123.09
CA ARG C 2642 0.08 -29.57 124.47
C ARG C 2642 1.24 -30.53 124.69
N LYS C 2643 1.14 -31.73 124.13
CA LYS C 2643 2.23 -32.69 124.27
C LYS C 2643 3.51 -32.15 123.65
N LEU C 2644 3.40 -31.55 122.46
CA LEU C 2644 4.56 -30.95 121.83
C LEU C 2644 5.15 -29.85 122.69
N PHE C 2645 4.30 -28.97 123.22
CA PHE C 2645 4.77 -27.88 124.06
C PHE C 2645 5.57 -28.40 125.24
N TRP C 2646 4.98 -29.36 125.96
CA TRP C 2646 5.64 -29.85 127.18
C TRP C 2646 6.91 -30.63 126.84
N GLY C 2647 6.89 -31.41 125.75
CA GLY C 2647 8.09 -32.13 125.37
C GLY C 2647 9.23 -31.20 125.01
N ILE C 2648 8.93 -30.16 124.21
CA ILE C 2648 9.95 -29.19 123.86
C ILE C 2648 10.46 -28.48 125.11
N PHE C 2649 9.55 -28.13 126.02
CA PHE C 2649 9.97 -27.45 127.25
C PHE C 2649 10.91 -28.31 128.07
N ASP C 2650 10.56 -29.57 128.27
CA ASP C 2650 11.41 -30.45 129.06
C ASP C 2650 12.76 -30.68 128.39
N ALA C 2651 12.74 -30.91 127.08
CA ALA C 2651 13.98 -31.17 126.37
C ALA C 2651 14.89 -29.96 126.42
N LEU C 2652 14.33 -28.75 126.29
CA LEU C 2652 15.13 -27.55 126.45
C LEU C 2652 15.65 -27.42 127.86
N SER C 2653 14.84 -27.79 128.86
CA SER C 2653 15.25 -27.68 130.25
C SER C 2653 16.46 -28.55 130.54
N GLN C 2654 16.44 -29.79 130.07
CA GLN C 2654 17.58 -30.68 130.30
C GLN C 2654 18.61 -30.66 129.18
N LYS C 2655 18.47 -29.76 128.21
CA LYS C 2655 19.43 -29.63 127.13
C LYS C 2655 20.48 -28.58 127.46
N LYS C 2656 21.73 -28.88 127.11
CA LYS C 2656 22.81 -27.92 127.26
C LYS C 2656 22.56 -26.72 126.35
N TYR C 2657 22.96 -25.54 126.82
CA TYR C 2657 22.68 -24.30 126.11
C TYR C 2657 23.39 -24.22 124.77
N GLU C 2658 22.62 -24.21 123.68
CA GLU C 2658 23.12 -23.95 122.34
C GLU C 2658 22.50 -22.65 121.86
N GLN C 2659 23.32 -21.77 121.29
CA GLN C 2659 22.87 -20.41 121.00
C GLN C 2659 21.74 -20.41 119.97
N GLU C 2660 22.00 -20.87 118.75
CA GLU C 2660 20.98 -20.82 117.71
C GLU C 2660 19.83 -21.77 118.02
N LEU C 2661 20.13 -22.93 118.62
CA LEU C 2661 19.07 -23.86 118.95
C LEU C 2661 18.08 -23.24 119.93
N PHE C 2662 18.58 -22.56 120.96
CA PHE C 2662 17.70 -21.89 121.91
C PHE C 2662 16.96 -20.71 121.29
N LYS C 2663 17.65 -19.88 120.50
CA LYS C 2663 16.99 -18.73 119.90
C LYS C 2663 16.01 -19.11 118.80
N LEU C 2664 16.03 -20.37 118.35
CA LEU C 2664 14.96 -20.80 117.45
C LEU C 2664 13.90 -21.61 118.18
N ALA C 2665 14.24 -22.24 119.30
CA ALA C 2665 13.25 -22.97 120.07
C ALA C 2665 12.33 -22.05 120.86
N LEU C 2666 12.85 -20.91 121.33
CA LEU C 2666 12.00 -19.99 122.10
C LEU C 2666 10.82 -19.49 121.28
N PRO C 2667 10.96 -19.03 120.04
CA PRO C 2667 9.78 -18.60 119.28
C PRO C 2667 8.74 -19.68 119.13
N CYS C 2668 9.15 -20.93 118.91
CA CYS C 2668 8.19 -22.01 118.76
C CYS C 2668 7.42 -22.23 120.05
N LEU C 2669 8.12 -22.24 121.19
CA LEU C 2669 7.45 -22.40 122.47
C LEU C 2669 6.46 -21.28 122.72
N SER C 2670 6.85 -20.03 122.45
CA SER C 2670 5.96 -18.90 122.61
C SER C 2670 4.74 -18.99 121.71
N ALA C 2671 4.94 -19.38 120.45
CA ALA C 2671 3.83 -19.48 119.51
C ALA C 2671 2.84 -20.56 119.95
N VAL C 2672 3.37 -21.72 120.39
CA VAL C 2672 2.48 -22.79 120.83
C VAL C 2672 1.72 -22.35 122.08
N ALA C 2673 2.41 -21.69 123.01
CA ALA C 2673 1.74 -21.22 124.22
C ALA C 2673 0.64 -20.22 123.89
N GLY C 2674 0.90 -19.31 122.95
CA GLY C 2674 -0.13 -18.37 122.55
C GLY C 2674 -1.30 -19.04 121.86
N ALA C 2675 -1.02 -20.04 121.02
CA ALA C 2675 -2.08 -20.71 120.29
C ALA C 2675 -2.98 -21.52 121.24
N LEU C 2676 -2.39 -22.19 122.20
CA LEU C 2676 -3.18 -23.04 123.09
C LEU C 2676 -4.12 -22.19 123.93
N PRO C 2677 -5.41 -22.52 124.01
CA PRO C 2677 -6.32 -21.81 124.90
C PRO C 2677 -5.86 -21.91 126.33
N PRO C 2678 -5.87 -20.79 127.07
CA PRO C 2678 -5.37 -20.84 128.45
C PRO C 2678 -6.13 -21.81 129.35
N ASP C 2679 -7.44 -21.88 129.20
CA ASP C 2679 -8.28 -22.71 130.06
C ASP C 2679 -8.58 -24.08 129.46
N TYR C 2680 -7.68 -24.60 128.63
CA TYR C 2680 -7.95 -25.80 127.86
C TYR C 2680 -8.10 -27.02 128.76
N MET C 2681 -9.02 -27.90 128.37
CA MET C 2681 -9.31 -29.12 129.13
C MET C 2681 -8.36 -30.22 128.72
N GLU C 2682 -7.52 -30.67 129.64
CA GLU C 2682 -6.79 -31.92 129.43
C GLU C 2682 -7.75 -33.10 129.50
N SER C 2683 -7.90 -33.79 128.39
CA SER C 2683 -8.86 -34.89 128.32
C SER C 2683 -8.24 -36.15 128.92
N ASN C 2684 -8.93 -36.73 129.90
CA ASN C 2684 -8.47 -37.98 130.49
C ASN C 2684 -8.51 -39.11 129.47
N TYR C 2685 -9.27 -38.94 128.39
CA TYR C 2685 -9.43 -39.97 127.37
C TYR C 2685 -8.14 -39.98 126.54
N VAL C 2686 -7.15 -40.74 127.02
CA VAL C 2686 -5.94 -40.89 126.25
C VAL C 2686 -6.25 -41.66 124.96
N SER C 2687 -5.43 -41.43 123.94
CA SER C 2687 -5.60 -42.12 122.67
C SER C 2687 -5.36 -43.61 122.84
N MET C 2688 -6.03 -44.41 122.01
CA MET C 2688 -5.87 -45.86 122.01
C MET C 2688 -4.98 -46.27 120.84
N MET C 2689 -3.97 -47.07 121.16
CA MET C 2689 -3.00 -47.58 120.19
C MET C 2689 -2.34 -46.42 119.43
N GLU C 2690 -1.67 -45.54 120.19
CA GLU C 2690 -0.87 -44.51 119.55
C GLU C 2690 0.25 -45.16 118.76
N LYS C 2691 0.23 -45.02 117.45
CA LYS C 2691 1.09 -45.80 116.57
C LYS C 2691 2.41 -45.09 116.29
N GLN C 2692 3.07 -44.62 117.35
CA GLN C 2692 4.40 -44.03 117.16
C GLN C 2692 5.42 -45.11 116.86
N SER C 2693 5.24 -46.30 117.46
CA SER C 2693 6.12 -47.42 117.16
C SER C 2693 5.97 -47.86 115.71
N SER C 2694 4.85 -47.49 115.06
CA SER C 2694 4.70 -47.81 113.64
C SER C 2694 5.74 -47.08 112.80
N MET C 2695 5.99 -45.80 113.08
CA MET C 2695 7.09 -45.07 112.46
C MET C 2695 8.31 -45.14 113.39
N ASP C 2696 8.83 -46.35 113.53
CA ASP C 2696 9.89 -46.60 114.50
C ASP C 2696 11.18 -45.88 114.08
N SER C 2697 12.08 -45.70 115.05
CA SER C 2697 13.28 -44.91 114.82
C SER C 2697 14.15 -45.51 113.73
N GLU C 2698 14.33 -46.83 113.73
CA GLU C 2698 15.16 -47.51 112.75
C GLU C 2698 14.27 -48.17 111.69
N GLY C 2699 14.46 -47.79 110.44
CA GLY C 2699 13.68 -48.31 109.34
C GLY C 2699 12.39 -47.56 109.07
N ASN C 2700 11.95 -46.74 110.02
CA ASN C 2700 10.80 -45.85 109.96
C ASN C 2700 9.47 -46.57 109.78
N PHE C 2701 9.44 -47.91 109.82
CA PHE C 2701 8.20 -48.63 109.55
C PHE C 2701 8.22 -49.98 110.29
N ASN C 2702 7.58 -50.01 111.45
CA ASN C 2702 7.42 -51.23 112.23
C ASN C 2702 5.93 -51.55 112.31
N PRO C 2703 5.46 -52.55 111.57
CA PRO C 2703 4.02 -52.86 111.59
C PRO C 2703 3.63 -53.78 112.73
N GLN C 2704 2.74 -53.34 113.61
CA GLN C 2704 2.17 -54.24 114.60
C GLN C 2704 0.65 -54.16 114.59
N PRO C 2705 -0.06 -55.13 114.01
CA PRO C 2705 -1.49 -55.26 114.28
C PRO C 2705 -1.72 -55.80 115.67
N VAL C 2706 -2.90 -55.52 116.21
CA VAL C 2706 -3.27 -56.07 117.51
C VAL C 2706 -3.51 -57.57 117.36
N ASP C 2707 -2.77 -58.36 118.14
CA ASP C 2707 -2.86 -59.80 118.02
C ASP C 2707 -4.25 -60.27 118.39
N THR C 2708 -4.79 -61.18 117.58
CA THR C 2708 -6.15 -61.68 117.78
C THR C 2708 -6.18 -63.18 118.06
N SER C 2709 -5.03 -63.82 118.24
CA SER C 2709 -5.01 -65.25 118.53
C SER C 2709 -5.66 -65.56 119.86
N ASN C 2710 -5.40 -64.74 120.88
CA ASN C 2710 -5.95 -64.99 122.20
C ASN C 2710 -7.47 -64.78 122.23
N ILE C 2711 -7.96 -63.75 121.53
CA ILE C 2711 -9.37 -63.41 121.58
C ILE C 2711 -10.15 -64.33 120.65
N THR C 2712 -11.41 -64.59 121.01
CA THR C 2712 -12.28 -65.47 120.25
C THR C 2712 -13.59 -64.75 119.93
N ILE C 2713 -14.21 -65.14 118.82
CA ILE C 2713 -15.47 -64.52 118.40
C ILE C 2713 -16.60 -65.02 119.29
N PRO C 2714 -17.56 -64.18 119.65
CA PRO C 2714 -18.77 -64.69 120.32
C PRO C 2714 -19.60 -65.55 119.38
N GLU C 2715 -20.32 -66.51 119.98
CA GLU C 2715 -21.13 -67.41 119.19
C GLU C 2715 -22.34 -66.70 118.58
N LYS C 2716 -22.76 -65.59 119.18
CA LYS C 2716 -23.94 -64.88 118.69
C LYS C 2716 -23.68 -64.24 117.33
N LEU C 2717 -22.43 -63.89 117.04
CA LEU C 2717 -22.08 -63.30 115.76
C LEU C 2717 -21.92 -64.34 114.65
N GLU C 2718 -22.16 -65.62 114.96
CA GLU C 2718 -21.99 -66.67 113.97
C GLU C 2718 -23.00 -66.51 112.83
N TYR C 2719 -24.18 -65.99 113.14
CA TYR C 2719 -25.18 -65.70 112.10
C TYR C 2719 -24.63 -64.68 111.11
N PHE C 2720 -24.03 -63.60 111.63
CA PHE C 2720 -23.42 -62.62 110.73
C PHE C 2720 -22.27 -63.21 109.95
N ILE C 2721 -21.48 -64.07 110.58
CA ILE C 2721 -20.36 -64.69 109.88
C ILE C 2721 -20.88 -65.47 108.68
N ASN C 2722 -21.90 -66.29 108.90
CA ASN C 2722 -22.49 -67.05 107.81
C ASN C 2722 -23.03 -66.14 106.73
N LYS C 2723 -23.76 -65.10 107.13
CA LYS C 2723 -24.45 -64.27 106.15
C LYS C 2723 -23.46 -63.49 105.29
N TYR C 2724 -22.38 -62.99 105.91
CA TYR C 2724 -21.39 -62.25 105.13
C TYR C 2724 -20.53 -63.18 104.30
N ALA C 2725 -20.33 -64.42 104.76
CA ALA C 2725 -19.70 -65.40 103.88
C ALA C 2725 -20.56 -65.65 102.65
N GLU C 2726 -21.87 -65.74 102.85
CA GLU C 2726 -22.78 -65.87 101.72
C GLU C 2726 -22.67 -64.67 100.79
N HIS C 2727 -22.63 -63.46 101.35
CA HIS C 2727 -22.61 -62.27 100.52
C HIS C 2727 -21.29 -62.14 99.76
N SER C 2728 -20.18 -62.55 100.38
CA SER C 2728 -18.91 -62.56 99.68
C SER C 2728 -18.90 -63.58 98.56
N HIS C 2729 -19.42 -64.78 98.82
CA HIS C 2729 -19.59 -65.76 97.74
C HIS C 2729 -20.46 -65.19 96.64
N ASP C 2730 -21.43 -64.35 97.01
CA ASP C 2730 -22.34 -63.81 96.01
C ASP C 2730 -21.65 -62.78 95.13
N LYS C 2731 -20.87 -61.86 95.72
CA LYS C 2731 -20.14 -60.92 94.88
C LYS C 2731 -19.10 -61.65 94.04
N TRP C 2732 -18.53 -62.74 94.56
CA TRP C 2732 -17.64 -63.53 93.74
C TRP C 2732 -18.39 -64.15 92.57
N SER C 2733 -19.62 -64.57 92.79
CA SER C 2733 -20.45 -65.08 91.70
C SER C 2733 -20.71 -63.99 90.67
N MET C 2734 -20.96 -62.76 91.14
CA MET C 2734 -21.05 -61.62 90.23
C MET C 2734 -19.83 -61.51 89.32
N ASP C 2735 -18.63 -61.48 89.89
CA ASP C 2735 -17.46 -61.29 89.03
C ASP C 2735 -17.22 -62.50 88.15
N LYS C 2736 -17.52 -63.70 88.66
CA LYS C 2736 -17.33 -64.93 87.89
C LYS C 2736 -18.22 -64.95 86.67
N LEU C 2737 -19.52 -64.69 86.87
CA LEU C 2737 -20.46 -64.68 85.75
C LEU C 2737 -20.17 -63.52 84.80
N ALA C 2738 -19.78 -62.36 85.34
CA ALA C 2738 -19.43 -61.23 84.49
C ALA C 2738 -18.23 -61.52 83.61
N ASN C 2739 -17.20 -62.17 84.12
CA ASN C 2739 -16.08 -62.63 83.31
C ASN C 2739 -16.52 -63.68 82.29
N GLY C 2740 -17.43 -64.57 82.67
CA GLY C 2740 -17.95 -65.55 81.74
C GLY C 2740 -17.68 -67.00 82.10
N TRP C 2741 -17.11 -67.26 83.26
CA TRP C 2741 -16.94 -68.63 83.72
C TRP C 2741 -18.30 -69.28 83.95
N ILE C 2742 -18.36 -70.60 83.83
CA ILE C 2742 -19.62 -71.32 83.88
C ILE C 2742 -19.52 -72.44 84.92
N TYR C 2743 -20.69 -72.86 85.41
CA TYR C 2743 -20.78 -73.96 86.36
C TYR C 2743 -20.50 -75.28 85.69
N GLY C 2744 -19.78 -76.16 86.39
CA GLY C 2744 -19.49 -77.49 85.89
C GLY C 2744 -18.69 -78.28 86.90
N GLU C 2745 -19.04 -79.55 87.03
CA GLU C 2745 -18.40 -80.41 88.02
C GLU C 2745 -16.91 -80.56 87.79
N ILE C 2746 -16.43 -80.32 86.58
CA ILE C 2746 -15.01 -80.34 86.29
C ILE C 2746 -14.46 -78.92 86.37
N TYR C 2747 -13.35 -78.77 87.10
CA TYR C 2747 -12.70 -77.48 87.26
C TYR C 2747 -11.55 -77.38 86.27
N SER C 2748 -11.70 -76.50 85.28
CA SER C 2748 -10.67 -76.26 84.28
C SER C 2748 -10.47 -74.76 84.10
N ASP C 2749 -9.20 -74.35 84.01
CA ASP C 2749 -8.87 -72.95 83.79
C ASP C 2749 -8.85 -72.60 82.30
N SER C 2750 -8.37 -73.52 81.46
CA SER C 2750 -8.41 -73.29 80.02
C SER C 2750 -9.84 -73.30 79.50
N SER C 2751 -10.62 -74.30 79.90
CA SER C 2751 -12.04 -74.36 79.56
C SER C 2751 -12.87 -73.27 80.22
N LYS C 2752 -12.32 -72.62 81.25
CA LYS C 2752 -12.95 -71.50 81.93
C LYS C 2752 -14.28 -71.93 82.54
N VAL C 2753 -14.19 -72.97 83.37
CA VAL C 2753 -15.33 -73.59 84.04
C VAL C 2753 -14.95 -73.84 85.49
N GLN C 2754 -15.89 -73.64 86.41
CA GLN C 2754 -15.63 -73.83 87.83
C GLN C 2754 -16.91 -74.25 88.54
N PRO C 2755 -16.84 -75.25 89.43
CA PRO C 2755 -18.06 -75.77 90.05
C PRO C 2755 -18.62 -74.93 91.18
N LEU C 2756 -18.00 -73.80 91.51
CA LEU C 2756 -18.41 -73.08 92.71
C LEU C 2756 -19.62 -72.17 92.50
N MET C 2757 -20.38 -72.37 91.43
CA MET C 2757 -21.66 -71.67 91.28
C MET C 2757 -22.80 -72.38 91.99
N LYS C 2758 -22.54 -73.49 92.66
CA LYS C 2758 -23.52 -73.98 93.61
C LYS C 2758 -23.65 -72.98 94.75
N PRO C 2759 -24.85 -72.84 95.32
CA PRO C 2759 -25.05 -71.84 96.38
C PRO C 2759 -24.15 -72.06 97.59
N TYR C 2760 -24.14 -71.10 98.51
CA TYR C 2760 -23.27 -71.19 99.67
C TYR C 2760 -23.59 -72.41 100.52
N LYS C 2761 -24.86 -72.75 100.67
CA LYS C 2761 -25.22 -73.96 101.42
C LYS C 2761 -24.71 -75.21 100.70
N LEU C 2762 -24.71 -75.19 99.37
CA LEU C 2762 -24.21 -76.32 98.60
C LEU C 2762 -22.68 -76.36 98.58
N LEU C 2763 -22.01 -75.27 98.96
CA LEU C 2763 -20.57 -75.27 99.00
C LEU C 2763 -20.05 -76.24 100.05
N SER C 2764 -18.85 -76.76 99.83
CA SER C 2764 -18.23 -77.66 100.79
C SER C 2764 -17.78 -76.89 102.02
N GLU C 2765 -17.55 -77.63 103.12
CA GLU C 2765 -17.13 -77.00 104.36
C GLU C 2765 -15.76 -76.36 104.20
N LYS C 2766 -14.83 -77.06 103.53
CA LYS C 2766 -13.53 -76.46 103.26
C LYS C 2766 -13.63 -75.30 102.28
N GLU C 2767 -14.61 -75.37 101.36
CA GLU C 2767 -14.83 -74.25 100.45
C GLU C 2767 -15.32 -73.03 101.20
N LYS C 2768 -16.05 -73.23 102.30
CA LYS C 2768 -16.51 -72.10 103.09
C LYS C 2768 -15.37 -71.48 103.89
N GLU C 2769 -14.30 -72.23 104.12
CA GLU C 2769 -13.21 -71.74 104.95
C GLU C 2769 -12.61 -70.46 104.37
N ILE C 2770 -12.42 -70.42 103.06
CA ILE C 2770 -11.72 -69.29 102.43
C ILE C 2770 -12.53 -68.00 102.59
N TYR C 2771 -13.82 -68.11 102.86
CA TYR C 2771 -14.64 -66.92 102.97
C TYR C 2771 -14.71 -66.43 104.41
N ARG C 2772 -15.06 -67.32 105.35
CA ARG C 2772 -15.22 -66.90 106.73
C ARG C 2772 -13.88 -66.70 107.43
N TRP C 2773 -12.79 -67.23 106.87
CA TRP C 2773 -11.46 -66.95 107.42
C TRP C 2773 -11.18 -65.46 107.52
N PRO C 2774 -11.12 -64.68 106.40
CA PRO C 2774 -10.87 -63.24 106.53
C PRO C 2774 -11.92 -62.57 107.38
N ILE C 2775 -13.15 -63.09 107.32
CA ILE C 2775 -14.23 -62.60 108.17
C ILE C 2775 -13.86 -62.78 109.64
N LYS C 2776 -13.34 -63.95 109.99
CA LYS C 2776 -12.96 -64.20 111.38
C LYS C 2776 -11.85 -63.25 111.82
N GLU C 2777 -10.81 -63.06 111.00
CA GLU C 2777 -9.75 -62.13 111.41
C GLU C 2777 -10.26 -60.71 111.51
N SER C 2778 -11.13 -60.29 110.59
CA SER C 2778 -11.67 -58.94 110.65
C SER C 2778 -12.45 -58.72 111.94
N LEU C 2779 -13.27 -59.69 112.33
CA LEU C 2779 -14.09 -59.50 113.52
C LEU C 2779 -13.26 -59.59 114.80
N LYS C 2780 -12.28 -60.50 114.84
CA LYS C 2780 -11.41 -60.56 116.01
C LYS C 2780 -10.53 -59.33 116.12
N THR C 2781 -10.19 -58.71 114.99
CA THR C 2781 -9.47 -57.44 115.03
C THR C 2781 -10.37 -56.32 115.55
N MET C 2782 -11.61 -56.27 115.07
CA MET C 2782 -12.53 -55.24 115.53
C MET C 2782 -12.86 -55.41 117.02
N LEU C 2783 -12.89 -56.65 117.50
CA LEU C 2783 -13.27 -56.89 118.89
C LEU C 2783 -12.08 -56.79 119.82
N ALA C 2784 -10.88 -57.09 119.32
CA ALA C 2784 -9.68 -56.93 120.14
C ALA C 2784 -9.44 -55.47 120.46
N TRP C 2785 -9.85 -54.57 119.57
CA TRP C 2785 -9.87 -53.15 119.86
C TRP C 2785 -10.95 -52.79 120.88
N GLY C 2786 -11.77 -53.76 121.29
CA GLY C 2786 -12.76 -53.55 122.32
C GLY C 2786 -14.07 -52.98 121.84
N TRP C 2787 -14.19 -52.67 120.56
CA TRP C 2787 -15.40 -52.01 120.06
C TRP C 2787 -16.63 -52.88 120.34
N ARG C 2788 -17.46 -52.40 121.25
CA ARG C 2788 -18.64 -53.14 121.66
C ARG C 2788 -19.60 -53.25 120.49
N ILE C 2789 -19.98 -54.48 120.15
CA ILE C 2789 -20.91 -54.75 119.06
C ILE C 2789 -22.21 -55.23 119.70
N GLU C 2790 -23.30 -54.51 119.42
CA GLU C 2790 -24.59 -54.82 120.01
C GLU C 2790 -25.55 -55.21 118.89
N ARG C 2791 -26.70 -55.73 119.30
CA ARG C 2791 -27.50 -56.59 118.44
C ARG C 2791 -28.96 -56.15 118.59
N THR C 2792 -29.50 -55.47 117.57
CA THR C 2792 -30.74 -54.73 117.74
C THR C 2792 -31.96 -55.63 117.60
N ARG C 2793 -33.12 -55.10 118.04
CA ARG C 2793 -34.39 -55.81 117.94
C ARG C 2793 -34.74 -56.14 116.49
N GLU C 2794 -34.29 -55.29 115.56
CA GLU C 2794 -34.58 -55.50 114.15
C GLU C 2794 -33.94 -56.77 113.63
N GLY C 2795 -32.66 -56.99 113.92
CA GLY C 2795 -32.03 -58.24 113.55
C GLY C 2795 -32.63 -59.43 114.28
N ASP C 2796 -33.10 -59.23 115.51
CA ASP C 2796 -33.82 -60.30 116.17
C ASP C 2796 -35.09 -60.67 115.40
N SER C 2797 -35.84 -59.68 114.89
CA SER C 2797 -36.93 -59.99 113.98
C SER C 2797 -36.41 -60.71 112.75
N MET C 2798 -35.24 -60.30 112.26
CA MET C 2798 -34.65 -60.93 111.08
C MET C 2798 -34.35 -62.41 111.33
N ALA C 2799 -33.73 -62.71 112.47
CA ALA C 2799 -33.43 -64.10 112.81
C ALA C 2799 -34.71 -64.90 113.02
N LEU C 2800 -35.73 -64.27 113.63
CA LEU C 2800 -37.01 -64.95 113.78
C LEU C 2800 -37.63 -65.26 112.42
N TYR C 2801 -37.49 -64.34 111.46
CA TYR C 2801 -37.96 -64.60 110.11
C TYR C 2801 -37.21 -65.78 109.49
N ASN C 2802 -35.90 -65.83 109.71
CA ASN C 2802 -35.09 -66.94 109.22
C ASN C 2802 -35.21 -68.14 110.15
N GLY C 2820 -30.05 -73.11 87.41
CA GLY C 2820 -31.16 -72.52 88.14
C GLY C 2820 -30.71 -71.71 89.34
N TYR C 2821 -29.44 -71.32 89.34
CA TYR C 2821 -28.84 -70.54 90.42
C TYR C 2821 -28.74 -69.08 89.96
N SER C 2822 -29.58 -68.23 90.51
CA SER C 2822 -29.64 -66.83 90.11
C SER C 2822 -29.15 -65.95 91.25
N PRO C 2823 -27.86 -65.68 91.34
CA PRO C 2823 -27.35 -64.87 92.46
C PRO C 2823 -27.64 -63.38 92.25
N ARG C 2824 -27.76 -62.63 93.34
CA ARG C 2824 -28.01 -61.20 93.28
C ARG C 2824 -27.56 -60.57 94.59
N ALA C 2825 -26.65 -59.60 94.51
CA ALA C 2825 -26.03 -59.01 95.68
C ALA C 2825 -26.82 -57.81 96.17
N ILE C 2826 -26.37 -57.25 97.29
CA ILE C 2826 -27.03 -56.10 97.90
C ILE C 2826 -26.16 -54.86 97.60
N ASP C 2827 -26.76 -53.87 96.95
CA ASP C 2827 -26.01 -52.70 96.55
C ASP C 2827 -25.66 -51.82 97.74
N MET C 2828 -24.36 -51.66 97.99
CA MET C 2828 -23.86 -50.81 99.06
C MET C 2828 -23.54 -49.39 98.59
N SER C 2829 -23.97 -49.04 97.38
CA SER C 2829 -23.62 -47.72 96.84
C SER C 2829 -24.19 -46.60 97.70
N ASN C 2830 -25.45 -46.71 98.10
CA ASN C 2830 -26.09 -45.65 98.87
C ASN C 2830 -25.96 -45.83 100.37
N VAL C 2831 -25.56 -47.01 100.86
CA VAL C 2831 -25.32 -47.16 102.29
C VAL C 2831 -24.16 -46.27 102.68
N THR C 2832 -24.33 -45.53 103.78
CA THR C 2832 -23.35 -44.53 104.19
C THR C 2832 -23.09 -44.65 105.68
N LEU C 2833 -21.85 -44.34 106.08
CA LEU C 2833 -21.45 -44.37 107.48
C LEU C 2833 -21.37 -42.95 108.04
N SER C 2834 -21.24 -42.88 109.36
CA SER C 2834 -21.14 -41.60 110.04
C SER C 2834 -19.69 -41.11 110.06
N ARG C 2835 -19.48 -39.96 110.69
CA ARG C 2835 -18.13 -39.44 110.87
C ARG C 2835 -17.29 -40.41 111.70
N ASP C 2836 -17.81 -40.78 112.87
CA ASP C 2836 -17.08 -41.66 113.78
C ASP C 2836 -16.92 -43.05 113.18
N LEU C 2837 -17.95 -43.54 112.50
CA LEU C 2837 -17.83 -44.81 111.80
C LEU C 2837 -16.77 -44.75 110.71
N HIS C 2838 -16.64 -43.61 110.03
CA HIS C 2838 -15.56 -43.46 109.06
CA HIS C 2838 -15.56 -43.46 109.06
C HIS C 2838 -14.20 -43.52 109.72
N ALA C 2839 -14.07 -42.88 110.88
CA ALA C 2839 -12.80 -42.97 111.61
C ALA C 2839 -12.49 -44.40 111.99
N MET C 2840 -13.49 -45.13 112.48
CA MET C 2840 -13.30 -46.54 112.84
C MET C 2840 -12.91 -47.38 111.62
N ALA C 2841 -13.59 -47.16 110.49
CA ALA C 2841 -13.26 -47.87 109.27
C ALA C 2841 -11.85 -47.57 108.81
N GLU C 2842 -11.42 -46.30 108.92
CA GLU C 2842 -10.06 -45.96 108.56
C GLU C 2842 -9.05 -46.66 109.46
N MET C 2843 -9.32 -46.73 110.76
CA MET C 2843 -8.40 -47.41 111.67
C MET C 2843 -8.32 -48.89 111.35
N MET C 2844 -9.46 -49.55 111.14
CA MET C 2844 -9.40 -50.98 110.82
C MET C 2844 -8.76 -51.20 109.45
N ALA C 2845 -8.93 -50.25 108.54
CA ALA C 2845 -8.32 -50.36 107.22
C ALA C 2845 -6.81 -50.28 107.31
N GLU C 2846 -6.29 -49.31 108.07
CA GLU C 2846 -4.84 -49.21 108.21
C GLU C 2846 -4.30 -50.42 108.95
N ASN C 2847 -5.10 -50.98 109.87
CA ASN C 2847 -4.66 -52.20 110.55
C ASN C 2847 -4.53 -53.37 109.55
N TYR C 2848 -5.50 -53.50 108.66
CA TYR C 2848 -5.44 -54.54 107.64
C TYR C 2848 -4.23 -54.31 106.74
N HIS C 2849 -3.98 -53.04 106.42
CA HIS C 2849 -2.83 -52.70 105.59
C HIS C 2849 -1.52 -53.02 106.28
N ASN C 2850 -1.44 -52.82 107.60
CA ASN C 2850 -0.22 -53.22 108.33
C ASN C 2850 -0.09 -54.73 108.38
N ILE C 2851 -1.19 -55.47 108.41
CA ILE C 2851 -1.11 -56.92 108.31
C ILE C 2851 -0.47 -57.32 106.98
N TRP C 2852 -1.00 -56.75 105.89
CA TRP C 2852 -0.40 -57.00 104.58
C TRP C 2852 1.06 -56.57 104.56
N ALA C 2853 1.38 -55.48 105.26
CA ALA C 2853 2.74 -54.98 105.31
C ALA C 2853 3.67 -55.97 105.98
N LYS C 2854 3.23 -56.57 107.10
CA LYS C 2854 4.05 -57.57 107.75
C LYS C 2854 4.28 -58.78 106.84
N LYS C 2855 3.24 -59.26 106.17
CA LYS C 2855 3.47 -60.40 105.28
C LYS C 2855 4.42 -60.03 104.15
N LYS C 2856 4.23 -58.85 103.54
CA LYS C 2856 5.11 -58.41 102.47
C LYS C 2856 6.55 -58.25 102.96
N LYS C 2857 6.73 -57.76 104.18
CA LYS C 2857 8.06 -57.56 104.72
C LYS C 2857 8.75 -58.87 105.10
N MET C 2858 8.02 -59.81 105.70
CA MET C 2858 8.59 -61.14 105.88
C MET C 2858 9.05 -61.72 104.56
N GLU C 2859 8.24 -61.60 103.51
CA GLU C 2859 8.69 -62.01 102.18
C GLU C 2859 9.92 -61.21 101.75
N LEU C 2860 9.96 -59.92 102.11
CA LEU C 2860 10.98 -59.02 101.61
C LEU C 2860 12.37 -59.37 102.14
N GLU C 2861 12.52 -59.51 103.47
CA GLU C 2861 13.83 -59.95 103.95
C GLU C 2861 13.92 -61.47 104.10
N SER C 2862 12.93 -62.20 103.59
CA SER C 2862 13.20 -63.59 103.23
C SER C 2862 13.94 -63.66 101.91
N LYS C 2863 13.57 -62.78 100.97
CA LYS C 2863 14.31 -62.69 99.72
C LYS C 2863 15.54 -61.81 99.86
N GLY C 2864 15.68 -61.13 101.00
CA GLY C 2864 16.83 -60.28 101.24
C GLY C 2864 16.58 -58.82 100.90
N GLY C 2865 16.15 -58.55 99.68
CA GLY C 2865 15.93 -57.17 99.26
C GLY C 2865 14.62 -56.96 98.54
N GLY C 2866 14.63 -56.13 97.49
CA GLY C 2866 13.42 -55.84 96.76
C GLY C 2866 12.42 -55.01 97.53
N ASN C 2867 12.78 -53.78 97.89
CA ASN C 2867 11.90 -52.92 98.66
C ASN C 2867 10.65 -52.59 97.85
N HIS C 2868 9.49 -52.99 98.38
CA HIS C 2868 8.25 -52.81 97.66
C HIS C 2868 7.81 -51.34 97.77
N PRO C 2869 7.35 -50.74 96.67
CA PRO C 2869 7.00 -49.32 96.70
C PRO C 2869 5.92 -48.96 97.70
N LEU C 2870 5.00 -49.88 97.99
CA LEU C 2870 3.86 -49.59 98.84
C LEU C 2870 4.13 -49.84 100.31
N LEU C 2871 5.38 -50.09 100.69
CA LEU C 2871 5.70 -50.34 102.09
C LEU C 2871 5.62 -49.07 102.93
N VAL C 2872 5.45 -47.91 102.31
CA VAL C 2872 5.33 -46.64 103.04
C VAL C 2872 4.09 -46.70 103.92
N PRO C 2873 4.03 -45.92 105.00
CA PRO C 2873 2.89 -46.02 105.92
C PRO C 2873 1.57 -45.71 105.24
N TYR C 2874 0.49 -46.18 105.88
CA TYR C 2874 -0.85 -45.94 105.37
C TYR C 2874 -1.12 -44.45 105.21
N ASP C 2875 -0.58 -43.64 106.13
CA ASP C 2875 -0.74 -42.20 106.02
C ASP C 2875 -0.06 -41.67 104.76
N THR C 2876 1.12 -42.21 104.43
CA THR C 2876 1.83 -41.80 103.23
C THR C 2876 1.15 -42.34 101.97
N LEU C 2877 0.35 -43.39 102.09
CA LEU C 2877 -0.30 -43.99 100.94
C LEU C 2877 -1.22 -42.99 100.24
N THR C 2878 -1.46 -43.22 98.95
CA THR C 2878 -2.35 -42.38 98.18
C THR C 2878 -3.74 -42.99 98.10
N ALA C 2879 -4.69 -42.21 97.58
CA ALA C 2879 -6.08 -42.65 97.52
C ALA C 2879 -6.23 -43.89 96.65
N LYS C 2880 -5.60 -43.91 95.48
CA LYS C 2880 -5.69 -45.08 94.62
C LYS C 2880 -5.09 -46.31 95.29
N GLU C 2881 -3.97 -46.15 95.98
CA GLU C 2881 -3.40 -47.24 96.74
C GLU C 2881 -4.30 -47.67 97.88
N LYS C 2882 -4.95 -46.69 98.53
CA LYS C 2882 -5.85 -46.99 99.62
C LYS C 2882 -7.20 -47.52 99.17
N ALA C 2883 -7.46 -47.58 97.87
CA ALA C 2883 -8.81 -47.81 97.38
C ALA C 2883 -9.37 -49.16 97.84
N LYS C 2884 -8.65 -50.25 97.57
CA LYS C 2884 -9.21 -51.57 97.83
C LYS C 2884 -9.26 -51.85 99.33
N ASP C 2885 -8.22 -51.45 100.06
CA ASP C 2885 -8.25 -51.56 101.51
C ASP C 2885 -9.43 -50.81 102.11
N ARG C 2886 -9.63 -49.55 101.68
CA ARG C 2886 -10.72 -48.76 102.21
C ARG C 2886 -12.07 -49.36 101.86
N GLU C 2887 -12.24 -49.82 100.62
CA GLU C 2887 -13.54 -50.35 100.22
C GLU C 2887 -13.88 -51.62 100.99
N LYS C 2888 -12.89 -52.48 101.22
CA LYS C 2888 -13.15 -53.66 102.03
C LYS C 2888 -13.54 -53.27 103.46
N ALA C 2889 -12.75 -52.41 104.07
CA ALA C 2889 -12.98 -52.04 105.46
C ALA C 2889 -14.31 -51.32 105.62
N GLN C 2890 -14.78 -50.66 104.57
CA GLN C 2890 -16.08 -50.00 104.66
C GLN C 2890 -17.21 -50.96 104.39
N ASP C 2891 -17.08 -51.83 103.38
CA ASP C 2891 -18.20 -52.69 103.01
C ASP C 2891 -18.53 -53.67 104.13
N ILE C 2892 -17.51 -54.10 104.87
CA ILE C 2892 -17.81 -54.99 106.00
C ILE C 2892 -18.72 -54.28 107.01
N LEU C 2893 -18.40 -53.03 107.35
CA LEU C 2893 -19.25 -52.27 108.26
C LEU C 2893 -20.61 -51.99 107.64
N LYS C 2894 -20.65 -51.77 106.33
CA LYS C 2894 -21.93 -51.51 105.67
C LYS C 2894 -22.85 -52.70 105.80
N PHE C 2895 -22.33 -53.90 105.57
CA PHE C 2895 -23.20 -55.06 105.68
C PHE C 2895 -23.55 -55.31 107.13
N LEU C 2896 -22.64 -55.00 108.05
CA LEU C 2896 -22.98 -55.08 109.47
C LEU C 2896 -24.17 -54.19 109.80
N GLN C 2897 -24.14 -52.94 109.33
CA GLN C 2897 -25.25 -52.02 109.58
C GLN C 2897 -26.54 -52.52 108.97
N ILE C 2898 -26.51 -53.00 107.72
CA ILE C 2898 -27.75 -53.42 107.08
C ILE C 2898 -28.30 -54.68 107.73
N ASN C 2899 -27.41 -55.56 108.21
CA ASN C 2899 -27.87 -56.66 109.05
C ASN C 2899 -28.49 -56.13 110.33
N GLY C 2900 -27.99 -55.01 110.83
CA GLY C 2900 -28.58 -54.36 111.97
C GLY C 2900 -27.77 -54.44 113.24
N TYR C 2901 -26.57 -54.98 113.19
CA TYR C 2901 -25.73 -55.01 114.38
C TYR C 2901 -25.34 -53.59 114.76
N ALA C 2902 -25.31 -53.32 116.06
CA ALA C 2902 -24.96 -52.00 116.59
C ALA C 2902 -23.50 -52.00 117.00
N VAL C 2903 -22.67 -51.25 116.27
CA VAL C 2903 -21.25 -51.17 116.55
C VAL C 2903 -20.92 -49.74 116.97
N SER C 2904 -20.12 -49.62 118.03
CA SER C 2904 -19.73 -48.31 118.54
C SER C 2904 -18.32 -48.43 119.11
N ARG C 2905 -17.89 -47.41 119.84
CA ARG C 2905 -16.53 -47.32 120.35
C ARG C 2905 -16.37 -48.27 121.53
N GLY C 2906 -15.18 -48.84 121.67
CA GLY C 2906 -14.96 -49.81 122.73
C GLY C 2906 -14.85 -49.18 124.10
N PHE C 2907 -14.01 -48.16 124.24
CA PHE C 2907 -13.77 -47.55 125.54
C PHE C 2907 -14.84 -46.52 125.86
N LYS C 2908 -15.09 -46.34 127.14
CA LYS C 2908 -16.06 -45.37 127.64
C LYS C 2908 -15.38 -44.49 128.68
N ASP C 2909 -15.75 -43.21 128.70
CA ASP C 2909 -15.21 -42.27 129.67
C ASP C 2909 -15.59 -42.66 131.08
N LEU C 2910 -14.61 -42.67 131.98
CA LEU C 2910 -14.89 -42.96 133.38
C LEU C 2910 -15.30 -41.70 134.13
N GLU C 2911 -14.50 -40.65 134.02
CA GLU C 2911 -14.82 -39.36 134.64
C GLU C 2911 -13.90 -38.26 134.12
N LEU C 2912 -14.47 -37.13 133.73
CA LEU C 2912 -13.71 -35.96 133.35
C LEU C 2912 -13.83 -34.92 134.47
N ASP C 2913 -12.70 -34.59 135.11
CA ASP C 2913 -12.71 -33.62 136.20
C ASP C 2913 -12.63 -32.22 135.61
N THR C 2914 -13.71 -31.85 134.93
CA THR C 2914 -13.80 -30.54 134.30
C THR C 2914 -13.66 -29.37 135.27
N PRO C 2915 -14.31 -29.35 136.44
CA PRO C 2915 -14.13 -28.20 137.35
C PRO C 2915 -12.71 -28.07 137.88
N SER C 2916 -11.88 -29.11 137.79
CA SER C 2916 -10.51 -29.04 138.26
C SER C 2916 -9.74 -27.93 137.56
N ILE C 2917 -9.34 -26.90 138.31
CA ILE C 2917 -8.53 -25.84 137.74
C ILE C 2917 -7.17 -26.40 137.31
N GLU C 2918 -6.70 -27.45 137.98
CA GLU C 2918 -5.38 -27.98 137.73
C GLU C 2918 -5.21 -28.43 136.29
N LYS C 2919 -6.23 -29.10 135.74
CA LYS C 2919 -6.09 -29.72 134.42
C LYS C 2919 -6.22 -28.69 133.30
N ARG C 2920 -6.59 -27.46 133.64
CA ARG C 2920 -6.43 -26.37 132.68
C ARG C 2920 -4.95 -26.14 132.42
N PHE C 2921 -4.62 -25.87 131.15
CA PHE C 2921 -3.22 -25.76 130.76
C PHE C 2921 -2.53 -24.61 131.48
N ALA C 2922 -3.25 -23.50 131.68
CA ALA C 2922 -2.65 -22.34 132.32
C ALA C 2922 -2.19 -22.66 133.73
N TYR C 2923 -2.98 -23.46 134.46
CA TYR C 2923 -2.61 -23.79 135.84
C TYR C 2923 -1.30 -24.56 135.88
N SER C 2924 -1.17 -25.60 135.05
CA SER C 2924 0.06 -26.38 135.03
C SER C 2924 1.24 -25.53 134.56
N PHE C 2925 1.02 -24.69 133.55
CA PHE C 2925 2.08 -23.82 133.06
C PHE C 2925 2.58 -22.89 134.16
N LEU C 2926 1.64 -22.28 134.88
CA LEU C 2926 2.02 -21.33 135.92
C LEU C 2926 2.64 -22.03 137.12
N GLN C 2927 2.20 -23.26 137.41
CA GLN C 2927 2.84 -24.03 138.47
C GLN C 2927 4.28 -24.34 138.12
N GLN C 2928 4.53 -24.74 136.88
CA GLN C 2928 5.90 -24.99 136.46
C GLN C 2928 6.74 -23.73 136.49
N LEU C 2929 6.14 -22.59 136.08
CA LEU C 2929 6.84 -21.33 136.17
C LEU C 2929 7.18 -20.96 137.61
N ILE C 2930 6.23 -21.20 138.52
CA ILE C 2930 6.49 -20.97 139.94
C ILE C 2930 7.66 -21.81 140.41
N ARG C 2931 7.66 -23.10 140.07
CA ARG C 2931 8.74 -23.97 140.51
C ARG C 2931 10.08 -23.50 139.96
N TYR C 2932 10.10 -23.14 138.68
CA TYR C 2932 11.35 -22.70 138.06
C TYR C 2932 11.85 -21.39 138.66
N VAL C 2933 10.94 -20.46 138.91
CA VAL C 2933 11.34 -19.18 139.49
C VAL C 2933 11.88 -19.37 140.89
N ASP C 2934 11.23 -20.22 141.69
CA ASP C 2934 11.71 -20.48 143.05
C ASP C 2934 13.08 -21.17 143.03
N GLU C 2935 13.26 -22.14 142.12
CA GLU C 2935 14.55 -22.80 142.00
C GLU C 2935 15.63 -21.81 141.59
N ALA C 2936 15.33 -20.92 140.64
CA ALA C 2936 16.29 -19.90 140.25
C ALA C 2936 16.60 -18.97 141.39
N HIS C 2937 15.60 -18.67 142.23
CA HIS C 2937 15.84 -17.85 143.40
C HIS C 2937 16.80 -18.53 144.36
N GLN C 2938 16.61 -19.82 144.60
CA GLN C 2938 17.54 -20.54 145.46
C GLN C 2938 18.93 -20.59 144.86
N TYR C 2939 19.03 -20.82 143.54
CA TYR C 2939 20.33 -20.84 142.88
C TYR C 2939 21.03 -19.49 142.94
N ILE C 2940 20.30 -18.38 142.79
CA ILE C 2940 20.95 -17.09 142.96
C ILE C 2940 21.29 -16.78 144.41
N LEU C 2941 20.50 -17.28 145.36
CA LEU C 2941 20.87 -17.10 146.77
C LEU C 2941 22.18 -17.81 147.08
N GLU C 2942 22.37 -19.02 146.57
CA GLU C 2942 23.65 -19.69 146.80
C GLU C 2942 24.77 -19.13 145.92
N PHE C 2943 24.44 -18.63 144.72
CA PHE C 2943 25.45 -17.95 143.92
C PHE C 2943 25.85 -16.61 144.50
N ASP C 2944 25.05 -16.06 145.42
CA ASP C 2944 25.48 -14.87 146.15
C ASP C 2944 26.74 -15.17 146.95
N GLY C 2945 26.78 -16.31 147.62
CA GLY C 2945 27.98 -16.73 148.33
C GLY C 2945 29.03 -17.39 147.47
N GLY C 2946 28.63 -17.96 146.33
CA GLY C 2946 29.59 -18.57 145.43
C GLY C 2946 30.24 -17.60 144.45
N SER C 2947 29.69 -16.40 144.33
CA SER C 2947 30.12 -15.43 143.34
C SER C 2947 31.44 -14.74 143.67
N ARG C 2948 31.66 -14.38 144.93
CA ARG C 2948 32.93 -13.77 145.31
C ARG C 2948 34.07 -14.77 145.39
N GLY C 2949 33.77 -16.06 145.36
CA GLY C 2949 34.81 -17.06 145.28
C GLY C 2949 35.36 -17.22 143.88
N LYS C 2950 36.32 -18.13 143.75
CA LYS C 2950 36.90 -18.42 142.43
C LYS C 2950 35.85 -18.95 141.49
N GLY C 2951 34.85 -19.66 142.02
CA GLY C 2951 33.84 -20.28 141.20
C GLY C 2951 32.84 -19.31 140.61
N GLU C 2952 33.32 -18.35 139.81
CA GLU C 2952 32.40 -17.52 139.05
C GLU C 2952 31.57 -18.36 138.09
N HIS C 2953 32.19 -19.34 137.44
CA HIS C 2953 31.43 -20.39 136.78
C HIS C 2953 30.74 -21.23 137.85
N PHE C 2954 29.43 -21.33 137.76
CA PHE C 2954 28.62 -21.94 138.80
C PHE C 2954 28.14 -23.32 138.33
N PRO C 2955 28.04 -24.29 139.23
CA PRO C 2955 27.60 -25.63 138.81
C PRO C 2955 26.24 -25.65 138.14
N TYR C 2956 25.41 -24.64 138.38
CA TYR C 2956 24.13 -24.50 137.71
C TYR C 2956 24.12 -23.30 136.76
N GLU C 2957 25.29 -22.95 136.21
CA GLU C 2957 25.36 -21.88 135.24
C GLU C 2957 24.52 -22.21 134.00
N GLN C 2958 24.49 -23.49 133.61
CA GLN C 2958 23.60 -23.90 132.54
C GLN C 2958 22.15 -23.63 132.89
N GLU C 2959 21.77 -23.90 134.14
CA GLU C 2959 20.39 -23.66 134.57
C GLU C 2959 20.05 -22.18 134.54
N ILE C 2960 20.96 -21.32 135.03
CA ILE C 2960 20.66 -19.90 135.02
C ILE C 2960 20.65 -19.37 133.59
N LYS C 2961 21.51 -19.89 132.72
CA LYS C 2961 21.49 -19.50 131.32
C LYS C 2961 20.17 -19.87 130.67
N PHE C 2962 19.69 -21.09 130.93
CA PHE C 2962 18.40 -21.51 130.41
C PHE C 2962 17.29 -20.61 130.92
N PHE C 2963 17.31 -20.31 132.22
CA PHE C 2963 16.30 -19.42 132.79
C PHE C 2963 16.28 -18.09 132.08
N ALA C 2964 17.43 -17.42 132.02
CA ALA C 2964 17.50 -16.09 131.41
C ALA C 2964 17.13 -16.11 129.94
N LYS C 2965 17.53 -17.17 129.23
CA LYS C 2965 17.30 -17.20 127.78
C LYS C 2965 15.85 -17.51 127.44
N VAL C 2966 15.19 -18.36 128.21
CA VAL C 2966 13.90 -18.94 127.82
C VAL C 2966 12.78 -18.46 128.74
N VAL C 2967 12.95 -18.65 130.06
CA VAL C 2967 11.82 -18.52 130.97
C VAL C 2967 11.28 -17.10 130.97
N LEU C 2968 12.17 -16.12 131.10
CA LEU C 2968 11.73 -14.74 131.14
C LEU C 2968 11.05 -14.30 129.85
N PRO C 2969 11.61 -14.54 128.66
CA PRO C 2969 10.89 -14.13 127.44
C PRO C 2969 9.54 -14.80 127.27
N LEU C 2970 9.40 -16.07 127.66
CA LEU C 2970 8.09 -16.70 127.53
C LEU C 2970 7.12 -16.13 128.55
N ILE C 2971 7.60 -15.75 129.74
CA ILE C 2971 6.75 -15.05 130.69
C ILE C 2971 6.27 -13.74 130.09
N ASP C 2972 7.13 -13.04 129.37
CA ASP C 2972 6.69 -11.85 128.64
C ASP C 2972 5.61 -12.20 127.63
N GLN C 2973 5.88 -13.18 126.77
CA GLN C 2973 5.05 -13.39 125.59
C GLN C 2973 3.68 -13.96 125.95
N TYR C 2974 3.65 -14.96 126.84
CA TYR C 2974 2.38 -15.59 127.20
C TYR C 2974 1.43 -14.58 127.82
N PHE C 2975 1.94 -13.78 128.76
CA PHE C 2975 1.09 -12.80 129.41
C PHE C 2975 0.76 -11.61 128.52
N LYS C 2976 1.63 -11.26 127.58
CA LYS C 2976 1.25 -10.24 126.61
C LYS C 2976 0.13 -10.74 125.70
N ASN C 2977 0.17 -12.01 125.32
CA ASN C 2977 -0.86 -12.56 124.45
C ASN C 2977 -2.18 -12.70 125.19
N HIS C 2978 -2.15 -13.19 126.43
CA HIS C 2978 -3.39 -13.45 127.14
C HIS C 2978 -3.54 -12.56 128.37
N ARG C 2979 -3.13 -11.29 128.26
CA ARG C 2979 -3.26 -10.38 129.39
C ARG C 2979 -4.73 -10.10 129.69
N LEU C 2980 -5.59 -10.20 128.67
CA LEU C 2980 -7.01 -9.97 128.90
C LEU C 2980 -7.65 -11.17 129.59
N TYR C 2981 -7.14 -12.37 129.32
CA TYR C 2981 -7.68 -13.58 129.92
C TYR C 2981 -7.56 -13.57 131.43
N PHE C 2982 -6.35 -13.27 131.93
CA PHE C 2982 -6.15 -13.21 133.38
C PHE C 2982 -6.88 -12.03 133.98
N LEU C 2983 -6.95 -10.90 133.25
CA LEU C 2983 -7.67 -9.74 133.74
C LEU C 2983 -9.15 -10.03 133.88
N SER C 2984 -9.71 -10.78 132.93
CA SER C 2984 -11.14 -11.05 132.93
C SER C 2984 -11.55 -11.84 134.16
N ALA C 2985 -12.53 -11.32 134.89
CA ALA C 2985 -13.07 -11.97 136.08
C ALA C 2985 -14.59 -11.89 136.05
N ALA C 2986 -15.17 -12.24 134.91
CA ALA C 2986 -16.60 -12.13 134.63
C ALA C 2986 -17.09 -10.69 134.72
N SER C 2987 -16.20 -9.71 134.56
CA SER C 2987 -16.56 -8.30 134.63
C SER C 2987 -16.91 -7.72 133.26
N ARG C 2988 -17.04 -8.58 132.22
CA ARG C 2988 -17.48 -8.36 130.83
C ARG C 2988 -16.34 -8.41 129.80
N PRO C 2989 -15.08 -8.12 130.15
CA PRO C 2989 -13.99 -8.49 129.25
C PRO C 2989 -13.97 -10.00 129.02
N LEU C 2990 -13.47 -10.39 127.85
CA LEU C 2990 -13.49 -11.78 127.39
C LEU C 2990 -14.93 -12.27 127.26
N CYS C 2991 -15.70 -11.61 126.38
CA CYS C 2991 -17.08 -12.01 126.16
C CYS C 2991 -17.17 -13.38 125.51
N SER C 2992 -16.08 -13.87 124.93
CA SER C 2992 -16.04 -15.20 124.36
C SER C 2992 -16.30 -16.24 125.44
N GLY C 2993 -15.71 -16.04 126.62
CA GLY C 2993 -15.93 -16.90 127.76
C GLY C 2993 -14.62 -17.49 128.23
N GLY C 2994 -14.69 -18.21 129.34
CA GLY C 2994 -13.54 -18.88 129.89
C GLY C 2994 -12.53 -17.95 130.53
N HIS C 2995 -12.94 -17.23 131.57
CA HIS C 2995 -12.03 -16.34 132.26
C HIS C 2995 -11.08 -17.15 133.15
N ALA C 2996 -10.01 -16.49 133.58
CA ALA C 2996 -9.05 -17.12 134.47
C ALA C 2996 -9.68 -17.38 135.83
N SER C 2997 -9.28 -18.49 136.45
CA SER C 2997 -9.78 -18.84 137.77
C SER C 2997 -9.15 -17.94 138.83
N ASN C 2998 -9.83 -17.86 139.98
CA ASN C 2998 -9.30 -17.07 141.10
C ASN C 2998 -7.97 -17.62 141.59
N LYS C 2999 -7.87 -18.96 141.67
CA LYS C 2999 -6.61 -19.57 142.06
C LYS C 2999 -5.50 -19.23 141.07
N GLU C 3000 -5.79 -19.28 139.78
CA GLU C 3000 -4.79 -18.90 138.78
C GLU C 3000 -4.39 -17.45 138.96
N LYS C 3001 -5.35 -16.57 139.22
CA LYS C 3001 -5.03 -15.16 139.42
C LYS C 3001 -4.11 -14.97 140.62
N GLU C 3002 -4.42 -15.63 141.73
CA GLU C 3002 -3.62 -15.44 142.93
C GLU C 3002 -2.21 -15.98 142.74
N MET C 3003 -2.06 -17.11 142.04
CA MET C 3003 -0.73 -17.63 141.85
C MET C 3003 0.06 -16.82 140.82
N VAL C 3004 -0.64 -16.18 139.87
CA VAL C 3004 0.00 -15.20 139.00
C VAL C 3004 0.53 -14.03 139.82
N THR C 3005 -0.28 -13.52 140.74
CA THR C 3005 0.15 -12.43 141.61
C THR C 3005 1.34 -12.82 142.46
N SER C 3006 1.35 -14.05 142.99
CA SER C 3006 2.50 -14.56 143.72
C SER C 3006 3.76 -14.63 142.87
N LEU C 3007 3.62 -15.08 141.62
CA LEU C 3007 4.75 -15.09 140.70
C LEU C 3007 5.28 -13.68 140.46
N PHE C 3008 4.39 -12.70 140.36
CA PHE C 3008 4.83 -11.32 140.23
C PHE C 3008 5.70 -10.88 141.40
N CYS C 3009 5.24 -11.16 142.62
CA CYS C 3009 5.99 -10.78 143.81
C CYS C 3009 7.34 -11.49 143.87
N LYS C 3010 7.37 -12.77 143.48
CA LYS C 3010 8.63 -13.50 143.49
C LYS C 3010 9.60 -12.92 142.47
N LEU C 3011 9.10 -12.55 141.29
CA LEU C 3011 9.97 -11.93 140.30
C LEU C 3011 10.53 -10.61 140.81
N GLY C 3012 9.70 -9.83 141.50
CA GLY C 3012 10.21 -8.65 142.17
C GLY C 3012 11.29 -8.93 143.20
N VAL C 3013 11.10 -9.99 143.99
CA VAL C 3013 12.12 -10.39 144.95
C VAL C 3013 13.42 -10.72 144.24
N LEU C 3014 13.33 -11.45 143.13
CA LEU C 3014 14.51 -11.77 142.34
C LEU C 3014 15.21 -10.51 141.83
N VAL C 3015 14.44 -9.57 141.29
CA VAL C 3015 15.07 -8.37 140.72
C VAL C 3015 15.60 -7.44 141.79
N ARG C 3016 15.19 -7.62 143.05
CA ARG C 3016 15.61 -6.70 144.11
C ARG C 3016 17.12 -6.71 144.28
N HIS C 3017 17.77 -5.61 143.89
CA HIS C 3017 19.21 -5.38 144.07
C HIS C 3017 20.07 -6.44 143.40
N ARG C 3018 19.64 -6.92 142.24
CA ARG C 3018 20.45 -7.87 141.47
C ARG C 3018 20.55 -7.49 140.00
N ILE C 3019 20.41 -6.19 139.69
CA ILE C 3019 20.46 -5.76 138.29
C ILE C 3019 21.84 -6.01 137.71
N SER C 3020 22.89 -5.85 138.51
CA SER C 3020 24.24 -6.14 138.04
C SER C 3020 24.50 -7.64 137.99
N LEU C 3021 23.96 -8.38 138.95
CA LEU C 3021 24.17 -9.83 138.98
C LEU C 3021 23.56 -10.48 137.75
N PHE C 3022 22.36 -10.06 137.35
CA PHE C 3022 21.82 -10.48 136.07
C PHE C 3022 22.65 -9.88 134.94
N GLY C 3023 22.95 -10.71 133.94
CA GLY C 3023 23.83 -10.30 132.86
C GLY C 3023 23.16 -9.40 131.85
N ASN C 3024 22.90 -8.15 132.25
CA ASN C 3024 22.34 -7.13 131.39
C ASN C 3024 20.93 -7.49 130.92
N ASP C 3025 20.37 -8.55 131.50
CA ASP C 3025 18.99 -8.94 131.26
C ASP C 3025 18.02 -8.35 132.26
N ALA C 3026 18.53 -7.52 133.18
CA ALA C 3026 17.65 -6.83 134.13
C ALA C 3026 16.58 -6.04 133.41
N THR C 3027 16.88 -5.56 132.20
CA THR C 3027 15.84 -4.95 131.37
C THR C 3027 14.73 -5.94 131.07
N SER C 3028 15.09 -7.19 130.74
CA SER C 3028 14.08 -8.19 130.46
C SER C 3028 13.24 -8.48 131.71
N ILE C 3029 13.87 -8.54 132.88
CA ILE C 3029 13.09 -8.70 134.10
C ILE C 3029 12.18 -7.50 134.35
N VAL C 3030 12.66 -6.29 134.04
CA VAL C 3030 11.80 -5.12 134.18
C VAL C 3030 10.58 -5.24 133.28
N ASN C 3031 10.78 -5.69 132.05
CA ASN C 3031 9.65 -5.89 131.14
C ASN C 3031 8.69 -6.95 131.69
N CYS C 3032 9.25 -8.03 132.23
CA CYS C 3032 8.41 -9.08 132.81
C CYS C 3032 7.55 -8.52 133.93
N LEU C 3033 8.16 -7.79 134.85
CA LEU C 3033 7.42 -7.21 135.96
C LEU C 3033 6.38 -6.21 135.47
N HIS C 3034 6.73 -5.39 134.47
CA HIS C 3034 5.82 -4.39 133.96
C HIS C 3034 4.58 -5.05 133.34
N ILE C 3035 4.77 -6.08 132.52
CA ILE C 3035 3.63 -6.73 131.91
C ILE C 3035 2.82 -7.51 132.94
N LEU C 3036 3.49 -8.18 133.88
CA LEU C 3036 2.77 -8.92 134.91
C LEU C 3036 1.93 -7.99 135.76
N GLY C 3037 2.41 -6.76 135.99
CA GLY C 3037 1.61 -5.81 136.74
C GLY C 3037 0.27 -5.55 136.09
N GLN C 3038 0.26 -5.39 134.77
CA GLN C 3038 -1.01 -5.26 134.05
C GLN C 3038 -1.82 -6.55 134.16
N THR C 3039 -1.14 -7.69 134.11
CA THR C 3039 -1.89 -8.96 134.20
C THR C 3039 -2.49 -9.19 135.57
N LEU C 3040 -2.03 -8.50 136.61
CA LEU C 3040 -2.55 -8.74 137.95
C LEU C 3040 -4.01 -8.31 138.06
N ASP C 3041 -4.75 -9.02 138.92
CA ASP C 3041 -6.10 -8.64 139.32
C ASP C 3041 -6.11 -8.61 140.85
N ALA C 3042 -6.27 -7.42 141.41
CA ALA C 3042 -6.13 -7.26 142.85
C ALA C 3042 -7.43 -7.54 143.59
N ARG C 3043 -8.57 -7.15 143.02
CA ARG C 3043 -9.85 -7.31 143.71
C ARG C 3043 -10.15 -8.78 144.00
N THR C 3044 -9.93 -9.64 143.00
CA THR C 3044 -10.22 -11.06 143.17
C THR C 3044 -9.35 -11.65 144.27
N VAL C 3045 -8.05 -11.33 144.26
CA VAL C 3045 -7.15 -11.93 145.24
C VAL C 3045 -7.39 -11.34 146.63
N MET C 3046 -7.85 -10.09 146.70
CA MET C 3046 -8.17 -9.53 148.01
C MET C 3046 -9.40 -10.18 148.61
N LYS C 3047 -10.48 -10.29 147.86
CA LYS C 3047 -11.70 -10.84 148.43
C LYS C 3047 -11.58 -12.35 148.64
N THR C 3048 -10.84 -13.02 147.75
CA THR C 3048 -10.59 -14.45 147.89
C THR C 3048 -9.15 -14.70 147.50
N GLY C 3049 -8.29 -14.96 148.50
CA GLY C 3049 -6.90 -15.20 148.20
C GLY C 3049 -6.20 -15.88 149.35
N LEU C 3050 -5.03 -16.41 149.06
CA LEU C 3050 -4.23 -17.09 150.06
C LEU C 3050 -3.42 -16.09 150.87
N GLU C 3051 -3.39 -16.30 152.19
CA GLU C 3051 -2.77 -15.32 153.08
C GLU C 3051 -1.27 -15.20 152.81
N SER C 3052 -0.62 -16.29 152.43
CA SER C 3052 0.81 -16.21 152.14
C SER C 3052 1.07 -15.30 150.94
N VAL C 3053 0.24 -15.40 149.90
CA VAL C 3053 0.40 -14.54 148.73
C VAL C 3053 0.06 -13.10 149.10
N LYS C 3054 -0.97 -12.92 149.93
CA LYS C 3054 -1.32 -11.58 150.40
C LYS C 3054 -0.13 -10.94 151.11
N SER C 3055 0.50 -11.71 152.00
CA SER C 3055 1.65 -11.21 152.75
C SER C 3055 2.85 -10.96 151.83
N ALA C 3056 3.05 -11.82 150.82
CA ALA C 3056 4.13 -11.61 149.89
C ALA C 3056 3.95 -10.30 149.13
N LEU C 3057 2.72 -10.03 148.69
CA LEU C 3057 2.42 -8.80 147.98
C LEU C 3057 2.55 -7.57 148.87
N ARG C 3058 2.05 -7.66 150.11
CA ARG C 3058 2.24 -6.59 151.08
C ARG C 3058 3.71 -6.32 151.33
N ALA C 3059 4.50 -7.38 151.50
CA ALA C 3059 5.93 -7.22 151.75
C ALA C 3059 6.65 -6.68 150.54
N PHE C 3060 6.18 -6.99 149.34
CA PHE C 3060 6.73 -6.38 148.14
C PHE C 3060 6.52 -4.87 148.16
N LEU C 3061 5.29 -4.44 148.42
CA LEU C 3061 5.04 -3.00 148.50
C LEU C 3061 5.88 -2.35 149.58
N ASP C 3062 5.96 -3.00 150.75
CA ASP C 3062 6.79 -2.48 151.84
C ASP C 3062 8.25 -2.37 151.42
N ASN C 3063 8.77 -3.41 150.78
CA ASN C 3063 10.18 -3.46 150.39
C ASN C 3063 10.51 -2.32 149.45
N ALA C 3064 9.64 -2.10 148.46
CA ALA C 3064 9.78 -0.93 147.62
C ALA C 3064 9.81 0.34 148.46
N ALA C 3065 8.96 0.42 149.48
CA ALA C 3065 8.96 1.59 150.35
C ALA C 3065 10.30 1.82 151.05
N GLU C 3066 10.88 0.82 151.73
CA GLU C 3066 12.11 1.16 152.47
C GLU C 3066 13.27 1.33 151.50
N ASP C 3067 13.23 0.66 150.35
CA ASP C 3067 14.29 0.89 149.37
C ASP C 3067 14.28 2.34 148.91
N LEU C 3068 13.08 2.88 148.64
CA LEU C 3068 12.99 4.26 148.21
C LEU C 3068 13.36 5.22 149.33
N GLU C 3069 12.98 4.90 150.56
CA GLU C 3069 13.37 5.73 151.70
C GLU C 3069 14.89 5.75 151.88
N LYS C 3070 15.53 4.60 151.72
CA LYS C 3070 16.99 4.53 151.80
C LYS C 3070 17.63 5.37 150.71
N THR C 3071 17.06 5.32 149.51
CA THR C 3071 17.59 6.16 148.43
C THR C 3071 17.52 7.62 148.81
N MET C 3072 16.38 8.05 149.37
CA MET C 3072 16.33 9.44 149.85
C MET C 3072 17.41 9.72 150.87
N GLU C 3073 17.52 8.88 151.89
CA GLU C 3073 18.37 9.24 153.02
C GLU C 3073 19.82 9.33 152.57
N ASN C 3074 20.26 8.41 151.71
CA ASN C 3074 21.63 8.47 151.25
C ASN C 3074 21.85 9.64 150.30
N LEU C 3075 20.90 9.88 149.38
CA LEU C 3075 21.03 10.98 148.44
C LEU C 3075 21.07 12.33 149.15
N LYS C 3076 20.36 12.45 150.26
CA LYS C 3076 20.35 13.70 151.02
C LYS C 3076 21.59 13.84 151.90
N GLN C 3077 21.96 12.78 152.62
CA GLN C 3077 23.08 12.90 153.55
C GLN C 3077 24.40 13.07 152.79
N GLY C 3078 24.55 12.38 151.66
CA GLY C 3078 25.82 12.44 150.96
C GLY C 3078 25.70 12.38 149.45
N GLN C 3079 26.29 13.37 148.78
CA GLN C 3079 26.41 13.31 147.32
C GLN C 3079 27.60 12.47 146.91
N PHE C 3080 28.50 12.18 147.86
CA PHE C 3080 29.70 11.41 147.55
C PHE C 3080 29.35 10.00 147.11
N THR C 3081 30.01 9.53 146.07
CA THR C 3081 29.77 8.20 145.54
C THR C 3081 30.28 7.12 146.49
N LYS C 3088 29.99 0.13 144.89
CA LYS C 3088 29.51 0.70 146.14
C LYS C 3088 28.05 0.32 146.37
N GLY C 3089 27.70 0.02 147.62
CA GLY C 3089 26.35 -0.43 147.92
C GLY C 3089 25.29 0.63 147.66
N VAL C 3090 25.57 1.86 148.08
CA VAL C 3090 24.60 2.93 147.88
C VAL C 3090 24.43 3.27 146.41
N THR C 3091 25.53 3.29 145.64
CA THR C 3091 25.41 3.49 144.20
C THR C 3091 24.62 2.35 143.55
N GLN C 3092 24.87 1.12 144.01
CA GLN C 3092 24.15 -0.03 143.47
C GLN C 3092 22.65 0.08 143.74
N ILE C 3093 22.27 0.44 144.97
CA ILE C 3093 20.84 0.53 145.27
C ILE C 3093 20.21 1.71 144.56
N ILE C 3094 20.94 2.82 144.39
CA ILE C 3094 20.41 3.95 143.64
C ILE C 3094 20.15 3.55 142.19
N ASN C 3095 21.11 2.86 141.57
CA ASN C 3095 20.93 2.40 140.20
C ASN C 3095 19.79 1.41 140.10
N TYR C 3096 19.68 0.49 141.07
CA TYR C 3096 18.57 -0.46 141.11
C TYR C 3096 17.24 0.29 141.11
N THR C 3097 17.11 1.26 142.02
CA THR C 3097 15.90 2.05 142.08
C THR C 3097 15.60 2.68 140.72
N THR C 3098 16.51 3.53 140.24
CA THR C 3098 16.24 4.30 139.03
C THR C 3098 15.95 3.40 137.83
N VAL C 3099 16.60 2.24 137.77
CA VAL C 3099 16.46 1.40 136.58
C VAL C 3099 15.17 0.60 136.65
N ALA C 3100 14.94 -0.12 137.75
CA ALA C 3100 13.83 -1.05 137.83
C ALA C 3100 12.70 -0.58 138.73
N LEU C 3101 13.02 -0.09 139.93
CA LEU C 3101 12.00 0.05 140.96
C LEU C 3101 11.02 1.16 140.60
N LEU C 3102 11.54 2.31 140.17
CA LEU C 3102 10.65 3.40 139.78
C LEU C 3102 9.76 3.03 138.60
N PRO C 3103 10.28 2.49 137.48
CA PRO C 3103 9.37 2.12 136.39
C PRO C 3103 8.33 1.08 136.77
N MET C 3104 8.70 0.09 137.58
CA MET C 3104 7.76 -0.98 137.89
C MET C 3104 6.68 -0.48 138.85
N LEU C 3105 7.06 0.36 139.82
CA LEU C 3105 6.07 0.98 140.67
C LEU C 3105 5.15 1.89 139.86
N SER C 3106 5.69 2.64 138.90
CA SER C 3106 4.87 3.47 138.04
C SER C 3106 3.85 2.63 137.27
N SER C 3107 4.31 1.53 136.67
CA SER C 3107 3.41 0.68 135.89
C SER C 3107 2.32 0.08 136.78
N LEU C 3108 2.72 -0.44 137.94
CA LEU C 3108 1.74 -1.05 138.84
C LEU C 3108 0.72 -0.03 139.31
N PHE C 3109 1.18 1.16 139.68
CA PHE C 3109 0.27 2.19 140.16
C PHE C 3109 -0.68 2.64 139.06
N GLU C 3110 -0.18 2.83 137.84
CA GLU C 3110 -1.06 3.21 136.74
C GLU C 3110 -2.09 2.13 136.48
N HIS C 3111 -1.67 0.87 136.49
CA HIS C 3111 -2.60 -0.24 136.30
C HIS C 3111 -3.70 -0.22 137.36
N ILE C 3112 -3.31 -0.12 138.63
CA ILE C 3112 -4.27 -0.16 139.72
C ILE C 3112 -5.22 1.02 139.63
N GLY C 3113 -4.70 2.21 139.32
CA GLY C 3113 -5.54 3.38 139.19
C GLY C 3113 -6.53 3.30 138.06
N GLN C 3114 -6.09 2.86 136.89
CA GLN C 3114 -6.99 2.87 135.74
C GLN C 3114 -7.96 1.69 135.78
N HIS C 3115 -7.67 0.66 136.58
CA HIS C 3115 -8.69 -0.34 136.85
C HIS C 3115 -9.45 -0.07 138.14
N GLN C 3116 -9.09 0.98 138.87
CA GLN C 3116 -9.73 1.34 140.14
C GLN C 3116 -9.63 0.22 141.17
N PHE C 3117 -8.45 -0.39 141.30
CA PHE C 3117 -8.25 -1.44 142.29
C PHE C 3117 -7.62 -0.91 143.57
N GLY C 3118 -7.37 0.39 143.67
CA GLY C 3118 -6.73 0.91 144.86
C GLY C 3118 -7.60 0.79 146.10
N GLU C 3119 -8.86 1.22 146.00
CA GLU C 3119 -9.72 1.35 147.17
C GLU C 3119 -9.98 0.03 147.87
N ASP C 3120 -9.69 -1.10 147.23
CA ASP C 3120 -9.79 -2.40 147.88
C ASP C 3120 -8.45 -3.12 148.00
N LEU C 3121 -7.44 -2.71 147.21
CA LEU C 3121 -6.13 -3.32 147.36
C LEU C 3121 -5.38 -2.75 148.56
N ILE C 3122 -5.44 -1.42 148.74
CA ILE C 3122 -4.60 -0.74 149.71
C ILE C 3122 -5.46 -0.22 150.86
N LEU C 3123 -5.56 -1.00 151.93
CA LEU C 3123 -6.31 -0.56 153.09
C LEU C 3123 -5.47 -0.47 154.37
N GLU C 3124 -4.81 -1.57 154.76
CA GLU C 3124 -4.19 -1.64 156.07
C GLU C 3124 -2.68 -1.83 155.95
N ASP C 3125 -1.95 -0.83 156.43
CA ASP C 3125 -0.50 -0.81 156.59
C ASP C 3125 0.20 -0.73 155.24
N VAL C 3126 -0.52 -1.09 154.18
CA VAL C 3126 -0.03 -0.83 152.84
C VAL C 3126 -0.31 0.62 152.48
N GLN C 3127 -1.39 1.18 153.03
CA GLN C 3127 -1.58 2.62 152.97
C GLN C 3127 -0.44 3.34 153.67
N VAL C 3128 -0.01 2.84 154.83
CA VAL C 3128 1.08 3.50 155.55
C VAL C 3128 2.37 3.43 154.74
N SER C 3129 2.67 2.25 154.19
CA SER C 3129 3.83 2.12 153.32
C SER C 3129 3.76 3.11 152.16
N CYS C 3130 2.58 3.29 151.57
CA CYS C 3130 2.50 4.18 150.42
C CYS C 3130 2.47 5.65 150.83
N TYR C 3131 2.10 5.96 152.07
CA TYR C 3131 2.37 7.30 152.58
C TYR C 3131 3.86 7.56 152.66
N ARG C 3132 4.62 6.57 153.14
CA ARG C 3132 6.07 6.68 153.08
C ARG C 3132 6.53 6.90 151.65
N ILE C 3133 5.94 6.17 150.71
CA ILE C 3133 6.33 6.28 149.30
C ILE C 3133 6.02 7.68 148.77
N LEU C 3134 4.85 8.23 149.08
CA LEU C 3134 4.50 9.54 148.56
C LEU C 3134 5.42 10.61 149.12
N THR C 3135 5.69 10.57 150.42
CA THR C 3135 6.67 11.49 150.98
C THR C 3135 8.03 11.34 150.31
N SER C 3136 8.43 10.10 150.07
CA SER C 3136 9.71 9.84 149.42
C SER C 3136 9.79 10.45 148.04
N LEU C 3137 8.82 10.14 147.19
CA LEU C 3137 8.83 10.64 145.82
C LEU C 3137 8.73 12.15 145.78
N TYR C 3138 7.89 12.73 146.64
CA TYR C 3138 7.75 14.18 146.61
C TYR C 3138 9.05 14.87 147.03
N ALA C 3139 9.69 14.37 148.09
CA ALA C 3139 10.93 14.97 148.53
C ALA C 3139 12.03 14.80 147.49
N LEU C 3140 12.08 13.64 146.84
CA LEU C 3140 13.05 13.44 145.77
C LEU C 3140 12.80 14.37 144.61
N GLY C 3141 11.53 14.58 144.26
CA GLY C 3141 11.21 15.46 143.15
C GLY C 3141 11.57 16.90 143.44
N THR C 3142 11.28 17.36 144.65
CA THR C 3142 11.62 18.72 145.03
C THR C 3142 13.07 18.90 145.44
N SER C 3143 13.84 17.81 145.51
CA SER C 3143 15.26 17.92 145.78
C SER C 3143 15.97 18.61 144.61
N LYS C 3144 16.99 19.39 144.95
CA LYS C 3144 17.78 20.13 143.96
C LYS C 3144 19.08 19.41 143.62
N SER C 3145 19.14 18.10 143.83
CA SER C 3145 20.36 17.36 143.57
C SER C 3145 20.61 17.24 142.07
N ILE C 3146 21.83 17.58 141.65
CA ILE C 3146 22.20 17.44 140.25
C ILE C 3146 22.11 15.98 139.83
N TYR C 3147 22.28 15.07 140.80
CA TYR C 3147 22.16 13.64 140.51
C TYR C 3147 20.74 13.27 140.15
N VAL C 3148 19.76 13.76 140.92
CA VAL C 3148 18.37 13.41 140.65
C VAL C 3148 17.84 14.20 139.46
N GLU C 3149 18.49 15.30 139.09
CA GLU C 3149 18.08 16.03 137.89
C GLU C 3149 18.13 15.14 136.66
N ARG C 3150 19.07 14.19 136.62
CA ARG C 3150 19.19 13.34 135.45
C ARG C 3150 18.01 12.40 135.31
N GLN C 3151 17.58 11.76 136.40
CA GLN C 3151 16.45 10.83 136.37
C GLN C 3151 15.15 11.51 136.77
N ARG C 3152 15.11 12.85 136.73
CA ARG C 3152 13.99 13.59 137.27
C ARG C 3152 12.65 13.14 136.68
N SER C 3153 12.56 13.01 135.35
CA SER C 3153 11.27 12.78 134.71
C SER C 3153 10.62 11.49 135.19
N ALA C 3154 11.41 10.40 135.25
CA ALA C 3154 10.87 9.11 135.65
C ALA C 3154 10.18 9.19 137.00
N LEU C 3155 10.76 9.95 137.93
CA LEU C 3155 10.05 10.27 139.17
C LEU C 3155 8.73 10.96 138.87
N GLY C 3156 8.71 11.82 137.84
CA GLY C 3156 7.46 12.48 137.48
C GLY C 3156 6.38 11.49 137.11
N GLU C 3157 6.67 10.59 136.16
CA GLU C 3157 5.65 9.60 135.81
C GLU C 3157 5.28 8.70 136.98
N CYS C 3158 6.27 8.25 137.76
CA CYS C 3158 5.97 7.33 138.84
C CYS C 3158 5.06 7.97 139.89
N LEU C 3159 5.39 9.19 140.33
CA LEU C 3159 4.57 9.83 141.35
C LEU C 3159 3.24 10.28 140.77
N ALA C 3160 3.17 10.57 139.47
CA ALA C 3160 1.88 10.89 138.87
C ALA C 3160 0.97 9.67 138.86
N ALA C 3161 1.51 8.50 138.51
CA ALA C 3161 0.74 7.28 138.58
C ALA C 3161 0.31 6.98 140.01
N PHE C 3162 1.21 7.23 140.97
CA PHE C 3162 0.85 7.03 142.37
C PHE C 3162 -0.28 7.94 142.79
N ALA C 3163 -0.24 9.21 142.37
CA ALA C 3163 -1.33 10.13 142.67
C ALA C 3163 -2.64 9.66 142.06
N GLY C 3164 -2.59 9.16 140.82
CA GLY C 3164 -3.79 8.60 140.22
C GLY C 3164 -4.30 7.34 140.88
N ALA C 3165 -3.41 6.59 141.54
CA ALA C 3165 -3.78 5.32 142.13
C ALA C 3165 -4.24 5.44 143.59
N PHE C 3166 -3.74 6.44 144.30
CA PHE C 3166 -3.96 6.50 145.73
C PHE C 3166 -5.41 6.87 146.04
N PRO C 3167 -6.11 6.09 146.89
CA PRO C 3167 -7.56 6.27 147.03
C PRO C 3167 -7.98 7.20 148.15
N VAL C 3168 -7.06 7.94 148.75
CA VAL C 3168 -7.38 8.86 149.84
C VAL C 3168 -6.88 10.25 149.48
N ALA C 3169 -7.74 11.25 149.71
CA ALA C 3169 -7.46 12.63 149.33
C ALA C 3169 -6.34 13.16 150.21
N PHE C 3170 -5.11 13.07 149.71
CA PHE C 3170 -3.96 13.46 150.52
C PHE C 3170 -3.69 14.95 150.45
N LEU C 3171 -4.03 15.59 149.33
CA LEU C 3171 -3.81 17.03 149.23
C LEU C 3171 -4.73 17.81 150.17
N GLU C 3172 -6.01 17.44 150.22
CA GLU C 3172 -6.97 18.10 151.10
C GLU C 3172 -7.20 17.20 152.30
N THR C 3173 -6.69 17.61 153.46
CA THR C 3173 -6.85 16.86 154.70
C THR C 3173 -7.88 17.49 155.63
N HIS C 3174 -8.42 18.65 155.25
CA HIS C 3174 -9.40 19.35 156.07
C HIS C 3174 -10.66 18.52 156.29
N LEU C 3175 -11.18 17.88 155.24
CA LEU C 3175 -12.33 16.99 155.37
C LEU C 3175 -12.04 15.58 154.87
N ASP C 3176 -10.88 15.01 155.23
CA ASP C 3176 -10.68 13.57 155.05
C ASP C 3176 -11.52 12.75 156.01
N LYS C 3177 -12.13 13.40 157.02
CA LYS C 3177 -13.04 12.70 157.90
C LYS C 3177 -14.21 12.10 157.14
N HIS C 3178 -14.57 12.69 156.00
CA HIS C 3178 -15.65 12.12 155.20
C HIS C 3178 -15.22 10.86 154.47
N ASN C 3179 -13.92 10.66 154.28
CA ASN C 3179 -13.45 9.45 153.61
C ASN C 3179 -13.71 8.23 154.47
N ILE C 3180 -14.34 7.22 153.88
CA ILE C 3180 -14.66 6.01 154.64
C ILE C 3180 -13.50 5.02 154.56
N TYR C 3181 -12.75 5.03 153.46
CA TYR C 3181 -11.58 4.17 153.36
C TYR C 3181 -10.36 4.78 154.03
N SER C 3182 -10.52 5.91 154.71
CA SER C 3182 -9.39 6.59 155.35
C SER C 3182 -8.74 5.68 156.38
N ILE C 3183 -7.40 5.73 156.42
CA ILE C 3183 -6.67 4.93 157.39
C ILE C 3183 -7.02 5.35 158.82
N TYR C 3184 -7.26 6.65 159.01
CA TYR C 3184 -7.61 7.13 160.34
C TYR C 3184 -8.95 6.59 160.79
N ASN C 3185 -9.93 6.56 159.89
CA ASN C 3185 -11.24 6.05 160.25
C ASN C 3185 -11.22 4.55 160.46
N THR C 3186 -10.57 3.81 159.56
CA THR C 3186 -10.59 2.35 159.64
C THR C 3186 -9.72 1.84 160.79
N LYS C 3187 -8.52 2.39 160.94
CA LYS C 3187 -7.54 1.86 161.88
C LYS C 3187 -7.93 2.20 163.33
N SER C 3188 -8.54 3.37 163.53
CA SER C 3188 -9.04 3.85 164.82
C SER C 3188 -7.88 4.30 165.72
N SER C 3189 -8.21 4.92 166.86
CA SER C 3189 -7.23 5.56 167.72
C SER C 3189 -6.30 4.59 168.44
N ARG C 3190 -6.85 3.50 168.98
CA ARG C 3190 -6.03 2.49 169.66
C ARG C 3190 -4.94 1.97 168.75
N GLU C 3191 -5.32 1.50 167.56
CA GLU C 3191 -4.34 0.91 166.66
C GLU C 3191 -3.49 1.98 166.00
N ARG C 3192 -4.04 3.18 165.83
CA ARG C 3192 -3.26 4.29 165.28
C ARG C 3192 -2.11 4.65 166.20
N ALA C 3193 -2.39 4.73 167.51
CA ALA C 3193 -1.33 4.97 168.47
C ALA C 3193 -0.38 3.79 168.55
N ALA C 3194 -0.91 2.57 168.41
CA ALA C 3194 -0.05 1.38 168.42
C ALA C 3194 0.96 1.43 167.28
N LEU C 3195 0.53 1.83 166.09
CA LEU C 3195 1.43 1.93 164.96
C LEU C 3195 2.21 3.24 165.02
N SER C 3196 3.41 3.22 164.45
CA SER C 3196 4.27 4.40 164.40
C SER C 3196 3.72 5.38 163.37
N LEU C 3197 2.69 6.11 163.80
CA LEU C 3197 1.99 7.03 162.92
C LEU C 3197 1.72 8.34 163.64
N PRO C 3198 1.80 9.49 162.95
CA PRO C 3198 1.75 10.79 163.65
C PRO C 3198 0.41 11.13 164.27
N THR C 3199 -0.63 10.32 164.07
CA THR C 3199 -1.98 10.48 164.63
C THR C 3199 -2.67 11.75 164.17
N ASN C 3200 -2.08 12.53 163.27
CA ASN C 3200 -2.70 13.72 162.73
C ASN C 3200 -2.66 13.62 161.21
N VAL C 3201 -3.82 13.81 160.58
CA VAL C 3201 -3.94 13.66 159.13
C VAL C 3201 -3.09 14.73 158.46
N GLU C 3202 -3.00 15.90 159.11
CA GLU C 3202 -2.14 16.96 158.59
C GLU C 3202 -0.66 16.63 158.80
N ASP C 3203 -0.34 15.91 159.87
CA ASP C 3203 1.05 15.62 160.19
C ASP C 3203 1.59 14.40 159.47
N VAL C 3204 0.71 13.56 158.90
CA VAL C 3204 1.17 12.32 158.29
C VAL C 3204 2.06 12.61 157.08
N CYS C 3205 1.89 13.77 156.46
CA CYS C 3205 2.65 14.17 155.29
C CYS C 3205 2.93 15.66 155.37
N PRO C 3206 3.93 16.05 156.17
CA PRO C 3206 4.14 17.49 156.41
C PRO C 3206 4.63 18.25 155.20
N ASN C 3207 5.64 17.73 154.50
CA ASN C 3207 6.31 18.51 153.46
C ASN C 3207 5.37 18.84 152.30
N ILE C 3208 4.47 17.93 151.95
CA ILE C 3208 3.57 18.16 150.84
C ILE C 3208 2.57 19.26 151.20
N PRO C 3209 2.46 20.30 150.38
CA PRO C 3209 1.47 21.35 150.64
C PRO C 3209 0.06 20.91 150.27
N SER C 3210 -0.91 21.70 150.71
CA SER C 3210 -2.30 21.43 150.41
C SER C 3210 -2.63 21.78 148.96
N LEU C 3211 -3.77 21.30 148.50
CA LEU C 3211 -4.22 21.59 147.15
C LEU C 3211 -4.42 23.08 146.92
N GLU C 3212 -5.08 23.75 147.86
CA GLU C 3212 -5.29 25.19 147.72
C GLU C 3212 -3.97 25.93 147.66
N LYS C 3213 -3.08 25.65 148.61
CA LYS C 3213 -1.75 26.25 148.57
C LYS C 3213 -1.09 26.04 147.21
N LEU C 3214 -0.95 24.78 146.79
CA LEU C 3214 -0.32 24.52 145.51
C LEU C 3214 -1.03 25.23 144.38
N MET C 3215 -2.31 25.55 144.52
CA MET C 3215 -2.95 26.40 143.54
C MET C 3215 -2.39 27.82 143.55
N GLU C 3216 -2.18 28.41 144.73
CA GLU C 3216 -1.58 29.76 144.71
C GLU C 3216 -0.14 29.74 144.20
N GLU C 3217 0.66 28.73 144.59
CA GLU C 3217 1.98 28.68 143.96
C GLU C 3217 1.88 28.44 142.45
N ILE C 3218 0.91 27.62 142.02
CA ILE C 3218 0.81 27.39 140.58
C ILE C 3218 0.48 28.68 139.84
N VAL C 3219 -0.50 29.44 140.35
CA VAL C 3219 -0.87 30.67 139.67
C VAL C 3219 0.26 31.71 139.73
N GLU C 3220 0.97 31.81 140.86
CA GLU C 3220 2.03 32.81 140.91
C GLU C 3220 3.18 32.42 139.99
N LEU C 3221 3.49 31.13 139.88
CA LEU C 3221 4.41 30.69 138.85
C LEU C 3221 3.90 31.04 137.47
N ALA C 3222 2.59 31.00 137.28
CA ALA C 3222 2.01 31.34 136.00
C ALA C 3222 2.25 32.81 135.65
N GLU C 3223 2.03 33.73 136.60
CA GLU C 3223 2.31 35.13 136.27
C GLU C 3223 3.82 35.36 136.16
N SER C 3224 4.62 34.59 136.90
CA SER C 3224 6.07 34.73 136.82
C SER C 3224 6.58 34.37 135.43
N GLY C 3225 6.15 33.22 134.90
CA GLY C 3225 6.54 32.80 133.57
C GLY C 3225 8.03 32.67 133.37
N ILE C 3226 8.73 32.10 134.35
CA ILE C 3226 10.19 32.01 134.31
C ILE C 3226 10.64 30.92 133.36
N ARG C 3227 11.91 30.96 132.99
CA ARG C 3227 12.51 29.95 132.12
C ARG C 3227 12.59 28.62 132.87
N TYR C 3228 12.72 27.53 132.12
CA TYR C 3228 12.56 26.21 132.73
C TYR C 3228 13.59 25.92 133.80
N THR C 3229 14.83 26.38 133.63
CA THR C 3229 15.87 26.05 134.59
C THR C 3229 15.71 26.79 135.92
N GLN C 3230 14.81 27.78 136.00
CA GLN C 3230 14.64 28.52 137.24
C GLN C 3230 13.93 27.72 138.31
N MET C 3231 12.94 26.92 137.94
CA MET C 3231 12.20 26.11 138.91
C MET C 3231 11.57 24.94 138.18
N PRO C 3232 12.38 23.99 137.69
CA PRO C 3232 11.85 22.86 136.94
C PRO C 3232 10.98 21.95 137.80
N HIS C 3233 11.26 21.95 139.11
CA HIS C 3233 10.62 21.00 140.01
C HIS C 3233 9.10 21.05 139.88
N VAL C 3234 8.52 22.23 140.10
CA VAL C 3234 7.08 22.37 140.06
C VAL C 3234 6.52 21.95 138.71
N MET C 3235 6.96 22.62 137.65
CA MET C 3235 6.24 22.49 136.38
C MET C 3235 6.62 21.22 135.62
N GLU C 3236 7.53 20.42 136.18
CA GLU C 3236 7.71 19.09 135.59
C GLU C 3236 7.13 17.97 136.44
N VAL C 3237 6.99 18.15 137.76
CA VAL C 3237 6.42 17.07 138.58
C VAL C 3237 5.06 17.46 139.16
N ILE C 3238 5.00 18.61 139.81
CA ILE C 3238 3.79 19.01 140.54
C ILE C 3238 2.63 19.29 139.60
N LEU C 3239 2.91 19.87 138.43
CA LEU C 3239 1.82 20.07 137.47
C LEU C 3239 1.21 18.76 137.00
N PRO C 3240 1.99 17.77 136.53
CA PRO C 3240 1.39 16.45 136.34
C PRO C 3240 0.76 15.92 137.61
N MET C 3241 1.33 16.29 138.76
CA MET C 3241 0.81 15.80 140.03
C MET C 3241 -0.64 16.25 140.19
N LEU C 3242 -0.86 17.56 140.05
CA LEU C 3242 -2.18 18.13 140.23
C LEU C 3242 -3.12 17.69 139.12
N CYS C 3243 -2.62 17.58 137.88
CA CYS C 3243 -3.46 17.09 136.79
C CYS C 3243 -3.98 15.70 137.12
N SER C 3244 -3.10 14.79 137.53
CA SER C 3244 -3.51 13.44 137.87
C SER C 3244 -4.47 13.44 139.06
N TYR C 3245 -4.18 14.24 140.08
CA TYR C 3245 -5.02 14.25 141.27
C TYR C 3245 -6.43 14.74 140.94
N MET C 3246 -6.55 15.82 140.18
CA MET C 3246 -7.89 16.30 139.86
C MET C 3246 -8.59 15.34 138.92
N SER C 3247 -7.87 14.75 137.97
CA SER C 3247 -8.48 13.74 137.12
C SER C 3247 -8.97 12.54 137.93
N ARG C 3248 -8.32 12.25 139.05
CA ARG C 3248 -8.72 11.12 139.87
C ARG C 3248 -9.89 11.44 140.77
N TRP C 3249 -9.91 12.66 141.32
CA TRP C 3249 -10.94 13.03 142.30
C TRP C 3249 -12.08 13.83 141.72
N TRP C 3250 -12.10 14.07 140.39
CA TRP C 3250 -13.23 14.79 139.81
C TRP C 3250 -14.55 14.08 140.04
N GLU C 3251 -14.62 12.79 139.71
CA GLU C 3251 -15.87 12.08 139.87
C GLU C 3251 -16.28 11.97 141.33
N HIS C 3252 -15.32 12.04 142.26
CA HIS C 3252 -15.66 12.10 143.67
C HIS C 3252 -16.00 13.52 144.12
N GLY C 3253 -15.74 14.53 143.30
CA GLY C 3253 -16.14 15.88 143.61
C GLY C 3253 -17.65 16.01 143.75
N PRO C 3254 -18.09 16.91 144.65
CA PRO C 3254 -19.53 17.05 144.88
C PRO C 3254 -20.31 17.46 143.64
N GLU C 3255 -19.69 18.22 142.74
CA GLU C 3255 -20.38 18.64 141.53
C GLU C 3255 -20.67 17.46 140.61
N ASN C 3256 -19.86 16.41 140.71
CA ASN C 3256 -20.11 15.21 139.92
C ASN C 3256 -21.30 14.42 140.45
N ASN C 3257 -21.51 14.42 141.77
CA ASN C 3257 -22.62 13.75 142.41
C ASN C 3257 -23.39 14.77 143.24
N PRO C 3258 -24.25 15.58 142.61
CA PRO C 3258 -24.95 16.64 143.36
C PRO C 3258 -25.78 16.12 144.52
N GLU C 3259 -26.38 14.94 144.37
CA GLU C 3259 -27.06 14.34 145.50
C GLU C 3259 -26.01 13.68 146.40
N ARG C 3260 -26.17 13.87 147.71
CA ARG C 3260 -25.18 13.56 148.74
C ARG C 3260 -24.00 14.53 148.69
N ALA C 3261 -24.24 15.74 148.21
CA ALA C 3261 -23.16 16.72 148.13
C ALA C 3261 -22.71 17.16 149.52
N GLU C 3262 -21.47 17.65 149.58
CA GLU C 3262 -20.85 18.23 150.78
C GLU C 3262 -20.51 17.12 151.77
N MET C 3263 -20.98 15.90 151.51
CA MET C 3263 -20.48 14.74 152.23
C MET C 3263 -19.32 14.06 151.50
N CYS C 3264 -18.90 14.60 150.36
CA CYS C 3264 -17.84 13.97 149.59
C CYS C 3264 -16.50 14.17 150.28
N CYS C 3265 -15.51 13.36 149.88
CA CYS C 3265 -14.19 13.42 150.50
C CYS C 3265 -13.53 14.77 150.24
N THR C 3266 -13.63 15.27 149.02
CA THR C 3266 -12.91 16.48 148.62
C THR C 3266 -13.70 17.22 147.55
N ALA C 3267 -13.54 18.54 147.54
CA ALA C 3267 -14.34 19.39 146.66
C ALA C 3267 -13.60 19.67 145.35
N LEU C 3268 -14.19 19.25 144.24
CA LEU C 3268 -13.64 19.49 142.91
C LEU C 3268 -14.59 20.38 142.14
N ASN C 3269 -14.06 21.45 141.55
CA ASN C 3269 -14.86 22.42 140.83
C ASN C 3269 -14.35 22.62 139.42
N SER C 3270 -15.30 22.75 138.49
CA SER C 3270 -14.97 23.04 137.11
C SER C 3270 -14.13 24.30 137.02
N GLU C 3271 -14.40 25.27 137.89
CA GLU C 3271 -13.60 26.48 137.93
C GLU C 3271 -12.15 26.15 138.24
N HIS C 3272 -11.92 25.23 139.18
CA HIS C 3272 -10.55 24.82 139.48
C HIS C 3272 -9.88 24.14 138.28
N MET C 3273 -10.61 23.26 137.57
CA MET C 3273 -9.91 22.65 136.43
C MET C 3273 -9.60 23.69 135.36
N ASN C 3274 -10.52 24.62 135.11
CA ASN C 3274 -10.24 25.66 134.12
C ASN C 3274 -9.09 26.53 134.54
N THR C 3275 -9.01 26.88 135.83
CA THR C 3275 -7.87 27.65 136.32
C THR C 3275 -6.57 26.90 136.09
N LEU C 3276 -6.57 25.60 136.41
CA LEU C 3276 -5.35 24.83 136.27
C LEU C 3276 -4.92 24.78 134.80
N LEU C 3277 -5.84 24.40 133.92
CA LEU C 3277 -5.50 24.28 132.50
C LEU C 3277 -5.09 25.63 131.92
N GLY C 3278 -5.66 26.71 132.44
CA GLY C 3278 -5.23 28.03 132.05
C GLY C 3278 -3.79 28.24 132.44
N ASN C 3279 -3.43 27.80 133.64
CA ASN C 3279 -2.04 27.89 134.06
C ASN C 3279 -1.13 27.12 133.11
N ILE C 3280 -1.47 25.87 132.81
CA ILE C 3280 -0.66 25.15 131.82
C ILE C 3280 -0.54 25.93 130.54
N LEU C 3281 -1.65 26.16 129.85
CA LEU C 3281 -1.60 26.79 128.54
C LEU C 3281 -0.81 28.10 128.56
N LYS C 3282 -0.94 28.91 129.61
CA LYS C 3282 -0.31 30.22 129.53
C LYS C 3282 1.16 30.16 129.92
N ILE C 3283 1.55 29.24 130.81
CA ILE C 3283 2.99 29.06 131.04
C ILE C 3283 3.63 28.44 129.82
N ILE C 3284 2.89 27.57 129.11
CA ILE C 3284 3.38 27.06 127.84
C ILE C 3284 3.57 28.19 126.85
N TYR C 3285 2.65 29.17 126.81
CA TYR C 3285 2.85 30.31 125.93
C TYR C 3285 4.09 31.10 126.33
N ASN C 3286 4.30 31.31 127.63
CA ASN C 3286 5.48 32.06 128.07
C ASN C 3286 6.77 31.34 127.69
N ASN C 3287 6.83 30.03 127.89
CA ASN C 3287 8.08 29.32 127.72
C ASN C 3287 8.28 28.73 126.33
N LEU C 3288 7.27 28.80 125.45
CA LEU C 3288 7.44 28.19 124.13
C LEU C 3288 8.50 28.89 123.30
N GLY C 3289 8.57 30.21 123.37
CA GLY C 3289 9.56 30.95 122.63
C GLY C 3289 10.96 30.69 123.16
N ILE C 3290 11.04 30.29 124.42
CA ILE C 3290 12.33 30.07 125.07
C ILE C 3290 12.77 28.63 124.85
N ASP C 3291 13.37 28.37 123.68
CA ASP C 3291 14.17 27.19 123.34
C ASP C 3291 13.37 25.89 123.35
N GLU C 3292 12.11 25.93 123.77
CA GLU C 3292 11.24 24.75 123.78
C GLU C 3292 11.87 23.58 124.53
N GLY C 3293 11.29 22.38 124.37
CA GLY C 3293 11.89 21.19 124.90
C GLY C 3293 10.87 20.08 125.06
N ALA C 3294 11.36 18.91 125.49
CA ALA C 3294 10.53 17.71 125.51
C ALA C 3294 9.61 17.65 126.71
N TRP C 3295 9.85 18.46 127.75
CA TRP C 3295 8.99 18.35 128.92
C TRP C 3295 7.55 18.71 128.56
N MET C 3296 7.38 19.58 127.56
CA MET C 3296 6.04 19.94 127.13
C MET C 3296 5.39 18.85 126.28
N LYS C 3297 6.16 18.10 125.50
CA LYS C 3297 5.66 16.85 124.96
C LYS C 3297 5.16 15.92 126.05
N ARG C 3298 5.88 15.82 127.17
CA ARG C 3298 5.36 15.01 128.26
C ARG C 3298 4.09 15.64 128.85
N LEU C 3299 4.14 16.94 129.15
CA LEU C 3299 3.02 17.60 129.82
C LEU C 3299 1.75 17.54 129.00
N ALA C 3300 1.87 17.50 127.67
CA ALA C 3300 0.69 17.38 126.83
C ALA C 3300 -0.04 16.07 127.10
N VAL C 3301 0.70 14.97 127.20
CA VAL C 3301 0.01 13.70 127.42
C VAL C 3301 -0.38 13.52 128.88
N PHE C 3302 0.31 14.18 129.82
CA PHE C 3302 -0.20 14.18 131.19
C PHE C 3302 -1.50 14.99 131.29
N SER C 3303 -1.62 16.08 130.55
CA SER C 3303 -2.77 16.95 130.62
C SER C 3303 -3.87 16.58 129.63
N GLN C 3304 -3.66 15.54 128.82
CA GLN C 3304 -4.75 15.02 127.99
C GLN C 3304 -6.03 14.70 128.76
N PRO C 3305 -5.99 13.99 129.90
CA PRO C 3305 -7.26 13.68 130.59
C PRO C 3305 -8.07 14.90 130.99
N ILE C 3306 -7.44 15.97 131.48
CA ILE C 3306 -8.20 17.15 131.87
C ILE C 3306 -8.76 17.88 130.64
N ILE C 3307 -8.00 17.94 129.55
CA ILE C 3307 -8.54 18.53 128.33
C ILE C 3307 -9.58 17.64 127.67
N ASN C 3308 -9.71 16.40 128.13
CA ASN C 3308 -10.88 15.60 127.75
C ASN C 3308 -12.08 15.91 128.64
N LYS C 3309 -11.88 15.97 129.95
CA LYS C 3309 -13.01 16.25 130.84
C LYS C 3309 -13.56 17.65 130.63
N VAL C 3310 -12.74 18.58 130.15
CA VAL C 3310 -13.23 19.94 129.94
C VAL C 3310 -14.25 19.94 128.81
N LYS C 3311 -15.28 20.81 128.93
CA LYS C 3311 -16.42 21.00 128.06
C LYS C 3311 -16.01 21.64 126.73
N PRO C 3312 -16.77 21.41 125.65
CA PRO C 3312 -16.35 21.98 124.35
C PRO C 3312 -16.65 23.46 124.20
N GLN C 3313 -17.73 23.96 124.80
CA GLN C 3313 -17.91 25.40 124.87
C GLN C 3313 -16.75 26.05 125.62
N LEU C 3314 -16.15 25.31 126.54
CA LEU C 3314 -14.92 25.78 127.17
C LEU C 3314 -13.72 25.56 126.26
N LEU C 3315 -13.83 24.62 125.31
CA LEU C 3315 -12.75 24.44 124.34
C LEU C 3315 -12.64 25.63 123.40
N LYS C 3316 -13.76 26.16 122.91
CA LYS C 3316 -13.67 27.44 122.21
C LYS C 3316 -13.23 28.54 123.16
N THR C 3317 -12.56 29.53 122.58
CA THR C 3317 -11.98 30.69 123.26
C THR C 3317 -10.83 30.28 124.18
N HIS C 3318 -10.51 29.00 124.23
CA HIS C 3318 -9.39 28.53 125.03
C HIS C 3318 -8.34 27.82 124.20
N PHE C 3319 -8.73 26.83 123.39
CA PHE C 3319 -7.75 26.18 122.53
C PHE C 3319 -7.47 26.97 121.27
N LEU C 3320 -8.42 27.81 120.84
CA LEU C 3320 -8.13 28.74 119.75
C LEU C 3320 -6.97 29.65 120.11
N PRO C 3321 -6.91 30.23 121.31
CA PRO C 3321 -5.64 30.86 121.74
C PRO C 3321 -4.47 29.90 121.70
N LEU C 3322 -4.68 28.64 122.10
CA LEU C 3322 -3.59 27.67 122.03
C LEU C 3322 -3.19 27.43 120.58
N MET C 3323 -4.17 27.41 119.67
CA MET C 3323 -3.88 27.29 118.25
C MET C 3323 -3.04 28.44 117.74
N GLU C 3324 -3.40 29.68 118.08
CA GLU C 3324 -2.64 30.83 117.57
C GLU C 3324 -1.25 30.88 118.19
N LYS C 3325 -1.12 30.46 119.45
CA LYS C 3325 0.20 30.42 120.07
C LYS C 3325 1.04 29.31 119.46
N LEU C 3326 0.39 28.27 118.93
CA LEU C 3326 1.11 27.32 118.09
C LEU C 3326 1.61 27.99 116.82
N LYS C 3327 0.73 28.69 116.11
CA LYS C 3327 1.12 29.25 114.82
C LYS C 3327 2.02 30.47 114.93
N LYS C 3328 2.26 31.01 116.13
CA LYS C 3328 3.18 32.14 116.22
C LYS C 3328 4.58 31.74 115.78
N LYS C 3329 5.02 30.54 116.15
CA LYS C 3329 6.31 30.04 115.73
C LYS C 3329 6.20 29.46 114.33
N ALA C 3330 7.11 29.88 113.43
CA ALA C 3330 7.04 29.42 112.05
C ALA C 3330 7.20 27.91 111.95
N ALA C 3331 8.20 27.35 112.64
CA ALA C 3331 8.38 25.91 112.73
C ALA C 3331 8.41 25.53 114.19
N THR C 3332 7.49 24.64 114.60
CA THR C 3332 7.29 24.32 116.01
C THR C 3332 7.56 22.84 116.22
N VAL C 3333 8.63 22.53 116.97
CA VAL C 3333 8.90 21.14 117.34
C VAL C 3333 7.88 20.66 118.36
N VAL C 3334 7.55 21.50 119.34
CA VAL C 3334 6.64 21.10 120.40
C VAL C 3334 5.20 21.43 120.00
N SER C 3335 4.53 20.46 119.39
CA SER C 3335 3.15 20.62 118.93
C SER C 3335 2.21 20.43 120.10
N GLU C 3336 1.88 21.52 120.79
CA GLU C 3336 0.86 21.48 121.82
C GLU C 3336 -0.51 21.26 121.17
N GLU C 3337 -1.27 20.32 121.70
CA GLU C 3337 -2.58 20.03 121.10
C GLU C 3337 -3.67 20.82 121.81
N VAL C 3599 25.69 3.43 101.62
CA VAL C 3599 26.27 4.17 100.51
C VAL C 3599 27.80 4.09 100.59
N VAL C 3600 28.30 3.84 101.81
CA VAL C 3600 29.74 3.70 102.01
C VAL C 3600 30.26 2.49 101.25
N ALA C 3601 29.53 1.37 101.30
CA ALA C 3601 29.93 0.18 100.56
C ALA C 3601 29.92 0.44 99.07
N CYS C 3602 28.91 1.16 98.57
CA CYS C 3602 28.86 1.49 97.16
C CYS C 3602 30.04 2.36 96.75
N PHE C 3603 30.40 3.34 97.58
CA PHE C 3603 31.55 4.19 97.30
C PHE C 3603 32.85 3.39 97.37
N ARG C 3604 32.88 2.33 98.17
CA ARG C 3604 34.06 1.50 98.30
C ARG C 3604 34.18 0.59 97.09
N MET C 3605 35.24 0.78 96.31
CA MET C 3605 35.53 0.02 95.09
C MET C 3605 37.01 -0.35 95.04
N ALA C 3606 37.49 -0.72 93.86
CA ALA C 3606 38.89 -1.09 93.68
C ALA C 3606 39.68 0.04 93.04
N PRO C 3607 40.34 0.88 93.84
CA PRO C 3607 41.14 1.96 93.26
C PRO C 3607 42.53 1.48 92.89
N LEU C 3608 43.31 2.38 92.29
CA LEU C 3608 44.68 2.03 91.91
C LEU C 3608 45.59 1.89 93.12
N TYR C 3609 45.32 2.65 94.19
CA TYR C 3609 46.25 2.65 95.32
C TYR C 3609 46.25 1.31 96.05
N ASN C 3610 45.16 0.54 95.94
CA ASN C 3610 45.13 -0.76 96.57
C ASN C 3610 45.82 -1.82 95.72
N LEU C 3611 45.91 -1.59 94.42
CA LEU C 3611 46.44 -2.61 93.52
C LEU C 3611 47.93 -2.82 93.74
N PRO C 3612 48.45 -4.02 93.47
CA PRO C 3612 49.89 -4.23 93.50
C PRO C 3612 50.57 -3.38 92.44
N ARG C 3613 51.82 -3.01 92.71
CA ARG C 3613 52.49 -2.01 91.90
C ARG C 3613 52.70 -2.49 90.46
N HIS C 3614 53.02 -3.78 90.27
CA HIS C 3614 53.30 -4.26 88.91
C HIS C 3614 52.05 -4.24 88.03
N ARG C 3615 50.90 -4.57 88.61
CA ARG C 3615 49.65 -4.47 87.85
C ARG C 3615 49.39 -3.04 87.40
N ALA C 3616 49.58 -2.08 88.32
CA ALA C 3616 49.38 -0.68 87.96
C ALA C 3616 50.42 -0.22 86.95
N VAL C 3617 51.61 -0.81 86.98
CA VAL C 3617 52.63 -0.46 86.00
C VAL C 3617 52.24 -0.94 84.62
N ASN C 3618 51.68 -2.15 84.53
CA ASN C 3618 51.18 -2.63 83.25
C ASN C 3618 50.05 -1.76 82.74
N LEU C 3619 49.13 -1.39 83.64
CA LEU C 3619 48.05 -0.49 83.25
C LEU C 3619 48.59 0.84 82.76
N PHE C 3620 49.62 1.36 83.42
CA PHE C 3620 50.23 2.61 83.00
C PHE C 3620 50.88 2.46 81.64
N LEU C 3621 51.54 1.33 81.39
CA LEU C 3621 52.15 1.12 80.09
C LEU C 3621 51.10 1.19 78.98
N GLN C 3622 49.99 0.46 79.16
CA GLN C 3622 48.95 0.49 78.14
C GLN C 3622 48.35 1.88 77.98
N GLY C 3623 48.04 2.55 79.10
CA GLY C 3623 47.42 3.86 79.04
C GLY C 3623 48.33 4.89 78.43
N TYR C 3624 49.60 4.91 78.84
CA TYR C 3624 50.58 5.79 78.26
C TYR C 3624 50.70 5.56 76.76
N GLU C 3625 50.80 4.29 76.35
CA GLU C 3625 50.84 3.98 74.92
C GLU C 3625 49.69 4.67 74.20
N LYS C 3626 48.45 4.30 74.56
CA LYS C 3626 47.30 4.76 73.80
C LYS C 3626 47.16 6.29 73.86
N SER C 3627 47.41 6.88 75.03
CA SER C 3627 47.11 8.30 75.21
C SER C 3627 48.18 9.19 74.60
N TRP C 3628 49.45 8.78 74.64
CA TRP C 3628 50.55 9.64 74.25
C TRP C 3628 51.21 9.17 72.96
N ILE C 3629 51.65 7.91 72.89
CA ILE C 3629 52.46 7.48 71.76
C ILE C 3629 51.60 7.42 70.50
N GLU C 3630 50.37 6.91 70.63
CA GLU C 3630 49.47 6.87 69.49
C GLU C 3630 49.11 8.27 69.02
N THR C 3631 48.86 9.19 69.94
CA THR C 3631 48.42 10.53 69.60
C THR C 3631 49.55 11.43 69.14
N GLU C 3632 50.81 11.05 69.38
CA GLU C 3632 51.93 11.86 68.93
C GLU C 3632 52.00 11.87 67.41
N GLU C 3633 52.12 13.06 66.84
CA GLU C 3633 52.11 13.22 65.39
C GLU C 3633 53.28 14.08 64.95
N HIS C 3634 54.03 13.59 63.95
CA HIS C 3634 55.07 14.35 63.31
C HIS C 3634 54.96 14.15 61.80
N TYR C 3635 55.15 15.22 61.04
CA TYR C 3635 54.93 15.23 59.62
C TYR C 3635 56.26 15.13 58.89
N PHE C 3636 56.42 14.08 58.09
CA PHE C 3636 57.66 13.84 57.37
C PHE C 3636 57.46 13.39 55.94
N GLU C 3637 56.21 13.20 55.50
CA GLU C 3637 55.97 12.53 54.23
C GLU C 3637 56.48 13.35 53.05
N ASP C 3638 56.23 14.66 53.06
CA ASP C 3638 56.67 15.49 51.94
C ASP C 3638 58.19 15.50 51.85
N LYS C 3639 58.88 15.66 52.98
CA LYS C 3639 60.33 15.66 52.98
C LYS C 3639 60.88 14.32 52.51
N LEU C 3640 60.30 13.22 52.99
CA LEU C 3640 60.77 11.90 52.60
C LEU C 3640 60.59 11.67 51.10
N ILE C 3641 59.43 12.07 50.56
CA ILE C 3641 59.20 11.84 49.12
C ILE C 3641 60.11 12.74 48.30
N GLU C 3642 60.36 13.97 48.76
CA GLU C 3642 61.28 14.84 48.04
C GLU C 3642 62.68 14.25 48.03
N ASP C 3643 63.12 13.70 49.15
CA ASP C 3643 64.43 13.05 49.19
C ASP C 3643 64.47 11.82 48.28
N LEU C 3644 63.41 11.03 48.28
CA LEU C 3644 63.39 9.81 47.48
C LEU C 3644 63.32 10.10 45.98
N ALA C 3645 62.72 11.22 45.58
CA ALA C 3645 62.58 11.54 44.17
C ALA C 3645 63.81 12.21 43.57
N LYS C 3646 64.79 12.57 44.38
CA LYS C 3646 65.96 13.26 43.86
C LYS C 3646 66.85 12.31 43.07
N PRO C 3647 67.26 12.68 41.87
CA PRO C 3647 68.32 11.93 41.20
C PRO C 3647 69.63 12.13 41.93
N GLY C 3648 70.11 11.10 42.61
CA GLY C 3648 71.19 11.26 43.55
C GLY C 3648 72.56 11.39 42.92
N ALA C 3649 72.85 12.56 42.36
CA ALA C 3649 74.14 12.83 41.70
C ALA C 3649 74.43 11.78 40.65
N GLU C 3650 73.46 11.57 39.75
CA GLU C 3650 73.62 10.53 38.73
C GLU C 3650 74.79 10.81 37.79
N PRO C 3651 74.97 12.00 37.22
CA PRO C 3651 76.15 12.24 36.38
C PRO C 3651 77.45 12.12 37.16
N PRO C 3652 77.53 12.60 38.42
CA PRO C 3652 78.73 12.28 39.21
C PRO C 3652 78.97 10.79 39.36
N GLU C 3653 77.92 10.00 39.53
CA GLU C 3653 78.07 8.56 39.53
C GLU C 3653 78.36 8.06 38.12
N GLU C 3654 79.04 6.92 38.04
CA GLU C 3654 79.43 6.35 36.75
C GLU C 3654 78.26 5.59 36.15
N ASP C 3655 77.25 6.36 35.70
CA ASP C 3655 76.10 5.75 35.05
C ASP C 3655 76.48 5.11 33.72
N GLU C 3656 77.18 5.87 32.87
CA GLU C 3656 77.70 5.37 31.60
C GLU C 3656 76.59 4.75 30.75
N GLY C 3657 75.43 5.39 30.73
CA GLY C 3657 74.31 4.88 29.97
C GLY C 3657 73.03 5.61 30.31
N THR C 3658 71.92 4.88 30.22
CA THR C 3658 70.62 5.46 30.50
C THR C 3658 70.52 5.89 31.96
N LYS C 3659 69.78 6.98 32.20
CA LYS C 3659 69.61 7.53 33.53
C LYS C 3659 68.99 6.50 34.47
N ARG C 3660 69.68 6.19 35.55
CA ARG C 3660 69.17 5.20 36.50
C ARG C 3660 67.96 5.74 37.23
N VAL C 3661 66.96 4.87 37.39
CA VAL C 3661 65.72 5.27 38.02
C VAL C 3661 65.96 5.65 39.48
N ASP C 3662 65.23 6.66 39.95
CA ASP C 3662 65.38 7.15 41.29
C ASP C 3662 64.79 6.17 42.31
N PRO C 3663 65.15 6.30 43.59
CA PRO C 3663 64.62 5.36 44.59
C PRO C 3663 63.11 5.30 44.65
N LEU C 3664 62.42 6.42 44.48
CA LEU C 3664 60.96 6.39 44.46
C LEU C 3664 60.47 5.56 43.27
N HIS C 3665 61.11 5.74 42.12
CA HIS C 3665 60.76 4.93 40.95
C HIS C 3665 60.97 3.45 41.22
N GLN C 3666 62.08 3.10 41.86
CA GLN C 3666 62.33 1.70 42.21
C GLN C 3666 61.29 1.15 43.17
N LEU C 3667 60.89 1.92 44.18
CA LEU C 3667 59.86 1.47 45.11
C LEU C 3667 58.54 1.23 44.41
N ILE C 3668 58.10 2.18 43.57
CA ILE C 3668 56.87 1.98 42.84
C ILE C 3668 56.96 0.81 41.88
N LEU C 3669 58.11 0.61 41.24
CA LEU C 3669 58.30 -0.54 40.38
C LEU C 3669 58.22 -1.86 41.13
N LEU C 3670 58.80 -1.92 42.34
CA LEU C 3670 58.67 -3.12 43.16
C LEU C 3670 57.21 -3.39 43.50
N PHE C 3671 56.49 -2.34 43.92
CA PHE C 3671 55.09 -2.53 44.27
C PHE C 3671 54.26 -2.95 43.07
N SER C 3672 54.58 -2.45 41.88
CA SER C 3672 53.86 -2.85 40.67
C SER C 3672 54.17 -4.28 40.28
N ARG C 3673 55.44 -4.69 40.38
CA ARG C 3673 55.80 -6.07 40.06
C ARG C 3673 55.13 -7.04 41.01
N THR C 3674 55.07 -6.69 42.30
CA THR C 3674 54.40 -7.57 43.26
C THR C 3674 52.93 -7.74 42.90
N ALA C 3675 52.27 -6.66 42.50
CA ALA C 3675 50.87 -6.76 42.10
C ALA C 3675 50.70 -7.58 40.83
N LEU C 3676 51.63 -7.45 39.88
CA LEU C 3676 51.54 -8.18 38.63
C LEU C 3676 51.94 -9.64 38.76
N THR C 3677 52.58 -10.01 39.86
CA THR C 3677 52.99 -11.39 40.09
C THR C 3677 51.76 -12.27 40.33
N GLU C 3678 51.80 -13.50 39.81
CA GLU C 3678 50.68 -14.41 39.96
C GLU C 3678 50.47 -14.79 41.42
N LYS C 3679 49.28 -14.53 41.93
CA LYS C 3679 48.90 -14.96 43.25
C LYS C 3679 47.42 -15.31 43.25
N CYS C 3680 47.04 -16.24 44.12
CA CYS C 3680 45.63 -16.56 44.28
C CYS C 3680 44.91 -15.49 45.08
N LYS C 3681 45.63 -14.76 45.92
CA LYS C 3681 45.04 -13.72 46.76
C LYS C 3681 46.05 -12.59 46.93
N LEU C 3682 45.52 -11.39 47.12
CA LEU C 3682 46.36 -10.22 47.38
C LEU C 3682 46.77 -10.24 48.85
N GLU C 3683 48.00 -10.68 49.12
CA GLU C 3683 48.50 -10.80 50.48
C GLU C 3683 48.74 -9.42 51.08
N GLU C 3684 48.46 -9.29 52.37
CA GLU C 3684 48.69 -8.03 53.06
C GLU C 3684 50.19 -7.76 53.15
N ASP C 3685 50.59 -6.57 52.71
CA ASP C 3685 51.99 -6.16 52.73
C ASP C 3685 52.11 -4.89 53.56
N PHE C 3686 52.81 -4.99 54.69
CA PHE C 3686 52.97 -3.85 55.58
C PHE C 3686 53.75 -2.74 54.89
N LEU C 3687 54.77 -3.09 54.11
CA LEU C 3687 55.54 -2.08 53.39
C LEU C 3687 54.66 -1.29 52.45
N TYR C 3688 53.82 -1.97 51.67
CA TYR C 3688 52.92 -1.27 50.78
C TYR C 3688 51.91 -0.44 51.55
N MET C 3689 51.31 -1.00 52.59
CA MET C 3689 50.30 -0.27 53.35
C MET C 3689 50.87 0.94 54.07
N ALA C 3690 52.17 0.98 54.31
CA ALA C 3690 52.79 2.17 54.88
C ALA C 3690 53.22 3.18 53.83
N TYR C 3691 53.89 2.73 52.78
CA TYR C 3691 54.40 3.66 51.79
C TYR C 3691 53.29 4.26 50.93
N ALA C 3692 52.20 3.52 50.70
CA ALA C 3692 51.07 4.11 50.00
C ALA C 3692 50.46 5.27 50.80
N ASP C 3693 50.35 5.10 52.12
CA ASP C 3693 49.88 6.18 52.97
C ASP C 3693 50.85 7.35 52.93
N ILE C 3694 52.16 7.07 52.94
CA ILE C 3694 53.14 8.14 52.87
C ILE C 3694 52.99 8.92 51.57
N MET C 3695 52.86 8.21 50.45
CA MET C 3695 52.71 8.89 49.16
C MET C 3695 51.41 9.69 49.09
N ALA C 3696 50.31 9.14 49.61
CA ALA C 3696 49.05 9.88 49.61
C ALA C 3696 49.14 11.16 50.42
N LYS C 3697 49.77 11.09 51.60
CA LYS C 3697 49.95 12.28 52.42
C LYS C 3697 50.84 13.30 51.73
N SER C 3698 51.89 12.82 51.07
CA SER C 3698 52.74 13.73 50.29
C SER C 3698 51.93 14.42 49.19
N CYS C 3699 51.05 13.67 48.52
CA CYS C 3699 50.25 14.27 47.46
C CYS C 3699 49.34 15.36 48.00
N HIS C 3700 48.52 15.05 49.02
CA HIS C 3700 47.53 16.06 49.40
C HIS C 3700 48.18 17.21 50.15
N ASP C 3701 49.02 16.91 51.15
CA ASP C 3701 49.72 17.93 51.92
C ASP C 3701 48.75 18.99 52.43
N GLU C 3702 47.61 18.53 52.96
CA GLU C 3702 46.53 19.41 53.36
C GLU C 3702 46.37 19.43 54.88
N GLU C 3710 37.93 33.44 56.05
CA GLU C 3710 39.27 33.77 55.59
C GLU C 3710 39.43 33.42 54.11
N VAL C 3711 38.93 34.28 53.23
CA VAL C 3711 39.00 34.02 51.80
C VAL C 3711 40.44 34.17 51.32
N LYS C 3712 40.90 33.22 50.52
CA LYS C 3712 42.23 33.29 49.96
C LYS C 3712 42.23 34.08 48.67
N SER C 3713 43.38 34.70 48.38
CA SER C 3713 43.53 35.44 47.14
C SER C 3713 43.56 34.48 45.95
N PHE C 3714 43.28 35.03 44.77
CA PHE C 3714 43.35 34.24 43.55
C PHE C 3714 44.75 33.70 43.32
N GLU C 3715 45.77 34.51 43.58
CA GLU C 3715 47.14 34.04 43.46
C GLU C 3715 47.42 32.91 44.43
N GLU C 3716 46.92 33.01 45.66
CA GLU C 3716 47.11 31.94 46.64
C GLU C 3716 46.45 30.65 46.17
N LYS C 3717 45.23 30.73 45.67
CA LYS C 3717 44.54 29.55 45.19
C LYS C 3717 45.29 28.92 44.01
N GLU C 3718 45.78 29.76 43.09
CA GLU C 3718 46.52 29.24 41.96
C GLU C 3718 47.83 28.60 42.39
N MET C 3719 48.53 29.18 43.36
CA MET C 3719 49.73 28.55 43.88
C MET C 3719 49.43 27.20 44.50
N GLU C 3720 48.33 27.11 45.25
CA GLU C 3720 47.97 25.83 45.84
C GLU C 3720 47.66 24.79 44.76
N LYS C 3721 46.93 25.19 43.73
CA LYS C 3721 46.63 24.26 42.64
C LYS C 3721 47.90 23.79 41.94
N GLN C 3722 48.81 24.71 41.64
CA GLN C 3722 50.06 24.35 40.98
C GLN C 3722 50.96 23.48 41.85
N LYS C 3723 50.98 23.72 43.17
CA LYS C 3723 51.75 22.86 44.05
C LYS C 3723 51.16 21.46 44.11
N LEU C 3724 49.83 21.36 44.15
CA LEU C 3724 49.19 20.06 44.12
C LEU C 3724 49.50 19.32 42.84
N LEU C 3725 49.50 20.03 41.70
CA LEU C 3725 49.83 19.39 40.44
C LEU C 3725 51.26 18.84 40.46
N TYR C 3726 52.21 19.62 40.99
CA TYR C 3726 53.59 19.16 41.06
C TYR C 3726 53.74 17.96 41.99
N GLN C 3727 53.06 17.99 43.13
CA GLN C 3727 53.13 16.87 44.06
C GLN C 3727 52.53 15.61 43.46
N GLN C 3728 51.44 15.72 42.71
CA GLN C 3728 50.88 14.57 42.01
C GLN C 3728 51.79 14.09 40.89
N ALA C 3729 52.45 15.00 40.18
CA ALA C 3729 53.38 14.66 39.12
C ALA C 3729 54.58 13.88 39.63
N ARG C 3730 55.09 14.23 40.82
CA ARG C 3730 56.21 13.47 41.36
C ARG C 3730 55.91 11.98 41.44
N LEU C 3731 54.64 11.62 41.61
CA LEU C 3731 54.30 10.21 41.68
C LEU C 3731 53.88 9.65 40.32
N HIS C 3732 52.93 10.31 39.64
CA HIS C 3732 52.39 9.68 38.44
C HIS C 3732 53.40 9.74 37.29
N ASP C 3733 54.46 10.53 37.44
CA ASP C 3733 55.56 10.46 36.49
C ASP C 3733 56.41 9.21 36.69
N ARG C 3734 56.31 8.60 37.87
CA ARG C 3734 57.10 7.42 38.20
C ARG C 3734 56.27 6.14 38.15
N GLY C 3735 55.01 6.21 37.73
CA GLY C 3735 54.21 5.04 37.53
C GLY C 3735 53.25 4.66 38.63
N ALA C 3736 52.80 5.62 39.43
CA ALA C 3736 51.84 5.31 40.49
C ALA C 3736 50.45 5.05 39.93
N ALA C 3737 50.11 5.69 38.81
CA ALA C 3737 48.79 5.50 38.21
C ALA C 3737 48.58 4.06 37.78
N GLU C 3738 49.61 3.44 37.19
CA GLU C 3738 49.51 2.04 36.81
C GLU C 3738 49.48 1.14 38.04
N MET C 3739 50.25 1.46 39.07
CA MET C 3739 50.31 0.63 40.26
C MET C 3739 48.98 0.60 41.00
N VAL C 3740 48.31 1.75 41.13
CA VAL C 3740 47.02 1.77 41.82
C VAL C 3740 45.94 1.01 41.07
N LEU C 3741 46.07 0.86 39.76
CA LEU C 3741 45.14 0.02 39.01
C LEU C 3741 45.51 -1.45 39.13
N GLN C 3742 46.81 -1.75 39.08
CA GLN C 3742 47.25 -3.14 39.18
C GLN C 3742 46.88 -3.74 40.52
N THR C 3743 47.06 -2.97 41.60
CA THR C 3743 46.71 -3.49 42.92
C THR C 3743 45.22 -3.75 43.04
N ILE C 3744 44.39 -2.83 42.53
CA ILE C 3744 42.94 -3.04 42.57
C ILE C 3744 42.55 -4.26 41.76
N SER C 3745 43.14 -4.43 40.57
CA SER C 3745 42.85 -5.61 39.78
C SER C 3745 43.28 -6.89 40.47
N ALA C 3746 44.43 -6.89 41.12
CA ALA C 3746 44.90 -8.08 41.81
C ALA C 3746 44.08 -8.37 43.06
N SER C 3747 43.41 -7.35 43.60
CA SER C 3747 42.57 -7.58 44.77
C SER C 3747 41.47 -8.59 44.52
N LYS C 3748 40.97 -8.69 43.29
CA LYS C 3748 39.93 -9.65 42.93
C LYS C 3748 38.68 -9.48 43.77
N GLY C 3749 38.33 -8.22 44.05
CA GLY C 3749 37.08 -7.93 44.73
C GLY C 3749 37.05 -8.27 46.21
N GLU C 3750 38.21 -8.35 46.86
CA GLU C 3750 38.27 -8.65 48.29
C GLU C 3750 38.58 -7.35 49.03
N THR C 3751 37.65 -6.90 49.84
CA THR C 3751 37.87 -5.70 50.64
C THR C 3751 38.95 -5.97 51.69
N GLY C 3752 39.85 -5.00 51.85
CA GLY C 3752 40.92 -5.14 52.80
C GLY C 3752 41.72 -3.86 52.96
N PRO C 3753 42.63 -3.86 53.94
CA PRO C 3753 43.48 -2.68 54.14
C PRO C 3753 44.30 -2.33 52.92
N MET C 3754 44.76 -3.32 52.17
CA MET C 3754 45.53 -3.05 50.96
C MET C 3754 44.68 -2.29 49.94
N VAL C 3755 43.44 -2.71 49.76
CA VAL C 3755 42.55 -2.04 48.82
C VAL C 3755 42.22 -0.64 49.31
N ALA C 3756 42.01 -0.48 50.61
CA ALA C 3756 41.73 0.85 51.15
C ALA C 3756 42.90 1.79 50.93
N ALA C 3757 44.12 1.33 51.20
CA ALA C 3757 45.31 2.14 50.98
C ALA C 3757 45.52 2.46 49.51
N THR C 3758 45.24 1.53 48.61
CA THR C 3758 45.31 1.81 47.18
C THR C 3758 44.29 2.86 46.75
N LEU C 3759 43.06 2.75 47.25
CA LEU C 3759 42.03 3.71 46.88
C LEU C 3759 42.37 5.11 47.38
N LYS C 3760 42.89 5.22 48.60
CA LYS C 3760 43.26 6.53 49.10
C LYS C 3760 44.37 7.15 48.26
N LEU C 3761 45.36 6.36 47.85
CA LEU C 3761 46.42 6.89 47.00
C LEU C 3761 45.88 7.31 45.63
N GLY C 3762 44.97 6.51 45.08
CA GLY C 3762 44.36 6.89 43.81
C GLY C 3762 43.62 8.21 43.92
N ILE C 3763 42.86 8.38 45.00
CA ILE C 3763 42.17 9.65 45.22
C ILE C 3763 43.18 10.78 45.35
N ALA C 3764 44.27 10.54 46.07
CA ALA C 3764 45.26 11.58 46.29
C ALA C 3764 45.88 12.03 44.97
N ILE C 3765 46.19 11.08 44.08
CA ILE C 3765 46.80 11.48 42.81
C ILE C 3765 45.76 11.99 41.84
N LEU C 3766 44.47 11.71 42.07
CA LEU C 3766 43.42 12.13 41.17
C LEU C 3766 42.68 13.38 41.63
N ASN C 3767 43.03 13.95 42.78
CA ASN C 3767 42.30 15.11 43.27
C ASN C 3767 42.39 16.27 42.28
N GLY C 3768 41.29 17.00 42.15
CA GLY C 3768 41.21 18.08 41.20
C GLY C 3768 40.91 17.67 39.78
N GLY C 3769 40.57 16.41 39.55
CA GLY C 3769 40.31 15.95 38.20
C GLY C 3769 41.54 16.00 37.32
N ASN C 3770 42.63 15.41 37.80
CA ASN C 3770 43.89 15.45 37.06
C ASN C 3770 43.76 14.76 35.73
N SER C 3771 43.78 15.56 34.65
CA SER C 3771 43.59 15.03 33.31
C SER C 3771 44.74 14.13 32.88
N THR C 3772 45.97 14.46 33.25
CA THR C 3772 47.10 13.62 32.89
C THR C 3772 46.98 12.24 33.51
N VAL C 3773 46.63 12.19 34.80
CA VAL C 3773 46.43 10.90 35.45
C VAL C 3773 45.26 10.15 34.86
N GLN C 3774 44.16 10.84 34.54
CA GLN C 3774 43.02 10.18 33.92
C GLN C 3774 43.41 9.56 32.59
N GLN C 3775 44.16 10.29 31.77
CA GLN C 3775 44.60 9.78 30.48
C GLN C 3775 45.53 8.59 30.65
N LYS C 3776 46.46 8.67 31.61
CA LYS C 3776 47.36 7.55 31.85
C LYS C 3776 46.58 6.32 32.27
N MET C 3777 45.62 6.49 33.18
CA MET C 3777 44.82 5.39 33.68
C MET C 3777 43.97 4.73 32.59
N LEU C 3778 43.33 5.53 31.74
CA LEU C 3778 42.59 4.97 30.62
C LEU C 3778 43.49 4.31 29.59
N ASP C 3779 44.63 4.92 29.26
CA ASP C 3779 45.51 4.34 28.26
C ASP C 3779 46.05 3.00 28.73
N TYR C 3780 46.42 2.89 30.01
CA TYR C 3780 46.91 1.62 30.51
C TYR C 3780 45.85 0.55 30.42
N LEU C 3781 44.62 0.87 30.83
CA LEU C 3781 43.53 -0.10 30.79
C LEU C 3781 43.24 -0.54 29.37
N LYS C 3782 43.17 0.41 28.44
CA LYS C 3782 42.87 0.06 27.06
C LYS C 3782 43.98 -0.79 26.46
N GLU C 3783 45.24 -0.47 26.77
CA GLU C 3783 46.36 -1.21 26.20
C GLU C 3783 46.44 -2.62 26.77
N LYS C 3784 46.33 -2.76 28.09
CA LYS C 3784 46.45 -4.06 28.73
C LYS C 3784 45.21 -4.93 28.57
N LYS C 3785 44.07 -4.34 28.23
CA LYS C 3785 42.79 -5.06 28.15
C LYS C 3785 42.53 -5.81 29.46
N ASP C 3786 42.48 -5.03 30.54
CA ASP C 3786 42.33 -5.59 31.88
C ASP C 3786 40.86 -5.75 32.21
N VAL C 3787 40.42 -7.01 32.36
CA VAL C 3787 39.07 -7.31 32.81
C VAL C 3787 39.02 -7.47 34.32
N GLY C 3788 40.12 -7.88 34.94
CA GLY C 3788 40.18 -8.07 36.37
C GLY C 3788 39.92 -6.79 37.12
N PHE C 3789 40.31 -5.65 36.55
CA PHE C 3789 40.06 -4.37 37.20
C PHE C 3789 38.57 -4.14 37.41
N PHE C 3790 37.79 -4.29 36.35
CA PHE C 3790 36.35 -4.05 36.44
C PHE C 3790 35.66 -5.13 37.25
N GLN C 3791 36.12 -6.38 37.13
CA GLN C 3791 35.55 -7.43 37.96
C GLN C 3791 35.81 -7.17 39.43
N SER C 3792 37.01 -6.69 39.77
CA SER C 3792 37.31 -6.36 41.16
C SER C 3792 36.49 -5.17 41.63
N LEU C 3793 36.26 -4.18 40.76
CA LEU C 3793 35.40 -3.07 41.15
C LEU C 3793 33.98 -3.55 41.47
N ALA C 3794 33.43 -4.42 40.63
CA ALA C 3794 32.10 -4.97 40.90
C ALA C 3794 32.08 -5.77 42.20
N GLY C 3795 33.12 -6.58 42.43
CA GLY C 3795 33.19 -7.34 43.67
C GLY C 3795 33.26 -6.46 44.90
N LEU C 3796 34.07 -5.39 44.84
CA LEU C 3796 34.14 -4.46 45.96
C LEU C 3796 32.81 -3.76 46.20
N MET C 3797 32.11 -3.39 45.12
CA MET C 3797 30.80 -2.77 45.29
C MET C 3797 29.83 -3.73 45.96
N GLN C 3798 29.84 -5.00 45.55
CA GLN C 3798 28.97 -5.97 46.21
C GLN C 3798 29.36 -6.16 47.67
N SER C 3799 30.66 -6.14 47.97
CA SER C 3799 31.11 -6.36 49.34
C SER C 3799 30.90 -5.14 50.22
N CYS C 3800 30.62 -3.98 49.64
CA CYS C 3800 30.37 -2.80 50.45
C CYS C 3800 29.15 -3.00 51.33
N SER C 3801 29.20 -2.47 52.55
CA SER C 3801 28.19 -2.73 53.55
C SER C 3801 27.20 -1.57 53.66
N VAL C 3802 26.08 -1.86 54.32
CA VAL C 3802 25.03 -0.88 54.58
C VAL C 3802 24.63 -0.95 56.04
N LEU C 3803 23.62 -0.17 56.44
CA LEU C 3803 23.13 -0.20 57.80
C LEU C 3803 22.56 -1.58 58.14
N ASP C 3804 22.83 -2.06 59.34
CA ASP C 3804 22.33 -3.34 59.82
C ASP C 3804 21.51 -3.10 61.08
N LEU C 3805 20.19 -3.07 60.92
CA LEU C 3805 19.31 -2.76 62.04
C LEU C 3805 19.38 -3.81 63.13
N ASN C 3806 19.54 -5.07 62.75
CA ASN C 3806 19.66 -6.14 63.75
C ASN C 3806 20.90 -5.93 64.60
N ALA C 3807 22.02 -5.61 63.97
CA ALA C 3807 23.24 -5.33 64.73
C ALA C 3807 23.07 -4.11 65.61
N PHE C 3808 22.37 -3.08 65.10
CA PHE C 3808 22.12 -1.90 65.92
C PHE C 3808 21.30 -2.25 67.15
N GLU C 3809 20.26 -3.07 66.99
CA GLU C 3809 19.44 -3.47 68.12
C GLU C 3809 20.23 -4.32 69.11
N ARG C 3810 21.09 -5.21 68.61
CA ARG C 3810 21.91 -6.01 69.51
C ARG C 3810 22.87 -5.13 70.31
N GLN C 3811 23.50 -4.15 69.66
CA GLN C 3811 24.35 -3.21 70.37
C GLN C 3811 23.58 -2.39 71.39
N ASN C 3812 22.37 -1.94 71.05
CA ASN C 3812 21.54 -1.24 72.01
C ASN C 3812 21.19 -2.09 73.21
N LYS C 3813 20.84 -3.36 72.98
CA LYS C 3813 20.57 -4.26 74.09
C LYS C 3813 21.80 -4.43 74.97
N ALA C 3814 22.97 -4.63 74.36
CA ALA C 3814 24.19 -4.77 75.13
C ALA C 3814 24.52 -3.52 75.94
N GLU C 3815 24.37 -2.33 75.36
CA GLU C 3815 24.62 -1.08 76.08
C GLU C 3815 23.63 -0.87 77.21
N GLY C 3816 22.35 -1.17 76.98
CA GLY C 3816 21.36 -1.02 78.05
C GLY C 3816 21.56 -2.05 79.15
N LEU C 3817 22.16 -3.20 78.81
CA LEU C 3817 22.45 -4.20 79.83
C LEU C 3817 23.44 -3.68 80.86
N GLY C 3818 24.33 -2.78 80.45
CA GLY C 3818 25.29 -2.17 81.35
C GLY C 3818 26.73 -2.52 81.06
N MET C 3819 26.99 -3.37 80.07
CA MET C 3819 28.35 -3.76 79.76
C MET C 3819 29.10 -2.63 79.03
N VAL C 3820 30.42 -2.66 79.13
CA VAL C 3820 31.24 -1.66 78.46
C VAL C 3820 31.24 -1.91 76.96
N THR C 3821 31.32 -0.81 76.20
CA THR C 3821 31.34 -0.88 74.75
C THR C 3821 32.77 -1.16 74.27
N GLU C 3822 32.89 -2.14 73.36
CA GLU C 3822 34.20 -2.43 72.78
C GLU C 3822 34.68 -1.28 71.90
N GLU C 3823 33.78 -0.70 71.10
CA GLU C 3823 34.08 0.45 70.27
C GLU C 3823 33.01 1.50 70.49
N GLY C 3824 33.44 2.77 70.60
CA GLY C 3824 32.48 3.83 70.87
C GLY C 3824 31.53 4.09 69.72
N SER C 3825 32.03 4.01 68.48
CA SER C 3825 31.25 4.36 67.31
C SER C 3825 30.38 3.23 66.79
N GLY C 3826 30.50 2.02 67.33
CA GLY C 3826 29.73 0.90 66.84
C GLY C 3826 30.08 0.55 65.41
N GLU C 3827 31.30 0.06 65.19
CA GLU C 3827 31.77 -0.18 63.82
C GLU C 3827 31.01 -1.32 63.15
N LYS C 3828 30.33 -2.16 63.92
CA LYS C 3828 29.59 -3.27 63.32
C LYS C 3828 28.48 -2.77 62.41
N VAL C 3829 27.76 -1.74 62.84
CA VAL C 3829 26.75 -1.11 62.00
C VAL C 3829 27.45 -0.20 61.01
N LEU C 3830 27.13 -0.35 59.73
CA LEU C 3830 27.84 0.38 58.67
C LEU C 3830 29.33 0.09 58.77
N GLN C 3831 29.71 -1.17 58.49
CA GLN C 3831 31.04 -1.70 58.73
C GLN C 3831 32.17 -0.74 58.36
N ASP C 3832 32.23 -0.31 57.11
CA ASP C 3832 33.28 0.60 56.65
C ASP C 3832 32.65 1.73 55.85
N ASP C 3833 32.43 2.87 56.51
CA ASP C 3833 31.95 4.06 55.84
C ASP C 3833 33.04 4.76 55.04
N GLU C 3834 34.29 4.67 55.49
CA GLU C 3834 35.40 5.29 54.78
C GLU C 3834 35.70 4.57 53.48
N PHE C 3835 35.67 3.23 53.50
CA PHE C 3835 36.02 2.47 52.31
C PHE C 3835 35.02 2.73 51.18
N THR C 3836 33.73 2.73 51.50
CA THR C 3836 32.72 2.95 50.46
C THR C 3836 32.84 4.35 49.88
N CYS C 3837 33.00 5.34 50.75
CA CYS C 3837 33.14 6.72 50.27
C CYS C 3837 34.37 6.88 49.41
N ASP C 3838 35.50 6.26 49.82
CA ASP C 3838 36.70 6.34 49.00
C ASP C 3838 36.53 5.64 47.67
N LEU C 3839 35.89 4.46 47.67
CA LEU C 3839 35.68 3.73 46.44
C LEU C 3839 34.84 4.50 45.45
N PHE C 3840 33.79 5.18 45.91
CA PHE C 3840 32.96 5.94 44.99
C PHE C 3840 33.57 7.29 44.64
N ARG C 3841 34.34 7.89 45.55
CA ARG C 3841 35.05 9.12 45.22
C ARG C 3841 36.11 8.87 44.16
N PHE C 3842 36.75 7.69 44.21
CA PHE C 3842 37.71 7.34 43.17
C PHE C 3842 37.05 7.33 41.80
N LEU C 3843 35.88 6.70 41.69
CA LEU C 3843 35.12 6.66 40.45
C LEU C 3843 34.66 8.03 40.01
N GLN C 3844 34.19 8.87 40.92
CA GLN C 3844 33.82 10.23 40.57
C GLN C 3844 35.01 11.02 40.04
N LEU C 3845 36.16 10.92 40.71
CA LEU C 3845 37.36 11.60 40.25
C LEU C 3845 37.78 11.11 38.88
N LEU C 3846 37.54 9.83 38.60
CA LEU C 3846 37.87 9.28 37.29
C LEU C 3846 37.07 9.97 36.19
N CYS C 3847 35.82 10.32 36.46
CA CYS C 3847 34.95 10.89 35.45
C CYS C 3847 34.80 12.41 35.55
N GLU C 3848 35.48 13.06 36.48
CA GLU C 3848 35.34 14.50 36.59
C GLU C 3848 35.85 15.21 35.34
N GLY C 3849 35.40 16.44 35.18
CA GLY C 3849 35.74 17.22 34.00
C GLY C 3849 35.00 16.82 32.76
N HIS C 3850 33.91 16.07 32.88
CA HIS C 3850 33.15 15.54 31.74
C HIS C 3850 34.07 14.74 30.81
N ASN C 3851 34.76 13.77 31.42
CA ASN C 3851 35.67 12.89 30.71
C ASN C 3851 34.83 11.83 29.99
N SER C 3852 34.43 12.18 28.76
CA SER C 3852 33.51 11.34 28.01
C SER C 3852 34.08 9.96 27.73
N ASP C 3853 35.38 9.89 27.41
CA ASP C 3853 35.97 8.60 27.10
C ASP C 3853 35.85 7.67 28.27
N PHE C 3854 36.23 8.14 29.45
CA PHE C 3854 36.25 7.19 30.54
C PHE C 3854 34.81 6.93 31.00
N GLN C 3855 33.95 7.94 30.88
CA GLN C 3855 32.56 7.77 31.22
C GLN C 3855 31.93 6.66 30.39
N ASN C 3856 32.26 6.60 29.11
CA ASN C 3856 31.76 5.52 28.26
C ASN C 3856 32.44 4.20 28.58
N TYR C 3857 33.73 4.24 28.90
CA TYR C 3857 34.48 3.02 29.20
C TYR C 3857 33.95 2.33 30.44
N LEU C 3858 33.54 3.10 31.44
CA LEU C 3858 32.95 2.51 32.63
C LEU C 3858 31.66 1.77 32.29
N ARG C 3859 30.88 2.30 31.36
CA ARG C 3859 29.66 1.61 30.96
C ARG C 3859 29.97 0.35 30.16
N THR C 3860 30.68 0.48 29.05
CA THR C 3860 30.98 -0.64 28.18
C THR C 3860 32.45 -0.61 27.80
N GLN C 3861 33.18 -1.66 28.17
CA GLN C 3861 34.57 -1.81 27.76
C GLN C 3861 34.59 -2.46 26.38
N THR C 3862 34.78 -1.64 25.35
CA THR C 3862 34.61 -2.13 23.98
C THR C 3862 35.67 -3.17 23.62
N GLY C 3863 36.95 -2.87 23.88
CA GLY C 3863 38.00 -3.77 23.48
C GLY C 3863 38.00 -5.09 24.22
N ASN C 3864 37.61 -5.07 25.49
CA ASN C 3864 37.72 -6.25 26.33
C ASN C 3864 36.79 -7.36 25.86
N ASN C 3865 37.19 -8.59 26.15
CA ASN C 3865 36.35 -9.74 25.84
C ASN C 3865 35.06 -9.73 26.66
N THR C 3866 35.15 -9.35 27.93
CA THR C 3866 34.01 -9.34 28.84
C THR C 3866 33.78 -7.93 29.35
N THR C 3867 32.53 -7.52 29.42
CA THR C 3867 32.14 -6.17 29.80
C THR C 3867 31.35 -6.19 31.10
N VAL C 3868 31.71 -5.28 32.01
CA VAL C 3868 31.02 -5.13 33.29
C VAL C 3868 30.44 -3.72 33.35
N ASN C 3869 29.20 -3.62 33.81
CA ASN C 3869 28.49 -2.34 33.84
C ASN C 3869 28.61 -1.72 35.22
N ILE C 3870 29.71 -1.00 35.43
CA ILE C 3870 29.91 -0.24 36.67
C ILE C 3870 28.80 0.77 36.91
N ILE C 3871 28.29 1.38 35.86
CA ILE C 3871 27.20 2.33 35.98
C ILE C 3871 25.95 1.70 36.58
N ILE C 3872 25.70 0.43 36.31
CA ILE C 3872 24.56 -0.27 36.89
C ILE C 3872 24.87 -0.79 38.28
N SER C 3873 26.10 -1.25 38.51
CA SER C 3873 26.47 -1.68 39.85
C SER C 3873 26.36 -0.55 40.86
N THR C 3874 26.70 0.67 40.44
CA THR C 3874 26.55 1.81 41.33
C THR C 3874 25.10 2.03 41.72
N VAL C 3875 24.18 1.92 40.76
CA VAL C 3875 22.76 2.10 41.02
C VAL C 3875 22.28 1.01 41.96
N ASP C 3876 22.78 -0.20 41.79
CA ASP C 3876 22.44 -1.31 42.66
C ASP C 3876 22.84 -1.05 44.10
N TYR C 3877 24.07 -0.57 44.31
CA TYR C 3877 24.47 -0.21 45.66
C TYR C 3877 23.62 0.93 46.21
N LEU C 3878 23.25 1.88 45.34
CA LEU C 3878 22.38 2.96 45.78
C LEU C 3878 21.04 2.44 46.27
N LEU C 3879 20.46 1.48 45.53
CA LEU C 3879 19.21 0.88 45.98
C LEU C 3879 19.37 0.16 47.31
N ARG C 3880 20.46 -0.58 47.49
CA ARG C 3880 20.67 -1.25 48.76
C ARG C 3880 20.78 -0.27 49.93
N VAL C 3881 21.56 0.80 49.75
CA VAL C 3881 21.72 1.76 50.84
C VAL C 3881 20.42 2.50 51.10
N GLN C 3882 19.63 2.75 50.05
CA GLN C 3882 18.34 3.39 50.24
C GLN C 3882 17.41 2.51 51.06
N GLU C 3883 17.38 1.21 50.76
CA GLU C 3883 16.57 0.30 51.55
C GLU C 3883 17.02 0.26 53.00
N SER C 3884 18.34 0.26 53.22
CA SER C 3884 18.86 0.28 54.58
C SER C 3884 18.40 1.52 55.33
N ILE C 3885 18.49 2.68 54.68
CA ILE C 3885 18.09 3.93 55.33
C ILE C 3885 16.59 3.95 55.60
N SER C 3886 15.79 3.43 54.66
CA SER C 3886 14.35 3.37 54.88
C SER C 3886 14.01 2.49 56.08
N ASP C 3887 14.65 1.34 56.19
CA ASP C 3887 14.40 0.48 57.35
C ASP C 3887 14.85 1.15 58.64
N PHE C 3888 16.00 1.80 58.62
CA PHE C 3888 16.52 2.44 59.82
C PHE C 3888 15.70 3.65 60.22
N TYR C 3889 14.94 4.23 59.29
CA TYR C 3889 13.97 5.26 59.62
C TYR C 3889 12.68 4.68 60.17
N TRP C 3890 12.15 3.64 59.51
CA TRP C 3890 10.95 2.98 60.02
C TRP C 3890 11.14 2.45 61.42
N TYR C 3891 12.37 2.10 61.80
CA TYR C 3891 12.65 1.74 63.18
C TYR C 3891 12.46 2.92 64.14
N TYR C 3892 12.68 4.15 63.68
CA TYR C 3892 12.62 5.32 64.54
C TYR C 3892 11.36 6.15 64.37
N SER C 3893 10.47 5.76 63.46
CA SER C 3893 9.28 6.57 63.22
C SER C 3893 8.41 6.67 64.47
N GLY C 3894 8.21 5.55 65.16
CA GLY C 3894 7.39 5.58 66.36
C GLY C 3894 8.03 6.33 67.51
N LYS C 3895 9.35 6.19 67.65
CA LYS C 3895 10.04 6.75 68.82
C LYS C 3895 9.98 8.27 68.81
N ASP C 3896 9.92 8.85 70.01
CA ASP C 3896 9.76 10.30 70.14
C ASP C 3896 11.01 11.03 69.69
N VAL C 3897 12.19 10.60 70.16
CA VAL C 3897 13.44 11.31 69.92
C VAL C 3897 14.48 10.31 69.42
N ILE C 3898 15.28 10.73 68.45
CA ILE C 3898 16.38 9.91 67.98
C ILE C 3898 17.58 10.06 68.91
N ASP C 3899 18.15 8.93 69.32
CA ASP C 3899 19.28 8.95 70.22
C ASP C 3899 20.56 9.35 69.49
N GLU C 3900 21.64 9.51 70.25
CA GLU C 3900 22.90 9.95 69.67
C GLU C 3900 23.48 8.92 68.72
N GLN C 3901 23.41 7.63 69.09
CA GLN C 3901 23.91 6.58 68.21
C GLN C 3901 23.13 6.56 66.90
N GLY C 3902 21.82 6.67 66.98
CA GLY C 3902 21.01 6.74 65.78
C GLY C 3902 21.35 7.94 64.93
N GLN C 3903 21.56 9.10 65.57
CA GLN C 3903 21.94 10.30 64.84
C GLN C 3903 23.27 10.14 64.11
N ARG C 3904 24.26 9.53 64.74
CA ARG C 3904 25.52 9.23 64.07
C ARG C 3904 25.37 8.25 62.92
N ASN C 3905 24.56 7.20 63.09
CA ASN C 3905 24.37 6.24 62.02
C ASN C 3905 23.66 6.86 60.82
N PHE C 3906 22.62 7.66 61.05
CA PHE C 3906 22.02 8.41 59.96
C PHE C 3906 23.03 9.29 59.26
N SER C 3907 23.89 9.96 60.03
CA SER C 3907 24.87 10.84 59.41
C SER C 3907 25.80 10.07 58.49
N LYS C 3908 26.32 8.94 58.95
CA LYS C 3908 27.20 8.14 58.11
C LYS C 3908 26.50 7.59 56.87
N ALA C 3909 25.29 7.07 57.02
CA ALA C 3909 24.53 6.59 55.87
C ALA C 3909 24.21 7.71 54.88
N ILE C 3910 23.88 8.90 55.37
CA ILE C 3910 23.61 10.02 54.49
C ILE C 3910 24.86 10.44 53.75
N GLN C 3911 26.01 10.41 54.42
CA GLN C 3911 27.26 10.70 53.71
C GLN C 3911 27.50 9.71 52.59
N VAL C 3912 27.29 8.41 52.87
CA VAL C 3912 27.51 7.40 51.83
C VAL C 3912 26.56 7.63 50.66
N ALA C 3913 25.28 7.87 50.95
CA ALA C 3913 24.31 8.10 49.88
C ALA C 3913 24.64 9.35 49.08
N LYS C 3914 25.10 10.40 49.77
CA LYS C 3914 25.50 11.64 49.08
C LYS C 3914 26.65 11.38 48.13
N GLN C 3915 27.65 10.63 48.57
CA GLN C 3915 28.76 10.32 47.68
C GLN C 3915 28.33 9.49 46.49
N VAL C 3916 27.43 8.52 46.71
CA VAL C 3916 26.94 7.71 45.60
C VAL C 3916 26.17 8.58 44.61
N PHE C 3917 25.35 9.51 45.10
CA PHE C 3917 24.62 10.40 44.19
C PHE C 3917 25.57 11.28 43.40
N ASN C 3918 26.62 11.78 44.05
CA ASN C 3918 27.60 12.59 43.33
C ASN C 3918 28.30 11.77 42.25
N THR C 3919 28.65 10.53 42.54
CA THR C 3919 29.26 9.68 41.52
C THR C 3919 28.29 9.45 40.37
N LEU C 3920 27.02 9.19 40.68
CA LEU C 3920 26.03 8.97 39.64
C LEU C 3920 25.85 10.19 38.75
N THR C 3921 25.80 11.39 39.32
CA THR C 3921 25.66 12.59 38.50
C THR C 3921 26.94 12.91 37.74
N GLU C 3922 28.11 12.54 38.26
CA GLU C 3922 29.34 12.66 37.49
C GLU C 3922 29.35 11.71 36.31
N TYR C 3923 28.68 10.57 36.44
CA TYR C 3923 28.58 9.65 35.32
C TYR C 3923 27.87 10.27 34.12
N ILE C 3924 26.88 11.13 34.36
CA ILE C 3924 25.95 11.51 33.31
C ILE C 3924 26.08 12.97 32.89
N GLN C 3925 26.65 13.82 33.75
CA GLN C 3925 26.85 15.20 33.32
C GLN C 3925 27.87 15.26 32.19
N GLY C 3926 27.79 16.34 31.41
CA GLY C 3926 28.49 16.38 30.16
C GLY C 3926 27.86 15.34 29.27
N PRO C 3927 26.64 15.62 28.80
CA PRO C 3927 25.65 14.55 28.60
C PRO C 3927 26.19 13.29 27.95
N CYS C 3928 26.19 12.21 28.72
CA CYS C 3928 26.54 10.89 28.22
C CYS C 3928 25.25 10.14 27.95
N THR C 3929 24.88 10.04 26.68
CA THR C 3929 23.59 9.46 26.32
C THR C 3929 23.49 8.01 26.76
N GLY C 3930 24.57 7.25 26.60
CA GLY C 3930 24.57 5.86 27.00
C GLY C 3930 24.32 5.68 28.49
N ASN C 3931 25.02 6.46 29.30
CA ASN C 3931 24.84 6.39 30.73
C ASN C 3931 23.44 6.84 31.13
N GLN C 3932 22.92 7.88 30.47
CA GLN C 3932 21.58 8.34 30.77
C GLN C 3932 20.56 7.25 30.48
N GLN C 3933 20.69 6.58 29.34
CA GLN C 3933 19.77 5.49 29.01
C GLN C 3933 19.90 4.34 29.99
N SER C 3934 21.13 4.01 30.38
CA SER C 3934 21.33 2.92 31.33
C SER C 3934 20.66 3.23 32.66
N LEU C 3935 20.83 4.45 33.18
CA LEU C 3935 20.13 4.81 34.41
C LEU C 3935 18.62 4.83 34.20
N ALA C 3936 18.16 5.26 33.03
CA ALA C 3936 16.73 5.31 32.77
C ALA C 3936 16.12 3.92 32.86
N HIS C 3937 16.81 2.93 32.31
CA HIS C 3937 16.30 1.56 32.31
C HIS C 3937 16.72 0.78 33.55
N SER C 3938 17.52 1.36 34.43
CA SER C 3938 17.92 0.67 35.65
C SER C 3938 16.89 0.82 36.76
N ARG C 3939 17.27 0.46 37.98
CA ARG C 3939 16.40 0.53 39.15
C ARG C 3939 16.56 1.84 39.91
N LEU C 3940 17.02 2.89 39.23
CA LEU C 3940 17.23 4.17 39.90
C LEU C 3940 15.92 4.75 40.40
N TRP C 3941 14.85 4.62 39.61
CA TRP C 3941 13.56 5.16 39.98
C TRP C 3941 13.04 4.59 41.28
N ASP C 3942 13.24 3.30 41.52
CA ASP C 3942 12.82 2.67 42.76
C ASP C 3942 13.54 3.26 43.96
N ALA C 3943 14.83 3.52 43.85
CA ALA C 3943 15.56 4.15 44.95
C ALA C 3943 15.09 5.58 45.18
N VAL C 3944 14.85 6.32 44.09
CA VAL C 3944 14.41 7.70 44.24
C VAL C 3944 13.04 7.76 44.90
N VAL C 3945 12.17 6.80 44.59
CA VAL C 3945 10.86 6.73 45.25
C VAL C 3945 10.98 6.57 46.76
N GLY C 3946 11.84 5.67 47.22
CA GLY C 3946 12.03 5.48 48.64
C GLY C 3946 12.64 6.70 49.31
N PHE C 3947 13.62 7.31 48.64
CA PHE C 3947 14.20 8.53 49.20
C PHE C 3947 13.16 9.62 49.32
N LEU C 3948 12.24 9.72 48.35
CA LEU C 3948 11.21 10.74 48.43
C LEU C 3948 10.33 10.54 49.66
N HIS C 3949 9.95 9.30 49.95
CA HIS C 3949 9.15 9.02 51.14
C HIS C 3949 9.93 9.37 52.41
N VAL C 3950 11.19 8.97 52.48
CA VAL C 3950 12.00 9.27 53.66
C VAL C 3950 12.11 10.78 53.85
N PHE C 3951 12.37 11.51 52.77
CA PHE C 3951 12.47 12.96 52.86
C PHE C 3951 11.15 13.60 53.27
N ALA C 3952 10.03 13.14 52.71
CA ALA C 3952 8.74 13.72 53.05
C ALA C 3952 8.39 13.53 54.51
N HIS C 3953 8.77 12.41 55.10
CA HIS C 3953 8.37 12.18 56.49
C HIS C 3953 9.39 12.73 57.48
N MET C 3954 10.68 12.59 57.18
CA MET C 3954 11.71 13.03 58.11
C MET C 3954 11.77 14.55 58.19
N GLN C 3955 11.43 15.23 57.12
CA GLN C 3955 11.37 16.69 57.16
C GLN C 3955 10.31 17.17 58.14
N MET C 3956 9.15 16.52 58.15
CA MET C 3956 8.10 16.86 59.09
C MET C 3956 8.39 16.39 60.50
N LYS C 3957 9.17 15.32 60.66
CA LYS C 3957 9.50 14.79 61.99
C LYS C 3957 10.62 15.56 62.66
N LEU C 3958 11.75 15.74 61.99
CA LEU C 3958 12.93 16.32 62.62
C LEU C 3958 12.76 17.81 62.88
N SER C 3959 11.90 18.48 62.12
CA SER C 3959 11.72 19.92 62.29
C SER C 3959 11.13 20.24 63.66
N GLN C 3960 10.21 19.40 64.14
CA GLN C 3960 9.58 19.68 65.42
C GLN C 3960 10.57 19.59 66.58
N ASP C 3961 11.51 18.66 66.49
CA ASP C 3961 12.52 18.48 67.53
C ASP C 3961 13.66 19.46 67.29
N SER C 3962 14.06 20.16 68.35
CA SER C 3962 15.11 21.16 68.26
C SER C 3962 16.50 20.59 68.45
N SER C 3963 16.62 19.29 68.67
CA SER C 3963 17.91 18.65 68.87
C SER C 3963 18.43 17.93 67.64
N GLN C 3964 17.78 18.10 66.49
CA GLN C 3964 18.15 17.41 65.26
C GLN C 3964 18.44 18.38 64.13
N ILE C 3965 19.00 19.55 64.46
CA ILE C 3965 19.28 20.56 63.44
C ILE C 3965 20.32 20.04 62.45
N GLU C 3966 21.40 19.44 62.96
CA GLU C 3966 22.44 18.91 62.10
C GLU C 3966 21.93 17.76 61.24
N LEU C 3967 21.12 16.87 61.80
CA LEU C 3967 20.56 15.80 61.01
C LEU C 3967 19.67 16.34 59.90
N LEU C 3968 18.85 17.34 60.22
CA LEU C 3968 18.01 17.95 59.20
C LEU C 3968 18.84 18.61 58.10
N LYS C 3969 19.92 19.30 58.47
CA LYS C 3969 20.78 19.91 57.48
C LYS C 3969 21.47 18.89 56.58
N GLU C 3970 21.93 17.77 57.13
CA GLU C 3970 22.51 16.73 56.30
C GLU C 3970 21.47 16.12 55.37
N LEU C 3971 20.28 15.83 55.90
CA LEU C 3971 19.22 15.23 55.10
C LEU C 3971 18.76 16.15 53.98
N MET C 3972 18.67 17.45 54.22
CA MET C 3972 18.23 18.41 53.23
C MET C 3972 19.34 18.80 52.25
N ASP C 3973 20.56 18.33 52.47
CA ASP C 3973 21.59 18.39 51.45
C ASP C 3973 21.62 17.12 50.59
N LEU C 3974 21.31 15.98 51.21
CA LEU C 3974 21.10 14.77 50.42
C LEU C 3974 19.98 14.97 49.41
N GLN C 3975 18.90 15.64 49.82
CA GLN C 3975 17.81 15.93 48.90
C GLN C 3975 18.25 16.81 47.73
N LYS C 3976 19.05 17.84 48.01
CA LYS C 3976 19.55 18.68 46.94
C LYS C 3976 20.43 17.91 45.97
N ASP C 3977 21.29 17.03 46.46
CA ASP C 3977 22.07 16.20 45.55
C ASP C 3977 21.20 15.26 44.72
N MET C 3978 20.16 14.69 45.31
CA MET C 3978 19.24 13.85 44.54
C MET C 3978 18.57 14.65 43.43
N VAL C 3979 18.11 15.86 43.73
CA VAL C 3979 17.47 16.68 42.71
C VAL C 3979 18.47 17.10 41.63
N VAL C 3980 19.71 17.39 42.01
CA VAL C 3980 20.73 17.69 41.01
C VAL C 3980 20.95 16.51 40.08
N MET C 3981 20.99 15.29 40.63
CA MET C 3981 21.13 14.11 39.80
C MET C 3981 19.94 13.97 38.85
N LEU C 3982 18.73 14.21 39.36
CA LEU C 3982 17.55 14.13 38.50
C LEU C 3982 17.60 15.14 37.37
N LEU C 3983 18.05 16.37 37.67
CA LEU C 3983 18.19 17.37 36.62
C LEU C 3983 19.24 16.97 35.59
N SER C 3984 20.36 16.42 36.04
CA SER C 3984 21.37 15.93 35.11
C SER C 3984 20.83 14.80 34.25
N MET C 3985 19.87 14.03 34.76
CA MET C 3985 19.23 13.00 33.94
C MET C 3985 18.48 13.62 32.77
N LEU C 3986 17.76 14.72 33.00
CA LEU C 3986 17.00 15.39 31.96
C LEU C 3986 17.86 16.30 31.10
N GLU C 3987 19.11 16.54 31.50
CA GLU C 3987 20.01 17.36 30.70
C GLU C 3987 20.10 16.83 29.29
N GLY C 3988 19.95 17.72 28.30
CA GLY C 3988 19.93 17.32 26.91
C GLY C 3988 18.73 16.49 26.51
N ASN C 3989 17.55 16.86 26.98
CA ASN C 3989 16.35 16.10 26.71
C ASN C 3989 15.75 16.46 25.36
N VAL C 3990 14.84 15.61 24.90
CA VAL C 3990 14.07 15.85 23.70
C VAL C 3990 12.59 15.80 24.07
N VAL C 3991 11.76 16.35 23.18
CA VAL C 3991 10.33 16.39 23.44
C VAL C 3991 9.77 14.98 23.39
N ASN C 3992 8.98 14.61 24.39
CA ASN C 3992 8.40 13.28 24.51
C ASN C 3992 9.50 12.22 24.55
N GLY C 3993 10.41 12.37 25.49
CA GLY C 3993 11.49 11.43 25.64
C GLY C 3993 11.18 10.32 26.64
N THR C 3994 11.89 9.21 26.48
CA THR C 3994 11.68 8.08 27.38
C THR C 3994 12.08 8.42 28.81
N ILE C 3995 13.16 9.18 29.00
CA ILE C 3995 13.56 9.58 30.33
C ILE C 3995 12.50 10.46 30.97
N GLY C 3996 11.94 11.39 30.18
CA GLY C 3996 10.86 12.21 30.69
C GLY C 3996 9.65 11.39 31.09
N LYS C 3997 9.30 10.41 30.26
CA LYS C 3997 8.17 9.55 30.60
C LYS C 3997 8.41 8.78 31.90
N GLN C 3998 9.61 8.22 32.06
CA GLN C 3998 9.89 7.47 33.28
C GLN C 3998 9.92 8.37 34.51
N MET C 3999 10.45 9.58 34.40
CA MET C 3999 10.43 10.48 35.54
C MET C 3999 9.01 10.93 35.89
N VAL C 4000 8.18 11.16 34.88
CA VAL C 4000 6.78 11.47 35.15
C VAL C 4000 6.10 10.30 35.85
N ASP C 4001 6.39 9.08 35.42
CA ASP C 4001 5.84 7.90 36.08
C ASP C 4001 6.27 7.82 37.54
N MET C 4002 7.55 8.09 37.81
CA MET C 4002 8.05 8.04 39.18
C MET C 4002 7.39 9.12 40.04
N LEU C 4003 7.20 10.31 39.48
CA LEU C 4003 6.50 11.36 40.23
C LEU C 4003 5.06 10.96 40.53
N VAL C 4004 4.38 10.38 39.55
CA VAL C 4004 2.99 9.95 39.77
C VAL C 4004 2.95 8.87 40.85
N GLU C 4005 3.93 7.97 40.84
CA GLU C 4005 3.98 6.94 41.88
C GLU C 4005 4.19 7.56 43.26
N SER C 4006 5.05 8.57 43.36
CA SER C 4006 5.35 9.22 44.63
C SER C 4006 4.63 10.55 44.79
N SER C 4007 3.40 10.65 44.27
CA SER C 4007 2.66 11.92 44.29
C SER C 4007 2.51 12.48 45.70
N ASN C 4008 2.05 11.66 46.64
CA ASN C 4008 1.73 12.18 47.97
C ASN C 4008 2.97 12.73 48.67
N ASN C 4009 4.08 12.01 48.58
CA ASN C 4009 5.31 12.46 49.22
C ASN C 4009 5.76 13.80 48.65
N VAL C 4010 5.67 13.96 47.34
CA VAL C 4010 6.00 15.24 46.73
C VAL C 4010 5.05 16.35 47.16
N GLU C 4011 3.76 16.06 47.31
CA GLU C 4011 2.84 17.05 47.82
C GLU C 4011 3.24 17.52 49.22
N MET C 4012 3.60 16.58 50.10
CA MET C 4012 4.00 16.96 51.44
C MET C 4012 5.29 17.79 51.41
N ILE C 4013 6.25 17.39 50.57
CA ILE C 4013 7.49 18.15 50.45
C ILE C 4013 7.21 19.57 49.96
N LEU C 4014 6.34 19.71 48.97
CA LEU C 4014 6.03 21.00 48.40
C LEU C 4014 5.26 21.90 49.35
N LYS C 4015 4.37 21.34 50.17
CA LYS C 4015 3.73 22.15 51.21
C LYS C 4015 4.73 22.59 52.26
N PHE C 4016 5.64 21.69 52.64
CA PHE C 4016 6.70 22.04 53.57
C PHE C 4016 7.52 23.21 53.05
N PHE C 4017 7.84 23.18 51.76
CA PHE C 4017 8.64 24.26 51.17
C PHE C 4017 7.82 25.54 51.07
N ASP C 4018 6.55 25.44 50.72
CA ASP C 4018 5.74 26.65 50.52
C ASP C 4018 5.52 27.39 51.83
N MET C 4019 5.18 26.67 52.90
CA MET C 4019 4.89 27.32 54.15
C MET C 4019 6.12 27.90 54.82
N PHE C 4020 7.31 27.59 54.31
CA PHE C 4020 8.54 28.23 54.74
C PHE C 4020 9.03 29.30 53.78
N LEU C 4021 8.67 29.23 52.51
CA LEU C 4021 8.96 30.33 51.60
C LEU C 4021 8.07 31.54 51.86
N LYS C 4022 6.87 31.31 52.38
CA LYS C 4022 6.03 32.45 52.81
C LYS C 4022 6.51 33.07 54.11
N LEU C 4023 7.37 32.38 54.86
CA LEU C 4023 7.80 32.88 56.15
C LEU C 4023 8.67 34.12 56.00
N LYS C 4024 9.47 34.17 54.94
CA LYS C 4024 10.27 35.38 54.68
C LYS C 4024 9.39 36.59 54.44
N ASP C 4025 8.32 36.43 53.65
CA ASP C 4025 7.40 37.52 53.44
C ASP C 4025 6.72 37.94 54.74
N LEU C 4026 6.31 36.95 55.54
CA LEU C 4026 5.73 37.28 56.85
C LEU C 4026 6.69 38.11 57.68
N THR C 4027 7.95 37.68 57.79
CA THR C 4027 8.89 38.35 58.67
C THR C 4027 9.39 39.67 58.10
N SER C 4028 9.28 39.88 56.79
CA SER C 4028 9.64 41.16 56.19
C SER C 4028 8.45 42.11 56.07
N SER C 4029 7.25 41.65 56.39
CA SER C 4029 6.08 42.52 56.34
C SER C 4029 6.17 43.59 57.43
N ASP C 4030 5.48 44.71 57.19
CA ASP C 4030 5.45 45.80 58.15
C ASP C 4030 4.56 45.50 59.36
N THR C 4031 3.56 44.63 59.20
CA THR C 4031 2.78 44.20 60.35
C THR C 4031 3.64 43.51 61.38
N PHE C 4032 4.59 42.70 60.95
CA PHE C 4032 5.62 42.16 61.82
C PHE C 4032 6.42 43.25 62.51
N LYS C 4033 6.72 44.34 61.80
CA LYS C 4033 7.48 45.43 62.39
C LYS C 4033 6.69 46.22 63.43
N GLU C 4034 5.38 46.32 63.27
CA GLU C 4034 4.58 46.97 64.29
C GLU C 4034 4.15 46.03 65.41
N TYR C 4035 4.26 44.72 65.21
CA TYR C 4035 4.21 43.79 66.34
C TYR C 4035 5.52 43.78 67.13
N ASP C 4036 6.65 43.92 66.45
CA ASP C 4036 7.95 44.05 67.12
C ASP C 4036 8.56 45.39 66.73
N PRO C 4037 8.28 46.46 67.49
CA PRO C 4037 8.76 47.79 67.09
C PRO C 4037 10.28 47.90 67.03
N ASP C 4038 10.96 47.23 67.95
CA ASP C 4038 12.42 47.23 67.95
C ASP C 4038 12.94 46.37 66.81
N GLY C 4039 14.04 46.80 66.22
CA GLY C 4039 14.72 46.04 65.19
C GLY C 4039 15.73 45.05 65.69
N LYS C 4040 15.69 44.72 66.99
CA LYS C 4040 16.67 43.81 67.56
C LYS C 4040 16.56 42.41 66.96
N GLY C 4041 15.37 42.04 66.51
CA GLY C 4041 15.15 40.72 65.94
C GLY C 4041 14.70 39.66 66.92
N VAL C 4042 14.21 40.05 68.09
CA VAL C 4042 13.75 39.11 69.10
C VAL C 4042 12.26 39.34 69.31
N ILE C 4043 11.46 38.28 69.14
CA ILE C 4043 10.01 38.37 69.25
C ILE C 4043 9.51 37.31 70.22
N SER C 4044 8.42 37.63 70.90
CA SER C 4044 7.81 36.67 71.81
C SER C 4044 6.93 35.70 71.05
N LYS C 4045 6.64 34.55 71.68
CA LYS C 4045 5.85 33.53 71.02
C LYS C 4045 4.42 33.98 70.79
N ARG C 4046 3.82 34.68 71.75
CA ARG C 4046 2.48 35.20 71.55
C ARG C 4046 2.42 36.21 70.42
N ASP C 4047 3.40 37.10 70.35
CA ASP C 4047 3.43 38.09 69.29
C ASP C 4047 3.67 37.43 67.94
N PHE C 4048 4.47 36.37 67.91
CA PHE C 4048 4.69 35.64 66.67
C PHE C 4048 3.43 34.91 66.23
N HIS C 4049 2.67 34.36 67.19
CA HIS C 4049 1.39 33.74 66.88
C HIS C 4049 0.42 34.74 66.29
N LYS C 4050 0.27 35.91 66.93
CA LYS C 4050 -0.63 36.90 66.36
C LYS C 4050 -0.10 37.45 65.06
N ALA C 4051 1.21 37.38 64.82
CA ALA C 4051 1.76 37.73 63.52
C ALA C 4051 1.27 36.77 62.45
N MET C 4052 1.35 35.46 62.71
CA MET C 4052 0.81 34.51 61.74
C MET C 4052 -0.69 34.72 61.54
N GLU C 4053 -1.42 34.95 62.62
CA GLU C 4053 -2.87 35.18 62.52
C GLU C 4053 -3.23 36.41 61.72
N SER C 4054 -2.47 37.50 61.88
CA SER C 4054 -2.73 38.70 61.09
C SER C 4054 -2.30 38.50 59.64
N HIS C 4055 -1.29 37.64 59.41
CA HIS C 4055 -0.82 37.43 58.04
C HIS C 4055 -1.90 36.79 57.19
N LYS C 4056 -2.64 35.83 57.75
CA LYS C 4056 -3.81 35.20 57.15
C LYS C 4056 -3.51 34.37 55.90
N HIS C 4057 -2.24 34.29 55.49
CA HIS C 4057 -1.88 33.31 54.48
C HIS C 4057 -1.55 31.96 55.09
N TYR C 4058 -1.42 31.90 56.41
CA TYR C 4058 -1.24 30.63 57.13
C TYR C 4058 -2.55 30.21 57.76
N THR C 4059 -2.97 28.99 57.48
CA THR C 4059 -4.12 28.43 58.16
C THR C 4059 -3.76 28.02 59.58
N GLN C 4060 -4.75 27.49 60.30
CA GLN C 4060 -4.52 27.09 61.68
C GLN C 4060 -3.49 25.98 61.78
N SER C 4061 -3.57 24.99 60.90
CA SER C 4061 -2.63 23.87 60.95
C SER C 4061 -1.21 24.33 60.68
N GLU C 4062 -1.03 25.18 59.65
CA GLU C 4062 0.30 25.70 59.39
C GLU C 4062 0.81 26.56 60.53
N THR C 4063 -0.06 27.37 61.12
CA THR C 4063 0.36 28.21 62.24
C THR C 4063 0.83 27.36 63.41
N GLU C 4064 0.07 26.33 63.77
CA GLU C 4064 0.46 25.51 64.91
C GLU C 4064 1.70 24.69 64.59
N PHE C 4065 1.88 24.27 63.33
CA PHE C 4065 3.09 23.55 62.98
C PHE C 4065 4.32 24.45 63.07
N LEU C 4066 4.19 25.70 62.61
CA LEU C 4066 5.29 26.65 62.75
C LEU C 4066 5.59 26.91 64.22
N LEU C 4067 4.55 26.99 65.05
CA LEU C 4067 4.76 27.14 66.49
C LEU C 4067 5.54 25.97 67.06
N SER C 4068 5.16 24.75 66.68
CA SER C 4068 5.83 23.57 67.19
C SER C 4068 7.29 23.53 66.74
N CYS C 4069 7.55 23.93 65.50
CA CYS C 4069 8.91 23.90 64.96
C CYS C 4069 9.75 25.09 65.40
N ALA C 4070 9.19 26.00 66.19
CA ALA C 4070 9.90 27.17 66.67
C ALA C 4070 10.34 26.93 68.10
N GLU C 4071 11.65 27.04 68.35
CA GLU C 4071 12.18 26.82 69.69
C GLU C 4071 12.24 28.15 70.44
N THR C 4072 11.59 28.20 71.60
CA THR C 4072 11.56 29.39 72.44
C THR C 4072 12.11 29.06 73.81
N ASP C 4073 12.87 29.98 74.38
CA ASP C 4073 13.43 29.78 75.71
C ASP C 4073 12.34 29.98 76.77
N GLU C 4074 12.78 29.97 78.03
CA GLU C 4074 11.85 30.21 79.14
C GLU C 4074 11.25 31.60 79.07
N ASN C 4075 11.90 32.52 78.36
CA ASN C 4075 11.39 33.88 78.20
C ASN C 4075 10.24 33.97 77.22
N GLU C 4076 9.77 32.84 76.67
CA GLU C 4076 8.62 32.83 75.77
C GLU C 4076 8.93 33.61 74.49
N THR C 4077 10.22 33.71 74.18
CA THR C 4077 10.69 34.47 73.03
C THR C 4077 11.68 33.63 72.23
N LEU C 4078 11.88 34.01 70.96
CA LEU C 4078 12.76 33.29 70.05
C LEU C 4078 13.47 34.26 69.11
N ASP C 4079 14.42 33.73 68.35
CA ASP C 4079 15.17 34.51 67.38
C ASP C 4079 14.65 34.20 65.99
N TYR C 4080 13.73 35.04 65.49
CA TYR C 4080 13.05 34.70 64.26
C TYR C 4080 13.96 34.84 63.05
N GLU C 4081 15.01 35.65 63.14
CA GLU C 4081 15.99 35.68 62.05
C GLU C 4081 16.66 34.32 61.87
N GLU C 4082 17.14 33.74 62.97
CA GLU C 4082 17.71 32.41 62.90
C GLU C 4082 16.69 31.37 62.47
N PHE C 4083 15.46 31.51 62.96
CA PHE C 4083 14.37 30.61 62.56
C PHE C 4083 14.17 30.63 61.04
N VAL C 4084 13.97 31.82 60.48
CA VAL C 4084 13.67 31.94 59.06
C VAL C 4084 14.87 31.53 58.24
N LYS C 4085 16.08 31.78 58.74
CA LYS C 4085 17.26 31.30 58.02
C LYS C 4085 17.25 29.78 57.92
N ARG C 4086 17.27 29.09 59.08
CA ARG C 4086 17.34 27.63 59.08
C ARG C 4086 16.24 27.03 58.21
N PHE C 4087 15.04 27.59 58.25
CA PHE C 4087 13.97 27.00 57.47
C PHE C 4087 13.73 27.67 56.13
N HIS C 4088 14.61 28.57 55.69
CA HIS C 4088 14.33 29.26 54.43
C HIS C 4088 15.40 29.00 53.39
N GLU C 4089 16.69 29.16 53.71
CA GLU C 4089 17.66 28.93 52.63
C GLU C 4089 17.62 27.51 52.08
N PRO C 4090 17.60 26.45 52.89
CA PRO C 4090 17.42 25.11 52.28
C PRO C 4090 16.13 25.02 51.49
N ALA C 4091 15.06 25.61 52.00
CA ALA C 4091 13.83 25.68 51.22
C ALA C 4091 14.03 26.42 49.93
N LYS C 4092 14.70 27.57 49.97
CA LYS C 4092 14.88 28.39 48.77
C LYS C 4092 15.68 27.67 47.69
N ASP C 4093 16.75 26.95 48.04
CA ASP C 4093 17.55 26.35 46.97
C ASP C 4093 16.96 25.02 46.50
N ILE C 4094 16.49 24.18 47.44
CA ILE C 4094 15.90 22.91 47.01
C ILE C 4094 14.64 23.16 46.19
N GLY C 4095 13.80 24.10 46.64
CA GLY C 4095 12.60 24.41 45.89
C GLY C 4095 12.90 24.98 44.52
N PHE C 4096 13.96 25.77 44.41
CA PHE C 4096 14.35 26.27 43.10
C PHE C 4096 14.74 25.13 42.16
N ASN C 4097 15.53 24.18 42.68
CA ASN C 4097 15.91 23.05 41.85
C ASN C 4097 14.69 22.23 41.44
N VAL C 4098 13.75 22.02 42.37
CA VAL C 4098 12.54 21.28 42.04
C VAL C 4098 11.71 22.02 41.00
N ALA C 4099 11.61 23.34 41.13
CA ALA C 4099 10.85 24.12 40.18
C ALA C 4099 11.48 24.06 38.79
N VAL C 4100 12.81 24.10 38.73
CA VAL C 4100 13.50 23.93 37.46
C VAL C 4100 13.23 22.56 36.86
N LEU C 4101 13.29 21.51 37.67
CA LEU C 4101 12.99 20.16 37.19
C LEU C 4101 11.59 20.08 36.61
N LEU C 4102 10.60 20.62 37.33
CA LEU C 4102 9.22 20.58 36.86
C LEU C 4102 8.99 21.43 35.62
N THR C 4103 9.61 22.59 35.53
CA THR C 4103 9.49 23.39 34.32
C THR C 4103 10.09 22.66 33.12
N ASN C 4104 11.25 22.04 33.31
CA ASN C 4104 11.87 21.25 32.25
C ASN C 4104 10.94 20.14 31.79
N LEU C 4105 10.39 19.38 32.74
CA LEU C 4105 9.50 18.28 32.40
C LEU C 4105 8.27 18.77 31.68
N SER C 4106 7.68 19.86 32.17
CA SER C 4106 6.47 20.39 31.54
C SER C 4106 6.73 20.86 30.12
N GLU C 4107 7.83 21.56 29.90
CA GLU C 4107 8.09 22.12 28.59
C GLU C 4107 8.55 21.06 27.61
N HIS C 4108 9.07 19.94 28.10
CA HIS C 4108 9.46 18.87 27.20
C HIS C 4108 8.39 17.79 27.05
N MET C 4109 7.34 17.81 27.87
CA MET C 4109 6.19 16.91 27.73
C MET C 4109 4.93 17.75 27.77
N PRO C 4110 4.59 18.44 26.68
CA PRO C 4110 3.55 19.46 26.73
C PRO C 4110 2.14 18.92 26.88
N ASN C 4111 1.92 17.62 26.68
CA ASN C 4111 0.57 17.07 26.66
C ASN C 4111 0.46 15.82 27.53
N ASP C 4112 0.93 15.90 28.76
CA ASP C 4112 0.87 14.77 29.70
C ASP C 4112 -0.04 15.14 30.85
N THR C 4113 -1.26 14.61 30.84
CA THR C 4113 -2.28 15.03 31.80
C THR C 4113 -1.83 14.77 33.23
N ARG C 4114 -1.20 13.62 33.46
CA ARG C 4114 -0.62 13.35 34.76
C ARG C 4114 0.35 14.44 35.16
N LEU C 4115 1.06 15.00 34.18
CA LEU C 4115 2.03 16.04 34.49
C LEU C 4115 1.33 17.37 34.82
N GLN C 4116 0.27 17.74 34.08
CA GLN C 4116 -0.39 18.98 34.48
C GLN C 4116 -1.08 18.88 35.83
N THR C 4117 -1.68 17.74 36.19
CA THR C 4117 -2.27 17.65 37.53
C THR C 4117 -1.19 17.81 38.60
N PHE C 4118 -0.03 17.21 38.37
CA PHE C 4118 1.07 17.33 39.30
C PHE C 4118 1.56 18.78 39.38
N LEU C 4119 1.55 19.49 38.25
CA LEU C 4119 1.89 20.91 38.26
C LEU C 4119 0.87 21.72 39.06
N GLU C 4120 -0.41 21.38 38.93
CA GLU C 4120 -1.42 22.04 39.75
C GLU C 4120 -1.13 21.85 41.22
N LEU C 4121 -0.68 20.65 41.60
CA LEU C 4121 -0.21 20.46 42.97
C LEU C 4121 0.97 21.36 43.28
N ALA C 4122 1.90 21.51 42.34
CA ALA C 4122 3.11 22.30 42.54
C ALA C 4122 2.94 23.77 42.14
N GLU C 4123 1.71 24.28 42.13
CA GLU C 4123 1.46 25.61 41.57
C GLU C 4123 2.17 26.72 42.34
N SER C 4124 2.06 26.72 43.66
CA SER C 4124 2.52 27.87 44.45
C SER C 4124 4.04 28.05 44.36
N VAL C 4125 4.78 26.96 44.43
CA VAL C 4125 6.25 27.03 44.41
C VAL C 4125 6.73 27.61 43.09
N LEU C 4126 6.10 27.18 41.99
CA LEU C 4126 6.47 27.70 40.68
C LEU C 4126 6.20 29.20 40.59
N ASN C 4127 5.07 29.64 41.15
CA ASN C 4127 4.77 31.06 41.16
C ASN C 4127 5.81 31.83 41.96
N TYR C 4128 6.23 31.28 43.09
CA TYR C 4128 7.26 31.95 43.88
C TYR C 4128 8.57 32.07 43.13
N PHE C 4129 8.96 31.01 42.43
CA PHE C 4129 10.27 30.96 41.78
C PHE C 4129 10.25 31.46 40.34
N GLN C 4130 9.11 31.94 39.86
CA GLN C 4130 9.06 32.45 38.50
C GLN C 4130 10.03 33.59 38.23
N PRO C 4131 10.13 34.64 39.05
CA PRO C 4131 11.09 35.71 38.74
C PRO C 4131 12.54 35.26 38.70
N PHE C 4132 12.92 34.27 39.51
CA PHE C 4132 14.32 33.87 39.60
C PHE C 4132 14.69 32.77 38.61
N LEU C 4133 13.78 32.34 37.75
CA LEU C 4133 14.03 31.25 36.84
C LEU C 4133 14.37 31.81 35.46
N GLY C 4134 15.56 31.48 34.97
CA GLY C 4134 16.02 31.93 33.66
C GLY C 4134 15.80 30.84 32.63
N ARG C 4135 15.57 31.26 31.39
CA ARG C 4135 15.25 30.34 30.30
C ARG C 4135 15.84 30.88 29.01
N ILE C 4136 16.79 30.15 28.43
CA ILE C 4136 17.35 30.48 27.14
C ILE C 4136 17.43 29.22 26.29
N GLU C 4137 17.62 29.41 25.00
CA GLU C 4137 17.81 28.32 24.05
C GLU C 4137 19.16 28.47 23.38
N ILE C 4138 19.89 27.37 23.25
CA ILE C 4138 21.21 27.37 22.63
C ILE C 4138 21.26 26.25 21.60
N MET C 4139 22.22 26.37 20.69
CA MET C 4139 22.48 25.34 19.68
C MET C 4139 23.43 24.34 20.32
N GLY C 4140 22.88 23.24 20.82
CA GLY C 4140 23.63 22.34 21.67
C GLY C 4140 24.68 21.54 20.90
N SER C 4141 25.42 20.74 21.67
CA SER C 4141 26.48 19.94 21.09
C SER C 4141 25.95 18.83 20.19
N ALA C 4142 24.70 18.40 20.39
CA ALA C 4142 24.09 17.35 19.60
C ALA C 4142 23.43 17.88 18.34
N LYS C 4143 23.83 19.07 17.87
CA LYS C 4143 23.25 19.70 16.68
C LYS C 4143 21.75 19.87 16.81
N ARG C 4144 21.28 20.20 18.01
CA ARG C 4144 19.88 20.46 18.28
C ARG C 4144 19.75 21.70 19.15
N ILE C 4145 18.62 22.38 19.04
CA ILE C 4145 18.34 23.51 19.91
C ILE C 4145 17.95 22.99 21.29
N GLU C 4146 18.74 23.35 22.30
CA GLU C 4146 18.54 22.87 23.66
C GLU C 4146 18.16 24.06 24.53
N ARG C 4147 17.20 23.85 25.41
CA ARG C 4147 16.74 24.90 26.30
C ARG C 4147 17.40 24.76 27.66
N VAL C 4148 17.93 25.87 28.19
CA VAL C 4148 18.75 25.88 29.39
C VAL C 4148 18.04 26.68 30.46
N TYR C 4149 18.04 26.15 31.68
CA TYR C 4149 17.45 26.81 32.84
C TYR C 4149 18.53 27.12 33.86
N PHE C 4150 18.52 28.35 34.37
CA PHE C 4150 19.49 28.80 35.35
C PHE C 4150 18.79 29.68 36.36
N GLU C 4151 19.57 30.31 37.23
CA GLU C 4151 19.05 31.15 38.31
C GLU C 4151 19.36 32.61 38.03
N ILE C 4152 18.36 33.47 38.25
CA ILE C 4152 18.51 34.91 38.13
C ILE C 4152 18.34 35.51 39.52
N SER C 4153 19.31 36.30 39.94
CA SER C 4153 19.26 36.87 41.28
C SER C 4153 18.46 38.16 41.30
N GLU C 4154 17.88 38.44 42.47
CA GLU C 4154 17.06 39.63 42.65
C GLU C 4154 17.88 40.90 42.44
N SER C 4155 19.11 40.91 42.95
CA SER C 4155 19.99 42.06 42.75
C SER C 4155 20.26 42.28 41.27
N SER C 4156 20.54 41.21 40.53
CA SER C 4156 20.78 41.34 39.10
C SER C 4156 19.56 41.89 38.39
N ARG C 4157 18.37 41.39 38.75
CA ARG C 4157 17.15 41.89 38.10
C ARG C 4157 16.93 43.37 38.39
N THR C 4158 17.12 43.79 39.64
CA THR C 4158 16.92 45.20 39.97
C THR C 4158 17.91 46.09 39.24
N GLN C 4159 19.18 45.69 39.22
CA GLN C 4159 20.17 46.50 38.53
C GLN C 4159 19.90 46.54 37.04
N TRP C 4160 19.34 45.46 36.49
CA TRP C 4160 18.95 45.48 35.09
C TRP C 4160 17.80 46.45 34.85
N GLU C 4161 16.86 46.51 35.77
CA GLU C 4161 15.70 47.38 35.61
C GLU C 4161 15.96 48.82 36.03
N LYS C 4162 17.14 49.14 36.53
CA LYS C 4162 17.47 50.53 36.79
C LYS C 4162 17.45 51.33 35.49
N PRO C 4163 16.98 52.59 35.53
CA PRO C 4163 16.74 53.32 34.28
C PRO C 4163 17.98 53.57 33.43
N GLN C 4164 19.14 53.76 34.06
CA GLN C 4164 20.36 54.00 33.29
C GLN C 4164 20.70 52.81 32.41
N VAL C 4165 20.54 51.61 32.94
CA VAL C 4165 20.78 50.40 32.16
C VAL C 4165 19.78 50.31 31.01
N LYS C 4166 18.55 50.74 31.23
CA LYS C 4166 17.56 50.75 30.15
C LYS C 4166 17.95 51.71 29.06
N GLU C 4167 18.45 52.90 29.43
CA GLU C 4167 18.91 53.86 28.42
C GLU C 4167 20.09 53.29 27.63
N SER C 4168 21.03 52.65 28.33
CA SER C 4168 22.15 52.01 27.64
C SER C 4168 21.68 50.91 26.70
N LYS C 4169 20.70 50.11 27.11
CA LYS C 4169 20.13 49.10 26.23
C LYS C 4169 19.51 49.72 24.99
N ARG C 4170 18.76 50.80 25.15
CA ARG C 4170 18.15 51.45 24.00
C ARG C 4170 19.21 51.99 23.05
N GLN C 4171 20.25 52.61 23.58
CA GLN C 4171 21.33 53.10 22.73
C GLN C 4171 22.02 51.96 22.00
N PHE C 4172 22.28 50.86 22.70
CA PHE C 4172 22.91 49.70 22.09
C PHE C 4172 22.07 49.15 20.94
N ILE C 4173 20.77 48.99 21.18
CA ILE C 4173 19.89 48.46 20.14
C ILE C 4173 19.85 49.40 18.95
N PHE C 4174 19.76 50.71 19.19
CA PHE C 4174 19.76 51.68 18.11
C PHE C 4174 21.03 51.54 17.27
N ASP C 4175 22.19 51.47 17.93
CA ASP C 4175 23.44 51.37 17.21
C ASP C 4175 23.51 50.08 16.38
N VAL C 4176 23.13 48.95 16.99
CA VAL C 4176 23.22 47.68 16.28
C VAL C 4176 22.28 47.67 15.08
N VAL C 4177 21.07 48.18 15.24
CA VAL C 4177 20.11 48.14 14.15
C VAL C 4177 20.54 49.07 13.02
N ASN C 4178 21.06 50.25 13.35
CA ASN C 4178 21.33 51.23 12.31
C ASN C 4178 22.68 50.98 11.63
N GLU C 4179 23.76 50.94 12.40
CA GLU C 4179 25.09 50.79 11.81
C GLU C 4179 25.76 49.49 12.27
N GLY C 4180 25.01 48.41 12.27
CA GLY C 4180 25.56 47.11 12.64
C GLY C 4180 25.36 46.09 11.55
N GLY C 4181 26.32 45.17 11.44
CA GLY C 4181 26.27 44.10 10.47
C GLY C 4181 25.84 42.79 11.10
N GLU C 4182 25.62 41.80 10.23
CA GLU C 4182 25.16 40.50 10.68
C GLU C 4182 26.28 39.66 11.29
N LYS C 4183 27.52 39.80 10.79
CA LYS C 4183 28.66 39.16 11.43
C LYS C 4183 28.89 39.66 12.85
N GLU C 4184 28.90 40.97 13.05
CA GLU C 4184 29.32 41.55 14.31
C GLU C 4184 28.16 41.73 15.28
N LYS C 4185 26.96 41.27 14.93
CA LYS C 4185 25.81 41.49 15.80
C LYS C 4185 25.98 40.76 17.13
N MET C 4186 26.31 39.47 17.08
CA MET C 4186 26.50 38.69 18.30
C MET C 4186 27.80 39.06 19.03
N GLU C 4187 28.79 39.61 18.34
CA GLU C 4187 29.99 40.08 19.02
C GLU C 4187 29.72 41.36 19.79
N LEU C 4188 29.05 42.32 19.16
CA LEU C 4188 28.64 43.53 19.84
C LEU C 4188 27.67 43.26 20.97
N PHE C 4189 26.75 42.31 20.80
CA PHE C 4189 25.83 41.98 21.86
C PHE C 4189 26.56 41.42 23.08
N VAL C 4190 27.54 40.55 22.86
CA VAL C 4190 28.34 40.03 23.97
C VAL C 4190 29.17 41.11 24.63
N ASN C 4191 29.78 42.01 23.86
CA ASN C 4191 30.50 43.12 24.46
C ASN C 4191 29.60 44.00 25.31
N PHE C 4192 28.41 44.32 24.81
CA PHE C 4192 27.46 45.11 25.59
C PHE C 4192 27.04 44.37 26.85
N CYS C 4193 26.82 43.06 26.74
CA CYS C 4193 26.47 42.27 27.91
C CYS C 4193 27.57 42.31 28.96
N GLU C 4194 28.83 42.19 28.53
CA GLU C 4194 29.93 42.22 29.48
C GLU C 4194 30.04 43.58 30.17
N ASP C 4195 29.98 44.66 29.40
CA ASP C 4195 30.07 45.99 29.99
C ASP C 4195 28.90 46.24 30.95
N THR C 4196 27.69 45.84 30.56
CA THR C 4196 26.54 46.02 31.42
C THR C 4196 26.64 45.18 32.67
N ILE C 4197 27.14 43.95 32.57
CA ILE C 4197 27.30 43.11 33.74
C ILE C 4197 28.27 43.76 34.72
N PHE C 4198 29.38 44.30 34.21
CA PHE C 4198 30.33 44.98 35.08
C PHE C 4198 29.69 46.17 35.77
N GLU C 4199 28.93 46.98 35.01
CA GLU C 4199 28.36 48.18 35.61
C GLU C 4199 27.27 47.85 36.62
N MET C 4200 26.45 46.82 36.37
CA MET C 4200 25.47 46.39 37.36
C MET C 4200 26.12 45.79 38.60
N GLN C 4201 27.21 45.06 38.46
CA GLN C 4201 27.94 44.60 39.63
C GLN C 4201 28.52 45.73 40.45
N LEU C 4202 29.12 46.72 39.79
CA LEU C 4202 29.66 47.88 40.51
C LEU C 4202 28.55 48.68 41.19
N ALA C 4203 27.41 48.86 40.52
CA ALA C 4203 26.29 49.56 41.14
C ALA C 4203 25.76 48.82 42.36
N ALA C 4204 25.62 47.50 42.27
CA ALA C 4204 25.19 46.73 43.43
C ALA C 4204 26.21 46.83 44.55
N GLN C 4205 27.50 46.85 44.21
CA GLN C 4205 28.53 46.99 45.23
C GLN C 4205 28.43 48.33 45.95
N ILE C 4206 28.27 49.42 45.19
CA ILE C 4206 28.26 50.73 45.82
C ILE C 4206 26.95 50.97 46.59
N SER C 4207 25.85 50.40 46.10
CA SER C 4207 24.55 50.60 46.74
C SER C 4207 24.38 49.60 47.89
N GLU C 4208 25.10 49.87 48.97
CA GLU C 4208 25.05 49.05 50.17
C GLU C 4208 24.66 49.90 51.37
N SER C 4209 23.80 49.36 52.21
CA SER C 4209 23.34 50.05 53.41
C SER C 4209 23.97 49.47 54.67
N SER C 4237 1.92 70.91 43.47
CA SER C 4237 2.15 69.55 43.94
C SER C 4237 1.05 69.13 44.92
N ILE C 4238 1.48 68.53 46.04
CA ILE C 4238 0.52 68.06 47.03
C ILE C 4238 -0.27 69.23 47.60
N LEU C 4239 0.41 70.33 47.90
CA LEU C 4239 -0.27 71.50 48.45
C LEU C 4239 -1.29 72.06 47.45
N THR C 4240 -0.92 72.14 46.17
CA THR C 4240 -1.84 72.65 45.17
C THR C 4240 -3.05 71.74 45.01
N VAL C 4241 -2.82 70.42 45.01
CA VAL C 4241 -3.93 69.48 44.89
C VAL C 4241 -4.86 69.60 46.08
N ARG C 4242 -4.30 69.71 47.29
CA ARG C 4242 -5.12 69.86 48.48
C ARG C 4242 -5.94 71.15 48.43
N SER C 4243 -5.31 72.25 47.99
CA SER C 4243 -6.02 73.51 47.90
C SER C 4243 -7.15 73.44 46.88
N ALA C 4244 -6.90 72.81 45.72
CA ALA C 4244 -7.93 72.68 44.71
C ALA C 4244 -9.09 71.81 45.21
N LEU C 4245 -8.77 70.72 45.90
CA LEU C 4245 -9.82 69.87 46.45
C LEU C 4245 -10.65 70.60 47.49
N PHE C 4246 -9.99 71.37 48.36
CA PHE C 4246 -10.71 72.16 49.36
C PHE C 4246 -11.61 73.19 48.69
N ALA C 4247 -11.11 73.84 47.64
CA ALA C 4247 -11.92 74.80 46.91
C ALA C 4247 -13.13 74.15 46.28
N LEU C 4248 -12.95 72.99 45.64
CA LEU C 4248 -14.08 72.24 45.11
C LEU C 4248 -15.10 71.93 46.18
N ARG C 4249 -14.66 71.35 47.29
CA ARG C 4249 -15.58 70.98 48.35
C ARG C 4249 -16.36 72.19 48.86
N TYR C 4250 -15.65 73.28 49.14
CA TYR C 4250 -16.30 74.46 49.72
C TYR C 4250 -17.28 75.08 48.76
N ASN C 4251 -16.86 75.30 47.51
CA ASN C 4251 -17.74 75.98 46.54
C ASN C 4251 -18.96 75.14 46.22
N ILE C 4252 -18.77 73.83 46.02
CA ILE C 4252 -19.92 72.98 45.75
C ILE C 4252 -20.85 72.95 46.95
N LEU C 4253 -20.29 72.93 48.17
CA LEU C 4253 -21.13 73.00 49.36
C LEU C 4253 -21.96 74.27 49.38
N THR C 4254 -21.33 75.41 49.09
CA THR C 4254 -22.07 76.68 49.08
C THR C 4254 -23.18 76.64 48.04
N LEU C 4255 -22.93 76.00 46.90
CA LEU C 4255 -24.00 75.81 45.92
C LEU C 4255 -25.13 74.96 46.48
N MET C 4256 -24.80 73.91 47.22
CA MET C 4256 -25.83 72.96 47.63
C MET C 4256 -26.59 73.39 48.88
N ARG C 4257 -26.06 74.38 49.63
CA ARG C 4257 -26.84 74.90 50.76
C ARG C 4257 -28.20 75.42 50.34
N MET C 4258 -28.31 75.95 49.11
CA MET C 4258 -29.59 76.48 48.64
C MET C 4258 -30.65 75.40 48.67
N LEU C 4259 -30.31 74.18 48.25
CA LEU C 4259 -31.24 73.07 48.34
C LEU C 4259 -31.30 72.51 49.76
N SER C 4260 -30.18 72.54 50.49
CA SER C 4260 -30.11 71.90 51.79
C SER C 4260 -30.92 72.65 52.85
N LEU C 4261 -31.20 73.94 52.64
CA LEU C 4261 -32.06 74.65 53.58
C LEU C 4261 -33.46 74.07 53.66
N LYS C 4262 -33.90 73.34 52.63
CA LYS C 4262 -35.26 72.78 52.57
C LYS C 4262 -36.30 73.89 52.67
N SER C 4263 -35.92 75.10 52.30
CA SER C 4263 -36.78 76.26 52.35
C SER C 4263 -37.44 76.56 51.00
N LEU C 4264 -37.48 75.57 50.11
CA LEU C 4264 -38.13 75.72 48.82
C LEU C 4264 -39.63 75.93 48.94
N LYS C 4265 -40.18 75.87 50.15
CA LYS C 4265 -41.61 76.12 50.35
C LYS C 4265 -41.98 77.54 49.94
N LYS C 4266 -41.13 78.53 50.23
CA LYS C 4266 -41.44 79.90 49.87
C LYS C 4266 -41.50 80.08 48.36
N GLN C 4267 -40.57 79.44 47.63
CA GLN C 4267 -40.64 79.48 46.17
C GLN C 4267 -41.87 78.73 45.67
N MET C 4268 -42.20 77.61 46.30
CA MET C 4268 -43.34 76.81 45.88
C MET C 4268 -44.65 77.57 46.09
N LYS C 4269 -44.71 78.45 47.09
CA LYS C 4269 -45.86 79.33 47.26
C LYS C 4269 -46.17 80.11 45.97
N LYS C 4270 -45.15 80.76 45.40
CA LYS C 4270 -45.39 81.56 44.22
C LYS C 4270 -45.47 80.71 42.96
N VAL C 4271 -44.76 79.57 42.92
CA VAL C 4271 -44.74 78.77 41.70
C VAL C 4271 -45.79 77.69 41.68
N LYS C 4272 -46.72 77.67 42.65
CA LYS C 4272 -47.89 76.80 42.54
C LYS C 4272 -48.64 77.07 41.25
N LYS C 4273 -48.73 78.33 40.85
CA LYS C 4273 -49.22 78.70 39.52
C LYS C 4273 -48.03 78.63 38.57
N MET C 4274 -47.69 77.40 38.19
CA MET C 4274 -46.53 77.13 37.33
C MET C 4274 -46.93 77.29 35.88
N THR C 4275 -46.38 78.32 35.23
CA THR C 4275 -46.52 78.48 33.80
C THR C 4275 -45.22 78.11 33.10
N VAL C 4276 -45.30 78.02 31.76
CA VAL C 4276 -44.14 77.66 30.97
C VAL C 4276 -43.02 78.69 31.14
N LYS C 4277 -43.40 79.96 31.28
CA LYS C 4277 -42.40 81.01 31.39
C LYS C 4277 -41.59 80.88 32.67
N ASP C 4278 -42.28 80.75 33.81
CA ASP C 4278 -41.58 80.55 35.08
C ASP C 4278 -40.79 79.24 35.07
N MET C 4279 -41.34 78.23 34.40
CA MET C 4279 -40.68 76.93 34.28
C MET C 4279 -39.32 77.08 33.59
N VAL C 4280 -39.31 77.75 32.44
CA VAL C 4280 -38.08 77.96 31.69
C VAL C 4280 -37.14 78.88 32.47
N THR C 4281 -37.70 79.86 33.17
CA THR C 4281 -36.87 80.77 33.95
C THR C 4281 -36.09 80.02 35.02
N ALA C 4282 -36.77 79.14 35.76
CA ALA C 4282 -36.07 78.33 36.76
C ALA C 4282 -35.06 77.40 36.11
N PHE C 4283 -35.44 76.82 34.96
CA PHE C 4283 -34.52 75.93 34.25
C PHE C 4283 -33.22 76.64 33.90
N PHE C 4284 -33.32 77.90 33.45
CA PHE C 4284 -32.13 78.67 33.13
C PHE C 4284 -31.38 79.10 34.39
N SER C 4285 -32.13 79.43 35.45
CA SER C 4285 -31.52 79.94 36.67
C SER C 4285 -30.64 78.90 37.32
N SER C 4286 -31.04 77.63 37.26
CA SER C 4286 -30.21 76.57 37.84
C SER C 4286 -28.83 76.54 37.19
N TYR C 4287 -28.79 76.57 35.85
CA TYR C 4287 -27.52 76.51 35.16
C TYR C 4287 -26.71 77.80 35.37
N TRP C 4288 -27.40 78.93 35.50
CA TRP C 4288 -26.70 80.17 35.79
C TRP C 4288 -26.03 80.10 37.15
N SER C 4289 -26.72 79.52 38.15
CA SER C 4289 -26.12 79.33 39.45
C SER C 4289 -24.92 78.38 39.39
N ILE C 4290 -25.02 77.32 38.59
CA ILE C 4290 -23.89 76.42 38.42
C ILE C 4290 -22.69 77.16 37.84
N PHE C 4291 -22.93 78.02 36.85
CA PHE C 4291 -21.83 78.74 36.21
C PHE C 4291 -21.21 79.75 37.17
N MET C 4292 -22.03 80.42 37.97
CA MET C 4292 -21.50 81.28 39.03
C MET C 4292 -20.63 80.49 40.01
N THR C 4293 -21.08 79.30 40.40
CA THR C 4293 -20.28 78.48 41.30
C THR C 4293 -18.95 78.10 40.68
N LEU C 4294 -18.95 77.79 39.39
CA LEU C 4294 -17.69 77.46 38.71
C LEU C 4294 -16.75 78.66 38.70
N LEU C 4295 -17.28 79.85 38.44
CA LEU C 4295 -16.43 81.04 38.44
C LEU C 4295 -15.84 81.28 39.82
N HIS C 4296 -16.66 81.14 40.87
CA HIS C 4296 -16.15 81.30 42.23
C HIS C 4296 -15.07 80.27 42.54
N PHE C 4297 -15.26 79.03 42.09
CA PHE C 4297 -14.28 77.99 42.33
C PHE C 4297 -12.96 78.31 41.64
N VAL C 4298 -13.02 78.80 40.40
CA VAL C 4298 -11.79 79.14 39.68
C VAL C 4298 -11.07 80.29 40.37
N ALA C 4299 -11.81 81.30 40.83
CA ALA C 4299 -11.19 82.40 41.54
C ALA C 4299 -10.53 81.92 42.83
N SER C 4300 -11.20 81.02 43.56
CA SER C 4300 -10.62 80.47 44.78
C SER C 4300 -9.35 79.69 44.49
N VAL C 4301 -9.34 78.93 43.39
CA VAL C 4301 -8.14 78.19 43.02
C VAL C 4301 -6.98 79.14 42.74
N PHE C 4302 -7.24 80.21 41.99
CA PHE C 4302 -6.17 81.17 41.71
C PHE C 4302 -5.66 81.81 42.99
N ARG C 4303 -6.57 82.19 43.90
CA ARG C 4303 -6.14 82.81 45.16
C ARG C 4303 -5.29 81.84 45.97
N GLY C 4304 -5.73 80.58 46.06
CA GLY C 4304 -4.96 79.60 46.82
C GLY C 4304 -3.60 79.32 46.21
N PHE C 4305 -3.53 79.28 44.87
CA PHE C 4305 -2.26 79.07 44.20
C PHE C 4305 -1.31 80.24 44.47
N PHE C 4306 -1.83 81.46 44.43
CA PHE C 4306 -0.99 82.62 44.75
C PHE C 4306 -0.50 82.58 46.18
N ARG C 4307 -1.37 82.20 47.12
CA ARG C 4307 -0.95 82.09 48.51
C ARG C 4307 0.12 81.03 48.67
N ILE C 4308 -0.02 79.90 47.96
CA ILE C 4308 0.96 78.83 48.05
C ILE C 4308 2.31 79.26 47.50
N ILE C 4309 2.31 79.90 46.32
CA ILE C 4309 3.58 80.29 45.73
C ILE C 4309 4.23 81.42 46.54
N CYS C 4310 3.43 82.24 47.20
CA CYS C 4310 3.96 83.26 48.09
C CYS C 4310 4.17 82.71 49.50
N PHE C 4480 43.42 50.02 62.97
CA PHE C 4480 43.84 51.29 62.41
C PHE C 4480 43.56 51.31 60.91
N TRP C 4481 44.30 50.48 60.16
CA TRP C 4481 44.08 50.39 58.73
C TRP C 4481 42.71 49.82 58.42
N LYS C 4482 42.25 48.85 59.22
CA LYS C 4482 40.94 48.25 59.00
C LYS C 4482 39.81 49.28 59.17
N LYS C 4483 40.09 50.38 59.87
CA LYS C 4483 39.09 51.44 60.00
C LYS C 4483 39.27 52.50 58.94
N ILE C 4484 40.53 52.89 58.66
CA ILE C 4484 40.74 53.94 57.66
C ILE C 4484 40.26 53.48 56.29
N ILE C 4485 40.54 52.22 55.91
CA ILE C 4485 40.13 51.74 54.60
C ILE C 4485 38.60 51.67 54.52
N ALA C 4486 37.96 51.24 55.61
CA ALA C 4486 36.51 51.16 55.62
C ALA C 4486 35.87 52.54 55.45
N TYR C 4487 36.41 53.54 56.14
CA TYR C 4487 35.83 54.88 56.03
C TYR C 4487 36.08 55.46 54.65
N GLN C 4488 37.27 55.21 54.09
CA GLN C 4488 37.55 55.64 52.72
C GLN C 4488 36.56 55.00 51.75
N GLN C 4489 36.29 53.72 51.92
CA GLN C 4489 35.34 53.03 51.06
C GLN C 4489 33.94 53.62 51.20
N LYS C 4490 33.55 53.97 52.43
CA LYS C 4490 32.25 54.58 52.63
C LYS C 4490 32.15 55.91 51.89
N LEU C 4491 33.19 56.74 51.99
CA LEU C 4491 33.18 58.02 51.27
C LEU C 4491 33.13 57.82 49.76
N LEU C 4492 33.92 56.87 49.25
CA LEU C 4492 33.93 56.60 47.82
C LEU C 4492 32.56 56.16 47.35
N ASN C 4493 31.91 55.28 48.12
CA ASN C 4493 30.58 54.79 47.77
C ASN C 4493 29.58 55.93 47.78
N TYR C 4494 29.66 56.82 48.77
CA TYR C 4494 28.74 57.95 48.83
C TYR C 4494 28.87 58.83 47.60
N PHE C 4495 30.11 59.17 47.24
CA PHE C 4495 30.30 60.05 46.09
C PHE C 4495 29.85 59.37 44.79
N ALA C 4496 30.17 58.09 44.63
CA ALA C 4496 29.74 57.37 43.43
C ALA C 4496 28.23 57.30 43.35
N ARG C 4497 27.56 57.10 44.49
CA ARG C 4497 26.11 57.08 44.51
C ARG C 4497 25.53 58.42 44.10
N ASN C 4498 26.11 59.51 44.59
CA ASN C 4498 25.53 60.84 44.41
C ASN C 4498 26.17 61.60 43.25
N PHE C 4499 26.90 60.92 42.36
CA PHE C 4499 27.55 61.60 41.25
C PHE C 4499 26.56 62.41 40.41
N TYR C 4500 25.45 61.81 40.01
CA TYR C 4500 24.51 62.49 39.11
C TYR C 4500 23.79 63.64 39.81
N ASN C 4501 23.37 63.46 41.06
CA ASN C 4501 22.67 64.52 41.76
C ASN C 4501 23.54 65.77 41.89
N MET C 4502 24.82 65.57 42.19
CA MET C 4502 25.76 66.69 42.21
C MET C 4502 25.91 67.36 40.84
N ARG C 4503 25.86 66.61 39.75
CA ARG C 4503 25.89 67.19 38.42
C ARG C 4503 24.64 68.01 38.12
N MET C 4504 23.48 67.62 38.64
CA MET C 4504 22.31 68.48 38.56
C MET C 4504 22.44 69.72 39.41
N LEU C 4505 22.96 69.56 40.63
CA LEU C 4505 23.10 70.69 41.54
C LEU C 4505 24.08 71.71 40.98
N ALA C 4506 25.13 71.26 40.29
CA ALA C 4506 26.06 72.21 39.67
C ALA C 4506 25.36 73.05 38.61
N LEU C 4507 24.52 72.44 37.80
CA LEU C 4507 23.79 73.19 36.77
C LEU C 4507 22.82 74.17 37.41
N PHE C 4508 22.11 73.75 38.45
CA PHE C 4508 21.18 74.65 39.12
C PHE C 4508 21.91 75.85 39.73
N VAL C 4509 23.05 75.60 40.38
CA VAL C 4509 23.84 76.70 40.93
C VAL C 4509 24.38 77.59 39.84
N ALA C 4510 24.76 77.03 38.70
CA ALA C 4510 25.21 77.81 37.57
C ALA C 4510 24.12 78.72 37.01
N PHE C 4511 22.89 78.24 36.91
CA PHE C 4511 21.76 79.09 36.53
C PHE C 4511 21.47 80.17 37.57
N ALA C 4512 21.58 79.85 38.85
CA ALA C 4512 21.39 80.86 39.89
C ALA C 4512 22.45 81.95 39.86
N ILE C 4513 23.72 81.57 39.71
CA ILE C 4513 24.80 82.54 39.66
C ILE C 4513 24.64 83.45 38.45
N ASN C 4514 24.32 82.87 37.30
CA ASN C 4514 24.16 83.65 36.08
C ASN C 4514 22.93 84.55 36.12
N PHE C 4515 21.87 84.16 36.83
CA PHE C 4515 20.74 85.04 37.02
C PHE C 4515 21.07 86.19 37.96
N ILE C 4516 21.86 85.94 39.00
CA ILE C 4516 22.31 87.03 39.85
C ILE C 4516 23.22 87.98 39.08
N LEU C 4517 24.09 87.43 38.22
CA LEU C 4517 25.02 88.24 37.45
C LEU C 4517 24.32 89.12 36.43
N LEU C 4518 23.05 88.88 36.15
CA LEU C 4518 22.32 89.66 35.17
C LEU C 4518 21.90 91.02 35.71
N PHE C 4519 22.00 91.23 37.02
CA PHE C 4519 21.71 92.51 37.65
C PHE C 4519 23.00 93.25 37.99
N TYR C 4520 24.03 93.04 37.18
CA TYR C 4520 25.34 93.66 37.30
C TYR C 4520 25.46 94.85 36.35
N LYS C 4521 26.10 95.91 36.82
CA LYS C 4521 26.39 97.06 35.98
C LYS C 4521 27.79 97.58 36.25
N VAL C 4522 28.35 98.24 35.25
CA VAL C 4522 29.66 98.88 35.40
C VAL C 4522 29.45 100.31 35.90
N SER C 4523 30.44 100.82 36.62
CA SER C 4523 30.40 102.18 37.14
C SER C 4523 31.76 102.82 36.96
N THR C 4524 31.78 104.15 36.91
CA THR C 4524 33.01 104.91 36.76
C THR C 4524 33.19 105.91 37.90
N ILE C 4555 39.34 103.34 31.09
CA ILE C 4555 38.25 103.71 31.98
C ILE C 4555 38.34 102.94 33.28
N ALA C 4556 37.48 103.28 34.24
CA ALA C 4556 37.42 102.61 35.54
C ALA C 4556 36.38 101.51 35.45
N VAL C 4557 36.84 100.26 35.44
CA VAL C 4557 35.98 99.09 35.39
C VAL C 4557 35.80 98.59 36.82
N HIS C 4558 34.58 98.64 37.33
CA HIS C 4558 34.28 98.31 38.71
C HIS C 4558 33.47 97.02 38.77
N TYR C 4559 33.88 96.11 39.64
CA TYR C 4559 33.11 94.90 39.92
C TYR C 4559 32.09 95.22 41.01
N VAL C 4560 31.04 95.96 40.64
CA VAL C 4560 30.02 96.42 41.56
C VAL C 4560 28.68 95.84 41.13
N LEU C 4561 28.07 95.07 42.03
CA LEU C 4561 26.72 94.55 41.80
C LEU C 4561 25.71 95.50 42.40
N GLU C 4562 24.84 96.06 41.56
CA GLU C 4562 23.84 97.03 41.99
C GLU C 4562 22.48 96.34 42.05
N GLU C 4563 21.83 96.42 43.21
CA GLU C 4563 20.52 95.83 43.39
C GLU C 4563 19.81 96.54 44.53
N SER C 4564 18.48 96.42 44.54
CA SER C 4564 17.68 97.07 45.58
C SER C 4564 17.76 96.30 46.90
N SER C 4565 17.77 94.97 46.84
CA SER C 4565 17.77 94.16 48.06
C SER C 4565 19.09 94.31 48.82
N GLY C 4566 20.21 94.16 48.11
CA GLY C 4566 21.52 94.26 48.69
C GLY C 4566 22.08 92.95 49.20
N TYR C 4567 21.25 91.91 49.30
CA TYR C 4567 21.70 90.65 49.85
C TYR C 4567 22.30 89.77 48.75
N MET C 4568 22.04 90.09 47.48
CA MET C 4568 22.53 89.22 46.40
C MET C 4568 24.05 89.24 46.31
N GLU C 4569 24.69 90.27 46.87
CA GLU C 4569 26.15 90.32 46.84
C GLU C 4569 26.79 89.22 47.67
N PRO C 4570 26.47 89.05 48.96
CA PRO C 4570 26.98 87.86 49.68
C PRO C 4570 26.50 86.55 49.08
N THR C 4571 25.28 86.54 48.55
CA THR C 4571 24.74 85.32 47.94
C THR C 4571 25.59 84.88 46.76
N LEU C 4572 26.11 85.83 45.98
CA LEU C 4572 26.98 85.49 44.88
C LEU C 4572 28.26 84.79 45.33
N ARG C 4573 28.92 85.29 46.37
CA ARG C 4573 30.11 84.63 46.90
C ARG C 4573 29.80 83.24 47.46
N ILE C 4574 28.71 83.12 48.21
CA ILE C 4574 28.34 81.82 48.76
C ILE C 4574 28.07 80.83 47.63
N LEU C 4575 27.34 81.28 46.60
CA LEU C 4575 27.00 80.40 45.49
C LEU C 4575 28.26 80.02 44.70
N ALA C 4576 29.20 80.95 44.54
CA ALA C 4576 30.43 80.63 43.84
C ALA C 4576 31.25 79.58 44.60
N ILE C 4577 31.36 79.74 45.91
CA ILE C 4577 32.08 78.75 46.71
C ILE C 4577 31.39 77.39 46.63
N LEU C 4578 30.06 77.38 46.74
CA LEU C 4578 29.32 76.13 46.66
C LEU C 4578 29.50 75.48 45.29
N HIS C 4579 29.50 76.28 44.22
CA HIS C 4579 29.69 75.74 42.89
C HIS C 4579 31.07 75.11 42.73
N THR C 4580 32.11 75.76 43.24
CA THR C 4580 33.44 75.17 43.18
C THR C 4580 33.53 73.87 43.96
N VAL C 4581 32.94 73.82 45.16
CA VAL C 4581 32.93 72.60 45.94
C VAL C 4581 32.21 71.47 45.20
N ILE C 4582 31.04 71.78 44.62
CA ILE C 4582 30.29 70.76 43.90
C ILE C 4582 31.05 70.30 42.66
N SER C 4583 31.75 71.22 42.00
CA SER C 4583 32.56 70.84 40.84
C SER C 4583 33.68 69.88 41.23
N PHE C 4584 34.33 70.13 42.37
CA PHE C 4584 35.34 69.19 42.84
C PHE C 4584 34.71 67.83 43.18
N PHE C 4585 33.56 67.86 43.84
CA PHE C 4585 32.86 66.64 44.19
C PHE C 4585 32.42 65.84 42.97
N CYS C 4586 32.08 66.50 41.88
CA CYS C 4586 31.71 65.81 40.65
C CYS C 4586 32.89 65.11 40.00
N ILE C 4587 34.11 65.63 40.17
CA ILE C 4587 35.31 64.94 39.70
C ILE C 4587 35.55 63.72 40.57
N ILE C 4588 35.40 63.90 41.88
CA ILE C 4588 35.60 62.77 42.79
C ILE C 4588 34.60 61.67 42.48
N GLY C 4589 33.34 62.02 42.31
CA GLY C 4589 32.33 61.02 42.01
C GLY C 4589 32.56 60.32 40.69
N TYR C 4590 32.99 61.08 39.67
CA TYR C 4590 33.37 60.45 38.41
C TYR C 4590 34.47 59.44 38.61
N TYR C 4591 35.51 59.81 39.37
CA TYR C 4591 36.61 58.87 39.62
C TYR C 4591 36.12 57.62 40.33
N CYS C 4592 35.22 57.77 41.29
CA CYS C 4592 34.72 56.61 42.03
C CYS C 4592 33.78 55.74 41.20
N LEU C 4593 33.06 56.33 40.25
CA LEU C 4593 31.99 55.61 39.57
C LEU C 4593 32.35 55.14 38.16
N LYS C 4594 32.81 56.03 37.28
CA LYS C 4594 32.90 55.69 35.87
C LYS C 4594 34.31 55.37 35.40
N VAL C 4595 35.35 55.71 36.17
CA VAL C 4595 36.71 55.31 35.84
C VAL C 4595 36.83 53.79 35.81
N PRO C 4596 36.28 53.04 36.78
CA PRO C 4596 36.41 51.58 36.71
C PRO C 4596 35.85 50.98 35.44
N LEU C 4597 34.75 51.50 34.89
CA LEU C 4597 34.23 50.97 33.64
C LEU C 4597 35.19 51.22 32.49
N VAL C 4598 35.79 52.42 32.45
CA VAL C 4598 36.76 52.73 31.39
C VAL C 4598 37.96 51.81 31.49
N ILE C 4599 38.48 51.60 32.70
CA ILE C 4599 39.60 50.69 32.88
C ILE C 4599 39.23 49.28 32.49
N PHE C 4600 38.02 48.83 32.85
CA PHE C 4600 37.58 47.48 32.48
C PHE C 4600 37.54 47.32 30.97
N LYS C 4601 36.96 48.29 30.27
CA LYS C 4601 36.88 48.17 28.81
C LYS C 4601 38.26 48.22 28.17
N ARG C 4602 39.15 49.08 28.68
CA ARG C 4602 40.50 49.14 28.11
C ARG C 4602 41.25 47.84 28.33
N GLU C 4603 41.18 47.28 29.54
CA GLU C 4603 41.83 46.01 29.83
C GLU C 4603 41.25 44.88 29.01
N LYS C 4604 39.94 44.88 28.77
CA LYS C 4604 39.34 43.89 27.91
C LYS C 4604 39.85 44.01 26.48
N GLU C 4605 39.88 45.22 25.94
CA GLU C 4605 40.33 45.41 24.56
C GLU C 4605 41.78 44.98 24.38
N VAL C 4606 42.65 45.38 25.31
CA VAL C 4606 44.06 45.06 25.15
C VAL C 4606 44.28 43.56 25.28
N ALA C 4607 43.54 42.91 26.18
CA ALA C 4607 43.67 41.47 26.34
C ALA C 4607 43.20 40.74 25.08
N ARG C 4608 42.07 41.15 24.51
CA ARG C 4608 41.59 40.50 23.30
C ARG C 4608 42.54 40.72 22.14
N LYS C 4609 43.10 41.92 21.99
CA LYS C 4609 44.08 42.16 20.94
C LYS C 4609 45.34 41.34 21.15
N LEU C 4610 45.76 41.18 22.41
CA LEU C 4610 46.94 40.38 22.71
C LEU C 4610 46.72 38.92 22.34
N GLU C 4611 45.55 38.38 22.68
CA GLU C 4611 45.33 36.95 22.49
C GLU C 4611 44.95 36.61 21.06
N PHE C 4612 43.92 37.27 20.52
CA PHE C 4612 43.39 36.86 19.22
C PHE C 4612 44.01 37.65 18.06
N ASP C 4613 44.94 38.55 18.34
CA ASP C 4613 45.64 39.27 17.28
C ASP C 4613 47.14 39.37 17.47
N GLY C 4614 47.65 39.09 18.67
CA GLY C 4614 49.08 39.19 18.92
C GLY C 4614 49.62 40.58 18.71
N LEU C 4615 48.93 41.58 19.26
CA LEU C 4615 49.23 42.98 19.02
C LEU C 4615 50.62 43.38 19.49
N TYR C 4616 51.25 42.59 20.35
CA TYR C 4616 52.62 42.85 20.77
C TYR C 4616 53.54 41.66 20.60
N ILE C 4617 53.05 40.55 20.06
CA ILE C 4617 53.88 39.38 19.80
C ILE C 4617 54.15 39.29 18.30
N THR C 4618 53.07 39.24 17.51
CA THR C 4618 53.23 39.08 16.06
C THR C 4618 53.37 40.44 15.39
N GLU C 4619 52.45 41.35 15.67
CA GLU C 4619 52.40 42.67 15.05
C GLU C 4619 52.70 43.71 16.12
N GLN C 4620 52.82 44.97 15.70
CA GLN C 4620 53.17 46.06 16.57
C GLN C 4620 52.27 47.27 16.30
N PRO C 4621 52.10 48.15 17.29
CA PRO C 4621 51.26 49.33 17.08
C PRO C 4621 51.79 50.21 15.97
N SER C 4622 50.90 51.02 15.40
CA SER C 4622 51.21 51.80 14.21
C SER C 4622 52.12 52.99 14.49
N GLU C 4623 52.56 53.18 15.74
CA GLU C 4623 53.45 54.27 16.13
C GLU C 4623 52.74 55.63 16.01
N ASP C 4624 51.50 55.62 15.55
CA ASP C 4624 50.66 56.82 15.51
C ASP C 4624 49.42 56.67 16.38
N ASP C 4625 49.25 55.52 17.04
CA ASP C 4625 48.12 55.26 17.92
C ASP C 4625 48.59 55.45 19.35
N ILE C 4626 48.18 56.57 19.96
CA ILE C 4626 48.60 56.86 21.33
C ILE C 4626 48.08 55.80 22.29
N LYS C 4627 46.86 55.31 22.04
CA LYS C 4627 46.29 54.26 22.87
C LYS C 4627 47.13 52.99 22.81
N GLY C 4628 47.47 52.55 21.60
CA GLY C 4628 48.26 51.35 21.45
C GLY C 4628 49.64 51.48 22.05
N GLN C 4629 50.27 52.64 21.86
CA GLN C 4629 51.61 52.83 22.41
C GLN C 4629 51.58 52.89 23.94
N TRP C 4630 50.57 53.55 24.51
CA TRP C 4630 50.48 53.63 25.96
C TRP C 4630 50.11 52.30 26.59
N ASP C 4631 49.39 51.44 25.88
CA ASP C 4631 49.01 50.15 26.46
C ASP C 4631 50.18 49.20 26.63
N ARG C 4632 51.36 49.52 26.07
CA ARG C 4632 52.51 48.66 26.24
C ARG C 4632 52.95 48.58 27.70
N LEU C 4633 52.60 49.58 28.50
CA LEU C 4633 53.05 49.59 29.89
C LEU C 4633 52.33 48.54 30.72
N VAL C 4634 51.04 48.30 30.46
CA VAL C 4634 50.22 47.49 31.35
C VAL C 4634 50.47 46.00 31.18
N ILE C 4635 51.07 45.58 30.07
CA ILE C 4635 51.29 44.15 29.84
C ILE C 4635 52.27 43.57 30.86
N ASN C 4636 53.33 44.29 31.19
CA ASN C 4636 54.34 43.81 32.12
C ASN C 4636 53.88 43.85 33.57
N THR C 4637 52.75 44.50 33.85
CA THR C 4637 52.31 44.71 35.22
C THR C 4637 51.84 43.40 35.84
N GLN C 4638 52.11 43.25 37.14
CA GLN C 4638 51.66 42.08 37.86
C GLN C 4638 50.17 42.13 38.14
N SER C 4639 49.61 43.33 38.28
CA SER C 4639 48.20 43.52 38.63
C SER C 4639 47.31 43.67 37.41
N PHE C 4640 47.67 43.03 36.30
CA PHE C 4640 46.87 43.05 35.09
C PHE C 4640 45.59 42.23 35.33
N PRO C 4641 44.68 42.09 34.35
CA PRO C 4641 43.25 42.21 34.64
C PRO C 4641 42.86 42.54 36.07
N ASN C 4642 43.20 43.75 36.53
CA ASN C 4642 42.72 44.18 37.83
C ASN C 4642 41.20 44.31 37.86
N ASN C 4643 40.61 44.83 36.79
CA ASN C 4643 39.16 44.98 36.69
C ASN C 4643 38.53 43.92 35.79
N TYR C 4644 39.17 43.57 34.68
CA TYR C 4644 38.63 42.56 33.78
C TYR C 4644 38.65 41.20 34.46
N TRP C 4645 37.60 40.41 34.23
CA TRP C 4645 37.42 39.17 34.98
C TRP C 4645 38.50 38.15 34.64
N ASP C 4646 38.80 37.99 33.35
CA ASP C 4646 39.68 36.91 32.92
C ASP C 4646 41.09 37.09 33.44
N LYS C 4647 41.46 36.26 34.41
CA LYS C 4647 42.79 36.30 35.02
C LYS C 4647 43.75 35.32 34.38
N PHE C 4648 43.36 34.61 33.33
CA PHE C 4648 44.20 33.61 32.69
C PHE C 4648 44.64 34.06 31.29
N VAL C 4649 44.55 35.35 31.00
CA VAL C 4649 44.94 35.84 29.69
C VAL C 4649 46.44 35.66 29.46
N LYS C 4650 47.24 35.83 30.50
CA LYS C 4650 48.68 35.62 30.37
C LYS C 4650 49.03 34.16 30.14
N ARG C 4651 48.28 33.23 30.70
CA ARG C 4651 48.48 31.81 30.47
C ARG C 4651 47.88 31.36 29.15
N LYS C 4652 46.94 32.12 28.58
CA LYS C 4652 46.39 31.85 27.27
C LYS C 4652 47.32 32.31 26.15
N VAL C 4653 47.84 33.54 26.25
CA VAL C 4653 48.83 34.02 25.29
C VAL C 4653 50.06 33.13 25.34
N MET C 4654 50.42 32.69 26.55
CA MET C 4654 51.55 31.80 26.73
C MET C 4654 51.34 30.51 25.95
N ASP C 4655 50.17 29.90 26.09
CA ASP C 4655 49.87 28.65 25.40
C ASP C 4655 49.70 28.84 23.90
N LYS C 4656 49.32 30.04 23.46
CA LYS C 4656 49.13 30.25 22.03
C LYS C 4656 50.43 30.51 21.30
N TYR C 4657 51.31 31.36 21.85
CA TYR C 4657 52.52 31.76 21.14
C TYR C 4657 53.80 31.32 21.85
N GLY C 4658 53.73 30.32 22.75
CA GLY C 4658 54.92 29.94 23.49
C GLY C 4658 55.94 29.15 22.69
N GLU C 4659 55.51 28.47 21.63
CA GLU C 4659 56.41 27.63 20.86
C GLU C 4659 57.06 28.39 19.70
N PHE C 4660 56.24 29.12 18.93
CA PHE C 4660 56.77 29.78 17.74
C PHE C 4660 57.67 30.94 18.13
N TYR C 4661 57.22 31.79 19.05
CA TYR C 4661 57.96 32.97 19.46
C TYR C 4661 58.78 32.77 20.73
N GLY C 4662 58.83 31.57 21.27
CA GLY C 4662 59.70 31.30 22.39
C GLY C 4662 59.08 31.59 23.74
N ARG C 4663 59.11 30.59 24.63
CA ARG C 4663 58.54 30.75 25.96
C ARG C 4663 59.25 31.84 26.74
N ASP C 4664 60.59 31.87 26.66
CA ASP C 4664 61.35 32.86 27.42
C ASP C 4664 61.09 34.28 26.94
N ARG C 4665 60.69 34.45 25.68
CA ARG C 4665 60.41 35.77 25.14
C ARG C 4665 58.97 36.19 25.44
N ILE C 4666 58.02 35.24 25.35
CA ILE C 4666 56.64 35.53 25.71
C ILE C 4666 56.54 35.88 27.19
N SER C 4667 57.25 35.14 28.04
CA SER C 4667 57.23 35.43 29.47
C SER C 4667 57.80 36.80 29.77
N GLU C 4668 58.87 37.18 29.09
CA GLU C 4668 59.43 38.52 29.28
C GLU C 4668 58.46 39.60 28.81
N LEU C 4669 57.78 39.37 27.69
CA LEU C 4669 56.82 40.37 27.21
C LEU C 4669 55.66 40.54 28.17
N LEU C 4670 55.13 39.44 28.71
CA LEU C 4670 53.98 39.50 29.59
C LEU C 4670 54.35 39.73 31.05
N GLY C 4671 55.63 39.79 31.37
CA GLY C 4671 56.03 40.04 32.74
C GLY C 4671 55.88 38.82 33.62
N MET C 4672 55.63 37.67 33.01
CA MET C 4672 55.53 36.43 33.77
C MET C 4672 56.90 36.01 34.28
N ASP C 4673 56.96 35.67 35.56
CA ASP C 4673 58.22 35.28 36.18
C ASP C 4673 58.34 33.76 36.12
N LYS C 4674 59.48 33.27 35.63
CA LYS C 4674 59.59 31.86 35.26
C LYS C 4674 59.91 30.99 36.48
N ALA C 4675 61.06 31.23 37.12
CA ALA C 4675 61.58 30.28 38.08
C ALA C 4675 60.78 30.26 39.38
N ALA C 4676 60.05 31.33 39.68
CA ALA C 4676 59.37 31.44 40.97
C ALA C 4676 58.31 30.36 41.14
N LEU C 4677 57.57 30.06 40.07
CA LEU C 4677 56.50 29.07 40.17
C LEU C 4677 57.05 27.70 40.56
N ASP C 4678 58.09 27.23 39.85
CA ASP C 4678 58.65 25.92 40.16
C ASP C 4678 59.35 25.92 41.51
N PHE C 4679 60.04 27.03 41.84
CA PHE C 4679 60.79 27.07 43.09
C PHE C 4679 59.84 27.14 44.28
N SER C 4680 58.62 27.63 44.07
CA SER C 4680 57.63 27.65 45.14
C SER C 4680 56.88 26.32 45.21
N ASP C 4681 56.62 25.70 44.06
CA ASP C 4681 56.01 24.37 44.06
C ASP C 4681 56.93 23.34 44.70
N ALA C 4682 58.23 23.56 44.61
CA ALA C 4682 59.20 22.72 45.28
C ALA C 4682 59.26 23.12 46.77
N ARG C 4683 60.29 22.64 47.47
CA ARG C 4683 60.47 23.00 48.86
C ARG C 4683 60.57 24.51 49.00
N GLU C 4684 59.60 25.10 49.70
CA GLU C 4684 59.50 26.56 49.79
C GLU C 4684 59.14 26.95 51.21
N LYS C 4685 59.80 28.00 51.70
CA LYS C 4685 59.47 28.55 53.01
C LYS C 4685 58.11 29.22 52.97
N LYS C 4686 57.33 29.02 54.03
CA LYS C 4686 55.97 29.58 54.12
C LYS C 4686 55.89 30.43 55.39
N LYS C 4687 55.97 31.75 55.20
CA LYS C 4687 55.81 32.70 56.29
C LYS C 4687 55.31 34.01 55.70
N PRO C 4688 54.07 34.40 55.98
CA PRO C 4688 53.57 35.69 55.45
C PRO C 4688 53.94 36.85 56.36
N LYS C 4689 53.79 38.07 55.88
CA LYS C 4689 54.12 39.27 56.63
C LYS C 4689 52.96 40.26 56.57
N LYS C 4690 52.61 40.83 57.71
CA LYS C 4690 51.41 41.66 57.81
C LYS C 4690 51.59 42.96 57.04
N ASP C 4691 50.53 43.37 56.34
CA ASP C 4691 50.57 44.57 55.51
C ASP C 4691 50.45 45.85 56.32
N SER C 4692 50.25 45.75 57.64
CA SER C 4692 50.05 46.94 58.45
C SER C 4692 51.27 47.85 58.43
N SER C 4693 52.44 47.33 58.12
CA SER C 4693 53.64 48.14 58.07
C SER C 4693 53.59 49.11 56.89
N LEU C 4694 54.17 50.29 57.10
CA LEU C 4694 54.22 51.29 56.03
C LEU C 4694 55.05 50.79 54.86
N SER C 4695 56.16 50.10 55.14
CA SER C 4695 56.96 49.52 54.07
C SER C 4695 56.15 48.50 53.28
N ALA C 4696 55.36 47.68 53.97
CA ALA C 4696 54.53 46.70 53.29
C ALA C 4696 53.48 47.35 52.41
N VAL C 4697 52.80 48.37 52.94
CA VAL C 4697 51.74 49.02 52.15
C VAL C 4697 52.34 49.78 50.97
N LEU C 4698 53.58 50.27 51.13
CA LEU C 4698 54.25 50.93 50.02
C LEU C 4698 54.67 49.92 48.95
N ASN C 4699 55.17 48.75 49.37
CA ASN C 4699 55.61 47.75 48.41
C ASN C 4699 54.42 47.09 47.71
N SER C 4700 53.25 47.10 48.35
CA SER C 4700 52.08 46.47 47.77
C SER C 4700 51.65 47.17 46.48
N ILE C 4701 51.80 48.49 46.42
CA ILE C 4701 51.30 49.25 45.28
C ILE C 4701 52.14 48.95 44.05
N ASP C 4702 51.46 48.61 42.95
CA ASP C 4702 52.11 48.39 41.66
C ASP C 4702 52.23 49.74 40.97
N VAL C 4703 53.45 50.29 40.95
CA VAL C 4703 53.64 51.65 40.46
C VAL C 4703 53.31 51.74 38.98
N LYS C 4704 53.76 50.77 38.19
CA LYS C 4704 53.60 50.86 36.74
C LYS C 4704 52.13 50.77 36.33
N TYR C 4705 51.37 49.89 37.00
CA TYR C 4705 49.95 49.78 36.67
C TYR C 4705 49.21 51.05 37.01
N GLN C 4706 49.52 51.66 38.16
CA GLN C 4706 48.89 52.93 38.51
C GLN C 4706 49.28 54.04 37.54
N MET C 4707 50.53 54.02 37.07
CA MET C 4707 50.94 54.95 36.02
C MET C 4707 50.07 54.80 34.78
N TRP C 4708 49.91 53.57 34.31
CA TRP C 4708 49.10 53.35 33.11
C TRP C 4708 47.65 53.75 33.33
N LYS C 4709 47.11 53.44 34.50
CA LYS C 4709 45.74 53.80 34.83
C LYS C 4709 45.56 55.31 34.84
N LEU C 4710 46.51 56.03 35.43
CA LEU C 4710 46.42 57.49 35.46
C LEU C 4710 46.52 58.06 34.07
N GLY C 4711 47.37 57.48 33.21
CA GLY C 4711 47.43 57.93 31.84
C GLY C 4711 46.12 57.74 31.11
N VAL C 4712 45.48 56.58 31.32
CA VAL C 4712 44.19 56.33 30.69
C VAL C 4712 43.15 57.34 31.17
N VAL C 4713 43.11 57.61 32.47
CA VAL C 4713 42.17 58.58 33.00
C VAL C 4713 42.42 59.96 32.42
N PHE C 4714 43.70 60.35 32.32
CA PHE C 4714 44.01 61.67 31.78
C PHE C 4714 43.61 61.78 30.32
N THR C 4715 43.74 60.69 29.56
CA THR C 4715 43.34 60.69 28.16
C THR C 4715 41.83 60.51 27.98
N ASP C 4716 41.09 60.21 29.05
CA ASP C 4716 39.64 60.08 28.96
C ASP C 4716 39.01 61.44 28.65
N ASN C 4717 38.01 61.44 27.78
CA ASN C 4717 37.39 62.68 27.34
C ASN C 4717 36.53 63.29 28.44
N SER C 4718 35.68 62.47 29.08
CA SER C 4718 34.76 62.99 30.07
C SER C 4718 35.49 63.56 31.28
N PHE C 4719 36.57 62.90 31.69
CA PHE C 4719 37.37 63.42 32.79
C PHE C 4719 37.97 64.78 32.41
N LEU C 4720 38.40 64.92 31.16
CA LEU C 4720 38.92 66.20 30.70
C LEU C 4720 37.83 67.28 30.72
N TYR C 4721 36.62 66.92 30.31
CA TYR C 4721 35.52 67.88 30.35
C TYR C 4721 35.22 68.32 31.78
N LEU C 4722 35.21 67.38 32.72
CA LEU C 4722 35.01 67.73 34.12
C LEU C 4722 36.14 68.57 34.67
N ALA C 4723 37.38 68.30 34.28
CA ALA C 4723 38.49 69.16 34.68
C ALA C 4723 38.34 70.57 34.15
N TRP C 4724 37.89 70.71 32.90
CA TRP C 4724 37.62 72.02 32.35
C TRP C 4724 36.53 72.73 33.13
N TYR C 4725 35.47 72.00 33.49
CA TYR C 4725 34.41 72.55 34.31
C TYR C 4725 34.97 73.09 35.63
N MET C 4726 35.78 72.30 36.31
CA MET C 4726 36.35 72.73 37.58
C MET C 4726 37.27 73.93 37.40
N THR C 4727 38.07 73.94 36.33
CA THR C 4727 38.97 75.06 36.09
C THR C 4727 38.19 76.34 35.87
N MET C 4728 37.11 76.28 35.09
CA MET C 4728 36.32 77.48 34.88
C MET C 4728 35.63 77.91 36.17
N SER C 4729 35.19 76.95 36.99
CA SER C 4729 34.62 77.29 38.28
C SER C 4729 35.63 78.02 39.16
N VAL C 4730 36.89 77.57 39.16
CA VAL C 4730 37.93 78.25 39.92
C VAL C 4730 38.18 79.65 39.38
N LEU C 4731 38.27 79.79 38.05
CA LEU C 4731 38.51 81.10 37.45
C LEU C 4731 37.35 82.06 37.71
N GLY C 4732 36.15 81.52 37.92
CA GLY C 4732 35.00 82.35 38.23
C GLY C 4732 35.18 83.19 39.48
N HIS C 4733 36.04 82.76 40.39
CA HIS C 4733 36.31 83.57 41.58
C HIS C 4733 37.12 84.80 41.23
N TYR C 4734 38.10 84.66 40.34
CA TYR C 4734 38.85 85.83 39.89
C TYR C 4734 37.98 86.75 39.04
N ASN C 4735 37.18 86.17 38.14
CA ASN C 4735 36.24 86.96 37.35
C ASN C 4735 34.90 86.24 37.32
N ASN C 4736 33.88 86.88 37.89
CA ASN C 4736 32.59 86.23 38.06
C ASN C 4736 31.95 85.84 36.74
N PHE C 4737 32.27 86.53 35.66
CA PHE C 4737 31.65 86.22 34.37
C PHE C 4737 32.16 84.93 33.75
N PHE C 4738 33.20 84.33 34.31
CA PHE C 4738 33.64 83.01 33.87
C PHE C 4738 32.63 81.93 34.21
N PHE C 4739 31.68 82.21 35.08
CA PHE C 4739 30.64 81.26 35.43
C PHE C 4739 29.63 81.07 34.32
N ALA C 4740 29.62 81.95 33.32
CA ALA C 4740 28.70 81.82 32.20
C ALA C 4740 29.08 80.66 31.29
N ALA C 4741 30.33 80.22 31.31
CA ALA C 4741 30.73 79.09 30.49
C ALA C 4741 30.06 77.81 30.94
N HIS C 4742 29.63 77.75 32.20
CA HIS C 4742 28.97 76.55 32.70
C HIS C 4742 27.56 76.39 32.17
N LEU C 4743 26.99 77.42 31.55
CA LEU C 4743 25.70 77.27 30.88
C LEU C 4743 25.82 76.48 29.59
N LEU C 4744 27.04 76.22 29.11
CA LEU C 4744 27.27 75.35 27.97
C LEU C 4744 27.10 73.89 28.32
N ASP C 4745 26.82 73.60 29.59
CA ASP C 4745 26.64 72.24 30.07
C ASP C 4745 25.22 71.74 29.90
N ILE C 4746 24.29 72.58 29.47
CA ILE C 4746 22.91 72.14 29.30
C ILE C 4746 22.77 71.10 28.21
N ALA C 4747 23.60 71.19 27.17
CA ALA C 4747 23.54 70.23 26.07
C ALA C 4747 23.76 68.81 26.57
N MET C 4748 24.62 68.64 27.58
CA MET C 4748 24.88 67.33 28.17
C MET C 4748 23.94 67.04 29.34
N GLY C 4749 23.51 68.09 30.05
CA GLY C 4749 22.63 67.87 31.18
C GLY C 4749 21.26 67.35 30.78
N PHE C 4750 20.68 67.94 29.73
CA PHE C 4750 19.33 67.58 29.30
C PHE C 4750 19.38 66.73 28.04
N LYS C 4751 18.72 65.57 28.09
CA LYS C 4751 18.62 64.72 26.92
C LYS C 4751 17.69 65.30 25.86
N THR C 4752 16.77 66.18 26.27
CA THR C 4752 15.86 66.79 25.31
C THR C 4752 16.58 67.68 24.32
N LEU C 4753 17.58 68.45 24.77
CA LEU C 4753 18.36 69.28 23.87
C LEU C 4753 19.21 68.46 22.92
N ARG C 4754 19.45 67.18 23.24
CA ARG C 4754 20.24 66.33 22.37
C ARG C 4754 19.57 66.15 21.02
N THR C 4755 18.24 65.97 21.03
CA THR C 4755 17.52 65.79 19.78
C THR C 4755 17.63 67.02 18.89
N ILE C 4756 17.50 68.22 19.48
CA ILE C 4756 17.61 69.44 18.71
C ILE C 4756 19.03 69.62 18.18
N LEU C 4757 20.03 69.37 19.02
CA LEU C 4757 21.41 69.63 18.61
C LEU C 4757 21.89 68.59 17.60
N SER C 4758 21.30 67.39 17.63
CA SER C 4758 21.71 66.34 16.70
C SER C 4758 21.42 66.73 15.27
N SER C 4759 20.43 67.60 15.05
CA SER C 4759 20.17 68.10 13.71
C SER C 4759 21.38 68.86 13.18
N VAL C 4760 22.01 69.68 14.02
CA VAL C 4760 23.20 70.41 13.60
C VAL C 4760 24.39 69.46 13.49
N THR C 4761 24.59 68.60 14.48
CA THR C 4761 25.81 67.80 14.53
C THR C 4761 25.76 66.62 13.55
N HIS C 4762 24.57 66.24 13.09
CA HIS C 4762 24.47 65.10 12.19
C HIS C 4762 25.21 65.36 10.88
N ASN C 4763 25.09 66.57 10.35
CA ASN C 4763 25.70 66.96 9.09
C ASN C 4763 26.73 68.07 9.29
N GLY C 4764 27.53 67.96 10.35
CA GLY C 4764 28.49 69.02 10.65
C GLY C 4764 29.57 69.14 9.59
N LYS C 4765 30.05 68.02 9.07
CA LYS C 4765 31.06 68.06 8.02
C LYS C 4765 30.53 68.76 6.78
N GLN C 4766 29.30 68.44 6.38
CA GLN C 4766 28.69 69.09 5.23
C GLN C 4766 28.46 70.57 5.51
N LEU C 4767 28.06 70.91 6.73
CA LEU C 4767 27.87 72.32 7.08
C LEU C 4767 29.16 73.12 7.03
N VAL C 4768 30.29 72.52 7.44
CA VAL C 4768 31.57 73.19 7.35
C VAL C 4768 32.03 73.32 5.90
N LEU C 4769 31.82 72.27 5.10
CA LEU C 4769 32.20 72.34 3.70
C LEU C 4769 31.36 73.37 2.95
N THR C 4770 30.10 73.53 3.33
CA THR C 4770 29.25 74.54 2.71
C THR C 4770 29.79 75.94 2.99
N VAL C 4771 30.22 76.20 4.22
CA VAL C 4771 30.86 77.47 4.54
C VAL C 4771 32.15 77.68 3.78
N GLY C 4772 32.97 76.64 3.63
CA GLY C 4772 34.17 76.75 2.82
C GLY C 4772 33.87 77.10 1.37
N LEU C 4773 32.86 76.44 0.81
CA LEU C 4773 32.45 76.73 -0.56
C LEU C 4773 31.92 78.16 -0.68
N LEU C 4774 31.18 78.62 0.32
CA LEU C 4774 30.71 80.00 0.32
C LEU C 4774 31.89 80.97 0.34
N ALA C 4775 32.90 80.68 1.15
CA ALA C 4775 34.10 81.50 1.19
C ALA C 4775 34.84 81.52 -0.13
N VAL C 4776 34.88 80.41 -0.85
CA VAL C 4776 35.49 80.40 -2.17
C VAL C 4776 34.68 81.20 -3.19
N VAL C 4777 33.35 81.06 -3.18
CA VAL C 4777 32.52 81.81 -4.12
C VAL C 4777 32.64 83.31 -3.88
N VAL C 4778 32.59 83.71 -2.60
CA VAL C 4778 32.79 85.11 -2.25
C VAL C 4778 34.16 85.61 -2.64
N TYR C 4779 35.19 84.77 -2.54
CA TYR C 4779 36.51 85.17 -3.00
C TYR C 4779 36.55 85.39 -4.51
N LEU C 4780 35.87 84.55 -5.27
CA LEU C 4780 35.80 84.76 -6.73
C LEU C 4780 35.09 86.06 -7.05
N TYR C 4781 33.98 86.33 -6.36
CA TYR C 4781 33.29 87.60 -6.55
C TYR C 4781 34.17 88.78 -6.18
N THR C 4782 34.96 88.62 -5.12
CA THR C 4782 35.91 89.67 -4.74
C THR C 4782 36.94 89.89 -5.82
N VAL C 4783 37.44 88.82 -6.44
CA VAL C 4783 38.39 88.96 -7.53
C VAL C 4783 37.78 89.77 -8.67
N VAL C 4784 36.54 89.42 -9.05
CA VAL C 4784 35.89 90.12 -10.15
C VAL C 4784 35.69 91.59 -9.81
N ALA C 4785 35.22 91.89 -8.59
CA ALA C 4785 34.96 93.27 -8.20
C ALA C 4785 36.25 94.07 -8.13
N PHE C 4786 37.31 93.47 -7.61
CA PHE C 4786 38.60 94.14 -7.51
C PHE C 4786 39.19 94.45 -8.88
N ASN C 4787 39.04 93.54 -9.84
CA ASN C 4787 39.55 93.80 -11.19
C ASN C 4787 38.70 94.76 -12.00
N PHE C 4788 37.37 94.76 -11.83
CA PHE C 4788 36.51 95.50 -12.73
C PHE C 4788 35.62 96.54 -12.08
N PHE C 4789 35.25 96.39 -10.82
CA PHE C 4789 34.28 97.29 -10.22
C PHE C 4789 34.80 97.98 -8.98
N ARG C 4790 36.04 98.46 -9.02
CA ARG C 4790 36.65 99.12 -7.87
C ARG C 4790 36.07 100.50 -7.62
N LYS C 4791 35.34 101.06 -8.58
CA LYS C 4791 34.84 102.43 -8.49
C LYS C 4791 33.59 102.55 -7.62
N PHE C 4792 32.81 101.49 -7.49
CA PHE C 4792 31.53 101.52 -6.79
C PHE C 4792 31.66 101.22 -5.31
N TYR C 4793 32.88 101.04 -4.79
CA TYR C 4793 33.07 100.60 -3.42
C TYR C 4793 33.48 101.73 -2.48
N ASN C 4794 33.21 102.97 -2.85
CA ASN C 4794 33.40 104.07 -1.91
C ASN C 4794 32.31 104.03 -0.85
N LYS C 4795 32.73 104.07 0.41
CA LYS C 4795 31.80 103.95 1.54
C LYS C 4795 31.83 105.18 2.43
N SER C 4796 32.24 106.32 1.90
CA SER C 4796 32.34 107.56 2.67
C SER C 4796 31.28 108.54 2.19
N GLU C 4797 30.56 109.14 3.13
CA GLU C 4797 29.52 110.10 2.77
C GLU C 4797 30.11 111.46 2.44
N ASP C 4798 31.01 111.97 3.27
CA ASP C 4798 31.69 113.24 3.01
C ASP C 4798 32.67 113.06 1.87
N GLY C 4799 32.59 113.95 0.88
CA GLY C 4799 33.40 113.78 -0.33
C GLY C 4799 34.87 114.08 -0.11
N ASP C 4800 35.18 114.84 0.94
CA ASP C 4800 36.56 115.28 1.14
C ASP C 4800 37.49 114.10 1.43
N THR C 4801 37.02 113.13 2.22
CA THR C 4801 37.82 111.94 2.51
C THR C 4801 37.16 110.70 1.91
N PRO C 4802 37.70 110.15 0.82
CA PRO C 4802 37.14 108.90 0.28
C PRO C 4802 37.60 107.70 1.10
N ASP C 4803 36.67 106.81 1.39
CA ASP C 4803 36.95 105.56 2.10
C ASP C 4803 36.62 104.41 1.17
N MET C 4804 37.63 103.93 0.45
CA MET C 4804 37.45 102.88 -0.54
C MET C 4804 37.69 101.52 0.10
N LYS C 4805 36.73 100.62 -0.07
CA LYS C 4805 36.77 99.31 0.58
C LYS C 4805 37.30 98.21 -0.33
N CYS C 4806 37.67 98.52 -1.57
CA CYS C 4806 38.14 97.49 -2.48
C CYS C 4806 39.41 97.91 -3.22
N ASP C 4807 40.15 98.88 -2.68
CA ASP C 4807 41.46 99.17 -3.23
C ASP C 4807 42.49 98.12 -2.84
N ASP C 4808 42.21 97.38 -1.78
CA ASP C 4808 43.08 96.30 -1.32
C ASP C 4808 42.32 94.98 -1.47
N MET C 4809 43.04 93.94 -1.87
CA MET C 4809 42.41 92.63 -2.04
C MET C 4809 41.86 92.10 -0.73
N LEU C 4810 42.65 92.16 0.34
CA LEU C 4810 42.20 91.63 1.62
C LEU C 4810 41.03 92.44 2.18
N THR C 4811 41.10 93.76 2.05
CA THR C 4811 40.00 94.60 2.52
C THR C 4811 38.73 94.33 1.74
N CYS C 4812 38.85 94.16 0.42
CA CYS C 4812 37.68 93.92 -0.41
C CYS C 4812 37.06 92.56 -0.08
N TYR C 4813 37.90 91.55 0.14
CA TYR C 4813 37.39 90.25 0.54
C TYR C 4813 36.72 90.31 1.90
N MET C 4814 37.29 91.06 2.83
CA MET C 4814 36.68 91.24 4.14
C MET C 4814 35.31 91.89 4.01
N PHE C 4815 35.23 92.93 3.18
CA PHE C 4815 33.95 93.60 2.92
C PHE C 4815 32.93 92.62 2.37
N HIS C 4816 33.29 91.88 1.33
CA HIS C 4816 32.35 90.94 0.74
C HIS C 4816 31.92 89.86 1.70
N MET C 4817 32.85 89.33 2.50
CA MET C 4817 32.53 88.27 3.45
C MET C 4817 31.66 88.76 4.60
N TYR C 4818 31.83 90.00 5.02
CA TYR C 4818 31.10 90.50 6.19
C TYR C 4818 29.81 91.20 5.77
N VAL C 4819 29.94 92.33 5.08
CA VAL C 4819 28.78 93.18 4.81
C VAL C 4819 27.90 92.56 3.73
N GLY C 4820 28.51 92.11 2.64
CA GLY C 4820 27.76 91.54 1.54
C GLY C 4820 27.01 90.28 1.93
N VAL C 4821 27.66 89.42 2.71
CA VAL C 4821 27.02 88.18 3.12
C VAL C 4821 25.90 88.45 4.12
N ARG C 4822 26.15 89.35 5.10
CA ARG C 4822 25.11 89.60 6.09
C ARG C 4822 23.96 90.41 5.50
N ALA C 4823 24.19 91.08 4.37
CA ALA C 4823 23.12 91.86 3.75
C ALA C 4823 22.05 90.96 3.21
N GLY C 4824 20.81 91.43 3.28
CA GLY C 4824 19.67 90.64 2.84
C GLY C 4824 19.53 90.60 1.33
N GLY C 4825 19.96 91.65 0.65
CA GLY C 4825 19.88 91.72 -0.79
C GLY C 4825 21.18 91.48 -1.53
N GLY C 4826 22.28 91.23 -0.81
CA GLY C 4826 23.55 91.04 -1.45
C GLY C 4826 24.44 92.27 -1.36
N ILE C 4827 25.55 92.20 -2.09
CA ILE C 4827 26.53 93.27 -2.08
C ILE C 4827 26.00 94.52 -2.78
N GLY C 4828 25.00 94.37 -3.65
CA GLY C 4828 24.41 95.50 -4.32
C GLY C 4828 23.62 96.41 -3.41
N ASP C 4829 23.16 95.89 -2.28
CA ASP C 4829 22.50 96.71 -1.27
C ASP C 4829 23.46 97.67 -0.58
N GLU C 4830 24.76 97.39 -0.63
CA GLU C 4830 25.74 98.17 0.11
C GLU C 4830 26.70 98.94 -0.77
N ILE C 4831 26.86 98.56 -2.03
CA ILE C 4831 27.75 99.28 -2.93
C ILE C 4831 26.93 100.26 -3.77
N GLU C 4832 27.64 101.17 -4.44
CA GLU C 4832 27.03 102.31 -5.10
C GLU C 4832 26.14 101.89 -6.26
N ASP C 4833 25.10 102.68 -6.49
CA ASP C 4833 24.15 102.40 -7.57
C ASP C 4833 24.83 102.55 -8.93
N PRO C 4834 24.60 101.62 -9.85
CA PRO C 4834 25.36 101.63 -11.11
C PRO C 4834 24.67 102.34 -12.27
N ALA C 4835 23.60 103.06 -12.00
CA ALA C 4835 22.83 103.70 -13.08
C ALA C 4835 23.68 104.70 -13.83
N GLY C 4836 23.53 104.71 -15.16
CA GLY C 4836 24.28 105.62 -16.00
C GLY C 4836 25.77 105.37 -16.04
N ASP C 4837 26.17 104.11 -16.16
CA ASP C 4837 27.58 103.75 -16.26
C ASP C 4837 27.77 102.75 -17.38
N GLU C 4838 28.99 102.73 -17.94
CA GLU C 4838 29.26 101.84 -19.06
C GLU C 4838 29.24 100.38 -18.64
N TYR C 4839 29.42 100.10 -17.35
CA TYR C 4839 29.40 98.73 -16.83
C TYR C 4839 28.10 98.42 -16.10
N GLU C 4840 27.01 99.10 -16.46
CA GLU C 4840 25.74 98.93 -15.75
C GLU C 4840 25.23 97.50 -15.87
N ILE C 4841 25.22 96.96 -17.08
CA ILE C 4841 24.67 95.61 -17.28
C ILE C 4841 25.53 94.58 -16.57
N TYR C 4842 26.85 94.69 -16.70
CA TYR C 4842 27.74 93.74 -16.05
C TYR C 4842 27.59 93.79 -14.54
N ARG C 4843 27.48 94.99 -13.98
CA ARG C 4843 27.32 95.13 -12.54
C ARG C 4843 25.98 94.60 -12.07
N ILE C 4844 24.92 94.79 -12.87
CA ILE C 4844 23.62 94.24 -12.52
C ILE C 4844 23.66 92.73 -12.51
N ILE C 4845 24.30 92.13 -13.50
CA ILE C 4845 24.47 90.68 -13.53
C ILE C 4845 25.27 90.23 -12.31
N PHE C 4846 26.32 90.98 -11.98
CA PHE C 4846 27.14 90.68 -10.81
C PHE C 4846 26.29 90.62 -9.54
N ASP C 4847 25.49 91.66 -9.32
CA ASP C 4847 24.65 91.73 -8.12
C ASP C 4847 23.60 90.63 -8.09
N ILE C 4848 22.92 90.40 -9.22
CA ILE C 4848 21.87 89.38 -9.25
C ILE C 4848 22.44 88.00 -9.01
N THR C 4849 23.58 87.69 -9.64
CA THR C 4849 24.19 86.38 -9.44
C THR C 4849 24.68 86.23 -8.00
N PHE C 4850 25.24 87.28 -7.41
CA PHE C 4850 25.63 87.21 -6.01
C PHE C 4850 24.42 86.89 -5.13
N PHE C 4851 23.32 87.62 -5.33
CA PHE C 4851 22.12 87.40 -4.53
C PHE C 4851 21.61 85.98 -4.70
N PHE C 4852 21.59 85.49 -5.94
CA PHE C 4852 21.02 84.17 -6.20
C PHE C 4852 21.88 83.06 -5.63
N PHE C 4853 23.18 83.09 -5.90
CA PHE C 4853 24.05 81.98 -5.52
C PHE C 4853 24.36 81.99 -4.03
N VAL C 4854 24.64 83.17 -3.47
CA VAL C 4854 25.10 83.23 -2.09
C VAL C 4854 23.92 83.33 -1.14
N ILE C 4855 23.11 84.37 -1.30
CA ILE C 4855 22.05 84.64 -0.33
C ILE C 4855 20.96 83.58 -0.41
N VAL C 4856 20.60 83.15 -1.62
CA VAL C 4856 19.44 82.29 -1.80
C VAL C 4856 19.81 80.82 -1.71
N ILE C 4857 20.80 80.39 -2.49
CA ILE C 4857 21.04 78.96 -2.66
C ILE C 4857 21.83 78.38 -1.50
N LEU C 4858 22.97 78.99 -1.15
CA LEU C 4858 23.85 78.38 -0.15
C LEU C 4858 23.18 78.33 1.22
N LEU C 4859 22.51 79.40 1.63
CA LEU C 4859 21.75 79.39 2.86
C LEU C 4859 20.63 78.35 2.82
N ALA C 4860 19.98 78.20 1.66
CA ALA C 4860 19.04 77.11 1.46
C ALA C 4860 19.71 75.75 1.61
N ILE C 4861 20.96 75.61 1.18
CA ILE C 4861 21.66 74.34 1.37
C ILE C 4861 21.85 74.06 2.85
N ILE C 4862 22.24 75.07 3.63
CA ILE C 4862 22.42 74.87 5.07
C ILE C 4862 21.11 74.45 5.72
N GLN C 4863 20.03 75.17 5.40
CA GLN C 4863 18.73 74.86 5.99
C GLN C 4863 18.27 73.47 5.58
N GLY C 4864 18.49 73.10 4.32
CA GLY C 4864 18.14 71.77 3.87
C GLY C 4864 18.92 70.68 4.57
N LEU C 4865 20.19 70.96 4.86
CA LEU C 4865 20.99 70.00 5.62
C LEU C 4865 20.39 69.78 7.01
N ILE C 4866 19.97 70.86 7.67
CA ILE C 4866 19.36 70.70 8.99
C ILE C 4866 18.07 69.91 8.90
N ILE C 4867 17.21 70.25 7.93
CA ILE C 4867 15.93 69.56 7.80
C ILE C 4867 16.14 68.08 7.48
N ASP C 4868 17.07 67.79 6.59
CA ASP C 4868 17.37 66.41 6.25
C ASP C 4868 17.94 65.65 7.45
N ALA C 4869 18.71 66.31 8.30
CA ALA C 4869 19.17 65.66 9.53
C ALA C 4869 17.99 65.28 10.40
N PHE C 4870 17.03 66.19 10.58
CA PHE C 4870 15.81 65.86 11.32
C PHE C 4870 15.14 64.62 10.74
N GLY C 4871 14.90 64.64 9.42
CA GLY C 4871 14.21 63.52 8.79
C GLY C 4871 14.95 62.21 8.91
N GLU C 4872 16.27 62.26 8.74
CA GLU C 4872 17.08 61.05 8.83
C GLU C 4872 17.04 60.46 10.22
N LEU C 4873 17.15 61.30 11.25
CA LEU C 4873 17.08 60.78 12.61
C LEU C 4873 15.73 60.15 12.90
N ARG C 4874 14.65 60.79 12.47
CA ARG C 4874 13.33 60.21 12.67
C ARG C 4874 13.17 58.89 11.94
N ASP C 4875 13.67 58.81 10.71
CA ASP C 4875 13.58 57.57 9.94
C ASP C 4875 14.40 56.46 10.60
N GLN C 4876 15.57 56.79 11.14
CA GLN C 4876 16.37 55.79 11.84
C GLN C 4876 15.64 55.25 13.06
N GLN C 4877 15.01 56.13 13.83
CA GLN C 4877 14.24 55.66 14.98
C GLN C 4877 13.09 54.75 14.53
N GLU C 4878 12.39 55.13 13.48
CA GLU C 4878 11.29 54.30 12.98
C GLU C 4878 11.81 52.95 12.49
N GLN C 4879 12.97 52.94 11.84
CA GLN C 4879 13.54 51.68 11.37
C GLN C 4879 13.89 50.77 12.54
N VAL C 4880 14.46 51.33 13.61
CA VAL C 4880 14.77 50.54 14.79
C VAL C 4880 13.49 49.93 15.35
N LYS C 4881 12.45 50.75 15.49
CA LYS C 4881 11.19 50.25 16.03
C LYS C 4881 10.61 49.14 15.16
N GLU C 4882 10.63 49.34 13.84
CA GLU C 4882 10.06 48.35 12.93
C GLU C 4882 10.83 47.04 12.99
N ASP C 4883 12.16 47.10 13.01
CA ASP C 4883 12.94 45.88 13.07
C ASP C 4883 12.67 45.12 14.36
N MET C 4884 12.69 45.82 15.49
CA MET C 4884 12.45 45.14 16.75
C MET C 4884 11.03 44.60 16.88
N GLU C 4885 10.05 45.23 16.23
CA GLU C 4885 8.69 44.74 16.29
C GLU C 4885 8.39 43.65 15.28
N THR C 4886 9.20 43.50 14.23
CA THR C 4886 8.92 42.52 13.19
C THR C 4886 9.79 41.28 13.23
N LYS C 4887 10.99 41.34 13.81
CA LYS C 4887 11.81 40.14 13.85
C LYS C 4887 12.50 40.01 15.19
N CYS C 4888 12.77 38.76 15.57
CA CYS C 4888 13.42 38.49 16.85
C CYS C 4888 14.89 38.92 16.79
N PHE C 4889 15.39 39.43 17.92
CA PHE C 4889 16.76 39.91 17.97
C PHE C 4889 17.76 38.78 17.79
N ILE C 4890 17.50 37.63 18.41
CA ILE C 4890 18.50 36.57 18.44
C ILE C 4890 18.41 35.71 17.18
N CYS C 4891 17.29 35.02 16.98
CA CYS C 4891 17.20 34.08 15.87
C CYS C 4891 16.97 34.80 14.55
N GLY C 4892 16.17 35.87 14.57
CA GLY C 4892 15.90 36.63 13.36
C GLY C 4892 14.68 36.19 12.59
N ILE C 4893 13.88 35.28 13.12
CA ILE C 4893 12.67 34.83 12.45
C ILE C 4893 11.59 35.89 12.54
N GLY C 4894 10.76 35.98 11.51
CA GLY C 4894 9.73 36.99 11.45
C GLY C 4894 8.62 36.77 12.46
N ASN C 4895 7.79 37.81 12.63
CA ASN C 4895 6.77 37.78 13.66
C ASN C 4895 5.62 36.87 13.27
N ASP C 4896 5.32 36.76 11.97
CA ASP C 4896 4.14 36.04 11.53
C ASP C 4896 4.24 34.56 11.88
N TYR C 4897 5.43 33.98 11.73
CA TYR C 4897 5.59 32.55 12.00
C TYR C 4897 5.26 32.23 13.45
N PHE C 4898 5.71 33.07 14.37
CA PHE C 4898 5.35 32.90 15.77
C PHE C 4898 3.89 33.26 16.01
N ASP C 4899 3.36 34.19 15.23
CA ASP C 4899 1.99 34.67 15.41
C ASP C 4899 0.95 33.71 14.85
N THR C 4900 1.37 32.64 14.18
CA THR C 4900 0.42 31.57 13.89
C THR C 4900 -0.22 31.03 15.16
N VAL C 4901 0.46 31.10 16.29
CA VAL C 4901 -0.11 30.86 17.61
C VAL C 4901 -0.37 32.21 18.25
N PRO C 4902 -1.53 32.44 18.87
CA PRO C 4902 -1.81 33.76 19.44
C PRO C 4902 -0.77 34.17 20.47
N HIS C 4903 -0.36 35.44 20.39
CA HIS C 4903 0.64 36.01 21.29
C HIS C 4903 1.98 35.29 21.18
N GLY C 4904 2.15 34.54 20.10
CA GLY C 4904 3.33 33.70 19.96
C GLY C 4904 4.60 34.52 19.84
N PHE C 4905 4.56 35.63 19.10
CA PHE C 4905 5.75 36.44 18.94
C PHE C 4905 6.25 37.00 20.26
N GLU C 4906 5.36 37.57 21.07
CA GLU C 4906 5.80 38.13 22.33
C GLU C 4906 6.18 37.05 23.31
N THR C 4907 5.50 35.90 23.27
CA THR C 4907 5.93 34.78 24.10
C THR C 4907 7.36 34.37 23.75
N HIS C 4908 7.66 34.25 22.46
CA HIS C 4908 9.00 33.88 22.02
C HIS C 4908 10.03 34.93 22.39
N THR C 4909 9.71 36.21 22.21
CA THR C 4909 10.68 37.26 22.44
C THR C 4909 10.78 37.67 23.89
N LEU C 4910 9.92 37.17 24.77
CA LEU C 4910 10.00 37.51 26.18
C LEU C 4910 10.29 36.34 27.10
N GLN C 4911 10.11 35.09 26.66
CA GLN C 4911 10.43 33.94 27.50
C GLN C 4911 11.44 33.02 26.84
N GLU C 4912 11.35 32.79 25.54
CA GLU C 4912 12.24 31.83 24.89
C GLU C 4912 13.56 32.47 24.48
N HIS C 4913 13.49 33.61 23.79
CA HIS C 4913 14.67 34.25 23.21
C HIS C 4913 14.85 35.66 23.77
N ASN C 4914 14.70 35.83 25.07
CA ASN C 4914 14.88 37.14 25.67
C ASN C 4914 16.37 37.47 25.80
N LEU C 4915 16.77 38.64 25.28
CA LEU C 4915 18.16 39.03 25.34
C LEU C 4915 18.60 39.30 26.77
N ALA C 4916 17.69 39.81 27.61
CA ALA C 4916 18.01 39.96 29.02
C ALA C 4916 18.32 38.62 29.65
N ASN C 4917 17.64 37.56 29.21
CA ASN C 4917 17.93 36.23 29.74
C ASN C 4917 19.33 35.77 29.33
N TYR C 4918 19.75 36.07 28.10
CA TYR C 4918 21.12 35.75 27.70
C TYR C 4918 22.14 36.52 28.53
N LEU C 4919 21.86 37.81 28.79
CA LEU C 4919 22.75 38.58 29.64
C LEU C 4919 22.84 37.99 31.04
N PHE C 4920 21.70 37.61 31.61
CA PHE C 4920 21.69 36.99 32.94
C PHE C 4920 22.41 35.66 32.93
N PHE C 4921 22.28 34.88 31.85
CA PHE C 4921 23.02 33.64 31.74
C PHE C 4921 24.52 33.85 31.68
N LEU C 4922 24.98 34.85 30.94
CA LEU C 4922 26.40 35.17 30.95
C LEU C 4922 26.86 35.58 32.35
N MET C 4923 26.07 36.40 33.03
CA MET C 4923 26.40 36.77 34.41
C MET C 4923 26.53 35.54 35.29
N TYR C 4924 25.53 34.66 35.25
CA TYR C 4924 25.52 33.46 36.08
C TYR C 4924 26.67 32.51 35.76
N LEU C 4925 26.96 32.33 34.48
CA LEU C 4925 28.06 31.47 34.06
C LEU C 4925 29.42 32.03 34.44
N ILE C 4926 29.59 33.36 34.39
CA ILE C 4926 30.85 33.95 34.85
C ILE C 4926 30.99 33.83 36.36
N ASN C 4927 29.93 34.10 37.11
CA ASN C 4927 30.00 34.08 38.56
C ASN C 4927 29.95 32.67 39.14
N LYS C 4928 29.66 31.66 38.32
CA LYS C 4928 29.66 30.28 38.77
C LYS C 4928 31.06 29.70 38.71
N ASP C 4929 31.35 28.81 39.64
CA ASP C 4929 32.64 28.12 39.64
C ASP C 4929 32.74 27.19 38.44
N GLU C 4930 33.93 27.12 37.85
CA GLU C 4930 34.13 26.30 36.66
C GLU C 4930 33.97 24.82 36.98
N THR C 4931 34.38 24.39 38.17
CA THR C 4931 34.27 22.99 38.53
C THR C 4931 32.80 22.58 38.69
N GLU C 4932 31.95 23.51 39.09
CA GLU C 4932 30.54 23.23 39.31
C GLU C 4932 29.71 23.34 38.04
N HIS C 4933 30.34 23.60 36.90
CA HIS C 4933 29.60 23.73 35.64
C HIS C 4933 28.97 22.41 35.26
N THR C 4934 27.77 22.47 34.72
CA THR C 4934 27.14 21.30 34.11
C THR C 4934 27.71 21.09 32.72
N GLY C 4935 27.18 20.11 32.00
CA GLY C 4935 27.67 19.87 30.64
C GLY C 4935 27.33 21.00 29.69
N GLN C 4936 26.09 21.48 29.73
CA GLN C 4936 25.70 22.59 28.87
C GLN C 4936 26.47 23.85 29.22
N GLU C 4937 26.61 24.11 30.51
CA GLU C 4937 27.35 25.28 30.96
C GLU C 4937 28.81 25.19 30.54
N SER C 4938 29.40 24.00 30.64
CA SER C 4938 30.79 23.83 30.22
C SER C 4938 30.94 24.04 28.72
N TYR C 4939 30.00 23.54 27.94
CA TYR C 4939 30.03 23.75 26.49
C TYR C 4939 30.02 25.24 26.18
N VAL C 4940 29.04 25.96 26.75
CA VAL C 4940 28.91 27.38 26.49
C VAL C 4940 30.13 28.14 27.01
N TRP C 4941 30.67 27.71 28.15
CA TRP C 4941 31.83 28.38 28.75
C TRP C 4941 33.07 28.24 27.88
N LYS C 4942 33.38 27.02 27.47
CA LYS C 4942 34.50 26.81 26.56
C LYS C 4942 34.34 27.66 25.31
N MET C 4943 33.12 27.67 24.78
CA MET C 4943 32.94 28.29 23.47
C MET C 4943 32.96 29.81 23.58
N TYR C 4944 32.48 30.36 24.70
CA TYR C 4944 32.61 31.78 24.99
C TYR C 4944 34.07 32.18 25.24
N GLN C 4945 34.84 31.31 25.91
CA GLN C 4945 36.25 31.58 26.09
C GLN C 4945 36.98 31.64 24.75
N GLU C 4946 36.61 30.75 23.82
CA GLU C 4946 37.21 30.78 22.50
C GLU C 4946 36.51 31.76 21.57
N ARG C 4947 35.49 32.48 22.05
CA ARG C 4947 34.84 33.55 21.30
C ARG C 4947 34.16 33.03 20.03
N CYS C 4948 33.52 31.87 20.12
CA CYS C 4948 32.67 31.36 19.06
C CYS C 4948 31.22 31.57 19.43
N TRP C 4949 30.45 32.18 18.53
CA TRP C 4949 29.07 32.52 18.79
C TRP C 4949 28.08 31.63 18.04
N GLU C 4950 28.48 30.40 17.69
CA GLU C 4950 27.55 29.49 17.03
C GLU C 4950 26.46 29.02 17.98
N PHE C 4951 26.69 29.07 19.29
CA PHE C 4951 25.72 28.54 20.23
C PHE C 4951 24.47 29.41 20.27
N PHE C 4952 24.59 30.66 19.83
CA PHE C 4952 23.42 31.51 19.70
C PHE C 4952 22.52 30.96 18.60
N PRO C 4953 21.26 30.68 18.88
CA PRO C 4953 20.37 30.12 17.84
C PRO C 4953 20.14 31.14 16.74
N ALA C 4954 20.50 30.77 15.52
CA ALA C 4954 20.38 31.63 14.36
C ALA C 4954 19.54 30.92 13.30
N GLY C 4955 18.33 31.44 13.06
CA GLY C 4955 17.43 30.87 12.08
C GLY C 4955 16.65 29.67 12.55
N ASP C 4956 16.81 29.26 13.80
CA ASP C 4956 16.11 28.09 14.34
C ASP C 4956 15.69 28.37 15.77
N CYS C 4957 14.72 27.59 16.24
CA CYS C 4957 14.21 27.72 17.60
C CYS C 4957 13.61 26.38 18.02
N PHE C 4958 13.19 26.32 19.28
CA PHE C 4958 12.58 25.11 19.82
C PHE C 4958 11.33 24.73 19.05
N ARG C 4959 10.46 25.70 18.79
CA ARG C 4959 9.21 25.43 18.07
C ARG C 4959 9.49 24.93 16.66
N LYS C 4960 10.41 25.58 15.97
CA LYS C 4960 10.71 25.19 14.60
C LYS C 4960 11.33 23.80 14.55
N GLN C 4961 12.19 23.48 15.52
CA GLN C 4961 12.77 22.15 15.56
C GLN C 4961 11.73 21.09 15.86
N TYR C 4962 10.81 21.37 16.79
CA TYR C 4962 9.86 20.36 17.22
C TYR C 4962 8.45 20.68 16.73
N GLU C 4963 8.34 21.18 15.50
CA GLU C 4963 7.03 21.49 14.92
C GLU C 4963 6.07 20.30 15.04
N ASP C 4964 6.54 19.10 14.70
CA ASP C 4964 5.65 17.93 14.68
C ASP C 4964 5.21 17.56 16.08
N GLN C 4965 6.16 17.45 17.01
CA GLN C 4965 5.83 16.97 18.35
C GLN C 4965 5.06 18.01 19.14
N LEU C 4966 5.53 19.27 19.10
CA LEU C 4966 4.91 20.31 19.92
C LEU C 4966 3.49 20.59 19.47
N ASN C 4967 3.25 20.63 18.18
CA ASN C 4967 1.92 20.92 17.64
C ASN C 4967 1.18 19.64 17.29
N GLU D 10 5.13 -2.97 29.40
CA GLU D 10 5.32 -4.22 28.68
C GLU D 10 5.26 -5.41 29.64
N ILE D 11 5.68 -5.17 30.88
CA ILE D 11 5.66 -6.18 31.93
C ILE D 11 4.57 -5.82 32.93
N GLN D 12 3.84 -6.82 33.39
CA GLN D 12 2.68 -6.62 34.24
C GLN D 12 3.02 -6.97 35.69
N PHE D 13 2.61 -6.10 36.61
CA PHE D 13 2.87 -6.28 38.03
C PHE D 13 1.55 -6.51 38.76
N LEU D 14 1.56 -7.45 39.71
CA LEU D 14 0.40 -7.65 40.55
C LEU D 14 0.21 -6.44 41.47
N ARG D 15 -0.97 -5.87 41.43
CA ARG D 15 -1.28 -4.67 42.21
C ARG D 15 -2.44 -4.96 43.16
N THR D 16 -2.63 -4.05 44.10
CA THR D 16 -3.75 -4.18 45.02
C THR D 16 -5.07 -4.01 44.28
N ASP D 17 -6.13 -4.56 44.85
CA ASP D 17 -7.46 -4.57 44.28
C ASP D 17 -7.51 -5.32 42.95
N ASP D 18 -6.63 -6.28 42.75
CA ASP D 18 -6.65 -7.13 41.56
C ASP D 18 -7.14 -8.53 41.94
N GLU D 19 -8.04 -9.06 41.11
CA GLU D 19 -8.63 -10.35 41.39
C GLU D 19 -7.79 -11.46 40.77
N VAL D 20 -7.30 -12.37 41.61
CA VAL D 20 -6.36 -13.40 41.18
C VAL D 20 -6.77 -14.73 41.79
N VAL D 21 -6.16 -15.80 41.29
CA VAL D 21 -6.30 -17.14 41.84
C VAL D 21 -4.91 -17.68 42.13
N LEU D 22 -4.81 -18.54 43.14
CA LEU D 22 -3.55 -19.17 43.52
C LEU D 22 -3.54 -20.59 42.98
N GLN D 23 -2.55 -20.91 42.17
CA GLN D 23 -2.44 -22.23 41.55
C GLN D 23 -1.26 -23.00 42.11
N CYS D 24 -1.41 -24.31 42.12
CA CYS D 24 -0.34 -25.22 42.51
C CYS D 24 -0.33 -26.42 41.57
N THR D 25 0.84 -27.01 41.39
CA THR D 25 1.03 -28.13 40.47
C THR D 25 1.12 -29.43 41.27
N ALA D 26 0.48 -30.47 40.74
CA ALA D 26 0.49 -31.79 41.34
C ALA D 26 1.21 -32.76 40.42
N THR D 27 1.99 -33.66 41.02
CA THR D 27 2.76 -34.66 40.28
C THR D 27 2.31 -36.08 40.60
N ILE D 28 1.00 -36.29 40.72
CA ILE D 28 0.48 -37.61 41.08
C ILE D 28 0.67 -38.56 39.91
N HIS D 29 1.25 -39.73 40.20
CA HIS D 29 1.56 -40.77 39.23
C HIS D 29 2.16 -40.22 37.93
N LYS D 30 3.12 -39.29 38.05
CA LYS D 30 3.93 -38.82 36.93
C LYS D 30 3.09 -38.07 35.89
N GLU D 31 2.20 -37.19 36.33
CA GLU D 31 1.52 -36.26 35.44
C GLU D 31 1.41 -34.91 36.13
N GLN D 32 1.32 -33.85 35.32
CA GLN D 32 1.20 -32.50 35.83
C GLN D 32 -0.28 -32.13 35.94
N GLN D 33 -0.72 -31.85 37.17
CA GLN D 33 -2.12 -31.54 37.44
C GLN D 33 -2.19 -30.16 38.09
N LYS D 34 -2.71 -29.19 37.37
CA LYS D 34 -2.86 -27.83 37.89
C LYS D 34 -4.07 -27.78 38.81
N LEU D 35 -3.88 -27.21 40.00
CA LEU D 35 -4.93 -27.12 41.00
C LEU D 35 -5.03 -25.70 41.51
N CYS D 36 -6.25 -25.30 41.87
CA CYS D 36 -6.50 -23.95 42.38
C CYS D 36 -7.06 -24.02 43.80
N LEU D 37 -6.70 -23.03 44.61
CA LEU D 37 -7.19 -22.95 45.97
C LEU D 37 -8.63 -22.50 45.95
N ALA D 38 -9.51 -23.29 46.55
CA ALA D 38 -10.94 -23.03 46.54
C ALA D 38 -11.50 -23.11 47.95
N ALA D 39 -12.54 -22.32 48.19
CA ALA D 39 -13.25 -22.31 49.46
C ALA D 39 -14.56 -21.59 49.27
N GLU D 40 -15.61 -22.10 49.92
CA GLU D 40 -16.94 -21.49 49.84
C GLU D 40 -17.31 -20.98 51.23
N GLY D 41 -17.79 -19.73 51.29
CA GLY D 41 -17.96 -19.09 52.58
C GLY D 41 -18.99 -19.77 53.46
N PHE D 42 -20.19 -19.99 52.93
CA PHE D 42 -21.24 -20.60 53.73
C PHE D 42 -21.03 -22.10 53.82
N GLY D 43 -21.26 -22.64 55.01
CA GLY D 43 -21.00 -24.06 55.22
C GLY D 43 -19.54 -24.26 55.58
N ASN D 44 -18.86 -25.09 54.80
CA ASN D 44 -17.48 -25.44 55.10
C ASN D 44 -16.57 -24.23 54.95
N ARG D 45 -15.99 -23.79 56.07
CA ARG D 45 -15.01 -22.72 56.05
C ARG D 45 -13.63 -23.21 55.60
N LEU D 46 -13.44 -24.51 55.45
CA LEU D 46 -12.14 -25.03 55.06
C LEU D 46 -11.86 -24.74 53.59
N CYS D 47 -10.62 -24.99 53.19
CA CYS D 47 -10.16 -24.75 51.83
C CYS D 47 -9.86 -26.08 51.16
N PHE D 48 -10.32 -26.23 49.93
CA PHE D 48 -10.08 -27.43 49.14
C PHE D 48 -9.51 -27.03 47.79
N LEU D 49 -9.14 -28.03 47.01
CA LEU D 49 -8.47 -27.82 45.74
C LEU D 49 -9.42 -28.09 44.58
N GLU D 50 -9.45 -27.16 43.63
CA GLU D 50 -10.25 -27.30 42.42
C GLU D 50 -9.33 -27.56 41.24
N SER D 51 -9.65 -28.59 40.46
CA SER D 51 -8.81 -29.00 39.35
C SER D 51 -9.11 -28.15 38.12
N THR D 52 -8.07 -27.54 37.54
CA THR D 52 -8.21 -26.77 36.33
C THR D 52 -7.46 -27.40 35.16
N SER D 53 -6.74 -28.50 35.39
CA SER D 53 -6.06 -29.19 34.30
C SER D 53 -7.05 -29.90 33.39
N ASN D 54 -8.06 -30.56 33.96
CA ASN D 54 -9.11 -31.21 33.18
C ASN D 54 -10.22 -30.24 32.81
N SER D 55 -9.88 -29.09 32.24
CA SER D 55 -10.91 -28.12 31.89
C SER D 55 -11.73 -28.60 30.70
N LYS D 56 -11.16 -29.44 29.85
CA LYS D 56 -11.89 -29.94 28.68
C LYS D 56 -12.97 -30.95 29.08
N ASN D 57 -12.76 -31.69 30.17
CA ASN D 57 -13.73 -32.71 30.55
C ASN D 57 -14.66 -32.22 31.64
N VAL D 58 -14.12 -31.51 32.63
CA VAL D 58 -14.89 -31.05 33.77
C VAL D 58 -14.66 -29.55 33.94
N PRO D 59 -15.70 -28.72 33.87
CA PRO D 59 -15.52 -27.29 34.05
C PRO D 59 -15.03 -26.97 35.45
N PRO D 60 -14.10 -26.04 35.59
CA PRO D 60 -13.68 -25.63 36.94
C PRO D 60 -14.59 -24.54 37.50
N ASP D 61 -14.72 -24.54 38.82
CA ASP D 61 -15.55 -23.55 39.52
C ASP D 61 -14.68 -22.45 40.09
N LEU D 62 -14.23 -21.56 39.20
CA LEU D 62 -13.34 -20.48 39.60
C LEU D 62 -14.03 -19.42 40.45
N SER D 63 -15.36 -19.41 40.48
CA SER D 63 -16.08 -18.38 41.23
C SER D 63 -15.74 -18.44 42.72
N ILE D 64 -15.47 -19.63 43.25
CA ILE D 64 -15.06 -19.78 44.63
C ILE D 64 -13.54 -19.90 44.77
N CYS D 65 -12.81 -19.75 43.66
CA CYS D 65 -11.35 -19.79 43.68
C CYS D 65 -10.73 -18.40 43.55
N THR D 66 -11.48 -17.41 43.07
CA THR D 66 -10.96 -16.07 42.88
C THR D 66 -10.75 -15.38 44.22
N PHE D 67 -9.62 -14.68 44.35
CA PHE D 67 -9.31 -13.85 45.51
C PHE D 67 -8.90 -12.46 45.06
N VAL D 68 -8.99 -11.50 45.96
CA VAL D 68 -8.64 -10.12 45.66
C VAL D 68 -7.60 -9.63 46.66
N LEU D 69 -6.67 -8.82 46.19
CA LEU D 69 -5.58 -8.29 47.01
C LEU D 69 -6.00 -6.93 47.56
N GLU D 70 -6.28 -6.86 48.86
CA GLU D 70 -6.67 -5.58 49.45
C GLU D 70 -5.46 -4.73 49.77
N GLN D 71 -4.58 -5.21 50.65
CA GLN D 71 -3.48 -4.41 51.15
C GLN D 71 -2.17 -5.17 51.04
N SER D 72 -1.11 -4.42 50.77
CA SER D 72 0.25 -4.97 50.72
C SER D 72 1.15 -4.08 51.57
N LEU D 73 1.23 -4.39 52.86
CA LEU D 73 2.02 -3.61 53.78
C LEU D 73 3.35 -4.29 54.08
N SER D 74 4.33 -3.48 54.47
CA SER D 74 5.61 -4.03 54.90
C SER D 74 5.46 -4.74 56.23
N VAL D 75 6.43 -5.60 56.54
CA VAL D 75 6.40 -6.33 57.80
C VAL D 75 6.46 -5.36 58.98
N ARG D 76 7.33 -4.35 58.88
CA ARG D 76 7.46 -3.37 59.96
C ARG D 76 6.14 -2.61 60.15
N ALA D 77 5.52 -2.19 59.06
CA ALA D 77 4.27 -1.46 59.15
C ALA D 77 3.17 -2.34 59.73
N LEU D 78 3.11 -3.60 59.31
CA LEU D 78 2.12 -4.52 59.85
C LEU D 78 2.32 -4.77 61.34
N GLN D 79 3.56 -4.95 61.79
CA GLN D 79 3.82 -5.10 63.22
C GLN D 79 3.42 -3.86 63.99
N GLU D 80 3.73 -2.67 63.45
CA GLU D 80 3.32 -1.44 64.13
C GLU D 80 1.79 -1.35 64.22
N MET D 81 1.10 -1.69 63.13
CA MET D 81 -0.36 -1.62 63.15
C MET D 81 -0.94 -2.61 64.14
N LEU D 82 -0.39 -3.82 64.20
CA LEU D 82 -0.87 -4.81 65.15
C LEU D 82 -0.60 -4.37 66.58
N ALA D 83 0.54 -3.72 66.81
CA ALA D 83 0.81 -3.16 68.13
C ALA D 83 -0.20 -2.09 68.49
N ASN D 84 -0.57 -1.26 67.51
CA ASN D 84 -1.59 -0.24 67.72
C ASN D 84 -2.99 -0.85 67.80
N HIS D 110 -3.76 1.79 44.77
CA HIS D 110 -3.23 0.82 43.81
C HIS D 110 -1.74 0.64 43.96
N ARG D 111 -1.33 0.12 45.11
CA ARG D 111 0.08 -0.15 45.35
C ARG D 111 0.50 -1.42 44.62
N THR D 112 1.78 -1.48 44.28
CA THR D 112 2.35 -2.63 43.58
C THR D 112 3.00 -3.56 44.60
N LEU D 113 2.64 -4.85 44.53
CA LEU D 113 3.19 -5.82 45.46
C LEU D 113 4.69 -5.94 45.29
N LEU D 114 5.41 -5.92 46.41
CA LEU D 114 6.85 -6.12 46.42
C LEU D 114 7.17 -7.31 47.29
N TYR D 115 8.17 -8.10 46.88
CA TYR D 115 8.53 -9.31 47.60
C TYR D 115 8.92 -8.97 49.02
N GLY D 116 8.37 -9.73 49.97
CA GLY D 116 8.62 -9.50 51.38
C GLY D 116 7.56 -8.74 52.12
N HIS D 117 6.54 -8.22 51.43
CA HIS D 117 5.44 -7.54 52.08
C HIS D 117 4.40 -8.55 52.56
N ALA D 118 3.47 -8.09 53.38
CA ALA D 118 2.37 -8.90 53.88
C ALA D 118 1.10 -8.51 53.14
N ILE D 119 0.43 -9.52 52.58
CA ILE D 119 -0.75 -9.29 51.75
C ILE D 119 -1.98 -9.82 52.46
N LEU D 120 -3.12 -9.18 52.20
CA LEU D 120 -4.40 -9.60 52.73
C LEU D 120 -5.27 -10.06 51.57
N LEU D 121 -5.71 -11.31 51.63
CA LEU D 121 -6.53 -11.90 50.58
C LEU D 121 -7.98 -11.98 51.03
N ARG D 122 -8.87 -11.40 50.24
CA ARG D 122 -10.30 -11.49 50.50
C ARG D 122 -10.95 -12.38 49.45
N HIS D 123 -11.74 -13.35 49.91
CA HIS D 123 -12.44 -14.25 49.01
C HIS D 123 -13.56 -13.47 48.32
N SER D 124 -13.58 -13.49 47.00
CA SER D 124 -14.49 -12.63 46.25
C SER D 124 -15.94 -12.98 46.53
N TYR D 125 -16.26 -14.28 46.53
CA TYR D 125 -17.66 -14.68 46.69
C TYR D 125 -18.16 -14.42 48.10
N SER D 126 -17.37 -14.80 49.10
CA SER D 126 -17.82 -14.74 50.48
C SER D 126 -17.51 -13.41 51.16
N GLY D 127 -16.48 -12.71 50.72
CA GLY D 127 -16.07 -11.50 51.41
C GLY D 127 -15.34 -11.76 52.70
N MET D 128 -14.81 -12.97 52.87
CA MET D 128 -14.03 -13.33 54.05
C MET D 128 -12.60 -13.60 53.62
N TYR D 129 -11.69 -13.57 54.60
CA TYR D 129 -10.27 -13.54 54.30
C TYR D 129 -9.58 -14.86 54.64
N LEU D 130 -8.57 -15.18 53.84
CA LEU D 130 -7.79 -16.39 54.06
C LEU D 130 -7.02 -16.29 55.37
N CYS D 131 -6.91 -17.41 56.08
CA CYS D 131 -6.29 -17.39 57.39
C CYS D 131 -5.81 -18.80 57.74
N CYS D 132 -4.97 -18.88 58.78
CA CYS D 132 -4.62 -20.14 59.39
C CYS D 132 -5.54 -20.40 60.57
N LEU D 133 -6.31 -21.49 60.51
CA LEU D 133 -7.36 -21.72 61.50
C LEU D 133 -6.82 -22.13 62.86
N SER D 134 -5.55 -22.53 62.95
CA SER D 134 -4.91 -22.95 64.20
C SER D 134 -5.53 -24.22 64.76
N THR D 135 -6.53 -24.77 64.06
CA THR D 135 -7.11 -26.05 64.40
C THR D 135 -6.86 -27.01 63.26
N SER D 136 -6.27 -28.16 63.57
CA SER D 136 -5.83 -29.11 62.57
C SER D 136 -6.82 -30.25 62.44
N ARG D 137 -6.94 -30.76 61.21
CA ARG D 137 -7.75 -31.94 60.92
C ARG D 137 -6.96 -33.23 61.11
N SER D 138 -5.69 -33.13 61.49
CA SER D 138 -4.83 -34.29 61.73
C SER D 138 -4.69 -35.14 60.48
N SER D 139 -4.21 -34.52 59.40
CA SER D 139 -3.96 -35.22 58.14
C SER D 139 -2.57 -35.86 58.20
N THR D 140 -2.39 -36.72 59.19
CA THR D 140 -1.15 -37.45 59.43
C THR D 140 0.03 -36.53 59.69
N ASP D 141 -0.22 -35.24 59.85
CA ASP D 141 0.83 -34.26 60.14
C ASP D 141 0.44 -33.49 61.39
N LYS D 142 1.08 -33.82 62.52
CA LYS D 142 0.73 -33.20 63.78
C LYS D 142 1.10 -31.72 63.80
N LEU D 143 2.18 -31.36 63.12
CA LEU D 143 2.62 -29.97 63.13
C LEU D 143 1.75 -29.08 62.27
N ALA D 144 1.10 -29.65 61.25
CA ALA D 144 0.39 -28.84 60.27
C ALA D 144 -0.87 -28.22 60.85
N PHE D 145 -1.28 -27.11 60.25
CA PHE D 145 -2.52 -26.43 60.57
C PHE D 145 -3.44 -26.45 59.35
N ASP D 146 -4.68 -26.02 59.55
CA ASP D 146 -5.67 -25.98 58.49
C ASP D 146 -5.88 -24.54 58.01
N VAL D 147 -5.99 -24.39 56.69
CA VAL D 147 -6.17 -23.08 56.08
C VAL D 147 -7.63 -22.91 55.73
N GLY D 148 -8.23 -21.82 56.21
CA GLY D 148 -9.63 -21.57 55.96
C GLY D 148 -9.95 -20.10 55.75
N LEU D 149 -11.21 -19.72 55.94
CA LEU D 149 -11.65 -18.36 55.76
C LEU D 149 -12.14 -17.78 57.08
N GLN D 150 -11.85 -16.50 57.30
CA GLN D 150 -12.18 -15.83 58.55
C GLN D 150 -12.84 -14.49 58.25
N GLU D 151 -13.74 -14.07 59.14
CA GLU D 151 -14.48 -12.84 58.90
C GLU D 151 -13.66 -11.60 59.22
N ASP D 152 -13.13 -11.51 60.44
CA ASP D 152 -12.47 -10.29 60.88
C ASP D 152 -11.09 -10.14 60.25
N THR D 153 -10.65 -8.89 60.12
CA THR D 153 -9.31 -8.62 59.60
C THR D 153 -8.26 -8.59 60.71
N THR D 154 -8.68 -8.30 61.94
CA THR D 154 -7.74 -8.16 63.04
C THR D 154 -7.05 -9.49 63.34
N GLY D 155 -5.81 -9.38 63.78
CA GLY D 155 -4.97 -10.53 64.07
C GLY D 155 -3.93 -10.78 62.99
N GLU D 156 -2.95 -11.59 63.36
CA GLU D 156 -1.84 -11.94 62.47
C GLU D 156 -2.11 -13.21 61.68
N ALA D 157 -3.28 -13.82 61.85
CA ALA D 157 -3.60 -15.02 61.10
C ALA D 157 -3.99 -14.71 59.66
N CYS D 158 -4.63 -13.57 59.43
CA CYS D 158 -5.15 -13.26 58.11
C CYS D 158 -4.04 -12.86 57.15
N TRP D 159 -2.93 -12.35 57.67
CA TRP D 159 -1.88 -11.80 56.82
C TRP D 159 -0.88 -12.88 56.39
N TRP D 160 -0.42 -12.77 55.15
CA TRP D 160 0.54 -13.71 54.58
C TRP D 160 1.67 -12.93 53.94
N THR D 161 2.90 -13.38 54.16
CA THR D 161 4.04 -12.77 53.51
C THR D 161 4.34 -13.48 52.19
N ILE D 162 4.80 -12.71 51.20
CA ILE D 162 5.13 -13.23 49.88
C ILE D 162 6.64 -13.21 49.74
N HIS D 163 7.21 -14.33 49.32
CA HIS D 163 8.65 -14.44 49.18
C HIS D 163 9.01 -14.97 47.80
N PRO D 164 10.18 -14.60 47.28
CA PRO D 164 10.59 -15.10 45.96
C PRO D 164 10.85 -16.59 46.00
N ALA D 165 10.24 -17.32 45.07
CA ALA D 165 10.51 -18.73 44.90
C ALA D 165 11.59 -19.01 43.87
N SER D 166 12.10 -17.97 43.21
CA SER D 166 13.14 -18.10 42.20
C SER D 166 14.30 -17.20 42.58
N LYS D 167 15.52 -17.70 42.37
CA LYS D 167 16.71 -16.94 42.73
C LYS D 167 16.91 -15.72 41.84
N GLN D 168 16.20 -15.63 40.71
CA GLN D 168 16.26 -14.42 39.90
C GLN D 168 15.70 -13.23 40.66
N ARG D 169 14.59 -13.42 41.36
CA ARG D 169 14.00 -12.34 42.13
C ARG D 169 14.69 -12.19 43.48
N SER D 170 14.49 -11.03 44.08
CA SER D 170 15.05 -10.72 45.39
C SER D 170 14.06 -9.88 46.17
N GLU D 171 14.31 -9.76 47.48
CA GLU D 171 13.42 -9.01 48.34
C GLU D 171 13.32 -7.55 47.90
N GLY D 172 12.09 -7.05 47.81
CA GLY D 172 11.87 -5.67 47.42
C GLY D 172 11.50 -5.49 45.97
N GLU D 173 11.79 -6.50 45.14
CA GLU D 173 11.46 -6.41 43.73
C GLU D 173 9.96 -6.48 43.52
N LYS D 174 9.50 -5.85 42.45
CA LYS D 174 8.09 -5.95 42.06
C LYS D 174 7.77 -7.36 41.60
N VAL D 175 6.58 -7.83 41.96
CA VAL D 175 6.17 -9.20 41.65
C VAL D 175 5.56 -9.22 40.26
N ARG D 176 6.16 -10.01 39.36
CA ARG D 176 5.60 -10.19 38.04
C ARG D 176 4.37 -11.09 38.11
N VAL D 177 3.50 -10.96 37.11
CA VAL D 177 2.28 -11.77 37.07
C VAL D 177 2.63 -13.24 36.88
N GLY D 178 3.64 -13.53 36.06
CA GLY D 178 4.04 -14.90 35.83
C GLY D 178 5.15 -15.35 36.75
N ASP D 179 4.94 -15.28 38.06
CA ASP D 179 5.93 -15.68 39.05
C ASP D 179 5.40 -16.81 39.90
N ASP D 180 6.33 -17.61 40.44
CA ASP D 180 6.01 -18.58 41.46
C ASP D 180 6.23 -17.93 42.82
N LEU D 181 5.22 -18.00 43.67
CA LEU D 181 5.24 -17.32 44.96
C LEU D 181 5.15 -18.35 46.07
N ILE D 182 6.00 -18.19 47.09
CA ILE D 182 5.95 -18.99 48.30
C ILE D 182 5.40 -18.11 49.42
N LEU D 183 4.38 -18.61 50.11
CA LEU D 183 3.66 -17.83 51.11
C LEU D 183 3.93 -18.40 52.50
N VAL D 184 4.17 -17.50 53.46
CA VAL D 184 4.45 -17.87 54.84
C VAL D 184 3.43 -17.20 55.73
N SER D 185 2.81 -17.98 56.62
CA SER D 185 1.84 -17.42 57.54
C SER D 185 2.53 -16.56 58.58
N VAL D 186 1.99 -15.36 58.81
CA VAL D 186 2.55 -14.48 59.83
C VAL D 186 2.34 -15.08 61.21
N SER D 187 1.21 -15.76 61.42
CA SER D 187 0.87 -16.24 62.75
C SER D 187 1.73 -17.42 63.16
N SER D 188 1.96 -18.37 62.26
CA SER D 188 2.57 -19.64 62.62
C SER D 188 3.85 -19.95 61.86
N GLU D 189 4.27 -19.10 60.94
CA GLU D 189 5.47 -19.34 60.11
C GLU D 189 5.38 -20.70 59.40
N ARG D 190 4.20 -21.03 58.91
CA ARG D 190 3.98 -22.27 58.19
C ARG D 190 3.63 -21.94 56.75
N TYR D 191 4.34 -22.58 55.82
CA TYR D 191 4.13 -22.35 54.40
C TYR D 191 2.77 -22.87 53.96
N LEU D 192 2.20 -22.21 52.95
CA LEU D 192 1.05 -22.77 52.28
C LEU D 192 1.46 -24.04 51.54
N HIS D 193 1.03 -25.18 52.07
CA HIS D 193 1.60 -26.47 51.68
C HIS D 193 0.55 -27.31 50.98
N LEU D 194 0.96 -27.95 49.89
CA LEU D 194 0.13 -28.95 49.21
C LEU D 194 0.52 -30.33 49.72
N SER D 195 -0.45 -31.05 50.28
CA SER D 195 -0.19 -32.32 50.95
C SER D 195 -0.45 -33.48 49.99
N TYR D 196 0.62 -34.08 49.49
CA TYR D 196 0.52 -35.29 48.70
C TYR D 196 0.27 -36.52 49.56
N GLY D 197 0.71 -36.50 50.82
CA GLY D 197 0.76 -37.70 51.63
C GLY D 197 -0.59 -38.37 51.82
N ASN D 198 -1.62 -37.59 52.11
CA ASN D 198 -2.94 -38.17 52.29
C ASN D 198 -3.49 -38.64 50.95
N GLY D 199 -4.44 -39.57 51.00
CA GLY D 199 -4.97 -40.14 49.76
C GLY D 199 -5.56 -39.09 48.84
N SER D 200 -6.25 -38.11 49.41
CA SER D 200 -6.76 -36.97 48.66
C SER D 200 -5.77 -35.81 48.80
N LEU D 201 -5.76 -34.92 47.81
CA LEU D 201 -4.92 -33.74 47.89
C LEU D 201 -5.50 -32.74 48.87
N HIS D 202 -4.64 -32.20 49.73
CA HIS D 202 -5.03 -31.22 50.73
C HIS D 202 -4.18 -29.96 50.61
N VAL D 203 -4.74 -28.87 51.13
CA VAL D 203 -4.00 -27.63 51.32
C VAL D 203 -3.95 -27.37 52.82
N ASP D 204 -2.77 -27.03 53.32
CA ASP D 204 -2.56 -26.86 54.75
C ASP D 204 -1.35 -25.97 54.98
N ALA D 205 -1.15 -25.58 56.23
CA ALA D 205 -0.02 -24.77 56.65
C ALA D 205 1.00 -25.68 57.30
N ALA D 206 2.14 -25.88 56.63
CA ALA D 206 3.15 -26.81 57.08
C ALA D 206 4.53 -26.19 56.91
N PHE D 207 5.51 -26.77 57.59
CA PHE D 207 6.88 -26.26 57.52
C PHE D 207 7.51 -26.54 56.17
N GLN D 208 7.01 -27.55 55.46
CA GLN D 208 7.44 -27.75 54.08
C GLN D 208 6.81 -26.70 53.19
N GLN D 209 7.49 -26.38 52.10
CA GLN D 209 7.11 -25.28 51.22
C GLN D 209 6.60 -25.80 49.90
N THR D 210 5.60 -25.11 49.36
CA THR D 210 5.01 -25.43 48.06
C THR D 210 4.91 -24.17 47.23
N LEU D 211 5.34 -24.25 45.98
CA LEU D 211 5.39 -23.09 45.10
C LEU D 211 4.01 -22.82 44.53
N TRP D 212 3.52 -21.60 44.70
CA TRP D 212 2.23 -21.19 44.18
C TRP D 212 2.40 -20.15 43.07
N SER D 213 1.60 -20.29 42.02
CA SER D 213 1.60 -19.35 40.91
C SER D 213 0.33 -18.54 40.93
N VAL D 214 0.46 -17.22 40.81
CA VAL D 214 -0.68 -16.31 40.87
C VAL D 214 -1.07 -15.92 39.45
N ALA D 215 -2.34 -16.12 39.12
CA ALA D 215 -2.84 -15.81 37.79
C ALA D 215 -3.84 -14.67 37.83
N PRO D 216 -3.66 -13.64 37.01
CA PRO D 216 -4.57 -12.49 37.05
C PRO D 216 -5.92 -12.80 36.42
N ILE D 217 -6.96 -12.91 37.24
CA ILE D 217 -8.29 -13.16 36.71
C ILE D 217 -8.84 -11.91 36.04
N SER D 218 -8.77 -10.79 36.73
CA SER D 218 -9.31 -9.53 36.20
C SER D 218 -8.77 -8.37 37.01
N SER D 219 -8.91 -7.18 36.45
CA SER D 219 -8.57 -5.94 37.14
C SER D 219 -9.83 -5.08 37.22
N GLY D 220 -10.20 -4.67 38.43
CA GLY D 220 -11.46 -3.97 38.60
C GLY D 220 -11.49 -2.60 37.94
N SER D 221 -10.36 -1.89 37.96
CA SER D 221 -10.33 -0.54 37.42
C SER D 221 -10.60 -0.52 35.92
N GLU D 222 -10.03 -1.48 35.19
CA GLU D 222 -10.17 -1.49 33.74
C GLU D 222 -11.56 -1.92 33.27
N ALA D 223 -12.41 -2.40 34.16
CA ALA D 223 -13.74 -2.84 33.78
C ALA D 223 -14.58 -1.65 33.31
N ALA D 224 -15.39 -1.88 32.29
CA ALA D 224 -16.27 -0.86 31.73
C ALA D 224 -17.71 -1.18 32.09
N GLN D 225 -18.42 -0.17 32.59
CA GLN D 225 -19.80 -0.37 33.01
C GLN D 225 -20.69 -0.68 31.82
N GLY D 226 -21.65 -1.57 32.02
CA GLY D 226 -22.59 -1.92 30.99
C GLY D 226 -22.10 -2.91 29.97
N TYR D 227 -20.88 -3.44 30.12
CA TYR D 227 -20.32 -4.38 29.18
C TYR D 227 -20.09 -5.73 29.84
N LEU D 228 -20.32 -6.79 29.08
CA LEU D 228 -20.28 -8.14 29.60
C LEU D 228 -18.84 -8.58 29.80
N ILE D 229 -18.53 -9.03 31.01
CA ILE D 229 -17.23 -9.61 31.31
C ILE D 229 -17.43 -11.05 31.76
N GLY D 230 -16.34 -11.81 31.77
CA GLY D 230 -16.42 -13.20 32.17
C GLY D 230 -16.83 -13.36 33.62
N GLY D 231 -17.62 -14.39 33.88
CA GLY D 231 -18.06 -14.65 35.23
C GLY D 231 -19.21 -13.81 35.72
N ASP D 232 -20.06 -13.32 34.81
CA ASP D 232 -21.22 -12.52 35.18
C ASP D 232 -22.45 -13.41 35.25
N VAL D 233 -23.22 -13.25 36.32
CA VAL D 233 -24.53 -13.88 36.42
C VAL D 233 -25.53 -12.98 35.70
N LEU D 234 -26.20 -13.51 34.70
CA LEU D 234 -27.01 -12.71 33.79
C LEU D 234 -28.27 -13.48 33.39
N ARG D 235 -29.20 -12.75 32.79
CA ARG D 235 -30.45 -13.30 32.29
C ARG D 235 -30.49 -13.17 30.78
N LEU D 236 -30.96 -14.22 30.11
CA LEU D 236 -31.05 -14.24 28.65
C LEU D 236 -32.48 -13.88 28.26
N LEU D 237 -32.72 -12.60 28.00
CA LEU D 237 -34.05 -12.13 27.63
C LEU D 237 -34.28 -12.25 26.13
N HIS D 238 -35.47 -12.71 25.76
CA HIS D 238 -35.81 -12.97 24.37
C HIS D 238 -37.07 -12.21 23.99
N GLY D 239 -37.03 -11.51 22.86
CA GLY D 239 -38.21 -10.90 22.28
C GLY D 239 -38.68 -9.64 22.97
N HIS D 240 -39.72 -9.03 22.42
CA HIS D 240 -40.30 -7.84 23.04
C HIS D 240 -40.96 -8.18 24.37
N MET D 241 -41.58 -9.36 24.46
CA MET D 241 -42.18 -9.81 25.70
C MET D 241 -41.15 -10.08 26.79
N ASP D 242 -39.86 -10.12 26.42
CA ASP D 242 -38.76 -10.32 27.37
C ASP D 242 -38.88 -11.65 28.10
N GLU D 243 -39.31 -12.69 27.39
CA GLU D 243 -39.27 -14.03 27.97
C GLU D 243 -37.82 -14.44 28.17
N CYS D 244 -37.51 -14.93 29.37
CA CYS D 244 -36.15 -15.27 29.74
C CYS D 244 -35.94 -16.77 29.69
N LEU D 245 -34.77 -17.17 29.21
CA LEU D 245 -34.42 -18.58 29.12
C LEU D 245 -34.28 -19.17 30.51
N THR D 246 -35.15 -20.12 30.85
CA THR D 246 -35.17 -20.69 32.18
C THR D 246 -35.43 -22.19 32.10
N VAL D 247 -35.39 -22.84 33.25
CA VAL D 247 -35.66 -24.27 33.35
C VAL D 247 -37.02 -24.44 34.02
N PRO D 248 -37.61 -25.63 34.02
CA PRO D 248 -38.88 -25.81 34.73
C PRO D 248 -38.74 -25.50 36.21
N SER D 249 -39.85 -25.07 36.81
CA SER D 249 -39.85 -24.63 38.19
C SER D 249 -39.64 -25.81 39.14
N GLY D 250 -39.73 -25.51 40.43
CA GLY D 250 -39.46 -26.50 41.45
C GLY D 250 -40.55 -27.54 41.59
N GLU D 251 -40.68 -28.41 40.58
CA GLU D 251 -41.58 -29.55 40.64
C GLU D 251 -41.00 -30.70 41.46
N HIS D 252 -39.94 -30.44 42.22
CA HIS D 252 -39.26 -31.44 43.05
C HIS D 252 -38.60 -32.50 42.20
N GLY D 253 -38.62 -32.33 40.88
CA GLY D 253 -38.00 -33.28 39.98
C GLY D 253 -36.68 -32.79 39.42
N GLU D 254 -35.57 -33.32 39.95
CA GLU D 254 -34.26 -32.94 39.46
C GLU D 254 -34.04 -33.39 38.03
N GLU D 255 -34.80 -34.36 37.55
CA GLU D 255 -34.74 -34.78 36.16
C GLU D 255 -35.64 -33.96 35.25
N GLN D 256 -36.77 -33.47 35.78
CA GLN D 256 -37.64 -32.60 34.99
C GLN D 256 -37.07 -31.19 34.89
N ARG D 257 -36.29 -30.77 35.88
CA ARG D 257 -35.66 -29.46 35.84
C ARG D 257 -34.49 -29.40 34.87
N ARG D 258 -34.22 -30.48 34.14
CA ARG D 258 -33.07 -30.54 33.25
C ARG D 258 -33.34 -29.96 31.87
N THR D 259 -34.60 -29.72 31.52
CA THR D 259 -34.92 -29.16 30.21
C THR D 259 -34.81 -27.64 30.25
N VAL D 260 -34.91 -27.03 29.07
CA VAL D 260 -34.73 -25.60 28.90
C VAL D 260 -35.86 -25.07 28.02
N HIS D 261 -36.44 -23.94 28.43
CA HIS D 261 -37.54 -23.34 27.70
C HIS D 261 -37.57 -21.85 27.95
N TYR D 262 -38.32 -21.15 27.11
CA TYR D 262 -38.54 -19.71 27.26
C TYR D 262 -39.81 -19.48 28.06
N GLU D 263 -39.73 -18.63 29.08
CA GLU D 263 -40.87 -18.33 29.92
C GLU D 263 -40.86 -16.85 30.26
N GLY D 264 -42.05 -16.28 30.44
CA GLY D 264 -42.18 -14.88 30.79
C GLY D 264 -43.02 -14.72 32.04
N GLY D 265 -42.85 -13.57 32.69
CA GLY D 265 -43.59 -13.27 33.90
C GLY D 265 -42.69 -13.03 35.10
N ALA D 266 -43.03 -13.63 36.23
CA ALA D 266 -42.25 -13.47 37.45
C ALA D 266 -40.92 -14.23 37.41
N VAL D 267 -40.76 -15.16 36.47
CA VAL D 267 -39.50 -15.87 36.33
C VAL D 267 -38.35 -14.94 36.01
N SER D 268 -38.64 -13.79 35.39
CA SER D 268 -37.60 -12.81 35.12
C SER D 268 -37.08 -12.15 36.39
N VAL D 269 -37.76 -12.33 37.52
CA VAL D 269 -37.31 -11.76 38.78
C VAL D 269 -36.90 -12.91 39.69
N HIS D 270 -37.35 -14.12 39.38
CA HIS D 270 -37.02 -15.31 40.14
C HIS D 270 -35.58 -15.71 39.89
N ALA D 271 -35.08 -16.63 40.71
CA ALA D 271 -33.69 -17.06 40.65
C ALA D 271 -33.47 -18.25 39.73
N ARG D 272 -34.54 -18.81 39.15
CA ARG D 272 -34.41 -19.95 38.26
C ARG D 272 -34.08 -19.54 36.84
N SER D 273 -33.90 -18.25 36.58
CA SER D 273 -33.56 -17.75 35.26
C SER D 273 -32.17 -17.11 35.24
N LEU D 274 -31.33 -17.43 36.22
CA LEU D 274 -30.01 -16.83 36.33
C LEU D 274 -28.98 -17.80 35.75
N TRP D 275 -28.17 -17.29 34.83
CA TRP D 275 -27.12 -18.06 34.20
C TRP D 275 -25.77 -17.39 34.44
N ARG D 276 -24.74 -18.21 34.61
CA ARG D 276 -23.38 -17.72 34.80
C ARG D 276 -22.57 -18.04 33.55
N LEU D 277 -21.95 -17.01 32.98
CA LEU D 277 -21.14 -17.18 31.78
C LEU D 277 -19.70 -17.44 32.19
N GLU D 278 -19.18 -18.60 31.83
CA GLU D 278 -17.84 -19.02 32.22
C GLU D 278 -16.99 -19.24 30.98
N THR D 279 -15.84 -18.58 30.92
CA THR D 279 -14.93 -18.72 29.81
C THR D 279 -14.14 -20.01 29.93
N LEU D 280 -13.56 -20.45 28.81
CA LEU D 280 -12.79 -21.68 28.78
C LEU D 280 -11.36 -21.50 29.21
N ARG D 281 -10.93 -20.28 29.51
CA ARG D 281 -9.57 -20.00 29.94
C ARG D 281 -9.54 -19.73 31.44
N VAL D 282 -8.48 -20.18 32.10
CA VAL D 282 -8.34 -19.94 33.53
C VAL D 282 -7.82 -18.54 33.79
N ALA D 283 -6.66 -18.20 33.22
CA ALA D 283 -6.09 -16.87 33.35
C ALA D 283 -6.91 -15.88 32.52
N TRP D 284 -7.10 -14.69 33.07
CA TRP D 284 -7.85 -13.62 32.42
C TRP D 284 -9.26 -14.09 32.05
N SER D 285 -9.88 -14.85 32.96
CA SER D 285 -11.25 -15.31 32.78
C SER D 285 -12.25 -14.23 33.09
N GLY D 286 -11.84 -13.13 33.72
CA GLY D 286 -12.70 -12.01 33.99
C GLY D 286 -12.61 -10.88 32.99
N SER D 287 -12.02 -11.11 31.83
CA SER D 287 -11.85 -10.07 30.84
C SER D 287 -13.17 -9.80 30.11
N HIS D 288 -13.14 -8.83 29.22
CA HIS D 288 -14.30 -8.47 28.41
C HIS D 288 -14.59 -9.58 27.42
N ILE D 289 -15.86 -9.99 27.34
CA ILE D 289 -16.25 -11.03 26.40
C ILE D 289 -16.34 -10.43 25.00
N ARG D 290 -15.75 -11.13 24.03
CA ARG D 290 -15.74 -10.69 22.64
C ARG D 290 -16.61 -11.61 21.81
N TRP D 291 -17.04 -11.11 20.65
CA TRP D 291 -17.75 -11.96 19.71
C TRP D 291 -16.84 -13.10 19.24
N GLY D 292 -17.40 -14.30 19.14
CA GLY D 292 -16.61 -15.43 18.71
C GLY D 292 -15.80 -16.07 19.81
N GLN D 293 -16.09 -15.76 21.06
CA GLN D 293 -15.33 -16.32 22.18
C GLN D 293 -16.14 -17.43 22.83
N PRO D 294 -15.64 -18.66 22.82
CA PRO D 294 -16.40 -19.77 23.42
C PRO D 294 -16.56 -19.58 24.92
N PHE D 295 -17.68 -20.06 25.45
CA PHE D 295 -17.95 -20.00 26.88
C PHE D 295 -18.97 -21.06 27.24
N ARG D 296 -19.10 -21.31 28.54
CA ARG D 296 -20.07 -22.26 29.07
C ARG D 296 -21.10 -21.51 29.89
N LEU D 297 -22.37 -21.83 29.67
CA LEU D 297 -23.45 -21.27 30.47
C LEU D 297 -23.83 -22.23 31.57
N ARG D 298 -23.75 -21.76 32.81
CA ARG D 298 -24.01 -22.58 33.99
C ARG D 298 -25.26 -22.07 34.69
N HIS D 299 -26.19 -22.97 34.97
CA HIS D 299 -27.40 -22.59 35.68
C HIS D 299 -27.11 -22.52 37.17
N VAL D 300 -27.32 -21.34 37.76
CA VAL D 300 -26.76 -21.05 39.08
C VAL D 300 -27.40 -21.93 40.15
N THR D 301 -28.73 -21.98 40.20
CA THR D 301 -29.38 -22.65 41.32
C THR D 301 -29.29 -24.16 41.22
N THR D 302 -29.22 -24.71 40.01
CA THR D 302 -29.10 -26.16 39.84
C THR D 302 -27.66 -26.61 39.66
N GLY D 303 -26.75 -25.72 39.29
CA GLY D 303 -25.36 -26.10 39.12
C GLY D 303 -25.08 -26.97 37.92
N LYS D 304 -25.89 -26.89 36.89
CA LYS D 304 -25.74 -27.71 35.70
C LYS D 304 -25.51 -26.83 34.48
N TYR D 305 -24.77 -27.36 33.51
CA TYR D 305 -24.31 -26.59 32.37
C TYR D 305 -25.17 -26.86 31.14
N LEU D 306 -25.44 -25.81 30.39
CA LEU D 306 -26.20 -25.95 29.15
C LEU D 306 -25.41 -26.74 28.13
N SER D 307 -26.10 -27.61 27.39
CA SER D 307 -25.46 -28.50 26.44
C SER D 307 -26.43 -28.94 25.36
N LEU D 308 -25.88 -29.44 24.26
CA LEU D 308 -26.65 -29.94 23.13
C LEU D 308 -26.57 -31.45 23.09
N MET D 309 -27.72 -32.10 22.90
CA MET D 309 -27.77 -33.55 22.79
C MET D 309 -27.34 -34.01 21.40
N GLU D 310 -26.97 -35.28 21.31
CA GLU D 310 -26.74 -35.91 20.01
C GLU D 310 -28.04 -35.98 19.23
N ASP D 311 -29.18 -35.99 19.92
CA ASP D 311 -30.47 -35.97 19.27
C ASP D 311 -30.92 -34.53 19.04
N LYS D 312 -29.97 -33.59 19.08
CA LYS D 312 -30.18 -32.21 18.69
C LYS D 312 -31.20 -31.52 19.59
N ASN D 313 -31.05 -31.75 20.90
CA ASN D 313 -31.95 -31.17 21.89
C ASN D 313 -31.12 -30.52 22.99
N LEU D 314 -31.61 -29.41 23.53
CA LEU D 314 -30.91 -28.73 24.61
C LEU D 314 -31.24 -29.39 25.94
N LEU D 315 -30.22 -29.90 26.63
CA LEU D 315 -30.42 -30.56 27.90
C LEU D 315 -29.27 -30.22 28.84
N LEU D 316 -29.60 -29.97 30.10
CA LEU D 316 -28.60 -29.68 31.12
C LEU D 316 -27.97 -30.98 31.62
N MET D 317 -26.64 -31.03 31.66
CA MET D 317 -25.99 -32.13 32.36
C MET D 317 -25.12 -31.59 33.49
N ASP D 318 -24.40 -32.52 34.09
CA ASP D 318 -23.64 -32.32 35.32
C ASP D 318 -22.22 -31.86 35.03
N LYS D 319 -21.55 -31.41 36.10
CA LYS D 319 -20.18 -30.95 36.02
C LYS D 319 -19.25 -32.06 35.52
N GLU D 320 -19.50 -33.30 35.95
CA GLU D 320 -18.61 -34.41 35.60
C GLU D 320 -18.68 -34.73 34.13
N LYS D 321 -19.84 -34.57 33.50
CA LYS D 321 -20.01 -34.97 32.11
C LYS D 321 -20.34 -33.78 31.22
N ALA D 322 -19.95 -32.57 31.63
CA ALA D 322 -20.05 -31.37 30.81
C ALA D 322 -18.76 -31.24 30.00
N ASP D 323 -18.78 -31.75 28.77
CA ASP D 323 -17.64 -31.66 27.88
C ASP D 323 -17.67 -30.37 27.07
N VAL D 324 -16.49 -29.90 26.68
CA VAL D 324 -16.40 -28.68 25.87
C VAL D 324 -17.10 -28.86 24.54
N LYS D 325 -16.95 -30.04 23.92
CA LYS D 325 -17.60 -30.29 22.64
C LYS D 325 -19.10 -30.09 22.74
N SER D 326 -19.69 -30.46 23.87
CA SER D 326 -21.13 -30.38 24.03
C SER D 326 -21.56 -29.05 24.64
N THR D 327 -20.76 -28.49 25.54
CA THR D 327 -21.18 -27.37 26.37
C THR D 327 -20.54 -26.04 25.98
N ALA D 328 -20.06 -25.90 24.75
CA ALA D 328 -19.43 -24.66 24.31
C ALA D 328 -20.40 -23.87 23.43
N PHE D 329 -20.58 -22.60 23.74
CA PHE D 329 -21.47 -21.72 23.01
C PHE D 329 -20.75 -20.42 22.68
N THR D 330 -21.32 -19.66 21.76
CA THR D 330 -20.71 -18.44 21.26
C THR D 330 -21.77 -17.37 21.08
N PHE D 331 -21.36 -16.11 21.27
CA PHE D 331 -22.22 -14.96 21.00
C PHE D 331 -21.79 -14.37 19.66
N ARG D 332 -22.73 -14.25 18.73
CA ARG D 332 -22.46 -13.72 17.41
C ARG D 332 -23.34 -12.52 17.12
N SER D 333 -22.73 -11.50 16.48
CA SER D 333 -23.44 -10.25 16.25
C SER D 333 -24.60 -10.43 15.27
N SER D 334 -24.40 -11.25 14.24
CA SER D 334 -25.40 -11.40 13.19
C SER D 334 -25.50 -12.85 12.76
N LYS D 335 -26.58 -13.15 12.04
CA LYS D 335 -26.82 -14.48 11.49
C LYS D 335 -25.91 -14.82 10.32
N GLU D 336 -24.97 -13.93 9.97
CA GLU D 336 -24.10 -14.16 8.83
C GLU D 336 -23.27 -15.42 9.03
N LYS D 337 -23.07 -16.15 7.92
CA LYS D 337 -22.37 -17.43 7.97
C LYS D 337 -20.85 -17.27 7.91
N LEU D 338 -20.33 -16.06 7.81
CA LEU D 338 -18.89 -15.86 7.82
C LEU D 338 -18.31 -16.35 9.15
N ASP D 339 -17.25 -17.14 9.07
CA ASP D 339 -16.65 -17.69 10.27
C ASP D 339 -15.78 -16.65 10.97
N VAL D 340 -15.78 -16.69 12.30
CA VAL D 340 -14.93 -15.78 13.07
C VAL D 340 -13.47 -16.16 12.98
N GLY D 341 -13.15 -17.35 12.47
CA GLY D 341 -11.76 -17.77 12.38
C GLY D 341 -11.17 -18.00 13.75
N VAL D 342 -9.89 -17.69 13.88
CA VAL D 342 -9.16 -17.82 15.14
C VAL D 342 -8.60 -16.45 15.50
N ARG D 343 -8.75 -16.05 16.76
CA ARG D 343 -8.24 -14.79 17.25
C ARG D 343 -7.24 -15.02 18.37
N LYS D 344 -6.14 -14.28 18.33
CA LYS D 344 -5.14 -14.36 19.38
C LYS D 344 -5.72 -13.85 20.69
N GLU D 345 -5.75 -14.73 21.69
CA GLU D 345 -6.30 -14.37 22.99
C GLU D 345 -5.41 -13.32 23.66
N VAL D 346 -5.97 -12.13 23.86
CA VAL D 346 -5.21 -11.04 24.47
C VAL D 346 -5.06 -11.31 25.96
N ASP D 347 -3.85 -11.08 26.48
CA ASP D 347 -3.57 -11.27 27.89
C ASP D 347 -3.83 -9.96 28.63
N GLY D 348 -5.11 -9.61 28.72
CA GLY D 348 -5.54 -8.40 29.39
C GLY D 348 -7.05 -8.38 29.48
N MET D 349 -7.56 -7.24 29.98
CA MET D 349 -8.99 -7.10 30.11
C MET D 349 -9.70 -7.01 28.77
N GLY D 350 -8.97 -6.66 27.71
CA GLY D 350 -9.56 -6.63 26.39
C GLY D 350 -10.37 -5.37 26.14
N THR D 351 -11.03 -5.36 24.99
CA THR D 351 -11.85 -4.24 24.56
C THR D 351 -13.32 -4.58 24.73
N SER D 352 -14.10 -3.60 25.16
CA SER D 352 -15.53 -3.80 25.37
C SER D 352 -16.22 -3.98 24.02
N GLU D 353 -16.94 -5.08 23.87
CA GLU D 353 -17.64 -5.37 22.62
C GLU D 353 -19.10 -5.75 22.77
N ILE D 354 -19.53 -6.29 23.91
CA ILE D 354 -20.91 -6.67 24.13
C ILE D 354 -21.47 -5.82 25.25
N LYS D 355 -22.58 -5.13 24.97
CA LYS D 355 -23.17 -4.18 25.90
C LYS D 355 -24.49 -4.72 26.42
N TYR D 356 -24.69 -4.59 27.73
CA TYR D 356 -25.94 -5.04 28.34
C TYR D 356 -27.11 -4.23 27.81
N GLY D 357 -28.16 -4.95 27.39
CA GLY D 357 -29.36 -4.30 26.92
C GLY D 357 -29.27 -3.76 25.50
N ASP D 358 -28.25 -2.92 25.24
CA ASP D 358 -28.13 -2.30 23.93
C ASP D 358 -27.82 -3.32 22.84
N SER D 359 -26.84 -4.19 23.09
CA SER D 359 -26.41 -5.14 22.08
C SER D 359 -27.43 -6.27 21.94
N VAL D 360 -27.58 -6.76 20.72
CA VAL D 360 -28.43 -7.90 20.41
C VAL D 360 -27.53 -9.04 19.97
N CYS D 361 -27.67 -10.20 20.61
CA CYS D 361 -26.76 -11.31 20.42
C CYS D 361 -27.52 -12.54 19.94
N TYR D 362 -26.80 -13.40 19.23
CA TYR D 362 -27.33 -14.68 18.76
C TYR D 362 -26.43 -15.79 19.25
N ILE D 363 -27.03 -16.82 19.86
CA ILE D 363 -26.28 -17.92 20.43
C ILE D 363 -26.07 -18.98 19.35
N GLN D 364 -24.83 -19.46 19.24
CA GLN D 364 -24.51 -20.51 18.28
C GLN D 364 -23.60 -21.53 18.95
N HIS D 365 -23.92 -22.81 18.74
CA HIS D 365 -23.05 -23.87 19.24
C HIS D 365 -21.72 -23.84 18.49
N VAL D 366 -20.63 -24.04 19.23
CA VAL D 366 -19.30 -23.92 18.64
C VAL D 366 -19.07 -25.00 17.58
N ASP D 367 -19.41 -26.25 17.88
CA ASP D 367 -19.10 -27.33 16.96
C ASP D 367 -20.13 -27.46 15.86
N THR D 368 -21.39 -27.68 16.22
CA THR D 368 -22.43 -27.88 15.23
C THR D 368 -22.77 -26.62 14.45
N GLY D 369 -22.43 -25.45 14.97
CA GLY D 369 -22.78 -24.21 14.29
C GLY D 369 -24.26 -23.92 14.26
N LEU D 370 -25.07 -24.68 14.99
CA LEU D 370 -26.50 -24.47 14.98
C LEU D 370 -26.85 -23.22 15.77
N TRP D 371 -28.02 -22.64 15.50
CA TRP D 371 -28.46 -21.44 16.18
C TRP D 371 -29.59 -21.76 17.14
N LEU D 372 -29.50 -21.21 18.35
CA LEU D 372 -30.54 -21.41 19.35
C LEU D 372 -31.79 -20.64 18.95
N THR D 373 -32.95 -21.31 19.03
CA THR D 373 -34.19 -20.72 18.59
C THR D 373 -35.35 -21.33 19.37
N TYR D 374 -36.51 -20.68 19.26
CA TYR D 374 -37.72 -21.18 19.89
C TYR D 374 -38.51 -22.05 18.91
N GLN D 375 -39.04 -23.16 19.43
CA GLN D 375 -39.76 -24.10 18.57
C GLN D 375 -41.10 -23.52 18.13
N SER D 376 -41.61 -22.53 18.85
CA SER D 376 -42.86 -21.81 18.55
C SER D 376 -44.08 -22.71 18.62
N VAL D 377 -44.02 -23.82 19.34
CA VAL D 377 -45.15 -24.74 19.49
C VAL D 377 -45.80 -24.47 20.84
N ASP D 378 -47.13 -24.42 20.86
CA ASP D 378 -47.87 -24.15 22.09
C ASP D 378 -48.75 -25.34 22.44
N SER D 386 -46.31 -20.02 31.48
CA SER D 386 -47.04 -19.07 30.67
C SER D 386 -46.93 -19.42 29.19
N ILE D 387 -46.06 -18.71 28.47
CA ILE D 387 -45.86 -18.98 27.05
C ILE D 387 -45.31 -20.39 26.86
N GLN D 388 -44.31 -20.77 27.65
CA GLN D 388 -43.79 -22.13 27.69
C GLN D 388 -43.40 -22.64 26.31
N ARG D 389 -42.79 -21.76 25.52
CA ARG D 389 -42.29 -22.19 24.22
C ARG D 389 -40.93 -22.87 24.38
N LYS D 390 -40.79 -24.03 23.75
CA LYS D 390 -39.60 -24.85 23.94
C LYS D 390 -38.41 -24.23 23.18
N ALA D 391 -37.23 -24.41 23.75
CA ALA D 391 -35.98 -23.97 23.15
C ALA D 391 -35.37 -25.14 22.38
N ILE D 392 -35.30 -25.01 21.06
CA ILE D 392 -34.78 -26.06 20.20
C ILE D 392 -33.61 -25.49 19.43
N MET D 393 -32.73 -26.37 18.96
CA MET D 393 -31.42 -25.99 18.47
C MET D 393 -31.36 -26.30 16.99
N HIS D 394 -31.35 -25.27 16.14
CA HIS D 394 -31.70 -25.41 14.74
C HIS D 394 -30.56 -24.96 13.83
N HIS D 395 -30.54 -25.53 12.61
CA HIS D 395 -29.54 -25.16 11.62
C HIS D 395 -29.65 -23.71 11.18
N GLU D 396 -30.87 -23.25 10.90
CA GLU D 396 -31.08 -21.89 10.43
C GLU D 396 -31.82 -21.03 11.45
N GLY D 397 -32.89 -21.56 12.03
CA GLY D 397 -33.62 -20.83 13.05
C GLY D 397 -34.49 -19.74 12.46
N HIS D 398 -35.21 -19.07 13.36
CA HIS D 398 -36.09 -17.99 12.96
C HIS D 398 -35.30 -16.69 12.81
N MET D 399 -35.94 -15.71 12.18
CA MET D 399 -35.28 -14.42 11.99
C MET D 399 -35.18 -13.65 13.30
N ASP D 400 -36.15 -13.81 14.18
CA ASP D 400 -36.17 -13.09 15.46
C ASP D 400 -35.63 -13.98 16.59
N ASP D 401 -34.37 -14.35 16.46
CA ASP D 401 -33.68 -15.16 17.46
C ASP D 401 -32.72 -14.34 18.31
N GLY D 402 -32.70 -13.03 18.14
CA GLY D 402 -31.78 -12.20 18.93
C GLY D 402 -32.22 -12.13 20.37
N ILE D 403 -31.25 -12.04 21.27
CA ILE D 403 -31.52 -11.95 22.70
C ILE D 403 -30.93 -10.65 23.23
N SER D 404 -31.31 -10.31 24.45
CA SER D 404 -30.73 -9.19 25.18
C SER D 404 -30.14 -9.71 26.49
N LEU D 405 -29.13 -8.99 26.97
CA LEU D 405 -28.39 -9.40 28.16
C LEU D 405 -28.66 -8.42 29.28
N SER D 406 -29.06 -8.94 30.43
CA SER D 406 -29.31 -8.14 31.62
C SER D 406 -28.48 -8.68 32.78
N ARG D 407 -27.69 -7.81 33.38
CA ARG D 407 -26.85 -8.23 34.49
C ARG D 407 -27.68 -8.34 35.77
N SER D 408 -27.25 -9.22 36.66
CA SER D 408 -27.95 -9.49 37.90
C SER D 408 -27.24 -8.81 39.05
N GLN D 409 -28.01 -8.39 40.05
CA GLN D 409 -27.42 -7.75 41.22
C GLN D 409 -26.56 -8.73 42.00
N HIS D 410 -25.57 -8.18 42.71
CA HIS D 410 -24.68 -9.02 43.50
C HIS D 410 -25.42 -9.77 44.58
N GLU D 411 -26.36 -9.10 45.26
CA GLU D 411 -27.16 -9.77 46.29
C GLU D 411 -27.96 -10.92 45.69
N GLU D 412 -28.57 -10.69 44.53
CA GLU D 412 -29.36 -11.73 43.89
C GLU D 412 -28.51 -12.92 43.46
N SER D 413 -27.32 -12.68 42.91
CA SER D 413 -26.44 -13.77 42.52
C SER D 413 -25.98 -14.56 43.73
N ARG D 414 -25.61 -13.84 44.80
CA ARG D 414 -25.17 -14.50 46.02
C ARG D 414 -26.27 -15.38 46.59
N THR D 415 -27.50 -14.87 46.62
CA THR D 415 -28.62 -15.66 47.13
C THR D 415 -28.87 -16.90 46.29
N ALA D 416 -28.77 -16.81 44.97
CA ALA D 416 -28.94 -17.99 44.13
C ALA D 416 -27.88 -19.05 44.40
N ARG D 417 -26.60 -18.65 44.52
CA ARG D 417 -25.60 -19.66 44.82
C ARG D 417 -25.78 -20.22 46.23
N VAL D 418 -26.25 -19.40 47.16
CA VAL D 418 -26.57 -19.90 48.50
C VAL D 418 -27.64 -20.97 48.42
N ILE D 419 -28.67 -20.71 47.61
CA ILE D 419 -29.75 -21.69 47.44
C ILE D 419 -29.19 -22.99 46.89
N TRP D 420 -28.33 -22.91 45.87
CA TRP D 420 -27.75 -24.14 45.31
C TRP D 420 -26.95 -24.91 46.34
N SER D 421 -26.02 -24.24 47.02
CA SER D 421 -25.18 -24.90 48.00
C SER D 421 -25.96 -25.45 49.18
N THR D 422 -27.07 -24.80 49.57
CA THR D 422 -27.85 -25.29 50.68
C THR D 422 -28.70 -26.48 50.28
N VAL D 423 -29.29 -26.44 49.07
CA VAL D 423 -30.13 -27.56 48.64
C VAL D 423 -29.27 -28.80 48.42
N PHE D 424 -28.02 -28.61 47.96
CA PHE D 424 -27.13 -29.75 47.81
C PHE D 424 -26.90 -30.44 49.16
N LEU D 425 -26.51 -29.68 50.17
CA LEU D 425 -26.21 -30.24 51.48
C LEU D 425 -27.45 -30.87 52.11
N PHE D 426 -28.60 -30.20 51.99
CA PHE D 426 -29.81 -30.74 52.59
C PHE D 426 -30.31 -31.98 51.87
N ASN D 427 -30.13 -32.08 50.56
CA ASN D 427 -30.43 -33.32 49.85
C ASN D 427 -29.52 -34.44 50.30
N ARG D 428 -28.23 -34.17 50.51
CA ARG D 428 -27.35 -35.18 51.07
C ARG D 428 -27.82 -35.63 52.44
N PHE D 429 -28.22 -34.68 53.29
CA PHE D 429 -28.74 -34.99 54.62
C PHE D 429 -29.98 -35.88 54.53
N ILE D 430 -30.90 -35.52 53.64
CA ILE D 430 -32.13 -36.30 53.49
C ILE D 430 -31.84 -37.71 53.00
N ARG D 431 -30.93 -37.84 52.03
CA ARG D 431 -30.58 -39.17 51.55
C ARG D 431 -29.95 -40.02 52.65
N GLY D 432 -29.06 -39.41 53.44
CA GLY D 432 -28.46 -40.16 54.55
C GLY D 432 -29.49 -40.59 55.56
N LEU D 433 -30.41 -39.70 55.91
CA LEU D 433 -31.47 -40.06 56.85
C LEU D 433 -32.35 -41.16 56.31
N ASP D 434 -32.66 -41.11 55.00
CA ASP D 434 -33.48 -42.15 54.40
C ASP D 434 -32.76 -43.48 54.42
N ALA D 435 -31.45 -43.49 54.16
CA ALA D 435 -30.69 -44.73 54.24
C ALA D 435 -30.70 -45.29 55.66
N LEU D 436 -30.49 -44.43 56.65
CA LEU D 436 -30.54 -44.90 58.03
C LEU D 436 -31.91 -45.45 58.38
N SER D 437 -32.97 -44.83 57.85
CA SER D 437 -34.31 -45.34 58.06
C SER D 437 -34.51 -46.70 57.39
N LYS D 438 -34.00 -46.89 56.18
CA LYS D 438 -34.04 -48.18 55.50
C LYS D 438 -32.98 -49.14 56.02
N LYS D 439 -32.31 -48.78 57.12
CA LYS D 439 -31.49 -49.68 57.94
C LYS D 439 -30.16 -50.03 57.30
N ALA D 440 -29.58 -49.13 56.51
CA ALA D 440 -28.21 -49.32 56.06
C ALA D 440 -27.25 -49.20 57.23
N LYS D 441 -26.04 -49.69 57.03
CA LYS D 441 -25.02 -49.63 58.07
C LYS D 441 -24.72 -48.19 58.43
N ALA D 442 -24.55 -47.94 59.74
CA ALA D 442 -24.26 -46.59 60.20
C ALA D 442 -22.92 -46.09 59.69
N SER D 443 -21.98 -46.99 59.43
CA SER D 443 -20.66 -46.59 58.96
C SER D 443 -20.70 -46.14 57.50
N THR D 444 -21.44 -46.85 56.65
CA THR D 444 -21.43 -46.53 55.23
C THR D 444 -22.25 -45.26 54.94
N VAL D 445 -23.17 -44.91 55.84
CA VAL D 445 -23.98 -43.72 55.62
C VAL D 445 -23.18 -42.48 55.98
N ASP D 446 -23.16 -41.52 55.07
CA ASP D 446 -22.50 -40.23 55.29
C ASP D 446 -23.54 -39.23 55.76
N LEU D 447 -23.43 -38.83 57.04
CA LEU D 447 -24.40 -37.93 57.62
C LEU D 447 -23.71 -36.62 57.96
N PRO D 448 -23.86 -35.57 57.16
CA PRO D 448 -23.07 -34.33 57.34
C PRO D 448 -23.58 -33.49 58.51
N ILE D 449 -23.38 -33.99 59.73
CA ILE D 449 -23.92 -33.32 60.91
C ILE D 449 -23.28 -31.96 61.10
N GLU D 450 -21.95 -31.90 61.09
CA GLU D 450 -21.26 -30.64 61.35
C GLU D 450 -21.54 -29.62 60.25
N SER D 451 -21.51 -30.07 58.99
CA SER D 451 -21.79 -29.16 57.88
C SER D 451 -23.21 -28.63 57.95
N VAL D 452 -24.17 -29.50 58.27
CA VAL D 452 -25.55 -29.07 58.41
C VAL D 452 -25.70 -28.06 59.53
N SER D 453 -25.07 -28.28 60.68
CA SER D 453 -25.17 -27.32 61.78
C SER D 453 -24.56 -25.97 61.39
N LEU D 454 -23.39 -25.99 60.75
CA LEU D 454 -22.74 -24.75 60.36
C LEU D 454 -23.57 -23.99 59.33
N SER D 455 -24.11 -24.70 58.34
CA SER D 455 -24.96 -24.06 57.34
C SER D 455 -26.28 -23.57 57.91
N LEU D 456 -26.82 -24.24 58.93
CA LEU D 456 -28.03 -23.79 59.58
C LEU D 456 -27.80 -22.55 60.42
N GLN D 457 -26.62 -22.42 61.03
CA GLN D 457 -26.26 -21.18 61.70
C GLN D 457 -25.97 -20.05 60.74
N ASP D 458 -25.23 -20.30 59.66
CA ASP D 458 -24.98 -19.26 58.67
C ASP D 458 -26.28 -18.80 58.01
N LEU D 459 -27.19 -19.73 57.76
CA LEU D 459 -28.46 -19.35 57.14
C LEU D 459 -29.30 -18.47 58.06
N ILE D 460 -29.33 -18.78 59.36
CA ILE D 460 -30.03 -17.93 60.29
C ILE D 460 -29.39 -16.55 60.35
N GLY D 461 -28.06 -16.48 60.37
CA GLY D 461 -27.41 -15.18 60.30
C GLY D 461 -27.74 -14.44 59.01
N TYR D 462 -27.88 -15.18 57.92
CA TYR D 462 -28.18 -14.58 56.63
C TYR D 462 -29.59 -13.99 56.61
N PHE D 463 -30.54 -14.65 57.25
CA PHE D 463 -31.91 -14.18 57.35
C PHE D 463 -32.19 -13.43 58.64
N HIS D 464 -31.15 -13.02 59.35
CA HIS D 464 -31.33 -12.28 60.58
C HIS D 464 -32.01 -10.94 60.31
N PRO D 465 -33.02 -10.58 61.09
CA PRO D 465 -33.72 -9.31 60.87
C PRO D 465 -32.83 -8.13 61.25
N PRO D 466 -33.06 -6.97 60.64
CA PRO D 466 -32.24 -5.79 60.97
C PRO D 466 -32.46 -5.36 62.41
N ASP D 467 -31.41 -4.77 62.99
CA ASP D 467 -31.50 -4.26 64.35
C ASP D 467 -32.20 -2.90 64.37
N GLU D 468 -32.74 -2.55 65.53
CA GLU D 468 -33.57 -1.36 65.64
C GLU D 468 -32.76 -0.09 65.75
N HIS D 469 -31.59 -0.13 66.40
CA HIS D 469 -30.85 1.11 66.65
C HIS D 469 -30.21 1.67 65.39
N LEU D 470 -30.23 0.92 64.29
CA LEU D 470 -29.64 1.40 63.05
C LEU D 470 -30.41 2.59 62.50
N GLU D 471 -29.77 3.31 61.58
CA GLU D 471 -30.41 4.44 60.93
C GLU D 471 -31.57 3.96 60.05
N HIS D 472 -32.48 4.88 59.77
CA HIS D 472 -33.69 4.52 59.05
C HIS D 472 -33.40 4.01 57.65
N GLU D 473 -32.53 4.71 56.91
CA GLU D 473 -32.23 4.29 55.55
C GLU D 473 -31.53 2.94 55.51
N ASP D 474 -30.56 2.73 56.39
CA ASP D 474 -29.87 1.45 56.46
C ASP D 474 -30.83 0.34 56.83
N LYS D 475 -31.72 0.60 57.78
CA LYS D 475 -32.71 -0.40 58.19
C LYS D 475 -33.61 -0.76 57.02
N GLN D 476 -34.04 0.25 56.25
CA GLN D 476 -34.87 -0.02 55.09
C GLN D 476 -34.12 -0.86 54.06
N ASN D 477 -32.85 -0.56 53.83
CA ASN D 477 -32.07 -1.34 52.87
C ASN D 477 -31.96 -2.79 53.31
N ARG D 478 -31.67 -3.01 54.60
CA ARG D 478 -31.55 -4.37 55.11
C ARG D 478 -32.88 -5.11 55.02
N LEU D 479 -33.98 -4.42 55.33
CA LEU D 479 -35.30 -5.06 55.21
C LEU D 479 -35.59 -5.45 53.78
N ARG D 480 -35.25 -4.58 52.82
CA ARG D 480 -35.48 -4.89 51.42
C ARG D 480 -34.66 -6.10 50.99
N ALA D 481 -33.38 -6.15 51.41
CA ALA D 481 -32.56 -7.31 51.09
C ALA D 481 -33.13 -8.58 51.69
N LEU D 482 -33.59 -8.51 52.95
CA LEU D 482 -34.17 -9.68 53.60
C LEU D 482 -35.42 -10.16 52.88
N LYS D 483 -36.28 -9.23 52.48
CA LYS D 483 -37.49 -9.61 51.75
C LYS D 483 -37.15 -10.26 50.42
N ASN D 484 -36.16 -9.72 49.71
CA ASN D 484 -35.75 -10.31 48.45
C ASN D 484 -35.22 -11.74 48.66
N ARG D 485 -34.42 -11.92 49.71
CA ARG D 485 -33.89 -13.26 50.00
C ARG D 485 -35.02 -14.24 50.30
N GLN D 486 -35.98 -13.80 51.11
CA GLN D 486 -37.12 -14.68 51.44
C GLN D 486 -37.89 -15.05 50.19
N ASN D 487 -38.15 -14.08 49.32
CA ASN D 487 -38.89 -14.36 48.10
C ASN D 487 -38.14 -15.35 47.21
N LEU D 488 -36.84 -15.16 47.05
CA LEU D 488 -36.07 -16.07 46.21
C LEU D 488 -36.07 -17.49 46.79
N PHE D 489 -35.90 -17.60 48.11
CA PHE D 489 -35.90 -18.92 48.73
C PHE D 489 -37.24 -19.62 48.55
N GLN D 490 -38.34 -18.88 48.74
CA GLN D 490 -39.63 -19.54 48.62
C GLN D 490 -39.94 -19.90 47.17
N GLU D 491 -39.57 -19.05 46.22
CA GLU D 491 -39.72 -19.40 44.81
C GLU D 491 -38.89 -20.60 44.41
N GLU D 492 -37.73 -20.80 45.01
CA GLU D 492 -36.96 -22.01 44.81
C GLU D 492 -37.44 -23.15 45.70
N GLY D 493 -38.45 -22.91 46.53
CA GLY D 493 -39.04 -23.96 47.32
C GLY D 493 -38.16 -24.50 48.42
N MET D 494 -37.46 -23.63 49.14
CA MET D 494 -36.63 -24.04 50.25
C MET D 494 -37.41 -24.27 51.53
N ILE D 495 -38.67 -23.84 51.58
CA ILE D 495 -39.52 -24.14 52.72
C ILE D 495 -39.83 -25.63 52.82
N ASN D 496 -40.20 -26.25 51.70
CA ASN D 496 -40.50 -27.67 51.71
C ASN D 496 -39.29 -28.52 52.05
N LEU D 497 -38.09 -28.06 51.67
CA LEU D 497 -36.88 -28.79 52.03
C LEU D 497 -36.70 -28.82 53.55
N VAL D 498 -36.87 -27.67 54.20
CA VAL D 498 -36.78 -27.61 55.65
C VAL D 498 -37.87 -28.46 56.28
N LEU D 499 -39.07 -28.43 55.72
CA LEU D 499 -40.15 -29.25 56.24
C LEU D 499 -39.82 -30.73 56.13
N GLU D 500 -39.23 -31.15 55.01
CA GLU D 500 -38.83 -32.55 54.86
C GLU D 500 -37.78 -32.94 55.88
N CYS D 501 -36.79 -32.08 56.11
CA CYS D 501 -35.78 -32.38 57.12
C CYS D 501 -36.42 -32.52 58.51
N ILE D 502 -37.34 -31.62 58.84
CA ILE D 502 -38.00 -31.67 60.13
C ILE D 502 -38.82 -32.95 60.26
N ASP D 503 -39.56 -33.30 59.21
CA ASP D 503 -40.38 -34.51 59.24
C ASP D 503 -39.51 -35.75 59.40
N ARG D 504 -38.40 -35.82 58.68
CA ARG D 504 -37.53 -36.99 58.76
C ARG D 504 -36.77 -37.03 60.08
N LEU D 505 -36.66 -35.89 60.77
CA LEU D 505 -36.00 -35.92 62.07
C LEU D 505 -36.98 -36.24 63.20
N HIS D 506 -38.27 -35.98 63.03
CA HIS D 506 -39.22 -36.35 64.07
C HIS D 506 -39.59 -37.82 64.07
N VAL D 507 -39.09 -38.62 63.13
CA VAL D 507 -39.37 -40.05 63.20
C VAL D 507 -38.72 -40.65 64.45
N TYR D 508 -37.63 -40.06 64.92
CA TYR D 508 -36.98 -40.52 66.13
C TYR D 508 -37.55 -39.79 67.34
N SER D 509 -37.93 -40.56 68.35
CA SER D 509 -38.60 -39.99 69.51
C SER D 509 -37.69 -39.09 70.33
N SER D 510 -36.43 -39.49 70.51
CA SER D 510 -35.54 -38.78 71.42
C SER D 510 -34.11 -38.84 70.92
N ALA D 511 -33.25 -38.06 71.58
CA ALA D 511 -31.84 -38.04 71.22
C ALA D 511 -31.19 -39.40 71.42
N ALA D 512 -31.58 -40.14 72.46
CA ALA D 512 -31.09 -41.49 72.65
C ALA D 512 -31.50 -42.42 71.52
N HIS D 513 -32.75 -42.32 71.06
CA HIS D 513 -33.18 -43.14 69.93
C HIS D 513 -32.40 -42.79 68.68
N PHE D 514 -32.16 -41.50 68.44
CA PHE D 514 -31.39 -41.11 67.27
C PHE D 514 -29.94 -41.56 67.39
N ALA D 515 -29.39 -41.57 68.60
CA ALA D 515 -28.03 -42.05 68.79
C ALA D 515 -27.94 -43.56 68.68
N ASP D 516 -29.04 -44.27 68.89
CA ASP D 516 -29.05 -45.71 68.66
C ASP D 516 -29.12 -46.02 67.17
N VAL D 517 -29.99 -45.32 66.44
CA VAL D 517 -30.11 -45.59 65.00
C VAL D 517 -28.89 -45.07 64.26
N ALA D 518 -28.63 -43.77 64.36
CA ALA D 518 -27.44 -43.14 63.80
C ALA D 518 -26.33 -43.14 64.83
N GLY D 519 -25.29 -42.35 64.60
CA GLY D 519 -24.14 -42.32 65.50
C GLY D 519 -24.40 -41.50 66.75
N ARG D 520 -23.46 -41.61 67.68
CA ARG D 520 -23.55 -40.91 68.96
C ARG D 520 -23.52 -39.40 68.77
N GLU D 521 -22.65 -38.90 67.89
CA GLU D 521 -22.59 -37.48 67.63
C GLU D 521 -23.90 -36.98 67.01
N ALA D 522 -24.48 -37.78 66.12
CA ALA D 522 -25.79 -37.43 65.55
C ALA D 522 -26.85 -37.35 66.63
N GLY D 523 -26.84 -38.31 67.56
CA GLY D 523 -27.75 -38.23 68.69
C GLY D 523 -27.53 -36.99 69.54
N GLU D 524 -26.27 -36.60 69.72
CA GLU D 524 -25.97 -35.39 70.49
C GLU D 524 -26.51 -34.14 69.79
N SER D 525 -26.37 -34.06 68.47
CA SER D 525 -26.74 -32.87 67.73
C SER D 525 -28.19 -32.86 67.26
N TRP D 526 -28.94 -33.93 67.52
CA TRP D 526 -30.31 -34.02 67.05
C TRP D 526 -31.17 -32.85 67.54
N LYS D 527 -31.13 -32.56 68.83
CA LYS D 527 -31.90 -31.47 69.41
C LYS D 527 -31.51 -30.11 68.83
N SER D 528 -30.21 -29.86 68.71
CA SER D 528 -29.75 -28.58 68.17
C SER D 528 -30.19 -28.41 66.73
N ILE D 529 -30.10 -29.48 65.94
CA ILE D 529 -30.51 -29.38 64.53
C ILE D 529 -32.01 -29.14 64.44
N LEU D 530 -32.80 -29.82 65.27
CA LEU D 530 -34.23 -29.56 65.26
C LEU D 530 -34.56 -28.11 65.64
N ASN D 531 -33.91 -27.57 66.66
CA ASN D 531 -34.17 -26.18 67.02
C ASN D 531 -33.76 -25.23 65.90
N SER D 532 -32.60 -25.49 65.28
CA SER D 532 -32.11 -24.61 64.23
C SER D 532 -33.01 -24.64 63.01
N LEU D 533 -33.56 -25.82 62.68
CA LEU D 533 -34.46 -25.90 61.53
C LEU D 533 -35.72 -25.09 61.75
N TYR D 534 -36.30 -25.18 62.95
CA TYR D 534 -37.48 -24.39 63.26
C TYR D 534 -37.17 -22.90 63.25
N GLU D 535 -36.02 -22.52 63.80
CA GLU D 535 -35.63 -21.11 63.77
C GLU D 535 -35.46 -20.62 62.34
N LEU D 536 -34.86 -21.44 61.48
CA LEU D 536 -34.69 -21.07 60.09
C LEU D 536 -36.04 -20.91 59.39
N LEU D 537 -36.97 -21.82 59.67
CA LEU D 537 -38.30 -21.70 59.07
C LEU D 537 -38.99 -20.42 59.51
N ALA D 538 -38.90 -20.10 60.80
CA ALA D 538 -39.49 -18.87 61.31
C ALA D 538 -38.85 -17.65 60.66
N ALA D 539 -37.52 -17.66 60.49
CA ALA D 539 -36.85 -16.56 59.82
C ALA D 539 -37.22 -16.45 58.36
N LEU D 540 -37.45 -17.57 57.68
CA LEU D 540 -37.86 -17.56 56.28
C LEU D 540 -39.27 -17.02 56.07
N ILE D 541 -40.19 -17.30 56.99
CA ILE D 541 -41.57 -16.88 56.80
C ILE D 541 -41.93 -15.61 57.56
N ARG D 542 -41.07 -15.11 58.45
CA ARG D 542 -41.45 -13.96 59.27
C ARG D 542 -41.55 -12.70 58.44
N GLY D 543 -42.66 -11.97 58.62
CA GLY D 543 -42.85 -10.69 57.98
C GLY D 543 -43.22 -10.74 56.52
N ASN D 544 -43.40 -11.91 55.95
CA ASN D 544 -43.68 -12.07 54.53
C ASN D 544 -45.09 -12.59 54.35
N ARG D 545 -45.97 -11.74 53.84
CA ARG D 545 -47.37 -12.13 53.65
C ARG D 545 -47.51 -13.29 52.67
N LYS D 546 -46.77 -13.26 51.56
CA LYS D 546 -46.85 -14.34 50.59
C LYS D 546 -46.39 -15.66 51.18
N ASN D 547 -45.27 -15.65 51.92
CA ASN D 547 -44.78 -16.90 52.50
C ASN D 547 -45.75 -17.43 53.56
N CYS D 548 -46.27 -16.53 54.40
CA CYS D 548 -47.22 -16.96 55.42
C CYS D 548 -48.52 -17.46 54.81
N ALA D 549 -48.93 -16.92 53.67
CA ALA D 549 -50.08 -17.46 52.95
C ALA D 549 -49.80 -18.81 52.32
N GLN D 550 -48.59 -19.03 51.82
CA GLN D 550 -48.21 -20.33 51.27
C GLN D 550 -48.06 -21.39 52.35
N PHE D 551 -47.77 -21.01 53.58
CA PHE D 551 -47.63 -21.98 54.67
C PHE D 551 -48.96 -22.46 55.22
N SER D 552 -50.08 -21.95 54.69
CA SER D 552 -51.39 -22.37 55.19
C SER D 552 -51.60 -23.86 55.01
N GLY D 553 -51.25 -24.39 53.85
CA GLY D 553 -51.44 -25.81 53.61
C GLY D 553 -50.68 -26.68 54.58
N SER D 554 -49.52 -26.21 55.03
CA SER D 554 -48.69 -26.96 55.97
C SER D 554 -49.02 -26.67 57.43
N LEU D 555 -49.86 -25.66 57.70
CA LEU D 555 -50.24 -25.37 59.08
C LEU D 555 -50.81 -26.60 59.78
N ASP D 556 -51.68 -27.34 59.10
CA ASP D 556 -52.29 -28.52 59.74
C ASP D 556 -51.24 -29.53 60.15
N TRP D 557 -50.26 -29.78 59.30
CA TRP D 557 -49.16 -30.68 59.65
C TRP D 557 -48.32 -30.13 60.78
N LEU D 558 -48.27 -28.80 60.93
CA LEU D 558 -47.40 -28.20 61.94
C LEU D 558 -47.95 -28.38 63.34
N ILE D 559 -49.26 -28.24 63.51
CA ILE D 559 -49.86 -28.24 64.85
C ILE D 559 -50.01 -29.69 65.32
N SER D 560 -49.76 -30.65 64.43
CA SER D 560 -49.84 -32.05 64.78
C SER D 560 -48.75 -32.49 65.73
N ARG D 561 -47.64 -31.75 65.80
CA ARG D 561 -46.53 -32.07 66.69
C ARG D 561 -46.32 -31.02 67.76
N LEU D 562 -47.35 -30.22 68.07
CA LEU D 562 -47.19 -29.18 69.07
C LEU D 562 -46.93 -29.76 70.45
N GLU D 563 -47.44 -30.94 70.73
CA GLU D 563 -47.35 -31.50 72.08
C GLU D 563 -45.94 -31.97 72.41
N ARG D 564 -45.14 -32.29 71.39
CA ARG D 564 -43.81 -32.81 71.64
C ARG D 564 -42.93 -31.74 72.29
N LEU D 565 -42.19 -32.15 73.31
CA LEU D 565 -41.39 -31.23 74.10
C LEU D 565 -40.18 -30.69 73.35
N GLU D 566 -39.68 -31.41 72.36
CA GLU D 566 -38.49 -30.98 71.63
C GLU D 566 -38.81 -30.00 70.50
N ALA D 567 -40.09 -29.73 70.25
CA ALA D 567 -40.47 -28.85 69.15
C ALA D 567 -41.54 -27.84 69.52
N SER D 568 -42.01 -27.82 70.77
CA SER D 568 -43.14 -26.97 71.13
C SER D 568 -42.82 -25.49 70.94
N SER D 569 -41.65 -25.04 71.39
CA SER D 569 -41.32 -23.62 71.30
C SER D 569 -41.18 -23.17 69.84
N GLY D 570 -40.46 -23.93 69.03
CA GLY D 570 -40.30 -23.56 67.64
C GLY D 570 -41.61 -23.60 66.88
N ILE D 571 -42.42 -24.63 67.12
CA ILE D 571 -43.71 -24.70 66.45
C ILE D 571 -44.59 -23.53 66.87
N LEU D 572 -44.55 -23.17 68.15
CA LEU D 572 -45.33 -22.02 68.61
C LEU D 572 -44.87 -20.73 67.97
N GLU D 573 -43.56 -20.53 67.83
CA GLU D 573 -43.05 -19.33 67.18
C GLU D 573 -43.48 -19.26 65.72
N VAL D 574 -43.36 -20.38 65.00
CA VAL D 574 -43.77 -20.40 63.59
C VAL D 574 -45.27 -20.12 63.48
N LEU D 575 -46.06 -20.74 64.34
CA LEU D 575 -47.50 -20.52 64.33
C LEU D 575 -47.83 -19.07 64.62
N HIS D 576 -47.16 -18.46 65.58
CA HIS D 576 -47.37 -17.05 65.88
C HIS D 576 -47.05 -16.16 64.69
N CYS D 577 -45.92 -16.39 64.02
CA CYS D 577 -45.58 -15.60 62.86
C CYS D 577 -46.64 -15.74 61.76
N VAL D 578 -47.05 -16.97 61.48
CA VAL D 578 -48.03 -17.20 60.42
C VAL D 578 -49.36 -16.54 60.76
N LEU D 579 -49.83 -16.70 61.99
CA LEU D 579 -51.12 -16.14 62.37
C LEU D 579 -51.07 -14.61 62.37
N VAL D 580 -49.95 -14.04 62.76
CA VAL D 580 -49.83 -12.58 62.75
C VAL D 580 -49.87 -12.05 61.33
N GLU D 581 -49.17 -12.73 60.41
CA GLU D 581 -48.98 -12.15 59.08
C GLU D 581 -50.08 -12.50 58.08
N SER D 582 -50.58 -13.73 58.07
CA SER D 582 -51.47 -14.18 57.01
C SER D 582 -52.91 -14.28 57.49
N PRO D 583 -53.83 -13.48 56.95
CA PRO D 583 -55.26 -13.65 57.30
C PRO D 583 -55.83 -14.99 56.87
N GLU D 584 -55.26 -15.62 55.84
CA GLU D 584 -55.78 -16.90 55.36
C GLU D 584 -55.56 -18.02 56.36
N ALA D 585 -54.59 -17.86 57.26
CA ALA D 585 -54.34 -18.89 58.27
C ALA D 585 -55.53 -19.03 59.21
N LEU D 586 -56.11 -17.91 59.64
CA LEU D 586 -57.23 -17.99 60.58
C LEU D 586 -58.44 -18.66 59.95
N ASN D 587 -58.60 -18.53 58.63
CA ASN D 587 -59.70 -19.18 57.94
C ASN D 587 -59.57 -20.70 57.93
N ILE D 588 -58.38 -21.24 58.16
CA ILE D 588 -58.23 -22.69 58.17
C ILE D 588 -57.93 -23.24 59.55
N ILE D 589 -57.61 -22.40 60.53
CA ILE D 589 -57.50 -22.87 61.90
C ILE D 589 -58.90 -23.25 62.37
N LYS D 590 -59.06 -24.45 62.90
CA LYS D 590 -60.36 -24.98 63.26
C LYS D 590 -60.47 -25.24 64.75
N GLU D 591 -61.62 -25.81 65.15
CA GLU D 591 -61.88 -26.06 66.56
C GLU D 591 -60.88 -27.05 67.15
N GLY D 592 -60.54 -28.10 66.40
CA GLY D 592 -59.53 -29.02 66.87
C GLY D 592 -58.19 -28.38 67.10
N HIS D 593 -57.73 -27.54 66.20
CA HIS D 593 -56.48 -26.80 66.39
C HIS D 593 -56.54 -25.88 67.59
N ILE D 594 -57.63 -25.14 67.77
CA ILE D 594 -57.76 -24.28 68.94
C ILE D 594 -57.76 -25.08 70.23
N LYS D 595 -58.46 -26.20 70.28
CA LYS D 595 -58.45 -27.05 71.46
C LYS D 595 -57.08 -27.66 71.73
N SER D 596 -56.33 -28.03 70.70
CA SER D 596 -54.96 -28.49 70.90
C SER D 596 -54.09 -27.39 71.49
N ILE D 597 -54.20 -26.17 70.96
CA ILE D 597 -53.42 -25.06 71.49
C ILE D 597 -53.80 -24.79 72.94
N ILE D 598 -55.08 -24.92 73.27
CA ILE D 598 -55.51 -24.70 74.65
C ILE D 598 -54.97 -25.80 75.56
N SER D 599 -55.04 -27.06 75.14
CA SER D 599 -54.53 -28.16 75.96
C SER D 599 -53.02 -28.06 76.13
N LEU D 600 -52.35 -27.37 75.19
CA LEU D 600 -50.94 -27.08 75.39
C LEU D 600 -50.72 -26.34 76.70
N LEU D 601 -51.59 -25.38 77.01
CA LEU D 601 -51.49 -24.66 78.28
C LEU D 601 -51.67 -25.58 79.47
N ASP D 602 -52.65 -26.49 79.41
CA ASP D 602 -52.93 -27.39 80.51
C ASP D 602 -51.80 -28.38 80.75
N LYS D 603 -51.17 -28.88 79.69
CA LYS D 603 -50.12 -29.88 79.86
C LYS D 603 -48.77 -29.26 80.16
N HIS D 604 -48.43 -28.14 79.54
CA HIS D 604 -47.11 -27.54 79.68
C HIS D 604 -47.07 -26.37 80.65
N GLY D 605 -48.17 -26.09 81.36
CA GLY D 605 -48.19 -25.03 82.34
C GLY D 605 -48.43 -23.66 81.72
N ARG D 606 -48.32 -22.64 82.57
CA ARG D 606 -48.59 -21.28 82.14
C ARG D 606 -47.46 -20.77 81.25
N ASN D 607 -47.82 -20.33 80.05
CA ASN D 607 -46.87 -19.77 79.10
C ASN D 607 -47.57 -18.65 78.34
N HIS D 608 -47.07 -17.42 78.51
CA HIS D 608 -47.74 -16.27 77.92
C HIS D 608 -47.65 -16.27 76.40
N LYS D 609 -46.74 -17.04 75.82
CA LYS D 609 -46.70 -17.15 74.36
C LYS D 609 -47.92 -17.86 73.80
N VAL D 610 -48.45 -18.85 74.50
CA VAL D 610 -49.70 -19.47 74.09
C VAL D 610 -50.83 -18.45 74.13
N LEU D 611 -50.85 -17.60 75.17
CA LEU D 611 -51.85 -16.55 75.24
C LEU D 611 -51.70 -15.58 74.07
N ASP D 612 -50.47 -15.25 73.70
CA ASP D 612 -50.25 -14.37 72.56
C ASP D 612 -50.76 -15.00 71.28
N VAL D 613 -50.51 -16.29 71.09
CA VAL D 613 -51.00 -16.98 69.90
C VAL D 613 -52.52 -16.96 69.88
N LEU D 614 -53.15 -17.22 71.03
CA LEU D 614 -54.60 -17.17 71.11
C LEU D 614 -55.16 -15.78 70.85
N CYS D 615 -54.48 -14.73 71.31
CA CYS D 615 -54.88 -13.37 70.98
C CYS D 615 -54.80 -13.09 69.49
N SER D 616 -53.71 -13.51 68.85
CA SER D 616 -53.61 -13.36 67.40
C SER D 616 -54.66 -14.17 66.66
N LEU D 617 -55.14 -15.26 67.25
CA LEU D 617 -56.20 -16.04 66.63
C LEU D 617 -57.50 -15.26 66.53
N CYS D 618 -57.70 -14.28 67.40
CA CYS D 618 -58.98 -13.58 67.45
C CYS D 618 -59.06 -12.48 66.39
N VAL D 619 -58.14 -11.53 66.43
CA VAL D 619 -58.17 -10.35 65.57
C VAL D 619 -56.89 -10.31 64.76
N CYS D 620 -57.04 -10.14 63.45
CA CYS D 620 -55.91 -9.99 62.54
C CYS D 620 -56.12 -8.77 61.66
N HIS D 621 -55.20 -7.82 61.73
CA HIS D 621 -55.23 -6.62 60.89
C HIS D 621 -56.53 -5.84 61.07
N GLY D 622 -57.06 -5.85 62.29
CA GLY D 622 -58.25 -5.11 62.60
C GLY D 622 -59.55 -5.85 62.32
N VAL D 623 -59.47 -7.05 61.77
CA VAL D 623 -60.65 -7.85 61.51
C VAL D 623 -60.76 -8.95 62.55
N ALA D 624 -61.95 -9.08 63.14
CA ALA D 624 -62.19 -10.02 64.23
C ALA D 624 -62.85 -11.28 63.68
N VAL D 625 -62.34 -12.43 64.10
CA VAL D 625 -62.90 -13.72 63.71
C VAL D 625 -63.81 -14.18 64.84
N ARG D 626 -65.12 -14.02 64.66
CA ARG D 626 -66.06 -14.29 65.73
C ARG D 626 -66.11 -15.76 66.08
N SER D 627 -65.96 -16.64 65.10
CA SER D 627 -65.93 -18.07 65.40
C SER D 627 -64.75 -18.41 66.31
N ASN D 628 -63.57 -17.88 66.00
CA ASN D 628 -62.41 -18.12 66.85
C ASN D 628 -62.63 -17.54 68.24
N GLN D 629 -63.20 -16.34 68.32
CA GLN D 629 -63.46 -15.73 69.62
C GLN D 629 -64.38 -16.62 70.45
N HIS D 630 -65.49 -17.07 69.86
CA HIS D 630 -66.42 -17.92 70.58
C HIS D 630 -65.79 -19.23 71.00
N LEU D 631 -65.02 -19.86 70.11
CA LEU D 631 -64.38 -21.13 70.47
C LEU D 631 -63.40 -20.96 71.61
N ILE D 632 -62.56 -19.93 71.55
CA ILE D 632 -61.59 -19.70 72.62
C ILE D 632 -62.30 -19.45 73.93
N CYS D 633 -63.32 -18.60 73.92
CA CYS D 633 -64.07 -18.33 75.15
C CYS D 633 -64.67 -19.60 75.72
N ASP D 634 -65.46 -20.31 74.93
CA ASP D 634 -66.19 -21.48 75.41
C ASP D 634 -65.29 -22.65 75.76
N ASN D 635 -64.07 -22.70 75.23
CA ASN D 635 -63.19 -23.81 75.54
C ASN D 635 -62.20 -23.50 76.64
N LEU D 636 -61.94 -22.23 76.93
CA LEU D 636 -60.96 -21.89 77.95
C LEU D 636 -61.58 -21.31 79.21
N LEU D 637 -62.47 -20.33 79.08
CA LEU D 637 -62.96 -19.59 80.24
C LEU D 637 -63.74 -20.43 81.25
N PRO D 638 -64.73 -21.23 80.84
CA PRO D 638 -65.62 -21.84 81.84
C PRO D 638 -64.92 -22.78 82.81
N GLY D 639 -63.76 -23.33 82.44
CA GLY D 639 -63.09 -24.26 83.31
C GLY D 639 -62.64 -23.63 84.62
N ARG D 640 -62.14 -22.40 84.55
CA ARG D 640 -61.58 -21.70 85.72
C ARG D 640 -60.51 -22.54 86.41
N ASP D 641 -59.68 -23.20 85.60
CA ASP D 641 -58.62 -24.05 86.13
C ASP D 641 -57.24 -23.73 85.60
N LEU D 642 -57.12 -22.92 84.55
CA LEU D 642 -55.81 -22.58 83.99
C LEU D 642 -55.45 -21.12 84.25
N LEU D 643 -56.30 -20.18 83.86
CA LEU D 643 -56.02 -18.78 84.11
C LEU D 643 -56.21 -18.45 85.59
N LEU D 644 -55.42 -17.50 86.06
CA LEU D 644 -55.54 -17.05 87.44
C LEU D 644 -56.87 -16.34 87.65
N GLN D 645 -57.49 -16.58 88.81
CA GLN D 645 -58.81 -16.05 89.11
C GLN D 645 -58.70 -14.92 90.13
N THR D 646 -59.51 -13.89 89.94
CA THR D 646 -59.48 -12.70 90.77
C THR D 646 -60.84 -12.48 91.43
N ARG D 647 -60.81 -11.98 92.66
CA ARG D 647 -62.02 -11.75 93.42
C ARG D 647 -61.71 -10.79 94.56
N LEU D 648 -62.70 -9.99 94.95
CA LEU D 648 -62.57 -9.08 96.08
C LEU D 648 -63.00 -9.80 97.35
N VAL D 649 -62.15 -9.72 98.37
CA VAL D 649 -62.39 -10.36 99.65
C VAL D 649 -62.34 -9.31 100.74
N ASN D 650 -63.34 -9.31 101.62
CA ASN D 650 -63.34 -8.39 102.74
C ASN D 650 -62.21 -8.72 103.71
N HIS D 651 -61.58 -7.70 104.24
CA HIS D 651 -60.54 -7.90 105.24
C HIS D 651 -61.17 -8.46 106.52
N VAL D 652 -60.48 -9.40 107.14
CA VAL D 652 -60.97 -10.06 108.34
C VAL D 652 -59.91 -9.93 109.43
N SER D 653 -60.32 -9.45 110.60
CA SER D 653 -59.43 -9.32 111.75
C SER D 653 -59.92 -10.21 112.88
N SER D 654 -59.02 -10.47 113.82
CA SER D 654 -59.31 -11.35 114.96
C SER D 654 -58.83 -10.69 116.24
N MET D 655 -59.62 -10.80 117.30
CA MET D 655 -59.29 -10.26 118.61
C MET D 655 -59.43 -11.36 119.65
N ARG D 656 -58.50 -11.39 120.60
CA ARG D 656 -58.45 -12.42 121.62
C ARG D 656 -58.15 -11.81 122.97
N PRO D 657 -58.60 -12.47 124.04
CA PRO D 657 -58.21 -12.03 125.40
C PRO D 657 -56.77 -12.40 125.70
N ASN D 658 -56.33 -11.99 126.89
CA ASN D 658 -54.96 -12.24 127.32
C ASN D 658 -54.74 -13.69 127.73
N ILE D 659 -55.79 -14.41 128.14
CA ILE D 659 -55.60 -15.70 128.79
C ILE D 659 -55.02 -16.70 127.80
N PHE D 660 -54.27 -17.67 128.34
CA PHE D 660 -53.71 -18.77 127.57
C PHE D 660 -54.04 -20.06 128.32
N LEU D 661 -54.90 -20.89 127.73
CA LEU D 661 -55.35 -22.12 128.36
C LEU D 661 -54.64 -23.30 127.72
N GLY D 662 -54.00 -24.12 128.54
CA GLY D 662 -53.31 -25.30 128.06
C GLY D 662 -53.48 -26.46 129.04
N VAL D 663 -53.19 -27.65 128.54
CA VAL D 663 -53.26 -28.88 129.32
C VAL D 663 -51.95 -29.62 129.19
N SER D 664 -51.43 -30.09 130.32
CA SER D 664 -50.20 -30.86 130.33
C SER D 664 -50.18 -31.72 131.59
N GLU D 665 -49.43 -32.82 131.52
CA GLU D 665 -49.36 -33.72 132.66
C GLU D 665 -48.61 -33.05 133.81
N GLY D 666 -49.17 -33.16 135.01
CA GLY D 666 -48.54 -32.54 136.16
C GLY D 666 -48.51 -31.03 136.09
N SER D 667 -49.59 -30.41 135.62
CA SER D 667 -49.68 -28.97 135.52
C SER D 667 -50.93 -28.48 136.25
N ALA D 668 -50.81 -27.32 136.88
CA ALA D 668 -51.90 -26.76 137.67
C ALA D 668 -52.76 -25.83 136.83
N GLN D 669 -53.36 -26.39 135.78
CA GLN D 669 -54.27 -25.65 134.92
C GLN D 669 -55.59 -26.41 134.79
N TYR D 670 -56.70 -25.69 135.00
CA TYR D 670 -58.01 -26.31 134.97
C TYR D 670 -58.41 -26.60 133.53
N LYS D 671 -59.00 -27.77 133.32
CA LYS D 671 -59.24 -28.27 131.97
C LYS D 671 -60.56 -27.83 131.37
N LYS D 672 -61.44 -27.19 132.14
CA LYS D 672 -62.74 -26.75 131.64
C LYS D 672 -62.85 -25.23 131.72
N TRP D 673 -63.31 -24.63 130.63
CA TRP D 673 -63.41 -23.17 130.55
C TRP D 673 -64.67 -22.79 129.80
N TYR D 674 -65.12 -21.56 130.03
CA TYR D 674 -66.41 -21.12 129.53
C TYR D 674 -66.42 -19.59 129.42
N TYR D 675 -66.95 -19.09 128.30
CA TYR D 675 -67.11 -17.66 128.11
C TYR D 675 -68.26 -17.43 127.14
N GLU D 676 -68.71 -16.18 127.07
CA GLU D 676 -69.85 -15.84 126.25
C GLU D 676 -69.55 -14.62 125.40
N LEU D 677 -70.19 -14.55 124.23
CA LEU D 677 -70.10 -13.42 123.33
C LEU D 677 -71.50 -13.07 122.86
N MET D 678 -71.87 -11.80 122.98
CA MET D 678 -73.18 -11.34 122.51
C MET D 678 -72.98 -10.24 121.49
N VAL D 679 -73.79 -10.28 120.42
CA VAL D 679 -73.67 -9.36 119.31
C VAL D 679 -74.63 -8.20 119.55
N ASP D 680 -74.08 -7.01 119.79
CA ASP D 680 -74.92 -5.83 119.95
C ASP D 680 -75.51 -5.40 118.62
N HIS D 681 -74.72 -5.47 117.55
CA HIS D 681 -75.18 -5.05 116.24
C HIS D 681 -74.33 -5.72 115.17
N THR D 682 -74.95 -6.07 114.05
CA THR D 682 -74.24 -6.67 112.93
C THR D 682 -75.01 -6.37 111.65
N GLU D 683 -74.32 -5.81 110.66
CA GLU D 683 -74.93 -5.52 109.38
C GLU D 683 -74.64 -6.68 108.42
N PRO D 684 -75.66 -7.37 107.91
CA PRO D 684 -75.40 -8.54 107.07
C PRO D 684 -74.61 -8.24 105.81
N PHE D 685 -74.82 -7.06 105.21
CA PHE D 685 -74.21 -6.73 103.92
C PHE D 685 -73.74 -5.28 103.99
N VAL D 686 -72.49 -5.08 104.39
CA VAL D 686 -71.89 -3.75 104.30
C VAL D 686 -71.28 -3.50 102.94
N THR D 687 -70.94 -4.56 102.21
CA THR D 687 -70.41 -4.47 100.86
C THR D 687 -71.13 -5.52 100.01
N ALA D 688 -70.61 -5.76 98.82
CA ALA D 688 -71.20 -6.78 97.95
C ALA D 688 -71.07 -8.17 98.54
N GLU D 689 -70.09 -8.39 99.41
CA GLU D 689 -69.87 -9.68 100.02
C GLU D 689 -70.47 -9.73 101.43
N ALA D 690 -70.72 -10.94 101.90
CA ALA D 690 -71.37 -11.12 103.19
C ALA D 690 -70.43 -10.74 104.33
N THR D 691 -71.01 -10.17 105.38
CA THR D 691 -70.24 -9.86 106.58
C THR D 691 -69.79 -11.14 107.27
N HIS D 692 -68.54 -11.14 107.70
CA HIS D 692 -67.92 -12.30 108.33
C HIS D 692 -67.96 -12.10 109.84
N LEU D 693 -68.43 -13.12 110.56
CA LEU D 693 -68.49 -13.07 112.02
C LEU D 693 -68.49 -14.51 112.53
N ARG D 694 -67.36 -14.93 113.12
CA ARG D 694 -67.21 -16.27 113.65
C ARG D 694 -66.62 -16.19 115.06
N VAL D 695 -67.07 -17.09 115.92
CA VAL D 695 -66.60 -17.14 117.31
C VAL D 695 -66.24 -18.58 117.63
N GLY D 696 -65.30 -18.74 118.54
CA GLY D 696 -64.86 -20.05 118.97
C GLY D 696 -63.52 -19.98 119.65
N TRP D 697 -62.83 -21.11 119.65
CA TRP D 697 -61.53 -21.26 120.28
C TRP D 697 -60.45 -21.47 119.22
N ALA D 698 -59.26 -20.96 119.51
CA ALA D 698 -58.10 -21.19 118.67
C ALA D 698 -56.91 -21.52 119.54
N SER D 699 -55.96 -22.27 118.98
CA SER D 699 -54.79 -22.72 119.70
C SER D 699 -53.54 -22.11 119.09
N THR D 700 -52.41 -22.33 119.76
CA THR D 700 -51.12 -21.86 119.31
C THR D 700 -50.23 -23.04 118.96
N GLU D 701 -49.27 -22.80 118.09
CA GLU D 701 -48.30 -23.81 117.69
C GLU D 701 -47.22 -23.90 118.75
N GLY D 702 -47.11 -25.06 119.39
CA GLY D 702 -46.15 -25.23 120.47
C GLY D 702 -46.53 -24.36 121.64
N TYR D 703 -45.53 -23.71 122.25
CA TYR D 703 -45.76 -22.83 123.39
C TYR D 703 -45.55 -21.37 123.07
N SER D 704 -45.36 -21.00 121.81
CA SER D 704 -45.25 -19.60 121.43
C SER D 704 -46.59 -18.91 121.62
N PRO D 705 -46.61 -17.68 122.12
CA PRO D 705 -47.88 -16.97 122.30
C PRO D 705 -48.49 -16.56 120.97
N TYR D 706 -47.73 -16.72 119.91
CA TYR D 706 -48.17 -16.36 118.58
C TYR D 706 -49.18 -17.38 118.06
N PRO D 707 -50.36 -16.94 117.62
CA PRO D 707 -51.33 -17.89 117.04
C PRO D 707 -50.74 -18.58 115.83
N GLY D 708 -51.02 -19.88 115.72
CA GLY D 708 -50.36 -20.69 114.70
C GLY D 708 -51.24 -21.12 113.56
N GLY D 709 -50.62 -21.42 112.42
CA GLY D 709 -51.31 -22.03 111.31
C GLY D 709 -52.05 -21.09 110.39
N GLY D 710 -52.06 -19.78 110.67
CA GLY D 710 -52.81 -18.86 109.87
C GLY D 710 -51.98 -17.65 109.48
N GLU D 711 -52.45 -16.96 108.44
CA GLU D 711 -51.79 -15.76 107.97
C GLU D 711 -52.05 -14.59 108.92
N GLU D 712 -51.08 -13.68 108.98
CA GLU D 712 -51.22 -12.50 109.83
C GLU D 712 -52.36 -11.61 109.36
N TRP D 713 -52.47 -11.42 108.05
CA TRP D 713 -53.48 -10.57 107.45
C TRP D 713 -54.07 -11.26 106.22
N GLY D 714 -55.29 -10.89 105.90
CA GLY D 714 -56.00 -11.47 104.77
C GLY D 714 -57.48 -11.59 105.09
N GLY D 715 -58.13 -12.50 104.37
CA GLY D 715 -59.54 -12.75 104.59
C GLY D 715 -59.81 -13.99 105.41
N ASN D 716 -58.80 -14.48 106.11
CA ASN D 716 -58.92 -15.69 106.90
C ASN D 716 -59.33 -15.38 108.32
N GLY D 717 -60.17 -16.25 108.89
CA GLY D 717 -60.65 -16.06 110.24
C GLY D 717 -60.68 -17.34 111.05
N VAL D 718 -61.52 -17.36 112.08
CA VAL D 718 -61.64 -18.52 112.96
C VAL D 718 -62.20 -19.70 112.19
N GLY D 719 -61.39 -20.75 112.02
CA GLY D 719 -61.81 -22.00 111.40
C GLY D 719 -61.15 -22.28 110.07
N ASP D 720 -60.56 -21.25 109.44
CA ASP D 720 -59.94 -21.45 108.14
C ASP D 720 -58.74 -22.39 108.22
N ASP D 721 -57.96 -22.28 109.29
CA ASP D 721 -56.86 -23.20 109.49
C ASP D 721 -57.29 -24.34 110.42
N LEU D 722 -56.38 -25.30 110.61
CA LEU D 722 -56.63 -26.45 111.47
C LEU D 722 -56.24 -26.17 112.91
N PHE D 723 -55.82 -24.95 113.22
CA PHE D 723 -55.48 -24.56 114.58
C PHE D 723 -56.60 -23.79 115.26
N SER D 724 -57.74 -23.62 114.60
CA SER D 724 -58.81 -22.79 115.11
C SER D 724 -60.14 -23.48 114.90
N TYR D 725 -61.14 -23.13 115.70
CA TYR D 725 -62.42 -23.81 115.72
C TYR D 725 -63.52 -22.76 115.88
N GLY D 726 -64.46 -22.71 114.93
CA GLY D 726 -65.37 -21.60 114.85
C GLY D 726 -66.82 -22.02 114.72
N PHE D 727 -67.70 -21.03 114.79
CA PHE D 727 -69.14 -21.21 114.72
C PHE D 727 -69.77 -19.91 114.27
N ASP D 728 -70.45 -19.94 113.12
CA ASP D 728 -71.05 -18.73 112.56
C ASP D 728 -72.55 -18.67 112.72
N GLY D 729 -73.15 -19.59 113.49
CA GLY D 729 -74.58 -19.65 113.69
C GLY D 729 -75.27 -20.72 112.85
N LEU D 730 -74.60 -21.17 111.78
CA LEU D 730 -75.14 -22.20 110.93
C LEU D 730 -74.17 -23.35 110.67
N HIS D 731 -72.86 -23.11 110.75
CA HIS D 731 -71.87 -24.11 110.41
C HIS D 731 -70.81 -24.19 111.48
N LEU D 732 -70.18 -25.35 111.57
CA LEU D 732 -68.99 -25.53 112.39
C LEU D 732 -67.77 -25.46 111.50
N TRP D 733 -66.86 -24.52 111.78
CA TRP D 733 -65.77 -24.20 110.89
C TRP D 733 -64.47 -24.76 111.46
N SER D 734 -63.75 -25.52 110.64
CA SER D 734 -62.44 -26.03 111.03
C SER D 734 -61.70 -26.46 109.77
N GLY D 735 -60.50 -25.93 109.60
CA GLY D 735 -59.71 -26.30 108.44
C GLY D 735 -60.23 -25.76 107.12
N CYS D 736 -61.03 -24.69 107.16
CA CYS D 736 -61.63 -24.03 106.00
C CYS D 736 -62.74 -24.86 105.36
N ILE D 737 -63.17 -25.94 106.01
CA ILE D 737 -64.34 -26.69 105.59
C ILE D 737 -65.44 -26.48 106.62
N ALA D 738 -66.63 -26.12 106.14
CA ALA D 738 -67.77 -25.84 106.99
C ALA D 738 -68.80 -26.94 106.85
N ARG D 739 -69.34 -27.39 107.98
CA ARG D 739 -70.41 -28.37 108.00
C ARG D 739 -71.61 -27.83 108.77
N THR D 740 -72.79 -27.95 108.16
CA THR D 740 -74.01 -27.43 108.72
C THR D 740 -74.36 -28.20 109.98
N VAL D 741 -74.69 -27.48 111.05
CA VAL D 741 -75.03 -28.06 112.33
C VAL D 741 -76.44 -27.62 112.70
N SER D 742 -77.23 -28.56 113.22
CA SER D 742 -78.61 -28.27 113.56
C SER D 742 -78.69 -27.43 114.82
N SER D 743 -79.78 -26.68 114.94
CA SER D 743 -80.05 -25.84 116.10
C SER D 743 -81.49 -25.35 116.03
N PRO D 744 -82.14 -25.13 117.17
CA PRO D 744 -83.49 -24.59 117.13
C PRO D 744 -83.50 -23.19 116.53
N ASN D 745 -84.33 -23.01 115.51
CA ASN D 745 -84.45 -21.73 114.80
C ASN D 745 -83.08 -21.30 114.25
N GLN D 746 -82.58 -22.12 113.32
CA GLN D 746 -81.30 -21.83 112.69
C GLN D 746 -81.30 -20.45 112.05
N HIS D 747 -80.24 -19.68 112.29
CA HIS D 747 -80.06 -18.40 111.63
C HIS D 747 -78.61 -17.97 111.77
N LEU D 748 -78.16 -17.17 110.80
CA LEU D 748 -76.86 -16.54 110.92
C LEU D 748 -76.86 -15.59 112.10
N LEU D 749 -75.67 -15.32 112.64
CA LEU D 749 -75.57 -14.52 113.86
C LEU D 749 -76.16 -13.14 113.65
N ARG D 750 -77.24 -12.85 114.37
CA ARG D 750 -77.98 -11.61 114.24
C ARG D 750 -77.68 -10.68 115.41
N THR D 751 -78.36 -9.56 115.44
CA THR D 751 -78.31 -8.66 116.58
C THR D 751 -78.97 -9.32 117.79
N ASP D 752 -78.35 -9.11 118.96
CA ASP D 752 -78.87 -9.62 120.23
C ASP D 752 -78.89 -11.14 120.25
N ASP D 753 -77.77 -11.74 119.88
CA ASP D 753 -77.56 -13.17 119.97
C ASP D 753 -76.44 -13.45 120.96
N VAL D 754 -76.73 -14.27 121.96
CA VAL D 754 -75.76 -14.62 122.99
C VAL D 754 -75.20 -16.00 122.66
N ILE D 755 -73.88 -16.07 122.53
CA ILE D 755 -73.19 -17.29 122.16
C ILE D 755 -72.34 -17.72 123.34
N SER D 756 -72.51 -18.96 123.79
CA SER D 756 -71.73 -19.50 124.89
C SER D 756 -70.82 -20.60 124.36
N CYS D 757 -69.52 -20.45 124.58
CA CYS D 757 -68.52 -21.37 124.08
C CYS D 757 -67.95 -22.18 125.25
N CYS D 758 -67.88 -23.49 125.09
CA CYS D 758 -67.39 -24.39 126.13
C CYS D 758 -66.20 -25.16 125.60
N LEU D 759 -65.12 -25.17 126.36
CA LEU D 759 -63.91 -25.91 126.01
C LEU D 759 -63.56 -26.86 127.15
N ASP D 760 -63.45 -28.14 126.83
CA ASP D 760 -63.08 -29.17 127.79
C ASP D 760 -61.79 -29.84 127.33
N LEU D 761 -60.73 -29.70 128.11
CA LEU D 761 -59.43 -30.21 127.73
C LEU D 761 -59.15 -31.61 128.28
N SER D 762 -59.90 -32.05 129.27
CA SER D 762 -59.70 -33.41 129.79
C SER D 762 -59.95 -34.43 128.70
N ALA D 763 -61.08 -34.31 128.01
CA ALA D 763 -61.34 -35.02 126.78
C ALA D 763 -61.58 -33.97 125.70
N PRO D 764 -60.74 -33.89 124.66
CA PRO D 764 -60.86 -32.79 123.70
C PRO D 764 -62.26 -32.63 123.16
N SER D 765 -62.90 -31.52 123.49
CA SER D 765 -64.29 -31.30 123.10
C SER D 765 -64.60 -29.82 123.18
N ILE D 766 -65.04 -29.24 122.07
CA ILE D 766 -65.49 -27.85 122.02
C ILE D 766 -66.95 -27.86 121.64
N SER D 767 -67.79 -27.28 122.48
CA SER D 767 -69.23 -27.27 122.27
C SER D 767 -69.76 -25.85 122.37
N PHE D 768 -70.88 -25.60 121.70
CA PHE D 768 -71.49 -24.29 121.65
C PHE D 768 -72.95 -24.37 122.07
N ARG D 769 -73.46 -23.25 122.57
CA ARG D 769 -74.88 -23.09 122.88
C ARG D 769 -75.31 -21.71 122.45
N ILE D 770 -76.28 -21.65 121.55
CA ILE D 770 -76.79 -20.38 121.03
C ILE D 770 -78.04 -20.01 121.81
N ASN D 771 -78.05 -18.81 122.38
CA ASN D 771 -79.20 -18.26 123.11
C ASN D 771 -79.69 -19.20 124.20
N GLY D 772 -78.78 -20.02 124.74
CA GLY D 772 -79.14 -20.98 125.77
C GLY D 772 -79.53 -22.35 125.26
N GLN D 773 -79.87 -22.48 123.99
CA GLN D 773 -80.16 -23.83 123.54
C GLN D 773 -78.89 -24.50 123.03
N PRO D 774 -78.75 -25.81 123.26
CA PRO D 774 -77.56 -26.51 122.80
C PRO D 774 -77.49 -26.59 121.28
N VAL D 775 -76.28 -26.60 120.77
CA VAL D 775 -76.03 -26.78 119.34
C VAL D 775 -75.62 -28.23 119.11
N GLN D 776 -76.38 -28.94 118.28
CA GLN D 776 -76.19 -30.38 118.10
C GLN D 776 -74.96 -30.68 117.24
N GLY D 777 -73.80 -30.35 117.80
CA GLY D 777 -72.54 -30.62 117.14
C GLY D 777 -71.37 -30.14 117.97
N MET D 778 -70.22 -30.80 117.85
CA MET D 778 -69.06 -30.44 118.64
C MET D 778 -67.78 -30.90 117.94
N PHE D 779 -66.70 -30.20 118.24
CA PHE D 779 -65.37 -30.59 117.80
C PHE D 779 -64.78 -31.53 118.83
N GLU D 780 -64.12 -32.59 118.37
CA GLU D 780 -63.58 -33.59 119.28
C GLU D 780 -62.22 -34.06 118.81
N ASN D 781 -61.42 -34.53 119.76
CA ASN D 781 -60.16 -35.21 119.50
C ASN D 781 -59.24 -34.37 118.63
N PHE D 782 -58.98 -33.15 119.07
CA PHE D 782 -58.04 -32.30 118.37
C PHE D 782 -56.69 -32.30 119.10
N ASN D 783 -55.71 -31.63 118.53
CA ASN D 783 -54.39 -31.56 119.13
C ASN D 783 -54.42 -30.69 120.37
N ILE D 784 -53.80 -31.18 121.44
CA ILE D 784 -53.81 -30.48 122.73
C ILE D 784 -52.40 -30.09 123.16
N ASP D 785 -51.43 -30.18 122.27
CA ASP D 785 -50.05 -29.81 122.61
C ASP D 785 -49.81 -28.33 122.29
N GLY D 786 -50.62 -27.50 122.91
CA GLY D 786 -50.52 -26.06 122.70
C GLY D 786 -51.40 -25.33 123.68
N LEU D 787 -51.44 -24.01 123.52
CA LEU D 787 -52.21 -23.14 124.40
C LEU D 787 -53.43 -22.62 123.65
N PHE D 788 -54.59 -22.76 124.28
CA PHE D 788 -55.86 -22.34 123.70
C PHE D 788 -56.28 -20.99 124.26
N PHE D 789 -57.03 -20.24 123.46
CA PHE D 789 -57.52 -18.94 123.88
C PHE D 789 -58.81 -18.64 123.14
N PRO D 790 -59.71 -17.86 123.74
CA PRO D 790 -60.90 -17.41 123.00
C PRO D 790 -60.50 -16.50 121.86
N VAL D 791 -61.33 -16.49 120.82
CA VAL D 791 -61.06 -15.68 119.64
C VAL D 791 -62.36 -15.42 118.91
N VAL D 792 -62.47 -14.24 118.32
CA VAL D 792 -63.56 -13.89 117.41
C VAL D 792 -62.95 -13.29 116.15
N SER D 793 -63.44 -13.73 115.00
CA SER D 793 -63.01 -13.19 113.72
C SER D 793 -64.18 -12.43 113.11
N PHE D 794 -63.87 -11.32 112.45
CA PHE D 794 -64.94 -10.46 111.96
C PHE D 794 -64.43 -9.61 110.80
N SER D 795 -65.38 -9.08 110.06
CA SER D 795 -65.14 -8.04 109.06
C SER D 795 -65.89 -6.78 109.50
N ALA D 796 -65.92 -5.79 108.63
CA ALA D 796 -66.56 -4.54 108.97
C ALA D 796 -68.05 -4.71 109.18
N GLY D 797 -68.59 -3.97 110.13
CA GLY D 797 -70.00 -3.97 110.41
C GLY D 797 -70.45 -4.83 111.57
N ILE D 798 -69.72 -4.83 112.68
CA ILE D 798 -70.08 -5.63 113.84
C ILE D 798 -70.05 -4.74 115.09
N LYS D 799 -70.66 -5.25 116.15
CA LYS D 799 -70.55 -4.67 117.49
C LYS D 799 -70.77 -5.81 118.47
N VAL D 800 -69.68 -6.37 118.99
CA VAL D 800 -69.74 -7.55 119.84
C VAL D 800 -69.06 -7.24 121.16
N ARG D 801 -69.42 -8.01 122.19
CA ARG D 801 -68.92 -7.81 123.54
C ARG D 801 -68.60 -9.15 124.18
N PHE D 802 -67.37 -9.29 124.67
CA PHE D 802 -66.94 -10.47 125.41
C PHE D 802 -67.56 -10.42 126.80
N LEU D 803 -68.25 -11.49 127.18
CA LEU D 803 -68.67 -11.70 128.56
C LEU D 803 -67.74 -12.74 129.16
N LEU D 804 -66.67 -12.28 129.79
CA LEU D 804 -65.63 -13.17 130.29
C LEU D 804 -65.88 -13.62 131.71
N GLY D 805 -66.92 -13.14 132.35
CA GLY D 805 -67.25 -13.60 133.68
C GLY D 805 -66.61 -12.74 134.76
N GLY D 806 -67.21 -12.80 135.96
CA GLY D 806 -66.64 -12.08 137.09
C GLY D 806 -66.77 -10.59 136.93
N ARG D 807 -65.70 -9.88 137.27
CA ARG D 807 -65.72 -8.42 137.18
C ARG D 807 -65.71 -7.94 135.74
N HIS D 808 -65.07 -8.69 134.84
CA HIS D 808 -64.97 -8.25 133.46
C HIS D 808 -66.32 -8.30 132.76
N GLY D 809 -67.09 -9.35 132.98
CA GLY D 809 -68.41 -9.45 132.37
C GLY D 809 -69.31 -10.31 133.22
N GLU D 810 -70.59 -10.30 132.88
CA GLU D 810 -71.59 -11.10 133.58
C GLU D 810 -72.21 -12.09 132.60
N PHE D 811 -72.32 -13.35 133.02
CA PHE D 811 -72.87 -14.37 132.15
C PHE D 811 -74.38 -14.26 132.11
N LYS D 812 -74.93 -14.24 130.91
CA LYS D 812 -76.39 -14.23 130.77
C LYS D 812 -76.99 -15.59 131.09
N PHE D 813 -76.24 -16.66 130.83
CA PHE D 813 -76.65 -18.01 131.17
C PHE D 813 -75.65 -18.64 132.12
N LEU D 814 -76.17 -19.50 132.99
CA LEU D 814 -75.32 -20.17 133.96
C LEU D 814 -74.36 -21.13 133.25
N PRO D 815 -73.09 -21.10 133.59
CA PRO D 815 -72.14 -22.02 132.97
C PRO D 815 -72.50 -23.47 133.25
N PRO D 816 -72.19 -24.38 132.34
CA PRO D 816 -72.43 -25.79 132.62
C PRO D 816 -71.60 -26.25 133.80
N PRO D 817 -72.06 -27.26 134.53
CA PRO D 817 -71.34 -27.69 135.74
C PRO D 817 -69.90 -28.07 135.43
N GLY D 818 -69.00 -27.69 136.33
CA GLY D 818 -67.60 -27.99 136.15
C GLY D 818 -66.83 -26.89 135.45
N TYR D 819 -67.43 -26.32 134.40
CA TYR D 819 -66.75 -25.30 133.62
C TYR D 819 -66.52 -24.05 134.46
N ALA D 820 -65.34 -23.45 134.30
CA ALA D 820 -64.97 -22.27 135.04
C ALA D 820 -64.93 -21.05 134.13
N PRO D 821 -65.27 -19.87 134.64
CA PRO D 821 -65.19 -18.67 133.80
C PRO D 821 -63.76 -18.39 133.37
N CYS D 822 -63.63 -17.78 132.19
CA CYS D 822 -62.32 -17.60 131.59
C CYS D 822 -61.46 -16.56 132.30
N TYR D 823 -62.06 -15.66 133.08
CA TYR D 823 -61.23 -14.67 133.76
C TYR D 823 -60.38 -15.28 134.85
N GLU D 824 -60.74 -16.46 135.34
CA GLU D 824 -60.03 -17.12 136.42
C GLU D 824 -58.68 -17.66 135.99
N ALA D 825 -58.33 -17.56 134.70
CA ALA D 825 -57.06 -18.02 134.20
C ALA D 825 -56.03 -16.92 134.05
N VAL D 826 -56.38 -15.68 134.38
CA VAL D 826 -55.42 -14.59 134.29
C VAL D 826 -54.34 -14.79 135.33
N LEU D 827 -53.09 -14.61 134.93
CA LEU D 827 -51.99 -14.70 135.88
C LEU D 827 -52.13 -13.61 136.94
N PRO D 828 -51.73 -13.89 138.19
CA PRO D 828 -52.07 -12.99 139.29
C PRO D 828 -51.38 -11.62 139.22
N LYS D 829 -50.60 -11.33 138.19
CA LYS D 829 -49.88 -10.08 138.11
C LYS D 829 -50.32 -9.18 136.98
N GLU D 830 -50.80 -9.75 135.87
CA GLU D 830 -51.20 -8.97 134.72
C GLU D 830 -52.68 -8.62 134.80
N LYS D 831 -53.15 -7.90 133.78
CA LYS D 831 -54.54 -7.49 133.69
C LYS D 831 -55.15 -8.05 132.42
N LEU D 832 -56.37 -8.58 132.55
CA LEU D 832 -57.07 -9.11 131.39
C LEU D 832 -57.47 -7.98 130.46
N LYS D 833 -57.15 -8.13 129.18
CA LYS D 833 -57.56 -7.17 128.17
C LYS D 833 -57.73 -7.88 126.85
N VAL D 834 -58.52 -7.28 125.96
CA VAL D 834 -58.78 -7.83 124.63
C VAL D 834 -57.99 -7.01 123.63
N GLU D 835 -57.07 -7.66 122.94
CA GLU D 835 -56.21 -7.01 121.96
C GLU D 835 -56.23 -7.81 120.67
N HIS D 836 -55.51 -7.30 119.66
CA HIS D 836 -55.45 -7.97 118.38
C HIS D 836 -54.71 -9.30 118.50
N SER D 837 -55.23 -10.32 117.81
CA SER D 837 -54.53 -11.60 117.79
C SER D 837 -53.17 -11.48 117.13
N ARG D 838 -53.09 -10.72 116.05
CA ARG D 838 -51.83 -10.52 115.34
C ARG D 838 -51.13 -9.26 115.85
N GLU D 839 -49.84 -9.17 115.55
CA GLU D 839 -49.00 -8.13 116.14
C GLU D 839 -49.28 -6.75 115.54
N TYR D 840 -49.50 -6.69 114.24
CA TYR D 840 -49.55 -5.42 113.52
C TYR D 840 -50.98 -4.94 113.35
N LYS D 841 -51.22 -3.67 113.65
CA LYS D 841 -52.53 -3.07 113.55
C LYS D 841 -52.47 -1.80 112.71
N GLN D 842 -53.55 -1.02 112.71
CA GLN D 842 -53.61 0.22 111.95
C GLN D 842 -53.06 1.36 112.79
N GLU D 843 -51.98 1.97 112.32
CA GLU D 843 -51.34 3.09 112.99
C GLU D 843 -50.40 3.78 112.01
N ARG D 844 -49.83 4.91 112.44
CA ARG D 844 -48.91 5.64 111.58
C ARG D 844 -47.66 4.82 111.31
N THR D 845 -47.17 4.90 110.07
CA THR D 845 -46.12 3.99 109.61
C THR D 845 -44.82 4.19 110.39
N TYR D 846 -44.42 5.44 110.60
CA TYR D 846 -43.16 5.67 111.31
C TYR D 846 -43.28 5.38 112.80
N THR D 847 -44.49 5.35 113.34
CA THR D 847 -44.69 4.93 114.72
C THR D 847 -44.99 3.44 114.84
N ARG D 848 -45.12 2.73 113.72
CA ARG D 848 -45.36 1.30 113.76
C ARG D 848 -44.20 0.59 114.44
N ASP D 849 -44.52 -0.26 115.41
CA ASP D 849 -43.53 -1.04 116.12
C ASP D 849 -43.26 -2.32 115.35
N LEU D 850 -42.03 -2.49 114.88
CA LEU D 850 -41.63 -3.73 114.23
C LEU D 850 -41.17 -4.71 115.30
N LEU D 851 -41.71 -5.92 115.28
CA LEU D 851 -41.45 -6.91 116.29
C LEU D 851 -40.69 -8.09 115.68
N GLY D 852 -39.64 -8.52 116.36
CA GLY D 852 -38.92 -9.71 115.97
C GLY D 852 -39.57 -10.94 116.57
N PRO D 853 -38.90 -12.08 116.48
CA PRO D 853 -39.44 -13.30 117.09
C PRO D 853 -39.59 -13.13 118.59
N THR D 854 -40.64 -13.75 119.13
CA THR D 854 -40.93 -13.66 120.55
C THR D 854 -40.44 -14.91 121.28
N VAL D 855 -40.12 -14.72 122.55
CA VAL D 855 -39.65 -15.82 123.39
C VAL D 855 -40.80 -16.79 123.63
N SER D 856 -40.47 -18.07 123.73
CA SER D 856 -41.48 -19.08 123.97
C SER D 856 -42.14 -18.89 125.33
N LEU D 857 -43.46 -19.03 125.35
CA LEU D 857 -44.24 -18.82 126.57
C LEU D 857 -44.38 -20.13 127.35
N THR D 858 -43.24 -20.63 127.81
CA THR D 858 -43.21 -21.88 128.57
C THR D 858 -43.69 -21.71 130.00
N GLN D 859 -43.69 -20.49 130.53
CA GLN D 859 -44.10 -20.27 131.91
C GLN D 859 -45.61 -20.25 132.06
N ALA D 860 -46.35 -20.31 130.95
CA ALA D 860 -47.80 -20.34 131.03
C ALA D 860 -48.29 -21.59 131.77
N ALA D 861 -47.68 -22.73 131.49
CA ALA D 861 -48.00 -23.98 132.16
C ALA D 861 -47.01 -24.19 133.31
N PHE D 862 -47.50 -24.09 134.54
CA PHE D 862 -46.66 -24.23 135.73
C PHE D 862 -46.60 -25.70 136.11
N THR D 863 -45.52 -26.36 135.71
CA THR D 863 -45.25 -27.73 136.16
C THR D 863 -44.12 -27.68 137.17
N PRO D 864 -44.39 -27.94 138.45
CA PRO D 864 -43.32 -27.87 139.46
C PRO D 864 -42.30 -28.99 139.22
N ILE D 865 -41.09 -28.60 138.86
CA ILE D 865 -40.03 -29.55 138.53
C ILE D 865 -39.47 -30.09 139.85
N PRO D 866 -39.46 -31.40 140.04
CA PRO D 866 -38.89 -31.98 141.26
C PRO D 866 -37.36 -31.93 141.25
N VAL D 867 -36.80 -31.63 142.43
CA VAL D 867 -35.37 -31.76 142.62
C VAL D 867 -35.09 -33.15 143.17
N ASP D 868 -34.54 -34.02 142.32
CA ASP D 868 -34.38 -35.43 142.68
C ASP D 868 -33.41 -35.59 143.84
N THR D 869 -33.83 -36.34 144.85
CA THR D 869 -33.04 -36.55 146.05
C THR D 869 -33.10 -37.96 146.60
N SER D 870 -33.77 -38.89 145.91
CA SER D 870 -33.91 -40.25 146.44
C SER D 870 -32.55 -40.95 146.55
N GLN D 871 -31.69 -40.77 145.55
CA GLN D 871 -30.41 -41.46 145.53
C GLN D 871 -29.43 -40.89 146.55
N ILE D 872 -29.78 -39.76 147.16
CA ILE D 872 -28.89 -39.15 148.15
C ILE D 872 -28.78 -40.07 149.37
N VAL D 873 -27.54 -40.31 149.79
CA VAL D 873 -27.25 -41.13 150.96
C VAL D 873 -26.84 -40.20 152.09
N LEU D 874 -27.27 -40.51 153.30
CA LEU D 874 -27.05 -39.60 154.41
C LEU D 874 -25.75 -39.96 155.15
N PRO D 875 -24.83 -39.00 155.30
CA PRO D 875 -23.58 -39.29 156.02
C PRO D 875 -23.85 -39.60 157.48
N PRO D 876 -22.96 -40.34 158.12
CA PRO D 876 -23.22 -40.80 159.51
C PRO D 876 -23.45 -39.67 160.50
N HIS D 877 -22.74 -38.55 160.38
CA HIS D 877 -22.93 -37.47 161.34
C HIS D 877 -24.26 -36.76 161.14
N LEU D 878 -24.68 -36.58 159.88
CA LEU D 878 -26.04 -36.09 159.65
C LEU D 878 -27.07 -37.08 160.16
N GLU D 879 -26.79 -38.38 160.03
CA GLU D 879 -27.69 -39.39 160.61
C GLU D 879 -27.77 -39.27 162.12
N ARG D 880 -26.65 -38.90 162.75
CA ARG D 880 -26.65 -38.72 164.19
C ARG D 880 -27.45 -37.48 164.59
N ILE D 881 -27.39 -36.44 163.76
CA ILE D 881 -27.82 -35.11 164.17
C ILE D 881 -29.24 -34.77 163.73
N ARG D 882 -29.76 -35.43 162.68
CA ARG D 882 -30.98 -34.94 162.06
C ARG D 882 -32.21 -35.14 162.94
N GLU D 883 -32.21 -36.16 163.81
CA GLU D 883 -33.34 -36.31 164.73
C GLU D 883 -33.44 -35.11 165.67
N LYS D 884 -32.33 -34.73 166.28
CA LYS D 884 -32.39 -33.63 167.23
C LYS D 884 -32.63 -32.30 166.52
N LEU D 885 -32.11 -32.16 165.29
CA LEU D 885 -32.61 -31.05 164.45
C LEU D 885 -34.12 -31.10 164.31
N ALA D 886 -34.68 -32.29 164.10
CA ALA D 886 -36.12 -32.38 163.87
C ALA D 886 -36.89 -31.83 165.06
N GLU D 887 -36.63 -32.34 166.27
CA GLU D 887 -37.48 -31.86 167.36
C GLU D 887 -37.08 -30.47 167.82
N ASN D 888 -35.82 -30.08 167.63
CA ASN D 888 -35.41 -28.73 168.00
C ASN D 888 -36.09 -27.69 167.13
N ILE D 889 -36.14 -27.94 165.81
CA ILE D 889 -36.81 -27.00 164.94
C ILE D 889 -38.32 -27.11 165.12
N HIS D 890 -38.83 -28.26 165.57
CA HIS D 890 -40.25 -28.34 165.91
C HIS D 890 -40.59 -27.46 167.10
N GLU D 891 -39.75 -27.48 168.13
CA GLU D 891 -39.95 -26.58 169.26
C GLU D 891 -39.83 -25.12 168.85
N LEU D 892 -38.84 -24.80 168.00
CA LEU D 892 -38.77 -23.51 167.34
C LEU D 892 -40.04 -23.16 166.58
N TRP D 893 -40.63 -24.15 165.95
CA TRP D 893 -41.67 -23.96 164.96
C TRP D 893 -42.95 -23.59 165.71
N VAL D 894 -43.16 -24.28 166.83
CA VAL D 894 -44.27 -23.96 167.72
C VAL D 894 -44.01 -22.66 168.46
N MET D 895 -42.74 -22.28 168.66
CA MET D 895 -42.48 -20.92 169.14
C MET D 895 -42.93 -19.89 168.11
N ASN D 896 -42.76 -20.19 166.82
CA ASN D 896 -43.30 -19.32 165.78
C ASN D 896 -44.81 -19.21 165.88
N LYS D 897 -45.51 -20.34 166.11
CA LYS D 897 -46.96 -20.20 166.25
C LYS D 897 -47.33 -19.51 167.56
N ILE D 898 -46.47 -19.59 168.59
CA ILE D 898 -46.70 -18.79 169.80
C ILE D 898 -46.61 -17.30 169.47
N GLU D 899 -45.61 -16.90 168.69
CA GLU D 899 -45.54 -15.53 168.23
C GLU D 899 -46.79 -15.14 167.46
N LEU D 900 -47.28 -16.04 166.63
CA LEU D 900 -48.56 -15.83 165.94
C LEU D 900 -49.75 -15.82 166.89
N GLY D 901 -49.58 -16.33 168.11
CA GLY D 901 -50.63 -16.28 169.11
C GLY D 901 -51.38 -17.57 169.35
N TRP D 902 -51.02 -18.66 168.69
CA TRP D 902 -51.74 -19.91 168.86
C TRP D 902 -51.50 -20.48 170.26
N GLN D 903 -52.49 -21.22 170.75
CA GLN D 903 -52.40 -21.93 172.01
C GLN D 903 -52.79 -23.38 171.78
N TYR D 904 -52.34 -24.25 172.69
CA TYR D 904 -52.59 -25.67 172.53
C TYR D 904 -54.05 -25.99 172.85
N GLY D 905 -54.65 -26.86 172.05
CA GLY D 905 -56.00 -27.31 172.27
C GLY D 905 -56.29 -28.61 171.54
N PRO D 906 -57.23 -29.39 172.07
CA PRO D 906 -57.61 -30.63 171.38
C PRO D 906 -58.20 -30.39 170.00
N VAL D 907 -58.76 -29.20 169.77
CA VAL D 907 -59.38 -28.90 168.49
C VAL D 907 -58.31 -28.50 167.48
N ARG D 908 -58.65 -28.63 166.19
CA ARG D 908 -57.72 -28.36 165.10
C ARG D 908 -57.90 -26.96 164.51
N ASP D 909 -59.02 -26.31 164.78
CA ASP D 909 -59.35 -25.07 164.09
C ASP D 909 -58.48 -23.92 164.59
N ASP D 910 -57.74 -23.31 163.66
CA ASP D 910 -56.85 -22.20 164.00
C ASP D 910 -57.62 -20.92 164.26
N ASN D 911 -58.83 -20.79 163.71
CA ASN D 911 -59.60 -19.57 163.88
C ASN D 911 -59.95 -19.34 165.35
N LYS D 912 -60.16 -20.42 166.10
CA LYS D 912 -60.40 -20.28 167.53
C LYS D 912 -59.10 -20.32 168.32
N ARG D 913 -57.97 -20.06 167.64
CA ARG D 913 -56.69 -19.77 168.28
C ARG D 913 -56.05 -21.02 168.89
N GLN D 914 -56.68 -22.18 168.73
CA GLN D 914 -56.23 -23.42 169.34
C GLN D 914 -55.75 -24.39 168.26
N HIS D 915 -54.62 -25.05 168.53
CA HIS D 915 -54.06 -26.03 167.61
C HIS D 915 -53.17 -26.97 168.41
N PRO D 916 -53.29 -28.28 168.22
CA PRO D 916 -52.51 -29.23 169.02
C PRO D 916 -51.08 -29.44 168.53
N CYS D 917 -50.65 -28.74 167.48
CA CYS D 917 -49.27 -28.81 167.03
C CYS D 917 -48.30 -28.23 168.03
N LEU D 918 -48.79 -27.45 168.99
CA LEU D 918 -47.95 -26.80 170.00
C LEU D 918 -47.15 -27.80 170.82
N VAL D 919 -47.75 -28.90 171.25
CA VAL D 919 -47.13 -29.80 172.22
C VAL D 919 -45.99 -30.57 171.59
N GLU D 920 -45.21 -31.25 172.43
CA GLU D 920 -44.02 -31.95 171.98
C GLU D 920 -44.35 -33.00 170.92
N PHE D 921 -43.30 -33.50 170.27
CA PHE D 921 -43.46 -34.43 169.15
C PHE D 921 -44.19 -35.70 169.57
N SER D 922 -43.89 -36.21 170.77
CA SER D 922 -44.52 -37.45 171.22
C SER D 922 -46.02 -37.28 171.39
N LYS D 923 -46.46 -36.19 172.00
CA LYS D 923 -47.89 -35.97 172.18
C LYS D 923 -48.50 -35.24 170.98
N LEU D 924 -47.65 -34.80 170.04
CA LEU D 924 -48.14 -34.35 168.75
C LEU D 924 -48.80 -35.52 168.02
N PRO D 925 -49.83 -35.24 167.24
CA PRO D 925 -50.30 -36.25 166.27
C PRO D 925 -49.13 -36.85 165.51
N GLU D 926 -48.96 -38.16 165.63
CA GLU D 926 -47.74 -38.80 165.14
C GLU D 926 -47.63 -38.70 163.63
N GLN D 927 -48.75 -38.53 162.93
CA GLN D 927 -48.65 -38.28 161.49
C GLN D 927 -48.06 -36.91 161.21
N GLU D 928 -48.42 -35.88 161.98
CA GLU D 928 -47.71 -34.62 161.86
C GLU D 928 -46.26 -34.78 162.28
N ARG D 929 -46.00 -35.64 163.26
CA ARG D 929 -44.63 -35.86 163.72
C ARG D 929 -43.76 -36.42 162.60
N ASN D 930 -44.22 -37.49 161.94
CA ASN D 930 -43.40 -38.08 160.89
C ASN D 930 -43.37 -37.17 159.66
N TYR D 931 -44.45 -36.41 159.43
CA TYR D 931 -44.40 -35.39 158.38
C TYR D 931 -43.25 -34.42 158.62
N ASN D 932 -43.16 -33.88 159.83
CA ASN D 932 -42.09 -32.94 160.17
C ASN D 932 -40.72 -33.62 160.07
N LEU D 933 -40.62 -34.86 160.55
CA LEU D 933 -39.36 -35.57 160.50
C LEU D 933 -38.88 -35.76 159.07
N GLN D 934 -39.74 -36.30 158.22
CA GLN D 934 -39.34 -36.59 156.85
C GLN D 934 -39.16 -35.31 156.03
N MET D 935 -39.84 -34.22 156.40
CA MET D 935 -39.56 -32.97 155.69
C MET D 935 -38.21 -32.41 156.13
N SER D 936 -37.84 -32.63 157.39
CA SER D 936 -36.49 -32.26 157.82
C SER D 936 -35.44 -33.04 157.04
N LEU D 937 -35.63 -34.35 156.93
CA LEU D 937 -34.71 -35.17 156.15
C LEU D 937 -34.69 -34.74 154.69
N GLU D 938 -35.86 -34.44 154.12
CA GLU D 938 -35.92 -34.01 152.74
C GLU D 938 -35.17 -32.69 152.54
N THR D 939 -35.32 -31.77 153.49
CA THR D 939 -34.64 -30.49 153.40
C THR D 939 -33.13 -30.66 153.44
N LEU D 940 -32.63 -31.46 154.38
CA LEU D 940 -31.19 -31.64 154.46
C LEU D 940 -30.66 -32.46 153.27
N LYS D 941 -31.44 -33.40 152.76
CA LYS D 941 -31.03 -34.13 151.57
C LYS D 941 -31.01 -33.23 150.36
N THR D 942 -31.92 -32.26 150.30
CA THR D 942 -31.88 -31.26 149.25
C THR D 942 -30.63 -30.40 149.36
N LEU D 943 -30.28 -30.02 150.60
CA LEU D 943 -29.00 -29.34 150.83
C LEU D 943 -27.85 -30.15 150.27
N LEU D 944 -27.83 -31.46 150.56
CA LEU D 944 -26.77 -32.32 150.04
C LEU D 944 -26.80 -32.40 148.52
N ALA D 945 -27.98 -32.51 147.93
CA ALA D 945 -28.12 -32.72 146.50
C ALA D 945 -27.83 -31.47 145.67
N LEU D 946 -27.98 -30.28 146.25
CA LEU D 946 -27.68 -29.06 145.53
C LEU D 946 -26.20 -28.72 145.52
N GLY D 947 -25.35 -29.69 145.85
CA GLY D 947 -23.92 -29.49 145.71
C GLY D 947 -23.28 -28.69 146.82
N CYS D 948 -24.00 -28.47 147.92
CA CYS D 948 -23.49 -27.69 149.03
C CYS D 948 -22.97 -28.65 150.10
N HIS D 949 -21.65 -28.79 150.18
CA HIS D 949 -21.05 -29.64 151.20
C HIS D 949 -21.23 -29.02 152.57
N VAL D 950 -21.31 -29.88 153.59
CA VAL D 950 -21.41 -29.44 154.97
C VAL D 950 -20.46 -30.28 155.81
N GLY D 951 -19.77 -29.61 156.73
CA GLY D 951 -18.84 -30.28 157.60
C GLY D 951 -19.20 -30.04 159.06
N ILE D 952 -18.37 -30.59 159.94
CA ILE D 952 -18.52 -30.41 161.37
C ILE D 952 -17.51 -29.37 161.83
N SER D 953 -17.99 -28.30 162.46
CA SER D 953 -17.09 -27.26 162.96
C SER D 953 -16.17 -27.81 164.05
N ASP D 954 -16.76 -28.25 165.16
CA ASP D 954 -16.00 -28.80 166.27
C ASP D 954 -16.91 -29.62 167.16
N GLU D 955 -16.31 -30.44 168.00
CA GLU D 955 -17.08 -31.22 168.96
C GLU D 955 -17.72 -30.32 170.02
N HIS D 956 -17.16 -29.12 170.21
CA HIS D 956 -17.73 -28.18 171.17
C HIS D 956 -19.14 -27.79 170.78
N ALA D 957 -19.43 -27.68 169.48
CA ALA D 957 -20.76 -27.32 169.03
C ALA D 957 -21.81 -28.33 169.43
N GLU D 958 -21.47 -29.61 169.49
CA GLU D 958 -22.35 -30.64 170.02
C GLU D 958 -22.34 -30.72 171.53
N ASP D 959 -21.20 -30.44 172.16
CA ASP D 959 -21.13 -30.49 173.61
C ASP D 959 -21.97 -29.40 174.26
N LYS D 960 -21.97 -28.20 173.69
CA LYS D 960 -22.68 -27.08 174.27
C LYS D 960 -24.17 -27.15 173.94
N VAL D 961 -24.99 -26.78 174.93
CA VAL D 961 -26.45 -26.83 174.81
C VAL D 961 -27.02 -25.47 175.17
N LYS D 962 -26.27 -24.41 174.85
CA LYS D 962 -26.61 -23.07 175.31
C LYS D 962 -28.05 -22.70 174.96
N LYS D 963 -28.68 -21.93 175.85
CA LYS D 963 -30.12 -21.76 175.88
C LYS D 963 -30.47 -20.31 176.19
N MET D 964 -31.46 -19.75 175.50
CA MET D 964 -32.06 -18.51 175.99
C MET D 964 -33.12 -18.81 177.05
N LYS D 965 -33.15 -17.97 178.07
CA LYS D 965 -34.22 -18.05 179.05
C LYS D 965 -35.50 -17.46 178.47
N LEU D 966 -36.58 -18.22 178.57
CA LEU D 966 -37.88 -17.80 178.05
C LEU D 966 -38.95 -18.11 179.10
N PRO D 967 -39.82 -17.16 179.43
CA PRO D 967 -40.82 -17.41 180.48
C PRO D 967 -41.72 -18.59 180.15
N LYS D 968 -41.98 -19.41 181.16
CA LYS D 968 -42.73 -20.65 180.93
C LYS D 968 -44.17 -20.37 180.50
N ASN D 969 -44.78 -19.33 181.08
CA ASN D 969 -46.15 -18.99 180.71
C ASN D 969 -46.24 -18.64 179.23
N TYR D 970 -45.30 -17.86 178.74
CA TYR D 970 -45.26 -17.50 177.32
C TYR D 970 -44.80 -18.66 176.45
N GLN D 971 -44.08 -19.64 177.01
CA GLN D 971 -43.64 -20.80 176.26
C GLN D 971 -44.76 -21.84 176.19
N LEU D 972 -44.44 -22.96 175.55
CA LEU D 972 -45.42 -24.00 175.29
C LEU D 972 -45.64 -24.84 176.54
N THR D 973 -46.58 -25.79 176.46
CA THR D 973 -46.85 -26.67 177.60
C THR D 973 -45.78 -27.74 177.77
N SER D 974 -45.12 -28.15 176.67
CA SER D 974 -44.18 -29.25 176.74
C SER D 974 -42.95 -28.87 177.57
N GLY D 975 -42.41 -29.87 178.27
CA GLY D 975 -41.28 -29.62 179.15
C GLY D 975 -40.01 -29.25 178.41
N TYR D 976 -39.74 -29.91 177.28
CA TYR D 976 -38.52 -29.66 176.54
C TYR D 976 -38.51 -28.23 176.01
N LYS D 977 -37.64 -27.40 176.57
CA LYS D 977 -37.68 -25.96 176.36
C LYS D 977 -37.04 -25.61 175.02
N PRO D 978 -37.72 -24.87 174.15
CA PRO D 978 -37.34 -24.81 172.73
C PRO D 978 -36.01 -24.15 172.39
N ALA D 979 -35.79 -22.93 172.89
CA ALA D 979 -34.89 -21.97 172.27
C ALA D 979 -33.50 -22.54 172.00
N PRO D 980 -33.01 -22.39 170.78
CA PRO D 980 -31.67 -22.90 170.46
C PRO D 980 -30.62 -21.91 170.90
N MET D 981 -29.37 -22.14 170.49
CA MET D 981 -28.36 -21.10 170.55
C MET D 981 -28.82 -19.86 169.78
N ASP D 982 -28.42 -18.69 170.28
CA ASP D 982 -29.02 -17.44 169.82
C ASP D 982 -28.74 -17.17 168.35
N LEU D 983 -29.63 -16.41 167.71
CA LEU D 983 -29.47 -16.02 166.32
C LEU D 983 -28.42 -14.94 166.14
N SER D 984 -28.18 -14.11 167.16
CA SER D 984 -27.25 -13.00 167.01
C SER D 984 -25.82 -13.47 166.81
N PHE D 985 -25.41 -14.51 167.55
CA PHE D 985 -24.05 -15.00 167.44
C PHE D 985 -23.75 -15.52 166.04
N ILE D 986 -24.71 -16.23 165.46
CA ILE D 986 -24.49 -16.86 164.16
C ILE D 986 -24.53 -15.79 163.07
N LYS D 987 -23.72 -15.98 162.02
CA LYS D 987 -23.72 -15.07 160.89
C LYS D 987 -24.00 -15.85 159.63
N LEU D 988 -24.83 -15.27 158.76
CA LEU D 988 -25.28 -15.94 157.54
C LEU D 988 -24.69 -15.21 156.33
N THR D 989 -23.89 -15.92 155.54
CA THR D 989 -23.19 -15.31 154.41
C THR D 989 -24.14 -15.09 153.24
N PRO D 990 -23.79 -14.19 152.31
CA PRO D 990 -24.63 -14.02 151.11
C PRO D 990 -24.80 -15.31 150.31
N SER D 991 -23.75 -16.12 150.22
CA SER D 991 -23.90 -17.42 149.57
C SER D 991 -24.87 -18.29 150.35
N GLN D 992 -24.80 -18.24 151.68
CA GLN D 992 -25.73 -19.01 152.50
C GLN D 992 -27.17 -18.54 152.32
N GLU D 993 -27.37 -17.25 152.03
CA GLU D 993 -28.72 -16.74 151.80
C GLU D 993 -29.23 -17.16 150.43
N ALA D 994 -28.35 -17.09 149.41
CA ALA D 994 -28.70 -17.63 148.11
C ALA D 994 -29.06 -19.10 148.23
N MET D 995 -28.41 -19.82 149.15
CA MET D 995 -28.75 -21.21 149.39
C MET D 995 -30.19 -21.36 149.86
N VAL D 996 -30.58 -20.62 150.90
CA VAL D 996 -31.93 -20.75 151.42
C VAL D 996 -32.95 -20.26 150.41
N ASP D 997 -32.53 -19.41 149.46
CA ASP D 997 -33.42 -19.08 148.35
C ASP D 997 -33.80 -20.33 147.55
N LYS D 998 -32.81 -21.13 147.15
CA LYS D 998 -33.12 -22.37 146.45
C LYS D 998 -33.86 -23.34 147.36
N LEU D 999 -33.59 -23.28 148.66
CA LEU D 999 -34.34 -24.13 149.60
C LEU D 999 -35.82 -23.78 149.58
N ALA D 1000 -36.14 -22.49 149.63
CA ALA D 1000 -37.54 -22.08 149.56
C ALA D 1000 -38.14 -22.45 148.22
N GLU D 1001 -37.37 -22.31 147.13
CA GLU D 1001 -37.82 -22.74 145.82
C GLU D 1001 -38.23 -24.21 145.86
N ASN D 1002 -37.36 -25.07 146.37
CA ASN D 1002 -37.63 -26.50 146.38
C ASN D 1002 -38.81 -26.83 147.28
N ALA D 1003 -38.92 -26.14 148.42
CA ALA D 1003 -40.05 -26.39 149.32
C ALA D 1003 -41.37 -26.04 148.66
N HIS D 1004 -41.41 -24.89 147.97
CA HIS D 1004 -42.61 -24.51 147.25
C HIS D 1004 -42.94 -25.53 146.16
N ASN D 1005 -41.92 -26.00 145.45
CA ASN D 1005 -42.14 -27.02 144.43
C ASN D 1005 -42.70 -28.29 145.03
N VAL D 1006 -42.19 -28.69 146.20
CA VAL D 1006 -42.68 -29.89 146.87
C VAL D 1006 -44.14 -29.73 147.24
N TRP D 1007 -44.49 -28.60 147.83
CA TRP D 1007 -45.88 -28.37 148.20
C TRP D 1007 -46.79 -28.40 146.98
N ALA D 1008 -46.39 -27.73 145.91
CA ALA D 1008 -47.20 -27.70 144.70
C ALA D 1008 -47.36 -29.08 144.09
N ARG D 1009 -46.28 -29.86 144.02
CA ARG D 1009 -46.36 -31.18 143.43
C ARG D 1009 -47.25 -32.10 144.25
N ASP D 1010 -47.18 -31.99 145.58
CA ASP D 1010 -48.04 -32.80 146.43
C ASP D 1010 -49.51 -32.44 146.20
N ARG D 1011 -49.84 -31.15 146.16
CA ARG D 1011 -51.24 -30.81 145.92
C ARG D 1011 -51.68 -31.14 144.50
N ILE D 1012 -50.74 -31.18 143.56
CA ILE D 1012 -51.15 -31.57 142.21
C ILE D 1012 -51.48 -33.06 142.14
N ARG D 1013 -50.70 -33.93 142.77
CA ARG D 1013 -51.16 -35.31 142.88
C ARG D 1013 -52.43 -35.41 143.72
N GLN D 1014 -52.61 -34.51 144.69
CA GLN D 1014 -53.88 -34.48 145.41
C GLN D 1014 -55.03 -34.00 144.54
N GLY D 1015 -54.74 -33.41 143.38
CA GLY D 1015 -55.77 -32.97 142.46
C GLY D 1015 -56.07 -31.50 142.47
N TRP D 1016 -55.42 -30.73 143.32
CA TRP D 1016 -55.67 -29.30 143.37
C TRP D 1016 -55.14 -28.62 142.11
N THR D 1017 -55.78 -27.51 141.73
CA THR D 1017 -55.45 -26.80 140.52
C THR D 1017 -55.44 -25.30 140.82
N TYR D 1018 -54.60 -24.57 140.10
CA TYR D 1018 -54.51 -23.12 140.30
C TYR D 1018 -55.83 -22.44 139.95
N GLY D 1019 -56.18 -21.44 140.75
CA GLY D 1019 -57.33 -20.59 140.49
C GLY D 1019 -57.18 -19.27 141.20
N ILE D 1020 -57.60 -18.17 140.55
CA ILE D 1020 -57.40 -16.85 141.14
C ILE D 1020 -58.10 -16.75 142.48
N GLN D 1021 -59.32 -17.26 142.57
CA GLN D 1021 -60.07 -17.28 143.81
C GLN D 1021 -59.89 -18.63 144.50
N GLN D 1022 -59.58 -18.58 145.78
CA GLN D 1022 -59.38 -19.81 146.55
C GLN D 1022 -60.70 -20.55 146.72
N ASP D 1023 -60.68 -21.85 146.45
CA ASP D 1023 -61.87 -22.70 146.58
C ASP D 1023 -61.43 -24.07 147.07
N VAL D 1024 -61.66 -24.34 148.35
CA VAL D 1024 -61.38 -25.67 148.89
C VAL D 1024 -62.32 -26.70 148.30
N LYS D 1025 -63.58 -26.31 148.05
CA LYS D 1025 -64.56 -27.25 147.52
C LYS D 1025 -64.14 -27.77 146.15
N ASN D 1026 -63.68 -26.88 145.28
CA ASN D 1026 -63.23 -27.25 143.95
C ASN D 1026 -61.74 -27.50 143.90
N ARG D 1027 -61.05 -27.44 145.03
CA ARG D 1027 -59.60 -27.64 145.12
C ARG D 1027 -58.87 -26.70 144.17
N ARG D 1028 -59.18 -25.41 144.30
CA ARG D 1028 -58.54 -24.37 143.53
C ARG D 1028 -57.83 -23.42 144.49
N ASN D 1029 -56.54 -23.21 144.24
CA ASN D 1029 -55.69 -22.44 145.13
C ASN D 1029 -54.82 -21.49 144.30
N PRO D 1030 -54.87 -20.19 144.57
CA PRO D 1030 -53.99 -19.26 143.83
C PRO D 1030 -52.52 -19.39 144.16
N ARG D 1031 -52.15 -20.19 145.17
CA ARG D 1031 -50.75 -20.33 145.52
C ARG D 1031 -50.05 -21.40 144.69
N LEU D 1032 -50.77 -22.09 143.81
CA LEU D 1032 -50.16 -23.06 142.90
C LEU D 1032 -49.60 -22.33 141.68
N VAL D 1033 -48.56 -21.54 141.93
CA VAL D 1033 -47.92 -20.74 140.90
C VAL D 1033 -46.42 -20.93 141.00
N PRO D 1034 -45.65 -20.62 139.95
CA PRO D 1034 -44.19 -20.68 140.07
C PRO D 1034 -43.68 -19.72 141.13
N TYR D 1035 -42.60 -20.12 141.79
CA TYR D 1035 -42.11 -19.38 142.95
C TYR D 1035 -41.70 -17.96 142.59
N THR D 1036 -41.13 -17.78 141.39
CA THR D 1036 -40.78 -16.44 140.95
C THR D 1036 -42.02 -15.56 140.85
N LEU D 1037 -43.17 -16.17 140.58
CA LEU D 1037 -44.44 -15.46 140.51
C LEU D 1037 -45.22 -15.52 141.81
N LEU D 1038 -44.66 -16.12 142.85
CA LEU D 1038 -45.39 -16.26 144.11
C LEU D 1038 -45.51 -14.92 144.81
N ASP D 1039 -46.52 -14.81 145.68
CA ASP D 1039 -46.74 -13.57 146.41
C ASP D 1039 -45.63 -13.33 147.43
N ASP D 1040 -45.30 -12.04 147.61
CA ASP D 1040 -44.16 -11.69 148.44
C ASP D 1040 -44.38 -12.09 149.90
N ARG D 1041 -45.63 -12.06 150.37
CA ARG D 1041 -45.89 -12.43 151.76
C ARG D 1041 -45.52 -13.88 152.01
N THR D 1042 -46.02 -14.80 151.17
CA THR D 1042 -45.70 -16.20 151.33
C THR D 1042 -44.21 -16.45 151.10
N LYS D 1043 -43.64 -15.77 150.10
CA LYS D 1043 -42.21 -15.93 149.84
C LYS D 1043 -41.38 -15.56 151.05
N LYS D 1044 -41.69 -14.41 151.67
CA LYS D 1044 -40.91 -14.00 152.84
C LYS D 1044 -41.18 -14.92 154.03
N SER D 1045 -42.41 -15.40 154.20
CA SER D 1045 -42.70 -16.26 155.35
C SER D 1045 -41.93 -17.57 155.26
N ASN D 1046 -42.04 -18.27 154.13
CA ASN D 1046 -41.34 -19.55 154.04
C ASN D 1046 -39.83 -19.32 153.93
N LYS D 1047 -39.41 -18.20 153.34
CA LYS D 1047 -38.00 -17.88 153.30
C LYS D 1047 -37.43 -17.74 154.70
N ASP D 1048 -38.13 -17.02 155.58
CA ASP D 1048 -37.60 -16.84 156.93
C ASP D 1048 -37.67 -18.15 157.72
N SER D 1049 -38.71 -18.96 157.50
CA SER D 1049 -38.75 -20.24 158.22
C SER D 1049 -37.58 -21.14 157.84
N LEU D 1050 -37.34 -21.32 156.54
CA LEU D 1050 -36.23 -22.17 156.13
C LEU D 1050 -34.89 -21.50 156.43
N ARG D 1051 -34.85 -20.17 156.44
CA ARG D 1051 -33.64 -19.46 156.82
C ARG D 1051 -33.28 -19.74 158.27
N GLU D 1052 -34.28 -19.71 159.15
CA GLU D 1052 -34.03 -19.99 160.55
C GLU D 1052 -33.69 -21.46 160.75
N ALA D 1053 -34.24 -22.33 159.91
CA ALA D 1053 -33.80 -23.72 159.94
C ALA D 1053 -32.31 -23.85 159.60
N VAL D 1054 -31.86 -23.16 158.55
CA VAL D 1054 -30.44 -23.17 158.20
C VAL D 1054 -29.62 -22.55 159.31
N ARG D 1055 -30.17 -21.51 159.96
CA ARG D 1055 -29.54 -20.88 161.10
C ARG D 1055 -29.30 -21.87 162.22
N THR D 1056 -30.30 -22.69 162.55
CA THR D 1056 -30.14 -23.72 163.56
C THR D 1056 -29.14 -24.78 163.11
N LEU D 1057 -29.15 -25.13 161.83
CA LEU D 1057 -28.16 -26.07 161.31
C LEU D 1057 -26.75 -25.57 161.55
N LEU D 1058 -26.51 -24.29 161.28
CA LEU D 1058 -25.21 -23.69 161.60
C LEU D 1058 -24.96 -23.64 163.10
N GLY D 1059 -25.99 -23.35 163.88
CA GLY D 1059 -25.80 -23.27 165.33
C GLY D 1059 -25.37 -24.58 165.93
N TYR D 1060 -25.84 -25.69 165.37
CA TYR D 1060 -25.34 -26.97 165.83
C TYR D 1060 -23.93 -27.23 165.36
N GLY D 1061 -23.28 -26.22 164.80
CA GLY D 1061 -21.92 -26.38 164.31
C GLY D 1061 -21.79 -27.24 163.08
N TYR D 1062 -22.68 -27.04 162.12
CA TYR D 1062 -22.59 -27.72 160.83
C TYR D 1062 -22.45 -26.66 159.76
N ASN D 1063 -21.19 -26.28 159.49
CA ASN D 1063 -20.88 -25.27 158.49
C ASN D 1063 -21.04 -25.87 157.10
N LEU D 1064 -22.01 -25.34 156.36
CA LEU D 1064 -22.26 -25.77 154.99
C LEU D 1064 -21.62 -24.78 154.02
N GLU D 1065 -20.77 -25.30 153.14
CA GLU D 1065 -20.04 -24.50 152.19
C GLU D 1065 -20.81 -24.45 150.87
N ALA D 1066 -21.41 -23.31 150.59
CA ALA D 1066 -22.20 -23.15 149.38
C ALA D 1066 -21.28 -23.05 148.17
N PRO D 1067 -21.49 -23.86 147.14
CA PRO D 1067 -20.68 -23.73 145.93
C PRO D 1067 -20.91 -22.38 145.26
N ASP D 1068 -19.88 -21.90 144.58
CA ASP D 1068 -20.01 -20.63 143.88
C ASP D 1068 -21.04 -20.72 142.77
N GLN D 1069 -21.70 -19.60 142.50
CA GLN D 1069 -22.73 -19.57 141.46
C GLN D 1069 -22.12 -19.91 140.10
N ASP D 1070 -22.76 -20.81 139.39
CA ASP D 1070 -22.30 -21.25 138.08
C ASP D 1070 -22.86 -20.33 137.01
N HIS D 1071 -21.99 -19.72 136.23
CA HIS D 1071 -22.39 -18.76 135.20
C HIS D 1071 -22.98 -19.50 134.02
N ALA D 1072 -24.30 -19.55 133.93
CA ALA D 1072 -25.00 -20.17 132.81
C ALA D 1072 -25.96 -19.16 132.21
N ALA D 1073 -25.78 -18.87 130.92
CA ALA D 1073 -26.60 -17.92 130.21
C ALA D 1073 -27.29 -18.61 129.03
N ARG D 1074 -28.61 -18.49 128.96
CA ARG D 1074 -29.38 -19.08 127.87
C ARG D 1074 -29.37 -18.19 126.63
N ALA D 1075 -28.93 -16.94 126.76
CA ALA D 1075 -28.66 -16.05 125.63
C ALA D 1075 -29.91 -15.75 124.81
N GLU D 1076 -31.09 -15.81 125.44
CA GLU D 1076 -32.34 -15.30 124.87
C GLU D 1076 -32.76 -16.12 123.64
N VAL D 1077 -31.96 -17.14 123.31
CA VAL D 1077 -32.14 -17.91 122.09
C VAL D 1077 -33.43 -18.70 122.06
N CYS D 1078 -34.08 -18.92 123.21
CA CYS D 1078 -35.28 -19.74 123.26
C CYS D 1078 -36.48 -19.00 122.66
N SER D 1079 -36.42 -18.84 121.35
CA SER D 1079 -37.52 -18.20 120.62
C SER D 1079 -38.58 -19.23 120.25
N GLY D 1080 -39.82 -18.77 120.15
CA GLY D 1080 -40.88 -19.62 119.65
C GLY D 1080 -40.58 -20.09 118.23
N THR D 1081 -40.64 -21.41 118.03
CA THR D 1081 -40.29 -22.04 116.76
C THR D 1081 -38.84 -21.75 116.39
N GLY D 1082 -38.44 -22.16 115.19
CA GLY D 1082 -37.08 -21.94 114.74
C GLY D 1082 -36.77 -20.54 114.25
N GLU D 1083 -37.77 -19.66 114.23
CA GLU D 1083 -37.58 -18.30 113.75
C GLU D 1083 -36.59 -17.57 114.65
N ARG D 1084 -35.44 -17.19 114.09
CA ARG D 1084 -34.39 -16.54 114.87
C ARG D 1084 -34.37 -15.03 114.71
N PHE D 1085 -34.82 -14.53 113.56
CA PHE D 1085 -34.83 -13.10 113.30
C PHE D 1085 -35.76 -12.84 112.12
N ARG D 1086 -36.42 -11.69 112.15
CA ARG D 1086 -37.32 -11.28 111.10
C ARG D 1086 -36.75 -10.04 110.42
N ILE D 1087 -36.70 -10.06 109.10
CA ILE D 1087 -36.11 -8.99 108.31
C ILE D 1087 -37.22 -8.12 107.73
N PHE D 1088 -37.12 -6.82 107.93
CA PHE D 1088 -38.07 -5.86 107.41
C PHE D 1088 -37.34 -4.98 106.38
N ARG D 1089 -37.89 -4.91 105.17
CA ARG D 1089 -37.29 -4.17 104.08
C ARG D 1089 -38.37 -3.46 103.28
N ALA D 1090 -37.95 -2.41 102.57
CA ALA D 1090 -38.85 -1.72 101.68
C ALA D 1090 -39.04 -2.51 100.38
N GLU D 1091 -40.00 -2.09 99.57
CA GLU D 1091 -40.27 -2.77 98.32
C GLU D 1091 -39.09 -2.63 97.37
N LYS D 1092 -38.89 -3.65 96.54
CA LYS D 1092 -37.79 -3.64 95.58
C LYS D 1092 -37.91 -2.53 94.55
N THR D 1093 -39.11 -2.02 94.30
CA THR D 1093 -39.29 -0.96 93.30
C THR D 1093 -38.79 0.39 93.76
N TYR D 1094 -38.69 0.61 95.07
CA TYR D 1094 -38.17 1.86 95.60
C TYR D 1094 -36.65 1.89 95.64
N ALA D 1095 -35.98 0.98 94.93
CA ALA D 1095 -34.53 0.94 94.95
C ALA D 1095 -33.95 2.23 94.36
N VAL D 1096 -32.93 2.76 95.02
CA VAL D 1096 -32.25 3.97 94.59
C VAL D 1096 -30.97 3.57 93.86
N LYS D 1097 -30.74 4.20 92.70
CA LYS D 1097 -29.56 3.91 91.92
C LYS D 1097 -28.55 5.06 91.87
N ALA D 1098 -28.91 6.24 92.37
CA ALA D 1098 -27.99 7.35 92.44
C ALA D 1098 -28.51 8.37 93.43
N GLY D 1099 -27.61 9.16 93.99
CA GLY D 1099 -27.96 10.27 94.86
C GLY D 1099 -27.61 9.99 96.31
N ARG D 1100 -27.99 10.95 97.15
CA ARG D 1100 -27.78 10.90 98.58
C ARG D 1100 -29.10 10.57 99.26
N TRP D 1101 -29.10 9.56 100.13
CA TRP D 1101 -30.32 9.12 100.79
C TRP D 1101 -30.09 8.90 102.28
N TYR D 1102 -31.16 9.04 103.05
CA TYR D 1102 -31.08 9.03 104.51
C TYR D 1102 -32.38 8.49 105.09
N PHE D 1103 -32.26 7.68 106.14
CA PHE D 1103 -33.42 7.26 106.93
C PHE D 1103 -32.95 6.92 108.33
N GLU D 1104 -33.89 6.91 109.27
CA GLU D 1104 -33.60 6.68 110.67
C GLU D 1104 -34.22 5.38 111.15
N PHE D 1105 -33.51 4.69 112.03
CA PHE D 1105 -34.00 3.48 112.67
C PHE D 1105 -33.94 3.67 114.18
N GLU D 1106 -35.08 3.54 114.84
CA GLU D 1106 -35.18 3.78 116.28
C GLU D 1106 -35.19 2.45 117.01
N THR D 1107 -34.41 2.36 118.09
CA THR D 1107 -34.28 1.15 118.88
C THR D 1107 -35.13 1.29 120.12
N VAL D 1108 -36.32 0.68 120.12
CA VAL D 1108 -37.15 0.67 121.30
C VAL D 1108 -36.47 -0.10 122.42
N THR D 1109 -35.89 -1.26 122.10
CA THR D 1109 -35.09 -2.03 123.03
C THR D 1109 -33.65 -2.03 122.56
N ALA D 1110 -32.77 -2.60 123.38
CA ALA D 1110 -31.37 -2.79 123.03
C ALA D 1110 -31.10 -4.28 122.94
N GLY D 1111 -30.62 -4.73 121.78
CA GLY D 1111 -30.43 -6.15 121.57
C GLY D 1111 -29.96 -6.45 120.17
N ASP D 1112 -30.18 -7.70 119.76
CA ASP D 1112 -29.65 -8.20 118.49
C ASP D 1112 -30.49 -7.64 117.34
N MET D 1113 -30.03 -6.50 116.83
CA MET D 1113 -30.60 -5.89 115.64
C MET D 1113 -29.49 -5.54 114.67
N ARG D 1114 -29.83 -5.54 113.39
CA ARG D 1114 -28.93 -5.05 112.34
C ARG D 1114 -29.72 -4.16 111.39
N VAL D 1115 -29.15 -3.01 111.06
CA VAL D 1115 -29.79 -2.06 110.16
C VAL D 1115 -28.78 -1.65 109.09
N GLY D 1116 -29.29 -1.27 107.93
CA GLY D 1116 -28.43 -0.89 106.83
C GLY D 1116 -29.18 -0.94 105.52
N TRP D 1117 -28.43 -1.21 104.45
CA TRP D 1117 -28.96 -1.26 103.09
C TRP D 1117 -28.78 -2.65 102.52
N SER D 1118 -29.74 -3.07 101.72
CA SER D 1118 -29.74 -4.40 101.12
C SER D 1118 -30.06 -4.32 99.64
N ARG D 1119 -29.52 -5.25 98.90
CA ARG D 1119 -29.85 -5.34 97.49
C ARG D 1119 -31.16 -6.10 97.29
N PRO D 1120 -31.82 -5.88 96.16
CA PRO D 1120 -33.10 -6.55 95.88
C PRO D 1120 -33.07 -8.07 96.07
N GLY D 1121 -31.89 -8.67 96.00
CA GLY D 1121 -31.77 -10.11 96.14
C GLY D 1121 -31.54 -10.64 97.53
N CYS D 1122 -31.72 -9.82 98.57
CA CYS D 1122 -31.47 -10.27 99.93
C CYS D 1122 -32.43 -11.39 100.31
N GLN D 1123 -31.90 -12.41 100.94
CA GLN D 1123 -32.68 -13.58 101.33
C GLN D 1123 -33.25 -13.40 102.73
N PRO D 1124 -34.56 -13.55 102.92
CA PRO D 1124 -35.14 -13.36 104.24
C PRO D 1124 -34.59 -14.32 105.29
N ASP D 1125 -34.26 -15.54 104.92
CA ASP D 1125 -33.81 -16.52 105.90
C ASP D 1125 -32.37 -16.29 106.34
N GLN D 1126 -31.55 -15.68 105.49
CA GLN D 1126 -30.15 -15.45 105.84
C GLN D 1126 -30.00 -14.17 106.64
N GLU D 1127 -29.03 -14.18 107.55
CA GLU D 1127 -28.76 -13.00 108.37
C GLU D 1127 -28.12 -11.90 107.54
N LEU D 1128 -28.44 -10.66 107.88
CA LEU D 1128 -27.89 -9.52 107.16
C LEU D 1128 -26.38 -9.45 107.35
N GLY D 1129 -25.66 -9.22 106.26
CA GLY D 1129 -24.22 -9.07 106.29
C GLY D 1129 -23.44 -10.36 106.17
N SER D 1130 -24.11 -11.51 106.31
CA SER D 1130 -23.42 -12.77 106.14
C SER D 1130 -22.90 -12.93 104.73
N ASP D 1131 -23.69 -12.51 103.75
CA ASP D 1131 -23.33 -12.56 102.35
C ASP D 1131 -23.22 -11.13 101.80
N GLU D 1132 -23.02 -11.00 100.49
CA GLU D 1132 -22.78 -9.73 99.85
C GLU D 1132 -24.03 -8.92 99.58
N ARG D 1133 -25.22 -9.49 99.80
CA ARG D 1133 -26.44 -8.82 99.37
C ARG D 1133 -26.78 -7.62 100.24
N ALA D 1134 -26.27 -7.58 101.47
CA ALA D 1134 -26.66 -6.56 102.42
C ALA D 1134 -25.43 -5.93 103.07
N PHE D 1135 -25.58 -4.65 103.42
CA PHE D 1135 -24.59 -3.91 104.19
C PHE D 1135 -25.27 -3.45 105.46
N ALA D 1136 -24.83 -3.96 106.60
CA ALA D 1136 -25.55 -3.75 107.85
C ALA D 1136 -24.60 -3.29 108.93
N PHE D 1137 -25.17 -2.77 110.01
CA PHE D 1137 -24.43 -2.31 111.18
C PHE D 1137 -25.07 -2.94 112.41
N ASP D 1138 -24.32 -3.80 113.09
CA ASP D 1138 -24.79 -4.48 114.30
C ASP D 1138 -24.24 -3.75 115.51
N GLY D 1139 -25.04 -2.84 116.08
CA GLY D 1139 -24.58 -2.07 117.22
C GLY D 1139 -24.56 -2.87 118.51
N PHE D 1140 -25.28 -3.99 118.54
CA PHE D 1140 -25.30 -4.82 119.74
C PHE D 1140 -23.91 -5.35 120.05
N LYS D 1141 -23.17 -5.74 119.02
CA LYS D 1141 -21.76 -6.09 119.14
C LYS D 1141 -20.83 -4.99 118.67
N ALA D 1142 -21.34 -3.81 118.33
CA ALA D 1142 -20.55 -2.75 117.72
C ALA D 1142 -19.79 -3.28 116.51
N GLN D 1143 -20.53 -3.92 115.61
CA GLN D 1143 -19.97 -4.75 114.57
C GLN D 1143 -20.60 -4.36 113.23
N ARG D 1144 -19.76 -4.19 112.20
CA ARG D 1144 -20.29 -3.96 110.86
C ARG D 1144 -20.22 -5.26 110.06
N TRP D 1145 -21.19 -5.45 109.17
CA TRP D 1145 -21.41 -6.73 108.53
C TRP D 1145 -21.50 -6.57 107.02
N HIS D 1146 -20.54 -7.18 106.30
CA HIS D 1146 -20.68 -7.38 104.86
C HIS D 1146 -19.71 -8.49 104.48
N GLN D 1147 -20.25 -9.66 104.12
CA GLN D 1147 -19.43 -10.84 103.83
C GLN D 1147 -18.49 -11.16 104.99
N GLY D 1148 -18.98 -10.95 106.21
CA GLY D 1148 -18.15 -11.09 107.39
C GLY D 1148 -18.40 -9.96 108.37
N ASN D 1149 -17.72 -9.97 109.51
CA ASN D 1149 -17.94 -8.99 110.55
C ASN D 1149 -16.64 -8.25 110.86
N GLU D 1150 -16.72 -6.92 110.90
CA GLU D 1150 -15.58 -6.09 111.28
C GLU D 1150 -16.02 -5.10 112.34
N HIS D 1151 -15.09 -4.66 113.19
CA HIS D 1151 -15.41 -3.79 114.31
C HIS D 1151 -15.62 -2.38 113.79
N TYR D 1152 -16.77 -1.79 114.10
CA TYR D 1152 -17.13 -0.47 113.62
C TYR D 1152 -18.09 0.17 114.62
N GLY D 1153 -17.77 1.37 115.08
CA GLY D 1153 -18.66 2.10 115.94
C GLY D 1153 -18.74 1.53 117.34
N ARG D 1154 -19.67 2.07 118.11
CA ARG D 1154 -19.90 1.64 119.47
C ARG D 1154 -21.30 1.03 119.59
N SER D 1155 -21.67 0.66 120.81
CA SER D 1155 -22.96 0.01 121.04
C SER D 1155 -24.03 1.04 121.38
N TRP D 1156 -25.27 0.70 121.04
CA TRP D 1156 -26.41 1.55 121.36
C TRP D 1156 -27.09 1.10 122.64
N GLN D 1157 -27.95 1.98 123.15
CA GLN D 1157 -28.84 1.69 124.26
C GLN D 1157 -30.28 1.85 123.80
N ALA D 1158 -31.21 1.56 124.71
CA ALA D 1158 -32.62 1.71 124.39
C ALA D 1158 -32.95 3.17 124.12
N GLY D 1159 -33.69 3.41 123.04
CA GLY D 1159 -34.10 4.73 122.64
C GLY D 1159 -33.17 5.42 121.65
N ASP D 1160 -32.02 4.80 121.37
CA ASP D 1160 -31.08 5.40 120.44
C ASP D 1160 -31.64 5.40 119.03
N VAL D 1161 -31.31 6.44 118.27
CA VAL D 1161 -31.75 6.59 116.89
C VAL D 1161 -30.52 6.48 115.99
N VAL D 1162 -30.60 5.57 115.03
CA VAL D 1162 -29.48 5.32 114.11
C VAL D 1162 -29.84 5.93 112.77
N GLY D 1163 -28.97 6.82 112.28
CA GLY D 1163 -29.15 7.43 110.97
C GLY D 1163 -28.31 6.69 109.94
N CYS D 1164 -28.98 6.20 108.91
CA CYS D 1164 -28.34 5.43 107.85
C CYS D 1164 -28.22 6.31 106.61
N MET D 1165 -27.00 6.56 106.17
CA MET D 1165 -26.74 7.42 105.03
C MET D 1165 -26.00 6.63 103.96
N VAL D 1166 -26.45 6.76 102.72
CA VAL D 1166 -25.76 6.20 101.57
C VAL D 1166 -25.54 7.30 100.54
N ASP D 1167 -24.32 7.42 100.06
CA ASP D 1167 -23.99 8.26 98.91
C ASP D 1167 -23.58 7.33 97.80
N MET D 1168 -24.44 7.17 96.80
CA MET D 1168 -24.22 6.15 95.81
C MET D 1168 -23.63 6.72 94.52
N ASN D 1169 -23.11 7.95 94.60
CA ASN D 1169 -22.29 8.55 93.57
C ASN D 1169 -20.83 8.14 93.71
N GLU D 1170 -20.23 8.35 94.88
CA GLU D 1170 -18.90 7.85 95.18
C GLU D 1170 -18.94 6.56 95.99
N HIS D 1171 -20.12 5.98 96.17
CA HIS D 1171 -20.26 4.62 96.70
C HIS D 1171 -19.74 4.52 98.15
N THR D 1172 -20.30 5.34 99.02
CA THR D 1172 -19.96 5.32 100.44
C THR D 1172 -21.21 5.21 101.29
N MET D 1173 -21.04 4.65 102.49
CA MET D 1173 -22.12 4.52 103.46
C MET D 1173 -21.63 5.03 104.80
N MET D 1174 -22.50 5.71 105.54
CA MET D 1174 -22.16 6.27 106.83
C MET D 1174 -23.31 6.04 107.81
N PHE D 1175 -22.96 5.89 109.09
CA PHE D 1175 -23.94 5.69 110.14
C PHE D 1175 -23.71 6.69 111.26
N THR D 1176 -24.80 7.12 111.88
CA THR D 1176 -24.74 8.04 113.01
C THR D 1176 -25.61 7.48 114.14
N LEU D 1177 -25.08 7.50 115.35
CA LEU D 1177 -25.80 7.08 116.54
C LEU D 1177 -26.14 8.30 117.36
N ASN D 1178 -27.43 8.65 117.42
CA ASN D 1178 -27.90 9.81 118.17
C ASN D 1178 -27.23 11.10 117.73
N GLY D 1179 -26.92 11.20 116.43
CA GLY D 1179 -26.37 12.41 115.88
C GLY D 1179 -24.89 12.35 115.56
N GLU D 1180 -24.10 11.77 116.45
CA GLU D 1180 -22.66 11.70 116.23
C GLU D 1180 -22.34 10.64 115.18
N ILE D 1181 -21.34 10.93 114.36
CA ILE D 1181 -20.95 10.01 113.29
C ILE D 1181 -20.12 8.88 113.88
N LEU D 1182 -20.50 7.65 113.55
CA LEU D 1182 -19.78 6.47 113.99
C LEU D 1182 -18.47 6.32 113.21
N LEU D 1183 -17.48 5.74 113.87
CA LEU D 1183 -16.16 5.56 113.29
C LEU D 1183 -15.73 4.10 113.41
N ASP D 1184 -14.96 3.64 112.42
CA ASP D 1184 -14.37 2.31 112.48
C ASP D 1184 -13.10 2.37 113.33
N ASP D 1185 -12.29 1.32 113.25
CA ASP D 1185 -11.04 1.30 114.02
C ASP D 1185 -10.13 2.45 113.62
N SER D 1186 -10.01 2.72 112.32
CA SER D 1186 -9.31 3.91 111.87
C SER D 1186 -10.23 5.11 111.97
N GLY D 1187 -9.69 6.27 111.61
CA GLY D 1187 -10.44 7.51 111.72
C GLY D 1187 -11.46 7.72 110.62
N SER D 1188 -11.49 6.82 109.65
CA SER D 1188 -12.39 6.98 108.51
C SER D 1188 -13.84 6.88 108.97
N GLU D 1189 -14.69 7.70 108.33
CA GLU D 1189 -16.11 7.73 108.62
C GLU D 1189 -16.91 6.82 107.72
N LEU D 1190 -16.28 6.13 106.78
CA LEU D 1190 -16.97 5.31 105.80
C LEU D 1190 -17.13 3.90 106.35
N ALA D 1191 -18.38 3.48 106.55
CA ALA D 1191 -18.63 2.09 106.95
C ALA D 1191 -18.20 1.13 105.86
N PHE D 1192 -18.50 1.46 104.61
CA PHE D 1192 -18.11 0.67 103.45
C PHE D 1192 -17.60 1.62 102.38
N LYS D 1193 -16.29 1.53 102.10
CA LYS D 1193 -15.63 2.59 101.33
C LYS D 1193 -16.03 2.55 99.86
N ASP D 1194 -16.08 1.36 99.26
CA ASP D 1194 -16.34 1.27 97.83
C ASP D 1194 -17.15 0.02 97.54
N PHE D 1195 -18.16 0.16 96.68
CA PHE D 1195 -19.02 -0.94 96.28
C PHE D 1195 -19.66 -0.60 94.95
N ASP D 1196 -20.10 -1.63 94.24
CA ASP D 1196 -20.65 -1.45 92.90
C ASP D 1196 -22.10 -0.98 92.97
N VAL D 1197 -22.54 -0.33 91.89
CA VAL D 1197 -23.92 0.14 91.80
C VAL D 1197 -24.88 -1.04 91.82
N GLY D 1198 -24.63 -2.04 90.98
CA GLY D 1198 -25.52 -3.20 90.93
C GLY D 1198 -26.93 -2.79 90.53
N ASP D 1199 -27.91 -3.39 91.20
CA ASP D 1199 -29.32 -3.12 90.93
C ASP D 1199 -29.92 -2.07 91.85
N GLY D 1200 -29.15 -1.53 92.78
CA GLY D 1200 -29.63 -0.52 93.70
C GLY D 1200 -29.58 -0.99 95.14
N PHE D 1201 -30.12 -0.16 96.02
CA PHE D 1201 -30.13 -0.43 97.44
C PHE D 1201 -31.45 0.03 98.05
N ILE D 1202 -31.94 -0.72 99.03
CA ILE D 1202 -33.17 -0.39 99.73
C ILE D 1202 -32.94 -0.48 101.23
N PRO D 1203 -33.63 0.32 102.02
CA PRO D 1203 -33.48 0.22 103.48
C PRO D 1203 -33.91 -1.15 103.98
N VAL D 1204 -33.21 -1.63 105.01
CA VAL D 1204 -33.44 -2.97 105.54
C VAL D 1204 -33.08 -2.98 107.03
N CYS D 1205 -33.76 -3.85 107.78
CA CYS D 1205 -33.44 -4.03 109.19
C CYS D 1205 -33.80 -5.45 109.59
N SER D 1206 -33.00 -6.03 110.46
CA SER D 1206 -33.25 -7.37 111.01
C SER D 1206 -33.41 -7.25 112.52
N LEU D 1207 -34.47 -7.86 113.03
CA LEU D 1207 -34.80 -7.79 114.45
C LEU D 1207 -34.66 -9.17 115.08
N GLY D 1208 -33.93 -9.24 116.18
CA GLY D 1208 -33.68 -10.49 116.86
C GLY D 1208 -34.83 -10.92 117.75
N VAL D 1209 -34.55 -11.89 118.61
CA VAL D 1209 -35.57 -12.42 119.50
C VAL D 1209 -35.97 -11.35 120.51
N ALA D 1210 -37.28 -11.15 120.64
CA ALA D 1210 -37.83 -10.21 121.61
C ALA D 1210 -37.23 -8.82 121.45
N GLN D 1211 -37.07 -8.38 120.20
CA GLN D 1211 -36.52 -7.08 119.89
C GLN D 1211 -37.57 -6.24 119.17
N VAL D 1212 -37.69 -4.98 119.58
CA VAL D 1212 -38.67 -4.06 119.02
C VAL D 1212 -37.91 -2.85 118.48
N GLY D 1213 -38.23 -2.47 117.24
CA GLY D 1213 -37.60 -1.30 116.65
C GLY D 1213 -38.59 -0.55 115.77
N ARG D 1214 -38.28 0.71 115.52
CA ARG D 1214 -39.07 1.57 114.66
C ARG D 1214 -38.19 2.11 113.55
N MET D 1215 -38.78 2.28 112.37
CA MET D 1215 -38.04 2.60 111.16
C MET D 1215 -38.72 3.75 110.45
N ASN D 1216 -37.98 4.83 110.21
CA ASN D 1216 -38.54 6.07 109.69
C ASN D 1216 -37.90 6.39 108.35
N PHE D 1217 -38.73 6.47 107.30
CA PHE D 1217 -38.28 6.83 105.98
C PHE D 1217 -38.24 8.34 105.78
N GLY D 1218 -38.69 9.10 106.77
CA GLY D 1218 -38.70 10.54 106.65
C GLY D 1218 -39.67 11.08 105.62
N LYS D 1219 -40.87 10.49 105.55
CA LYS D 1219 -41.91 11.07 104.71
C LYS D 1219 -42.26 12.48 105.18
N ASP D 1220 -42.36 12.67 106.49
CA ASP D 1220 -42.43 13.99 107.10
C ASP D 1220 -41.07 14.31 107.69
N VAL D 1221 -40.45 15.38 107.20
CA VAL D 1221 -39.10 15.74 107.63
C VAL D 1221 -39.05 16.07 109.11
N SER D 1222 -40.12 16.66 109.65
CA SER D 1222 -40.11 17.06 111.05
C SER D 1222 -39.96 15.85 111.98
N THR D 1223 -40.41 14.67 111.53
CA THR D 1223 -40.34 13.48 112.36
C THR D 1223 -38.93 12.95 112.53
N LEU D 1224 -37.97 13.40 111.72
CA LEU D 1224 -36.60 12.93 111.82
C LEU D 1224 -35.89 13.70 112.92
N LYS D 1225 -35.37 12.96 113.92
CA LYS D 1225 -34.83 13.61 115.11
C LYS D 1225 -33.45 14.22 114.84
N TYR D 1226 -32.60 13.52 114.10
CA TYR D 1226 -31.20 13.90 113.99
C TYR D 1226 -30.79 14.27 112.57
N PHE D 1227 -31.76 14.41 111.67
CA PHE D 1227 -31.45 14.79 110.29
C PHE D 1227 -30.78 16.16 110.24
N THR D 1228 -31.31 17.12 110.99
CA THR D 1228 -30.77 18.47 110.96
C THR D 1228 -29.37 18.52 111.54
N ILE D 1229 -29.15 17.87 112.68
CA ILE D 1229 -27.82 17.90 113.30
C ILE D 1229 -26.82 17.17 112.43
N CYS D 1230 -27.24 16.10 111.76
CA CYS D 1230 -26.35 15.42 110.83
C CYS D 1230 -27.17 14.80 109.71
N GLY D 1231 -27.16 15.44 108.55
CA GLY D 1231 -27.74 14.88 107.35
C GLY D 1231 -28.39 15.92 106.45
N LEU D 1232 -28.79 17.05 107.03
CA LEU D 1232 -29.41 18.10 106.24
C LEU D 1232 -28.36 18.93 105.50
N GLN D 1233 -27.34 19.40 106.22
CA GLN D 1233 -26.32 20.24 105.60
C GLN D 1233 -25.44 19.42 104.64
N GLU D 1234 -25.25 18.14 104.93
CA GLU D 1234 -24.40 17.30 104.10
C GLU D 1234 -25.02 17.02 102.74
N GLY D 1235 -26.30 17.35 102.54
CA GLY D 1235 -26.95 17.15 101.26
C GLY D 1235 -27.72 15.85 101.13
N TYR D 1236 -27.68 14.99 102.15
CA TYR D 1236 -28.42 13.74 102.07
C TYR D 1236 -29.92 14.00 102.11
N GLU D 1237 -30.67 13.21 101.34
CA GLU D 1237 -32.10 13.39 101.25
C GLU D 1237 -32.84 12.31 102.02
N PRO D 1238 -34.00 12.62 102.60
CA PRO D 1238 -34.83 11.57 103.19
C PRO D 1238 -35.28 10.60 102.12
N PHE D 1239 -35.44 9.34 102.52
CA PHE D 1239 -35.77 8.29 101.55
C PHE D 1239 -37.17 8.48 100.98
N ALA D 1240 -38.02 9.24 101.68
CA ALA D 1240 -39.39 9.46 101.23
C ALA D 1240 -39.66 10.94 101.03
N VAL D 1241 -38.74 11.62 100.36
CA VAL D 1241 -38.85 13.08 100.23
C VAL D 1241 -40.02 13.48 99.34
N ASN D 1242 -40.27 12.71 98.29
CA ASN D 1242 -41.24 13.07 97.26
C ASN D 1242 -42.18 11.91 97.00
N THR D 1243 -42.71 11.33 98.07
CA THR D 1243 -43.68 10.25 97.97
C THR D 1243 -45.01 10.71 98.56
N ASN D 1244 -46.07 10.65 97.77
CA ASN D 1244 -47.39 11.03 98.27
C ASN D 1244 -48.00 9.95 99.14
N ARG D 1245 -47.77 8.69 98.81
CA ARG D 1245 -48.33 7.56 99.54
C ARG D 1245 -47.24 6.77 100.22
N ASP D 1246 -47.61 6.09 101.32
CA ASP D 1246 -46.62 5.44 102.17
C ASP D 1246 -45.90 4.31 101.45
N ILE D 1247 -44.64 4.10 101.82
CA ILE D 1247 -43.85 3.04 101.22
C ILE D 1247 -44.33 1.69 101.73
N THR D 1248 -44.38 0.71 100.84
CA THR D 1248 -44.82 -0.63 101.18
C THR D 1248 -43.73 -1.34 101.97
N MET D 1249 -44.13 -2.00 103.06
CA MET D 1249 -43.22 -2.76 103.90
C MET D 1249 -43.29 -4.23 103.51
N TRP D 1250 -42.15 -4.86 103.33
CA TRP D 1250 -42.06 -6.29 103.07
C TRP D 1250 -41.25 -6.95 104.17
N LEU D 1251 -41.77 -8.04 104.72
CA LEU D 1251 -41.16 -8.75 105.82
C LEU D 1251 -40.98 -10.22 105.47
N SER D 1252 -40.12 -10.89 106.25
CA SER D 1252 -39.88 -12.31 106.05
C SER D 1252 -41.12 -13.11 106.41
N LYS D 1253 -41.57 -13.96 105.49
CA LYS D 1253 -42.76 -14.74 105.74
C LYS D 1253 -42.51 -15.77 106.83
N ARG D 1254 -43.45 -15.86 107.76
CA ARG D 1254 -43.36 -16.80 108.88
C ARG D 1254 -43.77 -18.21 108.52
N LEU D 1255 -44.77 -18.36 107.67
CA LEU D 1255 -45.32 -19.68 107.35
C LEU D 1255 -44.65 -20.22 106.10
N PRO D 1256 -43.98 -21.36 106.17
CA PRO D 1256 -43.33 -21.91 104.98
C PRO D 1256 -44.35 -22.32 103.93
N GLN D 1257 -43.93 -22.23 102.67
CA GLN D 1257 -44.77 -22.59 101.54
C GLN D 1257 -44.01 -23.54 100.62
N PHE D 1258 -44.76 -24.20 99.74
CA PHE D 1258 -44.19 -25.14 98.78
C PHE D 1258 -43.83 -24.39 97.52
N LEU D 1259 -42.55 -24.40 97.16
CA LEU D 1259 -42.07 -23.79 95.94
C LEU D 1259 -41.18 -24.77 95.20
N GLN D 1260 -41.11 -24.61 93.88
CA GLN D 1260 -40.38 -25.53 93.02
C GLN D 1260 -38.90 -25.57 93.41
N VAL D 1261 -38.33 -26.77 93.36
CA VAL D 1261 -36.92 -26.97 93.71
C VAL D 1261 -36.06 -26.22 92.71
N PRO D 1262 -35.23 -25.28 93.16
CA PRO D 1262 -34.38 -24.54 92.23
C PRO D 1262 -33.33 -25.42 91.58
N SER D 1263 -32.98 -25.07 90.35
CA SER D 1263 -31.93 -25.81 89.66
C SER D 1263 -30.56 -25.57 90.30
N ASN D 1264 -30.39 -24.42 90.95
CA ASN D 1264 -29.14 -24.08 91.60
C ASN D 1264 -29.13 -24.43 93.08
N HIS D 1265 -30.08 -25.23 93.54
CA HIS D 1265 -30.12 -25.61 94.96
C HIS D 1265 -28.86 -26.36 95.35
N GLU D 1266 -28.40 -26.11 96.57
CA GLU D 1266 -27.16 -26.68 97.05
C GLU D 1266 -27.33 -28.07 97.66
N HIS D 1267 -28.57 -28.52 97.86
CA HIS D 1267 -28.77 -29.79 98.56
C HIS D 1267 -29.67 -30.75 97.79
N ILE D 1268 -30.63 -30.23 97.04
CA ILE D 1268 -31.61 -31.06 96.35
C ILE D 1268 -31.32 -31.06 94.85
N GLU D 1269 -31.37 -32.24 94.24
CA GLU D 1269 -31.32 -32.39 92.80
C GLU D 1269 -32.48 -33.25 92.36
N VAL D 1270 -33.20 -32.81 91.33
CA VAL D 1270 -34.35 -33.53 90.81
C VAL D 1270 -34.08 -33.90 89.36
N THR D 1271 -34.18 -35.19 89.05
CA THR D 1271 -33.96 -35.69 87.70
C THR D 1271 -35.26 -36.28 87.18
N ARG D 1272 -35.67 -35.85 85.99
CA ARG D 1272 -36.94 -36.28 85.41
C ARG D 1272 -36.64 -37.41 84.42
N ILE D 1273 -36.67 -38.64 84.92
CA ILE D 1273 -36.42 -39.79 84.06
C ILE D 1273 -37.65 -40.06 83.20
N ASP D 1274 -37.45 -40.12 81.89
CA ASP D 1274 -38.53 -40.38 80.96
C ASP D 1274 -38.91 -41.85 80.99
N GLY D 1275 -40.20 -42.11 80.79
CA GLY D 1275 -40.71 -43.46 80.81
C GLY D 1275 -40.51 -44.15 79.48
N THR D 1276 -39.93 -45.35 79.52
CA THR D 1276 -39.71 -46.14 78.32
C THR D 1276 -40.93 -47.01 78.06
N ILE D 1277 -40.80 -47.97 77.13
CA ILE D 1277 -41.89 -48.88 76.84
C ILE D 1277 -42.16 -49.80 78.03
N ASP D 1278 -41.11 -50.17 78.75
CA ASP D 1278 -41.22 -51.10 79.88
C ASP D 1278 -41.10 -50.40 81.23
N SER D 1279 -40.81 -49.10 81.26
CA SER D 1279 -40.63 -48.37 82.50
C SER D 1279 -41.53 -47.15 82.52
N SER D 1280 -42.16 -46.89 83.65
CA SER D 1280 -43.00 -45.72 83.80
C SER D 1280 -42.14 -44.48 84.00
N PRO D 1281 -42.68 -43.29 83.71
CA PRO D 1281 -41.94 -42.06 83.99
C PRO D 1281 -41.64 -41.94 85.48
N CYS D 1282 -40.47 -41.39 85.79
CA CYS D 1282 -40.01 -41.32 87.16
C CYS D 1282 -39.45 -39.94 87.46
N LEU D 1283 -39.57 -39.53 88.72
CA LEU D 1283 -38.96 -38.32 89.23
C LEU D 1283 -38.09 -38.70 90.42
N LYS D 1284 -36.80 -38.46 90.31
CA LYS D 1284 -35.82 -38.92 91.30
C LYS D 1284 -35.31 -37.73 92.09
N VAL D 1285 -35.31 -37.86 93.41
CA VAL D 1285 -34.81 -36.83 94.30
C VAL D 1285 -33.54 -37.36 94.97
N THR D 1286 -32.44 -36.61 94.82
CA THR D 1286 -31.16 -37.01 95.36
C THR D 1286 -30.45 -35.79 95.93
N GLN D 1287 -29.53 -36.03 96.86
CA GLN D 1287 -28.73 -34.96 97.46
C GLN D 1287 -27.36 -34.93 96.78
N LYS D 1288 -27.04 -33.78 96.18
CA LYS D 1288 -25.76 -33.63 95.53
C LYS D 1288 -24.64 -33.42 96.54
N SER D 1289 -24.98 -32.88 97.71
CA SER D 1289 -23.99 -32.49 98.71
C SER D 1289 -23.88 -33.49 99.86
N PHE D 1290 -24.47 -34.68 99.71
CA PHE D 1290 -24.44 -35.64 100.79
C PHE D 1290 -23.02 -36.12 101.07
N GLY D 1291 -22.74 -36.35 102.33
CA GLY D 1291 -21.41 -36.78 102.76
C GLY D 1291 -20.43 -35.66 103.00
N SER D 1292 -20.42 -34.68 102.11
CA SER D 1292 -19.49 -33.56 102.24
C SER D 1292 -19.91 -32.66 103.39
N GLN D 1293 -19.00 -31.76 103.77
CA GLN D 1293 -19.29 -30.79 104.82
C GLN D 1293 -20.36 -29.81 104.36
N ASN D 1294 -21.02 -29.18 105.32
CA ASN D 1294 -22.06 -28.17 105.12
C ASN D 1294 -23.37 -28.86 104.71
N SER D 1295 -23.32 -30.17 104.49
CA SER D 1295 -24.53 -30.92 104.19
C SER D 1295 -25.49 -30.88 105.37
N ASN D 1296 -26.79 -30.71 105.08
CA ASN D 1296 -27.81 -30.58 106.10
C ASN D 1296 -28.56 -31.89 106.24
N THR D 1297 -28.52 -32.47 107.43
CA THR D 1297 -29.24 -33.70 107.74
C THR D 1297 -30.51 -33.37 108.51
N ASP D 1298 -31.51 -32.85 107.80
CA ASP D 1298 -32.81 -32.57 108.38
C ASP D 1298 -33.89 -33.13 107.46
N ILE D 1299 -35.03 -33.47 108.06
CA ILE D 1299 -36.15 -33.97 107.27
C ILE D 1299 -36.62 -32.89 106.32
N MET D 1300 -36.79 -33.25 105.06
CA MET D 1300 -37.20 -32.29 104.05
C MET D 1300 -38.48 -32.77 103.39
N PHE D 1301 -39.43 -31.85 103.23
CA PHE D 1301 -40.79 -32.19 102.82
C PHE D 1301 -40.96 -31.93 101.32
N TYR D 1302 -41.35 -32.96 100.59
CA TYR D 1302 -41.52 -32.89 99.15
C TYR D 1302 -42.97 -33.17 98.78
N ARG D 1303 -43.46 -32.47 97.77
CA ARG D 1303 -44.79 -32.69 97.24
C ARG D 1303 -44.80 -32.49 95.74
N LEU D 1304 -45.83 -33.00 95.09
CA LEU D 1304 -46.03 -32.82 93.66
C LEU D 1304 -46.91 -31.61 93.40
N SER D 1305 -46.74 -31.00 92.22
CA SER D 1305 -47.39 -29.74 91.94
C SER D 1305 -48.90 -29.88 91.83
N MET D 1306 -49.38 -30.95 91.21
CA MET D 1306 -50.82 -30.88 90.99
C MET D 1306 -51.56 -31.85 91.90
N PRO D 1307 -52.76 -31.47 92.35
CA PRO D 1307 -53.52 -32.31 93.28
C PRO D 1307 -54.55 -33.20 92.62
N ILE D 1308 -54.94 -34.26 93.30
CA ILE D 1308 -56.07 -35.09 92.89
C ILE D 1308 -57.29 -34.63 93.67
N GLU D 1309 -58.37 -34.32 92.96
CA GLU D 1309 -59.58 -33.78 93.57
C GLU D 1309 -60.61 -34.89 93.69
N CYS D 1310 -61.15 -35.09 94.88
CA CYS D 1310 -62.18 -36.08 95.09
C CYS D 1310 -63.52 -35.58 94.57
N ALA D 1311 -64.45 -36.52 94.42
CA ALA D 1311 -65.76 -36.18 93.88
C ALA D 1311 -66.55 -35.32 94.87
N GLU D 1312 -67.46 -34.52 94.32
CA GLU D 1312 -68.29 -33.64 95.13
C GLU D 1312 -69.31 -34.39 95.97
N VAL D 1313 -69.93 -35.43 95.42
CA VAL D 1313 -70.91 -36.23 96.13
C VAL D 1313 -70.43 -37.68 96.13
N PHE D 1314 -70.20 -38.24 97.31
CA PHE D 1314 -69.72 -39.61 97.40
C PHE D 1314 -70.85 -40.59 97.09
N SER D 1315 -70.53 -41.58 96.27
CA SER D 1315 -71.52 -42.58 95.90
C SER D 1315 -71.90 -43.45 97.09
N LYS D 1316 -73.16 -43.84 97.12
CA LYS D 1316 -73.67 -44.71 98.19
C LYS D 1316 -73.68 -46.17 97.75
N ARG D 1414 -54.16 -59.20 82.17
CA ARG D 1414 -54.87 -58.26 81.30
C ARG D 1414 -55.87 -57.44 82.12
N ASP D 1415 -55.78 -56.12 81.98
CA ASP D 1415 -56.68 -55.25 82.72
C ASP D 1415 -57.93 -54.96 81.89
N ASP D 1416 -59.08 -54.87 82.55
CA ASP D 1416 -60.33 -54.61 81.84
C ASP D 1416 -60.37 -53.17 81.36
N TYR D 1417 -60.50 -53.00 80.05
CA TYR D 1417 -60.55 -51.66 79.47
C TYR D 1417 -61.81 -50.92 79.88
N ASP D 1418 -62.95 -51.60 80.01
CA ASP D 1418 -64.17 -50.95 80.46
C ASP D 1418 -64.07 -50.54 81.93
N PHE D 1419 -63.46 -51.39 82.75
CA PHE D 1419 -63.24 -51.03 84.15
C PHE D 1419 -62.32 -49.82 84.24
N LEU D 1420 -61.28 -49.79 83.43
CA LEU D 1420 -60.41 -48.63 83.40
C LEU D 1420 -61.11 -47.38 82.95
N MET D 1421 -62.12 -47.46 82.08
CA MET D 1421 -62.86 -46.28 81.66
C MET D 1421 -63.92 -45.84 82.65
N GLN D 1422 -64.49 -46.77 83.43
CA GLN D 1422 -65.51 -46.42 84.42
C GLN D 1422 -64.93 -46.17 85.81
N THR D 1423 -63.64 -46.42 86.01
CA THR D 1423 -63.05 -46.32 87.34
C THR D 1423 -62.61 -44.90 87.65
N SER D 1424 -62.47 -44.62 88.95
CA SER D 1424 -61.97 -43.34 89.43
C SER D 1424 -60.81 -43.51 90.40
N THR D 1425 -60.12 -44.64 90.37
CA THR D 1425 -59.02 -44.91 91.29
C THR D 1425 -57.69 -44.63 90.60
N TYR D 1426 -56.83 -43.86 91.26
CA TYR D 1426 -55.56 -43.43 90.70
C TYR D 1426 -54.42 -43.91 91.58
N TYR D 1427 -53.25 -44.08 90.96
CA TYR D 1427 -52.13 -44.76 91.60
C TYR D 1427 -50.83 -44.03 91.32
N TYR D 1428 -49.99 -43.92 92.34
CA TYR D 1428 -48.59 -43.59 92.15
C TYR D 1428 -47.79 -44.36 93.19
N SER D 1429 -46.52 -44.57 92.90
CA SER D 1429 -45.66 -45.35 93.78
C SER D 1429 -44.35 -44.63 94.00
N VAL D 1430 -43.70 -44.93 95.13
CA VAL D 1430 -42.44 -44.32 95.51
C VAL D 1430 -41.43 -45.42 95.77
N ARG D 1431 -40.26 -45.30 95.16
CA ARG D 1431 -39.18 -46.27 95.33
C ARG D 1431 -38.14 -45.67 96.27
N ILE D 1432 -37.93 -46.31 97.41
CA ILE D 1432 -36.86 -45.90 98.31
C ILE D 1432 -35.62 -46.71 97.97
N PHE D 1433 -34.60 -46.04 97.46
CA PHE D 1433 -33.41 -46.71 96.96
C PHE D 1433 -32.70 -47.44 98.08
N PRO D 1434 -32.18 -48.64 97.82
CA PRO D 1434 -31.48 -49.40 98.86
C PRO D 1434 -30.32 -48.59 99.42
N GLY D 1435 -30.20 -48.60 100.74
CA GLY D 1435 -29.24 -47.77 101.44
C GLY D 1435 -29.84 -46.55 102.11
N GLN D 1436 -31.08 -46.20 101.77
CA GLN D 1436 -31.79 -45.10 102.42
C GLN D 1436 -32.68 -45.68 103.50
N GLU D 1437 -32.58 -45.14 104.70
CA GLU D 1437 -33.32 -45.69 105.83
C GLU D 1437 -34.81 -45.51 105.62
N PRO D 1438 -35.61 -46.59 105.63
CA PRO D 1438 -37.05 -46.44 105.44
C PRO D 1438 -37.75 -45.76 106.61
N ALA D 1439 -37.18 -45.84 107.82
CA ALA D 1439 -37.80 -45.19 108.96
C ALA D 1439 -37.78 -43.67 108.82
N ASN D 1440 -36.88 -43.15 108.00
CA ASN D 1440 -36.77 -41.72 107.77
C ASN D 1440 -37.60 -41.24 106.60
N VAL D 1441 -38.36 -42.13 105.97
CA VAL D 1441 -39.12 -41.79 104.77
C VAL D 1441 -40.60 -42.04 105.05
N TRP D 1442 -41.43 -41.05 104.75
CA TRP D 1442 -42.87 -41.15 104.87
C TRP D 1442 -43.49 -40.91 103.50
N VAL D 1443 -44.52 -41.69 103.17
CA VAL D 1443 -45.19 -41.61 101.88
C VAL D 1443 -46.70 -41.48 102.10
N GLY D 1444 -47.34 -40.68 101.28
CA GLY D 1444 -48.77 -40.54 101.34
C GLY D 1444 -49.23 -39.26 100.65
N TRP D 1445 -50.38 -38.76 101.09
CA TRP D 1445 -51.01 -37.58 100.51
C TRP D 1445 -51.10 -36.48 101.57
N ILE D 1446 -51.03 -35.23 101.11
CA ILE D 1446 -51.25 -34.07 101.96
C ILE D 1446 -52.18 -33.11 101.25
N THR D 1447 -52.79 -32.21 102.01
CA THR D 1447 -53.66 -31.19 101.45
C THR D 1447 -52.90 -29.87 101.37
N SER D 1448 -53.63 -28.81 101.00
CA SER D 1448 -53.00 -27.52 100.81
C SER D 1448 -52.68 -26.84 102.14
N ASP D 1449 -53.35 -27.25 103.22
CA ASP D 1449 -53.17 -26.59 104.51
C ASP D 1449 -51.84 -26.93 105.17
N PHE D 1450 -51.10 -27.89 104.64
CA PHE D 1450 -49.88 -28.36 105.30
C PHE D 1450 -48.81 -27.27 105.22
N HIS D 1451 -48.54 -26.62 106.34
CA HIS D 1451 -47.50 -25.63 106.47
C HIS D 1451 -46.66 -25.89 107.71
N GLN D 1452 -46.52 -27.16 108.09
CA GLN D 1452 -45.87 -27.54 109.33
C GLN D 1452 -44.44 -27.96 109.02
N TYR D 1453 -43.48 -27.15 109.46
CA TYR D 1453 -42.06 -27.44 109.31
C TYR D 1453 -41.49 -27.76 110.68
N ASP D 1454 -41.30 -29.05 110.96
CA ASP D 1454 -40.71 -29.51 112.21
C ASP D 1454 -39.48 -30.34 111.89
N THR D 1455 -38.38 -30.05 112.57
CA THR D 1455 -37.16 -30.84 112.39
C THR D 1455 -37.39 -32.30 112.77
N GLY D 1456 -38.29 -32.55 113.71
CA GLY D 1456 -38.68 -33.89 114.06
C GLY D 1456 -40.14 -34.14 113.73
N PHE D 1457 -40.39 -34.98 112.74
CA PHE D 1457 -41.74 -35.24 112.27
C PHE D 1457 -42.16 -36.65 112.66
N ASP D 1458 -43.35 -36.76 113.25
CA ASP D 1458 -43.93 -38.04 113.60
C ASP D 1458 -45.38 -38.04 113.20
N LEU D 1459 -45.90 -39.22 112.84
CA LEU D 1459 -47.29 -39.31 112.40
C LEU D 1459 -48.27 -38.96 113.51
N ASP D 1460 -47.85 -39.04 114.77
CA ASP D 1460 -48.76 -38.72 115.86
C ASP D 1460 -48.96 -37.22 116.02
N ARG D 1461 -48.04 -36.43 115.47
CA ARG D 1461 -48.04 -34.99 115.66
C ARG D 1461 -48.79 -34.24 114.58
N VAL D 1462 -49.43 -34.95 113.64
CA VAL D 1462 -50.17 -34.28 112.59
C VAL D 1462 -51.41 -33.61 113.17
N ARG D 1463 -51.86 -32.55 112.52
CA ARG D 1463 -53.03 -31.81 112.99
C ARG D 1463 -54.30 -32.53 112.54
N THR D 1464 -55.15 -32.87 113.51
CA THR D 1464 -56.38 -33.59 113.22
C THR D 1464 -57.52 -32.94 113.98
N VAL D 1465 -58.74 -33.17 113.52
CA VAL D 1465 -59.95 -32.74 114.19
C VAL D 1465 -61.08 -33.68 113.80
N THR D 1466 -62.00 -33.91 114.73
CA THR D 1466 -63.12 -34.81 114.51
C THR D 1466 -64.42 -34.04 114.76
N VAL D 1467 -65.10 -33.65 113.68
CA VAL D 1467 -66.38 -33.00 113.80
C VAL D 1467 -67.48 -34.05 113.91
N THR D 1468 -68.23 -34.01 115.00
CA THR D 1468 -69.27 -35.00 115.28
C THR D 1468 -70.61 -34.28 115.32
N LEU D 1469 -71.34 -34.36 114.21
CA LEU D 1469 -72.69 -33.81 114.15
C LEU D 1469 -73.68 -34.86 114.65
N GLY D 1470 -74.54 -34.47 115.58
CA GLY D 1470 -75.47 -35.38 116.19
C GLY D 1470 -76.90 -34.90 116.05
N ASP D 1471 -77.83 -35.79 116.36
CA ASP D 1471 -79.25 -35.49 116.29
C ASP D 1471 -79.69 -34.58 117.43
N GLU D 1472 -80.98 -34.27 117.49
CA GLU D 1472 -81.50 -33.41 118.55
C GLU D 1472 -81.32 -34.06 119.92
N LYS D 1473 -81.53 -35.38 120.01
CA LYS D 1473 -81.33 -36.08 121.28
C LYS D 1473 -79.88 -36.03 121.73
N GLY D 1474 -78.95 -35.96 120.77
CA GLY D 1474 -77.53 -35.94 121.07
C GLY D 1474 -76.77 -37.15 120.57
N LYS D 1475 -77.44 -38.14 120.00
CA LYS D 1475 -76.75 -39.29 119.45
C LYS D 1475 -75.97 -38.88 118.21
N VAL D 1476 -74.69 -39.24 118.18
CA VAL D 1476 -73.81 -38.86 117.09
C VAL D 1476 -74.09 -39.79 115.91
N HIS D 1477 -74.86 -39.29 114.94
CA HIS D 1477 -75.18 -40.10 113.77
C HIS D 1477 -74.01 -40.16 112.80
N GLU D 1478 -73.09 -39.21 112.87
CA GLU D 1478 -71.93 -39.21 112.00
C GLU D 1478 -70.77 -38.47 112.65
N SER D 1479 -69.58 -39.02 112.49
CA SER D 1479 -68.34 -38.39 112.97
C SER D 1479 -67.38 -38.32 111.80
N ILE D 1480 -66.70 -37.19 111.67
CA ILE D 1480 -65.89 -36.88 110.50
C ILE D 1480 -64.48 -36.53 110.97
N LYS D 1481 -63.52 -37.34 110.58
CA LYS D 1481 -62.11 -37.02 110.86
C LYS D 1481 -61.54 -36.19 109.74
N ARG D 1482 -60.95 -35.05 110.09
CA ARG D 1482 -60.39 -34.13 109.10
C ARG D 1482 -58.95 -33.83 109.48
N SER D 1483 -58.04 -33.97 108.53
CA SER D 1483 -56.63 -33.75 108.75
C SER D 1483 -55.98 -33.25 107.47
N ASN D 1484 -54.78 -32.69 107.60
CA ASN D 1484 -54.06 -32.18 106.45
C ASN D 1484 -53.03 -33.17 105.91
N CYS D 1485 -52.66 -34.17 106.70
CA CYS D 1485 -51.65 -35.14 106.30
C CYS D 1485 -52.22 -36.54 106.41
N TYR D 1486 -52.11 -37.31 105.33
CA TYR D 1486 -52.51 -38.73 105.29
C TYR D 1486 -51.32 -39.48 104.70
N MET D 1487 -50.42 -39.92 105.57
CA MET D 1487 -49.16 -40.49 105.15
C MET D 1487 -48.80 -41.67 106.02
N VAL D 1488 -47.92 -42.53 105.51
CA VAL D 1488 -47.48 -43.72 106.23
C VAL D 1488 -45.96 -43.78 106.21
N CYS D 1489 -45.42 -44.54 107.15
CA CYS D 1489 -43.97 -44.68 107.28
C CYS D 1489 -43.50 -45.97 106.62
N ALA D 1490 -42.37 -45.88 105.91
CA ALA D 1490 -41.82 -47.07 105.27
C ALA D 1490 -41.17 -48.02 106.27
N GLY D 1491 -40.67 -47.49 107.38
CA GLY D 1491 -40.06 -48.35 108.39
C GLY D 1491 -41.05 -49.35 108.94
N GLU D 1492 -42.25 -48.90 109.26
CA GLU D 1492 -43.29 -49.83 109.71
C GLU D 1492 -43.86 -50.63 108.56
N SER D 1493 -43.84 -50.08 107.35
CA SER D 1493 -44.32 -50.82 106.18
C SER D 1493 -43.42 -52.01 105.89
N MET D 1494 -42.17 -51.95 106.34
CA MET D 1494 -41.22 -53.04 106.16
C MET D 1494 -41.63 -54.21 107.06
N SER D 1495 -42.71 -54.88 106.65
CA SER D 1495 -43.20 -56.02 107.42
C SER D 1495 -42.39 -57.29 107.18
N PRO D 1496 -42.23 -57.78 105.94
CA PRO D 1496 -41.53 -59.07 105.78
C PRO D 1496 -40.09 -59.05 106.26
N GLY D 1497 -39.40 -57.93 106.09
CA GLY D 1497 -38.00 -57.88 106.49
C GLY D 1497 -37.08 -58.48 105.45
N GLN D 1498 -35.94 -57.82 105.25
CA GLN D 1498 -34.90 -58.16 104.30
C GLN D 1498 -35.38 -58.14 102.85
N GLY D 1499 -36.61 -57.69 102.59
CA GLY D 1499 -37.12 -57.57 101.25
C GLY D 1499 -36.83 -56.26 100.54
N ARG D 1500 -36.10 -55.36 101.19
CA ARG D 1500 -35.78 -54.07 100.60
C ARG D 1500 -34.31 -53.93 100.23
N ASN D 1501 -33.41 -54.61 100.94
CA ASN D 1501 -31.99 -54.54 100.62
C ASN D 1501 -31.69 -55.07 99.22
N ASN D 1502 -32.38 -56.12 98.80
CA ASN D 1502 -32.21 -56.64 97.45
C ASN D 1502 -32.76 -55.67 96.41
N ASN D 1503 -33.97 -55.18 96.63
CA ASN D 1503 -34.59 -54.21 95.73
C ASN D 1503 -35.34 -53.17 96.54
N GLY D 1504 -35.21 -51.92 96.13
CA GLY D 1504 -35.78 -50.82 96.92
C GLY D 1504 -37.26 -51.01 97.15
N LEU D 1505 -37.70 -50.70 98.36
CA LEU D 1505 -39.09 -50.90 98.75
C LEU D 1505 -39.98 -49.95 97.96
N GLU D 1506 -41.19 -50.40 97.65
CA GLU D 1506 -42.14 -49.64 96.84
C GLU D 1506 -43.47 -49.56 97.57
N ILE D 1507 -43.79 -48.39 98.11
CA ILE D 1507 -45.13 -48.13 98.62
C ILE D 1507 -46.01 -47.71 97.45
N GLY D 1508 -47.18 -48.33 97.36
CA GLY D 1508 -48.15 -47.96 96.35
C GLY D 1508 -49.33 -47.24 96.95
N CYS D 1509 -49.59 -46.03 96.48
CA CYS D 1509 -50.69 -45.21 96.98
C CYS D 1509 -51.82 -45.21 95.96
N VAL D 1510 -53.00 -45.67 96.39
CA VAL D 1510 -54.18 -45.67 95.54
C VAL D 1510 -55.24 -44.81 96.21
N VAL D 1511 -55.83 -43.90 95.42
CA VAL D 1511 -56.86 -43.00 95.91
C VAL D 1511 -58.14 -43.25 95.11
N ASP D 1512 -59.24 -43.43 95.82
CA ASP D 1512 -60.55 -43.63 95.20
C ASP D 1512 -61.29 -42.30 95.24
N ALA D 1513 -61.21 -41.56 94.15
CA ALA D 1513 -61.83 -40.24 94.07
C ALA D 1513 -63.34 -40.29 94.18
N ALA D 1514 -63.96 -41.44 93.91
CA ALA D 1514 -65.41 -41.56 94.01
C ALA D 1514 -65.88 -41.82 95.44
N SER D 1515 -65.04 -42.44 96.26
CA SER D 1515 -65.40 -42.76 97.64
C SER D 1515 -64.52 -42.08 98.67
N GLY D 1516 -63.40 -41.49 98.28
CA GLY D 1516 -62.53 -40.84 99.24
C GLY D 1516 -61.77 -41.79 100.13
N LEU D 1517 -61.54 -43.01 99.67
CA LEU D 1517 -60.84 -44.01 100.47
C LEU D 1517 -59.37 -44.05 100.06
N LEU D 1518 -58.49 -43.81 101.01
CA LEU D 1518 -57.05 -43.79 100.78
C LEU D 1518 -56.44 -45.04 101.40
N THR D 1519 -56.00 -45.97 100.57
CA THR D 1519 -55.35 -47.19 101.03
C THR D 1519 -53.96 -47.28 100.41
N PHE D 1520 -53.07 -47.98 101.11
CA PHE D 1520 -51.67 -48.08 100.72
C PHE D 1520 -51.30 -49.54 100.57
N ILE D 1521 -50.52 -49.85 99.53
CA ILE D 1521 -50.00 -51.18 99.30
C ILE D 1521 -48.49 -51.08 99.27
N ALA D 1522 -47.82 -52.04 99.92
CA ALA D 1522 -46.36 -52.08 99.99
C ALA D 1522 -45.89 -53.48 99.63
N ASN D 1523 -44.98 -53.56 98.66
CA ASN D 1523 -44.42 -54.82 98.20
C ASN D 1523 -45.52 -55.79 97.75
N GLY D 1524 -46.55 -55.27 97.12
CA GLY D 1524 -47.59 -56.12 96.58
C GLY D 1524 -48.64 -56.60 97.57
N LYS D 1525 -48.61 -56.09 98.79
CA LYS D 1525 -49.61 -56.47 99.79
C LYS D 1525 -50.15 -55.23 100.46
N GLU D 1526 -51.46 -55.22 100.71
CA GLU D 1526 -52.13 -54.05 101.26
C GLU D 1526 -51.76 -53.85 102.72
N LEU D 1527 -51.44 -52.60 103.08
CA LEU D 1527 -51.18 -52.27 104.46
C LEU D 1527 -52.49 -52.06 105.21
N SER D 1528 -52.41 -52.21 106.53
CA SER D 1528 -53.60 -52.08 107.36
C SER D 1528 -54.11 -50.65 107.44
N THR D 1529 -53.22 -49.67 107.44
CA THR D 1529 -53.62 -48.28 107.59
C THR D 1529 -54.40 -47.81 106.38
N TYR D 1530 -55.53 -47.15 106.63
CA TYR D 1530 -56.36 -46.59 105.58
C TYR D 1530 -56.96 -45.29 106.06
N TYR D 1531 -57.16 -44.36 105.14
CA TYR D 1531 -57.69 -43.04 105.45
C TYR D 1531 -58.94 -42.79 104.61
N GLN D 1532 -59.98 -42.26 105.24
CA GLN D 1532 -61.19 -41.87 104.55
C GLN D 1532 -61.32 -40.36 104.62
N VAL D 1533 -61.38 -39.71 103.45
CA VAL D 1533 -61.43 -38.25 103.40
C VAL D 1533 -62.85 -37.82 103.02
N GLU D 1534 -63.17 -36.57 103.27
CA GLU D 1534 -64.45 -35.98 102.97
C GLU D 1534 -64.49 -35.48 101.53
N PRO D 1535 -65.69 -35.31 100.96
CA PRO D 1535 -65.78 -34.95 99.54
C PRO D 1535 -65.13 -33.61 99.24
N SER D 1536 -64.69 -33.46 97.99
CA SER D 1536 -64.07 -32.27 97.42
C SER D 1536 -62.68 -32.02 97.98
N THR D 1537 -62.10 -32.98 98.70
CA THR D 1537 -60.74 -32.80 99.21
C THR D 1537 -59.74 -32.86 98.08
N LYS D 1538 -58.81 -31.91 98.08
CA LYS D 1538 -57.73 -31.86 97.09
C LYS D 1538 -56.47 -32.40 97.73
N LEU D 1539 -55.99 -33.53 97.22
CA LEU D 1539 -54.86 -34.25 97.80
C LEU D 1539 -53.64 -34.13 96.92
N PHE D 1540 -52.52 -33.70 97.50
CA PHE D 1540 -51.26 -33.60 96.81
C PHE D 1540 -50.39 -34.80 97.16
N PRO D 1541 -49.84 -35.50 96.17
CA PRO D 1541 -48.83 -36.53 96.49
C PRO D 1541 -47.65 -35.89 97.22
N ALA D 1542 -47.17 -36.58 98.25
CA ALA D 1542 -46.13 -36.00 99.08
C ALA D 1542 -45.27 -37.10 99.68
N VAL D 1543 -43.97 -36.79 99.79
CA VAL D 1543 -43.03 -37.69 100.45
C VAL D 1543 -42.14 -36.86 101.38
N PHE D 1544 -42.11 -37.24 102.65
CA PHE D 1544 -41.22 -36.62 103.62
C PHE D 1544 -40.07 -37.58 103.91
N ALA D 1545 -38.84 -37.08 103.79
CA ALA D 1545 -37.69 -37.96 103.91
C ALA D 1545 -36.51 -37.22 104.52
N GLN D 1546 -35.79 -37.92 105.39
CA GLN D 1546 -34.48 -37.49 105.86
C GLN D 1546 -33.44 -38.37 105.20
N ALA D 1547 -32.49 -37.74 104.50
CA ALA D 1547 -31.59 -38.48 103.63
C ALA D 1547 -30.49 -39.16 104.44
N THR D 1548 -30.35 -40.46 104.24
CA THR D 1548 -29.21 -41.22 104.74
C THR D 1548 -28.35 -41.76 103.61
N SER D 1549 -28.50 -41.21 102.41
CA SER D 1549 -27.83 -41.71 101.22
C SER D 1549 -27.76 -40.59 100.20
N PRO D 1550 -26.83 -40.67 99.24
CA PRO D 1550 -26.86 -39.69 98.14
C PRO D 1550 -28.15 -39.72 97.37
N ASN D 1551 -28.75 -40.90 97.19
CA ASN D 1551 -30.05 -41.04 96.54
C ASN D 1551 -31.10 -41.31 97.61
N VAL D 1552 -32.20 -40.58 97.56
CA VAL D 1552 -33.18 -40.62 98.63
C VAL D 1552 -34.36 -41.49 98.22
N PHE D 1553 -35.08 -41.08 97.18
CA PHE D 1553 -36.25 -41.82 96.73
C PHE D 1553 -36.53 -41.45 95.28
N GLN D 1554 -37.64 -41.97 94.77
CA GLN D 1554 -38.01 -41.79 93.37
C GLN D 1554 -39.52 -41.82 93.23
N PHE D 1555 -40.09 -40.74 92.69
CA PHE D 1555 -41.51 -40.74 92.34
C PHE D 1555 -41.72 -41.58 91.09
N GLU D 1556 -42.55 -42.62 91.20
CA GLU D 1556 -42.90 -43.46 90.06
C GLU D 1556 -44.36 -43.24 89.72
N LEU D 1557 -44.64 -42.90 88.47
CA LEU D 1557 -45.97 -42.52 88.02
C LEU D 1557 -46.61 -43.59 87.14
N GLY D 1558 -46.40 -44.85 87.49
CA GLY D 1558 -46.99 -45.96 86.77
C GLY D 1558 -48.38 -46.29 87.25
N ARG D 1559 -48.87 -47.44 86.83
CA ARG D 1559 -50.17 -47.92 87.24
C ARG D 1559 -50.10 -49.42 87.51
N ILE D 1560 -51.06 -49.90 88.30
CA ILE D 1560 -51.22 -51.32 88.54
C ILE D 1560 -52.55 -51.76 87.94
N LYS D 1561 -52.84 -53.05 88.07
CA LYS D 1561 -54.04 -53.61 87.48
C LYS D 1561 -55.29 -52.96 88.07
N ASN D 1562 -56.27 -52.68 87.21
CA ASN D 1562 -57.58 -52.13 87.57
C ASN D 1562 -57.51 -50.73 88.14
N VAL D 1563 -56.41 -50.00 87.95
CA VAL D 1563 -56.27 -48.66 88.48
C VAL D 1563 -55.74 -47.75 87.38
N MET D 1564 -56.19 -46.50 87.40
CA MET D 1564 -55.88 -45.44 86.46
C MET D 1564 -54.51 -44.85 86.81
N PRO D 1565 -53.72 -44.40 85.84
CA PRO D 1565 -52.50 -43.68 86.18
C PRO D 1565 -52.81 -42.31 86.78
N LEU D 1566 -51.83 -41.78 87.51
CA LEU D 1566 -52.00 -40.51 88.22
C LEU D 1566 -52.25 -39.34 87.27
N SER D 1567 -51.61 -39.32 86.11
CA SER D 1567 -51.84 -38.26 85.14
C SER D 1567 -53.27 -38.21 84.65
N ALA D 1568 -53.95 -39.36 84.56
CA ALA D 1568 -55.34 -39.41 84.14
C ALA D 1568 -56.26 -38.69 85.11
N GLY D 1569 -55.86 -38.54 86.37
CA GLY D 1569 -56.65 -37.80 87.32
C GLY D 1569 -56.17 -36.38 87.48
N LEU D 1570 -54.86 -36.18 87.32
CA LEU D 1570 -54.31 -34.82 87.43
C LEU D 1570 -54.79 -33.94 86.28
N PHE D 1571 -54.70 -34.45 85.05
CA PHE D 1571 -55.04 -33.66 83.88
C PHE D 1571 -56.40 -34.06 83.33
N LYS D 1572 -57.13 -33.07 82.83
CA LYS D 1572 -58.46 -33.27 82.26
C LYS D 1572 -58.42 -33.85 80.86
N SER D 1573 -57.41 -33.50 80.06
CA SER D 1573 -57.33 -34.01 78.71
C SER D 1573 -56.99 -35.49 78.68
N GLU D 1574 -56.30 -35.98 79.72
CA GLU D 1574 -55.88 -37.37 79.78
C GLU D 1574 -56.82 -38.21 80.64
N HIS D 1575 -58.08 -37.80 80.75
CA HIS D 1575 -59.00 -38.47 81.66
C HIS D 1575 -59.23 -39.92 81.26
N LYS D 1576 -59.14 -40.23 79.96
CA LYS D 1576 -59.38 -41.58 79.49
C LYS D 1576 -58.16 -42.15 78.79
N ASN D 1577 -56.97 -41.89 79.33
CA ASN D 1577 -55.72 -42.34 78.73
C ASN D 1577 -55.01 -43.28 79.69
N PRO D 1578 -55.10 -44.60 79.49
CA PRO D 1578 -54.43 -45.53 80.41
C PRO D 1578 -52.91 -45.41 80.41
N VAL D 1579 -52.32 -44.85 79.36
CA VAL D 1579 -50.86 -44.77 79.32
C VAL D 1579 -50.39 -43.75 80.37
N PRO D 1580 -49.50 -44.13 81.29
CA PRO D 1580 -49.00 -43.17 82.26
C PRO D 1580 -48.20 -42.06 81.57
N GLN D 1581 -48.27 -40.85 82.14
CA GLN D 1581 -47.62 -39.70 81.56
C GLN D 1581 -47.10 -38.79 82.66
N CYS D 1582 -46.06 -38.04 82.33
CA CYS D 1582 -45.48 -37.03 83.23
C CYS D 1582 -45.29 -35.74 82.46
N PRO D 1583 -46.36 -34.97 82.27
CA PRO D 1583 -46.25 -33.72 81.51
C PRO D 1583 -45.35 -32.72 82.22
N PRO D 1584 -44.79 -31.76 81.48
CA PRO D 1584 -43.84 -30.82 82.10
C PRO D 1584 -44.42 -29.99 83.22
N ARG D 1585 -45.75 -29.85 83.29
CA ARG D 1585 -46.35 -29.07 84.37
C ARG D 1585 -46.06 -29.71 85.73
N LEU D 1586 -46.13 -31.04 85.79
CA LEU D 1586 -45.83 -31.74 87.03
C LEU D 1586 -44.36 -31.60 87.38
N HIS D 1587 -44.08 -31.22 88.62
CA HIS D 1587 -42.70 -31.09 89.08
C HIS D 1587 -42.67 -31.18 90.59
N VAL D 1588 -41.50 -31.54 91.14
CA VAL D 1588 -41.37 -31.72 92.58
C VAL D 1588 -41.19 -30.37 93.25
N GLN D 1589 -41.92 -30.16 94.34
CA GLN D 1589 -41.83 -28.95 95.14
C GLN D 1589 -41.44 -29.32 96.56
N PHE D 1590 -40.82 -28.37 97.26
CA PHE D 1590 -40.37 -28.61 98.63
C PHE D 1590 -40.74 -27.42 99.49
N LEU D 1591 -40.91 -27.69 100.78
CA LEU D 1591 -41.25 -26.66 101.75
C LEU D 1591 -40.02 -25.80 102.00
N SER D 1592 -40.19 -24.48 101.93
CA SER D 1592 -39.08 -23.56 102.06
C SER D 1592 -39.51 -22.32 102.84
N HIS D 1593 -38.51 -21.63 103.40
CA HIS D 1593 -38.74 -20.42 104.18
C HIS D 1593 -38.26 -19.16 103.48
N VAL D 1594 -37.69 -19.27 102.29
CA VAL D 1594 -37.17 -18.10 101.60
C VAL D 1594 -38.28 -17.46 100.78
N LEU D 1595 -39.12 -16.67 101.44
CA LEU D 1595 -40.23 -15.98 100.80
C LEU D 1595 -40.54 -14.73 101.59
N TRP D 1596 -41.01 -13.69 100.91
CA TRP D 1596 -41.35 -12.44 101.55
C TRP D 1596 -42.86 -12.28 101.65
N SER D 1597 -43.27 -11.42 102.57
CA SER D 1597 -44.68 -11.12 102.77
C SER D 1597 -44.88 -9.62 102.77
N ARG D 1598 -45.98 -9.18 102.17
CA ARG D 1598 -46.25 -7.76 101.96
C ARG D 1598 -47.17 -7.24 103.06
N MET D 1599 -46.67 -6.32 103.87
CA MET D 1599 -47.52 -5.68 104.87
C MET D 1599 -48.60 -4.87 104.19
N PRO D 1600 -49.87 -5.03 104.57
CA PRO D 1600 -50.92 -4.23 103.97
C PRO D 1600 -50.70 -2.75 104.23
N ASN D 1601 -51.05 -1.93 103.23
CA ASN D 1601 -50.91 -0.49 103.38
C ASN D 1601 -51.90 0.06 104.40
N GLN D 1602 -53.07 -0.56 104.50
CA GLN D 1602 -54.11 -0.12 105.41
C GLN D 1602 -54.73 -1.34 106.10
N PHE D 1603 -55.04 -1.17 107.39
CA PHE D 1603 -55.63 -2.23 108.18
C PHE D 1603 -57.04 -1.85 108.61
N LEU D 1604 -57.80 -2.85 109.02
CA LEU D 1604 -59.12 -2.59 109.58
C LEU D 1604 -59.00 -1.80 110.87
N LYS D 1605 -59.83 -0.77 111.01
CA LYS D 1605 -59.83 0.05 112.21
C LYS D 1605 -60.82 -0.54 113.22
N VAL D 1606 -60.29 -1.10 114.30
CA VAL D 1606 -61.09 -1.78 115.31
C VAL D 1606 -60.90 -1.04 116.63
N ASP D 1607 -62.02 -0.71 117.27
CA ASP D 1607 -62.00 -0.02 118.57
C ASP D 1607 -62.38 -1.01 119.66
N VAL D 1608 -61.54 -1.11 120.68
CA VAL D 1608 -61.76 -2.01 121.81
C VAL D 1608 -61.73 -1.19 123.08
N SER D 1609 -62.70 -1.44 123.96
CA SER D 1609 -62.79 -0.74 125.23
C SER D 1609 -63.72 -1.49 126.16
N ARG D 1610 -63.46 -1.40 127.45
CA ARG D 1610 -64.33 -2.01 128.45
C ARG D 1610 -65.44 -1.03 128.81
N ILE D 1611 -66.67 -1.37 128.43
CA ILE D 1611 -67.80 -0.48 128.69
C ILE D 1611 -68.03 -0.33 130.19
N SER D 1612 -68.11 -1.46 130.89
CA SER D 1612 -68.32 -1.46 132.33
C SER D 1612 -68.03 -2.85 132.85
N GLU D 1613 -68.20 -3.02 134.17
CA GLU D 1613 -67.99 -4.33 134.77
C GLU D 1613 -69.01 -5.34 134.24
N ARG D 1614 -70.27 -4.92 134.14
CA ARG D 1614 -71.30 -5.84 133.68
C ARG D 1614 -71.26 -6.03 132.17
N GLN D 1615 -70.97 -4.96 131.43
CA GLN D 1615 -71.13 -5.00 129.98
C GLN D 1615 -69.95 -5.62 129.24
N GLY D 1616 -68.86 -5.92 129.93
CA GLY D 1616 -67.74 -6.58 129.28
C GLY D 1616 -66.94 -5.65 128.39
N TRP D 1617 -66.18 -6.26 127.49
CA TRP D 1617 -65.32 -5.54 126.56
C TRP D 1617 -65.99 -5.44 125.20
N LEU D 1618 -66.01 -4.22 124.66
CA LEU D 1618 -66.68 -3.93 123.39
C LEU D 1618 -65.65 -3.96 122.27
N VAL D 1619 -65.94 -4.74 121.23
CA VAL D 1619 -65.14 -4.78 120.02
C VAL D 1619 -66.02 -4.25 118.89
N GLN D 1620 -65.54 -3.22 118.19
CA GLN D 1620 -66.35 -2.50 117.22
C GLN D 1620 -65.55 -2.26 115.97
N CYS D 1621 -66.18 -2.48 114.81
CA CYS D 1621 -65.55 -2.27 113.51
C CYS D 1621 -66.65 -1.94 112.50
N LEU D 1622 -66.66 -0.71 112.01
CA LEU D 1622 -67.74 -0.24 111.15
C LEU D 1622 -67.28 0.30 109.80
N ASP D 1623 -65.97 0.32 109.53
CA ASP D 1623 -65.48 0.89 108.29
C ASP D 1623 -65.08 -0.21 107.34
N PRO D 1624 -65.66 -0.28 106.14
CA PRO D 1624 -65.38 -1.39 105.24
C PRO D 1624 -63.99 -1.29 104.61
N LEU D 1625 -63.31 -2.43 104.57
CA LEU D 1625 -62.04 -2.58 103.89
C LEU D 1625 -62.10 -3.83 103.03
N GLN D 1626 -61.40 -3.81 101.91
CA GLN D 1626 -61.58 -4.86 100.92
C GLN D 1626 -60.38 -4.87 99.99
N PHE D 1627 -59.94 -6.08 99.62
CA PHE D 1627 -58.78 -6.25 98.77
C PHE D 1627 -59.07 -7.28 97.70
N MET D 1628 -58.31 -7.20 96.60
CA MET D 1628 -58.46 -8.11 95.48
C MET D 1628 -57.53 -9.30 95.66
N SER D 1629 -58.09 -10.51 95.57
CA SER D 1629 -57.34 -11.74 95.78
C SER D 1629 -57.17 -12.47 94.47
N LEU D 1630 -55.95 -12.86 94.16
CA LEU D 1630 -55.65 -13.65 92.98
C LEU D 1630 -55.47 -15.11 93.41
N HIS D 1631 -56.23 -16.00 92.78
CA HIS D 1631 -56.28 -17.39 93.17
C HIS D 1631 -55.52 -18.23 92.14
N ILE D 1632 -54.51 -18.97 92.61
CA ILE D 1632 -53.81 -19.93 91.76
C ILE D 1632 -54.59 -21.22 91.76
N PRO D 1633 -55.11 -21.67 90.61
CA PRO D 1633 -56.01 -22.83 90.61
C PRO D 1633 -55.35 -24.13 90.99
N GLU D 1634 -54.18 -24.44 90.41
CA GLU D 1634 -53.58 -25.75 90.62
C GLU D 1634 -53.16 -25.96 92.08
N GLU D 1635 -52.63 -24.94 92.72
CA GLU D 1635 -52.09 -25.08 94.07
C GLU D 1635 -53.12 -24.76 95.15
N ASN D 1636 -54.36 -24.45 94.78
CA ASN D 1636 -55.42 -24.15 95.74
C ASN D 1636 -55.00 -23.04 96.70
N ARG D 1637 -54.27 -22.07 96.17
CA ARG D 1637 -53.73 -20.98 96.95
C ARG D 1637 -54.33 -19.67 96.49
N SER D 1638 -54.07 -18.62 97.26
CA SER D 1638 -54.58 -17.30 96.93
C SER D 1638 -53.63 -16.25 97.52
N VAL D 1639 -53.31 -15.25 96.70
CA VAL D 1639 -52.43 -14.17 97.14
C VAL D 1639 -53.08 -12.84 96.76
N ASP D 1640 -52.75 -11.82 97.53
CA ASP D 1640 -53.21 -10.47 97.22
C ASP D 1640 -52.58 -10.02 95.92
N ILE D 1641 -53.38 -9.39 95.05
CA ILE D 1641 -52.91 -9.04 93.72
C ILE D 1641 -51.81 -8.00 93.79
N LEU D 1642 -51.73 -7.22 94.86
CA LEU D 1642 -50.64 -6.27 95.01
C LEU D 1642 -49.32 -6.93 95.32
N GLU D 1643 -49.31 -8.23 95.62
CA GLU D 1643 -48.08 -8.98 95.81
C GLU D 1643 -47.45 -9.38 94.49
N LEU D 1644 -48.11 -9.12 93.37
CA LEU D 1644 -47.56 -9.40 92.06
C LEU D 1644 -46.56 -8.35 91.63
N THR D 1645 -46.38 -7.30 92.42
CA THR D 1645 -45.35 -6.31 92.16
C THR D 1645 -43.95 -6.91 92.18
N GLU D 1646 -43.74 -7.97 92.97
CA GLU D 1646 -42.45 -8.63 93.04
C GLU D 1646 -42.43 -10.03 92.46
N GLN D 1647 -43.58 -10.55 92.01
CA GLN D 1647 -43.65 -11.86 91.36
C GLN D 1647 -43.82 -11.62 89.87
N GLU D 1648 -42.72 -11.73 89.13
CA GLU D 1648 -42.69 -11.27 87.75
C GLU D 1648 -43.44 -12.22 86.82
N GLU D 1649 -43.26 -13.52 87.00
CA GLU D 1649 -43.86 -14.47 86.06
C GLU D 1649 -45.38 -14.43 86.15
N LEU D 1650 -45.93 -14.42 87.36
CA LEU D 1650 -47.37 -14.32 87.51
C LEU D 1650 -47.89 -13.00 86.97
N LEU D 1651 -47.14 -11.91 87.18
CA LEU D 1651 -47.57 -10.62 86.65
C LEU D 1651 -47.64 -10.64 85.14
N LYS D 1652 -46.62 -11.21 84.48
CA LYS D 1652 -46.63 -11.29 83.03
C LYS D 1652 -47.78 -12.16 82.53
N PHE D 1653 -47.98 -13.32 83.15
CA PHE D 1653 -49.05 -14.20 82.72
C PHE D 1653 -50.42 -13.55 82.90
N HIS D 1654 -50.63 -12.86 84.01
CA HIS D 1654 -51.90 -12.19 84.24
C HIS D 1654 -52.11 -11.00 83.30
N TYR D 1655 -51.05 -10.25 82.99
CA TYR D 1655 -51.19 -9.18 82.02
C TYR D 1655 -51.59 -9.72 80.65
N HIS D 1656 -50.96 -10.81 80.22
CA HIS D 1656 -51.38 -11.40 78.96
C HIS D 1656 -52.76 -12.03 79.02
N THR D 1657 -53.17 -12.53 80.18
CA THR D 1657 -54.54 -12.99 80.34
C THR D 1657 -55.53 -11.85 80.19
N LEU D 1658 -55.20 -10.69 80.75
CA LEU D 1658 -56.05 -9.52 80.58
C LEU D 1658 -56.12 -9.10 79.12
N ARG D 1659 -54.99 -9.17 78.42
CA ARG D 1659 -55.00 -8.87 76.99
C ARG D 1659 -55.87 -9.85 76.23
N LEU D 1660 -55.83 -11.14 76.58
CA LEU D 1660 -56.69 -12.12 75.95
C LEU D 1660 -58.16 -11.84 76.24
N TYR D 1661 -58.46 -11.42 77.46
CA TYR D 1661 -59.83 -11.05 77.80
C TYR D 1661 -60.29 -9.88 76.93
N SER D 1662 -59.45 -8.88 76.76
CA SER D 1662 -59.77 -7.74 75.94
C SER D 1662 -59.88 -8.09 74.45
N ALA D 1663 -59.18 -9.14 74.02
CA ALA D 1663 -59.21 -9.55 72.62
C ALA D 1663 -60.38 -10.43 72.27
N VAL D 1664 -60.83 -11.29 73.19
CA VAL D 1664 -61.93 -12.20 72.85
C VAL D 1664 -63.25 -11.44 72.70
N CYS D 1665 -63.38 -10.30 73.39
CA CYS D 1665 -64.59 -9.49 73.32
C CYS D 1665 -64.36 -8.23 72.50
N ALA D 1666 -63.51 -8.31 71.50
CA ALA D 1666 -63.14 -7.16 70.68
C ALA D 1666 -64.10 -6.99 69.52
N LEU D 1667 -64.35 -5.73 69.18
CA LEU D 1667 -65.15 -5.35 68.02
C LEU D 1667 -66.58 -5.87 68.14
N GLY D 1668 -67.22 -5.58 69.26
CA GLY D 1668 -68.63 -5.81 69.40
C GLY D 1668 -69.07 -7.23 69.65
N ASN D 1669 -68.23 -8.06 70.27
CA ASN D 1669 -68.63 -9.40 70.66
C ASN D 1669 -69.36 -9.31 71.99
N HIS D 1670 -70.64 -8.94 71.91
CA HIS D 1670 -71.41 -8.65 73.11
C HIS D 1670 -71.66 -9.89 73.94
N ARG D 1671 -71.83 -11.05 73.30
CA ARG D 1671 -72.02 -12.28 74.05
C ARG D 1671 -70.78 -12.62 74.86
N VAL D 1672 -69.60 -12.47 74.26
CA VAL D 1672 -68.36 -12.72 74.99
C VAL D 1672 -68.17 -11.69 76.09
N ALA D 1673 -68.58 -10.44 75.85
CA ALA D 1673 -68.50 -9.43 76.91
C ALA D 1673 -69.38 -9.79 78.09
N HIS D 1674 -70.60 -10.26 77.81
CA HIS D 1674 -71.49 -10.70 78.88
C HIS D 1674 -70.89 -11.88 79.64
N ALA D 1675 -70.29 -12.83 78.93
CA ALA D 1675 -69.64 -13.94 79.59
C ALA D 1675 -68.48 -13.47 80.47
N LEU D 1676 -67.67 -12.53 79.97
CA LEU D 1676 -66.54 -12.03 80.72
C LEU D 1676 -66.95 -11.22 81.94
N CYS D 1677 -68.16 -10.65 81.93
CA CYS D 1677 -68.63 -9.97 83.14
C CYS D 1677 -68.70 -10.90 84.33
N SER D 1678 -68.83 -12.20 84.10
CA SER D 1678 -68.81 -13.16 85.21
C SER D 1678 -67.41 -13.29 85.81
N HIS D 1679 -66.39 -13.30 84.96
CA HIS D 1679 -65.03 -13.50 85.44
C HIS D 1679 -64.45 -12.22 86.03
N VAL D 1680 -64.60 -11.11 85.34
CA VAL D 1680 -64.14 -9.81 85.81
C VAL D 1680 -65.38 -8.99 86.14
N ASP D 1681 -65.57 -8.68 87.41
CA ASP D 1681 -66.81 -8.08 87.87
C ASP D 1681 -66.69 -6.56 87.96
N GLU D 1682 -67.85 -5.92 88.10
CA GLU D 1682 -67.89 -4.49 88.37
C GLU D 1682 -67.10 -4.06 89.59
N PRO D 1683 -67.25 -4.68 90.77
CA PRO D 1683 -66.46 -4.22 91.92
C PRO D 1683 -64.97 -4.36 91.70
N GLN D 1684 -64.51 -5.46 91.11
CA GLN D 1684 -63.10 -5.62 90.80
C GLN D 1684 -62.61 -4.59 89.80
N LEU D 1685 -63.38 -4.30 88.76
CA LEU D 1685 -62.97 -3.27 87.82
C LEU D 1685 -62.83 -1.92 88.50
N LEU D 1686 -63.81 -1.54 89.33
CA LEU D 1686 -63.74 -0.25 89.99
C LEU D 1686 -62.57 -0.18 90.96
N TYR D 1687 -62.33 -1.26 91.72
CA TYR D 1687 -61.21 -1.28 92.64
C TYR D 1687 -59.89 -1.19 91.92
N ALA D 1688 -59.76 -1.90 90.79
CA ALA D 1688 -58.53 -1.82 90.01
C ALA D 1688 -58.33 -0.43 89.43
N ILE D 1689 -59.41 0.23 89.01
CA ILE D 1689 -59.31 1.59 88.51
C ILE D 1689 -58.82 2.53 89.59
N GLU D 1690 -59.38 2.45 90.79
CA GLU D 1690 -59.11 3.44 91.82
C GLU D 1690 -57.90 3.15 92.69
N ASN D 1691 -57.41 1.92 92.72
CA ASN D 1691 -56.31 1.58 93.63
C ASN D 1691 -55.02 2.25 93.17
N LYS D 1692 -54.27 2.78 94.13
CA LYS D 1692 -53.06 3.52 93.83
C LYS D 1692 -51.80 2.66 93.91
N TYR D 1693 -51.87 1.48 94.51
CA TYR D 1693 -50.71 0.61 94.62
C TYR D 1693 -50.69 -0.47 93.56
N MET D 1694 -51.62 -0.44 92.62
CA MET D 1694 -51.68 -1.48 91.60
C MET D 1694 -50.45 -1.40 90.70
N PRO D 1695 -49.92 -2.55 90.28
CA PRO D 1695 -48.83 -2.54 89.30
C PRO D 1695 -49.28 -1.90 87.99
N GLY D 1696 -48.33 -1.27 87.31
CA GLY D 1696 -48.67 -0.51 86.12
C GLY D 1696 -49.25 -1.36 85.02
N LEU D 1697 -48.68 -2.55 84.81
CA LEU D 1697 -49.17 -3.42 83.75
C LEU D 1697 -50.61 -3.85 84.01
N LEU D 1698 -50.91 -4.24 85.25
CA LEU D 1698 -52.27 -4.64 85.59
C LEU D 1698 -53.22 -3.46 85.53
N ARG D 1699 -52.76 -2.27 85.92
CA ARG D 1699 -53.57 -1.07 85.80
C ARG D 1699 -53.97 -0.83 84.35
N ALA D 1700 -52.99 -0.84 83.46
CA ALA D 1700 -53.27 -0.64 82.04
C ALA D 1700 -54.14 -1.74 81.46
N GLY D 1701 -53.98 -2.98 81.92
CA GLY D 1701 -54.82 -4.06 81.46
C GLY D 1701 -56.26 -3.91 81.90
N TYR D 1702 -56.47 -3.52 83.16
CA TYR D 1702 -57.83 -3.43 83.68
C TYR D 1702 -58.57 -2.23 83.10
N TYR D 1703 -57.86 -1.12 82.86
CA TYR D 1703 -58.50 0.01 82.20
C TYR D 1703 -58.98 -0.38 80.81
N ASP D 1704 -58.13 -1.05 80.04
CA ASP D 1704 -58.52 -1.49 78.70
C ASP D 1704 -59.64 -2.52 78.75
N LEU D 1705 -59.61 -3.41 79.73
CA LEU D 1705 -60.70 -4.38 79.88
C LEU D 1705 -62.03 -3.70 80.16
N LEU D 1706 -62.04 -2.72 81.06
CA LEU D 1706 -63.26 -1.97 81.31
C LEU D 1706 -63.76 -1.30 80.05
N ILE D 1707 -62.86 -0.63 79.33
CA ILE D 1707 -63.26 0.07 78.12
C ILE D 1707 -63.82 -0.89 77.08
N ASP D 1708 -63.16 -2.03 76.89
CA ASP D 1708 -63.60 -2.98 75.87
C ASP D 1708 -64.93 -3.62 76.23
N ILE D 1709 -65.10 -4.04 77.48
CA ILE D 1709 -66.34 -4.68 77.88
C ILE D 1709 -67.51 -3.72 77.89
N HIS D 1710 -67.32 -2.48 78.31
CA HIS D 1710 -68.53 -1.69 78.54
C HIS D 1710 -68.71 -0.48 77.63
N LEU D 1711 -67.62 0.08 77.10
CA LEU D 1711 -67.71 1.38 76.45
C LEU D 1711 -67.27 1.40 74.99
N SER D 1712 -66.45 0.44 74.56
CA SER D 1712 -65.84 0.52 73.23
C SER D 1712 -66.89 0.48 72.14
N SER D 1713 -67.95 -0.31 72.33
CA SER D 1713 -68.96 -0.44 71.29
C SER D 1713 -69.63 0.89 70.98
N TYR D 1714 -70.14 1.56 72.02
CA TYR D 1714 -70.78 2.86 71.79
C TYR D 1714 -69.79 3.92 71.37
N ALA D 1715 -68.56 3.86 71.88
CA ALA D 1715 -67.55 4.83 71.44
C ALA D 1715 -67.31 4.72 69.94
N THR D 1716 -67.16 3.50 69.44
CA THR D 1716 -67.00 3.29 68.00
C THR D 1716 -68.26 3.67 67.24
N ALA D 1717 -69.43 3.40 67.80
CA ALA D 1717 -70.67 3.77 67.12
C ALA D 1717 -70.75 5.27 66.91
N ARG D 1718 -70.36 6.05 67.92
CA ARG D 1718 -70.36 7.50 67.75
C ARG D 1718 -69.22 8.01 66.89
N LEU D 1719 -68.05 7.38 66.94
CA LEU D 1719 -66.96 7.80 66.09
C LEU D 1719 -67.20 7.53 64.61
N MET D 1720 -67.88 6.44 64.27
CA MET D 1720 -68.19 6.17 62.87
C MET D 1720 -69.16 7.17 62.27
N MET D 1721 -69.93 7.88 63.09
CA MET D 1721 -70.95 8.79 62.62
C MET D 1721 -70.64 10.23 63.05
N ASN D 1722 -69.36 10.51 63.27
CA ASN D 1722 -68.95 11.83 63.73
C ASN D 1722 -68.88 12.86 62.61
N ASN D 1723 -68.57 12.43 61.38
CA ASN D 1723 -68.36 13.34 60.27
C ASN D 1723 -69.61 13.58 59.46
N GLU D 1724 -70.76 13.04 59.89
CA GLU D 1724 -72.02 13.25 59.22
C GLU D 1724 -72.94 14.06 60.12
N TYR D 1725 -73.60 15.06 59.53
CA TYR D 1725 -74.41 16.03 60.27
C TYR D 1725 -75.84 15.99 59.73
N ILE D 1726 -76.67 15.12 60.31
CA ILE D 1726 -78.08 15.06 59.97
C ILE D 1726 -78.84 15.81 61.05
N VAL D 1727 -79.06 17.10 60.84
CA VAL D 1727 -79.67 17.98 61.83
C VAL D 1727 -81.16 18.12 61.49
N PRO D 1728 -82.07 17.76 62.39
CA PRO D 1728 -83.49 17.98 62.13
C PRO D 1728 -83.80 19.47 62.16
N MET D 1729 -84.90 19.83 61.52
CA MET D 1729 -85.34 21.23 61.50
C MET D 1729 -86.48 21.39 62.50
N THR D 1730 -86.13 21.79 63.71
CA THR D 1730 -87.08 21.99 64.80
C THR D 1730 -86.85 23.37 65.41
N GLU D 1731 -87.69 23.71 66.40
CA GLU D 1731 -87.55 24.98 67.09
C GLU D 1731 -86.22 25.06 67.84
N GLU D 1732 -85.79 23.95 68.44
CA GLU D 1732 -84.48 23.92 69.09
C GLU D 1732 -83.37 24.20 68.08
N THR D 1733 -83.47 23.62 66.88
CA THR D 1733 -82.49 23.90 65.84
C THR D 1733 -82.51 25.36 65.45
N LYS D 1734 -83.72 25.94 65.32
CA LYS D 1734 -83.82 27.35 64.96
C LYS D 1734 -83.20 28.24 66.02
N SER D 1735 -83.29 27.85 67.29
CA SER D 1735 -82.80 28.70 68.36
C SER D 1735 -81.28 28.80 68.39
N ILE D 1736 -80.59 27.91 67.70
CA ILE D 1736 -79.12 27.88 67.77
C ILE D 1736 -78.54 29.12 67.10
N THR D 1737 -77.49 29.67 67.71
CA THR D 1737 -76.77 30.81 67.16
C THR D 1737 -75.27 30.55 67.25
N LEU D 1738 -74.51 31.24 66.39
CA LEU D 1738 -73.06 31.10 66.41
C LEU D 1738 -72.47 31.53 67.74
N PHE D 1739 -72.94 32.64 68.28
CA PHE D 1739 -72.33 33.16 69.48
C PHE D 1739 -73.32 33.22 70.61
N PRO D 1740 -72.91 32.86 71.84
CA PRO D 1740 -73.88 32.83 72.95
C PRO D 1740 -74.52 34.17 73.25
N ASP D 1741 -73.78 35.26 73.11
CA ASP D 1741 -74.32 36.57 73.48
C ASP D 1741 -73.96 37.63 72.44
N GLU D 1742 -74.23 38.90 72.77
CA GLU D 1742 -73.92 39.98 71.84
C GLU D 1742 -72.42 40.11 71.62
N ASN D 1743 -71.63 40.02 72.69
CA ASN D 1743 -70.18 40.01 72.55
C ASN D 1743 -69.77 38.76 71.78
N LYS D 1744 -68.84 38.94 70.83
CA LYS D 1744 -68.38 37.82 70.01
C LYS D 1744 -67.37 37.00 70.81
N LYS D 1745 -67.85 36.44 71.91
CA LYS D 1745 -67.09 35.57 72.77
C LYS D 1745 -67.41 34.12 72.46
N HIS D 1746 -66.39 33.33 72.18
CA HIS D 1746 -66.58 31.90 71.99
C HIS D 1746 -67.03 31.26 73.30
N GLY D 1747 -68.05 30.43 73.21
CA GLY D 1747 -68.44 29.62 74.34
C GLY D 1747 -67.49 28.46 74.53
N LEU D 1748 -67.59 27.81 75.68
CA LEU D 1748 -66.76 26.66 75.95
C LEU D 1748 -67.11 25.53 74.98
N PRO D 1749 -66.12 24.86 74.39
CA PRO D 1749 -66.43 23.78 73.44
C PRO D 1749 -67.24 22.68 74.11
N GLY D 1750 -68.20 22.14 73.37
CA GLY D 1750 -69.04 21.09 73.89
C GLY D 1750 -70.27 21.60 74.59
N ILE D 1751 -70.09 22.59 75.48
CA ILE D 1751 -71.22 23.15 76.21
C ILE D 1751 -72.11 23.93 75.25
N GLY D 1752 -73.39 23.64 75.28
CA GLY D 1752 -74.34 24.28 74.39
C GLY D 1752 -75.49 23.34 74.10
N LEU D 1753 -76.26 23.71 73.09
CA LEU D 1753 -77.41 22.91 72.64
C LEU D 1753 -77.09 22.36 71.26
N SER D 1754 -77.03 21.05 71.14
CA SER D 1754 -76.79 20.37 69.87
C SER D 1754 -78.02 19.54 69.52
N THR D 1755 -78.53 19.73 68.31
CA THR D 1755 -79.74 19.06 67.87
C THR D 1755 -79.49 18.02 66.78
N SER D 1756 -78.25 17.87 66.32
CA SER D 1756 -77.96 16.91 65.27
C SER D 1756 -78.25 15.49 65.75
N LEU D 1757 -78.79 14.68 64.85
CA LEU D 1757 -79.12 13.30 65.19
C LEU D 1757 -77.86 12.52 65.54
N ARG D 1758 -77.94 11.75 66.61
CA ARG D 1758 -76.81 11.04 67.16
C ARG D 1758 -77.24 9.62 67.52
N PRO D 1759 -76.34 8.64 67.41
CA PRO D 1759 -76.72 7.26 67.68
C PRO D 1759 -77.23 7.07 69.10
N ARG D 1760 -78.21 6.18 69.22
CA ARG D 1760 -78.87 5.90 70.49
C ARG D 1760 -78.03 4.95 71.32
N MET D 1761 -77.96 5.23 72.62
CA MET D 1761 -77.16 4.46 73.56
C MET D 1761 -78.06 3.50 74.33
N GLN D 1762 -77.77 2.20 74.24
CA GLN D 1762 -78.57 1.19 74.91
C GLN D 1762 -77.66 0.14 75.51
N PHE D 1763 -78.01 -0.33 76.70
CA PHE D 1763 -77.21 -1.31 77.42
C PHE D 1763 -78.11 -2.42 77.95
N SER D 1764 -77.51 -3.56 78.27
CA SER D 1764 -78.23 -4.73 78.73
C SER D 1764 -77.68 -5.17 80.07
N SER D 1765 -78.56 -5.62 80.96
CA SER D 1765 -78.14 -6.05 82.29
C SER D 1765 -77.56 -7.46 82.22
N PRO D 1766 -76.32 -7.65 82.68
CA PRO D 1766 -75.67 -8.96 82.53
C PRO D 1766 -76.05 -9.94 83.64
N SER D 1767 -77.22 -10.55 83.51
CA SER D 1767 -77.67 -11.56 84.45
C SER D 1767 -77.47 -12.95 83.86
N PHE D 1768 -77.15 -13.90 84.72
CA PHE D 1768 -76.91 -15.27 84.30
C PHE D 1768 -77.96 -16.26 84.80
N VAL D 1769 -78.98 -15.79 85.50
CA VAL D 1769 -80.05 -16.69 85.89
C VAL D 1769 -81.19 -16.65 84.87
N SER D 1770 -81.29 -15.56 84.11
CA SER D 1770 -82.32 -15.46 83.08
C SER D 1770 -81.98 -16.36 81.91
N ILE D 1771 -83.00 -16.99 81.33
CA ILE D 1771 -82.80 -17.87 80.18
C ILE D 1771 -83.03 -17.17 78.85
N SER D 1772 -83.51 -15.94 78.86
CA SER D 1772 -83.73 -15.21 77.62
C SER D 1772 -82.40 -14.85 76.98
N ASN D 1773 -82.37 -14.89 75.64
CA ASN D 1773 -81.18 -14.60 74.88
C ASN D 1773 -81.20 -13.23 74.22
N GLU D 1774 -82.22 -12.41 74.47
CA GLU D 1774 -82.27 -11.08 73.87
C GLU D 1774 -81.25 -10.13 74.49
N CYS D 1775 -80.65 -10.52 75.61
CA CYS D 1775 -79.64 -9.71 76.27
C CYS D 1775 -78.32 -9.67 75.50
N TYR D 1776 -78.10 -10.57 74.56
CA TYR D 1776 -76.79 -10.69 73.93
C TYR D 1776 -76.56 -9.60 72.90
N GLN D 1777 -77.60 -8.86 72.52
CA GLN D 1777 -77.39 -7.60 71.84
C GLN D 1777 -77.24 -6.49 72.88
N TYR D 1778 -76.46 -5.47 72.53
CA TYR D 1778 -76.11 -4.36 73.42
C TYR D 1778 -75.07 -4.80 74.43
N SER D 1779 -74.15 -3.93 74.76
CA SER D 1779 -73.07 -4.20 75.70
C SER D 1779 -73.57 -4.15 77.14
N PRO D 1780 -72.88 -4.81 78.06
CA PRO D 1780 -73.33 -4.84 79.45
C PRO D 1780 -73.38 -3.46 80.09
N GLU D 1781 -74.30 -3.29 81.03
CA GLU D 1781 -74.52 -2.02 81.70
C GLU D 1781 -73.41 -1.74 82.72
N PHE D 1782 -73.12 -0.46 82.91
CA PHE D 1782 -72.15 0.01 83.89
C PHE D 1782 -72.62 1.33 84.47
N PRO D 1783 -72.26 1.62 85.72
CA PRO D 1783 -72.66 2.91 86.33
C PRO D 1783 -71.87 4.09 85.81
N LEU D 1784 -72.33 4.65 84.70
CA LEU D 1784 -71.67 5.78 84.07
C LEU D 1784 -71.54 6.99 84.99
N ASP D 1785 -72.48 7.23 85.88
CA ASP D 1785 -72.37 8.37 86.79
C ASP D 1785 -71.22 8.21 87.77
N ILE D 1786 -71.11 7.04 88.39
CA ILE D 1786 -69.98 6.77 89.28
C ILE D 1786 -68.68 6.82 88.51
N LEU D 1787 -68.67 6.28 87.29
CA LEU D 1787 -67.47 6.32 86.48
C LEU D 1787 -67.05 7.75 86.18
N LYS D 1788 -68.01 8.62 85.84
CA LYS D 1788 -67.72 10.03 85.62
C LYS D 1788 -67.12 10.67 86.85
N SER D 1789 -67.79 10.51 87.99
CA SER D 1789 -67.32 11.17 89.20
C SER D 1789 -65.92 10.71 89.58
N LYS D 1790 -65.65 9.40 89.53
CA LYS D 1790 -64.33 8.92 89.90
C LYS D 1790 -63.27 9.31 88.89
N THR D 1791 -63.62 9.33 87.59
CA THR D 1791 -62.64 9.75 86.59
C THR D 1791 -62.24 11.21 86.82
N ILE D 1792 -63.22 12.07 87.08
CA ILE D 1792 -62.91 13.47 87.34
C ILE D 1792 -62.07 13.60 88.60
N GLN D 1793 -62.42 12.85 89.65
CA GLN D 1793 -61.67 12.92 90.90
C GLN D 1793 -60.22 12.49 90.70
N MET D 1794 -60.00 11.39 89.99
CA MET D 1794 -58.63 10.90 89.80
C MET D 1794 -57.83 11.80 88.87
N LEU D 1795 -58.46 12.38 87.85
CA LEU D 1795 -57.75 13.37 87.03
C LEU D 1795 -57.35 14.58 87.85
N THR D 1796 -58.27 15.07 88.69
CA THR D 1796 -57.96 16.23 89.53
C THR D 1796 -56.80 15.92 90.48
N GLU D 1797 -56.82 14.73 91.09
CA GLU D 1797 -55.73 14.34 91.96
C GLU D 1797 -54.41 14.20 91.19
N ALA D 1798 -54.46 13.61 90.00
CA ALA D 1798 -53.24 13.33 89.25
C ALA D 1798 -52.59 14.61 88.76
N VAL D 1799 -53.39 15.60 88.36
CA VAL D 1799 -52.81 16.85 87.90
C VAL D 1799 -52.02 17.54 89.02
N LYS D 1800 -52.58 17.56 90.23
CA LYS D 1800 -51.88 18.16 91.36
C LYS D 1800 -50.66 17.33 91.75
N GLU D 1801 -50.79 16.00 91.75
CA GLU D 1801 -49.69 15.16 92.21
C GLU D 1801 -48.51 15.18 91.24
N GLY D 1802 -48.79 15.07 89.94
CA GLY D 1802 -47.71 15.02 88.98
C GLY D 1802 -47.00 16.34 88.80
N SER D 1803 -47.67 17.45 89.12
CA SER D 1803 -47.04 18.76 89.02
C SER D 1803 -45.87 18.91 89.98
N LEU D 1804 -45.88 18.20 91.10
CA LEU D 1804 -44.77 18.22 92.05
C LEU D 1804 -43.64 17.31 91.63
N HIS D 1805 -43.81 16.52 90.58
CA HIS D 1805 -42.80 15.57 90.11
C HIS D 1805 -42.38 14.62 91.22
N ALA D 1806 -43.38 14.00 91.83
CA ALA D 1806 -43.14 13.03 92.87
C ALA D 1806 -42.42 11.80 92.30
N ARG D 1807 -41.64 11.15 93.14
CA ARG D 1807 -40.86 9.99 92.74
C ARG D 1807 -41.68 8.71 92.75
N ASP D 1808 -42.93 8.78 93.21
CA ASP D 1808 -43.79 7.60 93.35
C ASP D 1808 -45.11 7.85 92.63
N PRO D 1809 -45.11 7.84 91.30
CA PRO D 1809 -46.39 7.93 90.58
C PRO D 1809 -47.16 6.63 90.66
N VAL D 1810 -48.48 6.71 90.46
CA VAL D 1810 -49.30 5.51 90.46
C VAL D 1810 -48.91 4.64 89.27
N GLY D 1811 -48.59 3.38 89.55
CA GLY D 1811 -48.11 2.47 88.54
C GLY D 1811 -46.61 2.50 88.32
N GLY D 1812 -45.90 3.42 88.97
CA GLY D 1812 -44.46 3.49 88.89
C GLY D 1812 -43.91 4.43 87.85
N THR D 1813 -44.69 4.78 86.82
CA THR D 1813 -44.24 5.71 85.79
C THR D 1813 -45.35 6.70 85.50
N THR D 1814 -44.95 7.86 84.98
CA THR D 1814 -45.91 8.86 84.56
C THR D 1814 -46.80 8.32 83.45
N GLU D 1815 -46.25 7.52 82.54
CA GLU D 1815 -47.06 6.91 81.50
C GLU D 1815 -48.12 5.98 82.11
N PHE D 1816 -47.72 5.13 83.04
CA PHE D 1816 -48.68 4.23 83.67
C PHE D 1816 -49.74 5.01 84.44
N LEU D 1817 -49.37 6.17 85.00
CA LEU D 1817 -50.33 6.97 85.73
C LEU D 1817 -51.33 7.63 84.79
N PHE D 1818 -50.87 8.18 83.68
CA PHE D 1818 -51.71 9.05 82.87
C PHE D 1818 -52.37 8.37 81.67
N VAL D 1819 -51.67 7.48 80.97
CA VAL D 1819 -52.22 6.92 79.73
C VAL D 1819 -53.54 6.20 79.96
N PRO D 1820 -53.67 5.27 80.91
CA PRO D 1820 -54.97 4.64 81.12
C PRO D 1820 -56.05 5.63 81.53
N LEU D 1821 -55.71 6.56 82.42
CA LEU D 1821 -56.71 7.52 82.91
C LEU D 1821 -57.20 8.42 81.79
N ILE D 1822 -56.28 9.01 81.02
CA ILE D 1822 -56.68 9.86 79.91
C ILE D 1822 -57.38 9.08 78.81
N LYS D 1823 -56.99 7.84 78.56
CA LYS D 1823 -57.73 7.01 77.62
C LYS D 1823 -59.16 6.77 78.05
N LEU D 1824 -59.39 6.46 79.32
CA LEU D 1824 -60.76 6.31 79.82
C LEU D 1824 -61.53 7.60 79.72
N PHE D 1825 -60.91 8.72 80.08
CA PHE D 1825 -61.58 10.00 79.99
C PHE D 1825 -61.93 10.36 78.55
N TYR D 1826 -61.03 10.09 77.62
CA TYR D 1826 -61.32 10.33 76.21
C TYR D 1826 -62.46 9.45 75.71
N THR D 1827 -62.49 8.19 76.14
CA THR D 1827 -63.62 7.34 75.77
C THR D 1827 -64.93 7.88 76.30
N LEU D 1828 -64.96 8.33 77.56
CA LEU D 1828 -66.18 8.90 78.11
C LEU D 1828 -66.58 10.17 77.37
N LEU D 1829 -65.61 11.02 77.01
CA LEU D 1829 -65.91 12.23 76.26
C LEU D 1829 -66.51 11.90 74.90
N ILE D 1830 -65.94 10.90 74.23
CA ILE D 1830 -66.46 10.50 72.92
C ILE D 1830 -67.89 10.00 73.07
N MET D 1831 -68.14 9.20 74.11
CA MET D 1831 -69.50 8.74 74.35
C MET D 1831 -70.43 9.89 74.69
N GLY D 1832 -69.87 10.99 75.17
CA GLY D 1832 -70.65 12.19 75.45
C GLY D 1832 -71.42 12.18 76.74
N ILE D 1833 -71.00 11.39 77.73
CA ILE D 1833 -71.72 11.32 78.99
C ILE D 1833 -71.55 12.61 79.79
N PHE D 1834 -70.39 13.26 79.64
CA PHE D 1834 -70.12 14.48 80.38
C PHE D 1834 -71.07 15.59 79.96
N HIS D 1835 -71.63 16.30 80.93
CA HIS D 1835 -72.61 17.35 80.66
C HIS D 1835 -72.33 18.58 81.50
N ASN D 1836 -72.31 19.73 80.85
CA ASN D 1836 -72.35 21.03 81.51
C ASN D 1836 -71.22 21.23 82.53
N GLU D 1837 -71.56 21.14 83.81
CA GLU D 1837 -70.61 21.50 84.86
C GLU D 1837 -69.41 20.56 84.88
N ASP D 1838 -69.64 19.27 84.62
CA ASP D 1838 -68.53 18.32 84.55
C ASP D 1838 -67.58 18.69 83.42
N LEU D 1839 -68.14 19.05 82.26
CA LEU D 1839 -67.30 19.46 81.14
C LEU D 1839 -66.55 20.75 81.47
N LYS D 1840 -67.20 21.68 82.17
CA LYS D 1840 -66.52 22.90 82.58
C LYS D 1840 -65.34 22.61 83.48
N HIS D 1841 -65.55 21.78 84.51
CA HIS D 1841 -64.45 21.42 85.40
C HIS D 1841 -63.32 20.70 84.68
N ILE D 1842 -63.64 19.76 83.80
CA ILE D 1842 -62.59 19.01 83.15
C ILE D 1842 -61.88 19.83 82.07
N LEU D 1843 -62.53 20.84 81.52
CA LEU D 1843 -61.85 21.79 80.64
C LEU D 1843 -60.94 22.72 81.42
N GLN D 1844 -61.38 23.15 82.60
CA GLN D 1844 -60.49 23.90 83.49
C GLN D 1844 -59.27 23.07 83.85
N LEU D 1845 -59.45 21.77 84.03
CA LEU D 1845 -58.31 20.89 84.29
C LEU D 1845 -57.34 20.88 83.12
N ILE D 1846 -57.86 20.83 81.88
CA ILE D 1846 -57.00 20.80 80.71
C ILE D 1846 -56.25 22.12 80.58
N GLU D 1847 -56.96 23.24 80.67
CA GLU D 1847 -56.35 24.55 80.56
C GLU D 1847 -57.15 25.53 81.40
N PRO D 1848 -56.61 25.97 82.55
CA PRO D 1848 -57.39 26.85 83.43
C PRO D 1848 -57.65 28.23 82.85
N SER D 1849 -56.62 28.89 82.32
CA SER D 1849 -56.76 30.28 81.90
C SER D 1849 -57.68 30.40 80.69
N VAL D 1850 -57.44 29.60 79.65
CA VAL D 1850 -58.16 29.76 78.39
C VAL D 1850 -59.63 29.46 78.58
N PHE D 1851 -59.94 28.34 79.24
CA PHE D 1851 -61.32 27.92 79.44
C PHE D 1851 -61.91 28.46 80.73
N LYS D 1852 -61.35 29.52 81.29
CA LYS D 1852 -61.92 30.13 82.48
C LYS D 1852 -63.26 30.77 82.15
N GLU D 1853 -64.25 30.56 83.00
CA GLU D 1853 -65.60 31.05 82.76
C GLU D 1853 -65.76 32.44 83.35
N ALA D 1854 -66.41 33.32 82.59
CA ALA D 1854 -66.65 34.69 83.03
C ALA D 1854 -68.00 34.80 83.73
N PRO D 1889 -48.64 29.28 90.05
CA PRO D 1889 -50.10 29.22 89.91
C PRO D 1889 -50.60 27.81 89.58
N LYS D 1890 -51.75 27.73 88.93
CA LYS D 1890 -52.33 26.46 88.52
C LYS D 1890 -51.96 26.19 87.07
N GLU D 1891 -51.46 24.99 86.80
CA GLU D 1891 -51.04 24.59 85.47
C GLU D 1891 -51.88 23.41 85.00
N GLY D 1892 -52.45 23.53 83.80
CA GLY D 1892 -53.29 22.49 83.26
C GLY D 1892 -52.48 21.36 82.66
N LEU D 1893 -53.20 20.41 82.06
CA LEU D 1893 -52.55 19.26 81.47
C LEU D 1893 -51.66 19.64 80.29
N LEU D 1894 -51.99 20.72 79.57
CA LEU D 1894 -51.23 21.07 78.38
C LEU D 1894 -49.82 21.52 78.69
N GLN D 1895 -49.55 21.98 79.90
CA GLN D 1895 -48.23 22.47 80.28
C GLN D 1895 -47.79 21.80 81.58
N MET D 1896 -47.25 20.58 81.46
CA MET D 1896 -46.70 19.87 82.61
C MET D 1896 -45.48 19.03 82.24
N LYS D 1897 -44.93 19.17 81.04
CA LYS D 1897 -43.79 18.38 80.59
C LYS D 1897 -44.11 16.89 80.65
N LEU D 1898 -45.05 16.51 79.82
CA LEU D 1898 -45.71 15.23 79.61
C LEU D 1898 -44.86 14.31 78.74
N PRO D 1899 -44.98 13.00 78.91
CA PRO D 1899 -44.36 12.06 77.98
C PRO D 1899 -45.09 12.05 76.65
N GLU D 1900 -44.43 11.47 75.65
CA GLU D 1900 -45.00 11.43 74.31
C GLU D 1900 -46.31 10.64 74.21
N PRO D 1901 -46.46 9.46 74.81
CA PRO D 1901 -47.78 8.80 74.75
C PRO D 1901 -48.89 9.63 75.34
N VAL D 1902 -48.61 10.38 76.41
CA VAL D 1902 -49.62 11.24 77.00
C VAL D 1902 -49.92 12.42 76.08
N LYS D 1903 -48.88 12.95 75.44
CA LYS D 1903 -49.06 14.02 74.47
C LYS D 1903 -49.96 13.60 73.32
N LEU D 1904 -49.83 12.37 72.85
CA LEU D 1904 -50.67 11.88 71.76
C LEU D 1904 -52.14 11.88 72.15
N GLN D 1905 -52.46 11.41 73.35
CA GLN D 1905 -53.86 11.41 73.79
C GLN D 1905 -54.37 12.83 74.04
N MET D 1906 -53.53 13.73 74.52
CA MET D 1906 -53.96 15.12 74.63
C MET D 1906 -54.26 15.71 73.26
N CYS D 1907 -53.48 15.34 72.25
CA CYS D 1907 -53.78 15.74 70.88
C CYS D 1907 -55.13 15.19 70.45
N LEU D 1908 -55.44 13.95 70.83
CA LEU D 1908 -56.74 13.39 70.50
C LEU D 1908 -57.87 14.19 71.15
N LEU D 1909 -57.69 14.57 72.41
CA LEU D 1909 -58.72 15.37 73.09
C LEU D 1909 -58.92 16.70 72.40
N LEU D 1910 -57.83 17.36 72.03
CA LEU D 1910 -57.94 18.63 71.32
C LEU D 1910 -58.63 18.46 69.97
N GLN D 1911 -58.34 17.37 69.27
CA GLN D 1911 -59.04 17.05 68.03
C GLN D 1911 -60.54 16.92 68.25
N TYR D 1912 -60.94 16.24 69.32
CA TYR D 1912 -62.36 16.11 69.61
C TYR D 1912 -63.01 17.47 69.88
N LEU D 1913 -62.31 18.33 70.62
CA LEU D 1913 -62.86 19.66 70.88
C LEU D 1913 -63.04 20.45 69.59
N CYS D 1914 -62.06 20.36 68.69
CA CYS D 1914 -62.19 21.02 67.40
C CYS D 1914 -63.39 20.48 66.63
N ASP D 1915 -63.60 19.16 66.68
CA ASP D 1915 -64.76 18.57 66.02
C ASP D 1915 -66.07 19.10 66.60
N CYS D 1916 -66.11 19.27 67.93
CA CYS D 1916 -67.30 19.83 68.55
C CYS D 1916 -67.57 21.24 68.05
N GLN D 1917 -66.51 22.05 67.94
CA GLN D 1917 -66.70 23.39 67.39
C GLN D 1917 -67.22 23.36 65.95
N VAL D 1918 -66.69 22.46 65.13
CA VAL D 1918 -67.17 22.35 63.75
C VAL D 1918 -68.65 21.98 63.71
N ARG D 1919 -69.05 21.03 64.56
CA ARG D 1919 -70.46 20.65 64.62
C ARG D 1919 -71.35 21.81 65.04
N HIS D 1920 -70.91 22.59 66.03
CA HIS D 1920 -71.68 23.77 66.43
C HIS D 1920 -71.83 24.74 65.28
N ARG D 1921 -70.74 24.98 64.54
CA ARG D 1921 -70.82 25.88 63.40
C ARG D 1921 -71.81 25.39 62.36
N ILE D 1922 -71.79 24.08 62.06
CA ILE D 1922 -72.72 23.54 61.07
C ILE D 1922 -74.16 23.72 61.54
N GLU D 1923 -74.43 23.41 62.81
CA GLU D 1923 -75.78 23.57 63.33
C GLU D 1923 -76.24 25.02 63.32
N ALA D 1924 -75.34 25.99 63.49
CA ALA D 1924 -75.73 27.38 63.38
C ALA D 1924 -76.00 27.78 61.94
N ILE D 1925 -75.21 27.26 61.00
CA ILE D 1925 -75.46 27.54 59.59
C ILE D 1925 -76.84 27.03 59.19
N VAL D 1926 -77.20 25.81 59.60
CA VAL D 1926 -78.51 25.28 59.28
C VAL D 1926 -79.63 26.09 59.92
N ALA D 1927 -79.41 26.62 61.12
CA ALA D 1927 -80.38 27.50 61.77
C ALA D 1927 -80.60 28.79 60.98
N PHE D 1928 -79.53 29.41 60.48
CA PHE D 1928 -79.68 30.60 59.65
C PHE D 1928 -80.41 30.28 58.35
N SER D 1929 -80.07 29.14 57.75
CA SER D 1929 -80.61 28.80 56.43
C SER D 1929 -82.12 28.77 56.43
N ASP D 1930 -82.76 28.35 57.53
CA ASP D 1930 -84.21 28.20 57.51
C ASP D 1930 -84.92 29.52 57.23
N ASP D 1931 -84.55 30.59 57.93
CA ASP D 1931 -85.26 31.84 57.69
C ASP D 1931 -84.72 32.53 56.44
N PHE D 1932 -83.44 32.35 56.13
CA PHE D 1932 -82.92 32.95 54.91
C PHE D 1932 -83.64 32.42 53.68
N VAL D 1933 -83.79 31.10 53.59
CA VAL D 1933 -84.50 30.48 52.47
C VAL D 1933 -85.97 30.83 52.45
N ALA D 1934 -86.62 30.96 53.61
CA ALA D 1934 -88.01 31.38 53.63
C ALA D 1934 -88.17 32.79 53.06
N LYS D 1935 -87.30 33.71 53.45
CA LYS D 1935 -87.37 35.06 52.90
C LYS D 1935 -87.09 35.06 51.40
N LEU D 1936 -86.11 34.27 50.97
CA LEU D 1936 -85.79 34.19 49.54
C LEU D 1936 -86.97 33.61 48.75
N GLN D 1937 -87.65 32.60 49.31
CA GLN D 1937 -88.79 32.02 48.63
C GLN D 1937 -89.97 32.98 48.55
N ASP D 1938 -90.21 33.76 49.61
CA ASP D 1938 -91.23 34.81 49.53
C ASP D 1938 -90.87 35.85 48.48
N ASN D 1939 -89.60 36.22 48.39
CA ASN D 1939 -89.17 37.13 47.34
C ASN D 1939 -89.45 36.54 45.96
N GLN D 1940 -89.17 35.25 45.77
CA GLN D 1940 -89.45 34.63 44.49
C GLN D 1940 -90.94 34.62 44.20
N ARG D 1941 -91.77 34.35 45.21
CA ARG D 1941 -93.22 34.51 45.07
C ARG D 1941 -93.59 35.89 44.54
N PHE D 1942 -93.07 36.95 45.14
CA PHE D 1942 -93.38 38.31 44.70
C PHE D 1942 -92.87 38.60 43.30
N ARG D 1943 -91.64 38.19 43.00
CA ARG D 1943 -91.03 38.53 41.72
C ARG D 1943 -91.69 37.80 40.56
N TYR D 1944 -92.06 36.53 40.77
CA TYR D 1944 -92.75 35.79 39.73
C TYR D 1944 -94.11 36.41 39.43
N ASN D 1945 -94.82 36.85 40.46
CA ASN D 1945 -96.08 37.54 40.26
C ASN D 1945 -95.89 38.85 39.51
N GLU D 1946 -94.84 39.60 39.83
CA GLU D 1946 -94.55 40.82 39.09
C GLU D 1946 -94.28 40.52 37.63
N VAL D 1947 -93.52 39.46 37.36
CA VAL D 1947 -93.21 39.10 35.97
C VAL D 1947 -94.48 38.67 35.23
N MET D 1948 -95.37 37.95 35.92
CA MET D 1948 -96.62 37.55 35.28
C MET D 1948 -97.49 38.75 34.99
N GLN D 1949 -97.50 39.74 35.89
CA GLN D 1949 -98.24 40.96 35.63
C GLN D 1949 -97.62 41.77 34.49
N ALA D 1950 -96.31 41.66 34.32
CA ALA D 1950 -95.56 42.49 33.38
C ALA D 1950 -95.23 41.78 32.07
N LEU D 1951 -95.69 40.54 31.90
CA LEU D 1951 -95.36 39.79 30.69
C LEU D 1951 -95.94 40.43 29.43
N ASN D 1952 -96.93 41.31 29.57
CA ASN D 1952 -97.68 41.76 28.40
C ASN D 1952 -96.94 42.83 27.59
N MET D 1953 -95.89 43.46 28.12
CA MET D 1953 -95.17 44.43 27.29
C MET D 1953 -94.44 43.76 26.14
N SER D 1954 -93.73 42.66 26.40
CA SER D 1954 -92.93 42.05 25.34
C SER D 1954 -92.74 40.57 25.63
N ALA D 1955 -92.85 39.75 24.58
CA ALA D 1955 -92.57 38.34 24.71
C ALA D 1955 -91.07 38.06 24.78
N ALA D 1956 -90.26 38.85 24.08
CA ALA D 1956 -88.80 38.69 24.17
C ALA D 1956 -88.30 38.99 25.57
N LEU D 1957 -88.85 40.02 26.21
CA LEU D 1957 -88.45 40.34 27.57
C LEU D 1957 -88.79 39.20 28.53
N THR D 1958 -89.97 38.61 28.36
CA THR D 1958 -90.42 37.51 29.20
C THR D 1958 -89.45 36.34 29.18
N ALA D 1959 -88.71 36.13 28.08
CA ALA D 1959 -87.72 35.06 28.03
C ALA D 1959 -86.60 35.27 29.04
N ARG D 1960 -85.96 36.44 29.05
CA ARG D 1960 -84.89 36.65 30.02
C ARG D 1960 -85.45 36.82 31.43
N LYS D 1961 -86.72 37.21 31.56
CA LYS D 1961 -87.31 37.24 32.89
C LYS D 1961 -87.60 35.84 33.41
N THR D 1962 -87.92 34.90 32.52
CA THR D 1962 -88.27 33.55 32.96
C THR D 1962 -87.11 32.59 32.90
N LYS D 1963 -85.93 33.04 32.47
CA LYS D 1963 -84.73 32.21 32.61
C LYS D 1963 -84.60 31.67 34.03
N GLU D 1964 -84.77 32.54 35.02
CA GLU D 1964 -84.66 32.12 36.42
C GLU D 1964 -85.71 31.08 36.77
N PHE D 1965 -86.98 31.38 36.47
CA PHE D 1965 -88.06 30.50 36.90
C PHE D 1965 -88.08 29.19 36.13
N ARG D 1966 -87.42 29.10 34.98
CA ARG D 1966 -87.33 27.84 34.27
C ARG D 1966 -85.99 27.13 34.44
N SER D 1967 -85.02 27.76 35.10
CA SER D 1967 -83.76 27.10 35.40
C SER D 1967 -84.00 25.99 36.40
N PRO D 1968 -83.11 25.00 36.44
CA PRO D 1968 -83.23 23.95 37.46
C PRO D 1968 -83.09 24.54 38.84
N PRO D 1969 -83.65 23.88 39.87
CA PRO D 1969 -83.63 24.46 41.21
C PRO D 1969 -82.24 24.74 41.73
N GLN D 1970 -81.25 23.93 41.39
CA GLN D 1970 -79.88 24.22 41.79
C GLN D 1970 -79.39 25.50 41.14
N GLU D 1971 -79.64 25.66 39.84
CA GLU D 1971 -79.20 26.87 39.14
C GLU D 1971 -79.90 28.12 39.64
N GLN D 1972 -81.17 28.00 40.03
CA GLN D 1972 -81.90 29.16 40.54
C GLN D 1972 -81.23 29.70 41.79
N ILE D 1973 -80.87 28.82 42.71
CA ILE D 1973 -80.29 29.30 43.95
C ILE D 1973 -78.83 29.67 43.74
N ASN D 1974 -78.17 29.05 42.77
CA ASN D 1974 -76.83 29.48 42.40
C ASN D 1974 -76.84 30.93 41.90
N MET D 1975 -77.79 31.27 41.05
CA MET D 1975 -77.85 32.64 40.56
C MET D 1975 -78.37 33.60 41.61
N LEU D 1976 -79.19 33.11 42.55
CA LEU D 1976 -79.61 33.96 43.66
C LEU D 1976 -78.50 34.21 44.67
N LEU D 1977 -77.47 33.35 44.71
CA LEU D 1977 -76.39 33.49 45.68
C LEU D 1977 -75.13 34.08 45.06
N ASN D 1978 -75.27 35.02 44.12
CA ASN D 1978 -74.13 35.65 43.49
C ASN D 1978 -73.89 37.08 43.94
N PHE D 1979 -74.48 37.51 45.05
CA PHE D 1979 -74.28 38.89 45.47
C PHE D 1979 -72.96 39.10 46.18
N LYS D 1980 -72.14 38.05 46.29
CA LYS D 1980 -70.76 38.26 46.67
C LYS D 1980 -70.03 39.01 45.57
N ASP D 1981 -68.92 39.66 45.94
CA ASP D 1981 -68.19 40.54 45.03
C ASP D 1981 -69.07 41.73 44.66
N ASP D 1982 -68.71 42.45 43.60
CA ASP D 1982 -69.43 43.66 43.22
C ASP D 1982 -70.05 43.58 41.82
N LYS D 1983 -69.98 42.42 41.16
CA LYS D 1983 -70.68 42.27 39.89
C LYS D 1983 -72.19 42.41 40.08
N SER D 1984 -72.73 41.76 41.11
CA SER D 1984 -74.05 42.06 41.66
C SER D 1984 -75.15 42.10 40.59
N GLU D 1985 -75.14 41.11 39.70
CA GLU D 1985 -76.23 40.98 38.74
C GLU D 1985 -77.34 40.05 39.22
N CYS D 1986 -77.21 39.50 40.42
CA CYS D 1986 -78.26 38.66 40.96
C CYS D 1986 -79.49 39.50 41.30
N PRO D 1987 -80.68 38.91 41.23
CA PRO D 1987 -81.91 39.64 41.57
C PRO D 1987 -82.22 39.72 43.05
N CYS D 1988 -81.28 39.40 43.93
CA CYS D 1988 -81.55 39.43 45.35
C CYS D 1988 -81.60 40.87 45.85
N PRO D 1989 -82.55 41.22 46.71
CA PRO D 1989 -82.64 42.59 47.21
C PRO D 1989 -81.58 42.88 48.25
N GLU D 1990 -81.45 44.17 48.57
CA GLU D 1990 -80.37 44.62 49.43
C GLU D 1990 -80.49 44.06 50.85
N GLU D 1991 -81.70 44.00 51.39
CA GLU D 1991 -81.86 43.52 52.76
C GLU D 1991 -81.54 42.02 52.87
N ILE D 1992 -81.99 41.23 51.90
CA ILE D 1992 -81.68 39.81 51.90
C ILE D 1992 -80.19 39.59 51.69
N ARG D 1993 -79.57 40.44 50.85
CA ARG D 1993 -78.13 40.38 50.72
C ARG D 1993 -77.44 40.68 52.05
N ASP D 1994 -77.93 41.70 52.77
CA ASP D 1994 -77.30 42.11 54.01
C ASP D 1994 -77.39 41.04 55.08
N GLN D 1995 -78.51 40.32 55.13
CA GLN D 1995 -78.62 39.24 56.12
C GLN D 1995 -77.51 38.23 55.96
N LEU D 1996 -77.29 37.74 54.73
CA LEU D 1996 -76.22 36.78 54.50
C LEU D 1996 -74.84 37.40 54.61
N LEU D 1997 -74.67 38.65 54.20
CA LEU D 1997 -73.39 39.32 54.34
C LEU D 1997 -73.02 39.57 55.80
N ASP D 1998 -73.98 39.59 56.71
CA ASP D 1998 -73.71 39.66 58.12
C ASP D 1998 -73.46 38.29 58.75
N PHE D 1999 -74.28 37.30 58.38
CA PHE D 1999 -74.07 35.96 58.90
C PHE D 1999 -72.74 35.41 58.46
N HIS D 2000 -72.32 35.69 57.22
CA HIS D 2000 -71.05 35.21 56.74
C HIS D 2000 -69.87 35.85 57.48
N GLU D 2001 -69.94 37.13 57.78
CA GLU D 2001 -68.92 37.76 58.62
C GLU D 2001 -68.88 37.15 60.01
N ASP D 2002 -70.05 36.87 60.59
CA ASP D 2002 -70.07 36.21 61.89
C ASP D 2002 -69.43 34.83 61.82
N LEU D 2003 -69.73 34.08 60.77
CA LEU D 2003 -69.13 32.76 60.60
C LEU D 2003 -67.62 32.85 60.44
N MET D 2004 -67.15 33.82 59.67
CA MET D 2004 -65.72 33.98 59.49
C MET D 2004 -65.02 34.35 60.80
N THR D 2005 -65.60 35.27 61.56
CA THR D 2005 -64.97 35.65 62.82
C THR D 2005 -65.10 34.56 63.87
N HIS D 2006 -66.07 33.66 63.74
CA HIS D 2006 -66.11 32.48 64.59
C HIS D 2006 -65.09 31.44 64.18
N CYS D 2007 -64.80 31.32 62.89
CA CYS D 2007 -63.75 30.44 62.39
C CYS D 2007 -62.35 31.01 62.60
N GLY D 2008 -62.25 32.30 62.93
CA GLY D 2008 -60.97 32.92 63.18
C GLY D 2008 -60.26 33.45 61.95
N ILE D 2009 -60.91 33.40 60.78
CA ILE D 2009 -60.29 33.89 59.55
C ILE D 2009 -60.10 35.39 59.61
N GLU D 2010 -61.06 36.11 60.17
CA GLU D 2010 -61.02 37.56 60.20
C GLU D 2010 -59.95 38.07 61.16
N LYS D 2053 -51.26 38.40 76.65
CA LYS D 2053 -52.14 37.63 77.54
C LYS D 2053 -52.32 36.20 77.02
N LYS D 2054 -53.24 35.47 77.63
CA LYS D 2054 -53.51 34.09 77.26
C LYS D 2054 -54.06 34.01 75.83
N SER D 2055 -54.14 32.79 75.33
CA SER D 2055 -54.64 32.59 73.96
C SER D 2055 -56.09 33.03 73.82
N SER D 2056 -56.90 32.77 74.84
CA SER D 2056 -58.31 33.12 74.93
C SER D 2056 -59.16 32.41 73.88
N THR D 2057 -58.56 31.52 73.08
CA THR D 2057 -59.30 30.78 72.07
C THR D 2057 -58.65 29.41 71.91
N LEU D 2058 -59.49 28.40 71.66
CA LEU D 2058 -58.98 27.05 71.49
C LEU D 2058 -58.02 26.97 70.32
N GLN D 2059 -58.32 27.68 69.23
CA GLN D 2059 -57.44 27.67 68.06
C GLN D 2059 -56.07 28.23 68.40
N GLN D 2060 -56.02 29.38 69.05
CA GLN D 2060 -54.74 29.98 69.43
C GLN D 2060 -54.00 29.09 70.41
N LEU D 2061 -54.71 28.51 71.36
CA LEU D 2061 -54.08 27.64 72.34
C LEU D 2061 -53.42 26.44 71.68
N ILE D 2062 -54.12 25.80 70.75
CA ILE D 2062 -53.55 24.66 70.05
C ILE D 2062 -52.37 25.08 69.19
N SER D 2063 -52.51 26.18 68.46
CA SER D 2063 -51.42 26.66 67.62
C SER D 2063 -50.18 26.98 68.42
N GLU D 2064 -50.32 27.53 69.62
CA GLU D 2064 -49.17 27.75 70.49
C GLU D 2064 -48.60 26.45 71.03
N THR D 2065 -49.47 25.54 71.49
CA THR D 2065 -49.00 24.34 72.17
C THR D 2065 -48.24 23.43 71.23
N MET D 2066 -48.72 23.24 70.00
CA MET D 2066 -48.05 22.34 69.08
C MET D 2066 -46.65 22.83 68.77
N VAL D 2067 -46.52 24.11 68.42
CA VAL D 2067 -45.21 24.67 68.10
C VAL D 2067 -44.31 24.64 69.32
N ARG D 2068 -44.86 24.92 70.50
CA ARG D 2068 -44.04 24.90 71.71
C ARG D 2068 -43.48 23.52 71.98
N TRP D 2069 -44.31 22.48 71.86
CA TRP D 2069 -43.83 21.13 72.06
C TRP D 2069 -42.74 20.78 71.05
N ALA D 2070 -43.00 21.07 69.77
CA ALA D 2070 -42.06 20.69 68.73
C ALA D 2070 -40.72 21.38 68.90
N GLN D 2071 -40.74 22.67 69.26
CA GLN D 2071 -39.49 23.39 69.43
C GLN D 2071 -38.84 23.07 70.78
N GLU D 2072 -39.62 22.54 71.72
CA GLU D 2072 -39.04 22.14 73.00
C GLU D 2072 -38.24 20.86 72.87
N SER D 2073 -38.77 19.86 72.15
CA SER D 2073 -38.05 18.61 72.07
C SER D 2073 -38.25 17.97 70.70
N VAL D 2074 -37.26 17.17 70.31
CA VAL D 2074 -37.40 16.35 69.12
C VAL D 2074 -38.28 15.15 69.42
N ILE D 2075 -39.35 15.00 68.66
CA ILE D 2075 -40.34 13.95 68.90
C ILE D 2075 -39.89 12.69 68.19
N GLU D 2076 -39.75 11.59 68.94
CA GLU D 2076 -39.34 10.32 68.38
C GLU D 2076 -40.50 9.50 67.83
N ASP D 2077 -41.74 9.94 68.03
CA ASP D 2077 -42.89 9.16 67.60
C ASP D 2077 -43.48 9.76 66.34
N PRO D 2078 -43.38 9.08 65.20
CA PRO D 2078 -43.98 9.61 63.96
C PRO D 2078 -45.47 9.83 64.09
N GLU D 2079 -46.18 8.98 64.83
CA GLU D 2079 -47.60 9.22 65.07
C GLU D 2079 -47.84 10.51 65.80
N LEU D 2080 -47.04 10.80 66.83
CA LEU D 2080 -47.19 12.07 67.53
C LEU D 2080 -46.91 13.25 66.62
N VAL D 2081 -45.84 13.17 65.81
CA VAL D 2081 -45.55 14.27 64.89
C VAL D 2081 -46.70 14.48 63.93
N ARG D 2082 -47.22 13.40 63.38
CA ARG D 2082 -48.33 13.50 62.43
C ARG D 2082 -49.55 14.12 63.08
N ALA D 2083 -49.90 13.68 64.29
CA ALA D 2083 -51.07 14.22 64.97
C ALA D 2083 -50.88 15.71 65.26
N MET D 2084 -49.70 16.10 65.73
CA MET D 2084 -49.43 17.50 66.02
C MET D 2084 -49.62 18.35 64.78
N PHE D 2085 -49.05 17.93 63.66
CA PHE D 2085 -49.08 18.79 62.49
C PHE D 2085 -50.46 18.77 61.83
N VAL D 2086 -51.19 17.65 61.92
CA VAL D 2086 -52.58 17.64 61.47
C VAL D 2086 -53.40 18.64 62.28
N LEU D 2087 -53.21 18.64 63.60
CA LEU D 2087 -53.96 19.57 64.44
C LEU D 2087 -53.62 21.02 64.11
N LEU D 2088 -52.33 21.30 63.91
CA LEU D 2088 -51.92 22.66 63.56
C LEU D 2088 -52.52 23.09 62.23
N HIS D 2089 -52.52 22.20 61.24
CA HIS D 2089 -53.11 22.51 59.95
C HIS D 2089 -54.60 22.77 60.09
N ARG D 2090 -55.28 21.99 60.93
CA ARG D 2090 -56.70 22.26 61.15
C ARG D 2090 -56.92 23.64 61.77
N GLN D 2091 -56.08 24.03 62.72
CA GLN D 2091 -56.23 25.35 63.31
C GLN D 2091 -56.01 26.45 62.28
N TYR D 2092 -55.05 26.27 61.37
CA TYR D 2092 -54.76 27.30 60.38
C TYR D 2092 -55.64 27.20 59.14
N ASP D 2093 -56.49 26.18 59.05
CA ASP D 2093 -57.32 25.99 57.87
C ASP D 2093 -58.78 25.78 58.28
N GLY D 2094 -59.30 26.70 59.10
CA GLY D 2094 -60.66 26.55 59.60
C GLY D 2094 -61.71 26.50 58.51
N ILE D 2095 -61.44 27.17 57.38
CA ILE D 2095 -62.37 27.12 56.25
C ILE D 2095 -62.50 25.71 55.69
N GLY D 2096 -61.38 24.98 55.58
CA GLY D 2096 -61.43 23.63 55.06
C GLY D 2096 -62.32 22.71 55.86
N GLY D 2097 -62.42 22.95 57.18
CA GLY D 2097 -63.33 22.17 57.98
C GLY D 2097 -64.77 22.30 57.51
N LEU D 2098 -65.22 23.53 57.27
CA LEU D 2098 -66.56 23.73 56.73
C LEU D 2098 -66.66 23.19 55.31
N VAL D 2099 -65.60 23.36 54.52
CA VAL D 2099 -65.60 22.85 53.15
C VAL D 2099 -65.84 21.35 53.11
N ARG D 2100 -65.24 20.60 54.03
CA ARG D 2100 -65.47 19.17 54.15
C ARG D 2100 -66.80 18.83 54.82
N ALA D 2101 -67.24 19.65 55.78
CA ALA D 2101 -68.41 19.29 56.57
C ALA D 2101 -69.70 19.50 55.79
N LEU D 2102 -69.80 20.60 55.06
CA LEU D 2102 -71.08 20.96 54.43
C LEU D 2102 -71.58 19.91 53.44
N PRO D 2103 -70.75 19.32 52.58
CA PRO D 2103 -71.27 18.26 51.69
C PRO D 2103 -71.86 17.08 52.42
N LYS D 2104 -71.46 16.83 53.67
CA LYS D 2104 -72.02 15.75 54.46
C LYS D 2104 -73.06 16.26 55.47
N THR D 2105 -73.64 17.43 55.22
CA THR D 2105 -74.67 18.00 56.07
C THR D 2105 -76.01 17.87 55.37
N TYR D 2106 -76.99 17.33 56.07
CA TYR D 2106 -78.33 17.14 55.54
C TYR D 2106 -79.35 17.58 56.59
N THR D 2107 -80.43 18.19 56.11
CA THR D 2107 -81.52 18.60 56.98
C THR D 2107 -82.77 17.81 56.64
N ILE D 2108 -83.56 17.50 57.67
CA ILE D 2108 -84.78 16.71 57.50
C ILE D 2108 -85.89 17.36 58.30
N ASN D 2109 -87.12 17.03 57.92
CA ASN D 2109 -88.28 17.50 58.66
C ASN D 2109 -88.40 16.76 59.99
N GLY D 2110 -89.20 17.32 60.88
CA GLY D 2110 -89.38 16.69 62.19
C GLY D 2110 -90.14 15.39 62.12
N VAL D 2111 -90.96 15.22 61.07
CA VAL D 2111 -91.78 14.01 60.96
C VAL D 2111 -90.92 12.80 60.60
N SER D 2112 -89.77 13.02 59.98
CA SER D 2112 -88.93 11.93 59.50
C SER D 2112 -87.84 11.55 60.49
N VAL D 2113 -87.87 12.09 61.71
CA VAL D 2113 -86.77 11.90 62.65
C VAL D 2113 -86.63 10.43 63.03
N GLU D 2114 -87.73 9.77 63.38
CA GLU D 2114 -87.65 8.39 63.82
C GLU D 2114 -87.23 7.46 62.69
N ASP D 2115 -87.73 7.70 61.48
CA ASP D 2115 -87.32 6.89 60.34
C ASP D 2115 -85.84 7.09 60.05
N THR D 2116 -85.35 8.33 60.14
CA THR D 2116 -83.94 8.58 59.93
C THR D 2116 -83.10 7.89 61.00
N ILE D 2117 -83.58 7.89 62.24
CA ILE D 2117 -82.84 7.22 63.32
C ILE D 2117 -82.75 5.73 63.05
N ASN D 2118 -83.86 5.11 62.63
CA ASN D 2118 -83.83 3.69 62.32
C ASN D 2118 -82.89 3.40 61.15
N LEU D 2119 -82.93 4.24 60.11
CA LEU D 2119 -82.05 4.03 58.98
C LEU D 2119 -80.59 4.17 59.38
N LEU D 2120 -80.27 5.15 60.22
CA LEU D 2120 -78.91 5.31 60.71
C LEU D 2120 -78.47 4.15 61.59
N ALA D 2121 -79.37 3.59 62.40
CA ALA D 2121 -79.03 2.41 63.18
C ALA D 2121 -78.72 1.22 62.28
N SER D 2122 -79.53 0.99 61.25
CA SER D 2122 -79.26 -0.11 60.33
C SER D 2122 -77.94 0.12 59.60
N LEU D 2123 -77.69 1.35 59.16
CA LEU D 2123 -76.43 1.66 58.51
C LEU D 2123 -75.25 1.48 59.44
N GLY D 2124 -75.42 1.81 60.73
CA GLY D 2124 -74.37 1.56 61.70
C GLY D 2124 -74.07 0.10 61.88
N GLN D 2125 -75.11 -0.75 61.94
CA GLN D 2125 -74.87 -2.18 62.01
C GLN D 2125 -74.11 -2.67 60.78
N ILE D 2126 -74.52 -2.21 59.60
CA ILE D 2126 -73.85 -2.63 58.38
C ILE D 2126 -72.39 -2.17 58.37
N ARG D 2127 -72.14 -0.92 58.78
CA ARG D 2127 -70.79 -0.39 58.86
C ARG D 2127 -69.93 -1.16 59.86
N SER D 2128 -70.46 -1.48 61.02
CA SER D 2128 -69.73 -2.24 62.02
C SER D 2128 -69.45 -3.67 61.58
N LEU D 2129 -70.29 -4.24 60.72
CA LEU D 2129 -70.00 -5.57 60.20
C LEU D 2129 -68.79 -5.59 59.28
N LEU D 2130 -68.28 -4.43 58.86
CA LEU D 2130 -67.09 -4.39 58.02
C LEU D 2130 -65.86 -4.88 58.75
N SER D 2131 -65.80 -4.71 60.06
CA SER D 2131 -64.61 -5.05 60.84
C SER D 2131 -64.58 -6.49 61.29
N VAL D 2132 -65.53 -7.31 60.88
CA VAL D 2132 -65.54 -8.72 61.25
C VAL D 2132 -65.54 -9.57 60.00
N ARG D 2133 -65.00 -10.78 60.12
CA ARG D 2133 -65.00 -11.72 59.02
C ARG D 2133 -66.39 -12.25 58.77
N MET D 2134 -66.74 -12.45 57.50
CA MET D 2134 -68.08 -12.89 57.17
C MET D 2134 -68.32 -14.33 57.59
N GLY D 2135 -69.49 -14.57 58.18
CA GLY D 2135 -69.91 -15.89 58.56
C GLY D 2135 -71.41 -16.05 58.42
N LYS D 2136 -71.90 -17.19 58.90
CA LYS D 2136 -73.33 -17.47 58.75
C LYS D 2136 -74.20 -16.43 59.42
N GLU D 2137 -73.84 -16.00 60.64
CA GLU D 2137 -74.64 -15.02 61.36
C GLU D 2137 -74.48 -13.62 60.78
N GLU D 2138 -73.27 -13.26 60.35
CA GLU D 2138 -73.08 -11.98 59.66
C GLU D 2138 -73.91 -11.92 58.39
N GLU D 2139 -74.10 -13.05 57.71
CA GLU D 2139 -75.01 -13.11 56.59
C GLU D 2139 -76.41 -12.63 56.98
N LYS D 2140 -76.93 -13.17 58.08
CA LYS D 2140 -78.27 -12.81 58.53
C LYS D 2140 -78.34 -11.34 58.92
N LEU D 2141 -77.33 -10.84 59.63
CA LEU D 2141 -77.34 -9.44 60.03
C LEU D 2141 -77.32 -8.53 58.81
N MET D 2142 -76.46 -8.83 57.84
CA MET D 2142 -76.38 -8.04 56.63
C MET D 2142 -77.72 -8.02 55.90
N ILE D 2143 -78.35 -9.19 55.74
CA ILE D 2143 -79.60 -9.26 55.01
C ILE D 2143 -80.71 -8.51 55.74
N ARG D 2144 -80.83 -8.71 57.06
CA ARG D 2144 -81.92 -8.03 57.77
C ARG D 2144 -81.72 -6.53 57.75
N GLY D 2145 -80.48 -6.05 57.88
CA GLY D 2145 -80.24 -4.62 57.76
C GLY D 2145 -80.56 -4.04 56.39
N LEU D 2146 -80.15 -4.74 55.33
CA LEU D 2146 -80.46 -4.26 53.99
C LEU D 2146 -81.96 -4.24 53.76
N GLY D 2147 -82.67 -5.26 54.23
CA GLY D 2147 -84.12 -5.28 54.12
C GLY D 2147 -84.78 -4.14 54.87
N ASP D 2148 -84.32 -3.85 56.08
CA ASP D 2148 -84.86 -2.73 56.83
C ASP D 2148 -84.63 -1.42 56.09
N ILE D 2149 -83.45 -1.26 55.52
CA ILE D 2149 -83.18 -0.02 54.78
C ILE D 2149 -84.11 0.11 53.58
N MET D 2150 -84.27 -0.97 52.81
CA MET D 2150 -85.18 -0.87 51.66
C MET D 2150 -86.60 -0.63 52.10
N ASN D 2151 -87.00 -1.16 53.26
CA ASN D 2151 -88.37 -0.95 53.71
C ASN D 2151 -88.59 0.47 54.23
N ASN D 2152 -87.54 1.11 54.71
CA ASN D 2152 -87.68 2.47 55.24
C ASN D 2152 -88.00 3.45 54.12
N LYS D 2153 -88.88 4.42 54.43
CA LYS D 2153 -89.33 5.37 53.42
C LYS D 2153 -88.27 6.41 53.11
N VAL D 2154 -87.41 6.73 54.08
CA VAL D 2154 -86.39 7.75 53.86
C VAL D 2154 -85.44 7.32 52.75
N PHE D 2155 -85.18 6.02 52.62
CA PHE D 2155 -84.29 5.53 51.58
C PHE D 2155 -84.78 5.98 50.20
N TYR D 2156 -86.09 6.00 50.00
CA TYR D 2156 -86.64 6.46 48.72
C TYR D 2156 -86.77 7.97 48.68
N GLN D 2157 -87.21 8.57 49.78
CA GLN D 2157 -87.57 9.99 49.74
C GLN D 2157 -86.35 10.89 49.68
N HIS D 2158 -85.21 10.45 50.24
CA HIS D 2158 -84.01 11.27 50.34
C HIS D 2158 -82.84 10.51 49.76
N PRO D 2159 -82.74 10.44 48.43
CA PRO D 2159 -81.58 9.76 47.83
C PRO D 2159 -80.27 10.50 48.08
N ASN D 2160 -80.32 11.83 48.21
CA ASN D 2160 -79.10 12.59 48.45
C ASN D 2160 -78.48 12.25 49.80
N LEU D 2161 -79.30 12.06 50.83
CA LEU D 2161 -78.77 11.66 52.13
C LEU D 2161 -78.15 10.28 52.06
N MET D 2162 -78.78 9.36 51.33
CA MET D 2162 -78.19 8.04 51.15
C MET D 2162 -76.84 8.13 50.45
N ARG D 2163 -76.75 8.97 49.42
CA ARG D 2163 -75.47 9.12 48.71
C ARG D 2163 -74.42 9.76 49.60
N ALA D 2164 -74.79 10.74 50.41
CA ALA D 2164 -73.85 11.38 51.32
C ALA D 2164 -73.35 10.42 52.39
N LEU D 2165 -74.23 9.55 52.90
CA LEU D 2165 -73.79 8.56 53.88
C LEU D 2165 -72.95 7.48 53.26
N GLY D 2166 -72.91 7.39 51.93
CA GLY D 2166 -72.09 6.41 51.26
C GLY D 2166 -72.49 4.97 51.53
N MET D 2167 -73.79 4.69 51.51
CA MET D 2167 -74.24 3.33 51.70
C MET D 2167 -73.79 2.43 50.56
N HIS D 2168 -73.80 2.98 49.33
CA HIS D 2168 -73.35 2.17 48.20
C HIS D 2168 -71.90 1.76 48.35
N GLU D 2169 -71.05 2.66 48.87
CA GLU D 2169 -69.66 2.30 49.14
C GLU D 2169 -69.56 1.16 50.14
N THR D 2170 -70.33 1.23 51.22
CA THR D 2170 -70.24 0.21 52.26
C THR D 2170 -70.69 -1.15 51.72
N VAL D 2171 -71.84 -1.19 51.04
CA VAL D 2171 -72.29 -2.44 50.46
C VAL D 2171 -71.31 -2.93 49.41
N MET D 2172 -70.73 -1.99 48.66
CA MET D 2172 -69.79 -2.33 47.60
C MET D 2172 -68.59 -3.07 48.16
N GLU D 2173 -67.96 -2.52 49.20
CA GLU D 2173 -66.79 -3.16 49.77
C GLU D 2173 -67.15 -4.40 50.60
N VAL D 2174 -68.34 -4.45 51.19
CA VAL D 2174 -68.77 -5.68 51.85
C VAL D 2174 -68.84 -6.82 50.84
N MET D 2175 -69.43 -6.57 49.67
CA MET D 2175 -69.45 -7.59 48.63
C MET D 2175 -68.06 -7.85 48.08
N VAL D 2176 -67.20 -6.83 48.07
CA VAL D 2176 -65.82 -7.01 47.59
C VAL D 2176 -65.10 -8.03 48.45
N ASN D 2177 -65.27 -7.94 49.77
CA ASN D 2177 -64.61 -8.89 50.66
C ASN D 2177 -65.02 -10.32 50.34
N VAL D 2178 -66.32 -10.56 50.19
CA VAL D 2178 -66.82 -11.90 49.92
C VAL D 2178 -66.32 -12.39 48.56
N LEU D 2179 -66.36 -11.52 47.56
CA LEU D 2179 -65.93 -11.90 46.22
C LEU D 2179 -64.45 -12.26 46.20
N GLY D 2180 -63.62 -11.45 46.88
CA GLY D 2180 -62.21 -11.76 46.93
C GLY D 2180 -61.90 -12.98 47.77
N GLY D 2181 -62.81 -13.33 48.67
CA GLY D 2181 -62.64 -14.56 49.43
C GLY D 2181 -63.07 -15.78 48.64
N GLY D 2182 -62.09 -16.56 48.19
CA GLY D 2182 -62.36 -17.82 47.55
C GLY D 2182 -62.97 -17.74 46.15
N GLU D 2183 -62.18 -17.29 45.18
CA GLU D 2183 -62.66 -17.22 43.79
C GLU D 2183 -62.53 -18.56 43.08
N SER D 2184 -61.38 -19.21 43.23
CA SER D 2184 -61.15 -20.49 42.54
C SER D 2184 -62.05 -21.58 43.09
N LYS D 2185 -62.27 -21.59 44.40
CA LYS D 2185 -63.07 -22.60 45.08
C LYS D 2185 -64.57 -22.36 44.96
N GLU D 2186 -64.98 -21.54 44.00
CA GLU D 2186 -66.38 -21.15 43.79
C GLU D 2186 -66.79 -20.16 44.88
N ILE D 2187 -67.61 -19.17 44.52
CA ILE D 2187 -67.91 -18.09 45.45
C ILE D 2187 -68.71 -18.61 46.63
N THR D 2188 -68.26 -18.24 47.83
CA THR D 2188 -68.98 -18.56 49.05
C THR D 2188 -69.94 -17.43 49.40
N PHE D 2189 -70.96 -17.77 50.19
CA PHE D 2189 -72.06 -16.87 50.56
C PHE D 2189 -72.70 -16.25 49.32
N PRO D 2190 -73.20 -17.08 48.39
CA PRO D 2190 -73.81 -16.52 47.17
C PRO D 2190 -75.05 -15.69 47.46
N LYS D 2191 -75.82 -16.05 48.48
CA LYS D 2191 -76.97 -15.27 48.90
C LYS D 2191 -76.59 -13.84 49.30
N MET D 2192 -75.41 -13.65 49.88
CA MET D 2192 -74.90 -12.30 50.11
C MET D 2192 -74.66 -11.52 48.83
N VAL D 2193 -73.95 -12.11 47.86
CA VAL D 2193 -73.71 -11.38 46.64
C VAL D 2193 -75.04 -11.03 45.98
N ALA D 2194 -76.00 -11.95 46.04
CA ALA D 2194 -77.33 -11.67 45.49
C ALA D 2194 -78.01 -10.50 46.19
N ASN D 2195 -78.00 -10.49 47.52
CA ASN D 2195 -78.67 -9.41 48.24
C ASN D 2195 -77.98 -8.07 48.02
N CYS D 2196 -76.65 -8.07 48.04
CA CYS D 2196 -75.91 -6.83 47.81
C CYS D 2196 -76.18 -6.29 46.41
N CYS D 2197 -76.21 -7.17 45.41
CA CYS D 2197 -76.47 -6.74 44.05
C CYS D 2197 -77.89 -6.23 43.88
N ARG D 2198 -78.87 -6.87 44.53
CA ARG D 2198 -80.23 -6.34 44.47
C ARG D 2198 -80.31 -4.96 45.10
N PHE D 2199 -79.66 -4.78 46.25
CA PHE D 2199 -79.66 -3.46 46.87
C PHE D 2199 -79.02 -2.42 45.97
N LEU D 2200 -77.91 -2.78 45.33
CA LEU D 2200 -77.25 -1.82 44.45
C LEU D 2200 -78.09 -1.49 43.23
N CYS D 2201 -78.78 -2.48 42.66
CA CYS D 2201 -79.66 -2.21 41.53
C CYS D 2201 -80.82 -1.29 41.94
N TYR D 2202 -81.40 -1.51 43.12
CA TYR D 2202 -82.42 -0.59 43.59
C TYR D 2202 -81.86 0.80 43.79
N PHE D 2203 -80.65 0.90 44.33
CA PHE D 2203 -80.01 2.20 44.52
C PHE D 2203 -79.83 2.92 43.20
N CYS D 2204 -79.41 2.19 42.16
CA CYS D 2204 -79.30 2.78 40.84
C CYS D 2204 -80.65 3.25 40.33
N ARG D 2205 -81.71 2.46 40.54
CA ARG D 2205 -83.01 2.83 40.00
C ARG D 2205 -83.63 4.02 40.72
N ILE D 2206 -83.24 4.26 41.98
CA ILE D 2206 -83.90 5.33 42.75
C ILE D 2206 -83.74 6.68 42.07
N SER D 2207 -82.51 7.05 41.71
CA SER D 2207 -82.29 8.39 41.17
C SER D 2207 -81.20 8.34 40.11
N ARG D 2208 -81.23 9.36 39.24
CA ARG D 2208 -80.25 9.43 38.17
C ARG D 2208 -78.84 9.69 38.72
N GLN D 2209 -78.72 10.55 39.73
CA GLN D 2209 -77.40 10.83 40.29
C GLN D 2209 -76.84 9.60 41.00
N ASN D 2210 -77.68 8.80 41.64
CA ASN D 2210 -77.22 7.55 42.23
C ASN D 2210 -76.67 6.63 41.17
N GLN D 2211 -77.30 6.60 40.00
CA GLN D 2211 -76.80 5.79 38.90
C GLN D 2211 -75.41 6.27 38.46
N LYS D 2212 -75.22 7.58 38.38
CA LYS D 2212 -73.89 8.11 38.08
C LYS D 2212 -72.87 7.74 39.14
N ALA D 2213 -73.24 7.81 40.42
CA ALA D 2213 -72.32 7.42 41.47
C ALA D 2213 -71.93 5.95 41.37
N MET D 2214 -72.90 5.09 41.07
CA MET D 2214 -72.59 3.67 40.92
C MET D 2214 -71.77 3.41 39.66
N PHE D 2215 -71.91 4.27 38.64
CA PHE D 2215 -71.16 4.08 37.40
C PHE D 2215 -69.65 4.14 37.61
N ASP D 2216 -69.19 4.81 38.66
CA ASP D 2216 -67.76 4.96 38.89
C ASP D 2216 -67.08 3.65 39.23
N HIS D 2217 -67.84 2.60 39.53
CA HIS D 2217 -67.29 1.31 39.92
C HIS D 2217 -67.51 0.26 38.83
N LEU D 2218 -67.72 0.71 37.60
CA LEU D 2218 -68.00 -0.21 36.51
C LEU D 2218 -66.79 -1.09 36.20
N SER D 2219 -65.59 -0.58 36.45
CA SER D 2219 -64.38 -1.32 36.14
C SER D 2219 -64.26 -2.59 36.98
N TYR D 2220 -64.40 -2.45 38.31
CA TYR D 2220 -64.29 -3.62 39.16
C TYR D 2220 -65.47 -4.56 38.97
N LEU D 2221 -66.66 -4.00 38.78
CA LEU D 2221 -67.84 -4.83 38.60
C LEU D 2221 -67.70 -5.72 37.38
N LEU D 2222 -67.10 -5.19 36.31
CA LEU D 2222 -66.85 -6.00 35.13
C LEU D 2222 -65.72 -6.99 35.34
N GLU D 2223 -64.77 -6.69 36.23
CA GLU D 2223 -63.76 -7.68 36.60
C GLU D 2223 -64.41 -8.87 37.29
N ASN D 2224 -65.29 -8.61 38.25
CA ASN D 2224 -66.00 -9.67 38.97
C ASN D 2224 -67.37 -9.90 38.35
N SER D 2225 -67.36 -10.18 37.05
CA SER D 2225 -68.59 -10.33 36.29
C SER D 2225 -69.01 -11.78 36.12
N SER D 2226 -68.11 -12.73 36.36
CA SER D 2226 -68.41 -14.16 36.20
C SER D 2226 -68.68 -14.83 37.54
N VAL D 2227 -69.28 -14.11 38.50
CA VAL D 2227 -69.46 -14.67 39.84
C VAL D 2227 -70.53 -15.75 39.82
N GLY D 2228 -71.75 -15.39 39.41
CA GLY D 2228 -72.85 -16.33 39.48
C GLY D 2228 -73.70 -16.37 38.23
N LEU D 2229 -73.08 -16.15 37.07
CA LEU D 2229 -73.84 -16.15 35.82
C LEU D 2229 -74.46 -17.50 35.54
N ALA D 2230 -73.70 -18.57 35.76
CA ALA D 2230 -74.22 -19.91 35.47
C ALA D 2230 -75.33 -20.30 36.43
N SER D 2231 -75.26 -19.83 37.67
CA SER D 2231 -76.26 -20.21 38.66
C SER D 2231 -77.58 -19.52 38.34
N PRO D 2232 -78.68 -20.26 38.20
CA PRO D 2232 -79.98 -19.63 37.95
C PRO D 2232 -80.55 -19.05 39.23
N ALA D 2233 -81.67 -18.33 39.11
CA ALA D 2233 -82.38 -17.74 40.24
C ALA D 2233 -81.56 -16.63 40.88
N MET D 2234 -80.33 -16.44 40.41
CA MET D 2234 -79.51 -15.29 40.77
C MET D 2234 -79.54 -14.26 39.70
N ARG D 2235 -80.36 -14.55 38.69
CA ARG D 2235 -80.56 -13.62 37.58
C ARG D 2235 -81.06 -12.29 38.11
N GLY D 2236 -80.42 -11.20 37.67
CA GLY D 2236 -80.72 -9.90 38.21
C GLY D 2236 -80.09 -9.60 39.54
N SER D 2237 -79.25 -10.51 40.05
CA SER D 2237 -78.61 -10.34 41.36
C SER D 2237 -77.12 -10.63 41.27
N THR D 2238 -76.47 -10.15 40.23
CA THR D 2238 -75.04 -10.36 40.01
C THR D 2238 -74.35 -9.03 39.75
N PRO D 2239 -73.04 -8.96 39.96
CA PRO D 2239 -72.32 -7.71 39.64
C PRO D 2239 -72.46 -7.28 38.20
N LEU D 2240 -72.61 -8.23 37.27
CA LEU D 2240 -72.89 -7.86 35.90
C LEU D 2240 -74.24 -7.15 35.78
N ASP D 2241 -75.24 -7.63 36.53
CA ASP D 2241 -76.53 -6.95 36.54
C ASP D 2241 -76.42 -5.56 37.15
N VAL D 2242 -75.60 -5.42 38.19
CA VAL D 2242 -75.37 -4.10 38.77
C VAL D 2242 -74.75 -3.17 37.74
N ALA D 2243 -73.76 -3.67 37.00
CA ALA D 2243 -73.12 -2.86 35.96
C ALA D 2243 -74.12 -2.47 34.89
N ALA D 2244 -75.00 -3.39 34.49
CA ALA D 2244 -76.01 -3.08 33.49
C ALA D 2244 -76.96 -2.00 34.00
N ALA D 2245 -77.39 -2.11 35.27
CA ALA D 2245 -78.23 -1.07 35.85
C ALA D 2245 -77.51 0.26 35.96
N SER D 2246 -76.18 0.24 36.07
CA SER D 2246 -75.43 1.49 36.16
C SER D 2246 -75.48 2.28 34.86
N VAL D 2247 -75.85 1.62 33.74
CA VAL D 2247 -75.89 2.29 32.45
C VAL D 2247 -77.25 2.19 31.78
N MET D 2248 -78.22 1.56 32.43
CA MET D 2248 -79.54 1.38 31.82
C MET D 2248 -80.19 2.73 31.57
N ASP D 2249 -80.59 2.98 30.32
CA ASP D 2249 -81.40 4.12 29.91
C ASP D 2249 -80.80 5.45 30.34
N ASN D 2250 -79.49 5.64 30.16
CA ASN D 2250 -78.81 6.89 30.48
C ASN D 2250 -77.88 7.23 29.34
N ASN D 2251 -78.24 8.23 28.54
CA ASN D 2251 -77.38 8.64 27.42
C ASN D 2251 -76.06 9.19 27.93
N GLU D 2252 -76.10 9.97 29.01
CA GLU D 2252 -74.88 10.58 29.55
C GLU D 2252 -73.87 9.51 29.95
N LEU D 2253 -74.32 8.46 30.60
CA LEU D 2253 -73.42 7.38 31.01
C LEU D 2253 -73.05 6.47 29.87
N ALA D 2254 -73.98 6.22 28.93
CA ALA D 2254 -73.65 5.40 27.78
C ALA D 2254 -72.55 6.03 26.94
N LEU D 2255 -72.63 7.35 26.72
CA LEU D 2255 -71.59 8.04 25.98
C LEU D 2255 -70.27 8.10 26.74
N ALA D 2256 -70.31 8.17 28.06
CA ALA D 2256 -69.09 8.19 28.85
C ALA D 2256 -68.45 6.81 28.97
N LEU D 2257 -69.22 5.76 28.72
CA LEU D 2257 -68.69 4.41 28.77
C LEU D 2257 -67.56 4.25 27.75
N ARG D 2258 -66.45 3.66 28.19
CA ARG D 2258 -65.23 3.65 27.41
C ARG D 2258 -65.17 2.43 26.49
N GLU D 2259 -64.02 2.26 25.84
CA GLU D 2259 -63.73 1.09 25.02
C GLU D 2259 -63.22 -0.11 25.82
N PRO D 2260 -62.23 0.06 26.71
CA PRO D 2260 -61.66 -1.13 27.38
C PRO D 2260 -62.66 -1.96 28.16
N ASP D 2261 -63.65 -1.32 28.79
CA ASP D 2261 -64.66 -2.07 29.51
C ASP D 2261 -65.51 -2.92 28.56
N LEU D 2262 -65.81 -2.38 27.38
CA LEU D 2262 -66.46 -3.19 26.35
C LEU D 2262 -65.57 -4.34 25.89
N GLU D 2263 -64.28 -4.07 25.75
CA GLU D 2263 -63.35 -5.12 25.32
C GLU D 2263 -63.29 -6.25 26.35
N LYS D 2264 -63.39 -5.91 27.63
CA LYS D 2264 -63.43 -6.93 28.68
C LYS D 2264 -64.61 -7.86 28.48
N VAL D 2265 -65.80 -7.29 28.27
CA VAL D 2265 -66.99 -8.12 28.08
C VAL D 2265 -66.88 -8.93 26.81
N VAL D 2266 -66.29 -8.36 25.76
CA VAL D 2266 -66.11 -9.10 24.52
C VAL D 2266 -65.19 -10.29 24.73
N ARG D 2267 -64.11 -10.10 25.49
CA ARG D 2267 -63.21 -11.21 25.79
C ARG D 2267 -63.92 -12.28 26.61
N TYR D 2268 -64.72 -11.87 27.59
CA TYR D 2268 -65.47 -12.85 28.38
C TYR D 2268 -66.41 -13.65 27.48
N LEU D 2269 -67.10 -12.98 26.57
CA LEU D 2269 -68.01 -13.66 25.66
C LEU D 2269 -67.26 -14.61 24.73
N ALA D 2270 -66.08 -14.21 24.24
CA ALA D 2270 -65.27 -15.11 23.43
C ALA D 2270 -64.84 -16.33 24.22
N GLY D 2271 -64.45 -16.15 25.48
CA GLY D 2271 -64.12 -17.29 26.32
C GLY D 2271 -65.30 -18.22 26.51
N CYS D 2272 -66.48 -17.65 26.74
CA CYS D 2272 -67.69 -18.45 26.87
C CYS D 2272 -68.04 -19.18 25.58
N GLY D 2273 -67.74 -18.60 24.42
CA GLY D 2273 -68.00 -19.28 23.17
C GLY D 2273 -66.99 -20.36 22.85
N LEU D 2274 -65.77 -20.20 23.37
CA LEU D 2274 -64.72 -21.18 23.08
C LEU D 2274 -64.75 -22.36 24.03
N GLN D 2275 -65.05 -22.11 25.31
CA GLN D 2275 -64.91 -23.10 26.36
C GLN D 2275 -66.26 -23.48 26.93
N SER D 2276 -66.35 -24.71 27.44
CA SER D 2276 -67.60 -25.19 28.03
C SER D 2276 -67.77 -24.61 29.44
N CYS D 2277 -68.83 -25.06 30.11
CA CYS D 2277 -69.15 -24.60 31.45
C CYS D 2277 -68.68 -25.63 32.48
N GLN D 2278 -67.67 -25.25 33.26
CA GLN D 2278 -67.07 -26.18 34.22
C GLN D 2278 -68.07 -26.62 35.28
N MET D 2279 -68.80 -25.66 35.85
CA MET D 2279 -69.76 -26.00 36.90
C MET D 2279 -70.87 -26.90 36.39
N LEU D 2280 -71.33 -26.67 35.16
CA LEU D 2280 -72.38 -27.49 34.57
C LEU D 2280 -71.90 -28.89 34.23
N VAL D 2281 -70.71 -29.02 33.65
CA VAL D 2281 -70.21 -30.37 33.36
C VAL D 2281 -69.91 -31.10 34.67
N SER D 2282 -69.55 -30.37 35.72
CA SER D 2282 -69.38 -31.01 37.03
C SER D 2282 -70.70 -31.57 37.55
N LYS D 2283 -71.80 -30.86 37.34
CA LYS D 2283 -73.12 -31.38 37.70
C LYS D 2283 -73.60 -32.44 36.72
N GLY D 2284 -72.96 -32.57 35.57
CA GLY D 2284 -73.24 -33.67 34.67
C GLY D 2284 -73.88 -33.31 33.35
N TYR D 2285 -74.03 -32.01 33.04
CA TYR D 2285 -74.61 -31.63 31.78
C TYR D 2285 -73.72 -32.08 30.62
N PRO D 2286 -74.33 -32.40 29.47
CA PRO D 2286 -73.52 -32.85 28.33
C PRO D 2286 -72.51 -31.80 27.92
N ASP D 2287 -71.31 -32.25 27.55
CA ASP D 2287 -70.18 -31.37 27.32
C ASP D 2287 -70.18 -30.88 25.87
N ILE D 2288 -70.93 -29.82 25.63
CA ILE D 2288 -70.81 -29.07 24.39
C ILE D 2288 -69.61 -28.16 24.53
N GLY D 2289 -69.10 -27.63 23.41
CA GLY D 2289 -67.86 -26.89 23.47
C GLY D 2289 -67.98 -25.47 23.96
N TRP D 2290 -69.20 -24.96 24.12
CA TRP D 2290 -69.43 -23.55 24.37
C TRP D 2290 -70.45 -23.35 25.50
N ASN D 2291 -70.56 -22.11 25.95
CA ASN D 2291 -71.31 -21.78 27.16
C ASN D 2291 -72.46 -20.81 26.87
N PRO D 2292 -73.60 -21.31 26.41
CA PRO D 2292 -74.72 -20.41 26.12
C PRO D 2292 -75.21 -19.66 27.33
N VAL D 2293 -75.19 -20.29 28.51
CA VAL D 2293 -75.79 -19.69 29.70
C VAL D 2293 -75.05 -18.42 30.07
N GLU D 2294 -73.72 -18.47 30.11
CA GLU D 2294 -72.95 -17.27 30.42
C GLU D 2294 -72.90 -16.32 29.23
N GLY D 2295 -72.93 -16.87 28.01
CA GLY D 2295 -72.87 -16.01 26.83
C GLY D 2295 -74.07 -15.07 26.75
N GLU D 2296 -75.26 -15.58 27.04
CA GLU D 2296 -76.43 -14.72 27.01
C GLU D 2296 -76.36 -13.60 28.04
N ARG D 2297 -75.91 -13.92 29.26
CA ARG D 2297 -75.77 -12.90 30.29
C ARG D 2297 -74.76 -11.84 29.88
N TYR D 2298 -73.64 -12.26 29.28
CA TYR D 2298 -72.68 -11.28 28.79
C TYR D 2298 -73.24 -10.46 27.63
N LEU D 2299 -74.12 -11.05 26.83
CA LEU D 2299 -74.70 -10.33 25.70
C LEU D 2299 -75.69 -9.27 26.16
N ASP D 2300 -76.39 -9.53 27.27
CA ASP D 2300 -77.38 -8.57 27.76
C ASP D 2300 -76.72 -7.24 28.12
N PHE D 2301 -75.56 -7.28 28.77
CA PHE D 2301 -74.88 -6.03 29.12
C PHE D 2301 -74.49 -5.24 27.88
N LEU D 2302 -74.00 -5.93 26.85
CA LEU D 2302 -73.69 -5.24 25.60
C LEU D 2302 -74.93 -4.63 24.98
N ARG D 2303 -76.06 -5.34 25.05
CA ARG D 2303 -77.32 -4.77 24.59
C ARG D 2303 -77.62 -3.46 25.29
N PHE D 2304 -77.55 -3.46 26.62
CA PHE D 2304 -77.83 -2.25 27.38
C PHE D 2304 -76.83 -1.14 27.09
N ALA D 2305 -75.59 -1.50 26.76
CA ALA D 2305 -74.59 -0.48 26.47
C ALA D 2305 -74.80 0.15 25.09
N VAL D 2306 -75.23 -0.65 24.11
CA VAL D 2306 -75.31 -0.12 22.75
C VAL D 2306 -76.66 0.53 22.47
N PHE D 2307 -77.73 0.08 23.11
CA PHE D 2307 -79.06 0.57 22.80
C PHE D 2307 -79.61 1.28 24.03
N CYS D 2308 -80.15 2.48 23.83
CA CYS D 2308 -80.56 3.31 24.95
C CYS D 2308 -81.73 4.21 24.55
N ASN D 2309 -82.85 4.07 25.26
CA ASN D 2309 -84.01 4.96 25.12
C ASN D 2309 -84.54 4.97 23.68
N GLY D 2310 -84.62 3.80 23.07
CA GLY D 2310 -85.24 3.66 21.77
C GLY D 2310 -84.31 3.86 20.59
N GLU D 2311 -83.26 4.65 20.75
CA GLU D 2311 -82.32 4.88 19.67
C GLU D 2311 -80.99 4.19 19.99
N SER D 2312 -80.20 3.95 18.95
CA SER D 2312 -78.96 3.19 19.06
C SER D 2312 -77.78 4.13 19.19
N VAL D 2313 -77.02 3.97 20.26
CA VAL D 2313 -75.83 4.78 20.49
C VAL D 2313 -74.77 4.35 19.47
N GLU D 2314 -74.49 5.22 18.50
CA GLU D 2314 -73.59 4.86 17.40
C GLU D 2314 -72.18 4.59 17.91
N GLU D 2315 -71.71 5.42 18.85
CA GLU D 2315 -70.33 5.28 19.31
C GLU D 2315 -70.10 3.93 19.95
N ASN D 2316 -71.03 3.49 20.79
CA ASN D 2316 -70.91 2.20 21.45
C ASN D 2316 -71.35 1.03 20.58
N ALA D 2317 -72.07 1.29 19.48
CA ALA D 2317 -72.46 0.21 18.60
C ALA D 2317 -71.36 -0.14 17.61
N ASN D 2318 -70.72 0.88 17.03
CA ASN D 2318 -69.65 0.64 16.07
C ASN D 2318 -68.45 -0.02 16.72
N VAL D 2319 -68.17 0.27 17.99
CA VAL D 2319 -67.06 -0.39 18.68
C VAL D 2319 -67.40 -1.85 18.94
N VAL D 2320 -68.62 -2.12 19.39
CA VAL D 2320 -69.02 -3.49 19.72
C VAL D 2320 -69.02 -4.36 18.47
N VAL D 2321 -69.54 -3.83 17.36
CA VAL D 2321 -69.57 -4.62 16.13
C VAL D 2321 -68.16 -4.96 15.68
N ARG D 2322 -67.23 -4.00 15.72
CA ARG D 2322 -65.86 -4.29 15.35
C ARG D 2322 -65.20 -5.29 16.28
N LEU D 2323 -65.46 -5.20 17.58
CA LEU D 2323 -64.89 -6.17 18.50
C LEU D 2323 -65.42 -7.58 18.22
N LEU D 2324 -66.72 -7.69 17.97
CA LEU D 2324 -67.31 -8.99 17.69
C LEU D 2324 -66.82 -9.58 16.38
N ILE D 2325 -66.56 -8.76 15.36
CA ILE D 2325 -66.03 -9.32 14.13
C ILE D 2325 -64.53 -9.59 14.25
N ARG D 2326 -63.83 -8.88 15.12
CA ARG D 2326 -62.44 -9.22 15.40
C ARG D 2326 -62.34 -10.60 16.05
N ARG D 2327 -63.25 -10.88 16.99
CA ARG D 2327 -63.31 -12.21 17.62
C ARG D 2327 -64.57 -12.92 17.17
N PRO D 2328 -64.54 -13.63 16.03
CA PRO D 2328 -65.76 -14.26 15.51
C PRO D 2328 -66.26 -15.42 16.34
N GLU D 2329 -65.47 -15.93 17.30
CA GLU D 2329 -65.94 -17.04 18.12
C GLU D 2329 -67.10 -16.61 19.02
N CYS D 2330 -67.29 -15.30 19.21
CA CYS D 2330 -68.39 -14.80 20.01
C CYS D 2330 -69.75 -15.08 19.39
N PHE D 2331 -69.80 -15.44 18.12
CA PHE D 2331 -71.07 -15.60 17.41
C PHE D 2331 -71.68 -16.97 17.60
N GLY D 2332 -71.00 -17.88 18.30
CA GLY D 2332 -71.51 -19.21 18.51
C GLY D 2332 -71.06 -20.17 17.42
N PRO D 2333 -71.09 -21.46 17.73
CA PRO D 2333 -70.58 -22.45 16.75
C PRO D 2333 -71.31 -22.42 15.42
N ALA D 2334 -72.61 -22.09 15.43
CA ALA D 2334 -73.35 -22.05 14.17
C ALA D 2334 -72.82 -20.96 13.25
N LEU D 2335 -72.46 -19.81 13.81
CA LEU D 2335 -72.05 -18.66 13.02
C LEU D 2335 -70.54 -18.41 13.09
N ARG D 2336 -69.76 -19.38 13.57
CA ARG D 2336 -68.31 -19.23 13.50
C ARG D 2336 -67.82 -19.07 12.07
N GLY D 2337 -68.36 -19.86 11.14
CA GLY D 2337 -68.05 -19.73 9.74
C GLY D 2337 -67.20 -20.83 9.16
N GLU D 2338 -66.51 -21.62 9.98
CA GLU D 2338 -65.73 -22.75 9.48
C GLU D 2338 -66.63 -23.98 9.39
N GLY D 2339 -67.52 -23.94 8.41
CA GLY D 2339 -68.47 -25.01 8.22
C GLY D 2339 -69.64 -24.98 9.19
N GLY D 2340 -69.94 -23.82 9.76
CA GLY D 2340 -71.10 -23.71 10.62
C GLY D 2340 -72.38 -23.97 9.86
N ASN D 2341 -73.32 -24.66 10.52
CA ASN D 2341 -74.55 -25.05 9.85
C ASN D 2341 -75.41 -23.84 9.52
N GLY D 2342 -75.50 -22.88 10.43
CA GLY D 2342 -76.32 -21.70 10.20
C GLY D 2342 -77.31 -21.44 11.33
N LEU D 2343 -77.95 -20.27 11.31
CA LEU D 2343 -78.86 -19.90 12.39
C LEU D 2343 -80.10 -20.79 12.38
N LEU D 2344 -80.69 -21.03 11.21
CA LEU D 2344 -81.88 -21.85 11.14
C LEU D 2344 -81.60 -23.29 11.55
N ALA D 2345 -80.48 -23.85 11.06
CA ALA D 2345 -80.09 -25.18 11.49
C ALA D 2345 -79.79 -25.24 12.97
N ALA D 2346 -79.21 -24.18 13.53
CA ALA D 2346 -78.97 -24.13 14.97
C ALA D 2346 -80.28 -24.16 15.73
N MET D 2347 -81.25 -23.39 15.28
CA MET D 2347 -82.57 -23.42 15.93
C MET D 2347 -83.23 -24.77 15.83
N GLU D 2348 -83.15 -25.46 14.69
CA GLU D 2348 -83.70 -26.80 14.57
C GLU D 2348 -82.99 -27.83 15.43
N GLU D 2349 -81.66 -27.76 15.49
CA GLU D 2349 -80.92 -28.63 16.38
C GLU D 2349 -81.28 -28.35 17.84
N ALA D 2350 -81.55 -27.08 18.16
CA ALA D 2350 -81.98 -26.74 19.50
C ALA D 2350 -83.35 -27.32 19.81
N ILE D 2351 -84.26 -27.30 18.84
CA ILE D 2351 -85.55 -27.99 19.01
C ILE D 2351 -85.33 -29.46 19.31
N LYS D 2352 -84.47 -30.11 18.53
CA LYS D 2352 -84.23 -31.54 18.74
C LYS D 2352 -83.60 -31.80 20.10
N ILE D 2353 -82.67 -30.95 20.52
CA ILE D 2353 -82.02 -31.14 21.82
C ILE D 2353 -83.03 -30.95 22.94
N ALA D 2354 -83.84 -29.90 22.88
CA ALA D 2354 -84.86 -29.65 23.89
C ALA D 2354 -85.90 -30.75 23.93
N GLU D 2355 -86.17 -31.41 22.81
CA GLU D 2355 -87.05 -32.56 22.79
C GLU D 2355 -86.40 -33.80 23.39
N ASP D 2356 -85.15 -34.05 23.09
CA ASP D 2356 -84.45 -35.19 23.65
C ASP D 2356 -84.19 -34.99 25.14
N PRO D 2357 -84.48 -35.98 25.98
CA PRO D 2357 -84.24 -35.81 27.42
C PRO D 2357 -82.77 -35.89 27.79
N SER D 2358 -82.02 -36.72 27.07
CA SER D 2358 -80.64 -36.99 27.45
C SER D 2358 -79.77 -35.75 27.31
N ARG D 2359 -79.83 -35.09 26.15
CA ARG D 2359 -78.97 -33.93 25.92
C ARG D 2359 -79.52 -32.69 26.60
N ASP D 2360 -80.80 -32.71 26.95
CA ASP D 2360 -81.40 -31.54 27.61
C ASP D 2360 -80.93 -31.41 29.05
N GLY D 2361 -80.92 -32.51 29.79
CA GLY D 2361 -80.66 -32.46 31.22
C GLY D 2361 -79.33 -33.05 31.62
N PRO D 2362 -78.98 -32.90 32.90
CA PRO D 2362 -77.71 -33.47 33.37
C PRO D 2362 -77.64 -34.99 33.24
N SER D 2363 -78.76 -35.68 33.50
CA SER D 2363 -78.81 -37.13 33.46
C SER D 2363 -77.70 -37.76 34.31
N PRO D 2364 -77.80 -37.69 35.64
CA PRO D 2364 -76.77 -38.23 36.54
C PRO D 2364 -76.64 -39.75 36.46
N GLU D 2377 -83.77 -26.10 44.02
CA GLU D 2377 -83.07 -27.23 43.39
C GLU D 2377 -83.62 -27.50 42.00
N GLU D 2378 -84.94 -27.36 41.85
CA GLU D 2378 -85.56 -27.55 40.54
C GLU D 2378 -85.12 -26.46 39.57
N ASP D 2379 -84.87 -25.25 40.08
CA ASP D 2379 -84.42 -24.16 39.22
C ASP D 2379 -83.06 -24.47 38.61
N ASP D 2380 -82.29 -25.34 39.27
CA ASP D 2380 -80.95 -25.65 38.78
C ASP D 2380 -80.99 -26.36 37.44
N THR D 2381 -82.15 -26.93 37.08
CA THR D 2381 -82.28 -27.63 35.81
C THR D 2381 -82.17 -26.64 34.65
N ILE D 2382 -81.12 -26.77 33.86
CA ILE D 2382 -80.87 -25.90 32.72
C ILE D 2382 -81.28 -26.69 31.49
N HIS D 2383 -82.33 -26.21 30.80
CA HIS D 2383 -82.73 -26.82 29.54
C HIS D 2383 -81.80 -26.31 28.44
N MET D 2384 -80.86 -27.14 28.02
CA MET D 2384 -79.79 -26.66 27.15
C MET D 2384 -80.32 -26.21 25.80
N GLY D 2385 -81.39 -26.83 25.30
CA GLY D 2385 -81.99 -26.35 24.06
C GLY D 2385 -82.47 -24.92 24.19
N ASN D 2386 -83.19 -24.63 25.26
CA ASN D 2386 -83.65 -23.26 25.49
C ASN D 2386 -82.47 -22.33 25.73
N ALA D 2387 -81.41 -22.82 26.36
CA ALA D 2387 -80.23 -22.00 26.57
C ALA D 2387 -79.60 -21.58 25.25
N ILE D 2388 -79.46 -22.54 24.32
CA ILE D 2388 -78.91 -22.23 23.01
C ILE D 2388 -79.82 -21.27 22.27
N MET D 2389 -81.13 -21.52 22.32
CA MET D 2389 -82.07 -20.64 21.66
C MET D 2389 -81.95 -19.22 22.19
N THR D 2390 -81.88 -19.07 23.51
CA THR D 2390 -81.78 -17.76 24.11
C THR D 2390 -80.47 -17.08 23.76
N PHE D 2391 -79.38 -17.84 23.72
CA PHE D 2391 -78.10 -17.26 23.33
C PHE D 2391 -78.17 -16.67 21.93
N TYR D 2392 -78.66 -17.47 20.97
CA TYR D 2392 -78.70 -16.98 19.59
C TYR D 2392 -79.67 -15.82 19.44
N SER D 2393 -80.81 -15.89 20.13
CA SER D 2393 -81.77 -14.79 20.08
C SER D 2393 -81.18 -13.52 20.66
N ALA D 2394 -80.46 -13.62 21.77
CA ALA D 2394 -79.83 -12.45 22.36
C ALA D 2394 -78.75 -11.88 21.45
N LEU D 2395 -77.97 -12.74 20.81
CA LEU D 2395 -76.96 -12.27 19.87
C LEU D 2395 -77.59 -11.50 18.72
N ILE D 2396 -78.65 -12.08 18.15
CA ILE D 2396 -79.32 -11.42 17.03
C ILE D 2396 -79.94 -10.10 17.46
N ASP D 2397 -80.55 -10.08 18.65
CA ASP D 2397 -81.12 -8.84 19.16
C ASP D 2397 -80.06 -7.78 19.36
N LEU D 2398 -78.92 -8.17 19.93
CA LEU D 2398 -77.83 -7.21 20.14
C LEU D 2398 -77.35 -6.63 18.82
N LEU D 2399 -77.18 -7.49 17.81
CA LEU D 2399 -76.72 -7.01 16.51
C LEU D 2399 -77.76 -6.08 15.88
N GLY D 2400 -79.04 -6.44 15.97
CA GLY D 2400 -80.07 -5.59 15.42
C GLY D 2400 -80.13 -4.24 16.11
N ARG D 2401 -79.91 -4.21 17.42
CA ARG D 2401 -79.85 -2.93 18.12
C ARG D 2401 -78.60 -2.16 17.74
N CYS D 2402 -77.50 -2.86 17.46
CA CYS D 2402 -76.29 -2.21 16.99
C CYS D 2402 -76.43 -1.67 15.57
N ALA D 2403 -77.44 -2.10 14.83
CA ALA D 2403 -77.64 -1.59 13.48
C ALA D 2403 -77.87 -0.08 13.52
N PRO D 2404 -77.37 0.64 12.52
CA PRO D 2404 -77.49 2.10 12.53
C PRO D 2404 -78.92 2.55 12.34
N GLU D 2405 -79.21 3.76 12.80
CA GLU D 2405 -80.55 4.33 12.66
C GLU D 2405 -80.83 4.67 11.21
N MET D 2406 -82.12 4.70 10.87
CA MET D 2406 -82.53 4.87 9.48
C MET D 2406 -82.14 6.25 8.94
N HIS D 2407 -82.24 7.28 9.76
CA HIS D 2407 -81.98 8.64 9.27
C HIS D 2407 -80.53 8.82 8.88
N LEU D 2408 -79.61 8.21 9.62
CA LEU D 2408 -78.20 8.29 9.25
C LEU D 2408 -77.95 7.66 7.89
N ILE D 2409 -78.55 6.50 7.63
CA ILE D 2409 -78.39 5.85 6.34
C ILE D 2409 -78.98 6.71 5.24
N HIS D 2410 -80.14 7.31 5.49
CA HIS D 2410 -80.73 8.21 4.50
C HIS D 2410 -79.82 9.40 4.23
N ALA D 2411 -79.20 9.95 5.26
CA ALA D 2411 -78.23 11.02 5.07
C ALA D 2411 -77.02 10.54 4.29
N GLY D 2412 -76.70 9.26 4.40
CA GLY D 2412 -75.62 8.68 3.61
C GLY D 2412 -74.29 8.56 4.32
N LYS D 2413 -74.28 8.40 5.63
CA LYS D 2413 -73.03 8.26 6.36
C LYS D 2413 -72.35 6.96 5.99
N GLY D 2414 -71.11 7.07 5.50
CA GLY D 2414 -70.40 5.90 5.02
C GLY D 2414 -70.18 4.87 6.09
N GLU D 2415 -69.87 5.31 7.31
CA GLU D 2415 -69.67 4.38 8.41
C GLU D 2415 -70.94 3.61 8.72
N ALA D 2416 -72.08 4.29 8.74
CA ALA D 2416 -73.36 3.62 8.99
C ALA D 2416 -73.66 2.61 7.89
N ILE D 2417 -73.43 2.99 6.64
CA ILE D 2417 -73.67 2.07 5.52
C ILE D 2417 -72.78 0.85 5.66
N ARG D 2418 -71.52 1.07 6.02
CA ARG D 2418 -70.57 -0.03 6.15
C ARG D 2418 -70.97 -0.97 7.28
N ILE D 2419 -71.42 -0.41 8.40
CA ILE D 2419 -71.86 -1.25 9.52
C ILE D 2419 -73.07 -2.08 9.12
N ARG D 2420 -74.03 -1.47 8.41
CA ARG D 2420 -75.18 -2.23 7.95
C ARG D 2420 -74.76 -3.34 7.01
N SER D 2421 -73.81 -3.05 6.11
CA SER D 2421 -73.32 -4.07 5.19
C SER D 2421 -72.67 -5.23 5.94
N ILE D 2422 -71.89 -4.91 6.98
CA ILE D 2422 -71.25 -5.96 7.77
C ILE D 2422 -72.31 -6.84 8.43
N LEU D 2423 -73.34 -6.22 9.01
CA LEU D 2423 -74.38 -6.99 9.68
C LEU D 2423 -75.13 -7.87 8.67
N ARG D 2424 -75.41 -7.34 7.49
CA ARG D 2424 -76.08 -8.12 6.46
C ARG D 2424 -75.22 -9.31 6.03
N SER D 2425 -73.91 -9.10 5.91
CA SER D 2425 -73.02 -10.20 5.58
C SER D 2425 -73.03 -11.25 6.68
N LEU D 2426 -73.04 -10.82 7.94
CA LEU D 2426 -73.00 -11.77 9.04
C LEU D 2426 -74.27 -12.64 9.08
N ILE D 2427 -75.43 -12.02 8.92
CA ILE D 2427 -76.70 -12.76 9.04
C ILE D 2427 -77.43 -12.74 7.71
N PRO D 2428 -77.63 -13.88 7.06
CA PRO D 2428 -78.46 -13.91 5.85
C PRO D 2428 -79.92 -13.70 6.18
N LEU D 2429 -80.66 -13.21 5.18
CA LEU D 2429 -82.10 -12.97 5.37
C LEU D 2429 -82.88 -14.28 5.39
N GLY D 2430 -82.42 -15.27 4.62
CA GLY D 2430 -83.13 -16.53 4.56
C GLY D 2430 -83.21 -17.22 5.92
N ASP D 2431 -82.12 -17.14 6.69
CA ASP D 2431 -82.12 -17.72 8.02
C ASP D 2431 -83.14 -17.05 8.94
N LEU D 2432 -83.22 -15.73 8.92
CA LEU D 2432 -84.24 -15.04 9.70
C LEU D 2432 -85.64 -15.44 9.28
N VAL D 2433 -85.89 -15.51 7.97
CA VAL D 2433 -87.22 -15.90 7.50
C VAL D 2433 -87.55 -17.31 7.97
N GLY D 2434 -86.61 -18.24 7.87
CA GLY D 2434 -86.85 -19.60 8.32
C GLY D 2434 -87.13 -19.70 9.80
N VAL D 2435 -86.32 -19.00 10.61
CA VAL D 2435 -86.51 -19.04 12.06
C VAL D 2435 -87.88 -18.46 12.42
N ILE D 2436 -88.29 -17.41 11.72
CA ILE D 2436 -89.64 -16.90 11.92
C ILE D 2436 -90.67 -17.94 11.51
N SER D 2437 -90.41 -18.66 10.42
CA SER D 2437 -91.38 -19.63 9.93
C SER D 2437 -91.54 -20.82 10.86
N ILE D 2438 -90.53 -21.10 11.70
CA ILE D 2438 -90.68 -22.17 12.68
C ILE D 2438 -91.90 -21.90 13.55
N ALA D 2439 -92.68 -22.94 13.80
CA ALA D 2439 -93.94 -22.82 14.54
C ALA D 2439 -93.79 -23.34 15.96
N PHE D 2440 -94.63 -22.81 16.85
CA PHE D 2440 -94.64 -23.22 18.25
C PHE D 2440 -95.42 -24.52 18.43
N GLN D 2441 -95.47 -24.99 19.68
CA GLN D 2441 -96.30 -26.11 20.07
C GLN D 2441 -97.41 -25.57 20.97
N MET D 2442 -98.64 -25.62 20.50
CA MET D 2442 -99.72 -24.93 21.18
C MET D 2442 -100.27 -25.81 22.31
N PRO D 2443 -100.67 -25.23 23.43
CA PRO D 2443 -101.27 -26.03 24.51
C PRO D 2443 -102.61 -26.60 24.09
N THR D 2444 -102.96 -27.74 24.70
CA THR D 2444 -104.19 -28.45 24.38
C THR D 2444 -104.92 -28.82 25.65
N ILE D 2445 -106.24 -28.97 25.54
CA ILE D 2445 -107.05 -29.42 26.65
C ILE D 2445 -107.12 -30.95 26.64
N ALA D 2446 -107.15 -31.55 27.82
CA ALA D 2446 -107.10 -33.00 27.92
C ALA D 2446 -108.51 -33.58 27.98
N LYS D 2447 -108.56 -34.90 28.22
CA LYS D 2447 -109.83 -35.59 28.33
C LYS D 2447 -110.67 -35.07 29.49
N ASP D 2448 -110.02 -34.82 30.63
CA ASP D 2448 -110.71 -34.37 31.83
C ASP D 2448 -111.00 -32.88 31.84
N GLY D 2449 -110.56 -32.16 30.80
CA GLY D 2449 -110.71 -30.72 30.76
C GLY D 2449 -109.55 -29.95 31.34
N ASN D 2450 -108.59 -30.62 31.97
CA ASN D 2450 -107.41 -29.95 32.48
C ASN D 2450 -106.41 -29.75 31.34
N VAL D 2451 -106.15 -28.49 31.00
CA VAL D 2451 -105.28 -28.21 29.87
C VAL D 2451 -103.86 -28.62 30.22
N VAL D 2452 -103.22 -29.36 29.30
CA VAL D 2452 -101.82 -29.74 29.44
C VAL D 2452 -100.99 -28.62 28.82
N GLU D 2453 -99.97 -28.17 29.54
CA GLU D 2453 -99.24 -26.98 29.15
C GLU D 2453 -97.78 -27.31 28.93
N PRO D 2454 -97.23 -27.02 27.76
CA PRO D 2454 -95.77 -27.13 27.59
C PRO D 2454 -95.05 -26.18 28.53
N ASP D 2455 -93.92 -26.64 29.05
CA ASP D 2455 -93.14 -25.82 29.97
C ASP D 2455 -92.45 -24.70 29.22
N MET D 2456 -92.55 -23.48 29.75
CA MET D 2456 -91.91 -22.34 29.09
C MET D 2456 -90.39 -22.38 29.21
N SER D 2457 -89.88 -22.86 30.34
CA SER D 2457 -88.43 -22.82 30.56
C SER D 2457 -87.70 -23.69 29.55
N ALA D 2458 -88.41 -24.60 28.90
CA ALA D 2458 -87.87 -25.40 27.81
C ALA D 2458 -88.60 -25.09 26.52
N GLY D 2459 -87.95 -25.37 25.40
CA GLY D 2459 -88.58 -25.25 24.11
C GLY D 2459 -88.45 -23.87 23.50
N PHE D 2460 -89.16 -23.69 22.39
CA PHE D 2460 -89.05 -22.47 21.59
C PHE D 2460 -90.12 -21.47 22.03
N CYS D 2461 -89.71 -20.23 22.27
CA CYS D 2461 -90.62 -19.22 22.78
C CYS D 2461 -90.77 -18.06 21.80
N PRO D 2462 -91.90 -17.36 21.84
CA PRO D 2462 -92.09 -16.22 20.93
C PRO D 2462 -91.09 -15.09 21.15
N ASP D 2463 -90.51 -15.00 22.35
CA ASP D 2463 -89.48 -13.99 22.58
C ASP D 2463 -88.29 -14.21 21.65
N HIS D 2464 -88.06 -15.47 21.27
CA HIS D 2464 -87.00 -15.76 20.32
C HIS D 2464 -87.29 -15.14 18.96
N LYS D 2465 -88.54 -15.25 18.50
CA LYS D 2465 -88.90 -14.63 17.23
C LYS D 2465 -88.95 -13.12 17.33
N ALA D 2466 -89.16 -12.58 18.52
CA ALA D 2466 -89.16 -11.14 18.69
C ALA D 2466 -87.82 -10.54 18.26
N ALA D 2467 -86.71 -11.16 18.67
CA ALA D 2467 -85.40 -10.69 18.24
C ALA D 2467 -85.21 -10.84 16.75
N MET D 2468 -85.74 -11.92 16.15
CA MET D 2468 -85.63 -12.07 14.71
C MET D 2468 -86.32 -10.93 13.99
N VAL D 2469 -87.53 -10.59 14.44
CA VAL D 2469 -88.26 -9.48 13.81
C VAL D 2469 -87.53 -8.16 14.03
N LEU D 2470 -86.97 -7.95 15.22
CA LEU D 2470 -86.21 -6.72 15.47
C LEU D 2470 -85.04 -6.59 14.50
N PHE D 2471 -84.27 -7.67 14.34
CA PHE D 2471 -83.16 -7.64 13.39
C PHE D 2471 -83.63 -7.39 11.97
N LEU D 2472 -84.68 -8.11 11.56
CA LEU D 2472 -85.15 -7.98 10.19
C LEU D 2472 -85.67 -6.58 9.89
N ASP D 2473 -86.26 -5.92 10.88
CA ASP D 2473 -86.70 -4.54 10.71
C ASP D 2473 -85.57 -3.53 10.75
N ARG D 2474 -84.58 -3.73 11.61
CA ARG D 2474 -83.55 -2.71 11.79
C ARG D 2474 -82.34 -2.89 10.89
N VAL D 2475 -82.20 -4.02 10.20
CA VAL D 2475 -81.02 -4.24 9.37
C VAL D 2475 -81.44 -4.39 7.91
N TYR D 2476 -82.20 -5.45 7.62
CA TYR D 2476 -82.55 -5.73 6.23
C TYR D 2476 -83.64 -4.77 5.75
N GLY D 2477 -84.65 -4.53 6.58
CA GLY D 2477 -85.70 -3.61 6.23
C GLY D 2477 -86.70 -4.21 5.27
N ILE D 2478 -87.98 -3.89 5.47
CA ILE D 2478 -89.03 -4.35 4.56
C ILE D 2478 -89.47 -3.18 3.69
N GLU D 2479 -88.99 -3.14 2.46
CA GLU D 2479 -89.33 -2.05 1.54
C GLU D 2479 -89.92 -2.56 0.23
N VAL D 2480 -90.24 -3.85 0.13
CA VAL D 2480 -90.76 -4.45 -1.08
C VAL D 2480 -92.06 -5.17 -0.75
N GLN D 2481 -93.09 -4.90 -1.56
CA GLN D 2481 -94.38 -5.56 -1.36
C GLN D 2481 -94.27 -7.07 -1.51
N ASP D 2482 -93.45 -7.55 -2.45
CA ASP D 2482 -93.27 -8.99 -2.61
C ASP D 2482 -92.70 -9.62 -1.36
N PHE D 2483 -91.65 -9.01 -0.79
CA PHE D 2483 -91.08 -9.53 0.44
C PHE D 2483 -92.08 -9.48 1.58
N LEU D 2484 -92.84 -8.38 1.66
CA LEU D 2484 -93.85 -8.26 2.71
C LEU D 2484 -94.86 -9.39 2.61
N LEU D 2485 -95.39 -9.63 1.41
CA LEU D 2485 -96.38 -10.69 1.24
C LEU D 2485 -95.80 -12.06 1.50
N HIS D 2486 -94.55 -12.31 1.07
CA HIS D 2486 -93.94 -13.60 1.35
C HIS D 2486 -93.78 -13.84 2.84
N LEU D 2487 -93.31 -12.82 3.57
CA LEU D 2487 -93.18 -12.95 5.01
C LEU D 2487 -94.53 -13.19 5.67
N LEU D 2488 -95.55 -12.43 5.25
CA LEU D 2488 -96.87 -12.57 5.82
C LEU D 2488 -97.40 -13.98 5.61
N GLU D 2489 -97.18 -14.54 4.42
CA GLU D 2489 -97.65 -15.89 4.13
C GLU D 2489 -96.89 -16.95 4.91
N VAL D 2490 -95.57 -16.79 5.06
CA VAL D 2490 -94.78 -17.90 5.62
C VAL D 2490 -94.71 -17.87 7.14
N GLY D 2491 -94.50 -16.71 7.76
CA GLY D 2491 -94.20 -16.70 9.18
C GLY D 2491 -95.14 -15.95 10.09
N PHE D 2492 -95.78 -14.89 9.58
CA PHE D 2492 -96.56 -14.03 10.46
C PHE D 2492 -97.98 -14.56 10.64
N LEU D 2493 -98.61 -14.96 9.55
CA LEU D 2493 -100.00 -15.40 9.58
C LEU D 2493 -100.21 -16.63 10.47
N PRO D 2494 -99.36 -17.67 10.42
CA PRO D 2494 -99.60 -18.84 11.28
C PRO D 2494 -99.64 -18.50 12.76
N ASP D 2495 -98.78 -17.59 13.21
CA ASP D 2495 -98.80 -17.20 14.62
C ASP D 2495 -100.07 -16.45 14.96
N LEU D 2496 -100.54 -15.58 14.06
CA LEU D 2496 -101.79 -14.88 14.30
C LEU D 2496 -102.95 -15.85 14.38
N ARG D 2497 -102.96 -16.86 13.51
CA ARG D 2497 -104.01 -17.87 13.57
C ARG D 2497 -103.94 -18.65 14.87
N ALA D 2498 -102.73 -18.98 15.33
CA ALA D 2498 -102.60 -19.66 16.62
C ALA D 2498 -103.15 -18.82 17.76
N ALA D 2499 -102.84 -17.53 17.75
CA ALA D 2499 -103.37 -16.64 18.79
C ALA D 2499 -104.88 -16.57 18.73
N ALA D 2500 -105.45 -16.46 17.53
CA ALA D 2500 -106.90 -16.40 17.39
C ALA D 2500 -107.58 -17.70 17.77
N SER D 2501 -106.92 -18.84 17.59
CA SER D 2501 -107.47 -20.12 17.99
C SER D 2501 -107.32 -20.39 19.48
N LEU D 2502 -106.34 -19.77 20.13
CA LEU D 2502 -106.16 -19.92 21.57
C LEU D 2502 -106.95 -18.88 22.35
N ASP D 2503 -108.03 -18.35 21.79
CA ASP D 2503 -108.85 -17.35 22.45
C ASP D 2503 -110.01 -17.96 23.22
N THR D 2504 -110.01 -19.28 23.42
CA THR D 2504 -111.05 -19.92 24.19
C THR D 2504 -110.94 -19.53 25.65
N ALA D 2505 -112.04 -19.73 26.39
CA ALA D 2505 -112.10 -19.28 27.77
C ALA D 2505 -111.05 -19.96 28.65
N ALA D 2506 -110.89 -21.27 28.52
CA ALA D 2506 -109.93 -21.98 29.37
C ALA D 2506 -108.49 -21.66 28.97
N LEU D 2507 -108.23 -21.58 27.66
CA LEU D 2507 -106.88 -21.43 27.16
C LEU D 2507 -106.44 -19.98 27.03
N SER D 2508 -107.31 -19.03 27.38
CA SER D 2508 -106.99 -17.63 27.15
C SER D 2508 -105.88 -17.14 28.08
N ALA D 2509 -105.90 -17.58 29.34
CA ALA D 2509 -104.97 -17.08 30.34
C ALA D 2509 -103.68 -17.87 30.41
N THR D 2510 -103.49 -18.83 29.50
CA THR D 2510 -102.31 -19.68 29.58
C THR D 2510 -101.06 -18.91 29.20
N ASP D 2511 -99.90 -19.44 29.59
CA ASP D 2511 -98.63 -18.75 29.36
C ASP D 2511 -98.35 -18.59 27.88
N MET D 2512 -98.63 -19.62 27.08
CA MET D 2512 -98.45 -19.52 25.64
C MET D 2512 -99.27 -18.38 25.07
N ALA D 2513 -100.53 -18.25 25.48
CA ALA D 2513 -101.39 -17.20 24.94
C ALA D 2513 -100.84 -15.83 25.30
N LEU D 2514 -100.45 -15.63 26.56
CA LEU D 2514 -99.94 -14.33 26.97
C LEU D 2514 -98.65 -13.98 26.25
N ALA D 2515 -97.73 -14.94 26.16
CA ALA D 2515 -96.46 -14.68 25.48
C ALA D 2515 -96.70 -14.38 24.00
N LEU D 2516 -97.59 -15.12 23.35
CA LEU D 2516 -97.83 -14.90 21.94
C LEU D 2516 -98.50 -13.55 21.71
N ASN D 2517 -99.41 -13.15 22.60
CA ASN D 2517 -100.00 -11.82 22.48
C ASN D 2517 -98.96 -10.74 22.66
N ARG D 2518 -98.08 -10.89 23.66
CA ARG D 2518 -97.03 -9.90 23.85
C ARG D 2518 -96.08 -9.82 22.69
N TYR D 2519 -95.80 -10.95 22.02
CA TYR D 2519 -94.97 -10.93 20.83
C TYR D 2519 -95.67 -10.26 19.65
N LEU D 2520 -96.92 -10.64 19.38
CA LEU D 2520 -97.61 -10.13 18.21
C LEU D 2520 -97.92 -8.65 18.33
N CYS D 2521 -98.36 -8.21 19.51
CA CYS D 2521 -98.80 -6.83 19.65
C CYS D 2521 -97.65 -5.85 19.78
N THR D 2522 -96.41 -6.33 19.94
CA THR D 2522 -95.27 -5.45 20.08
C THR D 2522 -94.19 -5.62 19.01
N ALA D 2523 -94.21 -6.72 18.25
CA ALA D 2523 -93.24 -6.90 17.18
C ALA D 2523 -93.89 -6.99 15.82
N VAL D 2524 -94.88 -7.86 15.65
CA VAL D 2524 -95.43 -8.12 14.32
C VAL D 2524 -96.35 -6.97 13.89
N LEU D 2525 -97.35 -6.68 14.70
CA LEU D 2525 -98.36 -5.70 14.31
C LEU D 2525 -97.79 -4.31 14.08
N PRO D 2526 -96.92 -3.76 14.95
CA PRO D 2526 -96.31 -2.47 14.61
C PRO D 2526 -95.53 -2.49 13.31
N LEU D 2527 -94.90 -3.62 12.98
CA LEU D 2527 -94.20 -3.73 11.71
C LEU D 2527 -95.16 -3.60 10.54
N LEU D 2528 -96.30 -4.29 10.61
CA LEU D 2528 -97.30 -4.19 9.56
C LEU D 2528 -97.96 -2.82 9.53
N THR D 2529 -97.99 -2.11 10.65
CA THR D 2529 -98.49 -0.75 10.68
C THR D 2529 -97.54 0.23 10.02
N ARG D 2530 -96.24 0.08 10.26
CA ARG D 2530 -95.25 0.91 9.60
C ARG D 2530 -95.10 0.58 8.12
N CYS D 2531 -95.39 -0.65 7.72
CA CYS D 2531 -95.32 -1.06 6.33
C CYS D 2531 -96.68 -1.01 5.64
N ALA D 2532 -97.57 -0.16 6.13
CA ALA D 2532 -98.90 -0.05 5.54
C ALA D 2532 -98.89 0.37 4.07
N PRO D 2533 -98.11 1.37 3.63
CA PRO D 2533 -98.20 1.80 2.22
C PRO D 2533 -97.91 0.70 1.22
N LEU D 2534 -97.13 -0.32 1.61
CA LEU D 2534 -96.83 -1.40 0.69
C LEU D 2534 -98.06 -2.24 0.37
N PHE D 2535 -99.14 -2.05 1.12
CA PHE D 2535 -100.35 -2.84 0.92
C PHE D 2535 -101.23 -2.32 -0.21
N ALA D 2536 -100.80 -1.27 -0.91
CA ALA D 2536 -101.65 -0.64 -1.92
C ALA D 2536 -101.95 -1.61 -3.05
N GLY D 2537 -100.93 -2.02 -3.80
CA GLY D 2537 -101.14 -2.84 -4.98
C GLY D 2537 -101.11 -4.32 -4.72
N THR D 2538 -102.15 -4.83 -4.05
CA THR D 2538 -102.24 -6.24 -3.70
C THR D 2538 -103.41 -6.95 -4.37
N GLU D 2539 -103.76 -6.54 -5.59
CA GLU D 2539 -104.90 -7.14 -6.28
C GLU D 2539 -104.68 -8.63 -6.53
N HIS D 2540 -103.47 -8.99 -6.95
CA HIS D 2540 -103.17 -10.40 -7.23
C HIS D 2540 -103.26 -11.26 -5.98
N HIS D 2541 -102.79 -10.74 -4.84
CA HIS D 2541 -102.94 -11.42 -3.56
C HIS D 2541 -104.18 -10.91 -2.84
N ALA D 2542 -105.33 -11.41 -3.29
CA ALA D 2542 -106.62 -11.00 -2.73
C ALA D 2542 -107.11 -11.94 -1.64
N SER D 2543 -106.44 -13.05 -1.38
CA SER D 2543 -106.88 -14.00 -0.38
C SER D 2543 -106.09 -13.88 0.91
N LEU D 2544 -104.78 -13.68 0.81
CA LEU D 2544 -103.95 -13.51 1.99
C LEU D 2544 -104.36 -12.28 2.79
N ILE D 2545 -104.69 -11.19 2.10
CA ILE D 2545 -105.14 -9.98 2.78
C ILE D 2545 -106.43 -10.21 3.55
N ASP D 2546 -107.40 -10.88 2.93
CA ASP D 2546 -108.64 -11.21 3.61
C ASP D 2546 -108.43 -12.13 4.80
N SER D 2547 -107.55 -13.12 4.68
CA SER D 2547 -107.20 -13.95 5.82
C SER D 2547 -106.61 -13.13 6.95
N LEU D 2548 -105.68 -12.23 6.63
CA LEU D 2548 -105.06 -11.39 7.64
C LEU D 2548 -106.09 -10.53 8.36
N LEU D 2549 -107.00 -9.92 7.60
CA LEU D 2549 -108.00 -9.04 8.20
C LEU D 2549 -108.87 -9.81 9.19
N HIS D 2550 -109.35 -10.98 8.79
CA HIS D 2550 -110.22 -11.77 9.66
C HIS D 2550 -109.47 -12.23 10.90
N THR D 2551 -108.22 -12.68 10.72
CA THR D 2551 -107.46 -13.14 11.87
C THR D 2551 -107.21 -12.01 12.85
N VAL D 2552 -106.86 -10.82 12.36
CA VAL D 2552 -106.62 -9.70 13.24
C VAL D 2552 -107.90 -9.28 13.93
N TYR D 2553 -109.02 -9.30 13.22
CA TYR D 2553 -110.30 -8.93 13.82
C TYR D 2553 -110.68 -9.91 14.93
N ARG D 2554 -110.48 -11.20 14.71
CA ARG D 2554 -110.74 -12.18 15.76
C ARG D 2554 -109.82 -11.97 16.95
N LEU D 2555 -108.55 -11.69 16.70
CA LEU D 2555 -107.63 -11.43 17.80
C LEU D 2555 -108.06 -10.20 18.59
N SER D 2556 -108.53 -9.17 17.91
CA SER D 2556 -109.08 -8.00 18.58
C SER D 2556 -110.30 -8.33 19.42
N LYS D 2557 -111.21 -9.15 18.91
CA LYS D 2557 -112.36 -9.60 19.69
C LYS D 2557 -111.96 -10.48 20.85
N GLY D 2558 -110.73 -11.02 20.84
CA GLY D 2558 -110.24 -11.76 21.97
C GLY D 2558 -110.37 -10.99 23.28
N CYS D 2559 -110.33 -11.72 24.39
CA CYS D 2559 -110.74 -11.17 25.68
C CYS D 2559 -109.56 -10.75 26.56
N SER D 2560 -108.56 -11.64 26.73
CA SER D 2560 -107.52 -11.39 27.73
C SER D 2560 -106.60 -10.24 27.35
N LEU D 2561 -106.73 -9.73 26.13
CA LEU D 2561 -105.86 -8.67 25.65
C LEU D 2561 -105.93 -7.45 26.56
N THR D 2562 -104.77 -6.86 26.83
CA THR D 2562 -104.70 -5.66 27.64
C THR D 2562 -105.06 -4.43 26.81
N LYS D 2563 -105.13 -3.28 27.48
CA LYS D 2563 -105.49 -2.05 26.79
C LYS D 2563 -104.48 -1.67 25.73
N ALA D 2564 -103.19 -1.79 26.06
CA ALA D 2564 -102.15 -1.44 25.09
C ALA D 2564 -102.20 -2.36 23.88
N GLN D 2565 -102.37 -3.66 24.11
CA GLN D 2565 -102.47 -4.61 23.00
C GLN D 2565 -103.68 -4.31 22.14
N ARG D 2566 -104.82 -4.01 22.77
CA ARG D 2566 -106.02 -3.67 22.01
C ARG D 2566 -105.80 -2.43 21.17
N ASP D 2567 -105.15 -1.41 21.74
CA ASP D 2567 -104.87 -0.19 21.00
C ASP D 2567 -103.96 -0.46 19.82
N SER D 2568 -102.94 -1.29 20.02
CA SER D 2568 -102.03 -1.63 18.93
C SER D 2568 -102.78 -2.33 17.80
N ILE D 2569 -103.67 -3.26 18.14
CA ILE D 2569 -104.43 -3.96 17.12
C ILE D 2569 -105.34 -2.99 16.37
N GLU D 2570 -105.98 -2.07 17.12
CA GLU D 2570 -106.83 -1.08 16.47
C GLU D 2570 -106.04 -0.23 15.49
N VAL D 2571 -104.86 0.22 15.89
CA VAL D 2571 -104.05 1.04 15.00
C VAL D 2571 -103.64 0.25 13.77
N CYS D 2572 -103.20 -0.99 13.95
CA CYS D 2572 -102.78 -1.80 12.81
C CYS D 2572 -103.92 -2.01 11.83
N LEU D 2573 -105.10 -2.37 12.33
CA LEU D 2573 -106.22 -2.62 11.44
C LEU D 2573 -106.66 -1.34 10.73
N LEU D 2574 -106.72 -0.23 11.45
CA LEU D 2574 -107.12 1.04 10.84
C LEU D 2574 -106.11 1.49 9.79
N SER D 2575 -104.82 1.21 10.00
CA SER D 2575 -103.81 1.58 9.02
C SER D 2575 -103.90 0.70 7.78
N ILE D 2576 -104.07 -0.61 7.95
CA ILE D 2576 -104.10 -1.50 6.79
C ILE D 2576 -105.36 -1.26 5.96
N CYS D 2577 -106.52 -1.20 6.63
CA CYS D 2577 -107.78 -1.07 5.92
C CYS D 2577 -107.83 0.22 5.12
N GLY D 2578 -107.19 1.27 5.62
CA GLY D 2578 -107.16 2.52 4.89
CA GLY D 2578 -107.15 2.53 4.90
C GLY D 2578 -106.43 2.42 3.57
N GLN D 2579 -105.33 1.67 3.54
CA GLN D 2579 -104.57 1.51 2.31
C GLN D 2579 -105.13 0.43 1.40
N LEU D 2580 -105.96 -0.47 1.92
CA LEU D 2580 -106.50 -1.53 1.08
C LEU D 2580 -107.49 -0.99 0.06
N ARG D 2581 -107.72 -1.77 -0.99
CA ARG D 2581 -108.70 -1.43 -2.01
C ARG D 2581 -110.12 -1.54 -1.44
N PRO D 2582 -111.07 -0.80 -2.00
CA PRO D 2582 -112.44 -0.88 -1.49
C PRO D 2582 -113.04 -2.26 -1.60
N SER D 2583 -112.69 -3.01 -2.64
CA SER D 2583 -113.34 -4.30 -2.89
C SER D 2583 -112.87 -5.35 -1.89
N MET D 2584 -111.63 -5.25 -1.42
CA MET D 2584 -111.06 -6.30 -0.58
C MET D 2584 -111.73 -6.34 0.79
N MET D 2585 -112.33 -5.23 1.22
CA MET D 2585 -112.94 -5.18 2.55
C MET D 2585 -114.33 -5.76 2.59
N GLN D 2586 -114.81 -6.37 1.51
CA GLN D 2586 -116.17 -6.91 1.50
C GLN D 2586 -116.33 -8.02 2.53
N HIS D 2587 -115.35 -8.92 2.63
CA HIS D 2587 -115.46 -10.03 3.56
C HIS D 2587 -115.46 -9.54 5.00
N LEU D 2588 -114.60 -8.57 5.32
CA LEU D 2588 -114.61 -7.99 6.65
C LEU D 2588 -115.90 -7.22 6.91
N LEU D 2589 -116.45 -6.57 5.90
CA LEU D 2589 -117.73 -5.89 6.06
C LEU D 2589 -118.83 -6.88 6.41
N ARG D 2590 -118.79 -8.07 5.81
CA ARG D 2590 -119.79 -9.08 6.12
C ARG D 2590 -119.76 -9.46 7.60
N ARG D 2591 -118.58 -9.59 8.18
CA ARG D 2591 -118.48 -9.85 9.61
C ARG D 2591 -118.88 -8.64 10.44
N LEU D 2592 -118.51 -7.43 10.02
CA LEU D 2592 -118.85 -6.25 10.79
C LEU D 2592 -120.34 -6.01 10.88
N VAL D 2593 -121.07 -6.21 9.77
CA VAL D 2593 -122.51 -5.97 9.77
C VAL D 2593 -123.27 -6.94 10.67
N PHE D 2594 -122.60 -7.93 11.23
CA PHE D 2594 -123.22 -8.87 12.14
C PHE D 2594 -122.83 -8.63 13.60
N ASP D 2595 -121.75 -7.87 13.85
CA ASP D 2595 -121.28 -7.61 15.19
C ASP D 2595 -121.47 -6.19 15.66
N VAL D 2596 -121.39 -5.21 14.76
CA VAL D 2596 -121.56 -3.80 15.10
C VAL D 2596 -122.94 -3.53 15.71
N PRO D 2597 -124.05 -4.05 15.15
CA PRO D 2597 -125.37 -3.69 15.69
C PRO D 2597 -125.54 -4.01 17.17
N LEU D 2598 -124.70 -4.88 17.72
CA LEU D 2598 -124.75 -5.13 19.15
C LEU D 2598 -124.42 -3.87 19.94
N LEU D 2599 -123.55 -3.01 19.39
CA LEU D 2599 -123.13 -1.77 20.05
C LEU D 2599 -122.63 -2.02 21.46
N ASN D 2600 -121.90 -3.10 21.66
CA ASN D 2600 -121.22 -3.30 22.92
C ASN D 2600 -119.91 -2.52 22.91
N GLU D 2601 -119.10 -2.72 23.95
CA GLU D 2601 -117.81 -2.03 24.01
C GLU D 2601 -116.90 -2.44 22.87
N HIS D 2602 -117.01 -3.67 22.39
CA HIS D 2602 -116.12 -4.16 21.35
C HIS D 2602 -116.38 -3.47 20.01
N ALA D 2603 -117.56 -2.86 19.85
CA ALA D 2603 -117.89 -2.15 18.61
C ALA D 2603 -117.14 -0.83 18.48
N LYS D 2604 -116.41 -0.44 19.52
CA LYS D 2604 -115.68 0.83 19.50
C LYS D 2604 -114.80 0.97 18.27
N MET D 2605 -113.99 -0.04 17.98
CA MET D 2605 -113.07 -0.02 16.86
C MET D 2605 -113.77 -0.25 15.53
N PRO D 2606 -114.73 -1.21 15.43
CA PRO D 2606 -115.45 -1.37 14.16
C PRO D 2606 -116.17 -0.10 13.72
N LEU D 2607 -116.69 0.66 14.68
CA LEU D 2607 -117.38 1.90 14.31
C LEU D 2607 -116.44 2.86 13.60
N LYS D 2608 -115.26 3.09 14.17
CA LYS D 2608 -114.27 3.94 13.54
C LYS D 2608 -113.77 3.39 12.21
N LEU D 2609 -113.58 2.07 12.13
CA LEU D 2609 -113.13 1.49 10.88
C LEU D 2609 -114.16 1.70 9.77
N LEU D 2610 -115.43 1.47 10.06
CA LEU D 2610 -116.49 1.74 9.10
C LEU D 2610 -116.55 3.20 8.72
N THR D 2611 -116.45 4.10 9.69
CA THR D 2611 -116.46 5.52 9.39
C THR D 2611 -115.33 5.89 8.42
N ASN D 2612 -114.11 5.44 8.71
CA ASN D 2612 -112.98 5.77 7.85
C ASN D 2612 -113.17 5.17 6.47
N HIS D 2613 -113.63 3.92 6.38
CA HIS D 2613 -113.79 3.27 5.09
C HIS D 2613 -114.81 4.01 4.23
N TYR D 2614 -115.95 4.37 4.80
CA TYR D 2614 -116.98 5.03 4.02
C TYR D 2614 -116.73 6.52 3.81
N GLU D 2615 -115.82 7.12 4.58
CA GLU D 2615 -115.39 8.48 4.26
C GLU D 2615 -114.39 8.46 3.10
N ARG D 2616 -113.47 7.49 3.11
CA ARG D 2616 -112.49 7.43 2.05
C ARG D 2616 -113.12 6.99 0.72
N CYS D 2617 -113.72 5.81 0.71
CA CYS D 2617 -114.28 5.26 -0.53
C CYS D 2617 -115.73 5.63 -0.73
N TRP D 2618 -116.08 6.91 -0.62
CA TRP D 2618 -117.46 7.31 -0.85
C TRP D 2618 -117.78 7.36 -2.33
N LYS D 2619 -116.81 7.70 -3.16
CA LYS D 2619 -117.03 7.76 -4.61
C LYS D 2619 -117.30 6.37 -5.18
N TYR D 2620 -116.73 5.35 -4.56
CA TYR D 2620 -116.92 3.99 -5.06
C TYR D 2620 -118.37 3.56 -4.98
N TYR D 2621 -119.14 4.12 -4.06
CA TYR D 2621 -120.52 3.69 -3.85
C TYR D 2621 -121.52 4.66 -4.48
N CYS D 2622 -121.36 5.96 -4.22
CA CYS D 2622 -122.36 6.94 -4.64
C CYS D 2622 -122.40 7.07 -6.16
N LEU D 2623 -121.29 7.47 -6.77
CA LEU D 2623 -121.28 7.71 -8.20
C LEU D 2623 -121.42 6.38 -8.95
N PRO D 2624 -122.25 6.33 -9.99
CA PRO D 2624 -122.38 5.09 -10.77
C PRO D 2624 -121.07 4.65 -11.39
N GLY D 2625 -120.25 5.58 -11.85
CA GLY D 2625 -118.94 5.22 -12.36
C GLY D 2625 -118.01 4.72 -11.27
N GLY D 2626 -118.06 5.35 -10.10
CA GLY D 2626 -117.16 5.00 -9.01
C GLY D 2626 -115.74 5.43 -9.31
N TRP D 2627 -114.78 4.92 -8.56
CA TRP D 2627 -113.38 5.16 -8.90
C TRP D 2627 -113.08 4.55 -10.26
N GLY D 2628 -112.40 5.32 -11.10
CA GLY D 2628 -112.15 4.86 -12.46
C GLY D 2628 -111.34 3.58 -12.50
N ASN D 2629 -110.26 3.52 -11.74
CA ASN D 2629 -109.45 2.31 -11.69
C ASN D 2629 -110.13 1.22 -10.87
N PHE D 2630 -110.73 1.59 -9.74
CA PHE D 2630 -111.24 0.59 -8.81
C PHE D 2630 -112.53 -0.03 -9.33
N GLY D 2631 -113.44 0.77 -9.85
CA GLY D 2631 -114.71 0.26 -10.33
C GLY D 2631 -115.90 0.72 -9.52
N ALA D 2632 -116.88 -0.17 -9.33
CA ALA D 2632 -118.09 0.16 -8.59
C ALA D 2632 -118.55 -1.07 -7.81
N ALA D 2633 -119.55 -0.87 -6.98
CA ALA D 2633 -120.06 -1.95 -6.13
C ALA D 2633 -120.81 -2.98 -6.97
N SER D 2634 -120.96 -4.18 -6.40
CA SER D 2634 -121.65 -5.30 -7.03
C SER D 2634 -123.09 -5.42 -6.57
N GLU D 2635 -123.59 -4.40 -5.85
CA GLU D 2635 -124.95 -4.32 -5.33
C GLU D 2635 -125.14 -5.26 -4.14
N GLU D 2636 -124.24 -6.23 -3.99
CA GLU D 2636 -124.24 -7.03 -2.78
C GLU D 2636 -123.60 -6.24 -1.64
N GLU D 2637 -122.53 -5.51 -1.98
CA GLU D 2637 -121.95 -4.57 -1.04
C GLU D 2637 -122.96 -3.50 -0.67
N LEU D 2638 -123.75 -3.04 -1.63
CA LEU D 2638 -124.79 -2.06 -1.34
C LEU D 2638 -125.84 -2.61 -0.39
N HIS D 2639 -126.26 -3.86 -0.61
CA HIS D 2639 -127.20 -4.49 0.31
C HIS D 2639 -126.62 -4.60 1.71
N LEU D 2640 -125.36 -5.02 1.81
CA LEU D 2640 -124.73 -5.12 3.12
C LEU D 2640 -124.64 -3.75 3.79
N SER D 2641 -124.32 -2.71 3.01
CA SER D 2641 -124.20 -1.37 3.57
C SER D 2641 -125.54 -0.87 4.08
N ARG D 2642 -126.61 -1.09 3.32
CA ARG D 2642 -127.93 -0.67 3.78
C ARG D 2642 -128.34 -1.42 5.04
N LYS D 2643 -128.05 -2.72 5.07
CA LYS D 2643 -128.39 -3.51 6.26
C LYS D 2643 -127.62 -2.99 7.47
N LEU D 2644 -126.34 -2.69 7.29
CA LEU D 2644 -125.54 -2.13 8.38
C LEU D 2644 -126.12 -0.80 8.84
N PHE D 2645 -126.46 0.08 7.90
CA PHE D 2645 -127.02 1.37 8.25
C PHE D 2645 -128.27 1.21 9.10
N TRP D 2646 -129.21 0.39 8.63
CA TRP D 2646 -130.48 0.26 9.34
C TRP D 2646 -130.29 -0.44 10.68
N GLY D 2647 -129.40 -1.43 10.75
CA GLY D 2647 -129.16 -2.09 12.02
C GLY D 2647 -128.56 -1.15 13.05
N ILE D 2648 -127.57 -0.36 12.64
CA ILE D 2648 -126.98 0.62 13.55
C ILE D 2648 -128.03 1.63 13.98
N PHE D 2649 -128.86 2.08 13.04
CA PHE D 2649 -129.88 3.07 13.37
C PHE D 2649 -130.85 2.52 14.42
N ASP D 2650 -131.34 1.30 14.22
CA ASP D 2650 -132.29 0.71 15.15
C ASP D 2650 -131.64 0.49 16.51
N ALA D 2651 -130.41 -0.03 16.51
CA ALA D 2651 -129.74 -0.30 17.78
C ALA D 2651 -129.50 0.98 18.56
N LEU D 2652 -129.11 2.06 17.87
CA LEU D 2652 -128.98 3.35 18.53
C LEU D 2652 -130.32 3.84 19.03
N SER D 2653 -131.39 3.61 18.26
CA SER D 2653 -132.71 4.08 18.67
C SER D 2653 -133.16 3.43 19.97
N GLN D 2654 -132.98 2.12 20.09
CA GLN D 2654 -133.37 1.43 21.31
C GLN D 2654 -132.24 1.32 22.33
N LYS D 2655 -131.10 1.96 22.09
CA LYS D 2655 -129.99 1.93 23.02
C LYS D 2655 -130.04 3.14 23.95
N LYS D 2656 -129.73 2.91 25.23
CA LYS D 2656 -129.64 3.99 26.20
C LYS D 2656 -128.48 4.90 25.82
N TYR D 2657 -128.68 6.20 26.08
CA TYR D 2657 -127.71 7.21 25.67
C TYR D 2657 -126.36 7.06 26.36
N GLU D 2658 -125.32 6.75 25.57
CA GLU D 2658 -123.94 6.75 26.05
C GLU D 2658 -123.21 7.84 25.28
N GLN D 2659 -122.43 8.65 25.99
CA GLN D 2659 -121.84 9.85 25.40
C GLN D 2659 -120.88 9.51 24.27
N GLU D 2660 -119.78 8.81 24.58
CA GLU D 2660 -118.79 8.51 23.56
C GLU D 2660 -119.34 7.54 22.52
N LEU D 2661 -120.17 6.59 22.94
CA LEU D 2661 -120.74 5.64 22.00
C LEU D 2661 -121.58 6.36 20.94
N PHE D 2662 -122.42 7.30 21.38
CA PHE D 2662 -123.21 8.07 20.43
C PHE D 2662 -122.37 9.00 19.57
N LYS D 2663 -121.39 9.69 20.16
CA LYS D 2663 -120.58 10.61 19.37
C LYS D 2663 -119.61 9.88 18.44
N LEU D 2664 -119.46 8.56 18.58
CA LEU D 2664 -118.71 7.82 17.57
C LEU D 2664 -119.63 7.09 16.60
N ALA D 2665 -120.85 6.77 17.02
CA ALA D 2665 -121.80 6.13 16.11
C ALA D 2665 -122.38 7.11 15.10
N LEU D 2666 -122.58 8.37 15.50
CA LEU D 2666 -123.14 9.34 14.56
C LEU D 2666 -122.27 9.51 13.31
N PRO D 2667 -120.95 9.70 13.41
CA PRO D 2667 -120.16 9.83 12.18
C PRO D 2667 -120.27 8.62 11.26
N CYS D 2668 -120.33 7.41 11.82
CA CYS D 2668 -120.46 6.22 10.98
C CYS D 2668 -121.78 6.22 10.24
N LEU D 2669 -122.87 6.54 10.95
CA LEU D 2669 -124.17 6.61 10.30
C LEU D 2669 -124.20 7.65 9.19
N SER D 2670 -123.64 8.82 9.45
CA SER D 2670 -123.57 9.87 8.44
C SER D 2670 -122.74 9.44 7.23
N ALA D 2671 -121.60 8.81 7.47
CA ALA D 2671 -120.75 8.38 6.37
C ALA D 2671 -121.44 7.32 5.51
N VAL D 2672 -122.11 6.36 6.16
CA VAL D 2672 -122.81 5.34 5.40
C VAL D 2672 -123.95 5.95 4.61
N ALA D 2673 -124.68 6.89 5.21
CA ALA D 2673 -125.78 7.54 4.50
C ALA D 2673 -125.26 8.32 3.30
N GLY D 2674 -124.14 9.01 3.45
CA GLY D 2674 -123.57 9.72 2.32
C GLY D 2674 -123.08 8.79 1.23
N ALA D 2675 -122.48 7.67 1.62
CA ALA D 2675 -121.95 6.73 0.63
C ALA D 2675 -123.07 6.07 -0.16
N LEU D 2676 -124.16 5.69 0.50
CA LEU D 2676 -125.23 5.00 -0.19
C LEU D 2676 -125.88 5.91 -1.22
N PRO D 2677 -126.07 5.46 -2.45
CA PRO D 2677 -126.80 6.26 -3.44
C PRO D 2677 -128.21 6.53 -2.96
N PRO D 2678 -128.68 7.78 -3.09
CA PRO D 2678 -130.03 8.10 -2.59
C PRO D 2678 -131.13 7.28 -3.23
N ASP D 2679 -131.05 7.04 -4.53
CA ASP D 2679 -132.09 6.33 -5.26
C ASP D 2679 -131.82 4.84 -5.42
N TYR D 2680 -131.11 4.25 -4.47
CA TYR D 2680 -130.63 2.89 -4.61
C TYR D 2680 -131.78 1.90 -4.62
N MET D 2681 -131.63 0.85 -5.43
CA MET D 2681 -132.64 -0.18 -5.59
C MET D 2681 -132.46 -1.25 -4.52
N GLU D 2682 -133.44 -1.39 -3.63
CA GLU D 2682 -133.49 -2.57 -2.77
C GLU D 2682 -133.86 -3.79 -3.60
N SER D 2683 -132.92 -4.73 -3.68
CA SER D 2683 -133.13 -5.91 -4.50
C SER D 2683 -133.98 -6.93 -3.76
N ASN D 2684 -135.09 -7.34 -4.36
CA ASN D 2684 -135.92 -8.37 -3.76
C ASN D 2684 -135.18 -9.70 -3.68
N TYR D 2685 -134.12 -9.86 -4.47
CA TYR D 2685 -133.36 -11.10 -4.51
C TYR D 2685 -132.53 -11.17 -3.24
N VAL D 2686 -133.12 -11.69 -2.17
CA VAL D 2686 -132.38 -11.88 -0.94
C VAL D 2686 -131.31 -12.94 -1.18
N SER D 2687 -130.23 -12.86 -0.39
CA SER D 2687 -129.15 -13.83 -0.49
C SER D 2687 -129.65 -15.22 -0.08
N MET D 2688 -129.04 -16.24 -0.66
CA MET D 2688 -129.35 -17.63 -0.35
C MET D 2688 -128.28 -18.20 0.58
N MET D 2689 -128.74 -18.80 1.68
CA MET D 2689 -127.89 -19.41 2.70
C MET D 2689 -126.87 -18.38 3.21
N GLU D 2690 -127.39 -17.29 3.78
CA GLU D 2690 -126.50 -16.34 4.46
C GLU D 2690 -125.86 -17.03 5.66
N LYS D 2691 -124.54 -17.19 5.61
CA LYS D 2691 -123.84 -18.07 6.55
C LYS D 2691 -123.36 -17.30 7.77
N GLN D 2692 -124.28 -16.54 8.38
CA GLN D 2692 -123.93 -15.87 9.63
C GLN D 2692 -123.85 -16.87 10.77
N SER D 2693 -124.70 -17.89 10.72
CA SER D 2693 -124.64 -18.96 11.73
C SER D 2693 -123.33 -19.73 11.62
N SER D 2694 -122.65 -19.64 10.47
CA SER D 2694 -121.34 -20.28 10.34
C SER D 2694 -120.33 -19.67 11.29
N MET D 2695 -120.30 -18.33 11.39
CA MET D 2695 -119.50 -17.64 12.41
C MET D 2695 -120.38 -17.37 13.64
N ASP D 2696 -120.78 -18.46 14.29
CA ASP D 2696 -121.75 -18.35 15.38
C ASP D 2696 -121.15 -17.62 16.57
N SER D 2697 -122.03 -17.14 17.44
CA SER D 2697 -121.59 -16.29 18.55
C SER D 2697 -120.63 -17.03 19.48
N GLU D 2698 -120.92 -18.29 19.79
CA GLU D 2698 -120.10 -19.08 20.70
C GLU D 2698 -119.25 -20.04 19.89
N GLY D 2699 -117.93 -19.95 20.03
CA GLY D 2699 -116.99 -20.79 19.31
C GLY D 2699 -116.60 -20.24 17.94
N ASN D 2700 -117.36 -19.29 17.41
CA ASN D 2700 -117.13 -18.56 16.17
C ASN D 2700 -117.15 -19.45 14.93
N PHE D 2701 -117.49 -20.74 15.05
CA PHE D 2701 -117.43 -21.63 13.89
C PHE D 2701 -118.45 -22.76 14.06
N ASN D 2702 -119.61 -22.60 13.44
CA ASN D 2702 -120.65 -23.63 13.42
C ASN D 2702 -120.84 -24.08 11.97
N PRO D 2703 -120.36 -25.26 11.61
CA PRO D 2703 -120.48 -25.70 10.22
C PRO D 2703 -121.82 -26.39 9.94
N GLN D 2704 -122.60 -25.85 9.01
CA GLN D 2704 -123.77 -26.57 8.53
C GLN D 2704 -123.79 -26.65 7.01
N PRO D 2705 -123.47 -27.80 6.43
CA PRO D 2705 -123.79 -28.01 5.02
C PRO D 2705 -125.29 -28.25 4.85
N VAL D 2706 -125.78 -27.98 3.65
CA VAL D 2706 -127.17 -28.27 3.35
C VAL D 2706 -127.38 -29.77 3.28
N ASP D 2707 -128.29 -30.27 4.10
CA ASP D 2707 -128.50 -31.72 4.17
C ASP D 2707 -129.00 -32.24 2.84
N THR D 2708 -128.43 -33.35 2.39
CA THR D 2708 -128.78 -33.95 1.12
C THR D 2708 -129.39 -35.33 1.24
N SER D 2709 -129.68 -35.79 2.46
CA SER D 2709 -130.27 -37.11 2.64
C SER D 2709 -131.67 -37.18 2.03
N ASN D 2710 -132.46 -36.12 2.21
CA ASN D 2710 -133.83 -36.13 1.68
C ASN D 2710 -133.84 -36.08 0.16
N ILE D 2711 -132.94 -35.29 -0.44
CA ILE D 2711 -132.96 -35.11 -1.88
C ILE D 2711 -132.29 -36.29 -2.56
N THR D 2712 -132.73 -36.59 -3.79
CA THR D 2712 -132.21 -37.70 -4.56
C THR D 2712 -131.78 -37.22 -5.94
N ILE D 2713 -130.80 -37.92 -6.52
CA ILE D 2713 -130.29 -37.54 -7.84
C ILE D 2713 -131.30 -37.96 -8.91
N PRO D 2714 -131.49 -37.16 -9.95
CA PRO D 2714 -132.29 -37.63 -11.09
C PRO D 2714 -131.59 -38.75 -11.83
N GLU D 2715 -132.40 -39.62 -12.42
CA GLU D 2715 -131.85 -40.77 -13.15
C GLU D 2715 -131.15 -40.35 -14.43
N LYS D 2716 -131.49 -39.18 -14.97
CA LYS D 2716 -130.89 -38.73 -16.22
C LYS D 2716 -129.41 -38.40 -16.03
N LEU D 2717 -129.02 -37.99 -14.82
CA LEU D 2717 -127.63 -37.67 -14.55
C LEU D 2717 -126.79 -38.91 -14.28
N GLU D 2718 -127.38 -40.10 -14.38
CA GLU D 2718 -126.63 -41.33 -14.10
C GLU D 2718 -125.52 -41.53 -15.12
N TYR D 2719 -125.74 -41.08 -16.36
CA TYR D 2719 -124.70 -41.15 -17.37
C TYR D 2719 -123.49 -40.33 -16.95
N PHE D 2720 -123.72 -39.10 -16.48
CA PHE D 2720 -122.62 -38.28 -15.98
C PHE D 2720 -121.96 -38.91 -14.78
N ILE D 2721 -122.75 -39.51 -13.89
CA ILE D 2721 -122.17 -40.16 -12.71
C ILE D 2721 -121.19 -41.23 -13.15
N ASN D 2722 -121.63 -42.09 -14.08
CA ASN D 2722 -120.74 -43.14 -14.58
C ASN D 2722 -119.50 -42.55 -15.22
N LYS D 2723 -119.68 -41.53 -16.06
CA LYS D 2723 -118.55 -41.02 -16.84
C LYS D 2723 -117.52 -40.35 -15.94
N TYR D 2724 -117.98 -39.61 -14.93
CA TYR D 2724 -117.03 -38.97 -14.02
C TYR D 2724 -116.40 -39.96 -13.06
N ALA D 2725 -117.12 -41.04 -12.73
CA ALA D 2725 -116.46 -42.12 -12.00
C ALA D 2725 -115.34 -42.73 -12.83
N GLU D 2726 -115.59 -42.91 -14.12
CA GLU D 2726 -114.54 -43.39 -15.02
C GLU D 2726 -113.36 -42.43 -15.06
N HIS D 2727 -113.65 -41.13 -15.15
CA HIS D 2727 -112.56 -40.16 -15.25
C HIS D 2727 -111.76 -40.07 -13.96
N SER D 2728 -112.43 -40.20 -12.81
CA SER D 2728 -111.71 -40.24 -11.54
C SER D 2728 -110.85 -41.48 -11.43
N HIS D 2729 -111.38 -42.64 -11.81
CA HIS D 2729 -110.56 -43.84 -11.87
C HIS D 2729 -109.38 -43.63 -12.81
N ASP D 2730 -109.58 -42.84 -13.87
CA ASP D 2730 -108.51 -42.64 -14.84
C ASP D 2730 -107.41 -41.78 -14.27
N LYS D 2731 -107.75 -40.67 -13.59
CA LYS D 2731 -106.71 -39.87 -12.97
C LYS D 2731 -106.01 -40.65 -11.86
N TRP D 2732 -106.75 -41.52 -11.17
CA TRP D 2732 -106.10 -42.38 -10.20
C TRP D 2732 -105.12 -43.32 -10.88
N SER D 2733 -105.47 -43.82 -12.06
CA SER D 2733 -104.54 -44.63 -12.83
C SER D 2733 -103.30 -43.84 -13.22
N MET D 2734 -103.50 -42.57 -13.60
CA MET D 2734 -102.35 -41.68 -13.82
C MET D 2734 -101.41 -41.65 -12.63
N ASP D 2735 -101.93 -41.37 -11.43
CA ASP D 2735 -101.01 -41.25 -10.30
C ASP D 2735 -100.41 -42.60 -9.91
N LYS D 2736 -101.19 -43.67 -10.08
CA LYS D 2736 -100.71 -45.02 -9.76
C LYS D 2736 -99.54 -45.41 -10.66
N LEU D 2737 -99.72 -45.25 -11.97
CA LEU D 2737 -98.67 -45.59 -12.91
C LEU D 2737 -97.47 -44.65 -12.75
N ALA D 2738 -97.72 -43.37 -12.49
CA ALA D 2738 -96.63 -42.43 -12.27
C ALA D 2738 -95.79 -42.77 -11.05
N ASN D 2739 -96.42 -43.19 -9.96
CA ASN D 2739 -95.69 -43.69 -8.80
C ASN D 2739 -94.95 -44.99 -9.12
N GLY D 2740 -95.55 -45.87 -9.93
CA GLY D 2740 -94.88 -47.08 -10.34
C GLY D 2740 -95.54 -48.36 -9.91
N TRP D 2741 -96.72 -48.30 -9.31
CA TRP D 2741 -97.46 -49.50 -8.98
C TRP D 2741 -97.86 -50.22 -10.27
N ILE D 2742 -98.06 -51.53 -10.17
CA ILE D 2742 -98.30 -52.36 -11.35
C ILE D 2742 -99.55 -53.19 -11.12
N TYR D 2743 -100.16 -53.61 -12.23
CA TYR D 2743 -101.34 -54.47 -12.19
C TYR D 2743 -100.97 -55.88 -11.78
N GLY D 2744 -101.83 -56.48 -10.95
CA GLY D 2744 -101.63 -57.86 -10.53
C GLY D 2744 -102.76 -58.31 -9.64
N GLU D 2745 -103.18 -59.56 -9.85
CA GLU D 2745 -104.34 -60.10 -9.11
C GLU D 2745 -104.10 -60.14 -7.61
N ILE D 2746 -102.84 -60.12 -7.18
CA ILE D 2746 -102.52 -60.06 -5.76
C ILE D 2746 -102.28 -58.61 -5.36
N TYR D 2747 -102.92 -58.18 -4.28
CA TYR D 2747 -102.76 -56.82 -3.78
C TYR D 2747 -101.74 -56.83 -2.64
N SER D 2748 -100.59 -56.22 -2.90
CA SER D 2748 -99.54 -56.10 -1.91
C SER D 2748 -99.01 -54.67 -1.87
N ASP D 2749 -98.81 -54.15 -0.66
CA ASP D 2749 -98.26 -52.81 -0.48
C ASP D 2749 -96.74 -52.80 -0.51
N SER D 2750 -96.11 -53.83 0.06
CA SER D 2750 -94.65 -53.93 -0.01
C SER D 2750 -94.19 -54.22 -1.43
N SER D 2751 -94.83 -55.18 -2.09
CA SER D 2751 -94.55 -55.47 -3.49
C SER D 2751 -94.97 -54.35 -4.43
N LYS D 2752 -95.82 -53.44 -3.95
CA LYS D 2752 -96.24 -52.26 -4.70
C LYS D 2752 -96.98 -52.67 -5.98
N VAL D 2753 -98.01 -53.49 -5.77
CA VAL D 2753 -98.84 -54.06 -6.84
C VAL D 2753 -100.29 -53.94 -6.42
N GLN D 2754 -101.17 -53.64 -7.38
CA GLN D 2754 -102.59 -53.47 -7.09
C GLN D 2754 -103.41 -53.86 -8.31
N PRO D 2755 -104.51 -54.61 -8.13
CA PRO D 2755 -105.26 -55.12 -9.28
C PRO D 2755 -106.19 -54.10 -9.92
N LEU D 2756 -106.23 -52.86 -9.44
CA LEU D 2756 -107.26 -51.94 -9.91
C LEU D 2756 -106.88 -51.24 -11.21
N MET D 2757 -105.91 -51.75 -11.96
CA MET D 2757 -105.65 -51.25 -13.30
C MET D 2757 -106.53 -51.89 -14.36
N LYS D 2758 -107.42 -52.78 -13.98
CA LYS D 2758 -108.49 -53.15 -14.89
C LYS D 2758 -109.38 -51.94 -15.12
N PRO D 2759 -109.93 -51.80 -16.33
CA PRO D 2759 -110.74 -50.62 -16.63
C PRO D 2759 -111.95 -50.47 -15.72
N TYR D 2760 -112.63 -49.32 -15.80
CA TYR D 2760 -113.76 -49.06 -14.93
C TYR D 2760 -114.87 -50.09 -15.10
N LYS D 2761 -115.13 -50.52 -16.34
CA LYS D 2761 -116.13 -51.56 -16.55
C LYS D 2761 -115.70 -52.87 -15.92
N LEU D 2762 -114.40 -53.16 -15.92
CA LEU D 2762 -113.90 -54.37 -15.29
C LEU D 2762 -113.84 -54.26 -13.78
N LEU D 2763 -113.94 -53.04 -13.23
CA LEU D 2763 -113.93 -52.87 -11.79
C LEU D 2763 -115.17 -53.52 -11.17
N SER D 2764 -115.03 -53.95 -9.92
CA SER D 2764 -116.15 -54.54 -9.20
C SER D 2764 -117.17 -53.46 -8.82
N GLU D 2765 -118.39 -53.91 -8.52
CA GLU D 2765 -119.45 -52.97 -8.16
C GLU D 2765 -119.11 -52.24 -6.86
N LYS D 2766 -118.58 -52.97 -5.87
CA LYS D 2766 -118.15 -52.32 -4.65
C LYS D 2766 -116.94 -51.43 -4.89
N GLU D 2767 -116.09 -51.80 -5.85
CA GLU D 2767 -114.96 -50.95 -6.21
C GLU D 2767 -115.43 -49.65 -6.83
N LYS D 2768 -116.57 -49.68 -7.51
CA LYS D 2768 -117.09 -48.45 -8.10
C LYS D 2768 -117.70 -47.54 -7.03
N GLU D 2769 -118.07 -48.11 -5.88
CA GLU D 2769 -118.74 -47.32 -4.84
C GLU D 2769 -117.87 -46.16 -4.39
N ILE D 2770 -116.58 -46.39 -4.21
CA ILE D 2770 -115.69 -45.37 -3.66
C ILE D 2770 -115.58 -44.17 -4.59
N TYR D 2771 -115.90 -44.36 -5.86
CA TYR D 2771 -115.77 -43.25 -6.80
C TYR D 2771 -117.07 -42.46 -6.93
N ARG D 2772 -118.19 -43.15 -7.18
CA ARG D 2772 -119.45 -42.45 -7.37
C ARG D 2772 -120.05 -41.96 -6.06
N TRP D 2773 -119.57 -42.48 -4.92
CA TRP D 2773 -120.02 -41.94 -3.64
C TRP D 2773 -119.77 -40.45 -3.52
N PRO D 2774 -118.51 -39.94 -3.55
CA PRO D 2774 -118.30 -38.50 -3.46
C PRO D 2774 -119.01 -37.76 -4.58
N ILE D 2775 -119.10 -38.41 -5.74
CA ILE D 2775 -119.85 -37.86 -6.86
C ILE D 2775 -121.32 -37.65 -6.47
N LYS D 2776 -121.90 -38.67 -5.82
CA LYS D 2776 -123.30 -38.55 -5.40
C LYS D 2776 -123.49 -37.41 -4.41
N GLU D 2777 -122.62 -37.30 -3.40
CA GLU D 2777 -122.78 -36.20 -2.45
C GLU D 2777 -122.57 -34.85 -3.12
N SER D 2778 -121.61 -34.75 -4.03
CA SER D 2778 -121.38 -33.48 -4.71
C SER D 2778 -122.61 -33.06 -5.51
N LEU D 2779 -123.23 -34.01 -6.21
CA LEU D 2779 -124.37 -33.65 -7.05
C LEU D 2779 -125.60 -33.34 -6.20
N LYS D 2780 -125.83 -34.12 -5.13
CA LYS D 2780 -126.97 -33.82 -4.25
C LYS D 2780 -126.76 -32.50 -3.52
N THR D 2781 -125.51 -32.12 -3.25
CA THR D 2781 -125.24 -30.81 -2.67
C THR D 2781 -125.53 -29.71 -3.67
N MET D 2782 -125.09 -29.90 -4.92
CA MET D 2782 -125.34 -28.89 -5.95
C MET D 2782 -126.82 -28.76 -6.26
N LEU D 2783 -127.57 -29.85 -6.14
CA LEU D 2783 -128.99 -29.82 -6.50
C LEU D 2783 -129.84 -29.37 -5.32
N ALA D 2784 -129.40 -29.65 -4.10
CA ALA D 2784 -130.11 -29.18 -2.92
C ALA D 2784 -130.09 -27.67 -2.84
N TRP D 2785 -129.04 -27.06 -3.36
CA TRP D 2785 -129.01 -25.61 -3.53
C TRP D 2785 -129.95 -25.15 -4.64
N GLY D 2786 -130.59 -26.08 -5.34
CA GLY D 2786 -131.57 -25.76 -6.34
C GLY D 2786 -131.02 -25.45 -7.71
N TRP D 2787 -129.70 -25.45 -7.88
CA TRP D 2787 -129.11 -25.05 -9.15
C TRP D 2787 -129.61 -25.95 -10.26
N ARG D 2788 -130.42 -25.39 -11.14
CA ARG D 2788 -131.01 -26.13 -12.24
C ARG D 2788 -129.91 -26.60 -13.18
N ILE D 2789 -129.88 -27.90 -13.42
CA ILE D 2789 -128.90 -28.51 -14.33
C ILE D 2789 -129.67 -28.97 -15.55
N GLU D 2790 -129.27 -28.46 -16.72
CA GLU D 2790 -129.94 -28.76 -17.97
C GLU D 2790 -128.97 -29.49 -18.89
N ARG D 2791 -129.52 -30.03 -19.97
CA ARG D 2791 -128.90 -31.14 -20.67
C ARG D 2791 -128.98 -30.84 -22.17
N THR D 2792 -127.85 -30.48 -22.78
CA THR D 2792 -127.90 -29.85 -24.10
C THR D 2792 -128.00 -30.88 -25.22
N ARG D 2793 -128.34 -30.39 -26.42
CA ARG D 2793 -128.44 -31.24 -27.61
C ARG D 2793 -127.11 -31.92 -27.92
N GLU D 2794 -126.00 -31.26 -27.58
CA GLU D 2794 -124.68 -31.81 -27.84
C GLU D 2794 -124.44 -33.09 -27.07
N GLY D 2795 -124.74 -33.10 -25.77
CA GLY D 2795 -124.64 -34.33 -25.01
C GLY D 2795 -125.63 -35.38 -25.47
N ASP D 2796 -126.79 -34.95 -25.96
CA ASP D 2796 -127.70 -35.92 -26.56
C ASP D 2796 -127.07 -36.60 -27.78
N SER D 2797 -126.38 -35.83 -28.62
CA SER D 2797 -125.59 -36.45 -29.69
C SER D 2797 -124.53 -37.37 -29.09
N MET D 2798 -123.93 -36.96 -27.98
CA MET D 2798 -122.91 -37.77 -27.33
C MET D 2798 -123.47 -39.11 -26.87
N ALA D 2799 -124.63 -39.08 -26.21
CA ALA D 2799 -125.27 -40.31 -25.76
C ALA D 2799 -125.69 -41.17 -26.94
N LEU D 2800 -126.16 -40.55 -28.02
CA LEU D 2800 -126.50 -41.30 -29.22
C LEU D 2800 -125.27 -41.98 -29.80
N TYR D 2801 -124.12 -41.29 -29.77
CA TYR D 2801 -122.87 -41.89 -30.21
C TYR D 2801 -122.51 -43.09 -29.34
N ASN D 2802 -122.70 -42.96 -28.04
CA ASN D 2802 -122.45 -44.05 -27.11
C ASN D 2802 -123.63 -45.02 -27.09
N GLY D 2820 -102.44 -54.41 -21.50
CA GLY D 2820 -103.05 -53.79 -22.66
C GLY D 2820 -104.02 -52.69 -22.30
N TYR D 2821 -103.90 -52.16 -21.08
CA TYR D 2821 -104.76 -51.11 -20.57
C TYR D 2821 -103.98 -49.80 -20.63
N SER D 2822 -104.35 -48.93 -21.57
CA SER D 2822 -103.65 -47.67 -21.77
C SER D 2822 -104.55 -46.52 -21.38
N PRO D 2823 -104.54 -46.08 -20.14
CA PRO D 2823 -105.42 -45.00 -19.71
C PRO D 2823 -104.90 -43.64 -20.16
N ARG D 2824 -105.81 -42.67 -20.35
CA ARG D 2824 -105.43 -41.32 -20.76
C ARG D 2824 -106.55 -40.37 -20.39
N ALA D 2825 -106.24 -39.36 -19.59
CA ALA D 2825 -107.22 -38.46 -19.03
C ALA D 2825 -107.46 -37.27 -19.95
N ILE D 2826 -108.41 -36.43 -19.56
CA ILE D 2826 -108.76 -35.24 -20.34
C ILE D 2826 -108.18 -34.03 -19.62
N ASP D 2827 -107.34 -33.27 -20.32
CA ASP D 2827 -106.65 -32.14 -19.70
C ASP D 2827 -107.61 -30.99 -19.45
N MET D 2828 -107.79 -30.64 -18.18
CA MET D 2828 -108.63 -29.52 -17.77
C MET D 2828 -107.84 -28.23 -17.61
N SER D 2829 -106.59 -28.20 -18.08
CA SER D 2829 -105.75 -27.01 -17.89
C SER D 2829 -106.36 -25.79 -18.57
N ASN D 2830 -106.82 -25.94 -19.80
CA ASN D 2830 -107.34 -24.82 -20.56
C ASN D 2830 -108.84 -24.63 -20.40
N VAL D 2831 -109.57 -25.62 -19.88
CA VAL D 2831 -110.99 -25.43 -19.62
C VAL D 2831 -111.14 -24.35 -18.56
N THR D 2832 -112.04 -23.40 -18.80
CA THR D 2832 -112.20 -22.24 -17.94
C THR D 2832 -113.68 -21.99 -17.66
N LEU D 2833 -113.95 -21.47 -16.46
CA LEU D 2833 -115.31 -21.14 -16.06
C LEU D 2833 -115.55 -19.63 -16.13
N SER D 2834 -116.81 -19.25 -16.00
CA SER D 2834 -117.18 -17.84 -16.04
C SER D 2834 -117.05 -17.21 -14.65
N ARG D 2835 -117.40 -15.93 -14.57
CA ARG D 2835 -117.42 -15.24 -13.28
C ARG D 2835 -118.42 -15.89 -12.34
N ASP D 2836 -119.66 -16.05 -12.80
CA ASP D 2836 -120.72 -16.62 -11.98
C ASP D 2836 -120.45 -18.09 -11.68
N LEU D 2837 -119.92 -18.82 -12.64
CA LEU D 2837 -119.51 -20.20 -12.39
C LEU D 2837 -118.41 -20.27 -11.35
N HIS D 2838 -117.49 -19.31 -11.35
CA HIS D 2838 -116.47 -19.25 -10.31
CA HIS D 2838 -116.47 -19.25 -10.31
C HIS D 2838 -117.11 -19.03 -8.94
N ALA D 2839 -118.09 -18.14 -8.87
CA ALA D 2839 -118.78 -17.92 -7.60
C ALA D 2839 -119.47 -19.19 -7.12
N MET D 2840 -120.13 -19.90 -8.05
CA MET D 2840 -120.79 -21.15 -7.69
C MET D 2840 -119.78 -22.20 -7.22
N ALA D 2841 -118.65 -22.31 -7.92
CA ALA D 2841 -117.61 -23.25 -7.52
C ALA D 2841 -117.06 -22.90 -6.15
N GLU D 2842 -116.86 -21.61 -5.86
CA GLU D 2842 -116.39 -21.21 -4.54
C GLU D 2842 -117.39 -21.58 -3.47
N MET D 2843 -118.69 -21.38 -3.73
CA MET D 2843 -119.70 -21.73 -2.74
C MET D 2843 -119.72 -23.24 -2.48
N MET D 2844 -119.69 -24.04 -3.55
CA MET D 2844 -119.70 -25.49 -3.33
C MET D 2844 -118.40 -25.95 -2.67
N ALA D 2845 -117.29 -25.26 -2.96
CA ALA D 2845 -116.02 -25.59 -2.34
C ALA D 2845 -116.06 -25.33 -0.84
N GLU D 2846 -116.55 -24.16 -0.43
CA GLU D 2846 -116.63 -23.87 0.99
C GLU D 2846 -117.61 -24.82 1.67
N ASN D 2847 -118.65 -25.25 0.94
CA ASN D 2847 -119.57 -26.24 1.51
C ASN D 2847 -118.86 -27.56 1.77
N TYR D 2848 -118.05 -28.01 0.81
CA TYR D 2848 -117.29 -29.24 0.98
C TYR D 2848 -116.32 -29.09 2.15
N HIS D 2849 -115.73 -27.90 2.27
CA HIS D 2849 -114.80 -27.65 3.36
C HIS D 2849 -115.51 -27.66 4.71
N ASN D 2850 -116.74 -27.15 4.78
CA ASN D 2850 -117.51 -27.24 6.02
C ASN D 2850 -117.89 -28.69 6.33
N ILE D 2851 -118.12 -29.51 5.31
CA ILE D 2851 -118.34 -30.93 5.55
C ILE D 2851 -117.12 -31.54 6.22
N TRP D 2852 -115.95 -31.30 5.64
CA TRP D 2852 -114.70 -31.77 6.25
C TRP D 2852 -114.55 -31.20 7.65
N ALA D 2853 -114.99 -29.95 7.86
CA ALA D 2853 -114.87 -29.32 9.15
C ALA D 2853 -115.73 -30.02 10.20
N LYS D 2854 -116.95 -30.41 9.82
CA LYS D 2854 -117.80 -31.14 10.76
C LYS D 2854 -117.18 -32.48 11.12
N LYS D 2855 -116.66 -33.21 10.13
CA LYS D 2855 -116.03 -34.48 10.47
C LYS D 2855 -114.82 -34.28 11.37
N LYS D 2856 -113.98 -33.30 11.05
CA LYS D 2856 -112.82 -33.03 11.88
C LYS D 2856 -113.21 -32.61 13.29
N LYS D 2857 -114.28 -31.83 13.42
CA LYS D 2857 -114.74 -31.38 14.73
C LYS D 2857 -115.37 -32.49 15.55
N MET D 2858 -116.18 -33.35 14.94
CA MET D 2858 -116.65 -34.53 15.64
C MET D 2858 -115.47 -35.34 16.17
N GLU D 2859 -114.45 -35.55 15.34
CA GLU D 2859 -113.23 -36.19 15.82
C GLU D 2859 -112.60 -35.38 16.96
N LEU D 2860 -112.66 -34.05 16.86
CA LEU D 2860 -111.93 -33.18 17.79
C LEU D 2860 -112.50 -33.25 19.20
N GLU D 2861 -113.81 -33.08 19.37
CA GLU D 2861 -114.34 -33.25 20.72
C GLU D 2861 -114.83 -34.67 20.97
N SER D 2862 -114.53 -35.61 20.07
CA SER D 2862 -114.48 -37.00 20.50
C SER D 2862 -113.18 -37.29 21.23
N LYS D 2863 -112.08 -36.69 20.77
CA LYS D 2863 -110.82 -36.80 21.48
C LYS D 2863 -110.72 -35.79 22.61
N GLY D 2864 -111.68 -34.87 22.68
CA GLY D 2864 -111.70 -33.86 23.72
C GLY D 2864 -111.05 -32.55 23.32
N GLY D 2865 -109.80 -32.60 22.85
CA GLY D 2865 -109.09 -31.40 22.48
C GLY D 2865 -108.38 -31.48 21.14
N GLY D 2866 -107.18 -30.91 21.07
CA GLY D 2866 -106.43 -30.94 19.83
C GLY D 2866 -107.02 -30.06 18.75
N ASN D 2867 -107.09 -28.75 18.98
CA ASN D 2867 -107.67 -27.83 18.00
C ASN D 2867 -106.85 -27.84 16.71
N HIS D 2868 -107.48 -28.23 15.62
CA HIS D 2868 -106.78 -28.34 14.36
C HIS D 2868 -106.57 -26.95 13.75
N PRO D 2869 -105.38 -26.66 13.23
CA PRO D 2869 -105.10 -25.31 12.73
C PRO D 2869 -106.02 -24.86 11.61
N LEU D 2870 -106.53 -25.78 10.81
CA LEU D 2870 -107.33 -25.43 9.64
C LEU D 2870 -108.82 -25.31 9.94
N LEU D 2871 -109.20 -25.33 11.22
CA LEU D 2871 -110.61 -25.23 11.57
C LEU D 2871 -111.16 -23.82 11.35
N VAL D 2872 -110.30 -22.85 11.06
CA VAL D 2872 -110.73 -21.47 10.80
C VAL D 2872 -111.62 -21.46 9.57
N PRO D 2873 -112.51 -20.47 9.44
CA PRO D 2873 -113.47 -20.49 8.32
C PRO D 2873 -112.77 -20.47 6.97
N TYR D 2874 -113.53 -20.90 5.95
CA TYR D 2874 -113.01 -20.93 4.58
C TYR D 2874 -112.54 -19.55 4.15
N ASP D 2875 -113.23 -18.51 4.59
CA ASP D 2875 -112.81 -17.15 4.29
C ASP D 2875 -111.44 -16.85 4.89
N THR D 2876 -111.21 -17.32 6.13
CA THR D 2876 -109.93 -17.12 6.77
C THR D 2876 -108.84 -18.01 6.17
N LEU D 2877 -109.22 -19.08 5.49
CA LEU D 2877 -108.24 -19.98 4.89
C LEU D 2877 -107.37 -19.27 3.88
N THR D 2878 -106.18 -19.81 3.66
CA THR D 2878 -105.26 -19.25 2.68
C THR D 2878 -105.37 -20.02 1.35
N ALA D 2879 -104.70 -19.48 0.33
CA ALA D 2879 -104.78 -20.07 -1.00
C ALA D 2879 -104.23 -21.49 -1.02
N LYS D 2880 -103.07 -21.70 -0.39
CA LYS D 2880 -102.49 -23.04 -0.37
C LYS D 2880 -103.41 -24.01 0.37
N GLU D 2881 -104.01 -23.58 1.48
CA GLU D 2881 -104.97 -24.41 2.17
C GLU D 2881 -106.21 -24.66 1.32
N LYS D 2882 -106.63 -23.64 0.57
CA LYS D 2882 -107.80 -23.77 -0.29
C LYS D 2882 -107.51 -24.54 -1.57
N ALA D 2883 -106.26 -24.91 -1.83
CA ALA D 2883 -105.88 -25.40 -3.15
C ALA D 2883 -106.64 -26.66 -3.55
N LYS D 2884 -106.60 -27.69 -2.72
CA LYS D 2884 -107.18 -28.98 -3.13
C LYS D 2884 -108.70 -28.91 -3.15
N ASP D 2885 -109.29 -28.25 -2.15
CA ASP D 2885 -110.74 -28.03 -2.16
C ASP D 2885 -111.17 -27.30 -3.42
N ARG D 2886 -110.49 -26.20 -3.75
CA ARG D 2886 -110.86 -25.42 -4.93
C ARG D 2886 -110.69 -26.24 -6.20
N GLU D 2887 -109.58 -26.98 -6.32
CA GLU D 2887 -109.35 -27.71 -7.56
C GLU D 2887 -110.39 -28.80 -7.75
N LYS D 2888 -110.79 -29.49 -6.67
CA LYS D 2888 -111.85 -30.48 -6.79
C LYS D 2888 -113.15 -29.82 -7.22
N ALA D 2889 -113.54 -28.75 -6.52
CA ALA D 2889 -114.83 -28.11 -6.79
C ALA D 2889 -114.86 -27.52 -8.19
N GLN D 2890 -113.70 -27.17 -8.73
CA GLN D 2890 -113.67 -26.65 -10.10
C GLN D 2890 -113.66 -27.77 -11.12
N ASP D 2891 -112.86 -28.81 -10.90
CA ASP D 2891 -112.72 -29.85 -11.92
C ASP D 2891 -114.04 -30.58 -12.13
N ILE D 2892 -114.84 -30.73 -11.07
CA ILE D 2892 -116.14 -31.36 -11.27
C ILE D 2892 -116.99 -30.55 -12.25
N LEU D 2893 -117.04 -29.22 -12.07
CA LEU D 2893 -117.78 -28.37 -12.99
C LEU D 2893 -117.15 -28.39 -14.38
N LYS D 2894 -115.83 -28.48 -14.44
CA LYS D 2894 -115.16 -28.50 -15.74
C LYS D 2894 -115.58 -29.73 -16.53
N PHE D 2895 -115.61 -30.89 -15.88
CA PHE D 2895 -116.00 -32.09 -16.61
C PHE D 2895 -117.49 -32.04 -16.94
N LEU D 2896 -118.28 -31.43 -16.05
CA LEU D 2896 -119.69 -31.22 -16.38
C LEU D 2896 -119.85 -30.41 -17.65
N GLN D 2897 -119.11 -29.31 -17.77
CA GLN D 2897 -119.19 -28.48 -18.96
C GLN D 2897 -118.73 -29.24 -20.21
N ILE D 2898 -117.62 -29.98 -20.12
CA ILE D 2898 -117.13 -30.65 -21.32
C ILE D 2898 -118.05 -31.79 -21.71
N ASN D 2899 -118.70 -32.44 -20.74
CA ASN D 2899 -119.77 -33.37 -21.08
C ASN D 2899 -120.92 -32.64 -21.74
N GLY D 2900 -121.14 -31.38 -21.37
CA GLY D 2900 -122.12 -30.56 -22.02
C GLY D 2900 -123.35 -30.26 -21.20
N TYR D 2901 -123.40 -30.67 -19.94
CA TYR D 2901 -124.54 -30.34 -19.10
C TYR D 2901 -124.58 -28.83 -18.87
N ALA D 2902 -125.78 -28.28 -18.87
CA ALA D 2902 -125.99 -26.85 -18.66
C ALA D 2902 -126.36 -26.60 -17.21
N VAL D 2903 -125.45 -25.95 -16.48
CA VAL D 2903 -125.66 -25.65 -15.07
C VAL D 2903 -125.75 -24.14 -14.90
N SER D 2904 -126.72 -23.70 -14.11
CA SER D 2904 -126.92 -22.28 -13.86
C SER D 2904 -127.46 -22.11 -12.45
N ARG D 2905 -127.93 -20.91 -12.13
CA ARG D 2905 -128.38 -20.56 -10.79
C ARG D 2905 -129.73 -21.19 -10.52
N GLY D 2906 -129.96 -21.59 -9.27
CA GLY D 2906 -131.20 -22.26 -8.94
C GLY D 2906 -132.40 -21.33 -8.90
N PHE D 2907 -132.28 -20.23 -8.17
CA PHE D 2907 -133.40 -19.32 -8.00
C PHE D 2907 -133.50 -18.36 -9.17
N LYS D 2908 -134.73 -17.92 -9.44
CA LYS D 2908 -135.02 -16.98 -10.51
C LYS D 2908 -135.81 -15.82 -9.92
N ASP D 2909 -135.55 -14.62 -10.43
CA ASP D 2909 -136.28 -13.43 -10.00
C ASP D 2909 -137.76 -13.54 -10.32
N LEU D 2910 -138.61 -13.23 -9.34
CA LEU D 2910 -140.04 -13.23 -9.59
C LEU D 2910 -140.50 -11.88 -10.13
N GLU D 2911 -140.14 -10.80 -9.45
CA GLU D 2911 -140.46 -9.44 -9.90
C GLU D 2911 -139.68 -8.40 -9.12
N LEU D 2912 -139.07 -7.46 -9.81
CA LEU D 2912 -138.42 -6.32 -9.19
C LEU D 2912 -139.29 -5.09 -9.42
N ASP D 2913 -139.79 -4.50 -8.34
CA ASP D 2913 -140.64 -3.31 -8.44
C ASP D 2913 -139.76 -2.08 -8.52
N THR D 2914 -139.03 -1.99 -9.63
CA THR D 2914 -138.12 -0.87 -9.88
C THR D 2914 -138.81 0.49 -9.86
N PRO D 2915 -139.96 0.71 -10.50
CA PRO D 2915 -140.59 2.03 -10.44
C PRO D 2915 -141.03 2.44 -9.04
N SER D 2916 -141.16 1.50 -8.11
CA SER D 2916 -141.56 1.83 -6.75
C SER D 2916 -140.60 2.82 -6.12
N ILE D 2917 -141.10 4.03 -5.83
CA ILE D 2917 -140.28 5.02 -5.13
C ILE D 2917 -139.94 4.52 -3.73
N GLU D 2918 -140.82 3.70 -3.15
CA GLU D 2918 -140.65 3.28 -1.76
C GLU D 2918 -139.34 2.52 -1.56
N LYS D 2919 -138.99 1.65 -2.49
CA LYS D 2919 -137.85 0.77 -2.30
C LYS D 2919 -136.53 1.49 -2.55
N ARG D 2920 -136.59 2.72 -3.04
CA ARG D 2920 -135.42 3.58 -3.01
C ARG D 2920 -135.06 3.91 -1.57
N PHE D 2921 -133.75 3.91 -1.28
CA PHE D 2921 -133.32 4.08 0.10
C PHE D 2921 -133.73 5.43 0.66
N ALA D 2922 -133.70 6.47 -0.17
CA ALA D 2922 -134.04 7.81 0.30
C ALA D 2922 -135.48 7.86 0.79
N TYR D 2923 -136.39 7.17 0.11
CA TYR D 2923 -137.80 7.19 0.51
C TYR D 2923 -137.97 6.60 1.89
N SER D 2924 -137.39 5.43 2.14
CA SER D 2924 -137.51 4.80 3.45
C SER D 2924 -136.84 5.64 4.53
N PHE D 2925 -135.67 6.19 4.21
CA PHE D 2925 -134.96 7.04 5.16
C PHE D 2925 -135.81 8.24 5.56
N LEU D 2926 -136.41 8.90 4.56
CA LEU D 2926 -137.19 10.09 4.85
C LEU D 2926 -138.50 9.75 5.54
N GLN D 2927 -139.08 8.58 5.23
CA GLN D 2927 -140.27 8.14 5.96
C GLN D 2927 -139.95 7.92 7.43
N GLN D 2928 -138.81 7.27 7.72
CA GLN D 2928 -138.43 7.08 9.10
C GLN D 2928 -138.15 8.41 9.78
N LEU D 2929 -137.53 9.35 9.07
CA LEU D 2929 -137.29 10.67 9.63
C LEU D 2929 -138.61 11.38 9.93
N ILE D 2930 -139.57 11.27 9.03
CA ILE D 2930 -140.90 11.83 9.26
C ILE D 2930 -141.52 11.24 10.52
N ARG D 2931 -141.47 9.92 10.66
CA ARG D 2931 -142.07 9.29 11.83
C ARG D 2931 -141.38 9.77 13.10
N TYR D 2932 -140.05 9.84 13.09
CA TYR D 2932 -139.32 10.25 14.28
C TYR D 2932 -139.60 11.70 14.62
N VAL D 2933 -139.66 12.57 13.62
CA VAL D 2933 -139.93 13.99 13.87
C VAL D 2933 -141.33 14.16 14.45
N ASP D 2934 -142.31 13.46 13.90
CA ASP D 2934 -143.67 13.57 14.41
C ASP D 2934 -143.77 13.03 15.84
N GLU D 2935 -143.09 11.91 16.11
CA GLU D 2935 -143.07 11.38 17.47
C GLU D 2935 -142.43 12.37 18.44
N ALA D 2936 -141.32 12.97 18.03
CA ALA D 2936 -140.67 13.98 18.88
C ALA D 2936 -141.57 15.18 19.08
N HIS D 2937 -142.35 15.54 18.06
CA HIS D 2937 -143.30 16.63 18.21
C HIS D 2937 -144.36 16.29 19.25
N GLN D 2938 -144.89 15.08 19.20
CA GLN D 2938 -145.86 14.66 20.21
C GLN D 2938 -145.25 14.63 21.61
N TYR D 2939 -144.01 14.13 21.72
CA TYR D 2939 -143.33 14.10 23.00
C TYR D 2939 -143.08 15.50 23.55
N ILE D 2940 -142.71 16.46 22.72
CA ILE D 2940 -142.55 17.81 23.22
C ILE D 2940 -143.90 18.47 23.52
N LEU D 2941 -144.96 18.13 22.80
CA LEU D 2941 -146.28 18.65 23.15
C LEU D 2941 -146.70 18.18 24.53
N GLU D 2942 -146.47 16.90 24.85
CA GLU D 2942 -146.79 16.44 26.20
C GLU D 2942 -145.79 16.91 27.25
N PHE D 2943 -144.53 17.10 26.87
CA PHE D 2943 -143.55 17.67 27.79
C PHE D 2943 -143.81 19.16 28.04
N ASP D 2944 -144.60 19.80 27.18
CA ASP D 2944 -145.04 21.17 27.49
C ASP D 2944 -145.85 21.20 28.77
N GLY D 2945 -146.76 20.23 28.94
CA GLY D 2945 -147.50 20.13 30.18
C GLY D 2945 -146.79 19.40 31.29
N GLY D 2946 -145.81 18.55 30.95
CA GLY D 2946 -145.04 17.86 31.97
C GLY D 2946 -143.86 18.65 32.51
N SER D 2947 -143.49 19.73 31.82
CA SER D 2947 -142.28 20.48 32.14
C SER D 2947 -142.43 21.36 33.38
N ARG D 2948 -143.57 22.03 33.57
CA ARG D 2948 -143.77 22.84 34.76
C ARG D 2948 -144.03 22.01 36.01
N GLY D 2949 -144.29 20.72 35.86
CA GLY D 2949 -144.42 19.84 36.99
C GLY D 2949 -143.07 19.42 37.55
N LYS D 2950 -143.12 18.62 38.61
CA LYS D 2950 -141.89 18.12 39.22
C LYS D 2950 -141.11 17.26 38.21
N GLY D 2951 -141.82 16.59 37.31
CA GLY D 2951 -141.19 15.70 36.37
C GLY D 2951 -140.42 16.40 35.26
N GLU D 2952 -139.42 17.20 35.64
CA GLU D 2952 -138.51 17.73 34.63
C GLU D 2952 -137.79 16.62 33.89
N HIS D 2953 -137.36 15.59 34.61
CA HIS D 2953 -136.98 14.34 33.97
C HIS D 2953 -138.23 13.70 33.38
N PHE D 2954 -138.20 13.43 32.08
CA PHE D 2954 -139.37 12.98 31.36
C PHE D 2954 -139.24 11.51 31.02
N PRO D 2955 -140.34 10.76 31.04
CA PRO D 2955 -140.24 9.32 30.75
C PRO D 2955 -139.62 9.01 29.40
N TYR D 2956 -139.67 9.94 28.46
CA TYR D 2956 -139.00 9.79 27.17
C TYR D 2956 -137.82 10.73 27.03
N GLU D 2957 -137.17 11.07 28.15
CA GLU D 2957 -135.98 11.90 28.09
C GLU D 2957 -134.87 11.21 27.30
N GLN D 2958 -134.78 9.89 27.40
CA GLN D 2958 -133.86 9.15 26.56
C GLN D 2958 -134.19 9.34 25.08
N GLU D 2959 -135.47 9.32 24.75
CA GLU D 2959 -135.87 9.50 23.36
C GLU D 2959 -135.52 10.89 22.85
N ILE D 2960 -135.78 11.92 23.65
CA ILE D 2960 -135.46 13.27 23.20
C ILE D 2960 -133.95 13.46 23.12
N LYS D 2961 -133.19 12.85 24.04
CA LYS D 2961 -131.75 12.91 23.97
C LYS D 2961 -131.24 12.26 22.69
N PHE D 2962 -131.77 11.09 22.36
CA PHE D 2962 -131.39 10.43 21.12
C PHE D 2962 -131.72 11.30 19.92
N PHE D 2963 -132.92 11.88 19.91
CA PHE D 2963 -133.31 12.75 18.81
C PHE D 2963 -132.31 13.89 18.64
N ALA D 2964 -132.08 14.66 19.71
CA ALA D 2964 -131.19 15.81 19.62
C ALA D 2964 -129.77 15.41 19.25
N LYS D 2965 -129.29 14.28 19.77
CA LYS D 2965 -127.91 13.90 19.53
C LYS D 2965 -127.67 13.36 18.14
N VAL D 2966 -128.64 12.63 17.57
CA VAL D 2966 -128.42 11.85 16.35
C VAL D 2966 -129.25 12.40 15.19
N VAL D 2967 -130.56 12.54 15.38
CA VAL D 2967 -131.46 12.74 14.24
C VAL D 2967 -131.16 14.07 13.56
N LEU D 2968 -131.04 15.13 14.34
CA LEU D 2968 -130.78 16.44 13.74
C LEU D 2968 -129.45 16.49 13.01
N PRO D 2969 -128.32 16.05 13.59
CA PRO D 2969 -127.07 16.10 12.83
C PRO D 2969 -127.09 15.27 11.56
N LEU D 2970 -127.75 14.12 11.57
CA LEU D 2970 -127.81 13.34 10.33
C LEU D 2970 -128.72 14.02 9.30
N ILE D 2971 -129.77 14.71 9.75
CA ILE D 2971 -130.56 15.51 8.82
C ILE D 2971 -129.70 16.59 8.20
N ASP D 2972 -128.81 17.19 8.98
CA ASP D 2972 -127.85 18.13 8.41
C ASP D 2972 -126.97 17.45 7.36
N GLN D 2973 -126.35 16.34 7.74
CA GLN D 2973 -125.26 15.78 6.92
C GLN D 2973 -125.78 15.17 5.63
N TYR D 2974 -126.87 14.39 5.72
CA TYR D 2974 -127.40 13.73 4.53
C TYR D 2974 -127.81 14.74 3.47
N PHE D 2975 -128.53 15.79 3.89
CA PHE D 2975 -128.97 16.79 2.94
C PHE D 2975 -127.85 17.70 2.48
N LYS D 2976 -126.82 17.93 3.31
CA LYS D 2976 -125.66 18.65 2.81
C LYS D 2976 -124.92 17.85 1.76
N ASN D 2977 -124.84 16.54 1.93
CA ASN D 2977 -124.15 15.69 0.96
C ASN D 2977 -124.93 15.58 -0.33
N HIS D 2978 -126.25 15.40 -0.24
CA HIS D 2978 -127.04 15.18 -1.45
C HIS D 2978 -128.04 16.30 -1.68
N ARG D 2979 -127.63 17.53 -1.42
CA ARG D 2979 -128.53 18.66 -1.64
C ARG D 2979 -128.81 18.85 -3.13
N LEU D 2980 -127.87 18.43 -3.98
CA LEU D 2980 -128.08 18.55 -5.42
C LEU D 2980 -129.03 17.48 -5.92
N TYR D 2981 -129.02 16.31 -5.28
CA TYR D 2981 -129.89 15.21 -5.68
C TYR D 2981 -131.37 15.58 -5.55
N PHE D 2982 -131.74 16.11 -4.39
CA PHE D 2982 -133.13 16.51 -4.19
C PHE D 2982 -133.48 17.72 -5.05
N LEU D 2983 -132.52 18.63 -5.23
CA LEU D 2983 -132.75 19.80 -6.07
C LEU D 2983 -132.99 19.38 -7.52
N SER D 2984 -132.26 18.38 -7.99
CA SER D 2984 -132.36 17.98 -9.40
C SER D 2984 -133.75 17.44 -9.71
N ALA D 2985 -134.38 18.01 -10.73
CA ALA D 2985 -135.69 17.58 -11.19
C ALA D 2985 -135.69 17.50 -12.71
N ALA D 2986 -134.67 16.83 -13.25
CA ALA D 2986 -134.41 16.72 -14.69
C ALA D 2986 -134.19 18.09 -15.34
N SER D 2987 -133.79 19.09 -14.56
CA SER D 2987 -133.55 20.43 -15.08
C SER D 2987 -132.11 20.66 -15.50
N ARG D 2988 -131.28 19.57 -15.52
CA ARG D 2988 -129.90 19.43 -15.98
C ARG D 2988 -128.87 19.27 -14.86
N PRO D 2989 -129.11 19.76 -13.65
CA PRO D 2989 -128.29 19.31 -12.51
C PRO D 2989 -128.40 17.81 -12.33
N LEU D 2990 -127.32 17.22 -11.78
CA LEU D 2990 -127.19 15.77 -11.67
C LEU D 2990 -127.21 15.10 -13.05
N CYS D 2991 -126.24 15.46 -13.88
CA CYS D 2991 -126.14 14.88 -15.22
C CYS D 2991 -125.83 13.39 -15.16
N SER D 2992 -125.34 12.92 -14.01
CA SER D 2992 -125.08 11.49 -13.83
C SER D 2992 -126.38 10.70 -13.97
N GLY D 2993 -127.45 11.23 -13.40
CA GLY D 2993 -128.76 10.63 -13.51
C GLY D 2993 -129.33 10.30 -12.15
N GLY D 2994 -130.58 9.85 -12.15
CA GLY D 2994 -131.23 9.44 -10.92
C GLY D 2994 -131.61 10.60 -10.01
N HIS D 2995 -132.47 11.48 -10.50
CA HIS D 2995 -132.93 12.60 -9.69
C HIS D 2995 -133.94 12.12 -8.65
N ALA D 2996 -134.18 12.98 -7.66
CA ALA D 2996 -135.16 12.67 -6.63
C ALA D 2996 -136.56 12.65 -7.23
N SER D 2997 -137.39 11.76 -6.70
CA SER D 2997 -138.78 11.67 -7.16
C SER D 2997 -139.59 12.84 -6.63
N ASN D 2998 -140.72 13.10 -7.30
CA ASN D 2998 -141.60 14.17 -6.86
C ASN D 2998 -142.18 13.90 -5.48
N LYS D 2999 -142.55 12.64 -5.22
CA LYS D 2999 -143.03 12.27 -3.90
C LYS D 2999 -141.96 12.49 -2.84
N GLU D 3000 -140.72 12.12 -3.13
CA GLU D 3000 -139.63 12.36 -2.19
C GLU D 3000 -139.46 13.85 -1.94
N LYS D 3001 -139.55 14.66 -3.01
CA LYS D 3001 -139.42 16.11 -2.84
C LYS D 3001 -140.53 16.66 -1.94
N GLU D 3002 -141.76 16.23 -2.17
CA GLU D 3002 -142.87 16.78 -1.39
C GLU D 3002 -142.77 16.36 0.07
N MET D 3003 -142.33 15.13 0.33
CA MET D 3003 -142.22 14.72 1.72
C MET D 3003 -141.01 15.37 2.41
N VAL D 3004 -139.97 15.69 1.64
CA VAL D 3004 -138.88 16.51 2.17
C VAL D 3004 -139.40 17.89 2.58
N THR D 3005 -140.21 18.50 1.71
CA THR D 3005 -140.80 19.79 2.02
C THR D 3005 -141.69 19.74 3.25
N SER D 3006 -142.48 18.68 3.40
CA SER D 3006 -143.27 18.47 4.60
C SER D 3006 -142.42 18.33 5.85
N LEU D 3007 -141.31 17.61 5.76
CA LEU D 3007 -140.38 17.50 6.88
C LEU D 3007 -139.82 18.87 7.26
N PHE D 3008 -139.52 19.71 6.26
CA PHE D 3008 -139.06 21.07 6.54
C PHE D 3008 -140.09 21.84 7.37
N CYS D 3009 -141.35 21.79 6.94
CA CYS D 3009 -142.41 22.51 7.66
C CYS D 3009 -142.58 21.98 9.07
N LYS D 3010 -142.49 20.66 9.25
CA LYS D 3010 -142.63 20.10 10.57
C LYS D 3010 -141.47 20.53 11.48
N LEU D 3011 -140.26 20.57 10.93
CA LEU D 3011 -139.13 21.03 11.72
C LEU D 3011 -139.31 22.48 12.13
N GLY D 3012 -139.84 23.31 11.22
CA GLY D 3012 -140.21 24.66 11.61
C GLY D 3012 -141.24 24.72 12.71
N VAL D 3013 -142.26 23.86 12.64
CA VAL D 3013 -143.26 23.81 13.71
C VAL D 3013 -142.60 23.47 15.03
N LEU D 3014 -141.67 22.50 15.02
CA LEU D 3014 -140.96 22.13 16.22
C LEU D 3014 -140.15 23.30 16.78
N VAL D 3015 -139.44 24.03 15.90
CA VAL D 3015 -138.60 25.12 16.39
C VAL D 3015 -139.42 26.33 16.83
N ARG D 3016 -140.70 26.39 16.44
CA ARG D 3016 -141.51 27.56 16.76
C ARG D 3016 -141.64 27.75 18.27
N HIS D 3017 -140.99 28.80 18.79
CA HIS D 3017 -141.08 29.21 20.19
C HIS D 3017 -140.63 28.13 21.16
N ARG D 3018 -139.61 27.35 20.78
CA ARG D 3018 -139.06 26.35 21.69
C ARG D 3018 -137.54 26.40 21.74
N ILE D 3019 -136.94 27.56 21.47
CA ILE D 3019 -135.49 27.68 21.46
C ILE D 3019 -134.93 27.44 22.86
N SER D 3020 -135.66 27.89 23.88
CA SER D 3020 -135.21 27.65 25.25
C SER D 3020 -135.50 26.22 25.67
N LEU D 3021 -136.62 25.66 25.22
CA LEU D 3021 -136.96 24.29 25.59
C LEU D 3021 -135.93 23.31 25.06
N PHE D 3022 -135.48 23.51 23.82
CA PHE D 3022 -134.34 22.75 23.33
C PHE D 3022 -133.08 23.16 24.07
N GLY D 3023 -132.29 22.17 24.47
CA GLY D 3023 -131.11 22.41 25.29
C GLY D 3023 -129.95 22.99 24.52
N ASN D 3024 -130.07 24.25 24.13
CA ASN D 3024 -129.01 25.00 23.45
C ASN D 3024 -128.69 24.39 22.08
N ASP D 3025 -129.50 23.44 21.64
CA ASP D 3025 -129.38 22.86 20.32
C ASP D 3025 -130.27 23.56 19.29
N ALA D 3026 -130.97 24.62 19.71
CA ALA D 3026 -131.76 25.41 18.78
C ALA D 3026 -130.90 25.90 17.61
N THR D 3027 -129.61 26.11 17.85
CA THR D 3027 -128.70 26.41 16.75
C THR D 3027 -128.66 25.26 15.76
N SER D 3028 -128.61 24.02 16.25
CA SER D 3028 -128.60 22.88 15.35
C SER D 3028 -129.89 22.80 14.55
N ILE D 3029 -131.03 23.06 15.20
CA ILE D 3029 -132.28 23.10 14.43
C ILE D 3029 -132.28 24.23 13.41
N VAL D 3030 -131.69 25.37 13.74
CA VAL D 3030 -131.58 26.45 12.76
C VAL D 3030 -130.78 26.00 11.56
N ASN D 3031 -129.67 25.30 11.80
CA ASN D 3031 -128.86 24.79 10.70
C ASN D 3031 -129.66 23.79 9.86
N CYS D 3032 -130.42 22.91 10.54
CA CYS D 3032 -131.24 21.94 9.83
C CYS D 3032 -132.23 22.63 8.91
N LEU D 3033 -132.95 23.63 9.45
CA LEU D 3033 -133.91 24.36 8.64
C LEU D 3033 -133.24 25.10 7.50
N HIS D 3034 -132.08 25.71 7.76
CA HIS D 3034 -131.38 26.46 6.73
C HIS D 3034 -130.96 25.56 5.58
N ILE D 3035 -130.39 24.40 5.88
CA ILE D 3035 -129.97 23.50 4.80
C ILE D 3035 -131.17 22.89 4.10
N LEU D 3036 -132.22 22.53 4.85
CA LEU D 3036 -133.40 21.97 4.21
C LEU D 3036 -134.05 22.97 3.27
N GLY D 3037 -134.00 24.26 3.61
CA GLY D 3037 -134.53 25.27 2.72
C GLY D 3037 -133.88 25.23 1.36
N GLN D 3038 -132.56 25.09 1.32
CA GLN D 3038 -131.87 24.91 0.05
C GLN D 3038 -132.27 23.61 -0.61
N THR D 3039 -132.47 22.56 0.18
CA THR D 3039 -132.86 21.28 -0.42
C THR D 3039 -134.27 21.29 -0.99
N LEU D 3040 -135.12 22.24 -0.59
CA LEU D 3040 -136.49 22.26 -1.09
C LEU D 3040 -136.55 22.54 -2.58
N ASP D 3041 -137.55 21.97 -3.24
CA ASP D 3041 -137.90 22.28 -4.62
C ASP D 3041 -139.38 22.66 -4.63
N ALA D 3042 -139.67 23.92 -4.91
CA ALA D 3042 -141.03 24.42 -4.78
C ALA D 3042 -141.86 24.18 -6.05
N ARG D 3043 -141.24 24.30 -7.23
CA ARG D 3043 -141.99 24.16 -8.48
C ARG D 3043 -142.61 22.78 -8.61
N THR D 3044 -141.82 21.74 -8.30
CA THR D 3044 -142.31 20.37 -8.43
C THR D 3044 -143.49 20.13 -7.50
N VAL D 3045 -143.37 20.59 -6.24
CA VAL D 3045 -144.43 20.32 -5.27
C VAL D 3045 -145.66 21.17 -5.58
N MET D 3046 -145.47 22.35 -6.17
CA MET D 3046 -146.62 23.16 -6.54
C MET D 3046 -147.40 22.53 -7.69
N LYS D 3047 -146.71 22.14 -8.76
CA LYS D 3047 -147.43 21.61 -9.90
C LYS D 3047 -147.97 20.21 -9.61
N THR D 3048 -147.24 19.44 -8.82
CA THR D 3048 -147.68 18.11 -8.41
C THR D 3048 -147.31 17.93 -6.95
N GLY D 3049 -148.31 18.00 -6.07
CA GLY D 3049 -148.05 17.85 -4.65
C GLY D 3049 -149.30 17.52 -3.88
N LEU D 3050 -149.09 17.07 -2.65
CA LEU D 3050 -150.20 16.72 -1.78
C LEU D 3050 -150.75 17.96 -1.08
N GLU D 3051 -152.08 18.05 -1.02
CA GLU D 3051 -152.70 19.26 -0.52
C GLU D 3051 -152.38 19.50 0.95
N SER D 3052 -152.23 18.42 1.72
CA SER D 3052 -151.88 18.57 3.13
C SER D 3052 -150.51 19.21 3.28
N VAL D 3053 -149.54 18.79 2.47
CA VAL D 3053 -148.21 19.39 2.53
C VAL D 3053 -148.25 20.83 2.03
N LYS D 3054 -149.05 21.08 0.99
CA LYS D 3054 -149.22 22.44 0.50
C LYS D 3054 -149.74 23.35 1.61
N SER D 3055 -150.75 22.88 2.34
CA SER D 3055 -151.33 23.65 3.42
C SER D 3055 -150.36 23.81 4.58
N ALA D 3056 -149.56 22.77 4.86
CA ALA D 3056 -148.57 22.88 5.92
C ALA D 3056 -147.54 23.97 5.59
N LEU D 3057 -147.08 23.99 4.34
CA LEU D 3057 -146.13 25.00 3.90
C LEU D 3057 -146.72 26.40 3.89
N ARG D 3058 -147.97 26.54 3.42
CA ARG D 3058 -148.66 27.81 3.48
C ARG D 3058 -148.81 28.29 4.93
N ALA D 3059 -149.18 27.39 5.82
CA ALA D 3059 -149.35 27.74 7.22
C ALA D 3059 -148.02 28.07 7.88
N PHE D 3060 -146.93 27.45 7.44
CA PHE D 3060 -145.62 27.84 7.92
C PHE D 3060 -145.31 29.29 7.55
N LEU D 3061 -145.50 29.62 6.27
CA LEU D 3061 -145.26 31.00 5.86
C LEU D 3061 -146.15 31.96 6.63
N ASP D 3062 -147.43 31.61 6.79
CA ASP D 3062 -148.34 32.45 7.55
C ASP D 3062 -147.87 32.61 8.99
N ASN D 3063 -147.46 31.51 9.63
CA ASN D 3063 -147.07 31.54 11.03
C ASN D 3063 -145.88 32.46 11.22
N ALA D 3064 -144.89 32.35 10.34
CA ALA D 3064 -143.81 33.32 10.35
C ALA D 3064 -144.34 34.73 10.24
N ALA D 3065 -145.34 34.95 9.39
CA ALA D 3065 -145.93 36.28 9.26
C ALA D 3065 -146.51 36.81 10.57
N GLU D 3066 -147.39 36.07 11.26
CA GLU D 3066 -147.99 36.69 12.45
C GLU D 3066 -146.97 36.75 13.58
N ASP D 3067 -146.00 35.83 13.62
CA ASP D 3067 -144.96 35.95 14.63
C ASP D 3067 -144.21 37.26 14.46
N LEU D 3068 -143.85 37.58 13.21
CA LEU D 3068 -143.12 38.82 12.96
C LEU D 3068 -143.99 40.05 13.23
N GLU D 3069 -145.27 39.97 12.89
CA GLU D 3069 -146.19 41.06 13.19
C GLU D 3069 -146.31 41.29 14.70
N LYS D 3070 -146.40 40.21 15.47
CA LYS D 3070 -146.45 40.32 16.92
C LYS D 3070 -145.18 40.95 17.47
N THR D 3071 -144.03 40.58 16.90
CA THR D 3071 -142.79 41.19 17.34
C THR D 3071 -142.83 42.70 17.10
N MET D 3072 -143.31 43.12 15.92
CA MET D 3072 -143.48 44.56 15.71
C MET D 3072 -144.36 45.17 16.77
N GLU D 3073 -145.55 44.61 16.97
CA GLU D 3073 -146.55 45.30 17.77
C GLU D 3073 -146.05 45.45 19.21
N ASN D 3074 -145.41 44.40 19.74
CA ASN D 3074 -144.90 44.50 21.11
C ASN D 3074 -143.71 45.45 21.18
N LEU D 3075 -142.79 45.37 20.21
CA LEU D 3075 -141.61 46.24 20.22
C LEU D 3075 -142.01 47.71 20.11
N LYS D 3076 -143.09 48.00 19.39
CA LYS D 3076 -143.54 49.38 19.25
C LYS D 3076 -144.34 49.85 20.46
N GLN D 3077 -145.27 49.02 20.96
CA GLN D 3077 -146.11 49.47 22.06
C GLN D 3077 -145.29 49.61 23.35
N GLY D 3078 -144.34 48.70 23.57
CA GLY D 3078 -143.60 48.74 24.82
C GLY D 3078 -142.16 48.31 24.71
N GLN D 3079 -141.26 49.19 25.18
CA GLN D 3079 -139.86 48.81 25.30
C GLN D 3079 -139.61 48.03 26.58
N PHE D 3080 -140.56 48.07 27.50
CA PHE D 3080 -140.41 47.38 28.78
C PHE D 3080 -140.30 45.87 28.58
N THR D 3081 -139.37 45.25 29.29
CA THR D 3081 -139.16 43.82 29.20
C THR D 3081 -140.32 43.05 29.82
N LYS D 3088 -140.33 35.89 30.30
CA LYS D 3088 -141.43 36.67 29.76
C LYS D 3088 -141.78 36.20 28.35
N GLY D 3089 -143.08 36.15 28.05
CA GLY D 3089 -143.51 35.63 26.75
C GLY D 3089 -143.06 36.50 25.59
N VAL D 3090 -143.18 37.82 25.73
CA VAL D 3090 -142.77 38.70 24.64
C VAL D 3090 -141.26 38.68 24.43
N THR D 3091 -140.47 38.63 25.52
CA THR D 3091 -139.03 38.50 25.37
C THR D 3091 -138.68 37.17 24.72
N GLN D 3092 -139.40 36.10 25.10
CA GLN D 3092 -139.15 34.79 24.51
C GLN D 3092 -139.43 34.79 23.01
N ILE D 3093 -140.55 35.38 22.59
CA ILE D 3093 -140.88 35.38 21.17
C ILE D 3093 -139.93 36.30 20.40
N ILE D 3094 -139.50 37.41 21.01
CA ILE D 3094 -138.53 38.28 20.35
C ILE D 3094 -137.22 37.54 20.13
N ASN D 3095 -136.73 36.84 21.16
CA ASN D 3095 -135.51 36.06 21.02
C ASN D 3095 -135.67 34.95 20.00
N TYR D 3096 -136.81 34.26 20.00
CA TYR D 3096 -137.10 33.25 18.99
C TYR D 3096 -136.98 33.82 17.60
N THR D 3097 -137.65 34.95 17.36
CA THR D 3097 -137.57 35.62 16.07
C THR D 3097 -136.12 35.88 15.69
N THR D 3098 -135.43 36.69 16.51
CA THR D 3098 -134.08 37.13 16.15
C THR D 3098 -133.13 35.97 15.96
N VAL D 3099 -133.30 34.89 16.74
CA VAL D 3099 -132.34 33.80 16.68
C VAL D 3099 -132.62 32.90 15.48
N ALA D 3100 -133.86 32.44 15.35
CA ALA D 3100 -134.17 31.42 14.34
C ALA D 3100 -134.98 31.96 13.17
N LEU D 3101 -136.04 32.74 13.45
CA LEU D 3101 -137.03 33.01 12.42
C LEU D 3101 -136.46 33.89 11.32
N LEU D 3102 -135.77 34.96 11.70
CA LEU D 3102 -135.17 35.83 10.69
C LEU D 3102 -134.13 35.11 9.85
N PRO D 3103 -133.15 34.40 10.42
CA PRO D 3103 -132.19 33.69 9.56
C PRO D 3103 -132.83 32.67 8.64
N MET D 3104 -133.82 31.92 9.12
CA MET D 3104 -134.40 30.86 8.30
C MET D 3104 -135.24 31.45 7.18
N LEU D 3105 -136.00 32.51 7.48
CA LEU D 3105 -136.71 33.22 6.41
C LEU D 3105 -135.75 33.80 5.39
N SER D 3106 -134.63 34.37 5.86
CA SER D 3106 -133.63 34.89 4.94
C SER D 3106 -133.10 33.80 4.02
N SER D 3107 -132.74 32.65 4.59
CA SER D 3107 -132.20 31.56 3.78
C SER D 3107 -133.23 31.06 2.78
N LEU D 3108 -134.47 30.86 3.23
CA LEU D 3108 -135.50 30.37 2.33
C LEU D 3108 -135.77 31.35 1.21
N PHE D 3109 -135.85 32.64 1.53
CA PHE D 3109 -136.11 33.64 0.52
C PHE D 3109 -134.97 33.73 -0.48
N GLU D 3110 -133.73 33.70 -0.01
CA GLU D 3110 -132.59 33.72 -0.92
C GLU D 3110 -132.60 32.51 -1.85
N HIS D 3111 -132.88 31.32 -1.28
CA HIS D 3111 -132.98 30.11 -2.08
C HIS D 3111 -134.04 30.25 -3.17
N ILE D 3112 -135.25 30.66 -2.79
CA ILE D 3112 -136.34 30.78 -3.73
C ILE D 3112 -136.02 31.81 -4.81
N GLY D 3113 -135.43 32.94 -4.43
CA GLY D 3113 -135.07 33.96 -5.39
C GLY D 3113 -134.01 33.52 -6.38
N GLN D 3114 -132.96 32.87 -5.89
CA GLN D 3114 -131.86 32.52 -6.79
C GLN D 3114 -132.19 31.28 -7.62
N HIS D 3115 -133.19 30.50 -7.22
CA HIS D 3115 -133.71 29.49 -8.12
C HIS D 3115 -134.93 29.95 -8.90
N GLN D 3116 -135.41 31.18 -8.66
CA GLN D 3116 -136.58 31.74 -9.33
C GLN D 3116 -137.82 30.91 -9.09
N PHE D 3117 -138.05 30.47 -7.86
CA PHE D 3117 -139.25 29.70 -7.55
C PHE D 3117 -140.36 30.56 -6.96
N GLY D 3118 -140.15 31.87 -6.86
CA GLY D 3118 -141.18 32.72 -6.28
C GLY D 3118 -142.43 32.79 -7.13
N GLU D 3119 -142.28 33.04 -8.43
CA GLU D 3119 -143.41 33.34 -9.29
C GLU D 3119 -144.40 32.19 -9.39
N ASP D 3120 -144.03 30.98 -9.00
CA ASP D 3120 -144.96 29.86 -8.94
C ASP D 3120 -145.19 29.34 -7.53
N LEU D 3121 -144.31 29.67 -6.59
CA LEU D 3121 -144.55 29.25 -5.20
C LEU D 3121 -145.56 30.15 -4.52
N ILE D 3122 -145.44 31.47 -4.72
CA ILE D 3122 -146.21 32.44 -3.96
C ILE D 3122 -147.24 33.11 -4.87
N LEU D 3123 -148.46 32.58 -4.89
CA LEU D 3123 -149.52 33.20 -5.66
C LEU D 3123 -150.72 33.65 -4.83
N GLU D 3124 -151.32 32.75 -4.07
CA GLU D 3124 -152.60 33.04 -3.43
C GLU D 3124 -152.48 33.00 -1.92
N ASP D 3125 -152.71 34.16 -1.29
CA ASP D 3125 -152.82 34.36 0.15
C ASP D 3125 -151.46 34.20 0.83
N VAL D 3126 -150.53 33.54 0.15
CA VAL D 3126 -149.15 33.55 0.60
C VAL D 3126 -148.50 34.84 0.16
N GLN D 3127 -148.93 35.38 -0.97
CA GLN D 3127 -148.55 36.74 -1.31
C GLN D 3127 -149.03 37.72 -0.26
N VAL D 3128 -150.27 37.55 0.23
CA VAL D 3128 -150.79 38.46 1.24
C VAL D 3128 -149.99 38.34 2.53
N SER D 3129 -149.70 37.11 2.95
CA SER D 3129 -148.85 36.92 4.12
C SER D 3129 -147.50 37.60 3.93
N CYS D 3130 -146.92 37.53 2.74
CA CYS D 3130 -145.60 38.11 2.55
C CYS D 3130 -145.67 39.63 2.37
N TYR D 3131 -146.83 40.18 1.97
CA TYR D 3131 -147.01 41.62 2.09
C TYR D 3131 -146.99 42.04 3.54
N ARG D 3132 -147.65 41.27 4.41
CA ARG D 3132 -147.53 41.53 5.83
C ARG D 3132 -146.07 41.46 6.27
N ILE D 3133 -145.34 40.47 5.75
CA ILE D 3133 -143.93 40.31 6.12
C ILE D 3133 -143.10 41.51 5.66
N LEU D 3134 -143.33 41.99 4.44
CA LEU D 3134 -142.53 43.11 3.94
C LEU D 3134 -142.81 44.37 4.75
N THR D 3135 -144.09 44.66 5.03
CA THR D 3135 -144.39 45.78 5.90
C THR D 3135 -143.73 45.62 7.25
N SER D 3136 -143.76 44.40 7.80
CA SER D 3136 -143.16 44.14 9.10
C SER D 3136 -141.67 44.44 9.09
N LEU D 3137 -140.94 43.84 8.15
CA LEU D 3137 -139.49 44.01 8.12
C LEU D 3137 -139.12 45.46 7.85
N TYR D 3138 -139.85 46.12 6.95
CA TYR D 3138 -139.50 47.51 6.65
C TYR D 3138 -139.73 48.41 7.86
N ALA D 3139 -140.85 48.22 8.56
CA ALA D 3139 -141.11 49.05 9.74
C ALA D 3139 -140.10 48.76 10.84
N LEU D 3140 -139.72 47.50 11.01
CA LEU D 3140 -138.70 47.17 12.00
C LEU D 3140 -137.37 47.78 11.64
N GLY D 3141 -137.01 47.76 10.35
CA GLY D 3141 -135.75 48.33 9.93
C GLY D 3141 -135.69 49.83 10.14
N THR D 3142 -136.79 50.52 9.81
CA THR D 3142 -136.83 51.96 9.99
C THR D 3142 -137.15 52.37 11.42
N SER D 3143 -137.45 51.43 12.30
CA SER D 3143 -137.63 51.74 13.70
C SER D 3143 -136.33 52.22 14.33
N LYS D 3144 -136.45 53.16 15.25
CA LYS D 3144 -135.30 53.73 15.95
C LYS D 3144 -135.09 53.11 17.32
N SER D 3145 -135.59 51.90 17.53
CA SER D 3145 -135.47 51.24 18.83
C SER D 3145 -134.02 50.82 19.08
N ILE D 3146 -133.50 51.19 20.25
CA ILE D 3146 -132.16 50.77 20.63
C ILE D 3146 -132.09 49.25 20.70
N TYR D 3147 -133.22 48.61 20.98
CA TYR D 3147 -133.26 47.15 21.02
C TYR D 3147 -133.03 46.55 19.63
N VAL D 3148 -133.71 47.09 18.62
CA VAL D 3148 -133.56 46.56 17.27
C VAL D 3148 -132.24 46.99 16.65
N GLU D 3149 -131.62 48.05 17.18
CA GLU D 3149 -130.30 48.44 16.68
C GLU D 3149 -129.29 47.30 16.83
N ARG D 3150 -129.44 46.47 17.87
CA ARG D 3150 -128.50 45.40 18.08
C ARG D 3150 -128.59 44.33 17.00
N GLN D 3151 -129.81 43.91 16.65
CA GLN D 3151 -130.03 42.88 15.63
C GLN D 3151 -130.31 43.49 14.27
N ARG D 3152 -129.96 44.77 14.08
CA ARG D 3152 -130.35 45.49 12.87
C ARG D 3152 -129.91 44.78 11.59
N SER D 3153 -128.66 44.35 11.51
CA SER D 3153 -128.13 43.84 10.25
C SER D 3153 -128.89 42.62 9.76
N ALA D 3154 -129.18 41.67 10.65
CA ALA D 3154 -129.87 40.45 10.27
C ALA D 3154 -131.19 40.77 9.58
N LEU D 3155 -131.91 41.77 10.08
CA LEU D 3155 -133.06 42.29 9.34
C LEU D 3155 -132.65 42.75 7.96
N GLY D 3156 -131.47 43.35 7.83
CA GLY D 3156 -130.99 43.77 6.52
C GLY D 3156 -130.88 42.61 5.55
N GLU D 3157 -130.16 41.55 5.93
CA GLU D 3157 -130.06 40.41 5.03
C GLU D 3157 -131.41 39.77 4.77
N CYS D 3158 -132.25 39.61 5.80
CA CYS D 3158 -133.52 38.93 5.61
C CYS D 3158 -134.42 39.69 4.64
N LEU D 3159 -134.56 41.00 4.83
CA LEU D 3159 -135.44 41.76 3.95
C LEU D 3159 -134.82 41.93 2.57
N ALA D 3160 -133.49 41.91 2.47
CA ALA D 3160 -132.87 41.95 1.16
C ALA D 3160 -133.16 40.67 0.38
N ALA D 3161 -133.05 39.51 1.05
CA ALA D 3161 -133.42 38.26 0.41
C ALA D 3161 -134.90 38.25 0.04
N PHE D 3162 -135.75 38.81 0.90
CA PHE D 3162 -137.16 38.89 0.57
C PHE D 3162 -137.41 39.76 -0.65
N ALA D 3163 -136.70 40.88 -0.76
CA ALA D 3163 -136.83 41.72 -1.94
C ALA D 3163 -136.38 40.99 -3.19
N GLY D 3164 -135.28 40.24 -3.10
CA GLY D 3164 -134.86 39.43 -4.23
C GLY D 3164 -135.80 38.30 -4.58
N ALA D 3165 -136.58 37.83 -3.62
CA ALA D 3165 -137.45 36.68 -3.85
C ALA D 3165 -138.85 37.08 -4.31
N PHE D 3166 -139.31 38.26 -3.92
CA PHE D 3166 -140.71 38.62 -4.14
C PHE D 3166 -140.96 38.88 -5.62
N PRO D 3167 -141.97 38.26 -6.22
CA PRO D 3167 -142.12 38.31 -7.68
C PRO D 3167 -143.02 39.42 -8.21
N VAL D 3168 -143.42 40.37 -7.37
CA VAL D 3168 -144.28 41.47 -7.79
C VAL D 3168 -143.59 42.78 -7.45
N ALA D 3169 -143.62 43.71 -8.41
CA ALA D 3169 -142.93 45.00 -8.28
C ALA D 3169 -143.64 45.83 -7.23
N PHE D 3170 -143.14 45.76 -6.00
CA PHE D 3170 -143.81 46.43 -4.90
C PHE D 3170 -143.39 47.90 -4.78
N LEU D 3171 -142.18 48.23 -5.20
CA LEU D 3171 -141.75 49.63 -5.14
C LEU D 3171 -142.52 50.49 -6.14
N GLU D 3172 -142.68 50.01 -7.36
CA GLU D 3172 -143.43 50.75 -8.39
C GLU D 3172 -144.80 50.11 -8.52
N THR D 3173 -145.82 50.83 -8.04
CA THR D 3173 -147.21 50.38 -8.12
C THR D 3173 -147.99 51.08 -9.21
N HIS D 3174 -147.38 52.05 -9.88
CA HIS D 3174 -148.06 52.81 -10.92
C HIS D 3174 -148.50 51.92 -12.08
N LEU D 3175 -147.62 51.02 -12.54
CA LEU D 3175 -147.98 50.06 -13.58
C LEU D 3175 -147.79 48.61 -13.13
N ASP D 3176 -148.24 48.27 -11.92
CA ASP D 3176 -148.39 46.86 -11.56
C ASP D 3176 -149.53 46.19 -12.31
N LYS D 3177 -150.39 46.98 -12.97
CA LYS D 3177 -151.44 46.40 -13.81
C LYS D 3177 -150.86 45.53 -14.91
N HIS D 3178 -149.62 45.79 -15.33
CA HIS D 3178 -148.99 44.96 -16.34
C HIS D 3178 -148.56 43.61 -15.78
N ASN D 3179 -148.39 43.52 -14.46
CA ASN D 3179 -147.99 42.24 -13.86
C ASN D 3179 -149.11 41.23 -13.99
N ILE D 3180 -148.78 40.05 -14.50
CA ILE D 3180 -149.79 39.01 -14.68
C ILE D 3180 -149.90 38.15 -13.43
N TYR D 3181 -148.81 37.99 -12.69
CA TYR D 3181 -148.87 37.27 -11.43
C TYR D 3181 -149.35 38.14 -10.28
N SER D 3182 -149.77 39.37 -10.56
CA SER D 3182 -150.21 40.29 -9.52
C SER D 3182 -151.40 39.72 -8.75
N ILE D 3183 -151.39 39.91 -7.44
CA ILE D 3183 -152.50 39.43 -6.61
C ILE D 3183 -153.79 40.13 -7.00
N TYR D 3184 -153.69 41.41 -7.38
CA TYR D 3184 -154.90 42.13 -7.77
C TYR D 3184 -155.50 41.57 -9.05
N ASN D 3185 -154.65 41.23 -10.02
CA ASN D 3185 -155.16 40.68 -11.27
C ASN D 3185 -155.70 39.26 -11.08
N THR D 3186 -154.96 38.43 -10.35
CA THR D 3186 -155.37 37.04 -10.22
C THR D 3186 -156.58 36.89 -9.29
N LYS D 3187 -156.56 37.58 -8.16
CA LYS D 3187 -157.58 37.38 -7.13
C LYS D 3187 -158.91 38.00 -7.54
N SER D 3188 -158.87 39.11 -8.28
CA SER D 3188 -160.03 39.82 -8.82
C SER D 3188 -160.78 40.57 -7.72
N SER D 3189 -161.76 41.39 -8.11
CA SER D 3189 -162.42 42.32 -7.20
C SER D 3189 -163.31 41.64 -6.17
N ARG D 3190 -164.11 40.65 -6.59
CA ARG D 3190 -164.97 39.91 -5.67
C ARG D 3190 -164.16 39.32 -4.52
N GLU D 3191 -163.13 38.56 -4.85
CA GLU D 3191 -162.34 37.88 -3.82
C GLU D 3191 -161.45 38.87 -3.08
N ARG D 3192 -161.03 39.93 -3.78
CA ARG D 3192 -160.22 40.96 -3.12
C ARG D 3192 -161.01 41.63 -2.01
N ALA D 3193 -162.27 41.99 -2.30
CA ALA D 3193 -163.12 42.55 -1.26
C ALA D 3193 -163.43 41.52 -0.19
N ALA D 3194 -163.58 40.25 -0.59
CA ALA D 3194 -163.84 39.20 0.40
C ALA D 3194 -162.69 39.10 1.40
N LEU D 3195 -161.45 39.16 0.91
CA LEU D 3195 -160.30 39.10 1.79
C LEU D 3195 -160.04 40.47 2.43
N SER D 3196 -159.45 40.45 3.62
CA SER D 3196 -159.12 41.67 4.35
C SER D 3196 -157.91 42.33 3.68
N LEU D 3197 -158.19 43.03 2.59
CA LEU D 3197 -157.16 43.64 1.77
C LEU D 3197 -157.58 45.06 1.38
N PRO D 3198 -156.64 46.01 1.32
CA PRO D 3198 -157.03 47.42 1.13
C PRO D 3198 -157.60 47.75 -0.24
N THR D 3199 -157.61 46.81 -1.18
CA THR D 3199 -158.16 46.94 -2.53
C THR D 3199 -157.45 48.00 -3.37
N ASN D 3200 -156.40 48.62 -2.86
CA ASN D 3200 -155.61 49.58 -3.62
C ASN D 3200 -154.15 49.15 -3.58
N VAL D 3201 -153.52 49.06 -4.75
CA VAL D 3201 -152.15 48.58 -4.85
C VAL D 3201 -151.24 49.56 -4.13
N GLU D 3202 -151.60 50.84 -4.17
CA GLU D 3202 -150.84 51.85 -3.43
C GLU D 3202 -151.06 51.73 -1.94
N ASP D 3203 -152.26 51.31 -1.53
CA ASP D 3203 -152.60 51.25 -0.11
C ASP D 3203 -152.16 49.96 0.56
N VAL D 3204 -151.81 48.93 -0.22
CA VAL D 3204 -151.48 47.64 0.37
C VAL D 3204 -150.22 47.74 1.22
N CYS D 3205 -149.37 48.71 0.90
CA CYS D 3205 -148.10 48.91 1.61
C CYS D 3205 -147.84 50.40 1.74
N PRO D 3206 -148.51 51.07 2.69
CA PRO D 3206 -148.42 52.53 2.74
C PRO D 3206 -147.05 53.06 3.14
N ASN D 3207 -146.46 52.50 4.19
CA ASN D 3207 -145.25 53.09 4.77
C ASN D 3207 -144.08 53.05 3.81
N ILE D 3208 -143.96 51.99 3.00
CA ILE D 3208 -142.84 51.87 2.07
C ILE D 3208 -142.98 52.91 0.96
N PRO D 3209 -141.95 53.72 0.72
CA PRO D 3209 -142.00 54.68 -0.37
C PRO D 3209 -141.78 54.03 -1.72
N SER D 3210 -142.07 54.79 -2.77
CA SER D 3210 -141.88 54.31 -4.13
C SER D 3210 -140.39 54.29 -4.49
N LEU D 3211 -140.08 53.59 -5.58
CA LEU D 3211 -138.71 53.52 -6.05
C LEU D 3211 -138.16 54.90 -6.43
N GLU D 3212 -138.94 55.69 -7.15
CA GLU D 3212 -138.49 57.03 -7.52
C GLU D 3212 -138.23 57.88 -6.28
N LYS D 3213 -139.20 57.91 -5.37
CA LYS D 3213 -138.99 58.62 -4.12
C LYS D 3213 -137.69 58.18 -3.45
N LEU D 3214 -137.56 56.89 -3.16
CA LEU D 3214 -136.35 56.42 -2.52
C LEU D 3214 -135.11 56.77 -3.30
N MET D 3215 -135.21 56.97 -4.61
CA MET D 3215 -134.09 57.50 -5.35
C MET D 3215 -133.77 58.94 -4.95
N GLU D 3216 -134.77 59.81 -4.80
CA GLU D 3216 -134.43 61.17 -4.35
C GLU D 3216 -133.90 61.19 -2.92
N GLU D 3217 -134.47 60.39 -2.01
CA GLU D 3217 -133.83 60.33 -0.69
C GLU D 3217 -132.43 59.75 -0.78
N ILE D 3218 -132.21 58.75 -1.65
CA ILE D 3218 -130.87 58.20 -1.73
C ILE D 3218 -129.88 59.24 -2.21
N VAL D 3219 -130.22 59.99 -3.25
CA VAL D 3219 -129.30 60.98 -3.76
C VAL D 3219 -129.10 62.12 -2.76
N GLU D 3220 -130.15 62.56 -2.06
CA GLU D 3220 -129.94 63.65 -1.11
C GLU D 3220 -129.10 63.19 0.06
N LEU D 3221 -129.27 61.95 0.52
CA LEU D 3221 -128.34 61.39 1.48
C LEU D 3221 -126.93 61.36 0.93
N ALA D 3222 -126.81 61.14 -0.37
CA ALA D 3222 -125.48 61.13 -0.98
C ALA D 3222 -124.82 62.49 -0.91
N GLU D 3223 -125.53 63.57 -1.24
CA GLU D 3223 -124.91 64.88 -1.11
C GLU D 3223 -124.70 65.24 0.35
N SER D 3224 -125.57 64.75 1.25
CA SER D 3224 -125.41 65.02 2.67
C SER D 3224 -124.12 64.42 3.21
N GLY D 3225 -123.88 63.13 2.92
CA GLY D 3225 -122.67 62.47 3.34
C GLY D 3225 -122.45 62.45 4.84
N ILE D 3226 -123.52 62.19 5.60
CA ILE D 3226 -123.47 62.25 7.05
C ILE D 3226 -122.76 61.03 7.62
N ARG D 3227 -122.36 61.12 8.88
CA ARG D 3227 -121.72 60.02 9.58
C ARG D 3227 -122.75 58.91 9.81
N TYR D 3228 -122.26 57.69 10.06
CA TYR D 3228 -123.15 56.53 10.04
C TYR D 3228 -124.22 56.61 11.11
N THR D 3229 -123.92 57.15 12.28
CA THR D 3229 -124.90 57.16 13.36
C THR D 3229 -126.04 58.15 13.13
N GLN D 3230 -125.92 59.04 12.13
CA GLN D 3230 -126.96 60.02 11.88
C GLN D 3230 -128.21 59.41 11.27
N MET D 3231 -128.06 58.45 10.36
CA MET D 3231 -129.22 57.80 9.73
C MET D 3231 -128.77 56.43 9.22
N PRO D 3232 -128.48 55.49 10.14
CA PRO D 3232 -128.03 54.16 9.73
C PRO D 3232 -129.09 53.38 8.98
N HIS D 3233 -130.36 53.71 9.25
CA HIS D 3233 -131.47 52.93 8.72
C HIS D 3233 -131.37 52.79 7.21
N VAL D 3234 -131.33 53.92 6.50
CA VAL D 3234 -131.32 53.89 5.06
C VAL D 3234 -130.10 53.12 4.55
N MET D 3235 -128.90 53.58 4.90
CA MET D 3235 -127.72 53.08 4.19
C MET D 3235 -127.26 51.72 4.71
N GLU D 3236 -127.95 51.16 5.70
CA GLU D 3236 -127.66 49.78 6.03
C GLU D 3236 -128.77 48.82 5.57
N VAL D 3237 -130.02 49.27 5.42
CA VAL D 3237 -131.07 48.35 4.98
C VAL D 3237 -131.58 48.72 3.59
N ILE D 3238 -131.97 49.97 3.40
CA ILE D 3238 -132.62 50.39 2.17
C ILE D 3238 -131.68 50.33 0.98
N LEU D 3239 -130.39 50.66 1.18
CA LEU D 3239 -129.44 50.52 0.08
C LEU D 3239 -129.30 49.08 -0.38
N PRO D 3240 -129.04 48.10 0.49
CA PRO D 3240 -129.16 46.71 0.03
C PRO D 3240 -130.54 46.41 -0.52
N MET D 3241 -131.57 47.09 0.00
CA MET D 3241 -132.93 46.85 -0.45
C MET D 3241 -133.03 47.16 -1.94
N LEU D 3242 -132.60 48.37 -2.30
CA LEU D 3242 -132.68 48.83 -3.68
C LEU D 3242 -131.72 48.05 -4.58
N CYS D 3243 -130.54 47.73 -4.06
CA CYS D 3243 -129.61 46.92 -4.84
C CYS D 3243 -130.25 45.58 -5.22
N SER D 3244 -130.83 44.89 -4.23
CA SER D 3244 -131.48 43.62 -4.50
C SER D 3244 -132.66 43.78 -5.44
N TYR D 3245 -133.47 44.82 -5.23
CA TYR D 3245 -134.65 45.00 -6.07
C TYR D 3245 -134.26 45.25 -7.51
N MET D 3246 -133.28 46.12 -7.76
CA MET D 3246 -132.90 46.37 -9.15
C MET D 3246 -132.22 45.15 -9.75
N SER D 3247 -131.40 44.44 -8.97
CA SER D 3247 -130.82 43.21 -9.47
C SER D 3247 -131.89 42.18 -9.82
N ARG D 3248 -133.03 42.21 -9.13
CA ARG D 3248 -134.09 41.25 -9.40
C ARG D 3248 -134.94 41.66 -10.60
N TRP D 3249 -135.21 42.95 -10.75
CA TRP D 3249 -136.09 43.42 -11.80
C TRP D 3249 -135.38 43.95 -13.04
N TRP D 3250 -134.05 43.87 -13.09
CA TRP D 3250 -133.35 44.32 -14.29
C TRP D 3250 -133.77 43.54 -15.53
N GLU D 3251 -133.74 42.22 -15.45
CA GLU D 3251 -134.09 41.42 -16.63
C GLU D 3251 -135.55 41.61 -17.02
N HIS D 3252 -136.40 41.99 -16.06
CA HIS D 3252 -137.78 42.33 -16.39
C HIS D 3252 -137.91 43.77 -16.89
N GLY D 3253 -136.87 44.59 -16.74
CA GLY D 3253 -136.89 45.92 -17.28
C GLY D 3253 -137.03 45.92 -18.80
N PRO D 3254 -137.72 46.95 -19.33
CA PRO D 3254 -137.95 46.98 -20.79
C PRO D 3254 -136.69 47.02 -21.61
N GLU D 3255 -135.62 47.62 -21.08
CA GLU D 3255 -134.37 47.68 -21.82
C GLU D 3255 -133.74 46.30 -21.98
N ASN D 3256 -134.05 45.38 -21.05
CA ASN D 3256 -133.56 44.01 -21.18
C ASN D 3256 -134.28 43.24 -22.27
N ASN D 3257 -135.57 43.52 -22.48
CA ASN D 3257 -136.38 42.89 -23.51
C ASN D 3257 -136.98 43.99 -24.37
N PRO D 3258 -136.21 44.54 -25.32
CA PRO D 3258 -136.72 45.66 -26.13
C PRO D 3258 -138.00 45.32 -26.89
N GLU D 3259 -138.14 44.10 -27.37
CA GLU D 3259 -139.39 43.70 -27.97
C GLU D 3259 -140.38 43.37 -26.84
N ARG D 3260 -141.62 43.83 -27.02
CA ARG D 3260 -142.66 43.86 -26.00
C ARG D 3260 -142.36 44.92 -24.93
N ALA D 3261 -141.64 45.96 -25.30
CA ALA D 3261 -141.30 47.01 -24.35
C ALA D 3261 -142.54 47.80 -23.95
N GLU D 3262 -142.47 48.41 -22.76
CA GLU D 3262 -143.47 49.31 -22.20
C GLU D 3262 -144.68 48.50 -21.74
N MET D 3263 -144.72 47.21 -22.07
CA MET D 3263 -145.67 46.30 -21.44
C MET D 3263 -145.07 45.61 -20.22
N CYS D 3264 -143.83 45.91 -19.87
CA CYS D 3264 -143.19 45.25 -18.75
C CYS D 3264 -143.77 45.74 -17.43
N CYS D 3265 -143.54 44.97 -16.36
CA CYS D 3265 -144.09 45.30 -15.06
C CYS D 3265 -143.53 46.62 -14.55
N THR D 3266 -142.22 46.83 -14.70
CA THR D 3266 -141.54 47.97 -14.12
C THR D 3266 -140.35 48.37 -15.00
N ALA D 3267 -140.04 49.65 -14.99
CA ALA D 3267 -139.02 50.20 -15.87
C ALA D 3267 -137.67 50.26 -15.17
N LEU D 3268 -136.69 49.55 -15.72
CA LEU D 3268 -135.32 49.53 -15.21
C LEU D 3268 -134.40 50.12 -16.26
N ASN D 3269 -133.57 51.07 -15.84
CA ASN D 3269 -132.68 51.77 -16.75
C ASN D 3269 -131.24 51.69 -16.27
N SER D 3270 -130.34 51.51 -17.25
CA SER D 3270 -128.91 51.52 -16.95
C SER D 3270 -128.52 52.80 -16.25
N GLU D 3271 -129.17 53.91 -16.62
CA GLU D 3271 -128.91 55.18 -15.96
C GLU D 3271 -129.24 55.09 -14.47
N HIS D 3272 -130.35 54.43 -14.14
CA HIS D 3272 -130.70 54.24 -12.74
C HIS D 3272 -129.67 53.40 -12.01
N MET D 3273 -129.19 52.30 -12.63
CA MET D 3273 -128.19 51.52 -11.88
C MET D 3273 -126.91 52.32 -11.68
N ASN D 3274 -126.49 53.07 -12.70
CA ASN D 3274 -125.28 53.88 -12.55
C ASN D 3274 -125.46 54.95 -11.49
N THR D 3275 -126.63 55.59 -11.45
CA THR D 3275 -126.90 56.56 -10.40
C THR D 3275 -126.82 55.92 -9.04
N LEU D 3276 -127.42 54.73 -8.89
CA LEU D 3276 -127.42 54.08 -7.58
C LEU D 3276 -125.99 53.75 -7.15
N LEU D 3277 -125.23 53.09 -8.03
CA LEU D 3277 -123.87 52.69 -7.69
C LEU D 3277 -123.00 53.91 -7.44
N GLY D 3278 -123.28 55.02 -8.12
CA GLY D 3278 -122.59 56.25 -7.84
C GLY D 3278 -122.88 56.70 -6.42
N ASN D 3279 -124.15 56.57 -6.02
CA ASN D 3279 -124.50 56.91 -4.65
C ASN D 3279 -123.71 56.05 -3.65
N ILE D 3280 -123.70 54.72 -3.86
CA ILE D 3280 -122.88 53.89 -2.97
C ILE D 3280 -121.45 54.38 -2.94
N LEU D 3281 -120.76 54.33 -4.08
CA LEU D 3281 -119.35 54.65 -4.10
C LEU D 3281 -119.05 56.00 -3.47
N LYS D 3282 -119.89 57.01 -3.68
CA LYS D 3282 -119.51 58.33 -3.20
C LYS D 3282 -119.86 58.52 -1.73
N ILE D 3283 -120.92 57.87 -1.23
CA ILE D 3283 -121.14 57.90 0.21
C ILE D 3283 -120.07 57.09 0.92
N ILE D 3284 -119.60 56.01 0.28
CA ILE D 3284 -118.46 55.28 0.81
C ILE D 3284 -117.23 56.18 0.87
N TYR D 3285 -117.01 57.00 -0.15
CA TYR D 3285 -115.89 57.94 -0.08
C TYR D 3285 -116.07 58.93 1.06
N ASN D 3286 -117.28 59.45 1.25
CA ASN D 3286 -117.51 60.40 2.34
C ASN D 3286 -117.26 59.76 3.71
N ASN D 3287 -117.75 58.54 3.92
CA ASN D 3287 -117.71 57.93 5.24
C ASN D 3287 -116.46 57.09 5.49
N LEU D 3288 -115.62 56.84 4.48
CA LEU D 3288 -114.48 55.96 4.70
C LEU D 3288 -113.48 56.57 5.68
N GLY D 3289 -113.26 57.88 5.60
CA GLY D 3289 -112.33 58.53 6.51
C GLY D 3289 -112.87 58.55 7.93
N ILE D 3290 -114.19 58.45 8.06
CA ILE D 3290 -114.83 58.53 9.37
C ILE D 3290 -114.93 57.12 9.96
N ASP D 3291 -113.84 56.68 10.58
CA ASP D 3291 -113.73 55.55 11.50
C ASP D 3291 -114.06 54.20 10.86
N GLU D 3292 -114.50 54.20 9.59
CA GLU D 3292 -114.79 52.97 8.86
C GLU D 3292 -115.76 52.07 9.62
N GLY D 3293 -115.90 50.82 9.17
CA GLY D 3293 -116.67 49.83 9.91
C GLY D 3293 -117.10 48.69 9.01
N ALA D 3294 -117.77 47.72 9.64
CA ALA D 3294 -118.07 46.47 8.94
C ALA D 3294 -119.29 46.58 8.03
N TRP D 3295 -120.11 47.62 8.18
CA TRP D 3295 -121.31 47.69 7.35
C TRP D 3295 -120.90 47.80 5.89
N MET D 3296 -119.74 48.40 5.61
CA MET D 3296 -119.29 48.51 4.24
C MET D 3296 -118.73 47.19 3.71
N LYS D 3297 -118.11 46.38 4.56
CA LYS D 3297 -117.88 44.98 4.19
C LYS D 3297 -119.16 44.27 3.80
N ARG D 3298 -120.25 44.52 4.53
CA ARG D 3298 -121.51 43.92 4.11
C ARG D 3298 -121.97 44.53 2.78
N LEU D 3299 -121.98 45.86 2.68
CA LEU D 3299 -122.52 46.52 1.51
C LEU D 3299 -121.76 46.14 0.25
N ALA D 3300 -120.48 45.83 0.37
CA ALA D 3300 -119.72 45.39 -0.80
C ALA D 3300 -120.30 44.10 -1.38
N VAL D 3301 -120.62 43.13 -0.52
CA VAL D 3301 -121.14 41.88 -1.06
C VAL D 3301 -122.61 42.00 -1.42
N PHE D 3302 -123.36 42.92 -0.80
CA PHE D 3302 -124.70 43.18 -1.32
C PHE D 3302 -124.66 43.85 -2.69
N SER D 3303 -123.70 44.72 -2.93
CA SER D 3303 -123.60 45.46 -4.17
C SER D 3303 -122.75 44.76 -5.23
N GLN D 3304 -122.20 43.60 -4.91
CA GLN D 3304 -121.53 42.79 -5.94
C GLN D 3304 -122.39 42.51 -7.17
N PRO D 3305 -123.66 42.09 -7.05
CA PRO D 3305 -124.43 41.81 -8.27
C PRO D 3305 -124.57 42.99 -9.21
N ILE D 3306 -124.80 44.20 -8.69
CA ILE D 3306 -124.93 45.34 -9.58
C ILE D 3306 -123.60 45.72 -10.22
N ILE D 3307 -122.49 45.62 -9.49
CA ILE D 3307 -121.18 45.86 -10.10
C ILE D 3307 -120.77 44.74 -11.02
N ASN D 3308 -121.50 43.63 -11.02
CA ASN D 3308 -121.34 42.65 -12.09
C ASN D 3308 -122.17 43.00 -13.32
N LYS D 3309 -123.44 43.38 -13.12
CA LYS D 3309 -124.28 43.73 -14.27
C LYS D 3309 -123.78 44.99 -14.98
N VAL D 3310 -123.06 45.87 -14.26
CA VAL D 3310 -122.57 47.09 -14.91
C VAL D 3310 -121.50 46.72 -15.93
N LYS D 3311 -121.47 47.48 -17.04
CA LYS D 3311 -120.60 47.34 -18.21
C LYS D 3311 -119.15 47.70 -17.86
N PRO D 3312 -118.17 47.16 -18.59
CA PRO D 3312 -116.77 47.46 -18.25
C PRO D 3312 -116.30 48.83 -18.70
N GLN D 3313 -116.79 49.34 -19.84
CA GLN D 3313 -116.54 50.73 -20.17
C GLN D 3313 -117.10 51.66 -19.10
N LEU D 3314 -118.14 51.20 -18.40
CA LEU D 3314 -118.62 51.94 -17.25
C LEU D 3314 -117.75 51.65 -16.03
N LEU D 3315 -117.04 50.51 -16.03
CA LEU D 3315 -116.11 50.24 -14.95
C LEU D 3315 -114.91 51.18 -14.96
N LYS D 3316 -114.35 51.47 -16.14
CA LYS D 3316 -113.39 52.55 -16.20
C LYS D 3316 -114.05 53.88 -15.88
N THR D 3317 -113.24 54.79 -15.32
CA THR D 3317 -113.63 56.12 -14.88
C THR D 3317 -114.58 56.06 -13.69
N HIS D 3318 -114.91 54.86 -13.22
CA HIS D 3318 -115.76 54.71 -12.05
C HIS D 3318 -115.09 53.94 -10.93
N PHE D 3319 -114.52 52.76 -11.21
CA PHE D 3319 -113.81 52.04 -10.17
C PHE D 3319 -112.39 52.55 -9.99
N LEU D 3320 -111.81 53.17 -11.03
CA LEU D 3320 -110.53 53.85 -10.84
C LEU D 3320 -110.64 54.95 -9.79
N PRO D 3321 -111.69 55.78 -9.79
CA PRO D 3321 -111.93 56.62 -8.60
C PRO D 3321 -112.07 55.81 -7.33
N LEU D 3322 -112.75 54.65 -7.39
CA LEU D 3322 -112.86 53.82 -6.21
C LEU D 3322 -111.49 53.30 -5.78
N MET D 3323 -110.65 52.96 -6.76
CA MET D 3323 -109.28 52.57 -6.47
C MET D 3323 -108.49 53.66 -5.75
N GLU D 3324 -108.56 54.90 -6.25
CA GLU D 3324 -107.78 55.96 -5.63
C GLU D 3324 -108.34 56.30 -4.25
N LYS D 3325 -109.66 56.20 -4.07
CA LYS D 3325 -110.22 56.44 -2.75
C LYS D 3325 -109.87 55.32 -1.80
N LEU D 3326 -109.59 54.12 -2.33
CA LEU D 3326 -108.96 53.10 -1.52
C LEU D 3326 -107.57 53.50 -1.10
N LYS D 3327 -106.74 53.93 -2.05
CA LYS D 3327 -105.35 54.22 -1.73
C LYS D 3327 -105.15 55.52 -0.96
N LYS D 3328 -106.20 56.34 -0.78
CA LYS D 3328 -106.00 57.56 0.00
C LYS D 3328 -105.63 57.22 1.44
N LYS D 3329 -106.25 56.19 2.01
CA LYS D 3329 -105.91 55.74 3.35
C LYS D 3329 -104.67 54.86 3.30
N ALA D 3330 -103.69 55.16 4.15
CA ALA D 3330 -102.44 54.40 4.13
C ALA D 3330 -102.68 52.92 4.45
N ALA D 3331 -103.45 52.65 5.51
CA ALA D 3331 -103.85 51.29 5.85
C ALA D 3331 -105.37 51.25 5.92
N THR D 3332 -105.98 50.39 5.11
CA THR D 3332 -107.43 50.38 4.95
C THR D 3332 -107.97 49.02 5.39
N VAL D 3333 -108.73 49.01 6.48
CA VAL D 3333 -109.40 47.77 6.91
C VAL D 3333 -110.52 47.42 5.95
N VAL D 3334 -111.30 48.42 5.54
CA VAL D 3334 -112.45 48.18 4.68
C VAL D 3334 -112.03 48.26 3.22
N SER D 3335 -111.68 47.10 2.65
CA SER D 3335 -111.22 47.02 1.27
C SER D 3335 -112.44 46.99 0.34
N GLU D 3336 -112.87 48.17 -0.09
CA GLU D 3336 -113.92 48.24 -1.10
C GLU D 3336 -113.37 47.74 -2.44
N GLU D 3337 -114.12 46.87 -3.10
CA GLU D 3337 -113.64 46.32 -4.36
C GLU D 3337 -114.18 47.13 -5.52
N VAL D 3599 -97.56 28.88 25.49
CA VAL D 3599 -96.30 29.39 25.98
C VAL D 3599 -96.35 29.51 27.51
N VAL D 3600 -97.58 29.59 28.04
CA VAL D 3600 -97.76 29.65 29.49
C VAL D 3600 -97.28 28.36 30.14
N ALA D 3601 -97.60 27.21 29.53
CA ALA D 3601 -97.13 25.93 30.06
C ALA D 3601 -95.62 25.85 30.02
N CYS D 3602 -95.00 26.33 28.94
CA CYS D 3602 -93.55 26.33 28.83
C CYS D 3602 -92.93 27.21 29.91
N PHE D 3603 -93.51 28.38 30.16
CA PHE D 3603 -93.01 29.25 31.22
C PHE D 3603 -93.22 28.64 32.60
N ARG D 3604 -94.24 27.79 32.74
CA ARG D 3604 -94.52 27.14 34.02
C ARG D 3604 -93.53 26.00 34.22
N MET D 3605 -92.70 26.12 35.26
CA MET D 3605 -91.68 25.15 35.62
C MET D 3605 -91.67 24.93 37.13
N ALA D 3606 -90.59 24.36 37.65
CA ALA D 3606 -90.45 24.10 39.08
C ALA D 3606 -89.55 25.14 39.73
N PRO D 3607 -90.12 26.21 40.30
CA PRO D 3607 -89.30 27.21 40.97
C PRO D 3607 -89.00 26.81 42.41
N LEU D 3608 -88.20 27.63 43.08
CA LEU D 3608 -87.87 27.35 44.48
C LEU D 3608 -89.05 27.60 45.40
N TYR D 3609 -89.93 28.53 45.06
CA TYR D 3609 -91.00 28.89 45.99
C TYR D 3609 -92.02 27.76 46.13
N ASN D 3610 -92.10 26.87 45.14
CA ASN D 3610 -93.02 25.74 45.25
C ASN D 3610 -92.41 24.60 46.06
N LEU D 3611 -91.08 24.54 46.12
CA LEU D 3611 -90.41 23.41 46.74
C LEU D 3611 -90.64 23.42 48.25
N PRO D 3612 -90.64 22.24 48.89
CA PRO D 3612 -90.66 22.20 50.36
C PRO D 3612 -89.42 22.86 50.94
N ARG D 3613 -89.57 23.41 52.14
CA ARG D 3613 -88.53 24.26 52.69
C ARG D 3613 -87.24 23.50 52.94
N HIS D 3614 -87.32 22.25 53.41
CA HIS D 3614 -86.11 21.50 53.73
C HIS D 3614 -85.28 21.19 52.49
N ARG D 3615 -85.95 20.88 51.38
CA ARG D 3615 -85.23 20.67 50.12
C ARG D 3615 -84.47 21.92 49.70
N ALA D 3616 -85.14 23.08 49.80
CA ALA D 3616 -84.49 24.33 49.44
C ALA D 3616 -83.37 24.66 50.41
N VAL D 3617 -83.50 24.23 51.67
CA VAL D 3617 -82.44 24.45 52.64
C VAL D 3617 -81.21 23.63 52.29
N ASN D 3618 -81.41 22.38 51.88
CA ASN D 3618 -80.28 21.57 51.43
C ASN D 3618 -79.63 22.19 50.20
N LEU D 3619 -80.44 22.64 49.25
CA LEU D 3619 -79.90 23.32 48.07
C LEU D 3619 -79.10 24.55 48.47
N PHE D 3620 -79.61 25.32 49.43
CA PHE D 3620 -78.89 26.50 49.89
C PHE D 3620 -77.59 26.12 50.56
N LEU D 3621 -77.58 25.03 51.33
CA LEU D 3621 -76.34 24.60 51.96
C LEU D 3621 -75.29 24.31 50.91
N GLN D 3622 -75.64 23.53 49.88
CA GLN D 3622 -74.67 23.21 48.84
C GLN D 3622 -74.23 24.46 48.09
N GLY D 3623 -75.18 25.31 47.72
CA GLY D 3623 -74.84 26.50 46.95
C GLY D 3623 -73.99 27.48 47.74
N TYR D 3624 -74.35 27.72 49.01
CA TYR D 3624 -73.55 28.55 49.88
C TYR D 3624 -72.15 27.99 50.02
N GLU D 3625 -72.03 26.69 50.25
CA GLU D 3625 -70.71 26.08 50.31
C GLU D 3625 -69.89 26.45 49.10
N LYS D 3626 -70.34 26.03 47.91
CA LYS D 3626 -69.54 26.20 46.71
C LYS D 3626 -69.27 27.67 46.40
N SER D 3627 -70.26 28.54 46.60
CA SER D 3627 -70.12 29.91 46.14
C SER D 3627 -69.31 30.75 47.10
N TRP D 3628 -69.40 30.50 48.41
CA TRP D 3628 -68.79 31.36 49.40
C TRP D 3628 -67.62 30.68 50.11
N ILE D 3629 -67.82 29.50 50.68
CA ILE D 3629 -66.79 28.92 51.52
C ILE D 3629 -65.60 28.48 50.68
N GLU D 3630 -65.88 27.88 49.52
CA GLU D 3630 -64.80 27.50 48.61
C GLU D 3630 -64.04 28.70 48.10
N THR D 3631 -64.75 29.78 47.76
CA THR D 3631 -64.11 30.95 47.18
C THR D 3631 -63.44 31.84 48.21
N GLU D 3632 -63.73 31.66 49.49
CA GLU D 3632 -63.07 32.47 50.51
C GLU D 3632 -61.59 32.13 50.57
N GLU D 3633 -60.75 33.17 50.56
CA GLU D 3633 -59.31 33.01 50.52
C GLU D 3633 -58.65 33.86 51.60
N HIS D 3634 -57.78 33.24 52.38
CA HIS D 3634 -56.94 33.94 53.34
C HIS D 3634 -55.53 33.39 53.25
N TYR D 3635 -54.55 34.29 53.30
CA TYR D 3635 -53.15 33.94 53.08
C TYR D 3635 -52.44 33.82 54.42
N PHE D 3636 -51.88 32.65 54.68
CA PHE D 3636 -51.20 32.38 55.95
C PHE D 3636 -49.92 31.60 55.78
N GLU D 3637 -49.56 31.18 54.57
CA GLU D 3637 -48.47 30.22 54.39
C GLU D 3637 -47.13 30.81 54.81
N ASP D 3638 -46.86 32.05 54.42
CA ASP D 3638 -45.58 32.66 54.76
C ASP D 3638 -45.44 32.81 56.26
N LYS D 3639 -46.49 33.28 56.93
CA LYS D 3639 -46.44 33.44 58.38
C LYS D 3639 -46.27 32.09 59.07
N LEU D 3640 -47.00 31.08 58.61
CA LEU D 3640 -46.90 29.76 59.22
C LEU D 3640 -45.50 29.19 59.07
N ILE D 3641 -44.91 29.32 57.88
CA ILE D 3641 -43.57 28.76 57.66
C ILE D 3641 -42.54 29.53 58.46
N GLU D 3642 -42.71 30.86 58.57
CA GLU D 3642 -41.79 31.64 59.39
C GLU D 3642 -41.87 31.22 60.85
N ASP D 3643 -43.07 30.98 61.35
CA ASP D 3643 -43.22 30.50 62.72
C ASP D 3643 -42.60 29.11 62.90
N LEU D 3644 -42.81 28.23 61.93
CA LEU D 3644 -42.29 26.86 62.04
C LEU D 3644 -40.78 26.79 61.93
N ALA D 3645 -40.15 27.72 61.22
CA ALA D 3645 -38.71 27.70 61.03
C ALA D 3645 -37.94 28.36 62.18
N LYS D 3646 -38.63 28.98 63.12
CA LYS D 3646 -37.93 29.66 64.20
C LYS D 3646 -37.34 28.66 65.18
N PRO D 3647 -36.08 28.79 65.55
CA PRO D 3647 -35.57 28.02 66.69
C PRO D 3647 -36.20 28.53 67.97
N GLY D 3648 -37.07 27.73 68.56
CA GLY D 3648 -37.92 28.22 69.63
C GLY D 3648 -37.24 28.35 70.96
N ALA D 3649 -36.42 29.39 71.12
CA ALA D 3649 -35.69 29.63 72.36
C ALA D 3649 -34.88 28.41 72.77
N GLU D 3650 -34.09 27.90 71.83
CA GLU D 3650 -33.32 26.68 72.10
C GLU D 3650 -32.31 26.86 73.23
N PRO D 3651 -31.49 27.91 73.26
CA PRO D 3651 -30.58 28.08 74.41
C PRO D 3651 -31.33 28.28 75.72
N PRO D 3652 -32.44 29.03 75.75
CA PRO D 3652 -33.24 29.02 76.99
C PRO D 3652 -33.72 27.65 77.39
N GLU D 3653 -34.10 26.81 76.43
CA GLU D 3653 -34.42 25.43 76.74
C GLU D 3653 -33.14 24.66 77.08
N GLU D 3654 -33.30 23.61 77.88
CA GLU D 3654 -32.16 22.81 78.32
C GLU D 3654 -31.77 21.81 77.24
N ASP D 3655 -31.21 22.35 76.15
CA ASP D 3655 -30.74 21.49 75.07
C ASP D 3655 -29.58 20.61 75.52
N GLU D 3656 -28.55 21.23 76.13
CA GLU D 3656 -27.41 20.51 76.69
C GLU D 3656 -26.75 19.60 75.66
N GLY D 3657 -26.63 20.10 74.44
CA GLY D 3657 -26.02 19.31 73.37
C GLY D 3657 -26.24 19.97 72.02
N THR D 3658 -26.35 19.12 71.00
CA THR D 3658 -26.53 19.60 69.64
C THR D 3658 -27.85 20.33 69.49
N LYS D 3659 -27.87 21.36 68.65
CA LYS D 3659 -29.05 22.17 68.43
C LYS D 3659 -30.20 21.33 67.91
N ARG D 3660 -31.31 21.33 68.65
CA ARG D 3660 -32.47 20.55 68.26
C ARG D 3660 -33.09 21.10 66.99
N VAL D 3661 -33.48 20.19 66.10
CA VAL D 3661 -34.03 20.59 64.82
C VAL D 3661 -35.36 21.30 65.03
N ASP D 3662 -35.62 22.31 64.19
CA ASP D 3662 -36.82 23.12 64.29
C ASP D 3662 -38.04 22.32 63.82
N PRO D 3663 -39.25 22.77 64.16
CA PRO D 3663 -40.45 22.04 63.74
C PRO D 3663 -40.56 21.83 62.25
N LEU D 3664 -40.17 22.81 61.44
CA LEU D 3664 -40.19 22.60 59.99
C LEU D 3664 -39.23 21.49 59.59
N HIS D 3665 -38.05 21.46 60.21
CA HIS D 3665 -37.11 20.38 59.94
C HIS D 3665 -37.70 19.04 60.31
N GLN D 3666 -38.38 18.96 61.46
CA GLN D 3666 -39.01 17.71 61.86
C GLN D 3666 -40.10 17.28 60.90
N LEU D 3667 -40.91 18.22 60.41
CA LEU D 3667 -41.97 17.89 59.45
C LEU D 3667 -41.37 17.34 58.15
N ILE D 3668 -40.35 18.02 57.62
CA ILE D 3668 -39.72 17.55 56.40
C ILE D 3668 -39.05 16.19 56.62
N LEU D 3669 -38.44 15.98 57.79
CA LEU D 3669 -37.85 14.69 58.10
C LEU D 3669 -38.88 13.58 58.17
N LEU D 3670 -40.04 13.85 58.76
CA LEU D 3670 -41.12 12.88 58.76
C LEU D 3670 -41.55 12.53 57.35
N PHE D 3671 -41.75 13.55 56.51
CA PHE D 3671 -42.17 13.30 55.14
C PHE D 3671 -41.12 12.53 54.35
N SER D 3672 -39.84 12.79 54.62
CA SER D 3672 -38.77 12.06 53.94
C SER D 3672 -38.71 10.61 54.40
N ARG D 3673 -38.86 10.37 55.71
CA ARG D 3673 -38.85 9.00 56.22
C ARG D 3673 -40.01 8.21 55.67
N THR D 3674 -41.19 8.83 55.58
CA THR D 3674 -42.34 8.13 55.01
C THR D 3674 -42.07 7.71 53.57
N ALA D 3675 -41.45 8.61 52.79
CA ALA D 3675 -41.13 8.27 51.41
C ALA D 3675 -40.08 7.17 51.33
N LEU D 3676 -39.10 7.19 52.23
CA LEU D 3676 -38.04 6.18 52.22
C LEU D 3676 -38.48 4.84 52.77
N THR D 3677 -39.63 4.80 53.45
CA THR D 3677 -40.14 3.56 54.02
C THR D 3677 -40.60 2.64 52.89
N GLU D 3678 -40.37 1.33 53.07
CA GLU D 3678 -40.76 0.36 52.06
C GLU D 3678 -42.27 0.30 51.91
N LYS D 3679 -42.74 0.53 50.68
CA LYS D 3679 -44.15 0.37 50.36
C LYS D 3679 -44.26 -0.12 48.93
N CYS D 3680 -45.32 -0.87 48.66
CA CYS D 3680 -45.60 -1.29 47.29
C CYS D 3680 -46.16 -0.14 46.46
N LYS D 3681 -46.80 0.83 47.10
CA LYS D 3681 -47.40 1.95 46.41
C LYS D 3681 -47.28 3.19 47.28
N LEU D 3682 -47.21 4.35 46.63
CA LEU D 3682 -47.18 5.63 47.33
C LEU D 3682 -48.60 5.99 47.75
N GLU D 3683 -48.92 5.75 49.01
CA GLU D 3683 -50.26 5.99 49.52
C GLU D 3683 -50.53 7.49 49.62
N GLU D 3684 -51.77 7.88 49.33
CA GLU D 3684 -52.15 9.28 49.43
C GLU D 3684 -52.13 9.73 50.88
N ASP D 3685 -51.43 10.82 51.15
CA ASP D 3685 -51.31 11.37 52.49
C ASP D 3685 -51.84 12.79 52.48
N PHE D 3686 -52.94 13.02 53.19
CA PHE D 3686 -53.55 14.35 53.22
C PHE D 3686 -52.60 15.36 53.87
N LEU D 3687 -51.90 14.94 54.93
CA LEU D 3687 -50.95 15.84 55.58
C LEU D 3687 -49.88 16.31 54.62
N TYR D 3688 -49.29 15.38 53.85
CA TYR D 3688 -48.29 15.76 52.87
C TYR D 3688 -48.89 16.63 51.78
N MET D 3689 -50.04 16.26 51.25
CA MET D 3689 -50.65 17.02 50.17
C MET D 3689 -51.07 18.42 50.60
N ALA D 3690 -51.26 18.66 51.90
CA ALA D 3690 -51.53 20.00 52.38
C ALA D 3690 -50.27 20.79 52.69
N TYR D 3691 -49.32 20.18 53.41
CA TYR D 3691 -48.14 20.92 53.80
C TYR D 3691 -47.20 21.19 52.63
N ALA D 3692 -47.17 20.31 51.62
CA ALA D 3692 -46.39 20.60 50.43
C ALA D 3692 -46.93 21.83 49.71
N ASP D 3693 -48.25 21.95 49.62
CA ASP D 3693 -48.84 23.14 49.05
C ASP D 3693 -48.51 24.37 49.87
N ILE D 3694 -48.57 24.24 51.20
CA ILE D 3694 -48.22 25.37 52.07
C ILE D 3694 -46.78 25.82 51.83
N MET D 3695 -45.85 24.86 51.76
CA MET D 3695 -44.46 25.22 51.54
C MET D 3695 -44.24 25.83 50.16
N ALA D 3696 -44.91 25.31 49.12
CA ALA D 3696 -44.77 25.89 47.80
C ALA D 3696 -45.27 27.32 47.75
N LYS D 3697 -46.42 27.58 48.39
CA LYS D 3697 -46.94 28.93 48.42
C LYS D 3697 -46.02 29.86 49.19
N SER D 3698 -45.45 29.36 50.29
CA SER D 3698 -44.47 30.16 51.03
C SER D 3698 -43.27 30.48 50.15
N CYS D 3699 -42.81 29.52 49.35
CA CYS D 3699 -41.67 29.78 48.50
C CYS D 3699 -41.97 30.85 47.46
N HIS D 3700 -43.06 30.70 46.69
CA HIS D 3700 -43.23 31.65 45.60
C HIS D 3700 -43.68 33.01 46.12
N ASP D 3701 -44.70 33.03 46.98
CA ASP D 3701 -45.21 34.27 47.57
C ASP D 3701 -45.50 35.30 46.49
N GLU D 3702 -46.14 34.86 45.42
CA GLU D 3702 -46.37 35.69 44.26
C GLU D 3702 -47.85 36.04 44.09
N GLU D 3710 -46.10 48.96 34.16
CA GLU D 3710 -45.53 49.32 35.45
C GLU D 3710 -44.17 48.65 35.65
N VAL D 3711 -43.14 49.25 35.05
CA VAL D 3711 -41.80 48.68 35.15
C VAL D 3711 -41.27 48.88 36.56
N LYS D 3712 -40.67 47.82 37.11
CA LYS D 3712 -40.07 47.89 38.43
C LYS D 3712 -38.64 48.39 38.34
N SER D 3713 -38.18 49.03 39.40
CA SER D 3713 -36.81 49.48 39.47
C SER D 3713 -35.86 48.30 39.60
N PHE D 3714 -34.60 48.53 39.26
CA PHE D 3714 -33.59 47.49 39.41
C PHE D 3714 -33.45 47.07 40.86
N GLU D 3715 -33.49 48.03 41.78
CA GLU D 3715 -33.44 47.69 43.20
C GLU D 3715 -34.63 46.84 43.61
N GLU D 3716 -35.82 47.17 43.10
CA GLU D 3716 -37.00 46.37 43.41
C GLU D 3716 -36.86 44.94 42.91
N LYS D 3717 -36.38 44.79 41.67
CA LYS D 3717 -36.19 43.45 41.12
C LYS D 3717 -35.17 42.66 41.92
N GLU D 3718 -34.07 43.31 42.31
CA GLU D 3718 -33.07 42.63 43.10
C GLU D 3718 -33.59 42.24 44.49
N MET D 3719 -34.38 43.11 45.12
CA MET D 3719 -34.99 42.74 46.38
C MET D 3719 -35.92 41.54 46.24
N GLU D 3720 -36.70 41.51 45.15
CA GLU D 3720 -37.57 40.36 44.93
C GLU D 3720 -36.75 39.08 44.75
N LYS D 3721 -35.67 39.16 43.97
CA LYS D 3721 -34.84 37.98 43.76
C LYS D 3721 -34.22 37.50 45.08
N GLN D 3722 -33.71 38.43 45.88
CA GLN D 3722 -33.11 38.06 47.15
C GLN D 3722 -34.12 37.51 48.15
N LYS D 3723 -35.34 38.04 48.16
CA LYS D 3723 -36.38 37.49 49.03
C LYS D 3723 -36.77 36.08 48.58
N LEU D 3724 -36.86 35.86 47.27
CA LEU D 3724 -37.15 34.52 46.78
C LEU D 3724 -36.05 33.54 47.18
N LEU D 3725 -34.79 33.98 47.09
CA LEU D 3725 -33.69 33.11 47.49
C LEU D 3725 -33.79 32.73 48.96
N TYR D 3726 -34.11 33.70 49.82
CA TYR D 3726 -34.24 33.42 51.24
C TYR D 3726 -35.40 32.49 51.53
N GLN D 3727 -36.53 32.70 50.85
CA GLN D 3727 -37.68 31.84 51.04
C GLN D 3727 -37.41 30.41 50.60
N GLN D 3728 -36.68 30.24 49.50
CA GLN D 3728 -36.27 28.91 49.07
C GLN D 3728 -35.26 28.28 50.01
N ALA D 3729 -34.34 29.08 50.56
CA ALA D 3729 -33.36 28.61 51.53
C ALA D 3729 -33.99 28.10 52.81
N ARG D 3730 -35.06 28.75 53.28
CA ARG D 3730 -35.73 28.27 54.48
C ARG D 3730 -36.15 26.81 54.34
N LEU D 3731 -36.43 26.36 53.12
CA LEU D 3731 -36.82 24.97 52.94
C LEU D 3731 -35.64 24.08 52.57
N HIS D 3732 -34.85 24.47 51.56
CA HIS D 3732 -33.84 23.53 51.09
C HIS D 3732 -32.69 23.44 52.08
N ASP D 3733 -32.63 24.35 53.05
CA ASP D 3733 -31.67 24.18 54.14
C ASP D 3733 -32.13 23.10 55.11
N ARG D 3734 -33.41 22.77 55.10
CA ARG D 3734 -33.97 21.78 56.01
C ARG D 3734 -34.24 20.44 55.33
N GLY D 3735 -33.85 20.29 54.07
CA GLY D 3735 -33.93 19.01 53.40
C GLY D 3735 -35.13 18.80 52.50
N ALA D 3736 -35.71 19.86 51.95
CA ALA D 3736 -36.83 19.68 51.03
C ALA D 3736 -36.38 19.17 49.67
N ALA D 3737 -35.16 19.49 49.26
CA ALA D 3737 -34.66 19.04 47.97
C ALA D 3737 -34.57 17.52 47.93
N GLU D 3738 -34.10 16.91 49.01
CA GLU D 3738 -34.06 15.46 49.07
C GLU D 3738 -35.45 14.86 49.13
N MET D 3739 -36.36 15.49 49.87
CA MET D 3739 -37.70 14.95 50.02
C MET D 3739 -38.47 14.95 48.71
N VAL D 3740 -38.36 16.02 47.92
CA VAL D 3740 -39.06 16.05 46.64
C VAL D 3740 -38.53 15.04 45.65
N LEU D 3741 -37.28 14.61 45.79
CA LEU D 3741 -36.77 13.53 44.96
C LEU D 3741 -37.21 12.17 45.49
N GLN D 3742 -37.18 11.99 46.81
CA GLN D 3742 -37.58 10.73 47.40
C GLN D 3742 -39.04 10.41 47.12
N THR D 3743 -39.91 11.42 47.20
CA THR D 3743 -41.32 11.18 46.91
C THR D 3743 -41.53 10.79 45.46
N ILE D 3744 -40.85 11.47 44.53
CA ILE D 3744 -40.99 11.13 43.13
C ILE D 3744 -40.48 9.72 42.87
N SER D 3745 -39.35 9.36 43.47
CA SER D 3745 -38.83 8.00 43.30
C SER D 3745 -39.79 6.96 43.87
N ALA D 3746 -40.39 7.24 45.03
CA ALA D 3746 -41.32 6.29 45.62
C ALA D 3746 -42.61 6.20 44.85
N SER D 3747 -42.93 7.23 44.06
CA SER D 3747 -44.15 7.20 43.25
C SER D 3747 -44.16 6.03 42.27
N LYS D 3748 -43.00 5.61 41.78
CA LYS D 3748 -42.89 4.49 40.86
C LYS D 3748 -43.72 4.71 39.59
N GLY D 3749 -43.71 5.95 39.10
CA GLY D 3749 -44.35 6.26 37.85
C GLY D 3749 -45.86 6.27 37.86
N GLU D 3750 -46.49 6.45 39.02
CA GLU D 3750 -47.93 6.49 39.12
C GLU D 3750 -48.36 7.95 39.30
N THR D 3751 -49.09 8.48 38.31
CA THR D 3751 -49.59 9.83 38.41
C THR D 3751 -50.63 9.93 39.51
N GLY D 3752 -50.55 10.99 40.30
CA GLY D 3752 -51.48 11.19 41.38
C GLY D 3752 -51.32 12.55 42.04
N PRO D 3753 -52.25 12.87 42.95
CA PRO D 3753 -52.16 14.14 43.67
C PRO D 3753 -50.86 14.30 44.44
N MET D 3754 -50.35 13.21 45.00
CA MET D 3754 -49.07 13.29 45.72
C MET D 3754 -47.95 13.71 44.79
N VAL D 3755 -47.90 13.11 43.60
CA VAL D 3755 -46.86 13.46 42.64
C VAL D 3755 -47.03 14.90 42.17
N ALA D 3756 -48.27 15.33 41.95
CA ALA D 3756 -48.50 16.70 41.52
C ALA D 3756 -48.04 17.69 42.58
N ALA D 3757 -48.38 17.44 43.84
CA ALA D 3757 -47.95 18.29 44.94
C ALA D 3757 -46.44 18.30 45.10
N THR D 3758 -45.77 17.16 44.93
CA THR D 3758 -44.32 17.13 44.96
C THR D 3758 -43.70 17.92 43.83
N LEU D 3759 -44.24 17.80 42.61
CA LEU D 3759 -43.69 18.55 41.48
C LEU D 3759 -43.87 20.04 41.67
N LYS D 3760 -45.01 20.48 42.18
CA LYS D 3760 -45.20 21.91 42.41
C LYS D 3760 -44.20 22.44 43.44
N LEU D 3761 -43.96 21.69 44.51
CA LEU D 3761 -42.98 22.11 45.50
C LEU D 3761 -41.58 22.15 44.91
N GLY D 3762 -41.23 21.16 44.08
CA GLY D 3762 -39.94 21.18 43.44
C GLY D 3762 -39.76 22.40 42.56
N ILE D 3763 -40.79 22.73 41.78
CA ILE D 3763 -40.75 23.93 40.96
C ILE D 3763 -40.59 25.17 41.83
N ALA D 3764 -41.32 25.22 42.95
CA ALA D 3764 -41.26 26.38 43.83
C ALA D 3764 -39.87 26.58 44.39
N ILE D 3765 -39.20 25.49 44.79
CA ILE D 3765 -37.87 25.66 45.36
C ILE D 3765 -36.82 25.82 44.25
N LEU D 3766 -37.16 25.46 43.02
CA LEU D 3766 -36.20 25.56 41.92
C LEU D 3766 -36.39 26.79 41.04
N ASN D 3767 -37.38 27.65 41.32
CA ASN D 3767 -37.62 28.80 40.48
C ASN D 3767 -36.39 29.70 40.44
N GLY D 3768 -36.14 30.26 39.26
CA GLY D 3768 -34.97 31.10 39.06
C GLY D 3768 -33.70 30.35 38.80
N GLY D 3769 -33.75 29.03 38.60
CA GLY D 3769 -32.56 28.26 38.39
C GLY D 3769 -31.65 28.24 39.60
N ASN D 3770 -32.22 27.89 40.76
CA ASN D 3770 -31.46 27.90 42.00
C ASN D 3770 -30.30 26.91 41.93
N SER D 3771 -29.09 27.44 41.87
CA SER D 3771 -27.90 26.61 41.73
C SER D 3771 -27.65 25.76 42.97
N THR D 3772 -27.90 26.30 44.15
CA THR D 3772 -27.69 25.52 45.37
C THR D 3772 -28.62 24.32 45.41
N VAL D 3773 -29.89 24.51 45.07
CA VAL D 3773 -30.83 23.40 45.02
C VAL D 3773 -30.45 22.41 43.93
N GLN D 3774 -30.02 22.90 42.76
CA GLN D 3774 -29.60 21.99 41.70
C GLN D 3774 -28.42 21.13 42.16
N GLN D 3775 -27.44 21.74 42.82
CA GLN D 3775 -26.29 21.00 43.30
C GLN D 3775 -26.69 19.99 44.37
N LYS D 3776 -27.58 20.38 45.28
CA LYS D 3776 -28.04 19.44 46.30
C LYS D 3776 -28.76 18.26 45.66
N MET D 3777 -29.62 18.53 44.69
CA MET D 3777 -30.38 17.49 44.02
C MET D 3777 -29.49 16.52 43.26
N LEU D 3778 -28.51 17.02 42.51
CA LEU D 3778 -27.55 16.16 41.84
C LEU D 3778 -26.67 15.38 42.81
N ASP D 3779 -26.19 16.02 43.86
CA ASP D 3779 -25.32 15.32 44.80
C ASP D 3779 -26.06 14.18 45.49
N TYR D 3780 -27.31 14.41 45.88
CA TYR D 3780 -28.07 13.35 46.51
C TYR D 3780 -28.26 12.18 45.56
N LEU D 3781 -28.62 12.45 44.30
CA LEU D 3781 -28.83 11.39 43.34
C LEU D 3781 -27.56 10.60 43.09
N LYS D 3782 -26.44 11.30 42.91
CA LYS D 3782 -25.18 10.63 42.65
C LYS D 3782 -24.75 9.79 43.85
N GLU D 3783 -24.95 10.30 45.05
CA GLU D 3783 -24.52 9.57 46.25
C GLU D 3783 -25.39 8.34 46.48
N LYS D 3784 -26.71 8.50 46.40
CA LYS D 3784 -27.63 7.40 46.66
C LYS D 3784 -27.70 6.39 45.52
N LYS D 3785 -27.28 6.76 44.33
CA LYS D 3785 -27.39 5.91 43.14
C LYS D 3785 -28.83 5.45 42.96
N ASP D 3786 -29.72 6.43 42.84
CA ASP D 3786 -31.15 6.18 42.76
C ASP D 3786 -31.55 5.95 41.31
N VAL D 3787 -31.99 4.72 41.01
CA VAL D 3787 -32.55 4.38 39.70
C VAL D 3787 -34.05 4.56 39.67
N GLY D 3788 -34.72 4.42 40.82
CA GLY D 3788 -36.15 4.57 40.91
C GLY D 3788 -36.60 5.96 40.51
N PHE D 3789 -35.77 6.97 40.77
CA PHE D 3789 -36.13 8.32 40.39
C PHE D 3789 -36.32 8.43 38.88
N PHE D 3790 -35.34 7.96 38.12
CA PHE D 3790 -35.43 8.07 36.67
C PHE D 3790 -36.48 7.12 36.10
N GLN D 3791 -36.62 5.94 36.69
CA GLN D 3791 -37.69 5.04 36.25
C GLN D 3791 -39.06 5.66 36.48
N SER D 3792 -39.24 6.33 37.61
CA SER D 3792 -40.51 7.00 37.88
C SER D 3792 -40.73 8.17 36.94
N LEU D 3793 -39.67 8.91 36.60
CA LEU D 3793 -39.83 9.98 35.61
C LEU D 3793 -40.28 9.43 34.27
N ALA D 3794 -39.67 8.34 33.81
CA ALA D 3794 -40.10 7.73 32.56
C ALA D 3794 -41.54 7.24 32.63
N GLY D 3795 -41.93 6.62 33.75
CA GLY D 3795 -43.29 6.17 33.90
C GLY D 3795 -44.30 7.31 33.89
N LEU D 3796 -43.97 8.43 34.56
CA LEU D 3796 -44.86 9.57 34.55
C LEU D 3796 -44.97 10.16 33.14
N MET D 3797 -43.86 10.21 32.41
CA MET D 3797 -43.93 10.71 31.04
C MET D 3797 -44.82 9.83 30.18
N GLN D 3798 -44.70 8.50 30.33
CA GLN D 3798 -45.58 7.62 29.58
C GLN D 3798 -47.04 7.82 29.98
N SER D 3799 -47.29 8.03 31.28
CA SER D 3799 -48.66 8.17 31.75
C SER D 3799 -49.26 9.53 31.43
N CYS D 3800 -48.43 10.50 31.02
CA CYS D 3800 -48.96 11.80 30.64
C CYS D 3800 -49.90 11.67 29.44
N SER D 3801 -50.96 12.47 29.44
CA SER D 3801 -52.03 12.32 28.46
C SER D 3801 -51.92 13.36 27.36
N VAL D 3802 -52.65 13.12 26.28
CA VAL D 3802 -52.71 14.02 25.12
C VAL D 3802 -54.17 14.23 24.75
N LEU D 3803 -54.40 14.97 23.67
CA LEU D 3803 -55.76 15.20 23.18
C LEU D 3803 -56.41 13.88 22.76
N ASP D 3804 -57.69 13.72 23.10
CA ASP D 3804 -58.45 12.53 22.74
C ASP D 3804 -59.64 12.97 21.90
N LEU D 3805 -59.52 12.80 20.58
CA LEU D 3805 -60.56 13.27 19.68
C LEU D 3805 -61.86 12.50 19.87
N ASN D 3806 -61.77 11.20 20.17
CA ASN D 3806 -62.97 10.42 20.40
C ASN D 3806 -63.73 10.93 21.61
N ALA D 3807 -63.00 11.24 22.69
CA ALA D 3807 -63.65 11.80 23.88
C ALA D 3807 -64.24 13.17 23.57
N PHE D 3808 -63.53 13.97 22.77
CA PHE D 3808 -64.08 15.28 22.39
C PHE D 3808 -65.38 15.13 21.62
N GLU D 3809 -65.42 14.18 20.68
CA GLU D 3809 -66.64 13.96 19.91
C GLU D 3809 -67.77 13.45 20.80
N ARG D 3810 -67.47 12.58 21.75
CA ARG D 3810 -68.49 12.09 22.65
C ARG D 3810 -69.05 13.21 23.51
N GLN D 3811 -68.18 14.08 24.03
CA GLN D 3811 -68.64 15.24 24.77
C GLN D 3811 -69.47 16.19 23.92
N ASN D 3812 -69.07 16.41 22.67
CA ASN D 3812 -69.87 17.23 21.77
C ASN D 3812 -71.24 16.64 21.52
N LYS D 3813 -71.32 15.32 21.31
CA LYS D 3813 -72.61 14.66 21.14
C LYS D 3813 -73.47 14.83 22.39
N ALA D 3814 -72.88 14.63 23.57
CA ALA D 3814 -73.63 14.81 24.81
C ALA D 3814 -74.13 16.22 25.00
N GLU D 3815 -73.30 17.23 24.71
CA GLU D 3815 -73.71 18.62 24.82
C GLU D 3815 -74.80 18.98 23.83
N GLY D 3816 -74.68 18.50 22.58
CA GLY D 3816 -75.71 18.78 21.60
C GLY D 3816 -77.01 18.05 21.91
N LEU D 3817 -76.93 16.93 22.62
CA LEU D 3817 -78.13 16.22 23.02
C LEU D 3817 -78.99 17.06 23.97
N GLY D 3818 -78.36 17.93 24.74
CA GLY D 3818 -79.07 18.83 25.64
C GLY D 3818 -78.83 18.58 27.10
N MET D 3819 -78.05 17.57 27.45
CA MET D 3819 -77.79 17.27 28.85
C MET D 3819 -76.81 18.26 29.46
N VAL D 3820 -76.88 18.40 30.78
CA VAL D 3820 -75.97 19.31 31.48
C VAL D 3820 -74.57 18.73 31.50
N THR D 3821 -73.58 19.63 31.45
CA THR D 3821 -72.18 19.24 31.48
C THR D 3821 -71.73 19.01 32.92
N GLU D 3822 -71.06 17.87 33.16
CA GLU D 3822 -70.52 17.60 34.49
C GLU D 3822 -69.40 18.57 34.83
N GLU D 3823 -68.53 18.85 33.87
CA GLU D 3823 -67.44 19.80 34.05
C GLU D 3823 -67.46 20.77 32.86
N GLY D 3824 -67.25 22.05 33.14
CA GLY D 3824 -67.31 23.05 32.08
C GLY D 3824 -66.16 22.93 31.10
N SER D 3825 -64.96 22.63 31.60
CA SER D 3825 -63.75 22.63 30.78
C SER D 3825 -63.54 21.32 30.03
N GLY D 3826 -64.33 20.29 30.30
CA GLY D 3826 -64.12 19.00 29.65
C GLY D 3826 -62.80 18.38 30.02
N GLU D 3827 -62.66 17.99 31.29
CA GLU D 3827 -61.37 17.50 31.79
C GLU D 3827 -60.99 16.16 31.16
N LYS D 3828 -61.95 15.45 30.57
CA LYS D 3828 -61.63 14.16 29.97
C LYS D 3828 -60.67 14.33 28.80
N VAL D 3829 -60.88 15.34 27.96
CA VAL D 3829 -59.95 15.64 26.89
C VAL D 3829 -58.75 16.39 27.48
N LEU D 3830 -57.55 15.92 27.18
CA LEU D 3830 -56.34 16.46 27.80
C LEU D 3830 -56.45 16.35 29.31
N GLN D 3831 -56.45 15.13 29.82
CA GLN D 3831 -56.76 14.79 31.21
C GLN D 3831 -56.16 15.77 32.22
N ASP D 3832 -54.85 15.91 32.23
CA ASP D 3832 -54.17 16.80 33.17
C ASP D 3832 -53.15 17.64 32.42
N ASP D 3833 -53.54 18.87 32.08
CA ASP D 3833 -52.63 19.83 31.47
C ASP D 3833 -51.68 20.44 32.47
N GLU D 3834 -52.10 20.59 33.72
CA GLU D 3834 -51.24 21.14 34.75
C GLU D 3834 -50.11 20.18 35.12
N PHE D 3835 -50.44 18.90 35.24
CA PHE D 3835 -49.44 17.93 35.66
C PHE D 3835 -48.31 17.82 34.65
N THR D 3836 -48.66 17.75 33.36
CA THR D 3836 -47.63 17.62 32.33
C THR D 3836 -46.74 18.86 32.29
N CYS D 3837 -47.36 20.04 32.35
CA CYS D 3837 -46.59 21.27 32.33
C CYS D 3837 -45.68 21.36 33.55
N ASP D 3838 -46.17 20.97 34.72
CA ASP D 3838 -45.33 21.01 35.91
C ASP D 3838 -44.20 20.00 35.81
N LEU D 3839 -44.48 18.80 35.30
CA LEU D 3839 -43.45 17.78 35.17
C LEU D 3839 -42.34 18.22 34.24
N PHE D 3840 -42.66 18.86 33.13
CA PHE D 3840 -41.61 19.31 32.21
C PHE D 3840 -40.96 20.60 32.67
N ARG D 3841 -41.68 21.47 33.37
CA ARG D 3841 -41.06 22.66 33.94
C ARG D 3841 -40.06 22.29 35.02
N PHE D 3842 -40.35 21.23 35.79
CA PHE D 3842 -39.39 20.76 36.78
C PHE D 3842 -38.08 20.37 36.12
N LEU D 3843 -38.16 19.60 35.03
CA LEU D 3843 -36.98 19.21 34.27
C LEU D 3843 -36.24 20.39 33.66
N GLN D 3844 -36.97 21.35 33.10
CA GLN D 3844 -36.33 22.56 32.57
C GLN D 3844 -35.59 23.33 33.67
N LEU D 3845 -36.24 23.50 34.83
CA LEU D 3845 -35.61 24.20 35.94
C LEU D 3845 -34.37 23.45 36.41
N LEU D 3846 -34.40 22.13 36.32
CA LEU D 3846 -33.23 21.34 36.69
C LEU D 3846 -32.03 21.66 35.83
N CYS D 3847 -32.24 21.93 34.54
CA CYS D 3847 -31.16 22.16 33.60
C CYS D 3847 -30.91 23.63 33.29
N GLU D 3848 -31.66 24.55 33.91
CA GLU D 3848 -31.46 25.95 33.60
C GLU D 3848 -30.07 26.41 34.02
N GLY D 3849 -29.64 27.52 33.44
CA GLY D 3849 -28.31 28.05 33.69
C GLY D 3849 -27.21 27.30 32.99
N HIS D 3850 -27.52 26.49 31.99
CA HIS D 3850 -26.56 25.63 31.29
C HIS D 3850 -25.81 24.75 32.29
N ASN D 3851 -26.60 24.02 33.07
CA ASN D 3851 -26.07 23.10 34.08
C ASN D 3851 -25.62 21.84 33.37
N SER D 3852 -24.37 21.84 32.93
CA SER D 3852 -23.85 20.77 32.10
C SER D 3852 -23.88 19.43 32.82
N ASP D 3853 -23.54 19.43 34.12
CA ASP D 3853 -23.51 18.18 34.85
C ASP D 3853 -24.86 17.53 34.84
N PHE D 3854 -25.89 18.28 35.17
CA PHE D 3854 -27.16 17.61 35.28
C PHE D 3854 -27.71 17.31 33.90
N GLN D 3855 -27.39 18.17 32.94
CA GLN D 3855 -27.80 17.92 31.56
C GLN D 3855 -27.26 16.60 31.05
N ASN D 3856 -26.01 16.29 31.39
CA ASN D 3856 -25.45 15.00 31.00
C ASN D 3856 -26.03 13.86 31.83
N TYR D 3857 -26.30 14.12 33.11
CA TYR D 3857 -26.83 13.08 33.98
C TYR D 3857 -28.22 12.64 33.53
N LEU D 3858 -29.04 13.57 33.05
CA LEU D 3858 -30.34 13.19 32.54
C LEU D 3858 -30.22 12.27 31.34
N ARG D 3859 -29.21 12.49 30.50
CA ARG D 3859 -29.01 11.59 29.36
C ARG D 3859 -28.51 10.23 29.81
N THR D 3860 -27.37 10.19 30.48
CA THR D 3860 -26.77 8.93 30.91
C THR D 3860 -26.36 9.03 32.36
N GLN D 3861 -26.92 8.18 33.20
CA GLN D 3861 -26.52 8.09 34.61
C GLN D 3861 -25.32 7.15 34.69
N THR D 3862 -24.13 7.73 34.79
CA THR D 3862 -22.91 6.93 34.67
C THR D 3862 -22.76 5.95 35.84
N GLY D 3863 -22.91 6.44 37.06
CA GLY D 3863 -22.68 5.60 38.21
C GLY D 3863 -23.70 4.48 38.35
N ASN D 3864 -24.95 4.75 37.98
CA ASN D 3864 -26.03 3.81 38.23
C ASN D 3864 -25.84 2.53 37.42
N ASN D 3865 -26.39 1.44 37.95
CA ASN D 3865 -26.37 0.16 37.24
C ASN D 3865 -27.20 0.23 35.97
N THR D 3866 -28.36 0.89 36.02
CA THR D 3866 -29.27 0.98 34.90
C THR D 3866 -29.46 2.44 34.52
N THR D 3867 -29.47 2.72 33.22
CA THR D 3867 -29.55 4.06 32.69
C THR D 3867 -30.84 4.26 31.90
N VAL D 3868 -31.52 5.37 32.16
CA VAL D 3868 -32.75 5.74 31.48
C VAL D 3868 -32.51 7.06 30.73
N ASN D 3869 -32.97 7.13 29.49
CA ASN D 3869 -32.73 8.30 28.65
C ASN D 3869 -33.94 9.22 28.70
N ILE D 3870 -33.96 10.09 29.72
CA ILE D 3870 -34.98 11.12 29.84
C ILE D 3870 -35.03 12.03 28.63
N ILE D 3871 -33.86 12.33 28.05
CA ILE D 3871 -33.81 13.17 26.86
C ILE D 3871 -34.57 12.55 25.69
N ILE D 3872 -34.60 11.23 25.58
CA ILE D 3872 -35.35 10.57 24.52
C ILE D 3872 -36.82 10.41 24.89
N SER D 3873 -37.11 10.15 26.17
CA SER D 3873 -38.50 10.07 26.59
C SER D 3873 -39.24 11.39 26.36
N THR D 3874 -38.55 12.51 26.56
CA THR D 3874 -39.16 13.81 26.29
C THR D 3874 -39.53 13.95 24.82
N VAL D 3875 -38.64 13.52 23.92
CA VAL D 3875 -38.90 13.60 22.49
C VAL D 3875 -40.08 12.71 22.14
N ASP D 3876 -40.16 11.54 22.76
CA ASP D 3876 -41.27 10.64 22.54
C ASP D 3876 -42.61 11.26 22.93
N TYR D 3877 -42.67 11.90 24.09
CA TYR D 3877 -43.89 12.59 24.46
C TYR D 3877 -44.19 13.73 23.50
N LEU D 3878 -43.15 14.42 23.02
CA LEU D 3878 -43.36 15.47 22.04
C LEU D 3878 -43.99 14.93 20.76
N LEU D 3879 -43.50 13.78 20.29
CA LEU D 3879 -44.11 13.16 19.12
C LEU D 3879 -45.56 12.78 19.36
N ARG D 3880 -45.87 12.22 20.52
CA ARG D 3880 -47.25 11.88 20.81
C ARG D 3880 -48.16 13.10 20.82
N VAL D 3881 -47.73 14.19 21.47
CA VAL D 3881 -48.57 15.38 21.53
C VAL D 3881 -48.70 16.01 20.16
N GLN D 3882 -47.64 15.93 19.35
CA GLN D 3882 -47.73 16.46 17.99
C GLN D 3882 -48.75 15.69 17.16
N GLU D 3883 -48.75 14.36 17.28
CA GLU D 3883 -49.74 13.57 16.57
C GLU D 3883 -51.15 13.91 17.03
N SER D 3884 -51.32 14.10 18.34
CA SER D 3884 -52.63 14.47 18.86
C SER D 3884 -53.09 15.80 18.28
N ILE D 3885 -52.20 16.79 18.24
CA ILE D 3885 -52.56 18.11 17.70
C ILE D 3885 -52.88 18.01 16.22
N SER D 3886 -52.10 17.22 15.48
CA SER D 3886 -52.36 17.07 14.05
C SER D 3886 -53.73 16.44 13.80
N ASP D 3887 -54.09 15.41 14.57
CA ASP D 3887 -55.41 14.82 14.42
C ASP D 3887 -56.51 15.81 14.80
N PHE D 3888 -56.32 16.56 15.88
CA PHE D 3888 -57.33 17.50 16.33
C PHE D 3888 -57.47 18.68 15.37
N TYR D 3889 -56.45 18.95 14.56
CA TYR D 3889 -56.57 19.92 13.48
C TYR D 3889 -57.27 19.34 12.26
N TRP D 3890 -56.88 18.13 11.85
CA TRP D 3890 -57.55 17.48 10.74
C TRP D 3890 -59.04 17.30 10.98
N TYR D 3891 -59.44 17.18 12.25
CA TYR D 3891 -60.86 17.18 12.56
C TYR D 3891 -61.54 18.51 12.26
N TYR D 3892 -60.82 19.62 12.34
CA TYR D 3892 -61.40 20.94 12.15
C TYR D 3892 -61.08 21.57 10.81
N SER D 3893 -60.30 20.90 9.96
CA SER D 3893 -59.91 21.49 8.69
C SER D 3893 -61.14 21.78 7.82
N GLY D 3894 -62.07 20.84 7.74
CA GLY D 3894 -63.26 21.05 6.93
C GLY D 3894 -64.19 22.10 7.49
N LYS D 3895 -64.32 22.14 8.82
CA LYS D 3895 -65.30 23.02 9.44
C LYS D 3895 -64.96 24.48 9.22
N ASP D 3896 -66.01 25.31 9.09
CA ASP D 3896 -65.81 26.72 8.78
C ASP D 3896 -65.17 27.46 9.94
N VAL D 3897 -65.70 27.28 11.15
CA VAL D 3897 -65.26 28.04 12.32
C VAL D 3897 -64.97 27.07 13.46
N ILE D 3898 -63.92 27.34 14.21
CA ILE D 3898 -63.60 26.55 15.39
C ILE D 3898 -64.44 27.04 16.56
N ASP D 3899 -65.06 26.10 17.26
CA ASP D 3899 -65.93 26.44 18.39
C ASP D 3899 -65.07 26.82 19.61
N GLU D 3900 -65.75 27.25 20.67
CA GLU D 3900 -65.06 27.69 21.87
C GLU D 3900 -64.34 26.53 22.57
N GLN D 3901 -64.98 25.36 22.63
CA GLN D 3901 -64.36 24.20 23.24
C GLN D 3901 -63.11 23.79 22.47
N GLY D 3902 -63.20 23.79 21.14
CA GLY D 3902 -62.03 23.49 20.33
C GLY D 3902 -60.93 24.50 20.54
N GLN D 3903 -61.29 25.79 20.62
CA GLN D 3903 -60.29 26.82 20.86
C GLN D 3903 -59.58 26.65 22.19
N ARG D 3904 -60.30 26.31 23.25
CA ARG D 3904 -59.69 26.00 24.53
C ARG D 3904 -58.78 24.78 24.49
N ASN D 3905 -59.21 23.71 23.80
CA ASN D 3905 -58.39 22.51 23.71
C ASN D 3905 -57.11 22.77 22.94
N PHE D 3906 -57.18 23.50 21.82
CA PHE D 3906 -55.96 23.90 21.13
C PHE D 3906 -55.06 24.71 22.04
N SER D 3907 -55.64 25.62 22.82
CA SER D 3907 -54.81 26.45 23.69
C SER D 3907 -54.05 25.59 24.71
N LYS D 3908 -54.73 24.65 25.34
CA LYS D 3908 -54.08 23.78 26.31
C LYS D 3908 -53.01 22.89 25.66
N ALA D 3909 -53.31 22.29 24.51
CA ALA D 3909 -52.31 21.49 23.82
C ALA D 3909 -51.11 22.32 23.37
N ILE D 3910 -51.33 23.54 22.90
CA ILE D 3910 -50.23 24.41 22.50
C ILE D 3910 -49.38 24.77 23.70
N GLN D 3911 -50.00 25.01 24.85
CA GLN D 3911 -49.22 25.27 26.05
C GLN D 3911 -48.34 24.08 26.41
N VAL D 3912 -48.90 22.88 26.34
CA VAL D 3912 -48.11 21.69 26.66
C VAL D 3912 -46.95 21.54 25.69
N ALA D 3913 -47.21 21.71 24.39
CA ALA D 3913 -46.15 21.58 23.41
C ALA D 3913 -45.08 22.65 23.59
N LYS D 3914 -45.50 23.87 23.93
CA LYS D 3914 -44.55 24.95 24.19
C LYS D 3914 -43.64 24.61 25.36
N GLN D 3915 -44.21 24.10 26.44
CA GLN D 3915 -43.37 23.71 27.57
C GLN D 3915 -42.42 22.59 27.22
N VAL D 3916 -42.88 21.60 26.44
CA VAL D 3916 -41.99 20.52 26.04
C VAL D 3916 -40.85 21.05 25.17
N PHE D 3917 -41.14 21.97 24.26
CA PHE D 3917 -40.08 22.55 23.43
C PHE D 3917 -39.08 23.33 24.27
N ASN D 3918 -39.58 24.07 25.27
CA ASN D 3918 -38.67 24.80 26.15
C ASN D 3918 -37.78 23.85 26.93
N THR D 3919 -38.33 22.74 27.42
CA THR D 3919 -37.51 21.75 28.11
C THR D 3919 -36.47 21.16 27.17
N LEU D 3920 -36.86 20.85 25.94
CA LEU D 3920 -35.92 20.29 24.98
C LEU D 3920 -34.79 21.26 24.65
N THR D 3921 -35.09 22.54 24.48
CA THR D 3921 -34.02 23.50 24.21
C THR D 3921 -33.16 23.78 25.43
N GLU D 3922 -33.73 23.66 26.64
CA GLU D 3922 -32.91 23.74 27.84
C GLU D 3922 -31.97 22.55 27.95
N TYR D 3923 -32.37 21.40 27.41
CA TYR D 3923 -31.49 20.25 27.41
C TYR D 3923 -30.21 20.49 26.63
N ILE D 3924 -30.28 21.29 25.56
CA ILE D 3924 -29.19 21.33 24.58
C ILE D 3924 -28.46 22.66 24.54
N GLN D 3925 -29.09 23.73 25.03
CA GLN D 3925 -28.36 25.00 25.08
C GLN D 3925 -27.21 24.90 26.07
N GLY D 3926 -26.22 25.76 25.88
CA GLY D 3926 -24.96 25.60 26.57
C GLY D 3926 -24.35 24.32 26.05
N PRO D 3927 -23.86 24.35 24.80
CA PRO D 3927 -23.94 23.16 23.93
C PRO D 3927 -23.57 21.86 24.61
N CYS D 3928 -24.57 20.99 24.73
CA CYS D 3928 -24.36 19.63 25.22
C CYS D 3928 -24.30 18.71 24.02
N THR D 3929 -23.10 18.28 23.66
CA THR D 3929 -22.91 17.51 22.44
C THR D 3929 -23.67 16.19 22.51
N GLY D 3930 -23.65 15.53 23.67
CA GLY D 3930 -24.35 14.28 23.81
C GLY D 3930 -25.83 14.41 23.59
N ASN D 3931 -26.43 15.43 24.22
CA ASN D 3931 -27.87 15.66 24.04
C ASN D 3931 -28.19 16.04 22.60
N GLN D 3932 -27.33 16.84 21.97
CA GLN D 3932 -27.56 17.21 20.58
C GLN D 3932 -27.55 15.98 19.69
N GLN D 3933 -26.58 15.08 19.90
CA GLN D 3933 -26.52 13.87 19.09
C GLN D 3933 -27.73 12.97 19.36
N SER D 3934 -28.15 12.88 20.62
CA SER D 3934 -29.32 12.06 20.94
C SER D 3934 -30.57 12.58 20.24
N LEU D 3935 -30.79 13.90 20.28
CA LEU D 3935 -31.93 14.46 19.55
C LEU D 3935 -31.77 14.27 18.05
N ALA D 3936 -30.54 14.37 17.54
CA ALA D 3936 -30.33 14.21 16.10
C ALA D 3936 -30.73 12.82 15.65
N HIS D 3937 -30.40 11.80 16.45
CA HIS D 3937 -30.73 10.42 16.10
C HIS D 3937 -32.10 9.99 16.59
N SER D 3938 -32.79 10.84 17.35
CA SER D 3938 -34.13 10.49 17.82
C SER D 3938 -35.20 10.78 16.78
N ARG D 3939 -36.46 10.74 17.21
CA ARG D 3939 -37.61 10.98 16.34
C ARG D 3939 -38.05 12.44 16.36
N LEU D 3940 -37.14 13.36 16.69
CA LEU D 3940 -37.51 14.77 16.76
C LEU D 3940 -37.90 15.30 15.40
N TRP D 3941 -37.19 14.89 14.35
CA TRP D 3941 -37.46 15.36 13.00
C TRP D 3941 -38.88 15.04 12.55
N ASP D 3942 -39.39 13.85 12.89
CA ASP D 3942 -40.75 13.49 12.56
C ASP D 3942 -41.77 14.41 13.20
N ALA D 3943 -41.58 14.76 14.47
CA ALA D 3943 -42.48 15.71 15.13
C ALA D 3943 -42.39 17.09 14.50
N VAL D 3944 -41.19 17.54 14.17
CA VAL D 3944 -41.03 18.87 13.58
C VAL D 3944 -41.70 18.92 12.22
N VAL D 3945 -41.63 17.82 11.46
CA VAL D 3945 -42.33 17.77 10.17
C VAL D 3945 -43.83 17.97 10.31
N GLY D 3946 -44.46 17.28 11.26
CA GLY D 3946 -45.89 17.45 11.47
C GLY D 3946 -46.24 18.84 11.95
N PHE D 3947 -45.43 19.39 12.86
CA PHE D 3947 -45.67 20.76 13.31
C PHE D 3947 -45.58 21.74 12.14
N LEU D 3948 -44.65 21.51 11.22
CA LEU D 3948 -44.52 22.41 10.08
C LEU D 3948 -45.78 22.40 9.24
N HIS D 3949 -46.36 21.22 9.00
CA HIS D 3949 -47.60 21.14 8.24
C HIS D 3949 -48.74 21.85 8.97
N VAL D 3950 -48.86 21.61 10.28
CA VAL D 3950 -49.92 22.25 11.05
C VAL D 3950 -49.77 23.76 10.99
N PHE D 3951 -48.55 24.26 11.16
CA PHE D 3951 -48.30 25.68 11.11
C PHE D 3951 -48.61 26.26 9.73
N ALA D 3952 -48.19 25.58 8.66
CA ALA D 3952 -48.43 26.07 7.32
C ALA D 3952 -49.89 26.19 6.99
N HIS D 3953 -50.71 25.27 7.50
CA HIS D 3953 -52.13 25.32 7.13
C HIS D 3953 -52.94 26.18 8.09
N MET D 3954 -52.65 26.12 9.39
CA MET D 3954 -53.43 26.87 10.36
C MET D 3954 -53.17 28.35 10.26
N GLN D 3955 -51.97 28.74 9.83
CA GLN D 3955 -51.69 30.16 9.63
C GLN D 3955 -52.56 30.73 8.51
N MET D 3956 -52.75 29.98 7.44
CA MET D 3956 -53.63 30.41 6.36
C MET D 3956 -55.10 30.30 6.71
N LYS D 3957 -55.47 29.38 7.59
CA LYS D 3957 -56.87 29.21 7.99
C LYS D 3957 -57.33 30.22 9.03
N LEU D 3958 -56.60 30.36 10.12
CA LEU D 3958 -57.05 31.20 11.23
C LEU D 3958 -56.98 32.68 10.90
N SER D 3959 -56.10 33.06 9.97
CA SER D 3959 -55.95 34.48 9.64
C SER D 3959 -57.22 35.04 9.02
N GLN D 3960 -57.92 34.24 8.19
CA GLN D 3960 -59.12 34.72 7.54
C GLN D 3960 -60.23 35.00 8.54
N ASP D 3961 -60.34 34.17 9.58
CA ASP D 3961 -61.36 34.35 10.60
C ASP D 3961 -60.88 35.36 11.63
N SER D 3962 -61.74 36.32 11.96
CA SER D 3962 -61.40 37.39 12.88
C SER D 3962 -61.67 37.03 14.33
N SER D 3963 -62.17 35.82 14.59
CA SER D 3963 -62.48 35.39 15.95
C SER D 3963 -61.41 34.47 16.54
N GLN D 3964 -60.27 34.31 15.86
CA GLN D 3964 -59.23 33.39 16.31
C GLN D 3964 -57.90 34.11 16.49
N ILE D 3965 -57.94 35.37 16.91
CA ILE D 3965 -56.71 36.15 17.08
C ILE D 3965 -55.84 35.54 18.17
N GLU D 3966 -56.45 35.20 19.31
CA GLU D 3966 -55.69 34.60 20.39
C GLU D 3966 -55.12 33.25 20.02
N LEU D 3967 -55.89 32.43 19.31
CA LEU D 3967 -55.38 31.14 18.86
C LEU D 3967 -54.21 31.32 17.92
N LEU D 3968 -54.31 32.27 16.99
CA LEU D 3968 -53.21 32.55 16.09
C LEU D 3968 -51.97 33.02 16.84
N LYS D 3969 -52.14 33.89 17.83
CA LYS D 3969 -51.01 34.35 18.62
C LYS D 3969 -50.34 33.23 19.41
N GLU D 3970 -51.12 32.33 20.00
CA GLU D 3970 -50.52 31.19 20.68
C GLU D 3970 -49.78 30.28 19.71
N LEU D 3971 -50.40 29.99 18.57
CA LEU D 3971 -49.79 29.12 17.57
C LEU D 3971 -48.50 29.70 17.00
N MET D 3972 -48.45 31.01 16.79
CA MET D 3972 -47.27 31.66 16.24
C MET D 3972 -46.21 31.94 17.29
N ASP D 3973 -46.49 31.66 18.55
CA ASP D 3973 -45.45 31.60 19.57
C ASP D 3973 -44.90 30.20 19.73
N LEU D 3974 -45.77 29.19 19.56
CA LEU D 3974 -45.28 27.82 19.48
C LEU D 3974 -44.27 27.66 18.34
N GLN D 3975 -44.56 28.30 17.20
CA GLN D 3975 -43.62 28.24 16.07
C GLN D 3975 -42.29 28.87 16.41
N LYS D 3976 -42.30 30.02 17.09
CA LYS D 3976 -41.06 30.65 17.49
C LYS D 3976 -40.26 29.79 18.45
N ASP D 3977 -40.90 29.13 19.40
CA ASP D 3977 -40.19 28.20 20.26
C ASP D 3977 -39.60 27.01 19.50
N MET D 3978 -40.35 26.48 18.53
CA MET D 3978 -39.80 25.41 17.70
C MET D 3978 -38.56 25.85 16.95
N VAL D 3979 -38.60 27.05 16.36
CA VAL D 3979 -37.43 27.54 15.63
C VAL D 3979 -36.27 27.81 16.57
N VAL D 3980 -36.54 28.30 17.78
CA VAL D 3980 -35.46 28.49 18.74
C VAL D 3980 -34.82 27.15 19.08
N MET D 3981 -35.63 26.11 19.27
CA MET D 3981 -35.07 24.78 19.54
C MET D 3981 -34.21 24.30 18.36
N LEU D 3982 -34.69 24.53 17.14
CA LEU D 3982 -33.91 24.13 15.97
C LEU D 3982 -32.59 24.86 15.91
N LEU D 3983 -32.58 26.16 16.22
CA LEU D 3983 -31.33 26.92 16.25
C LEU D 3983 -30.39 26.41 17.33
N SER D 3984 -30.91 26.09 18.50
CA SER D 3984 -30.09 25.51 19.55
C SER D 3984 -29.52 24.17 19.14
N MET D 3985 -30.23 23.43 18.28
CA MET D 3985 -29.67 22.19 17.75
C MET D 3985 -28.41 22.45 16.92
N LEU D 3986 -28.41 23.48 16.10
CA LEU D 3986 -27.27 23.82 15.26
C LEU D 3986 -26.20 24.59 16.02
N GLU D 3987 -26.51 25.06 17.22
CA GLU D 3987 -25.51 25.76 18.02
C GLU D 3987 -24.25 24.94 18.17
N GLY D 3988 -23.10 25.56 17.92
CA GLY D 3988 -21.83 24.85 17.94
C GLY D 3988 -21.67 23.84 16.84
N ASN D 3989 -22.07 24.18 15.62
CA ASN D 3989 -22.02 23.24 14.51
C ASN D 3989 -20.64 23.24 13.87
N VAL D 3990 -20.41 22.20 13.06
CA VAL D 3990 -19.20 22.08 12.26
C VAL D 3990 -19.61 21.97 10.80
N VAL D 3991 -18.65 22.22 9.91
CA VAL D 3991 -18.94 22.16 8.48
C VAL D 3991 -19.21 20.71 8.09
N ASN D 3992 -20.30 20.50 7.34
CA ASN D 3992 -20.73 19.17 6.91
C ASN D 3992 -20.97 18.27 8.12
N GLY D 3993 -21.83 18.73 9.03
CA GLY D 3993 -22.16 17.96 10.20
C GLY D 3993 -23.38 17.08 10.01
N THR D 3994 -23.46 16.05 10.84
CA THR D 3994 -24.59 15.13 10.76
C THR D 3994 -25.90 15.83 11.13
N ILE D 3995 -25.88 16.72 12.12
CA ILE D 3995 -27.08 17.45 12.48
C ILE D 3995 -27.53 18.34 11.32
N GLY D 3996 -26.58 19.00 10.66
CA GLY D 3996 -26.91 19.80 9.50
C GLY D 3996 -27.52 18.96 8.39
N LYS D 3997 -26.95 17.79 8.14
CA LYS D 3997 -27.51 16.91 7.12
C LYS D 3997 -28.93 16.48 7.45
N GLN D 3998 -29.19 16.10 8.70
CA GLN D 3998 -30.53 15.68 9.08
C GLN D 3998 -31.53 16.83 9.00
N MET D 3999 -31.14 18.04 9.40
CA MET D 3999 -32.04 19.17 9.29
C MET D 3999 -32.32 19.53 7.84
N VAL D 4000 -31.31 19.43 6.97
CA VAL D 4000 -31.55 19.65 5.55
C VAL D 4000 -32.52 18.60 5.00
N ASP D 4001 -32.35 17.34 5.42
CA ASP D 4001 -33.28 16.30 5.01
C ASP D 4001 -34.70 16.59 5.46
N MET D 4002 -34.87 17.06 6.69
CA MET D 4002 -36.20 17.37 7.20
C MET D 4002 -36.82 18.54 6.44
N LEU D 4003 -36.02 19.55 6.12
CA LEU D 4003 -36.52 20.66 5.30
C LEU D 4003 -36.95 20.18 3.92
N VAL D 4004 -36.14 19.32 3.29
CA VAL D 4004 -36.49 18.81 1.98
C VAL D 4004 -37.79 18.01 2.05
N GLU D 4005 -37.96 17.23 3.12
CA GLU D 4005 -39.20 16.48 3.30
C GLU D 4005 -40.40 17.42 3.44
N SER D 4006 -40.24 18.50 4.18
CA SER D 4006 -41.32 19.46 4.42
C SER D 4006 -41.20 20.71 3.55
N SER D 4007 -40.72 20.55 2.31
CA SER D 4007 -40.47 21.70 1.45
C SER D 4007 -41.71 22.55 1.22
N ASN D 4008 -42.84 21.91 0.87
CA ASN D 4008 -44.03 22.68 0.50
C ASN D 4008 -44.55 23.51 1.68
N ASN D 4009 -44.59 22.91 2.86
CA ASN D 4009 -45.08 23.62 4.03
C ASN D 4009 -44.21 24.84 4.33
N VAL D 4010 -42.89 24.69 4.21
CA VAL D 4010 -42.01 25.83 4.41
C VAL D 4010 -42.20 26.89 3.35
N GLU D 4011 -42.44 26.51 2.10
CA GLU D 4011 -42.76 27.49 1.06
C GLU D 4011 -44.00 28.29 1.41
N MET D 4012 -45.05 27.62 1.88
CA MET D 4012 -46.27 28.34 2.24
C MET D 4012 -46.01 29.27 3.43
N ILE D 4013 -45.27 28.80 4.43
CA ILE D 4013 -44.94 29.65 5.57
C ILE D 4013 -44.16 30.87 5.13
N LEU D 4014 -43.18 30.68 4.25
CA LEU D 4014 -42.34 31.78 3.81
C LEU D 4014 -43.08 32.79 2.94
N LYS D 4015 -44.04 32.34 2.12
CA LYS D 4015 -44.88 33.29 1.40
C LYS D 4015 -45.79 34.05 2.36
N PHE D 4016 -46.33 33.37 3.35
CA PHE D 4016 -47.14 34.02 4.37
C PHE D 4016 -46.34 35.13 5.06
N PHE D 4017 -45.08 34.84 5.38
CA PHE D 4017 -44.24 35.84 6.04
C PHE D 4017 -43.88 36.97 5.09
N ASP D 4018 -43.60 36.66 3.83
CA ASP D 4018 -43.16 37.69 2.90
C ASP D 4018 -44.27 38.69 2.60
N MET D 4019 -45.48 38.20 2.35
CA MET D 4019 -46.57 39.09 1.99
C MET D 4019 -47.04 39.93 3.16
N PHE D 4020 -46.59 39.63 4.36
CA PHE D 4020 -46.83 40.48 5.52
C PHE D 4020 -45.65 41.36 5.89
N LEU D 4021 -44.43 40.96 5.53
CA LEU D 4021 -43.29 41.86 5.69
C LEU D 4021 -43.30 42.99 4.67
N LYS D 4022 -43.90 42.76 3.50
CA LYS D 4022 -44.08 43.86 2.56
C LYS D 4022 -45.19 44.82 2.96
N LEU D 4023 -46.05 44.40 3.90
CA LEU D 4023 -47.20 45.23 4.27
C LEU D 4023 -46.74 46.49 5.01
N LYS D 4024 -45.67 46.39 5.79
CA LYS D 4024 -45.13 47.57 6.45
C LYS D 4024 -44.64 48.59 5.44
N ASP D 4025 -43.95 48.15 4.40
CA ASP D 4025 -43.52 49.06 3.35
C ASP D 4025 -44.71 49.69 2.64
N LEU D 4026 -45.73 48.88 2.34
CA LEU D 4026 -46.94 49.43 1.74
C LEU D 4026 -47.54 50.52 2.61
N THR D 4027 -47.70 50.25 3.91
CA THR D 4027 -48.40 51.21 4.77
C THR D 4027 -47.53 52.41 5.12
N SER D 4028 -46.21 52.30 4.97
CA SER D 4028 -45.32 53.44 5.18
C SER D 4028 -45.03 54.21 3.90
N SER D 4029 -45.47 53.71 2.75
CA SER D 4029 -45.27 54.42 1.51
C SER D 4029 -46.10 55.71 1.48
N ASP D 4030 -45.63 56.66 0.66
CA ASP D 4030 -46.32 57.94 0.51
C ASP D 4030 -47.58 57.83 -0.33
N THR D 4031 -47.65 56.85 -1.23
CA THR D 4031 -48.89 56.59 -1.96
C THR D 4031 -50.03 56.25 -1.01
N PHE D 4032 -49.76 55.46 0.03
CA PHE D 4032 -50.70 55.26 1.10
C PHE D 4032 -51.10 56.55 1.79
N LYS D 4033 -50.16 57.48 1.96
CA LYS D 4033 -50.47 58.75 2.60
C LYS D 4033 -51.33 59.66 1.73
N GLU D 4034 -51.20 59.59 0.41
CA GLU D 4034 -52.07 60.37 -0.46
C GLU D 4034 -53.38 59.66 -0.77
N TYR D 4035 -53.46 58.35 -0.51
CA TYR D 4035 -54.77 57.71 -0.45
C TYR D 4035 -55.52 58.01 0.85
N ASP D 4036 -54.79 58.11 1.96
CA ASP D 4036 -55.37 58.53 3.24
C ASP D 4036 -54.68 59.81 3.69
N PRO D 4037 -55.18 60.99 3.30
CA PRO D 4037 -54.48 62.23 3.63
C PRO D 4037 -54.35 62.48 5.12
N ASP D 4038 -55.38 62.11 5.88
CA ASP D 4038 -55.34 62.28 7.32
C ASP D 4038 -54.42 61.24 7.93
N GLY D 4039 -53.70 61.64 8.99
CA GLY D 4039 -52.85 60.75 9.74
C GLY D 4039 -53.54 60.00 10.85
N LYS D 4040 -54.87 59.97 10.85
CA LYS D 4040 -55.60 59.33 11.94
C LYS D 4040 -55.34 57.83 11.97
N GLY D 4041 -55.00 57.23 10.83
CA GLY D 4041 -54.76 55.81 10.75
C GLY D 4041 -55.96 54.96 10.42
N VAL D 4042 -57.04 55.55 9.91
CA VAL D 4042 -58.23 54.81 9.55
C VAL D 4042 -58.44 54.92 8.05
N ILE D 4043 -58.54 53.78 7.36
CA ILE D 4043 -58.65 53.73 5.92
C ILE D 4043 -59.85 52.87 5.55
N SER D 4044 -60.48 53.22 4.42
CA SER D 4044 -61.60 52.43 3.92
C SER D 4044 -61.09 51.22 3.16
N LYS D 4045 -61.97 50.22 3.01
CA LYS D 4045 -61.58 49.00 2.33
C LYS D 4045 -61.30 49.23 0.85
N ARG D 4046 -62.10 50.06 0.19
CA ARG D 4046 -61.83 50.37 -1.21
C ARG D 4046 -60.49 51.08 -1.38
N ASP D 4047 -60.21 52.05 -0.50
CA ASP D 4047 -58.95 52.77 -0.58
C ASP D 4047 -57.77 51.85 -0.28
N PHE D 4048 -57.96 50.90 0.63
CA PHE D 4048 -56.90 49.94 0.93
C PHE D 4048 -56.68 49.00 -0.25
N HIS D 4049 -57.77 48.60 -0.93
CA HIS D 4049 -57.64 47.79 -2.14
C HIS D 4049 -56.86 48.53 -3.22
N LYS D 4050 -57.23 49.78 -3.49
CA LYS D 4050 -56.48 50.51 -4.50
C LYS D 4050 -55.07 50.81 -4.04
N ALA D 4051 -54.82 50.84 -2.72
CA ALA D 4051 -53.45 50.94 -2.23
C ALA D 4051 -52.64 49.72 -2.62
N MET D 4052 -53.18 48.52 -2.39
CA MET D 4052 -52.48 47.32 -2.83
C MET D 4052 -52.28 47.31 -4.34
N GLU D 4053 -53.30 47.70 -5.10
CA GLU D 4053 -53.20 47.74 -6.55
C GLU D 4053 -52.14 48.73 -7.05
N SER D 4054 -52.03 49.90 -6.42
CA SER D 4054 -51.00 50.84 -6.81
C SER D 4054 -49.62 50.38 -6.36
N HIS D 4055 -49.56 49.61 -5.28
CA HIS D 4055 -48.26 49.14 -4.78
C HIS D 4055 -47.60 48.21 -5.79
N LYS D 4056 -48.38 47.33 -6.42
CA LYS D 4056 -47.97 46.45 -7.51
C LYS D 4056 -46.93 45.41 -7.13
N HIS D 4057 -46.53 45.36 -5.86
CA HIS D 4057 -45.74 44.23 -5.39
C HIS D 4057 -46.63 43.09 -4.92
N TYR D 4058 -47.93 43.34 -4.78
CA TYR D 4058 -48.89 42.31 -4.45
C TYR D 4058 -49.65 41.90 -5.71
N THR D 4059 -49.67 40.60 -5.99
CA THR D 4059 -50.48 40.09 -7.08
C THR D 4059 -51.95 40.05 -6.65
N GLN D 4060 -52.79 39.60 -7.59
CA GLN D 4060 -54.22 39.55 -7.31
C GLN D 4060 -54.54 38.61 -6.15
N SER D 4061 -53.90 37.44 -6.13
CA SER D 4061 -54.17 36.47 -5.07
C SER D 4061 -53.77 37.01 -3.71
N GLU D 4062 -52.58 37.62 -3.63
CA GLU D 4062 -52.16 38.20 -2.36
C GLU D 4062 -53.07 39.35 -1.95
N THR D 4063 -53.49 40.18 -2.90
CA THR D 4063 -54.39 41.28 -2.58
C THR D 4063 -55.70 40.77 -2.01
N GLU D 4064 -56.30 39.78 -2.65
CA GLU D 4064 -57.58 39.27 -2.17
C GLU D 4064 -57.42 38.55 -0.84
N PHE D 4065 -56.28 37.87 -0.63
CA PHE D 4065 -56.07 37.22 0.66
C PHE D 4065 -55.92 38.25 1.78
N LEU D 4066 -55.19 39.34 1.51
CA LEU D 4066 -55.09 40.41 2.49
C LEU D 4066 -56.45 41.02 2.78
N LEU D 4067 -57.27 41.17 1.73
CA LEU D 4067 -58.62 41.68 1.94
C LEU D 4067 -59.42 40.74 2.85
N SER D 4068 -59.34 39.44 2.59
CA SER D 4068 -60.08 38.48 3.40
C SER D 4068 -59.61 38.49 4.85
N CYS D 4069 -58.30 38.63 5.06
CA CYS D 4069 -57.75 38.63 6.41
C CYS D 4069 -57.88 39.98 7.11
N ALA D 4070 -58.46 40.97 6.46
CA ALA D 4070 -58.65 42.30 7.04
C ALA D 4070 -60.09 42.43 7.50
N GLU D 4071 -60.27 42.72 8.79
CA GLU D 4071 -61.61 42.88 9.34
C GLU D 4071 -62.04 44.34 9.26
N THR D 4072 -63.18 44.58 8.63
CA THR D 4072 -63.72 45.92 8.47
C THR D 4072 -65.13 45.96 9.05
N ASP D 4073 -65.46 47.07 9.71
CA ASP D 4073 -66.77 47.23 10.29
C ASP D 4073 -67.80 47.56 9.20
N GLU D 4074 -69.02 47.88 9.64
CA GLU D 4074 -70.06 48.24 8.69
C GLU D 4074 -69.71 49.52 7.93
N ASN D 4075 -68.78 50.33 8.48
CA ASN D 4075 -68.35 51.55 7.82
C ASN D 4075 -67.40 51.30 6.66
N GLU D 4076 -67.13 50.03 6.33
CA GLU D 4076 -66.29 49.68 5.17
C GLU D 4076 -64.86 50.19 5.40
N THR D 4077 -64.49 50.35 6.66
CA THR D 4077 -63.19 50.87 7.04
C THR D 4077 -62.57 49.99 8.11
N LEU D 4078 -61.25 50.09 8.26
CA LEU D 4078 -60.49 49.29 9.22
C LEU D 4078 -59.35 50.10 9.81
N ASP D 4079 -58.70 49.51 10.81
CA ASP D 4079 -57.55 50.13 11.47
C ASP D 4079 -56.28 49.45 10.98
N TYR D 4080 -55.63 50.06 9.97
CA TYR D 4080 -54.53 49.38 9.32
C TYR D 4080 -53.29 49.34 10.22
N GLU D 4081 -53.17 50.25 11.17
CA GLU D 4081 -52.07 50.14 12.13
C GLU D 4081 -52.19 48.85 12.95
N GLU D 4082 -53.37 48.59 13.49
CA GLU D 4082 -53.59 47.34 14.21
C GLU D 4082 -53.42 46.13 13.31
N PHE D 4083 -53.91 46.24 12.07
CA PHE D 4083 -53.74 45.17 11.09
C PHE D 4083 -52.27 44.83 10.88
N VAL D 4084 -51.46 45.84 10.55
CA VAL D 4084 -50.07 45.60 10.23
C VAL D 4084 -49.32 45.14 11.47
N LYS D 4085 -49.72 45.62 12.64
CA LYS D 4085 -49.10 45.13 13.86
C LYS D 4085 -49.33 43.63 14.02
N ARG D 4086 -50.61 43.22 14.12
CA ARG D 4086 -50.94 41.82 14.35
C ARG D 4086 -50.26 40.93 13.33
N PHE D 4087 -50.20 41.35 12.07
CA PHE D 4087 -49.62 40.48 11.06
C PHE D 4087 -48.17 40.81 10.74
N HIS D 4088 -47.51 41.67 11.52
CA HIS D 4088 -46.15 42.03 11.16
C HIS D 4088 -45.15 41.65 12.25
N GLU D 4089 -45.39 42.03 13.51
CA GLU D 4089 -44.36 41.66 14.50
C GLU D 4089 -44.14 40.15 14.61
N PRO D 4090 -45.16 39.31 14.71
CA PRO D 4090 -44.88 37.86 14.68
C PRO D 4090 -44.16 37.44 13.40
N ALA D 4091 -44.57 38.02 12.27
CA ALA D 4091 -43.83 37.78 11.04
C ALA D 4091 -42.39 38.23 11.17
N LYS D 4092 -42.15 39.43 11.70
CA LYS D 4092 -40.80 39.97 11.79
C LYS D 4092 -39.88 39.12 12.66
N ASP D 4093 -40.35 38.61 13.80
CA ASP D 4093 -39.42 37.87 14.65
C ASP D 4093 -39.28 36.41 14.21
N ILE D 4094 -40.39 35.75 13.84
CA ILE D 4094 -40.27 34.38 13.39
C ILE D 4094 -39.46 34.29 12.11
N GLY D 4095 -39.70 35.22 11.18
CA GLY D 4095 -38.95 35.22 9.94
C GLY D 4095 -37.48 35.49 10.18
N PHE D 4096 -37.16 36.36 11.14
CA PHE D 4096 -35.75 36.58 11.46
C PHE D 4096 -35.10 35.31 11.98
N ASN D 4097 -35.78 34.60 12.88
CA ASN D 4097 -35.22 33.35 13.36
C ASN D 4097 -35.05 32.33 12.25
N VAL D 4098 -36.02 32.23 11.35
CA VAL D 4098 -35.91 31.31 10.22
C VAL D 4098 -34.75 31.71 9.31
N ALA D 4099 -34.58 33.00 9.06
CA ALA D 4099 -33.49 33.47 8.21
C ALA D 4099 -32.15 33.15 8.85
N VAL D 4100 -32.04 33.33 10.17
CA VAL D 4100 -30.81 32.96 10.86
C VAL D 4100 -30.54 31.46 10.74
N LEU D 4101 -31.57 30.63 10.92
CA LEU D 4101 -31.41 29.19 10.76
C LEU D 4101 -30.90 28.83 9.38
N LEU D 4102 -31.52 29.41 8.34
CA LEU D 4102 -31.11 29.11 6.97
C LEU D 4102 -29.72 29.63 6.65
N THR D 4103 -29.34 30.80 7.13
CA THR D 4103 -27.99 31.30 6.92
C THR D 4103 -26.98 30.38 7.60
N ASN D 4104 -27.27 29.94 8.82
CA ASN D 4104 -26.39 29.01 9.51
C ASN D 4104 -26.22 27.73 8.71
N LEU D 4105 -27.33 27.15 8.26
CA LEU D 4105 -27.27 25.91 7.50
C LEU D 4105 -26.49 26.10 6.21
N SER D 4106 -26.73 27.20 5.50
CA SER D 4106 -26.04 27.44 4.23
C SER D 4106 -24.55 27.60 4.44
N GLU D 4107 -24.15 28.35 5.46
CA GLU D 4107 -22.73 28.63 5.65
C GLU D 4107 -22.00 27.41 6.21
N HIS D 4108 -22.72 26.50 6.85
CA HIS D 4108 -22.07 25.31 7.36
C HIS D 4108 -22.19 24.11 6.41
N MET D 4109 -23.02 24.20 5.37
CA MET D 4109 -23.11 23.18 4.33
C MET D 4109 -23.00 23.87 2.98
N PRO D 4110 -21.79 24.25 2.58
CA PRO D 4110 -21.66 25.15 1.42
C PRO D 4110 -21.96 24.50 0.07
N ASN D 4111 -22.05 23.18 0.00
CA ASN D 4111 -22.19 22.48 -1.27
C ASN D 4111 -23.33 21.47 -1.26
N ASP D 4112 -24.51 21.87 -0.78
CA ASP D 4112 -25.66 20.99 -0.72
C ASP D 4112 -26.74 21.51 -1.66
N THR D 4113 -26.88 20.86 -2.81
CA THR D 4113 -27.75 21.38 -3.87
C THR D 4113 -29.19 21.49 -3.39
N ARG D 4114 -29.65 20.50 -2.63
CA ARG D 4114 -30.97 20.58 -2.02
C ARG D 4114 -31.08 21.84 -1.16
N LEU D 4115 -29.98 22.24 -0.54
CA LEU D 4115 -30.02 23.43 0.31
C LEU D 4115 -30.06 24.70 -0.52
N GLN D 4116 -29.29 24.78 -1.62
CA GLN D 4116 -29.42 26.00 -2.41
C GLN D 4116 -30.78 26.14 -3.08
N THR D 4117 -31.39 25.06 -3.55
CA THR D 4117 -32.73 25.21 -4.12
C THR D 4117 -33.71 25.72 -3.06
N PHE D 4118 -33.59 25.21 -1.84
CA PHE D 4118 -34.45 25.65 -0.76
C PHE D 4118 -34.19 27.12 -0.43
N LEU D 4119 -32.93 27.56 -0.53
CA LEU D 4119 -32.61 28.96 -0.34
C LEU D 4119 -33.23 29.82 -1.44
N GLU D 4120 -33.22 29.33 -2.68
CA GLU D 4120 -33.90 30.05 -3.75
C GLU D 4120 -35.37 30.23 -3.44
N LEU D 4121 -36.00 29.19 -2.86
CA LEU D 4121 -37.35 29.37 -2.37
C LEU D 4121 -37.42 30.44 -1.29
N ALA D 4122 -36.45 30.47 -0.39
CA ALA D 4122 -36.42 31.41 0.73
C ALA D 4122 -35.71 32.72 0.40
N GLU D 4123 -35.63 33.09 -0.88
CA GLU D 4123 -34.79 34.22 -1.27
C GLU D 4123 -35.27 35.54 -0.68
N SER D 4124 -36.56 35.83 -0.79
CA SER D 4124 -37.06 37.17 -0.46
C SER D 4124 -36.88 37.49 1.02
N VAL D 4125 -37.18 36.52 1.89
CA VAL D 4125 -37.10 36.75 3.33
C VAL D 4125 -35.67 37.06 3.75
N LEU D 4126 -34.72 36.33 3.17
CA LEU D 4126 -33.31 36.58 3.47
C LEU D 4126 -32.90 37.98 3.03
N ASN D 4127 -33.36 38.41 1.86
CA ASN D 4127 -33.07 39.76 1.40
C ASN D 4127 -33.66 40.80 2.35
N TYR D 4128 -34.87 40.56 2.85
CA TYR D 4128 -35.46 41.50 3.79
C TYR D 4128 -34.66 41.58 5.08
N PHE D 4129 -34.20 40.44 5.59
CA PHE D 4129 -33.55 40.38 6.88
C PHE D 4129 -32.04 40.55 6.80
N GLN D 4130 -31.49 40.79 5.62
CA GLN D 4130 -30.04 40.97 5.51
C GLN D 4130 -29.50 42.11 6.35
N PRO D 4131 -30.07 43.32 6.34
CA PRO D 4131 -29.50 44.39 7.17
C PRO D 4131 -29.52 44.10 8.66
N PHE D 4132 -30.51 43.37 9.15
CA PHE D 4132 -30.66 43.14 10.58
C PHE D 4132 -29.93 41.90 11.07
N LEU D 4133 -29.22 41.20 10.20
CA LEU D 4133 -28.56 39.95 10.58
C LEU D 4133 -27.09 40.23 10.85
N GLY D 4134 -26.64 39.92 12.05
CA GLY D 4134 -25.26 40.11 12.46
C GLY D 4134 -24.49 38.81 12.36
N ARG D 4135 -23.20 38.90 12.08
CA ARG D 4135 -22.37 37.73 11.87
C ARG D 4135 -20.97 38.03 12.38
N ILE D 4136 -20.53 37.29 13.40
CA ILE D 4136 -19.18 37.38 13.92
C ILE D 4136 -18.64 35.98 14.13
N GLU D 4137 -17.33 35.89 14.30
CA GLU D 4137 -16.65 34.65 14.60
C GLU D 4137 -15.92 34.79 15.92
N ILE D 4138 -16.02 33.76 16.77
CA ILE D 4138 -15.38 33.76 18.07
C ILE D 4138 -14.63 32.45 18.25
N MET D 4139 -13.68 32.47 19.19
CA MET D 4139 -12.92 31.27 19.55
C MET D 4139 -13.75 30.55 20.61
N GLY D 4140 -14.49 29.54 20.19
CA GLY D 4140 -15.49 28.93 21.04
C GLY D 4140 -14.89 28.10 22.17
N SER D 4141 -15.79 27.58 23.00
CA SER D 4141 -15.39 26.78 24.14
C SER D 4141 -14.78 25.45 23.72
N ALA D 4142 -15.10 24.95 22.54
CA ALA D 4142 -14.58 23.68 22.05
C ALA D 4142 -13.25 23.85 21.32
N LYS D 4143 -12.52 24.94 21.59
CA LYS D 4143 -11.24 25.21 20.94
C LYS D 4143 -11.37 25.24 19.42
N ARG D 4144 -12.48 25.79 18.94
CA ARG D 4144 -12.72 25.95 17.51
C ARG D 4144 -13.30 27.34 17.25
N ILE D 4145 -13.06 27.84 16.04
CA ILE D 4145 -13.68 29.11 15.65
C ILE D 4145 -15.15 28.87 15.33
N GLU D 4146 -16.03 29.53 16.08
CA GLU D 4146 -17.46 29.36 15.92
C GLU D 4146 -18.06 30.66 15.43
N ARG D 4147 -18.99 30.55 14.49
CA ARG D 4147 -19.64 31.73 13.93
C ARG D 4147 -20.98 31.96 14.61
N VAL D 4148 -21.21 33.20 15.01
CA VAL D 4148 -22.36 33.58 15.84
C VAL D 4148 -23.26 34.52 15.04
N TYR D 4149 -24.56 34.30 15.11
CA TYR D 4149 -25.55 35.12 14.44
C TYR D 4149 -26.45 35.77 15.49
N PHE D 4150 -26.67 37.07 15.35
CA PHE D 4150 -27.50 37.84 16.26
C PHE D 4150 -28.32 38.84 15.47
N GLU D 4151 -28.99 39.73 16.19
CA GLU D 4151 -29.88 40.72 15.58
C GLU D 4151 -29.26 42.11 15.72
N ILE D 4152 -29.31 42.88 14.64
CA ILE D 4152 -28.87 44.27 14.62
C ILE D 4152 -30.10 45.13 14.40
N SER D 4153 -30.29 46.11 15.27
CA SER D 4153 -31.47 46.96 15.18
C SER D 4153 -31.22 48.13 14.23
N GLU D 4154 -32.32 48.60 13.63
CA GLU D 4154 -32.25 49.71 12.68
C GLU D 4154 -31.76 50.98 13.36
N SER D 4155 -32.21 51.23 14.59
CA SER D 4155 -31.73 52.40 15.33
C SER D 4155 -30.23 52.30 15.56
N SER D 4156 -29.75 51.13 15.97
CA SER D 4156 -28.31 50.95 16.17
C SER D 4156 -27.54 51.19 14.89
N ARG D 4157 -28.02 50.67 13.77
CA ARG D 4157 -27.32 50.88 12.50
C ARG D 4157 -27.28 52.35 12.13
N THR D 4158 -28.40 53.07 12.27
CA THR D 4158 -28.41 54.48 11.91
C THR D 4158 -27.46 55.29 12.80
N GLN D 4159 -27.50 55.03 14.10
CA GLN D 4159 -26.62 55.77 15.00
C GLN D 4159 -25.16 55.43 14.72
N TRP D 4160 -24.89 54.20 14.28
CA TRP D 4160 -23.53 53.86 13.89
C TRP D 4160 -23.11 54.63 12.64
N GLU D 4161 -24.02 54.80 11.69
CA GLU D 4161 -23.70 55.48 10.45
C GLU D 4161 -23.78 56.99 10.54
N LYS D 4162 -24.16 57.53 11.70
CA LYS D 4162 -24.11 58.99 11.86
C LYS D 4162 -22.66 59.47 11.74
N PRO D 4163 -22.43 60.64 11.13
CA PRO D 4163 -21.04 61.04 10.82
C PRO D 4163 -20.14 61.22 12.02
N GLN D 4164 -20.67 61.67 13.15
CA GLN D 4164 -19.84 61.87 14.34
C GLN D 4164 -19.23 60.55 14.80
N VAL D 4165 -20.03 59.48 14.77
CA VAL D 4165 -19.52 58.17 15.14
C VAL D 4165 -18.45 57.72 14.16
N LYS D 4166 -18.61 58.05 12.88
CA LYS D 4166 -17.59 57.71 11.90
C LYS D 4166 -16.29 58.44 12.18
N GLU D 4167 -16.37 59.72 12.55
CA GLU D 4167 -15.16 60.46 12.89
C GLU D 4167 -14.49 59.88 14.12
N SER D 4168 -15.29 59.51 15.14
CA SER D 4168 -14.72 58.86 16.31
C SER D 4168 -14.06 57.53 15.96
N LYS D 4169 -14.67 56.75 15.08
CA LYS D 4169 -14.06 55.50 14.62
C LYS D 4169 -12.73 55.75 13.94
N ARG D 4170 -12.67 56.76 13.06
CA ARG D 4170 -11.42 57.06 12.38
C ARG D 4170 -10.34 57.48 13.37
N GLN D 4171 -10.69 58.32 14.34
CA GLN D 4171 -9.72 58.71 15.36
C GLN D 4171 -9.25 57.52 16.17
N PHE D 4172 -10.16 56.64 16.54
CA PHE D 4172 -9.80 55.44 17.31
C PHE D 4172 -8.84 54.55 16.52
N ILE D 4173 -9.14 54.32 15.25
CA ILE D 4173 -8.28 53.48 14.43
C ILE D 4173 -6.90 54.12 14.28
N PHE D 4174 -6.85 55.44 14.04
CA PHE D 4174 -5.58 56.13 13.94
C PHE D 4174 -4.75 55.94 15.20
N ASP D 4175 -5.38 56.14 16.37
CA ASP D 4175 -4.67 56.01 17.63
C ASP D 4175 -4.15 54.59 17.83
N VAL D 4176 -5.00 53.60 17.58
CA VAL D 4176 -4.59 52.21 17.80
C VAL D 4176 -3.46 51.83 16.88
N VAL D 4177 -3.53 52.23 15.61
CA VAL D 4177 -2.50 51.85 14.66
C VAL D 4177 -1.18 52.54 14.98
N ASN D 4178 -1.22 53.81 15.37
CA ASN D 4178 0.02 54.56 15.53
C ASN D 4178 0.66 54.31 16.88
N GLU D 4179 -0.06 54.55 17.97
CA GLU D 4179 0.51 54.41 19.32
C GLU D 4179 -0.21 53.34 20.12
N GLY D 4180 -0.48 52.20 19.50
CA GLY D 4180 -1.11 51.09 20.19
C GLY D 4180 -0.27 49.84 20.10
N GLY D 4181 -0.34 49.03 21.16
CA GLY D 4181 0.35 47.76 21.21
C GLY D 4181 -0.56 46.58 20.92
N GLU D 4182 0.06 45.41 20.82
CA GLU D 4182 -0.69 44.20 20.51
C GLU D 4182 -1.44 43.65 21.72
N LYS D 4183 -0.89 43.81 22.93
CA LYS D 4183 -1.61 43.45 24.15
C LYS D 4183 -2.88 44.28 24.32
N GLU D 4184 -2.78 45.59 24.18
CA GLU D 4184 -3.87 46.49 24.54
C GLU D 4184 -4.81 46.76 23.37
N LYS D 4185 -4.60 46.10 22.23
CA LYS D 4185 -5.44 46.39 21.07
C LYS D 4185 -6.89 46.00 21.33
N MET D 4186 -7.12 44.77 21.79
CA MET D 4186 -8.47 44.32 22.08
C MET D 4186 -9.07 44.97 23.32
N GLU D 4187 -8.24 45.45 24.25
CA GLU D 4187 -8.77 46.19 25.39
C GLU D 4187 -9.25 47.58 24.98
N LEU D 4188 -8.43 48.30 24.21
CA LEU D 4188 -8.83 49.59 23.67
C LEU D 4188 -10.02 49.47 22.74
N PHE D 4189 -10.09 48.41 21.93
CA PHE D 4189 -11.24 48.23 21.05
C PHE D 4189 -12.52 48.05 21.86
N VAL D 4190 -12.47 47.25 22.93
CA VAL D 4190 -13.65 47.08 23.77
C VAL D 4190 -14.02 48.37 24.48
N ASN D 4191 -13.05 49.13 24.98
CA ASN D 4191 -13.37 50.42 25.59
C ASN D 4191 -14.03 51.37 24.59
N PHE D 4192 -13.50 51.44 23.37
CA PHE D 4192 -14.12 52.27 22.35
C PHE D 4192 -15.52 51.80 22.02
N CYS D 4193 -15.71 50.48 21.95
CA CYS D 4193 -17.03 49.94 21.68
C CYS D 4193 -18.02 50.34 22.77
N GLU D 4194 -17.59 50.26 24.03
CA GLU D 4194 -18.48 50.62 25.13
C GLU D 4194 -18.84 52.10 25.10
N ASP D 4195 -17.86 52.97 24.91
CA ASP D 4195 -18.14 54.40 24.85
C ASP D 4195 -19.05 54.73 23.68
N THR D 4196 -18.78 54.13 22.52
CA THR D 4196 -19.61 54.37 21.34
C THR D 4196 -21.03 53.85 21.54
N ILE D 4197 -21.18 52.69 22.18
CA ILE D 4197 -22.51 52.17 22.44
C ILE D 4197 -23.28 53.11 23.33
N PHE D 4198 -22.63 53.63 24.38
CA PHE D 4198 -23.31 54.59 25.25
C PHE D 4198 -23.72 55.84 24.48
N GLU D 4199 -22.83 56.37 23.63
CA GLU D 4199 -23.17 57.61 22.94
C GLU D 4199 -24.25 57.39 21.89
N MET D 4200 -24.26 56.25 21.19
CA MET D 4200 -25.35 55.96 20.28
C MET D 4200 -26.68 55.73 20.99
N GLN D 4201 -26.67 55.11 22.16
CA GLN D 4201 -27.89 55.00 22.93
C GLN D 4201 -28.42 56.35 23.39
N LEU D 4202 -27.54 57.22 23.87
CA LEU D 4202 -27.96 58.56 24.28
C LEU D 4202 -28.48 59.36 23.10
N ALA D 4203 -27.82 59.27 21.94
CA ALA D 4203 -28.31 59.97 20.75
C ALA D 4203 -29.67 59.48 20.31
N ALA D 4204 -29.88 58.15 20.32
CA ALA D 4204 -31.20 57.62 19.98
C ALA D 4204 -32.25 58.08 20.98
N GLN D 4205 -31.86 58.17 22.26
CA GLN D 4205 -32.80 58.63 23.28
C GLN D 4205 -33.20 60.08 23.03
N ILE D 4206 -32.23 60.96 22.75
CA ILE D 4206 -32.55 62.37 22.59
C ILE D 4206 -33.28 62.63 21.28
N SER D 4207 -32.97 61.85 20.24
CA SER D 4207 -33.58 62.05 18.93
C SER D 4207 -34.92 61.33 18.88
N GLU D 4208 -35.90 61.91 19.56
CA GLU D 4208 -37.24 61.39 19.61
C GLU D 4208 -38.24 62.44 19.14
N SER D 4209 -39.21 62.00 18.34
CA SER D 4209 -40.23 62.89 17.81
C SER D 4209 -41.57 62.67 18.51
N SER D 4237 -26.49 78.56 -5.82
CA SER D 4237 -27.25 77.38 -5.43
C SER D 4237 -28.33 77.07 -6.47
N ILE D 4238 -29.54 76.79 -5.98
CA ILE D 4238 -30.65 76.46 -6.88
C ILE D 4238 -30.96 77.63 -7.80
N LEU D 4239 -30.99 78.84 -7.24
CA LEU D 4239 -31.27 80.03 -8.05
C LEU D 4239 -30.21 80.23 -9.13
N THR D 4240 -28.94 80.07 -8.76
CA THR D 4240 -27.87 80.24 -9.75
C THR D 4240 -27.96 79.19 -10.84
N VAL D 4241 -28.24 77.94 -10.46
CA VAL D 4241 -28.36 76.88 -11.46
C VAL D 4241 -29.53 77.16 -12.41
N ARG D 4242 -30.67 77.61 -11.85
CA ARG D 4242 -31.82 77.92 -12.68
C ARG D 4242 -31.50 79.07 -13.63
N SER D 4243 -30.81 80.10 -13.13
CA SER D 4243 -30.46 81.23 -13.99
C SER D 4243 -29.51 80.81 -15.11
N ALA D 4244 -28.52 79.97 -14.78
CA ALA D 4244 -27.59 79.50 -15.81
C ALA D 4244 -28.31 78.66 -16.85
N LEU D 4245 -29.22 77.78 -16.42
CA LEU D 4245 -29.97 76.97 -17.37
C LEU D 4245 -30.85 77.83 -18.26
N PHE D 4246 -31.50 78.84 -17.69
CA PHE D 4246 -32.31 79.75 -18.48
C PHE D 4246 -31.46 80.51 -19.50
N ALA D 4247 -30.28 80.95 -19.07
CA ALA D 4247 -29.38 81.64 -20.00
C ALA D 4247 -28.94 80.73 -21.14
N LEU D 4248 -28.58 79.48 -20.83
CA LEU D 4248 -28.25 78.52 -21.87
C LEU D 4248 -29.39 78.35 -22.85
N ARG D 4249 -30.60 78.08 -22.33
CA ARG D 4249 -31.74 77.86 -23.21
C ARG D 4249 -31.98 79.07 -24.11
N TYR D 4250 -32.00 80.27 -23.52
CA TYR D 4250 -32.31 81.47 -24.29
C TYR D 4250 -31.26 81.74 -25.35
N ASN D 4251 -29.98 81.72 -24.96
CA ASN D 4251 -28.93 82.07 -25.90
C ASN D 4251 -28.83 81.04 -27.02
N ILE D 4252 -28.93 79.76 -26.70
CA ILE D 4252 -28.89 78.75 -27.74
C ILE D 4252 -30.10 78.89 -28.66
N LEU D 4253 -31.26 79.21 -28.09
CA LEU D 4253 -32.43 79.45 -28.94
C LEU D 4253 -32.19 80.61 -29.90
N THR D 4254 -31.64 81.71 -29.40
CA THR D 4254 -31.36 82.85 -30.28
C THR D 4254 -30.38 82.47 -31.37
N LEU D 4255 -29.41 81.61 -31.07
CA LEU D 4255 -28.53 81.10 -32.11
C LEU D 4255 -29.30 80.29 -33.14
N MET D 4256 -30.25 79.46 -32.69
CA MET D 4256 -30.89 78.52 -33.61
C MET D 4256 -32.04 79.15 -34.40
N ARG D 4257 -32.54 80.32 -33.99
CA ARG D 4257 -33.54 81.00 -34.81
C ARG D 4257 -33.04 81.27 -36.22
N MET D 4258 -31.73 81.48 -36.40
CA MET D 4258 -31.21 81.75 -37.72
C MET D 4258 -31.50 80.60 -38.67
N LEU D 4259 -31.35 79.37 -38.18
CA LEU D 4259 -31.72 78.21 -38.99
C LEU D 4259 -33.23 77.99 -39.00
N SER D 4260 -33.89 78.30 -37.87
CA SER D 4260 -35.31 77.98 -37.73
C SER D 4260 -36.19 78.85 -38.61
N LEU D 4261 -35.71 80.02 -39.04
CA LEU D 4261 -36.50 80.83 -39.96
C LEU D 4261 -36.74 80.14 -41.29
N LYS D 4262 -35.91 79.15 -41.66
CA LYS D 4262 -36.01 78.46 -42.94
C LYS D 4262 -35.90 79.44 -44.10
N SER D 4263 -35.25 80.58 -43.85
CA SER D 4263 -35.06 81.62 -44.85
C SER D 4263 -33.71 81.53 -45.53
N LEU D 4264 -33.05 80.37 -45.47
CA LEU D 4264 -31.78 80.15 -46.14
C LEU D 4264 -31.89 80.23 -47.65
N LYS D 4265 -33.10 80.39 -48.19
CA LYS D 4265 -33.29 80.52 -49.62
C LYS D 4265 -32.57 81.76 -50.16
N LYS D 4266 -32.62 82.87 -49.41
CA LYS D 4266 -31.97 84.09 -49.89
C LYS D 4266 -30.46 83.90 -49.97
N GLN D 4267 -29.86 83.24 -48.98
CA GLN D 4267 -28.44 82.93 -49.05
C GLN D 4267 -28.14 81.96 -50.20
N MET D 4268 -29.02 80.98 -50.40
CA MET D 4268 -28.83 79.99 -51.45
C MET D 4268 -28.89 80.64 -52.83
N LYS D 4269 -29.68 81.70 -52.98
CA LYS D 4269 -29.68 82.47 -54.23
C LYS D 4269 -28.27 82.90 -54.61
N LYS D 4270 -27.53 83.51 -53.68
CA LYS D 4270 -26.20 84.00 -54.01
C LYS D 4270 -25.17 82.88 -54.00
N VAL D 4271 -25.37 81.85 -53.18
CA VAL D 4271 -24.35 80.80 -53.07
C VAL D 4271 -24.60 79.63 -54.00
N LYS D 4272 -25.58 79.73 -54.90
CA LYS D 4272 -25.70 78.74 -55.96
C LYS D 4272 -24.41 78.63 -56.76
N LYS D 4273 -23.74 79.76 -56.99
CA LYS D 4273 -22.38 79.75 -57.51
C LYS D 4273 -21.43 79.60 -56.33
N MET D 4274 -21.33 78.37 -55.85
CA MET D 4274 -20.52 78.03 -54.68
C MET D 4274 -19.08 77.82 -55.11
N THR D 4275 -18.20 78.72 -54.67
CA THR D 4275 -16.78 78.53 -54.84
C THR D 4275 -16.13 78.16 -53.50
N VAL D 4276 -14.86 77.77 -53.58
CA VAL D 4276 -14.14 77.36 -52.39
C VAL D 4276 -14.04 78.51 -51.40
N LYS D 4277 -13.90 79.74 -51.90
CA LYS D 4277 -13.74 80.90 -51.02
C LYS D 4277 -15.00 81.15 -50.20
N ASP D 4278 -16.16 81.20 -50.86
CA ASP D 4278 -17.42 81.36 -50.14
C ASP D 4278 -17.67 80.18 -49.22
N MET D 4279 -17.27 78.98 -49.66
CA MET D 4279 -17.43 77.78 -48.86
C MET D 4279 -16.67 77.91 -47.53
N VAL D 4280 -15.41 78.29 -47.60
CA VAL D 4280 -14.59 78.46 -46.40
C VAL D 4280 -15.12 79.62 -45.57
N THR D 4281 -15.60 80.68 -46.22
CA THR D 4281 -16.13 81.82 -45.50
C THR D 4281 -17.32 81.43 -44.63
N ALA D 4282 -18.26 80.66 -45.21
CA ALA D 4282 -19.39 80.19 -44.42
C ALA D 4282 -18.94 79.24 -43.32
N PHE D 4283 -17.96 78.38 -43.63
CA PHE D 4283 -17.44 77.46 -42.63
C PHE D 4283 -16.89 78.21 -41.42
N PHE D 4284 -16.18 79.31 -41.66
CA PHE D 4284 -15.67 80.11 -40.55
C PHE D 4284 -16.78 80.89 -39.86
N SER D 4285 -17.75 81.37 -40.64
CA SER D 4285 -18.81 82.20 -40.09
C SER D 4285 -19.66 81.44 -39.08
N SER D 4286 -19.89 80.15 -39.35
CA SER D 4286 -20.67 79.35 -38.40
C SER D 4286 -20.00 79.31 -37.02
N TYR D 4287 -18.70 79.05 -36.99
CA TYR D 4287 -17.99 78.98 -35.72
C TYR D 4287 -17.89 80.35 -35.07
N TRP D 4288 -17.77 81.40 -35.88
CA TRP D 4288 -17.77 82.75 -35.32
C TRP D 4288 -19.10 83.06 -34.63
N SER D 4289 -20.20 82.64 -35.25
CA SER D 4289 -21.51 82.81 -34.63
C SER D 4289 -21.62 82.01 -33.34
N ILE D 4290 -21.08 80.79 -33.33
CA ILE D 4290 -21.09 80.01 -32.09
C ILE D 4290 -20.32 80.73 -30.99
N PHE D 4291 -19.17 81.30 -31.33
CA PHE D 4291 -18.35 81.98 -30.31
C PHE D 4291 -19.04 83.24 -29.81
N MET D 4292 -19.70 83.99 -30.70
CA MET D 4292 -20.53 85.11 -30.26
C MET D 4292 -21.63 84.65 -29.30
N THR D 4293 -22.29 83.54 -29.62
CA THR D 4293 -23.33 83.03 -28.74
C THR D 4293 -22.76 82.67 -27.37
N LEU D 4294 -21.58 82.08 -27.34
CA LEU D 4294 -20.96 81.74 -26.06
C LEU D 4294 -20.65 82.99 -25.26
N LEU D 4295 -20.15 84.04 -25.91
CA LEU D 4295 -19.87 85.28 -25.20
C LEU D 4295 -21.14 85.89 -24.63
N HIS D 4296 -22.21 85.90 -25.42
CA HIS D 4296 -23.49 86.41 -24.93
C HIS D 4296 -23.98 85.60 -23.74
N PHE D 4297 -23.83 84.28 -23.80
CA PHE D 4297 -24.27 83.43 -22.70
C PHE D 4297 -23.48 83.73 -21.43
N VAL D 4298 -22.17 83.92 -21.55
CA VAL D 4298 -21.35 84.22 -20.37
C VAL D 4298 -21.76 85.56 -19.78
N ALA D 4299 -21.99 86.57 -20.62
CA ALA D 4299 -22.43 87.86 -20.13
C ALA D 4299 -23.77 87.75 -19.41
N SER D 4300 -24.70 86.98 -19.97
CA SER D 4300 -25.99 86.78 -19.34
C SER D 4300 -25.85 86.09 -17.98
N VAL D 4301 -24.95 85.11 -17.89
CA VAL D 4301 -24.72 84.44 -16.62
C VAL D 4301 -24.20 85.41 -15.58
N PHE D 4302 -23.24 86.26 -15.96
CA PHE D 4302 -22.72 87.23 -15.00
C PHE D 4302 -23.81 88.21 -14.56
N ARG D 4303 -24.64 88.68 -15.51
CA ARG D 4303 -25.72 89.60 -15.14
C ARG D 4303 -26.70 88.94 -14.19
N GLY D 4304 -27.08 87.70 -14.48
CA GLY D 4304 -28.01 87.00 -13.61
C GLY D 4304 -27.44 86.74 -12.23
N PHE D 4305 -26.15 86.41 -12.16
CA PHE D 4305 -25.51 86.19 -10.87
C PHE D 4305 -25.47 87.48 -10.05
N PHE D 4306 -25.18 88.61 -10.71
CA PHE D 4306 -25.20 89.88 -10.01
C PHE D 4306 -26.60 90.22 -9.50
N ARG D 4307 -27.63 89.98 -10.33
CA ARG D 4307 -29.00 90.22 -9.88
C ARG D 4307 -29.36 89.34 -8.71
N ILE D 4308 -28.91 88.08 -8.72
CA ILE D 4308 -29.22 87.16 -7.63
C ILE D 4308 -28.54 87.60 -6.34
N ILE D 4309 -27.25 87.95 -6.41
CA ILE D 4309 -26.55 88.34 -5.20
C ILE D 4309 -27.07 89.67 -4.68
N CYS D 4310 -27.55 90.54 -5.57
CA CYS D 4310 -28.18 91.78 -5.14
C CYS D 4310 -29.66 91.58 -4.86
N PHE D 4480 -48.98 67.17 37.81
CA PHE D 4480 -48.13 68.30 38.09
C PHE D 4480 -46.67 67.96 37.81
N TRP D 4481 -46.12 67.07 38.62
CA TRP D 4481 -44.74 66.63 38.41
C TRP D 4481 -44.60 65.86 37.10
N LYS D 4482 -45.61 65.06 36.77
CA LYS D 4482 -45.57 64.29 35.53
C LYS D 4482 -45.54 65.20 34.30
N LYS D 4483 -45.97 66.46 34.45
CA LYS D 4483 -45.90 67.40 33.34
C LYS D 4483 -44.61 68.23 33.40
N ILE D 4484 -44.21 68.66 34.59
CA ILE D 4484 -43.01 69.47 34.69
C ILE D 4484 -41.78 68.67 34.26
N ILE D 4485 -41.69 67.40 34.68
CA ILE D 4485 -40.53 66.59 34.32
C ILE D 4485 -40.52 66.35 32.81
N ALA D 4486 -41.69 66.10 32.22
CA ALA D 4486 -41.76 65.87 30.79
C ALA D 4486 -41.31 67.10 30.01
N TYR D 4487 -41.74 68.29 30.43
CA TYR D 4487 -41.34 69.49 29.70
C TYR D 4487 -39.86 69.78 29.89
N GLN D 4488 -39.33 69.54 31.09
CA GLN D 4488 -37.90 69.67 31.32
C GLN D 4488 -37.12 68.73 30.40
N GLN D 4489 -37.59 67.49 30.28
CA GLN D 4489 -36.93 66.53 29.40
C GLN D 4489 -36.98 66.99 27.95
N LYS D 4490 -38.11 67.56 27.53
CA LYS D 4490 -38.19 68.06 26.16
C LYS D 4490 -37.19 69.17 25.91
N LEU D 4491 -37.07 70.10 26.85
CA LEU D 4491 -36.08 71.17 26.71
C LEU D 4491 -34.66 70.64 26.67
N LEU D 4492 -34.35 69.69 27.56
CA LEU D 4492 -33.02 69.11 27.60
C LEU D 4492 -32.70 68.43 26.27
N ASN D 4493 -33.66 67.68 25.74
CA ASN D 4493 -33.46 66.99 24.46
C ASN D 4493 -33.24 67.98 23.34
N TYR D 4494 -34.01 69.08 23.33
CA TYR D 4494 -33.85 70.08 22.29
C TYR D 4494 -32.45 70.67 22.31
N PHE D 4495 -31.98 71.05 23.51
CA PHE D 4495 -30.66 71.66 23.60
C PHE D 4495 -29.56 70.68 23.23
N ALA D 4496 -29.69 69.42 23.68
CA ALA D 4496 -28.69 68.41 23.33
C ALA D 4496 -28.67 68.17 21.83
N ARG D 4497 -29.84 68.15 21.19
CA ARG D 4497 -29.91 67.98 19.75
C ARG D 4497 -29.22 69.14 19.03
N ASN D 4498 -29.45 70.37 19.49
CA ASN D 4498 -28.98 71.54 18.77
C ASN D 4498 -27.67 72.10 19.31
N PHE D 4499 -26.94 71.31 20.10
CA PHE D 4499 -25.68 71.78 20.67
C PHE D 4499 -24.72 72.28 19.60
N TYR D 4500 -24.49 71.49 18.55
CA TYR D 4500 -23.49 71.85 17.54
C TYR D 4500 -23.92 73.04 16.69
N ASN D 4501 -25.20 73.09 16.32
CA ASN D 4501 -25.67 74.21 15.50
C ASN D 4501 -25.49 75.53 16.23
N MET D 4502 -25.78 75.55 17.53
CA MET D 4502 -25.53 76.74 18.33
C MET D 4502 -24.04 77.09 18.40
N ARG D 4503 -23.15 76.11 18.43
CA ARG D 4503 -21.73 76.39 18.40
C ARG D 4503 -21.27 76.97 17.06
N MET D 4504 -21.91 76.58 15.96
CA MET D 4504 -21.67 77.27 14.69
C MET D 4504 -22.22 78.69 14.69
N LEU D 4505 -23.43 78.86 15.23
CA LEU D 4505 -24.05 80.18 15.26
C LEU D 4505 -23.25 81.15 16.10
N ALA D 4506 -22.66 80.67 17.20
CA ALA D 4506 -21.81 81.54 18.02
C ALA D 4506 -20.62 82.05 17.23
N LEU D 4507 -19.97 81.17 16.45
CA LEU D 4507 -18.84 81.59 15.63
C LEU D 4507 -19.26 82.59 14.57
N PHE D 4508 -20.40 82.35 13.92
CA PHE D 4508 -20.87 83.27 12.89
C PHE D 4508 -21.17 84.64 13.49
N VAL D 4509 -21.82 84.67 14.65
CA VAL D 4509 -22.11 85.94 15.31
C VAL D 4509 -20.82 86.62 15.76
N ALA D 4510 -19.82 85.85 16.18
CA ALA D 4510 -18.53 86.40 16.54
C ALA D 4510 -17.82 87.04 15.36
N PHE D 4511 -17.86 86.42 14.18
CA PHE D 4511 -17.34 87.04 12.97
C PHE D 4511 -18.11 88.29 12.57
N ALA D 4512 -19.43 88.28 12.71
CA ALA D 4512 -20.23 89.47 12.42
C ALA D 4512 -19.92 90.63 13.35
N ILE D 4513 -19.83 90.37 14.65
CA ILE D 4513 -19.53 91.42 15.62
C ILE D 4513 -18.15 92.00 15.36
N ASN D 4514 -17.17 91.15 15.09
CA ASN D 4514 -15.81 91.61 14.84
C ASN D 4514 -15.68 92.36 13.52
N PHE D 4515 -16.49 92.03 12.52
CA PHE D 4515 -16.51 92.80 11.29
C PHE D 4515 -17.16 94.16 11.50
N ILE D 4516 -18.21 94.23 12.31
CA ILE D 4516 -18.78 95.54 12.64
C ILE D 4516 -17.79 96.37 13.45
N LEU D 4517 -17.06 95.74 14.37
CA LEU D 4517 -16.09 96.45 15.20
C LEU D 4517 -14.92 97.00 14.40
N LEU D 4518 -14.74 96.57 13.17
CA LEU D 4518 -13.63 97.02 12.35
C LEU D 4518 -13.86 98.42 11.79
N PHE D 4519 -15.09 98.93 11.86
CA PHE D 4519 -15.43 100.28 11.44
C PHE D 4519 -15.55 101.22 12.64
N TYR D 4520 -14.78 100.94 13.68
CA TYR D 4520 -14.72 101.71 14.92
C TYR D 4520 -13.53 102.65 14.90
N LYS D 4521 -13.73 103.86 15.43
CA LYS D 4521 -12.65 104.81 15.58
C LYS D 4521 -12.75 105.52 16.92
N VAL D 4522 -11.61 106.00 17.41
CA VAL D 4522 -11.57 106.79 18.62
C VAL D 4522 -11.76 108.27 18.26
N SER D 4523 -12.31 109.03 19.19
CA SER D 4523 -12.51 110.46 19.01
C SER D 4523 -12.16 111.19 20.29
N THR D 4524 -11.81 112.47 20.15
CA THR D 4524 -11.46 113.29 21.30
C THR D 4524 -12.34 114.53 21.38
N ILE D 4555 -6.11 111.18 27.73
CA ILE D 4555 -6.91 111.62 26.61
C ILE D 4555 -8.36 111.17 26.80
N ALA D 4556 -9.24 111.64 25.90
CA ALA D 4556 -10.65 111.28 25.94
C ALA D 4556 -10.85 110.07 25.01
N VAL D 4557 -11.10 108.91 25.61
CA VAL D 4557 -11.34 107.68 24.88
C VAL D 4557 -12.85 107.49 24.77
N HIS D 4558 -13.37 107.53 23.55
CA HIS D 4558 -14.80 107.47 23.29
C HIS D 4558 -15.17 106.15 22.63
N TYR D 4559 -16.21 105.51 23.14
CA TYR D 4559 -16.79 104.32 22.51
C TYR D 4559 -17.79 104.78 21.47
N VAL D 4560 -17.30 105.30 20.35
CA VAL D 4560 -18.13 105.84 19.28
C VAL D 4560 -17.88 105.03 18.01
N LEU D 4561 -18.94 104.43 17.48
CA LEU D 4561 -18.88 103.72 16.22
C LEU D 4561 -19.27 104.68 15.10
N GLU D 4562 -18.36 104.93 14.18
CA GLU D 4562 -18.58 105.85 13.07
C GLU D 4562 -18.83 105.07 11.79
N GLU D 4563 -19.96 105.34 11.15
CA GLU D 4563 -20.31 104.67 9.91
C GLU D 4563 -21.29 105.53 9.13
N SER D 4564 -21.36 105.28 7.82
CA SER D 4564 -22.25 106.05 6.97
C SER D 4564 -23.71 105.61 7.13
N SER D 4565 -23.95 104.31 7.29
CA SER D 4565 -25.32 103.82 7.38
C SER D 4565 -25.98 104.26 8.68
N GLY D 4566 -25.29 104.08 9.81
CA GLY D 4566 -25.79 104.45 11.11
C GLY D 4566 -26.57 103.36 11.80
N TYR D 4567 -26.92 102.29 11.09
CA TYR D 4567 -27.73 101.23 11.69
C TYR D 4567 -26.84 100.20 12.38
N MET D 4568 -25.54 100.19 12.07
CA MET D 4568 -24.67 99.16 12.65
C MET D 4568 -24.54 99.33 14.15
N GLU D 4569 -24.83 100.51 14.69
CA GLU D 4569 -24.74 100.71 16.13
C GLU D 4569 -25.78 99.89 16.90
N PRO D 4570 -27.09 99.98 16.60
CA PRO D 4570 -28.03 99.06 17.24
C PRO D 4570 -27.76 97.60 16.91
N THR D 4571 -27.28 97.33 15.69
CA THR D 4571 -26.97 95.97 15.29
C THR D 4571 -25.91 95.36 16.17
N LEU D 4572 -24.92 96.16 16.57
CA LEU D 4572 -23.89 95.68 17.48
C LEU D 4572 -24.44 95.24 18.83
N ARG D 4573 -25.33 96.03 19.44
CA ARG D 4573 -25.96 95.63 20.69
C ARG D 4573 -26.83 94.39 20.54
N ILE D 4574 -27.62 94.32 19.47
CA ILE D 4574 -28.45 93.14 19.25
C ILE D 4574 -27.57 91.90 19.09
N LEU D 4575 -26.50 92.03 18.31
CA LEU D 4575 -25.61 90.89 18.07
C LEU D 4575 -24.90 90.47 19.35
N ALA D 4576 -24.52 91.44 20.18
CA ALA D 4576 -23.86 91.10 21.45
C ALA D 4576 -24.82 90.34 22.36
N ILE D 4577 -26.06 90.81 22.48
CA ILE D 4577 -27.03 90.11 23.31
C ILE D 4577 -27.28 88.71 22.76
N LEU D 4578 -27.42 88.57 21.44
CA LEU D 4578 -27.65 87.26 20.85
C LEU D 4578 -26.46 86.34 21.09
N HIS D 4579 -25.24 86.88 21.01
CA HIS D 4579 -24.05 86.07 21.26
C HIS D 4579 -24.01 85.57 22.68
N THR D 4580 -24.33 86.45 23.64
CA THR D 4580 -24.35 85.99 25.04
C THR D 4580 -25.41 84.92 25.27
N VAL D 4581 -26.60 85.08 24.69
CA VAL D 4581 -27.64 84.06 24.83
C VAL D 4581 -27.19 82.73 24.23
N ILE D 4582 -26.59 82.77 23.04
CA ILE D 4582 -26.13 81.54 22.39
C ILE D 4582 -25.00 80.90 23.19
N SER D 4583 -24.14 81.72 23.80
CA SER D 4583 -23.07 81.18 24.63
C SER D 4583 -23.63 80.46 25.85
N PHE D 4584 -24.66 81.02 26.48
CA PHE D 4584 -25.31 80.33 27.59
C PHE D 4584 -25.96 79.02 27.11
N PHE D 4585 -26.63 79.07 25.97
CA PHE D 4585 -27.27 77.89 25.41
C PHE D 4585 -26.28 76.80 25.06
N CYS D 4586 -25.06 77.15 24.63
CA CYS D 4586 -24.03 76.17 24.35
C CYS D 4586 -23.52 75.47 25.60
N ILE D 4587 -23.53 76.14 26.75
CA ILE D 4587 -23.19 75.50 28.01
C ILE D 4587 -24.31 74.54 28.39
N ILE D 4588 -25.56 74.99 28.23
CA ILE D 4588 -26.69 74.13 28.56
C ILE D 4588 -26.66 72.88 27.68
N GLY D 4589 -26.45 73.05 26.37
CA GLY D 4589 -26.41 71.91 25.48
C GLY D 4589 -25.27 70.95 25.79
N TYR D 4590 -24.10 71.51 26.14
CA TYR D 4590 -23.01 70.65 26.57
C TYR D 4590 -23.39 69.84 27.79
N TYR D 4591 -24.02 70.47 28.78
CA TYR D 4591 -24.43 69.74 29.97
C TYR D 4591 -25.43 68.64 29.63
N CYS D 4592 -26.36 68.90 28.71
CA CYS D 4592 -27.34 67.90 28.36
C CYS D 4592 -26.77 66.78 27.51
N LEU D 4593 -25.73 67.04 26.73
CA LEU D 4593 -25.25 66.08 25.74
C LEU D 4593 -23.98 65.35 26.14
N LYS D 4594 -22.91 66.05 26.50
CA LYS D 4594 -21.60 65.42 26.63
C LYS D 4594 -21.18 65.16 28.07
N VAL D 4595 -21.82 65.76 29.05
CA VAL D 4595 -21.56 65.44 30.45
C VAL D 4595 -21.86 63.99 30.75
N PRO D 4596 -22.99 63.42 30.28
CA PRO D 4596 -23.25 62.00 30.56
C PRO D 4596 -22.15 61.08 30.08
N LEU D 4597 -21.54 61.35 28.92
CA LEU D 4597 -20.45 60.49 28.46
C LEU D 4597 -19.24 60.58 29.38
N VAL D 4598 -18.92 61.79 29.84
CA VAL D 4598 -17.80 61.95 30.77
C VAL D 4598 -18.07 61.21 32.06
N ILE D 4599 -19.27 61.34 32.61
CA ILE D 4599 -19.62 60.63 33.83
C ILE D 4599 -19.57 59.12 33.61
N PHE D 4600 -20.05 58.64 32.47
CA PHE D 4600 -20.01 57.22 32.17
C PHE D 4600 -18.57 56.70 32.14
N LYS D 4601 -17.69 57.42 31.46
CA LYS D 4601 -16.30 56.99 31.39
C LYS D 4601 -15.63 57.03 32.75
N ARG D 4602 -15.90 58.06 33.54
CA ARG D 4602 -15.30 58.15 34.87
C ARG D 4602 -15.78 57.01 35.76
N GLU D 4603 -17.09 56.74 35.75
CA GLU D 4603 -17.62 55.65 36.55
C GLU D 4603 -17.10 54.30 36.09
N LYS D 4604 -16.91 54.12 34.79
CA LYS D 4604 -16.31 52.88 34.30
C LYS D 4604 -14.87 52.73 34.79
N GLU D 4605 -14.07 53.79 34.68
CA GLU D 4605 -12.67 53.71 35.09
C GLU D 4605 -12.55 53.41 36.58
N VAL D 4606 -13.34 54.10 37.41
CA VAL D 4606 -13.22 53.90 38.86
C VAL D 4606 -13.67 52.50 39.24
N ALA D 4607 -14.72 52.00 38.58
CA ALA D 4607 -15.19 50.65 38.86
C ALA D 4607 -14.15 49.61 38.47
N ARG D 4608 -13.53 49.77 37.30
CA ARG D 4608 -12.51 48.81 36.89
C ARG D 4608 -11.30 48.86 37.81
N LYS D 4609 -10.87 50.05 38.22
CA LYS D 4609 -9.77 50.14 39.16
C LYS D 4609 -10.12 49.53 40.52
N LEU D 4610 -11.36 49.71 40.95
CA LEU D 4610 -11.81 49.12 42.22
C LEU D 4610 -11.78 47.61 42.16
N GLU D 4611 -12.26 47.03 41.06
CA GLU D 4611 -12.41 45.58 40.99
C GLU D 4611 -11.09 44.89 40.65
N PHE D 4612 -10.46 45.29 39.55
CA PHE D 4612 -9.29 44.56 39.07
C PHE D 4612 -7.98 45.12 39.59
N ASP D 4613 -8.02 46.16 40.42
CA ASP D 4613 -6.80 46.68 41.02
C ASP D 4613 -6.93 46.98 42.51
N GLY D 4614 -8.14 47.05 43.05
CA GLY D 4614 -8.32 47.34 44.46
C GLY D 4614 -7.78 48.71 44.84
N LEU D 4615 -8.12 49.72 44.04
CA LEU D 4615 -7.57 51.06 44.19
C LEU D 4615 -7.90 51.70 45.53
N TYR D 4616 -8.89 51.19 46.25
CA TYR D 4616 -9.20 51.69 47.58
C TYR D 4616 -9.27 50.60 48.62
N ILE D 4617 -9.01 49.35 48.26
CA ILE D 4617 -8.99 48.24 49.21
C ILE D 4617 -7.55 47.85 49.48
N THR D 4618 -6.82 47.51 48.42
CA THR D 4618 -5.44 47.04 48.58
C THR D 4618 -4.47 48.22 48.57
N GLU D 4619 -4.58 49.07 47.55
CA GLU D 4619 -3.68 50.20 47.36
C GLU D 4619 -4.48 51.49 47.55
N GLN D 4620 -3.77 52.61 47.52
CA GLN D 4620 -4.38 53.91 47.75
C GLN D 4620 -3.87 54.92 46.73
N PRO D 4621 -4.64 55.97 46.46
CA PRO D 4621 -4.19 56.98 45.49
C PRO D 4621 -2.90 57.64 45.93
N SER D 4622 -2.19 58.20 44.94
CA SER D 4622 -0.85 58.73 45.16
C SER D 4622 -0.83 60.04 45.95
N GLU D 4623 -1.99 60.55 46.36
CA GLU D 4623 -2.09 61.79 47.12
C GLU D 4623 -1.69 63.00 46.27
N ASP D 4624 -1.29 62.76 45.03
CA ASP D 4624 -1.01 63.82 44.07
C ASP D 4624 -1.93 63.74 42.86
N ASP D 4625 -2.82 62.76 42.82
CA ASP D 4625 -3.78 62.58 41.73
C ASP D 4625 -5.12 63.14 42.18
N ILE D 4626 -5.48 64.32 41.65
CA ILE D 4626 -6.73 64.95 42.05
C ILE D 4626 -7.91 64.08 41.65
N LYS D 4627 -7.82 63.43 40.49
CA LYS D 4627 -8.88 62.53 40.04
C LYS D 4627 -9.08 61.39 41.01
N GLY D 4628 -7.99 60.72 41.39
CA GLY D 4628 -8.09 59.60 42.31
C GLY D 4628 -8.60 60.01 43.67
N GLN D 4629 -8.14 61.17 44.17
CA GLN D 4629 -8.60 61.62 45.48
C GLN D 4629 -10.06 62.02 45.45
N TRP D 4630 -10.51 62.66 44.37
CA TRP D 4630 -11.91 63.07 44.28
C TRP D 4630 -12.83 61.89 44.07
N ASP D 4631 -12.35 60.82 43.44
CA ASP D 4631 -13.21 59.66 43.21
C ASP D 4631 -13.54 58.90 44.48
N ARG D 4632 -12.90 59.21 45.61
CA ARG D 4632 -13.23 58.53 46.85
C ARG D 4632 -14.66 58.83 47.30
N LEU D 4633 -15.22 59.95 46.85
CA LEU D 4633 -16.56 60.32 47.29
C LEU D 4633 -17.63 59.41 46.70
N VAL D 4634 -17.46 58.99 45.45
CA VAL D 4634 -18.55 58.31 44.73
C VAL D 4634 -18.70 56.85 45.13
N ILE D 4635 -17.69 56.25 45.78
CA ILE D 4635 -17.79 54.85 46.15
C ILE D 4635 -18.88 54.62 47.19
N ASN D 4636 -19.02 55.51 48.17
CA ASN D 4636 -19.99 55.36 49.23
C ASN D 4636 -21.42 55.68 48.78
N THR D 4637 -21.58 56.24 47.58
CA THR D 4637 -22.87 56.71 47.13
C THR D 4637 -23.79 55.53 46.80
N GLN D 4638 -25.07 55.72 47.09
CA GLN D 4638 -26.06 54.69 46.78
C GLN D 4638 -26.36 54.65 45.29
N SER D 4639 -26.24 55.78 44.60
CA SER D 4639 -26.58 55.89 43.19
C SER D 4639 -25.38 55.67 42.29
N PHE D 4640 -24.44 54.84 42.70
CA PHE D 4640 -23.27 54.49 41.90
C PHE D 4640 -23.72 53.62 40.72
N PRO D 4641 -22.82 53.17 39.83
CA PRO D 4641 -23.12 53.18 38.39
C PRO D 4641 -24.45 53.80 37.97
N ASN D 4642 -24.62 55.11 38.18
CA ASN D 4642 -25.81 55.76 37.66
C ASN D 4642 -25.86 55.73 36.15
N ASN D 4643 -24.70 55.93 35.49
CA ASN D 4643 -24.62 55.90 34.04
C ASN D 4643 -24.00 54.60 33.51
N TYR D 4644 -22.98 54.09 34.20
CA TYR D 4644 -22.34 52.85 33.76
C TYR D 4644 -23.31 51.68 33.93
N TRP D 4645 -23.29 50.76 32.97
CA TRP D 4645 -24.31 49.70 32.93
C TRP D 4645 -24.17 48.75 34.11
N ASP D 4646 -22.95 48.35 34.43
CA ASP D 4646 -22.74 47.29 35.42
C ASP D 4646 -23.17 47.73 36.80
N LYS D 4647 -24.29 47.19 37.27
CA LYS D 4647 -24.82 47.51 38.58
C LYS D 4647 -24.40 46.52 39.66
N PHE D 4648 -23.55 45.56 39.33
CA PHE D 4648 -23.12 44.53 40.29
C PHE D 4648 -21.65 44.69 40.66
N VAL D 4649 -21.08 45.88 40.43
CA VAL D 4649 -19.68 46.09 40.76
C VAL D 4649 -19.45 46.03 42.26
N LYS D 4650 -20.41 46.50 43.05
CA LYS D 4650 -20.29 46.44 44.50
C LYS D 4650 -20.37 45.01 45.01
N ARG D 4651 -21.15 44.15 44.37
CA ARG D 4651 -21.24 42.74 44.72
C ARG D 4651 -20.07 41.94 44.18
N LYS D 4652 -19.38 42.46 43.16
CA LYS D 4652 -18.16 41.84 42.63
C LYS D 4652 -16.95 42.14 43.50
N VAL D 4653 -16.76 43.39 43.88
CA VAL D 4653 -15.68 43.75 44.81
C VAL D 4653 -15.91 43.03 46.13
N MET D 4654 -17.17 42.92 46.54
CA MET D 4654 -17.51 42.22 47.76
C MET D 4654 -17.05 40.77 47.70
N ASP D 4655 -17.36 40.08 46.60
CA ASP D 4655 -16.96 38.68 46.44
C ASP D 4655 -15.46 38.51 46.24
N LYS D 4656 -14.77 39.52 45.73
CA LYS D 4656 -13.35 39.39 45.51
C LYS D 4656 -12.53 39.63 46.78
N TYR D 4657 -12.86 40.65 47.56
CA TYR D 4657 -12.06 41.02 48.71
C TYR D 4657 -12.81 40.89 50.03
N GLY D 4658 -13.89 40.12 50.08
CA GLY D 4658 -14.67 40.04 51.30
C GLY D 4658 -14.04 39.21 52.40
N GLU D 4659 -13.17 38.26 52.04
CA GLU D 4659 -12.58 37.38 53.04
C GLU D 4659 -11.27 37.93 53.58
N PHE D 4660 -10.37 38.35 52.69
CA PHE D 4660 -9.06 38.79 53.14
C PHE D 4660 -9.15 40.10 53.91
N TYR D 4661 -9.87 41.07 53.37
CA TYR D 4661 -9.98 42.40 53.97
C TYR D 4661 -11.24 42.58 54.81
N GLY D 4662 -12.04 41.54 55.00
CA GLY D 4662 -13.16 41.63 55.91
C GLY D 4662 -14.43 42.14 55.25
N ARG D 4663 -15.51 41.37 55.39
CA ARG D 4663 -16.80 41.78 54.82
C ARG D 4663 -17.28 43.09 55.42
N ASP D 4664 -17.17 43.23 56.74
CA ASP D 4664 -17.65 44.45 57.40
C ASP D 4664 -16.88 45.68 56.97
N ARG D 4665 -15.62 45.52 56.54
CA ARG D 4665 -14.82 46.65 56.11
C ARG D 4665 -15.06 46.97 54.64
N ILE D 4666 -15.20 45.93 53.82
CA ILE D 4666 -15.54 46.14 52.41
C ILE D 4666 -16.89 46.81 52.28
N SER D 4667 -17.88 46.35 53.06
CA SER D 4667 -19.20 46.95 53.02
C SER D 4667 -19.17 48.41 53.43
N GLU D 4668 -18.39 48.75 54.46
CA GLU D 4668 -18.26 50.13 54.86
C GLU D 4668 -17.59 50.97 53.77
N LEU D 4669 -16.57 50.43 53.12
CA LEU D 4669 -15.91 51.18 52.06
C LEU D 4669 -16.85 51.45 50.89
N LEU D 4670 -17.62 50.45 50.49
CA LEU D 4670 -18.50 50.58 49.34
C LEU D 4670 -19.86 51.16 49.68
N GLY D 4671 -20.12 51.44 50.96
CA GLY D 4671 -21.39 52.03 51.33
C GLY D 4671 -22.53 51.03 51.31
N MET D 4672 -22.20 49.75 51.19
CA MET D 4672 -23.21 48.71 51.23
C MET D 4672 -23.76 48.57 52.64
N ASP D 4673 -25.09 48.54 52.75
CA ASP D 4673 -25.74 48.44 54.05
C ASP D 4673 -26.02 46.96 54.33
N LYS D 4674 -25.63 46.50 55.51
CA LYS D 4674 -25.58 45.07 55.78
C LYS D 4674 -26.94 44.52 56.20
N ALA D 4675 -27.48 45.02 57.31
CA ALA D 4675 -28.63 44.37 57.94
C ALA D 4675 -29.92 44.56 57.16
N ALA D 4676 -29.99 45.59 56.31
CA ALA D 4676 -31.24 45.91 55.63
C ALA D 4676 -31.67 44.79 54.70
N LEU D 4677 -30.72 44.19 53.99
CA LEU D 4677 -31.07 43.13 53.04
C LEU D 4677 -31.74 41.96 53.73
N ASP D 4678 -31.13 41.45 54.82
CA ASP D 4678 -31.70 40.31 55.51
C ASP D 4678 -32.99 40.69 56.23
N PHE D 4679 -33.05 41.91 56.80
CA PHE D 4679 -34.24 42.31 57.53
C PHE D 4679 -35.42 42.56 56.59
N SER D 4680 -35.13 42.85 55.32
CA SER D 4680 -36.20 42.99 54.34
C SER D 4680 -36.59 41.64 53.74
N ASP D 4681 -35.61 40.76 53.55
CA ASP D 4681 -35.93 39.41 53.08
C ASP D 4681 -36.75 38.65 54.11
N ALA D 4682 -36.57 38.98 55.38
CA ALA D 4682 -37.40 38.42 56.45
C ALA D 4682 -38.75 39.15 56.47
N ARG D 4683 -39.51 38.96 57.54
CA ARG D 4683 -40.79 39.63 57.69
C ARG D 4683 -40.58 41.15 57.63
N GLU D 4684 -41.15 41.77 56.61
CA GLU D 4684 -40.92 43.19 56.33
C GLU D 4684 -42.23 43.85 55.95
N LYS D 4685 -42.45 45.05 56.49
CA LYS D 4685 -43.61 45.85 56.11
C LYS D 4685 -43.46 46.34 54.67
N LYS D 4686 -44.55 46.30 53.92
CA LYS D 4686 -44.57 46.71 52.52
C LYS D 4686 -45.60 47.82 52.34
N LYS D 4687 -45.13 49.07 52.28
CA LYS D 4687 -45.99 50.20 52.00
C LYS D 4687 -45.14 51.29 51.38
N PRO D 4688 -45.34 51.61 50.09
CA PRO D 4688 -44.57 52.68 49.46
C PRO D 4688 -45.18 54.04 49.70
N LYS D 4689 -44.43 55.10 49.41
CA LYS D 4689 -44.90 56.47 49.61
C LYS D 4689 -44.65 57.28 48.34
N LYS D 4690 -45.65 58.07 47.94
CA LYS D 4690 -45.59 58.76 46.66
C LYS D 4690 -44.54 59.86 46.69
N ASP D 4691 -43.80 59.98 45.59
CA ASP D 4691 -42.72 60.96 45.49
C ASP D 4691 -43.22 62.37 45.24
N SER D 4692 -44.54 62.55 45.05
CA SER D 4692 -45.06 63.87 44.71
C SER D 4692 -44.82 64.89 45.83
N SER D 4693 -44.59 64.42 47.05
CA SER D 4693 -44.33 65.34 48.16
C SER D 4693 -42.97 66.00 48.00
N LEU D 4694 -42.89 67.26 48.43
CA LEU D 4694 -41.62 67.98 48.38
C LEU D 4694 -40.57 67.33 49.25
N SER D 4695 -40.97 66.84 50.44
CA SER D 4695 -40.03 66.12 51.29
C SER D 4695 -39.51 64.87 50.60
N ALA D 4696 -40.40 64.15 49.89
CA ALA D 4696 -39.98 62.95 49.19
C ALA D 4696 -38.99 63.28 48.06
N VAL D 4697 -39.30 64.31 47.27
CA VAL D 4697 -38.41 64.63 46.15
C VAL D 4697 -37.09 65.18 46.65
N LEU D 4698 -37.09 65.82 47.83
CA LEU D 4698 -35.84 66.28 48.43
C LEU D 4698 -35.02 65.10 48.95
N ASN D 4699 -35.67 64.13 49.57
CA ASN D 4699 -34.95 62.98 50.12
C ASN D 4699 -34.45 62.07 49.01
N SER D 4700 -35.11 62.10 47.84
CA SER D 4700 -34.70 61.22 46.75
C SER D 4700 -33.31 61.57 46.24
N ILE D 4701 -32.95 62.84 46.24
CA ILE D 4701 -31.69 63.27 45.66
C ILE D 4701 -30.53 62.79 46.52
N ASP D 4702 -29.55 62.15 45.88
CA ASP D 4702 -28.32 61.71 46.55
C ASP D 4702 -27.35 62.88 46.52
N VAL D 4703 -27.18 63.54 47.65
CA VAL D 4703 -26.38 64.76 47.71
C VAL D 4703 -24.93 64.47 47.36
N LYS D 4704 -24.36 63.40 47.91
CA LYS D 4704 -22.94 63.15 47.73
C LYS D 4704 -22.61 62.81 46.28
N TYR D 4705 -23.47 62.03 45.63
CA TYR D 4705 -23.23 61.70 44.23
C TYR D 4705 -23.29 62.93 43.35
N GLN D 4706 -24.26 63.81 43.60
CA GLN D 4706 -24.33 65.06 42.83
C GLN D 4706 -23.14 65.94 43.10
N MET D 4707 -22.64 65.96 44.33
CA MET D 4707 -21.40 66.66 44.64
C MET D 4707 -20.25 66.15 43.78
N TRP D 4708 -20.07 64.83 43.75
CA TRP D 4708 -18.97 64.26 42.98
C TRP D 4708 -19.14 64.55 41.49
N LYS D 4709 -20.38 64.45 40.99
CA LYS D 4709 -20.64 64.73 39.58
C LYS D 4709 -20.32 66.18 39.24
N LEU D 4710 -20.72 67.11 40.11
CA LEU D 4710 -20.41 68.52 39.86
C LEU D 4710 -18.92 68.77 39.89
N GLY D 4711 -18.21 68.11 40.79
CA GLY D 4711 -16.76 68.22 40.81
C GLY D 4711 -16.13 67.74 39.52
N VAL D 4712 -16.61 66.61 39.01
CA VAL D 4712 -16.08 66.07 37.75
C VAL D 4712 -16.35 67.05 36.61
N VAL D 4713 -17.57 67.61 36.56
CA VAL D 4713 -17.90 68.56 35.50
C VAL D 4713 -17.01 69.79 35.60
N PHE D 4714 -16.80 70.30 36.82
CA PHE D 4714 -15.96 71.47 36.99
C PHE D 4714 -14.52 71.21 36.57
N THR D 4715 -14.03 70.00 36.82
CA THR D 4715 -12.68 69.64 36.41
C THR D 4715 -12.59 69.26 34.94
N ASP D 4716 -13.71 69.13 34.25
CA ASP D 4716 -13.71 68.84 32.82
C ASP D 4716 -13.12 70.01 32.03
N ASN D 4717 -12.29 69.71 31.03
CA ASN D 4717 -11.61 70.75 30.28
C ASN D 4717 -12.57 71.49 29.36
N SER D 4718 -13.39 70.75 28.61
CA SER D 4718 -14.27 71.38 27.64
C SER D 4718 -15.30 72.28 28.31
N PHE D 4719 -15.82 71.85 29.46
CA PHE D 4719 -16.74 72.70 30.20
C PHE D 4719 -16.06 73.98 30.65
N LEU D 4720 -14.79 73.88 31.05
CA LEU D 4720 -14.04 75.08 31.43
C LEU D 4720 -13.85 76.01 30.23
N TYR D 4721 -13.58 75.44 29.06
CA TYR D 4721 -13.44 76.27 27.86
C TYR D 4721 -14.72 76.98 27.53
N LEU D 4722 -15.85 76.28 27.61
CA LEU D 4722 -17.14 76.90 27.38
C LEU D 4722 -17.47 77.98 28.41
N ALA D 4723 -17.11 77.76 29.68
CA ALA D 4723 -17.28 78.79 30.69
C ALA D 4723 -16.45 80.01 30.38
N TRP D 4724 -15.21 79.82 29.91
CA TRP D 4724 -14.38 80.94 29.49
C TRP D 4724 -15.02 81.69 28.33
N TYR D 4725 -15.56 80.96 27.36
CA TYR D 4725 -16.27 81.57 26.26
C TYR D 4725 -17.42 82.45 26.75
N MET D 4726 -18.23 81.91 27.66
CA MET D 4726 -19.37 82.68 28.17
C MET D 4726 -18.90 83.90 28.96
N THR D 4727 -17.83 83.74 29.74
CA THR D 4727 -17.32 84.87 30.51
C THR D 4727 -16.84 85.99 29.60
N MET D 4728 -16.13 85.64 28.53
CA MET D 4728 -15.67 86.66 27.60
C MET D 4728 -16.86 87.29 26.88
N SER D 4729 -17.88 86.50 26.56
CA SER D 4729 -19.08 87.07 25.96
C SER D 4729 -19.75 88.08 26.88
N VAL D 4730 -19.80 87.78 28.18
CA VAL D 4730 -20.37 88.72 29.15
C VAL D 4730 -19.51 89.97 29.23
N LEU D 4731 -18.19 89.82 29.31
CA LEU D 4731 -17.30 90.98 29.40
C LEU D 4731 -17.37 91.84 28.14
N GLY D 4732 -17.73 91.24 27.00
CA GLY D 4732 -17.88 91.99 25.77
C GLY D 4732 -18.90 93.10 25.87
N HIS D 4733 -19.87 92.99 26.77
CA HIS D 4733 -20.83 94.07 26.95
C HIS D 4733 -20.20 95.27 27.62
N TYR D 4734 -19.33 95.04 28.61
CA TYR D 4734 -18.61 96.15 29.22
C TYR D 4734 -17.61 96.76 28.25
N ASN D 4735 -16.88 95.91 27.52
CA ASN D 4735 -15.96 96.40 26.49
C ASN D 4735 -16.13 95.55 25.24
N ASN D 4736 -16.56 96.19 24.16
CA ASN D 4736 -16.92 95.46 22.94
C ASN D 4736 -15.74 94.71 22.34
N PHE D 4737 -14.52 95.16 22.59
CA PHE D 4737 -13.35 94.51 22.00
C PHE D 4737 -13.03 93.18 22.64
N PHE D 4738 -13.67 92.84 23.75
CA PHE D 4738 -13.52 91.51 24.33
C PHE D 4738 -14.12 90.43 23.45
N PHE D 4739 -14.94 90.79 22.48
CA PHE D 4739 -15.53 89.84 21.55
C PHE D 4739 -14.51 89.30 20.56
N ALA D 4740 -13.34 89.93 20.45
CA ALA D 4740 -12.31 89.45 19.54
C ALA D 4740 -11.67 88.16 20.04
N ALA D 4741 -11.75 87.88 21.34
CA ALA D 4741 -11.19 86.63 21.86
C ALA D 4741 -11.93 85.42 21.33
N HIS D 4742 -13.19 85.61 20.92
CA HIS D 4742 -13.97 84.49 20.40
C HIS D 4742 -13.53 84.06 19.01
N LEU D 4743 -12.71 84.85 18.32
CA LEU D 4743 -12.12 84.42 17.07
C LEU D 4743 -11.05 83.37 17.27
N LEU D 4744 -10.60 83.15 18.50
CA LEU D 4744 -9.68 82.07 18.82
C LEU D 4744 -10.35 80.73 18.81
N ASP D 4745 -11.66 80.70 18.58
CA ASP D 4745 -12.44 79.47 18.55
C ASP D 4745 -12.42 78.79 17.19
N ILE D 4746 -11.84 79.42 16.17
CA ILE D 4746 -11.82 78.81 14.85
C ILE D 4746 -10.99 77.53 14.83
N ALA D 4747 -9.93 77.48 15.63
CA ALA D 4747 -9.08 76.28 15.67
C ALA D 4747 -9.89 75.05 16.05
N MET D 4748 -10.87 75.20 16.93
CA MET D 4748 -11.73 74.10 17.33
C MET D 4748 -12.97 73.99 16.44
N GLY D 4749 -13.44 75.10 15.90
CA GLY D 4749 -14.62 75.06 15.04
C GLY D 4749 -14.37 74.32 13.75
N PHE D 4750 -13.24 74.59 13.10
CA PHE D 4750 -12.93 74.01 11.80
C PHE D 4750 -11.90 72.91 11.93
N LYS D 4751 -12.23 71.73 11.40
CA LYS D 4751 -11.28 70.62 11.40
C LYS D 4751 -10.15 70.85 10.40
N THR D 4752 -10.37 71.70 9.39
CA THR D 4752 -9.33 71.97 8.41
C THR D 4752 -8.14 72.69 9.03
N LEU D 4753 -8.38 73.64 9.94
CA LEU D 4753 -7.29 74.32 10.61
C LEU D 4753 -6.52 73.40 11.55
N ARG D 4754 -7.12 72.27 11.93
CA ARG D 4754 -6.44 71.33 12.81
C ARG D 4754 -5.19 70.78 12.16
N THR D 4755 -5.27 70.47 10.86
CA THR D 4755 -4.11 69.93 10.16
C THR D 4755 -2.97 70.94 10.13
N ILE D 4756 -3.28 72.21 9.87
CA ILE D 4756 -2.25 73.24 9.84
C ILE D 4756 -1.65 73.44 11.22
N LEU D 4757 -2.50 73.50 12.25
CA LEU D 4757 -2.01 73.79 13.60
C LEU D 4757 -1.24 72.61 14.18
N SER D 4758 -1.56 71.40 13.73
CA SER D 4758 -0.87 70.23 14.25
C SER D 4758 0.60 70.24 13.90
N SER D 4759 0.98 70.93 12.82
CA SER D 4759 2.40 71.09 12.51
C SER D 4759 3.13 71.83 13.63
N VAL D 4760 2.49 72.88 14.17
CA VAL D 4760 3.10 73.62 15.27
C VAL D 4760 3.03 72.80 16.55
N THR D 4761 1.88 72.21 16.84
CA THR D 4761 1.69 71.57 18.15
C THR D 4761 2.37 70.21 18.23
N HIS D 4762 2.71 69.61 17.08
CA HIS D 4762 3.33 68.30 17.10
C HIS D 4762 4.68 68.33 17.81
N ASN D 4763 5.46 69.37 17.55
CA ASN D 4763 6.80 69.53 18.13
C ASN D 4763 6.88 70.76 19.02
N GLY D 4764 5.85 70.98 19.83
CA GLY D 4764 5.82 72.17 20.67
C GLY D 4764 6.91 72.17 21.73
N LYS D 4765 7.17 71.00 22.32
CA LYS D 4765 8.24 70.93 23.31
C LYS D 4765 9.59 71.27 22.71
N GLN D 4766 9.86 70.73 21.52
CA GLN D 4766 11.11 71.04 20.84
C GLN D 4766 11.18 72.51 20.44
N LEU D 4767 10.06 73.08 20.01
CA LEU D 4767 10.01 74.49 19.67
C LEU D 4767 10.27 75.39 20.87
N VAL D 4768 9.78 75.03 22.05
CA VAL D 4768 10.06 75.80 23.26
C VAL D 4768 11.51 75.64 23.68
N LEU D 4769 12.05 74.43 23.60
CA LEU D 4769 13.44 74.21 23.96
C LEU D 4769 14.37 74.95 23.01
N THR D 4770 13.99 75.06 21.73
CA THR D 4770 14.80 75.81 20.79
C THR D 4770 14.87 77.28 21.17
N VAL D 4771 13.74 77.86 21.58
CA VAL D 4771 13.72 79.23 22.06
C VAL D 4771 14.56 79.39 23.32
N GLY D 4772 14.50 78.44 24.25
CA GLY D 4772 15.35 78.50 25.43
C GLY D 4772 16.83 78.48 25.08
N LEU D 4773 17.19 77.61 24.15
CA LEU D 4773 18.58 77.54 23.70
C LEU D 4773 19.00 78.83 23.02
N LEU D 4774 18.11 79.43 22.23
CA LEU D 4774 18.40 80.72 21.62
C LEU D 4774 18.64 81.79 22.68
N ALA D 4775 17.80 81.80 23.72
CA ALA D 4775 17.99 82.73 24.83
C ALA D 4775 19.30 82.53 25.56
N VAL D 4776 19.75 81.29 25.70
CA VAL D 4776 21.05 81.04 26.31
C VAL D 4776 22.20 81.51 25.42
N VAL D 4777 22.13 81.24 24.11
CA VAL D 4777 23.19 81.65 23.21
C VAL D 4777 23.28 83.17 23.15
N VAL D 4778 22.13 83.84 23.07
CA VAL D 4778 22.10 85.30 23.11
C VAL D 4778 22.64 85.84 24.42
N TYR D 4779 22.38 85.17 25.54
CA TYR D 4779 22.96 85.58 26.80
C TYR D 4779 24.48 85.47 26.80
N LEU D 4780 25.02 84.40 26.23
CA LEU D 4780 26.47 84.27 26.12
C LEU D 4780 27.06 85.39 25.27
N TYR D 4781 26.41 85.69 24.14
CA TYR D 4781 26.87 86.80 23.31
C TYR D 4781 26.80 88.12 24.07
N THR D 4782 25.76 88.30 24.87
CA THR D 4782 25.65 89.49 25.70
C THR D 4782 26.79 89.57 26.70
N VAL D 4783 27.15 88.45 27.31
CA VAL D 4783 28.28 88.43 28.24
C VAL D 4783 29.54 88.90 27.53
N VAL D 4784 29.80 88.35 26.34
CA VAL D 4784 31.01 88.71 25.61
C VAL D 4784 31.00 90.19 25.25
N ALA D 4785 29.87 90.69 24.75
CA ALA D 4785 29.79 92.09 24.34
C ALA D 4785 29.94 93.03 25.53
N PHE D 4786 29.33 92.68 26.67
CA PHE D 4786 29.43 93.48 27.87
C PHE D 4786 30.84 93.54 28.41
N ASN D 4787 31.58 92.43 28.36
CA ASN D 4787 32.95 92.43 28.83
C ASN D 4787 33.93 93.07 27.87
N PHE D 4788 33.72 92.97 26.56
CA PHE D 4788 34.76 93.39 25.62
C PHE D 4788 34.33 94.46 24.62
N PHE D 4789 33.04 94.55 24.28
CA PHE D 4789 32.65 95.47 23.21
C PHE D 4789 31.59 96.46 23.67
N ARG D 4790 31.77 97.05 24.84
CA ARG D 4790 30.83 98.02 25.37
C ARG D 4790 30.88 99.35 24.65
N LYS D 4791 31.92 99.60 23.86
CA LYS D 4791 32.11 100.89 23.22
C LYS D 4791 31.27 101.07 21.96
N PHE D 4792 30.87 99.98 21.30
CA PHE D 4792 30.16 100.04 20.04
C PHE D 4792 28.66 100.09 20.20
N TYR D 4793 28.15 100.17 21.43
CA TYR D 4793 26.72 100.07 21.67
C TYR D 4793 26.08 101.41 21.96
N ASN D 4794 26.70 102.51 21.55
CA ASN D 4794 26.05 103.81 21.62
C ASN D 4794 24.96 103.90 20.56
N LYS D 4795 23.75 104.26 20.97
CA LYS D 4795 22.61 104.30 20.06
C LYS D 4795 22.01 105.69 19.95
N SER D 4796 22.80 106.73 20.24
CA SER D 4796 22.33 108.10 20.21
C SER D 4796 22.98 108.83 19.04
N GLU D 4797 22.18 109.55 18.26
CA GLU D 4797 22.72 110.29 17.12
C GLU D 4797 23.36 111.59 17.56
N ASP D 4798 22.68 112.37 18.41
CA ASP D 4798 23.24 113.61 18.93
C ASP D 4798 24.35 113.28 19.92
N GLY D 4799 25.51 113.92 19.74
CA GLY D 4799 26.67 113.56 20.55
C GLY D 4799 26.57 114.07 21.98
N ASP D 4800 25.71 115.06 22.22
CA ASP D 4800 25.65 115.69 23.54
C ASP D 4800 25.14 114.71 24.59
N THR D 4801 24.14 113.90 24.24
CA THR D 4801 23.62 112.90 25.17
C THR D 4801 23.91 111.49 24.65
N PRO D 4802 24.86 110.76 25.23
CA PRO D 4802 25.08 109.38 24.82
C PRO D 4802 24.04 108.46 25.41
N ASP D 4803 23.53 107.54 24.59
CA ASP D 4803 22.56 106.54 25.01
C ASP D 4803 23.21 105.17 24.80
N MET D 4804 23.83 104.64 25.86
CA MET D 4804 24.56 103.39 25.78
C MET D 4804 23.63 102.25 26.18
N LYS D 4805 23.56 101.23 25.32
CA LYS D 4805 22.64 100.11 25.51
C LYS D 4805 23.29 98.91 26.16
N CYS D 4806 24.58 98.97 26.48
CA CYS D 4806 25.26 97.81 27.05
C CYS D 4806 26.10 98.18 28.27
N ASP D 4807 25.82 99.32 28.90
CA ASP D 4807 26.47 99.63 30.17
C ASP D 4807 25.88 98.80 31.31
N ASP D 4808 24.66 98.30 31.13
CA ASP D 4808 24.00 97.44 32.10
C ASP D 4808 23.83 96.06 31.50
N MET D 4809 24.00 95.03 32.33
CA MET D 4809 23.86 93.67 31.84
C MET D 4809 22.45 93.39 31.35
N LEU D 4810 21.45 93.77 32.15
CA LEU D 4810 20.06 93.50 31.76
C LEU D 4810 19.67 94.28 30.51
N THR D 4811 20.09 95.54 30.43
CA THR D 4811 19.79 96.34 29.25
C THR D 4811 20.46 95.76 28.01
N CYS D 4812 21.71 95.32 28.14
CA CYS D 4812 22.42 94.78 27.00
C CYS D 4812 21.79 93.47 26.55
N TYR D 4813 21.36 92.63 27.49
CA TYR D 4813 20.67 91.40 27.13
C TYR D 4813 19.34 91.69 26.46
N MET D 4814 18.62 92.69 26.95
CA MET D 4814 17.36 93.10 26.32
C MET D 4814 17.60 93.55 24.89
N PHE D 4815 18.64 94.36 24.68
CA PHE D 4815 19.00 94.81 23.35
C PHE D 4815 19.29 93.64 22.43
N HIS D 4816 20.14 92.72 22.88
CA HIS D 4816 20.50 91.58 22.04
C HIS D 4816 19.29 90.69 21.74
N MET D 4817 18.43 90.47 22.72
CA MET D 4817 17.25 89.62 22.53
C MET D 4817 16.22 90.26 21.62
N TYR D 4818 16.09 91.58 21.64
CA TYR D 4818 15.04 92.25 20.87
C TYR D 4818 15.57 92.70 19.51
N VAL D 4819 16.51 93.64 19.51
CA VAL D 4819 16.93 94.28 18.27
C VAL D 4819 17.80 93.34 17.46
N GLY D 4820 18.78 92.73 18.11
CA GLY D 4820 19.70 91.84 17.42
C GLY D 4820 19.02 90.64 16.82
N VAL D 4821 18.09 90.05 17.55
CA VAL D 4821 17.40 88.86 17.05
C VAL D 4821 16.44 89.24 15.92
N ARG D 4822 15.71 90.36 16.07
CA ARG D 4822 14.77 90.71 15.01
C ARG D 4822 15.49 91.24 13.78
N ALA D 4823 16.74 91.66 13.93
CA ALA D 4823 17.49 92.17 12.79
C ALA D 4823 17.80 91.04 11.80
N GLY D 4824 17.79 91.39 10.52
CA GLY D 4824 18.02 90.41 9.49
C GLY D 4824 19.47 90.00 9.34
N GLY D 4825 20.38 90.92 9.64
CA GLY D 4825 21.80 90.66 9.56
C GLY D 4825 22.49 90.40 10.87
N GLY D 4826 21.77 90.44 11.99
CA GLY D 4826 22.39 90.24 13.27
C GLY D 4826 22.60 91.54 14.02
N ILE D 4827 23.33 91.43 15.13
CA ILE D 4827 23.59 92.59 15.98
C ILE D 4827 24.53 93.57 15.32
N GLY D 4828 25.32 93.12 14.35
CA GLY D 4828 26.21 94.01 13.63
C GLY D 4828 25.50 95.00 12.74
N ASP D 4829 24.26 94.71 12.34
CA ASP D 4829 23.46 95.66 11.60
C ASP D 4829 23.02 96.84 12.45
N GLU D 4830 23.05 96.71 13.78
CA GLU D 4830 22.52 97.72 14.67
C GLU D 4830 23.58 98.38 15.54
N ILE D 4831 24.73 97.74 15.72
CA ILE D 4831 25.79 98.34 16.53
C ILE D 4831 26.81 99.00 15.61
N GLU D 4832 27.69 99.81 16.21
CA GLU D 4832 28.57 100.70 15.48
C GLU D 4832 29.58 99.94 14.63
N ASP D 4833 29.96 100.54 13.51
CA ASP D 4833 30.91 99.93 12.59
C ASP D 4833 32.29 99.84 13.24
N PRO D 4834 32.98 98.71 13.12
CA PRO D 4834 34.22 98.50 13.86
C PRO D 4834 35.49 98.86 13.10
N ALA D 4835 35.36 99.52 11.95
CA ALA D 4835 36.52 99.80 11.11
C ALA D 4835 37.52 100.68 11.85
N GLY D 4836 38.80 100.38 11.69
CA GLY D 4836 39.84 101.16 12.33
C GLY D 4836 39.87 101.06 13.84
N ASP D 4837 39.72 99.86 14.38
CA ASP D 4837 39.77 99.64 15.82
C ASP D 4837 40.65 98.44 16.11
N GLU D 4838 41.22 98.42 17.31
CA GLU D 4838 42.12 97.34 17.69
C GLU D 4838 41.39 96.01 17.83
N TYR D 4839 40.07 96.05 18.05
CA TYR D 4839 39.26 94.85 18.18
C TYR D 4839 38.45 94.57 16.92
N GLU D 4840 38.92 95.03 15.77
CA GLU D 4840 38.15 94.89 14.54
C GLU D 4840 37.93 93.42 14.18
N ILE D 4841 38.99 92.62 14.22
CA ILE D 4841 38.87 91.22 13.83
C ILE D 4841 37.97 90.47 14.79
N TYR D 4842 38.16 90.69 16.09
CA TYR D 4842 37.33 90.00 17.08
C TYR D 4842 35.87 90.38 16.94
N ARG D 4843 35.60 91.66 16.69
CA ARG D 4843 34.22 92.10 16.54
C ARG D 4843 33.60 91.55 15.25
N ILE D 4844 34.40 91.44 14.18
CA ILE D 4844 33.90 90.86 12.94
C ILE D 4844 33.54 89.40 13.16
N ILE D 4845 34.40 88.66 13.86
CA ILE D 4845 34.10 87.27 14.19
C ILE D 4845 32.83 87.19 15.03
N PHE D 4846 32.70 88.10 16.00
CA PHE D 4846 31.53 88.16 16.85
C PHE D 4846 30.26 88.31 16.02
N ASP D 4847 30.25 89.28 15.10
CA ASP D 4847 29.07 89.52 14.26
C ASP D 4847 28.77 88.35 13.34
N ILE D 4848 29.80 87.79 12.69
CA ILE D 4848 29.57 86.70 11.75
C ILE D 4848 29.04 85.47 12.49
N THR D 4849 29.62 85.14 13.64
CA THR D 4849 29.15 83.99 14.40
C THR D 4849 27.73 84.21 14.90
N PHE D 4850 27.42 85.44 15.35
CA PHE D 4850 26.04 85.72 15.74
C PHE D 4850 25.08 85.49 14.60
N PHE D 4851 25.41 86.03 13.42
CA PHE D 4851 24.54 85.87 12.25
C PHE D 4851 24.38 84.40 11.89
N PHE D 4852 25.46 83.65 11.93
CA PHE D 4852 25.42 82.25 11.49
C PHE D 4852 24.63 81.39 12.49
N PHE D 4853 24.94 81.50 13.78
CA PHE D 4853 24.34 80.60 14.75
C PHE D 4853 22.90 80.98 15.06
N VAL D 4854 22.62 82.28 15.22
CA VAL D 4854 21.31 82.70 15.68
C VAL D 4854 20.37 82.88 14.50
N ILE D 4855 20.74 83.76 13.58
CA ILE D 4855 19.82 84.14 12.50
C ILE D 4855 19.63 82.97 11.53
N VAL D 4856 20.70 82.24 11.22
CA VAL D 4856 20.66 81.25 10.15
C VAL D 4856 20.25 79.88 10.69
N ILE D 4857 20.95 79.40 11.72
CA ILE D 4857 20.80 78.00 12.11
C ILE D 4857 19.55 77.79 12.97
N LEU D 4858 19.39 78.57 14.03
CA LEU D 4858 18.31 78.31 14.98
C LEU D 4858 16.93 78.48 14.32
N LEU D 4859 16.76 79.55 13.54
CA LEU D 4859 15.53 79.73 12.80
C LEU D 4859 15.31 78.60 11.80
N ALA D 4860 16.38 78.12 11.16
CA ALA D 4860 16.30 76.93 10.35
C ALA D 4860 15.87 75.71 11.16
N ILE D 4861 16.31 75.61 12.42
CA ILE D 4861 15.85 74.50 13.26
C ILE D 4861 14.35 74.58 13.49
N ILE D 4862 13.84 75.78 13.77
CA ILE D 4862 12.39 75.93 13.96
C ILE D 4862 11.62 75.53 12.70
N GLN D 4863 12.06 76.04 11.55
CA GLN D 4863 11.38 75.73 10.31
C GLN D 4863 11.46 74.24 9.99
N GLY D 4864 12.61 73.63 10.26
CA GLY D 4864 12.75 72.20 10.05
C GLY D 4864 11.84 71.40 10.95
N LEU D 4865 11.66 71.86 12.18
CA LEU D 4865 10.73 71.19 13.08
C LEU D 4865 9.31 71.22 12.52
N ILE D 4866 8.89 72.37 11.99
CA ILE D 4866 7.55 72.46 11.41
C ILE D 4866 7.42 71.52 10.20
N ILE D 4867 8.42 71.54 9.31
CA ILE D 4867 8.35 70.71 8.11
C ILE D 4867 8.34 69.24 8.47
N ASP D 4868 9.17 68.84 9.45
CA ASP D 4868 9.19 67.46 9.89
C ASP D 4868 7.89 67.06 10.54
N ALA D 4869 7.22 67.98 11.24
CA ALA D 4869 5.90 67.67 11.76
C ALA D 4869 4.92 67.37 10.64
N PHE D 4870 4.93 68.20 9.59
CA PHE D 4870 4.10 67.91 8.42
C PHE D 4870 4.37 66.50 7.89
N GLY D 4871 5.64 66.20 7.65
CA GLY D 4871 5.99 64.91 7.06
C GLY D 4871 5.60 63.75 7.96
N GLU D 4872 5.82 63.90 9.27
CA GLU D 4872 5.48 62.83 10.21
C GLU D 4872 4.00 62.57 10.23
N LEU D 4873 3.18 63.62 10.25
CA LEU D 4873 1.74 63.42 10.25
C LEU D 4873 1.28 62.72 8.98
N ARG D 4874 1.81 63.14 7.82
CA ARG D 4874 1.44 62.48 6.58
C ARG D 4874 1.86 61.01 6.57
N ASP D 4875 3.05 60.72 7.08
CA ASP D 4875 3.52 59.33 7.12
C ASP D 4875 2.65 58.49 8.05
N GLN D 4876 2.22 59.07 9.17
CA GLN D 4876 1.36 58.33 10.08
C GLN D 4876 0.03 58.00 9.43
N GLN D 4877 -0.56 58.97 8.71
CA GLN D 4877 -1.80 58.68 7.99
C GLN D 4877 -1.61 57.58 6.96
N GLU D 4878 -0.50 57.64 6.21
CA GLU D 4878 -0.24 56.61 5.21
C GLU D 4878 -0.05 55.25 5.87
N GLN D 4879 0.62 55.20 7.02
CA GLN D 4879 0.80 53.95 7.73
C GLN D 4879 -0.52 53.36 8.18
N VAL D 4880 -1.41 54.21 8.69
CA VAL D 4880 -2.75 53.74 9.09
C VAL D 4880 -3.47 53.14 7.89
N LYS D 4881 -3.45 53.86 6.76
CA LYS D 4881 -4.12 53.36 5.56
C LYS D 4881 -3.54 52.03 5.12
N GLU D 4882 -2.21 51.92 5.10
CA GLU D 4882 -1.57 50.70 4.64
C GLU D 4882 -1.89 49.53 5.54
N ASP D 4883 -1.84 49.73 6.86
CA ASP D 4883 -2.16 48.65 7.78
C ASP D 4883 -3.59 48.17 7.60
N MET D 4884 -4.54 49.11 7.55
CA MET D 4884 -5.93 48.70 7.40
C MET D 4884 -6.21 48.07 6.04
N GLU D 4885 -5.47 48.42 4.99
CA GLU D 4885 -5.68 47.81 3.70
C GLU D 4885 -4.94 46.50 3.51
N THR D 4886 -3.94 46.21 4.33
CA THR D 4886 -3.15 45.00 4.15
C THR D 4886 -3.44 43.90 5.17
N LYS D 4887 -3.96 44.21 6.35
CA LYS D 4887 -4.24 43.15 7.30
C LYS D 4887 -5.56 43.39 8.00
N CYS D 4888 -6.21 42.30 8.41
CA CYS D 4888 -7.49 42.39 9.09
C CYS D 4888 -7.29 42.96 10.49
N PHE D 4889 -8.26 43.76 10.94
CA PHE D 4889 -8.16 44.38 12.25
C PHE D 4889 -8.21 43.35 13.37
N ILE D 4890 -9.07 42.35 13.24
CA ILE D 4890 -9.31 41.43 14.35
C ILE D 4890 -8.28 40.31 14.36
N CYS D 4891 -8.27 39.47 13.32
CA CYS D 4891 -7.40 38.31 13.32
C CYS D 4891 -5.97 38.68 13.01
N GLY D 4892 -5.77 39.64 12.10
CA GLY D 4892 -4.44 40.07 11.75
C GLY D 4892 -3.81 39.34 10.57
N ILE D 4893 -4.56 38.50 9.88
CA ILE D 4893 -4.03 37.77 8.74
C ILE D 4893 -3.92 38.71 7.54
N GLY D 4894 -2.92 38.47 6.69
CA GLY D 4894 -2.66 39.33 5.56
C GLY D 4894 -3.73 39.23 4.49
N ASN D 4895 -3.68 40.18 3.56
CA ASN D 4895 -4.73 40.28 2.54
C ASN D 4895 -4.58 39.19 1.50
N ASP D 4896 -3.36 38.76 1.21
CA ASP D 4896 -3.13 37.83 0.11
C ASP D 4896 -3.79 36.48 0.38
N TYR D 4897 -3.73 36.02 1.63
CA TYR D 4897 -4.30 34.71 1.95
C TYR D 4897 -5.80 34.70 1.66
N PHE D 4898 -6.50 35.77 2.02
CA PHE D 4898 -7.91 35.87 1.68
C PHE D 4898 -8.11 36.13 0.19
N ASP D 4899 -7.15 36.79 -0.44
CA ASP D 4899 -7.27 37.15 -1.86
C ASP D 4899 -6.97 35.99 -2.79
N THR D 4900 -6.54 34.85 -2.25
CA THR D 4900 -6.52 33.64 -3.08
C THR D 4900 -7.90 33.33 -3.66
N VAL D 4901 -8.96 33.73 -2.97
CA VAL D 4901 -10.31 33.73 -3.51
C VAL D 4901 -10.65 35.16 -3.91
N PRO D 4902 -11.23 35.39 -5.09
CA PRO D 4902 -11.51 36.78 -5.51
C PRO D 4902 -12.38 37.52 -4.52
N HIS D 4903 -12.01 38.77 -4.26
CA HIS D 4903 -12.73 39.64 -3.32
C HIS D 4903 -12.74 39.06 -1.91
N GLY D 4904 -11.85 38.09 -1.67
CA GLY D 4904 -11.87 37.39 -0.40
C GLY D 4904 -11.54 38.28 0.77
N PHE D 4905 -10.57 39.19 0.60
CA PHE D 4905 -10.20 40.06 1.70
C PHE D 4905 -11.35 40.96 2.14
N GLU D 4906 -12.04 41.59 1.19
CA GLU D 4906 -13.12 42.48 1.57
C GLU D 4906 -14.31 41.68 2.08
N THR D 4907 -14.55 40.49 1.53
CA THR D 4907 -15.59 39.63 2.09
C THR D 4907 -15.30 39.32 3.55
N HIS D 4908 -14.06 38.95 3.85
CA HIS D 4908 -13.68 38.63 5.22
C HIS D 4908 -13.78 39.84 6.13
N THR D 4909 -13.32 41.00 5.67
CA THR D 4909 -13.28 42.17 6.52
C THR D 4909 -14.61 42.91 6.58
N LEU D 4910 -15.60 42.53 5.79
CA LEU D 4910 -16.90 43.18 5.83
C LEU D 4910 -18.04 42.29 6.26
N GLN D 4911 -17.89 40.97 6.21
CA GLN D 4911 -18.96 40.08 6.66
C GLN D 4911 -18.51 39.13 7.77
N GLU D 4912 -17.28 38.62 7.69
CA GLU D 4912 -16.85 37.63 8.69
C GLU D 4912 -16.26 38.31 9.92
N HIS D 4913 -15.34 39.24 9.73
CA HIS D 4913 -14.60 39.85 10.82
C HIS D 4913 -14.81 41.37 10.86
N ASN D 4914 -16.05 41.82 10.69
CA ASN D 4914 -16.33 43.23 10.73
C ASN D 4914 -16.34 43.74 12.17
N LEU D 4915 -15.56 44.79 12.43
CA LEU D 4915 -15.50 45.34 13.78
C LEU D 4915 -16.82 45.98 14.19
N ALA D 4916 -17.55 46.55 13.23
CA ALA D 4916 -18.88 47.06 13.52
C ALA D 4916 -19.79 45.93 13.99
N ASN D 4917 -19.61 44.73 13.44
CA ASN D 4917 -20.41 43.60 13.87
C ASN D 4917 -20.08 43.19 15.31
N TYR D 4918 -18.81 43.26 15.69
CA TYR D 4918 -18.45 43.01 17.08
C TYR D 4918 -19.05 44.06 18.02
N LEU D 4919 -19.02 45.33 17.60
CA LEU D 4919 -19.66 46.36 18.40
C LEU D 4919 -21.15 46.12 18.56
N PHE D 4920 -21.83 45.75 17.47
CA PHE D 4920 -23.25 45.46 17.54
C PHE D 4920 -23.52 44.24 18.40
N PHE D 4921 -22.65 43.23 18.35
CA PHE D 4921 -22.80 42.07 19.22
C PHE D 4921 -22.65 42.43 20.69
N LEU D 4922 -21.69 43.28 21.03
CA LEU D 4922 -21.59 43.74 22.41
C LEU D 4922 -22.84 44.50 22.83
N MET D 4923 -23.35 45.37 21.95
CA MET D 4923 -24.60 46.07 22.25
C MET D 4923 -25.74 45.09 22.51
N TYR D 4924 -25.91 44.12 21.62
CA TYR D 4924 -27.00 43.16 21.74
C TYR D 4924 -26.86 42.29 22.98
N LEU D 4925 -25.64 41.85 23.30
CA LEU D 4925 -25.39 41.05 24.48
C LEU D 4925 -25.60 41.82 25.77
N ILE D 4926 -25.26 43.11 25.79
CA ILE D 4926 -25.53 43.92 26.98
C ILE D 4926 -27.02 44.16 27.14
N ASN D 4927 -27.73 44.48 26.06
CA ASN D 4927 -29.15 44.79 26.13
C ASN D 4927 -30.02 43.55 26.24
N LYS D 4928 -29.46 42.37 26.07
CA LYS D 4928 -30.21 41.12 26.22
C LYS D 4928 -30.24 40.70 27.69
N ASP D 4929 -31.34 40.07 28.08
CA ASP D 4929 -31.46 39.54 29.42
C ASP D 4929 -30.50 38.38 29.63
N GLU D 4930 -29.91 38.31 30.82
CA GLU D 4930 -28.92 37.27 31.09
C GLU D 4930 -29.56 35.89 31.10
N THR D 4931 -30.80 35.79 31.57
CA THR D 4931 -31.48 34.50 31.61
C THR D 4931 -31.77 33.98 30.20
N GLU D 4932 -31.97 34.88 29.25
CA GLU D 4932 -32.28 34.51 27.88
C GLU D 4932 -31.05 34.24 27.04
N HIS D 4933 -29.86 34.31 27.63
CA HIS D 4933 -28.63 34.07 26.88
C HIS D 4933 -28.56 32.63 26.40
N THR D 4934 -28.06 32.45 25.19
CA THR D 4934 -27.75 31.11 24.69
C THR D 4934 -26.42 30.66 25.28
N GLY D 4935 -25.95 29.49 24.86
CA GLY D 4935 -24.68 29.00 25.36
C GLY D 4935 -23.50 29.84 24.90
N GLN D 4936 -23.46 30.17 23.62
CA GLN D 4936 -22.39 31.02 23.09
C GLN D 4936 -22.43 32.40 23.73
N GLU D 4937 -23.64 32.96 23.84
CA GLU D 4937 -23.78 34.27 24.45
C GLU D 4937 -23.36 34.25 25.91
N SER D 4938 -23.69 33.17 26.62
CA SER D 4938 -23.29 33.07 28.03
C SER D 4938 -21.78 32.96 28.16
N TYR D 4939 -21.15 32.19 27.26
CA TYR D 4939 -19.70 32.07 27.26
C TYR D 4939 -19.06 33.45 27.08
N VAL D 4940 -19.49 34.16 26.04
CA VAL D 4940 -18.91 35.47 25.75
C VAL D 4940 -19.22 36.45 26.88
N TRP D 4941 -20.41 36.35 27.47
CA TRP D 4941 -20.81 37.25 28.55
C TRP D 4941 -19.95 37.07 29.79
N LYS D 4942 -19.82 35.82 30.24
CA LYS D 4942 -18.95 35.52 31.37
C LYS D 4942 -17.55 36.04 31.11
N MET D 4943 -17.06 35.82 29.90
CA MET D 4943 -15.66 36.10 29.65
C MET D 4943 -15.42 37.60 29.50
N TYR D 4944 -16.40 38.33 28.97
CA TYR D 4944 -16.37 39.79 28.94
C TYR D 4944 -16.48 40.38 30.34
N GLN D 4945 -17.29 39.77 31.20
CA GLN D 4945 -17.37 40.22 32.59
C GLN D 4945 -16.03 40.06 33.28
N GLU D 4946 -15.35 38.96 33.02
CA GLU D 4946 -14.02 38.74 33.60
C GLU D 4946 -12.91 39.41 32.80
N ARG D 4947 -13.26 40.11 31.72
CA ARG D 4947 -12.31 40.90 30.93
C ARG D 4947 -11.21 40.04 30.31
N CYS D 4948 -11.58 38.87 29.81
CA CYS D 4948 -10.68 38.04 29.02
C CYS D 4948 -11.04 38.18 27.55
N TRP D 4949 -10.03 38.48 26.71
CA TRP D 4949 -10.26 38.72 25.30
C TRP D 4949 -9.76 37.59 24.41
N GLU D 4950 -9.68 36.37 24.95
CA GLU D 4950 -9.26 35.24 24.13
C GLU D 4950 -10.33 34.88 23.09
N PHE D 4951 -11.58 35.24 23.33
CA PHE D 4951 -12.65 34.84 22.42
C PHE D 4951 -12.53 35.56 21.09
N PHE D 4952 -11.82 36.67 21.06
CA PHE D 4952 -11.54 37.35 19.81
C PHE D 4952 -10.62 36.47 18.98
N PRO D 4953 -10.98 36.13 17.74
CA PRO D 4953 -10.13 35.26 16.93
C PRO D 4953 -8.83 35.96 16.57
N ALA D 4954 -7.71 35.37 16.98
CA ALA D 4954 -6.38 35.93 16.75
C ALA D 4954 -5.55 34.92 15.99
N GLY D 4955 -5.23 35.24 14.74
CA GLY D 4955 -4.43 34.37 13.90
C GLY D 4955 -5.18 33.23 13.25
N ASP D 4956 -6.48 33.13 13.47
CA ASP D 4956 -7.29 32.06 12.90
C ASP D 4956 -8.64 32.59 12.47
N CYS D 4957 -9.29 31.83 11.58
CA CYS D 4957 -10.60 32.21 11.07
C CYS D 4957 -11.32 30.96 10.62
N PHE D 4958 -12.59 31.14 10.21
CA PHE D 4958 -13.40 30.02 9.74
C PHE D 4958 -12.76 29.34 8.53
N ARG D 4959 -12.31 30.13 7.56
CA ARG D 4959 -11.72 29.58 6.36
C ARG D 4959 -10.45 28.81 6.67
N LYS D 4960 -9.60 29.37 7.52
CA LYS D 4960 -8.35 28.71 7.86
C LYS D 4960 -8.58 27.43 8.63
N GLN D 4961 -9.59 27.43 9.52
CA GLN D 4961 -9.90 26.21 10.26
C GLN D 4961 -10.46 25.14 9.33
N TYR D 4962 -11.33 25.52 8.39
CA TYR D 4962 -12.00 24.54 7.55
C TYR D 4962 -11.50 24.60 6.12
N GLU D 4963 -10.18 24.78 5.95
CA GLU D 4963 -9.60 24.81 4.61
C GLU D 4963 -10.00 23.58 3.79
N ASP D 4964 -9.92 22.40 4.39
CA ASP D 4964 -10.19 21.18 3.63
C ASP D 4964 -11.66 21.08 3.24
N GLN D 4965 -12.56 21.27 4.19
CA GLN D 4965 -13.98 21.07 3.92
C GLN D 4965 -14.53 22.19 3.05
N LEU D 4966 -14.20 23.45 3.38
CA LEU D 4966 -14.78 24.58 2.66
C LEU D 4966 -14.33 24.60 1.20
N ASN D 4967 -13.06 24.31 0.96
CA ASN D 4967 -12.52 24.33 -0.40
C ASN D 4967 -12.49 22.93 -1.00
N GLU E 10 -29.19 4.26 5.51
CA GLU E 10 -28.75 2.91 5.82
C GLU E 10 -29.95 1.97 5.90
N ILE E 11 -31.11 2.53 6.29
CA ILE E 11 -32.35 1.78 6.39
C ILE E 11 -33.28 2.24 5.27
N GLN E 12 -33.97 1.29 4.65
CA GLN E 12 -34.79 1.55 3.48
C GLN E 12 -36.26 1.58 3.87
N PHE E 13 -36.98 2.58 3.37
CA PHE E 13 -38.40 2.76 3.64
C PHE E 13 -39.19 2.55 2.36
N LEU E 14 -40.33 1.86 2.48
CA LEU E 14 -41.23 1.73 1.35
C LEU E 14 -41.85 3.08 1.03
N ARG E 15 -41.72 3.52 -0.21
CA ARG E 15 -42.22 4.81 -0.64
C ARG E 15 -43.25 4.62 -1.76
N THR E 16 -43.98 5.69 -2.04
CA THR E 16 -44.93 5.65 -3.14
C THR E 16 -44.19 5.52 -4.47
N ASP E 17 -44.91 5.00 -5.46
CA ASP E 17 -44.38 4.72 -6.79
C ASP E 17 -43.26 3.69 -6.76
N ASP E 18 -43.25 2.81 -5.77
CA ASP E 18 -42.29 1.72 -5.70
C ASP E 18 -42.97 0.40 -6.04
N GLU E 19 -42.32 -0.39 -6.88
CA GLU E 19 -42.89 -1.65 -7.32
C GLU E 19 -42.51 -2.77 -6.37
N VAL E 20 -43.52 -3.42 -5.78
CA VAL E 20 -43.31 -4.41 -4.73
C VAL E 20 -44.21 -5.61 -4.99
N VAL E 21 -43.94 -6.69 -4.28
CA VAL E 21 -44.78 -7.88 -4.26
C VAL E 21 -45.14 -8.20 -2.83
N LEU E 22 -46.31 -8.80 -2.63
CA LEU E 22 -46.79 -9.18 -1.31
C LEU E 22 -46.59 -10.68 -1.14
N GLN E 23 -45.83 -11.06 -0.12
CA GLN E 23 -45.52 -12.46 0.13
C GLN E 23 -46.20 -12.96 1.38
N CYS E 24 -46.51 -14.25 1.39
CA CYS E 24 -47.06 -14.93 2.54
C CYS E 24 -46.41 -16.30 2.68
N THR E 25 -46.34 -16.79 3.92
CA THR E 25 -45.70 -18.05 4.22
C THR E 25 -46.75 -19.13 4.45
N ALA E 26 -46.48 -20.32 3.93
CA ALA E 26 -47.37 -21.46 4.09
C ALA E 26 -46.67 -22.54 4.91
N THR E 27 -47.42 -23.20 5.78
CA THR E 27 -46.91 -24.24 6.65
C THR E 27 -47.56 -25.59 6.36
N ILE E 28 -47.76 -25.91 5.09
CA ILE E 28 -48.41 -27.16 4.72
C ILE E 28 -47.48 -28.33 5.01
N HIS E 29 -48.00 -29.34 5.70
CA HIS E 29 -47.27 -30.54 6.13
C HIS E 29 -45.88 -30.23 6.66
N LYS E 30 -45.76 -29.20 7.51
CA LYS E 30 -44.53 -28.89 8.25
C LYS E 30 -43.38 -28.51 7.34
N GLU E 31 -43.63 -27.64 6.37
CA GLU E 31 -42.58 -27.00 5.58
C GLU E 31 -42.95 -25.56 5.33
N GLN E 32 -41.94 -24.73 5.11
CA GLN E 32 -42.13 -23.31 4.85
C GLN E 32 -42.21 -23.09 3.35
N GLN E 33 -43.34 -22.59 2.88
CA GLN E 33 -43.59 -22.37 1.45
C GLN E 33 -43.91 -20.90 1.24
N LYS E 34 -43.00 -20.18 0.61
CA LYS E 34 -43.21 -18.76 0.31
C LYS E 34 -44.14 -18.64 -0.89
N LEU E 35 -45.16 -17.80 -0.76
CA LEU E 35 -46.15 -17.60 -1.81
C LEU E 35 -46.33 -16.11 -2.07
N CYS E 36 -46.63 -15.76 -3.32
CA CYS E 36 -46.83 -14.39 -3.72
C CYS E 36 -48.24 -14.19 -4.26
N LEU E 37 -48.80 -13.02 -4.00
CA LEU E 37 -50.13 -12.68 -4.49
C LEU E 37 -50.05 -12.39 -5.98
N ALA E 38 -50.84 -13.13 -6.77
CA ALA E 38 -50.81 -13.03 -8.22
C ALA E 38 -52.21 -12.85 -8.76
N ALA E 39 -52.30 -12.15 -9.88
CA ALA E 39 -53.55 -11.91 -10.58
C ALA E 39 -53.24 -11.41 -11.97
N GLU E 40 -54.01 -11.86 -12.95
CA GLU E 40 -53.84 -11.43 -14.33
C GLU E 40 -55.09 -10.66 -14.75
N GLY E 41 -54.88 -9.49 -15.37
CA GLY E 41 -56.00 -8.60 -15.61
C GLY E 41 -57.03 -9.16 -16.56
N PHE E 42 -56.60 -9.63 -17.72
CA PHE E 42 -57.55 -10.15 -18.69
C PHE E 42 -57.97 -11.57 -18.33
N GLY E 43 -59.25 -11.85 -18.49
CA GLY E 43 -59.77 -13.14 -18.08
C GLY E 43 -60.12 -13.10 -16.60
N ASN E 44 -59.53 -14.01 -15.84
CA ASN E 44 -59.86 -14.13 -14.42
C ASN E 44 -59.43 -12.90 -13.66
N ARG E 45 -60.39 -12.15 -13.12
CA ARG E 45 -60.11 -11.02 -12.25
C ARG E 45 -59.74 -11.44 -10.84
N LEU E 46 -59.89 -12.72 -10.50
CA LEU E 46 -59.58 -13.19 -9.16
C LEU E 46 -58.08 -13.19 -8.92
N CYS E 47 -57.71 -13.39 -7.66
CA CYS E 47 -56.33 -13.43 -7.24
C CYS E 47 -55.96 -14.83 -6.80
N PHE E 48 -54.79 -15.30 -7.24
CA PHE E 48 -54.29 -16.61 -6.87
C PHE E 48 -52.87 -16.46 -6.36
N LEU E 49 -52.32 -17.57 -5.88
CA LEU E 49 -51.02 -17.59 -5.23
C LEU E 49 -49.98 -18.20 -6.15
N GLU E 50 -48.84 -17.53 -6.29
CA GLU E 50 -47.72 -18.01 -7.08
C GLU E 50 -46.59 -18.43 -6.14
N SER E 51 -46.08 -19.63 -6.34
CA SER E 51 -45.06 -20.20 -5.46
C SER E 51 -43.68 -19.68 -5.87
N THR E 52 -42.96 -19.12 -4.91
CA THR E 52 -41.60 -18.65 -5.12
C THR E 52 -40.58 -19.44 -4.32
N SER E 53 -41.03 -20.37 -3.48
CA SER E 53 -40.11 -21.23 -2.74
C SER E 53 -39.40 -22.22 -3.65
N ASN E 54 -40.13 -22.83 -4.57
CA ASN E 54 -39.55 -23.75 -5.54
C ASN E 54 -39.00 -23.02 -6.76
N SER E 55 -38.18 -21.99 -6.55
CA SER E 55 -37.65 -21.24 -7.68
C SER E 55 -36.62 -22.06 -8.45
N LYS E 56 -35.97 -23.00 -7.79
CA LYS E 56 -34.98 -23.82 -8.46
C LYS E 56 -35.60 -24.83 -9.42
N ASN E 57 -36.82 -25.28 -9.13
CA ASN E 57 -37.45 -26.29 -9.98
C ASN E 57 -38.43 -25.67 -10.95
N VAL E 58 -39.22 -24.70 -10.49
CA VAL E 58 -40.25 -24.08 -11.31
C VAL E 58 -40.08 -22.57 -11.24
N PRO E 59 -39.85 -21.89 -12.37
CA PRO E 59 -39.70 -20.43 -12.35
C PRO E 59 -40.98 -19.76 -11.89
N PRO E 60 -40.89 -18.73 -11.07
CA PRO E 60 -42.10 -17.99 -10.69
C PRO E 60 -42.43 -16.91 -11.71
N ASP E 61 -43.71 -16.62 -11.84
CA ASP E 61 -44.20 -15.60 -12.77
C ASP E 61 -44.49 -14.30 -12.01
N LEU E 62 -43.41 -13.59 -11.68
CA LEU E 62 -43.54 -12.37 -10.90
C LEU E 62 -44.15 -11.22 -11.70
N SER E 63 -44.21 -11.35 -13.02
CA SER E 63 -44.74 -10.26 -13.85
C SER E 63 -46.19 -9.94 -13.50
N ILE E 64 -46.96 -10.95 -13.10
CA ILE E 64 -48.33 -10.75 -12.67
C ILE E 64 -48.45 -10.66 -11.15
N CYS E 65 -47.32 -10.69 -10.45
CA CYS E 65 -47.30 -10.57 -9.00
C CYS E 65 -46.85 -9.19 -8.53
N THR E 66 -46.19 -8.42 -9.38
CA THR E 66 -45.69 -7.11 -9.00
C THR E 66 -46.83 -6.12 -8.87
N PHE E 67 -46.77 -5.28 -7.83
CA PHE E 67 -47.71 -4.20 -7.61
C PHE E 67 -46.94 -2.91 -7.35
N VAL E 68 -47.61 -1.78 -7.54
CA VAL E 68 -47.00 -0.46 -7.35
C VAL E 68 -47.84 0.34 -6.37
N LEU E 69 -47.18 1.11 -5.52
CA LEU E 69 -47.82 1.94 -4.50
C LEU E 69 -48.07 3.32 -5.07
N GLU E 70 -49.32 3.65 -5.36
CA GLU E 70 -49.63 4.98 -5.87
C GLU E 70 -49.71 6.01 -4.76
N GLN E 71 -50.65 5.83 -3.84
CA GLN E 71 -50.94 6.84 -2.83
C GLN E 71 -50.95 6.21 -1.45
N SER E 72 -50.51 6.99 -0.46
CA SER E 72 -50.54 6.60 0.94
C SER E 72 -51.15 7.74 1.75
N LEU E 73 -52.47 7.74 1.86
CA LEU E 73 -53.18 8.79 2.57
C LEU E 73 -53.57 8.34 3.96
N SER E 74 -53.75 9.30 4.86
CA SER E 74 -54.25 9.01 6.18
C SER E 74 -55.72 8.60 6.11
N VAL E 75 -56.18 7.95 7.17
CA VAL E 75 -57.57 7.52 7.22
C VAL E 75 -58.50 8.72 7.19
N ARG E 76 -58.16 9.78 7.95
CA ARG E 76 -58.98 10.98 7.96
C ARG E 76 -59.05 11.61 6.58
N ALA E 77 -57.89 11.72 5.90
CA ALA E 77 -57.86 12.31 4.57
C ALA E 77 -58.66 11.48 3.58
N LEU E 78 -58.53 10.15 3.66
CA LEU E 78 -59.29 9.28 2.78
C LEU E 78 -60.79 9.39 3.02
N GLN E 79 -61.23 9.45 4.27
CA GLN E 79 -62.65 9.64 4.55
C GLN E 79 -63.13 10.99 4.02
N GLU E 80 -62.34 12.04 4.19
CA GLU E 80 -62.74 13.34 3.64
C GLU E 80 -62.85 13.30 2.13
N MET E 81 -61.89 12.65 1.47
CA MET E 81 -61.93 12.56 0.00
C MET E 81 -63.13 11.77 -0.46
N LEU E 82 -63.44 10.66 0.22
CA LEU E 82 -64.60 9.87 -0.15
C LEU E 82 -65.89 10.64 0.08
N ALA E 83 -65.94 11.44 1.14
CA ALA E 83 -67.09 12.30 1.35
C ALA E 83 -67.22 13.33 0.23
N ASN E 84 -66.10 13.87 -0.23
CA ASN E 84 -66.10 14.79 -1.35
C ASN E 84 -66.35 14.07 -2.67
N HIS E 110 -43.35 11.38 -3.81
CA HIS E 110 -42.61 10.29 -3.18
C HIS E 110 -42.76 10.30 -1.67
N ARG E 111 -43.99 10.11 -1.20
CA ARG E 111 -44.24 10.04 0.23
C ARG E 111 -43.80 8.69 0.78
N THR E 112 -43.44 8.69 2.06
CA THR E 112 -43.01 7.49 2.75
C THR E 112 -44.18 6.87 3.50
N LEU E 113 -44.41 5.58 3.29
CA LEU E 113 -45.52 4.91 3.94
C LEU E 113 -45.34 4.90 5.45
N LEU E 114 -46.40 5.24 6.16
CA LEU E 114 -46.43 5.22 7.62
C LEU E 114 -47.53 4.28 8.07
N TYR E 115 -47.27 3.54 9.14
CA TYR E 115 -48.24 2.57 9.64
C TYR E 115 -49.54 3.25 10.00
N GLY E 116 -50.65 2.69 9.53
CA GLY E 116 -51.96 3.24 9.76
C GLY E 116 -52.54 4.04 8.61
N HIS E 117 -51.78 4.27 7.55
CA HIS E 117 -52.30 4.95 6.38
C HIS E 117 -53.02 3.97 5.47
N ALA E 118 -53.74 4.51 4.50
CA ALA E 118 -54.44 3.73 3.49
C ALA E 118 -53.67 3.79 2.18
N ILE E 119 -53.36 2.63 1.62
CA ILE E 119 -52.54 2.54 0.42
C ILE E 119 -53.39 2.05 -0.74
N LEU E 120 -53.01 2.49 -1.94
CA LEU E 120 -53.66 2.07 -3.17
C LEU E 120 -52.66 1.27 -3.99
N LEU E 121 -53.00 0.03 -4.29
CA LEU E 121 -52.14 -0.88 -5.04
C LEU E 121 -52.63 -0.99 -6.47
N ARG E 122 -51.76 -0.72 -7.43
CA ARG E 122 -52.07 -0.90 -8.84
C ARG E 122 -51.27 -2.07 -9.39
N HIS E 123 -51.95 -2.98 -10.06
CA HIS E 123 -51.30 -4.13 -10.67
C HIS E 123 -50.49 -3.64 -11.86
N SER E 124 -49.20 -3.96 -11.88
CA SER E 124 -48.30 -3.39 -12.88
C SER E 124 -48.69 -3.82 -14.29
N TYR E 125 -48.99 -5.11 -14.47
CA TYR E 125 -49.27 -5.62 -15.81
C TYR E 125 -50.61 -5.10 -16.33
N SER E 126 -51.64 -5.16 -15.50
CA SER E 126 -52.99 -4.83 -15.95
C SER E 126 -53.34 -3.37 -15.79
N GLY E 127 -52.72 -2.68 -14.84
CA GLY E 127 -53.12 -1.31 -14.57
C GLY E 127 -54.41 -1.19 -13.79
N MET E 128 -54.84 -2.27 -13.15
CA MET E 128 -56.04 -2.27 -12.33
C MET E 128 -55.65 -2.48 -10.87
N TYR E 129 -56.56 -2.14 -9.97
CA TYR E 129 -56.24 -2.01 -8.55
C TYR E 129 -56.83 -3.15 -7.74
N LEU E 130 -56.10 -3.54 -6.70
CA LEU E 130 -56.56 -4.57 -5.79
C LEU E 130 -57.79 -4.10 -5.03
N CYS E 131 -58.73 -5.01 -4.80
CA CYS E 131 -59.99 -4.64 -4.17
C CYS E 131 -60.63 -5.87 -3.54
N CYS E 132 -61.63 -5.62 -2.70
CA CYS E 132 -62.50 -6.68 -2.21
C CYS E 132 -63.74 -6.76 -3.09
N LEU E 133 -63.94 -7.90 -3.74
CA LEU E 133 -64.98 -8.03 -4.75
C LEU E 133 -66.39 -8.05 -4.17
N SER E 134 -66.53 -8.29 -2.86
CA SER E 134 -67.82 -8.35 -2.18
C SER E 134 -68.67 -9.51 -2.65
N THR E 135 -68.15 -10.30 -3.58
CA THR E 135 -68.78 -11.54 -4.03
C THR E 135 -67.87 -12.70 -3.66
N SER E 136 -68.42 -13.68 -2.96
CA SER E 136 -67.63 -14.78 -2.42
C SER E 136 -67.78 -16.02 -3.29
N ARG E 137 -66.70 -16.80 -3.35
CA ARG E 137 -66.71 -18.09 -4.02
C ARG E 137 -67.15 -19.22 -3.10
N SER E 138 -67.48 -18.90 -1.84
CA SER E 138 -67.94 -19.87 -0.86
C SER E 138 -66.91 -20.97 -0.64
N SER E 139 -65.70 -20.56 -0.24
CA SER E 139 -64.63 -21.50 0.09
C SER E 139 -64.78 -21.95 1.54
N THR E 140 -65.95 -22.54 1.82
CA THR E 140 -66.30 -23.07 3.14
C THR E 140 -66.31 -21.98 4.21
N ASP E 141 -66.18 -20.72 3.81
CA ASP E 141 -66.23 -19.61 4.76
C ASP E 141 -67.29 -18.62 4.29
N LYS E 142 -68.43 -18.62 4.96
CA LYS E 142 -69.55 -17.77 4.55
C LYS E 142 -69.22 -16.30 4.76
N LEU E 143 -68.45 -15.98 5.79
CA LEU E 143 -68.14 -14.59 6.08
C LEU E 143 -67.12 -14.02 5.11
N ALA E 144 -66.27 -14.86 4.52
CA ALA E 144 -65.16 -14.38 3.73
C ALA E 144 -65.62 -13.78 2.41
N PHE E 145 -64.80 -12.88 1.87
CA PHE E 145 -64.99 -12.28 0.57
C PHE E 145 -63.83 -12.67 -0.34
N ASP E 146 -63.97 -12.34 -1.62
CA ASP E 146 -62.95 -12.64 -2.62
C ASP E 146 -62.17 -11.38 -2.97
N VAL E 147 -60.86 -11.54 -3.10
CA VAL E 147 -59.97 -10.43 -3.43
C VAL E 147 -59.63 -10.49 -4.91
N GLY E 148 -59.88 -9.40 -5.63
CA GLY E 148 -59.62 -9.36 -7.05
C GLY E 148 -59.10 -8.02 -7.52
N LEU E 149 -59.24 -7.75 -8.81
CA LEU E 149 -58.76 -6.51 -9.41
C LEU E 149 -59.93 -5.70 -9.94
N GLN E 150 -59.86 -4.38 -9.80
CA GLN E 150 -60.93 -3.49 -10.20
C GLN E 150 -60.36 -2.33 -11.00
N GLU E 151 -61.16 -1.81 -11.94
CA GLU E 151 -60.67 -0.75 -12.81
C GLU E 151 -60.69 0.61 -12.12
N ASP E 152 -61.84 1.02 -11.61
CA ASP E 152 -61.97 2.37 -11.08
C ASP E 152 -61.29 2.52 -9.73
N THR E 153 -60.87 3.74 -9.42
CA THR E 153 -60.27 4.03 -8.13
C THR E 153 -61.31 4.43 -7.09
N THR E 154 -62.46 4.93 -7.53
CA THR E 154 -63.48 5.41 -6.62
C THR E 154 -64.05 4.28 -5.78
N GLY E 155 -64.41 4.61 -4.54
CA GLY E 155 -64.94 3.64 -3.60
C GLY E 155 -63.91 3.28 -2.54
N GLU E 156 -64.42 2.68 -1.47
CA GLU E 156 -63.60 2.26 -0.34
C GLU E 156 -63.12 0.82 -0.47
N ALA E 157 -63.46 0.14 -1.56
CA ALA E 157 -63.00 -1.22 -1.75
C ALA E 157 -61.54 -1.29 -2.18
N CYS E 158 -61.08 -0.29 -2.93
CA CYS E 158 -59.74 -0.36 -3.49
C CYS E 158 -58.68 -0.06 -2.44
N TRP E 159 -59.04 0.66 -1.38
CA TRP E 159 -58.07 1.12 -0.41
C TRP E 159 -57.86 0.08 0.70
N TRP E 160 -56.62 -0.04 1.14
CA TRP E 160 -56.24 -0.97 2.20
C TRP E 160 -55.41 -0.24 3.24
N THR E 161 -55.69 -0.50 4.51
CA THR E 161 -54.89 0.06 5.58
C THR E 161 -53.75 -0.89 5.95
N ILE E 162 -52.61 -0.32 6.31
CA ILE E 162 -51.43 -1.08 6.69
C ILE E 162 -51.24 -0.92 8.20
N HIS E 163 -51.06 -2.05 8.88
CA HIS E 163 -50.92 -2.04 10.32
C HIS E 163 -49.68 -2.82 10.74
N PRO E 164 -49.06 -2.46 11.85
CA PRO E 164 -47.87 -3.19 12.30
C PRO E 164 -48.24 -4.60 12.74
N ALA E 165 -47.51 -5.58 12.21
CA ALA E 165 -47.65 -6.96 12.62
C ALA E 165 -46.68 -7.34 13.73
N SER E 166 -45.79 -6.43 14.11
CA SER E 166 -44.81 -6.67 15.15
C SER E 166 -44.94 -5.59 16.22
N LYS E 167 -44.81 -5.99 17.49
CA LYS E 167 -44.97 -5.04 18.59
C LYS E 167 -43.82 -4.04 18.65
N GLN E 168 -42.72 -4.29 17.93
CA GLN E 168 -41.66 -3.30 17.85
C GLN E 168 -42.15 -2.02 17.18
N ARG E 169 -42.90 -2.17 16.10
CA ARG E 169 -43.43 -1.02 15.39
C ARG E 169 -44.69 -0.49 16.06
N SER E 170 -45.03 0.74 15.74
CA SER E 170 -46.22 1.39 16.26
C SER E 170 -46.82 2.28 15.19
N GLU E 171 -48.06 2.72 15.43
CA GLU E 171 -48.76 3.55 14.46
C GLU E 171 -48.00 4.85 14.21
N GLY E 172 -47.84 5.19 12.93
CA GLY E 172 -47.16 6.40 12.56
C GLY E 172 -45.71 6.21 12.17
N GLU E 173 -45.13 5.08 12.56
CA GLU E 173 -43.73 4.82 12.23
C GLU E 173 -43.59 4.54 10.73
N LYS E 174 -42.42 4.86 10.20
CA LYS E 174 -42.10 4.54 8.82
C LYS E 174 -41.97 3.03 8.65
N VAL E 175 -42.47 2.53 7.52
CA VAL E 175 -42.48 1.09 7.26
C VAL E 175 -41.15 0.69 6.65
N ARG E 176 -40.43 -0.20 7.33
CA ARG E 176 -39.20 -0.75 6.79
C ARG E 176 -39.50 -1.73 5.66
N VAL E 177 -38.52 -1.91 4.79
CA VAL E 177 -38.70 -2.84 3.67
C VAL E 177 -38.83 -4.27 4.17
N GLY E 178 -38.07 -4.62 5.20
CA GLY E 178 -38.14 -5.97 5.75
C GLY E 178 -39.10 -6.08 6.91
N ASP E 179 -40.37 -5.73 6.69
CA ASP E 179 -41.39 -5.79 7.72
C ASP E 179 -42.49 -6.76 7.33
N ASP E 180 -43.17 -7.31 8.33
CA ASP E 180 -44.39 -8.06 8.12
C ASP E 180 -45.56 -7.11 8.28
N LEU E 181 -46.44 -7.08 7.28
CA LEU E 181 -47.54 -6.13 7.23
C LEU E 181 -48.86 -6.88 7.27
N ILE E 182 -49.78 -6.41 8.09
CA ILE E 182 -51.14 -6.92 8.13
C ILE E 182 -52.06 -5.89 7.49
N LEU E 183 -52.86 -6.31 6.54
CA LEU E 183 -53.70 -5.41 5.75
C LEU E 183 -55.16 -5.62 6.08
N VAL E 184 -55.89 -4.52 6.22
CA VAL E 184 -57.31 -4.54 6.55
C VAL E 184 -58.06 -3.80 5.46
N SER E 185 -59.11 -4.41 4.93
CA SER E 185 -59.91 -3.77 3.91
C SER E 185 -60.72 -2.63 4.51
N VAL E 186 -60.69 -1.48 3.84
CA VAL E 186 -61.47 -0.34 4.29
C VAL E 186 -62.96 -0.62 4.16
N SER E 187 -63.34 -1.35 3.11
CA SER E 187 -64.75 -1.56 2.83
C SER E 187 -65.39 -2.52 3.82
N SER E 188 -64.72 -3.62 4.14
CA SER E 188 -65.34 -4.70 4.89
C SER E 188 -64.63 -5.04 6.20
N GLU E 189 -63.53 -4.38 6.52
CA GLU E 189 -62.75 -4.67 7.73
C GLU E 189 -62.37 -6.14 7.79
N ARG E 190 -61.99 -6.71 6.65
CA ARG E 190 -61.57 -8.10 6.57
C ARG E 190 -60.10 -8.14 6.19
N TYR E 191 -59.32 -8.90 6.95
CA TYR E 191 -57.89 -9.00 6.72
C TYR E 191 -57.61 -9.76 5.42
N LEU E 192 -56.50 -9.40 4.78
CA LEU E 192 -56.00 -10.21 3.69
C LEU E 192 -55.56 -11.57 4.23
N HIS E 193 -56.34 -12.60 3.94
CA HIS E 193 -56.23 -13.87 4.63
C HIS E 193 -55.76 -14.96 3.69
N LEU E 194 -54.83 -15.79 4.16
CA LEU E 194 -54.41 -16.98 3.45
C LEU E 194 -55.20 -18.17 3.98
N SER E 195 -55.94 -18.85 3.10
CA SER E 195 -56.87 -19.89 3.49
C SER E 195 -56.19 -21.26 3.36
N TYR E 196 -55.81 -21.84 4.49
CA TYR E 196 -55.31 -23.21 4.52
C TYR E 196 -56.43 -24.24 4.41
N GLY E 197 -57.64 -23.87 4.85
CA GLY E 197 -58.69 -24.86 5.03
C GLY E 197 -59.07 -25.61 3.78
N ASN E 198 -59.21 -24.89 2.65
CA ASN E 198 -59.56 -25.55 1.41
C ASN E 198 -58.36 -26.36 0.91
N GLY E 199 -58.64 -27.36 0.07
CA GLY E 199 -57.59 -28.25 -0.39
C GLY E 199 -56.47 -27.50 -1.09
N SER E 200 -56.82 -26.49 -1.89
CA SER E 200 -55.86 -25.61 -2.52
C SER E 200 -55.71 -24.35 -1.68
N LEU E 201 -54.55 -23.71 -1.76
CA LEU E 201 -54.33 -22.47 -1.05
C LEU E 201 -55.08 -21.33 -1.74
N HIS E 202 -55.78 -20.52 -0.94
CA HIS E 202 -56.54 -19.39 -1.44
C HIS E 202 -56.12 -18.11 -0.73
N VAL E 203 -56.40 -17.00 -1.39
CA VAL E 203 -56.29 -15.67 -0.80
C VAL E 203 -57.69 -15.08 -0.78
N ASP E 204 -58.07 -14.51 0.36
CA ASP E 204 -59.42 -14.00 0.56
C ASP E 204 -59.41 -12.96 1.67
N ALA E 205 -60.55 -12.28 1.82
CA ALA E 205 -60.74 -11.28 2.86
C ALA E 205 -61.54 -11.91 3.98
N ALA E 206 -60.90 -12.13 5.13
CA ALA E 206 -61.53 -12.83 6.24
C ALA E 206 -61.18 -12.11 7.54
N PHE E 207 -61.95 -12.42 8.58
CA PHE E 207 -61.72 -11.80 9.88
C PHE E 207 -60.45 -12.31 10.54
N GLN E 208 -60.00 -13.50 10.16
CA GLN E 208 -58.69 -13.96 10.60
C GLN E 208 -57.60 -13.21 9.84
N GLN E 209 -56.45 -13.07 10.50
CA GLN E 209 -55.37 -12.25 9.98
C GLN E 209 -54.20 -13.10 9.53
N THR E 210 -53.55 -12.66 8.45
CA THR E 210 -52.38 -13.32 7.91
C THR E 210 -51.28 -12.30 7.66
N LEU E 211 -50.07 -12.61 8.10
CA LEU E 211 -48.95 -11.68 8.02
C LEU E 211 -48.38 -11.69 6.61
N TRP E 212 -48.28 -10.51 5.99
CA TRP E 212 -47.72 -10.38 4.66
C TRP E 212 -46.41 -9.60 4.71
N SER E 213 -45.44 -10.05 3.93
CA SER E 213 -44.14 -9.39 3.83
C SER E 213 -44.02 -8.73 2.47
N VAL E 214 -43.60 -7.47 2.46
CA VAL E 214 -43.50 -6.70 1.23
C VAL E 214 -42.04 -6.68 0.80
N ALA E 215 -41.79 -7.08 -0.45
CA ALA E 215 -40.44 -7.14 -0.98
C ALA E 215 -40.26 -6.13 -2.10
N PRO E 216 -39.22 -5.29 -2.04
CA PRO E 216 -39.03 -4.27 -3.08
C PRO E 216 -38.52 -4.86 -4.38
N ILE E 217 -39.38 -4.88 -5.40
CA ILE E 217 -38.95 -5.40 -6.70
C ILE E 217 -38.04 -4.40 -7.39
N SER E 218 -38.45 -3.13 -7.44
CA SER E 218 -37.68 -2.10 -8.11
C SER E 218 -38.20 -0.73 -7.69
N SER E 219 -37.39 0.28 -7.96
CA SER E 219 -37.77 1.68 -7.76
C SER E 219 -37.68 2.39 -9.11
N GLY E 220 -38.79 3.02 -9.52
CA GLY E 220 -38.84 3.61 -10.85
C GLY E 220 -37.89 4.78 -11.03
N SER E 221 -37.72 5.59 -9.98
CA SER E 221 -36.89 6.79 -10.10
C SER E 221 -35.44 6.43 -10.38
N GLU E 222 -34.91 5.40 -9.71
CA GLU E 222 -33.51 5.05 -9.85
C GLU E 222 -33.18 4.39 -11.19
N ALA E 223 -34.19 4.03 -11.97
CA ALA E 223 -33.94 3.38 -13.25
C ALA E 223 -33.25 4.33 -14.22
N ALA E 224 -32.32 3.79 -15.00
CA ALA E 224 -31.57 4.56 -15.99
C ALA E 224 -32.04 4.19 -17.39
N GLN E 225 -32.32 5.20 -18.20
CA GLN E 225 -32.82 4.95 -19.55
C GLN E 225 -31.74 4.29 -20.40
N GLY E 226 -32.18 3.37 -21.26
CA GLY E 226 -31.27 2.70 -22.16
C GLY E 226 -30.47 1.56 -21.56
N TYR E 227 -30.72 1.22 -20.30
CA TYR E 227 -29.99 0.15 -19.64
C TYR E 227 -30.93 -0.98 -19.25
N LEU E 228 -30.42 -2.20 -19.38
CA LEU E 228 -31.24 -3.39 -19.19
C LEU E 228 -31.49 -3.63 -17.71
N ILE E 229 -32.76 -3.75 -17.34
CA ILE E 229 -33.14 -4.11 -15.98
C ILE E 229 -33.91 -5.42 -16.03
N GLY E 230 -34.06 -6.03 -14.86
CA GLY E 230 -34.75 -7.31 -14.79
C GLY E 230 -36.21 -7.17 -15.17
N GLY E 231 -36.72 -8.20 -15.85
CA GLY E 231 -38.11 -8.21 -16.25
C GLY E 231 -38.42 -7.40 -17.48
N ASP E 232 -37.45 -7.22 -18.38
CA ASP E 232 -37.66 -6.49 -19.62
C ASP E 232 -37.98 -7.46 -20.74
N VAL E 233 -39.01 -7.15 -21.52
CA VAL E 233 -39.27 -7.87 -22.76
C VAL E 233 -38.41 -7.26 -23.86
N LEU E 234 -37.56 -8.08 -24.46
CA LEU E 234 -36.53 -7.60 -25.37
C LEU E 234 -36.34 -8.56 -26.52
N ARG E 235 -35.62 -8.09 -27.54
CA ARG E 235 -35.30 -8.87 -28.72
C ARG E 235 -33.80 -9.09 -28.77
N LEU E 236 -33.38 -10.30 -29.14
CA LEU E 236 -31.97 -10.65 -29.22
C LEU E 236 -31.55 -10.55 -30.69
N LEU E 237 -31.01 -9.40 -31.07
CA LEU E 237 -30.59 -9.15 -32.44
C LEU E 237 -29.16 -9.65 -32.65
N HIS E 238 -28.94 -10.29 -33.80
CA HIS E 238 -27.64 -10.89 -34.12
C HIS E 238 -27.14 -10.38 -35.45
N GLY E 239 -25.88 -9.95 -35.49
CA GLY E 239 -25.22 -9.61 -36.73
C GLY E 239 -25.62 -8.29 -37.33
N HIS E 240 -24.97 -7.92 -38.44
CA HIS E 240 -25.32 -6.69 -39.14
C HIS E 240 -26.72 -6.79 -39.75
N MET E 241 -27.08 -7.98 -40.24
CA MET E 241 -28.41 -8.20 -40.79
C MET E 241 -29.50 -8.12 -39.72
N ASP E 242 -29.12 -8.10 -38.44
CA ASP E 242 -30.05 -7.97 -37.33
C ASP E 242 -31.07 -9.10 -37.29
N GLU E 243 -30.63 -10.31 -37.61
CA GLU E 243 -31.48 -11.48 -37.43
C GLU E 243 -31.74 -11.68 -35.93
N CYS E 244 -33.01 -11.85 -35.58
CA CYS E 244 -33.40 -11.95 -34.18
C CYS E 244 -33.67 -13.40 -33.81
N LEU E 245 -33.27 -13.76 -32.60
CA LEU E 245 -33.47 -15.11 -32.11
C LEU E 245 -34.97 -15.35 -31.90
N THR E 246 -35.54 -16.29 -32.66
CA THR E 246 -36.97 -16.54 -32.60
C THR E 246 -37.21 -18.04 -32.69
N VAL E 247 -38.47 -18.41 -32.58
CA VAL E 247 -38.91 -19.80 -32.69
C VAL E 247 -39.63 -19.96 -34.02
N PRO E 248 -39.92 -21.17 -34.48
CA PRO E 248 -40.68 -21.33 -35.72
C PRO E 248 -42.06 -20.68 -35.61
N SER E 249 -42.57 -20.25 -36.76
CA SER E 249 -43.82 -19.51 -36.81
C SER E 249 -45.00 -20.42 -36.46
N GLY E 250 -46.20 -19.85 -36.58
CA GLY E 250 -47.40 -20.55 -36.20
C GLY E 250 -47.80 -21.65 -37.17
N GLU E 251 -47.02 -22.72 -37.21
CA GLU E 251 -47.35 -23.91 -37.97
C GLU E 251 -48.38 -24.78 -37.27
N HIS E 252 -49.04 -24.24 -36.24
CA HIS E 252 -50.06 -24.95 -35.46
C HIS E 252 -49.45 -26.10 -34.69
N GLY E 253 -48.12 -26.24 -34.73
CA GLY E 253 -47.44 -27.29 -34.00
C GLY E 253 -46.75 -26.80 -32.75
N GLU E 254 -47.35 -27.08 -31.59
CA GLU E 254 -46.76 -26.68 -30.33
C GLU E 254 -45.45 -27.41 -30.07
N GLU E 255 -45.22 -28.55 -30.73
CA GLU E 255 -43.96 -29.26 -30.61
C GLU E 255 -42.92 -28.76 -31.62
N GLN E 256 -43.35 -28.29 -32.79
CA GLN E 256 -42.42 -27.72 -33.74
C GLN E 256 -41.99 -26.31 -33.33
N ARG E 257 -42.84 -25.60 -32.60
CA ARG E 257 -42.50 -24.27 -32.11
C ARG E 257 -41.50 -24.30 -30.96
N ARG E 258 -41.03 -25.48 -30.57
CA ARG E 258 -40.14 -25.62 -29.43
C ARG E 258 -38.67 -25.40 -29.77
N THR E 259 -38.31 -25.39 -31.04
CA THR E 259 -36.92 -25.17 -31.43
C THR E 259 -36.61 -23.67 -31.49
N VAL E 260 -35.33 -23.37 -31.66
CA VAL E 260 -34.84 -21.99 -31.64
C VAL E 260 -33.90 -21.80 -32.82
N HIS E 261 -34.06 -20.67 -33.51
CA HIS E 261 -33.24 -20.38 -34.69
C HIS E 261 -33.16 -18.88 -34.88
N TYR E 262 -32.21 -18.46 -35.70
CA TYR E 262 -32.04 -17.07 -36.07
C TYR E 262 -32.80 -16.80 -37.36
N GLU E 263 -33.60 -15.74 -37.37
CA GLU E 263 -34.38 -15.37 -38.53
C GLU E 263 -34.39 -13.86 -38.68
N GLY E 264 -34.46 -13.40 -39.93
CA GLY E 264 -34.51 -11.98 -40.21
C GLY E 264 -35.70 -11.64 -41.07
N GLY E 265 -36.08 -10.36 -41.01
CA GLY E 265 -37.21 -9.86 -41.77
C GLY E 265 -38.30 -9.26 -40.90
N ALA E 266 -39.55 -9.63 -41.17
CA ALA E 266 -40.68 -9.12 -40.41
C ALA E 266 -40.78 -9.73 -39.01
N VAL E 267 -40.07 -10.82 -38.75
CA VAL E 267 -40.06 -11.41 -37.43
C VAL E 267 -39.49 -10.46 -36.38
N SER E 268 -38.65 -9.51 -36.79
CA SER E 268 -38.13 -8.51 -35.87
C SER E 268 -39.21 -7.53 -35.42
N VAL E 269 -40.37 -7.53 -36.07
CA VAL E 269 -41.47 -6.64 -35.69
C VAL E 269 -42.59 -7.51 -35.15
N HIS E 270 -42.57 -8.80 -35.47
CA HIS E 270 -43.58 -9.74 -35.01
C HIS E 270 -43.37 -10.04 -33.53
N ALA E 271 -44.37 -10.68 -32.93
CA ALA E 271 -44.37 -10.97 -31.50
C ALA E 271 -43.72 -12.31 -31.17
N ARG E 272 -43.32 -13.09 -32.16
CA ARG E 272 -42.70 -14.39 -31.92
C ARG E 272 -41.21 -14.27 -31.64
N SER E 273 -40.67 -13.06 -31.60
CA SER E 273 -39.25 -12.84 -31.31
C SER E 273 -39.06 -12.08 -30.01
N LEU E 274 -40.05 -12.08 -29.13
CA LEU E 274 -40.01 -11.34 -27.88
C LEU E 274 -39.62 -12.28 -26.76
N TRP E 275 -38.59 -11.92 -26.00
CA TRP E 275 -38.11 -12.70 -24.88
C TRP E 275 -38.16 -11.85 -23.62
N ARG E 276 -38.49 -12.49 -22.50
CA ARG E 276 -38.52 -11.83 -21.20
C ARG E 276 -37.36 -12.33 -20.37
N LEU E 277 -36.55 -11.41 -19.86
CA LEU E 277 -35.39 -11.75 -19.05
C LEU E 277 -35.82 -11.75 -17.58
N GLU E 278 -35.71 -12.91 -16.94
CA GLU E 278 -36.14 -13.09 -15.56
C GLU E 278 -34.96 -13.48 -14.70
N THR E 279 -34.73 -12.74 -13.63
CA THR E 279 -33.64 -13.03 -12.71
C THR E 279 -34.03 -14.17 -11.78
N LEU E 280 -33.02 -14.78 -11.16
CA LEU E 280 -33.25 -15.90 -10.26
C LEU E 280 -33.59 -15.47 -8.86
N ARG E 281 -33.59 -14.18 -8.56
CA ARG E 281 -33.91 -13.67 -7.24
C ARG E 281 -35.31 -13.07 -7.24
N VAL E 282 -36.02 -13.25 -6.13
CA VAL E 282 -37.36 -12.67 -6.01
C VAL E 282 -37.29 -11.20 -5.64
N ALA E 283 -36.63 -10.89 -4.54
CA ALA E 283 -36.44 -9.50 -4.12
C ALA E 283 -35.44 -8.82 -5.03
N TRP E 284 -35.72 -7.56 -5.35
CA TRP E 284 -34.86 -6.75 -6.23
C TRP E 284 -34.65 -7.45 -7.57
N SER E 285 -35.72 -8.04 -8.10
CA SER E 285 -35.69 -8.67 -9.40
C SER E 285 -35.76 -7.65 -10.54
N GLY E 286 -36.12 -6.41 -10.24
CA GLY E 286 -36.17 -5.35 -11.22
C GLY E 286 -34.93 -4.47 -11.26
N SER E 287 -33.83 -4.90 -10.64
CA SER E 287 -32.63 -4.09 -10.59
C SER E 287 -31.90 -4.13 -11.93
N HIS E 288 -30.81 -3.38 -12.01
CA HIS E 288 -29.99 -3.35 -13.21
C HIS E 288 -29.27 -4.67 -13.39
N ILE E 289 -29.33 -5.23 -14.60
CA ILE E 289 -28.65 -6.49 -14.87
C ILE E 289 -27.15 -6.23 -15.04
N ARG E 290 -26.35 -7.05 -14.39
CA ARG E 290 -24.90 -6.94 -14.42
C ARG E 290 -24.32 -8.12 -15.18
N TRP E 291 -23.09 -7.94 -15.67
CA TRP E 291 -22.38 -9.05 -16.29
C TRP E 291 -22.14 -10.15 -15.26
N GLY E 292 -22.33 -11.39 -15.69
CA GLY E 292 -22.14 -12.51 -14.78
C GLY E 292 -23.33 -12.80 -13.90
N GLN E 293 -24.50 -12.24 -14.20
CA GLN E 293 -25.69 -12.45 -13.40
C GLN E 293 -26.59 -13.47 -14.07
N PRO E 294 -26.85 -14.62 -13.45
CA PRO E 294 -27.70 -15.63 -14.08
C PRO E 294 -29.12 -15.13 -14.25
N PHE E 295 -29.77 -15.60 -15.31
CA PHE E 295 -31.16 -15.24 -15.58
C PHE E 295 -31.78 -16.30 -16.48
N ARG E 296 -33.11 -16.27 -16.57
CA ARG E 296 -33.86 -17.16 -17.43
C ARG E 296 -34.52 -16.37 -18.53
N LEU E 297 -34.41 -16.86 -19.77
CA LEU E 297 -35.08 -16.25 -20.90
C LEU E 297 -36.40 -16.98 -21.16
N ARG E 298 -37.50 -16.24 -21.13
CA ARG E 298 -38.83 -16.79 -21.30
C ARG E 298 -39.43 -16.27 -22.59
N HIS E 299 -39.94 -17.18 -23.41
CA HIS E 299 -40.58 -16.78 -24.66
C HIS E 299 -42.01 -16.34 -24.38
N VAL E 300 -42.32 -15.09 -24.71
CA VAL E 300 -43.53 -14.46 -24.18
C VAL E 300 -44.79 -15.14 -24.71
N THR E 301 -44.88 -15.32 -26.03
CA THR E 301 -46.14 -15.78 -26.60
C THR E 301 -46.38 -17.26 -26.35
N THR E 302 -45.31 -18.06 -26.23
CA THR E 302 -45.46 -19.48 -25.94
C THR E 302 -45.35 -19.81 -24.47
N GLY E 303 -44.77 -18.93 -23.66
CA GLY E 303 -44.65 -19.19 -22.24
C GLY E 303 -43.67 -20.27 -21.87
N LYS E 304 -42.67 -20.53 -22.69
CA LYS E 304 -41.68 -21.56 -22.45
C LYS E 304 -40.30 -20.95 -22.32
N TYR E 305 -39.45 -21.61 -21.53
CA TYR E 305 -38.15 -21.07 -21.17
C TYR E 305 -37.04 -21.70 -21.99
N LEU E 306 -36.08 -20.87 -22.38
CA LEU E 306 -34.93 -21.37 -23.12
C LEU E 306 -34.09 -22.29 -22.25
N SER E 307 -33.58 -23.36 -22.85
CA SER E 307 -32.83 -24.37 -22.11
C SER E 307 -31.90 -25.14 -23.04
N LEU E 308 -30.92 -25.81 -22.43
CA LEU E 308 -29.95 -26.63 -23.15
C LEU E 308 -30.26 -28.10 -22.90
N MET E 309 -30.25 -28.88 -23.98
CA MET E 309 -30.47 -30.33 -23.87
C MET E 309 -29.20 -31.05 -23.41
N GLU E 310 -29.39 -32.25 -22.88
CA GLU E 310 -28.25 -33.12 -22.60
C GLU E 310 -27.54 -33.51 -23.89
N ASP E 311 -28.25 -33.48 -25.01
CA ASP E 311 -27.65 -33.74 -26.31
C ASP E 311 -27.12 -32.44 -26.91
N LYS E 312 -26.92 -31.44 -26.06
CA LYS E 312 -26.23 -30.20 -26.43
C LYS E 312 -27.00 -29.45 -27.51
N ASN E 313 -28.31 -29.35 -27.34
CA ASN E 313 -29.16 -28.66 -28.29
C ASN E 313 -30.07 -27.70 -27.54
N LEU E 314 -30.37 -26.56 -28.14
CA LEU E 314 -31.25 -25.58 -27.52
C LEU E 314 -32.70 -25.96 -27.78
N LEU E 315 -33.45 -26.19 -26.71
CA LEU E 315 -34.86 -26.56 -26.81
C LEU E 315 -35.66 -25.91 -25.70
N LEU E 316 -36.84 -25.41 -26.05
CA LEU E 316 -37.75 -24.80 -25.09
C LEU E 316 -38.50 -25.88 -24.32
N MET E 317 -38.51 -25.78 -22.99
CA MET E 317 -39.43 -26.61 -22.22
C MET E 317 -40.38 -25.75 -21.42
N ASP E 318 -41.16 -26.45 -20.59
CA ASP E 318 -42.28 -25.89 -19.87
C ASP E 318 -41.86 -25.36 -18.49
N LYS E 319 -42.79 -24.61 -17.88
CA LYS E 319 -42.57 -24.05 -16.56
C LYS E 319 -42.31 -25.13 -15.52
N GLU E 320 -43.00 -26.25 -15.64
CA GLU E 320 -42.88 -27.31 -14.64
C GLU E 320 -41.52 -27.97 -14.67
N LYS E 321 -40.91 -28.07 -15.85
CA LYS E 321 -39.65 -28.79 -15.97
C LYS E 321 -38.52 -27.87 -16.44
N ALA E 322 -38.66 -26.57 -16.18
CA ALA E 322 -37.58 -25.60 -16.41
C ALA E 322 -36.72 -25.52 -15.14
N ASP E 323 -35.64 -26.29 -15.12
CA ASP E 323 -34.72 -26.28 -13.99
C ASP E 323 -33.66 -25.20 -14.17
N VAL E 324 -33.13 -24.72 -13.04
CA VAL E 324 -32.07 -23.72 -13.09
C VAL E 324 -30.83 -24.27 -13.78
N LYS E 325 -30.48 -25.52 -13.50
CA LYS E 325 -29.31 -26.12 -14.12
C LYS E 325 -29.40 -26.07 -15.64
N SER E 326 -30.61 -26.24 -16.17
CA SER E 326 -30.78 -26.27 -17.61
C SER E 326 -31.09 -24.90 -18.19
N THR E 327 -31.82 -24.06 -17.45
CA THR E 327 -32.38 -22.84 -17.99
C THR E 327 -31.70 -21.57 -17.50
N ALA E 328 -30.45 -21.66 -17.03
CA ALA E 328 -29.73 -20.49 -16.56
C ALA E 328 -28.73 -20.04 -17.60
N PHE E 329 -28.76 -18.74 -17.91
CA PHE E 329 -27.86 -18.15 -18.90
C PHE E 329 -27.25 -16.88 -18.33
N THR E 330 -26.19 -16.41 -18.99
CA THR E 330 -25.41 -15.29 -18.51
C THR E 330 -25.03 -14.40 -19.69
N PHE E 331 -24.92 -13.10 -19.42
CA PHE E 331 -24.42 -12.13 -20.40
C PHE E 331 -22.98 -11.82 -20.04
N ARG E 332 -22.08 -12.01 -21.00
CA ARG E 332 -20.66 -11.76 -20.78
C ARG E 332 -20.14 -10.75 -21.78
N SER E 333 -19.27 -9.85 -21.31
CA SER E 333 -18.78 -8.76 -22.14
C SER E 333 -17.89 -9.27 -23.27
N SER E 334 -17.08 -10.29 -22.99
CA SER E 334 -16.12 -10.77 -23.97
C SER E 334 -16.02 -12.29 -23.92
N LYS E 335 -15.42 -12.86 -24.95
CA LYS E 335 -15.18 -14.29 -25.05
C LYS E 335 -14.09 -14.78 -24.11
N GLU E 336 -13.53 -13.91 -23.28
CA GLU E 336 -12.44 -14.30 -22.40
C GLU E 336 -12.88 -15.38 -21.43
N LYS E 337 -11.97 -16.31 -21.16
CA LYS E 337 -12.28 -17.46 -20.31
C LYS E 337 -12.15 -17.17 -18.83
N LEU E 338 -11.77 -15.95 -18.44
CA LEU E 338 -11.70 -15.61 -17.03
C LEU E 338 -13.07 -15.72 -16.40
N ASP E 339 -13.16 -16.39 -15.25
CA ASP E 339 -14.43 -16.59 -14.60
C ASP E 339 -14.85 -15.34 -13.84
N VAL E 340 -16.16 -15.07 -13.84
CA VAL E 340 -16.67 -13.93 -13.09
C VAL E 340 -16.63 -14.17 -11.59
N GLY E 341 -16.39 -15.41 -11.15
CA GLY E 341 -16.36 -15.69 -9.73
C GLY E 341 -17.74 -15.53 -9.11
N VAL E 342 -17.76 -15.07 -7.87
CA VAL E 342 -19.00 -14.83 -7.13
C VAL E 342 -19.02 -13.37 -6.70
N ARG E 343 -20.17 -12.72 -6.91
CA ARG E 343 -20.35 -11.33 -6.53
C ARG E 343 -21.47 -11.20 -5.51
N LYS E 344 -21.23 -10.37 -4.50
CA LYS E 344 -22.25 -10.11 -3.48
C LYS E 344 -23.43 -9.38 -4.11
N GLU E 345 -24.60 -10.02 -4.06
CA GLU E 345 -25.79 -9.42 -4.63
C GLU E 345 -26.18 -8.18 -3.86
N VAL E 346 -26.13 -7.04 -4.54
CA VAL E 346 -26.46 -5.76 -3.91
C VAL E 346 -27.96 -5.66 -3.73
N ASP E 347 -28.39 -5.21 -2.54
CA ASP E 347 -29.81 -5.03 -2.24
C ASP E 347 -30.24 -3.62 -2.65
N GLY E 348 -30.29 -3.42 -3.96
CA GLY E 348 -30.68 -2.14 -4.50
C GLY E 348 -30.81 -2.24 -6.01
N MET E 349 -31.05 -1.09 -6.63
CA MET E 349 -31.19 -1.07 -8.09
C MET E 349 -29.88 -1.36 -8.79
N GLY E 350 -28.76 -1.19 -8.12
CA GLY E 350 -27.47 -1.50 -8.71
C GLY E 350 -26.97 -0.43 -9.65
N THR E 351 -25.87 -0.75 -10.31
CA THR E 351 -25.21 0.14 -11.25
C THR E 351 -25.50 -0.30 -12.68
N SER E 352 -25.73 0.67 -13.56
CA SER E 352 -26.01 0.37 -14.95
C SER E 352 -24.77 -0.18 -15.62
N GLU E 353 -24.89 -1.37 -16.22
CA GLU E 353 -23.74 -1.99 -16.88
C GLU E 353 -24.02 -2.49 -18.29
N ILE E 354 -25.26 -2.80 -18.66
CA ILE E 354 -25.59 -3.26 -19.99
C ILE E 354 -26.51 -2.24 -20.64
N LYS E 355 -26.12 -1.76 -21.81
CA LYS E 355 -26.82 -0.69 -22.50
C LYS E 355 -27.50 -1.24 -23.75
N TYR E 356 -28.75 -0.84 -23.97
CA TYR E 356 -29.48 -1.28 -25.15
C TYR E 356 -28.81 -0.74 -26.41
N GLY E 357 -28.59 -1.62 -27.38
CA GLY E 357 -28.01 -1.23 -28.64
C GLY E 357 -26.51 -1.02 -28.61
N ASP E 358 -26.05 -0.16 -27.70
CA ASP E 358 -24.63 0.17 -27.65
C ASP E 358 -23.79 -1.04 -27.23
N SER E 359 -24.19 -1.71 -26.16
CA SER E 359 -23.41 -2.83 -25.64
C SER E 359 -23.56 -4.05 -26.53
N VAL E 360 -22.47 -4.82 -26.62
CA VAL E 360 -22.45 -6.09 -27.35
C VAL E 360 -22.25 -7.19 -26.32
N CYS E 361 -23.15 -8.18 -26.33
CA CYS E 361 -23.17 -9.21 -25.31
C CYS E 361 -22.99 -10.59 -25.93
N TYR E 362 -22.49 -11.51 -25.13
CA TYR E 362 -22.31 -12.91 -25.51
C TYR E 362 -23.03 -13.78 -24.50
N ILE E 363 -23.87 -14.70 -24.98
CA ILE E 363 -24.63 -15.57 -24.10
C ILE E 363 -23.83 -16.81 -23.79
N GLN E 364 -23.79 -17.17 -22.51
CA GLN E 364 -23.08 -18.36 -22.07
C GLN E 364 -23.93 -19.11 -21.05
N HIS E 365 -24.03 -20.42 -21.23
CA HIS E 365 -24.72 -21.25 -20.25
C HIS E 365 -23.94 -21.25 -18.94
N VAL E 366 -24.69 -21.17 -17.83
CA VAL E 366 -24.03 -21.03 -16.53
C VAL E 366 -23.24 -22.28 -16.18
N ASP E 367 -23.82 -23.47 -16.38
CA ASP E 367 -23.16 -24.69 -15.94
C ASP E 367 -22.14 -25.17 -16.97
N THR E 368 -22.58 -25.44 -18.20
CA THR E 368 -21.69 -25.97 -19.21
C THR E 368 -20.65 -24.96 -19.69
N GLY E 369 -20.89 -23.67 -19.48
CA GLY E 369 -19.97 -22.66 -19.96
C GLY E 369 -19.91 -22.53 -21.47
N LEU E 370 -20.82 -23.20 -22.18
CA LEU E 370 -20.79 -23.15 -23.63
C LEU E 370 -21.30 -21.79 -24.11
N TRP E 371 -20.94 -21.43 -25.33
CA TRP E 371 -21.35 -20.15 -25.90
C TRP E 371 -22.39 -20.36 -26.99
N LEU E 372 -23.45 -19.56 -26.95
CA LEU E 372 -24.48 -19.64 -27.97
C LEU E 372 -23.97 -19.11 -29.30
N THR E 373 -24.22 -19.86 -30.37
CA THR E 373 -23.69 -19.52 -31.68
C THR E 373 -24.62 -20.06 -32.75
N TYR E 374 -24.39 -19.59 -33.97
CA TYR E 374 -25.16 -20.05 -35.12
C TYR E 374 -24.43 -21.19 -35.82
N GLN E 375 -25.19 -22.22 -36.21
CA GLN E 375 -24.57 -23.38 -36.83
C GLN E 375 -24.06 -23.07 -38.24
N SER E 376 -24.54 -22.00 -38.85
CA SER E 376 -24.14 -21.51 -40.17
C SER E 376 -24.43 -22.50 -41.28
N VAL E 377 -25.39 -23.41 -41.10
CA VAL E 377 -25.77 -24.37 -42.13
C VAL E 377 -27.05 -23.89 -42.79
N ASP E 378 -27.09 -23.97 -44.12
CA ASP E 378 -28.24 -23.52 -44.88
C ASP E 378 -28.88 -24.68 -45.64
N SER E 386 -36.44 -17.24 -43.75
CA SER E 386 -35.45 -16.57 -44.58
C SER E 386 -34.09 -17.23 -44.45
N ILE E 387 -33.21 -16.61 -43.65
CA ILE E 387 -31.88 -17.18 -43.44
C ILE E 387 -31.98 -18.53 -42.73
N GLN E 388 -32.82 -18.61 -41.69
CA GLN E 388 -33.15 -19.87 -41.02
C GLN E 388 -31.91 -20.63 -40.58
N ARG E 389 -30.92 -19.89 -40.08
CA ARG E 389 -29.73 -20.55 -39.53
C ARG E 389 -30.00 -21.02 -38.11
N LYS E 390 -29.65 -22.27 -37.85
CA LYS E 390 -29.97 -22.89 -36.57
C LYS E 390 -29.07 -22.34 -35.47
N ALA E 391 -29.63 -22.27 -34.26
CA ALA E 391 -28.91 -21.84 -33.08
C ALA E 391 -28.41 -23.07 -32.35
N ILE E 392 -27.09 -23.24 -32.30
CA ILE E 392 -26.47 -24.40 -31.67
C ILE E 392 -25.55 -23.89 -30.57
N MET E 393 -25.27 -24.76 -29.60
CA MET E 393 -24.67 -24.35 -28.34
C MET E 393 -23.30 -25.00 -28.25
N HIS E 394 -22.25 -24.18 -28.35
CA HIS E 394 -20.91 -24.67 -28.68
C HIS E 394 -19.89 -24.31 -27.61
N HIS E 395 -18.84 -25.13 -27.54
CA HIS E 395 -17.76 -24.90 -26.58
C HIS E 395 -17.02 -23.60 -26.85
N GLU E 396 -16.67 -23.34 -28.11
CA GLU E 396 -15.91 -22.16 -28.48
C GLU E 396 -16.73 -21.18 -29.31
N GLY E 397 -17.44 -21.67 -30.31
CA GLY E 397 -18.29 -20.81 -31.11
C GLY E 397 -17.51 -19.98 -32.10
N HIS E 398 -18.25 -19.21 -32.88
CA HIS E 398 -17.65 -18.34 -33.88
C HIS E 398 -17.19 -17.04 -33.23
N MET E 399 -16.38 -16.29 -33.98
CA MET E 399 -15.88 -15.02 -33.47
C MET E 399 -16.98 -13.96 -33.44
N ASP E 400 -17.92 -14.03 -34.40
CA ASP E 400 -19.00 -13.05 -34.48
C ASP E 400 -20.29 -13.60 -33.85
N ASP E 401 -20.20 -13.85 -32.54
CA ASP E 401 -21.34 -14.33 -31.77
C ASP E 401 -21.96 -13.26 -30.91
N GLY E 402 -21.51 -12.01 -31.03
CA GLY E 402 -22.06 -10.95 -30.21
C GLY E 402 -23.47 -10.60 -30.65
N ILE E 403 -24.30 -10.20 -29.70
CA ILE E 403 -25.67 -9.82 -29.97
C ILE E 403 -25.89 -8.39 -29.52
N SER E 404 -27.01 -7.82 -29.93
CA SER E 404 -27.46 -6.52 -29.48
C SER E 404 -28.83 -6.65 -28.83
N LEU E 405 -29.11 -5.75 -27.91
CA LEU E 405 -30.33 -5.79 -27.11
C LEU E 405 -31.22 -4.62 -27.48
N SER E 406 -32.48 -4.92 -27.82
CA SER E 406 -33.46 -3.90 -28.16
C SER E 406 -34.68 -4.07 -27.27
N ARG E 407 -35.05 -3.01 -26.57
CA ARG E 407 -36.20 -3.07 -25.69
C ARG E 407 -37.49 -2.99 -26.49
N SER E 408 -38.54 -3.60 -25.97
CA SER E 408 -39.84 -3.66 -26.64
C SER E 408 -40.79 -2.66 -25.99
N GLN E 409 -41.69 -2.11 -26.80
CA GLN E 409 -42.67 -1.16 -26.29
C GLN E 409 -43.63 -1.85 -25.33
N HIS E 410 -44.17 -1.05 -24.40
CA HIS E 410 -45.09 -1.59 -23.41
C HIS E 410 -46.34 -2.15 -24.08
N GLU E 411 -46.87 -1.45 -25.07
CA GLU E 411 -48.04 -1.95 -25.79
C GLU E 411 -47.75 -3.28 -26.46
N GLU E 412 -46.59 -3.39 -27.10
CA GLU E 412 -46.21 -4.63 -27.77
C GLU E 412 -46.04 -5.78 -26.80
N SER E 413 -45.41 -5.54 -25.65
CA SER E 413 -45.25 -6.60 -24.65
C SER E 413 -46.60 -7.04 -24.10
N ARG E 414 -47.47 -6.07 -23.81
CA ARG E 414 -48.79 -6.39 -23.30
C ARG E 414 -49.57 -7.23 -24.29
N THR E 415 -49.52 -6.86 -25.57
CA THR E 415 -50.22 -7.63 -26.60
C THR E 415 -49.70 -9.05 -26.71
N ALA E 416 -48.38 -9.25 -26.62
CA ALA E 416 -47.83 -10.60 -26.66
C ALA E 416 -48.30 -11.44 -25.49
N ARG E 417 -48.29 -10.89 -24.28
CA ARG E 417 -48.78 -11.70 -23.16
C ARG E 417 -50.28 -11.94 -23.28
N VAL E 418 -51.03 -10.99 -23.83
CA VAL E 418 -52.45 -11.21 -24.08
C VAL E 418 -52.64 -12.37 -25.04
N ILE E 419 -51.82 -12.42 -26.09
CA ILE E 419 -51.89 -13.51 -27.06
C ILE E 419 -51.64 -14.84 -26.37
N TRP E 420 -50.60 -14.91 -25.52
CA TRP E 420 -50.32 -16.16 -24.81
C TRP E 420 -51.47 -16.59 -23.92
N SER E 421 -51.96 -15.68 -23.07
CA SER E 421 -53.04 -16.02 -22.17
C SER E 421 -54.32 -16.37 -22.88
N THR E 422 -54.59 -15.77 -24.03
CA THR E 422 -55.81 -16.08 -24.77
C THR E 422 -55.70 -17.41 -25.48
N VAL E 423 -54.54 -17.71 -26.08
CA VAL E 423 -54.39 -18.97 -26.79
C VAL E 423 -54.43 -20.13 -25.79
N PHE E 424 -53.90 -19.93 -24.59
CA PHE E 424 -53.99 -20.97 -23.57
C PHE E 424 -55.45 -21.31 -23.26
N LEU E 425 -56.25 -20.30 -22.95
CA LEU E 425 -57.64 -20.53 -22.59
C LEU E 425 -58.42 -21.12 -23.75
N PHE E 426 -58.20 -20.63 -24.96
CA PHE E 426 -58.94 -21.14 -26.11
C PHE E 426 -58.53 -22.56 -26.47
N ASN E 427 -57.26 -22.92 -26.29
CA ASN E 427 -56.86 -24.31 -26.45
C ASN E 427 -57.52 -25.21 -25.42
N ARG E 428 -57.63 -24.75 -24.17
CA ARG E 428 -58.37 -25.53 -23.18
C ARG E 428 -59.83 -25.69 -23.60
N PHE E 429 -60.45 -24.62 -24.08
CA PHE E 429 -61.82 -24.69 -24.58
C PHE E 429 -61.98 -25.69 -25.71
N ILE E 430 -61.06 -25.66 -26.67
CA ILE E 430 -61.12 -26.57 -27.81
C ILE E 430 -60.95 -28.01 -27.36
N ARG E 431 -60.01 -28.26 -26.45
CA ARG E 431 -59.82 -29.62 -25.96
C ARG E 431 -61.06 -30.12 -25.23
N GLY E 432 -61.68 -29.27 -24.41
CA GLY E 432 -62.90 -29.68 -23.73
C GLY E 432 -64.02 -29.98 -24.70
N LEU E 433 -64.18 -29.14 -25.72
CA LEU E 433 -65.22 -29.38 -26.72
C LEU E 433 -64.94 -30.67 -27.49
N ASP E 434 -63.67 -30.94 -27.80
CA ASP E 434 -63.34 -32.17 -28.50
C ASP E 434 -63.64 -33.39 -27.64
N ALA E 435 -63.35 -33.31 -26.33
CA ALA E 435 -63.68 -34.41 -25.45
C ALA E 435 -65.19 -34.65 -25.38
N LEU E 436 -65.97 -33.56 -25.27
CA LEU E 436 -67.41 -33.71 -25.26
C LEU E 436 -67.92 -34.30 -26.57
N SER E 437 -67.29 -33.94 -27.69
CA SER E 437 -67.64 -34.55 -28.97
C SER E 437 -67.30 -36.02 -29.02
N LYS E 438 -66.14 -36.42 -28.49
CA LYS E 438 -65.77 -37.82 -28.39
C LYS E 438 -66.48 -38.52 -27.23
N LYS E 439 -67.44 -37.86 -26.61
CA LYS E 439 -68.41 -38.46 -25.69
C LYS E 439 -67.82 -38.80 -24.33
N ALA E 440 -66.85 -38.04 -23.85
CA ALA E 440 -66.41 -38.19 -22.48
C ALA E 440 -67.50 -37.71 -21.53
N LYS E 441 -67.37 -38.09 -20.27
CA LYS E 441 -68.36 -37.70 -19.27
C LYS E 441 -68.38 -36.18 -19.11
N ALA E 442 -69.59 -35.64 -18.98
CA ALA E 442 -69.74 -34.20 -18.83
C ALA E 442 -69.09 -33.68 -17.55
N SER E 443 -69.00 -34.52 -16.53
CA SER E 443 -68.42 -34.09 -15.26
C SER E 443 -66.90 -33.99 -15.34
N THR E 444 -66.25 -34.95 -16.02
CA THR E 444 -64.78 -34.95 -16.05
C THR E 444 -64.25 -33.88 -16.99
N VAL E 445 -65.07 -33.44 -17.95
CA VAL E 445 -64.62 -32.41 -18.89
C VAL E 445 -64.67 -31.05 -18.22
N ASP E 446 -63.57 -30.31 -18.31
CA ASP E 446 -63.47 -28.95 -17.79
C ASP E 446 -63.75 -27.98 -18.94
N LEU E 447 -64.89 -27.31 -18.87
CA LEU E 447 -65.29 -26.39 -19.93
C LEU E 447 -65.31 -24.98 -19.38
N PRO E 448 -64.30 -24.16 -19.65
CA PRO E 448 -64.18 -22.84 -19.01
C PRO E 448 -65.14 -21.81 -19.60
N ILE E 449 -66.44 -22.01 -19.34
CA ILE E 449 -67.45 -21.15 -19.95
C ILE E 449 -67.32 -19.72 -19.46
N GLU E 450 -67.25 -19.52 -18.14
CA GLU E 450 -67.21 -18.17 -17.59
C GLU E 450 -65.92 -17.46 -17.99
N SER E 451 -64.79 -18.17 -17.92
CA SER E 451 -63.52 -17.57 -18.29
C SER E 451 -63.50 -17.20 -19.76
N VAL E 452 -64.04 -18.06 -20.62
CA VAL E 452 -64.12 -17.76 -22.04
C VAL E 452 -64.99 -16.54 -22.30
N SER E 453 -66.15 -16.44 -21.64
CA SER E 453 -67.00 -15.27 -21.84
C SER E 453 -66.30 -13.99 -21.38
N LEU E 454 -65.65 -14.03 -20.22
CA LEU E 454 -64.98 -12.84 -19.71
C LEU E 454 -63.82 -12.43 -20.62
N SER E 455 -63.04 -13.40 -21.09
CA SER E 455 -61.94 -13.09 -22.00
C SER E 455 -62.43 -12.62 -23.36
N LEU E 456 -63.58 -13.09 -23.82
CA LEU E 456 -64.15 -12.65 -25.08
C LEU E 456 -64.68 -11.23 -24.98
N GLN E 457 -65.22 -10.84 -23.82
CA GLN E 457 -65.59 -9.45 -23.59
C GLN E 457 -64.39 -8.54 -23.44
N ASP E 458 -63.37 -8.95 -22.68
CA ASP E 458 -62.18 -8.13 -22.54
C ASP E 458 -61.47 -7.98 -23.88
N LEU E 459 -61.44 -9.04 -24.70
CA LEU E 459 -60.80 -8.94 -26.00
C LEU E 459 -61.52 -7.97 -26.92
N ILE E 460 -62.85 -7.99 -26.91
CA ILE E 460 -63.60 -7.02 -27.71
C ILE E 460 -63.32 -5.60 -27.22
N GLY E 461 -63.29 -5.39 -25.91
CA GLY E 461 -62.92 -4.08 -25.40
C GLY E 461 -61.51 -3.69 -25.82
N TYR E 462 -60.61 -4.66 -25.87
CA TYR E 462 -59.23 -4.40 -26.25
C TYR E 462 -59.11 -3.98 -27.71
N PHE E 463 -59.92 -4.59 -28.58
CA PHE E 463 -59.94 -4.25 -30.00
C PHE E 463 -61.05 -3.26 -30.35
N HIS E 464 -61.61 -2.60 -29.35
CA HIS E 464 -62.66 -1.61 -29.62
C HIS E 464 -62.11 -0.46 -30.44
N PRO E 465 -62.82 -0.04 -31.48
CA PRO E 465 -62.35 1.08 -32.32
C PRO E 465 -62.42 2.39 -31.56
N PRO E 466 -61.58 3.35 -31.92
CA PRO E 466 -61.61 4.65 -31.23
C PRO E 466 -62.93 5.37 -31.48
N ASP E 467 -63.33 6.18 -30.52
CA ASP E 467 -64.54 6.97 -30.65
C ASP E 467 -64.28 8.22 -31.49
N GLU E 468 -65.35 8.76 -32.06
CA GLU E 468 -65.22 9.86 -33.02
C GLU E 468 -65.02 11.21 -32.35
N HIS E 469 -65.62 11.43 -31.18
CA HIS E 469 -65.57 12.76 -30.59
C HIS E 469 -64.20 13.08 -30.01
N LEU E 470 -63.29 12.11 -29.96
CA LEU E 470 -61.97 12.36 -29.41
C LEU E 470 -61.19 13.31 -30.32
N GLU E 471 -60.11 13.87 -29.76
CA GLU E 471 -59.25 14.75 -30.53
C GLU E 471 -58.54 13.97 -31.62
N HIS E 472 -58.07 14.70 -32.64
CA HIS E 472 -57.49 14.06 -33.81
C HIS E 472 -56.23 13.28 -33.46
N GLU E 473 -55.34 13.88 -32.68
CA GLU E 473 -54.08 13.21 -32.34
C GLU E 473 -54.33 11.96 -31.50
N ASP E 474 -55.22 12.06 -30.51
CA ASP E 474 -55.54 10.91 -29.68
C ASP E 474 -56.18 9.81 -30.51
N LYS E 475 -57.08 10.19 -31.43
CA LYS E 475 -57.71 9.21 -32.29
C LYS E 475 -56.69 8.50 -33.15
N GLN E 476 -55.73 9.26 -33.69
CA GLN E 476 -54.67 8.65 -34.50
C GLN E 476 -53.84 7.68 -33.67
N ASN E 477 -53.50 8.05 -32.42
CA ASN E 477 -52.72 7.17 -31.57
C ASN E 477 -53.47 5.87 -31.30
N ARG E 478 -54.77 5.99 -30.99
CA ARG E 478 -55.56 4.79 -30.72
C ARG E 478 -55.69 3.92 -31.95
N LEU E 479 -55.86 4.52 -33.13
CA LEU E 479 -55.92 3.74 -34.36
C LEU E 479 -54.62 3.02 -34.63
N ARG E 480 -53.49 3.69 -34.38
CA ARG E 480 -52.19 3.04 -34.57
C ARG E 480 -52.02 1.86 -33.62
N ALA E 481 -52.41 2.04 -32.36
CA ALA E 481 -52.32 0.93 -31.41
C ALA E 481 -53.22 -0.23 -31.84
N LEU E 482 -54.43 0.08 -32.30
CA LEU E 482 -55.34 -0.97 -32.74
C LEU E 482 -54.78 -1.73 -33.94
N LYS E 483 -54.21 -1.01 -34.90
CA LYS E 483 -53.62 -1.67 -36.06
C LYS E 483 -52.47 -2.56 -35.66
N ASN E 484 -51.63 -2.09 -34.73
CA ASN E 484 -50.52 -2.91 -34.26
C ASN E 484 -51.02 -4.18 -33.58
N ARG E 485 -52.06 -4.05 -32.76
CA ARG E 485 -52.63 -5.21 -32.09
C ARG E 485 -53.18 -6.21 -33.10
N GLN E 486 -53.89 -5.71 -34.11
CA GLN E 486 -54.44 -6.61 -35.13
C GLN E 486 -53.33 -7.33 -35.87
N ASN E 487 -52.27 -6.61 -36.23
CA ASN E 487 -51.16 -7.24 -36.95
C ASN E 487 -50.50 -8.32 -36.09
N LEU E 488 -50.26 -8.03 -34.81
CA LEU E 488 -49.63 -9.03 -33.95
C LEU E 488 -50.51 -10.26 -33.80
N PHE E 489 -51.81 -10.06 -33.60
CA PHE E 489 -52.71 -11.19 -33.47
C PHE E 489 -52.72 -12.05 -34.72
N GLN E 490 -52.79 -11.42 -35.90
CA GLN E 490 -52.84 -12.22 -37.11
C GLN E 490 -51.52 -12.92 -37.39
N GLU E 491 -50.40 -12.28 -37.11
CA GLU E 491 -49.11 -12.95 -37.23
C GLU E 491 -48.96 -14.11 -36.28
N GLU E 492 -49.56 -14.04 -35.09
CA GLU E 492 -49.60 -15.19 -34.19
C GLU E 492 -50.73 -16.14 -34.54
N GLY E 493 -51.52 -15.82 -35.57
CA GLY E 493 -52.54 -16.73 -36.04
C GLY E 493 -53.71 -16.91 -35.11
N MET E 494 -54.20 -15.83 -34.51
CA MET E 494 -55.36 -15.90 -33.63
C MET E 494 -56.67 -15.91 -34.39
N ILE E 495 -56.65 -15.62 -35.67
CA ILE E 495 -57.86 -15.74 -36.49
C ILE E 495 -58.30 -17.19 -36.62
N ASN E 496 -57.36 -18.08 -36.93
CA ASN E 496 -57.69 -19.49 -37.08
C ASN E 496 -58.17 -20.11 -35.78
N LEU E 497 -57.67 -19.63 -34.64
CA LEU E 497 -58.15 -20.12 -33.35
C LEU E 497 -59.63 -19.80 -33.16
N VAL E 498 -60.01 -18.56 -33.47
CA VAL E 498 -61.41 -18.16 -33.37
C VAL E 498 -62.25 -18.95 -34.36
N LEU E 499 -61.72 -19.18 -35.56
CA LEU E 499 -62.44 -19.97 -36.54
C LEU E 499 -62.66 -21.40 -36.06
N GLU E 500 -61.65 -21.99 -35.41
CA GLU E 500 -61.80 -23.33 -34.87
C GLU E 500 -62.86 -23.38 -33.78
N CYS E 501 -62.86 -22.39 -32.88
CA CYS E 501 -63.88 -22.34 -31.85
C CYS E 501 -65.28 -22.23 -32.46
N ILE E 502 -65.43 -21.38 -33.47
CA ILE E 502 -66.72 -21.22 -34.13
C ILE E 502 -67.15 -22.51 -34.80
N ASP E 503 -66.23 -23.17 -35.50
CA ASP E 503 -66.55 -24.42 -36.18
C ASP E 503 -66.96 -25.50 -35.18
N ARG E 504 -66.24 -25.59 -34.07
CA ARG E 504 -66.56 -26.62 -33.08
C ARG E 504 -67.83 -26.29 -32.32
N LEU E 505 -68.24 -25.02 -32.32
CA LEU E 505 -69.50 -24.68 -31.67
C LEU E 505 -70.70 -24.85 -32.60
N HIS E 506 -70.51 -24.76 -33.91
CA HIS E 506 -71.64 -25.00 -34.81
C HIS E 506 -71.97 -26.46 -35.03
N VAL E 507 -71.22 -27.40 -34.43
CA VAL E 507 -71.62 -28.79 -34.55
C VAL E 507 -72.94 -29.03 -33.84
N TYR E 508 -73.24 -28.23 -32.82
CA TYR E 508 -74.51 -28.33 -32.12
C TYR E 508 -75.54 -27.42 -32.77
N SER E 509 -76.72 -27.97 -33.05
CA SER E 509 -77.73 -27.23 -33.78
C SER E 509 -78.30 -26.09 -32.96
N SER E 510 -78.53 -26.29 -31.67
CA SER E 510 -79.24 -25.31 -30.88
C SER E 510 -78.72 -25.33 -29.45
N ALA E 511 -79.17 -24.34 -28.66
CA ALA E 511 -78.77 -24.25 -27.27
C ALA E 511 -79.25 -25.45 -26.48
N ALA E 512 -80.44 -25.96 -26.77
CA ALA E 512 -80.91 -27.18 -26.13
C ALA E 512 -80.03 -28.38 -26.44
N HIS E 513 -79.59 -28.52 -27.69
CA HIS E 513 -78.69 -29.61 -28.04
C HIS E 513 -77.37 -29.47 -27.30
N PHE E 514 -76.84 -28.25 -27.21
CA PHE E 514 -75.59 -28.06 -26.50
C PHE E 514 -75.76 -28.31 -25.01
N ALA E 515 -76.93 -28.00 -24.46
CA ALA E 515 -77.19 -28.27 -23.05
C ALA E 515 -77.41 -29.75 -22.80
N ASP E 516 -77.82 -30.51 -23.81
CA ASP E 516 -77.91 -31.95 -23.67
C ASP E 516 -76.52 -32.59 -23.70
N VAL E 517 -75.68 -32.17 -24.65
CA VAL E 517 -74.34 -32.77 -24.74
C VAL E 517 -73.47 -32.30 -23.58
N ALA E 518 -73.26 -30.99 -23.48
CA ALA E 518 -72.55 -30.38 -22.37
C ALA E 518 -73.53 -30.04 -21.25
N GLY E 519 -73.10 -29.21 -20.30
CA GLY E 519 -73.94 -28.86 -19.17
C GLY E 519 -74.97 -27.81 -19.51
N ARG E 520 -75.89 -27.61 -18.56
CA ARG E 520 -76.97 -26.65 -18.72
C ARG E 520 -76.46 -25.23 -18.86
N GLU E 521 -75.46 -24.86 -18.05
CA GLU E 521 -74.89 -23.53 -18.15
C GLU E 521 -74.21 -23.32 -19.50
N ALA E 522 -73.54 -24.36 -20.00
CA ALA E 522 -72.94 -24.28 -21.33
C ALA E 522 -74.01 -24.06 -22.39
N GLY E 523 -75.13 -24.80 -22.27
CA GLY E 523 -76.23 -24.55 -23.19
C GLY E 523 -76.78 -23.15 -23.10
N GLU E 524 -76.84 -22.60 -21.89
CA GLU E 524 -77.30 -21.22 -21.72
C GLU E 524 -76.36 -20.23 -22.40
N SER E 525 -75.06 -20.43 -22.27
CA SER E 525 -74.07 -19.47 -22.77
C SER E 525 -73.66 -19.73 -24.21
N TRP E 526 -74.17 -20.78 -24.84
CA TRP E 526 -73.77 -21.13 -26.20
C TRP E 526 -74.01 -19.98 -27.18
N LYS E 527 -75.21 -19.39 -27.16
CA LYS E 527 -75.54 -18.29 -28.05
C LYS E 527 -74.67 -17.07 -27.82
N SER E 528 -74.46 -16.70 -26.55
CA SER E 528 -73.64 -15.54 -26.23
C SER E 528 -72.20 -15.75 -26.70
N ILE E 529 -71.67 -16.95 -26.49
CA ILE E 529 -70.29 -17.22 -26.91
C ILE E 529 -70.19 -17.16 -28.43
N LEU E 530 -71.17 -17.72 -29.14
CA LEU E 530 -71.14 -17.61 -30.60
C LEU E 530 -71.20 -16.17 -31.07
N ASN E 531 -72.06 -15.34 -30.48
CA ASN E 531 -72.10 -13.94 -30.89
C ASN E 531 -70.78 -13.24 -30.59
N SER E 532 -70.21 -13.50 -29.41
CA SER E 532 -68.97 -12.83 -29.02
C SER E 532 -67.82 -13.23 -29.93
N LEU E 533 -67.78 -14.50 -30.34
CA LEU E 533 -66.70 -14.94 -31.23
C LEU E 533 -66.77 -14.23 -32.57
N TYR E 534 -67.98 -14.10 -33.13
CA TYR E 534 -68.13 -13.40 -34.40
C TYR E 534 -67.79 -11.93 -34.25
N GLU E 535 -68.20 -11.31 -33.14
CA GLU E 535 -67.86 -9.92 -32.90
C GLU E 535 -66.34 -9.74 -32.80
N LEU E 536 -65.66 -10.67 -32.12
CA LEU E 536 -64.21 -10.59 -31.99
C LEU E 536 -63.55 -10.75 -33.36
N LEU E 537 -64.04 -11.66 -34.19
CA LEU E 537 -63.48 -11.82 -35.52
C LEU E 537 -63.64 -10.56 -36.34
N ALA E 538 -64.83 -9.95 -36.27
CA ALA E 538 -65.06 -8.70 -36.99
C ALA E 538 -64.13 -7.61 -36.51
N ALA E 539 -63.94 -7.52 -35.19
CA ALA E 539 -63.02 -6.53 -34.64
C ALA E 539 -61.58 -6.78 -35.01
N LEU E 540 -61.17 -8.04 -35.13
CA LEU E 540 -59.82 -8.39 -35.54
C LEU E 540 -59.54 -8.07 -37.00
N ILE E 541 -60.52 -8.23 -37.88
CA ILE E 541 -60.28 -8.01 -39.31
C ILE E 541 -60.75 -6.65 -39.80
N ARG E 542 -61.47 -5.87 -39.00
CA ARG E 542 -62.04 -4.62 -39.49
C ARG E 542 -60.95 -3.59 -39.74
N GLY E 543 -60.98 -2.97 -40.92
CA GLY E 543 -60.10 -1.89 -41.24
C GLY E 543 -58.69 -2.30 -41.62
N ASN E 544 -58.39 -3.59 -41.66
CA ASN E 544 -57.05 -4.07 -41.93
C ASN E 544 -57.04 -4.78 -43.28
N ARG E 545 -56.37 -4.16 -44.25
CA ARG E 545 -56.31 -4.73 -45.59
C ARG E 545 -55.62 -6.08 -45.62
N LYS E 546 -54.52 -6.23 -44.88
CA LYS E 546 -53.82 -7.51 -44.86
C LYS E 546 -54.67 -8.61 -44.24
N ASN E 547 -55.35 -8.31 -43.14
CA ASN E 547 -56.19 -9.34 -42.51
C ASN E 547 -57.35 -9.71 -43.40
N CYS E 548 -58.00 -8.72 -44.02
CA CYS E 548 -59.10 -9.00 -44.91
C CYS E 548 -58.67 -9.76 -46.15
N ALA E 549 -57.43 -9.54 -46.62
CA ALA E 549 -56.88 -10.33 -47.71
C ALA E 549 -56.57 -11.75 -47.29
N GLN E 550 -56.10 -11.96 -46.06
CA GLN E 550 -55.84 -13.29 -45.55
C GLN E 550 -57.13 -14.07 -45.28
N PHE E 551 -58.24 -13.39 -45.02
CA PHE E 551 -59.49 -14.08 -44.78
C PHE E 551 -60.19 -14.54 -46.05
N SER E 552 -59.59 -14.30 -47.22
CA SER E 552 -60.21 -14.72 -48.47
C SER E 552 -60.37 -16.24 -48.51
N GLY E 553 -59.34 -16.97 -48.11
CA GLY E 553 -59.43 -18.42 -48.15
C GLY E 553 -60.56 -18.97 -47.28
N SER E 554 -60.85 -18.30 -46.19
CA SER E 554 -61.90 -18.72 -45.28
C SER E 554 -63.27 -18.14 -45.64
N LEU E 555 -63.33 -17.20 -46.57
CA LEU E 555 -64.63 -16.65 -46.98
C LEU E 555 -65.60 -17.73 -47.42
N ASP E 556 -65.13 -18.71 -48.20
CA ASP E 556 -66.02 -19.76 -48.68
C ASP E 556 -66.63 -20.55 -47.52
N TRP E 557 -65.83 -20.87 -46.51
CA TRP E 557 -66.34 -21.55 -45.32
C TRP E 557 -67.30 -20.66 -44.54
N LEU E 558 -67.15 -19.35 -44.65
CA LEU E 558 -67.96 -18.43 -43.85
C LEU E 558 -69.39 -18.36 -44.37
N ILE E 559 -69.57 -18.33 -45.68
CA ILE E 559 -70.88 -18.10 -46.28
C ILE E 559 -71.66 -19.40 -46.26
N SER E 560 -71.00 -20.50 -45.91
CA SER E 560 -71.66 -21.79 -45.83
C SER E 560 -72.66 -21.88 -44.70
N ARG E 561 -72.53 -21.04 -43.68
CA ARG E 561 -73.42 -21.04 -42.53
C ARG E 561 -74.23 -19.76 -42.44
N LEU E 562 -74.39 -19.02 -43.54
CA LEU E 562 -75.13 -17.77 -43.51
C LEU E 562 -76.59 -17.99 -43.18
N GLU E 563 -77.15 -19.13 -43.56
CA GLU E 563 -78.59 -19.35 -43.40
C GLU E 563 -78.97 -19.59 -41.94
N ARG E 564 -78.03 -20.05 -41.12
CA ARG E 564 -78.34 -20.34 -39.73
C ARG E 564 -78.72 -19.08 -38.98
N LEU E 565 -79.78 -19.16 -38.19
CA LEU E 565 -80.33 -18.00 -37.50
C LEU E 565 -79.45 -17.52 -36.35
N GLU E 566 -78.62 -18.40 -35.77
CA GLU E 566 -77.78 -18.02 -34.65
C GLU E 566 -76.48 -17.36 -35.07
N ALA E 567 -76.21 -17.28 -36.38
CA ALA E 567 -74.95 -16.71 -36.85
C ALA E 567 -75.11 -15.77 -38.04
N SER E 568 -76.34 -15.52 -38.49
CA SER E 568 -76.53 -14.73 -39.71
C SER E 568 -76.01 -13.31 -39.56
N SER E 569 -76.32 -12.65 -38.44
CA SER E 569 -75.90 -11.26 -38.28
C SER E 569 -74.38 -11.13 -38.18
N GLY E 570 -73.74 -11.99 -37.39
CA GLY E 570 -72.30 -11.93 -37.27
C GLY E 570 -71.60 -12.26 -38.57
N ILE E 571 -72.08 -13.30 -39.27
CA ILE E 571 -71.48 -13.65 -40.55
C ILE E 571 -71.66 -12.51 -41.54
N LEU E 572 -72.82 -11.87 -41.54
CA LEU E 572 -73.04 -10.74 -42.44
C LEU E 572 -72.11 -9.59 -42.13
N GLU E 573 -71.90 -9.29 -40.84
CA GLU E 573 -70.98 -8.21 -40.47
C GLU E 573 -69.56 -8.52 -40.90
N VAL E 574 -69.10 -9.75 -40.67
CA VAL E 574 -67.75 -10.13 -41.09
C VAL E 574 -67.60 -10.04 -42.60
N LEU E 575 -68.62 -10.54 -43.32
CA LEU E 575 -68.59 -10.47 -44.77
C LEU E 575 -68.55 -9.03 -45.26
N HIS E 576 -69.35 -8.15 -44.65
CA HIS E 576 -69.32 -6.75 -45.02
C HIS E 576 -67.96 -6.12 -44.80
N CYS E 577 -67.33 -6.38 -43.65
CA CYS E 577 -66.00 -5.84 -43.41
C CYS E 577 -65.00 -6.33 -44.45
N VAL E 578 -65.01 -7.63 -44.73
CA VAL E 578 -64.06 -8.20 -45.68
C VAL E 578 -64.27 -7.62 -47.07
N LEU E 579 -65.52 -7.56 -47.51
CA LEU E 579 -65.81 -7.05 -48.86
C LEU E 579 -65.46 -5.58 -48.98
N VAL E 580 -65.69 -4.80 -47.92
CA VAL E 580 -65.35 -3.38 -47.97
C VAL E 580 -63.84 -3.21 -48.06
N GLU E 581 -63.09 -3.99 -47.30
CA GLU E 581 -61.65 -3.71 -47.17
C GLU E 581 -60.79 -4.39 -48.23
N SER E 582 -61.06 -5.64 -48.59
CA SER E 582 -60.15 -6.40 -49.44
C SER E 582 -60.69 -6.53 -50.86
N PRO E 583 -60.01 -5.98 -51.87
CA PRO E 583 -60.43 -6.23 -53.25
C PRO E 583 -60.32 -7.68 -53.67
N GLU E 584 -59.43 -8.46 -53.05
CA GLU E 584 -59.27 -9.86 -53.43
C GLU E 584 -60.49 -10.70 -53.09
N ALA E 585 -61.31 -10.24 -52.14
CA ALA E 585 -62.51 -10.98 -51.77
C ALA E 585 -63.49 -11.04 -52.92
N LEU E 586 -63.68 -9.92 -53.64
CA LEU E 586 -64.64 -9.90 -54.73
C LEU E 586 -64.21 -10.81 -55.86
N ASN E 587 -62.91 -11.00 -56.04
CA ASN E 587 -62.41 -11.91 -57.07
C ASN E 587 -62.73 -13.37 -56.78
N ILE E 588 -63.05 -13.71 -55.53
CA ILE E 588 -63.37 -15.10 -55.22
C ILE E 588 -64.83 -15.29 -54.85
N ILE E 589 -65.58 -14.21 -54.62
CA ILE E 589 -67.02 -14.36 -54.46
C ILE E 589 -67.61 -14.76 -55.82
N LYS E 590 -68.40 -15.83 -55.83
CA LYS E 590 -68.89 -16.40 -57.07
C LYS E 590 -70.41 -16.33 -57.16
N GLU E 591 -70.96 -16.90 -58.23
CA GLU E 591 -72.40 -16.86 -58.45
C GLU E 591 -73.16 -17.59 -57.35
N GLY E 592 -72.65 -18.72 -56.90
CA GLY E 592 -73.30 -19.41 -55.80
C GLY E 592 -73.35 -18.60 -54.52
N HIS E 593 -72.25 -17.94 -54.17
CA HIS E 593 -72.24 -17.06 -53.01
C HIS E 593 -73.22 -15.90 -53.16
N ILE E 594 -73.24 -15.25 -54.32
CA ILE E 594 -74.20 -14.17 -54.55
C ILE E 594 -75.64 -14.65 -54.45
N LYS E 595 -75.96 -15.81 -55.03
CA LYS E 595 -77.30 -16.36 -54.91
C LYS E 595 -77.66 -16.74 -53.49
N SER E 596 -76.71 -17.26 -52.70
CA SER E 596 -76.98 -17.52 -51.29
C SER E 596 -77.28 -16.23 -50.55
N ILE E 597 -76.49 -15.17 -50.80
CA ILE E 597 -76.75 -13.90 -50.13
C ILE E 597 -78.11 -13.35 -50.54
N ILE E 598 -78.50 -13.53 -51.80
CA ILE E 598 -79.81 -13.07 -52.24
C ILE E 598 -80.92 -13.86 -51.58
N SER E 599 -80.79 -15.19 -51.52
CA SER E 599 -81.81 -16.01 -50.89
C SER E 599 -81.92 -15.72 -49.40
N LEU E 600 -80.83 -15.20 -48.81
CA LEU E 600 -80.92 -14.72 -47.44
C LEU E 600 -82.03 -13.68 -47.30
N LEU E 601 -82.14 -12.76 -48.26
CA LEU E 601 -83.21 -11.78 -48.24
C LEU E 601 -84.59 -12.41 -48.32
N ASP E 602 -84.75 -13.41 -49.18
CA ASP E 602 -86.04 -14.08 -49.37
C ASP E 602 -86.46 -14.86 -48.13
N LYS E 603 -85.52 -15.52 -47.46
CA LYS E 603 -85.88 -16.33 -46.31
C LYS E 603 -86.00 -15.53 -45.03
N HIS E 604 -85.14 -14.54 -44.82
CA HIS E 604 -85.10 -13.79 -43.57
C HIS E 604 -85.79 -12.43 -43.65
N GLY E 605 -86.45 -12.13 -44.77
CA GLY E 605 -87.16 -10.88 -44.91
C GLY E 605 -86.26 -9.72 -45.29
N ARG E 606 -86.86 -8.53 -45.30
CA ARG E 606 -86.15 -7.33 -45.71
C ARG E 606 -85.13 -6.92 -44.65
N ASN E 607 -83.88 -6.80 -45.06
CA ASN E 607 -82.80 -6.37 -44.19
C ASN E 607 -81.83 -5.53 -45.00
N HIS E 608 -81.71 -4.25 -44.64
CA HIS E 608 -80.89 -3.34 -45.43
C HIS E 608 -79.41 -3.67 -45.35
N LYS E 609 -78.98 -4.45 -44.36
CA LYS E 609 -77.60 -4.88 -44.31
C LYS E 609 -77.23 -5.82 -45.45
N VAL E 610 -78.16 -6.68 -45.87
CA VAL E 610 -77.93 -7.51 -47.04
C VAL E 610 -77.78 -6.63 -48.27
N LEU E 611 -78.59 -5.58 -48.38
CA LEU E 611 -78.46 -4.65 -49.50
C LEU E 611 -77.11 -3.95 -49.46
N ASP E 612 -76.64 -3.58 -48.27
CA ASP E 612 -75.32 -2.96 -48.15
C ASP E 612 -74.21 -3.91 -48.60
N VAL E 613 -74.32 -5.19 -48.20
CA VAL E 613 -73.34 -6.17 -48.63
C VAL E 613 -73.35 -6.31 -50.14
N LEU E 614 -74.55 -6.37 -50.73
CA LEU E 614 -74.65 -6.46 -52.18
C LEU E 614 -74.10 -5.23 -52.89
N CYS E 615 -74.29 -4.04 -52.32
CA CYS E 615 -73.68 -2.83 -52.87
C CYS E 615 -72.17 -2.89 -52.82
N SER E 616 -71.60 -3.33 -51.70
CA SER E 616 -70.16 -3.50 -51.61
C SER E 616 -69.64 -4.56 -52.58
N LEU E 617 -70.48 -5.54 -52.93
CA LEU E 617 -70.07 -6.55 -53.90
C LEU E 617 -69.84 -5.95 -55.28
N CYS E 618 -70.47 -4.82 -55.58
CA CYS E 618 -70.40 -4.26 -56.93
C CYS E 618 -69.14 -3.45 -57.14
N VAL E 619 -68.94 -2.41 -56.33
CA VAL E 619 -67.84 -1.47 -56.50
C VAL E 619 -67.00 -1.49 -55.23
N CYS E 620 -65.68 -1.63 -55.39
CA CYS E 620 -64.73 -1.57 -54.28
C CYS E 620 -63.61 -0.61 -54.65
N HIS E 621 -63.45 0.43 -53.83
CA HIS E 621 -62.35 1.40 -53.98
C HIS E 621 -62.39 2.06 -55.36
N GLY E 622 -63.60 2.26 -55.89
CA GLY E 622 -63.78 2.92 -57.16
C GLY E 622 -63.70 2.00 -58.36
N VAL E 623 -63.43 0.72 -58.15
CA VAL E 623 -63.38 -0.24 -59.25
C VAL E 623 -64.65 -1.08 -59.23
N ALA E 624 -65.29 -1.19 -60.39
CA ALA E 624 -66.56 -1.89 -60.52
C ALA E 624 -66.33 -3.30 -61.04
N VAL E 625 -66.99 -4.27 -60.42
CA VAL E 625 -66.90 -5.66 -60.83
C VAL E 625 -68.14 -5.95 -61.67
N ARG E 626 -67.95 -5.97 -63.00
CA ARG E 626 -69.09 -6.08 -63.90
C ARG E 626 -69.76 -7.44 -63.79
N SER E 627 -68.99 -8.50 -63.54
CA SER E 627 -69.60 -9.81 -63.36
C SER E 627 -70.52 -9.83 -62.14
N ASN E 628 -70.08 -9.25 -61.03
CA ASN E 628 -70.93 -9.17 -59.85
C ASN E 628 -72.15 -8.32 -60.12
N GLN E 629 -71.98 -7.19 -60.82
CA GLN E 629 -73.12 -6.34 -61.14
C GLN E 629 -74.16 -7.11 -61.96
N HIS E 630 -73.71 -7.80 -63.01
CA HIS E 630 -74.62 -8.56 -63.85
C HIS E 630 -75.31 -9.67 -63.07
N LEU E 631 -74.57 -10.40 -62.24
CA LEU E 631 -75.18 -11.48 -61.47
C LEU E 631 -76.22 -10.96 -60.50
N ILE E 632 -75.90 -9.87 -59.79
CA ILE E 632 -76.87 -9.32 -58.84
C ILE E 632 -78.12 -8.86 -59.57
N CYS E 633 -77.94 -8.13 -60.69
CA CYS E 633 -79.11 -7.68 -61.44
C CYS E 633 -79.96 -8.85 -61.90
N ASP E 634 -79.37 -9.80 -62.61
CA ASP E 634 -80.12 -10.89 -63.22
C ASP E 634 -80.70 -11.86 -62.20
N ASN E 635 -80.16 -11.90 -60.98
CA ASN E 635 -80.68 -12.82 -59.97
C ASN E 635 -81.65 -12.16 -59.01
N LEU E 636 -81.65 -10.84 -58.90
CA LEU E 636 -82.53 -10.17 -57.96
C LEU E 636 -83.66 -9.39 -58.64
N LEU E 637 -83.34 -8.57 -59.63
CA LEU E 637 -84.32 -7.65 -60.18
C LEU E 637 -85.51 -8.32 -60.87
N PRO E 638 -85.31 -9.28 -61.77
CA PRO E 638 -86.45 -9.75 -62.58
C PRO E 638 -87.59 -10.36 -61.77
N GLY E 639 -87.31 -10.86 -60.57
CA GLY E 639 -88.36 -11.49 -59.79
C GLY E 639 -89.48 -10.54 -59.42
N ARG E 640 -89.13 -9.31 -59.05
CA ARG E 640 -90.09 -8.31 -58.57
C ARG E 640 -90.92 -8.86 -57.41
N ASP E 641 -90.26 -9.59 -56.51
CA ASP E 641 -90.93 -10.18 -55.37
C ASP E 641 -90.29 -9.85 -54.03
N LEU E 642 -89.10 -9.28 -54.00
CA LEU E 642 -88.44 -8.94 -52.74
C LEU E 642 -88.36 -7.43 -52.54
N LEU E 643 -87.79 -6.70 -53.50
CA LEU E 643 -87.72 -5.25 -53.38
C LEU E 643 -89.08 -4.62 -53.59
N LEU E 644 -89.32 -3.51 -52.91
CA LEU E 644 -90.56 -2.78 -53.07
C LEU E 644 -90.64 -2.19 -54.47
N GLN E 645 -91.83 -2.22 -55.06
CA GLN E 645 -92.07 -1.78 -56.42
C GLN E 645 -92.80 -0.45 -56.44
N THR E 646 -92.41 0.42 -57.36
CA THR E 646 -92.96 1.76 -57.46
C THR E 646 -93.58 1.98 -58.83
N ARG E 647 -94.66 2.74 -58.84
CA ARG E 647 -95.40 3.01 -60.08
C ARG E 647 -96.29 4.23 -59.86
N LEU E 648 -96.50 4.99 -60.93
CA LEU E 648 -97.40 6.13 -60.91
C LEU E 648 -98.81 5.67 -61.23
N VAL E 649 -99.76 6.07 -60.40
CA VAL E 649 -101.17 5.71 -60.58
C VAL E 649 -101.98 6.98 -60.63
N ASN E 650 -102.87 7.07 -61.62
CA ASN E 650 -103.76 8.21 -61.72
C ASN E 650 -104.75 8.23 -60.56
N HIS E 651 -105.02 9.41 -60.03
CA HIS E 651 -106.02 9.55 -58.99
C HIS E 651 -107.39 9.23 -59.54
N VAL E 652 -108.20 8.52 -58.75
CA VAL E 652 -109.52 8.10 -59.16
C VAL E 652 -110.53 8.58 -58.12
N SER E 653 -111.57 9.27 -58.57
CA SER E 653 -112.64 9.76 -57.71
C SER E 653 -113.95 9.09 -58.09
N SER E 654 -114.91 9.13 -57.16
CA SER E 654 -116.20 8.52 -57.35
C SER E 654 -117.30 9.50 -56.94
N MET E 655 -118.38 9.53 -57.71
CA MET E 655 -119.52 10.38 -57.43
C MET E 655 -120.80 9.54 -57.46
N ARG E 656 -121.70 9.84 -56.52
CA ARG E 656 -122.91 9.06 -56.36
C ARG E 656 -124.10 9.99 -56.13
N PRO E 657 -125.30 9.55 -56.49
CA PRO E 657 -126.50 10.31 -56.15
C PRO E 657 -126.84 10.17 -54.68
N ASN E 658 -127.89 10.89 -54.28
CA ASN E 658 -128.34 10.88 -52.89
C ASN E 658 -129.06 9.60 -52.51
N ILE E 659 -129.64 8.88 -53.47
CA ILE E 659 -130.55 7.80 -53.15
C ILE E 659 -129.80 6.66 -52.46
N PHE E 660 -130.52 5.94 -51.61
CA PHE E 660 -130.00 4.75 -50.93
C PHE E 660 -131.02 3.63 -51.11
N LEU E 661 -130.67 2.61 -51.87
CA LEU E 661 -131.56 1.51 -52.19
C LEU E 661 -131.18 0.30 -51.36
N GLY E 662 -132.15 -0.25 -50.63
CA GLY E 662 -131.93 -1.42 -49.82
C GLY E 662 -133.13 -2.34 -49.85
N VAL E 663 -132.90 -3.58 -49.43
CA VAL E 663 -133.94 -4.60 -49.38
C VAL E 663 -133.94 -5.21 -47.99
N SER E 664 -135.13 -5.35 -47.41
CA SER E 664 -135.29 -5.97 -46.11
C SER E 664 -136.70 -6.52 -46.00
N GLU E 665 -136.86 -7.52 -45.14
CA GLU E 665 -138.17 -8.13 -44.96
C GLU E 665 -139.12 -7.15 -44.27
N GLY E 666 -140.32 -7.04 -44.82
CA GLY E 666 -141.31 -6.12 -44.27
C GLY E 666 -140.89 -4.67 -44.39
N SER E 667 -140.32 -4.29 -45.53
CA SER E 667 -139.91 -2.92 -45.79
C SER E 667 -140.54 -2.42 -47.07
N ALA E 668 -140.90 -1.14 -47.08
CA ALA E 668 -141.57 -0.53 -48.22
C ALA E 668 -140.57 0.09 -49.19
N GLN E 669 -139.68 -0.75 -49.72
CA GLN E 669 -138.71 -0.33 -50.71
C GLN E 669 -138.79 -1.23 -51.93
N TYR E 670 -138.87 -0.60 -53.11
CA TYR E 670 -139.01 -1.35 -54.36
C TYR E 670 -137.68 -2.00 -54.73
N LYS E 671 -137.76 -3.25 -55.20
CA LYS E 671 -136.56 -4.05 -55.37
C LYS E 671 -135.91 -3.89 -56.74
N LYS E 672 -136.54 -3.20 -57.68
CA LYS E 672 -135.99 -3.03 -59.02
C LYS E 672 -135.74 -1.55 -59.29
N TRP E 673 -134.55 -1.25 -59.83
CA TRP E 673 -134.15 0.12 -60.08
C TRP E 673 -133.38 0.19 -61.38
N TYR E 674 -133.34 1.39 -61.96
CA TYR E 674 -132.78 1.57 -63.29
C TYR E 674 -132.34 3.01 -63.47
N TYR E 675 -131.16 3.20 -64.05
CA TYR E 675 -130.65 4.53 -64.38
C TYR E 675 -129.69 4.41 -65.54
N GLU E 676 -129.35 5.55 -66.12
CA GLU E 676 -128.51 5.58 -67.31
C GLU E 676 -127.41 6.61 -67.14
N LEU E 677 -126.27 6.34 -67.78
CA LEU E 677 -125.13 7.24 -67.82
C LEU E 677 -124.64 7.33 -69.25
N MET E 678 -124.48 8.55 -69.76
CA MET E 678 -123.96 8.75 -71.11
C MET E 678 -122.71 9.61 -71.04
N VAL E 679 -121.71 9.25 -71.84
CA VAL E 679 -120.41 9.90 -71.83
C VAL E 679 -120.41 10.97 -72.90
N ASP E 680 -120.36 12.24 -72.49
CA ASP E 680 -120.29 13.33 -73.45
C ASP E 680 -118.90 13.38 -74.09
N HIS E 681 -117.85 13.16 -73.30
CA HIS E 681 -116.50 13.21 -73.81
C HIS E 681 -115.58 12.42 -72.89
N THR E 682 -114.58 11.77 -73.48
CA THR E 682 -113.60 11.01 -72.71
C THR E 682 -112.31 10.94 -73.51
N GLU E 683 -111.22 11.33 -72.88
CA GLU E 683 -109.91 11.25 -73.53
C GLU E 683 -109.22 9.95 -73.12
N PRO E 684 -108.91 9.06 -74.06
CA PRO E 684 -108.35 7.75 -73.68
C PRO E 684 -107.03 7.85 -72.93
N PHE E 685 -106.19 8.82 -73.26
CA PHE E 685 -104.85 8.94 -72.71
C PHE E 685 -104.56 10.41 -72.40
N VAL E 686 -104.88 10.83 -71.17
CA VAL E 686 -104.49 12.16 -70.72
C VAL E 686 -103.09 12.15 -70.14
N THR E 687 -102.60 10.99 -69.69
CA THR E 687 -101.24 10.84 -69.19
C THR E 687 -100.69 9.56 -69.79
N ALA E 688 -99.55 9.10 -69.25
CA ALA E 688 -98.95 7.87 -69.73
C ALA E 688 -99.83 6.66 -69.44
N GLU E 689 -100.70 6.75 -68.44
CA GLU E 689 -101.59 5.65 -68.08
C GLU E 689 -102.97 5.87 -68.67
N ALA E 690 -103.71 4.78 -68.78
CA ALA E 690 -105.03 4.82 -69.40
C ALA E 690 -106.03 5.54 -68.51
N THR E 691 -106.95 6.26 -69.14
CA THR E 691 -108.01 6.92 -68.40
C THR E 691 -108.96 5.88 -67.81
N HIS E 692 -109.35 6.11 -66.57
CA HIS E 692 -110.20 5.20 -65.82
C HIS E 692 -111.63 5.72 -65.88
N LEU E 693 -112.57 4.85 -66.24
CA LEU E 693 -113.99 5.21 -66.29
C LEU E 693 -114.81 3.94 -66.13
N ARG E 694 -115.44 3.78 -64.98
CA ARG E 694 -116.26 2.62 -64.67
C ARG E 694 -117.60 3.07 -64.09
N VAL E 695 -118.65 2.35 -64.43
CA VAL E 695 -119.99 2.66 -63.96
C VAL E 695 -120.63 1.37 -63.43
N GLY E 696 -121.52 1.53 -62.47
CA GLY E 696 -122.21 0.39 -61.91
C GLY E 696 -122.82 0.76 -60.57
N TRP E 697 -123.06 -0.27 -59.77
CA TRP E 697 -123.66 -0.12 -58.45
C TRP E 697 -122.66 -0.46 -57.36
N ALA E 698 -122.79 0.23 -56.23
CA ALA E 698 -121.98 -0.05 -55.05
C ALA E 698 -122.88 -0.05 -53.83
N SER E 699 -122.47 -0.81 -52.82
CA SER E 699 -123.24 -0.95 -51.59
C SER E 699 -122.47 -0.38 -50.42
N THR E 700 -123.15 -0.31 -49.28
CA THR E 700 -122.57 0.18 -48.04
C THR E 700 -122.47 -0.96 -47.03
N GLU E 701 -121.53 -0.81 -46.10
CA GLU E 701 -121.34 -1.77 -45.03
C GLU E 701 -122.38 -1.51 -43.94
N GLY E 702 -123.25 -2.48 -43.71
CA GLY E 702 -124.31 -2.29 -42.73
C GLY E 702 -125.27 -1.23 -43.19
N TYR E 703 -125.68 -0.37 -42.28
CA TYR E 703 -126.60 0.71 -42.60
C TYR E 703 -125.97 2.09 -42.55
N SER E 704 -124.65 2.18 -42.41
CA SER E 704 -123.97 3.46 -42.45
C SER E 704 -124.03 4.03 -43.86
N PRO E 705 -124.25 5.33 -44.01
CA PRO E 705 -124.30 5.93 -45.35
C PRO E 705 -122.93 5.97 -46.00
N TYR E 706 -121.91 5.65 -45.24
CA TYR E 706 -120.54 5.66 -45.72
C TYR E 706 -120.28 4.45 -46.61
N PRO E 707 -119.80 4.64 -47.83
CA PRO E 707 -119.47 3.50 -48.69
C PRO E 707 -118.44 2.60 -48.03
N GLY E 708 -118.62 1.30 -48.17
CA GLY E 708 -117.80 0.36 -47.43
C GLY E 708 -116.80 -0.41 -48.26
N GLY E 709 -115.74 -0.89 -47.61
CA GLY E 709 -114.80 -1.80 -48.24
C GLY E 709 -113.73 -1.18 -49.08
N GLY E 710 -113.71 0.14 -49.23
CA GLY E 710 -112.75 0.79 -50.08
C GLY E 710 -112.08 1.96 -49.39
N GLU E 711 -110.92 2.35 -49.94
CA GLU E 711 -110.18 3.47 -49.42
C GLU E 711 -110.85 4.79 -49.80
N GLU E 712 -110.67 5.79 -48.93
CA GLU E 712 -111.25 7.11 -49.20
C GLU E 712 -110.63 7.75 -50.43
N TRP E 713 -109.31 7.63 -50.56
CA TRP E 713 -108.56 8.20 -51.67
C TRP E 713 -107.54 7.20 -52.18
N GLY E 714 -107.17 7.36 -53.44
CA GLY E 714 -106.22 6.46 -54.08
C GLY E 714 -106.61 6.26 -55.54
N GLY E 715 -106.12 5.15 -56.09
CA GLY E 715 -106.43 4.81 -57.46
C GLY E 715 -107.51 3.77 -57.60
N ASN E 716 -108.28 3.56 -56.53
CA ASN E 716 -109.32 2.54 -56.51
C ASN E 716 -110.65 3.11 -56.95
N GLY E 717 -111.41 2.32 -57.70
CA GLY E 717 -112.70 2.75 -58.18
C GLY E 717 -113.78 1.69 -58.08
N VAL E 718 -114.81 1.81 -58.90
CA VAL E 718 -115.93 0.88 -58.90
C VAL E 718 -115.46 -0.51 -59.32
N GLY E 719 -115.50 -1.47 -58.40
CA GLY E 719 -115.19 -2.86 -58.68
C GLY E 719 -113.93 -3.36 -58.00
N ASP E 720 -113.08 -2.44 -57.53
CA ASP E 720 -111.84 -2.87 -56.90
C ASP E 720 -112.10 -3.64 -55.60
N ASP E 721 -113.08 -3.20 -54.83
CA ASP E 721 -113.46 -3.94 -53.63
C ASP E 721 -114.63 -4.87 -53.93
N LEU E 722 -115.00 -5.67 -52.93
CA LEU E 722 -116.10 -6.61 -53.04
C LEU E 722 -117.44 -5.98 -52.68
N PHE E 723 -117.45 -4.69 -52.40
CA PHE E 723 -118.68 -3.96 -52.10
C PHE E 723 -119.20 -3.19 -53.29
N SER E 724 -118.55 -3.29 -54.44
CA SER E 724 -118.90 -2.48 -55.60
C SER E 724 -118.88 -3.35 -56.85
N TYR E 725 -119.61 -2.92 -57.88
CA TYR E 725 -119.81 -3.72 -59.09
C TYR E 725 -119.77 -2.78 -60.27
N GLY E 726 -118.86 -3.04 -61.22
CA GLY E 726 -118.56 -2.08 -62.25
C GLY E 726 -118.57 -2.68 -63.65
N PHE E 727 -118.44 -1.79 -64.63
CA PHE E 727 -118.44 -2.14 -66.04
C PHE E 727 -117.73 -1.04 -66.81
N ASP E 728 -116.65 -1.39 -67.49
CA ASP E 728 -115.85 -0.42 -68.21
C ASP E 728 -116.04 -0.49 -69.72
N GLY E 729 -117.00 -1.26 -70.21
CA GLY E 729 -117.25 -1.43 -71.63
C GLY E 729 -116.69 -2.72 -72.19
N LEU E 730 -115.73 -3.33 -71.49
CA LEU E 730 -115.14 -4.59 -71.91
C LEU E 730 -115.11 -5.64 -70.82
N HIS E 731 -115.11 -5.25 -69.56
CA HIS E 731 -114.97 -6.19 -68.46
C HIS E 731 -116.00 -5.92 -67.38
N LEU E 732 -116.34 -6.96 -66.63
CA LEU E 732 -117.14 -6.82 -65.43
C LEU E 732 -116.22 -6.83 -64.22
N TRP E 733 -116.26 -5.76 -63.44
CA TRP E 733 -115.30 -5.53 -62.37
C TRP E 733 -115.93 -5.81 -61.03
N SER E 734 -115.29 -6.64 -60.22
CA SER E 734 -115.74 -6.92 -58.88
C SER E 734 -114.60 -7.55 -58.09
N GLY E 735 -114.27 -6.94 -56.95
CA GLY E 735 -113.20 -7.47 -56.14
C GLY E 735 -111.81 -7.30 -56.71
N CYS E 736 -111.63 -6.35 -57.63
CA CYS E 736 -110.38 -6.03 -58.30
C CYS E 736 -109.97 -7.09 -59.31
N ILE E 737 -110.85 -8.03 -59.62
CA ILE E 737 -110.63 -8.99 -60.71
C ILE E 737 -111.63 -8.67 -61.82
N ALA E 738 -111.11 -8.55 -63.05
CA ALA E 738 -111.91 -8.20 -64.21
C ALA E 738 -112.05 -9.42 -65.11
N ARG E 739 -113.26 -9.66 -65.59
CA ARG E 739 -113.54 -10.71 -66.54
C ARG E 739 -114.18 -10.13 -67.79
N THR E 740 -113.65 -10.52 -68.94
CA THR E 740 -114.13 -10.02 -70.22
C THR E 740 -115.53 -10.53 -70.49
N VAL E 741 -116.41 -9.61 -70.88
CA VAL E 741 -117.81 -9.94 -71.15
C VAL E 741 -118.11 -9.58 -72.60
N SER E 742 -118.85 -10.45 -73.29
CA SER E 742 -119.15 -10.23 -74.69
C SER E 742 -120.19 -9.14 -74.86
N SER E 743 -120.18 -8.51 -76.02
CA SER E 743 -121.13 -7.46 -76.37
C SER E 743 -120.98 -7.16 -77.85
N PRO E 744 -122.07 -6.77 -78.52
CA PRO E 744 -121.95 -6.39 -79.94
C PRO E 744 -121.05 -5.17 -80.09
N ASN E 745 -120.04 -5.30 -80.94
CA ASN E 745 -119.07 -4.25 -81.20
C ASN E 745 -118.40 -3.81 -79.89
N GLN E 746 -117.66 -4.75 -79.30
CA GLN E 746 -116.95 -4.48 -78.07
C GLN E 746 -116.01 -3.29 -78.22
N HIS E 747 -116.06 -2.38 -77.25
CA HIS E 747 -115.12 -1.26 -77.22
C HIS E 747 -115.11 -0.66 -75.82
N LEU E 748 -113.98 -0.05 -75.46
CA LEU E 748 -113.91 0.72 -74.24
C LEU E 748 -114.86 1.91 -74.33
N LEU E 749 -115.30 2.41 -73.19
CA LEU E 749 -116.29 3.48 -73.16
C LEU E 749 -115.80 4.71 -73.91
N ARG E 750 -116.47 5.03 -75.01
CA ARG E 750 -116.09 6.12 -75.89
C ARG E 750 -117.01 7.31 -75.68
N THR E 751 -116.81 8.34 -76.49
CA THR E 751 -117.73 9.48 -76.53
C THR E 751 -119.07 9.04 -77.10
N ASP E 752 -120.14 9.56 -76.51
CA ASP E 752 -121.51 9.30 -76.97
C ASP E 752 -121.87 7.83 -76.83
N ASP E 753 -121.62 7.29 -75.64
CA ASP E 753 -122.02 5.94 -75.28
C ASP E 753 -123.00 6.00 -74.13
N VAL E 754 -124.18 5.41 -74.32
CA VAL E 754 -125.23 5.40 -73.32
C VAL E 754 -125.20 4.06 -72.61
N ILE E 755 -125.05 4.10 -71.29
CA ILE E 755 -124.94 2.90 -70.47
C ILE E 755 -126.17 2.85 -69.57
N SER E 756 -126.87 1.72 -69.61
CA SER E 756 -128.05 1.53 -68.77
C SER E 756 -127.75 0.44 -67.75
N CYS E 757 -127.90 0.78 -66.47
CA CYS E 757 -127.60 -0.12 -65.37
C CYS E 757 -128.89 -0.58 -64.73
N CYS E 758 -129.02 -1.88 -64.51
CA CYS E 758 -130.23 -2.46 -63.92
C CYS E 758 -129.85 -3.20 -62.65
N LEU E 759 -130.57 -2.94 -61.57
CA LEU E 759 -130.35 -3.59 -60.29
C LEU E 759 -131.67 -4.22 -59.84
N ASP E 760 -131.63 -5.53 -59.58
CA ASP E 760 -132.79 -6.26 -59.11
C ASP E 760 -132.45 -6.89 -57.76
N LEU E 761 -133.15 -6.45 -56.72
CA LEU E 761 -132.86 -6.91 -55.37
C LEU E 761 -133.69 -8.09 -54.93
N SER E 762 -134.79 -8.39 -55.63
CA SER E 762 -135.58 -9.57 -55.28
C SER E 762 -134.76 -10.83 -55.42
N ALA E 763 -134.10 -10.99 -56.56
CA ALA E 763 -133.06 -11.99 -56.74
C ALA E 763 -131.79 -11.23 -57.09
N PRO E 764 -130.74 -11.30 -56.28
CA PRO E 764 -129.55 -10.46 -56.51
C PRO E 764 -129.03 -10.58 -57.92
N SER E 765 -129.12 -9.48 -58.68
CA SER E 765 -128.73 -9.52 -60.09
C SER E 765 -128.49 -8.09 -60.55
N ILE E 766 -127.29 -7.83 -61.07
CA ILE E 766 -126.94 -6.55 -61.66
C ILE E 766 -126.61 -6.80 -63.12
N SER E 767 -127.33 -6.13 -64.02
CA SER E 767 -127.15 -6.32 -65.45
C SER E 767 -126.96 -4.98 -66.12
N PHE E 768 -126.28 -5.01 -67.27
CA PHE E 768 -125.96 -3.81 -68.02
C PHE E 768 -126.43 -3.95 -69.46
N ARG E 769 -126.67 -2.81 -70.09
CA ARG E 769 -126.98 -2.74 -71.51
C ARG E 769 -126.27 -1.54 -72.10
N ILE E 770 -125.40 -1.78 -73.07
CA ILE E 770 -124.63 -0.72 -73.72
C ILE E 770 -125.34 -0.32 -75.00
N ASN E 771 -125.63 0.97 -75.14
CA ASN E 771 -126.24 1.54 -76.33
C ASN E 771 -127.54 0.82 -76.71
N GLY E 772 -128.22 0.24 -75.73
CA GLY E 772 -129.44 -0.49 -75.97
C GLY E 772 -129.27 -1.97 -76.21
N GLN E 773 -128.07 -2.42 -76.53
CA GLN E 773 -127.94 -3.86 -76.68
C GLN E 773 -127.54 -4.50 -75.35
N PRO E 774 -128.06 -5.69 -75.07
CA PRO E 774 -127.74 -6.35 -73.79
C PRO E 774 -126.28 -6.76 -73.73
N VAL E 775 -125.74 -6.76 -72.52
CA VAL E 775 -124.39 -7.23 -72.27
C VAL E 775 -124.47 -8.63 -71.70
N GLN E 776 -123.84 -9.59 -72.38
CA GLN E 776 -123.98 -11.01 -72.04
C GLN E 776 -123.17 -11.36 -70.78
N GLY E 777 -123.61 -10.80 -69.67
CA GLY E 777 -123.00 -11.07 -68.39
C GLY E 777 -123.66 -10.29 -67.27
N MET E 778 -123.67 -10.84 -66.05
CA MET E 778 -124.33 -10.18 -64.94
C MET E 778 -123.71 -10.65 -63.63
N PHE E 779 -123.81 -9.79 -62.61
CA PHE E 779 -123.44 -10.14 -61.25
C PHE E 779 -124.63 -10.76 -60.56
N GLU E 780 -124.40 -11.82 -59.79
CA GLU E 780 -125.50 -12.52 -59.15
C GLU E 780 -125.10 -12.93 -57.75
N ASN E 781 -126.12 -13.09 -56.90
CA ASN E 781 -125.97 -13.68 -55.57
C ASN E 781 -124.91 -12.96 -54.74
N PHE E 782 -125.06 -11.64 -54.63
CA PHE E 782 -124.17 -10.88 -53.77
C PHE E 782 -124.85 -10.58 -52.44
N ASN E 783 -124.11 -9.94 -51.55
CA ASN E 783 -124.64 -9.62 -50.23
C ASN E 783 -125.66 -8.49 -50.35
N ILE E 784 -126.80 -8.65 -49.69
CA ILE E 784 -127.89 -7.70 -49.77
C ILE E 784 -128.20 -7.07 -48.42
N ASP E 785 -127.31 -7.24 -47.43
CA ASP E 785 -127.52 -6.67 -46.10
C ASP E 785 -126.87 -5.29 -46.02
N GLY E 786 -127.32 -4.42 -46.92
CA GLY E 786 -126.79 -3.07 -46.98
C GLY E 786 -127.61 -2.23 -47.93
N LEU E 787 -127.16 -0.99 -48.11
CA LEU E 787 -127.84 -0.03 -48.97
C LEU E 787 -127.04 0.16 -50.24
N PHE E 788 -127.71 0.06 -51.38
CA PHE E 788 -127.09 0.19 -52.68
C PHE E 788 -127.34 1.58 -53.25
N PHE E 789 -126.42 2.05 -54.08
CA PHE E 789 -126.55 3.35 -54.72
C PHE E 789 -125.79 3.34 -56.03
N PRO E 790 -126.23 4.13 -57.01
CA PRO E 790 -125.45 4.28 -58.24
C PRO E 790 -124.12 4.96 -57.96
N VAL E 791 -123.13 4.63 -58.78
CA VAL E 791 -121.79 5.18 -58.60
C VAL E 791 -121.05 5.13 -59.92
N VAL E 792 -120.22 6.14 -60.16
CA VAL E 792 -119.29 6.16 -61.29
C VAL E 792 -117.91 6.52 -60.75
N SER E 793 -116.90 5.78 -61.19
CA SER E 793 -115.52 6.05 -60.83
C SER E 793 -114.78 6.54 -62.08
N PHE E 794 -113.89 7.49 -61.91
CA PHE E 794 -113.24 8.10 -63.05
C PHE E 794 -111.92 8.73 -62.65
N SER E 795 -111.10 8.98 -63.65
CA SER E 795 -109.89 9.77 -63.53
C SER E 795 -110.06 11.01 -64.41
N ALA E 796 -108.99 11.77 -64.55
CA ALA E 796 -109.07 13.01 -65.32
C ALA E 796 -109.34 12.72 -66.79
N GLY E 797 -110.13 13.60 -67.40
CA GLY E 797 -110.44 13.50 -68.81
C GLY E 797 -111.77 12.88 -69.14
N ILE E 798 -112.84 13.22 -68.41
CA ILE E 798 -114.15 12.67 -68.69
C ILE E 798 -115.16 13.80 -68.75
N LYS E 799 -116.33 13.50 -69.30
CA LYS E 799 -117.50 14.36 -69.24
C LYS E 799 -118.72 13.46 -69.33
N VAL E 800 -119.32 13.15 -68.19
CA VAL E 800 -120.41 12.18 -68.12
C VAL E 800 -121.61 12.85 -67.47
N ARG E 801 -122.79 12.30 -67.74
CA ARG E 801 -124.05 12.85 -67.27
C ARG E 801 -124.97 11.73 -66.80
N PHE E 802 -125.43 11.84 -65.55
CA PHE E 802 -126.42 10.90 -65.00
C PHE E 802 -127.78 11.20 -65.61
N LEU E 803 -128.40 10.17 -66.17
CA LEU E 803 -129.79 10.23 -66.58
C LEU E 803 -130.59 9.46 -65.53
N LEU E 804 -131.07 10.16 -64.52
CA LEU E 804 -131.73 9.53 -63.38
C LEU E 804 -133.23 9.37 -63.58
N GLY E 805 -133.77 9.88 -64.67
CA GLY E 805 -135.18 9.70 -64.94
C GLY E 805 -136.03 10.84 -64.40
N GLY E 806 -137.21 10.98 -64.97
CA GLY E 806 -138.15 11.99 -64.49
C GLY E 806 -137.66 13.39 -64.79
N ARG E 807 -137.81 14.27 -63.79
CA ARG E 807 -137.40 15.66 -63.97
C ARG E 807 -135.89 15.80 -64.02
N HIS E 808 -135.16 14.93 -63.31
CA HIS E 808 -133.71 15.06 -63.25
C HIS E 808 -133.07 14.72 -64.59
N GLY E 809 -133.55 13.68 -65.25
CA GLY E 809 -133.01 13.29 -66.54
C GLY E 809 -134.06 12.55 -67.34
N GLU E 810 -133.76 12.36 -68.63
CA GLU E 810 -134.64 11.63 -69.52
C GLU E 810 -133.93 10.38 -70.02
N PHE E 811 -134.63 9.26 -70.00
CA PHE E 811 -134.03 8.01 -70.43
C PHE E 811 -134.00 7.94 -71.95
N LYS E 812 -132.84 7.63 -72.52
CA LYS E 812 -132.74 7.47 -73.96
C LYS E 812 -133.36 6.15 -74.40
N PHE E 813 -133.34 5.14 -73.55
CA PHE E 813 -133.98 3.86 -73.81
C PHE E 813 -135.02 3.57 -72.74
N LEU E 814 -136.07 2.88 -73.15
CA LEU E 814 -137.14 2.54 -72.24
C LEU E 814 -136.63 1.56 -71.19
N PRO E 815 -136.92 1.78 -69.91
CA PRO E 815 -136.50 0.86 -68.87
C PRO E 815 -137.11 -0.52 -69.08
N PRO E 816 -136.42 -1.58 -68.67
CA PRO E 816 -137.01 -2.90 -68.75
C PRO E 816 -138.24 -2.99 -67.87
N PRO E 817 -139.19 -3.86 -68.21
CA PRO E 817 -140.44 -3.92 -67.45
C PRO E 817 -140.18 -4.21 -65.98
N GLY E 818 -140.95 -3.56 -65.12
CA GLY E 818 -140.81 -3.73 -63.69
C GLY E 818 -139.85 -2.74 -63.06
N TYR E 819 -138.72 -2.49 -63.72
CA TYR E 819 -137.72 -1.60 -63.15
C TYR E 819 -138.24 -0.17 -63.07
N ALA E 820 -137.92 0.49 -61.96
CA ALA E 820 -138.38 1.84 -61.72
C ALA E 820 -137.21 2.82 -61.81
N PRO E 821 -137.44 4.04 -62.27
CA PRO E 821 -136.37 5.03 -62.33
C PRO E 821 -135.84 5.35 -60.94
N CYS E 822 -134.56 5.69 -60.89
CA CYS E 822 -133.90 5.86 -59.60
C CYS E 822 -134.34 7.12 -58.86
N TYR E 823 -134.92 8.11 -59.55
CA TYR E 823 -135.32 9.31 -58.85
C TYR E 823 -136.51 9.05 -57.92
N GLU E 824 -137.25 7.98 -58.15
CA GLU E 824 -138.43 7.66 -57.36
C GLU E 824 -138.10 7.19 -55.96
N ALA E 825 -136.81 7.03 -55.64
CA ALA E 825 -136.39 6.60 -54.31
C ALA E 825 -135.95 7.75 -53.42
N VAL E 826 -136.02 8.99 -53.90
CA VAL E 826 -135.66 10.13 -53.07
C VAL E 826 -136.70 10.28 -51.96
N LEU E 827 -136.23 10.50 -50.74
CA LEU E 827 -137.14 10.73 -49.64
C LEU E 827 -137.93 12.02 -49.89
N PRO E 828 -139.20 12.06 -49.47
CA PRO E 828 -140.09 13.16 -49.89
C PRO E 828 -139.70 14.54 -49.36
N LYS E 829 -138.61 14.66 -48.62
CA LYS E 829 -138.24 15.95 -48.03
C LYS E 829 -136.94 16.51 -48.58
N GLU E 830 -136.00 15.66 -49.00
CA GLU E 830 -134.71 16.11 -49.48
C GLU E 830 -134.76 16.31 -51.00
N LYS E 831 -133.62 16.73 -51.54
CA LYS E 831 -133.48 16.96 -52.97
C LYS E 831 -132.39 16.06 -53.52
N LEU E 832 -132.67 15.45 -54.67
CA LEU E 832 -131.67 14.61 -55.32
C LEU E 832 -130.52 15.46 -55.84
N LYS E 833 -129.30 15.05 -55.52
CA LYS E 833 -128.11 15.71 -56.03
C LYS E 833 -126.97 14.71 -56.12
N VAL E 834 -126.00 15.01 -56.97
CA VAL E 834 -124.85 14.16 -57.19
C VAL E 834 -123.66 14.80 -56.49
N GLU E 835 -123.10 14.11 -55.49
CA GLU E 835 -121.98 14.61 -54.72
C GLU E 835 -120.90 13.55 -54.65
N HIS E 836 -119.79 13.89 -54.00
CA HIS E 836 -118.68 12.97 -53.86
C HIS E 836 -119.09 11.78 -52.99
N SER E 837 -118.65 10.59 -53.39
CA SER E 837 -118.90 9.41 -52.57
C SER E 837 -118.19 9.53 -51.23
N ARG E 838 -116.96 10.03 -51.22
CA ARG E 838 -116.20 10.20 -50.00
C ARG E 838 -116.40 11.60 -49.44
N GLU E 839 -116.04 11.76 -48.17
CA GLU E 839 -116.36 13.00 -47.46
C GLU E 839 -115.49 14.15 -47.88
N TYR E 840 -114.20 13.91 -48.12
CA TYR E 840 -113.22 14.97 -48.30
C TYR E 840 -112.99 15.24 -49.78
N LYS E 841 -113.00 16.51 -50.15
CA LYS E 841 -112.82 16.94 -51.52
C LYS E 841 -111.71 17.99 -51.60
N GLN E 842 -111.56 18.63 -52.76
CA GLN E 842 -110.54 19.65 -52.96
C GLN E 842 -111.09 21.01 -52.54
N GLU E 843 -110.48 21.61 -51.53
CA GLU E 843 -110.87 22.92 -51.02
C GLU E 843 -109.73 23.46 -50.16
N ARG E 844 -109.87 24.71 -49.71
CA ARG E 844 -108.85 25.32 -48.89
C ARG E 844 -108.73 24.60 -47.55
N THR E 845 -107.49 24.45 -47.08
CA THR E 845 -107.23 23.58 -45.93
C THR E 845 -107.90 24.08 -44.66
N TYR E 846 -107.81 25.38 -44.39
CA TYR E 846 -108.42 25.90 -43.17
C TYR E 846 -109.94 25.93 -43.25
N THR E 847 -110.51 25.91 -44.45
CA THR E 847 -111.95 25.77 -44.61
C THR E 847 -112.41 24.34 -44.73
N ARG E 848 -111.47 23.39 -44.79
CA ARG E 848 -111.84 21.98 -44.86
C ARG E 848 -112.64 21.58 -43.63
N ASP E 849 -113.76 20.93 -43.87
CA ASP E 849 -114.60 20.44 -42.79
C ASP E 849 -114.14 19.05 -42.39
N LEU E 850 -113.69 18.90 -41.15
CA LEU E 850 -113.32 17.61 -40.62
C LEU E 850 -114.56 16.95 -40.04
N LEU E 851 -114.82 15.71 -40.45
CA LEU E 851 -116.03 15.00 -40.07
C LEU E 851 -115.68 13.80 -39.20
N GLY E 852 -116.40 13.66 -38.09
CA GLY E 852 -116.27 12.49 -37.26
C GLY E 852 -117.13 11.37 -37.77
N PRO E 853 -117.29 10.31 -36.97
CA PRO E 853 -118.18 9.21 -37.37
C PRO E 853 -119.60 9.69 -37.55
N THR E 854 -120.29 9.10 -38.52
CA THR E 854 -121.67 9.48 -38.81
C THR E 854 -122.65 8.49 -38.19
N VAL E 855 -123.83 8.99 -37.89
CA VAL E 855 -124.88 8.16 -37.30
C VAL E 855 -125.37 7.15 -38.32
N SER E 856 -125.74 5.97 -37.86
CA SER E 856 -126.23 4.92 -38.75
C SER E 856 -127.52 5.36 -39.43
N LEU E 857 -127.61 5.08 -40.73
CA LEU E 857 -128.77 5.48 -41.52
C LEU E 857 -129.83 4.37 -41.51
N THR E 858 -130.36 4.11 -40.31
CA THR E 858 -131.38 3.08 -40.15
C THR E 858 -132.75 3.51 -40.63
N GLN E 859 -132.99 4.81 -40.77
CA GLN E 859 -134.29 5.29 -41.20
C GLN E 859 -134.48 5.18 -42.71
N ALA E 860 -133.43 4.79 -43.44
CA ALA E 860 -133.56 4.63 -44.88
C ALA E 860 -134.57 3.54 -45.22
N ALA E 861 -134.53 2.43 -44.49
CA ALA E 861 -135.48 1.34 -44.67
C ALA E 861 -136.61 1.50 -43.66
N PHE E 862 -137.80 1.82 -44.15
CA PHE E 862 -138.97 2.04 -43.29
C PHE E 862 -139.67 0.71 -43.08
N THR E 863 -139.41 0.09 -41.94
CA THR E 863 -140.12 -1.10 -41.52
C THR E 863 -141.07 -0.72 -40.39
N PRO E 864 -142.39 -0.70 -40.62
CA PRO E 864 -143.32 -0.30 -39.56
C PRO E 864 -143.31 -1.32 -38.43
N ILE E 865 -142.84 -0.90 -37.27
CA ILE E 865 -142.70 -1.78 -36.11
C ILE E 865 -144.09 -1.95 -35.50
N PRO E 866 -144.57 -3.18 -35.34
CA PRO E 866 -145.86 -3.40 -34.70
C PRO E 866 -145.81 -3.19 -33.20
N VAL E 867 -146.87 -2.58 -32.67
CA VAL E 867 -147.05 -2.51 -31.23
C VAL E 867 -147.89 -3.71 -30.79
N ASP E 868 -147.23 -4.68 -30.16
CA ASP E 868 -147.89 -5.95 -29.84
C ASP E 868 -149.03 -5.74 -28.86
N THR E 869 -150.20 -6.29 -29.20
CA THR E 869 -151.39 -6.13 -28.38
C THR E 869 -152.24 -7.39 -28.27
N SER E 870 -151.80 -8.52 -28.84
CA SER E 870 -152.63 -9.72 -28.82
C SER E 870 -152.85 -10.23 -27.40
N GLN E 871 -151.81 -10.20 -26.58
CA GLN E 871 -151.91 -10.74 -25.23
C GLN E 871 -152.75 -9.85 -24.32
N ILE E 872 -153.10 -8.64 -24.78
CA ILE E 872 -153.91 -7.75 -23.96
C ILE E 872 -155.29 -8.35 -23.75
N VAL E 873 -155.72 -8.36 -22.49
CA VAL E 873 -157.04 -8.86 -22.11
C VAL E 873 -157.92 -7.66 -21.78
N LEU E 874 -159.19 -7.74 -22.19
CA LEU E 874 -160.06 -6.58 -22.06
C LEU E 874 -160.81 -6.62 -20.73
N PRO E 875 -160.73 -5.58 -19.93
CA PRO E 875 -161.46 -5.55 -18.65
C PRO E 875 -162.96 -5.56 -18.87
N PRO E 876 -163.73 -6.04 -17.89
CA PRO E 876 -165.18 -6.19 -18.11
C PRO E 876 -165.91 -4.90 -18.46
N HIS E 877 -165.52 -3.77 -17.87
CA HIS E 877 -166.22 -2.52 -18.18
C HIS E 877 -165.90 -2.03 -19.59
N LEU E 878 -164.65 -2.17 -20.03
CA LEU E 878 -164.36 -1.90 -21.42
C LEU E 878 -165.10 -2.85 -22.35
N GLU E 879 -165.26 -4.11 -21.92
CA GLU E 879 -166.06 -5.06 -22.70
C GLU E 879 -167.51 -4.61 -22.78
N ARG E 880 -168.01 -3.99 -21.72
CA ARG E 880 -169.38 -3.49 -21.74
C ARG E 880 -169.51 -2.29 -22.66
N ILE E 881 -168.46 -1.47 -22.72
CA ILE E 881 -168.59 -0.12 -23.29
C ILE E 881 -168.12 -0.05 -24.74
N ARG E 882 -167.26 -0.98 -25.18
CA ARG E 882 -166.59 -0.77 -26.46
C ARG E 882 -167.52 -0.90 -27.65
N GLU E 883 -168.59 -1.68 -27.54
CA GLU E 883 -169.55 -1.75 -28.63
C GLU E 883 -170.21 -0.39 -28.87
N LYS E 884 -170.69 0.25 -27.80
CA LYS E 884 -171.37 1.52 -27.97
C LYS E 884 -170.38 2.61 -28.36
N LEU E 885 -169.14 2.53 -27.88
CA LEU E 885 -168.10 3.36 -28.49
C LEU E 885 -168.01 3.13 -29.98
N ALA E 886 -168.07 1.87 -30.42
CA ALA E 886 -167.92 1.58 -31.84
C ALA E 886 -168.98 2.29 -32.66
N GLU E 887 -170.26 2.10 -32.34
CA GLU E 887 -171.24 2.70 -33.24
C GLU E 887 -171.37 4.20 -32.98
N ASN E 888 -171.06 4.68 -31.77
CA ASN E 888 -171.12 6.11 -31.52
C ASN E 888 -170.05 6.85 -32.31
N ILE E 889 -168.83 6.31 -32.34
CA ILE E 889 -167.79 6.95 -33.11
C ILE E 889 -168.03 6.73 -34.60
N HIS E 890 -168.74 5.66 -34.97
CA HIS E 890 -169.12 5.50 -36.37
C HIS E 890 -170.10 6.59 -36.81
N GLU E 891 -171.08 6.89 -35.97
CA GLU E 891 -171.99 8.00 -36.26
C GLU E 891 -171.25 9.33 -36.30
N LEU E 892 -170.32 9.55 -35.36
CA LEU E 892 -169.40 10.67 -35.43
C LEU E 892 -168.61 10.70 -36.74
N TRP E 893 -168.23 9.53 -37.22
CA TRP E 893 -167.26 9.40 -38.27
C TRP E 893 -167.94 9.78 -39.58
N VAL E 894 -169.19 9.33 -39.72
CA VAL E 894 -170.02 9.73 -40.84
C VAL E 894 -170.44 11.19 -40.72
N MET E 895 -170.52 11.73 -39.50
CA MET E 895 -170.67 13.18 -39.40
C MET E 895 -169.45 13.90 -39.96
N ASN E 896 -168.26 13.33 -39.76
CA ASN E 896 -167.07 13.90 -40.40
C ASN E 896 -167.19 13.86 -41.92
N LYS E 897 -167.68 12.75 -42.47
CA LYS E 897 -167.83 12.75 -43.94
C LYS E 897 -168.96 13.68 -44.37
N ILE E 898 -169.95 13.93 -43.51
CA ILE E 898 -170.96 14.94 -43.83
C ILE E 898 -170.31 16.32 -43.89
N GLU E 899 -169.44 16.64 -42.95
CA GLU E 899 -168.68 17.88 -43.03
C GLU E 899 -167.88 17.95 -44.31
N LEU E 900 -167.27 16.83 -44.72
CA LEU E 900 -166.60 16.75 -46.00
C LEU E 900 -167.55 16.85 -47.19
N GLY E 901 -168.85 16.65 -46.97
CA GLY E 901 -169.84 16.81 -48.01
C GLY E 901 -170.38 15.54 -48.62
N TRP E 902 -169.97 14.37 -48.13
CA TRP E 902 -170.44 13.12 -48.70
C TRP E 902 -171.92 12.91 -48.41
N GLN E 903 -172.58 12.19 -49.31
CA GLN E 903 -173.98 11.80 -49.14
C GLN E 903 -174.09 10.30 -49.36
N TYR E 904 -175.15 9.71 -48.82
CA TYR E 904 -175.32 8.27 -48.93
C TYR E 904 -175.75 7.88 -50.33
N GLY E 905 -175.17 6.79 -50.83
CA GLY E 905 -175.53 6.26 -52.12
C GLY E 905 -175.12 4.82 -52.28
N PRO E 906 -175.83 4.08 -53.12
CA PRO E 906 -175.45 2.68 -53.37
C PRO E 906 -174.07 2.54 -53.98
N VAL E 907 -173.59 3.59 -54.68
CA VAL E 907 -172.29 3.52 -55.33
C VAL E 907 -171.19 3.80 -54.31
N ARG E 908 -169.97 3.34 -54.63
CA ARG E 908 -168.83 3.46 -53.74
C ARG E 908 -167.94 4.65 -54.08
N ASP E 909 -168.08 5.23 -55.27
CA ASP E 909 -167.15 6.25 -55.73
C ASP E 909 -167.35 7.56 -54.98
N ASP E 910 -166.29 8.02 -54.32
CA ASP E 910 -166.35 9.26 -53.56
C ASP E 910 -166.35 10.49 -54.46
N ASN E 911 -165.81 10.36 -55.68
CA ASN E 911 -165.73 11.50 -56.58
C ASN E 911 -167.11 12.01 -56.95
N LYS E 912 -168.09 11.11 -57.04
CA LYS E 912 -169.47 11.53 -57.28
C LYS E 912 -170.21 11.83 -55.99
N ARG E 913 -169.46 12.03 -54.90
CA ARG E 913 -169.98 12.60 -53.65
C ARG E 913 -170.83 11.59 -52.87
N GLN E 914 -170.94 10.36 -53.38
CA GLN E 914 -171.81 9.35 -52.78
C GLN E 914 -170.97 8.22 -52.21
N HIS E 915 -171.33 7.76 -51.02
CA HIS E 915 -170.64 6.66 -50.36
C HIS E 915 -171.61 6.02 -49.36
N PRO E 916 -171.72 4.70 -49.34
CA PRO E 916 -172.69 4.04 -48.44
C PRO E 916 -172.22 3.89 -47.01
N CYS E 917 -171.02 4.37 -46.67
CA CYS E 917 -170.57 4.34 -45.28
C CYS E 917 -171.39 5.24 -44.38
N LEU E 918 -172.17 6.16 -44.95
CA LEU E 918 -172.98 7.09 -44.19
C LEU E 918 -173.99 6.40 -43.27
N VAL E 919 -174.67 5.36 -43.75
CA VAL E 919 -175.79 4.78 -43.05
C VAL E 919 -175.31 4.02 -41.82
N GLU E 920 -176.26 3.62 -40.96
CA GLU E 920 -175.94 2.97 -39.70
C GLU E 920 -175.15 1.68 -39.92
N PHE E 921 -174.61 1.16 -38.82
CA PHE E 921 -173.72 0.00 -38.90
C PHE E 921 -174.44 -1.22 -39.48
N SER E 922 -175.71 -1.40 -39.12
CA SER E 922 -176.44 -2.57 -39.60
C SER E 922 -176.61 -2.54 -41.12
N LYS E 923 -176.98 -1.38 -41.67
CA LYS E 923 -177.14 -1.29 -43.12
C LYS E 923 -175.82 -0.92 -43.80
N LEU E 924 -174.80 -0.61 -43.02
CA LEU E 924 -173.45 -0.51 -43.54
C LEU E 924 -173.02 -1.88 -44.09
N PRO E 925 -172.22 -1.91 -45.14
CA PRO E 925 -171.52 -3.14 -45.50
C PRO E 925 -170.87 -3.76 -44.27
N GLU E 926 -171.28 -4.99 -43.96
CA GLU E 926 -170.91 -5.59 -42.69
C GLU E 926 -169.41 -5.83 -42.58
N GLN E 927 -168.72 -5.94 -43.72
CA GLN E 927 -167.27 -6.00 -43.66
C GLN E 927 -166.66 -4.68 -43.22
N GLU E 928 -167.19 -3.55 -43.69
CA GLU E 928 -166.77 -2.27 -43.12
C GLU E 928 -167.18 -2.17 -41.65
N ARG E 929 -168.32 -2.77 -41.30
CA ARG E 929 -168.78 -2.74 -39.92
C ARG E 929 -167.80 -3.44 -38.98
N ASN E 930 -167.40 -4.66 -39.34
CA ASN E 930 -166.47 -5.38 -38.46
C ASN E 930 -165.09 -4.77 -38.54
N TYR E 931 -164.72 -4.20 -39.70
CA TYR E 931 -163.47 -3.45 -39.76
C TYR E 931 -163.45 -2.33 -38.72
N ASN E 932 -164.52 -1.53 -38.68
CA ASN E 932 -164.60 -0.44 -37.72
C ASN E 932 -164.62 -0.96 -36.29
N LEU E 933 -165.36 -2.05 -36.06
CA LEU E 933 -165.45 -2.61 -34.71
C LEU E 933 -164.07 -3.07 -34.23
N GLN E 934 -163.39 -3.88 -35.03
CA GLN E 934 -162.09 -4.42 -34.60
C GLN E 934 -161.02 -3.35 -34.57
N MET E 935 -161.15 -2.28 -35.36
CA MET E 935 -160.17 -1.20 -35.21
C MET E 935 -160.43 -0.41 -33.94
N SER E 936 -161.70 -0.30 -33.54
CA SER E 936 -162.00 0.29 -32.24
C SER E 936 -161.39 -0.52 -31.11
N LEU E 937 -161.59 -1.84 -31.15
CA LEU E 937 -160.98 -2.72 -30.15
C LEU E 937 -159.46 -2.63 -30.18
N GLU E 938 -158.87 -2.58 -31.39
CA GLU E 938 -157.42 -2.48 -31.49
C GLU E 938 -156.92 -1.17 -30.91
N THR E 939 -157.65 -0.08 -31.14
CA THR E 939 -157.25 1.21 -30.60
C THR E 939 -157.28 1.22 -29.09
N LEU E 940 -158.37 0.70 -28.51
CA LEU E 940 -158.44 0.69 -27.05
C LEU E 940 -157.46 -0.29 -26.44
N LYS E 941 -157.18 -1.42 -27.12
CA LYS E 941 -156.18 -2.35 -26.62
C LYS E 941 -154.79 -1.74 -26.72
N THR E 942 -154.55 -0.91 -27.73
CA THR E 942 -153.30 -0.17 -27.79
C THR E 942 -153.19 0.82 -26.64
N LEU E 943 -154.29 1.50 -26.33
CA LEU E 943 -154.33 2.35 -25.15
C LEU E 943 -153.93 1.56 -23.90
N LEU E 944 -154.50 0.36 -23.74
CA LEU E 944 -154.17 -0.48 -22.60
C LEU E 944 -152.70 -0.90 -22.62
N ALA E 945 -152.18 -1.27 -23.78
CA ALA E 945 -150.83 -1.81 -23.91
C ALA E 945 -149.76 -0.76 -23.76
N LEU E 946 -150.06 0.51 -24.03
CA LEU E 946 -149.07 1.57 -23.88
C LEU E 946 -148.94 2.04 -22.44
N GLY E 947 -149.46 1.27 -21.49
CA GLY E 947 -149.24 1.59 -20.07
C GLY E 947 -150.13 2.68 -19.54
N CYS E 948 -151.16 3.07 -20.27
CA CYS E 948 -152.07 4.13 -19.84
C CYS E 948 -153.30 3.49 -19.22
N HIS E 949 -153.37 3.51 -17.89
CA HIS E 949 -154.54 2.98 -17.20
C HIS E 949 -155.76 3.87 -17.43
N VAL E 950 -156.93 3.26 -17.42
CA VAL E 950 -158.18 3.99 -17.57
C VAL E 950 -159.16 3.46 -16.53
N GLY E 951 -159.89 4.39 -15.91
CA GLY E 951 -160.87 4.03 -14.91
C GLY E 951 -162.25 4.55 -15.29
N ILE E 952 -163.20 4.30 -14.39
CA ILE E 952 -164.56 4.79 -14.57
C ILE E 952 -164.74 6.00 -13.68
N SER E 953 -165.12 7.14 -14.27
CA SER E 953 -165.36 8.34 -13.49
C SER E 953 -166.52 8.16 -12.51
N ASP E 954 -167.72 7.92 -13.05
CA ASP E 954 -168.90 7.71 -12.23
C ASP E 954 -169.98 7.02 -13.04
N GLU E 955 -170.97 6.48 -12.34
CA GLU E 955 -172.10 5.85 -13.03
C GLU E 955 -172.94 6.89 -13.75
N HIS E 956 -172.83 8.16 -13.33
CA HIS E 956 -173.59 9.23 -13.99
C HIS E 956 -173.16 9.38 -15.45
N ALA E 957 -171.87 9.16 -15.74
CA ALA E 957 -171.39 9.27 -17.11
C ALA E 957 -172.05 8.25 -18.04
N GLU E 958 -172.37 7.06 -17.55
CA GLU E 958 -173.14 6.10 -18.33
C GLU E 958 -174.64 6.36 -18.30
N ASP E 959 -175.15 6.89 -17.19
CA ASP E 959 -176.58 7.17 -17.11
C ASP E 959 -176.99 8.29 -18.06
N LYS E 960 -176.17 9.32 -18.20
CA LYS E 960 -176.50 10.47 -19.02
C LYS E 960 -176.24 10.17 -20.50
N VAL E 961 -177.14 10.65 -21.35
CA VAL E 961 -177.07 10.43 -22.79
C VAL E 961 -177.14 11.77 -23.51
N LYS E 962 -176.58 12.81 -22.89
CA LYS E 962 -176.73 14.17 -23.37
C LYS E 962 -176.35 14.28 -24.84
N LYS E 963 -177.06 15.17 -25.55
CA LYS E 963 -177.09 15.19 -27.00
C LYS E 963 -177.08 16.63 -27.50
N MET E 964 -176.31 16.91 -28.56
CA MET E 964 -176.53 18.15 -29.27
C MET E 964 -177.65 18.00 -30.29
N LYS E 965 -178.46 19.04 -30.42
CA LYS E 965 -179.47 19.07 -31.46
C LYS E 965 -178.80 19.37 -32.80
N LEU E 966 -179.10 18.54 -33.80
CA LEU E 966 -178.55 18.69 -35.15
C LEU E 966 -179.67 18.51 -36.16
N PRO E 967 -179.79 19.42 -37.13
CA PRO E 967 -180.90 19.31 -38.09
C PRO E 967 -180.86 17.99 -38.86
N LYS E 968 -182.04 17.39 -39.03
CA LYS E 968 -182.12 16.07 -39.63
C LYS E 968 -181.67 16.09 -41.10
N ASN E 969 -182.02 17.15 -41.82
CA ASN E 969 -181.63 17.25 -43.23
C ASN E 969 -180.11 17.26 -43.36
N TYR E 970 -179.43 18.01 -42.50
CA TYR E 970 -177.97 18.03 -42.50
C TYR E 970 -177.37 16.77 -41.92
N GLN E 971 -178.11 16.02 -41.11
CA GLN E 971 -177.62 14.78 -40.54
C GLN E 971 -177.81 13.64 -41.54
N LEU E 972 -177.43 12.44 -41.10
CA LEU E 972 -177.44 11.26 -41.96
C LEU E 972 -178.86 10.71 -42.08
N THR E 973 -179.01 9.68 -42.91
CA THR E 973 -180.32 9.05 -43.08
C THR E 973 -180.69 8.16 -41.91
N SER E 974 -179.71 7.60 -41.22
CA SER E 974 -179.98 6.64 -40.15
C SER E 974 -180.67 7.32 -38.97
N GLY E 975 -181.57 6.57 -38.33
CA GLY E 975 -182.34 7.13 -37.22
C GLY E 975 -181.51 7.46 -36.00
N TYR E 976 -180.55 6.59 -35.66
CA TYR E 976 -179.72 6.80 -34.48
C TYR E 976 -178.88 8.07 -34.63
N LYS E 977 -179.23 9.09 -33.84
CA LYS E 977 -178.71 10.43 -34.05
C LYS E 977 -177.31 10.53 -33.46
N PRO E 978 -176.31 10.99 -34.21
CA PRO E 978 -174.90 10.76 -33.85
C PRO E 978 -174.38 11.47 -32.60
N ALA E 979 -174.59 12.79 -32.52
CA ALA E 979 -173.74 13.68 -31.73
C ALA E 979 -173.57 13.20 -30.29
N PRO E 980 -172.34 13.13 -29.80
CA PRO E 980 -172.11 12.70 -28.43
C PRO E 980 -172.28 13.87 -27.48
N MET E 981 -171.91 13.69 -26.22
CA MET E 981 -171.70 14.82 -25.34
C MET E 981 -170.70 15.80 -25.94
N ASP E 982 -170.90 17.08 -25.67
CA ASP E 982 -170.19 18.14 -26.39
C ASP E 982 -168.69 18.09 -26.15
N LEU E 983 -167.94 18.59 -27.13
CA LEU E 983 -166.49 18.68 -27.02
C LEU E 983 -166.03 19.79 -26.09
N SER E 984 -166.83 20.85 -25.93
CA SER E 984 -166.41 22.00 -25.14
C SER E 984 -166.28 21.64 -23.66
N PHE E 985 -167.23 20.84 -23.14
CA PHE E 985 -167.19 20.49 -21.73
C PHE E 985 -165.93 19.71 -21.38
N ILE E 986 -165.55 18.78 -22.26
CA ILE E 986 -164.42 17.91 -21.98
C ILE E 986 -163.13 18.69 -22.13
N LYS E 987 -162.13 18.36 -21.32
CA LYS E 987 -160.83 18.99 -21.42
C LYS E 987 -159.76 17.92 -21.62
N LEU E 988 -158.82 18.20 -22.51
CA LEU E 988 -157.78 17.23 -22.88
C LEU E 988 -156.43 17.73 -22.38
N THR E 989 -155.79 16.94 -21.51
CA THR E 989 -154.54 17.36 -20.89
C THR E 989 -153.37 17.21 -21.86
N PRO E 990 -152.26 17.90 -21.61
CA PRO E 990 -151.08 17.71 -22.47
C PRO E 990 -150.59 16.28 -22.50
N SER E 991 -150.65 15.57 -21.37
CA SER E 991 -150.31 14.15 -21.38
C SER E 991 -151.29 13.38 -22.24
N GLN E 992 -152.57 13.74 -22.17
CA GLN E 992 -153.57 13.08 -23.01
C GLN E 992 -153.33 13.34 -24.49
N GLU E 993 -152.78 14.50 -24.83
CA GLU E 993 -152.47 14.80 -26.23
C GLU E 993 -151.24 14.04 -26.69
N ALA E 994 -150.21 13.96 -25.84
CA ALA E 994 -149.07 13.11 -26.12
C ALA E 994 -149.53 11.67 -26.32
N MET E 995 -150.56 11.26 -25.59
CA MET E 995 -151.12 9.93 -25.78
C MET E 995 -151.65 9.74 -27.19
N VAL E 996 -152.50 10.65 -27.65
CA VAL E 996 -153.08 10.48 -28.99
C VAL E 996 -152.01 10.64 -30.06
N ASP E 997 -150.89 11.29 -29.74
CA ASP E 997 -149.75 11.26 -30.65
C ASP E 997 -149.27 9.83 -30.90
N LYS E 998 -149.03 9.07 -29.83
CA LYS E 998 -148.63 7.68 -30.02
C LYS E 998 -149.75 6.86 -30.64
N LEU E 999 -151.00 7.24 -30.37
CA LEU E 999 -152.12 6.55 -31.01
C LEU E 999 -152.07 6.73 -32.53
N ALA E 1000 -151.84 7.95 -32.99
CA ALA E 1000 -151.72 8.19 -34.41
C ALA E 1000 -150.51 7.46 -34.99
N GLU E 1001 -149.41 7.45 -34.23
CA GLU E 1001 -148.24 6.68 -34.63
C GLU E 1001 -148.60 5.22 -34.89
N ASN E 1002 -149.27 4.60 -33.92
CA ASN E 1002 -149.61 3.19 -34.04
C ASN E 1002 -150.60 2.94 -35.17
N ALA E 1003 -151.55 3.86 -35.36
CA ALA E 1003 -152.51 3.69 -36.44
C ALA E 1003 -151.82 3.76 -37.80
N HIS E 1004 -150.90 4.69 -37.97
CA HIS E 1004 -150.15 4.77 -39.21
C HIS E 1004 -149.32 3.52 -39.42
N ASN E 1005 -148.70 3.01 -38.35
CA ASN E 1005 -147.94 1.77 -38.47
C ASN E 1005 -148.84 0.62 -38.89
N VAL E 1006 -150.05 0.55 -38.34
CA VAL E 1006 -150.97 -0.52 -38.68
C VAL E 1006 -151.34 -0.45 -40.16
N TRP E 1007 -151.67 0.76 -40.63
CA TRP E 1007 -152.03 0.91 -42.03
C TRP E 1007 -150.88 0.50 -42.95
N ALA E 1008 -149.66 0.96 -42.61
CA ALA E 1008 -148.50 0.63 -43.42
C ALA E 1008 -148.22 -0.85 -43.43
N ARG E 1009 -148.29 -1.51 -42.27
CA ARG E 1009 -148.01 -2.94 -42.20
C ARG E 1009 -149.04 -3.74 -42.99
N ASP E 1010 -150.31 -3.32 -42.92
CA ASP E 1010 -151.35 -4.00 -43.71
C ASP E 1010 -151.08 -3.87 -45.20
N ARG E 1011 -150.76 -2.67 -45.67
CA ARG E 1011 -150.50 -2.54 -47.10
C ARG E 1011 -149.20 -3.22 -47.51
N ILE E 1012 -148.26 -3.38 -46.57
CA ILE E 1012 -147.04 -4.09 -46.93
C ILE E 1012 -147.32 -5.58 -47.11
N ARG E 1013 -148.10 -6.21 -46.22
CA ARG E 1013 -148.54 -7.57 -46.54
C ARG E 1013 -149.41 -7.61 -47.79
N GLN E 1014 -150.16 -6.54 -48.06
CA GLN E 1014 -150.88 -6.48 -49.32
C GLN E 1014 -149.96 -6.33 -50.52
N GLY E 1015 -148.70 -6.00 -50.30
CA GLY E 1015 -147.73 -5.90 -51.37
C GLY E 1015 -147.42 -4.49 -51.83
N TRP E 1016 -148.07 -3.48 -51.26
CA TRP E 1016 -147.80 -2.11 -51.67
C TRP E 1016 -146.40 -1.68 -51.23
N THR E 1017 -145.81 -0.76 -51.98
CA THR E 1017 -144.45 -0.30 -51.74
C THR E 1017 -144.42 1.21 -51.89
N TYR E 1018 -143.52 1.85 -51.14
CA TYR E 1018 -143.40 3.30 -51.21
C TYR E 1018 -142.94 3.74 -52.60
N GLY E 1019 -143.51 4.86 -53.05
CA GLY E 1019 -143.10 5.50 -54.29
C GLY E 1019 -143.49 6.96 -54.29
N ILE E 1020 -142.63 7.83 -54.81
CA ILE E 1020 -142.91 9.26 -54.76
C ILE E 1020 -144.21 9.59 -55.46
N GLN E 1021 -144.44 8.98 -56.62
CA GLN E 1021 -145.67 9.17 -57.36
C GLN E 1021 -146.64 8.03 -57.04
N GLN E 1022 -147.87 8.40 -56.73
CA GLN E 1022 -148.88 7.40 -56.39
C GLN E 1022 -149.25 6.58 -57.62
N ASP E 1023 -149.28 5.25 -57.46
CA ASP E 1023 -149.63 4.34 -58.55
C ASP E 1023 -150.40 3.17 -57.96
N VAL E 1024 -151.72 3.17 -58.16
CA VAL E 1024 -152.53 2.03 -57.73
C VAL E 1024 -152.20 0.80 -58.56
N LYS E 1025 -151.91 1.00 -59.84
CA LYS E 1025 -151.63 -0.14 -60.72
C LYS E 1025 -150.40 -0.90 -60.26
N ASN E 1026 -149.34 -0.18 -59.90
CA ASN E 1026 -148.12 -0.80 -59.41
C ASN E 1026 -148.08 -0.89 -57.89
N ARG E 1027 -149.15 -0.51 -57.21
CA ARG E 1027 -149.24 -0.53 -55.76
C ARG E 1027 -148.09 0.25 -55.13
N ARG E 1028 -147.94 1.49 -55.60
CA ARG E 1028 -146.93 2.40 -55.07
C ARG E 1028 -147.63 3.61 -54.47
N ASN E 1029 -147.31 3.90 -53.20
CA ASN E 1029 -147.98 4.93 -52.44
C ASN E 1029 -146.94 5.75 -51.69
N PRO E 1030 -146.91 7.07 -51.86
CA PRO E 1030 -145.96 7.90 -51.11
C PRO E 1030 -146.27 8.00 -49.63
N ARG E 1031 -147.42 7.49 -49.17
CA ARG E 1031 -147.76 7.58 -47.76
C ARG E 1031 -147.17 6.44 -46.95
N LEU E 1032 -146.48 5.49 -47.58
CA LEU E 1032 -145.79 4.40 -46.88
C LEU E 1032 -144.43 4.90 -46.41
N VAL E 1033 -144.47 5.83 -45.46
CA VAL E 1033 -143.26 6.45 -44.92
C VAL E 1033 -143.37 6.45 -43.40
N PRO E 1034 -142.25 6.59 -42.67
CA PRO E 1034 -142.34 6.71 -41.22
C PRO E 1034 -143.15 7.93 -40.82
N TYR E 1035 -143.85 7.81 -39.68
CA TYR E 1035 -144.80 8.84 -39.29
C TYR E 1035 -144.12 10.18 -39.04
N THR E 1036 -142.90 10.14 -38.49
CA THR E 1036 -142.16 11.38 -38.30
C THR E 1036 -141.90 12.07 -39.62
N LEU E 1037 -141.81 11.31 -40.70
CA LEU E 1037 -141.62 11.84 -42.03
C LEU E 1037 -142.92 12.00 -42.80
N LEU E 1038 -144.05 11.70 -42.18
CA LEU E 1038 -145.33 11.77 -42.87
C LEU E 1038 -145.72 13.21 -43.14
N ASP E 1039 -146.57 13.41 -44.15
CA ASP E 1039 -147.01 14.75 -44.52
C ASP E 1039 -147.92 15.33 -43.44
N ASP E 1040 -147.80 16.65 -43.25
CA ASP E 1040 -148.50 17.30 -42.15
C ASP E 1040 -150.01 17.22 -42.31
N ARG E 1041 -150.50 17.22 -43.56
CA ARG E 1041 -151.94 17.14 -43.77
C ARG E 1041 -152.50 15.84 -43.24
N THR E 1042 -151.90 14.71 -43.65
CA THR E 1042 -152.37 13.42 -43.17
C THR E 1042 -152.16 13.29 -41.67
N LYS E 1043 -151.01 13.78 -41.17
CA LYS E 1043 -150.76 13.72 -39.74
C LYS E 1043 -151.83 14.44 -38.95
N LYS E 1044 -152.18 15.65 -39.38
CA LYS E 1044 -153.21 16.39 -38.65
C LYS E 1044 -154.58 15.73 -38.81
N SER E 1045 -154.89 15.19 -39.98
CA SER E 1045 -156.20 14.58 -40.18
C SER E 1045 -156.39 13.38 -39.26
N ASN E 1046 -155.45 12.43 -39.30
CA ASN E 1046 -155.63 11.25 -38.46
C ASN E 1046 -155.43 11.60 -36.99
N LYS E 1047 -154.59 12.59 -36.69
CA LYS E 1047 -154.44 13.06 -35.32
C LYS E 1047 -155.76 13.56 -34.78
N ASP E 1048 -156.47 14.38 -35.55
CA ASP E 1048 -157.73 14.91 -35.04
C ASP E 1048 -158.79 13.82 -34.95
N SER E 1049 -158.80 12.87 -35.89
CA SER E 1049 -159.78 11.80 -35.80
C SER E 1049 -159.58 10.96 -34.54
N LEU E 1050 -158.35 10.51 -34.28
CA LEU E 1050 -158.10 9.72 -33.08
C LEU E 1050 -158.22 10.58 -31.82
N ARG E 1051 -157.92 11.87 -31.94
CA ARG E 1051 -158.10 12.77 -30.81
C ARG E 1051 -159.56 12.87 -30.42
N GLU E 1052 -160.44 12.98 -31.42
CA GLU E 1052 -161.87 13.06 -31.13
C GLU E 1052 -162.38 11.71 -30.62
N ALA E 1053 -161.77 10.62 -31.08
CA ALA E 1053 -162.09 9.32 -30.50
C ALA E 1053 -161.75 9.27 -29.00
N VAL E 1054 -160.56 9.76 -28.63
CA VAL E 1054 -160.18 9.83 -27.22
C VAL E 1054 -161.11 10.77 -26.46
N ARG E 1055 -161.52 11.85 -27.12
CA ARG E 1055 -162.48 12.79 -26.56
C ARG E 1055 -163.79 12.11 -26.21
N THR E 1056 -164.31 11.28 -27.12
CA THR E 1056 -165.52 10.53 -26.84
C THR E 1056 -165.30 9.50 -25.73
N LEU E 1057 -164.12 8.87 -25.72
CA LEU E 1057 -163.80 7.95 -24.63
C LEU E 1057 -163.89 8.65 -23.28
N LEU E 1058 -163.33 9.85 -23.18
CA LEU E 1058 -163.46 10.63 -21.96
C LEU E 1058 -164.90 11.05 -21.70
N GLY E 1059 -165.65 11.40 -22.75
CA GLY E 1059 -167.02 11.82 -22.58
C GLY E 1059 -167.89 10.73 -22.00
N TYR E 1060 -167.61 9.48 -22.35
CA TYR E 1060 -168.33 8.40 -21.71
C TYR E 1060 -167.88 8.19 -20.28
N GLY E 1061 -167.10 9.11 -19.74
CA GLY E 1061 -166.62 9.00 -18.38
C GLY E 1061 -165.61 7.90 -18.16
N TYR E 1062 -164.64 7.78 -19.07
CA TYR E 1062 -163.54 6.84 -18.91
C TYR E 1062 -162.25 7.64 -18.88
N ASN E 1063 -161.88 8.09 -17.69
CA ASN E 1063 -160.67 8.87 -17.49
C ASN E 1063 -159.44 7.96 -17.59
N LEU E 1064 -158.63 8.20 -18.61
CA LEU E 1064 -157.40 7.46 -18.81
C LEU E 1064 -156.23 8.26 -18.30
N GLU E 1065 -155.47 7.65 -17.40
CA GLU E 1065 -154.32 8.29 -16.75
C GLU E 1065 -153.06 7.96 -17.54
N ALA E 1066 -152.55 8.95 -18.26
CA ALA E 1066 -151.35 8.74 -19.06
C ALA E 1066 -150.13 8.66 -18.16
N PRO E 1067 -149.32 7.62 -18.28
CA PRO E 1067 -148.08 7.56 -17.50
C PRO E 1067 -147.13 8.68 -17.88
N ASP E 1068 -146.34 9.12 -16.91
CA ASP E 1068 -145.37 10.18 -17.17
C ASP E 1068 -144.34 9.73 -18.20
N GLN E 1069 -143.84 10.69 -18.97
CA GLN E 1069 -142.85 10.38 -20.00
C GLN E 1069 -141.60 9.81 -19.36
N ASP E 1070 -141.10 8.71 -19.92
CA ASP E 1070 -139.92 8.03 -19.40
C ASP E 1070 -138.69 8.62 -20.07
N HIS E 1071 -137.77 9.13 -19.27
CA HIS E 1071 -136.58 9.79 -19.78
C HIS E 1071 -135.59 8.74 -20.28
N ALA E 1072 -135.55 8.54 -21.59
CA ALA E 1072 -134.64 7.61 -22.23
C ALA E 1072 -133.84 8.36 -23.29
N ALA E 1073 -132.52 8.37 -23.14
CA ALA E 1073 -131.64 9.04 -24.08
C ALA E 1073 -130.67 8.03 -24.68
N ARG E 1074 -130.60 8.00 -26.01
CA ARG E 1074 -129.69 7.10 -26.71
C ARG E 1074 -128.28 7.68 -26.81
N ALA E 1075 -128.11 8.96 -26.51
CA ALA E 1075 -126.81 9.60 -26.34
C ALA E 1075 -125.98 9.58 -27.62
N GLU E 1076 -126.64 9.55 -28.77
CA GLU E 1076 -126.00 9.78 -30.08
C GLU E 1076 -125.00 8.65 -30.41
N VAL E 1077 -124.90 7.68 -29.51
CA VAL E 1077 -123.87 6.65 -29.60
C VAL E 1077 -124.05 5.73 -30.80
N CYS E 1078 -125.24 5.71 -31.42
CA CYS E 1078 -125.52 4.79 -32.52
C CYS E 1078 -124.79 5.25 -33.79
N SER E 1079 -123.46 5.11 -33.76
CA SER E 1079 -122.65 5.46 -34.92
C SER E 1079 -122.55 4.27 -35.86
N GLY E 1080 -122.39 4.56 -37.15
CA GLY E 1080 -122.11 3.51 -38.11
C GLY E 1080 -120.83 2.77 -37.76
N THR E 1081 -120.93 1.44 -37.67
CA THR E 1081 -119.83 0.58 -37.26
C THR E 1081 -119.36 0.93 -35.86
N GLY E 1082 -118.27 0.30 -35.42
CA GLY E 1082 -117.75 0.56 -34.09
C GLY E 1082 -116.95 1.83 -33.95
N GLU E 1083 -116.75 2.57 -35.03
CA GLU E 1083 -115.98 3.81 -34.99
C GLU E 1083 -116.66 4.83 -34.08
N ARG E 1084 -116.01 5.19 -32.98
CA ARG E 1084 -116.59 6.10 -32.01
C ARG E 1084 -116.10 7.53 -32.16
N PHE E 1085 -114.88 7.72 -32.67
CA PHE E 1085 -114.31 9.04 -32.83
C PHE E 1085 -113.13 8.93 -33.79
N ARG E 1086 -112.92 9.98 -34.57
CA ARG E 1086 -111.82 10.05 -35.52
C ARG E 1086 -110.87 11.16 -35.09
N ILE E 1087 -109.58 10.85 -35.04
CA ILE E 1087 -108.56 11.77 -34.57
C ILE E 1087 -107.83 12.36 -35.76
N PHE E 1088 -107.75 13.68 -35.82
CA PHE E 1088 -107.03 14.39 -36.87
C PHE E 1088 -105.83 15.08 -36.24
N ARG E 1089 -104.65 14.83 -36.80
CA ARG E 1089 -103.41 15.37 -36.29
C ARG E 1089 -102.49 15.76 -37.43
N ALA E 1090 -101.56 16.66 -37.15
CA ALA E 1090 -100.55 17.03 -38.12
C ALA E 1090 -99.49 15.95 -38.21
N GLU E 1091 -98.62 16.09 -39.21
CA GLU E 1091 -97.56 15.11 -39.41
C GLU E 1091 -96.57 15.15 -38.26
N LYS E 1092 -95.98 14.01 -37.95
CA LYS E 1092 -95.01 13.91 -36.87
C LYS E 1092 -93.76 14.74 -37.11
N THR E 1093 -93.43 15.06 -38.36
CA THR E 1093 -92.24 15.83 -38.66
C THR E 1093 -92.38 17.31 -38.30
N TYR E 1094 -93.60 17.83 -38.22
CA TYR E 1094 -93.82 19.20 -37.84
C TYR E 1094 -93.81 19.41 -36.33
N ALA E 1095 -93.31 18.44 -35.57
CA ALA E 1095 -93.29 18.56 -34.12
C ALA E 1095 -92.42 19.74 -33.70
N VAL E 1096 -92.92 20.51 -32.74
CA VAL E 1096 -92.21 21.65 -32.20
C VAL E 1096 -91.55 21.24 -30.89
N LYS E 1097 -90.27 21.61 -30.73
CA LYS E 1097 -89.53 21.28 -29.52
C LYS E 1097 -89.20 22.49 -28.65
N ALA E 1098 -89.45 23.70 -29.13
CA ALA E 1098 -89.23 24.90 -28.34
C ALA E 1098 -89.99 26.06 -28.97
N GLY E 1099 -90.33 27.04 -28.14
CA GLY E 1099 -90.94 28.27 -28.63
C GLY E 1099 -92.42 28.37 -28.25
N ARG E 1100 -93.02 29.44 -28.73
CA ARG E 1100 -94.43 29.74 -28.51
C ARG E 1100 -95.20 29.43 -29.78
N TRP E 1101 -96.28 28.65 -29.66
CA TRP E 1101 -97.04 28.24 -30.82
C TRP E 1101 -98.53 28.37 -30.56
N TYR E 1102 -99.30 28.58 -31.63
CA TYR E 1102 -100.71 28.90 -31.56
C TYR E 1102 -101.43 28.38 -32.78
N PHE E 1103 -102.63 27.83 -32.58
CA PHE E 1103 -103.52 27.49 -33.67
C PHE E 1103 -104.96 27.52 -33.17
N GLU E 1104 -105.89 27.62 -34.10
CA GLU E 1104 -107.31 27.74 -33.78
C GLU E 1104 -108.08 26.53 -34.25
N PHE E 1105 -109.08 26.12 -33.47
CA PHE E 1105 -109.99 25.05 -33.82
C PHE E 1105 -111.40 25.58 -33.77
N GLU E 1106 -112.12 25.48 -34.89
CA GLU E 1106 -113.46 26.02 -35.01
C GLU E 1106 -114.48 24.90 -34.88
N THR E 1107 -115.51 25.14 -34.09
CA THR E 1107 -116.56 24.15 -33.83
C THR E 1107 -117.77 24.48 -34.68
N VAL E 1108 -117.92 23.76 -35.80
CA VAL E 1108 -119.11 23.93 -36.62
C VAL E 1108 -120.36 23.51 -35.85
N THR E 1109 -120.27 22.37 -35.16
CA THR E 1109 -121.34 21.92 -34.27
C THR E 1109 -120.84 21.97 -32.83
N ALA E 1110 -121.74 21.69 -31.90
CA ALA E 1110 -121.40 21.58 -30.49
C ALA E 1110 -121.63 20.14 -30.06
N GLY E 1111 -120.59 19.51 -29.54
CA GLY E 1111 -120.70 18.09 -29.20
C GLY E 1111 -119.39 17.54 -28.70
N ASP E 1112 -119.28 16.21 -28.78
CA ASP E 1112 -118.14 15.50 -28.21
C ASP E 1112 -116.91 15.71 -29.10
N MET E 1113 -116.15 16.73 -28.77
CA MET E 1113 -114.87 16.99 -29.41
C MET E 1113 -113.81 17.24 -28.35
N ARG E 1114 -112.56 16.92 -28.68
CA ARG E 1114 -111.42 17.26 -27.85
C ARG E 1114 -110.32 17.81 -28.74
N VAL E 1115 -109.71 18.91 -28.29
CA VAL E 1115 -108.65 19.57 -29.03
C VAL E 1115 -107.49 19.82 -28.09
N GLY E 1116 -106.29 19.88 -28.64
CA GLY E 1116 -105.11 20.09 -27.83
C GLY E 1116 -103.85 19.67 -28.57
N TRP E 1117 -102.86 19.25 -27.81
CA TRP E 1117 -101.57 18.84 -28.33
C TRP E 1117 -101.30 17.38 -27.99
N SER E 1118 -100.64 16.69 -28.91
CA SER E 1118 -100.36 15.27 -28.77
C SER E 1118 -98.91 14.99 -29.10
N ARG E 1119 -98.38 13.98 -28.47
CA ARG E 1119 -97.04 13.54 -28.78
C ARG E 1119 -97.05 12.62 -30.00
N PRO E 1120 -95.91 12.51 -30.69
CA PRO E 1120 -95.83 11.65 -31.89
C PRO E 1120 -96.35 10.24 -31.69
N GLY E 1121 -96.38 9.75 -30.45
CA GLY E 1121 -96.83 8.41 -30.17
C GLY E 1121 -98.31 8.24 -29.88
N CYS E 1122 -99.13 9.25 -30.15
CA CYS E 1122 -100.55 9.14 -29.84
C CYS E 1122 -101.20 8.05 -30.68
N GLN E 1123 -102.03 7.25 -30.03
CA GLN E 1123 -102.69 6.11 -30.68
C GLN E 1123 -104.03 6.55 -31.25
N PRO E 1124 -104.28 6.29 -32.54
CA PRO E 1124 -105.55 6.73 -33.14
C PRO E 1124 -106.77 6.09 -32.49
N ASP E 1125 -106.68 4.85 -32.03
CA ASP E 1125 -107.83 4.17 -31.47
C ASP E 1125 -108.16 4.65 -30.06
N GLN E 1126 -107.18 5.13 -29.31
CA GLN E 1126 -107.43 5.58 -27.95
C GLN E 1126 -107.92 7.03 -27.94
N GLU E 1127 -108.78 7.32 -26.96
CA GLU E 1127 -109.31 8.67 -26.82
C GLU E 1127 -108.23 9.61 -26.31
N LEU E 1128 -108.30 10.86 -26.76
CA LEU E 1128 -107.33 11.87 -26.34
C LEU E 1128 -107.46 12.14 -24.85
N GLY E 1129 -106.32 12.19 -24.16
CA GLY E 1129 -106.29 12.50 -22.75
C GLY E 1129 -106.44 11.30 -21.84
N SER E 1130 -106.85 10.15 -22.37
CA SER E 1130 -106.95 8.95 -21.55
C SER E 1130 -105.58 8.55 -21.02
N ASP E 1131 -104.56 8.65 -21.86
CA ASP E 1131 -103.20 8.33 -21.49
C ASP E 1131 -102.34 9.60 -21.55
N GLU E 1132 -101.03 9.45 -21.37
CA GLU E 1132 -100.13 10.57 -21.26
C GLU E 1132 -99.70 11.15 -22.60
N ARG E 1133 -100.08 10.52 -23.72
CA ARG E 1133 -99.55 10.95 -25.01
C ARG E 1133 -100.14 12.27 -25.47
N ALA E 1134 -101.31 12.64 -24.97
CA ALA E 1134 -102.02 13.80 -25.46
C ALA E 1134 -102.48 14.69 -24.31
N PHE E 1135 -102.54 15.99 -24.60
CA PHE E 1135 -103.09 16.98 -23.69
C PHE E 1135 -104.25 17.65 -24.42
N ALA E 1136 -105.47 17.45 -23.92
CA ALA E 1136 -106.65 17.85 -24.64
C ALA E 1136 -107.59 18.65 -23.74
N PHE E 1137 -108.53 19.34 -24.37
CA PHE E 1137 -109.55 20.12 -23.69
C PHE E 1137 -110.91 19.72 -24.25
N ASP E 1138 -111.74 19.11 -23.40
CA ASP E 1138 -113.08 18.68 -23.79
C ASP E 1138 -114.09 19.72 -23.33
N GLY E 1139 -114.46 20.64 -24.21
CA GLY E 1139 -115.39 21.69 -23.83
C GLY E 1139 -116.82 21.21 -23.73
N PHE E 1140 -117.13 20.05 -24.33
CA PHE E 1140 -118.48 19.52 -24.24
C PHE E 1140 -118.86 19.22 -22.80
N LYS E 1141 -117.92 18.69 -22.03
CA LYS E 1141 -118.08 18.52 -20.59
C LYS E 1141 -117.35 19.59 -19.78
N ALA E 1142 -116.77 20.59 -20.43
CA ALA E 1142 -115.91 21.58 -19.76
C ALA E 1142 -114.84 20.87 -18.94
N GLN E 1143 -114.11 19.97 -19.62
CA GLN E 1143 -113.26 18.98 -18.97
C GLN E 1143 -111.90 19.00 -19.63
N ARG E 1144 -110.83 19.02 -18.84
CA ARG E 1144 -109.50 18.89 -19.39
C ARG E 1144 -109.00 17.46 -19.18
N TRP E 1145 -108.20 16.98 -20.12
CA TRP E 1145 -107.87 15.56 -20.20
C TRP E 1145 -106.37 15.37 -20.32
N HIS E 1146 -105.77 14.73 -19.30
CA HIS E 1146 -104.42 14.19 -19.42
C HIS E 1146 -104.27 13.13 -18.33
N GLN E 1147 -104.20 11.86 -18.74
CA GLN E 1147 -104.16 10.74 -17.80
C GLN E 1147 -105.33 10.80 -16.83
N GLY E 1148 -106.48 11.21 -17.33
CA GLY E 1148 -107.64 11.43 -16.49
C GLY E 1148 -108.34 12.72 -16.86
N ASN E 1149 -109.44 13.03 -16.18
CA ASN E 1149 -110.25 14.20 -16.50
C ASN E 1149 -110.35 15.13 -15.29
N GLU E 1150 -110.09 16.41 -15.51
CA GLU E 1150 -110.25 17.42 -14.47
C GLU E 1150 -111.07 18.58 -15.01
N HIS E 1151 -111.77 19.28 -14.13
CA HIS E 1151 -112.69 20.35 -14.54
C HIS E 1151 -111.87 21.58 -14.90
N TYR E 1152 -112.07 22.08 -16.12
CA TYR E 1152 -111.32 23.22 -16.62
C TYR E 1152 -112.17 23.96 -17.65
N GLY E 1153 -112.35 25.26 -17.45
CA GLY E 1153 -113.05 26.07 -18.42
C GLY E 1153 -114.54 25.82 -18.43
N ARG E 1154 -115.20 26.43 -19.41
CA ARG E 1154 -116.63 26.29 -19.59
C ARG E 1154 -116.92 25.58 -20.90
N SER E 1155 -118.19 25.44 -21.23
CA SER E 1155 -118.61 24.74 -22.44
C SER E 1155 -118.73 25.70 -23.61
N TRP E 1156 -118.52 25.17 -24.81
CA TRP E 1156 -118.66 25.93 -26.04
C TRP E 1156 -120.04 25.73 -26.66
N GLN E 1157 -120.36 26.59 -27.61
CA GLN E 1157 -121.53 26.46 -28.46
C GLN E 1157 -121.09 26.37 -29.91
N ALA E 1158 -122.06 26.19 -30.80
CA ALA E 1158 -121.76 26.11 -32.22
C ALA E 1158 -121.18 27.44 -32.71
N GLY E 1159 -120.09 27.35 -33.48
CA GLY E 1159 -119.43 28.49 -34.03
C GLY E 1159 -118.29 29.02 -33.18
N ASP E 1160 -118.11 28.49 -31.98
CA ASP E 1160 -117.04 28.95 -31.10
C ASP E 1160 -115.69 28.58 -31.67
N VAL E 1161 -114.71 29.46 -31.46
CA VAL E 1161 -113.34 29.25 -31.91
C VAL E 1161 -112.46 29.06 -30.70
N VAL E 1162 -111.72 27.96 -30.66
CA VAL E 1162 -110.85 27.63 -29.53
C VAL E 1162 -109.42 27.88 -29.96
N GLY E 1163 -108.71 28.72 -29.19
CA GLY E 1163 -107.31 29.00 -29.44
C GLY E 1163 -106.45 28.16 -28.54
N CYS E 1164 -105.57 27.36 -29.14
CA CYS E 1164 -104.69 26.45 -28.43
C CYS E 1164 -103.28 27.04 -28.42
N MET E 1165 -102.76 27.31 -27.22
CA MET E 1165 -101.45 27.92 -27.05
C MET E 1165 -100.57 26.99 -26.24
N VAL E 1166 -99.34 26.80 -26.71
CA VAL E 1166 -98.33 26.07 -25.97
C VAL E 1166 -97.07 26.94 -25.88
N ASP E 1167 -96.54 27.07 -24.67
CA ASP E 1167 -95.23 27.67 -24.45
C ASP E 1167 -94.34 26.54 -23.94
N MET E 1168 -93.42 26.09 -24.78
CA MET E 1168 -92.68 24.88 -24.45
C MET E 1168 -91.28 25.22 -23.93
N ASN E 1169 -91.08 26.48 -23.55
CA ASN E 1169 -89.92 26.92 -22.80
C ASN E 1169 -90.10 26.71 -21.31
N GLU E 1170 -91.18 27.24 -20.73
CA GLU E 1170 -91.54 26.96 -19.34
C GLU E 1170 -92.62 25.89 -19.25
N HIS E 1171 -92.97 25.24 -20.35
CA HIS E 1171 -93.79 24.03 -20.35
C HIS E 1171 -95.19 24.31 -19.81
N THR E 1172 -95.89 25.25 -20.45
CA THR E 1172 -97.26 25.58 -20.11
C THR E 1172 -98.16 25.53 -21.34
N MET E 1173 -99.44 25.27 -21.10
CA MET E 1173 -100.45 25.25 -22.17
C MET E 1173 -101.63 26.09 -21.72
N MET E 1174 -102.22 26.83 -22.66
CA MET E 1174 -103.35 27.69 -22.39
C MET E 1174 -104.37 27.57 -23.49
N PHE E 1175 -105.64 27.75 -23.13
CA PHE E 1175 -106.74 27.69 -24.08
C PHE E 1175 -107.60 28.94 -23.95
N THR E 1176 -108.14 29.37 -25.08
CA THR E 1176 -109.04 30.52 -25.13
C THR E 1176 -110.28 30.15 -25.91
N LEU E 1177 -111.45 30.49 -25.38
CA LEU E 1177 -112.72 30.27 -26.06
C LEU E 1177 -113.27 31.61 -26.53
N ASN E 1178 -113.27 31.83 -27.83
CA ASN E 1178 -113.77 33.07 -28.44
C ASN E 1178 -113.02 34.28 -27.91
N GLY E 1179 -111.74 34.11 -27.62
CA GLY E 1179 -110.91 35.23 -27.22
C GLY E 1179 -110.57 35.26 -25.74
N GLU E 1180 -111.54 34.99 -24.88
CA GLU E 1180 -111.30 35.01 -23.45
C GLU E 1180 -110.52 33.79 -23.01
N ILE E 1181 -109.61 33.98 -22.05
CA ILE E 1181 -108.77 32.90 -21.57
C ILE E 1181 -109.57 32.02 -20.62
N LEU E 1182 -109.54 30.72 -20.86
CA LEU E 1182 -110.21 29.75 -20.01
C LEU E 1182 -109.45 29.56 -18.70
N LEU E 1183 -110.19 29.25 -17.65
CA LEU E 1183 -109.62 29.08 -16.31
C LEU E 1183 -110.05 27.75 -15.73
N ASP E 1184 -109.18 27.17 -14.92
CA ASP E 1184 -109.51 25.95 -14.18
C ASP E 1184 -110.29 26.35 -12.93
N ASP E 1185 -110.43 25.39 -12.00
CA ASP E 1185 -111.15 25.67 -10.76
C ASP E 1185 -110.47 26.79 -9.98
N SER E 1186 -109.15 26.77 -9.90
CA SER E 1186 -108.42 27.89 -9.33
C SER E 1186 -108.27 29.00 -10.38
N GLY E 1187 -107.64 30.09 -9.97
CA GLY E 1187 -107.50 31.24 -10.85
C GLY E 1187 -106.41 31.09 -11.89
N SER E 1188 -105.66 29.99 -11.83
CA SER E 1188 -104.55 29.79 -12.75
C SER E 1188 -105.05 29.65 -14.17
N GLU E 1189 -104.28 30.22 -15.10
CA GLU E 1189 -104.59 30.16 -16.53
C GLU E 1189 -103.94 28.98 -17.23
N LEU E 1190 -103.16 28.17 -16.51
CA LEU E 1190 -102.40 27.09 -17.12
C LEU E 1190 -103.26 25.83 -17.12
N ALA E 1191 -103.59 25.33 -18.31
CA ALA E 1191 -104.29 24.05 -18.40
C ALA E 1191 -103.42 22.92 -17.88
N PHE E 1192 -102.14 22.93 -18.22
CA PHE E 1192 -101.18 21.93 -17.75
C PHE E 1192 -99.91 22.68 -17.35
N LYS E 1193 -99.62 22.67 -16.04
CA LYS E 1193 -98.62 23.58 -15.51
C LYS E 1193 -97.21 23.18 -15.90
N ASP E 1194 -96.89 21.89 -15.82
CA ASP E 1194 -95.53 21.45 -16.08
C ASP E 1194 -95.55 20.08 -16.75
N PHE E 1195 -94.70 19.93 -17.77
CA PHE E 1195 -94.58 18.68 -18.51
C PHE E 1195 -93.21 18.64 -19.18
N ASP E 1196 -92.77 17.43 -19.51
CA ASP E 1196 -91.45 17.25 -20.08
C ASP E 1196 -91.44 17.56 -21.58
N VAL E 1197 -90.26 17.91 -22.08
CA VAL E 1197 -90.11 18.19 -23.50
C VAL E 1197 -90.42 16.95 -24.34
N GLY E 1198 -89.82 15.82 -23.98
CA GLY E 1198 -90.04 14.61 -24.74
C GLY E 1198 -89.61 14.76 -26.18
N ASP E 1199 -90.42 14.23 -27.08
CA ASP E 1199 -90.14 14.28 -28.51
C ASP E 1199 -90.82 15.43 -29.22
N GLY E 1200 -91.59 16.25 -28.51
CA GLY E 1200 -92.26 17.39 -29.10
C GLY E 1200 -93.76 17.25 -29.00
N PHE E 1201 -94.45 18.21 -29.63
CA PHE E 1201 -95.91 18.26 -29.61
C PHE E 1201 -96.42 18.70 -30.96
N ILE E 1202 -97.56 18.14 -31.35
CA ILE E 1202 -98.21 18.48 -32.62
C ILE E 1202 -99.67 18.76 -32.37
N PRO E 1203 -100.30 19.64 -33.15
CA PRO E 1203 -101.73 19.89 -32.99
C PRO E 1203 -102.54 18.63 -33.26
N VAL E 1204 -103.64 18.46 -32.51
CA VAL E 1204 -104.46 17.27 -32.59
C VAL E 1204 -105.89 17.62 -32.22
N CYS E 1205 -106.84 16.88 -32.80
CA CYS E 1205 -108.24 17.05 -32.46
C CYS E 1205 -108.96 15.73 -32.66
N SER E 1206 -109.92 15.44 -31.80
CA SER E 1206 -110.76 14.25 -31.89
C SER E 1206 -112.20 14.68 -32.07
N LEU E 1207 -112.88 14.09 -33.05
CA LEU E 1207 -114.25 14.45 -33.38
C LEU E 1207 -115.15 13.26 -33.09
N GLY E 1208 -116.24 13.53 -32.35
CA GLY E 1208 -117.17 12.49 -31.97
C GLY E 1208 -118.16 12.16 -33.06
N VAL E 1209 -119.21 11.44 -32.66
CA VAL E 1209 -120.23 11.01 -33.62
C VAL E 1209 -120.98 12.22 -34.14
N ALA E 1210 -121.09 12.32 -35.46
CA ALA E 1210 -121.85 13.39 -36.11
C ALA E 1210 -121.36 14.77 -35.66
N GLN E 1211 -120.05 14.92 -35.55
CA GLN E 1211 -119.44 16.18 -35.15
C GLN E 1211 -118.58 16.72 -36.28
N VAL E 1212 -118.70 18.01 -36.54
CA VAL E 1212 -117.97 18.67 -37.62
C VAL E 1212 -117.16 19.81 -37.01
N GLY E 1213 -115.88 19.87 -37.36
CA GLY E 1213 -115.02 20.93 -36.87
C GLY E 1213 -114.03 21.35 -37.93
N ARG E 1214 -113.50 22.56 -37.76
CA ARG E 1214 -112.49 23.11 -38.65
C ARG E 1214 -111.26 23.48 -37.84
N MET E 1215 -110.09 23.32 -38.45
CA MET E 1215 -108.83 23.44 -37.74
C MET E 1215 -107.88 24.31 -38.55
N ASN E 1216 -107.40 25.39 -37.93
CA ASN E 1216 -106.63 26.41 -38.63
C ASN E 1216 -105.23 26.48 -38.04
N PHE E 1217 -104.22 26.23 -38.87
CA PHE E 1217 -102.83 26.34 -38.46
C PHE E 1217 -102.30 27.76 -38.59
N GLY E 1218 -103.10 28.68 -39.12
CA GLY E 1218 -102.68 30.05 -39.30
C GLY E 1218 -101.57 30.23 -40.31
N LYS E 1219 -101.67 29.52 -41.45
CA LYS E 1219 -100.76 29.78 -42.55
C LYS E 1219 -100.91 31.21 -43.04
N ASP E 1220 -102.15 31.67 -43.15
CA ASP E 1220 -102.45 33.09 -43.37
C ASP E 1220 -102.92 33.67 -42.05
N VAL E 1221 -102.17 34.67 -41.55
CA VAL E 1221 -102.48 35.25 -40.25
C VAL E 1221 -103.85 35.90 -40.23
N SER E 1222 -104.27 36.50 -41.35
CA SER E 1222 -105.55 37.19 -41.39
C SER E 1222 -106.71 36.24 -41.11
N THR E 1223 -106.56 34.96 -41.43
CA THR E 1223 -107.63 34.01 -41.23
C THR E 1223 -107.87 33.66 -39.76
N LEU E 1224 -106.95 34.02 -38.87
CA LEU E 1224 -107.11 33.73 -37.45
C LEU E 1224 -108.01 34.81 -36.83
N LYS E 1225 -109.12 34.37 -36.23
CA LYS E 1225 -110.12 35.32 -35.75
C LYS E 1225 -109.69 36.00 -34.45
N TYR E 1226 -109.10 35.24 -33.52
CA TYR E 1226 -108.86 35.73 -32.17
C TYR E 1226 -107.38 35.82 -31.82
N PHE E 1227 -106.50 35.64 -32.81
CA PHE E 1227 -105.07 35.74 -32.54
C PHE E 1227 -104.69 37.13 -32.02
N THR E 1228 -105.23 38.17 -32.65
CA THR E 1228 -104.88 39.53 -32.25
C THR E 1228 -105.40 39.86 -30.87
N ILE E 1229 -106.65 39.51 -30.57
CA ILE E 1229 -107.20 39.82 -29.26
C ILE E 1229 -106.49 39.02 -28.18
N CYS E 1230 -106.10 37.79 -28.49
CA CYS E 1230 -105.31 37.02 -27.53
C CYS E 1230 -104.38 36.07 -28.29
N GLY E 1231 -103.11 36.44 -28.35
CA GLY E 1231 -102.08 35.56 -28.88
C GLY E 1231 -100.99 36.31 -29.62
N LEU E 1232 -101.32 37.48 -30.15
CA LEU E 1232 -100.33 38.26 -30.88
C LEU E 1232 -99.40 39.00 -29.94
N GLN E 1233 -99.97 39.73 -28.96
CA GLN E 1233 -99.14 40.50 -28.05
C GLN E 1233 -98.37 39.60 -27.10
N GLU E 1234 -98.94 38.44 -26.76
CA GLU E 1234 -98.29 37.53 -25.82
C GLU E 1234 -97.04 36.89 -26.41
N GLY E 1235 -96.80 37.04 -27.72
CA GLY E 1235 -95.63 36.48 -28.35
C GLY E 1235 -95.81 35.11 -28.97
N TYR E 1236 -96.98 34.51 -28.84
CA TYR E 1236 -97.22 33.20 -29.44
C TYR E 1236 -97.23 33.31 -30.96
N GLU E 1237 -96.69 32.29 -31.62
CA GLU E 1237 -96.58 32.28 -33.06
C GLU E 1237 -97.60 31.34 -33.67
N PRO E 1238 -98.13 31.65 -34.85
CA PRO E 1238 -98.96 30.67 -35.56
C PRO E 1238 -98.15 29.44 -35.91
N PHE E 1239 -98.82 28.29 -35.93
CA PHE E 1239 -98.12 27.03 -36.15
C PHE E 1239 -97.56 26.95 -37.56
N ALA E 1240 -98.10 27.74 -38.49
CA ALA E 1240 -97.66 27.70 -39.87
C ALA E 1240 -97.13 29.05 -40.31
N VAL E 1241 -96.30 29.68 -39.47
CA VAL E 1241 -95.86 31.04 -39.73
C VAL E 1241 -94.93 31.11 -40.94
N ASN E 1242 -94.09 30.10 -41.11
CA ASN E 1242 -93.03 30.12 -42.12
C ASN E 1242 -93.07 28.83 -42.93
N THR E 1243 -94.25 28.45 -43.39
CA THR E 1243 -94.43 27.28 -44.24
C THR E 1243 -94.94 27.72 -45.60
N ASN E 1244 -94.20 27.38 -46.65
CA ASN E 1244 -94.63 27.71 -48.01
C ASN E 1244 -95.74 26.79 -48.49
N ARG E 1245 -95.70 25.52 -48.12
CA ARG E 1245 -96.67 24.55 -48.56
C ARG E 1245 -97.49 24.05 -47.38
N ASP E 1246 -98.71 23.59 -47.67
CA ASP E 1246 -99.67 23.26 -46.63
C ASP E 1246 -99.19 22.08 -45.79
N ILE E 1247 -99.56 22.09 -44.51
CA ILE E 1247 -99.19 21.00 -43.61
C ILE E 1247 -100.01 19.76 -43.93
N THR E 1248 -99.36 18.61 -43.89
CA THR E 1248 -100.00 17.33 -44.17
C THR E 1248 -100.90 16.94 -43.01
N MET E 1249 -102.11 16.52 -43.31
CA MET E 1249 -103.07 16.06 -42.33
C MET E 1249 -103.03 14.54 -42.24
N TRP E 1250 -102.95 14.01 -41.03
CA TRP E 1250 -103.02 12.58 -40.80
C TRP E 1250 -104.22 12.27 -39.92
N LEU E 1251 -105.00 11.28 -40.32
CA LEU E 1251 -106.22 10.90 -39.62
C LEU E 1251 -106.21 9.42 -39.29
N SER E 1252 -107.08 9.04 -38.35
CA SER E 1252 -107.20 7.65 -37.96
C SER E 1252 -107.78 6.82 -39.10
N LYS E 1253 -107.08 5.74 -39.46
CA LYS E 1253 -107.53 4.91 -40.56
C LYS E 1253 -108.82 4.18 -40.20
N ARG E 1254 -109.77 4.21 -41.12
CA ARG E 1254 -111.06 3.57 -40.92
C ARG E 1254 -111.03 2.07 -41.18
N LEU E 1255 -110.27 1.63 -42.16
CA LEU E 1255 -110.26 0.23 -42.55
C LEU E 1255 -109.14 -0.51 -41.84
N PRO E 1256 -109.45 -1.53 -41.04
CA PRO E 1256 -108.40 -2.26 -40.34
C PRO E 1256 -107.49 -3.01 -41.31
N GLN E 1257 -106.23 -3.15 -40.91
CA GLN E 1257 -105.24 -3.85 -41.71
C GLN E 1257 -104.53 -4.89 -40.85
N PHE E 1258 -103.85 -5.81 -41.53
CA PHE E 1258 -103.11 -6.88 -40.86
C PHE E 1258 -101.70 -6.38 -40.59
N LEU E 1259 -101.32 -6.34 -39.32
CA LEU E 1259 -99.97 -5.98 -38.92
C LEU E 1259 -99.44 -7.01 -37.92
N GLN E 1260 -98.12 -7.12 -37.88
CA GLN E 1260 -97.48 -8.14 -37.05
C GLN E 1260 -97.82 -7.94 -35.59
N VAL E 1261 -98.01 -9.05 -34.88
CA VAL E 1261 -98.36 -9.01 -33.46
C VAL E 1261 -97.20 -8.42 -32.69
N PRO E 1262 -97.41 -7.32 -31.96
CA PRO E 1262 -96.31 -6.72 -31.21
C PRO E 1262 -95.85 -7.61 -30.06
N SER E 1263 -94.55 -7.52 -29.76
CA SER E 1263 -94.02 -8.26 -28.63
C SER E 1263 -94.55 -7.74 -27.31
N ASN E 1264 -94.92 -6.47 -27.25
CA ASN E 1264 -95.45 -5.87 -26.04
C ASN E 1264 -96.98 -5.87 -25.99
N HIS E 1265 -97.64 -6.65 -26.84
CA HIS E 1265 -99.09 -6.68 -26.85
C HIS E 1265 -99.60 -7.20 -25.50
N GLU E 1266 -100.72 -6.62 -25.06
CA GLU E 1266 -101.29 -6.95 -23.77
C GLU E 1266 -102.19 -8.17 -23.80
N HIS E 1267 -102.52 -8.70 -24.97
CA HIS E 1267 -103.48 -9.78 -25.04
C HIS E 1267 -102.97 -10.99 -25.82
N ILE E 1268 -102.15 -10.75 -26.84
CA ILE E 1268 -101.70 -11.83 -27.72
C ILE E 1268 -100.23 -12.12 -27.43
N GLU E 1269 -99.90 -13.40 -27.36
CA GLU E 1269 -98.53 -13.86 -27.30
C GLU E 1269 -98.33 -14.93 -28.36
N VAL E 1270 -97.24 -14.82 -29.12
CA VAL E 1270 -96.93 -15.75 -30.19
C VAL E 1270 -95.58 -16.40 -29.89
N THR E 1271 -95.58 -17.73 -29.84
CA THR E 1271 -94.37 -18.50 -29.57
C THR E 1271 -94.03 -19.32 -30.81
N ARG E 1272 -92.79 -19.21 -31.27
CA ARG E 1272 -92.34 -19.89 -32.48
C ARG E 1272 -91.63 -21.18 -32.06
N ILE E 1273 -92.39 -22.26 -31.95
CA ILE E 1273 -91.81 -23.54 -31.58
C ILE E 1273 -91.07 -24.13 -32.78
N ASP E 1274 -89.79 -24.46 -32.57
CA ASP E 1274 -88.97 -25.03 -33.62
C ASP E 1274 -89.33 -26.49 -33.84
N GLY E 1275 -89.24 -26.92 -35.10
CA GLY E 1275 -89.57 -28.29 -35.46
C GLY E 1275 -88.42 -29.23 -35.19
N THR E 1276 -88.71 -30.32 -34.48
CA THR E 1276 -87.71 -31.33 -34.18
C THR E 1276 -87.68 -32.37 -35.30
N ILE E 1277 -86.98 -33.49 -35.06
CA ILE E 1277 -86.94 -34.55 -36.06
C ILE E 1277 -88.31 -35.19 -36.21
N ASP E 1278 -89.08 -35.29 -35.12
CA ASP E 1278 -90.38 -35.94 -35.13
C ASP E 1278 -91.54 -34.96 -35.08
N SER E 1279 -91.27 -33.66 -34.94
CA SER E 1279 -92.32 -32.65 -34.84
C SER E 1279 -92.07 -31.57 -35.86
N SER E 1280 -93.15 -31.12 -36.52
CA SER E 1280 -93.05 -30.05 -37.47
C SER E 1280 -92.95 -28.70 -36.76
N PRO E 1281 -92.41 -27.68 -37.43
CA PRO E 1281 -92.39 -26.35 -36.83
C PRO E 1281 -93.81 -25.86 -36.54
N CYS E 1282 -93.95 -25.14 -35.43
CA CYS E 1282 -95.26 -24.71 -34.97
C CYS E 1282 -95.22 -23.24 -34.57
N LEU E 1283 -96.37 -22.58 -34.73
CA LEU E 1283 -96.59 -21.22 -34.26
C LEU E 1283 -97.80 -21.24 -33.35
N LYS E 1284 -97.61 -20.90 -32.08
CA LYS E 1284 -98.64 -21.02 -31.07
C LYS E 1284 -99.14 -19.63 -30.67
N VAL E 1285 -100.45 -19.46 -30.66
CA VAL E 1285 -101.09 -18.20 -30.27
C VAL E 1285 -101.81 -18.43 -28.95
N THR E 1286 -101.47 -17.63 -27.95
CA THR E 1286 -102.05 -17.76 -26.62
C THR E 1286 -102.31 -16.37 -26.04
N GLN E 1287 -103.25 -16.30 -25.11
CA GLN E 1287 -103.56 -15.05 -24.42
C GLN E 1287 -102.86 -15.02 -23.07
N LYS E 1288 -102.01 -14.01 -22.88
CA LYS E 1288 -101.30 -13.87 -21.62
C LYS E 1288 -102.22 -13.32 -20.54
N SER E 1289 -103.25 -12.57 -20.92
CA SER E 1289 -104.11 -11.87 -19.98
C SER E 1289 -105.44 -12.57 -19.76
N PHE E 1290 -105.58 -13.81 -20.21
CA PHE E 1290 -106.85 -14.51 -20.08
C PHE E 1290 -107.19 -14.75 -18.61
N GLY E 1291 -108.46 -14.66 -18.30
CA GLY E 1291 -108.94 -14.85 -16.93
C GLY E 1291 -108.90 -13.60 -16.08
N SER E 1292 -107.81 -12.84 -16.17
CA SER E 1292 -107.67 -11.64 -15.39
C SER E 1292 -108.59 -10.54 -15.90
N GLN E 1293 -108.73 -9.50 -15.09
CA GLN E 1293 -109.55 -8.36 -15.47
C GLN E 1293 -108.91 -7.63 -16.65
N ASN E 1294 -109.74 -6.85 -17.37
CA ASN E 1294 -109.34 -6.05 -18.51
C ASN E 1294 -109.13 -6.94 -19.74
N SER E 1295 -109.21 -8.26 -19.56
CA SER E 1295 -109.11 -9.17 -20.68
C SER E 1295 -110.28 -8.97 -21.63
N ASN E 1296 -110.00 -9.01 -22.93
CA ASN E 1296 -110.99 -8.76 -23.97
C ASN E 1296 -111.43 -10.08 -24.57
N THR E 1297 -112.73 -10.37 -24.47
CA THR E 1297 -113.32 -11.57 -25.03
C THR E 1297 -114.03 -11.21 -26.33
N ASP E 1298 -113.25 -10.97 -27.38
CA ASP E 1298 -113.80 -10.72 -28.71
C ASP E 1298 -113.06 -11.57 -29.72
N ILE E 1299 -113.75 -11.89 -30.82
CA ILE E 1299 -113.12 -12.68 -31.87
C ILE E 1299 -111.96 -11.88 -32.47
N MET E 1300 -110.82 -12.53 -32.60
CA MET E 1300 -109.63 -11.88 -33.12
C MET E 1300 -109.12 -12.62 -34.35
N PHE E 1301 -108.80 -11.87 -35.39
CA PHE E 1301 -108.51 -12.43 -36.70
C PHE E 1301 -107.00 -12.54 -36.90
N TYR E 1302 -106.53 -13.74 -37.18
CA TYR E 1302 -105.11 -14.01 -37.36
C TYR E 1302 -104.85 -14.52 -38.77
N ARG E 1303 -103.73 -14.13 -39.34
CA ARG E 1303 -103.29 -14.60 -40.65
C ARG E 1303 -101.79 -14.74 -40.67
N LEU E 1304 -101.30 -15.48 -41.66
CA LEU E 1304 -99.87 -15.65 -41.87
C LEU E 1304 -99.37 -14.63 -42.88
N SER E 1305 -98.08 -14.30 -42.78
CA SER E 1305 -97.54 -13.19 -43.56
C SER E 1305 -97.51 -13.52 -45.05
N MET E 1306 -97.16 -14.75 -45.41
CA MET E 1306 -96.97 -14.89 -46.85
C MET E 1306 -98.09 -15.70 -47.49
N PRO E 1307 -98.48 -15.34 -48.71
CA PRO E 1307 -99.59 -16.04 -49.37
C PRO E 1307 -99.17 -17.15 -50.30
N ILE E 1308 -100.09 -18.08 -50.57
CA ILE E 1308 -99.90 -19.09 -51.60
C ILE E 1308 -100.59 -18.60 -52.87
N GLU E 1309 -99.86 -18.57 -53.98
CA GLU E 1309 -100.37 -18.05 -55.23
C GLU E 1309 -100.76 -19.21 -56.14
N CYS E 1310 -101.99 -19.18 -56.65
CA CYS E 1310 -102.44 -20.20 -57.56
C CYS E 1310 -101.86 -19.98 -58.95
N ALA E 1311 -101.94 -21.02 -59.78
CA ALA E 1311 -101.38 -20.96 -61.12
C ALA E 1311 -102.17 -19.98 -61.99
N GLU E 1312 -101.48 -19.43 -62.98
CA GLU E 1312 -102.10 -18.49 -63.90
C GLU E 1312 -103.12 -19.13 -64.83
N VAL E 1313 -102.83 -20.33 -65.33
CA VAL E 1313 -103.73 -21.05 -66.22
C VAL E 1313 -104.03 -22.40 -65.59
N PHE E 1314 -105.30 -22.64 -65.29
CA PHE E 1314 -105.68 -23.90 -64.66
C PHE E 1314 -105.64 -25.03 -65.67
N SER E 1315 -105.05 -26.15 -65.25
CA SER E 1315 -104.93 -27.31 -66.13
C SER E 1315 -106.30 -27.92 -66.41
N LYS E 1316 -106.45 -28.44 -67.62
CA LYS E 1316 -107.70 -29.09 -68.03
C LYS E 1316 -107.59 -30.60 -67.88
N ARG E 1414 -94.77 -44.65 -47.11
CA ARG E 1414 -93.74 -44.01 -47.91
C ARG E 1414 -94.37 -43.14 -49.00
N ASP E 1415 -93.95 -41.88 -49.06
CA ASP E 1415 -94.50 -40.96 -50.04
C ASP E 1415 -93.65 -41.00 -51.31
N ASP E 1416 -94.31 -40.89 -52.46
CA ASP E 1416 -93.61 -40.93 -53.73
C ASP E 1416 -92.81 -39.65 -53.94
N TYR E 1417 -91.50 -39.80 -54.09
CA TYR E 1417 -90.64 -38.64 -54.29
C TYR E 1417 -90.91 -37.95 -55.62
N ASP E 1418 -91.22 -38.71 -56.67
CA ASP E 1418 -91.54 -38.10 -57.96
C ASP E 1418 -92.88 -37.37 -57.90
N PHE E 1419 -93.86 -37.94 -57.20
CA PHE E 1419 -95.13 -37.25 -57.01
C PHE E 1419 -94.94 -35.97 -56.23
N LEU E 1420 -94.10 -36.01 -55.20
CA LEU E 1420 -93.79 -34.79 -54.45
C LEU E 1420 -93.10 -33.75 -55.30
N MET E 1421 -92.29 -34.14 -56.30
CA MET E 1421 -91.64 -33.17 -57.16
C MET E 1421 -92.55 -32.64 -58.26
N GLN E 1422 -93.52 -33.42 -58.73
CA GLN E 1422 -94.44 -32.97 -59.77
C GLN E 1422 -95.72 -32.36 -59.22
N THR E 1423 -95.93 -32.41 -57.91
CA THR E 1423 -97.19 -31.96 -57.32
C THR E 1423 -97.17 -30.46 -57.04
N SER E 1424 -98.36 -29.89 -56.93
CA SER E 1424 -98.54 -28.49 -56.57
C SER E 1424 -99.49 -28.31 -55.40
N THR E 1425 -99.69 -29.34 -54.59
CA THR E 1425 -100.61 -29.27 -53.46
C THR E 1425 -99.84 -29.01 -52.18
N TYR E 1426 -100.29 -28.03 -51.40
CA TYR E 1426 -99.61 -27.61 -50.20
C TYR E 1426 -100.54 -27.77 -49.00
N TYR E 1427 -99.95 -27.94 -47.83
CA TYR E 1427 -100.69 -28.33 -46.63
C TYR E 1427 -100.22 -27.55 -45.42
N TYR E 1428 -101.17 -27.13 -44.60
CA TYR E 1428 -100.88 -26.69 -43.24
C TYR E 1428 -102.03 -27.12 -42.36
N SER E 1429 -101.76 -27.27 -41.07
CA SER E 1429 -102.77 -27.73 -40.12
C SER E 1429 -102.78 -26.84 -38.90
N VAL E 1430 -103.94 -26.81 -38.23
CA VAL E 1430 -104.14 -25.99 -37.04
C VAL E 1430 -104.61 -26.90 -35.91
N ARG E 1431 -103.95 -26.80 -34.76
CA ARG E 1431 -104.31 -27.58 -33.58
C ARG E 1431 -105.05 -26.68 -32.61
N ILE E 1432 -106.31 -27.02 -32.33
CA ILE E 1432 -107.07 -26.32 -31.31
C ILE E 1432 -106.87 -27.05 -29.99
N PHE E 1433 -106.20 -26.41 -29.05
CA PHE E 1433 -105.84 -27.04 -27.80
C PHE E 1433 -107.07 -27.42 -27.00
N PRO E 1434 -107.06 -28.58 -26.35
CA PRO E 1434 -108.23 -29.01 -25.57
C PRO E 1434 -108.56 -27.98 -24.51
N GLY E 1435 -109.85 -27.68 -24.38
CA GLY E 1435 -110.32 -26.61 -23.52
C GLY E 1435 -110.70 -25.34 -24.25
N GLN E 1436 -110.34 -25.20 -25.52
CA GLN E 1436 -110.74 -24.08 -26.34
C GLN E 1436 -111.96 -24.49 -27.16
N GLU E 1437 -113.01 -23.69 -27.12
CA GLU E 1437 -114.24 -24.05 -27.79
C GLU E 1437 -114.05 -24.08 -29.29
N PRO E 1438 -114.31 -25.21 -29.96
CA PRO E 1438 -114.14 -25.25 -31.41
C PRO E 1438 -115.14 -24.42 -32.17
N ALA E 1439 -116.32 -24.16 -31.60
CA ALA E 1439 -117.31 -23.34 -32.29
C ALA E 1439 -116.83 -21.90 -32.43
N ASN E 1440 -115.89 -21.48 -31.59
CA ASN E 1440 -115.35 -20.13 -31.63
C ASN E 1440 -114.12 -20.01 -32.52
N VAL E 1441 -113.72 -21.09 -33.18
CA VAL E 1441 -112.51 -21.12 -33.98
C VAL E 1441 -112.87 -21.45 -35.42
N TRP E 1442 -112.37 -20.65 -36.36
CA TRP E 1442 -112.56 -20.88 -37.78
C TRP E 1442 -111.19 -21.02 -38.43
N VAL E 1443 -111.08 -21.95 -39.37
CA VAL E 1443 -109.81 -22.24 -40.05
C VAL E 1443 -110.04 -22.22 -41.55
N GLY E 1444 -109.08 -21.69 -42.28
CA GLY E 1444 -109.16 -21.71 -43.73
C GLY E 1444 -108.20 -20.67 -44.32
N TRP E 1445 -108.55 -20.21 -45.52
CA TRP E 1445 -107.75 -19.26 -46.26
C TRP E 1445 -108.53 -17.96 -46.48
N ILE E 1446 -107.80 -16.85 -46.55
CA ILE E 1446 -108.39 -15.56 -46.89
C ILE E 1446 -107.50 -14.88 -47.92
N THR E 1447 -108.06 -13.91 -48.63
CA THR E 1447 -107.32 -13.14 -49.60
C THR E 1447 -106.92 -11.80 -49.00
N SER E 1448 -106.33 -10.93 -49.84
CA SER E 1448 -105.85 -9.65 -49.35
C SER E 1448 -106.99 -8.67 -49.11
N ASP E 1449 -108.15 -8.89 -49.73
CA ASP E 1449 -109.25 -7.94 -49.62
C ASP E 1449 -109.94 -7.98 -48.26
N PHE E 1450 -109.62 -8.95 -47.41
CA PHE E 1450 -110.34 -9.13 -46.14
C PHE E 1450 -109.98 -7.99 -45.20
N HIS E 1451 -110.92 -7.07 -45.01
CA HIS E 1451 -110.80 -5.96 -44.07
C HIS E 1451 -112.04 -5.85 -43.21
N GLN E 1452 -112.68 -6.98 -42.93
CA GLN E 1452 -113.97 -7.01 -42.24
C GLN E 1452 -113.71 -7.33 -40.77
N TYR E 1453 -113.93 -6.35 -39.91
CA TYR E 1453 -113.81 -6.51 -38.47
C TYR E 1453 -115.21 -6.45 -37.86
N ASP E 1454 -115.76 -7.62 -37.52
CA ASP E 1454 -117.06 -7.72 -36.88
C ASP E 1454 -116.90 -8.46 -35.57
N THR E 1455 -117.47 -7.92 -34.50
CA THR E 1455 -117.43 -8.60 -33.22
C THR E 1455 -118.13 -9.94 -33.28
N GLY E 1456 -119.14 -10.07 -34.14
CA GLY E 1456 -119.79 -11.34 -34.37
C GLY E 1456 -119.57 -11.81 -35.80
N PHE E 1457 -118.79 -12.86 -35.96
CA PHE E 1457 -118.42 -13.37 -37.28
C PHE E 1457 -119.13 -14.69 -37.55
N ASP E 1458 -119.77 -14.79 -38.70
CA ASP E 1458 -120.41 -16.02 -39.14
C ASP E 1458 -120.05 -16.26 -40.59
N LEU E 1459 -119.98 -17.54 -40.98
CA LEU E 1459 -119.61 -17.87 -42.34
C LEU E 1459 -120.65 -17.38 -43.36
N ASP E 1460 -121.88 -17.13 -42.93
CA ASP E 1460 -122.90 -16.68 -43.87
C ASP E 1460 -122.72 -15.20 -44.21
N ARG E 1461 -121.98 -14.47 -43.39
CA ARG E 1461 -121.85 -13.03 -43.55
C ARG E 1461 -120.65 -12.63 -44.39
N VAL E 1462 -119.91 -13.60 -44.95
CA VAL E 1462 -118.75 -13.26 -45.77
C VAL E 1462 -119.21 -12.61 -47.06
N ARG E 1463 -118.35 -11.77 -47.64
CA ARG E 1463 -118.68 -11.10 -48.87
C ARG E 1463 -118.43 -12.01 -50.06
N THR E 1464 -119.47 -12.22 -50.86
CA THR E 1464 -119.38 -13.11 -52.01
C THR E 1464 -120.03 -12.43 -53.21
N VAL E 1465 -119.65 -12.89 -54.40
CA VAL E 1465 -120.25 -12.44 -55.65
C VAL E 1465 -120.10 -13.57 -56.67
N THR E 1466 -121.09 -13.68 -57.55
CA THR E 1466 -121.11 -14.71 -58.58
C THR E 1466 -121.22 -14.04 -59.95
N VAL E 1467 -120.10 -14.00 -60.67
CA VAL E 1467 -120.10 -13.46 -62.02
C VAL E 1467 -120.48 -14.58 -62.98
N THR E 1468 -121.55 -14.37 -63.73
CA THR E 1468 -122.07 -15.37 -64.66
C THR E 1468 -121.98 -14.81 -66.07
N LEU E 1469 -120.94 -15.22 -66.80
CA LEU E 1469 -120.80 -14.85 -68.19
C LEU E 1469 -121.55 -15.85 -69.06
N GLY E 1470 -122.39 -15.35 -69.95
CA GLY E 1470 -123.22 -16.21 -70.78
C GLY E 1470 -123.01 -15.91 -72.26
N ASP E 1471 -123.53 -16.81 -73.07
CA ASP E 1471 -123.44 -16.68 -74.53
C ASP E 1471 -124.36 -15.60 -75.05
N GLU E 1472 -124.39 -15.41 -76.38
CA GLU E 1472 -125.24 -14.40 -76.98
C GLU E 1472 -126.72 -14.70 -76.72
N LYS E 1473 -127.11 -15.98 -76.78
CA LYS E 1473 -128.49 -16.35 -76.51
C LYS E 1473 -128.87 -16.06 -75.07
N GLY E 1474 -127.90 -16.10 -74.15
CA GLY E 1474 -128.15 -15.87 -72.76
C GLY E 1474 -127.91 -17.06 -71.86
N LYS E 1475 -127.59 -18.22 -72.43
CA LYS E 1475 -127.30 -19.39 -71.61
C LYS E 1475 -125.98 -19.19 -70.88
N VAL E 1476 -125.99 -19.41 -69.57
CA VAL E 1476 -124.81 -19.19 -68.74
C VAL E 1476 -123.88 -20.38 -68.92
N HIS E 1477 -122.84 -20.20 -69.75
CA HIS E 1477 -121.90 -21.29 -69.98
C HIS E 1477 -120.94 -21.44 -68.81
N GLU E 1478 -120.77 -20.40 -68.00
CA GLU E 1478 -119.88 -20.48 -66.86
C GLU E 1478 -120.32 -19.49 -65.79
N SER E 1479 -120.25 -19.93 -64.53
CA SER E 1479 -120.55 -19.09 -63.37
C SER E 1479 -119.36 -19.17 -62.44
N ILE E 1480 -118.98 -18.03 -61.88
CA ILE E 1480 -117.74 -17.91 -61.11
C ILE E 1480 -118.08 -17.32 -59.75
N LYS E 1481 -117.85 -18.08 -58.70
CA LYS E 1481 -118.02 -17.58 -57.34
C LYS E 1481 -116.72 -16.95 -56.87
N ARG E 1482 -116.79 -15.72 -56.40
CA ARG E 1482 -115.62 -14.99 -55.94
C ARG E 1482 -115.87 -14.45 -54.55
N SER E 1483 -114.95 -14.70 -53.63
CA SER E 1483 -115.08 -14.29 -52.25
C SER E 1483 -113.70 -14.03 -51.67
N ASN E 1484 -113.67 -13.33 -50.54
CA ASN E 1484 -112.41 -13.02 -49.88
C ASN E 1484 -112.09 -13.98 -48.74
N CYS E 1485 -113.06 -14.74 -48.26
CA CYS E 1485 -112.87 -15.66 -47.16
C CYS E 1485 -113.30 -17.07 -47.57
N TYR E 1486 -112.41 -18.03 -47.38
CA TYR E 1486 -112.69 -19.45 -47.62
C TYR E 1486 -112.27 -20.20 -46.37
N MET E 1487 -113.19 -20.33 -45.41
CA MET E 1487 -112.85 -20.83 -44.10
C MET E 1487 -113.97 -21.75 -43.62
N VAL E 1488 -113.63 -22.60 -42.65
CA VAL E 1488 -114.58 -23.54 -42.08
C VAL E 1488 -114.53 -23.45 -40.56
N CYS E 1489 -115.60 -23.92 -39.93
CA CYS E 1489 -115.72 -23.88 -38.48
C CYS E 1489 -115.36 -25.21 -37.87
N ALA E 1490 -114.62 -25.17 -36.76
CA ALA E 1490 -114.24 -26.40 -36.09
C ALA E 1490 -115.41 -27.03 -35.34
N GLY E 1491 -116.36 -26.21 -34.89
CA GLY E 1491 -117.51 -26.76 -34.18
C GLY E 1491 -118.31 -27.72 -35.05
N GLU E 1492 -118.55 -27.33 -36.30
CA GLU E 1492 -119.23 -28.24 -37.23
C GLU E 1492 -118.29 -29.35 -37.71
N SER E 1493 -116.99 -29.07 -37.76
CA SER E 1493 -116.04 -30.10 -38.16
C SER E 1493 -115.99 -31.22 -37.14
N MET E 1494 -116.38 -30.93 -35.89
CA MET E 1494 -116.43 -31.94 -34.83
C MET E 1494 -117.57 -32.90 -35.11
N SER E 1495 -117.34 -33.76 -36.11
CA SER E 1495 -118.36 -34.74 -36.47
C SER E 1495 -118.39 -35.94 -35.54
N PRO E 1496 -117.29 -36.68 -35.31
CA PRO E 1496 -117.41 -37.89 -34.48
C PRO E 1496 -117.82 -37.62 -33.05
N GLY E 1497 -117.39 -36.49 -32.49
CA GLY E 1497 -117.73 -36.20 -31.11
C GLY E 1497 -116.83 -36.92 -30.13
N GLN E 1498 -116.46 -36.19 -29.07
CA GLN E 1498 -115.57 -36.64 -28.00
C GLN E 1498 -114.17 -36.99 -28.48
N GLY E 1499 -113.85 -36.74 -29.75
CA GLY E 1499 -112.53 -36.98 -30.28
C GLY E 1499 -111.55 -35.85 -30.13
N ARG E 1500 -111.96 -34.75 -29.51
CA ARG E 1500 -111.09 -33.60 -29.32
C ARG E 1500 -110.66 -33.39 -27.88
N ASN E 1501 -111.47 -33.79 -26.91
CA ASN E 1501 -111.09 -33.64 -25.51
C ASN E 1501 -109.84 -34.44 -25.17
N ASN E 1502 -109.69 -35.63 -25.74
CA ASN E 1502 -108.49 -36.42 -25.50
C ASN E 1502 -107.27 -35.77 -26.17
N ASN E 1503 -107.41 -35.36 -27.43
CA ASN E 1503 -106.34 -34.71 -28.16
C ASN E 1503 -106.92 -33.59 -29.00
N GLY E 1504 -106.23 -32.45 -29.02
CA GLY E 1504 -106.77 -31.28 -29.69
C GLY E 1504 -107.07 -31.57 -31.15
N LEU E 1505 -108.21 -31.03 -31.62
CA LEU E 1505 -108.66 -31.29 -32.97
C LEU E 1505 -107.71 -30.64 -33.97
N GLU E 1506 -107.53 -31.29 -35.12
CA GLU E 1506 -106.61 -30.83 -36.15
C GLU E 1506 -107.34 -30.73 -37.47
N ILE E 1507 -107.61 -29.50 -37.92
CA ILE E 1507 -108.09 -29.28 -39.28
C ILE E 1507 -106.88 -29.23 -40.20
N GLY E 1508 -106.97 -29.97 -41.30
CA GLY E 1508 -105.93 -29.94 -42.31
C GLY E 1508 -106.37 -29.23 -43.56
N CYS E 1509 -105.65 -28.19 -43.96
CA CYS E 1509 -105.99 -27.40 -45.14
C CYS E 1509 -105.04 -27.75 -46.26
N VAL E 1510 -105.58 -28.23 -47.38
CA VAL E 1510 -104.79 -28.54 -48.56
C VAL E 1510 -105.28 -27.67 -49.70
N VAL E 1511 -104.34 -27.03 -50.39
CA VAL E 1511 -104.62 -26.15 -51.52
C VAL E 1511 -103.94 -26.72 -52.76
N ASP E 1512 -104.70 -26.86 -53.83
CA ASP E 1512 -104.18 -27.33 -55.11
C ASP E 1512 -103.95 -26.11 -55.99
N ALA E 1513 -102.71 -25.61 -56.00
CA ALA E 1513 -102.36 -24.42 -56.76
C ALA E 1513 -102.52 -24.61 -58.26
N ALA E 1514 -102.53 -25.85 -58.75
CA ALA E 1514 -102.70 -26.09 -60.17
C ALA E 1514 -104.16 -26.08 -60.60
N SER E 1515 -105.08 -26.42 -59.70
CA SER E 1515 -106.50 -26.44 -60.02
C SER E 1515 -107.33 -25.46 -59.21
N GLY E 1516 -106.78 -24.86 -58.17
CA GLY E 1516 -107.55 -23.92 -57.38
C GLY E 1516 -108.61 -24.56 -56.51
N LEU E 1517 -108.43 -25.82 -56.15
CA LEU E 1517 -109.41 -26.55 -55.34
C LEU E 1517 -108.98 -26.51 -53.88
N LEU E 1518 -109.83 -25.96 -53.02
CA LEU E 1518 -109.56 -25.86 -51.60
C LEU E 1518 -110.43 -26.86 -50.86
N THR E 1519 -109.80 -27.90 -50.32
CA THR E 1519 -110.51 -28.91 -49.53
C THR E 1519 -109.89 -28.99 -48.14
N PHE E 1520 -110.70 -29.41 -47.18
CA PHE E 1520 -110.30 -29.46 -45.78
C PHE E 1520 -110.47 -30.87 -45.25
N ILE E 1521 -109.51 -31.31 -44.46
CA ILE E 1521 -109.56 -32.61 -43.78
C ILE E 1521 -109.47 -32.35 -42.28
N ALA E 1522 -110.30 -33.06 -41.52
CA ALA E 1522 -110.34 -32.93 -40.08
C ALA E 1522 -110.29 -34.31 -39.45
N ASN E 1523 -109.33 -34.51 -38.54
CA ASN E 1523 -109.15 -35.78 -37.85
C ASN E 1523 -108.96 -36.93 -38.83
N GLY E 1524 -108.25 -36.69 -39.92
CA GLY E 1524 -107.95 -37.74 -40.86
C GLY E 1524 -109.04 -38.08 -41.84
N LYS E 1525 -110.13 -37.32 -41.87
CA LYS E 1525 -111.21 -37.58 -42.81
C LYS E 1525 -111.61 -36.27 -43.50
N GLU E 1526 -111.88 -36.35 -44.79
CA GLU E 1526 -112.17 -35.17 -45.58
C GLU E 1526 -113.53 -34.60 -45.23
N LEU E 1527 -113.60 -33.29 -45.05
CA LEU E 1527 -114.87 -32.62 -44.82
C LEU E 1527 -115.60 -32.40 -46.14
N SER E 1528 -116.92 -32.22 -46.04
CA SER E 1528 -117.73 -32.05 -47.24
C SER E 1528 -117.51 -30.70 -47.90
N THR E 1529 -117.25 -29.65 -47.12
CA THR E 1529 -117.11 -28.31 -47.67
C THR E 1529 -115.83 -28.21 -48.50
N TYR E 1530 -115.96 -27.63 -49.69
CA TYR E 1530 -114.83 -27.42 -50.59
C TYR E 1530 -115.03 -26.11 -51.33
N TYR E 1531 -113.93 -25.44 -51.62
CA TYR E 1531 -113.96 -24.14 -52.30
C TYR E 1531 -113.12 -24.23 -53.57
N GLN E 1532 -113.65 -23.68 -54.66
CA GLN E 1532 -112.92 -23.59 -55.91
C GLN E 1532 -112.65 -22.11 -56.21
N VAL E 1533 -111.38 -21.75 -56.34
CA VAL E 1533 -111.00 -20.37 -56.56
C VAL E 1533 -110.57 -20.19 -58.01
N GLU E 1534 -110.55 -18.94 -58.46
CA GLU E 1534 -110.16 -18.58 -59.81
C GLU E 1534 -108.64 -18.43 -59.91
N PRO E 1535 -108.08 -18.52 -61.11
CA PRO E 1535 -106.62 -18.49 -61.25
C PRO E 1535 -106.02 -17.19 -60.75
N SER E 1536 -104.75 -17.28 -60.34
CA SER E 1536 -103.91 -16.19 -59.85
C SER E 1536 -104.36 -15.68 -58.50
N THR E 1537 -105.26 -16.38 -57.81
CA THR E 1537 -105.68 -15.96 -56.48
C THR E 1537 -104.57 -16.15 -55.48
N LYS E 1538 -104.33 -15.14 -54.65
CA LYS E 1538 -103.32 -15.19 -53.60
C LYS E 1538 -104.03 -15.45 -52.27
N LEU E 1539 -103.78 -16.60 -51.68
CA LEU E 1539 -104.47 -17.04 -50.48
C LEU E 1539 -103.55 -17.00 -49.28
N PHE E 1540 -103.99 -16.34 -48.22
CA PHE E 1540 -103.26 -16.26 -46.96
C PHE E 1540 -103.84 -17.26 -45.98
N PRO E 1541 -103.02 -18.09 -45.35
CA PRO E 1541 -103.53 -18.90 -44.23
C PRO E 1541 -104.07 -18.00 -43.14
N ALA E 1542 -105.21 -18.39 -42.58
CA ALA E 1542 -105.87 -17.52 -41.60
C ALA E 1542 -106.66 -18.36 -40.63
N VAL E 1543 -106.67 -17.91 -39.37
CA VAL E 1543 -107.49 -18.53 -38.32
C VAL E 1543 -108.19 -17.43 -37.53
N PHE E 1544 -109.51 -17.50 -37.45
CA PHE E 1544 -110.29 -16.59 -36.63
C PHE E 1544 -110.75 -17.33 -35.39
N ALA E 1545 -110.49 -16.76 -34.22
CA ALA E 1545 -110.78 -17.46 -32.99
C ALA E 1545 -111.16 -16.47 -31.89
N GLN E 1546 -112.15 -16.87 -31.10
CA GLN E 1546 -112.47 -16.22 -29.84
C GLN E 1546 -112.00 -17.11 -28.70
N ALA E 1547 -111.16 -16.55 -27.84
CA ALA E 1547 -110.45 -17.37 -26.86
C ALA E 1547 -111.35 -17.73 -25.69
N THR E 1548 -111.45 -19.02 -25.42
CA THR E 1548 -112.07 -19.53 -24.20
C THR E 1548 -111.06 -20.21 -23.28
N SER E 1549 -109.78 -19.96 -23.50
CA SER E 1549 -108.71 -20.64 -22.77
C SER E 1549 -107.47 -19.78 -22.84
N PRO E 1550 -106.53 -19.97 -21.91
CA PRO E 1550 -105.24 -19.27 -22.05
C PRO E 1550 -104.53 -19.61 -23.34
N ASN E 1551 -104.63 -20.86 -23.79
CA ASN E 1551 -104.07 -21.28 -25.07
C ASN E 1551 -105.20 -21.42 -26.07
N VAL E 1552 -105.01 -20.82 -27.26
CA VAL E 1552 -106.10 -20.74 -28.23
C VAL E 1552 -105.93 -21.79 -29.31
N PHE E 1553 -104.83 -21.71 -30.06
CA PHE E 1553 -104.59 -22.64 -31.15
C PHE E 1553 -103.11 -22.64 -31.49
N GLN E 1554 -102.76 -23.38 -32.53
CA GLN E 1554 -101.36 -23.56 -32.92
C GLN E 1554 -101.27 -23.78 -34.42
N PHE E 1555 -100.52 -22.92 -35.10
CA PHE E 1555 -100.22 -23.14 -36.51
C PHE E 1555 -99.20 -24.26 -36.63
N GLU E 1556 -99.55 -25.33 -37.34
CA GLU E 1556 -98.64 -26.43 -37.60
C GLU E 1556 -98.30 -26.46 -39.08
N LEU E 1557 -97.02 -26.44 -39.40
CA LEU E 1557 -96.54 -26.31 -40.77
C LEU E 1557 -95.93 -27.60 -41.29
N GLY E 1558 -96.54 -28.73 -40.94
CA GLY E 1558 -96.10 -30.03 -41.40
C GLY E 1558 -96.69 -30.39 -42.75
N ARG E 1559 -96.54 -31.66 -43.11
CA ARG E 1559 -97.10 -32.16 -44.35
C ARG E 1559 -97.68 -33.54 -44.11
N ILE E 1560 -98.58 -33.93 -45.02
CA ILE E 1560 -99.14 -35.27 -45.02
C ILE E 1560 -98.69 -35.97 -46.30
N LYS E 1561 -99.12 -37.22 -46.44
CA LYS E 1561 -98.70 -38.03 -47.58
C LYS E 1561 -99.16 -37.40 -48.89
N ASN E 1562 -98.29 -37.43 -49.89
CA ASN E 1562 -98.55 -36.96 -51.26
C ASN E 1562 -98.81 -35.46 -51.34
N VAL E 1563 -98.41 -34.69 -50.33
CA VAL E 1563 -98.63 -33.25 -50.33
C VAL E 1563 -97.34 -32.56 -49.90
N MET E 1564 -97.10 -31.40 -50.49
CA MET E 1564 -95.94 -30.55 -50.30
C MET E 1564 -96.11 -29.74 -49.01
N PRO E 1565 -95.04 -29.45 -48.27
CA PRO E 1565 -95.18 -28.54 -47.13
C PRO E 1565 -95.46 -27.11 -47.59
N LEU E 1566 -96.04 -26.33 -46.67
CA LEU E 1566 -96.44 -24.96 -46.98
C LEU E 1566 -95.27 -24.07 -47.35
N SER E 1567 -94.11 -24.24 -46.72
CA SER E 1567 -92.94 -23.45 -47.07
C SER E 1567 -92.50 -23.67 -48.51
N ALA E 1568 -92.68 -24.88 -49.04
CA ALA E 1568 -92.33 -25.16 -50.42
C ALA E 1568 -93.12 -24.34 -51.42
N GLY E 1569 -94.31 -23.88 -51.04
CA GLY E 1569 -95.10 -23.03 -51.90
C GLY E 1569 -94.92 -21.56 -51.58
N LEU E 1570 -94.68 -21.26 -50.30
CA LEU E 1570 -94.48 -19.88 -49.90
C LEU E 1570 -93.17 -19.33 -50.47
N PHE E 1571 -92.08 -20.08 -50.33
CA PHE E 1571 -90.78 -19.61 -50.76
C PHE E 1571 -90.36 -20.27 -52.07
N LYS E 1572 -89.68 -19.50 -52.91
CA LYS E 1572 -89.21 -19.97 -54.21
C LYS E 1572 -87.97 -20.85 -54.11
N SER E 1573 -87.09 -20.57 -53.16
CA SER E 1573 -85.88 -21.36 -53.02
C SER E 1573 -86.17 -22.76 -52.51
N GLU E 1574 -87.27 -22.93 -51.78
CA GLU E 1574 -87.63 -24.22 -51.20
C GLU E 1574 -88.68 -24.95 -52.05
N HIS E 1575 -88.74 -24.65 -53.35
CA HIS E 1575 -89.80 -25.21 -54.18
C HIS E 1575 -89.73 -26.73 -54.25
N LYS E 1576 -88.53 -27.29 -54.13
CA LYS E 1576 -88.38 -28.75 -54.23
C LYS E 1576 -87.79 -29.32 -52.96
N ASN E 1577 -88.22 -28.81 -51.80
CA ASN E 1577 -87.71 -29.26 -50.51
C ASN E 1577 -88.83 -29.88 -49.69
N PRO E 1578 -88.94 -31.21 -49.64
CA PRO E 1578 -90.02 -31.83 -48.87
C PRO E 1578 -89.96 -31.55 -47.39
N VAL E 1579 -88.79 -31.18 -46.86
CA VAL E 1579 -88.69 -30.96 -45.41
C VAL E 1579 -89.47 -29.69 -45.05
N PRO E 1580 -90.42 -29.76 -44.12
CA PRO E 1580 -91.14 -28.55 -43.73
C PRO E 1580 -90.21 -27.55 -43.06
N GLN E 1581 -90.50 -26.27 -43.26
CA GLN E 1581 -89.65 -25.20 -42.74
C GLN E 1581 -90.51 -24.03 -42.32
N CYS E 1582 -89.99 -23.26 -41.36
CA CYS E 1582 -90.63 -22.03 -40.91
C CYS E 1582 -89.59 -20.93 -40.85
N PRO E 1583 -89.26 -20.33 -41.99
CA PRO E 1583 -88.24 -19.28 -42.03
C PRO E 1583 -88.68 -18.06 -41.24
N PRO E 1584 -87.74 -17.23 -40.79
CA PRO E 1584 -88.10 -16.08 -39.95
C PRO E 1584 -89.02 -15.08 -40.61
N ARG E 1585 -89.10 -15.07 -41.95
CA ARG E 1585 -89.99 -14.15 -42.63
C ARG E 1585 -91.45 -14.43 -42.27
N LEU E 1586 -91.81 -15.70 -42.19
CA LEU E 1586 -93.16 -16.08 -41.81
C LEU E 1586 -93.43 -15.70 -40.36
N HIS E 1587 -94.56 -15.03 -40.12
CA HIS E 1587 -94.93 -14.65 -38.77
C HIS E 1587 -96.42 -14.40 -38.72
N VAL E 1588 -97.01 -14.51 -37.52
CA VAL E 1588 -98.44 -14.34 -37.37
C VAL E 1588 -98.79 -12.86 -37.33
N GLN E 1589 -99.83 -12.49 -38.08
CA GLN E 1589 -100.33 -11.13 -38.12
C GLN E 1589 -101.79 -11.13 -37.68
N PHE E 1590 -102.24 -9.99 -37.16
CA PHE E 1590 -103.61 -9.86 -36.69
C PHE E 1590 -104.21 -8.56 -37.18
N LEU E 1591 -105.52 -8.55 -37.32
CA LEU E 1591 -106.25 -7.37 -37.76
C LEU E 1591 -106.27 -6.35 -36.63
N SER E 1592 -105.91 -5.10 -36.95
CA SER E 1592 -105.80 -4.06 -35.95
C SER E 1592 -106.30 -2.73 -36.51
N HIS E 1593 -106.67 -1.83 -35.59
CA HIS E 1593 -107.16 -0.51 -35.96
C HIS E 1593 -106.18 0.60 -35.62
N VAL E 1594 -105.03 0.28 -35.04
CA VAL E 1594 -104.09 1.32 -34.65
C VAL E 1594 -103.17 1.64 -35.83
N LEU E 1595 -103.67 2.46 -36.75
CA LEU E 1595 -102.92 2.87 -37.93
C LEU E 1595 -103.42 4.24 -38.36
N TRP E 1596 -102.53 5.03 -38.94
CA TRP E 1596 -102.88 6.36 -39.42
C TRP E 1596 -102.99 6.37 -40.94
N SER E 1597 -103.71 7.36 -41.45
CA SER E 1597 -103.88 7.55 -42.88
C SER E 1597 -103.55 8.98 -43.24
N ARG E 1598 -102.90 9.16 -44.37
CA ARG E 1598 -102.40 10.45 -44.81
C ARG E 1598 -103.36 11.10 -45.78
N MET E 1599 -103.94 12.23 -45.37
CA MET E 1599 -104.79 12.99 -46.28
C MET E 1599 -103.97 13.51 -47.46
N PRO E 1600 -104.42 13.30 -48.69
CA PRO E 1600 -103.69 13.85 -49.83
C PRO E 1600 -103.61 15.35 -49.77
N ASN E 1601 -102.46 15.88 -50.21
CA ASN E 1601 -102.28 17.33 -50.23
C ASN E 1601 -103.18 17.98 -51.27
N GLN E 1602 -103.45 17.28 -52.37
CA GLN E 1602 -104.27 17.79 -53.44
C GLN E 1602 -105.23 16.72 -53.92
N PHE E 1603 -106.45 17.13 -54.25
CA PHE E 1603 -107.49 16.21 -54.71
C PHE E 1603 -107.84 16.54 -56.15
N LEU E 1604 -108.50 15.58 -56.80
CA LEU E 1604 -109.01 15.82 -58.14
C LEU E 1604 -110.10 16.89 -58.11
N LYS E 1605 -110.02 17.82 -59.04
CA LYS E 1605 -111.01 18.89 -59.13
C LYS E 1605 -112.15 18.44 -60.04
N VAL E 1606 -113.32 18.19 -59.44
CA VAL E 1606 -114.48 17.68 -60.16
C VAL E 1606 -115.58 18.71 -60.06
N ASP E 1607 -116.18 19.06 -61.20
CA ASP E 1607 -117.28 20.00 -61.25
C ASP E 1607 -118.57 19.25 -61.52
N VAL E 1608 -119.57 19.48 -60.67
CA VAL E 1608 -120.87 18.84 -60.79
C VAL E 1608 -121.93 19.92 -60.84
N SER E 1609 -122.88 19.78 -61.77
CA SER E 1609 -123.96 20.73 -61.93
C SER E 1609 -125.06 20.11 -62.79
N ARG E 1610 -126.30 20.51 -62.52
CA ARG E 1610 -127.42 20.06 -63.31
C ARG E 1610 -127.59 20.96 -64.52
N ILE E 1611 -127.32 20.43 -65.71
CA ILE E 1611 -127.41 21.22 -66.93
C ILE E 1611 -128.84 21.68 -67.17
N SER E 1612 -129.78 20.74 -67.13
CA SER E 1612 -131.19 21.04 -67.34
C SER E 1612 -132.00 19.84 -66.89
N GLU E 1613 -133.32 19.95 -67.03
CA GLU E 1613 -134.19 18.84 -66.68
C GLU E 1613 -133.94 17.64 -67.59
N ARG E 1614 -133.78 17.88 -68.89
CA ARG E 1614 -133.57 16.78 -69.81
C ARG E 1614 -132.13 16.27 -69.74
N GLN E 1615 -131.16 17.16 -69.58
CA GLN E 1615 -129.77 16.79 -69.74
C GLN E 1615 -129.16 16.14 -68.50
N GLY E 1616 -129.86 16.13 -67.38
CA GLY E 1616 -129.33 15.45 -66.21
C GLY E 1616 -128.24 16.24 -65.51
N TRP E 1617 -127.48 15.53 -64.70
CA TRP E 1617 -126.40 16.11 -63.91
C TRP E 1617 -125.06 15.83 -64.59
N LEU E 1618 -124.26 16.88 -64.76
CA LEU E 1618 -122.99 16.81 -65.46
C LEU E 1618 -121.86 16.64 -64.44
N VAL E 1619 -121.04 15.62 -64.64
CA VAL E 1619 -119.84 15.40 -63.84
C VAL E 1619 -118.65 15.56 -64.78
N GLN E 1620 -117.73 16.45 -64.42
CA GLN E 1620 -116.65 16.85 -65.31
C GLN E 1620 -115.34 16.90 -64.54
N CYS E 1621 -114.27 16.36 -65.15
CA CYS E 1621 -112.95 16.33 -64.55
C CYS E 1621 -111.94 16.31 -65.69
N LEU E 1622 -111.17 17.38 -65.84
CA LEU E 1622 -110.26 17.53 -66.96
C LEU E 1622 -108.82 17.80 -66.56
N ASP E 1623 -108.51 17.89 -65.27
CA ASP E 1623 -107.16 18.22 -64.84
C ASP E 1623 -106.46 16.98 -64.32
N PRO E 1624 -105.33 16.59 -64.90
CA PRO E 1624 -104.69 15.34 -64.50
C PRO E 1624 -104.01 15.44 -63.15
N LEU E 1625 -104.22 14.40 -62.34
CA LEU E 1625 -103.54 14.24 -61.07
C LEU E 1625 -102.99 12.83 -61.00
N GLN E 1626 -101.87 12.67 -60.30
CA GLN E 1626 -101.15 11.41 -60.37
C GLN E 1626 -100.21 11.32 -59.17
N PHE E 1627 -100.12 10.11 -58.61
CA PHE E 1627 -99.30 9.88 -57.43
C PHE E 1627 -98.47 8.61 -57.62
N MET E 1628 -97.37 8.52 -56.88
CA MET E 1628 -96.49 7.37 -56.93
C MET E 1628 -96.91 6.35 -55.88
N SER E 1629 -97.10 5.11 -56.29
CA SER E 1629 -97.56 4.05 -55.42
C SER E 1629 -96.43 3.06 -55.17
N LEU E 1630 -96.20 2.74 -53.91
CA LEU E 1630 -95.21 1.74 -53.52
C LEU E 1630 -95.93 0.45 -53.19
N HIS E 1631 -95.55 -0.63 -53.85
CA HIS E 1631 -96.24 -1.91 -53.74
C HIS E 1631 -95.41 -2.87 -52.90
N ILE E 1632 -96.00 -3.38 -51.83
CA ILE E 1632 -95.37 -4.42 -51.02
C ILE E 1632 -95.68 -5.76 -51.65
N PRO E 1633 -94.66 -6.50 -52.11
CA PRO E 1633 -94.95 -7.71 -52.90
C PRO E 1633 -95.59 -8.83 -52.09
N GLU E 1634 -95.07 -9.13 -50.91
CA GLU E 1634 -95.54 -10.28 -50.16
C GLU E 1634 -97.00 -10.12 -49.72
N GLU E 1635 -97.39 -8.92 -49.28
CA GLU E 1635 -98.71 -8.71 -48.75
C GLU E 1635 -99.72 -8.27 -49.79
N ASN E 1636 -99.32 -8.18 -51.06
CA ASN E 1636 -100.23 -7.79 -52.15
C ASN E 1636 -100.91 -6.46 -51.84
N ARG E 1637 -100.15 -5.55 -51.22
CA ARG E 1637 -100.66 -4.26 -50.80
C ARG E 1637 -99.93 -3.15 -51.55
N SER E 1638 -100.44 -1.94 -51.41
CA SER E 1638 -99.84 -0.78 -52.05
C SER E 1638 -100.15 0.45 -51.22
N VAL E 1639 -99.13 1.27 -51.01
CA VAL E 1639 -99.28 2.51 -50.26
C VAL E 1639 -98.65 3.64 -51.06
N ASP E 1640 -99.15 4.84 -50.84
CA ASP E 1640 -98.56 6.03 -51.45
C ASP E 1640 -97.17 6.24 -50.87
N ILE E 1641 -96.22 6.57 -51.74
CA ILE E 1641 -94.83 6.68 -51.31
C ILE E 1641 -94.62 7.80 -50.32
N LEU E 1642 -95.50 8.80 -50.33
CA LEU E 1642 -95.40 9.89 -49.37
C LEU E 1642 -95.82 9.45 -47.97
N GLU E 1643 -96.39 8.26 -47.82
CA GLU E 1643 -96.71 7.71 -46.51
C GLU E 1643 -95.50 7.08 -45.84
N LEU E 1644 -94.38 7.02 -46.53
CA LEU E 1644 -93.14 6.51 -45.97
C LEU E 1644 -92.45 7.53 -45.07
N THR E 1645 -92.99 8.75 -45.01
CA THR E 1645 -92.49 9.76 -44.10
C THR E 1645 -92.61 9.32 -42.65
N GLU E 1646 -93.60 8.51 -42.32
CA GLU E 1646 -93.79 8.02 -40.96
C GLU E 1646 -93.53 6.53 -40.80
N GLN E 1647 -93.24 5.81 -41.88
CA GLN E 1647 -92.90 4.38 -41.81
C GLN E 1647 -91.40 4.27 -42.00
N GLU E 1648 -90.67 4.11 -40.90
CA GLU E 1648 -89.22 4.25 -40.94
C GLU E 1648 -88.55 3.04 -41.58
N GLU E 1649 -89.00 1.83 -41.24
CA GLU E 1649 -88.32 0.64 -41.75
C GLU E 1649 -88.43 0.54 -43.26
N LEU E 1650 -89.63 0.77 -43.81
CA LEU E 1650 -89.80 0.75 -45.25
C LEU E 1650 -88.99 1.85 -45.91
N LEU E 1651 -88.93 3.03 -45.28
CA LEU E 1651 -88.14 4.12 -45.85
C LEU E 1651 -86.67 3.75 -45.93
N LYS E 1652 -86.13 3.16 -44.85
CA LYS E 1652 -84.74 2.75 -44.86
C LYS E 1652 -84.47 1.68 -45.90
N PHE E 1653 -85.35 0.67 -45.98
CA PHE E 1653 -85.14 -0.39 -46.95
C PHE E 1653 -85.21 0.13 -48.37
N HIS E 1654 -86.15 1.03 -48.66
CA HIS E 1654 -86.25 1.59 -49.99
C HIS E 1654 -85.09 2.52 -50.33
N TYR E 1655 -84.58 3.28 -49.36
CA TYR E 1655 -83.41 4.09 -49.63
C TYR E 1655 -82.21 3.22 -49.97
N HIS E 1656 -82.00 2.14 -49.23
CA HIS E 1656 -80.92 1.23 -49.57
C HIS E 1656 -81.16 0.49 -50.88
N THR E 1657 -82.42 0.21 -51.24
CA THR E 1657 -82.71 -0.34 -52.55
C THR E 1657 -82.34 0.63 -53.66
N LEU E 1658 -82.62 1.92 -53.45
CA LEU E 1658 -82.22 2.93 -54.42
C LEU E 1658 -80.70 2.99 -54.54
N ARG E 1659 -80.00 2.89 -53.42
CA ARG E 1659 -78.54 2.85 -53.47
C ARG E 1659 -78.04 1.63 -54.23
N LEU E 1660 -78.68 0.48 -54.04
CA LEU E 1660 -78.29 -0.71 -54.79
C LEU E 1660 -78.55 -0.53 -56.28
N TYR E 1661 -79.67 0.12 -56.63
CA TYR E 1661 -79.95 0.42 -58.03
C TYR E 1661 -78.86 1.30 -58.62
N SER E 1662 -78.45 2.33 -57.88
CA SER E 1662 -77.39 3.22 -58.34
C SER E 1662 -76.04 2.53 -58.40
N ALA E 1663 -75.82 1.49 -57.60
CA ALA E 1663 -74.56 0.77 -57.58
C ALA E 1663 -74.44 -0.29 -58.66
N VAL E 1664 -75.53 -0.97 -59.01
CA VAL E 1664 -75.44 -2.03 -60.00
C VAL E 1664 -75.16 -1.47 -61.38
N CYS E 1665 -75.59 -0.23 -61.66
CA CYS E 1665 -75.37 0.41 -62.95
C CYS E 1665 -74.29 1.48 -62.86
N ALA E 1666 -73.30 1.26 -62.00
CA ALA E 1666 -72.25 2.23 -61.76
C ALA E 1666 -71.10 2.04 -62.74
N LEU E 1667 -70.49 3.16 -63.12
CA LEU E 1667 -69.30 3.18 -63.96
C LEU E 1667 -69.57 2.54 -65.33
N GLY E 1668 -70.61 3.02 -65.99
CA GLY E 1668 -70.84 2.68 -67.38
C GLY E 1668 -71.42 1.31 -67.65
N ASN E 1669 -72.18 0.73 -66.72
CA ASN E 1669 -72.87 -0.53 -66.98
C ASN E 1669 -74.17 -0.21 -67.71
N HIS E 1670 -74.04 -0.01 -69.02
CA HIS E 1670 -75.17 0.47 -69.80
C HIS E 1670 -76.27 -0.59 -69.92
N ARG E 1671 -75.90 -1.87 -69.97
CA ARG E 1671 -76.92 -2.91 -70.02
C ARG E 1671 -77.75 -2.92 -68.74
N VAL E 1672 -77.09 -2.79 -67.59
CA VAL E 1672 -77.82 -2.74 -66.33
C VAL E 1672 -78.66 -1.47 -66.25
N ALA E 1673 -78.16 -0.36 -66.80
CA ALA E 1673 -78.96 0.86 -66.82
C ALA E 1673 -80.22 0.67 -67.66
N HIS E 1674 -80.09 0.04 -68.82
CA HIS E 1674 -81.25 -0.24 -69.64
C HIS E 1674 -82.23 -1.15 -68.91
N ALA E 1675 -81.73 -2.17 -68.22
CA ALA E 1675 -82.62 -3.03 -67.45
C ALA E 1675 -83.33 -2.26 -66.34
N LEU E 1676 -82.62 -1.36 -65.65
CA LEU E 1676 -83.20 -0.59 -64.57
C LEU E 1676 -84.21 0.43 -65.07
N CYS E 1677 -84.13 0.84 -66.33
CA CYS E 1677 -85.15 1.73 -66.87
C CYS E 1677 -86.53 1.09 -66.84
N SER E 1678 -86.60 -0.25 -66.83
CA SER E 1678 -87.89 -0.91 -66.69
C SER E 1678 -88.46 -0.76 -65.29
N HIS E 1679 -87.62 -0.86 -64.27
CA HIS E 1679 -88.09 -0.80 -62.90
C HIS E 1679 -88.36 0.63 -62.46
N VAL E 1680 -87.44 1.55 -62.73
CA VAL E 1680 -87.61 2.96 -62.42
C VAL E 1680 -87.77 3.69 -63.74
N ASP E 1681 -88.95 4.26 -63.96
CA ASP E 1681 -89.30 4.81 -65.25
C ASP E 1681 -89.04 6.31 -65.30
N GLU E 1682 -89.06 6.85 -66.52
CA GLU E 1682 -89.01 8.29 -66.72
C GLU E 1682 -90.09 9.06 -65.97
N PRO E 1683 -91.37 8.71 -66.05
CA PRO E 1683 -92.37 9.49 -65.31
C PRO E 1683 -92.16 9.48 -63.81
N GLN E 1684 -91.81 8.32 -63.25
CA GLN E 1684 -91.51 8.25 -61.83
C GLN E 1684 -90.28 9.07 -61.45
N LEU E 1685 -89.23 9.04 -62.26
CA LEU E 1685 -88.07 9.86 -61.96
C LEU E 1685 -88.43 11.34 -61.97
N LEU E 1686 -89.17 11.79 -62.99
CA LEU E 1686 -89.53 13.20 -63.05
C LEU E 1686 -90.43 13.60 -61.89
N TYR E 1687 -91.40 12.76 -61.53
CA TYR E 1687 -92.29 13.06 -60.42
C TYR E 1687 -91.51 13.12 -59.11
N ALA E 1688 -90.57 12.20 -58.91
CA ALA E 1688 -89.76 12.23 -57.69
C ALA E 1688 -88.88 13.48 -57.66
N ILE E 1689 -88.36 13.90 -58.81
CA ILE E 1689 -87.56 15.12 -58.85
C ILE E 1689 -88.39 16.32 -58.47
N GLU E 1690 -89.60 16.45 -59.01
CA GLU E 1690 -90.36 17.67 -58.85
C GLU E 1690 -91.24 17.71 -57.60
N ASN E 1691 -91.53 16.58 -56.99
CA ASN E 1691 -92.47 16.57 -55.86
C ASN E 1691 -91.84 17.25 -54.64
N LYS E 1692 -92.63 18.07 -53.97
CA LYS E 1692 -92.14 18.85 -52.82
C LYS E 1692 -92.36 18.16 -51.49
N TYR E 1693 -93.22 17.14 -51.42
CA TYR E 1693 -93.50 16.45 -50.17
C TYR E 1693 -92.71 15.16 -50.03
N MET E 1694 -91.80 14.88 -50.96
CA MET E 1694 -91.03 13.65 -50.93
C MET E 1694 -90.12 13.64 -49.71
N PRO E 1695 -89.94 12.49 -49.06
CA PRO E 1695 -88.96 12.40 -47.98
C PRO E 1695 -87.56 12.68 -48.51
N GLY E 1696 -86.73 13.25 -47.63
CA GLY E 1696 -85.40 13.68 -48.06
C GLY E 1696 -84.53 12.53 -48.55
N LEU E 1697 -84.57 11.40 -47.85
CA LEU E 1697 -83.75 10.26 -48.25
C LEU E 1697 -84.15 9.76 -49.62
N LEU E 1698 -85.46 9.63 -49.88
CA LEU E 1698 -85.90 9.17 -51.18
C LEU E 1698 -85.61 10.20 -52.26
N ARG E 1699 -85.71 11.48 -51.93
CA ARG E 1699 -85.35 12.53 -52.87
C ARG E 1699 -83.90 12.41 -53.30
N ALA E 1700 -83.00 12.29 -52.32
CA ALA E 1700 -81.58 12.15 -52.63
C ALA E 1700 -81.28 10.85 -53.37
N GLY E 1701 -82.00 9.78 -53.07
CA GLY E 1701 -81.83 8.54 -53.79
C GLY E 1701 -82.26 8.63 -55.24
N TYR E 1702 -83.40 9.27 -55.49
CA TYR E 1702 -83.92 9.32 -56.86
C TYR E 1702 -83.11 10.28 -57.72
N TYR E 1703 -82.62 11.37 -57.13
CA TYR E 1703 -81.74 12.25 -57.90
C TYR E 1703 -80.49 11.51 -58.34
N ASP E 1704 -79.86 10.78 -57.42
CA ASP E 1704 -78.66 10.02 -57.76
C ASP E 1704 -78.97 8.91 -58.76
N LEU E 1705 -80.13 8.26 -58.64
CA LEU E 1705 -80.51 7.25 -59.61
C LEU E 1705 -80.67 7.83 -61.00
N LEU E 1706 -81.34 8.98 -61.12
CA LEU E 1706 -81.45 9.64 -62.41
C LEU E 1706 -80.08 9.95 -62.99
N ILE E 1707 -79.20 10.53 -62.17
CA ILE E 1707 -77.87 10.90 -62.65
C ILE E 1707 -77.10 9.67 -63.10
N ASP E 1708 -77.15 8.58 -62.33
CA ASP E 1708 -76.37 7.39 -62.65
C ASP E 1708 -76.91 6.72 -63.90
N ILE E 1709 -78.23 6.58 -64.02
CA ILE E 1709 -78.79 5.91 -65.19
C ILE E 1709 -78.62 6.72 -66.46
N HIS E 1710 -78.74 8.04 -66.41
CA HIS E 1710 -78.83 8.72 -67.69
C HIS E 1710 -77.67 9.66 -68.00
N LEU E 1711 -77.00 10.22 -66.98
CA LEU E 1711 -76.08 11.31 -67.22
C LEU E 1711 -74.65 11.05 -66.79
N SER E 1712 -74.42 10.12 -65.87
CA SER E 1712 -73.09 9.96 -65.29
C SER E 1712 -72.06 9.56 -66.32
N SER E 1713 -72.45 8.73 -67.29
CA SER E 1713 -71.49 8.26 -68.28
C SER E 1713 -70.92 9.41 -69.10
N TYR E 1714 -71.79 10.25 -69.67
CA TYR E 1714 -71.30 11.37 -70.45
C TYR E 1714 -70.63 12.41 -69.58
N ALA E 1715 -71.10 12.61 -68.35
CA ALA E 1715 -70.43 13.55 -67.46
C ALA E 1715 -68.99 13.13 -67.21
N THR E 1716 -68.77 11.85 -66.92
CA THR E 1716 -67.41 11.35 -66.75
C THR E 1716 -66.61 11.41 -68.05
N ALA E 1717 -67.25 11.15 -69.18
CA ALA E 1717 -66.54 11.22 -70.45
C ALA E 1717 -66.01 12.63 -70.69
N ARG E 1718 -66.80 13.65 -70.39
CA ARG E 1718 -66.32 15.01 -70.55
C ARG E 1718 -65.34 15.43 -69.47
N LEU E 1719 -65.50 14.96 -68.25
CA LEU E 1719 -64.54 15.29 -67.21
C LEU E 1719 -63.16 14.67 -67.42
N MET E 1720 -63.09 13.47 -67.99
CA MET E 1720 -61.80 12.87 -68.27
C MET E 1720 -61.02 13.59 -69.34
N MET E 1721 -61.68 14.37 -70.18
CA MET E 1721 -61.05 15.05 -71.30
C MET E 1721 -61.14 16.56 -71.14
N ASN E 1722 -61.26 17.03 -69.90
CA ASN E 1722 -61.40 18.46 -69.64
C ASN E 1722 -60.07 19.20 -69.69
N ASN E 1723 -58.97 18.56 -69.33
CA ASN E 1723 -57.68 19.21 -69.23
C ASN E 1723 -56.86 19.11 -70.51
N GLU E 1724 -57.44 18.58 -71.58
CA GLU E 1724 -56.78 18.49 -72.86
C GLU E 1724 -57.49 19.38 -73.87
N TYR E 1725 -56.72 20.14 -74.63
CA TYR E 1725 -57.25 21.17 -75.53
C TYR E 1725 -56.77 20.86 -76.95
N ILE E 1726 -57.55 20.06 -77.68
CA ILE E 1726 -57.27 19.77 -79.08
C ILE E 1726 -58.18 20.67 -79.91
N VAL E 1727 -57.68 21.85 -80.28
CA VAL E 1727 -58.48 22.85 -80.98
C VAL E 1727 -58.15 22.75 -82.47
N PRO E 1728 -59.14 22.50 -83.33
CA PRO E 1728 -58.88 22.52 -84.77
C PRO E 1728 -58.57 23.93 -85.24
N MET E 1729 -57.89 24.02 -86.38
CA MET E 1729 -57.59 25.33 -86.98
C MET E 1729 -58.56 25.57 -88.12
N THR E 1730 -59.64 26.28 -87.81
CA THR E 1730 -60.67 26.62 -88.77
C THR E 1730 -60.97 28.12 -88.69
N GLU E 1731 -61.88 28.56 -89.55
CA GLU E 1731 -62.26 29.97 -89.55
C GLU E 1731 -62.93 30.35 -88.23
N GLU E 1732 -63.75 29.46 -87.68
CA GLU E 1732 -64.35 29.72 -86.39
C GLU E 1732 -63.28 29.88 -85.31
N THR E 1733 -62.25 29.04 -85.36
CA THR E 1733 -61.15 29.18 -84.41
C THR E 1733 -60.43 30.52 -84.60
N LYS E 1734 -60.21 30.92 -85.85
CA LYS E 1734 -59.55 32.18 -86.11
C LYS E 1734 -60.37 33.36 -85.59
N SER E 1735 -61.69 33.25 -85.63
CA SER E 1735 -62.54 34.37 -85.24
C SER E 1735 -62.50 34.64 -83.74
N ILE E 1736 -62.00 33.68 -82.95
CA ILE E 1736 -62.05 33.83 -81.50
C ILE E 1736 -61.10 34.94 -81.06
N THR E 1737 -61.53 35.72 -80.07
CA THR E 1737 -60.73 36.78 -79.47
C THR E 1737 -60.83 36.70 -77.96
N LEU E 1738 -59.82 37.27 -77.29
CA LEU E 1738 -59.83 37.28 -75.82
C LEU E 1738 -61.02 38.06 -75.28
N PHE E 1739 -61.30 39.21 -75.87
CA PHE E 1739 -62.34 40.05 -75.30
C PHE E 1739 -63.47 40.26 -76.31
N PRO E 1740 -64.72 40.23 -75.86
CA PRO E 1740 -65.85 40.35 -76.80
C PRO E 1740 -65.85 41.64 -77.59
N ASP E 1741 -65.46 42.75 -76.98
CA ASP E 1741 -65.53 44.04 -77.65
C ASP E 1741 -64.29 44.87 -77.41
N GLU E 1742 -64.32 46.14 -77.83
CA GLU E 1742 -63.18 47.02 -77.64
C GLU E 1742 -62.89 47.25 -76.16
N ASN E 1743 -63.92 47.49 -75.36
CA ASN E 1743 -63.75 47.60 -73.92
C ASN E 1743 -63.27 46.27 -73.36
N LYS E 1744 -62.28 46.32 -72.48
CA LYS E 1744 -61.71 45.10 -71.90
C LYS E 1744 -62.64 44.60 -70.80
N LYS E 1745 -63.86 44.24 -71.22
CA LYS E 1745 -64.87 43.68 -70.35
C LYS E 1745 -64.89 42.17 -70.53
N HIS E 1746 -64.77 41.44 -69.41
CA HIS E 1746 -64.91 40.00 -69.45
C HIS E 1746 -66.33 39.63 -69.83
N GLY E 1747 -66.47 38.69 -70.76
CA GLY E 1747 -67.77 38.13 -71.04
C GLY E 1747 -68.18 37.14 -69.97
N LEU E 1748 -69.44 36.77 -70.00
CA LEU E 1748 -69.95 35.79 -69.04
C LEU E 1748 -69.26 34.45 -69.27
N PRO E 1749 -68.80 33.77 -68.22
CA PRO E 1749 -68.13 32.48 -68.41
C PRO E 1749 -69.04 31.47 -69.10
N GLY E 1750 -68.46 30.68 -69.99
CA GLY E 1750 -69.24 29.69 -70.71
C GLY E 1750 -69.85 30.23 -71.99
N ILE E 1751 -70.48 31.39 -71.91
CA ILE E 1751 -71.10 31.98 -73.09
C ILE E 1751 -70.02 32.43 -74.06
N GLY E 1752 -70.14 32.02 -75.31
CA GLY E 1752 -69.17 32.34 -76.32
C GLY E 1752 -69.13 31.24 -77.37
N LEU E 1753 -68.08 31.28 -78.19
CA LEU E 1753 -67.85 30.29 -79.23
C LEU E 1753 -66.62 29.48 -78.87
N SER E 1754 -66.80 28.19 -78.66
CA SER E 1754 -65.70 27.27 -78.36
C SER E 1754 -65.57 26.26 -79.47
N THR E 1755 -64.36 26.12 -80.01
CA THR E 1755 -64.12 25.24 -81.15
C THR E 1755 -63.29 24.02 -80.79
N SER E 1756 -62.84 23.90 -79.54
CA SER E 1756 -62.02 22.76 -79.14
C SER E 1756 -62.81 21.46 -79.27
N LEU E 1757 -62.13 20.42 -79.73
CA LEU E 1757 -62.77 19.13 -79.90
C LEU E 1757 -63.26 18.58 -78.57
N ARG E 1758 -64.47 18.07 -78.56
CA ARG E 1758 -65.14 17.62 -77.35
C ARG E 1758 -65.80 16.29 -77.62
N PRO E 1759 -65.89 15.41 -76.63
CA PRO E 1759 -66.48 14.09 -76.84
C PRO E 1759 -67.92 14.17 -77.33
N ARG E 1760 -68.26 13.23 -78.21
CA ARG E 1760 -69.57 13.18 -78.83
C ARG E 1760 -70.58 12.53 -77.88
N MET E 1761 -71.78 13.10 -77.84
CA MET E 1761 -72.84 12.64 -76.96
C MET E 1761 -73.84 11.80 -77.75
N GLN E 1762 -74.03 10.55 -77.31
CA GLN E 1762 -74.93 9.63 -78.00
C GLN E 1762 -75.72 8.85 -76.97
N PHE E 1763 -77.00 8.62 -77.26
CA PHE E 1763 -77.90 7.91 -76.36
C PHE E 1763 -78.68 6.87 -77.15
N SER E 1764 -79.23 5.91 -76.41
CA SER E 1764 -79.96 4.80 -77.00
C SER E 1764 -81.36 4.73 -76.40
N SER E 1765 -82.34 4.40 -77.23
CA SER E 1765 -83.72 4.31 -76.75
C SER E 1765 -83.95 3.01 -76.01
N PRO E 1766 -84.40 3.05 -74.77
CA PRO E 1766 -84.53 1.82 -73.98
C PRO E 1766 -85.84 1.08 -74.24
N SER E 1767 -85.89 0.34 -75.35
CA SER E 1767 -87.04 -0.48 -75.68
C SER E 1767 -86.76 -1.94 -75.32
N PHE E 1768 -87.81 -2.64 -74.90
CA PHE E 1768 -87.70 -4.03 -74.51
C PHE E 1768 -88.43 -4.98 -75.44
N VAL E 1769 -89.05 -4.49 -76.51
CA VAL E 1769 -89.65 -5.38 -77.49
C VAL E 1769 -88.68 -5.69 -78.62
N SER E 1770 -87.70 -4.81 -78.85
CA SER E 1770 -86.71 -5.06 -79.87
C SER E 1770 -85.75 -6.16 -79.43
N ILE E 1771 -85.35 -7.01 -80.39
CA ILE E 1771 -84.43 -8.10 -80.09
C ILE E 1771 -82.99 -7.75 -80.41
N SER E 1772 -82.74 -6.59 -81.03
CA SER E 1772 -81.37 -6.19 -81.32
C SER E 1772 -80.62 -5.85 -80.04
N ASN E 1773 -79.33 -6.18 -80.02
CA ASN E 1773 -78.48 -5.94 -78.86
C ASN E 1773 -77.54 -4.76 -79.03
N GLU E 1774 -77.63 -4.03 -80.14
CA GLU E 1774 -76.75 -2.88 -80.34
C GLU E 1774 -77.11 -1.72 -79.43
N CYS E 1775 -78.27 -1.77 -78.78
CA CYS E 1775 -78.71 -0.73 -77.86
C CYS E 1775 -77.92 -0.72 -76.56
N TYR E 1776 -77.19 -1.79 -76.25
CA TYR E 1776 -76.57 -1.91 -74.94
C TYR E 1776 -75.32 -1.05 -74.83
N GLN E 1777 -74.81 -0.54 -75.94
CA GLN E 1777 -73.86 0.55 -75.87
C GLN E 1777 -74.63 1.87 -75.84
N TYR E 1778 -74.03 2.88 -75.18
CA TYR E 1778 -74.64 4.19 -74.95
C TYR E 1778 -75.70 4.09 -73.86
N SER E 1779 -75.80 5.11 -73.05
CA SER E 1779 -76.75 5.17 -71.94
C SER E 1779 -78.15 5.49 -72.45
N PRO E 1780 -79.18 5.13 -71.68
CA PRO E 1780 -80.55 5.36 -72.12
C PRO E 1780 -80.86 6.84 -72.32
N GLU E 1781 -81.77 7.12 -73.25
CA GLU E 1781 -82.14 8.47 -73.60
C GLU E 1781 -83.05 9.09 -72.53
N PHE E 1782 -82.94 10.41 -72.38
CA PHE E 1782 -83.77 11.18 -71.46
C PHE E 1782 -84.05 12.55 -72.07
N PRO E 1783 -85.20 13.15 -71.74
CA PRO E 1783 -85.52 14.49 -72.27
C PRO E 1783 -84.72 15.60 -71.62
N LEU E 1784 -83.52 15.85 -72.15
CA LEU E 1784 -82.64 16.87 -71.60
C LEU E 1784 -83.27 18.26 -71.61
N ASP E 1785 -84.11 18.59 -72.58
CA ASP E 1785 -84.73 19.91 -72.59
C ASP E 1785 -85.69 20.10 -71.41
N ILE E 1786 -86.56 19.12 -71.17
CA ILE E 1786 -87.45 19.17 -70.03
C ILE E 1786 -86.65 19.19 -68.74
N LEU E 1787 -85.58 18.39 -68.68
CA LEU E 1787 -84.75 18.38 -67.49
C LEU E 1787 -84.14 19.75 -67.23
N LYS E 1788 -83.63 20.40 -68.28
CA LYS E 1788 -83.09 21.75 -68.14
C LYS E 1788 -84.14 22.71 -67.61
N SER E 1789 -85.30 22.75 -68.25
CA SER E 1789 -86.32 23.70 -67.86
C SER E 1789 -86.76 23.49 -66.42
N LYS E 1790 -86.99 22.24 -66.01
CA LYS E 1790 -87.42 22.00 -64.64
C LYS E 1790 -86.32 22.25 -63.64
N THR E 1791 -85.06 21.95 -63.99
CA THR E 1791 -83.96 22.24 -63.07
C THR E 1791 -83.85 23.74 -62.83
N ILE E 1792 -83.94 24.53 -63.89
CA ILE E 1792 -83.88 25.99 -63.74
C ILE E 1792 -85.06 26.48 -62.91
N GLN E 1793 -86.25 25.94 -63.17
CA GLN E 1793 -87.43 26.37 -62.43
C GLN E 1793 -87.29 26.08 -60.94
N MET E 1794 -86.83 24.87 -60.60
CA MET E 1794 -86.73 24.50 -59.20
C MET E 1794 -85.59 25.25 -58.50
N LEU E 1795 -84.49 25.51 -59.19
CA LEU E 1795 -83.46 26.35 -58.59
C LEU E 1795 -83.97 27.77 -58.33
N THR E 1796 -84.70 28.33 -59.30
CA THR E 1796 -85.26 29.67 -59.10
C THR E 1796 -86.21 29.70 -57.93
N GLU E 1797 -87.08 28.68 -57.81
CA GLU E 1797 -87.98 28.62 -56.68
C GLU E 1797 -87.23 28.45 -55.36
N ALA E 1798 -86.20 27.61 -55.35
CA ALA E 1798 -85.50 27.30 -54.10
C ALA E 1798 -84.72 28.50 -53.60
N VAL E 1799 -84.14 29.29 -54.50
CA VAL E 1799 -83.38 30.46 -54.07
C VAL E 1799 -84.30 31.44 -53.36
N LYS E 1800 -85.49 31.68 -53.92
CA LYS E 1800 -86.44 32.58 -53.27
C LYS E 1800 -86.97 32.01 -51.96
N GLU E 1801 -87.27 30.71 -51.95
CA GLU E 1801 -87.88 30.11 -50.77
C GLU E 1801 -86.89 30.05 -49.60
N GLY E 1802 -85.66 29.62 -49.87
CA GLY E 1802 -84.70 29.46 -48.80
C GLY E 1802 -84.21 30.78 -48.22
N SER E 1803 -84.30 31.85 -49.02
CA SER E 1803 -83.89 33.16 -48.53
C SER E 1803 -84.76 33.66 -47.39
N LEU E 1804 -86.02 33.21 -47.32
CA LEU E 1804 -86.90 33.57 -46.22
C LEU E 1804 -86.67 32.70 -44.98
N HIS E 1805 -85.82 31.68 -45.07
CA HIS E 1805 -85.54 30.77 -43.98
C HIS E 1805 -86.83 30.14 -43.44
N ALA E 1806 -87.59 29.57 -44.37
CA ALA E 1806 -88.81 28.89 -44.01
C ALA E 1806 -88.50 27.65 -43.18
N ARG E 1807 -89.45 27.29 -42.32
CA ARG E 1807 -89.30 26.16 -41.41
C ARG E 1807 -89.62 24.84 -42.10
N ASP E 1808 -90.09 24.87 -43.35
CA ASP E 1808 -90.50 23.67 -44.07
C ASP E 1808 -89.79 23.61 -45.41
N PRO E 1809 -88.49 23.29 -45.43
CA PRO E 1809 -87.80 23.09 -46.69
C PRO E 1809 -88.20 21.76 -47.32
N VAL E 1810 -88.02 21.66 -48.64
CA VAL E 1810 -88.31 20.41 -49.32
C VAL E 1810 -87.34 19.35 -48.85
N GLY E 1811 -87.88 18.22 -48.40
CA GLY E 1811 -87.08 17.16 -47.81
C GLY E 1811 -86.82 17.30 -46.33
N GLY E 1812 -87.23 18.41 -45.73
CA GLY E 1812 -87.10 18.61 -44.31
C GLY E 1812 -85.85 19.35 -43.86
N THR E 1813 -84.81 19.37 -44.68
CA THR E 1813 -83.58 20.09 -44.34
C THR E 1813 -83.10 20.87 -45.55
N THR E 1814 -82.33 21.92 -45.28
CA THR E 1814 -81.72 22.69 -46.35
C THR E 1814 -80.79 21.82 -47.18
N GLU E 1815 -80.06 20.91 -46.54
CA GLU E 1815 -79.21 19.99 -47.29
C GLU E 1815 -80.03 19.13 -48.24
N PHE E 1816 -81.13 18.55 -47.74
CA PHE E 1816 -81.97 17.72 -48.60
C PHE E 1816 -82.56 18.53 -49.73
N LEU E 1817 -82.84 19.81 -49.48
CA LEU E 1817 -83.40 20.66 -50.53
C LEU E 1817 -82.38 20.97 -51.61
N PHE E 1818 -81.15 21.30 -51.21
CA PHE E 1818 -80.19 21.88 -52.14
C PHE E 1818 -79.20 20.89 -52.73
N VAL E 1819 -78.68 19.94 -51.93
CA VAL E 1819 -77.62 19.06 -52.42
C VAL E 1819 -78.04 18.27 -53.65
N PRO E 1820 -79.18 17.57 -53.67
CA PRO E 1820 -79.56 16.87 -54.91
C PRO E 1820 -79.77 17.81 -56.08
N LEU E 1821 -80.41 18.95 -55.85
CA LEU E 1821 -80.71 19.88 -56.93
C LEU E 1821 -79.43 20.45 -57.53
N ILE E 1822 -78.52 20.94 -56.68
CA ILE E 1822 -77.26 21.48 -57.17
C ILE E 1822 -76.38 20.40 -57.78
N LYS E 1823 -76.41 19.18 -57.26
CA LYS E 1823 -75.69 18.10 -57.90
C LYS E 1823 -76.21 17.80 -59.31
N LEU E 1824 -77.52 17.76 -59.50
CA LEU E 1824 -78.08 17.58 -60.83
C LEU E 1824 -77.71 18.74 -61.75
N PHE E 1825 -77.80 19.96 -61.25
CA PHE E 1825 -77.45 21.12 -62.06
C PHE E 1825 -75.97 21.09 -62.45
N TYR E 1826 -75.10 20.72 -61.53
CA TYR E 1826 -73.68 20.61 -61.85
C TYR E 1826 -73.42 19.53 -62.88
N THR E 1827 -74.13 18.39 -62.78
CA THR E 1827 -73.98 17.37 -63.80
C THR E 1827 -74.41 17.88 -65.17
N LEU E 1828 -75.54 18.58 -65.24
CA LEU E 1828 -75.98 19.14 -66.51
C LEU E 1828 -74.99 20.16 -67.05
N LEU E 1829 -74.43 21.00 -66.19
CA LEU E 1829 -73.44 21.97 -66.62
C LEU E 1829 -72.20 21.29 -67.18
N ILE E 1830 -71.74 20.23 -66.50
CA ILE E 1830 -70.58 19.49 -66.99
C ILE E 1830 -70.88 18.89 -68.35
N MET E 1831 -72.07 18.32 -68.52
CA MET E 1831 -72.45 17.78 -69.81
C MET E 1831 -72.55 18.88 -70.85
N GLY E 1832 -72.76 20.11 -70.42
CA GLY E 1832 -72.78 21.25 -71.33
C GLY E 1832 -74.07 21.45 -72.09
N ILE E 1833 -75.19 20.95 -71.58
CA ILE E 1833 -76.46 21.10 -72.29
C ILE E 1833 -76.95 22.54 -72.25
N PHE E 1834 -76.63 23.25 -71.17
CA PHE E 1834 -77.07 24.63 -71.04
C PHE E 1834 -76.43 25.51 -72.10
N HIS E 1835 -77.24 26.36 -72.73
CA HIS E 1835 -76.77 27.20 -73.82
C HIS E 1835 -77.31 28.62 -73.69
N ASN E 1836 -76.41 29.60 -73.79
CA ASN E 1836 -76.77 31.00 -73.95
C ASN E 1836 -77.69 31.53 -72.87
N GLU E 1837 -78.97 31.71 -73.18
CA GLU E 1837 -79.88 32.39 -72.27
C GLU E 1837 -80.08 31.60 -70.98
N ASP E 1838 -80.11 30.27 -71.08
CA ASP E 1838 -80.23 29.46 -69.87
C ASP E 1838 -79.02 29.67 -68.97
N LEU E 1839 -77.83 29.69 -69.56
CA LEU E 1839 -76.62 29.93 -68.78
C LEU E 1839 -76.64 31.33 -68.17
N LYS E 1840 -77.13 32.32 -68.91
CA LYS E 1840 -77.23 33.67 -68.38
C LYS E 1840 -78.15 33.71 -67.17
N HIS E 1841 -79.34 33.12 -67.27
CA HIS E 1841 -80.25 33.08 -66.15
C HIS E 1841 -79.68 32.35 -64.95
N ILE E 1842 -79.04 31.20 -65.17
CA ILE E 1842 -78.54 30.44 -64.03
C ILE E 1842 -77.30 31.07 -63.42
N LEU E 1843 -76.55 31.86 -64.19
CA LEU E 1843 -75.46 32.65 -63.61
C LEU E 1843 -75.98 33.83 -62.81
N GLN E 1844 -77.06 34.45 -63.29
CA GLN E 1844 -77.74 35.47 -62.49
C GLN E 1844 -78.24 34.89 -61.18
N LEU E 1845 -78.71 33.64 -61.22
CA LEU E 1845 -79.12 32.97 -59.99
C LEU E 1845 -77.96 32.80 -59.03
N ILE E 1846 -76.78 32.42 -59.54
CA ILE E 1846 -75.62 32.22 -58.68
C ILE E 1846 -75.17 33.54 -58.08
N GLU E 1847 -75.04 34.57 -58.91
CA GLU E 1847 -74.61 35.90 -58.45
C GLU E 1847 -75.25 36.95 -59.35
N PRO E 1848 -76.25 37.68 -58.86
CA PRO E 1848 -76.93 38.64 -59.73
C PRO E 1848 -76.06 39.82 -60.14
N SER E 1849 -75.38 40.46 -59.19
CA SER E 1849 -74.66 41.69 -59.48
C SER E 1849 -73.48 41.44 -60.41
N VAL E 1850 -72.63 40.46 -60.08
CA VAL E 1850 -71.40 40.27 -60.82
C VAL E 1850 -71.69 39.85 -62.26
N PHE E 1851 -72.59 38.89 -62.45
CA PHE E 1851 -72.91 38.38 -63.76
C PHE E 1851 -74.07 39.11 -64.41
N LYS E 1852 -74.36 40.34 -63.96
CA LYS E 1852 -75.41 41.13 -64.59
C LYS E 1852 -74.96 41.53 -66.00
N GLU E 1853 -75.88 41.42 -66.96
CA GLU E 1853 -75.58 41.71 -68.35
C GLU E 1853 -75.84 43.17 -68.66
N ALA E 1854 -74.92 43.77 -69.41
CA ALA E 1854 -75.06 45.18 -69.80
C ALA E 1854 -75.75 45.29 -71.14
N PRO E 1889 -82.60 43.42 -51.28
CA PRO E 1889 -82.52 43.17 -52.72
C PRO E 1889 -82.52 41.68 -53.07
N LYS E 1890 -81.94 41.33 -54.20
CA LYS E 1890 -81.84 39.94 -54.64
C LYS E 1890 -80.48 39.40 -54.24
N GLU E 1891 -80.47 38.23 -53.62
CA GLU E 1891 -79.24 37.59 -53.16
C GLU E 1891 -79.08 36.25 -53.87
N GLY E 1892 -77.90 36.04 -54.46
CA GLY E 1892 -77.63 34.83 -55.18
C GLY E 1892 -77.26 33.68 -54.25
N LEU E 1893 -76.91 32.55 -54.86
CA LEU E 1893 -76.56 31.37 -54.09
C LEU E 1893 -75.32 31.57 -53.25
N LEU E 1894 -74.39 32.42 -53.70
CA LEU E 1894 -73.13 32.56 -52.99
C LEU E 1894 -73.29 33.23 -51.63
N GLN E 1895 -74.36 33.98 -51.42
CA GLN E 1895 -74.58 34.67 -50.15
C GLN E 1895 -75.99 34.36 -49.64
N MET E 1896 -76.12 33.21 -48.97
CA MET E 1896 -77.39 32.84 -48.34
C MET E 1896 -77.19 32.07 -47.04
N LYS E 1897 -75.97 32.00 -46.51
CA LYS E 1897 -75.67 31.25 -45.29
C LYS E 1897 -76.06 29.78 -45.45
N LEU E 1898 -75.38 29.13 -46.34
CA LEU E 1898 -75.47 27.77 -46.86
C LEU E 1898 -74.80 26.78 -45.91
N PRO E 1899 -75.27 25.53 -45.89
CA PRO E 1899 -74.55 24.48 -45.17
C PRO E 1899 -73.28 24.09 -45.91
N GLU E 1900 -72.41 23.37 -45.19
CA GLU E 1900 -71.13 22.97 -45.76
C GLU E 1900 -71.24 22.06 -46.97
N PRO E 1901 -72.10 21.03 -46.99
CA PRO E 1901 -72.22 20.24 -48.22
C PRO E 1901 -72.65 21.06 -49.43
N VAL E 1902 -73.52 22.04 -49.23
CA VAL E 1902 -73.92 22.91 -50.32
C VAL E 1902 -72.77 23.80 -50.75
N LYS E 1903 -72.01 24.29 -49.78
CA LYS E 1903 -70.83 25.10 -50.08
C LYS E 1903 -69.82 24.34 -50.93
N LEU E 1904 -69.64 23.05 -50.66
CA LEU E 1904 -68.71 22.25 -51.44
C LEU E 1904 -69.13 22.17 -52.91
N GLN E 1905 -70.41 21.95 -53.18
CA GLN E 1905 -70.87 21.90 -54.56
C GLN E 1905 -70.82 23.28 -55.22
N MET E 1906 -71.06 24.35 -54.47
CA MET E 1906 -70.87 25.67 -55.07
C MET E 1906 -69.41 25.90 -55.43
N CYS E 1907 -68.50 25.40 -54.61
CA CYS E 1907 -67.08 25.45 -54.96
C CYS E 1907 -66.81 24.69 -56.25
N LEU E 1908 -67.47 23.53 -56.41
CA LEU E 1908 -67.31 22.77 -57.65
C LEU E 1908 -67.80 23.58 -58.86
N LEU E 1909 -68.94 24.25 -58.73
CA LEU E 1909 -69.45 25.06 -59.83
C LEU E 1909 -68.48 26.19 -60.18
N LEU E 1910 -67.94 26.86 -59.16
CA LEU E 1910 -66.97 27.91 -59.41
C LEU E 1910 -65.71 27.38 -60.08
N GLN E 1911 -65.27 26.19 -59.68
CA GLN E 1911 -64.15 25.53 -60.35
C GLN E 1911 -64.43 25.29 -61.82
N TYR E 1912 -65.65 24.83 -62.14
CA TYR E 1912 -65.99 24.62 -63.55
C TYR E 1912 -65.97 25.92 -64.32
N LEU E 1913 -66.48 27.00 -63.73
CA LEU E 1913 -66.46 28.29 -64.42
C LEU E 1913 -65.03 28.74 -64.70
N CYS E 1914 -64.14 28.56 -63.71
CA CYS E 1914 -62.74 28.90 -63.92
C CYS E 1914 -62.15 28.07 -65.06
N ASP E 1915 -62.50 26.78 -65.11
CA ASP E 1915 -62.01 25.94 -66.21
C ASP E 1915 -62.50 26.45 -67.56
N CYS E 1916 -63.76 26.90 -67.61
CA CYS E 1916 -64.27 27.47 -68.85
C CYS E 1916 -63.48 28.69 -69.28
N GLN E 1917 -63.14 29.55 -68.33
CA GLN E 1917 -62.33 30.72 -68.65
C GLN E 1917 -60.95 30.31 -69.18
N VAL E 1918 -60.34 29.30 -68.55
CA VAL E 1918 -59.02 28.84 -69.02
C VAL E 1918 -59.12 28.31 -70.45
N ARG E 1919 -60.17 27.54 -70.75
CA ARG E 1919 -60.34 27.04 -72.10
C ARG E 1919 -60.53 28.17 -73.11
N HIS E 1920 -61.30 29.19 -72.76
CA HIS E 1920 -61.45 30.33 -73.65
C HIS E 1920 -60.11 31.01 -73.91
N ARG E 1921 -59.31 31.19 -72.86
CA ARG E 1921 -57.99 31.80 -73.03
C ARG E 1921 -57.12 30.97 -73.97
N ILE E 1922 -57.12 29.65 -73.81
CA ILE E 1922 -56.31 28.80 -74.67
C ILE E 1922 -56.76 28.92 -76.12
N GLU E 1923 -58.07 28.89 -76.36
CA GLU E 1923 -58.58 29.01 -77.71
C GLU E 1923 -58.25 30.36 -78.34
N ALA E 1924 -58.20 31.43 -77.53
CA ALA E 1924 -57.79 32.72 -78.08
C ALA E 1924 -56.30 32.76 -78.40
N ILE E 1925 -55.47 32.12 -77.56
CA ILE E 1925 -54.05 32.05 -77.85
C ILE E 1925 -53.80 31.32 -79.16
N VAL E 1926 -54.48 30.19 -79.38
CA VAL E 1926 -54.33 29.47 -80.64
C VAL E 1926 -54.81 30.28 -81.83
N ALA E 1927 -55.86 31.09 -81.67
CA ALA E 1927 -56.31 31.99 -82.72
C ALA E 1927 -55.26 33.03 -83.08
N PHE E 1928 -54.62 33.64 -82.09
CA PHE E 1928 -53.54 34.58 -82.37
C PHE E 1928 -52.37 33.90 -83.06
N SER E 1929 -52.02 32.70 -82.61
CA SER E 1929 -50.84 32.03 -83.10
C SER E 1929 -50.88 31.82 -84.62
N ASP E 1930 -52.06 31.61 -85.19
CA ASP E 1930 -52.12 31.30 -86.62
C ASP E 1930 -51.56 32.44 -87.47
N ASP E 1931 -52.00 33.67 -87.21
CA ASP E 1931 -51.51 34.75 -88.06
C ASP E 1931 -50.12 35.20 -87.61
N PHE E 1932 -49.82 35.09 -86.31
CA PHE E 1932 -48.48 35.46 -85.86
C PHE E 1932 -47.43 34.59 -86.53
N VAL E 1933 -47.64 33.26 -86.53
CA VAL E 1933 -46.71 32.35 -87.16
C VAL E 1933 -46.65 32.53 -88.67
N ALA E 1934 -47.77 32.85 -89.32
CA ALA E 1934 -47.73 33.11 -90.75
C ALA E 1934 -46.86 34.32 -91.07
N LYS E 1935 -47.02 35.40 -90.31
CA LYS E 1935 -46.18 36.58 -90.53
C LYS E 1935 -44.72 36.26 -90.25
N LEU E 1936 -44.44 35.50 -89.19
CA LEU E 1936 -43.07 35.14 -88.88
C LEU E 1936 -42.45 34.28 -89.98
N GLN E 1937 -43.24 33.36 -90.55
CA GLN E 1937 -42.75 32.52 -91.63
C GLN E 1937 -42.49 33.32 -92.89
N ASP E 1938 -43.34 34.28 -93.22
CA ASP E 1938 -43.06 35.16 -94.34
C ASP E 1938 -41.79 35.98 -94.11
N ASN E 1939 -41.59 36.46 -92.89
CA ASN E 1939 -40.35 37.14 -92.56
C ASN E 1939 -39.15 36.23 -92.77
N GLN E 1940 -39.25 34.97 -92.36
CA GLN E 1940 -38.14 34.04 -92.58
C GLN E 1940 -37.89 33.82 -94.06
N ARG E 1941 -38.96 33.70 -94.85
CA ARG E 1941 -38.84 33.67 -96.30
C ARG E 1941 -38.03 34.84 -96.83
N PHE E 1942 -38.36 36.06 -96.42
CA PHE E 1942 -37.63 37.25 -96.88
C PHE E 1942 -36.19 37.27 -96.41
N ARG E 1943 -35.95 36.93 -95.14
CA ARG E 1943 -34.61 37.05 -94.57
C ARG E 1943 -33.67 36.01 -95.16
N TYR E 1944 -34.17 34.78 -95.38
CA TYR E 1944 -33.33 33.76 -95.99
C TYR E 1944 -32.94 34.15 -97.41
N ASN E 1945 -33.87 34.72 -98.17
CA ASN E 1945 -33.55 35.22 -99.51
C ASN E 1945 -32.53 36.34 -99.46
N GLU E 1946 -32.65 37.25 -98.49
CA GLU E 1946 -31.64 38.30 -98.34
C GLU E 1946 -30.28 37.70 -98.04
N VAL E 1947 -30.23 36.70 -97.17
CA VAL E 1947 -28.94 36.06 -96.83
C VAL E 1947 -28.37 35.36 -98.04
N MET E 1948 -29.22 34.71 -98.84
CA MET E 1948 -28.72 34.05 -100.05
C MET E 1948 -28.19 35.06 -101.05
N GLN E 1949 -28.84 36.22 -101.16
CA GLN E 1949 -28.34 37.26 -102.05
C GLN E 1949 -27.04 37.86 -101.51
N ALA E 1950 -26.85 37.85 -100.19
CA ALA E 1950 -25.73 38.52 -99.55
C ALA E 1950 -24.60 37.57 -99.15
N LEU E 1951 -24.72 36.28 -99.47
CA LEU E 1951 -23.71 35.32 -99.06
C LEU E 1951 -22.35 35.60 -99.71
N ASN E 1952 -22.32 36.38 -100.79
CA ASN E 1952 -21.10 36.48 -101.59
C ASN E 1952 -20.05 37.41 -100.98
N MET E 1953 -20.40 38.24 -100.00
CA MET E 1953 -19.36 39.08 -99.38
C MET E 1953 -18.35 38.25 -98.59
N SER E 1954 -18.83 37.32 -97.77
CA SER E 1954 -17.92 36.57 -96.91
C SER E 1954 -18.53 35.23 -96.56
N ALA E 1955 -17.69 34.19 -96.58
CA ALA E 1955 -18.11 32.87 -96.14
C ALA E 1955 -18.22 32.78 -94.62
N ALA E 1956 -17.34 33.48 -93.91
CA ALA E 1956 -17.41 33.49 -92.44
C ALA E 1956 -18.69 34.15 -91.97
N LEU E 1957 -19.11 35.24 -92.63
CA LEU E 1957 -20.36 35.90 -92.26
C LEU E 1957 -21.55 34.96 -92.47
N THR E 1958 -21.55 34.24 -93.58
CA THR E 1958 -22.63 33.31 -93.90
C THR E 1958 -22.84 32.28 -92.81
N ALA E 1959 -21.79 31.90 -92.06
CA ALA E 1959 -21.96 30.96 -90.96
C ALA E 1959 -22.87 31.50 -89.86
N ARG E 1960 -22.60 32.70 -89.36
CA ARG E 1960 -23.46 33.25 -88.31
C ARG E 1960 -24.82 33.66 -88.88
N LYS E 1961 -24.89 33.94 -90.18
CA LYS E 1961 -26.20 34.20 -90.77
C LYS E 1961 -27.03 32.93 -90.90
N THR E 1962 -26.37 31.79 -91.13
CA THR E 1962 -27.10 30.55 -91.33
C THR E 1962 -27.24 29.72 -90.06
N LYS E 1963 -26.68 30.18 -88.93
CA LYS E 1963 -26.97 29.54 -87.65
C LYS E 1963 -28.47 29.34 -87.46
N GLU E 1964 -29.26 30.40 -87.73
CA GLU E 1964 -30.70 30.32 -87.56
C GLU E 1964 -31.30 29.28 -88.50
N PHE E 1965 -30.98 29.37 -89.79
CA PHE E 1965 -31.62 28.50 -90.77
C PHE E 1965 -31.18 27.05 -90.65
N ARG E 1966 -30.05 26.77 -89.99
CA ARG E 1966 -29.63 25.40 -89.76
C ARG E 1966 -29.92 24.90 -88.35
N SER E 1967 -30.40 25.76 -87.46
CA SER E 1967 -30.80 25.32 -86.13
C SER E 1967 -32.04 24.44 -86.24
N PRO E 1968 -32.27 23.59 -85.24
CA PRO E 1968 -33.49 22.79 -85.24
C PRO E 1968 -34.71 23.68 -85.17
N PRO E 1969 -35.86 23.22 -85.64
CA PRO E 1969 -37.05 24.08 -85.69
C PRO E 1969 -37.45 24.62 -84.33
N GLN E 1970 -37.27 23.85 -83.26
CA GLN E 1970 -37.56 24.36 -81.93
C GLN E 1970 -36.63 25.53 -81.58
N GLU E 1971 -35.33 25.36 -81.85
CA GLU E 1971 -34.37 26.41 -81.55
C GLU E 1971 -34.61 27.67 -82.39
N GLN E 1972 -35.03 27.50 -83.63
CA GLN E 1972 -35.30 28.66 -84.48
C GLN E 1972 -36.37 29.54 -83.87
N ILE E 1973 -37.47 28.93 -83.42
CA ILE E 1973 -38.56 29.73 -82.89
C ILE E 1973 -38.22 30.21 -81.48
N ASN E 1974 -37.39 29.45 -80.76
CA ASN E 1974 -36.90 29.94 -79.47
C ASN E 1974 -36.09 31.22 -79.64
N MET E 1975 -35.21 31.27 -80.64
CA MET E 1975 -34.43 32.48 -80.84
C MET E 1975 -35.27 33.59 -81.46
N LEU E 1976 -36.30 33.23 -82.22
CA LEU E 1976 -37.21 34.26 -82.72
C LEU E 1976 -38.11 34.84 -81.65
N LEU E 1977 -38.32 34.13 -80.53
CA LEU E 1977 -39.19 34.60 -79.47
C LEU E 1977 -38.42 35.17 -78.27
N ASN E 1978 -37.31 35.85 -78.53
CA ASN E 1978 -36.51 36.44 -77.45
C ASN E 1978 -36.63 37.95 -77.38
N PHE E 1979 -37.63 38.55 -78.01
CA PHE E 1979 -37.72 40.01 -77.96
C PHE E 1979 -38.33 40.50 -76.66
N LYS E 1980 -38.66 39.61 -75.74
CA LYS E 1980 -38.95 40.04 -74.38
C LYS E 1980 -37.68 40.60 -73.75
N ASP E 1981 -37.86 41.42 -72.72
CA ASP E 1981 -36.76 42.15 -72.09
C ASP E 1981 -36.16 43.12 -73.10
N ASP E 1982 -34.95 43.62 -72.82
CA ASP E 1982 -34.33 44.64 -73.67
C ASP E 1982 -33.01 44.17 -74.28
N LYS E 1983 -32.62 42.92 -74.09
CA LYS E 1983 -31.44 42.41 -74.77
C LYS E 1983 -31.63 42.43 -76.28
N SER E 1984 -32.80 41.97 -76.74
CA SER E 1984 -33.30 42.24 -78.09
C SER E 1984 -32.28 41.93 -79.19
N GLU E 1985 -31.63 40.78 -79.08
CA GLU E 1985 -30.75 40.31 -80.14
C GLU E 1985 -31.46 39.41 -81.14
N CYS E 1986 -32.75 39.16 -80.96
CA CYS E 1986 -33.50 38.36 -81.91
C CYS E 1986 -33.67 39.11 -83.22
N PRO E 1987 -33.77 38.39 -84.34
CA PRO E 1987 -33.97 39.05 -85.64
C PRO E 1987 -35.41 39.44 -85.95
N CYS E 1988 -36.30 39.41 -84.98
CA CYS E 1988 -37.69 39.73 -85.24
C CYS E 1988 -37.86 41.24 -85.45
N PRO E 1989 -38.65 41.66 -86.44
CA PRO E 1989 -38.83 43.10 -86.67
C PRO E 1989 -39.75 43.72 -85.64
N GLU E 1990 -39.77 45.06 -85.65
CA GLU E 1990 -40.49 45.80 -84.62
C GLU E 1990 -41.99 45.56 -84.68
N GLU E 1991 -42.57 45.50 -85.88
CA GLU E 1991 -44.02 45.32 -85.98
C GLU E 1991 -44.44 43.93 -85.50
N ILE E 1992 -43.68 42.90 -85.86
CA ILE E 1992 -43.99 41.56 -85.39
C ILE E 1992 -43.79 41.45 -83.89
N ARG E 1993 -42.77 42.15 -83.37
CA ARG E 1993 -42.62 42.22 -81.93
C ARG E 1993 -43.82 42.89 -81.28
N ASP E 1994 -44.31 43.97 -81.87
CA ASP E 1994 -45.42 44.72 -81.27
C ASP E 1994 -46.70 43.90 -81.25
N GLN E 1995 -46.94 43.10 -82.29
CA GLN E 1995 -48.14 42.27 -82.28
C GLN E 1995 -48.18 41.37 -81.06
N LEU E 1996 -47.09 40.65 -80.80
CA LEU E 1996 -47.06 39.78 -79.63
C LEU E 1996 -46.99 40.55 -78.33
N LEU E 1997 -46.30 41.69 -78.29
CA LEU E 1997 -46.26 42.51 -77.09
C LEU E 1997 -47.60 43.11 -76.74
N ASP E 1998 -48.51 43.23 -77.70
CA ASP E 1998 -49.88 43.66 -77.44
C ASP E 1998 -50.77 42.49 -77.03
N PHE E 1999 -50.65 41.36 -77.75
CA PHE E 1999 -51.46 40.21 -77.39
C PHE E 1999 -51.12 39.71 -76.00
N HIS E 2000 -49.84 39.75 -75.62
CA HIS E 2000 -49.44 39.32 -74.30
C HIS E 2000 -49.99 40.22 -73.20
N GLU E 2001 -49.99 41.52 -73.41
CA GLU E 2001 -50.64 42.43 -72.46
C GLU E 2001 -52.13 42.16 -72.35
N ASP E 2002 -52.79 41.89 -73.48
CA ASP E 2002 -54.21 41.54 -73.43
C ASP E 2002 -54.43 40.25 -72.64
N LEU E 2003 -53.57 39.25 -72.86
CA LEU E 2003 -53.70 38.00 -72.12
C LEU E 2003 -53.47 38.21 -70.63
N MET E 2004 -52.49 39.04 -70.28
CA MET E 2004 -52.24 39.30 -68.86
C MET E 2004 -53.41 40.03 -68.21
N THR E 2005 -53.97 41.04 -68.88
CA THR E 2005 -55.09 41.74 -68.29
C THR E 2005 -56.37 40.91 -68.29
N HIS E 2006 -56.47 39.92 -69.17
CA HIS E 2006 -57.56 38.95 -69.07
C HIS E 2006 -57.36 37.95 -67.94
N CYS E 2007 -56.11 37.58 -67.65
CA CYS E 2007 -55.81 36.73 -66.51
C CYS E 2007 -55.84 37.48 -65.19
N GLY E 2008 -55.88 38.81 -65.22
CA GLY E 2008 -55.94 39.60 -64.01
C GLY E 2008 -54.60 39.92 -63.37
N ILE E 2009 -53.50 39.54 -64.02
CA ILE E 2009 -52.18 39.80 -63.46
C ILE E 2009 -51.89 41.30 -63.43
N GLU E 2010 -52.31 42.01 -64.47
CA GLU E 2010 -52.01 43.43 -64.59
C GLU E 2010 -52.80 44.25 -63.57
N LYS E 2053 -67.59 48.96 -54.92
CA LYS E 2053 -68.64 48.32 -55.71
C LYS E 2053 -68.45 46.81 -55.73
N LYS E 2054 -69.26 46.13 -56.56
CA LYS E 2054 -69.20 44.69 -56.68
C LYS E 2054 -67.84 44.25 -57.23
N SER E 2055 -67.62 42.92 -57.17
CA SER E 2055 -66.35 42.37 -57.65
C SER E 2055 -66.16 42.63 -59.14
N SER E 2056 -67.23 42.50 -59.91
CA SER E 2056 -67.28 42.72 -61.36
C SER E 2056 -66.44 41.69 -62.12
N THR E 2057 -65.84 40.73 -61.44
CA THR E 2057 -65.04 39.71 -62.09
C THR E 2057 -65.17 38.41 -61.31
N LEU E 2058 -65.17 37.29 -62.03
CA LEU E 2058 -65.30 35.99 -61.38
C LEU E 2058 -64.14 35.76 -60.41
N GLN E 2059 -62.93 36.17 -60.79
CA GLN E 2059 -61.77 35.99 -59.93
C GLN E 2059 -61.94 36.75 -58.61
N GLN E 2060 -62.32 38.03 -58.69
CA GLN E 2060 -62.51 38.82 -57.48
C GLN E 2060 -63.65 38.27 -56.64
N LEU E 2061 -64.73 37.84 -57.29
CA LEU E 2061 -65.86 37.27 -56.56
C LEU E 2061 -65.46 36.04 -55.78
N ILE E 2062 -64.72 35.13 -56.41
CA ILE E 2062 -64.28 33.93 -55.71
C ILE E 2062 -63.31 34.27 -54.59
N SER E 2063 -62.36 35.16 -54.85
CA SER E 2063 -61.40 35.55 -53.83
C SER E 2063 -62.07 36.17 -52.61
N GLU E 2064 -63.13 36.95 -52.82
CA GLU E 2064 -63.88 37.48 -51.70
C GLU E 2064 -64.69 36.41 -50.99
N THR E 2065 -65.37 35.55 -51.75
CA THR E 2065 -66.28 34.58 -51.15
C THR E 2065 -65.55 33.57 -50.29
N MET E 2066 -64.41 33.05 -50.76
CA MET E 2066 -63.69 32.05 -49.99
C MET E 2066 -63.24 32.60 -48.65
N VAL E 2067 -62.61 33.78 -48.67
CA VAL E 2067 -62.14 34.39 -47.44
C VAL E 2067 -63.32 34.73 -46.53
N ARG E 2068 -64.41 35.21 -47.11
CA ARG E 2068 -65.57 35.55 -46.29
C ARG E 2068 -66.13 34.33 -45.58
N TRP E 2069 -66.25 33.21 -46.29
CA TRP E 2069 -66.75 31.99 -45.66
C TRP E 2069 -65.81 31.55 -44.54
N ALA E 2070 -64.51 31.51 -44.84
CA ALA E 2070 -63.55 31.00 -43.87
C ALA E 2070 -63.52 31.86 -42.61
N GLN E 2071 -63.59 33.18 -42.77
CA GLN E 2071 -63.57 34.05 -41.59
C GLN E 2071 -64.93 34.11 -40.92
N GLU E 2072 -65.99 33.73 -41.63
CA GLU E 2072 -67.30 33.69 -41.01
C GLU E 2072 -67.44 32.51 -40.07
N SER E 2073 -66.98 31.32 -40.49
CA SER E 2073 -67.16 30.17 -39.64
C SER E 2073 -65.97 29.22 -39.77
N VAL E 2074 -65.74 28.46 -38.70
CA VAL E 2074 -64.76 27.38 -38.75
C VAL E 2074 -65.36 26.19 -39.49
N ILE E 2075 -64.67 25.76 -40.55
CA ILE E 2075 -65.17 24.70 -41.41
C ILE E 2075 -64.74 23.36 -40.84
N GLU E 2076 -65.72 22.50 -40.57
CA GLU E 2076 -65.45 21.17 -40.03
C GLU E 2076 -65.12 20.13 -41.09
N ASP E 2077 -65.26 20.48 -42.37
CA ASP E 2077 -65.04 19.50 -43.43
C ASP E 2077 -63.70 19.73 -44.08
N PRO E 2078 -62.73 18.82 -43.91
CA PRO E 2078 -61.44 19.00 -44.57
C PRO E 2078 -61.54 19.09 -46.08
N GLU E 2079 -62.47 18.36 -46.69
CA GLU E 2079 -62.69 18.49 -48.13
C GLU E 2079 -63.12 19.88 -48.51
N LEU E 2080 -64.04 20.48 -47.74
CA LEU E 2080 -64.45 21.85 -48.03
C LEU E 2080 -63.29 22.81 -47.87
N VAL E 2081 -62.48 22.66 -46.82
CA VAL E 2081 -61.34 23.56 -46.64
C VAL E 2081 -60.38 23.43 -47.81
N ARG E 2082 -60.10 22.19 -48.22
CA ARG E 2082 -59.19 21.96 -49.32
C ARG E 2082 -59.72 22.58 -50.62
N ALA E 2083 -61.01 22.39 -50.90
CA ALA E 2083 -61.58 22.94 -52.12
C ALA E 2083 -61.52 24.47 -52.10
N MET E 2084 -61.86 25.08 -50.96
CA MET E 2084 -61.83 26.53 -50.85
C MET E 2084 -60.43 27.06 -51.13
N PHE E 2085 -59.42 26.46 -50.52
CA PHE E 2085 -58.09 27.02 -50.66
C PHE E 2085 -57.49 26.71 -52.03
N VAL E 2086 -57.85 25.57 -52.62
CA VAL E 2086 -57.45 25.32 -54.01
C VAL E 2086 -58.04 26.37 -54.93
N LEU E 2087 -59.31 26.70 -54.74
CA LEU E 2087 -59.95 27.70 -55.59
C LEU E 2087 -59.30 29.06 -55.40
N LEU E 2088 -59.00 29.43 -54.15
CA LEU E 2088 -58.35 30.71 -53.89
C LEU E 2088 -56.97 30.77 -54.54
N HIS E 2089 -56.21 29.67 -54.44
CA HIS E 2089 -54.90 29.64 -55.08
C HIS E 2089 -55.02 29.76 -56.58
N ARG E 2090 -56.03 29.12 -57.18
CA ARG E 2090 -56.22 29.27 -58.61
C ARG E 2090 -56.51 30.72 -58.98
N GLN E 2091 -57.34 31.40 -58.19
CA GLN E 2091 -57.62 32.81 -58.47
C GLN E 2091 -56.37 33.65 -58.38
N TYR E 2092 -55.49 33.39 -57.42
CA TYR E 2092 -54.29 34.19 -57.24
C TYR E 2092 -53.12 33.72 -58.11
N ASP E 2093 -53.30 32.63 -58.84
CA ASP E 2093 -52.21 32.08 -59.65
C ASP E 2093 -52.69 31.83 -61.08
N GLY E 2094 -53.31 32.84 -61.69
CA GLY E 2094 -53.87 32.67 -63.02
C GLY E 2094 -52.84 32.26 -64.05
N ILE E 2095 -51.59 32.69 -63.87
CA ILE E 2095 -50.53 32.29 -64.79
C ILE E 2095 -50.29 30.78 -64.76
N GLY E 2096 -50.31 30.18 -63.58
CA GLY E 2096 -50.11 28.74 -63.49
C GLY E 2096 -51.13 27.93 -64.26
N GLY E 2097 -52.35 28.45 -64.38
CA GLY E 2097 -53.34 27.77 -65.21
C GLY E 2097 -52.90 27.65 -66.65
N LEU E 2098 -52.40 28.74 -67.24
CA LEU E 2098 -51.86 28.67 -68.59
C LEU E 2098 -50.60 27.82 -68.64
N VAL E 2099 -49.77 27.90 -67.61
CA VAL E 2099 -48.55 27.11 -67.55
C VAL E 2099 -48.85 25.63 -67.63
N ARG E 2100 -49.89 25.17 -66.94
CA ARG E 2100 -50.33 23.78 -67.01
C ARG E 2100 -51.09 23.46 -68.29
N ALA E 2101 -51.86 24.42 -68.81
CA ALA E 2101 -52.74 24.14 -69.93
C ALA E 2101 -51.98 24.02 -71.25
N LEU E 2102 -51.02 24.92 -71.47
CA LEU E 2102 -50.36 24.99 -72.78
C LEU E 2102 -49.65 23.70 -73.17
N PRO E 2103 -48.92 23.01 -72.28
CA PRO E 2103 -48.30 21.73 -72.69
C PRO E 2103 -49.29 20.69 -73.15
N LYS E 2104 -50.55 20.77 -72.71
CA LYS E 2104 -51.59 19.85 -73.15
C LYS E 2104 -52.47 20.45 -74.23
N THR E 2105 -51.98 21.47 -74.93
CA THR E 2105 -52.71 22.10 -76.02
C THR E 2105 -52.09 21.68 -77.34
N TYR E 2106 -52.94 21.21 -78.25
CA TYR E 2106 -52.50 20.76 -79.57
C TYR E 2106 -53.44 21.32 -80.63
N THR E 2107 -52.88 21.69 -81.76
CA THR E 2107 -53.66 22.17 -82.90
C THR E 2107 -53.54 21.19 -84.05
N ILE E 2108 -54.63 21.03 -84.80
CA ILE E 2108 -54.68 20.10 -85.92
C ILE E 2108 -55.34 20.80 -87.10
N ASN E 2109 -55.09 20.26 -88.29
CA ASN E 2109 -55.73 20.76 -89.49
C ASN E 2109 -57.19 20.33 -89.52
N GLY E 2110 -57.96 20.99 -90.38
CA GLY E 2110 -59.37 20.65 -90.48
C GLY E 2110 -59.62 19.29 -91.09
N VAL E 2111 -58.67 18.81 -91.89
CA VAL E 2111 -58.85 17.53 -92.57
C VAL E 2111 -58.75 16.37 -91.59
N SER E 2112 -58.05 16.56 -90.47
CA SER E 2112 -57.81 15.48 -89.52
C SER E 2112 -58.82 15.45 -88.39
N VAL E 2113 -59.89 16.24 -88.49
CA VAL E 2113 -60.82 16.39 -87.37
C VAL E 2113 -61.52 15.07 -87.06
N GLU E 2114 -62.03 14.39 -88.08
CA GLU E 2114 -62.78 13.15 -87.85
C GLU E 2114 -61.87 12.05 -87.33
N ASP E 2115 -60.65 11.96 -87.86
CA ASP E 2115 -59.71 10.97 -87.37
C ASP E 2115 -59.34 11.24 -85.92
N THR E 2116 -59.13 12.51 -85.57
CA THR E 2116 -58.84 12.87 -84.20
C THR E 2116 -60.01 12.53 -83.28
N ILE E 2117 -61.23 12.76 -83.75
CA ILE E 2117 -62.41 12.43 -82.95
C ILE E 2117 -62.48 10.93 -82.69
N ASN E 2118 -62.23 10.12 -83.73
CA ASN E 2118 -62.25 8.67 -83.54
C ASN E 2118 -61.15 8.23 -82.58
N LEU E 2119 -59.95 8.80 -82.72
CA LEU E 2119 -58.86 8.45 -81.82
C LEU E 2119 -59.19 8.82 -80.39
N LEU E 2120 -59.78 10.00 -80.17
CA LEU E 2120 -60.18 10.40 -78.84
C LEU E 2120 -61.29 9.53 -78.27
N ALA E 2121 -62.22 9.08 -79.10
CA ALA E 2121 -63.24 8.13 -78.63
C ALA E 2121 -62.62 6.82 -78.19
N SER E 2122 -61.69 6.28 -78.98
CA SER E 2122 -61.03 5.03 -78.59
C SER E 2122 -60.23 5.23 -77.30
N LEU E 2123 -59.52 6.35 -77.20
CA LEU E 2123 -58.78 6.64 -75.98
C LEU E 2123 -59.70 6.80 -74.78
N GLY E 2124 -60.88 7.39 -74.98
CA GLY E 2124 -61.85 7.48 -73.91
C GLY E 2124 -62.35 6.13 -73.45
N GLN E 2125 -62.63 5.22 -74.39
CA GLN E 2125 -63.01 3.87 -73.99
C GLN E 2125 -61.90 3.20 -73.19
N ILE E 2126 -60.66 3.34 -73.65
CA ILE E 2126 -59.53 2.73 -72.94
C ILE E 2126 -59.39 3.33 -71.55
N ARG E 2127 -59.50 4.65 -71.43
CA ARG E 2127 -59.43 5.32 -70.14
C ARG E 2127 -60.54 4.90 -69.20
N SER E 2128 -61.77 4.79 -69.69
CA SER E 2128 -62.89 4.35 -68.88
C SER E 2128 -62.77 2.90 -68.44
N LEU E 2129 -62.08 2.07 -69.22
CA LEU E 2129 -61.86 0.70 -68.78
C LEU E 2129 -60.93 0.60 -67.58
N LEU E 2130 -60.26 1.69 -67.21
CA LEU E 2130 -59.40 1.66 -66.04
C LEU E 2130 -60.18 1.47 -64.75
N SER E 2131 -61.41 1.94 -64.71
CA SER E 2131 -62.22 1.92 -63.49
C SER E 2131 -62.98 0.62 -63.29
N VAL E 2132 -62.78 -0.37 -64.15
CA VAL E 2132 -63.46 -1.65 -64.01
C VAL E 2132 -62.43 -2.76 -63.92
N ARG E 2133 -62.81 -3.84 -63.24
CA ARG E 2133 -61.93 -5.00 -63.15
C ARG E 2133 -61.86 -5.72 -64.48
N MET E 2134 -60.68 -6.23 -64.80
CA MET E 2134 -60.48 -6.87 -66.09
C MET E 2134 -61.22 -8.20 -66.17
N GLY E 2135 -61.89 -8.42 -67.30
CA GLY E 2135 -62.56 -9.66 -67.57
C GLY E 2135 -62.50 -10.00 -69.05
N LYS E 2136 -63.24 -11.05 -69.41
CA LYS E 2136 -63.20 -11.52 -70.80
C LYS E 2136 -63.63 -10.44 -71.77
N GLU E 2137 -64.72 -9.73 -71.47
CA GLU E 2137 -65.22 -8.68 -72.36
C GLU E 2137 -64.34 -7.44 -72.36
N GLU E 2138 -63.80 -7.06 -71.20
CA GLU E 2138 -62.85 -5.97 -71.16
C GLU E 2138 -61.61 -6.27 -71.98
N GLU E 2139 -61.21 -7.54 -72.04
CA GLU E 2139 -60.16 -7.95 -72.96
C GLU E 2139 -60.48 -7.55 -74.39
N LYS E 2140 -61.69 -7.88 -74.86
CA LYS E 2140 -62.08 -7.57 -76.22
C LYS E 2140 -62.13 -6.06 -76.45
N LEU E 2141 -62.68 -5.32 -75.50
CA LEU E 2141 -62.76 -3.88 -75.65
C LEU E 2141 -61.37 -3.26 -75.74
N MET E 2142 -60.47 -3.67 -74.85
CA MET E 2142 -59.10 -3.17 -74.88
C MET E 2142 -58.43 -3.46 -76.21
N ILE E 2143 -58.55 -4.69 -76.70
CA ILE E 2143 -57.89 -5.06 -77.95
C ILE E 2143 -58.47 -4.29 -79.12
N ARG E 2144 -59.79 -4.20 -79.23
CA ARG E 2144 -60.37 -3.50 -80.37
C ARG E 2144 -60.00 -2.02 -80.35
N GLY E 2145 -59.99 -1.40 -79.16
CA GLY E 2145 -59.56 -0.01 -79.08
C GLY E 2145 -58.11 0.20 -79.46
N LEU E 2146 -57.21 -0.66 -78.98
CA LEU E 2146 -55.81 -0.53 -79.36
C LEU E 2146 -55.62 -0.72 -80.85
N GLY E 2147 -56.33 -1.69 -81.43
CA GLY E 2147 -56.26 -1.87 -82.88
C GLY E 2147 -56.76 -0.69 -83.65
N ASP E 2148 -57.87 -0.09 -83.22
CA ASP E 2148 -58.36 1.11 -83.89
C ASP E 2148 -57.34 2.25 -83.80
N ILE E 2149 -56.71 2.40 -82.65
CA ILE E 2149 -55.71 3.46 -82.51
C ILE E 2149 -54.54 3.21 -83.46
N MET E 2150 -54.02 1.98 -83.51
CA MET E 2150 -52.91 1.72 -84.41
C MET E 2150 -53.33 1.91 -85.87
N ASN E 2151 -54.59 1.61 -86.19
CA ASN E 2151 -55.02 1.77 -87.58
C ASN E 2151 -55.21 3.23 -87.94
N ASN E 2152 -55.51 4.08 -86.97
CA ASN E 2152 -55.73 5.50 -87.26
C ASN E 2152 -54.43 6.17 -87.69
N LYS E 2153 -54.54 7.08 -88.66
CA LYS E 2153 -53.36 7.72 -89.22
C LYS E 2153 -52.79 8.78 -88.28
N VAL E 2154 -53.63 9.39 -87.46
CA VAL E 2154 -53.17 10.44 -86.55
C VAL E 2154 -52.16 9.88 -85.57
N PHE E 2155 -52.32 8.62 -85.17
CA PHE E 2155 -51.38 7.99 -84.25
C PHE E 2155 -49.96 8.08 -84.78
N TYR E 2156 -49.78 7.91 -86.08
CA TYR E 2156 -48.46 8.01 -86.67
C TYR E 2156 -48.08 9.45 -86.97
N GLN E 2157 -49.04 10.24 -87.49
CA GLN E 2157 -48.70 11.56 -87.99
C GLN E 2157 -48.39 12.55 -86.87
N HIS E 2158 -49.01 12.36 -85.71
CA HIS E 2158 -48.90 13.31 -84.60
C HIS E 2158 -48.46 12.57 -83.34
N PRO E 2159 -47.18 12.21 -83.24
CA PRO E 2159 -46.72 11.55 -82.01
C PRO E 2159 -46.76 12.45 -80.80
N ASN E 2160 -46.59 13.77 -80.99
CA ASN E 2160 -46.62 14.68 -79.85
C ASN E 2160 -47.99 14.72 -79.20
N LEU E 2161 -49.06 14.69 -80.00
CA LEU E 2161 -50.40 14.66 -79.42
C LEU E 2161 -50.63 13.37 -78.65
N MET E 2162 -50.14 12.24 -79.18
CA MET E 2162 -50.23 10.98 -78.44
C MET E 2162 -49.50 11.05 -77.12
N ARG E 2163 -48.31 11.65 -77.12
CA ARG E 2163 -47.55 11.77 -75.87
C ARG E 2163 -48.24 12.70 -74.89
N ALA E 2164 -48.83 13.79 -75.37
CA ALA E 2164 -49.54 14.72 -74.50
C ALA E 2164 -50.79 14.08 -73.90
N LEU E 2165 -51.50 13.26 -74.67
CA LEU E 2165 -52.65 12.56 -74.12
C LEU E 2165 -52.28 11.47 -73.17
N GLY E 2166 -51.00 11.08 -73.13
CA GLY E 2166 -50.54 10.07 -72.20
C GLY E 2166 -51.13 8.70 -72.45
N MET E 2167 -51.21 8.29 -73.71
CA MET E 2167 -51.72 6.96 -74.00
C MET E 2167 -50.79 5.89 -73.46
N HIS E 2168 -49.47 6.12 -73.54
CA HIS E 2168 -48.53 5.15 -73.01
C HIS E 2168 -48.73 4.93 -71.52
N GLU E 2169 -49.02 6.01 -70.78
CA GLU E 2169 -49.32 5.87 -69.36
C GLU E 2169 -50.55 5.01 -69.12
N THR E 2170 -51.61 5.24 -69.88
CA THR E 2170 -52.84 4.49 -69.68
C THR E 2170 -52.63 3.01 -69.98
N VAL E 2171 -52.02 2.69 -71.12
CA VAL E 2171 -51.74 1.29 -71.44
C VAL E 2171 -50.80 0.70 -70.42
N MET E 2172 -49.84 1.49 -69.94
CA MET E 2172 -48.86 1.03 -68.98
C MET E 2172 -49.54 0.56 -67.70
N GLU E 2173 -50.41 1.39 -67.14
CA GLU E 2173 -51.08 1.03 -65.90
C GLU E 2173 -52.16 -0.02 -66.11
N VAL E 2174 -52.78 -0.07 -67.29
CA VAL E 2174 -53.71 -1.16 -67.59
C VAL E 2174 -52.98 -2.49 -67.54
N MET E 2175 -51.81 -2.57 -68.14
CA MET E 2175 -51.02 -3.79 -68.06
C MET E 2175 -50.50 -4.02 -66.64
N VAL E 2176 -50.24 -2.95 -65.90
CA VAL E 2176 -49.78 -3.08 -64.53
C VAL E 2176 -50.82 -3.80 -63.68
N ASN E 2177 -52.09 -3.44 -63.87
CA ASN E 2177 -53.15 -4.09 -63.10
C ASN E 2177 -53.16 -5.59 -63.35
N VAL E 2178 -53.12 -5.99 -64.63
CA VAL E 2178 -53.17 -7.41 -64.97
C VAL E 2178 -51.94 -8.13 -64.43
N LEU E 2179 -50.76 -7.52 -64.56
CA LEU E 2179 -49.54 -8.14 -64.09
C LEU E 2179 -49.55 -8.34 -62.59
N GLY E 2180 -50.01 -7.32 -61.84
CA GLY E 2180 -50.08 -7.45 -60.41
C GLY E 2180 -51.17 -8.41 -59.96
N GLY E 2181 -52.16 -8.65 -60.83
CA GLY E 2181 -53.17 -9.64 -60.52
C GLY E 2181 -52.67 -11.05 -60.82
N GLY E 2182 -52.39 -11.81 -59.77
CA GLY E 2182 -52.04 -13.21 -59.89
C GLY E 2182 -50.69 -13.51 -60.52
N GLU E 2183 -49.61 -13.20 -59.78
CA GLU E 2183 -48.27 -13.49 -60.27
C GLU E 2183 -47.87 -14.93 -60.00
N SER E 2184 -48.12 -15.42 -58.78
CA SER E 2184 -47.73 -16.78 -58.41
C SER E 2184 -48.53 -17.81 -59.20
N LYS E 2185 -49.81 -17.54 -59.40
CA LYS E 2185 -50.72 -18.47 -60.09
C LYS E 2185 -50.61 -18.41 -61.60
N GLU E 2186 -49.49 -17.88 -62.11
CA GLU E 2186 -49.24 -17.69 -63.54
C GLU E 2186 -50.10 -16.54 -64.06
N ILE E 2187 -49.54 -15.75 -64.98
CA ILE E 2187 -50.21 -14.52 -65.39
C ILE E 2187 -51.51 -14.85 -66.12
N THR E 2188 -52.58 -14.17 -65.71
CA THR E 2188 -53.86 -14.28 -66.39
C THR E 2188 -53.98 -13.21 -67.47
N PHE E 2189 -54.85 -13.47 -68.44
CA PHE E 2189 -55.05 -12.64 -69.63
C PHE E 2189 -53.71 -12.39 -70.33
N PRO E 2190 -53.00 -13.45 -70.75
CA PRO E 2190 -51.71 -13.24 -71.43
C PRO E 2190 -51.84 -12.50 -72.74
N LYS E 2191 -52.94 -12.70 -73.46
CA LYS E 2191 -53.20 -11.97 -74.69
C LYS E 2191 -53.26 -10.46 -74.47
N MET E 2192 -53.75 -10.02 -73.31
CA MET E 2192 -53.66 -8.61 -72.96
C MET E 2192 -52.24 -8.12 -72.80
N VAL E 2193 -51.41 -8.83 -72.05
CA VAL E 2193 -50.04 -8.38 -71.89
C VAL E 2193 -49.37 -8.32 -73.24
N ALA E 2194 -49.65 -9.30 -74.10
CA ALA E 2194 -49.09 -9.29 -75.45
C ALA E 2194 -49.53 -8.07 -76.24
N ASN E 2195 -50.82 -7.76 -76.25
CA ASN E 2195 -51.31 -6.63 -77.04
C ASN E 2195 -50.77 -5.31 -76.49
N CYS E 2196 -50.75 -5.16 -75.16
CA CYS E 2196 -50.23 -3.93 -74.56
C CYS E 2196 -48.76 -3.75 -74.89
N CYS E 2197 -47.98 -4.84 -74.83
CA CYS E 2197 -46.57 -4.75 -75.14
C CYS E 2197 -46.32 -4.44 -76.61
N ARG E 2198 -47.12 -5.01 -77.52
CA ARG E 2198 -46.99 -4.67 -78.93
C ARG E 2198 -47.30 -3.20 -79.16
N PHE E 2199 -48.36 -2.69 -78.52
CA PHE E 2199 -48.67 -1.28 -78.66
C PHE E 2199 -47.54 -0.41 -78.15
N LEU E 2200 -46.96 -0.77 -77.00
CA LEU E 2200 -45.88 0.03 -76.45
C LEU E 2200 -44.64 -0.02 -77.34
N CYS E 2201 -44.33 -1.18 -77.91
CA CYS E 2201 -43.19 -1.26 -78.83
C CYS E 2201 -43.40 -0.40 -80.07
N TYR E 2202 -44.62 -0.42 -80.62
CA TYR E 2202 -44.92 0.48 -81.74
C TYR E 2202 -44.78 1.93 -81.33
N PHE E 2203 -45.25 2.28 -80.13
CA PHE E 2203 -45.13 3.64 -79.64
C PHE E 2203 -43.68 4.06 -79.53
N CYS E 2204 -42.82 3.16 -79.06
CA CYS E 2204 -41.39 3.45 -79.01
C CYS E 2204 -40.83 3.66 -80.41
N ARG E 2205 -41.24 2.83 -81.36
CA ARG E 2205 -40.66 2.92 -82.71
C ARG E 2205 -41.13 4.17 -83.44
N ILE E 2206 -42.29 4.72 -83.08
CA ILE E 2206 -42.82 5.85 -83.85
C ILE E 2206 -41.84 7.03 -83.84
N SER E 2207 -41.38 7.44 -82.67
CA SER E 2207 -40.56 8.65 -82.59
C SER E 2207 -39.50 8.48 -81.52
N ARG E 2208 -38.43 9.27 -81.65
CA ARG E 2208 -37.34 9.21 -80.69
C ARG E 2208 -37.76 9.72 -79.32
N GLN E 2209 -38.57 10.79 -79.29
CA GLN E 2209 -39.02 11.32 -78.01
C GLN E 2209 -39.96 10.37 -77.30
N ASN E 2210 -40.78 9.65 -78.07
CA ASN E 2210 -41.63 8.62 -77.46
C ASN E 2210 -40.79 7.53 -76.81
N GLN E 2211 -39.66 7.19 -77.45
CA GLN E 2211 -38.76 6.20 -76.85
C GLN E 2211 -38.19 6.71 -75.53
N LYS E 2212 -37.82 7.99 -75.49
CA LYS E 2212 -37.36 8.58 -74.22
C LYS E 2212 -38.46 8.56 -73.16
N ALA E 2213 -39.69 8.87 -73.54
CA ALA E 2213 -40.78 8.84 -72.57
C ALA E 2213 -40.99 7.43 -72.03
N MET E 2214 -40.92 6.42 -72.90
CA MET E 2214 -41.09 5.05 -72.44
C MET E 2214 -39.89 4.59 -71.60
N PHE E 2215 -38.72 5.19 -71.83
CA PHE E 2215 -37.53 4.81 -71.07
C PHE E 2215 -37.68 5.07 -69.59
N ASP E 2216 -38.53 6.01 -69.19
CA ASP E 2216 -38.69 6.35 -67.78
C ASP E 2216 -39.30 5.22 -66.96
N HIS E 2217 -39.83 4.20 -67.61
CA HIS E 2217 -40.49 3.10 -66.91
C HIS E 2217 -39.67 1.82 -67.03
N LEU E 2218 -38.37 1.96 -67.28
CA LEU E 2218 -37.52 0.78 -67.47
C LEU E 2218 -37.38 0.00 -66.17
N SER E 2219 -37.49 0.68 -65.02
CA SER E 2219 -37.31 0.00 -63.75
C SER E 2219 -38.41 -1.02 -63.49
N TYR E 2220 -39.67 -0.61 -63.64
CA TYR E 2220 -40.77 -1.53 -63.38
C TYR E 2220 -40.83 -2.61 -64.46
N LEU E 2221 -40.55 -2.24 -65.71
CA LEU E 2221 -40.59 -3.20 -66.79
C LEU E 2221 -39.59 -4.32 -66.56
N LEU E 2222 -38.42 -3.99 -66.03
CA LEU E 2222 -37.43 -5.00 -65.69
C LEU E 2222 -37.84 -5.81 -64.45
N GLU E 2223 -38.61 -5.21 -63.55
CA GLU E 2223 -39.16 -5.99 -62.43
C GLU E 2223 -40.12 -7.05 -62.95
N ASN E 2224 -41.03 -6.66 -63.84
CA ASN E 2224 -41.98 -7.61 -64.43
C ASN E 2224 -41.46 -8.12 -65.78
N SER E 2225 -40.26 -8.69 -65.73
CA SER E 2225 -39.58 -9.14 -66.94
C SER E 2225 -39.75 -10.63 -67.21
N SER E 2226 -40.17 -11.40 -66.21
CA SER E 2226 -40.35 -12.83 -66.35
C SER E 2226 -41.81 -13.22 -66.53
N VAL E 2227 -42.60 -12.38 -67.20
CA VAL E 2227 -44.02 -12.63 -67.32
C VAL E 2227 -44.29 -13.79 -68.27
N GLY E 2228 -43.84 -13.67 -69.52
CA GLY E 2228 -44.14 -14.67 -70.51
C GLY E 2228 -42.96 -15.09 -71.35
N LEU E 2229 -41.76 -15.07 -70.77
CA LEU E 2229 -40.56 -15.43 -71.53
C LEU E 2229 -40.61 -16.87 -72.00
N ALA E 2230 -41.05 -17.78 -71.12
CA ALA E 2230 -41.07 -19.19 -71.49
C ALA E 2230 -42.13 -19.48 -72.54
N SER E 2231 -43.22 -18.73 -72.52
CA SER E 2231 -44.29 -18.98 -73.48
C SER E 2231 -43.88 -18.53 -74.88
N PRO E 2232 -43.93 -19.39 -75.87
CA PRO E 2232 -43.59 -18.97 -77.23
C PRO E 2232 -44.72 -18.18 -77.86
N ALA E 2233 -44.47 -17.64 -79.06
CA ALA E 2233 -45.46 -16.88 -79.83
C ALA E 2233 -45.82 -15.57 -79.13
N MET E 2234 -45.30 -15.37 -77.93
CA MET E 2234 -45.36 -14.09 -77.25
C MET E 2234 -44.08 -13.33 -77.39
N ARG E 2235 -43.19 -13.92 -78.18
CA ARG E 2235 -41.91 -13.29 -78.46
C ARG E 2235 -42.13 -11.95 -79.12
N GLY E 2236 -41.45 -10.92 -78.61
CA GLY E 2236 -41.69 -9.58 -79.05
C GLY E 2236 -42.91 -8.92 -78.44
N SER E 2237 -43.58 -9.58 -77.51
CA SER E 2237 -44.80 -9.06 -76.89
C SER E 2237 -44.74 -9.20 -75.37
N THR E 2238 -43.60 -8.91 -74.78
CA THR E 2238 -43.38 -9.01 -73.35
C THR E 2238 -42.82 -7.70 -72.80
N PRO E 2239 -42.97 -7.45 -71.50
CA PRO E 2239 -42.37 -6.23 -70.92
C PRO E 2239 -40.88 -6.16 -71.12
N LEU E 2240 -40.18 -7.30 -71.16
CA LEU E 2240 -38.77 -7.28 -71.49
C LEU E 2240 -38.53 -6.77 -72.90
N ASP E 2241 -39.39 -7.17 -73.85
CA ASP E 2241 -39.29 -6.64 -75.21
C ASP E 2241 -39.58 -5.15 -75.24
N VAL E 2242 -40.54 -4.69 -74.44
CA VAL E 2242 -40.80 -3.25 -74.36
C VAL E 2242 -39.57 -2.51 -73.84
N ALA E 2243 -38.94 -3.07 -72.81
CA ALA E 2243 -37.73 -2.45 -72.27
C ALA E 2243 -36.62 -2.42 -73.31
N ALA E 2244 -36.46 -3.50 -74.08
CA ALA E 2244 -35.45 -3.52 -75.13
C ALA E 2244 -35.73 -2.47 -76.18
N ALA E 2245 -36.99 -2.32 -76.59
CA ALA E 2245 -37.35 -1.29 -77.54
C ALA E 2245 -37.15 0.11 -76.97
N SER E 2246 -37.22 0.25 -75.65
CA SER E 2246 -37.00 1.56 -75.03
C SER E 2246 -35.57 2.03 -75.18
N VAL E 2247 -34.64 1.11 -75.48
CA VAL E 2247 -33.23 1.46 -75.60
C VAL E 2247 -32.64 1.06 -76.94
N MET E 2248 -33.44 0.50 -77.84
CA MET E 2248 -32.93 0.05 -79.12
C MET E 2248 -32.39 1.24 -79.92
N ASP E 2249 -31.14 1.14 -80.34
CA ASP E 2249 -30.50 2.07 -81.27
C ASP E 2249 -30.60 3.53 -80.82
N ASN E 2250 -30.36 3.81 -79.55
CA ASN E 2250 -30.37 5.16 -79.02
C ASN E 2250 -29.16 5.34 -78.12
N ASN E 2251 -28.16 6.09 -78.59
CA ASN E 2251 -26.97 6.32 -77.79
C ASN E 2251 -27.30 7.12 -76.53
N GLU E 2252 -28.18 8.11 -76.65
CA GLU E 2252 -28.54 8.94 -75.51
C GLU E 2252 -29.12 8.10 -74.38
N LEU E 2253 -30.02 7.18 -74.72
CA LEU E 2253 -30.63 6.32 -73.70
C LEU E 2253 -29.70 5.22 -73.23
N ALA E 2254 -28.88 4.68 -74.13
CA ALA E 2254 -27.93 3.66 -73.72
C ALA E 2254 -26.94 4.20 -72.70
N LEU E 2255 -26.43 5.42 -72.93
CA LEU E 2255 -25.53 6.03 -71.97
C LEU E 2255 -26.22 6.40 -70.67
N ALA E 2256 -27.50 6.76 -70.71
CA ALA E 2256 -28.23 7.09 -69.49
C ALA E 2256 -28.63 5.85 -68.71
N LEU E 2257 -28.64 4.69 -69.36
CA LEU E 2257 -28.97 3.45 -68.68
C LEU E 2257 -27.98 3.19 -67.54
N ARG E 2258 -28.52 2.83 -66.38
CA ARG E 2258 -27.72 2.77 -65.16
C ARG E 2258 -27.09 1.40 -64.98
N GLU E 2259 -26.47 1.21 -63.81
CA GLU E 2259 -25.92 -0.07 -63.40
C GLU E 2259 -26.95 -1.01 -62.75
N PRO E 2260 -27.76 -0.55 -61.80
CA PRO E 2260 -28.65 -1.48 -61.09
C PRO E 2260 -29.63 -2.22 -62.00
N ASP E 2261 -30.13 -1.56 -63.05
CA ASP E 2261 -31.03 -2.24 -63.97
C ASP E 2261 -30.31 -3.37 -64.72
N LEU E 2262 -29.05 -3.14 -65.07
CA LEU E 2262 -28.25 -4.22 -65.64
C LEU E 2262 -28.03 -5.33 -64.64
N GLU E 2263 -27.80 -4.98 -63.37
CA GLU E 2263 -27.58 -5.99 -62.34
C GLU E 2263 -28.83 -6.85 -62.16
N LYS E 2264 -30.01 -6.24 -62.29
CA LYS E 2264 -31.26 -7.00 -62.22
C LYS E 2264 -31.31 -8.08 -63.28
N VAL E 2265 -31.01 -7.70 -64.53
CA VAL E 2265 -31.05 -8.65 -65.62
C VAL E 2265 -29.98 -9.73 -65.44
N VAL E 2266 -28.82 -9.34 -64.91
CA VAL E 2266 -27.76 -10.32 -64.66
C VAL E 2266 -28.23 -11.32 -63.61
N ARG E 2267 -28.89 -10.85 -62.56
CA ARG E 2267 -29.40 -11.77 -61.53
C ARG E 2267 -30.46 -12.69 -62.11
N TYR E 2268 -31.35 -12.16 -62.96
CA TYR E 2268 -32.34 -13.01 -63.59
C TYR E 2268 -31.68 -14.09 -64.44
N LEU E 2269 -30.65 -13.71 -65.21
CA LEU E 2269 -29.95 -14.68 -66.03
C LEU E 2269 -29.23 -15.73 -65.18
N ALA E 2270 -28.64 -15.32 -64.06
CA ALA E 2270 -28.02 -16.29 -63.16
C ALA E 2270 -29.06 -17.26 -62.60
N GLY E 2271 -30.23 -16.75 -62.23
CA GLY E 2271 -31.29 -17.64 -61.77
C GLY E 2271 -31.72 -18.62 -62.84
N CYS E 2272 -31.85 -18.15 -64.08
CA CYS E 2272 -32.18 -19.01 -65.19
C CYS E 2272 -31.10 -20.05 -65.47
N GLY E 2273 -29.84 -19.72 -65.23
CA GLY E 2273 -28.77 -20.68 -65.42
C GLY E 2273 -28.67 -21.69 -64.30
N LEU E 2274 -29.11 -21.29 -63.10
CA LEU E 2274 -29.02 -22.20 -61.95
C LEU E 2274 -30.22 -23.12 -61.85
N GLN E 2275 -31.41 -22.64 -62.17
CA GLN E 2275 -32.65 -23.34 -61.91
C GLN E 2275 -33.32 -23.73 -63.22
N SER E 2276 -34.09 -24.81 -63.18
CA SER E 2276 -34.81 -25.28 -64.35
C SER E 2276 -36.06 -24.42 -64.59
N CYS E 2277 -36.84 -24.82 -65.60
CA CYS E 2277 -38.06 -24.09 -65.95
C CYS E 2277 -39.27 -24.82 -65.37
N GLN E 2278 -39.93 -24.17 -64.41
CA GLN E 2278 -41.04 -24.80 -63.71
C GLN E 2278 -42.21 -25.08 -64.65
N MET E 2279 -42.58 -24.11 -65.48
CA MET E 2279 -43.70 -24.30 -66.38
C MET E 2279 -43.42 -25.40 -67.39
N LEU E 2280 -42.18 -25.50 -67.88
CA LEU E 2280 -41.83 -26.54 -68.84
C LEU E 2280 -41.79 -27.93 -68.21
N VAL E 2281 -41.22 -28.06 -67.01
CA VAL E 2281 -41.24 -29.37 -66.38
C VAL E 2281 -42.66 -29.76 -65.99
N SER E 2282 -43.52 -28.78 -65.69
CA SER E 2282 -44.93 -29.08 -65.47
C SER E 2282 -45.60 -29.65 -66.71
N LYS E 2283 -45.27 -29.13 -67.88
CA LYS E 2283 -45.76 -29.68 -69.13
C LYS E 2283 -45.06 -30.98 -69.50
N GLY E 2284 -43.95 -31.31 -68.85
CA GLY E 2284 -43.33 -32.60 -69.01
C GLY E 2284 -41.98 -32.61 -69.70
N TYR E 2285 -41.40 -31.45 -69.98
CA TYR E 2285 -40.09 -31.42 -70.61
C TYR E 2285 -39.04 -32.02 -69.68
N PRO E 2286 -38.01 -32.65 -70.25
CA PRO E 2286 -36.98 -33.25 -69.40
C PRO E 2286 -36.31 -32.22 -68.51
N ASP E 2287 -36.03 -32.62 -67.28
CA ASP E 2287 -35.56 -31.70 -66.25
C ASP E 2287 -34.05 -31.55 -66.31
N ILE E 2288 -33.60 -30.65 -67.17
CA ILE E 2288 -32.21 -30.19 -67.14
C ILE E 2288 -32.12 -29.14 -66.03
N GLY E 2289 -30.90 -28.83 -65.60
CA GLY E 2289 -30.74 -27.97 -64.45
C GLY E 2289 -30.91 -26.49 -64.72
N TRP E 2290 -31.00 -26.11 -65.98
CA TRP E 2290 -30.93 -24.70 -66.37
C TRP E 2290 -32.01 -24.37 -67.40
N ASN E 2291 -32.18 -23.06 -67.65
CA ASN E 2291 -33.30 -22.55 -68.42
C ASN E 2291 -32.84 -21.81 -69.67
N PRO E 2292 -32.53 -22.53 -70.75
CA PRO E 2292 -32.08 -21.83 -71.97
C PRO E 2292 -33.11 -20.88 -72.53
N VAL E 2293 -34.40 -21.23 -72.44
CA VAL E 2293 -35.44 -20.44 -73.09
C VAL E 2293 -35.51 -19.04 -72.50
N GLU E 2294 -35.51 -18.95 -71.18
CA GLU E 2294 -35.52 -17.64 -70.54
C GLU E 2294 -34.15 -16.99 -70.59
N GLY E 2295 -33.08 -17.78 -70.57
CA GLY E 2295 -31.75 -17.21 -70.61
C GLY E 2295 -31.49 -16.45 -71.89
N GLU E 2296 -31.92 -17.00 -73.03
CA GLU E 2296 -31.74 -16.30 -74.29
C GLU E 2296 -32.50 -14.97 -74.33
N ARG E 2297 -33.74 -14.97 -73.85
CA ARG E 2297 -34.50 -13.73 -73.82
C ARG E 2297 -33.84 -12.69 -72.93
N TYR E 2298 -33.32 -13.11 -71.77
CA TYR E 2298 -32.60 -12.17 -70.93
C TYR E 2298 -31.30 -11.69 -71.57
N LEU E 2299 -30.67 -12.54 -72.40
CA LEU E 2299 -29.43 -12.15 -73.05
C LEU E 2299 -29.67 -11.13 -74.16
N ASP E 2300 -30.83 -11.21 -74.81
CA ASP E 2300 -31.12 -10.27 -75.90
C ASP E 2300 -31.16 -8.83 -75.40
N PHE E 2301 -31.76 -8.60 -74.23
CA PHE E 2301 -31.82 -7.24 -73.68
C PHE E 2301 -30.42 -6.72 -73.39
N LEU E 2302 -29.55 -7.56 -72.84
CA LEU E 2302 -28.18 -7.14 -72.60
C LEU E 2302 -27.47 -6.82 -73.91
N ARG E 2303 -27.73 -7.61 -74.95
CA ARG E 2303 -27.19 -7.30 -76.27
C ARG E 2303 -27.59 -5.91 -76.71
N PHE E 2304 -28.88 -5.60 -76.64
CA PHE E 2304 -29.35 -4.28 -77.04
C PHE E 2304 -28.80 -3.17 -76.17
N ALA E 2305 -28.53 -3.45 -74.90
CA ALA E 2305 -27.98 -2.43 -74.02
C ALA E 2305 -26.51 -2.16 -74.31
N VAL E 2306 -25.74 -3.19 -74.65
CA VAL E 2306 -24.30 -2.99 -74.79
C VAL E 2306 -23.91 -2.57 -76.20
N PHE E 2307 -24.68 -2.97 -77.21
CA PHE E 2307 -24.30 -2.72 -78.59
C PHE E 2307 -25.35 -1.81 -79.21
N CYS E 2308 -24.92 -0.75 -79.88
CA CYS E 2308 -25.83 0.27 -80.38
C CYS E 2308 -25.27 0.93 -81.63
N ASN E 2309 -26.03 0.84 -82.73
CA ASN E 2309 -25.71 1.54 -83.98
C ASN E 2309 -24.33 1.18 -84.51
N GLY E 2310 -23.99 -0.11 -84.47
CA GLY E 2310 -22.78 -0.60 -85.07
C GLY E 2310 -21.56 -0.58 -84.17
N GLU E 2311 -21.52 0.34 -83.22
CA GLU E 2311 -20.38 0.42 -82.31
C GLU E 2311 -20.81 -0.03 -80.91
N SER E 2312 -19.82 -0.42 -80.10
CA SER E 2312 -20.07 -1.01 -78.79
C SER E 2312 -19.96 0.07 -77.72
N VAL E 2313 -21.02 0.23 -76.94
CA VAL E 2313 -21.02 1.20 -75.84
C VAL E 2313 -20.10 0.66 -74.75
N GLU E 2314 -18.94 1.32 -74.58
CA GLU E 2314 -17.94 0.82 -73.64
C GLU E 2314 -18.45 0.82 -72.21
N GLU E 2315 -19.15 1.88 -71.82
CA GLU E 2315 -19.61 2.00 -70.44
C GLU E 2315 -20.53 0.85 -70.06
N ASN E 2316 -21.46 0.52 -70.94
CA ASN E 2316 -22.40 -0.57 -70.67
C ASN E 2316 -21.82 -1.94 -70.98
N ALA E 2317 -20.72 -2.01 -71.72
CA ALA E 2317 -20.10 -3.30 -72.00
C ALA E 2317 -19.19 -3.75 -70.87
N ASN E 2318 -18.38 -2.82 -70.36
CA ASN E 2318 -17.47 -3.15 -69.27
C ASN E 2318 -18.22 -3.53 -68.00
N VAL E 2319 -19.38 -2.92 -67.75
CA VAL E 2319 -20.16 -3.29 -66.58
C VAL E 2319 -20.76 -4.69 -66.74
N VAL E 2320 -21.29 -4.98 -67.93
CA VAL E 2320 -21.92 -6.27 -68.17
C VAL E 2320 -20.90 -7.39 -68.08
N VAL E 2321 -19.72 -7.18 -68.66
CA VAL E 2321 -18.69 -8.22 -68.61
C VAL E 2321 -18.29 -8.52 -67.17
N ARG E 2322 -18.09 -7.47 -66.36
CA ARG E 2322 -17.75 -7.69 -64.96
C ARG E 2322 -18.87 -8.38 -64.20
N LEU E 2323 -20.12 -8.02 -64.45
CA LEU E 2323 -21.22 -8.71 -63.78
C LEU E 2323 -21.27 -10.18 -64.15
N LEU E 2324 -21.09 -10.49 -65.44
CA LEU E 2324 -21.12 -11.87 -65.88
C LEU E 2324 -19.96 -12.68 -65.33
N ILE E 2325 -18.78 -12.09 -65.17
CA ILE E 2325 -17.69 -12.85 -64.58
C ILE E 2325 -17.82 -12.93 -63.06
N ARG E 2326 -18.50 -11.97 -62.44
CA ARG E 2326 -18.81 -12.09 -61.02
C ARG E 2326 -19.75 -13.27 -60.77
N ARG E 2327 -20.75 -13.43 -61.63
CA ARG E 2327 -21.65 -14.58 -61.55
C ARG E 2327 -21.41 -15.51 -62.73
N PRO E 2328 -20.46 -16.44 -62.62
CA PRO E 2328 -20.13 -17.30 -63.77
C PRO E 2328 -21.21 -18.30 -64.13
N GLU E 2329 -22.23 -18.48 -63.29
CA GLU E 2329 -23.30 -19.42 -63.63
C GLU E 2329 -24.10 -18.93 -64.83
N CYS E 2330 -24.00 -17.65 -65.17
CA CYS E 2330 -24.71 -17.10 -66.31
C CYS E 2330 -24.20 -17.65 -67.63
N PHE E 2331 -23.04 -18.29 -67.65
CA PHE E 2331 -22.43 -18.74 -68.89
C PHE E 2331 -22.94 -20.09 -69.34
N GLY E 2332 -23.80 -20.74 -68.58
CA GLY E 2332 -24.31 -22.03 -68.93
C GLY E 2332 -23.45 -23.15 -68.39
N PRO E 2333 -24.04 -24.35 -68.27
CA PRO E 2333 -23.30 -25.47 -67.66
C PRO E 2333 -22.01 -25.82 -68.39
N ALA E 2334 -21.98 -25.64 -69.71
CA ALA E 2334 -20.77 -25.96 -70.46
C ALA E 2334 -19.62 -25.05 -70.06
N LEU E 2335 -19.90 -23.76 -69.83
CA LEU E 2335 -18.86 -22.79 -69.54
C LEU E 2335 -18.83 -22.37 -68.07
N ARG E 2336 -19.49 -23.13 -67.18
CA ARG E 2336 -19.35 -22.84 -65.76
C ARG E 2336 -17.90 -22.96 -65.30
N GLY E 2337 -17.19 -23.99 -65.76
CA GLY E 2337 -15.78 -24.13 -65.46
C GLY E 2337 -15.44 -25.24 -64.50
N GLU E 2338 -16.40 -25.75 -63.72
CA GLU E 2338 -16.14 -26.88 -62.83
C GLU E 2338 -16.35 -28.18 -63.59
N GLY E 2339 -15.41 -28.45 -64.49
CA GLY E 2339 -15.50 -29.64 -65.31
C GLY E 2339 -16.46 -29.52 -66.47
N GLY E 2340 -16.77 -28.29 -66.89
CA GLY E 2340 -17.62 -28.12 -68.05
C GLY E 2340 -16.96 -28.68 -69.31
N ASN E 2341 -17.79 -29.30 -70.15
CA ASN E 2341 -17.25 -29.96 -71.35
C ASN E 2341 -16.68 -28.94 -72.34
N GLY E 2342 -17.37 -27.82 -72.53
CA GLY E 2342 -16.90 -26.81 -73.46
C GLY E 2342 -17.97 -26.42 -74.47
N LEU E 2343 -17.71 -25.35 -75.24
CA LEU E 2343 -18.71 -24.86 -76.18
C LEU E 2343 -18.93 -25.85 -77.32
N LEU E 2344 -17.86 -26.40 -77.87
CA LEU E 2344 -18.00 -27.35 -78.98
C LEU E 2344 -18.71 -28.61 -78.54
N ALA E 2345 -18.34 -29.14 -77.38
CA ALA E 2345 -19.03 -30.31 -76.83
C ALA E 2345 -20.48 -30.00 -76.52
N ALA E 2346 -20.77 -28.78 -76.06
CA ALA E 2346 -22.16 -28.39 -75.82
C ALA E 2346 -22.95 -28.37 -77.11
N MET E 2347 -22.38 -27.84 -78.17
CA MET E 2347 -23.04 -27.87 -79.47
C MET E 2347 -23.27 -29.27 -79.98
N GLU E 2348 -22.30 -30.17 -79.83
CA GLU E 2348 -22.51 -31.56 -80.24
C GLU E 2348 -23.56 -32.28 -79.41
N GLU E 2349 -23.56 -32.07 -78.09
CA GLU E 2349 -24.60 -32.64 -77.25
C GLU E 2349 -25.96 -32.07 -77.64
N ALA E 2350 -26.00 -30.80 -78.05
CA ALA E 2350 -27.25 -30.21 -78.52
C ALA E 2350 -27.72 -30.86 -79.82
N ILE E 2351 -26.79 -31.16 -80.72
CA ILE E 2351 -27.15 -31.91 -81.93
C ILE E 2351 -27.76 -33.25 -81.54
N LYS E 2352 -27.12 -33.96 -80.62
CA LYS E 2352 -27.63 -35.27 -80.22
C LYS E 2352 -29.00 -35.16 -79.57
N ILE E 2353 -29.21 -34.13 -78.73
CA ILE E 2353 -30.49 -33.96 -78.07
C ILE E 2353 -31.56 -33.63 -79.08
N ALA E 2354 -31.29 -32.71 -80.00
CA ALA E 2354 -32.25 -32.35 -81.04
C ALA E 2354 -32.56 -33.52 -81.95
N GLU E 2355 -31.62 -34.44 -82.15
CA GLU E 2355 -31.89 -35.66 -82.90
C GLU E 2355 -32.73 -36.66 -82.13
N ASP E 2356 -32.46 -36.82 -80.84
CA ASP E 2356 -33.24 -37.74 -80.02
C ASP E 2356 -34.63 -37.17 -79.79
N PRO E 2357 -35.69 -37.97 -79.97
CA PRO E 2357 -37.04 -37.46 -79.74
C PRO E 2357 -37.39 -37.30 -78.27
N SER E 2358 -36.85 -38.19 -77.43
CA SER E 2358 -37.24 -38.22 -76.02
C SER E 2358 -36.80 -36.96 -75.30
N ARG E 2359 -35.53 -36.59 -75.44
CA ARG E 2359 -35.01 -35.43 -74.71
C ARG E 2359 -35.42 -34.13 -75.39
N ASP E 2360 -35.81 -34.20 -76.66
CA ASP E 2360 -36.20 -32.98 -77.38
C ASP E 2360 -37.56 -32.48 -76.92
N GLY E 2361 -38.54 -33.38 -76.79
CA GLY E 2361 -39.90 -32.98 -76.54
C GLY E 2361 -40.39 -33.33 -75.15
N PRO E 2362 -41.60 -32.86 -74.81
CA PRO E 2362 -42.14 -33.17 -73.48
C PRO E 2362 -42.36 -34.66 -73.26
N SER E 2363 -42.79 -35.39 -74.28
CA SER E 2363 -43.08 -36.81 -74.18
C SER E 2363 -44.02 -37.11 -73.01
N PRO E 2364 -45.30 -36.77 -73.11
CA PRO E 2364 -46.27 -36.97 -72.02
C PRO E 2364 -46.52 -38.44 -71.73
N GLU E 2377 -51.04 -24.28 -80.27
CA GLU E 2377 -50.67 -25.43 -79.46
C GLU E 2377 -49.39 -26.08 -79.98
N GLU E 2378 -49.25 -26.11 -81.31
CA GLU E 2378 -48.04 -26.65 -81.92
C GLU E 2378 -46.83 -25.78 -81.60
N ASP E 2379 -47.04 -24.47 -81.48
CA ASP E 2379 -45.95 -23.55 -81.16
C ASP E 2379 -45.40 -23.83 -79.77
N ASP E 2380 -46.20 -24.45 -78.90
CA ASP E 2380 -45.76 -24.72 -77.54
C ASP E 2380 -44.61 -25.72 -77.51
N THR E 2381 -44.42 -26.47 -78.60
CA THR E 2381 -43.35 -27.46 -78.66
C THR E 2381 -42.00 -26.74 -78.67
N ILE E 2382 -41.23 -26.93 -77.60
CA ILE E 2382 -39.91 -26.32 -77.46
C ILE E 2382 -38.89 -27.40 -77.78
N HIS E 2383 -38.16 -27.21 -78.87
CA HIS E 2383 -37.07 -28.12 -79.21
C HIS E 2383 -35.86 -27.77 -78.36
N MET E 2384 -35.60 -28.57 -77.32
CA MET E 2384 -34.61 -28.18 -76.32
C MET E 2384 -33.21 -28.10 -76.90
N GLY E 2385 -32.90 -28.93 -77.89
CA GLY E 2385 -31.61 -28.82 -78.54
C GLY E 2385 -31.42 -27.45 -79.19
N ASN E 2386 -32.42 -27.00 -79.93
CA ASN E 2386 -32.35 -25.68 -80.53
C ASN E 2386 -32.34 -24.60 -79.46
N ALA E 2387 -33.04 -24.83 -78.36
CA ALA E 2387 -33.04 -23.85 -77.27
C ALA E 2387 -31.64 -23.68 -76.69
N ILE E 2388 -30.95 -24.80 -76.45
CA ILE E 2388 -29.58 -24.72 -75.94
C ILE E 2388 -28.66 -24.06 -76.95
N MET E 2389 -28.81 -24.44 -78.22
CA MET E 2389 -27.99 -23.83 -79.27
C MET E 2389 -28.18 -22.33 -79.30
N THR E 2390 -29.44 -21.88 -79.24
CA THR E 2390 -29.75 -20.46 -79.28
C THR E 2390 -29.21 -19.75 -78.05
N PHE E 2391 -29.30 -20.38 -76.88
CA PHE E 2391 -28.76 -19.76 -75.68
C PHE E 2391 -27.26 -19.52 -75.82
N TYR E 2392 -26.52 -20.55 -76.22
CA TYR E 2392 -25.07 -20.40 -76.32
C TYR E 2392 -24.69 -19.41 -77.41
N SER E 2393 -25.41 -19.44 -78.53
CA SER E 2393 -25.14 -18.49 -79.61
C SER E 2393 -25.40 -17.07 -79.16
N ALA E 2394 -26.50 -16.84 -78.42
CA ALA E 2394 -26.80 -15.50 -77.93
C ALA E 2394 -25.75 -15.04 -76.93
N LEU E 2395 -25.30 -15.94 -76.06
CA LEU E 2395 -24.25 -15.57 -75.10
C LEU E 2395 -22.97 -15.17 -75.83
N ILE E 2396 -22.57 -15.96 -76.82
CA ILE E 2396 -21.35 -15.65 -77.55
C ILE E 2396 -21.50 -14.35 -78.32
N ASP E 2397 -22.67 -14.11 -78.91
CA ASP E 2397 -22.91 -12.86 -79.62
C ASP E 2397 -22.84 -11.68 -78.67
N LEU E 2398 -23.44 -11.80 -77.49
CA LEU E 2398 -23.40 -10.70 -76.53
C LEU E 2398 -21.97 -10.40 -76.12
N LEU E 2399 -21.18 -11.43 -75.85
CA LEU E 2399 -19.79 -11.21 -75.46
C LEU E 2399 -19.00 -10.56 -76.59
N GLY E 2400 -19.20 -11.04 -77.82
CA GLY E 2400 -18.51 -10.44 -78.95
C GLY E 2400 -18.88 -8.98 -79.15
N ARG E 2401 -20.14 -8.64 -78.93
CA ARG E 2401 -20.55 -7.24 -79.00
C ARG E 2401 -19.96 -6.43 -77.85
N CYS E 2402 -19.81 -7.07 -76.69
CA CYS E 2402 -19.18 -6.42 -75.55
C CYS E 2402 -17.68 -6.22 -75.75
N ALA E 2403 -17.08 -6.92 -76.71
CA ALA E 2403 -15.66 -6.74 -76.97
C ALA E 2403 -15.37 -5.29 -77.36
N PRO E 2404 -14.22 -4.76 -76.94
CA PRO E 2404 -13.90 -3.36 -77.23
C PRO E 2404 -13.65 -3.12 -78.71
N GLU E 2405 -13.85 -1.87 -79.12
CA GLU E 2405 -13.62 -1.50 -80.51
C GLU E 2405 -12.14 -1.52 -80.83
N MET E 2406 -11.83 -1.71 -82.12
CA MET E 2406 -10.45 -1.89 -82.55
C MET E 2406 -9.61 -0.65 -82.31
N HIS E 2407 -10.19 0.53 -82.53
CA HIS E 2407 -9.40 1.76 -82.43
C HIS E 2407 -8.94 2.01 -81.00
N LEU E 2408 -9.76 1.67 -80.02
CA LEU E 2408 -9.35 1.82 -78.62
C LEU E 2408 -8.16 0.92 -78.30
N ILE E 2409 -8.19 -0.31 -78.78
CA ILE E 2409 -7.07 -1.22 -78.56
C ILE E 2409 -5.82 -0.69 -79.24
N HIS E 2410 -5.96 -0.18 -80.46
CA HIS E 2410 -4.81 0.41 -81.14
C HIS E 2410 -4.25 1.60 -80.37
N ALA E 2411 -5.13 2.43 -79.81
CA ALA E 2411 -4.68 3.53 -78.97
C ALA E 2411 -3.99 3.01 -77.72
N GLY E 2412 -4.36 1.83 -77.25
CA GLY E 2412 -3.70 1.21 -76.12
C GLY E 2412 -4.38 1.38 -74.79
N LYS E 2413 -5.70 1.53 -74.75
CA LYS E 2413 -6.40 1.70 -73.49
C LYS E 2413 -6.31 0.42 -72.67
N GLY E 2414 -5.77 0.55 -71.45
CA GLY E 2414 -5.54 -0.62 -70.62
C GLY E 2414 -6.82 -1.35 -70.29
N GLU E 2415 -7.90 -0.62 -70.03
CA GLU E 2415 -9.17 -1.25 -69.72
C GLU E 2415 -9.68 -2.06 -70.90
N ALA E 2416 -9.58 -1.52 -72.11
CA ALA E 2416 -10.00 -2.25 -73.30
C ALA E 2416 -9.17 -3.51 -73.49
N ILE E 2417 -7.84 -3.39 -73.32
CA ILE E 2417 -6.98 -4.55 -73.45
C ILE E 2417 -7.36 -5.62 -72.43
N ARG E 2418 -7.63 -5.18 -71.20
CA ARG E 2418 -7.97 -6.12 -70.14
C ARG E 2418 -9.29 -6.83 -70.43
N ILE E 2419 -10.27 -6.08 -70.94
CA ILE E 2419 -11.56 -6.69 -71.28
C ILE E 2419 -11.39 -7.72 -72.39
N ARG E 2420 -10.60 -7.39 -73.40
CA ARG E 2420 -10.35 -8.34 -74.47
C ARG E 2420 -9.66 -9.59 -73.94
N SER E 2421 -8.69 -9.41 -73.03
CA SER E 2421 -8.01 -10.55 -72.44
C SER E 2421 -8.99 -11.43 -71.66
N ILE E 2422 -9.89 -10.81 -70.91
CA ILE E 2422 -10.89 -11.58 -70.16
C ILE E 2422 -11.76 -12.39 -71.11
N LEU E 2423 -12.21 -11.77 -72.21
CA LEU E 2423 -13.06 -12.49 -73.15
C LEU E 2423 -12.30 -13.65 -73.80
N ARG E 2424 -11.04 -13.41 -74.16
CA ARG E 2424 -10.23 -14.48 -74.72
C ARG E 2424 -10.05 -15.63 -73.74
N SER E 2425 -9.85 -15.32 -72.47
CA SER E 2425 -9.75 -16.37 -71.46
C SER E 2425 -11.06 -17.14 -71.36
N LEU E 2426 -12.19 -16.44 -71.40
CA LEU E 2426 -13.47 -17.11 -71.27
C LEU E 2426 -13.73 -18.07 -72.43
N ILE E 2427 -13.48 -17.64 -73.65
CA ILE E 2427 -13.80 -18.45 -74.82
C ILE E 2427 -12.51 -18.81 -75.56
N PRO E 2428 -12.14 -20.09 -75.64
CA PRO E 2428 -10.99 -20.47 -76.46
C PRO E 2428 -11.30 -20.35 -77.94
N LEU E 2429 -10.24 -20.18 -78.73
CA LEU E 2429 -10.41 -20.05 -80.18
C LEU E 2429 -10.75 -21.40 -80.81
N GLY E 2430 -10.20 -22.48 -80.25
CA GLY E 2430 -10.45 -23.80 -80.82
C GLY E 2430 -11.92 -24.17 -80.82
N ASP E 2431 -12.63 -23.82 -79.74
CA ASP E 2431 -14.06 -24.06 -79.68
C ASP E 2431 -14.83 -23.33 -80.76
N LEU E 2432 -14.51 -22.05 -80.98
CA LEU E 2432 -15.15 -21.32 -82.07
C LEU E 2432 -14.87 -21.95 -83.42
N VAL E 2433 -13.62 -22.34 -83.67
CA VAL E 2433 -13.29 -22.96 -84.94
C VAL E 2433 -14.06 -24.26 -85.12
N GLY E 2434 -14.15 -25.08 -84.08
CA GLY E 2434 -14.90 -26.32 -84.17
C GLY E 2434 -16.37 -26.11 -84.43
N VAL E 2435 -16.98 -25.17 -83.70
CA VAL E 2435 -18.40 -24.91 -83.89
C VAL E 2435 -18.66 -24.40 -85.30
N ILE E 2436 -17.76 -23.59 -85.84
CA ILE E 2436 -17.87 -23.18 -87.23
C ILE E 2436 -17.74 -24.39 -88.14
N SER E 2437 -16.83 -25.32 -87.82
CA SER E 2437 -16.60 -26.47 -88.68
C SER E 2437 -17.78 -27.43 -88.69
N ILE E 2438 -18.62 -27.41 -87.66
CA ILE E 2438 -19.82 -28.24 -87.68
C ILE E 2438 -20.64 -27.92 -88.92
N ALA E 2439 -21.15 -28.95 -89.59
CA ALA E 2439 -21.87 -28.80 -90.83
C ALA E 2439 -23.38 -28.96 -90.63
N PHE E 2440 -24.14 -28.34 -91.52
CA PHE E 2440 -25.60 -28.43 -91.48
C PHE E 2440 -26.08 -29.72 -92.12
N GLN E 2441 -27.40 -29.90 -92.11
CA GLN E 2441 -28.06 -31.00 -92.82
C GLN E 2441 -28.85 -30.38 -93.97
N MET E 2442 -28.43 -30.68 -95.19
CA MET E 2442 -28.98 -29.98 -96.34
C MET E 2442 -30.28 -30.63 -96.78
N PRO E 2443 -31.26 -29.85 -97.24
CA PRO E 2443 -32.50 -30.45 -97.75
C PRO E 2443 -32.27 -31.24 -99.02
N THR E 2444 -33.12 -32.24 -99.23
CA THR E 2444 -33.00 -33.13 -100.38
C THR E 2444 -34.34 -33.27 -101.06
N ILE E 2445 -34.30 -33.58 -102.36
CA ILE E 2445 -35.51 -33.86 -103.11
C ILE E 2445 -35.83 -35.35 -103.02
N ALA E 2446 -37.12 -35.67 -102.98
CA ALA E 2446 -37.54 -37.05 -102.77
C ALA E 2446 -37.77 -37.76 -104.10
N LYS E 2447 -38.31 -38.98 -104.00
CA LYS E 2447 -38.59 -39.77 -105.20
C LYS E 2447 -39.63 -39.08 -106.08
N ASP E 2448 -40.67 -38.51 -105.46
CA ASP E 2448 -41.76 -37.89 -106.19
C ASP E 2448 -41.43 -36.46 -106.64
N GLY E 2449 -40.25 -35.95 -106.29
CA GLY E 2449 -39.90 -34.59 -106.60
C GLY E 2449 -40.26 -33.59 -105.53
N ASN E 2450 -41.00 -34.00 -104.50
CA ASN E 2450 -41.31 -33.10 -103.39
C ASN E 2450 -40.14 -33.06 -102.43
N VAL E 2451 -39.51 -31.90 -102.31
CA VAL E 2451 -38.32 -31.78 -101.47
C VAL E 2451 -38.71 -31.95 -100.01
N VAL E 2452 -37.97 -32.80 -99.31
CA VAL E 2452 -38.15 -32.99 -97.88
C VAL E 2452 -37.27 -31.96 -97.17
N GLU E 2453 -37.85 -31.25 -96.20
CA GLU E 2453 -37.18 -30.11 -95.61
C GLU E 2453 -37.01 -30.31 -94.12
N PRO E 2454 -35.78 -30.24 -93.61
CA PRO E 2454 -35.60 -30.23 -92.15
C PRO E 2454 -36.28 -29.03 -91.53
N ASP E 2455 -36.87 -29.24 -90.36
CA ASP E 2455 -37.55 -28.16 -89.67
C ASP E 2455 -36.55 -27.16 -89.11
N MET E 2456 -36.80 -25.88 -89.33
CA MET E 2456 -35.88 -24.85 -88.83
C MET E 2456 -35.98 -24.70 -87.33
N SER E 2457 -37.16 -24.86 -86.75
CA SER E 2457 -37.33 -24.62 -85.32
C SER E 2457 -36.52 -25.61 -84.50
N ALA E 2458 -36.11 -26.71 -85.11
CA ALA E 2458 -35.21 -27.67 -84.49
C ALA E 2458 -33.90 -27.74 -85.25
N GLY E 2459 -32.86 -28.20 -84.57
CA GLY E 2459 -31.59 -28.44 -85.22
C GLY E 2459 -30.68 -27.22 -85.25
N PHE E 2460 -29.58 -27.37 -85.97
CA PHE E 2460 -28.53 -26.36 -86.01
C PHE E 2460 -28.76 -25.41 -87.17
N CYS E 2461 -28.70 -24.11 -86.91
CA CYS E 2461 -29.01 -23.11 -87.91
C CYS E 2461 -27.80 -22.22 -88.19
N PRO E 2462 -27.71 -21.65 -89.39
CA PRO E 2462 -26.58 -20.77 -89.71
C PRO E 2462 -26.51 -19.53 -88.83
N ASP E 2463 -27.64 -19.10 -88.27
CA ASP E 2463 -27.61 -17.96 -87.35
C ASP E 2463 -26.73 -18.27 -86.15
N HIS E 2464 -26.63 -19.55 -85.78
CA HIS E 2464 -25.74 -19.92 -84.70
C HIS E 2464 -24.28 -19.66 -85.06
N LYS E 2465 -23.89 -20.00 -86.29
CA LYS E 2465 -22.53 -19.73 -86.72
C LYS E 2465 -22.29 -18.24 -86.93
N ALA E 2466 -23.34 -17.48 -87.20
CA ALA E 2466 -23.18 -16.04 -87.36
C ALA E 2466 -22.59 -15.41 -86.10
N ALA E 2467 -23.10 -15.80 -84.93
CA ALA E 2467 -22.54 -15.31 -83.67
C ALA E 2467 -21.11 -15.77 -83.48
N MET E 2468 -20.78 -17.00 -83.88
CA MET E 2468 -19.42 -17.47 -83.76
C MET E 2468 -18.47 -16.59 -84.58
N VAL E 2469 -18.87 -16.28 -85.81
CA VAL E 2469 -18.04 -15.44 -86.65
C VAL E 2469 -17.93 -14.04 -86.07
N LEU E 2470 -19.02 -13.50 -85.53
CA LEU E 2470 -18.97 -12.18 -84.92
C LEU E 2470 -17.97 -12.14 -83.77
N PHE E 2471 -18.03 -13.14 -82.90
CA PHE E 2471 -17.08 -13.21 -81.79
C PHE E 2471 -15.64 -13.34 -82.29
N LEU E 2472 -15.43 -14.23 -83.27
CA LEU E 2472 -14.08 -14.46 -83.74
C LEU E 2472 -13.49 -13.23 -84.41
N ASP E 2473 -14.33 -12.42 -85.07
CA ASP E 2473 -13.87 -11.19 -85.67
C ASP E 2473 -13.65 -10.07 -84.65
N ARG E 2474 -14.50 -9.97 -83.64
CA ARG E 2474 -14.43 -8.83 -82.73
C ARG E 2474 -13.55 -9.08 -81.51
N VAL E 2475 -13.14 -10.31 -81.25
CA VAL E 2475 -12.34 -10.59 -80.06
C VAL E 2475 -10.96 -11.10 -80.46
N TYR E 2476 -10.94 -12.28 -81.10
CA TYR E 2476 -9.65 -12.89 -81.43
C TYR E 2476 -9.01 -12.19 -82.61
N GLY E 2477 -9.79 -11.88 -83.64
CA GLY E 2477 -9.27 -11.18 -84.78
C GLY E 2477 -8.50 -12.08 -85.72
N ILE E 2478 -8.66 -11.87 -87.03
CA ILE E 2478 -7.89 -12.62 -88.01
C ILE E 2478 -6.81 -11.73 -88.59
N GLU E 2479 -5.57 -11.91 -88.12
CA GLU E 2479 -4.45 -11.11 -88.58
C GLU E 2479 -3.31 -11.96 -89.11
N VAL E 2480 -3.51 -13.26 -89.29
CA VAL E 2480 -2.47 -14.16 -89.75
C VAL E 2480 -2.97 -14.93 -90.96
N GLN E 2481 -2.17 -14.96 -92.02
CA GLN E 2481 -2.54 -15.70 -93.22
C GLN E 2481 -2.73 -17.17 -92.95
N ASP E 2482 -1.90 -17.76 -92.09
CA ASP E 2482 -2.06 -19.18 -91.76
C ASP E 2482 -3.41 -19.44 -91.10
N PHE E 2483 -3.80 -18.62 -90.14
CA PHE E 2483 -5.09 -18.78 -89.49
C PHE E 2483 -6.22 -18.58 -90.49
N LEU E 2484 -6.08 -17.58 -91.37
CA LEU E 2484 -7.10 -17.35 -92.38
C LEU E 2484 -7.29 -18.56 -93.27
N LEU E 2485 -6.19 -19.12 -93.77
CA LEU E 2485 -6.28 -20.29 -94.64
C LEU E 2485 -6.83 -21.50 -93.91
N HIS E 2486 -6.42 -21.70 -92.65
CA HIS E 2486 -6.96 -22.83 -91.90
C HIS E 2486 -8.47 -22.70 -91.71
N LEU E 2487 -8.94 -21.51 -91.35
CA LEU E 2487 -10.37 -21.29 -91.20
C LEU E 2487 -11.09 -21.52 -92.51
N LEU E 2488 -10.55 -20.99 -93.60
CA LEU E 2488 -11.18 -21.14 -94.90
C LEU E 2488 -11.29 -22.61 -95.28
N GLU E 2489 -10.26 -23.39 -95.01
CA GLU E 2489 -10.29 -24.81 -95.33
C GLU E 2489 -11.27 -25.58 -94.45
N VAL E 2490 -11.34 -25.26 -93.15
CA VAL E 2490 -12.10 -26.11 -92.26
C VAL E 2490 -13.58 -25.74 -92.17
N GLY E 2491 -13.92 -24.45 -92.09
CA GLY E 2491 -15.29 -24.11 -91.79
C GLY E 2491 -16.04 -23.28 -92.81
N PHE E 2492 -15.33 -22.43 -93.56
CA PHE E 2492 -16.01 -21.48 -94.43
C PHE E 2492 -16.35 -22.10 -95.78
N LEU E 2493 -15.39 -22.79 -96.37
CA LEU E 2493 -15.55 -23.37 -97.69
C LEU E 2493 -16.70 -24.38 -97.78
N PRO E 2494 -16.86 -25.31 -96.80
CA PRO E 2494 -17.96 -26.28 -96.91
C PRO E 2494 -19.33 -25.61 -97.00
N ASP E 2495 -19.55 -24.54 -96.23
CA ASP E 2495 -20.83 -23.85 -96.29
C ASP E 2495 -21.03 -23.18 -97.64
N LEU E 2496 -19.97 -22.59 -98.19
CA LEU E 2496 -20.08 -21.99 -99.52
C LEU E 2496 -20.42 -23.04 -100.56
N ARG E 2497 -19.78 -24.21 -100.48
CA ARG E 2497 -20.11 -25.29 -101.40
C ARG E 2497 -21.55 -25.75 -101.24
N ALA E 2498 -22.03 -25.82 -100.01
CA ALA E 2498 -23.43 -26.19 -99.79
C ALA E 2498 -24.37 -25.17 -100.43
N ALA E 2499 -24.07 -23.88 -100.26
CA ALA E 2499 -24.89 -22.86 -100.88
C ALA E 2499 -24.87 -22.97 -102.40
N ALA E 2500 -23.69 -23.19 -102.97
CA ALA E 2500 -23.58 -23.31 -104.42
C ALA E 2500 -24.26 -24.56 -104.96
N SER E 2501 -24.31 -25.63 -104.17
CA SER E 2501 -25.01 -26.84 -104.58
C SER E 2501 -26.51 -26.75 -104.39
N LEU E 2502 -26.99 -25.91 -103.48
CA LEU E 2502 -28.41 -25.70 -103.29
C LEU E 2502 -28.97 -24.60 -104.17
N ASP E 2503 -28.33 -24.33 -105.32
CA ASP E 2503 -28.78 -23.30 -106.24
C ASP E 2503 -29.70 -23.85 -107.32
N THR E 2504 -30.18 -25.08 -107.17
CA THR E 2504 -31.11 -25.64 -108.14
C THR E 2504 -32.44 -24.92 -108.06
N ALA E 2505 -33.23 -25.06 -109.14
CA ALA E 2505 -34.48 -24.33 -109.24
C ALA E 2505 -35.46 -24.67 -108.12
N ALA E 2506 -35.61 -25.96 -107.81
CA ALA E 2506 -36.58 -26.35 -106.78
C ALA E 2506 -36.08 -25.99 -105.39
N LEU E 2507 -34.78 -26.17 -105.15
CA LEU E 2507 -34.22 -25.99 -103.82
C LEU E 2507 -33.76 -24.57 -103.55
N SER E 2508 -33.91 -23.65 -104.51
CA SER E 2508 -33.36 -22.31 -104.35
C SER E 2508 -34.13 -21.53 -103.29
N ALA E 2509 -35.46 -21.67 -103.27
CA ALA E 2509 -36.30 -20.86 -102.39
C ALA E 2509 -36.50 -21.48 -101.02
N THR E 2510 -35.83 -22.59 -100.72
CA THR E 2510 -36.05 -23.27 -99.46
C THR E 2510 -35.48 -22.47 -98.30
N ASP E 2511 -35.95 -22.79 -97.09
CA ASP E 2511 -35.54 -22.04 -95.91
C ASP E 2511 -34.05 -22.17 -95.65
N MET E 2512 -33.52 -23.39 -95.82
CA MET E 2512 -32.08 -23.58 -95.66
C MET E 2512 -31.29 -22.70 -96.59
N ALA E 2513 -31.70 -22.62 -97.87
CA ALA E 2513 -30.96 -21.81 -98.82
C ALA E 2513 -30.99 -20.33 -98.43
N LEU E 2514 -32.16 -19.83 -98.07
CA LEU E 2514 -32.27 -18.42 -97.70
C LEU E 2514 -31.45 -18.11 -96.45
N ALA E 2515 -31.55 -18.95 -95.43
CA ALA E 2515 -30.79 -18.72 -94.21
C ALA E 2515 -29.28 -18.79 -94.47
N LEU E 2516 -28.85 -19.75 -95.28
CA LEU E 2516 -27.43 -19.88 -95.56
C LEU E 2516 -26.92 -18.70 -96.36
N ASN E 2517 -27.72 -18.20 -97.31
CA ASN E 2517 -27.33 -17.01 -98.05
C ASN E 2517 -27.23 -15.81 -97.12
N ARG E 2518 -28.22 -15.63 -96.24
CA ARG E 2518 -28.16 -14.52 -95.30
C ARG E 2518 -26.97 -14.61 -94.36
N TYR E 2519 -26.56 -15.81 -93.97
CA TYR E 2519 -25.38 -15.98 -93.16
C TYR E 2519 -24.10 -15.66 -93.92
N LEU E 2520 -23.96 -16.23 -95.13
CA LEU E 2520 -22.71 -16.08 -95.87
C LEU E 2520 -22.51 -14.64 -96.34
N CYS E 2521 -23.57 -14.00 -96.82
CA CYS E 2521 -23.42 -12.68 -97.40
C CYS E 2521 -23.31 -11.57 -96.37
N THR E 2522 -23.53 -11.87 -95.08
CA THR E 2522 -23.44 -10.86 -94.04
C THR E 2522 -22.41 -11.16 -92.97
N ALA E 2523 -21.91 -12.39 -92.87
CA ALA E 2523 -20.88 -12.71 -91.88
C ALA E 2523 -19.59 -13.17 -92.53
N VAL E 2524 -19.64 -14.16 -93.42
CA VAL E 2524 -18.42 -14.76 -93.94
C VAL E 2524 -17.77 -13.85 -94.97
N LEU E 2525 -18.53 -13.49 -96.01
CA LEU E 2525 -17.96 -12.73 -97.12
C LEU E 2525 -17.41 -11.38 -96.70
N PRO E 2526 -18.10 -10.56 -95.89
CA PRO E 2526 -17.47 -9.32 -95.43
C PRO E 2526 -16.19 -9.55 -94.65
N LEU E 2527 -16.11 -10.65 -93.91
CA LEU E 2527 -14.87 -10.97 -93.20
C LEU E 2527 -13.73 -11.21 -94.18
N LEU E 2528 -13.98 -11.97 -95.23
CA LEU E 2528 -12.96 -12.22 -96.24
C LEU E 2528 -12.64 -10.98 -97.05
N THR E 2529 -13.59 -10.04 -97.15
CA THR E 2529 -13.32 -8.77 -97.79
C THR E 2529 -12.43 -7.86 -96.96
N ARG E 2530 -12.67 -7.81 -95.66
CA ARG E 2530 -11.80 -7.06 -94.76
C ARG E 2530 -10.44 -7.70 -94.58
N CYS E 2531 -10.33 -9.01 -94.74
CA CYS E 2531 -9.05 -9.71 -94.62
C CYS E 2531 -8.41 -9.96 -95.98
N ALA E 2532 -8.72 -9.12 -96.96
CA ALA E 2532 -8.16 -9.29 -98.29
C ALA E 2532 -6.63 -9.20 -98.34
N PRO E 2533 -5.97 -8.24 -97.68
CA PRO E 2533 -4.50 -8.17 -97.82
C PRO E 2533 -3.77 -9.43 -97.41
N LEU E 2534 -4.35 -10.23 -96.52
CA LEU E 2534 -3.67 -11.46 -96.11
C LEU E 2534 -3.59 -12.47 -97.25
N PHE E 2535 -4.32 -12.25 -98.33
CA PHE E 2535 -4.33 -13.17 -99.45
C PHE E 2535 -3.13 -13.02 -100.38
N ALA E 2536 -2.21 -12.11 -100.07
CA ALA E 2536 -1.10 -11.82 -100.99
C ALA E 2536 -0.22 -13.05 -101.20
N GLY E 2537 0.45 -13.50 -100.13
CA GLY E 2537 1.40 -14.58 -100.25
C GLY E 2537 0.82 -15.96 -100.07
N THR E 2538 0.02 -16.41 -101.05
CA THR E 2538 -0.63 -17.71 -100.97
C THR E 2538 -0.16 -18.68 -102.06
N GLU E 2539 1.11 -18.59 -102.45
CA GLU E 2539 1.61 -19.44 -103.52
C GLU E 2539 1.52 -20.91 -103.14
N HIS E 2540 1.88 -21.24 -101.89
CA HIS E 2540 1.85 -22.62 -101.45
C HIS E 2540 0.44 -23.18 -101.44
N HIS E 2541 -0.54 -22.37 -101.03
CA HIS E 2541 -1.95 -22.77 -101.09
C HIS E 2541 -2.56 -22.24 -102.39
N ALA E 2542 -2.27 -22.95 -103.47
CA ALA E 2542 -2.76 -22.57 -104.78
C ALA E 2542 -4.05 -23.28 -105.18
N SER E 2543 -4.52 -24.23 -104.38
CA SER E 2543 -5.73 -24.98 -104.73
C SER E 2543 -6.94 -24.48 -103.94
N LEU E 2544 -6.75 -24.17 -102.66
CA LEU E 2544 -7.85 -23.65 -101.85
C LEU E 2544 -8.36 -22.33 -102.40
N ILE E 2545 -7.46 -21.45 -102.84
CA ILE E 2545 -7.86 -20.18 -103.42
C ILE E 2545 -8.69 -20.38 -104.68
N ASP E 2546 -8.27 -21.27 -105.57
CA ASP E 2546 -9.03 -21.57 -106.77
C ASP E 2546 -10.40 -22.16 -106.46
N SER E 2547 -10.48 -23.05 -105.46
CA SER E 2547 -11.77 -23.57 -105.03
C SER E 2547 -12.68 -22.46 -104.53
N LEU E 2548 -12.12 -21.56 -103.70
CA LEU E 2548 -12.90 -20.45 -103.17
C LEU E 2548 -13.44 -19.57 -104.28
N LEU E 2549 -12.60 -19.24 -105.26
CA LEU E 2549 -13.02 -18.36 -106.35
C LEU E 2549 -14.18 -18.97 -107.12
N HIS E 2550 -14.06 -20.25 -107.48
CA HIS E 2550 -15.10 -20.90 -108.26
C HIS E 2550 -16.39 -21.00 -107.46
N THR E 2551 -16.28 -21.34 -106.17
CA THR E 2551 -17.49 -21.45 -105.35
C THR E 2551 -18.19 -20.11 -105.23
N VAL E 2552 -17.43 -19.04 -105.00
CA VAL E 2552 -18.03 -17.72 -104.89
C VAL E 2552 -18.65 -17.29 -106.20
N TYR E 2553 -18.00 -17.60 -107.32
CA TYR E 2553 -18.53 -17.24 -108.63
C TYR E 2553 -19.85 -17.97 -108.90
N ARG E 2554 -19.91 -19.25 -108.56
CA ARG E 2554 -21.16 -20.00 -108.70
C ARG E 2554 -22.25 -19.43 -107.81
N LEU E 2555 -21.89 -19.07 -106.57
CA LEU E 2555 -22.88 -18.48 -105.68
C LEU E 2555 -23.41 -17.17 -106.25
N SER E 2556 -22.52 -16.36 -106.83
CA SER E 2556 -22.93 -15.13 -107.50
C SER E 2556 -23.86 -15.39 -108.68
N LYS E 2557 -23.56 -16.40 -109.50
CA LYS E 2557 -24.46 -16.79 -110.58
C LYS E 2557 -25.78 -17.33 -110.08
N GLY E 2558 -25.84 -17.73 -108.81
CA GLY E 2558 -27.11 -18.15 -108.23
C GLY E 2558 -28.21 -17.12 -108.45
N CYS E 2559 -29.46 -17.58 -108.32
CA CYS E 2559 -30.60 -16.80 -108.78
C CYS E 2559 -31.34 -16.07 -107.65
N SER E 2560 -31.67 -16.77 -106.56
CA SER E 2560 -32.55 -16.20 -105.56
C SER E 2560 -31.90 -15.08 -104.77
N LEU E 2561 -30.60 -14.87 -104.95
CA LEU E 2561 -29.88 -13.85 -104.20
C LEU E 2561 -30.49 -12.48 -104.41
N THR E 2562 -30.60 -11.72 -103.31
CA THR E 2562 -31.11 -10.37 -103.38
C THR E 2562 -30.03 -9.42 -103.87
N LYS E 2563 -30.43 -8.16 -104.07
CA LYS E 2563 -29.50 -7.15 -104.57
C LYS E 2563 -28.36 -6.91 -103.59
N ALA E 2564 -28.66 -6.82 -102.30
CA ALA E 2564 -27.62 -6.58 -101.32
C ALA E 2564 -26.64 -7.76 -101.26
N GLN E 2565 -27.16 -8.99 -101.30
CA GLN E 2565 -26.30 -10.15 -101.29
C GLN E 2565 -25.42 -10.20 -102.54
N ARG E 2566 -26.00 -9.88 -103.69
CA ARG E 2566 -25.22 -9.86 -104.92
C ARG E 2566 -24.11 -8.81 -104.83
N ASP E 2567 -24.44 -7.63 -104.31
CA ASP E 2567 -23.43 -6.59 -104.18
C ASP E 2567 -22.31 -7.02 -103.23
N SER E 2568 -22.67 -7.67 -102.12
CA SER E 2568 -21.65 -8.14 -101.20
C SER E 2568 -20.73 -9.16 -101.86
N ILE E 2569 -21.30 -10.08 -102.64
CA ILE E 2569 -20.46 -11.05 -103.33
C ILE E 2569 -19.56 -10.38 -104.34
N GLU E 2570 -20.09 -9.40 -105.07
CA GLU E 2570 -19.27 -8.67 -106.04
C GLU E 2570 -18.10 -7.99 -105.34
N VAL E 2571 -18.36 -7.33 -104.22
CA VAL E 2571 -17.29 -6.65 -103.50
C VAL E 2571 -16.25 -7.65 -103.01
N CYS E 2572 -16.70 -8.77 -102.44
CA CYS E 2572 -15.75 -9.75 -101.94
C CYS E 2572 -14.86 -10.30 -103.05
N LEU E 2573 -15.48 -10.66 -104.18
CA LEU E 2573 -14.69 -11.22 -105.28
C LEU E 2573 -13.73 -10.19 -105.85
N LEU E 2574 -14.19 -8.95 -106.04
CA LEU E 2574 -13.31 -7.92 -106.56
C LEU E 2574 -12.17 -7.61 -105.62
N SER E 2575 -12.40 -7.69 -104.31
CA SER E 2575 -11.33 -7.45 -103.34
C SER E 2575 -10.31 -8.58 -103.34
N ILE E 2576 -10.79 -9.83 -103.37
CA ILE E 2576 -9.86 -10.96 -103.31
C ILE E 2576 -9.04 -11.06 -104.58
N CYS E 2577 -9.71 -10.96 -105.74
CA CYS E 2577 -9.00 -11.13 -107.00
C CYS E 2577 -7.95 -10.06 -107.21
N GLY E 2578 -8.19 -8.86 -106.68
CA GLY E 2578 -7.19 -7.81 -106.79
CA GLY E 2578 -7.19 -7.80 -106.78
C GLY E 2578 -5.91 -8.14 -106.06
N GLN E 2579 -6.02 -8.75 -104.89
CA GLN E 2579 -4.84 -9.10 -104.12
C GLN E 2579 -4.20 -10.41 -104.56
N LEU E 2580 -4.92 -11.25 -105.28
CA LEU E 2580 -4.37 -12.53 -105.70
C LEU E 2580 -3.28 -12.33 -106.76
N ARG E 2581 -2.43 -13.35 -106.89
CA ARG E 2581 -1.40 -13.35 -107.91
C ARG E 2581 -2.01 -13.49 -109.30
N PRO E 2582 -1.32 -12.98 -110.33
CA PRO E 2582 -1.88 -13.10 -111.69
C PRO E 2582 -2.09 -14.53 -112.14
N SER E 2583 -1.23 -15.46 -111.71
CA SER E 2583 -1.31 -16.82 -112.22
C SER E 2583 -2.50 -17.56 -111.63
N MET E 2584 -2.90 -17.22 -110.41
CA MET E 2584 -3.93 -17.99 -109.72
C MET E 2584 -5.29 -17.80 -110.38
N MET E 2585 -5.49 -16.69 -111.09
CA MET E 2585 -6.78 -16.41 -111.69
C MET E 2585 -7.00 -17.11 -113.02
N GLN E 2586 -6.09 -18.00 -113.44
CA GLN E 2586 -6.24 -18.68 -114.73
C GLN E 2586 -7.50 -19.53 -114.76
N HIS E 2587 -7.75 -20.27 -113.68
CA HIS E 2587 -8.91 -21.15 -113.66
C HIS E 2587 -10.21 -20.36 -113.72
N LEU E 2588 -10.29 -19.26 -112.96
CA LEU E 2588 -11.46 -18.38 -113.04
C LEU E 2588 -11.58 -17.71 -114.40
N LEU E 2589 -10.46 -17.38 -115.03
CA LEU E 2589 -10.50 -16.82 -116.38
C LEU E 2589 -11.09 -17.82 -117.36
N ARG E 2590 -10.78 -19.10 -117.18
CA ARG E 2590 -11.33 -20.11 -118.07
C ARG E 2590 -12.85 -20.14 -118.01
N ARG E 2591 -13.40 -20.02 -116.80
CA ARG E 2591 -14.86 -19.94 -116.67
C ARG E 2591 -15.42 -18.62 -117.20
N LEU E 2592 -14.73 -17.52 -116.97
CA LEU E 2592 -15.23 -16.23 -117.43
C LEU E 2592 -15.28 -16.14 -118.94
N VAL E 2593 -14.27 -16.65 -119.65
CA VAL E 2593 -14.27 -16.57 -121.11
C VAL E 2593 -15.37 -17.39 -121.76
N PHE E 2594 -16.13 -18.15 -120.97
CA PHE E 2594 -17.24 -18.93 -121.48
C PHE E 2594 -18.59 -18.32 -121.11
N ASP E 2595 -18.63 -17.42 -120.13
CA ASP E 2595 -19.88 -16.83 -119.68
C ASP E 2595 -20.02 -15.35 -120.03
N VAL E 2596 -18.92 -14.60 -120.06
CA VAL E 2596 -18.95 -13.17 -120.38
C VAL E 2596 -19.52 -12.92 -121.77
N PRO E 2597 -19.12 -13.67 -122.83
CA PRO E 2597 -19.61 -13.34 -124.18
C PRO E 2597 -21.12 -13.33 -124.31
N LEU E 2598 -21.83 -13.97 -123.38
CA LEU E 2598 -23.28 -13.89 -123.39
C LEU E 2598 -23.76 -12.46 -123.20
N LEU E 2599 -23.01 -11.66 -122.44
CA LEU E 2599 -23.36 -10.27 -122.15
C LEU E 2599 -24.79 -10.14 -121.62
N ASN E 2600 -25.19 -11.06 -120.77
CA ASN E 2600 -26.45 -10.90 -120.07
C ASN E 2600 -26.23 -10.00 -118.85
N GLU E 2601 -27.27 -9.87 -118.03
CA GLU E 2601 -27.14 -9.06 -116.83
C GLU E 2601 -26.08 -9.61 -115.87
N HIS E 2602 -25.90 -10.94 -115.85
CA HIS E 2602 -24.96 -11.54 -114.91
C HIS E 2602 -23.52 -11.20 -115.26
N ALA E 2603 -23.25 -10.77 -116.49
CA ALA E 2603 -21.90 -10.41 -116.89
C ALA E 2603 -21.45 -9.08 -116.30
N LYS E 2604 -22.36 -8.37 -115.60
CA LYS E 2604 -22.04 -7.07 -115.03
C LYS E 2604 -20.79 -7.12 -114.17
N MET E 2605 -20.71 -8.09 -113.26
CA MET E 2605 -19.59 -8.21 -112.35
C MET E 2605 -18.36 -8.82 -113.03
N PRO E 2606 -18.50 -9.86 -113.86
CA PRO E 2606 -17.33 -10.38 -114.58
C PRO E 2606 -16.63 -9.33 -115.43
N LEU E 2607 -17.40 -8.43 -116.04
CA LEU E 2607 -16.79 -7.39 -116.86
C LEU E 2607 -15.85 -6.52 -116.02
N LYS E 2608 -16.33 -6.04 -114.88
CA LYS E 2608 -15.50 -5.24 -113.99
C LYS E 2608 -14.32 -6.03 -113.44
N LEU E 2609 -14.52 -7.30 -113.10
CA LEU E 2609 -13.42 -8.11 -112.59
C LEU E 2609 -12.32 -8.26 -113.64
N LEU E 2610 -12.70 -8.54 -114.88
CA LEU E 2610 -11.73 -8.63 -115.97
C LEU E 2610 -11.02 -7.29 -116.18
N THR E 2611 -11.77 -6.19 -116.17
CA THR E 2611 -11.16 -4.88 -116.35
C THR E 2611 -10.12 -4.62 -115.27
N ASN E 2612 -10.46 -4.86 -114.01
CA ASN E 2612 -9.51 -4.63 -112.92
C ASN E 2612 -8.30 -5.53 -113.05
N HIS E 2613 -8.52 -6.80 -113.38
CA HIS E 2613 -7.40 -7.74 -113.46
C HIS E 2613 -6.42 -7.33 -114.56
N TYR E 2614 -6.94 -6.97 -115.73
CA TYR E 2614 -6.05 -6.62 -116.83
C TYR E 2614 -5.53 -5.20 -116.74
N GLU E 2615 -6.10 -4.34 -115.91
CA GLU E 2615 -5.48 -3.06 -115.62
C GLU E 2615 -4.34 -3.22 -114.63
N ARG E 2616 -4.52 -4.08 -113.62
CA ARG E 2616 -3.47 -4.27 -112.63
C ARG E 2616 -2.31 -5.05 -113.22
N CYS E 2617 -2.56 -6.26 -113.69
CA CYS E 2617 -1.49 -7.13 -114.18
C CYS E 2617 -1.26 -6.98 -115.67
N TRP E 2618 -1.09 -5.74 -116.15
CA TRP E 2618 -0.82 -5.55 -117.58
C TRP E 2618 0.63 -5.88 -117.91
N LYS E 2619 1.54 -5.63 -116.97
CA LYS E 2619 2.95 -5.92 -117.21
C LYS E 2619 3.20 -7.41 -117.33
N TYR E 2620 2.38 -8.21 -116.64
CA TYR E 2620 2.55 -9.66 -116.68
C TYR E 2620 2.35 -10.21 -118.08
N TYR E 2621 1.56 -9.54 -118.91
CA TYR E 2621 1.22 -10.06 -120.23
C TYR E 2621 2.03 -9.37 -121.33
N CYS E 2622 2.06 -8.03 -121.31
CA CYS E 2622 2.66 -7.29 -122.41
C CYS E 2622 4.16 -7.51 -122.47
N LEU E 2623 4.88 -7.13 -121.42
CA LEU E 2623 6.33 -7.23 -121.44
C LEU E 2623 6.76 -8.69 -121.43
N PRO E 2624 7.73 -9.06 -122.27
CA PRO E 2624 8.22 -10.45 -122.25
C PRO E 2624 8.76 -10.88 -120.90
N GLY E 2625 9.44 -9.99 -120.19
CA GLY E 2625 9.89 -10.32 -118.84
C GLY E 2625 8.75 -10.46 -117.87
N GLY E 2626 7.74 -9.59 -117.99
CA GLY E 2626 6.63 -9.59 -117.05
C GLY E 2626 7.06 -9.09 -115.69
N TRP E 2627 6.24 -9.32 -114.67
CA TRP E 2627 6.66 -9.01 -113.31
C TRP E 2627 7.86 -9.87 -112.95
N GLY E 2628 8.87 -9.24 -112.36
CA GLY E 2628 10.10 -9.97 -112.06
C GLY E 2628 9.88 -11.13 -111.12
N ASN E 2629 9.15 -10.90 -110.04
CA ASN E 2629 8.86 -11.98 -109.10
C ASN E 2629 7.80 -12.93 -109.65
N PHE E 2630 6.76 -12.38 -110.29
CA PHE E 2630 5.62 -13.20 -110.68
C PHE E 2630 5.95 -14.06 -111.90
N GLY E 2631 6.60 -13.48 -112.90
CA GLY E 2631 6.93 -14.22 -114.09
C GLY E 2631 6.20 -13.71 -115.33
N ALA E 2632 5.81 -14.64 -116.21
CA ALA E 2632 5.11 -14.29 -117.44
C ALA E 2632 4.07 -15.35 -117.76
N ALA E 2633 3.27 -15.07 -118.78
CA ALA E 2633 2.20 -15.99 -119.16
C ALA E 2633 2.76 -17.26 -119.79
N SER E 2634 1.92 -18.30 -119.81
CA SER E 2634 2.29 -19.59 -120.37
C SER E 2634 1.76 -19.76 -121.79
N GLU E 2635 1.28 -18.68 -122.40
CA GLU E 2635 0.75 -18.61 -123.76
C GLU E 2635 -0.62 -19.28 -123.84
N GLU E 2636 -0.95 -20.09 -122.84
CA GLU E 2636 -2.32 -20.60 -122.75
C GLU E 2636 -3.22 -19.51 -122.19
N GLU E 2637 -2.71 -18.77 -121.21
CA GLU E 2637 -3.40 -17.57 -120.74
C GLU E 2637 -3.56 -16.57 -121.86
N LEU E 2638 -2.53 -16.43 -122.70
CA LEU E 2638 -2.63 -15.51 -123.83
C LEU E 2638 -3.70 -15.95 -124.81
N HIS E 2639 -3.78 -17.25 -125.09
CA HIS E 2639 -4.84 -17.75 -125.97
C HIS E 2639 -6.21 -17.48 -125.37
N LEU E 2640 -6.38 -17.74 -124.07
CA LEU E 2640 -7.64 -17.47 -123.42
C LEU E 2640 -7.99 -15.99 -123.49
N SER E 2641 -7.00 -15.12 -123.29
CA SER E 2641 -7.24 -13.69 -123.31
C SER E 2641 -7.66 -13.22 -124.70
N ARG E 2642 -7.00 -13.72 -125.74
CA ARG E 2642 -7.39 -13.35 -127.10
C ARG E 2642 -8.79 -13.85 -127.41
N LYS E 2643 -9.12 -15.07 -126.99
CA LYS E 2643 -10.45 -15.60 -127.22
C LYS E 2643 -11.50 -14.75 -126.52
N LEU E 2644 -11.23 -14.35 -125.27
CA LEU E 2644 -12.13 -13.48 -124.55
C LEU E 2644 -12.31 -12.14 -125.26
N PHE E 2645 -11.20 -11.56 -125.71
CA PHE E 2645 -11.27 -10.27 -126.39
C PHE E 2645 -12.17 -10.37 -127.63
N TRP E 2646 -11.92 -11.38 -128.46
CA TRP E 2646 -12.68 -11.47 -129.70
C TRP E 2646 -14.14 -11.83 -129.44
N GLY E 2647 -14.40 -12.69 -128.45
CA GLY E 2647 -15.78 -13.01 -128.12
C GLY E 2647 -16.56 -11.81 -127.64
N ILE E 2648 -15.95 -11.03 -126.74
CA ILE E 2648 -16.60 -9.82 -126.26
C ILE E 2648 -16.82 -8.84 -127.40
N PHE E 2649 -15.83 -8.71 -128.29
CA PHE E 2649 -15.97 -7.79 -129.41
C PHE E 2649 -17.13 -8.19 -130.31
N ASP E 2650 -17.22 -9.47 -130.66
CA ASP E 2650 -18.30 -9.92 -131.53
C ASP E 2650 -19.65 -9.77 -130.86
N ALA E 2651 -19.73 -10.14 -129.58
CA ALA E 2651 -21.00 -10.06 -128.89
C ALA E 2651 -21.47 -8.61 -128.78
N LEU E 2652 -20.54 -7.69 -128.52
CA LEU E 2652 -20.90 -6.27 -128.52
C LEU E 2652 -21.32 -5.82 -129.91
N SER E 2653 -20.65 -6.33 -130.95
CA SER E 2653 -20.98 -5.92 -132.31
C SER E 2653 -22.40 -6.31 -132.68
N GLN E 2654 -22.81 -7.53 -132.36
CA GLN E 2654 -24.17 -7.96 -132.67
C GLN E 2654 -25.15 -7.72 -131.53
N LYS E 2655 -24.74 -7.03 -130.47
CA LYS E 2655 -25.63 -6.73 -129.35
C LYS E 2655 -26.26 -5.36 -129.53
N LYS E 2656 -27.55 -5.27 -129.21
CA LYS E 2656 -28.25 -4.00 -129.23
C LYS E 2656 -27.64 -3.06 -128.18
N TYR E 2657 -27.61 -1.77 -128.51
CA TYR E 2657 -26.96 -0.78 -127.66
C TYR E 2657 -27.63 -0.64 -126.30
N GLU E 2658 -26.91 -0.99 -125.24
CA GLU E 2658 -27.33 -0.75 -123.87
C GLU E 2658 -26.32 0.21 -123.26
N GLN E 2659 -26.82 1.24 -122.57
CA GLN E 2659 -25.96 2.34 -122.12
C GLN E 2659 -24.89 1.84 -121.14
N GLU E 2660 -25.33 1.36 -119.96
CA GLU E 2660 -24.37 0.94 -118.95
C GLU E 2660 -23.58 -0.29 -119.39
N LEU E 2661 -24.24 -1.20 -120.11
CA LEU E 2661 -23.54 -2.39 -120.57
C LEU E 2661 -22.38 -2.02 -121.49
N PHE E 2662 -22.61 -1.10 -122.43
CA PHE E 2662 -21.55 -0.66 -123.31
C PHE E 2662 -20.48 0.14 -122.57
N LYS E 2663 -20.87 1.05 -121.67
CA LYS E 2663 -19.87 1.84 -120.97
C LYS E 2663 -19.10 1.03 -119.93
N LEU E 2664 -19.54 -0.19 -119.64
CA LEU E 2664 -18.69 -1.05 -118.82
C LEU E 2664 -17.93 -2.08 -119.65
N ALA E 2665 -18.45 -2.43 -120.83
CA ALA E 2665 -17.73 -3.35 -121.70
C ALA E 2665 -16.54 -2.69 -122.39
N LEU E 2666 -16.65 -1.40 -122.72
CA LEU E 2666 -15.54 -0.73 -123.38
C LEU E 2666 -14.27 -0.74 -122.55
N PRO E 2667 -14.28 -0.41 -121.25
CA PRO E 2667 -13.03 -0.48 -120.48
C PRO E 2667 -12.41 -1.86 -120.47
N CYS E 2668 -13.22 -2.92 -120.39
CA CYS E 2668 -12.67 -4.27 -120.39
C CYS E 2668 -11.99 -4.57 -121.72
N LEU E 2669 -12.63 -4.22 -122.82
CA LEU E 2669 -12.02 -4.45 -124.13
C LEU E 2669 -10.71 -3.69 -124.26
N SER E 2670 -10.69 -2.42 -123.85
CA SER E 2670 -9.47 -1.64 -123.90
C SER E 2670 -8.36 -2.23 -123.03
N ALA E 2671 -8.70 -2.68 -121.82
CA ALA E 2671 -7.70 -3.25 -120.94
C ALA E 2671 -7.13 -4.53 -121.51
N VAL E 2672 -7.99 -5.39 -122.06
CA VAL E 2672 -7.50 -6.63 -122.66
C VAL E 2672 -6.61 -6.33 -123.85
N ALA E 2673 -7.02 -5.37 -124.69
CA ALA E 2673 -6.21 -5.02 -125.85
C ALA E 2673 -4.85 -4.48 -125.42
N GLY E 2674 -4.81 -3.66 -124.38
CA GLY E 2674 -3.54 -3.16 -123.90
C GLY E 2674 -2.67 -4.26 -123.31
N ALA E 2675 -3.29 -5.19 -122.59
CA ALA E 2675 -2.51 -6.26 -121.97
C ALA E 2675 -1.91 -7.20 -123.01
N LEU E 2676 -2.68 -7.52 -124.04
CA LEU E 2676 -2.19 -8.47 -125.04
C LEU E 2676 -1.01 -7.88 -125.79
N PRO E 2677 0.10 -8.62 -125.93
CA PRO E 2677 1.22 -8.14 -126.74
C PRO E 2677 0.77 -7.92 -128.18
N PRO E 2678 1.16 -6.79 -128.78
CA PRO E 2678 0.70 -6.51 -130.15
C PRO E 2678 1.12 -7.57 -131.17
N ASP E 2679 2.34 -8.09 -131.06
CA ASP E 2679 2.86 -9.04 -132.02
C ASP E 2679 2.69 -10.48 -131.59
N TYR E 2680 1.65 -10.78 -130.82
CA TYR E 2680 1.50 -12.08 -130.19
C TYR E 2680 1.26 -13.17 -131.23
N MET E 2681 1.82 -14.34 -130.97
CA MET E 2681 1.72 -15.48 -131.86
C MET E 2681 0.44 -16.26 -131.56
N GLU E 2682 -0.49 -16.30 -132.52
CA GLU E 2682 -1.59 -17.25 -132.43
C GLU E 2682 -1.06 -18.66 -132.66
N SER E 2683 -1.18 -19.49 -131.64
CA SER E 2683 -0.63 -20.84 -131.72
C SER E 2683 -1.62 -21.74 -132.45
N ASN E 2684 -1.14 -22.41 -133.51
CA ASN E 2684 -1.97 -23.36 -134.22
C ASN E 2684 -2.33 -24.54 -133.34
N TYR E 2685 -1.57 -24.77 -132.26
CA TYR E 2685 -1.80 -25.90 -131.37
C TYR E 2685 -3.02 -25.59 -130.54
N VAL E 2686 -4.20 -25.91 -131.07
CA VAL E 2686 -5.42 -25.75 -130.30
C VAL E 2686 -5.39 -26.71 -129.11
N SER E 2687 -6.11 -26.35 -128.06
CA SER E 2687 -6.19 -27.20 -126.88
C SER E 2687 -6.92 -28.50 -127.22
N MET E 2688 -6.57 -29.56 -126.50
CA MET E 2688 -7.19 -30.87 -126.66
C MET E 2688 -8.19 -31.10 -125.53
N MET E 2689 -9.41 -31.48 -125.92
CA MET E 2689 -10.50 -31.74 -125.00
C MET E 2689 -10.76 -30.53 -124.10
N GLU E 2690 -11.09 -29.40 -124.72
CA GLU E 2690 -11.51 -28.24 -123.96
C GLU E 2690 -12.81 -28.57 -123.24
N LYS E 2691 -12.76 -28.59 -121.91
CA LYS E 2691 -13.85 -29.16 -121.11
C LYS E 2691 -14.86 -28.08 -120.72
N GLN E 2692 -15.32 -27.30 -121.71
CA GLN E 2692 -16.38 -26.34 -121.42
C GLN E 2692 -17.70 -27.05 -121.23
N SER E 2693 -17.91 -28.14 -121.97
CA SER E 2693 -19.12 -28.94 -121.79
C SER E 2693 -19.15 -29.58 -120.40
N SER E 2694 -17.99 -29.67 -119.74
CA SER E 2694 -17.97 -30.18 -118.37
C SER E 2694 -18.74 -29.26 -117.43
N MET E 2695 -18.54 -27.95 -117.54
CA MET E 2695 -19.36 -26.97 -116.82
C MET E 2695 -20.50 -26.52 -117.73
N ASP E 2696 -21.40 -27.47 -118.00
CA ASP E 2696 -22.46 -27.24 -118.98
C ASP E 2696 -23.45 -26.20 -118.45
N SER E 2697 -24.22 -25.63 -119.37
CA SER E 2697 -25.10 -24.51 -119.03
C SER E 2697 -26.15 -24.91 -117.99
N GLU E 2698 -26.73 -26.09 -118.14
CA GLU E 2698 -27.77 -26.56 -117.23
C GLU E 2698 -27.16 -27.59 -116.28
N GLY E 2699 -27.24 -27.32 -114.98
CA GLY E 2699 -26.70 -28.19 -113.97
C GLY E 2699 -25.24 -27.94 -113.65
N ASN E 2700 -24.53 -27.21 -114.50
CA ASN E 2700 -23.15 -26.76 -114.35
C ASN E 2700 -22.15 -27.90 -114.29
N PHE E 2701 -22.55 -29.16 -114.49
CA PHE E 2701 -21.63 -30.29 -114.33
C PHE E 2701 -22.08 -31.45 -115.22
N ASN E 2702 -21.46 -31.55 -116.39
CA ASN E 2702 -21.69 -32.66 -117.30
C ASN E 2702 -20.39 -33.44 -117.45
N PRO E 2703 -20.29 -34.61 -116.84
CA PRO E 2703 -19.04 -35.38 -116.92
C PRO E 2703 -18.95 -36.23 -118.18
N GLN E 2704 -17.95 -36.01 -119.02
CA GLN E 2704 -17.68 -36.95 -120.11
C GLN E 2704 -16.21 -37.36 -120.12
N PRO E 2705 -15.89 -38.57 -119.69
CA PRO E 2705 -14.58 -39.13 -119.99
C PRO E 2705 -14.51 -39.55 -121.44
N VAL E 2706 -13.29 -39.62 -121.96
CA VAL E 2706 -13.10 -40.10 -123.32
C VAL E 2706 -13.36 -41.59 -123.36
N ASP E 2707 -14.32 -42.00 -124.19
CA ASP E 2707 -14.71 -43.41 -124.26
C ASP E 2707 -13.53 -44.26 -124.70
N THR E 2708 -13.33 -45.38 -124.02
CA THR E 2708 -12.23 -46.28 -124.30
C THR E 2708 -12.68 -47.66 -124.75
N SER E 2709 -13.98 -47.86 -124.98
CA SER E 2709 -14.46 -49.16 -125.43
C SER E 2709 -13.92 -49.51 -126.81
N ASN E 2710 -13.88 -48.53 -127.72
CA ASN E 2710 -13.41 -48.80 -129.08
C ASN E 2710 -11.92 -49.10 -129.10
N ILE E 2711 -11.13 -48.38 -128.29
CA ILE E 2711 -9.69 -48.52 -128.34
C ILE E 2711 -9.27 -49.75 -127.54
N THR E 2712 -8.15 -50.36 -127.96
CA THR E 2712 -7.63 -51.56 -127.32
C THR E 2712 -6.17 -51.35 -126.94
N ILE E 2713 -5.73 -52.06 -125.91
CA ILE E 2713 -4.35 -51.94 -125.43
C ILE E 2713 -3.43 -52.68 -126.39
N PRO E 2714 -2.24 -52.16 -126.68
CA PRO E 2714 -1.25 -52.96 -127.42
C PRO E 2714 -0.77 -54.14 -126.61
N GLU E 2715 -0.40 -55.21 -127.33
CA GLU E 2715 0.06 -56.41 -126.66
C GLU E 2715 1.43 -56.22 -126.01
N LYS E 2716 2.20 -55.24 -126.48
CA LYS E 2716 3.54 -55.03 -125.93
C LYS E 2716 3.47 -54.50 -124.50
N LEU E 2717 2.39 -53.80 -124.15
CA LEU E 2717 2.24 -53.27 -122.79
C LEU E 2717 1.72 -54.33 -121.82
N GLU E 2718 1.54 -55.57 -122.28
CA GLU E 2718 1.01 -56.62 -121.41
C GLU E 2718 1.99 -56.93 -120.28
N TYR E 2719 3.29 -56.79 -120.55
CA TYR E 2719 4.30 -56.98 -119.51
C TYR E 2719 4.11 -55.95 -118.39
N PHE E 2720 3.91 -54.69 -118.77
CA PHE E 2720 3.64 -53.67 -117.76
C PHE E 2720 2.34 -53.93 -117.03
N ILE E 2721 1.32 -54.40 -117.74
CA ILE E 2721 0.04 -54.70 -117.10
C ILE E 2721 0.25 -55.73 -116.00
N ASN E 2722 0.96 -56.82 -116.34
CA ASN E 2722 1.24 -57.86 -115.36
C ASN E 2722 2.03 -57.30 -114.18
N LYS E 2723 3.07 -56.52 -114.47
CA LYS E 2723 3.98 -56.08 -113.42
C LYS E 2723 3.27 -55.13 -112.46
N TYR E 2724 2.44 -54.22 -112.99
CA TYR E 2724 1.73 -53.30 -112.12
C TYR E 2724 0.59 -53.98 -111.38
N ALA E 2725 0.00 -55.02 -111.97
CA ALA E 2725 -0.93 -55.84 -111.21
C ALA E 2725 -0.22 -56.49 -110.03
N GLU E 2726 0.99 -56.99 -110.25
CA GLU E 2726 1.79 -57.55 -109.16
C GLU E 2726 2.07 -56.50 -108.11
N HIS E 2727 2.43 -55.28 -108.53
CA HIS E 2727 2.79 -54.25 -107.55
C HIS E 2727 1.56 -53.79 -106.77
N SER E 2728 0.40 -53.74 -107.41
CA SER E 2728 -0.82 -53.40 -106.69
C SER E 2728 -1.19 -54.49 -105.69
N HIS E 2729 -1.08 -55.76 -106.10
CA HIS E 2729 -1.27 -56.85 -105.15
C HIS E 2729 -0.28 -56.73 -104.00
N ASP E 2730 0.91 -56.23 -104.29
CA ASP E 2730 1.94 -56.13 -103.26
C ASP E 2730 1.60 -55.05 -102.25
N LYS E 2731 1.19 -53.86 -102.71
CA LYS E 2731 0.79 -52.84 -101.76
C LYS E 2731 -0.45 -53.27 -100.97
N TRP E 2732 -1.33 -54.04 -101.61
CA TRP E 2732 -2.46 -54.59 -100.87
C TRP E 2732 -1.97 -55.55 -99.79
N SER E 2733 -0.94 -56.33 -100.10
CA SER E 2733 -0.36 -57.20 -99.08
C SER E 2733 0.24 -56.38 -97.95
N MET E 2734 0.89 -55.26 -98.27
CA MET E 2734 1.33 -54.32 -97.24
C MET E 2734 0.20 -53.93 -96.30
N ASP E 2735 -0.91 -53.44 -96.84
CA ASP E 2735 -1.97 -52.97 -95.93
C ASP E 2735 -2.62 -54.14 -95.19
N LYS E 2736 -2.73 -55.29 -95.85
CA LYS E 2736 -3.32 -56.46 -95.22
C LYS E 2736 -2.50 -56.93 -94.03
N LEU E 2737 -1.19 -57.09 -94.23
CA LEU E 2737 -0.31 -57.51 -93.14
C LEU E 2737 -0.23 -56.45 -92.05
N ALA E 2738 -0.21 -55.17 -92.44
CA ALA E 2738 -0.18 -54.09 -91.46
C ALA E 2738 -1.42 -54.06 -90.58
N ASN E 2739 -2.61 -54.28 -91.16
CA ASN E 2739 -3.83 -54.44 -90.38
C ASN E 2739 -3.78 -55.69 -89.50
N GLY E 2740 -3.21 -56.78 -90.01
CA GLY E 2740 -3.05 -57.97 -89.20
C GLY E 2740 -3.78 -59.20 -89.72
N TRP E 2741 -4.38 -59.12 -90.90
CA TRP E 2741 -4.98 -60.30 -91.50
C TRP E 2741 -3.91 -61.32 -91.82
N ILE E 2742 -4.29 -62.59 -91.87
CA ILE E 2742 -3.34 -63.68 -92.03
C ILE E 2742 -3.79 -64.58 -93.19
N TYR E 2743 -2.81 -65.29 -93.75
CA TYR E 2743 -3.07 -66.24 -94.82
C TYR E 2743 -3.79 -67.47 -94.30
N GLY E 2744 -4.73 -67.97 -95.09
CA GLY E 2744 -5.45 -69.19 -94.73
C GLY E 2744 -6.46 -69.54 -95.81
N GLU E 2745 -6.54 -70.84 -96.09
CA GLU E 2745 -7.41 -71.32 -97.17
C GLU E 2745 -8.88 -70.99 -96.92
N ILE E 2746 -9.26 -70.75 -95.69
CA ILE E 2746 -10.62 -70.33 -95.37
C ILE E 2746 -10.67 -68.82 -95.29
N TYR E 2747 -11.65 -68.22 -95.97
CA TYR E 2747 -11.84 -66.78 -95.96
C TYR E 2747 -12.91 -66.42 -94.94
N SER E 2748 -12.50 -65.76 -93.85
CA SER E 2748 -13.41 -65.31 -92.82
C SER E 2748 -13.11 -63.87 -92.46
N ASP E 2749 -14.17 -63.08 -92.30
CA ASP E 2749 -14.03 -61.69 -91.90
C ASP E 2749 -13.96 -61.52 -90.39
N SER E 2750 -14.73 -62.32 -89.65
CA SER E 2750 -14.64 -62.28 -88.20
C SER E 2750 -13.30 -62.82 -87.71
N SER E 2751 -12.89 -63.98 -88.24
CA SER E 2751 -11.58 -64.54 -87.93
C SER E 2751 -10.43 -63.71 -88.49
N LYS E 2752 -10.71 -62.81 -89.43
CA LYS E 2752 -9.73 -61.88 -89.97
C LYS E 2752 -8.60 -62.65 -90.66
N VAL E 2753 -9.02 -63.49 -91.60
CA VAL E 2753 -8.14 -64.37 -92.35
C VAL E 2753 -8.56 -64.32 -93.82
N GLN E 2754 -7.58 -64.33 -94.73
CA GLN E 2754 -7.86 -64.26 -96.15
C GLN E 2754 -6.78 -65.00 -96.94
N PRO E 2755 -7.16 -65.80 -97.94
CA PRO E 2755 -6.16 -66.63 -98.64
C PRO E 2755 -5.34 -65.89 -99.68
N LEU E 2756 -5.54 -64.58 -99.85
CA LEU E 2756 -4.89 -63.90 -100.97
C LEU E 2756 -3.46 -63.47 -100.68
N MET E 2757 -2.82 -64.04 -99.65
CA MET E 2757 -1.39 -63.83 -99.46
C MET E 2757 -0.53 -64.78 -100.26
N LYS E 2758 -1.12 -65.66 -101.05
CA LYS E 2758 -0.35 -66.33 -102.08
C LYS E 2758 0.13 -65.29 -103.10
N PRO E 2759 1.32 -65.49 -103.66
CA PRO E 2759 1.85 -64.50 -104.60
C PRO E 2759 0.95 -64.28 -105.82
N TYR E 2760 1.28 -63.26 -106.62
CA TYR E 2760 0.46 -62.93 -107.77
C TYR E 2760 0.37 -64.09 -108.76
N LYS E 2761 1.47 -64.80 -108.97
CA LYS E 2761 1.42 -65.97 -109.86
C LYS E 2761 0.51 -67.05 -109.28
N LEU E 2762 0.49 -67.19 -107.95
CA LEU E 2762 -0.38 -68.17 -107.33
C LEU E 2762 -1.82 -67.71 -107.27
N LEU E 2763 -2.09 -66.42 -107.50
CA LEU E 2763 -3.46 -65.94 -107.52
C LEU E 2763 -4.24 -66.56 -108.67
N SER E 2764 -5.55 -66.67 -108.47
CA SER E 2764 -6.42 -67.19 -109.52
C SER E 2764 -6.57 -66.19 -110.65
N GLU E 2765 -7.00 -66.68 -111.82
CA GLU E 2765 -7.17 -65.80 -112.97
C GLU E 2765 -8.26 -64.77 -112.71
N LYS E 2766 -9.37 -65.19 -112.10
CA LYS E 2766 -10.42 -64.24 -111.74
C LYS E 2766 -9.94 -63.31 -110.64
N GLU E 2767 -9.07 -63.79 -109.76
CA GLU E 2767 -8.51 -62.93 -108.73
C GLU E 2767 -7.62 -61.86 -109.34
N LYS E 2768 -6.99 -62.17 -110.46
CA LYS E 2768 -6.16 -61.16 -111.13
C LYS E 2768 -7.01 -60.11 -111.83
N GLU E 2769 -8.27 -60.44 -112.12
CA GLU E 2769 -9.12 -59.52 -112.87
C GLU E 2769 -9.28 -58.19 -112.14
N ILE E 2770 -9.47 -58.24 -110.82
CA ILE E 2770 -9.76 -57.02 -110.06
C ILE E 2770 -8.58 -56.06 -110.08
N TYR E 2771 -7.39 -56.56 -110.39
CA TYR E 2771 -6.22 -55.70 -110.38
C TYR E 2771 -5.97 -55.10 -111.75
N ARG E 2772 -5.92 -55.94 -112.79
CA ARG E 2772 -5.60 -55.43 -114.12
C ARG E 2772 -6.78 -54.72 -114.76
N TRP E 2773 -8.00 -54.92 -114.24
CA TRP E 2773 -9.14 -54.17 -114.73
C TRP E 2773 -8.93 -52.66 -114.65
N PRO E 2774 -8.74 -52.05 -113.45
CA PRO E 2774 -8.50 -50.60 -113.40
C PRO E 2774 -7.26 -50.22 -114.20
N ILE E 2775 -6.28 -51.12 -114.21
CA ILE E 2775 -5.09 -50.91 -115.03
C ILE E 2775 -5.46 -50.79 -116.50
N LYS E 2776 -6.33 -51.68 -116.98
CA LYS E 2776 -6.76 -51.62 -118.37
C LYS E 2776 -7.47 -50.31 -118.68
N GLU E 2777 -8.41 -49.90 -117.82
CA GLU E 2777 -9.10 -48.62 -118.10
C GLU E 2777 -8.14 -47.45 -118.05
N SER E 2778 -7.20 -47.45 -117.10
CA SER E 2778 -6.24 -46.35 -117.01
C SER E 2778 -5.41 -46.25 -118.28
N LEU E 2779 -4.95 -47.40 -118.80
CA LEU E 2779 -4.09 -47.35 -119.98
C LEU E 2779 -4.89 -47.00 -121.23
N LYS E 2780 -6.11 -47.53 -121.37
CA LYS E 2780 -6.93 -47.17 -122.52
C LYS E 2780 -7.34 -45.71 -122.46
N THR E 2781 -7.48 -45.15 -121.27
CA THR E 2781 -7.75 -43.72 -121.14
C THR E 2781 -6.52 -42.91 -121.55
N MET E 2782 -5.34 -43.33 -121.10
CA MET E 2782 -4.13 -42.61 -121.45
C MET E 2782 -3.84 -42.70 -122.95
N LEU E 2783 -4.21 -43.81 -123.58
CA LEU E 2783 -3.90 -44.01 -124.99
C LEU E 2783 -4.97 -43.41 -125.88
N ALA E 2784 -6.22 -43.36 -125.39
CA ALA E 2784 -7.28 -42.72 -126.16
C ALA E 2784 -7.02 -41.23 -126.30
N TRP E 2785 -6.35 -40.63 -125.32
CA TRP E 2785 -5.86 -39.27 -125.46
C TRP E 2785 -4.70 -39.17 -126.44
N GLY E 2786 -4.24 -40.30 -126.98
CA GLY E 2786 -3.23 -40.31 -128.00
C GLY E 2786 -1.80 -40.26 -127.49
N TRP E 2787 -1.61 -40.16 -126.17
CA TRP E 2787 -0.26 -40.00 -125.64
C TRP E 2787 0.62 -41.18 -126.03
N ARG E 2788 1.58 -40.91 -126.90
CA ARG E 2788 2.46 -41.94 -127.42
C ARG E 2788 3.31 -42.50 -126.28
N ILE E 2789 3.24 -43.81 -126.10
CA ILE E 2789 4.02 -44.49 -125.08
C ILE E 2789 5.10 -45.30 -125.78
N GLU E 2790 6.35 -45.02 -125.45
CA GLU E 2790 7.49 -45.66 -126.09
C GLU E 2790 8.24 -46.48 -125.05
N ARG E 2791 9.17 -47.29 -125.54
CA ARG E 2791 9.62 -48.46 -124.80
C ARG E 2791 11.14 -48.52 -124.92
N THR E 2792 11.85 -48.18 -123.84
CA THR E 2792 13.27 -47.87 -123.96
C THR E 2792 14.14 -49.13 -123.94
N ARG E 2793 15.41 -48.96 -124.34
CA ARG E 2793 16.37 -50.07 -124.35
C ARG E 2793 16.56 -50.65 -122.95
N GLU E 2794 16.41 -49.82 -121.93
CA GLU E 2794 16.58 -50.27 -120.54
C GLU E 2794 15.55 -51.32 -120.16
N GLY E 2795 14.28 -51.07 -120.46
CA GLY E 2795 13.26 -52.08 -120.23
C GLY E 2795 13.45 -53.31 -121.09
N ASP E 2796 13.98 -53.12 -122.31
CA ASP E 2796 14.33 -54.28 -123.10
C ASP E 2796 15.38 -55.15 -122.40
N SER E 2797 16.39 -54.53 -121.81
CA SER E 2797 17.31 -55.28 -120.95
C SER E 2797 16.56 -55.93 -119.80
N MET E 2798 15.58 -55.21 -119.24
CA MET E 2798 14.80 -55.75 -118.13
C MET E 2798 14.04 -56.99 -118.55
N ALA E 2799 13.37 -56.94 -119.71
CA ALA E 2799 12.64 -58.10 -120.20
C ALA E 2799 13.58 -59.25 -120.53
N LEU E 2800 14.76 -58.93 -121.08
CA LEU E 2800 15.76 -59.97 -121.33
C LEU E 2800 16.20 -60.63 -120.03
N TYR E 2801 16.36 -59.83 -118.97
CA TYR E 2801 16.69 -60.38 -117.66
C TYR E 2801 15.58 -61.30 -117.17
N ASN E 2802 14.33 -60.90 -117.37
CA ASN E 2802 13.19 -61.73 -117.00
C ASN E 2802 12.93 -62.79 -118.06
N GLY E 2820 5.98 -68.39 -95.95
CA GLY E 2820 7.24 -68.10 -96.63
C GLY E 2820 7.10 -67.06 -97.72
N TYR E 2821 6.03 -66.27 -97.64
CA TYR E 2821 5.75 -65.22 -98.61
C TYR E 2821 6.12 -63.89 -97.99
N SER E 2822 7.21 -63.30 -98.46
CA SER E 2822 7.72 -62.05 -97.90
C SER E 2822 7.56 -60.93 -98.91
N PRO E 2823 6.44 -60.24 -98.94
CA PRO E 2823 6.26 -59.19 -99.95
C PRO E 2823 7.01 -57.91 -99.58
N ARG E 2824 7.38 -57.11 -100.58
CA ARG E 2824 8.09 -55.87 -100.35
C ARG E 2824 7.91 -54.97 -101.57
N ALA E 2825 7.36 -53.78 -101.36
CA ALA E 2825 6.99 -52.88 -102.44
C ALA E 2825 8.15 -51.96 -102.81
N ILE E 2826 7.93 -51.16 -103.85
CA ILE E 2826 8.94 -50.23 -104.33
C ILE E 2826 8.52 -48.83 -103.88
N ASP E 2827 9.40 -48.16 -103.13
CA ASP E 2827 9.07 -46.87 -102.58
C ASP E 2827 9.07 -45.79 -103.65
N MET E 2828 7.89 -45.18 -103.86
CA MET E 2828 7.71 -44.10 -104.82
C MET E 2828 7.88 -42.72 -104.18
N SER E 2829 8.37 -42.66 -102.94
CA SER E 2829 8.47 -41.39 -102.24
C SER E 2829 9.39 -40.42 -102.97
N ASN E 2830 10.54 -40.89 -103.42
CA ASN E 2830 11.52 -40.03 -104.06
C ASN E 2830 11.36 -39.97 -105.58
N VAL E 2831 10.61 -40.88 -106.19
CA VAL E 2831 10.36 -40.80 -107.62
C VAL E 2831 9.57 -39.53 -107.89
N THR E 2832 9.99 -38.76 -108.88
CA THR E 2832 9.41 -37.45 -109.17
C THR E 2832 9.14 -37.30 -110.66
N LEU E 2833 8.08 -36.56 -110.99
CA LEU E 2833 7.73 -36.30 -112.37
C LEU E 2833 8.12 -34.88 -112.77
N SER E 2834 8.05 -34.61 -114.07
CA SER E 2834 8.39 -33.29 -114.60
C SER E 2834 7.19 -32.36 -114.53
N ARG E 2835 7.38 -31.13 -115.02
CA ARG E 2835 6.28 -30.18 -115.10
C ARG E 2835 5.18 -30.71 -116.02
N ASP E 2836 5.56 -31.10 -117.24
CA ASP E 2836 4.62 -31.58 -118.23
C ASP E 2836 3.99 -32.90 -117.80
N LEU E 2837 4.80 -33.79 -117.19
CA LEU E 2837 4.25 -35.01 -116.64
C LEU E 2837 3.25 -34.73 -115.52
N HIS E 2838 3.48 -33.70 -114.71
CA HIS E 2838 2.49 -33.32 -113.71
CA HIS E 2838 2.49 -33.32 -113.71
C HIS E 2838 1.21 -32.85 -114.36
N ALA E 2839 1.31 -32.07 -115.44
CA ALA E 2839 0.11 -31.65 -116.14
C ALA E 2839 -0.66 -32.85 -116.68
N MET E 2840 0.06 -33.81 -117.27
CA MET E 2840 -0.58 -35.01 -117.79
C MET E 2840 -1.25 -35.82 -116.67
N ALA E 2841 -0.56 -35.96 -115.54
CA ALA E 2841 -1.13 -36.66 -114.40
C ALA E 2841 -2.37 -35.97 -113.87
N GLU E 2842 -2.36 -34.64 -113.82
CA GLU E 2842 -3.53 -33.90 -113.40
C GLU E 2842 -4.70 -34.13 -114.35
N MET E 2843 -4.43 -34.13 -115.67
CA MET E 2843 -5.51 -34.36 -116.63
C MET E 2843 -6.09 -35.76 -116.48
N MET E 2844 -5.23 -36.78 -116.37
CA MET E 2844 -5.76 -38.13 -116.21
C MET E 2844 -6.47 -38.28 -114.88
N ALA E 2845 -6.00 -37.55 -113.86
CA ALA E 2845 -6.64 -37.60 -112.55
C ALA E 2845 -8.05 -37.02 -112.60
N GLU E 2846 -8.21 -35.86 -113.22
CA GLU E 2846 -9.53 -35.27 -113.33
C GLU E 2846 -10.43 -36.14 -114.19
N ASN E 2847 -9.85 -36.82 -115.18
CA ASN E 2847 -10.64 -37.75 -115.99
C ASN E 2847 -11.18 -38.90 -115.14
N TYR E 2848 -10.32 -39.46 -114.29
CA TYR E 2848 -10.74 -40.54 -113.39
C TYR E 2848 -11.81 -40.02 -112.44
N HIS E 2849 -11.65 -38.79 -111.98
CA HIS E 2849 -12.63 -38.19 -111.09
C HIS E 2849 -13.97 -37.98 -111.79
N ASN E 2850 -13.96 -37.60 -113.08
CA ASN E 2850 -15.21 -37.49 -113.81
C ASN E 2850 -15.84 -38.86 -114.04
N ILE E 2851 -15.03 -39.91 -114.18
CA ILE E 2851 -15.59 -41.26 -114.24
C ILE E 2851 -16.35 -41.57 -112.95
N TRP E 2852 -15.70 -41.34 -111.82
CA TRP E 2852 -16.36 -41.52 -110.53
C TRP E 2852 -17.61 -40.65 -110.44
N ALA E 2853 -17.53 -39.44 -111.00
CA ALA E 2853 -18.65 -38.51 -110.96
C ALA E 2853 -19.84 -39.05 -111.74
N LYS E 2854 -19.59 -39.64 -112.91
CA LYS E 2854 -20.70 -40.24 -113.66
C LYS E 2854 -21.33 -41.38 -112.90
N LYS E 2855 -20.52 -42.26 -112.31
CA LYS E 2855 -21.12 -43.35 -111.54
C LYS E 2855 -21.92 -42.83 -110.35
N LYS E 2856 -21.37 -41.86 -109.63
CA LYS E 2856 -22.08 -41.28 -108.50
C LYS E 2856 -23.36 -40.60 -108.93
N LYS E 2857 -23.35 -39.94 -110.08
CA LYS E 2857 -24.53 -39.25 -110.58
C LYS E 2857 -25.60 -40.21 -111.09
N MET E 2858 -25.22 -41.26 -111.80
CA MET E 2858 -26.19 -42.30 -112.13
C MET E 2858 -26.84 -42.84 -110.87
N GLU E 2859 -26.06 -43.12 -109.83
CA GLU E 2859 -26.64 -43.50 -108.56
C GLU E 2859 -27.54 -42.40 -108.01
N LEU E 2860 -27.15 -41.14 -108.22
CA LEU E 2860 -27.84 -40.02 -107.59
C LEU E 2860 -29.25 -39.83 -108.13
N GLU E 2861 -29.41 -39.76 -109.46
CA GLU E 2861 -30.79 -39.67 -109.97
C GLU E 2861 -31.36 -41.05 -110.29
N SER E 2862 -30.68 -42.13 -109.89
CA SER E 2862 -31.40 -43.38 -109.69
C SER E 2862 -32.15 -43.35 -108.36
N LYS E 2863 -31.53 -42.76 -107.34
CA LYS E 2863 -32.21 -42.58 -106.07
C LYS E 2863 -33.08 -41.32 -106.08
N GLY E 2864 -32.97 -40.52 -107.13
CA GLY E 2864 -33.77 -39.32 -107.25
C GLY E 2864 -33.08 -38.06 -106.76
N GLY E 2865 -32.59 -38.10 -105.52
CA GLY E 2865 -31.94 -36.93 -104.93
C GLY E 2865 -30.64 -37.23 -104.23
N GLY E 2866 -30.40 -36.58 -103.10
CA GLY E 2866 -29.18 -36.80 -102.36
C GLY E 2866 -27.95 -36.26 -103.04
N ASN E 2867 -27.88 -34.95 -103.25
CA ASN E 2867 -26.74 -34.34 -103.93
C ASN E 2867 -25.47 -34.54 -103.11
N HIS E 2868 -24.50 -35.23 -103.72
CA HIS E 2868 -23.28 -35.55 -103.00
C HIS E 2868 -22.37 -34.32 -102.95
N PRO E 2869 -21.77 -34.03 -101.79
CA PRO E 2869 -20.97 -32.80 -101.67
C PRO E 2869 -19.81 -32.72 -102.64
N LEU E 2870 -19.24 -33.85 -103.06
CA LEU E 2870 -18.05 -33.85 -103.89
C LEU E 2870 -18.36 -33.83 -105.38
N LEU E 2871 -19.61 -33.60 -105.76
CA LEU E 2871 -19.97 -33.56 -107.16
C LEU E 2871 -19.46 -32.31 -107.86
N VAL E 2872 -18.93 -31.34 -107.11
CA VAL E 2872 -18.40 -30.11 -107.68
C VAL E 2872 -17.22 -30.47 -108.59
N PRO E 2873 -16.89 -29.63 -109.58
CA PRO E 2873 -15.83 -30.00 -110.52
C PRO E 2873 -14.49 -30.22 -109.84
N TYR E 2874 -13.62 -30.95 -110.55
CA TYR E 2874 -12.28 -31.22 -110.05
C TYR E 2874 -11.54 -29.94 -109.72
N ASP E 2875 -11.76 -28.90 -110.52
CA ASP E 2875 -11.13 -27.61 -110.25
C ASP E 2875 -11.63 -27.03 -108.93
N THR E 2876 -12.92 -27.18 -108.65
CA THR E 2876 -13.48 -26.72 -107.38
C THR E 2876 -13.06 -27.59 -106.21
N LEU E 2877 -12.63 -28.82 -106.47
CA LEU E 2877 -12.23 -29.73 -105.41
C LEU E 2877 -11.05 -29.17 -104.62
N THR E 2878 -10.94 -29.62 -103.37
CA THR E 2878 -9.83 -29.21 -102.53
C THR E 2878 -8.71 -30.25 -102.55
N ALA E 2879 -7.58 -29.89 -101.94
CA ALA E 2879 -6.41 -30.78 -101.98
C ALA E 2879 -6.69 -32.09 -101.27
N LYS E 2880 -7.33 -32.03 -100.10
CA LYS E 2880 -7.64 -33.26 -99.37
C LYS E 2880 -8.58 -34.14 -100.17
N GLU E 2881 -9.59 -33.53 -100.81
CA GLU E 2881 -10.48 -34.29 -101.67
C GLU E 2881 -9.73 -34.84 -102.88
N LYS E 2882 -8.79 -34.08 -103.42
CA LYS E 2882 -8.01 -34.52 -104.56
C LYS E 2882 -6.93 -35.52 -104.20
N ALA E 2883 -6.73 -35.81 -102.91
CA ALA E 2883 -5.54 -36.52 -102.49
C ALA E 2883 -5.45 -37.92 -103.11
N LYS E 2884 -6.49 -38.73 -102.95
CA LYS E 2884 -6.39 -40.13 -103.38
C LYS E 2884 -6.40 -40.23 -104.90
N ASP E 2885 -7.24 -39.43 -105.57
CA ASP E 2885 -7.22 -39.38 -107.02
C ASP E 2885 -5.84 -38.99 -107.54
N ARG E 2886 -5.26 -37.93 -106.98
CA ARG E 2886 -3.95 -37.48 -107.44
C ARG E 2886 -2.88 -38.54 -107.18
N GLU E 2887 -2.90 -39.16 -106.01
CA GLU E 2887 -1.85 -40.12 -105.69
C GLU E 2887 -1.94 -41.33 -106.62
N LYS E 2888 -3.15 -41.80 -106.92
CA LYS E 2888 -3.29 -42.90 -107.87
C LYS E 2888 -2.75 -42.49 -109.25
N ALA E 2889 -3.21 -41.35 -109.74
CA ALA E 2889 -2.84 -40.92 -111.09
C ALA E 2889 -1.35 -40.67 -111.20
N GLN E 2890 -0.70 -40.33 -110.08
CA GLN E 2890 0.74 -40.12 -110.13
C GLN E 2890 1.49 -41.43 -109.98
N ASP E 2891 1.06 -42.32 -109.08
CA ASP E 2891 1.84 -43.53 -108.84
C ASP E 2891 1.83 -44.43 -110.06
N ILE E 2892 0.75 -44.42 -110.84
CA ILE E 2892 0.77 -45.21 -112.07
C ILE E 2892 1.87 -44.74 -113.00
N LEU E 2893 1.99 -43.41 -113.18
CA LEU E 2893 3.06 -42.88 -114.03
C LEU E 2893 4.43 -43.13 -113.40
N LYS E 2894 4.51 -43.10 -112.07
CA LYS E 2894 5.79 -43.34 -111.41
C LYS E 2894 6.27 -44.75 -111.70
N PHE E 2895 5.38 -45.74 -111.61
CA PHE E 2895 5.82 -47.10 -111.86
C PHE E 2895 6.10 -47.28 -113.34
N LEU E 2896 5.35 -46.58 -114.20
CA LEU E 2896 5.68 -46.60 -115.62
C LEU E 2896 7.09 -46.11 -115.87
N GLN E 2897 7.48 -45.00 -115.26
CA GLN E 2897 8.82 -44.47 -115.43
C GLN E 2897 9.87 -45.44 -114.90
N ILE E 2898 9.66 -46.02 -113.72
CA ILE E 2898 10.68 -46.89 -113.15
C ILE E 2898 10.79 -48.18 -113.95
N ASN E 2899 9.68 -48.66 -114.52
CA ASN E 2899 9.77 -49.74 -115.48
C ASN E 2899 10.55 -49.30 -116.71
N GLY E 2900 10.46 -48.03 -117.06
CA GLY E 2900 11.26 -47.47 -118.13
C GLY E 2900 10.49 -47.14 -119.39
N TYR E 2901 9.16 -47.27 -119.38
CA TYR E 2901 8.40 -46.87 -120.54
C TYR E 2901 8.50 -45.36 -120.75
N ALA E 2902 8.59 -44.95 -122.02
CA ALA E 2902 8.70 -43.55 -122.37
C ALA E 2902 7.33 -43.02 -122.75
N VAL E 2903 6.78 -42.13 -121.92
CA VAL E 2903 5.47 -41.55 -122.16
C VAL E 2903 5.64 -40.05 -122.41
N SER E 2904 4.94 -39.55 -123.43
CA SER E 2904 5.01 -38.14 -123.78
C SER E 2904 3.66 -37.72 -124.33
N ARG E 2905 3.60 -36.53 -124.93
CA ARG E 2905 2.36 -35.94 -125.40
C ARG E 2905 1.92 -36.64 -126.68
N GLY E 2906 0.61 -36.77 -126.86
CA GLY E 2906 0.10 -37.48 -128.02
C GLY E 2906 0.24 -36.69 -129.31
N PHE E 2907 -0.22 -35.44 -129.31
CA PHE E 2907 -0.22 -34.65 -130.52
C PHE E 2907 1.13 -33.99 -130.74
N LYS E 2908 1.45 -33.76 -132.01
CA LYS E 2908 2.70 -33.10 -132.40
C LYS E 2908 2.37 -31.94 -133.31
N ASP E 2909 3.14 -30.87 -133.19
CA ASP E 2909 2.95 -29.69 -134.03
C ASP E 2909 3.21 -30.02 -135.50
N LEU E 2910 2.29 -29.60 -136.37
CA LEU E 2910 2.50 -29.80 -137.80
C LEU E 2910 3.32 -28.67 -138.40
N GLU E 2911 2.91 -27.43 -138.16
CA GLU E 2911 3.64 -26.26 -138.64
C GLU E 2911 3.12 -24.99 -137.98
N LEU E 2912 4.03 -24.16 -137.46
CA LEU E 2912 3.68 -22.84 -136.94
C LEU E 2912 4.17 -21.80 -137.94
N ASP E 2913 3.23 -21.04 -138.50
CA ASP E 2913 3.56 -20.01 -139.48
C ASP E 2913 3.95 -18.73 -138.73
N THR E 2914 5.07 -18.82 -138.02
CA THR E 2914 5.59 -17.69 -137.25
C THR E 2914 5.85 -16.45 -138.07
N PRO E 2915 6.49 -16.51 -139.25
CA PRO E 2915 6.71 -15.27 -140.01
C PRO E 2915 5.43 -14.61 -140.50
N SER E 2916 4.30 -15.33 -140.51
CA SER E 2916 3.04 -14.75 -140.95
C SER E 2916 2.67 -13.53 -140.10
N ILE E 2917 2.64 -12.36 -140.72
CA ILE E 2917 2.21 -11.16 -140.01
C ILE E 2917 0.75 -11.28 -139.62
N GLU E 2918 -0.02 -12.04 -140.40
CA GLU E 2918 -1.46 -12.12 -140.19
C GLU E 2918 -1.79 -12.67 -138.81
N LYS E 2919 -1.07 -13.69 -138.36
CA LYS E 2919 -1.43 -14.37 -137.12
C LYS E 2919 -0.99 -13.60 -135.89
N ARG E 2920 -0.23 -12.51 -136.09
CA ARG E 2920 -0.04 -11.55 -135.02
C ARG E 2920 -1.36 -10.88 -134.69
N PHE E 2921 -1.60 -10.67 -133.40
CA PHE E 2921 -2.90 -10.15 -132.98
C PHE E 2921 -3.16 -8.76 -133.54
N ALA E 2922 -2.11 -7.93 -133.62
CA ALA E 2922 -2.29 -6.57 -134.11
C ALA E 2922 -2.79 -6.56 -135.54
N TYR E 2923 -2.31 -7.48 -136.37
CA TYR E 2923 -2.73 -7.52 -137.77
C TYR E 2923 -4.23 -7.80 -137.88
N SER E 2924 -4.70 -8.83 -137.16
CA SER E 2924 -6.13 -9.15 -137.22
C SER E 2924 -6.97 -8.02 -136.63
N PHE E 2925 -6.50 -7.43 -135.53
CA PHE E 2925 -7.22 -6.31 -134.92
C PHE E 2925 -7.36 -5.16 -135.90
N LEU E 2926 -6.26 -4.80 -136.57
CA LEU E 2926 -6.29 -3.67 -137.47
C LEU E 2926 -7.08 -3.99 -138.73
N GLN E 2927 -7.06 -5.25 -139.18
CA GLN E 2927 -7.90 -5.64 -140.31
C GLN E 2927 -9.37 -5.49 -139.96
N GLN E 2928 -9.76 -5.94 -138.77
CA GLN E 2928 -11.15 -5.77 -138.36
C GLN E 2928 -11.52 -4.30 -138.23
N LEU E 2929 -10.59 -3.48 -137.71
CA LEU E 2929 -10.83 -2.04 -137.62
C LEU E 2929 -11.00 -1.44 -139.00
N ILE E 2930 -10.17 -1.86 -139.96
CA ILE E 2930 -10.32 -1.40 -141.34
C ILE E 2930 -11.69 -1.74 -141.88
N ARG E 2931 -12.12 -2.99 -141.69
CA ARG E 2931 -13.41 -3.40 -142.21
C ARG E 2931 -14.53 -2.58 -141.57
N TYR E 2932 -14.46 -2.38 -140.26
CA TYR E 2932 -15.51 -1.63 -139.57
C TYR E 2932 -15.53 -0.17 -140.01
N VAL E 2933 -14.36 0.44 -140.17
CA VAL E 2933 -14.30 1.83 -140.58
C VAL E 2933 -14.86 1.99 -142.00
N ASP E 2934 -14.51 1.08 -142.90
CA ASP E 2934 -15.02 1.15 -144.26
C ASP E 2934 -16.53 0.94 -144.29
N GLU E 2935 -17.03 0.00 -143.50
CA GLU E 2935 -18.47 -0.21 -143.42
C GLU E 2935 -19.18 1.03 -142.88
N ALA E 2936 -18.61 1.64 -141.85
CA ALA E 2936 -19.20 2.87 -141.31
C ALA E 2936 -19.16 3.98 -142.34
N HIS E 2937 -18.10 4.03 -143.16
CA HIS E 2937 -18.04 5.02 -144.22
C HIS E 2937 -19.16 4.81 -145.23
N GLN E 2938 -19.39 3.56 -145.63
CA GLN E 2938 -20.49 3.28 -146.54
C GLN E 2938 -21.85 3.63 -145.92
N TYR E 2939 -22.03 3.30 -144.64
CA TYR E 2939 -23.27 3.63 -143.95
C TYR E 2939 -23.49 5.13 -143.85
N ILE E 2940 -22.44 5.92 -143.60
CA ILE E 2940 -22.63 7.37 -143.59
C ILE E 2940 -22.81 7.93 -144.99
N LEU E 2941 -22.21 7.31 -146.02
CA LEU E 2941 -22.48 7.76 -147.38
C LEU E 2941 -23.94 7.57 -147.75
N GLU E 2942 -24.53 6.43 -147.37
CA GLU E 2942 -25.96 6.25 -147.64
C GLU E 2942 -26.84 7.05 -146.69
N PHE E 2943 -26.40 7.28 -145.45
CA PHE E 2943 -27.14 8.15 -144.55
C PHE E 2943 -27.06 9.60 -144.97
N ASP E 2944 -26.11 9.96 -145.82
CA ASP E 2944 -26.11 11.29 -146.40
C ASP E 2944 -27.38 11.54 -147.21
N GLY E 2945 -27.78 10.54 -148.02
CA GLY E 2945 -29.03 10.64 -148.74
C GLY E 2945 -30.26 10.25 -147.94
N GLY E 2946 -30.09 9.47 -146.89
CA GLY E 2946 -31.21 9.10 -146.04
C GLY E 2946 -31.53 10.12 -144.95
N SER E 2947 -30.62 11.04 -144.70
CA SER E 2947 -30.71 11.98 -143.58
C SER E 2947 -31.74 13.09 -143.81
N ARG E 2948 -31.81 13.65 -145.02
CA ARG E 2948 -32.79 14.69 -145.30
C ARG E 2948 -34.20 14.14 -145.47
N GLY E 2949 -34.35 12.82 -145.60
CA GLY E 2949 -35.66 12.22 -145.61
C GLY E 2949 -36.25 12.09 -144.23
N LYS E 2950 -37.46 11.54 -144.19
CA LYS E 2950 -38.13 11.31 -142.91
C LYS E 2950 -37.32 10.34 -142.05
N GLY E 2951 -36.61 9.42 -142.68
CA GLY E 2951 -35.88 8.40 -141.96
C GLY E 2951 -34.62 8.91 -141.28
N GLU E 2952 -34.78 9.88 -140.37
CA GLU E 2952 -33.65 10.27 -139.53
C GLU E 2952 -33.16 9.10 -138.69
N HIS E 2953 -34.08 8.31 -138.15
CA HIS E 2953 -33.72 7.00 -137.64
C HIS E 2953 -33.32 6.11 -138.80
N PHE E 2954 -32.12 5.57 -138.75
CA PHE E 2954 -31.56 4.85 -139.87
C PHE E 2954 -31.55 3.35 -139.58
N PRO E 2955 -31.76 2.51 -140.59
CA PRO E 2955 -31.79 1.06 -140.34
C PRO E 2955 -30.53 0.52 -139.70
N TYR E 2956 -29.40 1.22 -139.84
CA TYR E 2956 -28.16 0.85 -139.17
C TYR E 2956 -27.79 1.86 -138.09
N GLU E 2957 -28.78 2.50 -137.48
CA GLU E 2957 -28.51 3.42 -136.39
C GLU E 2957 -27.86 2.69 -135.22
N GLN E 2958 -28.26 1.45 -134.98
CA GLN E 2958 -27.57 0.64 -133.98
C GLN E 2958 -26.11 0.46 -134.34
N GLU E 2959 -25.81 0.22 -135.61
CA GLU E 2959 -24.43 0.04 -136.03
C GLU E 2959 -23.62 1.32 -135.84
N ILE E 2960 -24.18 2.47 -136.21
CA ILE E 2960 -23.43 3.71 -136.04
C ILE E 2960 -23.27 4.03 -134.56
N LYS E 2961 -24.28 3.73 -133.74
CA LYS E 2961 -24.15 3.93 -132.30
C LYS E 2961 -23.04 3.07 -131.72
N PHE E 2962 -22.99 1.79 -132.13
CA PHE E 2962 -21.91 0.92 -131.69
C PHE E 2962 -20.56 1.46 -132.12
N PHE E 2963 -20.45 1.89 -133.38
CA PHE E 2963 -19.20 2.45 -133.86
C PHE E 2963 -18.75 3.62 -132.99
N ALA E 2964 -19.62 4.62 -132.84
CA ALA E 2964 -19.26 5.82 -132.08
C ALA E 2964 -18.95 5.50 -130.63
N LYS E 2965 -19.69 4.56 -130.02
CA LYS E 2965 -19.50 4.29 -128.61
C LYS E 2965 -18.25 3.49 -128.33
N VAL E 2966 -17.89 2.55 -129.20
CA VAL E 2966 -16.87 1.55 -128.92
C VAL E 2966 -15.64 1.73 -129.80
N VAL E 2967 -15.83 1.77 -131.12
CA VAL E 2967 -14.71 1.61 -132.03
C VAL E 2967 -13.73 2.77 -131.88
N LEU E 2968 -14.25 3.99 -131.88
CA LEU E 2968 -13.37 5.15 -131.77
C LEU E 2968 -12.61 5.18 -130.46
N PRO E 2969 -13.25 5.01 -129.28
CA PRO E 2969 -12.46 5.01 -128.04
C PRO E 2969 -11.40 3.93 -127.97
N LEU E 2970 -11.68 2.74 -128.51
CA LEU E 2970 -10.65 1.69 -128.49
C LEU E 2970 -9.53 2.03 -129.46
N ILE E 2971 -9.84 2.68 -130.58
CA ILE E 2971 -8.78 3.17 -131.46
C ILE E 2971 -7.91 4.16 -130.72
N ASP E 2972 -8.51 5.02 -129.91
CA ASP E 2972 -7.72 5.90 -129.05
C ASP E 2972 -6.82 5.11 -128.11
N GLN E 2973 -7.42 4.17 -127.37
CA GLN E 2973 -6.73 3.58 -126.23
C GLN E 2973 -5.62 2.63 -126.68
N TYR E 2974 -5.90 1.78 -127.68
CA TYR E 2974 -4.91 0.82 -128.13
C TYR E 2974 -3.66 1.52 -128.66
N PHE E 2975 -3.86 2.55 -129.49
CA PHE E 2975 -2.72 3.26 -130.04
C PHE E 2975 -2.04 4.16 -129.02
N LYS E 2976 -2.77 4.67 -128.03
CA LYS E 2976 -2.09 5.39 -126.96
C LYS E 2976 -1.22 4.45 -126.13
N ASN E 2977 -1.68 3.22 -125.91
CA ASN E 2977 -0.90 2.27 -125.13
C ASN E 2977 0.31 1.78 -125.90
N HIS E 2978 0.15 1.49 -127.19
CA HIS E 2978 1.25 0.92 -127.95
C HIS E 2978 1.69 1.84 -129.07
N ARG E 2979 1.73 3.14 -128.80
CA ARG E 2979 2.18 4.09 -129.82
C ARG E 2979 3.66 3.91 -130.12
N LEU E 2980 4.42 3.42 -129.15
CA LEU E 2980 5.84 3.19 -129.37
C LEU E 2980 6.06 1.93 -130.20
N TYR E 2981 5.19 0.94 -130.06
CA TYR E 2981 5.31 -0.30 -130.81
C TYR E 2981 5.22 -0.07 -132.31
N PHE E 2982 4.20 0.66 -132.75
CA PHE E 2982 4.05 0.95 -134.16
C PHE E 2982 5.14 1.89 -134.65
N LEU E 2983 5.55 2.83 -133.80
CA LEU E 2983 6.62 3.74 -134.16
C LEU E 2983 7.94 3.00 -134.35
N SER E 2984 8.21 1.99 -133.52
CA SER E 2984 9.47 1.28 -133.58
C SER E 2984 9.61 0.55 -134.90
N ALA E 2985 10.72 0.79 -135.59
CA ALA E 2985 11.04 0.14 -136.86
C ALA E 2985 12.51 -0.29 -136.84
N ALA E 2986 12.92 -0.94 -135.76
CA ALA E 2986 14.29 -1.33 -135.50
C ALA E 2986 15.23 -0.13 -135.43
N SER E 2987 14.72 1.05 -135.14
CA SER E 2987 15.52 2.26 -135.05
C SER E 2987 16.02 2.53 -133.63
N ARG E 2988 15.83 1.57 -132.71
CA ARG E 2988 16.28 1.47 -131.32
C ARG E 2988 15.19 1.67 -130.27
N PRO E 2989 14.10 2.40 -130.56
CA PRO E 2989 12.93 2.31 -129.69
C PRO E 2989 12.40 0.88 -129.63
N LEU E 2990 11.77 0.54 -128.51
CA LEU E 2990 11.34 -0.82 -128.21
C LEU E 2990 12.53 -1.78 -128.16
N CYS E 2991 13.45 -1.51 -127.24
CA CYS E 2991 14.63 -2.36 -127.09
C CYS E 2991 14.25 -3.76 -126.60
N SER E 2992 13.04 -3.92 -126.06
CA SER E 2992 12.56 -5.22 -125.65
C SER E 2992 12.47 -6.16 -126.85
N GLY E 2993 12.01 -5.63 -127.98
CA GLY E 2993 11.95 -6.37 -129.22
C GLY E 2993 10.53 -6.45 -129.73
N GLY E 2994 10.39 -7.01 -130.92
CA GLY E 2994 9.09 -7.20 -131.52
C GLY E 2994 8.45 -5.93 -132.03
N HIS E 2995 9.10 -5.27 -132.98
CA HIS E 2995 8.55 -4.06 -133.55
C HIS E 2995 7.41 -4.39 -134.51
N ALA E 2996 6.61 -3.37 -134.83
CA ALA E 2996 5.52 -3.54 -135.77
C ALA E 2996 6.05 -3.84 -137.16
N SER E 2997 5.32 -4.67 -137.90
CA SER E 2997 5.71 -5.00 -139.26
C SER E 2997 5.43 -3.85 -140.20
N ASN E 2998 6.12 -3.85 -141.34
CA ASN E 2998 5.91 -2.82 -142.34
C ASN E 2998 4.48 -2.83 -142.88
N LYS E 2999 3.94 -4.03 -143.10
CA LYS E 2999 2.56 -4.15 -143.54
C LYS E 2999 1.60 -3.59 -142.50
N GLU E 3000 1.83 -3.87 -141.22
CA GLU E 3000 1.00 -3.31 -140.17
C GLU E 3000 1.10 -1.79 -140.17
N LYS E 3001 2.31 -1.25 -140.34
CA LYS E 3001 2.48 0.19 -140.38
C LYS E 3001 1.69 0.81 -141.52
N GLU E 3002 1.78 0.22 -142.72
CA GLU E 3002 1.11 0.80 -143.87
C GLU E 3002 -0.41 0.74 -143.72
N MET E 3003 -0.91 -0.35 -143.15
CA MET E 3003 -2.37 -0.42 -142.99
C MET E 3003 -2.84 0.47 -141.86
N VAL E 3004 -2.00 0.74 -140.86
CA VAL E 3004 -2.30 1.77 -139.87
C VAL E 3004 -2.41 3.14 -140.54
N THR E 3005 -1.45 3.45 -141.40
CA THR E 3005 -1.48 4.71 -142.13
C THR E 3005 -2.72 4.84 -143.00
N SER E 3006 -3.12 3.76 -143.67
CA SER E 3006 -4.36 3.74 -144.43
C SER E 3006 -5.59 3.98 -143.56
N LEU E 3007 -5.62 3.37 -142.38
CA LEU E 3007 -6.71 3.63 -141.45
C LEU E 3007 -6.76 5.10 -141.04
N PHE E 3008 -5.60 5.71 -140.83
CA PHE E 3008 -5.56 7.14 -140.53
C PHE E 3008 -6.21 7.96 -141.64
N CYS E 3009 -5.85 7.69 -142.88
CA CYS E 3009 -6.41 8.43 -144.00
C CYS E 3009 -7.91 8.22 -144.11
N LYS E 3010 -8.37 6.99 -143.89
CA LYS E 3010 -9.80 6.73 -143.95
C LYS E 3010 -10.55 7.46 -142.85
N LEU E 3011 -9.98 7.51 -141.64
CA LEU E 3011 -10.62 8.26 -140.57
C LEU E 3011 -10.70 9.74 -140.91
N GLY E 3012 -9.64 10.28 -141.53
CA GLY E 3012 -9.73 11.64 -142.04
C GLY E 3012 -10.82 11.84 -143.08
N VAL E 3013 -10.97 10.88 -143.99
CA VAL E 3013 -12.04 10.96 -144.97
C VAL E 3013 -13.39 11.00 -144.28
N LEU E 3014 -13.57 10.15 -143.26
CA LEU E 3014 -14.81 10.15 -142.49
C LEU E 3014 -15.06 11.49 -141.82
N VAL E 3015 -14.04 12.07 -141.19
CA VAL E 3015 -14.24 13.32 -140.48
C VAL E 3015 -14.42 14.51 -141.42
N ARG E 3016 -14.07 14.35 -142.70
CA ARG E 3016 -14.13 15.46 -143.64
C ARG E 3016 -15.57 15.97 -143.78
N HIS E 3017 -15.81 17.17 -143.25
CA HIS E 3017 -17.10 17.88 -143.38
C HIS E 3017 -18.28 17.09 -142.82
N ARG E 3018 -18.05 16.36 -141.71
CA ARG E 3018 -19.15 15.67 -141.06
C ARG E 3018 -19.14 15.88 -139.55
N ILE E 3019 -18.60 17.01 -139.09
CA ILE E 3019 -18.52 17.27 -137.65
C ILE E 3019 -19.92 17.42 -137.07
N SER E 3020 -20.84 18.00 -137.84
CA SER E 3020 -22.22 18.13 -137.36
C SER E 3020 -22.96 16.80 -137.48
N LEU E 3021 -22.67 16.04 -138.55
CA LEU E 3021 -23.34 14.76 -138.73
C LEU E 3021 -23.01 13.80 -137.60
N PHE E 3022 -21.75 13.77 -137.18
CA PHE E 3022 -21.41 13.05 -135.97
C PHE E 3022 -22.01 13.74 -134.76
N GLY E 3023 -22.59 12.95 -133.85
CA GLY E 3023 -23.30 13.49 -132.71
C GLY E 3023 -22.40 14.01 -131.62
N ASN E 3024 -21.74 15.13 -131.89
CA ASN E 3024 -20.88 15.81 -130.92
C ASN E 3024 -19.68 14.95 -130.52
N ASP E 3025 -19.48 13.84 -131.23
CA ASP E 3025 -18.31 12.99 -131.06
C ASP E 3025 -17.19 13.35 -132.01
N ALA E 3026 -17.38 14.39 -132.83
CA ALA E 3026 -16.31 14.86 -133.70
C ALA E 3026 -15.04 15.17 -132.91
N THR E 3027 -15.19 15.57 -131.65
CA THR E 3027 -14.03 15.70 -130.78
C THR E 3027 -13.32 14.37 -130.61
N SER E 3028 -14.06 13.29 -130.43
CA SER E 3028 -13.45 11.98 -130.30
C SER E 3028 -12.72 11.59 -131.57
N ILE E 3029 -13.33 11.87 -132.73
CA ILE E 3029 -12.61 11.60 -133.98
C ILE E 3029 -11.36 12.46 -134.11
N VAL E 3030 -11.40 13.71 -133.65
CA VAL E 3030 -10.21 14.54 -133.67
C VAL E 3030 -9.12 13.92 -132.82
N ASN E 3031 -9.48 13.42 -131.63
CA ASN E 3031 -8.49 12.76 -130.79
C ASN E 3031 -7.92 11.52 -131.47
N CYS E 3032 -8.80 10.75 -132.12
CA CYS E 3032 -8.34 9.55 -132.83
C CYS E 3032 -7.33 9.92 -133.90
N LEU E 3033 -7.65 10.92 -134.72
CA LEU E 3033 -6.72 11.35 -135.77
C LEU E 3033 -5.44 11.88 -135.18
N HIS E 3034 -5.52 12.65 -134.10
CA HIS E 3034 -4.33 13.22 -133.48
C HIS E 3034 -3.39 12.13 -132.97
N ILE E 3035 -3.93 11.14 -132.28
CA ILE E 3035 -3.07 10.07 -131.76
C ILE E 3035 -2.55 9.19 -132.90
N LEU E 3036 -3.39 8.91 -133.89
CA LEU E 3036 -2.93 8.09 -135.01
C LEU E 3036 -1.81 8.78 -135.76
N GLY E 3037 -1.85 10.11 -135.85
CA GLY E 3037 -0.77 10.84 -136.50
C GLY E 3037 0.57 10.56 -135.85
N GLN E 3038 0.60 10.56 -134.52
CA GLN E 3038 1.83 10.18 -133.82
C GLN E 3038 2.17 8.71 -134.08
N THR E 3039 1.16 7.85 -134.16
CA THR E 3039 1.44 6.44 -134.41
C THR E 3039 1.97 6.18 -135.81
N LEU E 3040 1.78 7.10 -136.75
CA LEU E 3040 2.21 6.85 -138.13
C LEU E 3040 3.74 6.79 -138.21
N ASP E 3041 4.22 5.98 -139.16
CA ASP E 3041 5.63 5.94 -139.55
C ASP E 3041 5.68 6.14 -141.06
N ALA E 3042 6.23 7.27 -141.48
CA ALA E 3042 6.18 7.64 -142.89
C ALA E 3042 7.33 7.03 -143.67
N ARG E 3043 8.53 6.96 -143.09
CA ARG E 3043 9.69 6.45 -143.82
C ARG E 3043 9.48 5.02 -144.28
N THR E 3044 8.99 4.17 -143.38
CA THR E 3044 8.78 2.76 -143.72
C THR E 3044 7.79 2.62 -144.87
N VAL E 3045 6.68 3.35 -144.80
CA VAL E 3045 5.65 3.20 -145.82
C VAL E 3045 6.09 3.83 -147.14
N MET E 3046 6.94 4.86 -147.08
CA MET E 3046 7.46 5.43 -148.31
C MET E 3046 8.40 4.48 -149.02
N LYS E 3047 9.39 3.93 -148.29
CA LYS E 3047 10.36 3.10 -148.97
C LYS E 3047 9.75 1.75 -149.33
N THR E 3048 8.82 1.25 -148.52
CA THR E 3048 8.11 0.01 -148.81
C THR E 3048 6.66 0.20 -148.43
N GLY E 3049 5.79 0.37 -149.43
CA GLY E 3049 4.39 0.57 -149.14
C GLY E 3049 3.53 0.29 -150.35
N LEU E 3050 2.23 0.14 -150.10
CA LEU E 3050 1.28 -0.13 -151.15
C LEU E 3050 0.85 1.18 -151.82
N GLU E 3051 0.79 1.14 -153.15
CA GLU E 3051 0.54 2.37 -153.91
C GLU E 3051 -0.83 2.95 -153.60
N SER E 3052 -1.82 2.09 -153.34
CA SER E 3052 -3.14 2.60 -153.01
C SER E 3052 -3.11 3.41 -151.71
N VAL E 3053 -2.39 2.91 -150.70
CA VAL E 3053 -2.27 3.65 -149.45
C VAL E 3053 -1.46 4.92 -149.65
N LYS E 3054 -0.41 4.85 -150.47
CA LYS E 3054 0.36 6.04 -150.79
C LYS E 3054 -0.54 7.12 -151.40
N SER E 3055 -1.37 6.71 -152.35
CA SER E 3055 -2.28 7.64 -153.01
C SER E 3055 -3.34 8.16 -152.06
N ALA E 3056 -3.83 7.31 -151.15
CA ALA E 3056 -4.82 7.76 -150.17
C ALA E 3056 -4.21 8.84 -149.27
N LEU E 3057 -2.99 8.63 -148.83
CA LEU E 3057 -2.30 9.60 -147.99
C LEU E 3057 -2.00 10.90 -148.72
N ARG E 3058 -1.55 10.80 -149.98
CA ARG E 3058 -1.34 11.97 -150.81
C ARG E 3058 -2.64 12.74 -151.01
N ALA E 3059 -3.73 12.02 -151.28
CA ALA E 3059 -5.02 12.67 -151.49
C ALA E 3059 -5.55 13.28 -150.20
N PHE E 3060 -5.24 12.68 -149.05
CA PHE E 3060 -5.57 13.32 -147.78
C PHE E 3060 -4.87 14.66 -147.63
N LEU E 3061 -3.56 14.69 -147.86
CA LEU E 3061 -2.85 15.95 -147.78
C LEU E 3061 -3.42 16.96 -148.77
N ASP E 3062 -3.68 16.53 -150.00
CA ASP E 3062 -4.26 17.41 -150.99
C ASP E 3062 -5.61 17.95 -150.54
N ASN E 3063 -6.47 17.07 -150.01
CA ASN E 3063 -7.82 17.45 -149.61
C ASN E 3063 -7.78 18.50 -148.53
N ALA E 3064 -6.90 18.30 -147.55
CA ALA E 3064 -6.66 19.37 -146.57
C ALA E 3064 -6.26 20.66 -147.25
N ALA E 3065 -5.42 20.57 -148.28
CA ALA E 3065 -5.02 21.77 -149.01
C ALA E 3065 -6.19 22.50 -149.64
N GLU E 3066 -7.05 21.84 -150.43
CA GLU E 3066 -8.08 22.65 -151.09
C GLU E 3066 -9.13 23.07 -150.09
N ASP E 3067 -9.36 22.30 -149.03
CA ASP E 3067 -10.29 22.75 -148.00
C ASP E 3067 -9.80 24.06 -147.39
N LEU E 3068 -8.51 24.13 -147.07
CA LEU E 3068 -7.97 25.34 -146.48
C LEU E 3068 -7.98 26.50 -147.48
N GLU E 3069 -7.71 26.22 -148.75
CA GLU E 3069 -7.78 27.25 -149.78
C GLU E 3069 -9.20 27.80 -149.92
N LYS E 3070 -10.20 26.91 -149.89
CA LYS E 3070 -11.59 27.33 -149.95
C LYS E 3070 -11.94 28.21 -148.75
N THR E 3071 -11.44 27.84 -147.58
CA THR E 3071 -11.69 28.66 -146.40
C THR E 3071 -11.14 30.07 -146.60
N MET E 3072 -9.91 30.16 -147.13
CA MET E 3072 -9.38 31.48 -147.46
C MET E 3072 -10.29 32.23 -148.41
N GLU E 3073 -10.66 31.60 -149.53
CA GLU E 3073 -11.32 32.34 -150.59
C GLU E 3073 -12.66 32.86 -150.10
N ASN E 3074 -13.40 32.04 -149.35
CA ASN E 3074 -14.69 32.49 -148.84
C ASN E 3074 -14.52 33.55 -147.76
N LEU E 3075 -13.56 33.35 -146.84
CA LEU E 3075 -13.35 34.33 -145.78
C LEU E 3075 -12.92 35.68 -146.33
N LYS E 3076 -12.19 35.69 -147.44
CA LYS E 3076 -11.76 36.95 -148.03
C LYS E 3076 -12.86 37.58 -148.87
N GLN E 3077 -13.55 36.80 -149.71
CA GLN E 3077 -14.56 37.40 -150.59
C GLN E 3077 -15.75 37.90 -149.79
N GLY E 3078 -16.14 37.17 -148.75
CA GLY E 3078 -17.33 37.56 -148.02
C GLY E 3078 -17.27 37.29 -146.53
N GLN E 3079 -17.51 38.33 -145.73
CA GLN E 3079 -17.67 38.14 -144.29
C GLN E 3079 -19.09 37.70 -143.95
N PHE E 3080 -20.01 37.84 -144.91
CA PHE E 3080 -21.40 37.48 -144.67
C PHE E 3080 -21.54 35.98 -144.41
N THR E 3081 -22.34 35.64 -143.40
CA THR E 3081 -22.56 34.25 -143.04
C THR E 3081 -23.38 33.52 -144.10
N LYS E 3088 -25.45 26.69 -143.33
CA LYS E 3088 -24.78 27.21 -144.52
C LYS E 3088 -23.51 26.40 -144.81
N GLY E 3089 -23.27 26.16 -146.10
CA GLY E 3089 -22.14 25.31 -146.47
C GLY E 3089 -20.79 25.94 -146.12
N VAL E 3090 -20.64 27.24 -146.39
CA VAL E 3090 -19.38 27.89 -146.09
C VAL E 3090 -19.14 27.98 -144.58
N THR E 3091 -20.18 28.27 -143.79
CA THR E 3091 -20.03 28.25 -142.35
C THR E 3091 -19.68 26.85 -141.86
N GLN E 3092 -20.30 25.83 -142.44
CA GLN E 3092 -20.01 24.46 -142.05
C GLN E 3092 -18.56 24.10 -142.34
N ILE E 3093 -18.05 24.46 -143.52
CA ILE E 3093 -16.67 24.10 -143.85
C ILE E 3093 -15.69 24.92 -143.01
N ILE E 3094 -16.02 26.18 -142.70
CA ILE E 3094 -15.16 26.97 -141.83
C ILE E 3094 -15.09 26.34 -140.45
N ASN E 3095 -16.23 25.94 -139.89
CA ASN E 3095 -16.23 25.29 -138.60
C ASN E 3095 -15.48 23.97 -138.64
N TYR E 3096 -15.67 23.19 -139.69
CA TYR E 3096 -14.93 21.94 -139.87
C TYR E 3096 -13.43 22.20 -139.82
N THR E 3097 -12.97 23.18 -140.61
CA THR E 3097 -11.56 23.53 -140.60
C THR E 3097 -11.10 23.86 -139.19
N THR E 3098 -11.68 24.90 -138.59
CA THR E 3098 -11.21 25.39 -137.30
C THR E 3098 -11.25 24.31 -136.23
N VAL E 3099 -12.25 23.44 -136.27
CA VAL E 3099 -12.42 22.46 -135.21
C VAL E 3099 -11.46 21.29 -135.39
N ALA E 3100 -11.46 20.68 -136.57
CA ALA E 3100 -10.72 19.45 -136.78
C ALA E 3100 -9.48 19.62 -137.64
N LEU E 3101 -9.60 20.32 -138.77
CA LEU E 3101 -8.57 20.23 -139.79
C LEU E 3101 -7.28 20.91 -139.33
N LEU E 3102 -7.40 22.11 -138.76
CA LEU E 3102 -6.21 22.79 -138.26
C LEU E 3102 -5.52 22.02 -137.15
N PRO E 3103 -6.20 21.55 -136.10
CA PRO E 3103 -5.49 20.77 -135.07
C PRO E 3103 -4.84 19.51 -135.59
N MET E 3104 -5.51 18.79 -136.50
CA MET E 3104 -4.96 17.52 -136.96
C MET E 3104 -3.76 17.75 -137.87
N LEU E 3105 -3.83 18.77 -138.73
CA LEU E 3105 -2.66 19.12 -139.52
C LEU E 3105 -1.51 19.57 -138.63
N SER E 3106 -1.80 20.34 -137.58
CA SER E 3106 -0.77 20.75 -136.65
C SER E 3106 -0.10 19.55 -136.00
N SER E 3107 -0.90 18.60 -135.52
CA SER E 3107 -0.35 17.42 -134.86
C SER E 3107 0.50 16.59 -135.84
N LEU E 3108 -0.02 16.37 -137.04
CA LEU E 3108 0.71 15.58 -138.03
C LEU E 3108 2.03 16.26 -138.40
N PHE E 3109 2.00 17.57 -138.61
CA PHE E 3109 3.19 18.29 -138.99
C PHE E 3109 4.22 18.27 -137.86
N GLU E 3110 3.78 18.47 -136.62
CA GLU E 3110 4.72 18.40 -135.50
C GLU E 3110 5.34 17.03 -135.39
N HIS E 3111 4.52 15.98 -135.53
CA HIS E 3111 5.04 14.61 -135.50
C HIS E 3111 6.10 14.39 -136.57
N ILE E 3112 5.78 14.75 -137.81
CA ILE E 3112 6.70 14.54 -138.92
C ILE E 3112 7.99 15.32 -138.72
N GLY E 3113 7.88 16.56 -138.25
CA GLY E 3113 9.06 17.37 -138.01
C GLY E 3113 9.94 16.84 -136.92
N GLN E 3114 9.36 16.43 -135.79
CA GLN E 3114 10.19 16.01 -134.67
C GLN E 3114 10.71 14.59 -134.86
N HIS E 3115 10.12 13.81 -135.76
CA HIS E 3115 10.75 12.58 -136.19
C HIS E 3115 11.59 12.73 -137.45
N GLN E 3116 11.61 13.92 -138.05
CA GLN E 3116 12.35 14.18 -139.28
C GLN E 3116 11.91 13.29 -140.43
N PHE E 3117 10.60 13.12 -140.60
CA PHE E 3117 10.09 12.33 -141.71
C PHE E 3117 9.68 13.17 -142.90
N GLY E 3118 9.88 14.48 -142.85
CA GLY E 3118 9.47 15.33 -143.96
C GLY E 3118 10.28 15.07 -145.22
N GLU E 3119 11.61 15.04 -145.08
CA GLU E 3119 12.48 15.01 -146.25
C GLU E 3119 12.30 13.77 -147.10
N ASP E 3120 11.65 12.74 -146.60
CA ASP E 3120 11.33 11.56 -147.40
C ASP E 3120 9.83 11.36 -147.57
N LEU E 3121 9.00 11.97 -146.72
CA LEU E 3121 7.56 11.85 -146.91
C LEU E 3121 7.07 12.77 -148.02
N ILE E 3122 7.57 14.00 -148.05
CA ILE E 3122 7.01 15.04 -148.91
C ILE E 3122 8.02 15.39 -150.01
N LEU E 3123 7.88 14.73 -151.17
CA LEU E 3123 8.76 15.05 -152.29
C LEU E 3123 8.01 15.54 -153.53
N GLU E 3124 7.04 14.78 -154.03
CA GLU E 3124 6.45 15.07 -155.33
C GLU E 3124 4.96 15.38 -155.20
N ASP E 3125 4.61 16.62 -155.55
CA ASP E 3125 3.25 17.13 -155.67
C ASP E 3125 2.59 17.27 -154.31
N VAL E 3126 3.13 16.57 -153.31
CA VAL E 3126 2.74 16.82 -151.94
C VAL E 3126 3.47 18.05 -151.43
N GLN E 3127 4.69 18.28 -151.93
CA GLN E 3127 5.32 19.56 -151.70
C GLN E 3127 4.50 20.69 -152.29
N VAL E 3128 3.96 20.51 -153.49
CA VAL E 3128 3.15 21.55 -154.11
C VAL E 3128 1.90 21.82 -153.29
N SER E 3129 1.21 20.75 -152.88
CA SER E 3129 0.07 20.92 -151.99
C SER E 3129 0.44 21.68 -150.73
N CYS E 3130 1.60 21.40 -150.15
CA CYS E 3130 1.95 22.07 -148.90
C CYS E 3130 2.46 23.49 -149.14
N TYR E 3131 2.94 23.80 -150.35
CA TYR E 3131 3.14 25.21 -150.69
C TYR E 3131 1.82 25.95 -150.70
N ARG E 3132 0.79 25.33 -151.29
CA ARG E 3132 -0.54 25.90 -151.19
C ARG E 3132 -0.94 26.10 -149.73
N ILE E 3133 -0.65 25.10 -148.89
CA ILE E 3133 -1.00 25.18 -147.47
C ILE E 3133 -0.26 26.33 -146.78
N LEU E 3134 1.04 26.49 -147.06
CA LEU E 3134 1.78 27.54 -146.40
C LEU E 3134 1.28 28.91 -146.81
N THR E 3135 1.04 29.12 -148.10
CA THR E 3135 0.43 30.37 -148.53
C THR E 3135 -0.91 30.59 -147.85
N SER E 3136 -1.72 29.54 -147.75
CA SER E 3136 -3.02 29.63 -147.12
C SER E 3136 -2.92 30.08 -145.67
N LEU E 3137 -2.12 29.36 -144.88
CA LEU E 3137 -1.99 29.67 -143.47
C LEU E 3137 -1.40 31.06 -143.25
N TYR E 3138 -0.40 31.42 -144.05
CA TYR E 3138 0.21 32.73 -143.86
C TYR E 3138 -0.78 33.85 -144.17
N ALA E 3139 -1.53 33.72 -145.26
CA ALA E 3139 -2.50 34.75 -145.62
C ALA E 3139 -3.60 34.82 -144.57
N LEU E 3140 -4.05 33.68 -144.06
CA LEU E 3140 -5.06 33.69 -143.01
C LEU E 3140 -4.52 34.34 -141.75
N GLY E 3141 -3.27 34.07 -141.40
CA GLY E 3141 -2.70 34.66 -140.21
C GLY E 3141 -2.56 36.17 -140.31
N THR E 3142 -2.12 36.64 -141.47
CA THR E 3142 -1.97 38.08 -141.68
C THR E 3142 -3.28 38.77 -142.04
N SER E 3143 -4.36 38.01 -142.22
CA SER E 3143 -5.67 38.60 -142.45
C SER E 3143 -6.13 39.35 -141.20
N LYS E 3144 -6.83 40.47 -141.41
CA LYS E 3144 -7.34 41.29 -140.34
C LYS E 3144 -8.81 41.02 -140.05
N SER E 3145 -9.30 39.83 -140.41
CA SER E 3145 -10.71 39.51 -140.22
C SER E 3145 -11.01 39.30 -138.74
N ILE E 3146 -12.05 39.98 -138.26
CA ILE E 3146 -12.48 39.80 -136.87
C ILE E 3146 -12.89 38.35 -136.63
N TYR E 3147 -13.33 37.68 -137.69
CA TYR E 3147 -13.69 36.27 -137.57
C TYR E 3147 -12.47 35.41 -137.29
N VAL E 3148 -11.38 35.64 -138.01
CA VAL E 3148 -10.18 34.82 -137.81
C VAL E 3148 -9.44 35.25 -136.56
N GLU E 3149 -9.71 36.45 -136.05
CA GLU E 3149 -9.10 36.86 -134.78
C GLU E 3149 -9.46 35.90 -133.65
N ARG E 3150 -10.66 35.31 -133.71
CA ARG E 3150 -11.09 34.42 -132.65
C ARG E 3150 -10.27 33.13 -132.63
N GLN E 3151 -10.06 32.51 -133.80
CA GLN E 3151 -9.31 31.27 -133.91
C GLN E 3151 -7.85 31.53 -134.25
N ARG E 3152 -7.37 32.76 -134.05
CA ARG E 3152 -6.04 33.14 -134.52
C ARG E 3152 -4.94 32.22 -134.02
N SER E 3153 -4.93 31.91 -132.72
CA SER E 3153 -3.80 31.20 -132.14
C SER E 3153 -3.61 29.83 -132.78
N ALA E 3154 -4.71 29.08 -132.94
CA ALA E 3154 -4.62 27.74 -133.51
C ALA E 3154 -3.90 27.75 -134.85
N LEU E 3155 -4.19 28.76 -135.67
CA LEU E 3155 -3.39 28.97 -136.87
C LEU E 3155 -1.92 29.13 -136.53
N GLY E 3156 -1.64 29.81 -135.41
CA GLY E 3156 -0.26 29.98 -134.99
C GLY E 3156 0.44 28.66 -134.76
N GLU E 3157 -0.15 27.79 -133.92
CA GLU E 3157 0.48 26.50 -133.70
C GLU E 3157 0.54 25.67 -134.97
N CYS E 3158 -0.51 25.66 -135.79
CA CYS E 3158 -0.51 24.83 -136.98
C CYS E 3158 0.57 25.25 -137.96
N LEU E 3159 0.68 26.54 -138.24
CA LEU E 3159 1.68 26.99 -139.19
C LEU E 3159 3.08 26.91 -138.61
N ALA E 3160 3.20 27.02 -137.28
CA ALA E 3160 4.52 26.82 -136.67
C ALA E 3160 4.98 25.37 -136.82
N ALA E 3161 4.07 24.42 -136.60
CA ALA E 3161 4.40 23.02 -136.83
C ALA E 3161 4.73 22.77 -138.28
N PHE E 3162 3.98 23.41 -139.19
CA PHE E 3162 4.29 23.27 -140.61
C PHE E 3162 5.67 23.81 -140.96
N ALA E 3163 6.03 24.95 -140.37
CA ALA E 3163 7.37 25.49 -140.59
C ALA E 3163 8.44 24.54 -140.08
N GLY E 3164 8.22 23.94 -138.90
CA GLY E 3164 9.14 22.96 -138.39
C GLY E 3164 9.22 21.69 -139.20
N ALA E 3165 8.14 21.35 -139.93
CA ALA E 3165 8.09 20.11 -140.67
C ALA E 3165 8.60 20.25 -142.10
N PHE E 3166 8.46 21.42 -142.69
CA PHE E 3166 8.71 21.57 -144.12
C PHE E 3166 10.21 21.48 -144.41
N PRO E 3167 10.62 20.62 -145.35
CA PRO E 3167 12.06 20.33 -145.50
C PRO E 3167 12.79 21.18 -146.51
N VAL E 3168 12.17 22.25 -147.01
CA VAL E 3168 12.81 23.13 -147.99
C VAL E 3168 12.79 24.55 -147.46
N ALA E 3169 13.92 25.24 -147.59
CA ALA E 3169 14.11 26.58 -147.04
C ALA E 3169 13.25 27.55 -147.84
N PHE E 3170 12.05 27.82 -147.33
CA PHE E 3170 11.10 28.65 -148.06
C PHE E 3170 11.33 30.13 -147.81
N LEU E 3171 11.85 30.49 -146.64
CA LEU E 3171 12.12 31.90 -146.36
C LEU E 3171 13.26 32.43 -147.22
N GLU E 3172 14.34 31.68 -147.34
CA GLU E 3172 15.48 32.07 -148.16
C GLU E 3172 15.43 31.29 -149.47
N THR E 3173 15.10 31.98 -150.55
CA THR E 3173 15.03 31.38 -151.87
C THR E 3173 16.23 31.74 -152.74
N HIS E 3174 17.12 32.59 -152.24
CA HIS E 3174 18.28 33.02 -153.00
C HIS E 3174 19.20 31.85 -153.34
N LEU E 3175 19.47 30.97 -152.38
CA LEU E 3175 20.26 29.77 -152.63
C LEU E 3175 19.50 28.48 -152.30
N ASP E 3176 18.23 28.38 -152.69
CA ASP E 3176 17.57 27.08 -152.68
C ASP E 3176 18.12 26.14 -153.75
N LYS E 3177 18.91 26.66 -154.68
CA LYS E 3177 19.58 25.80 -155.67
C LYS E 3177 20.47 24.77 -155.00
N HIS E 3178 20.97 25.07 -153.80
CA HIS E 3178 21.79 24.10 -153.09
C HIS E 3178 20.96 22.96 -152.50
N ASN E 3179 19.65 23.18 -152.33
CA ASN E 3179 18.80 22.14 -151.79
C ASN E 3179 18.66 21.00 -152.79
N ILE E 3180 18.91 19.78 -152.34
CA ILE E 3180 18.82 18.62 -153.22
C ILE E 3180 17.41 18.06 -153.24
N TYR E 3181 16.68 18.20 -152.13
CA TYR E 3181 15.29 17.77 -152.11
C TYR E 3181 14.36 18.82 -152.68
N SER E 3182 14.89 19.90 -153.23
CA SER E 3182 14.06 20.98 -153.76
C SER E 3182 13.16 20.47 -154.88
N ILE E 3183 11.92 20.95 -154.90
CA ILE E 3183 10.98 20.56 -155.93
C ILE E 3183 11.47 21.02 -157.30
N TYR E 3184 12.14 22.17 -157.34
CA TYR E 3184 12.65 22.65 -158.62
C TYR E 3184 13.75 21.76 -159.15
N ASN E 3185 14.64 21.31 -158.28
CA ASN E 3185 15.73 20.44 -158.73
C ASN E 3185 15.20 19.06 -159.12
N THR E 3186 14.33 18.48 -158.29
CA THR E 3186 13.88 17.12 -158.54
C THR E 3186 12.91 17.06 -159.72
N LYS E 3187 11.96 17.99 -159.78
CA LYS E 3187 10.89 17.91 -160.76
C LYS E 3187 11.38 18.27 -162.16
N SER E 3188 12.35 19.19 -162.24
CA SER E 3188 13.00 19.63 -163.48
C SER E 3188 12.08 20.53 -164.30
N SER E 3189 12.62 21.14 -165.36
CA SER E 3189 11.92 22.17 -166.12
C SER E 3189 10.73 21.65 -166.93
N ARG E 3190 10.91 20.51 -167.61
CA ARG E 3190 9.82 19.91 -168.38
C ARG E 3190 8.59 19.68 -167.51
N GLU E 3191 8.77 18.98 -166.41
CA GLU E 3191 7.65 18.64 -165.55
C GLU E 3191 7.17 19.85 -164.76
N ARG E 3192 8.09 20.77 -164.45
CA ARG E 3192 7.70 22.00 -163.76
C ARG E 3192 6.75 22.82 -164.62
N ALA E 3193 7.08 22.97 -165.91
CA ALA E 3193 6.17 23.65 -166.82
C ALA E 3193 4.88 22.87 -167.02
N ALA E 3194 4.99 21.53 -167.03
CA ALA E 3194 3.78 20.70 -167.16
C ALA E 3194 2.81 20.95 -166.00
N LEU E 3195 3.33 21.04 -164.78
CA LEU E 3195 2.50 21.30 -163.63
C LEU E 3195 2.20 22.79 -163.52
N SER E 3196 1.04 23.09 -162.93
CA SER E 3196 0.61 24.49 -162.72
C SER E 3196 1.45 25.10 -161.60
N LEU E 3197 2.66 25.49 -161.96
CA LEU E 3197 3.61 26.03 -160.99
C LEU E 3197 4.30 27.26 -161.57
N PRO E 3198 4.60 28.26 -160.75
CA PRO E 3198 5.09 29.54 -161.29
C PRO E 3198 6.48 29.50 -161.90
N THR E 3199 7.19 28.37 -161.81
CA THR E 3199 8.52 28.15 -162.38
C THR E 3199 9.59 29.06 -161.79
N ASN E 3200 9.26 29.88 -160.80
CA ASN E 3200 10.24 30.73 -160.12
C ASN E 3200 10.14 30.47 -158.63
N VAL E 3201 11.27 30.20 -158.00
CA VAL E 3201 11.32 29.85 -156.59
C VAL E 3201 10.85 31.05 -155.79
N GLU E 3202 11.16 32.25 -156.28
CA GLU E 3202 10.69 33.47 -155.63
C GLU E 3202 9.19 33.67 -155.85
N ASP E 3203 8.68 33.22 -156.99
CA ASP E 3203 7.28 33.46 -157.31
C ASP E 3203 6.34 32.39 -156.73
N VAL E 3204 6.89 31.26 -156.27
CA VAL E 3204 6.03 30.18 -155.80
C VAL E 3204 5.27 30.60 -154.56
N CYS E 3205 5.80 31.56 -153.82
CA CYS E 3205 5.20 32.05 -152.57
C CYS E 3205 5.42 33.55 -152.48
N PRO E 3206 4.61 34.34 -153.20
CA PRO E 3206 4.90 35.78 -153.29
C PRO E 3206 4.67 36.52 -151.98
N ASN E 3207 3.53 36.27 -151.32
CA ASN E 3207 3.12 37.11 -150.19
C ASN E 3207 4.10 36.98 -149.03
N ILE E 3208 4.64 35.79 -148.80
CA ILE E 3208 5.56 35.58 -147.67
C ILE E 3208 6.86 36.32 -147.93
N PRO E 3209 7.30 37.15 -146.99
CA PRO E 3209 8.58 37.85 -147.15
C PRO E 3209 9.75 36.92 -146.87
N SER E 3210 10.94 37.40 -147.23
CA SER E 3210 12.17 36.65 -147.00
C SER E 3210 12.55 36.70 -145.52
N LEU E 3211 13.47 35.82 -145.14
CA LEU E 3211 13.96 35.79 -143.77
C LEU E 3211 14.64 37.09 -143.38
N GLU E 3212 15.51 37.62 -144.25
CA GLU E 3212 16.18 38.88 -143.95
C GLU E 3212 15.16 40.01 -143.77
N LYS E 3213 14.25 40.15 -144.73
CA LYS E 3213 13.20 41.14 -144.60
C LYS E 3213 12.49 41.00 -143.26
N LEU E 3214 11.91 39.82 -142.99
CA LEU E 3214 11.21 39.64 -141.73
C LEU E 3214 12.10 39.94 -140.54
N MET E 3215 13.42 39.83 -140.68
CA MET E 3215 14.28 40.30 -139.61
C MET E 3215 14.22 41.81 -139.45
N GLU E 3216 14.24 42.58 -140.54
CA GLU E 3216 14.12 44.04 -140.35
C GLU E 3216 12.74 44.43 -139.82
N GLU E 3217 11.66 43.80 -140.30
CA GLU E 3217 10.38 44.10 -139.65
C GLU E 3217 10.37 43.67 -138.20
N ILE E 3218 11.00 42.54 -137.87
CA ILE E 3218 11.00 42.12 -136.48
C ILE E 3218 11.73 43.14 -135.61
N VAL E 3219 12.90 43.58 -136.04
CA VAL E 3219 13.64 44.54 -135.22
C VAL E 3219 12.93 45.88 -135.14
N GLU E 3220 12.31 46.36 -136.24
CA GLU E 3220 11.64 47.64 -136.15
C GLU E 3220 10.41 47.55 -135.25
N LEU E 3221 9.69 46.42 -135.30
CA LEU E 3221 8.65 46.20 -134.31
C LEU E 3221 9.22 46.20 -132.90
N ALA E 3222 10.45 45.71 -132.76
CA ALA E 3222 11.08 45.69 -131.44
C ALA E 3222 11.33 47.11 -130.93
N GLU E 3223 11.86 48.00 -131.77
CA GLU E 3223 12.04 49.36 -131.27
C GLU E 3223 10.71 50.07 -131.11
N SER E 3224 9.71 49.70 -131.92
CA SER E 3224 8.39 50.30 -131.79
C SER E 3224 7.76 49.97 -130.43
N GLY E 3225 7.77 48.70 -130.06
CA GLY E 3225 7.24 48.26 -128.78
C GLY E 3225 5.78 48.61 -128.56
N ILE E 3226 4.96 48.41 -129.58
CA ILE E 3226 3.55 48.81 -129.53
C ILE E 3226 2.75 47.82 -128.70
N ARG E 3227 1.54 48.24 -128.29
CA ARG E 3227 0.64 47.39 -127.54
C ARG E 3227 0.14 46.26 -128.44
N TYR E 3228 -0.36 45.19 -127.83
CA TYR E 3228 -0.63 43.97 -128.58
C TYR E 3228 -1.68 44.17 -129.67
N THR E 3229 -2.70 44.99 -129.41
CA THR E 3229 -3.77 45.14 -130.38
C THR E 3229 -3.35 45.92 -131.62
N GLN E 3230 -2.18 46.57 -131.60
CA GLN E 3230 -1.75 47.35 -132.74
C GLN E 3230 -1.32 46.50 -133.92
N MET E 3231 -0.66 45.37 -133.67
CA MET E 3231 -0.21 44.48 -134.75
C MET E 3231 -0.01 43.09 -134.16
N PRO E 3232 -1.10 42.42 -133.77
CA PRO E 3232 -0.98 41.09 -133.17
C PRO E 3232 -0.46 40.05 -134.14
N HIS E 3233 -0.68 40.30 -135.44
CA HIS E 3233 -0.37 39.30 -136.45
C HIS E 3233 1.07 38.84 -136.35
N VAL E 3234 2.01 39.78 -136.44
CA VAL E 3234 3.41 39.42 -136.42
C VAL E 3234 3.77 38.70 -135.14
N MET E 3235 3.57 39.34 -133.99
CA MET E 3235 4.17 38.83 -132.77
C MET E 3235 3.38 37.69 -132.16
N GLU E 3236 2.28 37.29 -132.78
CA GLU E 3236 1.65 36.04 -132.35
C GLU E 3236 1.85 34.90 -133.33
N VAL E 3237 2.07 35.17 -134.63
CA VAL E 3237 2.26 34.08 -135.58
C VAL E 3237 3.69 34.05 -136.13
N ILE E 3238 4.14 35.19 -136.65
CA ILE E 3238 5.42 35.25 -137.35
C ILE E 3238 6.59 35.03 -136.40
N LEU E 3239 6.50 35.52 -135.17
CA LEU E 3239 7.57 35.24 -134.21
C LEU E 3239 7.70 33.75 -133.91
N PRO E 3240 6.64 33.03 -133.55
CA PRO E 3240 6.77 31.57 -133.52
C PRO E 3240 7.20 31.02 -134.86
N MET E 3241 6.82 31.68 -135.95
CA MET E 3241 7.17 31.19 -137.27
C MET E 3241 8.69 31.16 -137.42
N LEU E 3242 9.32 32.30 -137.12
CA LEU E 3242 10.76 32.42 -137.26
C LEU E 3242 11.49 31.57 -136.23
N CYS E 3243 10.95 31.49 -135.01
CA CYS E 3243 11.55 30.63 -134.00
C CYS E 3243 11.60 29.18 -134.49
N SER E 3244 10.48 28.68 -134.99
CA SER E 3244 10.42 27.31 -135.49
C SER E 3244 11.35 27.14 -136.69
N TYR E 3245 11.36 28.11 -137.61
CA TYR E 3245 12.18 27.97 -138.80
C TYR E 3245 13.67 27.92 -138.46
N MET E 3246 14.13 28.81 -137.57
CA MET E 3246 15.54 28.78 -137.22
C MET E 3246 15.88 27.54 -136.41
N SER E 3247 14.97 27.12 -135.53
CA SER E 3247 15.20 25.87 -134.82
C SER E 3247 15.29 24.69 -135.76
N ARG E 3248 14.60 24.75 -136.90
CA ARG E 3248 14.62 23.65 -137.86
C ARG E 3248 15.85 23.68 -138.74
N TRP E 3249 16.28 24.87 -139.14
CA TRP E 3249 17.38 24.99 -140.08
C TRP E 3249 18.73 25.31 -139.43
N TRP E 3250 18.79 25.36 -138.10
CA TRP E 3250 20.08 25.60 -137.46
C TRP E 3250 21.11 24.53 -137.80
N GLU E 3251 20.74 23.26 -137.63
CA GLU E 3251 21.69 22.19 -137.89
C GLU E 3251 22.07 22.13 -139.36
N HIS E 3252 21.20 22.62 -140.25
CA HIS E 3252 21.57 22.73 -141.66
C HIS E 3252 22.37 23.99 -141.94
N GLY E 3253 22.43 24.93 -141.00
CA GLY E 3253 23.26 26.10 -141.17
C GLY E 3253 24.73 25.75 -141.31
N PRO E 3254 25.46 26.54 -142.11
CA PRO E 3254 26.87 26.23 -142.36
C PRO E 3254 27.71 26.21 -141.09
N GLU E 3255 27.37 27.02 -140.10
CA GLU E 3255 28.14 27.05 -138.87
C GLU E 3255 28.00 25.75 -138.10
N ASN E 3256 26.89 25.03 -138.30
CA ASN E 3256 26.72 23.74 -137.66
C ASN E 3256 27.59 22.66 -138.30
N ASN E 3257 27.81 22.75 -139.61
CA ASN E 3257 28.66 21.83 -140.36
C ASN E 3257 29.73 22.64 -141.07
N PRO E 3258 30.80 23.03 -140.37
CA PRO E 3258 31.82 23.88 -141.00
C PRO E 3258 32.46 23.26 -142.23
N GLU E 3259 32.65 21.94 -142.24
CA GLU E 3259 33.10 21.28 -143.45
C GLU E 3259 31.91 21.12 -144.38
N ARG E 3260 32.14 21.39 -145.67
CA ARG E 3260 31.13 21.54 -146.71
C ARG E 3260 30.34 22.83 -146.52
N ALA E 3261 30.95 23.84 -145.92
CA ALA E 3261 30.26 25.10 -145.69
C ALA E 3261 30.01 25.83 -147.01
N GLU E 3262 29.00 26.70 -147.00
CA GLU E 3262 28.62 27.59 -148.10
C GLU E 3262 27.96 26.78 -149.21
N MET E 3263 27.99 25.45 -149.11
CA MET E 3263 27.14 24.61 -149.95
C MET E 3263 25.82 24.26 -149.27
N CYS E 3264 25.58 24.77 -148.07
CA CYS E 3264 24.36 24.46 -147.35
C CYS E 3264 23.17 25.17 -147.99
N CYS E 3265 21.96 24.67 -147.67
CA CYS E 3265 20.75 25.24 -148.25
C CYS E 3265 20.56 26.69 -147.83
N THR E 3266 20.79 26.99 -146.56
CA THR E 3266 20.51 28.31 -146.00
C THR E 3266 21.48 28.61 -144.87
N ALA E 3267 21.77 29.90 -144.70
CA ALA E 3267 22.78 30.34 -143.75
C ALA E 3267 22.14 30.70 -142.41
N LEU E 3268 22.54 29.98 -141.37
CA LEU E 3268 22.08 30.23 -140.00
C LEU E 3268 23.26 30.66 -139.15
N ASN E 3269 23.10 31.77 -138.43
CA ASN E 3269 24.16 32.33 -137.63
C ASN E 3269 23.72 32.52 -136.19
N SER E 3270 24.64 32.22 -135.27
CA SER E 3270 24.39 32.45 -133.86
C SER E 3270 24.01 33.89 -133.60
N GLU E 3271 24.60 34.81 -134.36
CA GLU E 3271 24.25 36.21 -134.24
C GLU E 3271 22.77 36.42 -134.55
N HIS E 3272 22.27 35.74 -135.58
CA HIS E 3272 20.86 35.84 -135.91
C HIS E 3272 19.98 35.28 -134.80
N MET E 3273 20.35 34.14 -134.19
CA MET E 3273 19.47 33.67 -133.12
C MET E 3273 19.50 34.62 -131.93
N ASN E 3274 20.67 35.16 -131.60
CA ASN E 3274 20.74 36.10 -130.48
C ASN E 3274 19.93 37.36 -130.78
N THR E 3275 20.01 37.86 -132.01
CA THR E 3275 19.20 39.01 -132.38
C THR E 3275 17.72 38.70 -132.23
N LEU E 3276 17.30 37.53 -132.69
CA LEU E 3276 15.88 37.19 -132.61
C LEU E 3276 15.43 37.11 -131.17
N LEU E 3277 16.17 36.36 -130.34
CA LEU E 3277 15.77 36.19 -128.95
C LEU E 3277 15.82 37.52 -128.21
N GLY E 3278 16.73 38.41 -128.61
CA GLY E 3278 16.75 39.74 -128.05
C GLY E 3278 15.46 40.47 -128.39
N ASN E 3279 15.00 40.30 -129.63
CA ASN E 3279 13.72 40.89 -130.01
C ASN E 3279 12.60 40.37 -129.14
N ILE E 3280 12.50 39.04 -128.98
CA ILE E 3280 11.48 38.52 -128.07
C ILE E 3280 11.59 39.15 -126.70
N LEU E 3281 12.71 38.92 -126.02
CA LEU E 3281 12.84 39.37 -124.64
C LEU E 3281 12.53 40.86 -124.49
N LYS E 3282 12.94 41.70 -125.44
CA LYS E 3282 12.78 43.13 -125.20
C LYS E 3282 11.38 43.60 -125.57
N ILE E 3283 10.72 42.97 -126.54
CA ILE E 3283 9.31 43.30 -126.76
C ILE E 3283 8.47 42.78 -125.61
N ILE E 3284 8.87 41.65 -125.03
CA ILE E 3284 8.22 41.19 -123.81
C ILE E 3284 8.40 42.19 -122.69
N TYR E 3285 9.58 42.79 -122.56
CA TYR E 3285 9.75 43.83 -121.55
C TYR E 3285 8.85 45.03 -121.83
N ASN E 3286 8.74 45.44 -123.09
CA ASN E 3286 7.89 46.58 -123.42
C ASN E 3286 6.43 46.30 -123.10
N ASN E 3287 5.94 45.10 -123.45
CA ASN E 3287 4.52 44.83 -123.34
C ASN E 3287 4.11 44.19 -122.01
N LEU E 3288 5.06 43.81 -121.15
CA LEU E 3288 4.69 43.13 -119.92
C LEU E 3288 3.90 44.06 -118.99
N GLY E 3289 4.28 45.33 -118.91
CA GLY E 3289 3.56 46.25 -118.06
C GLY E 3289 2.17 46.53 -118.59
N ILE E 3290 1.98 46.34 -119.89
CA ILE E 3290 0.71 46.63 -120.53
C ILE E 3290 -0.18 45.40 -120.48
N ASP E 3291 -0.86 45.22 -119.34
CA ASP E 3291 -2.01 44.34 -119.11
C ASP E 3291 -1.70 42.85 -119.29
N GLU E 3292 -0.47 42.53 -119.73
CA GLU E 3292 -0.04 41.14 -119.89
C GLU E 3292 -1.01 40.33 -120.76
N GLY E 3293 -0.86 39.01 -120.75
CA GLY E 3293 -1.81 38.14 -121.40
C GLY E 3293 -1.20 36.78 -121.72
N ALA E 3294 -2.04 35.90 -122.27
CA ALA E 3294 -1.66 34.51 -122.44
C ALA E 3294 -0.77 34.29 -123.66
N TRP E 3295 -0.72 35.25 -124.59
CA TRP E 3295 0.08 35.00 -125.78
C TRP E 3295 1.53 34.82 -125.41
N MET E 3296 1.97 35.45 -124.32
CA MET E 3296 3.35 35.30 -123.88
C MET E 3296 3.59 33.96 -123.18
N LYS E 3297 2.59 33.43 -122.48
CA LYS E 3297 2.64 32.03 -122.10
C LYS E 3297 2.83 31.12 -123.30
N ARG E 3298 2.14 31.40 -124.40
CA ARG E 3298 2.40 30.60 -125.59
C ARG E 3298 3.81 30.83 -126.12
N LEU E 3299 4.20 32.10 -126.27
CA LEU E 3299 5.47 32.43 -126.89
C LEU E 3299 6.64 31.86 -126.09
N ALA E 3300 6.49 31.70 -124.78
CA ALA E 3300 7.55 31.10 -123.99
C ALA E 3300 7.81 29.67 -124.42
N VAL E 3301 6.75 28.89 -124.64
CA VAL E 3301 6.99 27.50 -125.01
C VAL E 3301 7.33 27.38 -126.49
N PHE E 3302 6.91 28.33 -127.33
CA PHE E 3302 7.42 28.32 -128.70
C PHE E 3302 8.92 28.66 -128.74
N SER E 3303 9.37 29.56 -127.88
CA SER E 3303 10.75 30.00 -127.87
C SER E 3303 11.64 29.18 -126.95
N GLN E 3304 11.09 28.18 -126.27
CA GLN E 3304 11.93 27.25 -125.52
C GLN E 3304 13.03 26.60 -126.35
N PRO E 3305 12.79 26.09 -127.56
CA PRO E 3305 13.90 25.46 -128.30
C PRO E 3305 15.08 26.38 -128.57
N ILE E 3306 14.84 27.64 -128.93
CA ILE E 3306 15.96 28.55 -129.19
C ILE E 3306 16.70 28.90 -127.92
N ILE E 3307 16.00 29.09 -126.80
CA ILE E 3307 16.67 29.33 -125.53
C ILE E 3307 17.34 28.07 -125.00
N ASN E 3308 17.07 26.91 -125.59
CA ASN E 3308 17.90 25.74 -125.34
C ASN E 3308 19.15 25.72 -126.21
N LYS E 3309 19.02 26.01 -127.51
CA LYS E 3309 20.19 25.99 -128.38
C LYS E 3309 21.17 27.10 -128.02
N VAL E 3310 20.69 28.19 -127.41
CA VAL E 3310 21.59 29.28 -127.06
C VAL E 3310 22.53 28.81 -125.95
N LYS E 3311 23.79 29.31 -126.00
CA LYS E 3311 24.92 29.00 -125.13
C LYS E 3311 24.71 29.58 -123.73
N PRO E 3312 25.33 29.00 -122.70
CA PRO E 3312 25.10 29.52 -121.34
C PRO E 3312 25.86 30.79 -121.02
N GLN E 3313 27.06 30.96 -121.58
CA GLN E 3313 27.71 32.27 -121.48
C GLN E 3313 26.85 33.34 -122.13
N LEU E 3314 26.05 32.95 -123.12
CA LEU E 3314 25.06 33.88 -123.67
C LEU E 3314 23.84 33.96 -122.76
N LEU E 3315 23.61 32.93 -121.93
CA LEU E 3315 22.51 33.00 -120.97
C LEU E 3315 22.78 34.05 -119.89
N LYS E 3316 24.00 34.12 -119.37
CA LYS E 3316 24.34 35.26 -118.53
C LYS E 3316 24.29 36.55 -119.33
N THR E 3317 23.97 37.64 -118.63
CA THR E 3317 23.83 38.99 -119.16
C THR E 3317 22.64 39.10 -120.09
N HIS E 3318 21.90 38.00 -120.28
CA HIS E 3318 20.69 38.03 -121.12
C HIS E 3318 19.45 37.60 -120.36
N PHE E 3319 19.49 36.46 -119.67
CA PHE E 3319 18.32 36.07 -118.87
C PHE E 3319 18.31 36.75 -117.51
N LEU E 3320 19.47 37.18 -117.01
CA LEU E 3320 19.48 38.02 -115.82
C LEU E 3320 18.70 39.30 -116.04
N PRO E 3321 18.85 40.01 -117.17
CA PRO E 3321 17.86 41.06 -117.49
C PRO E 3321 16.44 40.54 -117.54
N LEU E 3322 16.24 39.34 -118.09
CA LEU E 3322 14.89 38.78 -118.11
C LEU E 3322 14.40 38.52 -116.69
N MET E 3323 15.30 38.07 -115.82
CA MET E 3323 14.97 37.89 -114.41
C MET E 3323 14.53 39.20 -113.75
N GLU E 3324 15.29 40.28 -113.96
CA GLU E 3324 14.94 41.53 -113.30
C GLU E 3324 13.66 42.12 -113.88
N LYS E 3325 13.42 41.91 -115.18
CA LYS E 3325 12.18 42.38 -115.77
C LYS E 3325 11.00 41.54 -115.28
N LEU E 3326 11.27 40.30 -114.88
CA LEU E 3326 10.27 39.55 -114.14
C LEU E 3326 9.98 40.19 -112.80
N LYS E 3327 11.03 40.47 -112.03
CA LYS E 3327 10.82 40.98 -110.67
C LYS E 3327 10.37 42.43 -110.62
N LYS E 3328 10.35 43.15 -111.75
CA LYS E 3328 9.86 44.53 -111.68
C LYS E 3328 8.39 44.57 -111.27
N LYS E 3329 7.60 43.62 -111.77
CA LYS E 3329 6.20 43.53 -111.38
C LYS E 3329 6.09 42.79 -110.05
N ALA E 3330 5.35 43.37 -109.11
CA ALA E 3330 5.23 42.76 -107.78
C ALA E 3330 4.58 41.40 -107.86
N ALA E 3331 3.47 41.28 -108.58
CA ALA E 3331 2.82 39.99 -108.84
C ALA E 3331 2.70 39.82 -110.34
N THR E 3332 3.28 38.74 -110.86
CA THR E 3332 3.40 38.53 -112.30
C THR E 3332 2.65 37.25 -112.68
N VAL E 3333 1.57 37.41 -113.43
CA VAL E 3333 0.85 36.24 -113.96
C VAL E 3333 1.68 35.57 -115.05
N VAL E 3334 2.29 36.36 -115.93
CA VAL E 3334 3.03 35.82 -117.05
C VAL E 3334 4.49 35.60 -116.64
N SER E 3335 4.79 34.39 -116.17
CA SER E 3335 6.13 34.05 -115.72
C SER E 3335 6.99 33.69 -116.93
N GLU E 3336 7.67 34.69 -117.49
CA GLU E 3336 8.65 34.41 -118.54
C GLU E 3336 9.84 33.70 -117.94
N GLU E 3337 10.27 32.62 -118.59
CA GLU E 3337 11.39 31.85 -118.06
C GLU E 3337 12.69 32.31 -118.70
N VAL E 3599 -21.13 23.35 -100.07
CA VAL E 3599 -21.47 24.10 -98.86
C VAL E 3599 -22.92 24.54 -98.93
N VAL E 3600 -23.46 24.62 -100.15
CA VAL E 3600 -24.86 24.98 -100.33
C VAL E 3600 -25.76 23.93 -99.71
N ALA E 3601 -25.44 22.64 -99.91
CA ALA E 3601 -26.23 21.58 -99.30
C ALA E 3601 -26.16 21.64 -97.79
N CYS E 3602 -24.99 21.93 -97.23
CA CYS E 3602 -24.85 22.07 -95.79
C CYS E 3602 -25.69 23.22 -95.27
N PHE E 3603 -25.69 24.35 -95.98
CA PHE E 3603 -26.50 25.48 -95.56
C PHE E 3603 -27.99 25.19 -95.71
N ARG E 3604 -28.34 24.29 -96.63
CA ARG E 3604 -29.74 23.90 -96.83
C ARG E 3604 -30.17 22.96 -95.73
N MET E 3605 -31.12 23.40 -94.91
CA MET E 3605 -31.67 22.64 -93.78
C MET E 3605 -33.19 22.77 -93.74
N ALA E 3606 -33.80 22.44 -92.60
CA ALA E 3606 -35.24 22.54 -92.43
C ALA E 3606 -35.63 23.79 -91.66
N PRO E 3607 -35.95 24.88 -92.33
CA PRO E 3607 -36.37 26.10 -91.62
C PRO E 3607 -37.85 26.05 -91.28
N LEU E 3608 -38.30 27.08 -90.56
CA LEU E 3608 -39.70 27.17 -90.21
C LEU E 3608 -40.59 27.48 -91.41
N TYR E 3609 -40.07 28.21 -92.39
CA TYR E 3609 -40.93 28.66 -93.49
C TYR E 3609 -41.35 27.49 -94.37
N ASN E 3610 -40.57 26.40 -94.36
CA ASN E 3610 -40.97 25.24 -95.15
C ASN E 3610 -41.98 24.37 -94.41
N LEU E 3611 -42.02 24.47 -93.08
CA LEU E 3611 -42.87 23.58 -92.31
C LEU E 3611 -44.34 23.91 -92.52
N PRO E 3612 -45.22 22.92 -92.38
CA PRO E 3612 -46.66 23.20 -92.39
C PRO E 3612 -47.04 24.10 -91.23
N ARG E 3613 -48.10 24.88 -91.45
CA ARG E 3613 -48.42 25.95 -90.50
C ARG E 3613 -48.79 25.40 -89.12
N HIS E 3614 -49.52 24.28 -89.08
CA HIS E 3614 -49.98 23.76 -87.79
C HIS E 3614 -48.81 23.27 -86.94
N ARG E 3615 -47.81 22.65 -87.57
CA ARG E 3615 -46.63 22.24 -86.83
C ARG E 3615 -45.92 23.44 -86.22
N ALA E 3616 -45.76 24.50 -87.01
CA ALA E 3616 -45.12 25.71 -86.50
C ALA E 3616 -45.96 26.37 -85.42
N VAL E 3617 -47.28 26.21 -85.49
CA VAL E 3617 -48.16 26.76 -84.47
C VAL E 3617 -47.96 26.02 -83.16
N ASN E 3618 -47.84 24.70 -83.22
CA ASN E 3618 -47.56 23.94 -82.01
C ASN E 3618 -46.20 24.31 -81.43
N LEU E 3619 -45.20 24.47 -82.29
CA LEU E 3619 -43.89 24.91 -81.83
C LEU E 3619 -43.98 26.28 -81.17
N PHE E 3620 -44.76 27.18 -81.75
CA PHE E 3620 -44.93 28.51 -81.17
C PHE E 3620 -45.62 28.43 -79.82
N LEU E 3621 -46.62 27.55 -79.70
CA LEU E 3621 -47.29 27.40 -78.42
C LEU E 3621 -46.30 26.99 -77.34
N GLN E 3622 -45.49 25.97 -77.62
CA GLN E 3622 -44.52 25.53 -76.62
C GLN E 3622 -43.49 26.62 -76.32
N GLY E 3623 -42.96 27.27 -77.36
CA GLY E 3623 -41.94 28.28 -77.15
C GLY E 3623 -42.48 29.49 -76.41
N TYR E 3624 -43.66 29.97 -76.80
CA TYR E 3624 -44.31 31.05 -76.10
C TYR E 3624 -44.53 30.70 -74.63
N GLU E 3625 -45.05 29.50 -74.36
CA GLU E 3625 -45.21 29.06 -72.99
C GLU E 3625 -43.91 29.23 -72.21
N LYS E 3626 -42.86 28.52 -72.63
CA LYS E 3626 -41.62 28.50 -71.85
C LYS E 3626 -41.00 29.88 -71.74
N SER E 3627 -41.01 30.65 -72.83
CA SER E 3627 -40.26 31.90 -72.85
C SER E 3627 -41.00 33.02 -72.12
N TRP E 3628 -42.32 33.05 -72.17
CA TRP E 3628 -43.09 34.18 -71.67
C TRP E 3628 -43.89 33.81 -70.43
N ILE E 3629 -44.71 32.76 -70.50
CA ILE E 3629 -45.64 32.49 -69.40
C ILE E 3629 -44.88 32.00 -68.18
N GLU E 3630 -43.89 31.15 -68.39
CA GLU E 3630 -43.07 30.68 -67.29
C GLU E 3630 -42.28 31.82 -66.65
N THR E 3631 -41.72 32.70 -67.47
CA THR E 3631 -40.87 33.77 -66.98
C THR E 3631 -41.65 34.95 -66.41
N GLU E 3632 -42.96 35.03 -66.66
CA GLU E 3632 -43.76 36.11 -66.10
C GLU E 3632 -43.85 35.95 -64.59
N GLU E 3633 -43.58 37.05 -63.87
CA GLU E 3633 -43.54 37.02 -62.42
C GLU E 3633 -44.38 38.16 -61.85
N HIS E 3634 -45.26 37.83 -60.91
CA HIS E 3634 -46.02 38.82 -60.16
C HIS E 3634 -46.00 38.41 -58.69
N TYR E 3635 -45.84 39.40 -57.82
CA TYR E 3635 -45.66 39.16 -56.39
C TYR E 3635 -46.96 39.42 -55.67
N PHE E 3636 -47.48 38.40 -54.98
CA PHE E 3636 -48.74 38.50 -54.27
C PHE E 3636 -48.72 37.84 -52.91
N GLU E 3637 -47.62 37.19 -52.51
CA GLU E 3637 -47.64 36.35 -51.33
C GLU E 3637 -47.87 37.15 -50.07
N ASP E 3638 -47.20 38.29 -49.92
CA ASP E 3638 -47.37 39.09 -48.72
C ASP E 3638 -48.81 39.59 -48.58
N LYS E 3639 -49.38 40.10 -49.68
CA LYS E 3639 -50.74 40.57 -49.64
C LYS E 3639 -51.71 39.44 -49.33
N LEU E 3640 -51.52 38.28 -49.95
CA LEU E 3640 -52.40 37.15 -49.70
C LEU E 3640 -52.34 36.70 -48.24
N ILE E 3641 -51.14 36.62 -47.67
CA ILE E 3641 -51.01 36.19 -46.29
C ILE E 3641 -51.59 37.22 -45.34
N GLU E 3642 -51.40 38.51 -45.65
CA GLU E 3642 -52.00 39.55 -44.82
C GLU E 3642 -53.52 39.46 -44.85
N ASP E 3643 -54.10 39.21 -46.02
CA ASP E 3643 -55.55 39.03 -46.12
C ASP E 3643 -56.01 37.80 -45.35
N LEU E 3644 -55.27 36.70 -45.46
CA LEU E 3644 -55.65 35.46 -44.80
C LEU E 3644 -55.53 35.54 -43.28
N ALA E 3645 -54.61 36.35 -42.76
CA ALA E 3645 -54.40 36.44 -41.32
C ALA E 3645 -55.34 37.40 -40.64
N LYS E 3646 -56.14 38.14 -41.38
CA LYS E 3646 -57.03 39.13 -40.76
C LYS E 3646 -58.18 38.43 -40.07
N PRO E 3647 -58.48 38.77 -38.81
CA PRO E 3647 -59.75 38.34 -38.22
C PRO E 3647 -60.90 39.06 -38.90
N GLY E 3648 -61.67 38.32 -39.68
CA GLY E 3648 -62.62 38.94 -40.58
C GLY E 3648 -63.89 39.44 -39.91
N ALA E 3649 -63.79 40.57 -39.20
CA ALA E 3649 -64.93 41.16 -38.50
C ALA E 3649 -65.57 40.16 -37.57
N GLU E 3650 -64.75 39.53 -36.72
CA GLU E 3650 -65.26 38.49 -35.82
C GLU E 3650 -66.29 39.02 -34.83
N PRO E 3651 -66.07 40.13 -34.13
CA PRO E 3651 -67.12 40.67 -33.24
C PRO E 3651 -68.38 41.06 -34.01
N PRO E 3652 -68.27 41.69 -35.19
CA PRO E 3652 -69.50 41.87 -35.99
C PRO E 3652 -70.21 40.57 -36.31
N GLU E 3653 -69.47 39.51 -36.59
CA GLU E 3653 -70.09 38.21 -36.76
C GLU E 3653 -70.55 37.67 -35.41
N GLU E 3654 -71.57 36.81 -35.44
CA GLU E 3654 -72.15 36.27 -34.22
C GLU E 3654 -71.31 35.09 -33.74
N ASP E 3655 -70.12 35.43 -33.23
CA ASP E 3655 -69.24 34.40 -32.68
C ASP E 3655 -69.85 33.78 -31.43
N GLU E 3656 -70.27 34.62 -30.48
CA GLU E 3656 -70.95 34.17 -29.26
C GLU E 3656 -70.12 33.12 -28.51
N GLY E 3657 -68.81 33.36 -28.44
CA GLY E 3657 -67.94 32.42 -27.76
C GLY E 3657 -66.48 32.71 -28.05
N THR E 3658 -65.68 31.66 -28.07
CA THR E 3658 -64.25 31.80 -28.30
C THR E 3658 -63.99 32.33 -29.71
N LYS E 3659 -62.94 33.14 -29.83
CA LYS E 3659 -62.57 33.76 -31.09
C LYS E 3659 -62.28 32.70 -32.15
N ARG E 3660 -63.03 32.76 -33.25
CA ARG E 3660 -62.86 31.78 -34.31
C ARG E 3660 -61.51 31.96 -35.00
N VAL E 3661 -60.86 30.84 -35.29
CA VAL E 3661 -59.54 30.89 -35.89
C VAL E 3661 -59.62 31.48 -37.29
N ASP E 3662 -58.59 32.24 -37.65
CA ASP E 3662 -58.55 32.92 -38.93
C ASP E 3662 -58.29 31.91 -40.05
N PRO E 3663 -58.56 32.31 -41.30
CA PRO E 3663 -58.35 31.36 -42.42
C PRO E 3663 -56.94 30.81 -42.52
N LEU E 3664 -55.92 31.62 -42.24
CA LEU E 3664 -54.56 31.10 -42.25
C LEU E 3664 -54.39 30.04 -41.17
N HIS E 3665 -54.96 30.27 -40.00
CA HIS E 3665 -54.92 29.26 -38.94
C HIS E 3665 -55.59 27.98 -39.38
N GLN E 3666 -56.75 28.09 -40.04
CA GLN E 3666 -57.44 26.91 -40.53
C GLN E 3666 -56.63 26.15 -41.57
N LEU E 3667 -55.96 26.87 -42.48
CA LEU E 3667 -55.14 26.22 -43.48
C LEU E 3667 -53.96 25.47 -42.85
N ILE E 3668 -53.27 26.12 -41.91
CA ILE E 3668 -52.17 25.45 -41.23
C ILE E 3668 -52.67 24.26 -40.42
N LEU E 3669 -53.84 24.37 -39.78
CA LEU E 3669 -54.41 23.26 -39.06
C LEU E 3669 -54.75 22.09 -39.96
N LEU E 3670 -55.29 22.37 -41.14
CA LEU E 3670 -55.55 21.30 -42.12
C LEU E 3670 -54.26 20.60 -42.51
N PHE E 3671 -53.23 21.39 -42.81
CA PHE E 3671 -51.96 20.79 -43.21
C PHE E 3671 -51.34 19.98 -42.08
N SER E 3672 -51.50 20.42 -40.84
CA SER E 3672 -50.97 19.68 -39.70
C SER E 3672 -51.75 18.38 -39.47
N ARG E 3673 -53.07 18.43 -39.60
CA ARG E 3673 -53.87 17.22 -39.43
C ARG E 3673 -53.54 16.20 -40.50
N THR E 3674 -53.35 16.65 -41.74
CA THR E 3674 -52.99 15.73 -42.80
C THR E 3674 -51.66 15.04 -42.51
N ALA E 3675 -50.69 15.79 -41.99
CA ALA E 3675 -49.41 15.19 -41.63
C ALA E 3675 -49.55 14.22 -40.46
N LEU E 3676 -50.39 14.55 -39.49
CA LEU E 3676 -50.58 13.68 -38.33
C LEU E 3676 -51.44 12.46 -38.63
N THR E 3677 -52.13 12.44 -39.76
CA THR E 3677 -52.98 11.31 -40.13
C THR E 3677 -52.11 10.12 -40.49
N GLU E 3678 -52.55 8.92 -40.11
CA GLU E 3678 -51.80 7.71 -40.40
C GLU E 3678 -51.70 7.45 -41.89
N LYS E 3679 -50.48 7.36 -42.39
CA LYS E 3679 -50.23 6.99 -43.77
C LYS E 3679 -48.95 6.17 -43.83
N CYS E 3680 -48.88 5.27 -44.81
CA CYS E 3680 -47.65 4.53 -45.04
C CYS E 3680 -46.60 5.39 -45.73
N LYS E 3681 -47.03 6.42 -46.46
CA LYS E 3681 -46.13 7.28 -47.20
C LYS E 3681 -46.69 8.69 -47.20
N LEU E 3682 -45.79 9.68 -47.26
CA LEU E 3682 -46.19 11.07 -47.37
C LEU E 3682 -46.56 11.36 -48.83
N GLU E 3683 -47.85 11.39 -49.11
CA GLU E 3683 -48.34 11.59 -50.47
C GLU E 3683 -48.10 13.03 -50.91
N GLU E 3684 -47.77 13.21 -52.18
CA GLU E 3684 -47.57 14.55 -52.70
C GLU E 3684 -48.88 15.31 -52.73
N ASP E 3685 -48.88 16.51 -52.15
CA ASP E 3685 -50.06 17.36 -52.09
C ASP E 3685 -49.75 18.67 -52.77
N PHE E 3686 -50.42 18.94 -53.89
CA PHE E 3686 -50.17 20.17 -54.64
C PHE E 3686 -50.55 21.39 -53.82
N LEU E 3687 -51.65 21.30 -53.06
CA LEU E 3687 -52.07 22.42 -52.21
C LEU E 3687 -50.99 22.77 -51.20
N TYR E 3688 -50.44 21.76 -50.52
CA TYR E 3688 -49.37 22.02 -49.57
C TYR E 3688 -48.13 22.56 -50.26
N MET E 3689 -47.72 21.95 -51.37
CA MET E 3689 -46.52 22.38 -52.06
C MET E 3689 -46.64 23.80 -52.63
N ALA E 3690 -47.85 24.29 -52.84
CA ALA E 3690 -48.04 25.67 -53.26
C ALA E 3690 -48.13 26.64 -52.08
N TYR E 3691 -48.93 26.31 -51.07
CA TYR E 3691 -49.11 27.24 -49.98
C TYR E 3691 -47.89 27.34 -49.07
N ALA E 3692 -47.11 26.26 -48.96
CA ALA E 3692 -45.85 26.36 -48.22
C ALA E 3692 -44.90 27.33 -48.88
N ASP E 3693 -44.82 27.29 -50.21
CA ASP E 3693 -44.00 28.25 -50.94
C ASP E 3693 -44.53 29.67 -50.75
N ILE E 3694 -45.86 29.82 -50.77
CA ILE E 3694 -46.44 31.15 -50.56
C ILE E 3694 -46.07 31.69 -49.18
N MET E 3695 -46.19 30.84 -48.15
CA MET E 3695 -45.85 31.28 -46.80
C MET E 3695 -44.37 31.58 -46.66
N ALA E 3696 -43.50 30.78 -47.26
CA ALA E 3696 -42.07 31.06 -47.19
C ALA E 3696 -41.72 32.38 -47.85
N LYS E 3697 -42.31 32.65 -49.02
CA LYS E 3697 -42.07 33.92 -49.69
C LYS E 3697 -42.59 35.09 -48.87
N SER E 3698 -43.75 34.91 -48.25
CA SER E 3698 -44.26 35.95 -47.35
C SER E 3698 -43.30 36.20 -46.20
N CYS E 3699 -42.73 35.13 -45.64
CA CYS E 3699 -41.79 35.32 -44.53
C CYS E 3699 -40.56 36.09 -44.95
N HIS E 3700 -39.88 35.66 -46.02
CA HIS E 3700 -38.60 36.31 -46.30
C HIS E 3700 -38.83 37.70 -46.89
N ASP E 3701 -39.69 37.80 -47.91
CA ASP E 3701 -40.00 39.08 -48.56
C ASP E 3701 -38.71 39.81 -48.95
N GLU E 3702 -37.80 39.07 -49.54
CA GLU E 3702 -36.48 39.58 -49.87
C GLU E 3702 -36.29 39.73 -51.37
N GLU E 3710 -23.68 50.20 -51.09
CA GLU E 3710 -24.84 50.92 -50.55
C GLU E 3710 -25.14 50.46 -49.14
N VAL E 3711 -24.40 51.00 -48.18
CA VAL E 3711 -24.58 50.61 -46.78
C VAL E 3711 -25.90 51.18 -46.26
N LYS E 3712 -26.65 50.34 -45.56
CA LYS E 3712 -27.91 50.77 -44.98
C LYS E 3712 -27.67 51.38 -43.59
N SER E 3713 -28.56 52.29 -43.21
CA SER E 3713 -28.48 52.89 -41.89
C SER E 3713 -28.85 51.87 -40.83
N PHE E 3714 -28.42 52.16 -39.59
CA PHE E 3714 -28.78 51.29 -38.47
C PHE E 3714 -30.29 51.22 -38.28
N GLU E 3715 -30.97 52.36 -38.42
CA GLU E 3715 -32.43 52.35 -38.33
C GLU E 3715 -33.04 51.49 -39.43
N GLU E 3716 -32.50 51.56 -40.65
CA GLU E 3716 -33.03 50.74 -41.74
C GLU E 3716 -32.84 49.26 -41.43
N LYS E 3717 -31.66 48.88 -40.94
CA LYS E 3717 -31.42 47.48 -40.62
C LYS E 3717 -32.34 47.01 -39.51
N GLU E 3718 -32.55 47.84 -38.49
CA GLU E 3718 -33.45 47.47 -37.41
C GLU E 3718 -34.89 47.35 -37.88
N MET E 3719 -35.33 48.23 -38.77
CA MET E 3719 -36.67 48.11 -39.33
C MET E 3719 -36.81 46.82 -40.11
N GLU E 3720 -35.79 46.46 -40.90
CA GLU E 3720 -35.86 45.20 -41.64
C GLU E 3720 -35.94 44.01 -40.68
N LYS E 3721 -35.14 44.02 -39.62
CA LYS E 3721 -35.18 42.92 -38.66
C LYS E 3721 -36.55 42.82 -37.99
N GLN E 3722 -37.11 43.95 -37.58
CA GLN E 3722 -38.42 43.94 -36.94
C GLN E 3722 -39.53 43.52 -37.88
N LYS E 3723 -39.45 43.91 -39.15
CA LYS E 3723 -40.45 43.46 -40.12
C LYS E 3723 -40.35 41.96 -40.35
N LEU E 3724 -39.12 41.44 -40.43
CA LEU E 3724 -38.95 39.99 -40.57
C LEU E 3724 -39.51 39.26 -39.37
N LEU E 3725 -39.31 39.79 -38.17
CA LEU E 3725 -39.86 39.16 -36.98
C LEU E 3725 -41.38 39.12 -37.03
N TYR E 3726 -42.00 40.22 -37.45
CA TYR E 3726 -43.46 40.25 -37.53
C TYR E 3726 -43.97 39.28 -38.59
N GLN E 3727 -43.30 39.22 -39.74
CA GLN E 3727 -43.72 38.30 -40.79
C GLN E 3727 -43.59 36.85 -40.36
N GLN E 3728 -42.53 36.51 -39.62
CA GLN E 3728 -42.40 35.17 -39.07
C GLN E 3728 -43.43 34.89 -37.99
N ALA E 3729 -43.77 35.89 -37.17
CA ALA E 3729 -44.78 35.75 -36.14
C ALA E 3729 -46.15 35.47 -36.71
N ARG E 3730 -46.51 36.09 -37.84
CA ARG E 3730 -47.80 35.82 -38.45
C ARG E 3730 -48.01 34.33 -38.70
N LEU E 3731 -46.92 33.59 -38.94
CA LEU E 3731 -47.06 32.17 -39.18
C LEU E 3731 -46.88 31.35 -37.91
N HIS E 3732 -45.78 31.58 -37.17
CA HIS E 3732 -45.50 30.67 -36.06
C HIS E 3732 -46.45 30.93 -34.90
N ASP E 3733 -47.20 32.03 -34.94
CA ASP E 3733 -48.27 32.22 -33.97
C ASP E 3733 -49.47 31.35 -34.30
N ARG E 3734 -49.57 30.88 -35.54
CA ARG E 3734 -50.69 30.07 -35.99
C ARG E 3734 -50.33 28.59 -36.11
N GLY E 3735 -49.13 28.20 -35.70
CA GLY E 3735 -48.76 26.80 -35.65
C GLY E 3735 -47.96 26.27 -36.82
N ALA E 3736 -47.20 27.12 -37.52
CA ALA E 3736 -46.38 26.62 -38.61
C ALA E 3736 -45.16 25.87 -38.12
N ALA E 3737 -44.66 26.21 -36.94
CA ALA E 3737 -43.49 25.53 -36.40
C ALA E 3737 -43.78 24.06 -36.14
N GLU E 3738 -44.96 23.77 -35.61
CA GLU E 3738 -45.33 22.37 -35.40
C GLU E 3738 -45.57 21.66 -36.71
N MET E 3739 -46.17 22.34 -37.69
CA MET E 3739 -46.48 21.71 -38.96
C MET E 3739 -45.22 21.34 -39.73
N VAL E 3740 -44.21 22.21 -39.74
CA VAL E 3740 -42.98 21.89 -40.45
C VAL E 3740 -42.22 20.73 -39.82
N LEU E 3741 -42.41 20.48 -38.52
CA LEU E 3741 -41.83 19.30 -37.90
C LEU E 3741 -42.67 18.05 -38.18
N GLN E 3742 -43.99 18.18 -38.14
CA GLN E 3742 -44.86 17.04 -38.38
C GLN E 3742 -44.69 16.52 -39.80
N THR E 3743 -44.57 17.42 -40.78
CA THR E 3743 -44.39 16.98 -42.15
C THR E 3743 -43.06 16.25 -42.33
N ILE E 3744 -41.99 16.78 -41.74
CA ILE E 3744 -40.70 16.12 -41.83
C ILE E 3744 -40.75 14.75 -41.17
N SER E 3745 -41.38 14.65 -40.01
CA SER E 3745 -41.51 13.35 -39.34
C SER E 3745 -42.32 12.37 -40.19
N ALA E 3746 -43.41 12.83 -40.80
CA ALA E 3746 -44.22 11.94 -41.62
C ALA E 3746 -43.52 11.56 -42.91
N SER E 3747 -42.54 12.34 -43.34
CA SER E 3747 -41.78 12.00 -44.55
C SER E 3747 -41.09 10.65 -44.44
N LYS E 3748 -40.68 10.26 -43.24
CA LYS E 3748 -40.03 8.97 -43.01
C LYS E 3748 -38.77 8.82 -43.86
N GLY E 3749 -38.02 9.91 -43.99
CA GLY E 3749 -36.73 9.86 -44.66
C GLY E 3749 -36.79 9.71 -46.16
N GLU E 3750 -37.89 10.08 -46.80
CA GLU E 3750 -38.02 9.99 -48.25
C GLU E 3750 -37.88 11.39 -48.83
N THR E 3751 -36.83 11.60 -49.60
CA THR E 3751 -36.63 12.89 -50.25
C THR E 3751 -37.71 13.13 -51.30
N GLY E 3752 -38.24 14.33 -51.33
CA GLY E 3752 -39.28 14.68 -52.27
C GLY E 3752 -39.61 16.15 -52.27
N PRO E 3753 -40.46 16.56 -53.22
CA PRO E 3753 -40.86 17.97 -53.26
C PRO E 3753 -41.55 18.44 -52.00
N MET E 3754 -42.32 17.56 -51.35
CA MET E 3754 -42.97 17.93 -50.11
C MET E 3754 -41.94 18.25 -49.03
N VAL E 3755 -40.91 17.41 -48.92
CA VAL E 3755 -39.87 17.64 -47.92
C VAL E 3755 -39.10 18.91 -48.26
N ALA E 3756 -38.82 19.14 -49.54
CA ALA E 3756 -38.10 20.36 -49.92
C ALA E 3756 -38.90 21.60 -49.57
N ALA E 3757 -40.20 21.60 -49.88
CA ALA E 3757 -41.06 22.72 -49.53
C ALA E 3757 -41.18 22.93 -48.03
N THR E 3758 -41.24 21.86 -47.25
CA THR E 3758 -41.24 21.99 -45.80
C THR E 3758 -39.95 22.57 -45.27
N LEU E 3759 -38.80 22.12 -45.80
CA LEU E 3759 -37.52 22.64 -45.34
C LEU E 3759 -37.37 24.11 -45.67
N LYS E 3760 -37.80 24.53 -46.86
CA LYS E 3760 -37.72 25.95 -47.21
C LYS E 3760 -38.57 26.80 -46.27
N LEU E 3761 -39.78 26.34 -45.93
CA LEU E 3761 -40.62 27.08 -45.00
C LEU E 3761 -40.00 27.13 -43.62
N GLY E 3762 -39.41 26.02 -43.18
CA GLY E 3762 -38.73 26.03 -41.89
C GLY E 3762 -37.60 27.03 -41.85
N ILE E 3763 -36.80 27.08 -42.92
CA ILE E 3763 -35.73 28.06 -43.00
C ILE E 3763 -36.31 29.47 -42.98
N ALA E 3764 -37.40 29.69 -43.72
CA ALA E 3764 -38.00 31.02 -43.77
C ALA E 3764 -38.45 31.48 -42.41
N ILE E 3765 -39.07 30.60 -41.63
CA ILE E 3765 -39.55 31.02 -40.31
C ILE E 3765 -38.41 31.04 -39.30
N LEU E 3766 -37.29 30.39 -39.60
CA LEU E 3766 -36.18 30.33 -38.67
C LEU E 3766 -35.05 31.30 -38.99
N ASN E 3767 -35.17 32.09 -40.07
CA ASN E 3767 -34.10 33.00 -40.43
C ASN E 3767 -33.82 33.99 -39.31
N GLY E 3768 -32.54 34.30 -39.12
CA GLY E 3768 -32.13 35.18 -38.06
C GLY E 3768 -32.01 34.53 -36.70
N GLY E 3769 -32.11 33.21 -36.62
CA GLY E 3769 -32.04 32.54 -35.34
C GLY E 3769 -33.20 32.88 -34.44
N ASN E 3770 -34.42 32.75 -34.96
CA ASN E 3770 -35.60 33.13 -34.20
C ASN E 3770 -35.73 32.27 -32.94
N SER E 3771 -35.51 32.90 -31.80
CA SER E 3771 -35.52 32.18 -30.53
C SER E 3771 -36.91 31.67 -30.18
N THR E 3772 -37.96 32.43 -30.48
CA THR E 3772 -39.31 31.98 -30.19
C THR E 3772 -39.64 30.71 -30.98
N VAL E 3773 -39.31 30.70 -32.26
CA VAL E 3773 -39.53 29.50 -33.07
C VAL E 3773 -38.68 28.34 -32.60
N GLN E 3774 -37.42 28.59 -32.23
CA GLN E 3774 -36.58 27.53 -31.70
C GLN E 3774 -37.18 26.91 -30.45
N GLN E 3775 -37.65 27.76 -29.53
CA GLN E 3775 -38.27 27.27 -28.30
C GLN E 3775 -39.54 26.48 -28.59
N LYS E 3776 -40.37 26.97 -29.51
CA LYS E 3776 -41.58 26.25 -29.87
C LYS E 3776 -41.25 24.88 -30.44
N MET E 3777 -40.27 24.84 -31.35
CA MET E 3777 -39.86 23.59 -31.98
C MET E 3777 -39.31 22.58 -31.00
N LEU E 3778 -38.44 23.01 -30.08
CA LEU E 3778 -37.96 22.13 -29.03
C LEU E 3778 -39.05 21.68 -28.07
N ASP E 3779 -39.92 22.58 -27.65
CA ASP E 3779 -40.96 22.22 -26.72
C ASP E 3779 -41.90 21.19 -27.32
N TYR E 3780 -42.27 21.36 -28.59
CA TYR E 3780 -43.14 20.40 -29.23
C TYR E 3780 -42.49 19.02 -29.29
N LEU E 3781 -41.21 18.98 -29.68
CA LEU E 3781 -40.51 17.70 -29.78
C LEU E 3781 -40.41 17.02 -28.43
N LYS E 3782 -40.04 17.78 -27.39
CA LYS E 3782 -39.91 17.19 -26.07
C LYS E 3782 -41.25 16.70 -25.54
N GLU E 3783 -42.32 17.46 -25.80
CA GLU E 3783 -43.63 17.05 -25.29
C GLU E 3783 -44.15 15.83 -26.02
N LYS E 3784 -44.08 15.81 -27.35
CA LYS E 3784 -44.61 14.71 -28.13
C LYS E 3784 -43.72 13.47 -28.10
N LYS E 3785 -42.46 13.61 -27.72
CA LYS E 3785 -41.50 12.50 -27.75
C LYS E 3785 -41.47 11.87 -29.14
N ASP E 3786 -41.15 12.69 -30.12
CA ASP E 3786 -41.18 12.28 -31.52
C ASP E 3786 -39.83 11.68 -31.90
N VAL E 3787 -39.81 10.39 -32.20
CA VAL E 3787 -38.63 9.71 -32.72
C VAL E 3787 -38.60 9.71 -34.23
N GLY E 3788 -39.77 9.76 -34.87
CA GLY E 3788 -39.86 9.78 -36.31
C GLY E 3788 -39.18 10.98 -36.91
N PHE E 3789 -39.19 12.11 -36.20
CA PHE E 3789 -38.52 13.30 -36.71
C PHE E 3789 -37.03 13.05 -36.92
N PHE E 3790 -36.36 12.53 -35.89
CA PHE E 3790 -34.93 12.29 -35.99
C PHE E 3790 -34.62 11.13 -36.94
N GLN E 3791 -35.47 10.11 -36.95
CA GLN E 3791 -35.26 9.02 -37.90
C GLN E 3791 -35.38 9.53 -39.34
N SER E 3792 -36.34 10.41 -39.60
CA SER E 3792 -36.50 10.99 -40.92
C SER E 3792 -35.32 11.88 -41.27
N LEU E 3793 -34.80 12.64 -40.30
CA LEU E 3793 -33.61 13.43 -40.58
C LEU E 3793 -32.43 12.56 -40.98
N ALA E 3794 -32.20 11.47 -40.25
CA ALA E 3794 -31.13 10.55 -40.61
C ALA E 3794 -31.35 9.94 -41.99
N GLY E 3795 -32.59 9.55 -42.30
CA GLY E 3795 -32.88 9.01 -43.62
C GLY E 3795 -32.64 10.00 -44.73
N LEU E 3796 -33.04 11.25 -44.53
CA LEU E 3796 -32.79 12.27 -45.54
C LEU E 3796 -31.30 12.52 -45.72
N MET E 3797 -30.54 12.52 -44.62
CA MET E 3797 -29.10 12.69 -44.75
C MET E 3797 -28.48 11.54 -45.54
N GLN E 3798 -28.92 10.31 -45.28
CA GLN E 3798 -28.40 9.19 -46.06
C GLN E 3798 -28.81 9.32 -47.53
N SER E 3799 -30.02 9.78 -47.79
CA SER E 3799 -30.49 9.88 -49.17
C SER E 3799 -29.88 11.07 -49.91
N CYS E 3800 -29.24 12.00 -49.21
CA CYS E 3800 -28.60 13.12 -49.87
C CYS E 3800 -27.49 12.63 -50.80
N SER E 3801 -27.34 13.28 -51.95
CA SER E 3801 -26.45 12.81 -52.99
C SER E 3801 -25.13 13.59 -52.99
N VAL E 3802 -24.16 13.03 -53.70
CA VAL E 3802 -22.84 13.63 -53.86
C VAL E 3802 -22.46 13.60 -55.34
N LEU E 3803 -21.25 14.05 -55.65
CA LEU E 3803 -20.76 14.01 -57.03
C LEU E 3803 -20.67 12.58 -57.53
N ASP E 3804 -21.07 12.36 -58.78
CA ASP E 3804 -21.01 11.05 -59.41
C ASP E 3804 -20.13 11.15 -60.65
N LEU E 3805 -18.88 10.71 -60.51
CA LEU E 3805 -17.91 10.85 -61.60
C LEU E 3805 -18.31 10.02 -62.81
N ASN E 3806 -18.89 8.84 -62.57
CA ASN E 3806 -19.33 8.00 -63.69
C ASN E 3806 -20.41 8.70 -64.48
N ALA E 3807 -21.38 9.31 -63.79
CA ALA E 3807 -22.42 10.05 -64.49
C ALA E 3807 -21.83 11.25 -65.22
N PHE E 3808 -20.86 11.92 -64.62
CA PHE E 3808 -20.20 13.04 -65.30
C PHE E 3808 -19.53 12.58 -66.58
N GLU E 3809 -18.82 11.45 -66.54
CA GLU E 3809 -18.16 10.93 -67.72
C GLU E 3809 -19.17 10.51 -68.79
N ARG E 3810 -20.28 9.91 -68.38
CA ARG E 3810 -21.30 9.53 -69.34
C ARG E 3810 -21.89 10.76 -70.03
N GLN E 3811 -22.19 11.81 -69.25
CA GLN E 3811 -22.66 13.05 -69.83
C GLN E 3811 -21.65 13.69 -70.76
N ASN E 3812 -20.37 13.67 -70.40
CA ASN E 3812 -19.33 14.18 -71.29
C ASN E 3812 -19.25 13.40 -72.59
N LYS E 3813 -19.35 12.07 -72.51
CA LYS E 3813 -19.37 11.26 -73.72
C LYS E 3813 -20.57 11.60 -74.59
N ALA E 3814 -21.75 11.74 -73.99
CA ALA E 3814 -22.93 12.11 -74.74
C ALA E 3814 -22.82 13.47 -75.40
N GLU E 3815 -22.30 14.46 -74.68
CA GLU E 3815 -22.11 15.80 -75.25
C GLU E 3815 -21.08 15.80 -76.38
N GLY E 3816 -19.97 15.08 -76.21
CA GLY E 3816 -18.97 15.01 -77.26
C GLY E 3816 -19.48 14.25 -78.47
N LEU E 3817 -20.43 13.33 -78.26
CA LEU E 3817 -21.01 12.60 -79.38
C LEU E 3817 -21.75 13.53 -80.32
N GLY E 3818 -22.31 14.62 -79.79
CA GLY E 3818 -22.99 15.62 -80.59
C GLY E 3818 -24.48 15.74 -80.31
N MET E 3819 -25.02 14.91 -79.43
CA MET E 3819 -26.44 14.95 -79.13
C MET E 3819 -26.78 16.17 -78.26
N VAL E 3820 -28.05 16.59 -78.34
CA VAL E 3820 -28.50 17.72 -77.55
C VAL E 3820 -28.61 17.32 -76.08
N THR E 3821 -28.34 18.28 -75.20
CA THR E 3821 -28.41 18.05 -73.76
C THR E 3821 -29.86 18.20 -73.29
N GLU E 3822 -30.31 17.22 -72.50
CA GLU E 3822 -31.65 17.31 -71.93
C GLU E 3822 -31.75 18.44 -70.91
N GLU E 3823 -30.72 18.59 -70.08
CA GLU E 3823 -30.64 19.68 -69.11
C GLU E 3823 -29.28 20.34 -69.24
N GLY E 3824 -29.27 21.67 -69.17
CA GLY E 3824 -28.01 22.40 -69.34
C GLY E 3824 -27.05 22.18 -68.19
N SER E 3825 -27.57 22.13 -66.96
CA SER E 3825 -26.74 22.07 -65.77
C SER E 3825 -26.30 20.66 -65.40
N GLY E 3826 -26.80 19.63 -66.08
CA GLY E 3826 -26.46 18.27 -65.74
C GLY E 3826 -26.92 17.88 -64.35
N GLU E 3827 -28.24 17.81 -64.16
CA GLU E 3827 -28.79 17.58 -62.83
C GLU E 3827 -28.47 16.20 -62.31
N LYS E 3828 -28.08 15.27 -63.19
CA LYS E 3828 -27.77 13.92 -62.74
C LYS E 3828 -26.57 13.91 -61.79
N VAL E 3829 -25.54 14.68 -62.12
CA VAL E 3829 -24.39 14.84 -61.23
C VAL E 3829 -24.77 15.81 -60.13
N LEU E 3830 -24.55 15.42 -58.87
CA LEU E 3830 -25.00 16.21 -57.73
C LEU E 3830 -26.51 16.44 -57.82
N GLN E 3831 -27.28 15.35 -57.68
CA GLN E 3831 -28.71 15.32 -57.95
C GLN E 3831 -29.46 16.56 -57.47
N ASP E 3832 -29.40 16.84 -56.17
CA ASP E 3832 -30.10 17.98 -55.59
C ASP E 3832 -29.15 18.74 -54.67
N ASP E 3833 -28.56 19.81 -55.19
CA ASP E 3833 -27.72 20.69 -54.40
C ASP E 3833 -28.54 21.61 -53.52
N GLU E 3834 -29.74 21.99 -53.95
CA GLU E 3834 -30.59 22.85 -53.15
C GLU E 3834 -31.14 22.12 -51.93
N PHE E 3835 -31.55 20.86 -52.11
CA PHE E 3835 -32.15 20.13 -51.01
C PHE E 3835 -31.16 19.91 -49.88
N THR E 3836 -29.92 19.52 -50.21
CA THR E 3836 -28.92 19.28 -49.18
C THR E 3836 -28.58 20.56 -48.44
N CYS E 3837 -28.39 21.65 -49.18
CA CYS E 3837 -28.08 22.92 -48.55
C CYS E 3837 -29.21 23.37 -47.65
N ASP E 3838 -30.46 23.23 -48.10
CA ASP E 3838 -31.59 23.60 -47.26
C ASP E 3838 -31.69 22.72 -46.02
N LEU E 3839 -31.46 21.42 -46.17
CA LEU E 3839 -31.53 20.51 -45.04
C LEU E 3839 -30.50 20.85 -43.98
N PHE E 3840 -29.28 21.19 -44.38
CA PHE E 3840 -28.26 21.53 -43.39
C PHE E 3840 -28.40 22.95 -42.87
N ARG E 3841 -28.91 23.87 -43.69
CA ARG E 3841 -29.18 25.22 -43.21
C ARG E 3841 -30.29 25.20 -42.17
N PHE E 3842 -31.27 24.32 -42.33
CA PHE E 3842 -32.32 24.19 -41.33
C PHE E 3842 -31.73 23.80 -39.98
N LEU E 3843 -30.84 22.81 -39.98
CA LEU E 3843 -30.17 22.38 -38.76
C LEU E 3843 -29.28 23.47 -38.17
N GLN E 3844 -28.54 24.20 -38.99
CA GLN E 3844 -27.74 25.32 -38.48
C GLN E 3844 -28.62 26.38 -37.85
N LEU E 3845 -29.72 26.74 -38.50
CA LEU E 3845 -30.64 27.73 -37.95
C LEU E 3845 -31.23 27.25 -36.63
N LEU E 3846 -31.44 25.94 -36.51
CA LEU E 3846 -31.94 25.38 -35.26
C LEU E 3846 -30.99 25.63 -34.11
N CYS E 3847 -29.68 25.58 -34.36
CA CYS E 3847 -28.69 25.71 -33.30
C CYS E 3847 -28.05 27.09 -33.23
N GLU E 3848 -28.48 28.03 -34.06
CA GLU E 3848 -27.85 29.35 -34.01
C GLU E 3848 -28.12 30.04 -32.68
N GLY E 3849 -27.30 31.03 -32.38
CA GLY E 3849 -27.39 31.73 -31.12
C GLY E 3849 -26.84 30.97 -29.94
N HIS E 3850 -26.06 29.91 -30.17
CA HIS E 3850 -25.54 29.04 -29.12
C HIS E 3850 -26.68 28.49 -28.27
N ASN E 3851 -27.63 27.88 -28.97
CA ASN E 3851 -28.81 27.27 -28.34
C ASN E 3851 -28.38 25.93 -27.77
N SER E 3852 -27.91 25.97 -26.52
CA SER E 3852 -27.34 24.79 -25.89
C SER E 3852 -28.34 23.66 -25.76
N ASP E 3853 -29.59 23.99 -25.42
CA ASP E 3853 -30.58 22.94 -25.25
C ASP E 3853 -30.76 22.16 -26.53
N PHE E 3854 -30.92 22.86 -27.64
CA PHE E 3854 -31.23 22.10 -28.83
C PHE E 3854 -29.96 21.43 -29.35
N GLN E 3855 -28.83 22.09 -29.12
CA GLN E 3855 -27.55 21.50 -29.51
C GLN E 3855 -27.33 20.17 -28.83
N ASN E 3856 -27.69 20.07 -27.56
CA ASN E 3856 -27.60 18.79 -26.85
C ASN E 3856 -28.67 17.81 -27.30
N TYR E 3857 -29.87 18.32 -27.60
CA TYR E 3857 -30.97 17.45 -28.01
C TYR E 3857 -30.67 16.77 -29.33
N LEU E 3858 -30.02 17.49 -30.25
CA LEU E 3858 -29.63 16.86 -31.51
C LEU E 3858 -28.66 15.71 -31.30
N ARG E 3859 -27.77 15.84 -30.32
CA ARG E 3859 -26.85 14.75 -30.03
C ARG E 3859 -27.57 13.57 -29.38
N THR E 3860 -28.22 13.81 -28.24
CA THR E 3860 -28.89 12.74 -27.50
C THR E 3860 -30.27 13.23 -27.10
N GLN E 3861 -31.30 12.53 -27.56
CA GLN E 3861 -32.68 12.79 -27.15
C GLN E 3861 -32.93 12.03 -25.86
N THR E 3862 -32.87 12.74 -24.73
CA THR E 3862 -32.90 12.07 -23.43
C THR E 3862 -34.24 11.40 -23.17
N GLY E 3863 -35.33 12.14 -23.38
CA GLY E 3863 -36.64 11.59 -23.05
C GLY E 3863 -37.05 10.44 -23.94
N ASN E 3864 -36.65 10.48 -25.21
CA ASN E 3864 -37.14 9.50 -26.17
C ASN E 3864 -36.63 8.11 -25.86
N ASN E 3865 -37.41 7.11 -26.29
CA ASN E 3865 -36.99 5.72 -26.13
C ASN E 3865 -35.77 5.40 -26.96
N THR E 3866 -35.71 5.93 -28.18
CA THR E 3866 -34.61 5.68 -29.10
C THR E 3866 -33.92 7.00 -29.45
N THR E 3867 -32.59 6.96 -29.50
CA THR E 3867 -31.78 8.14 -29.73
C THR E 3867 -31.01 8.02 -31.04
N VAL E 3868 -31.03 9.08 -31.83
CA VAL E 3868 -30.32 9.16 -33.09
C VAL E 3868 -29.29 10.29 -33.00
N ASN E 3869 -28.08 10.03 -33.48
CA ASN E 3869 -26.99 11.00 -33.37
C ASN E 3869 -26.88 11.78 -34.67
N ILE E 3870 -27.67 12.84 -34.78
CA ILE E 3870 -27.58 13.76 -35.91
C ILE E 3870 -26.21 14.37 -36.06
N ILE E 3871 -25.54 14.65 -34.94
CA ILE E 3871 -24.19 15.20 -34.98
C ILE E 3871 -23.21 14.27 -35.68
N ILE E 3872 -23.41 12.95 -35.56
CA ILE E 3872 -22.53 12.00 -36.23
C ILE E 3872 -22.97 11.78 -37.67
N SER E 3873 -24.28 11.78 -37.92
CA SER E 3873 -24.76 11.64 -39.30
C SER E 3873 -24.26 12.78 -40.18
N THR E 3874 -24.18 14.00 -39.61
CA THR E 3874 -23.65 15.12 -40.37
C THR E 3874 -22.19 14.88 -40.75
N VAL E 3875 -21.39 14.37 -39.83
CA VAL E 3875 -19.98 14.10 -40.10
C VAL E 3875 -19.86 13.04 -41.18
N ASP E 3876 -20.74 12.04 -41.12
CA ASP E 3876 -20.76 10.99 -42.13
C ASP E 3876 -21.03 11.54 -43.53
N TYR E 3877 -22.03 12.41 -43.65
CA TYR E 3877 -22.27 13.04 -44.94
C TYR E 3877 -21.08 13.89 -45.36
N LEU E 3878 -20.44 14.57 -44.41
CA LEU E 3878 -19.24 15.34 -44.73
C LEU E 3878 -18.14 14.46 -45.30
N LEU E 3879 -17.93 13.29 -44.70
CA LEU E 3879 -16.94 12.36 -45.24
C LEU E 3879 -17.30 11.90 -46.64
N ARG E 3880 -18.57 11.58 -46.88
CA ARG E 3880 -18.96 11.17 -48.22
C ARG E 3880 -18.72 12.26 -49.26
N VAL E 3881 -19.10 13.50 -48.94
CA VAL E 3881 -18.92 14.58 -49.91
C VAL E 3881 -17.44 14.88 -50.12
N GLN E 3882 -16.64 14.72 -49.05
CA GLN E 3882 -15.21 14.92 -49.20
C GLN E 3882 -14.60 13.89 -50.12
N GLU E 3883 -15.01 12.62 -49.99
CA GLU E 3883 -14.52 11.60 -50.89
C GLU E 3883 -14.93 11.88 -52.32
N SER E 3884 -16.17 12.34 -52.51
CA SER E 3884 -16.63 12.68 -53.86
C SER E 3884 -15.78 13.79 -54.46
N ILE E 3885 -15.49 14.83 -53.68
CA ILE E 3885 -14.69 15.94 -54.19
C ILE E 3885 -13.27 15.49 -54.49
N SER E 3886 -12.70 14.64 -53.64
CA SER E 3886 -11.36 14.13 -53.89
C SER E 3886 -11.30 13.33 -55.18
N ASP E 3887 -12.29 12.47 -55.42
CA ASP E 3887 -12.31 11.72 -56.67
C ASP E 3887 -12.48 12.65 -57.86
N PHE E 3888 -13.36 13.64 -57.75
CA PHE E 3888 -13.61 14.54 -58.86
C PHE E 3888 -12.43 15.47 -59.13
N TYR E 3889 -11.55 15.64 -58.16
CA TYR E 3889 -10.28 16.33 -58.39
C TYR E 3889 -9.24 15.41 -59.02
N TRP E 3890 -9.10 14.19 -58.49
CA TRP E 3890 -8.18 13.24 -59.10
C TRP E 3890 -8.51 12.97 -60.55
N TYR E 3891 -9.77 13.10 -60.94
CA TYR E 3891 -10.12 13.02 -62.35
C TYR E 3891 -9.54 14.15 -63.17
N TYR E 3892 -9.35 15.33 -62.57
CA TYR E 3892 -8.90 16.51 -63.29
C TYR E 3892 -7.43 16.85 -63.04
N SER E 3893 -6.73 16.09 -62.20
CA SER E 3893 -5.35 16.43 -61.89
C SER E 3893 -4.48 16.38 -63.14
N GLY E 3894 -4.64 15.34 -63.96
CA GLY E 3894 -3.84 15.23 -65.17
C GLY E 3894 -4.18 16.29 -66.21
N LYS E 3895 -5.46 16.61 -66.34
CA LYS E 3895 -5.90 17.49 -67.42
C LYS E 3895 -5.34 18.90 -67.24
N ASP E 3896 -5.07 19.56 -68.36
CA ASP E 3896 -4.44 20.88 -68.33
C ASP E 3896 -5.39 21.93 -67.77
N VAL E 3897 -6.63 21.97 -68.27
CA VAL E 3897 -7.59 23.01 -67.92
C VAL E 3897 -8.91 22.36 -67.52
N ILE E 3898 -9.54 22.91 -66.49
CA ILE E 3898 -10.87 22.44 -66.09
C ILE E 3898 -11.92 23.09 -66.98
N ASP E 3899 -12.83 22.27 -67.50
CA ASP E 3899 -13.88 22.76 -68.38
C ASP E 3899 -14.95 23.48 -67.57
N GLU E 3900 -15.92 24.07 -68.29
CA GLU E 3900 -16.98 24.84 -67.64
C GLU E 3900 -17.88 23.95 -66.80
N GLN E 3901 -18.23 22.77 -67.32
CA GLN E 3901 -19.07 21.84 -66.56
C GLN E 3901 -18.36 21.41 -65.27
N GLY E 3902 -17.07 21.09 -65.37
CA GLY E 3902 -16.32 20.75 -64.19
C GLY E 3902 -16.27 21.89 -63.19
N GLN E 3903 -16.06 23.11 -63.69
CA GLN E 3903 -16.04 24.27 -62.82
C GLN E 3903 -17.35 24.48 -62.09
N ARG E 3904 -18.49 24.31 -62.77
CA ARG E 3904 -19.79 24.37 -62.12
C ARG E 3904 -19.99 23.27 -61.09
N ASN E 3905 -19.57 22.04 -61.40
CA ASN E 3905 -19.73 20.95 -60.44
C ASN E 3905 -18.88 21.15 -59.19
N PHE E 3906 -17.63 21.60 -59.36
CA PHE E 3906 -16.83 21.96 -58.19
C PHE E 3906 -17.52 23.05 -57.38
N SER E 3907 -18.08 24.04 -58.05
CA SER E 3907 -18.74 25.13 -57.31
C SER E 3907 -19.88 24.61 -56.46
N LYS E 3908 -20.74 23.77 -57.04
CA LYS E 3908 -21.85 23.21 -56.28
C LYS E 3908 -21.40 22.32 -55.13
N ALA E 3909 -20.42 21.45 -55.36
CA ALA E 3909 -19.88 20.62 -54.28
C ALA E 3909 -19.24 21.44 -53.18
N ILE E 3910 -18.52 22.51 -53.54
CA ILE E 3910 -17.90 23.37 -52.55
C ILE E 3910 -18.97 24.09 -51.73
N GLN E 3911 -20.05 24.51 -52.37
CA GLN E 3911 -21.15 25.12 -51.62
C GLN E 3911 -21.73 24.13 -50.61
N VAL E 3912 -21.95 22.89 -51.04
CA VAL E 3912 -22.50 21.89 -50.13
C VAL E 3912 -21.56 21.66 -48.95
N ALA E 3913 -20.26 21.50 -49.24
CA ALA E 3913 -19.29 21.27 -48.17
C ALA E 3913 -19.21 22.46 -47.23
N LYS E 3914 -19.28 23.67 -47.78
CA LYS E 3914 -19.26 24.87 -46.94
C LYS E 3914 -20.45 24.90 -46.00
N GLN E 3915 -21.64 24.59 -46.51
CA GLN E 3915 -22.81 24.56 -45.64
C GLN E 3915 -22.68 23.49 -44.57
N VAL E 3916 -22.16 22.32 -44.92
CA VAL E 3916 -21.99 21.27 -43.91
C VAL E 3916 -21.00 21.71 -42.84
N PHE E 3917 -19.90 22.37 -43.23
CA PHE E 3917 -18.93 22.86 -42.26
C PHE E 3917 -19.56 23.91 -41.35
N ASN E 3918 -20.38 24.79 -41.91
CA ASN E 3918 -21.05 25.79 -41.08
C ASN E 3918 -22.00 25.15 -40.09
N THR E 3919 -22.74 24.12 -40.52
CA THR E 3919 -23.61 23.41 -39.59
C THR E 3919 -22.79 22.74 -38.49
N LEU E 3920 -21.68 22.11 -38.85
CA LEU E 3920 -20.83 21.46 -37.86
C LEU E 3920 -20.27 22.44 -36.84
N THR E 3921 -19.83 23.61 -37.28
CA THR E 3921 -19.32 24.59 -36.33
C THR E 3921 -20.43 25.23 -35.50
N GLU E 3922 -21.64 25.33 -36.05
CA GLU E 3922 -22.77 25.76 -35.24
C GLU E 3922 -23.12 24.73 -34.17
N TYR E 3923 -22.86 23.46 -34.45
CA TYR E 3923 -23.10 22.43 -33.44
C TYR E 3923 -22.24 22.63 -32.20
N ILE E 3924 -21.02 23.15 -32.36
CA ILE E 3924 -20.03 23.08 -31.29
C ILE E 3924 -19.68 24.44 -30.70
N GLN E 3925 -19.93 25.52 -31.44
CA GLN E 3925 -19.68 26.83 -30.85
C GLN E 3925 -20.64 27.09 -29.70
N GLY E 3926 -20.22 27.99 -28.80
CA GLY E 3926 -20.89 28.11 -27.54
C GLY E 3926 -20.67 26.83 -26.78
N PRO E 3927 -19.42 26.63 -26.32
CA PRO E 3927 -18.84 25.28 -26.27
C PRO E 3927 -19.78 24.20 -25.76
N CYS E 3928 -20.12 23.28 -26.65
CA CYS E 3928 -20.90 22.10 -26.30
C CYS E 3928 -19.93 20.94 -26.14
N THR E 3929 -19.64 20.58 -24.89
CA THR E 3929 -18.62 19.57 -24.63
C THR E 3929 -19.00 18.23 -25.24
N GLY E 3930 -20.28 17.85 -25.14
CA GLY E 3930 -20.71 16.59 -25.70
C GLY E 3930 -20.51 16.52 -27.20
N ASN E 3931 -20.91 17.58 -27.90
CA ASN E 3931 -20.73 17.61 -29.35
C ASN E 3931 -19.25 17.62 -29.72
N GLN E 3932 -18.44 18.35 -28.95
CA GLN E 3932 -17.01 18.37 -29.22
C GLN E 3932 -16.41 16.98 -29.08
N GLN E 3933 -16.78 16.26 -28.03
CA GLN E 3933 -16.27 14.90 -27.84
C GLN E 3933 -16.76 13.97 -28.94
N SER E 3934 -18.02 14.12 -29.34
CA SER E 3934 -18.54 13.28 -30.41
C SER E 3934 -17.78 13.49 -31.71
N LEU E 3935 -17.54 14.75 -32.08
CA LEU E 3935 -16.73 15.01 -33.26
C LEU E 3935 -15.31 14.51 -33.10
N ALA E 3936 -14.75 14.62 -31.89
CA ALA E 3936 -13.39 14.16 -31.66
C ALA E 3936 -13.27 12.67 -31.91
N HIS E 3937 -14.26 11.90 -31.47
CA HIS E 3937 -14.23 10.46 -31.64
C HIS E 3937 -14.85 10.00 -32.96
N SER E 3938 -15.41 10.92 -33.74
CA SER E 3938 -15.99 10.56 -35.03
C SER E 3938 -14.95 10.47 -36.13
N ARG E 3939 -15.41 10.41 -37.38
CA ARG E 3939 -14.54 10.32 -38.55
C ARG E 3939 -14.24 11.69 -39.15
N LEU E 3940 -14.33 12.74 -38.34
CA LEU E 3940 -14.10 14.10 -38.86
C LEU E 3940 -12.65 14.26 -39.31
N TRP E 3941 -11.72 13.69 -38.56
CA TRP E 3941 -10.30 13.82 -38.90
C TRP E 3941 -9.98 13.27 -40.27
N ASP E 3942 -10.58 12.14 -40.64
CA ASP E 3942 -10.38 11.56 -41.96
C ASP E 3942 -10.83 12.50 -43.07
N ALA E 3943 -11.98 13.15 -42.91
CA ALA E 3943 -12.44 14.11 -43.91
C ALA E 3943 -11.52 15.32 -43.97
N VAL E 3944 -11.06 15.80 -42.82
CA VAL E 3944 -10.19 16.98 -42.82
C VAL E 3944 -8.86 16.65 -43.49
N VAL E 3945 -8.36 15.42 -43.31
CA VAL E 3945 -7.14 15.02 -44.01
C VAL E 3945 -7.28 15.08 -45.51
N GLY E 3946 -8.37 14.56 -46.06
CA GLY E 3946 -8.59 14.62 -47.49
C GLY E 3946 -8.74 16.03 -48.00
N PHE E 3947 -9.49 16.86 -47.25
CA PHE E 3947 -9.62 18.25 -47.64
C PHE E 3947 -8.28 18.96 -47.66
N LEU E 3948 -7.39 18.62 -46.72
CA LEU E 3948 -6.08 19.25 -46.70
C LEU E 3948 -5.30 18.93 -47.95
N HIS E 3949 -5.34 17.67 -48.39
CA HIS E 3949 -4.66 17.28 -49.62
C HIS E 3949 -5.24 18.01 -50.83
N VAL E 3950 -6.57 18.06 -50.91
CA VAL E 3950 -7.22 18.74 -52.04
C VAL E 3950 -6.82 20.21 -52.05
N PHE E 3951 -6.84 20.86 -50.89
CA PHE E 3951 -6.45 22.26 -50.80
C PHE E 3951 -5.00 22.47 -51.18
N ALA E 3952 -4.11 21.61 -50.69
CA ALA E 3952 -2.69 21.77 -50.97
C ALA E 3952 -2.38 21.65 -52.46
N HIS E 3953 -3.11 20.78 -53.17
CA HIS E 3953 -2.77 20.61 -54.58
C HIS E 3953 -3.54 21.57 -55.48
N MET E 3954 -4.81 21.83 -55.18
CA MET E 3954 -5.62 22.69 -56.04
C MET E 3954 -5.17 24.14 -55.94
N GLN E 3955 -4.64 24.54 -54.79
CA GLN E 3955 -4.11 25.90 -54.66
C GLN E 3955 -2.93 26.11 -55.60
N MET E 3956 -2.05 25.12 -55.71
CA MET E 3956 -0.92 25.20 -56.63
C MET E 3956 -1.34 25.03 -58.08
N LYS E 3957 -2.41 24.29 -58.35
CA LYS E 3957 -2.87 24.06 -59.71
C LYS E 3957 -3.67 25.23 -60.29
N LEU E 3958 -4.68 25.69 -59.56
CA LEU E 3958 -5.59 26.69 -60.10
C LEU E 3958 -4.94 28.06 -60.19
N SER E 3959 -3.92 28.33 -59.37
CA SER E 3959 -3.28 29.63 -59.38
C SER E 3959 -2.59 29.90 -60.71
N GLN E 3960 -1.99 28.88 -61.30
CA GLN E 3960 -1.27 29.06 -62.56
C GLN E 3960 -2.21 29.43 -63.69
N ASP E 3961 -3.41 28.86 -63.71
CA ASP E 3961 -4.41 29.15 -64.73
C ASP E 3961 -5.17 30.42 -64.36
N SER E 3962 -5.29 31.33 -65.32
CA SER E 3962 -5.95 32.61 -65.10
C SER E 3962 -7.44 32.55 -65.33
N SER E 3963 -7.98 31.39 -65.69
CA SER E 3963 -9.41 31.24 -65.94
C SER E 3963 -10.16 30.60 -64.78
N GLN E 3964 -9.51 30.41 -63.63
CA GLN E 3964 -10.12 29.74 -62.49
C GLN E 3964 -10.09 30.62 -61.25
N ILE E 3965 -10.23 31.93 -61.43
CA ILE E 3965 -10.18 32.85 -60.28
C ILE E 3965 -11.35 32.60 -59.35
N GLU E 3966 -12.56 32.45 -59.91
CA GLU E 3966 -13.73 32.20 -59.09
C GLU E 3966 -13.65 30.86 -58.38
N LEU E 3967 -13.16 29.82 -59.06
CA LEU E 3967 -13.00 28.53 -58.42
C LEU E 3967 -12.00 28.61 -57.26
N LEU E 3968 -10.89 29.32 -57.47
CA LEU E 3968 -9.92 29.50 -56.40
C LEU E 3968 -10.51 30.26 -55.23
N LYS E 3969 -11.29 31.30 -55.49
CA LYS E 3969 -11.93 32.05 -54.42
C LYS E 3969 -12.92 31.22 -53.63
N GLU E 3970 -13.72 30.39 -54.30
CA GLU E 3970 -14.63 29.49 -53.58
C GLU E 3970 -13.86 28.47 -52.74
N LEU E 3971 -12.83 27.87 -53.33
CA LEU E 3971 -12.03 26.88 -52.64
C LEU E 3971 -11.31 27.45 -51.42
N MET E 3972 -10.81 28.68 -51.52
CA MET E 3972 -10.09 29.31 -50.42
C MET E 3972 -11.03 29.92 -49.38
N ASP E 3973 -12.33 29.92 -49.64
CA ASP E 3973 -13.31 30.19 -48.59
C ASP E 3973 -13.76 28.92 -47.89
N LEU E 3974 -13.84 27.82 -48.63
CA LEU E 3974 -14.05 26.53 -48.00
C LEU E 3974 -12.96 26.22 -46.99
N GLN E 3975 -11.71 26.54 -47.34
CA GLN E 3975 -10.60 26.34 -46.42
C GLN E 3975 -10.75 27.18 -45.15
N LYS E 3976 -11.15 28.43 -45.30
CA LYS E 3976 -11.38 29.27 -44.13
C LYS E 3976 -12.47 28.73 -43.23
N ASP E 3977 -13.57 28.24 -43.80
CA ASP E 3977 -14.59 27.60 -42.98
C ASP E 3977 -14.10 26.35 -42.28
N MET E 3978 -13.29 25.53 -42.96
CA MET E 3978 -12.71 24.37 -42.30
C MET E 3978 -11.84 24.76 -41.12
N VAL E 3979 -11.01 25.78 -41.29
CA VAL E 3979 -10.15 26.21 -40.19
C VAL E 3979 -10.97 26.82 -39.05
N VAL E 3980 -12.04 27.53 -39.37
CA VAL E 3980 -12.92 28.04 -38.31
C VAL E 3980 -13.54 26.89 -37.53
N MET E 3981 -13.98 25.83 -38.22
CA MET E 3981 -14.50 24.67 -37.52
C MET E 3981 -13.45 24.03 -36.62
N LEU E 3982 -12.21 23.94 -37.13
CA LEU E 3982 -11.15 23.36 -36.31
C LEU E 3982 -10.88 24.21 -35.06
N LEU E 3983 -10.90 25.53 -35.21
CA LEU E 3983 -10.72 26.41 -34.05
C LEU E 3983 -11.86 26.25 -33.06
N SER E 3984 -13.09 26.15 -33.54
CA SER E 3984 -14.22 25.91 -32.66
C SER E 3984 -14.10 24.58 -31.94
N MET E 3985 -13.45 23.60 -32.57
CA MET E 3985 -13.20 22.34 -31.88
C MET E 3985 -12.30 22.53 -30.66
N LEU E 3986 -11.26 23.36 -30.77
CA LEU E 3986 -10.34 23.62 -29.68
C LEU E 3986 -10.86 24.64 -28.70
N GLU E 3987 -11.95 25.34 -29.04
CA GLU E 3987 -12.55 26.30 -28.14
C GLU E 3987 -12.84 25.67 -26.79
N GLY E 3988 -12.43 26.34 -25.72
CA GLY E 3988 -12.57 25.79 -24.38
C GLY E 3988 -11.72 24.58 -24.11
N ASN E 3989 -10.46 24.59 -24.55
CA ASN E 3989 -9.59 23.44 -24.40
C ASN E 3989 -8.93 23.43 -23.03
N VAL E 3990 -8.37 22.28 -22.68
CA VAL E 3990 -7.57 22.11 -21.48
C VAL E 3990 -6.19 21.63 -21.88
N VAL E 3991 -5.24 21.77 -20.95
CA VAL E 3991 -3.88 21.36 -21.23
C VAL E 3991 -3.82 19.84 -21.36
N ASN E 3992 -3.17 19.36 -22.41
CA ASN E 3992 -3.06 17.93 -22.70
C ASN E 3992 -4.44 17.30 -22.84
N GLY E 3993 -5.25 17.86 -23.73
CA GLY E 3993 -6.57 17.34 -23.98
C GLY E 3993 -6.61 16.32 -25.10
N THR E 3994 -7.66 15.49 -25.06
CA THR E 3994 -7.82 14.47 -26.09
C THR E 3994 -8.05 15.09 -27.45
N ILE E 3995 -8.82 16.18 -27.53
CA ILE E 3995 -9.04 16.84 -28.81
C ILE E 3995 -7.72 17.39 -29.35
N GLY E 3996 -6.91 17.98 -28.48
CA GLY E 3996 -5.61 18.46 -28.90
C GLY E 3996 -4.74 17.33 -29.42
N LYS E 3997 -4.73 16.19 -28.72
CA LYS E 3997 -3.95 15.06 -29.18
C LYS E 3997 -4.41 14.58 -30.55
N GLN E 3998 -5.72 14.46 -30.76
CA GLN E 3998 -6.22 14.00 -32.05
C GLN E 3998 -5.92 14.99 -33.17
N MET E 3999 -6.02 16.29 -32.91
CA MET E 3999 -5.68 17.26 -33.94
C MET E 3999 -4.20 17.25 -34.25
N VAL E 4000 -3.35 17.07 -33.24
CA VAL E 4000 -1.92 16.93 -33.51
C VAL E 4000 -1.65 15.70 -34.36
N ASP E 4001 -2.34 14.60 -34.06
CA ASP E 4001 -2.19 13.39 -34.86
C ASP E 4001 -2.61 13.63 -36.31
N MET E 4002 -3.71 14.33 -36.51
CA MET E 4002 -4.17 14.60 -37.88
C MET E 4002 -3.17 15.50 -38.62
N LEU E 4003 -2.61 16.50 -37.93
CA LEU E 4003 -1.60 17.34 -38.56
C LEU E 4003 -0.37 16.52 -38.94
N VAL E 4004 0.07 15.63 -38.04
CA VAL E 4004 1.23 14.80 -38.35
C VAL E 4004 0.95 13.90 -39.54
N GLU E 4005 -0.27 13.37 -39.63
CA GLU E 4005 -0.64 12.55 -40.78
C GLU E 4005 -0.61 13.36 -42.06
N SER E 4006 -1.09 14.60 -42.02
CA SER E 4006 -1.14 15.46 -43.20
C SER E 4006 0.00 16.49 -43.22
N SER E 4007 1.17 16.12 -42.73
CA SER E 4007 2.29 17.06 -42.62
C SER E 4007 2.66 17.70 -43.95
N ASN E 4008 2.84 16.89 -45.00
CA ASN E 4008 3.32 17.42 -46.26
C ASN E 4008 2.35 18.43 -46.86
N ASN E 4009 1.06 18.11 -46.83
CA ASN E 4009 0.06 19.01 -47.39
C ASN E 4009 0.07 20.35 -46.67
N VAL E 4010 0.18 20.32 -45.34
CA VAL E 4010 0.28 21.56 -44.58
C VAL E 4010 1.55 22.34 -44.89
N GLU E 4011 2.67 21.65 -45.10
CA GLU E 4011 3.88 22.33 -45.53
C GLU E 4011 3.69 23.06 -46.85
N MET E 4012 3.05 22.41 -47.82
CA MET E 4012 2.83 23.06 -49.10
C MET E 4012 1.88 24.26 -48.95
N ILE E 4013 0.83 24.09 -48.15
CA ILE E 4013 -0.09 25.20 -47.92
C ILE E 4013 0.63 26.38 -47.27
N LEU E 4014 1.47 26.11 -46.29
CA LEU E 4014 2.18 27.16 -45.56
C LEU E 4014 3.23 27.85 -46.43
N LYS E 4015 3.90 27.14 -47.32
CA LYS E 4015 4.79 27.81 -48.26
C LYS E 4015 4.00 28.67 -49.24
N PHE E 4016 2.86 28.17 -49.72
CA PHE E 4016 1.99 28.95 -50.58
C PHE E 4016 1.59 30.26 -49.90
N PHE E 4017 1.25 30.19 -48.62
CA PHE E 4017 0.85 31.38 -47.90
C PHE E 4017 2.03 32.32 -47.67
N ASP E 4018 3.21 31.75 -47.36
CA ASP E 4018 4.35 32.59 -47.03
C ASP E 4018 4.84 33.38 -48.25
N MET E 4019 4.94 32.71 -49.40
CA MET E 4019 5.46 33.38 -50.58
C MET E 4019 4.50 34.41 -51.14
N PHE E 4020 3.27 34.44 -50.65
CA PHE E 4020 2.32 35.49 -50.98
C PHE E 4020 2.19 36.54 -49.90
N LEU E 4021 2.49 36.22 -48.64
CA LEU E 4021 2.55 37.23 -47.61
C LEU E 4021 3.80 38.10 -47.74
N LYS E 4022 4.87 37.56 -48.32
CA LYS E 4022 6.04 38.39 -48.63
C LYS E 4022 5.82 39.29 -49.84
N LEU E 4023 4.79 39.01 -50.64
CA LEU E 4023 4.58 39.77 -51.86
C LEU E 4023 4.16 41.21 -51.56
N LYS E 4024 3.40 41.39 -50.47
CA LYS E 4024 3.04 42.75 -50.07
C LYS E 4024 4.27 43.57 -49.69
N ASP E 4025 5.20 42.97 -48.95
CA ASP E 4025 6.44 43.67 -48.63
C ASP E 4025 7.24 43.99 -49.89
N LEU E 4026 7.32 43.03 -50.81
CA LEU E 4026 7.99 43.30 -52.08
C LEU E 4026 7.38 44.49 -52.80
N THR E 4027 6.05 44.51 -52.92
CA THR E 4027 5.40 45.55 -53.71
C THR E 4027 5.35 46.88 -52.98
N SER E 4028 5.51 46.89 -51.65
CA SER E 4028 5.58 48.13 -50.90
C SER E 4028 7.00 48.62 -50.69
N SER E 4029 8.00 47.83 -51.09
CA SER E 4029 9.38 48.26 -50.97
C SER E 4029 9.68 49.41 -51.92
N ASP E 4030 10.69 50.21 -51.56
CA ASP E 4030 11.10 51.33 -52.40
C ASP E 4030 11.86 50.90 -53.64
N THR E 4031 12.52 49.74 -53.60
CA THR E 4031 13.14 49.21 -54.82
C THR E 4031 12.11 48.96 -55.91
N PHE E 4032 10.93 48.47 -55.55
CA PHE E 4032 9.81 48.40 -56.46
C PHE E 4032 9.41 49.78 -57.00
N LYS E 4033 9.48 50.81 -56.16
CA LYS E 4033 9.13 52.16 -56.60
C LYS E 4033 10.16 52.74 -57.56
N GLU E 4034 11.44 52.39 -57.42
CA GLU E 4034 12.43 52.86 -58.38
C GLU E 4034 12.54 51.96 -59.60
N TYR E 4035 11.99 50.75 -59.55
CA TYR E 4035 11.75 50.00 -60.78
C TYR E 4035 10.53 50.51 -61.54
N ASP E 4036 9.49 50.94 -60.84
CA ASP E 4036 8.34 51.56 -61.45
C ASP E 4036 8.19 52.97 -60.90
N PRO E 4037 8.82 53.98 -61.53
CA PRO E 4037 8.79 55.33 -60.97
C PRO E 4037 7.40 55.92 -60.87
N ASP E 4038 6.55 55.62 -61.85
CA ASP E 4038 5.18 56.12 -61.82
C ASP E 4038 4.38 55.34 -60.78
N GLY E 4039 3.46 56.04 -60.12
CA GLY E 4039 2.56 55.43 -59.16
C GLY E 4039 1.29 54.89 -59.76
N LYS E 4040 1.24 54.72 -61.09
CA LYS E 4040 0.03 54.25 -61.74
C LYS E 4040 -0.34 52.85 -61.31
N GLY E 4041 0.65 52.05 -60.92
CA GLY E 4041 0.42 50.68 -60.52
C GLY E 4041 0.52 49.65 -61.63
N VAL E 4042 1.12 49.99 -62.76
CA VAL E 4042 1.27 49.07 -63.87
C VAL E 4042 2.75 48.82 -64.09
N ILE E 4043 3.16 47.55 -64.07
CA ILE E 4043 4.56 47.17 -64.18
C ILE E 4043 4.69 46.12 -65.28
N SER E 4044 5.85 46.14 -65.94
CA SER E 4044 6.13 45.15 -66.97
C SER E 4044 6.62 43.85 -66.34
N LYS E 4045 6.52 42.77 -67.11
CA LYS E 4045 6.91 41.46 -66.58
C LYS E 4045 8.41 41.38 -66.33
N ARG E 4046 9.22 41.96 -67.22
CA ARG E 4046 10.67 41.97 -67.00
C ARG E 4046 11.03 42.77 -65.75
N ASP E 4047 10.39 43.93 -65.57
CA ASP E 4047 10.66 44.75 -64.39
C ASP E 4047 10.21 44.05 -63.12
N PHE E 4048 9.10 43.31 -63.20
CA PHE E 4048 8.62 42.55 -62.05
C PHE E 4048 9.57 41.40 -61.72
N HIS E 4049 10.11 40.75 -62.75
CA HIS E 4049 11.11 39.71 -62.54
C HIS E 4049 12.35 40.27 -61.85
N LYS E 4050 12.89 41.37 -62.35
CA LYS E 4050 14.06 41.94 -61.71
C LYS E 4050 13.71 42.49 -60.33
N ALA E 4051 12.44 42.83 -60.08
CA ALA E 4051 12.02 43.19 -58.73
C ALA E 4051 12.15 42.00 -57.79
N MET E 4052 11.64 40.83 -58.19
CA MET E 4052 11.82 39.65 -57.37
C MET E 4052 13.30 39.32 -57.17
N GLU E 4053 14.09 39.42 -58.23
CA GLU E 4053 15.52 39.14 -58.14
C GLU E 4053 16.26 40.09 -57.21
N SER E 4054 15.91 41.38 -57.22
CA SER E 4054 16.53 42.33 -56.29
C SER E 4054 16.03 42.12 -54.87
N HIS E 4055 14.80 41.62 -54.73
CA HIS E 4055 14.25 41.42 -53.39
C HIS E 4055 15.05 40.36 -52.63
N LYS E 4056 15.44 39.28 -53.32
CA LYS E 4056 16.32 38.23 -52.81
C LYS E 4056 15.74 37.41 -51.66
N HIS E 4057 14.50 37.70 -51.25
CA HIS E 4057 13.82 36.79 -50.34
C HIS E 4057 13.08 35.70 -51.11
N TYR E 4058 12.96 35.84 -52.41
CA TYR E 4058 12.39 34.81 -53.26
C TYR E 4058 13.50 34.05 -53.97
N THR E 4059 13.49 32.72 -53.85
CA THR E 4059 14.41 31.91 -54.60
C THR E 4059 13.95 31.81 -56.06
N GLN E 4060 14.72 31.06 -56.85
CA GLN E 4060 14.41 30.94 -58.27
C GLN E 4060 13.07 30.24 -58.48
N SER E 4061 12.80 29.18 -57.72
CA SER E 4061 11.55 28.45 -57.88
C SER E 4061 10.36 29.33 -57.52
N GLU E 4062 10.44 30.05 -56.41
CA GLU E 4062 9.35 30.95 -56.05
C GLU E 4062 9.17 32.06 -57.08
N THR E 4063 10.27 32.60 -57.60
CA THR E 4063 10.18 33.66 -58.60
C THR E 4063 9.48 33.15 -59.85
N GLU E 4064 9.87 31.97 -60.34
CA GLU E 4064 9.25 31.46 -61.56
C GLU E 4064 7.80 31.07 -61.31
N PHE E 4065 7.47 30.59 -60.11
CA PHE E 4065 6.08 30.27 -59.82
C PHE E 4065 5.22 31.53 -59.78
N LEU E 4066 5.74 32.61 -59.18
CA LEU E 4066 5.02 33.88 -59.19
C LEU E 4066 4.85 34.39 -60.62
N LEU E 4067 5.87 34.21 -61.44
CA LEU E 4067 5.76 34.60 -62.84
C LEU E 4067 4.64 33.81 -63.54
N SER E 4068 4.60 32.51 -63.31
CA SER E 4068 3.58 31.67 -63.94
C SER E 4068 2.18 32.06 -63.47
N CYS E 4069 2.04 32.39 -62.18
CA CYS E 4069 0.74 32.75 -61.63
C CYS E 4069 0.35 34.18 -61.91
N ALA E 4070 1.19 34.94 -62.60
CA ALA E 4070 0.91 36.34 -62.92
C ALA E 4070 0.46 36.42 -64.37
N GLU E 4071 -0.74 36.97 -64.57
CA GLU E 4071 -1.29 37.11 -65.92
C GLU E 4071 -0.89 38.45 -66.50
N THR E 4072 -0.25 38.42 -67.67
CA THR E 4072 0.19 39.63 -68.36
C THR E 4072 -0.41 39.65 -69.75
N ASP E 4073 -0.80 40.84 -70.20
CA ASP E 4073 -1.38 40.99 -71.52
C ASP E 4073 -0.27 40.94 -72.58
N GLU E 4074 -0.66 41.24 -73.83
CA GLU E 4074 0.31 41.27 -74.91
C GLU E 4074 1.34 42.37 -74.70
N ASN E 4075 1.02 43.36 -73.87
CA ASN E 4075 1.94 44.45 -73.57
C ASN E 4075 3.04 44.04 -72.60
N GLU E 4076 3.10 42.78 -72.20
CA GLU E 4076 4.17 42.27 -71.33
C GLU E 4076 4.10 42.96 -69.97
N THR E 4077 2.92 43.44 -69.61
CA THR E 4077 2.70 44.16 -68.37
C THR E 4077 1.47 43.62 -67.65
N LEU E 4078 1.38 43.89 -66.35
CA LEU E 4078 0.30 43.41 -65.52
C LEU E 4078 -0.06 44.44 -64.46
N ASP E 4079 -1.16 44.17 -63.74
CA ASP E 4079 -1.62 45.04 -62.67
C ASP E 4079 -1.26 44.40 -61.34
N TYR E 4080 -0.13 44.84 -60.77
CA TYR E 4080 0.38 44.15 -59.59
C TYR E 4080 -0.46 44.43 -58.36
N GLU E 4081 -1.19 45.55 -58.33
CA GLU E 4081 -2.11 45.78 -57.22
C GLU E 4081 -3.20 44.71 -57.20
N GLU E 4082 -3.82 44.44 -58.34
CA GLU E 4082 -4.81 43.37 -58.42
C GLU E 4082 -4.19 42.02 -58.13
N PHE E 4083 -2.97 41.79 -58.63
CA PHE E 4083 -2.25 40.55 -58.35
C PHE E 4083 -2.08 40.32 -56.85
N VAL E 4084 -1.51 41.31 -56.16
CA VAL E 4084 -1.21 41.16 -54.74
C VAL E 4084 -2.50 41.08 -53.94
N LYS E 4085 -3.55 41.76 -54.39
CA LYS E 4085 -4.83 41.62 -53.71
C LYS E 4085 -5.34 40.19 -53.79
N ARG E 4086 -5.55 39.68 -55.01
CA ARG E 4086 -6.09 38.34 -55.18
C ARG E 4086 -5.28 37.31 -54.41
N PHE E 4087 -3.96 37.44 -54.40
CA PHE E 4087 -3.15 36.44 -53.73
C PHE E 4087 -2.73 36.84 -52.33
N HIS E 4088 -3.28 37.92 -51.76
CA HIS E 4088 -2.81 38.33 -50.44
C HIS E 4088 -3.93 38.32 -49.41
N GLU E 4089 -5.08 38.93 -49.69
CA GLU E 4089 -6.10 38.91 -48.63
C GLU E 4089 -6.54 37.51 -48.24
N PRO E 4090 -6.86 36.60 -49.17
CA PRO E 4090 -7.14 35.22 -48.73
C PRO E 4090 -5.97 34.61 -47.97
N ALA E 4091 -4.75 34.86 -48.44
CA ALA E 4091 -3.59 34.43 -47.68
C ALA E 4091 -3.57 35.06 -46.30
N LYS E 4092 -3.81 36.35 -46.20
CA LYS E 4092 -3.74 37.04 -44.91
C LYS E 4092 -4.74 36.51 -43.90
N ASP E 4093 -5.98 36.23 -44.31
CA ASP E 4093 -6.95 35.80 -43.29
C ASP E 4093 -6.85 34.30 -43.00
N ILE E 4094 -6.67 33.47 -44.03
CA ILE E 4094 -6.53 32.04 -43.77
C ILE E 4094 -5.28 31.77 -42.96
N GLY E 4095 -4.16 32.42 -43.31
CA GLY E 4095 -2.94 32.22 -42.55
C GLY E 4095 -3.06 32.69 -41.13
N PHE E 4096 -3.81 33.78 -40.89
CA PHE E 4096 -4.04 34.22 -39.52
C PHE E 4096 -4.80 33.17 -38.73
N ASN E 4097 -5.85 32.61 -39.33
CA ASN E 4097 -6.59 31.57 -38.63
C ASN E 4097 -5.72 30.35 -38.35
N VAL E 4098 -4.89 29.95 -39.31
CA VAL E 4098 -4.00 28.82 -39.09
C VAL E 4098 -2.99 29.12 -37.99
N ALA E 4099 -2.45 30.34 -37.98
CA ALA E 4099 -1.50 30.72 -36.95
C ALA E 4099 -2.14 30.70 -35.57
N VAL E 4100 -3.39 31.17 -35.48
CA VAL E 4100 -4.11 31.09 -34.22
C VAL E 4100 -4.32 29.65 -33.79
N LEU E 4101 -4.72 28.78 -34.71
CA LEU E 4101 -4.88 27.36 -34.40
C LEU E 4101 -3.59 26.77 -33.86
N LEU E 4102 -2.47 27.02 -34.53
CA LEU E 4102 -1.20 26.48 -34.10
C LEU E 4102 -0.72 27.04 -32.78
N THR E 4103 -0.92 28.34 -32.54
CA THR E 4103 -0.57 28.90 -31.24
C THR E 4103 -1.40 28.28 -30.13
N ASN E 4104 -2.71 28.10 -30.37
CA ASN E 4104 -3.56 27.44 -29.39
C ASN E 4104 -3.06 26.04 -29.08
N LEU E 4105 -2.77 25.26 -30.12
CA LEU E 4105 -2.31 23.90 -29.93
C LEU E 4105 -0.99 23.86 -29.18
N SER E 4106 -0.06 24.75 -29.55
CA SER E 4106 1.24 24.77 -28.89
C SER E 4106 1.12 25.13 -27.42
N GLU E 4107 0.31 26.13 -27.10
CA GLU E 4107 0.23 26.59 -25.73
C GLU E 4107 -0.58 25.62 -24.87
N HIS E 4108 -1.43 24.81 -25.47
CA HIS E 4108 -2.16 23.82 -24.70
C HIS E 4108 -1.51 22.44 -24.69
N MET E 4109 -0.50 22.21 -25.52
CA MET E 4109 0.28 20.98 -25.51
C MET E 4109 1.76 21.36 -25.49
N PRO E 4110 2.27 21.76 -24.33
CA PRO E 4110 3.60 22.39 -24.29
C PRO E 4110 4.75 21.42 -24.52
N ASN E 4111 4.53 20.12 -24.48
CA ASN E 4111 5.62 19.15 -24.55
C ASN E 4111 5.34 18.04 -25.56
N ASP E 4112 4.94 18.42 -26.78
CA ASP E 4112 4.64 17.45 -27.82
C ASP E 4112 5.65 17.63 -28.95
N THR E 4113 6.62 16.73 -29.03
CA THR E 4113 7.74 16.90 -29.96
C THR E 4113 7.26 16.96 -31.39
N ARG E 4114 6.29 16.12 -31.74
CA ARG E 4114 5.68 16.21 -33.06
C ARG E 4114 5.13 17.60 -33.30
N LEU E 4115 4.63 18.25 -32.25
CA LEU E 4115 4.07 19.58 -32.41
C LEU E 4115 5.16 20.62 -32.60
N GLN E 4116 6.26 20.54 -31.85
CA GLN E 4116 7.31 21.54 -32.12
C GLN E 4116 7.95 21.37 -33.49
N THR E 4117 8.15 20.14 -33.98
CA THR E 4117 8.70 20.02 -35.33
C THR E 4117 7.76 20.64 -36.35
N PHE E 4118 6.47 20.44 -36.17
CA PHE E 4118 5.48 21.04 -37.07
C PHE E 4118 5.50 22.56 -36.97
N LEU E 4119 5.72 23.08 -35.77
CA LEU E 4119 5.86 24.53 -35.61
C LEU E 4119 7.11 25.04 -36.31
N GLU E 4120 8.20 24.29 -36.26
CA GLU E 4120 9.40 24.66 -37.01
C GLU E 4120 9.08 24.76 -38.49
N LEU E 4121 8.28 23.82 -38.99
CA LEU E 4121 7.80 23.96 -40.37
C LEU E 4121 6.99 25.24 -40.55
N ALA E 4122 6.13 25.57 -39.58
CA ALA E 4122 5.26 26.73 -39.66
C ALA E 4122 5.89 28.00 -39.10
N GLU E 4123 7.22 28.09 -39.05
CA GLU E 4123 7.88 29.18 -38.34
C GLU E 4123 7.58 30.54 -38.97
N SER E 4124 7.71 30.66 -40.29
CA SER E 4124 7.68 31.98 -40.92
C SER E 4124 6.31 32.64 -40.78
N VAL E 4125 5.24 31.86 -40.97
CA VAL E 4125 3.89 32.41 -40.91
C VAL E 4125 3.60 32.97 -39.52
N LEU E 4126 4.03 32.23 -38.49
CA LEU E 4126 3.82 32.69 -37.12
C LEU E 4126 4.57 33.98 -36.87
N ASN E 4127 5.80 34.10 -37.38
CA ASN E 4127 6.55 35.33 -37.24
C ASN E 4127 5.85 36.49 -37.93
N TYR E 4128 5.27 36.24 -39.11
CA TYR E 4128 4.55 37.30 -39.80
C TYR E 4128 3.33 37.75 -39.00
N PHE E 4129 2.60 36.81 -38.42
CA PHE E 4129 1.34 37.11 -37.76
C PHE E 4129 1.49 37.42 -36.29
N GLN E 4130 2.72 37.44 -35.76
CA GLN E 4130 2.91 37.74 -34.35
C GLN E 4130 2.35 39.09 -33.94
N PRO E 4131 2.62 40.21 -34.63
CA PRO E 4131 2.07 41.49 -34.17
C PRO E 4131 0.55 41.55 -34.15
N PHE E 4132 -0.12 40.84 -35.06
CA PHE E 4132 -1.58 40.92 -35.18
C PHE E 4132 -2.31 39.91 -34.32
N LEU E 4133 -1.60 39.10 -33.53
CA LEU E 4133 -2.21 38.05 -32.74
C LEU E 4133 -2.38 38.53 -31.31
N GLY E 4134 -3.61 38.56 -30.83
CA GLY E 4134 -3.92 38.98 -29.47
C GLY E 4134 -4.10 37.77 -28.58
N ARG E 4135 -3.77 37.93 -27.30
CA ARG E 4135 -3.80 36.84 -26.33
C ARG E 4135 -4.20 37.39 -24.98
N ILE E 4136 -5.34 36.95 -24.47
CA ILE E 4136 -5.79 37.30 -23.13
C ILE E 4136 -6.29 36.04 -22.45
N GLU E 4137 -6.43 36.14 -21.12
CA GLU E 4137 -6.99 35.07 -20.31
C GLU E 4137 -8.23 35.59 -19.60
N ILE E 4138 -9.28 34.77 -19.59
CA ILE E 4138 -10.54 35.14 -18.94
C ILE E 4138 -10.98 33.98 -18.05
N MET E 4139 -11.87 34.31 -17.11
CA MET E 4139 -12.47 33.31 -16.22
C MET E 4139 -13.68 32.76 -16.95
N GLY E 4140 -13.52 31.61 -17.59
CA GLY E 4140 -14.51 31.10 -18.51
C GLY E 4140 -15.77 30.63 -17.83
N SER E 4141 -16.73 30.21 -18.67
CA SER E 4141 -18.00 29.73 -18.16
C SER E 4141 -17.88 28.41 -17.42
N ALA E 4142 -16.84 27.63 -17.69
CA ALA E 4142 -16.63 26.35 -17.03
C ALA E 4142 -15.84 26.48 -15.73
N LYS E 4143 -15.85 27.67 -15.13
CA LYS E 4143 -15.12 27.93 -13.88
C LYS E 4143 -13.63 27.61 -14.02
N ARG E 4144 -13.06 27.91 -15.19
CA ARG E 4144 -11.65 27.72 -15.45
C ARG E 4144 -11.11 28.94 -16.17
N ILE E 4145 -9.80 29.19 -16.01
CA ILE E 4145 -9.15 30.26 -16.75
C ILE E 4145 -8.94 29.80 -18.18
N GLU E 4146 -9.55 30.51 -19.12
CA GLU E 4146 -9.48 30.16 -20.53
C GLU E 4146 -8.72 31.25 -21.27
N ARG E 4147 -7.86 30.84 -22.19
CA ARG E 4147 -7.06 31.78 -22.97
C ARG E 4147 -7.72 32.02 -24.32
N VAL E 4148 -7.84 33.29 -24.69
CA VAL E 4148 -8.59 33.72 -25.87
C VAL E 4148 -7.63 34.36 -26.86
N TYR E 4149 -7.79 34.01 -28.14
CA TYR E 4149 -6.98 34.56 -29.21
C TYR E 4149 -7.87 35.33 -30.17
N PHE E 4150 -7.46 36.53 -30.53
CA PHE E 4150 -8.21 37.39 -31.44
C PHE E 4150 -7.23 38.10 -32.36
N GLU E 4151 -7.74 39.04 -33.13
CA GLU E 4151 -6.96 39.78 -34.11
C GLU E 4151 -6.77 41.22 -33.67
N ILE E 4152 -5.54 41.72 -33.79
CA ILE E 4152 -5.22 43.11 -33.51
C ILE E 4152 -4.83 43.77 -34.82
N SER E 4153 -5.47 44.89 -35.13
CA SER E 4153 -5.22 45.56 -36.39
C SER E 4153 -4.03 46.51 -36.29
N GLU E 4154 -3.37 46.71 -37.42
CA GLU E 4154 -2.20 47.58 -37.47
C GLU E 4154 -2.56 49.02 -37.12
N SER E 4155 -3.71 49.49 -37.59
CA SER E 4155 -4.16 50.83 -37.24
C SER E 4155 -4.37 50.96 -35.74
N SER E 4156 -5.02 49.96 -35.12
CA SER E 4156 -5.21 50.00 -33.68
C SER E 4156 -3.89 50.02 -32.95
N ARG E 4157 -2.93 49.20 -33.37
CA ARG E 4157 -1.64 49.20 -32.70
C ARG E 4157 -0.93 50.55 -32.82
N THR E 4158 -0.95 51.15 -34.01
CA THR E 4158 -0.28 52.44 -34.18
C THR E 4158 -0.93 53.51 -33.33
N GLN E 4159 -2.27 53.57 -33.34
CA GLN E 4159 -2.96 54.56 -32.53
C GLN E 4159 -2.71 54.34 -31.05
N TRP E 4160 -2.56 53.08 -30.64
CA TRP E 4160 -2.21 52.80 -29.26
C TRP E 4160 -0.81 53.31 -28.93
N GLU E 4161 0.13 53.16 -29.86
CA GLU E 4161 1.50 53.57 -29.62
C GLU E 4161 1.74 55.06 -29.86
N LYS E 4162 0.73 55.81 -30.30
CA LYS E 4162 0.89 57.25 -30.39
C LYS E 4162 1.16 57.84 -29.01
N PRO E 4163 2.02 58.86 -28.91
CA PRO E 4163 2.45 59.33 -27.58
C PRO E 4163 1.34 59.87 -26.70
N GLN E 4164 0.32 60.50 -27.28
CA GLN E 4164 -0.76 61.05 -26.46
C GLN E 4164 -1.48 59.94 -25.71
N VAL E 4165 -1.72 58.82 -26.39
CA VAL E 4165 -2.36 57.68 -25.73
C VAL E 4165 -1.48 57.14 -24.63
N LYS E 4166 -0.16 57.16 -24.82
CA LYS E 4166 0.75 56.71 -23.78
C LYS E 4166 0.68 57.63 -22.56
N GLU E 4167 0.60 58.93 -22.78
CA GLU E 4167 0.47 59.86 -21.67
C GLU E 4167 -0.85 59.64 -20.93
N SER E 4168 -1.93 59.43 -21.68
CA SER E 4168 -3.21 59.12 -21.04
C SER E 4168 -3.16 57.83 -20.24
N LYS E 4169 -2.48 56.80 -20.76
CA LYS E 4169 -2.29 55.56 -20.02
C LYS E 4169 -1.53 55.79 -18.72
N ARG E 4170 -0.45 56.58 -18.77
CA ARG E 4170 0.31 56.85 -17.57
C ARG E 4170 -0.53 57.59 -16.54
N GLN E 4171 -1.30 58.58 -16.97
CA GLN E 4171 -2.18 59.29 -16.06
C GLN E 4171 -3.22 58.37 -15.45
N PHE E 4172 -3.81 57.50 -16.27
CA PHE E 4172 -4.81 56.55 -15.77
C PHE E 4172 -4.22 55.63 -14.73
N ILE E 4173 -3.03 55.08 -15.00
CA ILE E 4173 -2.39 54.17 -14.05
C ILE E 4173 -2.06 54.90 -12.76
N PHE E 4174 -1.55 56.12 -12.86
CA PHE E 4174 -1.25 56.92 -11.66
C PHE E 4174 -2.51 57.10 -10.82
N ASP E 4175 -3.62 57.49 -11.46
CA ASP E 4175 -4.85 57.73 -10.73
C ASP E 4175 -5.35 56.45 -10.06
N VAL E 4176 -5.36 55.34 -10.79
CA VAL E 4176 -5.87 54.09 -10.24
C VAL E 4176 -5.02 53.63 -9.07
N VAL E 4177 -3.70 53.73 -9.20
CA VAL E 4177 -2.82 53.25 -8.13
C VAL E 4177 -2.95 54.14 -6.89
N ASN E 4178 -3.05 55.46 -7.07
CA ASN E 4178 -3.00 56.33 -5.92
C ASN E 4178 -4.36 56.47 -5.25
N GLU E 4179 -5.39 56.87 -5.99
CA GLU E 4179 -6.70 57.10 -5.41
C GLU E 4179 -7.75 56.16 -5.99
N GLY E 4180 -7.40 54.89 -6.14
CA GLY E 4180 -8.33 53.91 -6.65
C GLY E 4180 -8.50 52.77 -5.67
N GLY E 4181 -9.72 52.21 -5.66
CA GLY E 4181 -10.04 51.08 -4.82
C GLY E 4181 -10.05 49.76 -5.60
N GLU E 4182 -10.20 48.67 -4.86
CA GLU E 4182 -10.17 47.35 -5.48
C GLU E 4182 -11.51 47.01 -6.15
N LYS E 4183 -12.63 47.49 -5.62
CA LYS E 4183 -13.91 47.34 -6.30
C LYS E 4183 -13.93 48.04 -7.65
N GLU E 4184 -13.51 49.31 -7.69
CA GLU E 4184 -13.68 50.13 -8.87
C GLU E 4184 -12.52 50.03 -9.83
N LYS E 4185 -11.54 49.16 -9.57
CA LYS E 4185 -10.37 49.10 -10.43
C LYS E 4185 -10.75 48.62 -11.83
N MET E 4186 -11.47 47.51 -11.92
CA MET E 4186 -11.90 46.99 -13.22
C MET E 4186 -12.98 47.83 -13.88
N GLU E 4187 -13.75 48.60 -13.11
CA GLU E 4187 -14.71 49.52 -13.70
C GLU E 4187 -14.03 50.72 -14.34
N LEU E 4188 -13.09 51.32 -13.61
CA LEU E 4188 -12.29 52.40 -14.14
C LEU E 4188 -11.44 51.96 -15.32
N PHE E 4189 -10.89 50.75 -15.28
CA PHE E 4189 -10.11 50.26 -16.39
C PHE E 4189 -10.96 50.12 -17.65
N VAL E 4190 -12.18 49.60 -17.51
CA VAL E 4190 -13.07 49.49 -18.65
C VAL E 4190 -13.49 50.86 -19.18
N ASN E 4191 -13.78 51.82 -18.29
CA ASN E 4191 -14.10 53.17 -18.75
C ASN E 4191 -12.94 53.80 -19.51
N PHE E 4192 -11.72 53.65 -19.00
CA PHE E 4192 -10.54 54.16 -19.69
C PHE E 4192 -10.37 53.48 -21.04
N CYS E 4193 -10.60 52.16 -21.08
CA CYS E 4193 -10.50 51.44 -22.35
C CYS E 4193 -11.50 51.96 -23.37
N GLU E 4194 -12.74 52.23 -22.93
CA GLU E 4194 -13.75 52.73 -23.84
C GLU E 4194 -13.39 54.11 -24.37
N ASP E 4195 -13.00 55.02 -23.48
CA ASP E 4195 -12.62 56.36 -23.91
C ASP E 4195 -11.43 56.32 -24.87
N THR E 4196 -10.42 55.51 -24.54
CA THR E 4196 -9.26 55.39 -25.39
C THR E 4196 -9.60 54.77 -26.73
N ILE E 4197 -10.49 53.78 -26.76
CA ILE E 4197 -10.89 53.19 -28.03
C ILE E 4197 -11.57 54.23 -28.90
N PHE E 4198 -12.46 55.03 -28.31
CA PHE E 4198 -13.10 56.09 -29.08
C PHE E 4198 -12.09 57.07 -29.63
N GLU E 4199 -11.13 57.49 -28.80
CA GLU E 4199 -10.19 58.50 -29.28
C GLU E 4199 -9.24 57.94 -30.34
N MET E 4200 -8.81 56.68 -30.22
CA MET E 4200 -8.01 56.07 -31.28
C MET E 4200 -8.80 55.87 -32.56
N GLN E 4201 -10.08 55.53 -32.48
CA GLN E 4201 -10.89 55.46 -33.69
C GLN E 4201 -11.05 56.82 -34.36
N LEU E 4202 -11.30 57.87 -33.57
CA LEU E 4202 -11.41 59.21 -34.15
C LEU E 4202 -10.09 59.67 -34.76
N ALA E 4203 -8.97 59.39 -34.10
CA ALA E 4203 -7.67 59.75 -34.65
C ALA E 4203 -7.39 59.03 -35.96
N ALA E 4204 -7.69 57.73 -36.02
CA ALA E 4204 -7.52 57.00 -37.27
C ALA E 4204 -8.43 57.56 -38.35
N GLN E 4205 -9.64 57.96 -37.99
CA GLN E 4205 -10.55 58.55 -38.95
C GLN E 4205 -10.01 59.85 -39.52
N ILE E 4206 -9.51 60.73 -38.65
CA ILE E 4206 -9.04 62.04 -39.12
C ILE E 4206 -7.73 61.92 -39.89
N SER E 4207 -6.88 60.97 -39.49
CA SER E 4207 -5.58 60.80 -40.12
C SER E 4207 -5.72 59.95 -41.39
N GLU E 4208 -6.28 60.57 -42.42
CA GLU E 4208 -6.49 59.92 -43.70
C GLU E 4208 -5.82 60.72 -44.80
N SER E 4209 -5.17 60.03 -45.72
CA SER E 4209 -4.48 60.67 -46.83
C SER E 4209 -5.25 60.47 -48.14
N SER E 4237 22.41 72.00 -34.97
CA SER E 4237 21.76 70.85 -35.59
C SER E 4237 22.66 70.21 -36.64
N ILE E 4238 22.10 69.92 -37.81
CA ILE E 4238 22.87 69.27 -38.87
C ILE E 4238 24.01 70.17 -39.32
N LEU E 4239 23.74 71.48 -39.46
CA LEU E 4239 24.78 72.40 -39.90
C LEU E 4239 25.90 72.47 -38.87
N THR E 4240 25.56 72.53 -37.58
CA THR E 4240 26.57 72.59 -36.53
C THR E 4240 27.40 71.32 -36.51
N VAL E 4241 26.76 70.16 -36.65
CA VAL E 4241 27.49 68.89 -36.66
C VAL E 4241 28.43 68.83 -37.86
N ARG E 4242 27.96 69.27 -39.03
CA ARG E 4242 28.82 69.27 -40.22
C ARG E 4242 30.00 70.21 -40.04
N SER E 4243 29.76 71.40 -39.46
CA SER E 4243 30.86 72.33 -39.23
C SER E 4243 31.88 71.77 -38.25
N ALA E 4244 31.40 71.14 -37.18
CA ALA E 4244 32.32 70.55 -36.20
C ALA E 4244 33.13 69.42 -36.82
N LEU E 4245 32.49 68.58 -37.63
CA LEU E 4245 33.21 67.50 -38.29
C LEU E 4245 34.25 68.03 -39.27
N PHE E 4246 33.90 69.08 -40.01
CA PHE E 4246 34.86 69.68 -40.93
C PHE E 4246 36.03 70.28 -40.17
N ALA E 4247 35.76 70.93 -39.04
CA ALA E 4247 36.83 71.49 -38.22
C ALA E 4247 37.75 70.40 -37.69
N LEU E 4248 37.18 69.30 -37.19
CA LEU E 4248 37.99 68.16 -36.76
C LEU E 4248 38.88 67.66 -37.89
N ARG E 4249 38.29 67.39 -39.06
CA ARG E 4249 39.05 66.86 -40.17
C ARG E 4249 40.19 67.81 -40.54
N TYR E 4250 39.88 69.10 -40.69
CA TYR E 4250 40.89 70.05 -41.14
C TYR E 4250 42.02 70.19 -40.13
N ASN E 4251 41.67 70.39 -38.85
CA ASN E 4251 42.70 70.63 -37.84
C ASN E 4251 43.57 69.40 -37.63
N ILE E 4252 42.95 68.21 -37.59
CA ILE E 4252 43.76 67.01 -37.44
C ILE E 4252 44.64 66.81 -38.66
N LEU E 4253 44.14 67.12 -39.86
CA LEU E 4253 44.97 67.04 -41.04
C LEU E 4253 46.18 67.97 -40.94
N THR E 4254 45.96 69.21 -40.50
CA THR E 4254 47.06 70.14 -40.36
C THR E 4254 48.08 69.62 -39.35
N LEU E 4255 47.61 68.97 -38.29
CA LEU E 4255 48.54 68.33 -37.36
C LEU E 4255 49.35 67.23 -38.04
N MET E 4256 48.69 66.44 -38.90
CA MET E 4256 49.36 65.26 -39.43
C MET E 4256 50.24 65.56 -40.64
N ARG E 4257 50.08 66.73 -41.26
CA ARG E 4257 51.02 67.11 -42.33
C ARG E 4257 52.47 67.10 -41.87
N MET E 4258 52.71 67.41 -40.60
CA MET E 4258 54.09 67.43 -40.11
C MET E 4258 54.74 66.07 -40.28
N LEU E 4259 54.00 65.00 -40.00
CA LEU E 4259 54.52 63.65 -40.23
C LEU E 4259 54.42 63.28 -41.71
N SER E 4260 53.39 63.76 -42.40
CA SER E 4260 53.14 63.34 -43.78
C SER E 4260 54.17 63.90 -44.76
N LEU E 4261 54.86 64.98 -44.39
CA LEU E 4261 55.92 65.48 -45.27
C LEU E 4261 57.05 64.48 -45.44
N LYS E 4262 57.20 63.53 -44.51
CA LYS E 4262 58.30 62.55 -44.54
C LYS E 4262 59.66 63.26 -44.53
N SER E 4263 59.69 64.48 -44.01
CA SER E 4263 60.88 65.29 -43.95
C SER E 4263 61.58 65.19 -42.60
N LEU E 4264 61.27 64.15 -41.82
CA LEU E 4264 61.91 63.93 -40.53
C LEU E 4264 63.41 63.65 -40.66
N LYS E 4265 63.92 63.55 -41.88
CA LYS E 4265 65.35 63.34 -42.08
C LYS E 4265 66.17 64.50 -41.51
N LYS E 4266 65.69 65.74 -41.67
CA LYS E 4266 66.44 66.88 -41.16
C LYS E 4266 66.52 66.84 -39.65
N GLN E 4267 65.43 66.48 -38.97
CA GLN E 4267 65.46 66.32 -37.52
C GLN E 4267 66.36 65.15 -37.13
N MET E 4268 66.32 64.07 -37.90
CA MET E 4268 67.14 62.89 -37.60
C MET E 4268 68.62 63.20 -37.74
N LYS E 4269 68.98 64.12 -38.64
CA LYS E 4269 70.37 64.58 -38.73
C LYS E 4269 70.88 65.06 -37.37
N LYS E 4270 70.13 65.93 -36.70
CA LYS E 4270 70.60 66.48 -35.44
C LYS E 4270 70.36 65.51 -34.29
N VAL E 4271 69.32 64.66 -34.37
CA VAL E 4271 69.01 63.78 -33.24
C VAL E 4271 69.66 62.42 -33.36
N LYS E 4272 70.53 62.21 -34.35
CA LYS E 4272 71.35 61.00 -34.37
C LYS E 4272 72.12 60.85 -33.07
N LYS E 4273 72.62 61.96 -32.53
CA LYS E 4273 73.17 61.98 -31.18
C LYS E 4273 72.01 62.20 -30.21
N MET E 4274 71.28 61.12 -29.98
CA MET E 4274 70.08 61.15 -29.14
C MET E 4274 70.48 61.00 -27.68
N THR E 4275 70.29 62.07 -26.91
CA THR E 4275 70.45 61.99 -25.47
C THR E 4275 69.09 62.00 -24.79
N VAL E 4276 69.10 61.74 -23.48
CA VAL E 4276 67.87 61.69 -22.71
C VAL E 4276 67.16 63.04 -22.73
N LYS E 4277 67.94 64.13 -22.73
CA LYS E 4277 67.34 65.46 -22.69
C LYS E 4277 66.55 65.75 -23.97
N ASP E 4278 67.19 65.54 -25.13
CA ASP E 4278 66.49 65.72 -26.40
C ASP E 4278 65.32 64.76 -26.52
N MET E 4279 65.49 63.54 -25.99
CA MET E 4279 64.44 62.54 -26.01
C MET E 4279 63.19 63.04 -25.29
N VAL E 4280 63.38 63.53 -24.05
CA VAL E 4280 62.26 64.06 -23.26
C VAL E 4280 61.70 65.31 -23.91
N THR E 4281 62.57 66.13 -24.51
CA THR E 4281 62.09 67.35 -25.16
C THR E 4281 61.13 67.03 -26.29
N ALA E 4282 61.50 66.06 -27.15
CA ALA E 4282 60.59 65.66 -28.22
C ALA E 4282 59.32 65.03 -27.66
N PHE E 4283 59.45 64.24 -26.60
CA PHE E 4283 58.29 63.62 -25.97
C PHE E 4283 57.29 64.67 -25.51
N PHE E 4284 57.79 65.77 -24.92
CA PHE E 4284 56.91 66.85 -24.50
C PHE E 4284 56.37 67.64 -25.68
N SER E 4285 57.21 67.83 -26.71
CA SER E 4285 56.83 68.65 -27.85
C SER E 4285 55.65 68.04 -28.61
N SER E 4286 55.62 66.71 -28.70
CA SER E 4286 54.51 66.06 -29.37
C SER E 4286 53.18 66.40 -28.71
N TYR E 4287 53.12 66.29 -27.37
CA TYR E 4287 51.88 66.58 -26.67
C TYR E 4287 51.56 68.07 -26.71
N TRP E 4288 52.58 68.93 -26.71
CA TRP E 4288 52.33 70.35 -26.85
C TRP E 4288 51.70 70.67 -28.20
N SER E 4289 52.19 70.01 -29.26
CA SER E 4289 51.58 70.17 -30.58
C SER E 4289 50.14 69.68 -30.59
N ILE E 4290 49.86 68.55 -29.93
CA ILE E 4290 48.50 68.07 -29.84
C ILE E 4290 47.60 69.10 -29.15
N PHE E 4291 48.08 69.70 -28.08
CA PHE E 4291 47.27 70.66 -27.34
C PHE E 4291 47.03 71.94 -28.16
N MET E 4292 48.05 72.39 -28.90
CA MET E 4292 47.85 73.48 -29.84
C MET E 4292 46.80 73.14 -30.88
N THR E 4293 46.83 71.92 -31.41
CA THR E 4293 45.83 71.52 -32.39
C THR E 4293 44.43 71.54 -31.78
N LEU E 4294 44.30 71.09 -30.54
CA LEU E 4294 43.00 71.12 -29.88
C LEU E 4294 42.50 72.55 -29.72
N LEU E 4295 43.39 73.47 -29.32
CA LEU E 4295 42.99 74.86 -29.18
C LEU E 4295 42.52 75.44 -30.52
N HIS E 4296 43.27 75.16 -31.58
CA HIS E 4296 42.87 75.63 -32.90
C HIS E 4296 41.51 75.06 -33.30
N PHE E 4297 41.29 73.78 -33.01
CA PHE E 4297 40.01 73.16 -33.34
C PHE E 4297 38.86 73.81 -32.59
N VAL E 4298 39.06 74.11 -31.31
CA VAL E 4298 38.00 74.75 -30.53
C VAL E 4298 37.70 76.15 -31.08
N ALA E 4299 38.75 76.90 -31.42
CA ALA E 4299 38.54 78.22 -31.99
C ALA E 4299 37.78 78.13 -33.31
N SER E 4300 38.13 77.16 -34.15
CA SER E 4300 37.43 76.98 -35.42
C SER E 4300 35.97 76.63 -35.19
N VAL E 4301 35.69 75.80 -34.19
CA VAL E 4301 34.29 75.45 -33.89
C VAL E 4301 33.52 76.68 -33.47
N PHE E 4302 34.10 77.52 -32.61
CA PHE E 4302 33.40 78.74 -32.21
C PHE E 4302 33.16 79.67 -33.39
N ARG E 4303 34.15 79.82 -34.26
CA ARG E 4303 33.98 80.67 -35.43
C ARG E 4303 32.88 80.15 -36.34
N GLY E 4304 32.87 78.84 -36.59
CA GLY E 4304 31.84 78.26 -37.44
C GLY E 4304 30.46 78.38 -36.82
N PHE E 4305 30.35 78.21 -35.51
CA PHE E 4305 29.06 78.36 -34.85
C PHE E 4305 28.56 79.79 -34.95
N PHE E 4306 29.45 80.76 -34.78
CA PHE E 4306 29.05 82.16 -34.94
C PHE E 4306 28.60 82.45 -36.37
N ARG E 4307 29.32 81.92 -37.35
CA ARG E 4307 28.90 82.12 -38.74
C ARG E 4307 27.54 81.48 -39.00
N ILE E 4308 27.30 80.31 -38.42
CA ILE E 4308 26.02 79.62 -38.63
C ILE E 4308 24.88 80.42 -38.00
N ILE E 4309 25.06 80.88 -36.76
CA ILE E 4309 23.98 81.60 -36.10
C ILE E 4309 23.75 82.96 -36.76
N CYS E 4310 24.80 83.54 -37.34
CA CYS E 4310 24.65 84.77 -38.09
C CYS E 4310 24.29 84.48 -39.54
N PHE E 4480 -23.26 68.36 -55.93
CA PHE E 4480 -23.26 69.62 -55.21
C PHE E 4480 -23.02 69.38 -53.72
N TRP E 4481 -24.00 68.75 -53.07
CA TRP E 4481 -23.85 68.43 -51.66
C TRP E 4481 -22.74 67.41 -51.44
N LYS E 4482 -22.62 66.44 -52.36
CA LYS E 4482 -21.58 65.43 -52.25
C LYS E 4482 -20.19 66.04 -52.31
N LYS E 4483 -20.06 67.24 -52.87
CA LYS E 4483 -18.77 67.91 -52.91
C LYS E 4483 -18.61 68.85 -51.73
N ILE E 4484 -19.66 69.59 -51.37
CA ILE E 4484 -19.55 70.52 -50.25
C ILE E 4484 -19.27 69.78 -48.95
N ILE E 4485 -19.96 68.66 -48.72
CA ILE E 4485 -19.76 67.91 -47.48
C ILE E 4485 -18.34 67.34 -47.45
N ALA E 4486 -17.86 66.84 -48.59
CA ALA E 4486 -16.51 66.29 -48.63
C ALA E 4486 -15.46 67.36 -48.32
N TYR E 4487 -15.62 68.56 -48.88
CA TYR E 4487 -14.63 69.60 -48.63
C TYR E 4487 -14.71 70.08 -47.17
N GLN E 4488 -15.92 70.17 -46.62
CA GLN E 4488 -16.08 70.50 -45.21
C GLN E 4488 -15.36 69.47 -44.34
N GLN E 4489 -15.53 68.19 -44.68
CA GLN E 4489 -14.88 67.14 -43.91
C GLN E 4489 -13.37 67.25 -44.02
N LYS E 4490 -12.86 67.59 -45.19
CA LYS E 4490 -11.41 67.75 -45.35
C LYS E 4490 -10.89 68.88 -44.46
N LEU E 4491 -11.60 70.01 -44.44
CA LEU E 4491 -11.19 71.13 -43.59
C LEU E 4491 -11.24 70.74 -42.11
N LEU E 4492 -12.31 70.06 -41.69
CA LEU E 4492 -12.43 69.64 -40.31
C LEU E 4492 -11.29 68.72 -39.93
N ASN E 4493 -10.96 67.77 -40.81
CA ASN E 4493 -9.88 66.84 -40.53
C ASN E 4493 -8.54 67.57 -40.43
N TYR E 4494 -8.32 68.55 -41.32
CA TYR E 4494 -7.07 69.31 -41.26
C TYR E 4494 -6.93 70.03 -39.93
N PHE E 4495 -7.99 70.72 -39.51
CA PHE E 4495 -7.91 71.47 -38.26
C PHE E 4495 -7.73 70.55 -37.06
N ALA E 4496 -8.46 69.42 -37.05
CA ALA E 4496 -8.31 68.47 -35.95
C ALA E 4496 -6.90 67.90 -35.90
N ARG E 4497 -6.32 67.62 -37.07
CA ARG E 4497 -4.95 67.12 -37.12
C ARG E 4497 -3.97 68.14 -36.58
N ASN E 4498 -4.15 69.41 -36.93
CA ASN E 4498 -3.18 70.45 -36.59
C ASN E 4498 -3.55 71.24 -35.35
N PHE E 4499 -4.48 70.74 -34.53
CA PHE E 4499 -4.89 71.45 -33.33
C PHE E 4499 -3.71 71.80 -32.43
N TYR E 4500 -2.86 70.82 -32.12
CA TYR E 4500 -1.77 71.05 -31.18
C TYR E 4500 -0.69 71.96 -31.73
N ASN E 4501 -0.34 71.81 -33.01
CA ASN E 4501 0.69 72.65 -33.61
C ASN E 4501 0.28 74.11 -33.57
N MET E 4502 -0.99 74.40 -33.86
CA MET E 4502 -1.49 75.75 -33.73
C MET E 4502 -1.45 76.27 -32.30
N ARG E 4503 -1.67 75.42 -31.30
CA ARG E 4503 -1.53 75.82 -29.91
C ARG E 4503 -0.10 76.14 -29.53
N MET E 4504 0.88 75.45 -30.13
CA MET E 4504 2.28 75.86 -29.97
C MET E 4504 2.58 77.17 -30.68
N LEU E 4505 2.06 77.34 -31.88
CA LEU E 4505 2.31 78.54 -32.65
C LEU E 4505 1.71 79.76 -31.96
N ALA E 4506 0.56 79.61 -31.31
CA ALA E 4506 -0.01 80.72 -30.57
C ALA E 4506 0.90 81.16 -29.43
N LEU E 4507 1.47 80.21 -28.71
CA LEU E 4507 2.39 80.55 -27.62
C LEU E 4507 3.65 81.24 -28.15
N PHE E 4508 4.19 80.73 -29.26
CA PHE E 4508 5.38 81.35 -29.84
C PHE E 4508 5.10 82.77 -30.28
N VAL E 4509 3.95 82.99 -30.93
CA VAL E 4509 3.58 84.34 -31.35
C VAL E 4509 3.34 85.24 -30.14
N ALA E 4510 2.78 84.70 -29.07
CA ALA E 4510 2.59 85.44 -27.84
C ALA E 4510 3.90 85.88 -27.21
N PHE E 4511 4.91 85.01 -27.19
CA PHE E 4511 6.24 85.40 -26.74
C PHE E 4511 6.89 86.43 -27.65
N ALA E 4512 6.71 86.32 -28.96
CA ALA E 4512 7.24 87.32 -29.88
C ALA E 4512 6.61 88.69 -29.70
N ILE E 4513 5.28 88.73 -29.57
CA ILE E 4513 4.58 89.99 -29.39
C ILE E 4513 5.00 90.65 -28.09
N ASN E 4514 5.10 89.86 -27.02
CA ASN E 4514 5.48 90.40 -25.72
C ASN E 4514 6.94 90.84 -25.67
N PHE E 4515 7.82 90.21 -26.44
CA PHE E 4515 9.18 90.69 -26.55
C PHE E 4515 9.27 91.99 -27.34
N ILE E 4516 8.46 92.13 -28.40
CA ILE E 4516 8.41 93.40 -29.10
C ILE E 4516 7.85 94.49 -28.20
N LEU E 4517 6.83 94.17 -27.40
CA LEU E 4517 6.20 95.14 -26.52
C LEU E 4517 7.13 95.62 -25.42
N LEU E 4518 8.25 94.94 -25.20
CA LEU E 4518 9.17 95.32 -24.15
C LEU E 4518 10.03 96.52 -24.53
N PHE E 4519 10.04 96.90 -25.81
CA PHE E 4519 10.74 98.08 -26.29
C PHE E 4519 9.77 99.24 -26.52
N TYR E 4520 8.72 99.29 -25.72
CA TYR E 4520 7.69 100.31 -25.74
C TYR E 4520 7.95 101.36 -24.66
N LYS E 4521 7.69 102.62 -24.99
CA LYS E 4521 7.79 103.70 -24.01
C LYS E 4521 6.64 104.67 -24.19
N VAL E 4522 6.31 105.36 -23.10
CA VAL E 4522 5.30 106.41 -23.15
C VAL E 4522 5.97 107.74 -23.50
N SER E 4523 5.21 108.62 -24.13
CA SER E 4523 5.72 109.95 -24.48
C SER E 4523 4.63 110.98 -24.21
N THR E 4524 5.06 112.22 -24.01
CA THR E 4524 4.14 113.32 -23.74
C THR E 4524 4.32 114.44 -24.75
N ILE E 4555 -2.46 113.28 -18.17
CA ILE E 4555 -1.29 113.37 -19.03
C ILE E 4555 -1.61 112.83 -20.41
N ALA E 4556 -0.67 112.98 -21.34
CA ALA E 4556 -0.81 112.48 -22.70
C ALA E 4556 -0.19 111.09 -22.78
N VAL E 4557 -1.04 110.07 -22.89
CA VAL E 4557 -0.59 108.68 -23.01
C VAL E 4557 -0.58 108.33 -24.48
N HIS E 4558 0.61 108.03 -25.00
CA HIS E 4558 0.80 107.77 -26.42
C HIS E 4558 1.15 106.31 -26.65
N TYR E 4559 0.48 105.69 -27.61
CA TYR E 4559 0.80 104.34 -28.05
C TYR E 4559 1.90 104.43 -29.11
N VAL E 4560 3.12 104.74 -28.67
CA VAL E 4560 4.26 104.93 -29.55
C VAL E 4560 5.32 103.90 -29.22
N LEU E 4561 5.67 103.08 -30.22
CA LEU E 4561 6.75 102.12 -30.08
C LEU E 4561 8.04 102.75 -30.58
N GLU E 4562 9.03 102.89 -29.70
CA GLU E 4562 10.30 103.52 -30.04
C GLU E 4562 11.36 102.44 -30.20
N GLU E 4563 12.02 102.43 -31.35
CA GLU E 4563 13.07 101.46 -31.63
C GLU E 4563 14.00 102.03 -32.69
N SER E 4564 15.22 101.48 -32.75
CA SER E 4564 16.19 101.94 -33.73
C SER E 4564 15.89 101.40 -35.12
N SER E 4565 15.44 100.15 -35.21
CA SER E 4565 15.20 99.55 -36.52
C SER E 4565 14.02 100.20 -37.22
N GLY E 4566 12.90 100.35 -36.53
CA GLY E 4566 11.70 100.95 -37.05
C GLY E 4566 10.75 99.96 -37.70
N TYR E 4567 11.21 98.73 -37.94
CA TYR E 4567 10.36 97.75 -38.63
C TYR E 4567 9.49 97.00 -37.62
N MET E 4568 9.82 97.06 -36.33
CA MET E 4568 9.05 96.29 -35.35
C MET E 4568 7.62 96.79 -35.24
N GLU E 4569 7.37 98.03 -35.65
CA GLU E 4569 6.01 98.56 -35.58
C GLU E 4569 5.05 97.83 -36.52
N PRO E 4570 5.33 97.71 -37.83
CA PRO E 4570 4.46 96.86 -38.67
C PRO E 4570 4.46 95.40 -38.24
N THR E 4571 5.61 94.92 -37.74
CA THR E 4571 5.71 93.55 -37.29
C THR E 4571 4.74 93.27 -36.15
N LEU E 4572 4.55 94.23 -35.26
CA LEU E 4572 3.59 94.08 -34.18
C LEU E 4572 2.16 93.89 -34.68
N ARG E 4573 1.73 94.70 -35.65
CA ARG E 4573 0.39 94.53 -36.22
C ARG E 4573 0.24 93.21 -36.94
N ILE E 4574 1.25 92.82 -37.73
CA ILE E 4574 1.18 91.54 -38.43
C ILE E 4574 1.08 90.39 -37.43
N LEU E 4575 1.89 90.45 -36.37
CA LEU E 4575 1.90 89.40 -35.37
C LEU E 4575 0.58 89.35 -34.60
N ALA E 4576 0.00 90.51 -34.33
CA ALA E 4576 -1.30 90.54 -33.64
C ALA E 4576 -2.38 89.91 -34.51
N ILE E 4577 -2.41 90.26 -35.79
CA ILE E 4577 -3.41 89.65 -36.68
C ILE E 4577 -3.21 88.14 -36.77
N LEU E 4578 -1.95 87.70 -36.91
CA LEU E 4578 -1.68 86.28 -36.99
C LEU E 4578 -2.08 85.57 -35.70
N HIS E 4579 -1.84 86.20 -34.55
CA HIS E 4579 -2.23 85.61 -33.28
C HIS E 4579 -3.74 85.45 -33.17
N THR E 4580 -4.49 86.47 -33.58
CA THR E 4580 -5.93 86.33 -33.56
C THR E 4580 -6.44 85.25 -34.49
N VAL E 4581 -5.87 85.14 -35.69
CA VAL E 4581 -6.25 84.08 -36.61
C VAL E 4581 -5.96 82.70 -36.03
N ILE E 4582 -4.78 82.54 -35.43
CA ILE E 4582 -4.41 81.25 -34.84
C ILE E 4582 -5.30 80.93 -33.66
N SER E 4583 -5.68 81.94 -32.88
CA SER E 4583 -6.58 81.72 -31.76
C SER E 4583 -7.94 81.23 -32.23
N PHE E 4584 -8.46 81.82 -33.31
CA PHE E 4584 -9.71 81.32 -33.88
C PHE E 4584 -9.56 79.89 -34.38
N PHE E 4585 -8.45 79.61 -35.06
CA PHE E 4585 -8.19 78.27 -35.57
C PHE E 4585 -8.06 77.24 -34.46
N CYS E 4586 -7.54 77.61 -33.30
CA CYS E 4586 -7.45 76.71 -32.16
C CYS E 4586 -8.81 76.36 -31.58
N ILE E 4587 -9.78 77.26 -31.65
CA ILE E 4587 -11.14 76.96 -31.24
C ILE E 4587 -11.76 76.01 -32.25
N ILE E 4588 -11.53 76.28 -33.55
CA ILE E 4588 -12.07 75.39 -34.56
C ILE E 4588 -11.50 73.99 -34.41
N GLY E 4589 -10.19 73.88 -34.22
CA GLY E 4589 -9.57 72.57 -34.06
C GLY E 4589 -10.04 71.85 -32.82
N TYR E 4590 -10.23 72.58 -31.73
CA TYR E 4590 -10.81 71.97 -30.53
C TYR E 4590 -12.19 71.41 -30.82
N TYR E 4591 -13.03 72.18 -31.52
CA TYR E 4591 -14.37 71.70 -31.85
C TYR E 4591 -14.31 70.45 -32.71
N CYS E 4592 -13.39 70.41 -33.67
CA CYS E 4592 -13.28 69.24 -34.54
C CYS E 4592 -12.70 68.02 -33.84
N LEU E 4593 -11.85 68.22 -32.84
CA LEU E 4593 -11.09 67.12 -32.27
C LEU E 4593 -11.61 66.63 -30.93
N LYS E 4594 -11.76 67.51 -29.93
CA LYS E 4594 -12.00 67.07 -28.57
C LYS E 4594 -13.44 67.17 -28.11
N VAL E 4595 -14.29 67.92 -28.81
CA VAL E 4595 -15.71 67.95 -28.51
C VAL E 4595 -16.33 66.57 -28.65
N PRO E 4596 -16.04 65.80 -29.71
CA PRO E 4596 -16.63 64.46 -29.81
C PRO E 4596 -16.34 63.56 -28.62
N LEU E 4597 -15.13 63.64 -28.05
CA LEU E 4597 -14.85 62.82 -26.87
C LEU E 4597 -15.69 63.25 -25.67
N VAL E 4598 -15.86 64.55 -25.49
CA VAL E 4598 -16.69 65.04 -24.40
C VAL E 4598 -18.13 64.58 -24.57
N ILE E 4599 -18.67 64.69 -25.78
CA ILE E 4599 -20.02 64.24 -26.04
C ILE E 4599 -20.14 62.74 -25.83
N PHE E 4600 -19.15 61.97 -26.26
CA PHE E 4600 -19.17 60.53 -26.07
C PHE E 4600 -19.23 60.18 -24.59
N LYS E 4601 -18.37 60.82 -23.78
CA LYS E 4601 -18.36 60.52 -22.35
C LYS E 4601 -19.67 60.93 -21.68
N ARG E 4602 -20.21 62.08 -22.07
CA ARG E 4602 -21.48 62.53 -21.47
C ARG E 4602 -22.62 61.57 -21.83
N GLU E 4603 -22.70 61.18 -23.10
CA GLU E 4603 -23.73 60.24 -23.51
C GLU E 4603 -23.57 58.89 -22.84
N LYS E 4604 -22.33 58.43 -22.64
CA LYS E 4604 -22.11 57.20 -21.90
C LYS E 4604 -22.58 57.31 -20.46
N GLU E 4605 -22.22 58.40 -19.78
CA GLU E 4605 -22.61 58.57 -18.38
C GLU E 4605 -24.12 58.62 -18.23
N VAL E 4606 -24.80 59.39 -19.08
CA VAL E 4606 -26.24 59.53 -18.93
C VAL E 4606 -26.94 58.21 -19.23
N ALA E 4607 -26.43 57.47 -20.22
CA ALA E 4607 -27.03 56.17 -20.53
C ALA E 4607 -26.85 55.19 -19.38
N ARG E 4608 -25.66 55.15 -18.79
CA ARG E 4608 -25.44 54.24 -17.67
C ARG E 4608 -26.29 54.62 -16.47
N LYS E 4609 -26.42 55.91 -16.18
CA LYS E 4609 -27.29 56.33 -15.08
C LYS E 4609 -28.75 56.00 -15.37
N LEU E 4610 -29.17 56.14 -16.62
CA LEU E 4610 -30.54 55.81 -16.99
C LEU E 4610 -30.82 54.33 -16.81
N GLU E 4611 -29.89 53.48 -17.21
CA GLU E 4611 -30.15 52.04 -17.21
C GLU E 4611 -29.94 51.43 -15.83
N PHE E 4612 -28.76 51.64 -15.24
CA PHE E 4612 -28.43 50.94 -14.00
C PHE E 4612 -28.77 51.74 -12.75
N ASP E 4613 -29.34 52.94 -12.90
CA ASP E 4613 -29.79 53.72 -11.76
C ASP E 4613 -31.17 54.32 -11.90
N GLY E 4614 -31.72 54.37 -13.12
CA GLY E 4614 -33.03 54.96 -13.32
C GLY E 4614 -33.09 56.42 -12.94
N LEU E 4615 -32.09 57.19 -13.39
CA LEU E 4615 -31.92 58.58 -12.99
C LEU E 4615 -33.09 59.46 -13.39
N TYR E 4616 -33.93 59.03 -14.31
CA TYR E 4616 -35.13 59.78 -14.67
C TYR E 4616 -36.39 58.94 -14.62
N ILE E 4617 -36.31 57.67 -14.22
CA ILE E 4617 -37.48 56.83 -14.08
C ILE E 4617 -37.79 56.65 -12.60
N THR E 4618 -36.81 56.17 -11.83
CA THR E 4618 -37.03 55.91 -10.42
C THR E 4618 -36.74 57.14 -9.59
N GLU E 4619 -35.56 57.72 -9.78
CA GLU E 4619 -35.08 58.87 -9.02
C GLU E 4619 -35.01 60.07 -9.94
N GLN E 4620 -34.72 61.23 -9.38
CA GLN E 4620 -34.67 62.49 -10.11
C GLN E 4620 -33.44 63.28 -9.72
N PRO E 4621 -32.95 64.15 -10.61
CA PRO E 4621 -31.77 64.96 -10.28
C PRO E 4621 -32.02 65.84 -9.06
N SER E 4622 -30.92 66.24 -8.42
CA SER E 4622 -30.97 66.94 -7.14
C SER E 4622 -31.44 68.38 -7.26
N GLU E 4623 -31.76 68.84 -8.47
CA GLU E 4623 -32.23 70.22 -8.71
C GLU E 4623 -31.13 71.24 -8.45
N ASP E 4624 -29.96 70.77 -8.02
CA ASP E 4624 -28.78 71.61 -7.87
C ASP E 4624 -27.64 71.16 -8.77
N ASP E 4625 -27.84 70.10 -9.56
CA ASP E 4625 -26.85 69.59 -10.49
C ASP E 4625 -27.20 70.09 -11.88
N ILE E 4626 -26.44 71.07 -12.36
CA ILE E 4626 -26.71 71.65 -13.68
C ILE E 4626 -26.55 70.59 -14.76
N LYS E 4627 -25.56 69.70 -14.60
CA LYS E 4627 -25.35 68.62 -15.56
C LYS E 4627 -26.56 67.70 -15.63
N GLY E 4628 -27.05 67.27 -14.47
CA GLY E 4628 -28.20 66.38 -14.45
C GLY E 4628 -29.45 67.03 -15.00
N GLN E 4629 -29.67 68.29 -14.65
CA GLN E 4629 -30.85 68.98 -15.16
C GLN E 4629 -30.78 69.21 -16.66
N TRP E 4630 -29.60 69.55 -17.17
CA TRP E 4630 -29.45 69.77 -18.61
C TRP E 4630 -29.54 68.48 -19.41
N ASP E 4631 -29.15 67.35 -18.81
CA ASP E 4631 -29.20 66.08 -19.53
C ASP E 4631 -30.62 65.60 -19.79
N ARG E 4632 -31.63 66.22 -19.18
CA ARG E 4632 -33.00 65.81 -19.42
C ARG E 4632 -33.41 66.05 -20.87
N LEU E 4633 -32.75 66.97 -21.56
CA LEU E 4633 -33.13 67.29 -22.93
C LEU E 4633 -32.79 66.17 -23.90
N VAL E 4634 -31.65 65.49 -23.68
CA VAL E 4634 -31.13 64.56 -24.68
C VAL E 4634 -31.86 63.22 -24.68
N ILE E 4635 -32.59 62.90 -23.61
CA ILE E 4635 -33.27 61.61 -23.54
C ILE E 4635 -34.36 61.50 -24.61
N ASN E 4636 -35.12 62.57 -24.83
CA ASN E 4636 -36.22 62.56 -25.79
C ASN E 4636 -35.74 62.62 -27.23
N THR E 4637 -34.46 62.87 -27.46
CA THR E 4637 -33.95 63.09 -28.80
C THR E 4637 -33.92 61.78 -29.59
N GLN E 4638 -34.19 61.88 -30.89
CA GLN E 4638 -34.15 60.72 -31.75
C GLN E 4638 -32.72 60.31 -32.05
N SER E 4639 -31.79 61.27 -32.05
CA SER E 4639 -30.40 61.01 -32.41
C SER E 4639 -29.53 60.72 -31.20
N PHE E 4640 -30.09 60.12 -30.17
CA PHE E 4640 -29.35 59.73 -28.97
C PHE E 4640 -28.42 58.57 -29.34
N PRO E 4641 -27.62 58.03 -28.39
CA PRO E 4641 -26.22 57.68 -28.70
C PRO E 4641 -25.72 58.05 -30.08
N ASN E 4642 -25.64 59.34 -30.39
CA ASN E 4642 -25.02 59.75 -31.66
C ASN E 4642 -23.55 59.36 -31.69
N ASN E 4643 -22.83 59.54 -30.59
CA ASN E 4643 -21.42 59.18 -30.50
C ASN E 4643 -21.18 57.87 -29.74
N TYR E 4644 -21.93 57.62 -28.67
CA TYR E 4644 -21.77 56.40 -27.91
C TYR E 4644 -22.22 55.21 -28.73
N TRP E 4645 -21.49 54.10 -28.62
CA TRP E 4645 -21.72 52.96 -29.51
C TRP E 4645 -23.08 52.32 -29.27
N ASP E 4646 -23.45 52.13 -28.01
CA ASP E 4646 -24.64 51.35 -27.68
C ASP E 4646 -25.90 52.04 -28.16
N LYS E 4647 -26.50 51.50 -29.21
CA LYS E 4647 -27.73 52.04 -29.78
C LYS E 4647 -28.98 51.38 -29.24
N PHE E 4648 -28.85 50.46 -28.28
CA PHE E 4648 -29.99 49.73 -27.74
C PHE E 4648 -30.29 50.13 -26.29
N VAL E 4649 -29.79 51.28 -25.86
CA VAL E 4649 -30.02 51.70 -24.49
C VAL E 4649 -31.49 52.01 -24.25
N LYS E 4650 -32.18 52.55 -25.25
CA LYS E 4650 -33.60 52.82 -25.12
C LYS E 4650 -34.43 51.54 -25.04
N ARG E 4651 -34.01 50.48 -25.73
CA ARG E 4651 -34.67 49.19 -25.66
C ARG E 4651 -34.28 48.41 -24.41
N LYS E 4652 -33.15 48.76 -23.78
CA LYS E 4652 -32.75 48.17 -22.52
C LYS E 4652 -33.50 48.78 -21.33
N VAL E 4653 -33.58 50.12 -21.28
CA VAL E 4653 -34.37 50.77 -20.25
C VAL E 4653 -35.83 50.36 -20.38
N MET E 4654 -36.29 50.20 -21.63
CA MET E 4654 -37.65 49.76 -21.88
C MET E 4654 -37.89 48.39 -21.27
N ASP E 4655 -36.98 47.45 -21.50
CA ASP E 4655 -37.12 46.10 -20.96
C ASP E 4655 -36.93 46.05 -19.46
N LYS E 4656 -36.19 46.98 -18.88
CA LYS E 4656 -35.96 46.96 -17.45
C LYS E 4656 -37.13 47.55 -16.66
N TYR E 4657 -37.66 48.70 -17.10
CA TYR E 4657 -38.69 49.39 -16.33
C TYR E 4657 -40.03 49.48 -17.06
N GLY E 4658 -40.27 48.63 -18.06
CA GLY E 4658 -41.50 48.75 -18.82
C GLY E 4658 -42.73 48.25 -18.09
N GLU E 4659 -42.58 47.35 -17.13
CA GLU E 4659 -43.73 46.77 -16.44
C GLU E 4659 -44.10 47.57 -15.20
N PHE E 4660 -43.11 47.88 -14.36
CA PHE E 4660 -43.42 48.54 -13.09
C PHE E 4660 -43.88 49.98 -13.33
N TYR E 4661 -43.14 50.72 -14.15
CA TYR E 4661 -43.45 52.12 -14.40
C TYR E 4661 -44.26 52.36 -15.66
N GLY E 4662 -44.70 51.30 -16.34
CA GLY E 4662 -45.58 51.48 -17.47
C GLY E 4662 -44.88 51.70 -18.79
N ARG E 4663 -45.21 50.87 -19.78
CA ARG E 4663 -44.60 50.99 -21.10
C ARG E 4663 -44.91 52.34 -21.73
N ASP E 4664 -46.16 52.80 -21.64
CA ASP E 4664 -46.54 54.07 -22.24
C ASP E 4664 -45.83 55.25 -21.60
N ARG E 4665 -45.41 55.13 -20.35
CA ARG E 4665 -44.72 56.22 -19.67
C ARG E 4665 -43.22 56.17 -19.95
N ILE E 4666 -42.65 54.96 -19.99
CA ILE E 4666 -41.24 54.81 -20.34
C ILE E 4666 -41.00 55.29 -21.77
N SER E 4667 -41.90 54.92 -22.68
CA SER E 4667 -41.75 55.35 -24.07
C SER E 4667 -41.83 56.85 -24.20
N GLU E 4668 -42.75 57.49 -23.46
CA GLU E 4668 -42.82 58.94 -23.48
C GLU E 4668 -41.56 59.58 -22.91
N LEU E 4669 -41.01 59.01 -21.83
CA LEU E 4669 -39.79 59.57 -21.26
C LEU E 4669 -38.61 59.47 -22.23
N LEU E 4670 -38.48 58.33 -22.89
CA LEU E 4670 -37.34 58.11 -23.78
C LEU E 4670 -37.59 58.61 -25.20
N GLY E 4671 -38.77 59.13 -25.48
CA GLY E 4671 -39.04 59.65 -26.81
C GLY E 4671 -39.28 58.57 -27.83
N MET E 4672 -39.43 57.32 -27.36
CA MET E 4672 -39.73 56.22 -28.26
C MET E 4672 -41.16 56.35 -28.79
N ASP E 4673 -41.31 56.20 -30.10
CA ASP E 4673 -42.62 56.32 -30.73
C ASP E 4673 -43.22 54.92 -30.84
N LYS E 4674 -44.48 54.78 -30.40
CA LYS E 4674 -45.05 53.46 -30.19
C LYS E 4674 -45.61 52.89 -31.49
N ALA E 4675 -46.60 53.57 -32.08
CA ALA E 4675 -47.40 52.95 -33.14
C ALA E 4675 -46.62 52.83 -34.44
N ALA E 4676 -45.57 53.62 -34.63
CA ALA E 4676 -44.87 53.65 -35.91
C ALA E 4676 -44.23 52.31 -36.22
N LEU E 4677 -43.64 51.66 -35.21
CA LEU E 4677 -42.96 50.39 -35.45
C LEU E 4677 -43.92 49.34 -35.99
N ASP E 4678 -45.06 49.16 -35.32
CA ASP E 4678 -46.02 48.15 -35.75
C ASP E 4678 -46.66 48.54 -37.09
N PHE E 4679 -46.94 49.84 -37.27
CA PHE E 4679 -47.61 50.27 -38.49
C PHE E 4679 -46.67 50.17 -39.70
N SER E 4680 -45.35 50.19 -39.45
CA SER E 4680 -44.40 50.00 -40.53
C SER E 4680 -44.13 48.53 -40.77
N ASP E 4681 -44.11 47.72 -39.71
CA ASP E 4681 -43.97 46.28 -39.87
C ASP E 4681 -45.16 45.70 -40.60
N ALA E 4682 -46.32 46.31 -40.46
CA ALA E 4682 -47.50 45.92 -41.22
C ALA E 4682 -47.39 46.49 -42.63
N ARG E 4683 -48.51 46.46 -43.36
CA ARG E 4683 -48.54 47.02 -44.71
C ARG E 4683 -48.13 48.49 -44.67
N GLU E 4684 -47.01 48.81 -45.31
CA GLU E 4684 -46.44 50.14 -45.24
C GLU E 4684 -45.94 50.56 -46.61
N LYS E 4685 -46.20 51.82 -46.96
CA LYS E 4685 -45.69 52.38 -48.20
C LYS E 4685 -44.17 52.56 -48.11
N LYS E 4686 -43.48 52.23 -49.20
CA LYS E 4686 -42.03 52.31 -49.26
C LYS E 4686 -41.63 53.23 -50.41
N LYS E 4687 -41.28 54.48 -50.08
CA LYS E 4687 -40.80 55.44 -51.05
C LYS E 4687 -39.91 56.44 -50.33
N PRO E 4688 -38.59 56.43 -50.57
CA PRO E 4688 -37.72 57.41 -49.93
C PRO E 4688 -37.67 58.72 -50.69
N LYS E 4689 -37.12 59.76 -50.06
CA LYS E 4689 -37.03 61.07 -50.67
C LYS E 4689 -35.61 61.61 -50.50
N LYS E 4690 -35.07 62.17 -51.59
CA LYS E 4690 -33.66 62.56 -51.61
C LYS E 4690 -33.42 63.74 -50.69
N ASP E 4691 -32.30 63.69 -49.97
CA ASP E 4691 -31.96 64.74 -49.00
C ASP E 4691 -31.41 65.99 -49.66
N SER E 4692 -31.22 65.99 -50.99
CA SER E 4692 -30.62 67.13 -51.66
C SER E 4692 -31.47 68.39 -51.52
N SER E 4693 -32.76 68.23 -51.24
CA SER E 4693 -33.62 69.40 -51.08
C SER E 4693 -33.29 70.15 -49.80
N LEU E 4694 -33.43 71.48 -49.85
CA LEU E 4694 -33.18 72.30 -48.67
C LEU E 4694 -34.15 71.97 -47.55
N SER E 4695 -35.42 71.72 -47.89
CA SER E 4695 -36.38 71.32 -46.88
C SER E 4695 -35.97 70.01 -46.22
N ALA E 4696 -35.48 69.06 -47.03
CA ALA E 4696 -35.04 67.78 -46.48
C ALA E 4696 -33.84 67.95 -45.55
N VAL E 4697 -32.85 68.74 -45.96
CA VAL E 4697 -31.66 68.90 -45.12
C VAL E 4697 -32.00 69.68 -43.87
N LEU E 4698 -33.00 70.57 -43.93
CA LEU E 4698 -33.44 71.27 -42.74
C LEU E 4698 -34.19 70.34 -41.79
N ASN E 4699 -35.04 69.46 -42.33
CA ASN E 4699 -35.80 68.55 -41.48
C ASN E 4699 -34.91 67.47 -40.89
N SER E 4700 -33.79 67.17 -41.55
CA SER E 4700 -32.90 66.13 -41.07
C SER E 4700 -32.29 66.48 -39.71
N ILE E 4701 -32.00 67.77 -39.50
CA ILE E 4701 -31.30 68.18 -38.29
C ILE E 4701 -32.21 68.03 -37.08
N ASP E 4702 -31.71 67.36 -36.04
CA ASP E 4702 -32.41 67.23 -34.78
C ASP E 4702 -32.10 68.45 -33.93
N VAL E 4703 -33.07 69.36 -33.83
CA VAL E 4703 -32.82 70.64 -33.17
C VAL E 4703 -32.50 70.44 -31.70
N LYS E 4704 -33.26 69.59 -31.01
CA LYS E 4704 -33.10 69.45 -29.58
C LYS E 4704 -31.76 68.84 -29.22
N TYR E 4705 -31.32 67.84 -29.99
CA TYR E 4705 -30.02 67.23 -29.71
C TYR E 4705 -28.89 68.22 -29.92
N GLN E 4706 -28.96 69.03 -30.98
CA GLN E 4706 -27.95 70.04 -31.19
C GLN E 4706 -27.97 71.10 -30.09
N MET E 4707 -29.17 71.44 -29.60
CA MET E 4707 -29.26 72.33 -28.44
C MET E 4707 -28.51 71.77 -27.24
N TRP E 4708 -28.77 70.49 -26.92
CA TRP E 4708 -28.11 69.88 -25.77
C TRP E 4708 -26.60 69.80 -25.98
N LYS E 4709 -26.17 69.47 -27.19
CA LYS E 4709 -24.75 69.40 -27.50
C LYS E 4709 -24.08 70.75 -27.33
N LEU E 4710 -24.73 71.82 -27.82
CA LEU E 4710 -24.18 73.16 -27.69
C LEU E 4710 -24.10 73.57 -26.23
N GLY E 4711 -25.12 73.20 -25.44
CA GLY E 4711 -25.05 73.48 -24.01
C GLY E 4711 -23.88 72.78 -23.34
N VAL E 4712 -23.66 71.51 -23.69
CA VAL E 4712 -22.53 70.78 -23.11
C VAL E 4712 -21.21 71.44 -23.50
N VAL E 4713 -21.07 71.83 -24.76
CA VAL E 4713 -19.84 72.49 -25.20
C VAL E 4713 -19.63 73.80 -24.46
N PHE E 4714 -20.71 74.57 -24.29
CA PHE E 4714 -20.58 75.85 -23.59
C PHE E 4714 -20.20 75.65 -22.13
N THR E 4715 -20.70 74.58 -21.51
CA THR E 4715 -20.34 74.29 -20.12
C THR E 4715 -18.99 73.60 -20.00
N ASP E 4716 -18.38 73.20 -21.11
CA ASP E 4716 -17.05 72.60 -21.07
C ASP E 4716 -16.00 73.63 -20.61
N ASN E 4717 -15.08 73.19 -19.76
CA ASN E 4717 -14.09 74.11 -19.20
C ASN E 4717 -13.05 74.52 -20.24
N SER E 4718 -12.52 73.55 -20.98
CA SER E 4718 -11.45 73.84 -21.93
C SER E 4718 -11.93 74.75 -23.05
N PHE E 4719 -13.17 74.54 -23.51
CA PHE E 4719 -13.72 75.42 -24.52
C PHE E 4719 -13.85 76.84 -23.98
N LEU E 4720 -14.23 76.98 -22.71
CA LEU E 4720 -14.31 78.29 -22.09
C LEU E 4720 -12.93 78.94 -22.01
N TYR E 4721 -11.91 78.17 -21.68
CA TYR E 4721 -10.56 78.71 -21.62
C TYR E 4721 -10.11 79.19 -22.99
N LEU E 4722 -10.38 78.41 -24.03
CA LEU E 4722 -10.05 78.83 -25.39
C LEU E 4722 -10.83 80.06 -25.82
N ALA E 4723 -12.10 80.17 -25.43
CA ALA E 4723 -12.86 81.38 -25.71
C ALA E 4723 -12.25 82.59 -25.02
N TRP E 4724 -11.81 82.43 -23.77
CA TRP E 4724 -11.13 83.51 -23.07
C TRP E 4724 -9.84 83.90 -23.80
N TYR E 4725 -9.09 82.91 -24.25
CA TYR E 4725 -7.88 83.19 -25.04
C TYR E 4725 -8.21 84.02 -26.27
N MET E 4726 -9.23 83.62 -27.03
CA MET E 4726 -9.60 84.37 -28.23
C MET E 4726 -10.08 85.77 -27.89
N THR E 4727 -10.85 85.91 -26.81
CA THR E 4727 -11.33 87.23 -26.42
C THR E 4727 -10.18 88.16 -26.07
N MET E 4728 -9.20 87.65 -25.33
CA MET E 4728 -8.05 88.49 -24.99
C MET E 4728 -7.24 88.81 -26.23
N SER E 4729 -7.13 87.86 -27.18
CA SER E 4729 -6.45 88.15 -28.43
C SER E 4729 -7.16 89.26 -29.20
N VAL E 4730 -8.48 89.25 -29.22
CA VAL E 4730 -9.22 90.32 -29.88
C VAL E 4730 -9.01 91.66 -29.17
N LEU E 4731 -9.07 91.66 -27.84
CA LEU E 4731 -8.89 92.90 -27.08
C LEU E 4731 -7.46 93.44 -27.25
N GLY E 4732 -6.50 92.57 -27.54
CA GLY E 4732 -5.15 93.00 -27.78
C GLY E 4732 -5.02 94.00 -28.91
N HIS E 4733 -5.95 93.98 -29.86
CA HIS E 4733 -5.91 94.97 -30.94
C HIS E 4733 -6.28 96.35 -30.44
N TYR E 4734 -7.27 96.44 -29.54
CA TYR E 4734 -7.60 97.73 -28.95
C TYR E 4734 -6.49 98.20 -28.02
N ASN E 4735 -5.94 97.30 -27.22
CA ASN E 4735 -4.81 97.64 -26.34
C ASN E 4735 -3.79 96.52 -26.43
N ASN E 4736 -2.60 96.85 -26.93
CA ASN E 4736 -1.59 95.83 -27.21
C ASN E 4736 -1.14 95.10 -25.96
N PHE E 4737 -1.24 95.72 -24.79
CA PHE E 4737 -0.78 95.08 -23.57
C PHE E 4737 -1.70 93.97 -23.10
N PHE E 4738 -2.87 93.82 -23.70
CA PHE E 4738 -3.73 92.68 -23.40
C PHE E 4738 -3.13 91.36 -23.88
N PHE E 4739 -2.12 91.41 -24.74
CA PHE E 4739 -1.44 90.22 -25.21
C PHE E 4739 -0.57 89.58 -24.15
N ALA E 4740 -0.28 90.29 -23.06
CA ALA E 4740 0.51 89.73 -21.98
C ALA E 4740 -0.24 88.67 -21.19
N ALA E 4741 -1.57 88.67 -21.25
CA ALA E 4741 -2.34 87.65 -20.56
C ALA E 4741 -2.12 86.28 -21.16
N HIS E 4742 -1.70 86.22 -22.43
CA HIS E 4742 -1.47 84.95 -23.08
C HIS E 4742 -0.20 84.27 -22.60
N LEU E 4743 0.67 84.97 -21.88
CA LEU E 4743 1.81 84.33 -21.25
C LEU E 4743 1.42 83.48 -20.07
N LEU E 4744 0.17 83.58 -19.60
CA LEU E 4744 -0.35 82.71 -18.56
C LEU E 4744 -0.66 81.32 -19.08
N ASP E 4745 -0.47 81.10 -20.38
CA ASP E 4745 -0.75 79.83 -21.02
C ASP E 4745 0.43 78.87 -20.93
N ILE E 4746 1.58 79.31 -20.43
CA ILE E 4746 2.73 78.43 -20.34
C ILE E 4746 2.49 77.28 -19.38
N ALA E 4747 1.72 77.51 -18.31
CA ALA E 4747 1.45 76.45 -17.35
C ALA E 4747 0.78 75.25 -18.01
N MET E 4748 -0.07 75.50 -19.00
CA MET E 4748 -0.73 74.43 -19.73
C MET E 4748 0.08 73.99 -20.94
N GLY E 4749 0.84 74.90 -21.54
CA GLY E 4749 1.63 74.54 -22.71
C GLY E 4749 2.74 73.56 -22.39
N PHE E 4750 3.46 73.79 -21.30
CA PHE E 4750 4.61 72.98 -20.94
C PHE E 4750 4.26 72.04 -19.79
N LYS E 4751 4.50 70.74 -19.98
CA LYS E 4751 4.29 69.78 -18.92
C LYS E 4751 5.35 69.89 -17.82
N THR E 4752 6.51 70.47 -18.14
CA THR E 4752 7.55 70.62 -17.14
C THR E 4752 7.14 71.58 -16.03
N LEU E 4753 6.47 72.68 -16.38
CA LEU E 4753 5.99 73.61 -15.36
C LEU E 4753 4.89 73.01 -14.50
N ARG E 4754 4.25 71.93 -14.97
CA ARG E 4754 3.20 71.29 -14.19
C ARG E 4754 3.75 70.74 -12.88
N THR E 4755 4.95 70.14 -12.94
CA THR E 4755 5.55 69.59 -11.73
C THR E 4755 5.83 70.68 -10.70
N ILE E 4756 6.35 71.82 -11.16
CA ILE E 4756 6.64 72.91 -10.24
C ILE E 4756 5.36 73.48 -9.66
N LEU E 4757 4.34 73.69 -10.51
CA LEU E 4757 3.11 74.33 -10.05
C LEU E 4757 2.30 73.39 -9.16
N SER E 4758 2.46 72.08 -9.34
CA SER E 4758 1.72 71.13 -8.53
C SER E 4758 2.10 71.23 -7.06
N SER E 4759 3.30 71.70 -6.77
CA SER E 4759 3.69 71.93 -5.37
C SER E 4759 2.79 72.97 -4.73
N VAL E 4760 2.48 74.04 -5.46
CA VAL E 4760 1.58 75.07 -4.95
C VAL E 4760 0.15 74.57 -4.91
N THR E 4761 -0.29 73.94 -6.00
CA THR E 4761 -1.71 73.59 -6.11
C THR E 4761 -2.08 72.36 -5.28
N HIS E 4762 -1.08 71.57 -4.89
CA HIS E 4762 -1.38 70.35 -4.13
C HIS E 4762 -2.03 70.69 -2.79
N ASN E 4763 -1.53 71.72 -2.13
CA ASN E 4763 -2.00 72.14 -0.82
C ASN E 4763 -2.60 73.55 -0.87
N GLY E 4764 -3.37 73.83 -1.91
CA GLY E 4764 -3.93 75.16 -2.07
C GLY E 4764 -4.92 75.52 -0.98
N LYS E 4765 -5.75 74.55 -0.59
CA LYS E 4765 -6.72 74.82 0.48
C LYS E 4765 -6.00 75.16 1.78
N GLN E 4766 -4.96 74.39 2.11
CA GLN E 4766 -4.19 74.68 3.33
C GLN E 4766 -3.48 76.02 3.22
N LEU E 4767 -2.97 76.35 2.04
CA LEU E 4767 -2.32 77.64 1.84
C LEU E 4767 -3.28 78.81 2.01
N VAL E 4768 -4.53 78.67 1.56
CA VAL E 4768 -5.52 79.71 1.76
C VAL E 4768 -5.93 79.82 3.22
N LEU E 4769 -6.10 78.67 3.89
CA LEU E 4769 -6.46 78.70 5.29
C LEU E 4769 -5.35 79.29 6.14
N THR E 4770 -4.09 79.07 5.75
CA THR E 4770 -2.98 79.67 6.47
C THR E 4770 -3.02 81.19 6.37
N VAL E 4771 -3.32 81.72 5.18
CA VAL E 4771 -3.49 83.16 5.03
C VAL E 4771 -4.66 83.69 5.84
N GLY E 4772 -5.77 82.97 5.88
CA GLY E 4772 -6.89 83.38 6.73
C GLY E 4772 -6.53 83.43 8.20
N LEU E 4773 -5.79 82.42 8.65
CA LEU E 4773 -5.33 82.40 10.04
C LEU E 4773 -4.36 83.55 10.31
N LEU E 4774 -3.49 83.86 9.36
CA LEU E 4774 -2.60 85.00 9.50
C LEU E 4774 -3.39 86.29 9.63
N ALA E 4775 -4.43 86.45 8.81
CA ALA E 4775 -5.29 87.62 8.88
C ALA E 4775 -6.01 87.73 10.21
N VAL E 4776 -6.41 86.60 10.81
CA VAL E 4776 -7.03 86.64 12.13
C VAL E 4776 -6.02 87.02 13.21
N VAL E 4777 -4.81 86.45 13.16
CA VAL E 4777 -3.80 86.77 14.17
C VAL E 4777 -3.42 88.24 14.09
N VAL E 4778 -3.21 88.74 12.88
CA VAL E 4778 -2.93 90.16 12.69
C VAL E 4778 -4.07 91.03 13.17
N TYR E 4779 -5.32 90.61 12.99
CA TYR E 4779 -6.45 91.36 13.52
C TYR E 4779 -6.43 91.41 15.05
N LEU E 4780 -6.09 90.29 15.70
CA LEU E 4780 -5.98 90.31 17.15
C LEU E 4780 -4.88 91.26 17.61
N TYR E 4781 -3.73 91.22 16.94
CA TYR E 4781 -2.66 92.16 17.27
C TYR E 4781 -3.10 93.60 17.05
N THR E 4782 -3.88 93.84 16.00
CA THR E 4782 -4.42 95.18 15.76
C THR E 4782 -5.35 95.61 16.89
N VAL E 4783 -6.18 94.69 17.38
CA VAL E 4783 -7.06 95.01 18.51
C VAL E 4783 -6.23 95.43 19.70
N VAL E 4784 -5.19 94.66 20.02
CA VAL E 4784 -4.36 94.97 21.18
C VAL E 4784 -3.68 96.33 21.00
N ALA E 4785 -3.11 96.58 19.82
CA ALA E 4785 -2.41 97.83 19.60
C ALA E 4785 -3.35 99.02 19.64
N PHE E 4786 -4.55 98.87 19.08
CA PHE E 4786 -5.54 99.93 19.09
C PHE E 4786 -6.01 100.26 20.49
N ASN E 4787 -6.19 99.25 21.34
CA ASN E 4787 -6.62 99.50 22.71
C ASN E 4787 -5.51 100.01 23.62
N PHE E 4788 -4.26 99.60 23.41
CA PHE E 4788 -3.22 99.90 24.38
C PHE E 4788 -2.02 100.66 23.84
N PHE E 4789 -1.71 100.56 22.56
CA PHE E 4789 -0.47 101.15 22.05
C PHE E 4789 -0.72 102.11 20.90
N ARG E 4790 -1.73 102.96 21.03
CA ARG E 4790 -2.06 103.91 19.98
C ARG E 4790 -1.06 105.05 19.88
N LYS E 4791 -0.20 105.23 20.87
CA LYS E 4791 0.72 106.34 20.93
C LYS E 4791 1.96 106.15 20.07
N PHE E 4792 2.35 104.91 19.79
CA PHE E 4792 3.58 104.61 19.08
C PHE E 4792 3.39 104.54 17.58
N TYR E 4793 2.19 104.82 17.07
CA TYR E 4793 1.89 104.64 15.66
C TYR E 4793 1.89 105.93 14.88
N ASN E 4794 2.55 106.97 15.37
CA ASN E 4794 2.75 108.17 14.58
C ASN E 4794 3.78 107.91 13.49
N LYS E 4795 3.43 108.22 12.24
CA LYS E 4795 4.28 107.93 11.10
C LYS E 4795 4.68 109.20 10.35
N SER E 4796 4.66 110.34 11.02
CA SER E 4796 4.99 111.62 10.40
C SER E 4796 6.30 112.13 10.97
N GLU E 4797 7.19 112.58 10.09
CA GLU E 4797 8.48 113.09 10.54
C GLU E 4797 8.36 114.52 11.04
N ASP E 4798 7.70 115.39 10.28
CA ASP E 4798 7.49 116.77 10.71
C ASP E 4798 6.47 116.78 11.85
N GLY E 4799 6.81 117.49 12.93
CA GLY E 4799 5.98 117.45 14.11
C GLY E 4799 4.70 118.25 13.97
N ASP E 4800 4.67 119.19 13.02
CA ASP E 4800 3.52 120.07 12.90
C ASP E 4800 2.26 119.30 12.50
N THR E 4801 2.39 118.34 11.58
CA THR E 4801 1.25 117.52 11.18
C THR E 4801 1.45 116.07 11.62
N PRO E 4802 0.75 115.60 12.64
CA PRO E 4802 0.85 114.19 13.02
C PRO E 4802 0.04 113.31 12.08
N ASP E 4803 0.63 112.20 11.67
CA ASP E 4803 -0.03 111.20 10.83
C ASP E 4803 -0.11 109.91 11.62
N MET E 4804 -1.24 109.70 12.30
CA MET E 4804 -1.44 108.54 13.16
C MET E 4804 -2.10 107.43 12.36
N LYS E 4805 -1.50 106.24 12.40
CA LYS E 4805 -1.95 105.11 11.61
C LYS E 4805 -2.84 104.15 12.39
N CYS E 4806 -3.11 104.43 13.67
CA CYS E 4806 -3.90 103.50 14.47
C CYS E 4806 -4.97 104.22 15.27
N ASP E 4807 -5.35 105.44 14.87
CA ASP E 4807 -6.50 106.10 15.48
C ASP E 4807 -7.80 105.48 14.99
N ASP E 4808 -7.78 104.83 13.84
CA ASP E 4808 -8.93 104.14 13.28
C ASP E 4808 -8.66 102.65 13.25
N MET E 4809 -9.70 101.86 13.54
CA MET E 4809 -9.53 100.42 13.55
C MET E 4809 -9.15 99.88 12.18
N LEU E 4810 -9.87 100.32 11.14
CA LEU E 4810 -9.59 99.82 9.79
C LEU E 4810 -8.21 100.26 9.32
N THR E 4811 -7.84 101.51 9.60
CA THR E 4811 -6.52 101.99 9.20
C THR E 4811 -5.42 101.22 9.93
N CYS E 4812 -5.61 100.95 11.22
CA CYS E 4812 -4.60 100.25 11.99
C CYS E 4812 -4.46 98.81 11.49
N TYR E 4813 -5.59 98.17 11.17
CA TYR E 4813 -5.52 96.82 10.61
C TYR E 4813 -4.85 96.81 9.26
N MET E 4814 -5.13 97.82 8.42
CA MET E 4814 -4.46 97.93 7.14
C MET E 4814 -2.96 98.07 7.32
N PHE E 4815 -2.54 98.92 8.26
CA PHE E 4815 -1.13 99.10 8.57
C PHE E 4815 -0.49 97.79 8.98
N HIS E 4816 -1.10 97.09 9.93
CA HIS E 4816 -0.54 95.83 10.40
C HIS E 4816 -0.47 94.79 9.30
N MET E 4817 -1.50 94.69 8.47
CA MET E 4817 -1.54 93.70 7.39
C MET E 4817 -0.54 94.00 6.29
N TYR E 4818 -0.26 95.28 6.02
CA TYR E 4818 0.60 95.65 4.90
C TYR E 4818 2.05 95.82 5.37
N VAL E 4819 2.28 96.84 6.20
CA VAL E 4819 3.65 97.23 6.55
C VAL E 4819 4.25 96.22 7.51
N GLY E 4820 3.51 95.88 8.56
CA GLY E 4820 4.01 94.97 9.57
C GLY E 4820 4.31 93.59 9.02
N VAL E 4821 3.43 93.08 8.17
CA VAL E 4821 3.64 91.76 7.60
C VAL E 4821 4.79 91.77 6.61
N ARG E 4822 4.87 92.80 5.76
CA ARG E 4822 5.96 92.81 4.78
C ARG E 4822 7.30 93.12 5.44
N ALA E 4823 7.28 93.70 6.64
CA ALA E 4823 8.53 94.01 7.32
C ALA E 4823 9.25 92.74 7.74
N GLY E 4824 10.57 92.78 7.70
CA GLY E 4824 11.37 91.62 8.02
C GLY E 4824 11.46 91.35 9.51
N GLY E 4825 11.40 92.40 10.32
CA GLY E 4825 11.46 92.28 11.76
C GLY E 4825 10.14 92.40 12.48
N GLY E 4826 9.05 92.61 11.76
CA GLY E 4826 7.77 92.78 12.40
C GLY E 4826 7.33 94.23 12.47
N ILE E 4827 6.24 94.44 13.21
CA ILE E 4827 5.68 95.78 13.35
C ILE E 4827 6.57 96.69 14.17
N GLY E 4828 7.44 96.11 15.01
CA GLY E 4828 8.37 96.90 15.79
C GLY E 4828 9.43 97.59 14.97
N ASP E 4829 9.71 97.09 13.78
CA ASP E 4829 10.62 97.76 12.87
C ASP E 4829 10.05 99.05 12.30
N GLU E 4830 8.73 99.22 12.35
CA GLU E 4830 8.08 100.35 11.72
C GLU E 4830 7.40 101.28 12.71
N ILE E 4831 7.11 100.84 13.92
CA ILE E 4831 6.49 101.71 14.91
C ILE E 4831 7.56 102.25 15.84
N GLU E 4832 7.18 103.27 16.63
CA GLU E 4832 8.12 104.05 17.41
C GLU E 4832 8.80 103.22 18.49
N ASP E 4833 10.04 103.61 18.80
CA ASP E 4833 10.82 102.91 19.81
C ASP E 4833 10.21 103.11 21.19
N PRO E 4834 10.10 102.06 21.99
CA PRO E 4834 9.36 102.16 23.26
C PRO E 4834 10.22 102.48 24.47
N ALA E 4835 11.48 102.83 24.27
CA ALA E 4835 12.39 103.04 25.40
C ALA E 4835 11.90 104.18 26.29
N GLY E 4836 12.02 103.98 27.59
CA GLY E 4836 11.60 104.99 28.55
C GLY E 4836 10.11 105.23 28.59
N ASP E 4837 9.30 104.17 28.58
CA ASP E 4837 7.86 104.29 28.65
C ASP E 4837 7.33 103.28 29.66
N GLU E 4838 6.17 103.60 30.24
CA GLU E 4838 5.59 102.73 31.25
C GLU E 4838 5.14 101.40 30.67
N TYR E 4839 4.90 101.35 29.35
CA TYR E 4839 4.48 100.13 28.69
C TYR E 4839 5.62 99.48 27.90
N GLU E 4840 6.86 99.72 28.31
CA GLU E 4840 8.01 99.23 27.56
C GLU E 4840 8.03 97.70 27.50
N ILE E 4841 7.83 97.05 28.65
CA ILE E 4841 7.90 95.59 28.68
C ILE E 4841 6.76 94.98 27.87
N TYR E 4842 5.55 95.51 28.03
CA TYR E 4842 4.41 94.98 27.30
C TYR E 4842 4.60 95.16 25.79
N ARG E 4843 5.12 96.32 25.39
CA ARG E 4843 5.33 96.55 23.96
C ARG E 4843 6.44 95.66 23.41
N ILE E 4844 7.49 95.41 24.20
CA ILE E 4844 8.55 94.51 23.77
C ILE E 4844 8.00 93.10 23.57
N ILE E 4845 7.17 92.64 24.51
CA ILE E 4845 6.54 91.33 24.37
C ILE E 4845 5.66 91.32 23.12
N PHE E 4846 4.92 92.41 22.90
CA PHE E 4846 4.07 92.52 21.73
C PHE E 4846 4.88 92.35 20.44
N ASP E 4847 5.99 93.08 20.32
CA ASP E 4847 6.83 93.01 19.13
C ASP E 4847 7.45 91.63 18.95
N ILE E 4848 8.00 91.06 20.03
CA ILE E 4848 8.66 89.75 19.92
C ILE E 4848 7.65 88.68 19.53
N THR E 4849 6.47 88.69 20.15
CA THR E 4849 5.46 87.69 19.81
C THR E 4849 4.98 87.87 18.38
N PHE E 4850 4.82 89.11 17.92
CA PHE E 4850 4.45 89.34 16.54
C PHE E 4850 5.49 88.75 15.60
N PHE E 4851 6.77 89.04 15.86
CA PHE E 4851 7.84 88.53 15.01
C PHE E 4851 7.86 87.02 15.01
N PHE E 4852 7.69 86.40 16.18
CA PHE E 4852 7.80 84.95 16.27
C PHE E 4852 6.62 84.26 15.60
N PHE E 4853 5.40 84.69 15.90
CA PHE E 4853 4.23 83.97 15.41
C PHE E 4853 3.97 84.26 13.94
N VAL E 4854 4.10 85.52 13.52
CA VAL E 4854 3.71 85.89 12.17
C VAL E 4854 4.87 85.71 11.21
N ILE E 4855 5.98 86.40 11.47
CA ILE E 4855 7.09 86.41 10.52
C ILE E 4855 7.76 85.04 10.45
N VAL E 4856 7.94 84.38 11.60
CA VAL E 4856 8.76 83.18 11.65
C VAL E 4856 7.92 81.93 11.40
N ILE E 4857 6.83 81.76 12.15
CA ILE E 4857 6.13 80.48 12.16
C ILE E 4857 5.22 80.34 10.94
N LEU E 4858 4.35 81.32 10.70
CA LEU E 4858 3.34 81.16 9.65
C LEU E 4858 3.98 81.04 8.28
N LEU E 4859 4.97 81.89 7.98
CA LEU E 4859 5.70 81.76 6.73
C LEU E 4859 6.41 80.41 6.63
N ALA E 4860 6.96 79.93 7.75
CA ALA E 4860 7.48 78.58 7.80
C ALA E 4860 6.40 77.54 7.51
N ILE E 4861 5.16 77.76 7.95
CA ILE E 4861 4.09 76.84 7.63
C ILE E 4861 3.85 76.79 6.12
N ILE E 4862 3.83 77.96 5.48
CA ILE E 4862 3.62 78.00 4.03
C ILE E 4862 4.74 77.25 3.31
N GLN E 4863 5.98 77.54 3.69
CA GLN E 4863 7.12 76.89 3.04
C GLN E 4863 7.10 75.38 3.28
N GLY E 4864 6.73 74.97 4.49
CA GLY E 4864 6.63 73.54 4.77
C GLY E 4864 5.54 72.87 3.97
N LEU E 4865 4.44 73.58 3.74
CA LEU E 4865 3.38 73.03 2.89
C LEU E 4865 3.90 72.79 1.48
N ILE E 4866 4.66 73.74 0.94
CA ILE E 4866 5.21 73.55 -0.40
C ILE E 4866 6.18 72.36 -0.44
N ILE E 4867 7.07 72.29 0.54
CA ILE E 4867 8.06 71.20 0.57
C ILE E 4867 7.37 69.86 0.72
N ASP E 4868 6.36 69.78 1.59
CA ASP E 4868 5.62 68.55 1.78
C ASP E 4868 4.87 68.16 0.51
N ALA E 4869 4.38 69.14 -0.25
CA ALA E 4869 3.75 68.82 -1.52
C ALA E 4869 4.76 68.17 -2.47
N PHE E 4870 5.96 68.74 -2.55
CA PHE E 4870 7.01 68.11 -3.35
C PHE E 4870 7.23 66.66 -2.94
N GLY E 4871 7.43 66.44 -1.63
CA GLY E 4871 7.71 65.10 -1.15
C GLY E 4871 6.58 64.13 -1.40
N GLU E 4872 5.35 64.59 -1.20
CA GLU E 4872 4.18 63.74 -1.41
C GLU E 4872 4.05 63.33 -2.87
N LEU E 4873 4.25 64.27 -3.79
CA LEU E 4873 4.17 63.92 -5.20
C LEU E 4873 5.24 62.91 -5.58
N ARG E 4874 6.47 63.12 -5.10
CA ARG E 4874 7.53 62.15 -5.41
C ARG E 4874 7.23 60.78 -4.83
N ASP E 4875 6.70 60.73 -3.61
CA ASP E 4875 6.36 59.45 -3.00
C ASP E 4875 5.24 58.75 -3.75
N GLN E 4876 4.26 59.51 -4.24
CA GLN E 4876 3.18 58.92 -5.03
C GLN E 4876 3.72 58.31 -6.31
N GLN E 4877 4.62 59.02 -7.00
CA GLN E 4877 5.22 58.46 -8.20
C GLN E 4877 5.99 57.18 -7.90
N GLU E 4878 6.75 57.19 -6.81
CA GLU E 4878 7.51 55.99 -6.44
C GLU E 4878 6.56 54.83 -6.10
N GLN E 4879 5.45 55.12 -5.43
CA GLN E 4879 4.49 54.08 -5.10
C GLN E 4879 3.88 53.47 -6.36
N VAL E 4880 3.54 54.32 -7.33
CA VAL E 4880 3.02 53.81 -8.60
C VAL E 4880 4.03 52.89 -9.26
N LYS E 4881 5.29 53.33 -9.32
CA LYS E 4881 6.33 52.51 -9.94
C LYS E 4881 6.48 51.18 -9.21
N GLU E 4882 6.51 51.21 -7.88
CA GLU E 4882 6.71 49.99 -7.11
C GLU E 4882 5.56 49.02 -7.30
N ASP E 4883 4.32 49.52 -7.28
CA ASP E 4883 3.18 48.64 -7.47
C ASP E 4883 3.21 47.99 -8.84
N MET E 4884 3.44 48.79 -9.89
CA MET E 4884 3.46 48.21 -11.22
C MET E 4884 4.63 47.26 -11.43
N GLU E 4885 5.74 47.45 -10.74
CA GLU E 4885 6.87 46.55 -10.88
C GLU E 4885 6.78 45.31 -10.01
N THR E 4886 5.95 45.32 -8.97
CA THR E 4886 5.87 44.19 -8.06
C THR E 4886 4.63 43.32 -8.22
N LYS E 4887 3.54 43.84 -8.78
CA LYS E 4887 2.37 42.98 -8.93
C LYS E 4887 1.69 43.25 -10.26
N CYS E 4888 1.04 42.21 -10.78
CA CYS E 4888 0.36 42.32 -12.07
C CYS E 4888 -0.88 43.20 -11.94
N PHE E 4889 -1.17 43.96 -12.98
CA PHE E 4889 -2.30 44.88 -12.95
C PHE E 4889 -3.62 44.13 -12.88
N ILE E 4890 -3.74 43.04 -13.63
CA ILE E 4890 -5.04 42.37 -13.76
C ILE E 4890 -5.27 41.40 -12.61
N CYS E 4891 -4.43 40.36 -12.52
CA CYS E 4891 -4.67 39.32 -11.53
C CYS E 4891 -4.25 39.77 -10.14
N GLY E 4892 -3.14 40.51 -10.05
CA GLY E 4892 -2.66 40.98 -8.77
C GLY E 4892 -1.66 40.09 -8.07
N ILE E 4893 -1.20 39.03 -8.73
CA ILE E 4893 -0.23 38.12 -8.13
C ILE E 4893 1.15 38.77 -8.13
N GLY E 4894 1.94 38.46 -7.11
CA GLY E 4894 3.25 39.07 -6.95
C GLY E 4894 4.25 38.62 -8.01
N ASN E 4895 5.37 39.34 -8.06
CA ASN E 4895 6.34 39.09 -9.12
C ASN E 4895 7.13 37.82 -8.86
N ASP E 4896 7.34 37.47 -7.60
CA ASP E 4896 8.21 36.34 -7.26
C ASP E 4896 7.64 35.02 -7.78
N TYR E 4897 6.32 34.86 -7.67
CA TYR E 4897 5.69 33.62 -8.09
C TYR E 4897 5.94 33.37 -9.58
N PHE E 4898 5.80 34.41 -10.39
CA PHE E 4898 6.12 34.29 -11.80
C PHE E 4898 7.61 34.18 -12.03
N ASP E 4899 8.41 34.79 -11.16
CA ASP E 4899 9.86 34.80 -11.31
C ASP E 4899 10.52 33.50 -10.90
N THR E 4900 9.76 32.56 -10.34
CA THR E 4900 10.30 31.21 -10.20
C THR E 4900 10.75 30.63 -11.53
N VAL E 4901 10.15 31.06 -12.63
CA VAL E 4901 10.63 30.80 -13.98
C VAL E 4901 11.33 32.06 -14.47
N PRO E 4902 12.51 31.95 -15.07
CA PRO E 4902 13.23 33.17 -15.49
C PRO E 4902 12.39 34.02 -16.44
N HIS E 4903 12.43 35.33 -16.21
CA HIS E 4903 11.70 36.30 -17.02
C HIS E 4903 10.19 36.06 -16.97
N GLY E 4904 9.76 35.28 -15.98
CA GLY E 4904 8.37 34.87 -15.92
C GLY E 4904 7.43 36.04 -15.67
N PHE E 4905 7.84 36.98 -14.82
CA PHE E 4905 6.96 38.11 -14.53
C PHE E 4905 6.70 38.96 -15.77
N GLU E 4906 7.76 39.29 -16.53
CA GLU E 4906 7.54 40.12 -17.71
C GLU E 4906 6.84 39.33 -18.80
N THR E 4907 7.11 38.03 -18.90
CA THR E 4907 6.35 37.22 -19.84
C THR E 4907 4.86 37.27 -19.52
N HIS E 4908 4.51 37.11 -18.25
CA HIS E 4908 3.12 37.14 -17.83
C HIS E 4908 2.49 38.51 -18.05
N THR E 4909 3.22 39.57 -17.73
CA THR E 4909 2.65 40.92 -17.81
C THR E 4909 2.71 41.51 -19.21
N LEU E 4910 3.38 40.85 -20.16
CA LEU E 4910 3.46 41.35 -21.52
C LEU E 4910 2.80 40.46 -22.56
N GLN E 4911 2.56 39.18 -22.27
CA GLN E 4911 1.89 38.30 -23.23
C GLN E 4911 0.62 37.70 -22.67
N GLU E 4912 0.60 37.30 -21.40
CA GLU E 4912 -0.56 36.62 -20.86
C GLU E 4912 -1.61 37.61 -20.34
N HIS E 4913 -1.18 38.57 -19.52
CA HIS E 4913 -2.09 39.50 -18.85
C HIS E 4913 -1.79 40.94 -19.23
N ASN E 4914 -1.57 41.20 -20.51
CA ASN E 4914 -1.30 42.56 -20.95
C ASN E 4914 -2.59 43.37 -21.01
N LEU E 4915 -2.59 44.54 -20.35
CA LEU E 4915 -3.78 45.38 -20.34
C LEU E 4915 -4.07 45.95 -21.72
N ALA E 4916 -3.02 46.21 -22.51
CA ALA E 4916 -3.24 46.63 -23.89
C ALA E 4916 -3.98 45.54 -24.67
N ASN E 4917 -3.70 44.27 -24.36
CA ASN E 4917 -4.39 43.18 -25.03
C ASN E 4917 -5.87 43.15 -24.67
N TYR E 4918 -6.20 43.44 -23.39
CA TYR E 4918 -7.60 43.54 -23.02
C TYR E 4918 -8.28 44.71 -23.72
N LEU E 4919 -7.60 45.84 -23.84
CA LEU E 4919 -8.16 46.96 -24.57
C LEU E 4919 -8.42 46.61 -26.04
N PHE E 4920 -7.46 45.93 -26.66
CA PHE E 4920 -7.64 45.51 -28.04
C PHE E 4920 -8.75 44.49 -28.18
N PHE E 4921 -8.91 43.60 -27.21
CA PHE E 4921 -10.01 42.66 -27.23
C PHE E 4921 -11.36 43.35 -27.11
N LEU E 4922 -11.48 44.35 -26.25
CA LEU E 4922 -12.72 45.12 -26.19
C LEU E 4922 -12.98 45.81 -27.52
N MET E 4923 -11.96 46.41 -28.12
CA MET E 4923 -12.11 47.02 -29.44
C MET E 4923 -12.62 46.02 -30.46
N TYR E 4924 -11.98 44.86 -30.54
CA TYR E 4924 -12.34 43.83 -31.51
C TYR E 4924 -13.75 43.28 -31.27
N LEU E 4925 -14.11 43.05 -30.02
CA LEU E 4925 -15.44 42.57 -29.67
C LEU E 4925 -16.52 43.58 -29.96
N ILE E 4926 -16.25 44.88 -29.76
CA ILE E 4926 -17.23 45.90 -30.11
C ILE E 4926 -17.38 46.00 -31.63
N ASN E 4927 -16.27 46.01 -32.36
CA ASN E 4927 -16.32 46.16 -33.81
C ASN E 4927 -16.73 44.89 -34.55
N LYS E 4928 -16.81 43.77 -33.85
CA LYS E 4928 -17.25 42.53 -34.46
C LYS E 4928 -18.76 42.44 -34.44
N ASP E 4929 -19.32 41.79 -35.46
CA ASP E 4929 -20.76 41.58 -35.51
C ASP E 4929 -21.18 40.59 -34.44
N GLU E 4930 -22.34 40.87 -33.83
CA GLU E 4930 -22.82 40.02 -32.74
C GLU E 4930 -23.15 38.62 -33.22
N THR E 4931 -23.66 38.50 -34.45
CA THR E 4931 -24.00 37.17 -34.98
C THR E 4931 -22.76 36.34 -35.21
N GLU E 4932 -21.64 36.98 -35.52
CA GLU E 4932 -20.39 36.27 -35.79
C GLU E 4932 -19.60 35.95 -34.53
N HIS E 4933 -20.13 36.27 -33.36
CA HIS E 4933 -19.42 36.00 -32.12
C HIS E 4933 -19.26 34.51 -31.90
N THR E 4934 -18.11 34.11 -31.38
CA THR E 4934 -17.92 32.74 -30.93
C THR E 4934 -18.55 32.56 -29.55
N GLY E 4935 -18.39 31.38 -28.96
CA GLY E 4935 -18.96 31.17 -27.63
C GLY E 4935 -18.29 32.01 -26.57
N GLN E 4936 -16.96 32.05 -26.57
CA GLN E 4936 -16.23 32.85 -25.60
C GLN E 4936 -16.55 34.33 -25.79
N GLU E 4937 -16.56 34.78 -27.04
CA GLU E 4937 -16.87 36.17 -27.33
C GLU E 4937 -18.28 36.52 -26.90
N SER E 4938 -19.23 35.60 -27.11
CA SER E 4938 -20.61 35.85 -26.70
C SER E 4938 -20.71 35.93 -25.18
N TYR E 4939 -20.01 35.06 -24.47
CA TYR E 4939 -19.98 35.10 -23.02
C TYR E 4939 -19.49 36.45 -22.53
N VAL E 4940 -18.32 36.87 -23.04
CA VAL E 4940 -17.73 38.14 -22.62
C VAL E 4940 -18.62 39.30 -23.03
N TRP E 4941 -19.26 39.22 -24.20
CA TRP E 4941 -20.11 40.28 -24.69
C TRP E 4941 -21.35 40.47 -23.81
N LYS E 4942 -22.05 39.38 -23.54
CA LYS E 4942 -23.20 39.45 -22.64
C LYS E 4942 -22.79 40.04 -21.31
N MET E 4943 -21.65 39.60 -20.80
CA MET E 4943 -21.29 39.96 -19.44
C MET E 4943 -20.81 41.41 -19.36
N TYR E 4944 -20.17 41.89 -20.42
CA TYR E 4944 -19.82 43.30 -20.54
C TYR E 4944 -21.05 44.17 -20.71
N GLN E 4945 -22.04 43.69 -21.46
CA GLN E 4945 -23.30 44.43 -21.59
C GLN E 4945 -23.98 44.58 -20.24
N GLU E 4946 -23.95 43.52 -19.42
CA GLU E 4946 -24.52 43.58 -18.09
C GLU E 4946 -23.56 44.17 -17.07
N ARG E 4947 -22.36 44.56 -17.49
CA ARG E 4947 -21.40 45.26 -16.63
C ARG E 4947 -20.95 44.40 -15.45
N CYS E 4948 -20.73 43.12 -15.69
CA CYS E 4948 -20.12 42.24 -14.70
C CYS E 4948 -18.66 42.00 -15.08
N TRP E 4949 -17.76 42.20 -14.12
CA TRP E 4949 -16.33 42.10 -14.38
C TRP E 4949 -15.71 40.85 -13.75
N GLU E 4950 -16.50 39.81 -13.54
CA GLU E 4950 -15.94 38.56 -13.00
C GLU E 4950 -15.05 37.87 -14.02
N PHE E 4951 -15.23 38.15 -15.31
CA PHE E 4951 -14.46 37.44 -16.33
C PHE E 4951 -13.00 37.85 -16.30
N PHE E 4952 -12.71 39.00 -15.71
CA PHE E 4952 -11.33 39.41 -15.51
C PHE E 4952 -10.69 38.47 -14.49
N PRO E 4953 -9.56 37.82 -14.83
CA PRO E 4953 -8.94 36.88 -13.89
C PRO E 4953 -8.40 37.62 -12.67
N ALA E 4954 -8.90 37.26 -11.50
CA ALA E 4954 -8.51 37.90 -10.24
C ALA E 4954 -7.98 36.84 -9.31
N GLY E 4955 -6.67 36.89 -9.02
CA GLY E 4955 -6.04 35.95 -8.13
C GLY E 4955 -5.67 34.62 -8.76
N ASP E 4956 -5.94 34.43 -10.05
CA ASP E 4956 -5.66 33.17 -10.73
C ASP E 4956 -5.14 33.45 -12.13
N CYS E 4957 -4.47 32.46 -12.70
CA CYS E 4957 -3.92 32.56 -14.04
C CYS E 4957 -3.78 31.17 -14.63
N PHE E 4958 -3.38 31.12 -15.90
CA PHE E 4958 -3.20 29.85 -16.59
C PHE E 4958 -2.15 28.99 -15.89
N ARG E 4959 -1.02 29.58 -15.53
CA ARG E 4959 0.05 28.84 -14.89
C ARG E 4959 -0.40 28.30 -13.53
N LYS E 4960 -1.07 29.13 -12.75
CA LYS E 4960 -1.51 28.70 -11.43
C LYS E 4960 -2.55 27.60 -11.53
N GLN E 4961 -3.45 27.69 -12.52
CA GLN E 4961 -4.45 26.65 -12.70
C GLN E 4961 -3.80 25.34 -13.13
N TYR E 4962 -2.83 25.41 -14.04
CA TYR E 4962 -2.24 24.19 -14.60
C TYR E 4962 -0.82 23.98 -14.11
N GLU E 4963 -0.57 24.26 -12.83
CA GLU E 4963 0.75 24.05 -12.25
C GLU E 4963 1.27 22.64 -12.52
N ASP E 4964 0.42 21.63 -12.32
CA ASP E 4964 0.88 20.25 -12.45
C ASP E 4964 1.19 19.91 -13.90
N GLN E 4965 0.28 20.22 -14.81
CA GLN E 4965 0.46 19.82 -16.20
C GLN E 4965 1.55 20.65 -16.89
N LEU E 4966 1.52 21.97 -16.69
CA LEU E 4966 2.45 22.84 -17.38
C LEU E 4966 3.89 22.58 -16.95
N ASN E 4967 4.10 22.38 -15.65
CA ASN E 4967 5.44 22.16 -15.12
C ASN E 4967 5.71 20.67 -14.94
N GLY F 2 86.49 -59.41 77.23
CA GLY F 2 86.62 -59.27 75.79
C GLY F 2 87.43 -58.05 75.38
N VAL F 3 88.21 -57.54 76.32
CA VAL F 3 89.05 -56.36 76.08
C VAL F 3 90.50 -56.74 76.32
N GLU F 4 91.34 -56.54 75.32
CA GLU F 4 92.78 -56.71 75.44
C GLU F 4 93.44 -55.34 75.29
N ILE F 5 94.37 -55.04 76.20
CA ILE F 5 94.96 -53.71 76.33
C ILE F 5 96.43 -53.80 75.94
N GLU F 6 96.86 -52.90 75.06
CA GLU F 6 98.25 -52.80 74.66
C GLU F 6 98.82 -51.46 75.11
N THR F 7 99.97 -51.50 75.78
CA THR F 7 100.56 -50.31 76.36
C THR F 7 101.30 -49.52 75.29
N ILE F 8 100.94 -48.25 75.14
CA ILE F 8 101.67 -47.38 74.23
C ILE F 8 102.73 -46.60 74.99
N SER F 9 102.39 -46.08 76.16
CA SER F 9 103.35 -45.41 77.02
C SER F 9 103.18 -45.90 78.45
N PRO F 10 104.29 -46.15 79.15
CA PRO F 10 104.19 -46.69 80.51
C PRO F 10 103.66 -45.65 81.48
N GLY F 11 103.04 -46.16 82.54
CA GLY F 11 102.56 -45.32 83.62
C GLY F 11 103.30 -45.58 84.91
N ASP F 12 102.78 -45.10 86.03
CA ASP F 12 103.44 -45.34 87.31
C ASP F 12 103.36 -46.81 87.70
N GLY F 13 102.27 -47.48 87.34
CA GLY F 13 102.10 -48.88 87.65
C GLY F 13 101.58 -49.17 89.05
N ARG F 14 101.22 -48.15 89.81
CA ARG F 14 100.72 -48.35 91.17
C ARG F 14 99.32 -47.79 91.36
N THR F 15 99.06 -46.57 90.91
CA THR F 15 97.79 -45.90 91.19
C THR F 15 96.75 -46.31 90.14
N PHE F 16 96.21 -47.51 90.34
CA PHE F 16 95.11 -47.95 89.51
C PHE F 16 93.80 -47.32 89.98
N PRO F 17 92.85 -47.12 89.08
CA PRO F 17 91.52 -46.64 89.50
C PRO F 17 90.87 -47.62 90.47
N LYS F 18 90.18 -47.07 91.47
CA LYS F 18 89.46 -47.86 92.45
C LYS F 18 87.97 -47.53 92.34
N LYS F 19 87.13 -48.33 92.98
CA LYS F 19 85.69 -48.09 92.92
C LYS F 19 85.35 -46.75 93.56
N GLY F 20 84.40 -46.04 92.94
CA GLY F 20 83.99 -44.75 93.44
C GLY F 20 84.96 -43.63 93.19
N GLN F 21 85.63 -43.67 92.03
CA GLN F 21 86.48 -42.57 91.59
C GLN F 21 86.04 -42.11 90.21
N THR F 22 86.45 -40.90 89.85
CA THR F 22 86.27 -40.36 88.51
C THR F 22 87.60 -40.41 87.77
N CYS F 23 87.58 -40.93 86.56
CA CYS F 23 88.78 -41.03 85.74
C CYS F 23 88.75 -39.93 84.68
N VAL F 24 89.82 -39.16 84.60
CA VAL F 24 89.94 -38.06 83.64
C VAL F 24 90.85 -38.54 82.51
N VAL F 25 90.28 -38.69 81.31
CA VAL F 25 91.00 -39.27 80.19
C VAL F 25 90.79 -38.44 78.93
N HIS F 26 91.81 -38.45 78.07
CA HIS F 26 91.65 -38.12 76.65
C HIS F 26 91.65 -39.42 75.87
N TYR F 27 90.65 -39.60 75.02
CA TYR F 27 90.52 -40.79 74.20
C TYR F 27 90.31 -40.39 72.75
N THR F 28 90.72 -41.28 71.86
CA THR F 28 90.51 -41.12 70.42
C THR F 28 90.03 -42.45 69.87
N GLY F 29 88.78 -42.48 69.40
CA GLY F 29 88.15 -43.71 68.95
C GLY F 29 88.23 -43.86 67.44
N MET F 30 88.62 -45.05 67.01
CA MET F 30 88.69 -45.39 65.59
C MET F 30 87.94 -46.68 65.36
N LEU F 31 87.33 -46.80 64.19
CA LEU F 31 86.77 -48.08 63.77
C LEU F 31 87.91 -49.04 63.42
N GLN F 32 87.56 -50.33 63.31
CA GLN F 32 88.57 -51.33 63.02
C GLN F 32 89.23 -51.11 61.67
N ASN F 33 88.51 -50.51 60.72
CA ASN F 33 89.11 -50.20 59.43
C ASN F 33 90.05 -49.02 59.52
N GLY F 34 90.00 -48.25 60.60
CA GLY F 34 90.90 -47.13 60.78
C GLY F 34 90.30 -45.75 60.64
N LYS F 35 88.98 -45.64 60.61
CA LYS F 35 88.33 -44.34 60.47
C LYS F 35 87.94 -43.79 61.83
N LYS F 36 88.29 -42.54 62.09
CA LYS F 36 88.01 -41.91 63.36
C LYS F 36 86.53 -41.57 63.47
N PHE F 37 85.93 -41.88 64.62
CA PHE F 37 84.55 -41.52 64.88
C PHE F 37 84.36 -40.64 66.10
N ASP F 38 85.35 -40.59 67.00
CA ASP F 38 85.25 -39.76 68.19
C ASP F 38 86.65 -39.46 68.70
N SER F 39 86.80 -38.29 69.31
CA SER F 39 88.06 -37.91 69.92
C SER F 39 87.82 -36.75 70.88
N SER F 40 88.15 -36.96 72.15
CA SER F 40 88.05 -35.88 73.13
C SER F 40 89.12 -34.82 72.92
N ARG F 41 90.24 -35.16 72.29
CA ARG F 41 91.26 -34.17 72.01
C ARG F 41 90.79 -33.16 70.97
N ASP F 42 89.94 -33.57 70.04
CA ASP F 42 89.34 -32.62 69.11
C ASP F 42 88.50 -31.61 69.85
N ARG F 43 87.69 -32.08 70.80
CA ARG F 43 86.87 -31.17 71.60
C ARG F 43 87.70 -30.43 72.64
N ASN F 44 88.96 -30.82 72.84
CA ASN F 44 89.92 -30.10 73.67
C ASN F 44 89.56 -30.03 75.14
N LYS F 45 88.81 -31.00 75.66
CA LYS F 45 88.28 -30.89 77.01
C LYS F 45 88.04 -32.28 77.59
N PRO F 46 88.70 -32.61 78.69
CA PRO F 46 88.89 -34.02 79.05
C PRO F 46 87.59 -34.72 79.44
N PHE F 47 87.59 -36.04 79.26
CA PHE F 47 86.40 -36.85 79.54
C PHE F 47 86.47 -37.42 80.95
N LYS F 48 85.40 -37.23 81.72
CA LYS F 48 85.33 -37.67 83.10
C LYS F 48 84.18 -38.66 83.21
N PHE F 49 84.45 -39.81 83.84
CA PHE F 49 83.44 -40.81 84.10
C PHE F 49 83.74 -41.52 85.40
N ARG F 50 82.72 -42.12 86.00
CA ARG F 50 82.81 -42.71 87.32
C ARG F 50 82.90 -44.23 87.20
N ILE F 51 83.76 -44.83 88.02
CA ILE F 51 83.97 -46.27 87.94
C ILE F 51 82.78 -47.00 88.55
N GLY F 52 82.22 -47.94 87.79
CA GLY F 52 81.17 -48.79 88.30
C GLY F 52 79.77 -48.22 88.24
N LYS F 53 79.61 -47.00 87.72
CA LYS F 53 78.29 -46.40 87.63
C LYS F 53 77.69 -46.50 86.24
N GLN F 54 78.22 -47.38 85.39
CA GLN F 54 77.66 -47.65 84.06
C GLN F 54 77.44 -46.38 83.25
N GLU F 55 78.37 -45.42 83.33
CA GLU F 55 78.25 -44.21 82.53
C GLU F 55 78.73 -44.44 81.10
N VAL F 56 79.69 -45.33 80.92
CA VAL F 56 80.29 -45.56 79.61
C VAL F 56 80.11 -47.02 79.22
N ILE F 57 80.62 -47.40 78.05
CA ILE F 57 80.47 -48.76 77.57
C ILE F 57 81.38 -49.69 78.36
N LYS F 58 81.02 -50.98 78.37
CA LYS F 58 81.73 -51.94 79.20
C LYS F 58 83.19 -52.08 78.79
N GLY F 59 83.46 -52.10 77.49
CA GLY F 59 84.83 -52.25 77.05
C GLY F 59 85.73 -51.13 77.52
N PHE F 60 85.26 -49.89 77.35
CA PHE F 60 85.98 -48.73 77.86
C PHE F 60 86.13 -48.77 79.37
N GLU F 61 85.09 -49.18 80.08
CA GLU F 61 85.16 -49.30 81.54
C GLU F 61 86.26 -50.26 81.97
N GLU F 62 86.26 -51.48 81.41
CA GLU F 62 87.27 -52.47 81.79
C GLU F 62 88.67 -52.01 81.41
N GLY F 63 88.81 -51.42 80.22
CA GLY F 63 90.13 -50.95 79.82
C GLY F 63 90.67 -49.88 80.75
N ALA F 64 89.84 -48.89 81.08
CA ALA F 64 90.27 -47.86 82.02
C ALA F 64 90.54 -48.41 83.40
N ALA F 65 89.78 -49.42 83.84
CA ALA F 65 90.06 -50.03 85.14
C ALA F 65 91.42 -50.71 85.14
N GLN F 66 91.75 -51.42 84.06
CA GLN F 66 93.03 -52.11 84.01
C GLN F 66 94.21 -51.16 83.80
N MET F 67 93.99 -50.01 83.18
CA MET F 67 95.07 -49.05 83.01
C MET F 67 95.48 -48.46 84.36
N SER F 68 96.60 -47.72 84.35
CA SER F 68 97.13 -47.09 85.54
C SER F 68 97.34 -45.61 85.27
N LEU F 69 97.70 -44.87 86.32
CA LEU F 69 97.82 -43.43 86.23
C LEU F 69 98.96 -43.05 85.31
N GLY F 70 98.70 -42.11 84.40
CA GLY F 70 99.71 -41.62 83.50
C GLY F 70 100.04 -42.54 82.35
N GLN F 71 99.29 -43.61 82.15
CA GLN F 71 99.59 -44.61 81.14
C GLN F 71 98.75 -44.35 79.91
N ARG F 72 99.38 -44.40 78.74
CA ARG F 72 98.69 -44.32 77.47
C ARG F 72 98.61 -45.72 76.88
N ALA F 73 97.40 -46.19 76.60
CA ALA F 73 97.19 -47.56 76.16
C ALA F 73 96.17 -47.61 75.03
N LYS F 74 96.21 -48.70 74.29
CA LYS F 74 95.29 -48.94 73.19
C LYS F 74 94.25 -49.96 73.64
N LEU F 75 92.97 -49.60 73.49
CA LEU F 75 91.87 -50.44 73.94
C LEU F 75 91.12 -50.95 72.72
N THR F 76 90.99 -52.27 72.61
CA THR F 76 90.22 -52.89 71.55
C THR F 76 88.98 -53.53 72.16
N CYS F 77 87.81 -53.06 71.76
CA CYS F 77 86.54 -53.52 72.31
C CYS F 77 85.80 -54.32 71.26
N THR F 78 85.47 -55.56 71.58
CA THR F 78 84.70 -56.40 70.69
C THR F 78 83.24 -55.96 70.70
N PRO F 79 82.48 -56.28 69.64
CA PRO F 79 81.10 -55.80 69.53
C PRO F 79 80.16 -56.31 70.59
N ASP F 80 80.58 -57.17 71.50
CA ASP F 80 79.70 -57.64 72.57
C ASP F 80 79.80 -56.76 73.81
N VAL F 81 80.85 -55.97 73.95
CA VAL F 81 81.01 -55.03 75.05
C VAL F 81 80.91 -53.59 74.58
N ALA F 82 80.51 -53.36 73.33
CA ALA F 82 80.41 -52.01 72.80
C ALA F 82 79.32 -51.96 71.75
N TYR F 83 78.15 -51.43 72.12
CA TYR F 83 77.07 -51.10 71.19
C TYR F 83 76.47 -52.31 70.51
N GLY F 84 76.77 -53.51 71.01
CA GLY F 84 76.13 -54.74 70.56
C GLY F 84 75.95 -54.89 69.07
N ALA F 85 74.82 -55.45 68.66
CA ALA F 85 74.49 -55.61 67.25
C ALA F 85 73.60 -54.52 66.72
N THR F 86 72.89 -53.79 67.58
CA THR F 86 72.10 -52.65 67.12
C THR F 86 73.01 -51.53 66.62
N GLY F 87 74.10 -51.28 67.31
CA GLY F 87 75.00 -50.21 66.97
C GLY F 87 74.47 -48.86 67.41
N HIS F 88 75.33 -47.87 67.33
CA HIS F 88 74.95 -46.51 67.67
C HIS F 88 74.40 -45.83 66.44
N PRO F 89 73.14 -45.38 66.45
CA PRO F 89 72.51 -44.87 65.21
C PRO F 89 73.23 -43.68 64.62
N GLY F 90 73.77 -43.85 63.41
CA GLY F 90 74.38 -42.76 62.69
C GLY F 90 75.88 -42.67 62.80
N VAL F 91 76.46 -43.34 63.79
CA VAL F 91 77.90 -43.23 64.00
C VAL F 91 78.58 -44.58 63.83
N ILE F 92 78.24 -45.54 64.68
CA ILE F 92 78.87 -46.87 64.68
C ILE F 92 77.95 -47.83 63.94
N PRO F 93 78.44 -48.53 62.92
CA PRO F 93 77.61 -49.52 62.22
C PRO F 93 77.37 -50.74 63.09
N PRO F 94 76.37 -51.55 62.76
CA PRO F 94 76.12 -52.77 63.55
C PRO F 94 77.32 -53.71 63.52
N ASN F 95 77.55 -54.36 64.66
CA ASN F 95 78.60 -55.37 64.80
C ASN F 95 79.97 -54.81 64.39
N ALA F 96 80.41 -53.79 65.13
CA ALA F 96 81.66 -53.13 64.86
C ALA F 96 82.60 -53.25 66.05
N THR F 97 83.88 -53.40 65.76
CA THR F 97 84.92 -53.47 66.78
C THR F 97 85.61 -52.12 66.87
N LEU F 98 85.64 -51.56 68.08
CA LEU F 98 86.19 -50.23 68.29
C LEU F 98 87.59 -50.31 68.88
N ILE F 99 88.44 -49.39 68.43
CA ILE F 99 89.80 -49.25 68.94
C ILE F 99 89.93 -47.88 69.57
N PHE F 100 90.37 -47.85 70.82
CA PHE F 100 90.44 -46.61 71.60
C PHE F 100 91.88 -46.34 72.02
N ASP F 101 92.32 -45.11 71.81
CA ASP F 101 93.60 -44.64 72.33
C ASP F 101 93.34 -43.81 73.57
N VAL F 102 93.59 -44.38 74.75
CA VAL F 102 93.16 -43.80 76.02
C VAL F 102 94.38 -43.47 76.86
N GLU F 103 94.38 -42.26 77.43
CA GLU F 103 95.40 -41.83 78.38
C GLU F 103 94.75 -41.47 79.70
N LEU F 104 95.19 -42.11 80.78
CA LEU F 104 94.64 -41.85 82.11
C LEU F 104 95.40 -40.68 82.72
N LEU F 105 94.87 -39.47 82.51
CA LEU F 105 95.54 -38.26 82.97
C LEU F 105 95.59 -38.20 84.49
N ASN F 106 94.44 -38.33 85.13
CA ASN F 106 94.32 -37.99 86.54
C ASN F 106 93.20 -38.80 87.16
N LEU F 107 93.35 -39.14 88.43
CA LEU F 107 92.36 -39.88 89.19
C LEU F 107 91.85 -39.00 90.32
N GLU F 108 90.54 -38.78 90.36
CA GLU F 108 89.95 -37.94 91.39
C GLU F 108 88.51 -38.35 91.68
N GLY G 2 -86.12 -31.03 92.66
CA GLY G 2 -84.68 -31.21 92.78
C GLY G 2 -84.00 -30.05 93.45
N VAL G 3 -84.77 -29.26 94.18
CA VAL G 3 -84.25 -28.09 94.88
C VAL G 3 -84.54 -28.25 96.37
N GLU G 4 -83.49 -28.19 97.18
CA GLU G 4 -83.62 -28.18 98.63
C GLU G 4 -83.15 -26.83 99.16
N ILE G 5 -83.94 -26.24 100.05
CA ILE G 5 -83.76 -24.87 100.50
C ILE G 5 -83.37 -24.89 101.96
N GLU G 6 -82.30 -24.17 102.30
CA GLU G 6 -81.84 -24.02 103.67
C GLU G 6 -81.98 -22.57 104.09
N THR G 7 -82.61 -22.34 105.23
CA THR G 7 -82.90 -20.99 105.70
C THR G 7 -81.66 -20.40 106.36
N ILE G 8 -81.23 -19.24 105.87
CA ILE G 8 -80.14 -18.52 106.51
C ILE G 8 -80.67 -17.48 107.48
N SER G 9 -81.71 -16.75 107.09
CA SER G 9 -82.36 -15.81 107.97
C SER G 9 -83.87 -15.98 107.86
N PRO G 10 -84.59 -15.96 108.98
CA PRO G 10 -86.03 -16.19 108.94
C PRO G 10 -86.76 -15.02 108.30
N GLY G 11 -87.93 -15.33 107.73
CA GLY G 11 -88.80 -14.32 107.17
C GLY G 11 -90.09 -14.21 107.95
N ASP G 12 -91.09 -13.54 107.37
CA ASP G 12 -92.38 -13.42 108.06
C ASP G 12 -93.09 -14.77 108.13
N GLY G 13 -92.92 -15.60 107.11
CA GLY G 13 -93.54 -16.91 107.09
C GLY G 13 -94.98 -16.93 106.60
N ARG G 14 -95.50 -15.79 106.13
CA ARG G 14 -96.88 -15.73 105.66
C ARG G 14 -96.98 -15.30 104.21
N THR G 15 -96.26 -14.24 103.82
CA THR G 15 -96.42 -13.66 102.49
C THR G 15 -95.52 -14.39 101.50
N PHE G 16 -95.99 -15.57 101.09
CA PHE G 16 -95.31 -16.29 100.05
C PHE G 16 -95.65 -15.71 98.67
N PRO G 17 -94.76 -15.81 97.70
CA PRO G 17 -95.08 -15.39 96.34
C PRO G 17 -96.27 -16.18 95.79
N LYS G 18 -97.13 -15.49 95.05
CA LYS G 18 -98.29 -16.10 94.41
C LYS G 18 -98.13 -15.97 92.90
N LYS G 19 -98.96 -16.68 92.15
CA LYS G 19 -98.88 -16.61 90.70
C LYS G 19 -99.21 -15.20 90.20
N GLY G 20 -98.47 -14.75 89.20
CA GLY G 20 -98.68 -13.43 88.65
C GLY G 20 -98.15 -12.30 89.50
N GLN G 21 -97.03 -12.53 90.17
CA GLN G 21 -96.32 -11.48 90.90
C GLN G 21 -94.88 -11.40 90.41
N THR G 22 -94.26 -10.26 90.69
CA THR G 22 -92.84 -10.05 90.46
C THR G 22 -92.10 -10.13 91.79
N CYS G 23 -91.03 -10.92 91.82
CA CYS G 23 -90.22 -11.08 93.02
C CYS G 23 -88.95 -10.26 92.88
N VAL G 24 -88.68 -9.41 93.87
CA VAL G 24 -87.49 -8.56 93.88
C VAL G 24 -86.47 -9.18 94.82
N VAL G 25 -85.35 -9.65 94.28
CA VAL G 25 -84.37 -10.40 95.05
C VAL G 25 -82.96 -9.90 94.76
N HIS G 26 -82.10 -10.00 95.77
CA HIS G 26 -80.65 -10.02 95.58
C HIS G 26 -80.18 -11.46 95.72
N TYR G 27 -79.42 -11.91 94.74
CA TYR G 27 -78.89 -13.26 94.73
C TYR G 27 -77.39 -13.24 94.48
N THR G 28 -76.71 -14.27 94.98
CA THR G 28 -75.28 -14.45 94.76
C THR G 28 -75.05 -15.91 94.41
N GLY G 29 -74.64 -16.18 93.18
CA GLY G 29 -74.49 -17.53 92.68
C GLY G 29 -73.05 -18.00 92.77
N MET G 30 -72.88 -19.22 93.29
CA MET G 30 -71.58 -19.86 93.39
C MET G 30 -71.66 -21.25 92.77
N LEU G 31 -70.56 -21.68 92.18
CA LEU G 31 -70.45 -23.07 91.77
C LEU G 31 -70.30 -23.97 92.99
N GLN G 32 -70.49 -25.28 92.77
CA GLN G 32 -70.42 -26.21 93.89
C GLN G 32 -69.04 -26.24 94.52
N ASN G 33 -67.99 -25.95 93.74
CA ASN G 33 -66.65 -25.87 94.30
C ASN G 33 -66.44 -24.61 95.13
N GLY G 34 -67.32 -23.62 94.99
CA GLY G 34 -67.23 -22.41 95.77
C GLY G 34 -66.79 -21.17 95.03
N LYS G 35 -66.79 -21.20 93.70
CA LYS G 35 -66.36 -20.04 92.92
C LYS G 35 -67.58 -19.24 92.47
N LYS G 36 -67.54 -17.93 92.70
CA LYS G 36 -68.64 -17.06 92.35
C LYS G 36 -68.70 -16.86 90.84
N PHE G 37 -69.91 -16.96 90.28
CA PHE G 37 -70.11 -16.70 88.86
C PHE G 37 -71.11 -15.59 88.59
N ASP G 38 -71.94 -15.23 89.56
CA ASP G 38 -72.92 -14.17 89.39
C ASP G 38 -73.32 -13.62 90.75
N SER G 39 -73.66 -12.33 90.77
CA SER G 39 -74.13 -11.70 91.99
C SER G 39 -74.81 -10.39 91.63
N SER G 40 -76.09 -10.27 91.97
CA SER G 40 -76.80 -9.02 91.77
C SER G 40 -76.33 -7.92 92.71
N ARG G 41 -75.78 -8.29 93.87
CA ARG G 41 -75.24 -7.28 94.78
C ARG G 41 -74.02 -6.58 94.22
N ASP G 42 -73.23 -7.29 93.40
CA ASP G 42 -72.12 -6.63 92.71
C ASP G 42 -72.63 -5.57 91.77
N ARG G 43 -73.68 -5.89 91.01
CA ARG G 43 -74.28 -4.92 90.11
C ARG G 43 -75.10 -3.87 90.85
N ASN G 44 -75.37 -4.08 92.14
CA ASN G 44 -75.98 -3.09 93.03
C ASN G 44 -77.41 -2.73 92.65
N LYS G 45 -78.16 -3.64 92.02
CA LYS G 45 -79.46 -3.28 91.46
C LYS G 45 -80.33 -4.52 91.38
N PRO G 46 -81.47 -4.53 92.06
CA PRO G 46 -82.14 -5.79 92.40
C PRO G 46 -82.70 -6.51 91.18
N PHE G 47 -82.83 -7.83 91.31
CA PHE G 47 -83.30 -8.68 90.23
C PHE G 47 -84.80 -8.89 90.35
N LYS G 48 -85.52 -8.64 89.27
CA LYS G 48 -86.98 -8.78 89.24
C LYS G 48 -87.34 -9.83 88.20
N PHE G 49 -88.20 -10.77 88.59
CA PHE G 49 -88.70 -11.79 87.68
C PHE G 49 -90.13 -12.14 88.06
N ARG G 50 -90.87 -12.68 87.11
CA ARG G 50 -92.29 -12.95 87.26
C ARG G 50 -92.50 -14.44 87.51
N ILE G 51 -93.42 -14.76 88.43
CA ILE G 51 -93.67 -16.15 88.78
C ILE G 51 -94.45 -16.84 87.68
N GLY G 52 -93.94 -17.97 87.22
CA GLY G 52 -94.64 -18.80 86.27
C GLY G 52 -94.49 -18.40 84.82
N LYS G 53 -93.72 -17.35 84.53
CA LYS G 53 -93.52 -16.92 83.16
C LYS G 53 -92.20 -17.39 82.57
N GLN G 54 -91.55 -18.37 83.18
CA GLN G 54 -90.34 -19.00 82.65
C GLN G 54 -89.27 -17.97 82.31
N GLU G 55 -89.11 -16.94 83.13
CA GLU G 55 -88.07 -15.95 82.88
C GLU G 55 -86.72 -16.44 83.37
N VAL G 56 -86.71 -17.26 84.44
CA VAL G 56 -85.47 -17.71 85.05
C VAL G 56 -85.42 -19.23 85.02
N ILE G 57 -84.36 -19.81 85.56
CA ILE G 57 -84.20 -21.26 85.56
C ILE G 57 -85.16 -21.89 86.56
N LYS G 58 -85.46 -23.16 86.35
CA LYS G 58 -86.48 -23.84 87.14
C LYS G 58 -86.08 -23.92 88.61
N GLY G 59 -84.80 -24.21 88.89
CA GLY G 59 -84.37 -24.31 90.27
C GLY G 59 -84.56 -23.02 91.04
N PHE G 60 -84.13 -21.92 90.45
CA PHE G 60 -84.34 -20.60 91.04
C PHE G 60 -85.82 -20.29 91.20
N GLU G 61 -86.64 -20.62 90.20
CA GLU G 61 -88.07 -20.41 90.29
C GLU G 61 -88.69 -21.13 91.48
N GLU G 62 -88.41 -22.43 91.61
CA GLU G 62 -88.99 -23.20 92.70
C GLU G 62 -88.48 -22.71 94.06
N GLY G 63 -87.18 -22.39 94.14
CA GLY G 63 -86.65 -21.89 95.39
C GLY G 63 -87.31 -20.59 95.82
N ALA G 64 -87.43 -19.64 94.89
CA ALA G 64 -88.10 -18.38 95.22
C ALA G 64 -89.57 -18.58 95.54
N ALA G 65 -90.24 -19.53 94.90
CA ALA G 65 -91.63 -19.80 95.24
C ALA G 65 -91.75 -20.32 96.66
N GLN G 66 -90.84 -21.22 97.06
CA GLN G 66 -90.93 -21.78 98.41
C GLN G 66 -90.49 -20.79 99.48
N MET G 67 -89.63 -19.83 99.14
CA MET G 67 -89.22 -18.83 100.12
C MET G 67 -90.39 -17.91 100.46
N SER G 68 -90.19 -17.08 101.49
CA SER G 68 -91.19 -16.15 101.96
C SER G 68 -90.60 -14.75 102.01
N LEU G 69 -91.45 -13.77 102.29
CA LEU G 69 -91.03 -12.37 102.26
C LEU G 69 -90.02 -12.09 103.36
N GLY G 70 -88.93 -11.41 103.00
CA GLY G 70 -87.92 -11.04 103.95
C GLY G 70 -87.00 -12.16 104.39
N GLN G 71 -87.06 -13.32 103.75
CA GLN G 71 -86.30 -14.49 104.14
C GLN G 71 -85.06 -14.60 103.28
N ARG G 72 -83.92 -14.85 103.92
CA ARG G 72 -82.68 -15.13 103.22
C ARG G 72 -82.42 -16.63 103.29
N ALA G 73 -82.28 -17.27 102.13
CA ALA G 73 -82.17 -18.72 102.07
C ALA G 73 -81.09 -19.11 101.06
N LYS G 74 -80.61 -20.34 101.22
CA LYS G 74 -79.62 -20.93 100.33
C LYS G 74 -80.32 -21.91 99.39
N LEU G 75 -80.13 -21.73 98.09
CA LEU G 75 -80.77 -22.54 97.08
C LEU G 75 -79.72 -23.40 96.38
N THR G 76 -79.91 -24.71 96.40
CA THR G 76 -79.03 -25.63 95.69
C THR G 76 -79.80 -26.23 94.52
N CYS G 77 -79.33 -25.99 93.31
CA CYS G 77 -80.00 -26.43 92.10
C CYS G 77 -79.17 -27.52 91.44
N THR G 78 -79.77 -28.70 91.25
CA THR G 78 -79.11 -29.79 90.57
C THR G 78 -79.05 -29.50 89.07
N PRO G 79 -78.11 -30.13 88.35
CA PRO G 79 -77.93 -29.82 86.92
C PRO G 79 -79.11 -30.17 86.03
N ASP G 80 -80.18 -30.77 86.55
CA ASP G 80 -81.34 -31.06 85.72
C ASP G 80 -82.35 -29.93 85.73
N VAL G 81 -82.28 -29.02 86.70
CA VAL G 81 -83.14 -27.85 86.76
C VAL G 81 -82.36 -26.57 86.50
N ALA G 82 -81.10 -26.66 86.07
CA ALA G 82 -80.28 -25.49 85.85
C ALA G 82 -79.27 -25.79 84.75
N TYR G 83 -79.54 -25.31 83.54
CA TYR G 83 -78.59 -25.31 82.42
C TYR G 83 -78.21 -26.70 81.96
N GLY G 84 -78.96 -27.71 82.38
CA GLY G 84 -78.81 -29.07 81.88
C GLY G 84 -77.40 -29.58 81.72
N ALA G 85 -77.16 -30.32 80.64
CA ALA G 85 -75.83 -30.84 80.34
C ALA G 85 -75.08 -29.97 79.33
N THR G 86 -75.78 -29.16 78.55
CA THR G 86 -75.09 -28.24 77.65
C THR G 86 -74.33 -27.17 78.43
N GLY G 87 -74.92 -26.67 79.50
CA GLY G 87 -74.33 -25.60 80.28
C GLY G 87 -74.48 -24.26 79.61
N HIS G 88 -74.14 -23.22 80.37
CA HIS G 88 -74.19 -21.86 79.84
C HIS G 88 -72.84 -21.54 79.21
N PRO G 89 -72.77 -21.24 77.92
CA PRO G 89 -71.48 -21.08 77.25
C PRO G 89 -70.61 -19.99 77.84
N GLY G 90 -69.47 -20.38 78.39
CA GLY G 90 -68.50 -19.41 78.87
C GLY G 90 -68.55 -19.15 80.37
N VAL G 91 -69.65 -19.51 81.02
CA VAL G 91 -69.80 -19.23 82.44
C VAL G 91 -69.92 -20.50 83.25
N ILE G 92 -70.97 -21.28 83.01
CA ILE G 92 -71.26 -22.49 83.76
C ILE G 92 -70.77 -23.69 82.96
N PRO G 93 -69.92 -24.55 83.52
CA PRO G 93 -69.48 -25.74 82.80
C PRO G 93 -70.61 -26.75 82.69
N PRO G 94 -70.49 -27.72 81.78
CA PRO G 94 -71.54 -28.74 81.65
C PRO G 94 -71.70 -29.54 82.94
N ASN G 95 -72.95 -29.89 83.25
CA ASN G 95 -73.28 -30.73 84.39
C ASN G 95 -72.73 -30.15 85.69
N ALA G 96 -73.21 -28.95 86.02
CA ALA G 96 -72.76 -28.23 87.20
C ALA G 96 -73.94 -27.99 88.14
N THR G 97 -73.65 -28.08 89.44
CA THR G 97 -74.64 -27.81 90.48
C THR G 97 -74.41 -26.41 91.03
N LEU G 98 -75.46 -25.59 91.00
CA LEU G 98 -75.35 -24.20 91.40
C LEU G 98 -75.91 -23.99 92.80
N ILE G 99 -75.25 -23.12 93.55
CA ILE G 99 -75.68 -22.74 94.90
C ILE G 99 -75.98 -21.26 94.89
N PHE G 100 -77.19 -20.88 95.31
CA PHE G 100 -77.66 -19.52 95.26
C PHE G 100 -77.97 -19.01 96.65
N ASP G 101 -77.50 -17.82 96.97
CA ASP G 101 -77.87 -17.12 98.20
C ASP G 101 -78.90 -16.05 97.85
N VAL G 102 -80.16 -16.32 98.15
CA VAL G 102 -81.27 -15.51 97.68
C VAL G 102 -81.98 -14.88 98.85
N GLU G 103 -82.28 -13.58 98.73
CA GLU G 103 -83.08 -12.85 99.70
C GLU G 103 -84.30 -12.27 99.00
N LEU G 104 -85.48 -12.60 99.51
CA LEU G 104 -86.73 -12.10 98.94
C LEU G 104 -87.05 -10.75 99.57
N LEU G 105 -86.58 -9.68 98.91
CA LEU G 105 -86.75 -8.34 99.46
C LEU G 105 -88.21 -7.94 99.50
N ASN G 106 -88.89 -8.03 98.37
CA ASN G 106 -90.19 -7.39 98.22
C ASN G 106 -91.00 -8.16 97.18
N LEU G 107 -92.31 -8.17 97.38
CA LEU G 107 -93.24 -8.82 96.47
C LEU G 107 -94.15 -7.76 95.86
N GLU G 108 -94.19 -7.68 94.54
CA GLU G 108 -95.01 -6.69 93.86
C GLU G 108 -95.43 -7.17 92.48
N GLY H 2 -99.60 -18.49 -81.80
CA GLY H 2 -99.71 -18.49 -80.37
C GLY H 2 -100.10 -17.14 -79.80
N VAL H 3 -100.65 -16.29 -80.66
CA VAL H 3 -101.07 -14.94 -80.27
C VAL H 3 -102.56 -14.81 -80.54
N GLU H 4 -103.31 -14.45 -79.50
CA GLU H 4 -104.73 -14.13 -79.62
C GLU H 4 -104.92 -12.66 -79.30
N ILE H 5 -105.68 -11.97 -80.15
CA ILE H 5 -105.82 -10.52 -80.11
C ILE H 5 -107.24 -10.18 -79.71
N GLU H 6 -107.37 -9.29 -78.73
CA GLU H 6 -108.66 -8.79 -78.28
C GLU H 6 -108.76 -7.30 -78.58
N THR H 7 -109.84 -6.90 -79.22
CA THR H 7 -110.01 -5.52 -79.66
C THR H 7 -110.49 -4.66 -78.50
N ILE H 8 -109.73 -3.60 -78.20
CA ILE H 8 -110.16 -2.64 -77.18
C ILE H 8 -110.90 -1.47 -77.83
N SER H 9 -110.39 -0.98 -78.95
CA SER H 9 -111.06 0.07 -79.70
C SER H 9 -111.03 -0.29 -81.18
N PRO H 10 -112.15 -0.10 -81.88
CA PRO H 10 -112.20 -0.47 -83.30
C PRO H 10 -111.34 0.44 -84.16
N GLY H 11 -110.90 -0.12 -85.29
CA GLY H 11 -110.15 0.64 -86.26
C GLY H 11 -110.91 0.79 -87.56
N ASP H 12 -110.24 1.19 -88.63
CA ASP H 12 -110.92 1.32 -89.92
C ASP H 12 -111.31 -0.04 -90.48
N GLY H 13 -110.49 -1.06 -90.21
CA GLY H 13 -110.79 -2.39 -90.69
C GLY H 13 -110.36 -2.68 -92.11
N ARG H 14 -109.67 -1.75 -92.76
CA ARG H 14 -109.23 -1.94 -94.14
C ARG H 14 -107.72 -1.85 -94.29
N THR H 15 -107.09 -0.83 -93.71
CA THR H 15 -105.67 -0.58 -93.93
C THR H 15 -104.84 -1.42 -92.96
N PHE H 16 -104.71 -2.69 -93.31
CA PHE H 16 -103.83 -3.57 -92.55
C PHE H 16 -102.38 -3.33 -92.97
N PRO H 17 -101.43 -3.56 -92.07
CA PRO H 17 -100.01 -3.48 -92.45
C PRO H 17 -99.69 -4.50 -93.54
N LYS H 18 -98.84 -4.09 -94.48
CA LYS H 18 -98.39 -4.95 -95.57
C LYS H 18 -96.89 -5.14 -95.43
N LYS H 19 -96.33 -6.09 -96.19
CA LYS H 19 -94.90 -6.33 -96.12
C LYS H 19 -94.11 -5.11 -96.61
N GLY H 20 -93.01 -4.82 -95.92
CA GLY H 20 -92.19 -3.69 -96.29
C GLY H 20 -92.76 -2.34 -95.88
N GLN H 21 -93.43 -2.29 -94.74
CA GLN H 21 -93.88 -1.04 -94.14
C GLN H 21 -93.34 -0.91 -92.73
N THR H 22 -93.36 0.32 -92.23
CA THR H 22 -93.03 0.62 -90.85
C THR H 22 -94.33 0.92 -90.10
N CYS H 23 -94.51 0.28 -88.95
CA CYS H 23 -95.69 0.48 -88.11
C CYS H 23 -95.33 1.38 -86.94
N VAL H 24 -96.10 2.45 -86.76
CA VAL H 24 -95.87 3.40 -85.68
C VAL H 24 -96.91 3.12 -84.59
N VAL H 25 -96.44 2.67 -83.43
CA VAL H 25 -97.33 2.22 -82.37
C VAL H 25 -96.90 2.79 -81.04
N HIS H 26 -97.88 3.01 -80.16
CA HIS H 26 -97.65 3.11 -78.72
C HIS H 26 -98.08 1.80 -78.09
N TYR H 27 -97.21 1.21 -77.28
CA TYR H 27 -97.49 -0.04 -76.61
C TYR H 27 -97.20 0.10 -75.12
N THR H 28 -97.88 -0.71 -74.33
CA THR H 28 -97.66 -0.79 -72.89
C THR H 28 -97.64 -2.26 -72.50
N GLY H 29 -96.48 -2.74 -72.06
CA GLY H 29 -96.29 -4.15 -71.77
C GLY H 29 -96.45 -4.44 -70.28
N MET H 30 -97.21 -5.48 -69.98
CA MET H 30 -97.41 -5.94 -68.62
C MET H 30 -97.12 -7.42 -68.55
N LEU H 31 -96.61 -7.86 -67.40
CA LEU H 31 -96.50 -9.29 -67.14
C LEU H 31 -97.89 -9.87 -66.89
N GLN H 32 -97.97 -11.21 -66.93
CA GLN H 32 -99.27 -11.85 -66.74
C GLN H 32 -99.84 -11.59 -65.36
N ASN H 33 -98.98 -11.37 -64.36
CA ASN H 33 -99.47 -11.03 -63.03
C ASN H 33 -99.99 -9.60 -62.97
N GLY H 34 -99.67 -8.77 -63.95
CA GLY H 34 -100.16 -7.41 -63.99
C GLY H 34 -99.15 -6.33 -63.70
N LYS H 35 -97.87 -6.64 -63.70
CA LYS H 35 -96.83 -5.65 -63.41
C LYS H 35 -96.27 -5.11 -64.71
N LYS H 36 -96.19 -3.79 -64.81
CA LYS H 36 -95.69 -3.14 -66.02
C LYS H 36 -94.17 -3.28 -66.10
N PHE H 37 -93.68 -3.63 -67.29
CA PHE H 37 -92.25 -3.72 -67.54
C PHE H 37 -91.77 -2.81 -68.65
N ASP H 38 -92.67 -2.34 -69.51
CA ASP H 38 -92.29 -1.45 -70.60
C ASP H 38 -93.51 -0.67 -71.05
N SER H 39 -93.26 0.55 -71.53
CA SER H 39 -94.31 1.39 -72.07
C SER H 39 -93.70 2.50 -72.89
N SER H 40 -94.05 2.56 -74.17
CA SER H 40 -93.59 3.65 -75.01
C SER H 40 -94.26 4.97 -74.67
N ARG H 41 -95.45 4.93 -74.07
CA ARG H 41 -96.11 6.17 -73.65
C ARG H 41 -95.37 6.85 -72.52
N ASP H 42 -94.70 6.07 -71.66
CA ASP H 42 -93.86 6.67 -70.63
C ASP H 42 -92.71 7.43 -71.26
N ARG H 43 -92.08 6.84 -72.28
CA ARG H 43 -91.00 7.52 -72.98
C ARG H 43 -91.52 8.60 -73.92
N ASN H 44 -92.84 8.67 -74.15
CA ASN H 44 -93.50 9.76 -74.86
C ASN H 44 -93.09 9.87 -76.32
N LYS H 45 -92.69 8.77 -76.97
CA LYS H 45 -92.13 8.85 -78.31
C LYS H 45 -92.34 7.54 -79.03
N PRO H 46 -93.04 7.56 -80.16
CA PRO H 46 -93.66 6.34 -80.69
C PRO H 46 -92.66 5.30 -81.17
N PHE H 47 -93.08 4.04 -81.14
CA PHE H 47 -92.22 2.93 -81.53
C PHE H 47 -92.44 2.59 -83.00
N LYS H 48 -91.34 2.51 -83.75
CA LYS H 48 -91.39 2.22 -85.18
C LYS H 48 -90.62 0.93 -85.43
N PHE H 49 -91.23 0.02 -86.17
CA PHE H 49 -90.59 -1.23 -86.56
C PHE H 49 -91.08 -1.64 -87.94
N ARG H 50 -90.29 -2.45 -88.62
CA ARG H 50 -90.54 -2.84 -90.00
C ARG H 50 -91.12 -4.25 -90.04
N ILE H 51 -92.11 -4.45 -90.91
CA ILE H 51 -92.77 -5.74 -91.00
C ILE H 51 -91.86 -6.74 -91.71
N GLY H 52 -91.66 -7.89 -91.07
CA GLY H 52 -90.93 -8.98 -91.69
C GLY H 52 -89.43 -8.89 -91.59
N LYS H 53 -88.89 -7.86 -90.94
CA LYS H 53 -87.45 -7.73 -90.80
C LYS H 53 -86.94 -8.17 -89.44
N GLN H 54 -87.74 -8.92 -88.68
CA GLN H 54 -87.32 -9.51 -87.41
C GLN H 54 -86.72 -8.48 -86.46
N GLU H 55 -87.29 -7.27 -86.43
CA GLU H 55 -86.81 -6.26 -85.49
C GLU H 55 -87.36 -6.49 -84.09
N VAL H 56 -88.57 -7.03 -83.99
CA VAL H 56 -89.24 -7.21 -82.70
C VAL H 56 -89.53 -8.69 -82.48
N ILE H 57 -90.16 -9.00 -81.36
CA ILE H 57 -90.47 -10.39 -81.05
C ILE H 57 -91.61 -10.88 -81.92
N LYS H 58 -91.69 -12.20 -82.08
CA LYS H 58 -92.65 -12.79 -83.00
C LYS H 58 -94.09 -12.50 -82.59
N GLY H 59 -94.38 -12.58 -81.29
CA GLY H 59 -95.74 -12.33 -80.85
C GLY H 59 -96.21 -10.93 -81.16
N PHE H 60 -95.38 -9.93 -80.87
CA PHE H 60 -95.67 -8.56 -81.23
C PHE H 60 -95.80 -8.37 -82.73
N GLU H 61 -94.92 -9.01 -83.50
CA GLU H 61 -95.01 -8.94 -84.96
C GLU H 61 -96.35 -9.44 -85.47
N GLU H 62 -96.75 -10.64 -85.06
CA GLU H 62 -98.01 -11.21 -85.54
C GLU H 62 -99.19 -10.37 -85.08
N GLY H 63 -99.17 -9.90 -83.83
CA GLY H 63 -100.27 -9.08 -83.36
C GLY H 63 -100.42 -7.80 -84.15
N ALA H 64 -99.31 -7.09 -84.38
CA ALA H 64 -99.37 -5.88 -85.18
C ALA H 64 -99.77 -6.15 -86.61
N ALA H 65 -99.37 -7.29 -87.18
CA ALA H 65 -99.81 -7.63 -88.53
C ALA H 65 -101.31 -7.84 -88.58
N GLN H 66 -101.88 -8.52 -87.59
CA GLN H 66 -103.31 -8.76 -87.59
C GLN H 66 -104.12 -7.52 -87.26
N MET H 67 -103.56 -6.57 -86.51
CA MET H 67 -104.28 -5.35 -86.21
C MET H 67 -104.45 -4.50 -87.48
N SER H 68 -105.26 -3.46 -87.37
CA SER H 68 -105.55 -2.55 -88.47
C SER H 68 -105.27 -1.12 -88.03
N LEU H 69 -105.36 -0.20 -88.98
CA LEU H 69 -105.01 1.19 -88.73
C LEU H 69 -105.98 1.81 -87.75
N GLY H 70 -105.45 2.51 -86.75
CA GLY H 70 -106.26 3.19 -85.77
C GLY H 70 -106.90 2.31 -84.73
N GLN H 71 -106.53 1.03 -84.67
CA GLN H 71 -107.16 0.07 -83.78
C GLN H 71 -106.31 -0.10 -82.53
N ARG H 72 -106.95 -0.07 -81.37
CA ARG H 72 -106.29 -0.37 -80.11
C ARG H 72 -106.68 -1.77 -79.68
N ALA H 73 -105.69 -2.64 -79.48
CA ALA H 73 -105.94 -4.04 -79.21
C ALA H 73 -105.02 -4.53 -78.11
N LYS H 74 -105.43 -5.64 -77.49
CA LYS H 74 -104.65 -6.30 -76.44
C LYS H 74 -103.98 -7.54 -77.03
N LEU H 75 -102.67 -7.63 -76.86
CA LEU H 75 -101.87 -8.71 -77.42
C LEU H 75 -101.35 -9.57 -76.29
N THR H 76 -101.66 -10.87 -76.33
CA THR H 76 -101.15 -11.82 -75.36
C THR H 76 -100.17 -12.75 -76.06
N CYS H 77 -98.91 -12.73 -75.63
CA CYS H 77 -97.85 -13.50 -76.25
C CYS H 77 -97.42 -14.62 -75.30
N THR H 78 -97.52 -15.85 -75.78
CA THR H 78 -97.07 -16.99 -74.99
C THR H 78 -95.55 -17.05 -74.98
N PRO H 79 -94.96 -17.71 -73.99
CA PRO H 79 -93.50 -17.71 -73.84
C PRO H 79 -92.74 -18.38 -74.98
N ASP H 80 -93.42 -18.96 -75.97
CA ASP H 80 -92.70 -19.55 -77.10
C ASP H 80 -92.48 -18.55 -78.23
N VAL H 81 -93.23 -17.45 -78.26
CA VAL H 81 -93.06 -16.40 -79.25
C VAL H 81 -92.50 -15.13 -78.62
N ALA H 82 -92.07 -15.18 -77.36
CA ALA H 82 -91.56 -14.01 -76.67
C ALA H 82 -90.53 -14.43 -75.64
N TYR H 83 -89.24 -14.26 -75.97
CA TYR H 83 -88.13 -14.40 -75.03
C TYR H 83 -87.97 -15.82 -74.50
N GLY H 84 -88.63 -16.79 -75.13
CA GLY H 84 -88.44 -18.20 -74.83
C GLY H 84 -88.34 -18.57 -73.38
N ALA H 85 -87.45 -19.51 -73.06
CA ALA H 85 -87.23 -19.94 -71.69
C ALA H 85 -86.04 -19.24 -71.03
N THR H 86 -85.12 -18.69 -71.83
CA THR H 86 -84.02 -17.94 -71.25
C THR H 86 -84.51 -16.65 -70.61
N GLY H 87 -85.46 -15.98 -71.26
CA GLY H 87 -85.97 -14.72 -70.77
C GLY H 87 -85.03 -13.57 -71.07
N HIS H 88 -85.53 -12.36 -70.86
CA HIS H 88 -84.71 -11.18 -71.05
C HIS H 88 -84.00 -10.85 -69.76
N PRO H 89 -82.66 -10.84 -69.73
CA PRO H 89 -81.94 -10.70 -68.46
C PRO H 89 -82.25 -9.41 -67.72
N GLY H 90 -82.83 -9.55 -66.53
CA GLY H 90 -83.06 -8.40 -65.68
C GLY H 90 -84.46 -7.82 -65.75
N VAL H 91 -85.22 -8.15 -66.80
CA VAL H 91 -86.54 -7.56 -66.98
C VAL H 91 -87.61 -8.64 -66.95
N ILE H 92 -87.58 -9.55 -67.91
CA ILE H 92 -88.60 -10.59 -68.04
C ILE H 92 -88.06 -11.88 -67.44
N PRO H 93 -88.77 -12.49 -66.49
CA PRO H 93 -88.32 -13.77 -65.93
C PRO H 93 -88.47 -14.89 -66.94
N PRO H 94 -87.79 -16.02 -66.72
CA PRO H 94 -87.92 -17.15 -67.64
C PRO H 94 -89.35 -17.66 -67.70
N ASN H 95 -89.77 -18.06 -68.91
CA ASN H 95 -91.09 -18.66 -69.14
C ASN H 95 -92.20 -17.73 -68.65
N ALA H 96 -92.28 -16.56 -69.26
CA ALA H 96 -93.26 -15.55 -68.88
C ALA H 96 -94.16 -15.24 -70.07
N THR H 97 -95.43 -15.00 -69.78
CA THR H 97 -96.42 -14.62 -70.78
C THR H 97 -96.63 -13.11 -70.71
N LEU H 98 -96.46 -12.43 -71.84
CA LEU H 98 -96.54 -10.98 -71.89
C LEU H 98 -97.88 -10.54 -72.46
N ILE H 99 -98.41 -9.46 -71.90
CA ILE H 99 -99.64 -8.83 -72.36
C ILE H 99 -99.31 -7.43 -72.83
N PHE H 100 -99.69 -7.11 -74.06
CA PHE H 100 -99.34 -5.84 -74.69
C PHE H 100 -100.60 -5.08 -75.04
N ASP H 101 -100.63 -3.79 -74.70
CA ASP H 101 -101.68 -2.89 -75.14
C ASP H 101 -101.15 -2.05 -76.28
N VAL H 102 -101.54 -2.38 -77.51
CA VAL H 102 -100.92 -1.82 -78.70
C VAL H 102 -101.95 -1.02 -79.48
N GLU H 103 -101.56 0.18 -79.92
CA GLU H 103 -102.37 1.02 -80.79
C GLU H 103 -101.60 1.30 -82.07
N LEU H 104 -102.21 0.96 -83.21
CA LEU H 104 -101.57 1.18 -84.50
C LEU H 104 -101.90 2.60 -84.96
N LEU H 105 -101.01 3.53 -84.62
CA LEU H 105 -101.25 4.93 -84.94
C LEU H 105 -101.25 5.18 -86.43
N ASN H 106 -100.19 4.77 -87.11
CA ASN H 106 -99.93 5.21 -88.48
C ASN H 106 -99.12 4.15 -89.20
N LEU H 107 -99.35 4.04 -90.50
CA LEU H 107 -98.63 3.11 -91.36
C LEU H 107 -97.84 3.91 -92.38
N GLU H 108 -96.54 3.68 -92.43
CA GLU H 108 -95.69 4.40 -93.36
C GLU H 108 -94.45 3.58 -93.74
ZN ZN I . 22.48 34.30 -6.05
PG ATP J . 33.58 46.67 0.23
O1G ATP J . 33.53 45.31 -0.37
O2G ATP J . 34.68 46.84 1.29
O3G ATP J . 33.69 47.80 -0.78
PB ATP J . 30.68 46.65 0.93
O1B ATP J . 30.25 45.69 1.97
O2B ATP J . 29.93 47.98 0.90
O3B ATP J . 32.22 46.98 1.02
PA ATP J . 29.47 45.28 -1.39
O1A ATP J . 30.05 44.21 -2.20
O2A ATP J . 28.71 46.36 -2.17
O3A ATP J . 30.57 46.03 -0.53
O5' ATP J . 28.50 44.70 -0.29
C5' ATP J . 28.54 43.31 0.08
C4' ATP J . 27.13 42.81 0.23
O4' ATP J . 26.53 42.68 -1.06
C3' ATP J . 26.99 41.42 0.84
O3' ATP J . 27.04 41.47 2.25
C2' ATP J . 25.62 40.97 0.33
O2' ATP J . 24.60 41.26 1.27
C1' ATP J . 25.42 41.81 -0.94
N9 ATP J . 25.32 41.01 -2.17
C8 ATP J . 24.16 40.55 -2.74
N7 ATP J . 24.35 39.85 -3.83
C5 ATP J . 25.73 39.85 -3.99
C6 ATP J . 26.58 39.28 -4.95
N6 ATP J . 26.14 38.56 -5.99
N1 ATP J . 27.90 39.46 -4.81
C2 ATP J . 28.35 40.17 -3.77
N3 ATP J . 27.65 40.76 -2.80
C4 ATP J . 26.34 40.56 -2.96
PG ATP K . 42.95 -24.62 -159.29
O1G ATP K . 42.75 -24.68 -157.81
O2G ATP K . 43.95 -25.64 -159.83
O3G ATP K . 41.64 -24.74 -160.08
PB ATP K . 44.32 -22.53 -160.92
O1B ATP K . 43.52 -22.51 -162.16
O2B ATP K . 45.68 -23.23 -161.03
O3B ATP K . 43.54 -23.20 -159.72
PA ATP K . 44.29 -20.25 -159.03
O1A ATP K . 44.31 -18.79 -159.26
O2A ATP K . 45.26 -20.76 -157.96
O3A ATP K . 44.60 -21.06 -160.37
O5' ATP K . 42.83 -20.73 -158.65
C5' ATP K . 41.74 -19.79 -158.50
C4' ATP K . 40.47 -20.57 -158.28
O4' ATP K . 39.55 -20.32 -159.36
C3' ATP K . 40.64 -22.08 -158.21
O3' ATP K . 40.86 -22.52 -156.88
C2' ATP K . 39.32 -22.59 -158.77
O2' ATP K . 38.29 -22.60 -157.79
C1' ATP K . 39.03 -21.54 -159.84
N9 ATP K . 39.64 -21.81 -161.14
C8 ATP K . 40.55 -21.03 -161.81
N7 ATP K . 40.93 -21.52 -162.96
C5 ATP K . 40.22 -22.71 -163.06
C6 ATP K . 40.18 -23.70 -164.06
N6 ATP K . 40.90 -23.66 -165.18
N1 ATP K . 39.37 -24.76 -163.85
C2 ATP K . 38.65 -24.81 -162.72
N3 ATP K . 38.61 -23.94 -161.72
C4 ATP K . 39.43 -22.91 -161.95
ZN ZN L . 14.21 34.33 18.59
PG ATP M . 11.17 48.91 28.28
O1G ATP M . 11.47 47.45 28.37
O2G ATP M . 10.22 49.43 29.35
O3G ATP M . 12.43 49.79 28.26
PB ATP M . 10.42 48.74 25.39
O1B ATP M . 9.17 48.01 25.09
O2B ATP M . 10.72 49.95 24.51
O3B ATP M . 10.44 49.24 26.90
PA ATP M . 12.34 46.76 24.33
O1A ATP M . 12.90 45.60 25.03
O2A ATP M . 13.31 47.55 23.46
O3A ATP M . 11.69 47.80 25.35
O5' ATP M . 11.10 46.34 23.45
C5' ATP M . 10.44 45.08 23.64
C4' ATP M . 10.13 44.48 22.29
O4' ATP M . 11.34 44.01 21.70
C3' ATP M . 9.23 43.26 22.32
O3' ATP M . 7.86 43.63 22.37
C2' ATP M . 9.58 42.57 20.99
O2' ATP M . 8.69 42.94 19.95
C1' ATP M . 11.00 43.07 20.70
N9 ATP M . 12.01 42.01 20.68
C8 ATP M . 12.44 41.31 19.58
N7 ATP M . 13.35 40.41 19.84
C5 ATP M . 13.54 40.52 21.21
C6 ATP M . 14.37 39.84 22.11
N6 ATP M . 15.22 38.86 21.75
N1 ATP M . 14.31 40.19 23.41
C2 ATP M . 13.47 41.15 23.77
N3 ATP M . 12.64 41.87 23.02
C4 ATP M . 12.72 41.49 21.74
PG ATP N . 150.95 -55.06 44.71
O1G ATP N . 149.50 -54.81 44.53
O2G ATP N . 151.28 -56.06 45.83
O3G ATP N . 151.67 -55.50 43.42
PB ATP N . 153.06 -53.26 45.84
O1B ATP N . 154.25 -53.60 45.04
O2B ATP N . 153.04 -53.80 47.27
O3B ATP N . 151.71 -53.72 45.14
PA ATP N . 151.72 -50.62 45.56
O1A ATP N . 152.27 -49.26 45.42
O2A ATP N . 150.60 -50.77 46.59
O3A ATP N . 152.85 -51.68 45.95
O5' ATP N . 151.20 -51.15 44.17
C5' ATP N . 151.24 -50.33 42.99
C4' ATP N . 150.79 -51.17 41.81
O4' ATP N . 151.88 -51.27 40.86
C3' ATP N . 150.41 -52.61 42.15
O3' ATP N . 149.02 -52.70 42.42
C2' ATP N . 150.81 -53.36 40.89
O2' ATP N . 149.81 -53.26 39.87
C1' ATP N . 152.07 -52.62 40.47
N9 ATP N . 153.29 -53.11 41.10
C8 ATP N . 154.14 -52.40 41.92
N7 ATP N . 155.17 -53.09 42.35
C5 ATP N . 154.98 -54.35 41.78
C6 ATP N . 155.73 -55.55 41.85
N6 ATP N . 156.86 -55.68 42.55
N1 ATP N . 155.26 -56.61 41.15
C2 ATP N . 154.14 -56.48 40.46
N3 ATP N . 153.35 -55.41 40.32
C4 ATP N . 153.83 -54.37 41.01
ZN ZN O . -10.09 38.85 10.34
PG ATP P . -16.35 54.83 5.75
O1G ATP P . -16.77 53.47 6.20
O2G ATP P . -17.31 55.47 4.74
O3G ATP P . -16.09 55.80 6.90
PB ATP P . -13.60 53.93 5.01
O1B ATP P . -13.50 53.01 3.86
O2B ATP P . -12.46 54.93 5.16
O3B ATP P . -14.95 54.75 4.98
PA ATP P . -12.95 51.99 7.12
O1A ATP P . -13.88 51.06 7.83
O2A ATP P . -11.90 52.65 8.00
O3A ATP P . -13.73 53.14 6.38
O5' ATP P . -12.22 51.24 5.94
C5' ATP P . -12.71 49.99 5.42
C4' ATP P . -11.54 49.08 5.18
O4' ATP P . -11.04 48.61 6.44
C3' ATP P . -11.87 47.80 4.42
O3' ATP P . -11.87 48.03 3.02
C2' ATP P . -10.73 46.86 4.84
O2' ATP P . -9.65 46.91 3.92
C1' ATP P . -10.28 47.44 6.19
N9 ATP P . -10.46 46.52 7.31
C8 ATP P . -9.54 45.64 7.81
N7 ATP P . -9.97 44.93 8.82
C5 ATP P . -11.27 45.36 8.99
C6 ATP P . -12.28 44.99 9.91
N6 ATP P . -12.11 44.05 10.85
N1 ATP P . -13.47 45.62 9.81
C2 ATP P . -13.63 46.54 8.88
N3 ATP P . -12.76 46.98 7.96
C4 ATP P . -11.59 46.33 8.07
PG ATP Q . -51.59 -27.22 156.23
O1G ATP Q . -51.41 -27.18 154.76
O2G ATP Q . -52.90 -27.91 156.67
O3G ATP Q . -50.41 -27.86 156.97
PB ATP Q . -52.24 -25.00 158.13
O1B ATP Q . -51.50 -25.39 159.34
O2B ATP Q . -53.76 -25.21 158.17
O3B ATP Q . -51.69 -25.75 156.84
PA ATP Q . -51.42 -22.66 156.51
O1A ATP Q . -50.96 -21.31 156.90
O2A ATP Q . -52.48 -22.68 155.41
O3A ATP Q . -51.99 -23.47 157.75
O5' ATP Q . -50.19 -23.55 156.03
C5' ATP Q . -48.86 -23.01 155.98
C4' ATP Q . -47.91 -24.13 155.63
O4' ATP Q . -46.98 -24.33 156.72
C3' ATP Q . -48.58 -25.48 155.40
O3' ATP Q . -48.89 -25.67 154.02
C2' ATP Q . -47.50 -26.47 155.88
O2' ATP Q . -46.51 -26.70 154.88
C1' ATP Q . -46.89 -25.69 157.05
N9 ATP Q . -47.58 -25.90 158.33
C8 ATP Q . -48.20 -24.94 159.09
N7 ATP Q . -48.74 -25.41 160.19
C5 ATP Q . -48.46 -26.77 160.14
C6 ATP Q . -48.77 -27.83 161.01
N6 ATP Q . -49.46 -27.68 162.15
N1 ATP Q . -48.36 -29.07 160.67
C2 ATP Q . -47.68 -29.22 159.53
N3 ATP Q . -47.33 -28.30 158.63
C4 ATP Q . -47.75 -27.08 158.99
ZN ZN R . -1.71 38.89 -14.26
PG ATP S . 6.13 52.68 -22.24
O1G ATP S . 5.38 51.42 -22.51
O2G ATP S . 7.23 52.97 -23.28
O3G ATP S . 5.24 53.91 -22.11
PB ATP S . 6.74 51.92 -19.43
O1B ATP S . 7.66 50.79 -19.23
O2B ATP S . 6.83 53.05 -18.41
O3B ATP S . 6.91 52.57 -20.85
PA ATP S . 4.25 50.58 -18.56
O1A ATP S . 3.35 49.75 -19.38
O2A ATP S . 3.57 51.54 -17.58
O3A ATP S . 5.22 51.46 -19.47
O5' ATP S . 5.26 49.68 -17.75
C5' ATP S . 5.48 48.31 -18.11
C4' ATP S . 5.55 47.49 -16.85
O4' ATP S . 4.23 47.36 -16.28
C3' ATP S . 5.99 46.04 -17.03
O3' ATP S . 7.41 45.94 -17.07
C2' ATP S . 5.41 45.36 -15.80
O2' ATP S . 6.35 45.30 -14.73
C1' ATP S . 4.23 46.26 -15.41
N9 ATP S . 2.93 45.60 -15.49
C8 ATP S . 2.27 44.96 -14.47
N7 ATP S . 1.12 44.44 -14.81
C5 ATP S . 1.00 44.77 -16.16
C6 ATP S . 0.01 44.50 -17.12
N6 ATP S . -1.12 43.83 -16.85
N1 ATP S . 0.20 44.96 -18.37
C2 ATP S . 1.32 45.64 -18.63
N3 ATP S . 2.34 45.94 -17.82
C4 ATP S . 2.11 45.48 -16.59
PG ATP T . -159.76 3.22 -47.80
O1G ATP T . -158.30 2.95 -47.64
O2G ATP T . -160.37 2.51 -49.02
O3G ATP T . -160.58 2.89 -46.57
PB ATP T . -161.12 5.72 -48.68
O1B ATP T . -162.37 5.70 -47.90
O2B ATP T . -161.26 5.37 -50.17
O3B ATP T . -160.02 4.77 -48.06
PA ATP T . -159.00 7.72 -48.13
O1A ATP T . -159.08 9.17 -47.82
O2A ATP T . -157.97 7.33 -49.19
O3A ATP T . -160.41 7.15 -48.61
O5' ATP T . -158.71 6.88 -46.82
C5' ATP T . -158.50 7.53 -45.55
C4' ATP T . -158.38 6.47 -44.49
O4' ATP T . -159.46 6.62 -43.53
C3' ATP T . -158.48 5.04 -45.00
O3' ATP T . -157.19 4.51 -45.30
C2' ATP T . -159.13 4.31 -43.82
O2' ATP T . -158.17 3.95 -42.83
C1' ATP T . -160.09 5.37 -43.30
N9 ATP T . -161.39 5.39 -43.96
C8 ATP T . -161.94 6.42 -44.67
N7 ATP T . -163.13 6.16 -45.16
C5 ATP T . -163.38 4.87 -44.73
C6 ATP T . -164.47 4.00 -44.92
N6 ATP T . -165.57 4.33 -45.61
N1 ATP T . -164.40 2.77 -44.37
C2 ATP T . -163.30 2.44 -43.68
N3 ATP T . -162.21 3.16 -43.44
C4 ATP T . -162.32 4.37 -44.00
#